data_6RWA
#
_entry.id   6RWA
#
_cell.length_a   1.00
_cell.length_b   1.00
_cell.length_c   1.00
_cell.angle_alpha   90.00
_cell.angle_beta   90.00
_cell.angle_gamma   90.00
#
_symmetry.space_group_name_H-M   'P 1'
#
_entity_poly.entity_id   1
_entity_poly.type   'polypeptide(L)'
_entity_poly.pdbx_seq_one_letter_code
;MNSYVKEIPDVLQSQYGINCLTDICHYSFNEFRQQVSDHLSWSETNRLYRDAQQEQKENQLYEARILKRANPQLQNAVHL
GITLPHAELRGYNSEFGGRASQYVAPGSVSSMFSPAAYLTELYREARNLHASDSVYHLDERRPDLQSMTLSQQNMDTELS
TLSLSNEILLKGIKANQSNLDSDTKVMEMLSTFRPSGTIPYHDAYENVRKAIQLQDPKLEQFQKSPAVAGLMHQASLLGI
NNSISPELFNILTEEITEANAEAIYKQNFGDIDPACLAMPEYLKSYYNFSDEELSQFIRKYPDNELNTQKIHLLKINKII
LLSQAVNLPFLKLDEIIPEQNITPTVLGKIFLVKYYMQKYNIGTETALILCNDSISQYSYSNQPSQFDRLFNTSPLNGQY
FVIEDTNIDLSLNSTDNWHKAVLKRAFNVDDISLYRLLHIANHNNTDGKIANNIKNLSNLYMTKLLADIHQLTIDELYLL
LITIGEDKINLYDIDDKELEKLINRLDTLSNWLHTQKWSIYQLFLMTTTNYDKTLTPEIQNLLDTVYNGLQNFDKNKTKL
LAAIAPYIAATLQLPSENVAHSILLWADKIKPSENKITAEKFWIWLQNRDTTELSKPPEMQEQIIQYCHCLAQLTMIYRS
SGINENAFRLFIEKPTIFGIPDEPNKATPAHNAPTLIILTRFANWVNSLGEKASPILTAFENKTLTAEKLANAMNLDANL
LEQASIQAQNYKQVTKENTFSNWQSIDIILQWTNIASNLNISPQGISPLIALDYIKPAQKTPTYAQWENAAIALTAGLDT
QQTHTLHVFLDESRSTALSNYYIGKVANRAASIKSRDDLYQYLLIDNQVSAEIKTTRIAEAIASIQLYVNRALENIEIHA
VSDVITRQFFIDWDKYNKRYSTWAGVSQLVYYPENYIDPTMRIGQTKMMDTLLQSVSQSQLNADTVEDAFKSYLTSFEQV
ANLEVISAYHDNVNNDQGLTYFIGNSKTEVNQYYWRSVDHSKFNDGKFAANAWSEWHKIDCAINPYQSTIRPVIYKSRLY
LIWLEQKETAKQKEDNKVTTDYHYELKLAHIRYDGTWNVPITFDVDEKILALELTKSQAPGLYCAGYQGEDTLLIMFYRK
KEKLDDYKTAPMQGFYIFSDMSSKDMTNEQCNSYRDNGYTHFDTNSDTNSVIRINNRYAEDYEIPSLINHSNSHDWGEYN
LSQVYGGNIVINYKVTSNDLKIYISPKLRIIHDGKEGRERIQSNLIKKYGKLGDKFIIYTSLGINPNNSSNRFMFYPVYQ
YNGNTSGLAQGRLLFHRDTSYSSKVAAWIPGAGRSLINENANIGDDCAEDSVNKPDDLKQYIYMTDSKGTATDVSGPVDI
NTAISSEKVQITIKAGKEYSLTANKDVSVQPSPSFEEMCYQFNALEIDGSNLNFTNNSASIDVTFTALADDGRKLGYEIF
NIPVIQKVKTDNALTLFHDENGAQYMQWGAYRIRLNTLFARQLVERANTGIDTILSMETQNIQEPMMGIGAYIELILDKY
NPDIHGTNKSFKIIYGDIFKAGDHFPIYQGALSDITQTTVKLFLPRVDNAYGNKNNLYVYAAYQKVETNFIRFVKEDNNK
PATFDTTYKNGTFPGLASARVIQTVSEPMDFSGANSLYFWELFYYTPMMVAQRLLHEQNFDEANRWLKYVWSPSGYIVRG
QIKNYHWNVRPLLENTSWNSDPLDSVDPDAVAQHDPMHYKVATFMRTLDLLMARGDHAYRQLERDTLNEAKMWYMQALHL
LGNKPYLPLSSVWNDPRLDNAAATTTQKAHAYAITSLRQGTQTPALLLRSANTLTDLFLPQINDVMLSYWNKLELRLYNL
RHNLSIDGQPLHLPIYATPADPKALLSAAVATSQGGGKLPESFISLWRFPHMLENARSMVTQLIQFGSTLQNIIERQDAE
SLNALLQNQAKELILTTLSIQDKTIEEIDAEKTVLEKSKAGAKSRFDNYSKLYDEDVNAGERQALDMRIASQSITSGLKG
LHMAAAALEMVPNIYGFAVGGTRYGAIANAIAIGGGIAAEGLLIEAEKVSQSEIWRRRRQEWEIQRNNAEAEMKQIDAQL
KSLTVRREAAVLQKTGLKTQQEQTQAQLAFLQRKFSNQALYNWLRGRLAAIYFQFYDLVVARCLMAEQAYRWETNDSSAR
FIKPGAWQGTYAGLLAGETLMLNLAQMEDAHLKQEQRALEVERTVSLAQVYQSLGEKSFALKDKIEALLQGDKETSAGND
GNQLKLTNNTLSATLTLQDLKLKDDYPEEMQLGKTRRIKQISVSLPALLGPYQDVQAVLSYGGDATGLAKGCKALAVSHG
LNDNGQFQLDFNDGKFLPFEGIDINDKGTFTLSFPNAASKQKNILQMLTDIILHIRYTILE
;
_entity_poly.pdbx_strand_id   A,B,C,D,E
#
# COMPACT_ATOMS: atom_id res chain seq x y z
N LEU A 21 1.42 -74.91 -16.49
CA LEU A 21 1.40 -74.57 -17.90
C LEU A 21 0.08 -73.88 -18.24
N THR A 22 0.17 -72.56 -18.48
CA THR A 22 -0.83 -71.63 -19.02
C THR A 22 -2.20 -71.66 -18.34
N ASP A 23 -2.31 -72.26 -17.15
CA ASP A 23 -3.59 -72.46 -16.50
C ASP A 23 -4.00 -71.26 -15.66
N ILE A 24 -3.24 -70.16 -15.69
CA ILE A 24 -3.66 -69.00 -14.92
C ILE A 24 -4.35 -67.95 -15.81
N CYS A 25 -3.89 -67.76 -17.05
CA CYS A 25 -4.67 -66.99 -18.02
C CYS A 25 -5.88 -67.77 -18.49
N HIS A 26 -5.83 -69.09 -18.37
CA HIS A 26 -6.90 -70.00 -18.72
C HIS A 26 -7.53 -70.46 -17.42
N TYR A 27 -8.50 -69.67 -16.91
CA TYR A 27 -9.02 -69.80 -15.56
C TYR A 27 -9.82 -71.10 -15.40
N SER A 28 -10.31 -71.37 -14.19
CA SER A 28 -10.99 -72.63 -13.91
C SER A 28 -12.36 -72.72 -14.59
N PHE A 29 -12.88 -71.60 -15.08
CA PHE A 29 -14.08 -71.66 -15.91
C PHE A 29 -13.71 -71.94 -17.37
N ASN A 30 -12.65 -71.30 -17.87
CA ASN A 30 -11.97 -71.69 -19.10
C ASN A 30 -11.60 -73.18 -19.07
N GLU A 31 -10.97 -73.62 -17.99
CA GLU A 31 -10.60 -75.02 -17.88
C GLU A 31 -11.82 -75.89 -17.59
N PHE A 32 -12.88 -75.31 -17.05
CA PHE A 32 -14.06 -76.09 -16.66
C PHE A 32 -14.88 -76.45 -17.89
N ARG A 33 -14.94 -75.53 -18.86
CA ARG A 33 -15.60 -75.82 -20.13
C ARG A 33 -14.87 -76.90 -20.91
N GLN A 34 -13.53 -76.90 -20.86
CA GLN A 34 -12.77 -77.98 -21.48
C GLN A 34 -12.84 -79.25 -20.64
N GLN A 35 -13.14 -79.12 -19.36
CA GLN A 35 -13.02 -80.21 -18.41
C GLN A 35 -14.35 -80.52 -17.73
N VAL A 36 -15.43 -80.65 -18.50
CA VAL A 36 -16.66 -81.22 -17.96
C VAL A 36 -16.51 -82.74 -17.87
N SER A 37 -16.00 -83.34 -18.95
CA SER A 37 -15.95 -84.80 -19.04
C SER A 37 -14.58 -85.37 -18.72
N ASP A 38 -13.54 -84.54 -18.65
CA ASP A 38 -12.18 -85.06 -18.48
C ASP A 38 -11.96 -85.62 -17.08
N HIS A 39 -12.09 -84.79 -16.04
CA HIS A 39 -11.77 -85.23 -14.70
C HIS A 39 -12.70 -84.61 -13.67
N LEU A 40 -12.45 -84.97 -12.42
CA LEU A 40 -13.29 -84.56 -11.30
C LEU A 40 -12.94 -83.14 -10.86
N SER A 41 -13.94 -82.46 -10.27
CA SER A 41 -13.82 -81.01 -10.05
C SER A 41 -12.84 -80.66 -8.95
N TRP A 42 -12.75 -81.49 -7.91
CA TRP A 42 -11.81 -81.24 -6.83
C TRP A 42 -10.37 -81.44 -7.30
N SER A 43 -10.16 -82.27 -8.32
CA SER A 43 -8.84 -82.38 -8.92
C SER A 43 -8.55 -81.17 -9.79
N GLU A 44 -9.58 -80.66 -10.48
CA GLU A 44 -9.42 -79.49 -11.34
C GLU A 44 -9.04 -78.25 -10.54
N THR A 45 -9.72 -78.00 -9.42
CA THR A 45 -9.42 -76.82 -8.63
C THR A 45 -8.07 -76.94 -7.94
N ASN A 46 -7.62 -78.18 -7.68
CA ASN A 46 -6.26 -78.38 -7.21
C ASN A 46 -5.24 -78.05 -8.28
N ARG A 47 -5.52 -78.46 -9.54
CA ARG A 47 -4.67 -78.05 -10.67
C ARG A 47 -4.64 -76.54 -10.83
N LEU A 48 -5.79 -75.89 -10.65
CA LEU A 48 -5.89 -74.43 -10.72
C LEU A 48 -5.00 -73.76 -9.69
N TYR A 49 -5.13 -74.16 -8.43
CA TYR A 49 -4.32 -73.56 -7.38
C TYR A 49 -2.84 -73.88 -7.55
N ARG A 50 -2.51 -75.08 -8.03
CA ARG A 50 -1.10 -75.43 -8.23
C ARG A 50 -0.46 -74.59 -9.32
N ASP A 51 -1.15 -74.37 -10.45
CA ASP A 51 -0.49 -73.56 -11.47
C ASP A 51 -0.59 -72.07 -11.15
N ALA A 52 -1.58 -71.69 -10.33
CA ALA A 52 -1.61 -70.32 -9.83
C ALA A 52 -0.43 -70.03 -8.91
N GLN A 53 -0.05 -71.01 -8.09
CA GLN A 53 1.18 -70.89 -7.31
C GLN A 53 2.41 -70.94 -8.21
N GLN A 54 2.35 -71.75 -9.27
CA GLN A 54 3.48 -71.92 -10.19
C GLN A 54 3.77 -70.63 -10.95
N GLU A 55 2.73 -69.83 -11.21
CA GLU A 55 2.93 -68.52 -11.84
C GLU A 55 3.73 -67.58 -10.93
N GLN A 56 3.38 -67.56 -9.64
CA GLN A 56 4.14 -66.72 -8.71
C GLN A 56 5.55 -67.26 -8.52
N LYS A 57 5.72 -68.58 -8.60
CA LYS A 57 7.06 -69.14 -8.56
C LYS A 57 7.90 -68.73 -9.76
N GLU A 58 7.26 -68.64 -10.94
CA GLU A 58 7.93 -68.09 -12.12
C GLU A 58 8.37 -66.66 -11.87
N ASN A 59 7.46 -65.84 -11.34
CA ASN A 59 7.78 -64.44 -11.08
C ASN A 59 8.92 -64.31 -10.08
N GLN A 60 8.92 -65.14 -9.04
CA GLN A 60 9.97 -65.11 -8.03
C GLN A 60 11.31 -65.50 -8.61
N LEU A 61 11.38 -66.63 -9.33
CA LEU A 61 12.68 -67.08 -9.84
C LEU A 61 13.21 -66.14 -10.89
N TYR A 62 12.36 -65.75 -11.85
CA TYR A 62 12.79 -64.86 -12.91
C TYR A 62 13.19 -63.49 -12.39
N GLU A 63 12.49 -62.97 -11.39
CA GLU A 63 12.81 -61.66 -10.85
C GLU A 63 14.08 -61.69 -10.02
N ALA A 64 14.20 -62.71 -9.15
CA ALA A 64 15.39 -62.82 -8.30
C ALA A 64 16.61 -63.20 -9.11
N ARG A 65 16.39 -63.74 -10.30
CA ARG A 65 17.46 -63.81 -11.29
C ARG A 65 17.81 -62.42 -11.80
N ILE A 66 16.83 -61.74 -12.39
CA ILE A 66 17.13 -60.67 -13.33
C ILE A 66 17.53 -59.38 -12.61
N LEU A 67 17.08 -59.18 -11.37
CA LEU A 67 17.37 -57.89 -10.76
C LEU A 67 18.74 -57.88 -10.09
N LYS A 68 19.46 -59.01 -10.13
CA LYS A 68 20.83 -59.03 -9.64
C LYS A 68 21.74 -58.25 -10.57
N ARG A 69 21.34 -58.10 -11.83
CA ARG A 69 22.19 -57.47 -12.83
C ARG A 69 22.15 -55.94 -12.79
N ALA A 70 21.07 -55.36 -12.26
CA ALA A 70 20.65 -53.98 -12.55
C ALA A 70 21.76 -52.96 -12.34
N ASN A 71 22.19 -52.38 -13.46
CA ASN A 71 23.52 -51.78 -13.56
C ASN A 71 23.85 -50.63 -12.61
N PRO A 72 22.91 -49.88 -12.01
CA PRO A 72 23.31 -49.04 -10.87
C PRO A 72 23.84 -49.79 -9.64
N GLN A 73 23.81 -51.12 -9.63
CA GLN A 73 24.38 -51.86 -8.52
C GLN A 73 25.82 -52.27 -8.77
N LEU A 74 26.10 -52.91 -9.91
CA LEU A 74 27.35 -53.64 -10.04
C LEU A 74 28.55 -52.75 -10.32
N GLN A 75 28.39 -51.43 -10.37
CA GLN A 75 29.60 -50.61 -10.43
C GLN A 75 30.18 -50.41 -9.04
N ASN A 76 29.33 -50.45 -8.02
CA ASN A 76 29.83 -50.32 -6.65
C ASN A 76 29.85 -51.68 -5.98
N ALA A 77 31.06 -52.22 -5.79
CA ALA A 77 31.26 -53.51 -5.15
C ALA A 77 31.32 -53.41 -3.63
N VAL A 78 31.25 -52.20 -3.07
CA VAL A 78 31.25 -52.02 -1.63
C VAL A 78 29.92 -52.50 -1.04
N HIS A 79 28.87 -52.53 -1.86
CA HIS A 79 27.61 -53.19 -1.48
C HIS A 79 27.81 -54.66 -1.16
N LEU A 80 28.63 -55.35 -1.96
CA LEU A 80 28.76 -56.81 -2.02
C LEU A 80 27.46 -57.49 -2.45
N GLY A 81 26.54 -56.73 -3.02
CA GLY A 81 25.37 -57.34 -3.65
C GLY A 81 25.80 -58.09 -4.90
N ILE A 82 25.82 -59.41 -4.80
CA ILE A 82 26.57 -60.25 -5.71
C ILE A 82 25.60 -61.04 -6.58
N THR A 83 26.02 -61.33 -7.81
CA THR A 83 25.28 -62.18 -8.73
C THR A 83 25.84 -63.59 -8.69
N LEU A 84 25.06 -64.54 -9.19
CA LEU A 84 25.59 -65.88 -9.39
C LEU A 84 25.52 -66.21 -10.88
N PRO A 85 26.62 -66.68 -11.48
CA PRO A 85 26.59 -66.95 -12.93
C PRO A 85 25.90 -68.25 -13.29
N HIS A 86 25.54 -69.08 -12.30
CA HIS A 86 25.16 -70.47 -12.56
C HIS A 86 23.80 -70.56 -13.26
N ALA A 87 22.75 -70.08 -12.60
CA ALA A 87 21.45 -70.03 -13.25
C ALA A 87 21.37 -68.89 -14.26
N GLU A 88 22.25 -67.89 -14.15
CA GLU A 88 22.33 -66.81 -15.12
C GLU A 88 22.74 -67.34 -16.49
N LEU A 89 23.56 -68.39 -16.50
CA LEU A 89 24.11 -68.99 -17.73
C LEU A 89 23.01 -69.46 -18.68
N ARG A 90 21.85 -69.82 -18.14
CA ARG A 90 20.93 -70.64 -18.91
C ARG A 90 19.93 -69.79 -19.69
N GLY A 91 19.43 -68.71 -19.08
CA GLY A 91 18.38 -67.94 -19.71
C GLY A 91 18.85 -67.14 -20.92
N TYR A 92 20.14 -66.83 -20.99
CA TYR A 92 20.68 -66.24 -22.21
C TYR A 92 20.67 -67.21 -23.36
N ASN A 93 20.77 -68.51 -23.09
CA ASN A 93 20.48 -69.48 -24.14
C ASN A 93 18.98 -69.59 -24.34
N SER A 94 18.20 -69.39 -23.28
CA SER A 94 16.77 -69.56 -23.39
C SER A 94 16.11 -68.32 -23.98
N GLU A 95 16.20 -67.20 -23.28
CA GLU A 95 15.46 -66.01 -23.69
C GLU A 95 16.23 -65.14 -24.66
N PHE A 96 17.47 -65.51 -24.99
CA PHE A 96 18.30 -64.86 -26.01
C PHE A 96 18.53 -63.38 -25.69
N GLY A 97 19.25 -63.16 -24.60
CA GLY A 97 19.65 -61.82 -24.25
C GLY A 97 18.57 -60.94 -23.68
N GLY A 98 17.53 -61.55 -23.09
CA GLY A 98 16.47 -60.74 -22.49
C GLY A 98 16.94 -60.03 -21.24
N ARG A 99 18.03 -60.50 -20.66
CA ARG A 99 18.63 -59.81 -19.52
C ARG A 99 19.77 -58.92 -19.97
N ALA A 100 20.22 -59.08 -21.22
CA ALA A 100 21.46 -58.46 -21.68
C ALA A 100 21.38 -56.94 -21.70
N SER A 101 20.48 -56.39 -22.48
CA SER A 101 20.37 -54.94 -22.55
C SER A 101 19.23 -54.48 -21.66
N GLN A 102 19.56 -54.02 -20.46
CA GLN A 102 18.61 -53.26 -19.68
C GLN A 102 18.51 -51.86 -20.28
N TYR A 103 17.43 -51.18 -19.98
CA TYR A 103 17.07 -49.98 -20.71
C TYR A 103 17.02 -48.79 -19.77
N VAL A 104 17.14 -47.60 -20.34
CA VAL A 104 17.22 -46.31 -19.65
C VAL A 104 15.81 -45.97 -19.14
N ALA A 105 15.69 -44.88 -18.37
CA ALA A 105 14.48 -44.14 -18.05
C ALA A 105 13.57 -44.08 -19.28
N PRO A 106 12.26 -44.30 -19.09
CA PRO A 106 11.51 -45.13 -20.04
C PRO A 106 11.36 -44.56 -21.44
N GLY A 107 11.12 -45.48 -22.37
CA GLY A 107 10.86 -45.16 -23.76
C GLY A 107 9.91 -46.21 -24.29
N SER A 108 9.94 -46.38 -25.61
CA SER A 108 9.02 -47.33 -26.23
C SER A 108 9.42 -48.78 -26.02
N VAL A 109 10.53 -49.05 -25.34
CA VAL A 109 11.05 -50.41 -25.30
C VAL A 109 10.75 -51.04 -23.94
N SER A 110 10.65 -50.23 -22.90
CA SER A 110 10.75 -50.68 -21.52
C SER A 110 9.59 -51.58 -21.11
N SER A 111 9.84 -52.41 -20.11
CA SER A 111 8.81 -53.28 -19.56
C SER A 111 7.87 -52.57 -18.62
N MET A 112 8.08 -51.28 -18.37
CA MET A 112 7.21 -50.58 -17.45
C MET A 112 6.59 -49.34 -18.07
N PHE A 113 6.84 -49.10 -19.34
CA PHE A 113 6.22 -47.93 -19.94
C PHE A 113 4.97 -48.35 -20.71
N SER A 114 4.19 -47.34 -21.09
CA SER A 114 2.91 -47.38 -21.80
C SER A 114 2.67 -48.51 -22.81
N PRO A 115 3.60 -48.90 -23.69
CA PRO A 115 3.28 -50.04 -24.57
C PRO A 115 3.21 -51.38 -23.86
N ALA A 116 3.86 -51.52 -22.71
CA ALA A 116 3.72 -52.77 -21.96
C ALA A 116 2.31 -52.91 -21.40
N ALA A 117 1.81 -51.86 -20.74
CA ALA A 117 0.42 -51.83 -20.28
C ALA A 117 -0.53 -51.99 -21.44
N TYR A 118 -0.18 -51.37 -22.56
CA TYR A 118 -1.02 -51.42 -23.74
C TYR A 118 -1.12 -52.83 -24.31
N LEU A 119 -0.01 -53.54 -24.36
CA LEU A 119 -0.02 -54.90 -24.89
C LEU A 119 -0.74 -55.84 -23.94
N THR A 120 -0.45 -55.73 -22.64
CA THR A 120 -1.08 -56.63 -21.69
C THR A 120 -2.53 -56.28 -21.44
N GLU A 121 -2.98 -55.15 -21.95
CA GLU A 121 -4.38 -54.83 -21.93
C GLU A 121 -5.05 -55.24 -23.23
N LEU A 122 -4.31 -55.28 -24.34
CA LEU A 122 -4.86 -55.84 -25.56
C LEU A 122 -5.15 -57.32 -25.40
N TYR A 123 -4.18 -58.10 -24.92
CA TYR A 123 -4.44 -59.54 -24.94
C TYR A 123 -5.30 -59.99 -23.78
N ARG A 124 -5.69 -59.07 -22.91
CA ARG A 124 -6.86 -59.32 -22.07
C ARG A 124 -8.12 -58.80 -22.72
N GLU A 125 -8.00 -57.87 -23.66
CA GLU A 125 -9.19 -57.21 -24.20
C GLU A 125 -9.83 -58.01 -25.32
N ALA A 126 -9.01 -58.61 -26.20
CA ALA A 126 -9.49 -59.07 -27.50
C ALA A 126 -10.36 -60.30 -27.43
N ARG A 127 -10.77 -60.75 -26.26
CA ARG A 127 -11.64 -61.89 -26.11
C ARG A 127 -12.85 -61.61 -25.22
N ASN A 128 -13.16 -60.34 -24.95
CA ASN A 128 -14.30 -60.03 -24.10
C ASN A 128 -15.62 -60.37 -24.76
N LEU A 129 -15.75 -60.07 -26.04
CA LEU A 129 -16.93 -60.48 -26.79
C LEU A 129 -16.49 -61.51 -27.80
N HIS A 130 -17.43 -62.31 -28.28
CA HIS A 130 -17.08 -63.26 -29.31
C HIS A 130 -16.88 -62.55 -30.64
N ALA A 131 -16.01 -63.11 -31.49
CA ALA A 131 -15.60 -62.47 -32.72
C ALA A 131 -16.72 -62.33 -33.74
N SER A 132 -17.82 -63.07 -33.58
CA SER A 132 -18.97 -62.90 -34.44
C SER A 132 -19.79 -61.67 -34.11
N ASP A 133 -19.49 -60.98 -33.02
CA ASP A 133 -20.32 -59.87 -32.59
C ASP A 133 -20.07 -58.65 -33.47
N SER A 134 -21.13 -57.88 -33.68
CA SER A 134 -20.99 -56.55 -34.23
C SER A 134 -20.29 -55.61 -33.25
N VAL A 135 -20.43 -55.85 -31.96
CA VAL A 135 -19.83 -55.01 -30.94
C VAL A 135 -18.45 -55.52 -30.58
N TYR A 136 -18.00 -56.61 -31.21
CA TYR A 136 -16.68 -57.18 -30.96
C TYR A 136 -15.57 -56.20 -31.29
N HIS A 137 -14.49 -56.26 -30.52
CA HIS A 137 -13.51 -55.17 -30.47
C HIS A 137 -12.78 -54.98 -31.78
N LEU A 138 -12.20 -56.04 -32.33
CA LEU A 138 -11.53 -55.90 -33.62
C LEU A 138 -12.52 -55.67 -34.75
N ASP A 139 -13.78 -56.06 -34.56
CA ASP A 139 -14.78 -55.89 -35.60
C ASP A 139 -15.37 -54.48 -35.58
N GLU A 140 -15.55 -53.90 -34.39
CA GLU A 140 -16.45 -52.75 -34.27
C GLU A 140 -15.88 -51.49 -34.92
N ARG A 141 -14.59 -51.22 -34.76
CA ARG A 141 -13.94 -50.25 -35.62
C ARG A 141 -12.56 -50.69 -36.03
N ARG A 142 -11.97 -51.65 -35.33
CA ARG A 142 -10.52 -51.69 -35.17
C ARG A 142 -9.86 -52.91 -35.81
N PRO A 143 -9.71 -52.93 -37.15
CA PRO A 143 -8.56 -53.64 -37.70
C PRO A 143 -7.29 -52.83 -37.67
N ASP A 144 -7.35 -51.54 -37.37
CA ASP A 144 -6.16 -50.71 -37.43
C ASP A 144 -5.22 -50.95 -36.26
N LEU A 145 -5.76 -51.40 -35.12
CA LEU A 145 -4.92 -51.61 -33.95
C LEU A 145 -3.97 -52.77 -34.15
N GLN A 146 -4.45 -53.86 -34.76
CA GLN A 146 -3.60 -55.00 -34.97
C GLN A 146 -2.58 -54.75 -36.09
N SER A 147 -2.78 -53.68 -36.85
CA SER A 147 -1.78 -53.26 -37.83
C SER A 147 -0.75 -52.32 -37.25
N MET A 148 -1.04 -51.72 -36.09
CA MET A 148 -0.23 -50.61 -35.60
C MET A 148 1.11 -51.11 -35.06
N THR A 149 2.17 -50.40 -35.41
CA THR A 149 3.49 -50.74 -34.90
C THR A 149 3.77 -49.96 -33.63
N LEU A 150 4.83 -50.38 -32.94
CA LEU A 150 5.26 -49.76 -31.70
C LEU A 150 6.65 -49.19 -31.89
N SER A 151 6.73 -47.95 -32.35
CA SER A 151 8.00 -47.27 -32.51
C SER A 151 8.09 -46.16 -31.49
N GLN A 152 9.28 -45.57 -31.41
CA GLN A 152 9.48 -44.45 -30.50
C GLN A 152 8.72 -43.22 -30.97
N GLN A 153 8.52 -43.09 -32.28
CA GLN A 153 7.79 -41.95 -32.82
C GLN A 153 6.32 -42.00 -32.45
N ASN A 154 5.77 -43.22 -32.35
CA ASN A 154 4.37 -43.34 -31.96
C ASN A 154 4.18 -42.98 -30.49
N MET A 155 5.20 -43.17 -29.68
CA MET A 155 5.22 -42.69 -28.32
C MET A 155 5.32 -41.17 -28.24
N ASP A 156 6.26 -40.59 -29.00
CA ASP A 156 6.72 -39.25 -28.66
C ASP A 156 5.80 -38.15 -29.18
N THR A 157 5.57 -38.11 -30.49
CA THR A 157 5.02 -36.91 -31.12
C THR A 157 3.54 -36.71 -30.79
N GLU A 158 3.11 -35.46 -30.84
CA GLU A 158 1.74 -35.09 -30.52
C GLU A 158 1.06 -34.50 -31.74
N LEU A 159 0.11 -35.22 -32.29
CA LEU A 159 -0.76 -34.73 -33.33
C LEU A 159 -2.11 -34.37 -32.74
N SER A 160 -2.94 -33.72 -33.55
CA SER A 160 -4.27 -33.36 -33.08
C SER A 160 -5.14 -34.59 -33.05
N THR A 161 -5.95 -34.71 -31.99
CA THR A 161 -6.84 -35.86 -31.85
C THR A 161 -7.87 -35.88 -32.96
N LEU A 162 -8.36 -34.69 -33.33
CA LEU A 162 -9.40 -34.59 -34.35
C LEU A 162 -8.86 -34.98 -35.72
N SER A 163 -7.57 -34.77 -35.95
CA SER A 163 -6.94 -35.19 -37.20
C SER A 163 -6.96 -36.71 -37.32
N LEU A 164 -6.56 -37.41 -36.26
CA LEU A 164 -6.62 -38.86 -36.26
C LEU A 164 -8.05 -39.36 -36.33
N SER A 165 -8.99 -38.62 -35.74
CA SER A 165 -10.39 -39.01 -35.81
C SER A 165 -10.96 -38.91 -37.20
N ASN A 166 -10.58 -37.88 -37.96
CA ASN A 166 -10.95 -37.84 -39.36
C ASN A 166 -10.27 -38.95 -40.14
N GLU A 167 -9.02 -39.24 -39.80
CA GLU A 167 -8.27 -40.26 -40.50
C GLU A 167 -8.88 -41.65 -40.33
N ILE A 168 -9.28 -42.01 -39.12
CA ILE A 168 -9.86 -43.33 -38.90
C ILE A 168 -11.23 -43.45 -39.56
N LEU A 169 -11.95 -42.35 -39.69
CA LEU A 169 -13.22 -42.39 -40.40
C LEU A 169 -13.03 -42.56 -41.89
N LEU A 170 -12.05 -41.88 -42.46
CA LEU A 170 -11.73 -42.06 -43.88
C LEU A 170 -11.31 -43.48 -44.17
N LYS A 171 -10.56 -44.09 -43.25
CA LYS A 171 -10.17 -45.49 -43.38
C LYS A 171 -11.40 -46.40 -43.48
N GLY A 172 -12.35 -46.23 -42.56
CA GLY A 172 -13.48 -47.13 -42.51
C GLY A 172 -14.45 -46.93 -43.65
N ILE A 173 -14.60 -45.70 -44.11
CA ILE A 173 -15.50 -45.46 -45.24
C ILE A 173 -14.85 -45.92 -46.54
N LYS A 174 -13.56 -45.63 -46.72
CA LYS A 174 -12.83 -46.03 -47.92
C LYS A 174 -12.67 -47.54 -48.01
N ALA A 175 -12.74 -48.23 -46.87
CA ALA A 175 -12.45 -49.65 -46.82
C ALA A 175 -13.44 -50.47 -47.65
N ASN A 176 -14.70 -50.50 -47.25
CA ASN A 176 -15.61 -51.49 -47.80
C ASN A 176 -16.78 -50.87 -48.54
N GLN A 177 -17.35 -49.78 -48.01
CA GLN A 177 -18.69 -49.34 -48.39
C GLN A 177 -18.79 -48.87 -49.83
N SER A 178 -17.76 -48.19 -50.33
CA SER A 178 -17.84 -47.68 -51.69
C SER A 178 -16.71 -48.17 -52.59
N ASN A 179 -15.65 -48.74 -52.00
CA ASN A 179 -14.44 -49.19 -52.70
C ASN A 179 -13.83 -48.07 -53.54
N LEU A 180 -13.36 -47.03 -52.85
CA LEU A 180 -12.89 -45.84 -53.52
C LEU A 180 -11.38 -45.89 -53.70
N ASP A 181 -10.87 -44.86 -54.38
CA ASP A 181 -9.44 -44.77 -54.63
C ASP A 181 -8.75 -44.01 -53.50
N SER A 182 -9.13 -42.75 -53.31
CA SER A 182 -8.45 -41.90 -52.36
C SER A 182 -9.45 -40.98 -51.68
N ASP A 183 -8.91 -39.98 -50.98
CA ASP A 183 -9.73 -39.08 -50.18
C ASP A 183 -10.52 -38.12 -51.05
N THR A 184 -9.99 -37.80 -52.23
CA THR A 184 -10.72 -36.94 -53.15
C THR A 184 -11.99 -37.60 -53.66
N LYS A 185 -11.98 -38.94 -53.79
CA LYS A 185 -13.19 -39.66 -54.13
C LYS A 185 -14.23 -39.54 -53.02
N VAL A 186 -13.75 -39.59 -51.77
CA VAL A 186 -14.63 -39.44 -50.63
C VAL A 186 -15.23 -38.05 -50.61
N MET A 187 -14.42 -37.04 -50.89
CA MET A 187 -14.94 -35.67 -50.90
C MET A 187 -15.90 -35.43 -52.05
N GLU A 188 -15.67 -36.08 -53.20
CA GLU A 188 -16.65 -36.01 -54.29
C GLU A 188 -17.98 -36.62 -53.89
N MET A 189 -17.96 -37.81 -53.30
CA MET A 189 -19.25 -38.43 -53.03
C MET A 189 -19.90 -37.84 -51.80
N LEU A 190 -19.15 -37.13 -50.96
CA LEU A 190 -19.79 -36.32 -49.93
C LEU A 190 -20.35 -35.03 -50.49
N SER A 191 -19.77 -34.52 -51.58
CA SER A 191 -20.43 -33.44 -52.29
C SER A 191 -21.70 -33.93 -52.99
N THR A 192 -21.76 -35.22 -53.31
CA THR A 192 -22.95 -35.78 -53.91
C THR A 192 -24.09 -35.96 -52.90
N PHE A 193 -23.75 -36.40 -51.69
CA PHE A 193 -24.70 -37.05 -50.79
C PHE A 193 -25.68 -36.04 -50.20
N ARG A 194 -26.94 -36.12 -50.63
CA ARG A 194 -27.98 -35.29 -50.03
C ARG A 194 -28.41 -35.72 -48.63
N PRO A 195 -29.01 -36.90 -48.41
CA PRO A 195 -30.20 -36.97 -47.52
C PRO A 195 -29.95 -36.82 -46.03
N SER A 196 -28.76 -36.42 -45.60
CA SER A 196 -28.66 -36.09 -44.19
C SER A 196 -29.34 -34.76 -43.92
N GLY A 197 -29.98 -34.66 -42.76
CA GLY A 197 -30.83 -33.53 -42.44
C GLY A 197 -30.20 -32.16 -42.30
N THR A 198 -28.88 -32.06 -42.44
CA THR A 198 -28.22 -30.77 -42.29
C THR A 198 -27.29 -30.43 -43.45
N ILE A 199 -26.81 -31.43 -44.18
CA ILE A 199 -25.79 -31.28 -45.20
C ILE A 199 -26.55 -30.99 -46.49
N PRO A 200 -25.93 -30.82 -47.69
CA PRO A 200 -24.68 -31.10 -48.42
C PRO A 200 -23.42 -30.51 -47.82
N TYR A 201 -22.29 -31.07 -48.21
CA TYR A 201 -20.97 -30.57 -47.84
C TYR A 201 -20.07 -30.65 -49.07
N HIS A 202 -19.70 -29.51 -49.61
CA HIS A 202 -18.76 -29.44 -50.72
C HIS A 202 -17.46 -28.90 -50.15
N ASP A 203 -16.44 -29.76 -50.06
CA ASP A 203 -15.28 -29.46 -49.24
C ASP A 203 -14.46 -28.31 -49.80
N ALA A 204 -14.20 -28.34 -51.11
CA ALA A 204 -13.46 -27.28 -51.76
C ALA A 204 -14.22 -25.96 -51.68
N TYR A 205 -15.55 -26.04 -51.66
CA TYR A 205 -16.35 -24.84 -51.53
C TYR A 205 -16.21 -24.22 -50.15
N GLU A 206 -16.13 -25.05 -49.12
CA GLU A 206 -15.95 -24.52 -47.79
C GLU A 206 -14.57 -23.91 -47.63
N ASN A 207 -13.59 -24.51 -48.30
CA ASN A 207 -12.26 -23.91 -48.38
C ASN A 207 -12.32 -22.52 -49.03
N VAL A 208 -13.04 -22.42 -50.15
CA VAL A 208 -13.21 -21.15 -50.86
C VAL A 208 -13.86 -20.10 -49.97
N ARG A 209 -14.98 -20.45 -49.34
CA ARG A 209 -15.76 -19.43 -48.66
C ARG A 209 -15.08 -18.99 -47.37
N LYS A 210 -14.32 -19.88 -46.72
CA LYS A 210 -13.64 -19.37 -45.55
C LYS A 210 -12.40 -18.58 -45.94
N ALA A 211 -11.77 -18.93 -47.07
CA ALA A 211 -10.66 -18.12 -47.57
C ALA A 211 -11.12 -16.70 -47.88
N ILE A 212 -12.32 -16.58 -48.43
CA ILE A 212 -12.87 -15.26 -48.71
C ILE A 212 -13.22 -14.54 -47.41
N GLN A 213 -13.83 -15.24 -46.44
CA GLN A 213 -14.23 -14.57 -45.21
C GLN A 213 -13.03 -14.18 -44.36
N LEU A 214 -11.89 -14.84 -44.56
CA LEU A 214 -10.71 -14.42 -43.84
C LEU A 214 -9.98 -13.29 -44.54
N GLN A 215 -10.08 -13.23 -45.88
CA GLN A 215 -9.50 -12.08 -46.56
C GLN A 215 -10.30 -10.82 -46.30
N ASP A 216 -11.58 -10.81 -46.65
CA ASP A 216 -12.41 -9.61 -46.58
C ASP A 216 -13.67 -9.90 -45.76
N PRO A 217 -13.77 -9.34 -44.56
CA PRO A 217 -15.08 -9.32 -43.89
C PRO A 217 -15.97 -8.29 -44.58
N LYS A 218 -17.27 -8.61 -44.66
CA LYS A 218 -18.36 -7.68 -44.97
C LYS A 218 -18.37 -7.24 -46.44
N LEU A 219 -17.46 -7.79 -47.25
CA LEU A 219 -17.37 -7.58 -48.71
C LEU A 219 -17.20 -6.10 -49.06
N GLU A 220 -16.48 -5.38 -48.22
CA GLU A 220 -16.27 -3.95 -48.41
C GLU A 220 -15.41 -3.68 -49.62
N GLN A 221 -14.31 -4.41 -49.74
CA GLN A 221 -13.43 -4.27 -50.90
C GLN A 221 -14.11 -4.74 -52.17
N PHE A 222 -15.02 -5.71 -52.07
CA PHE A 222 -15.68 -6.20 -53.25
C PHE A 222 -16.73 -5.21 -53.75
N GLN A 223 -17.75 -4.93 -52.95
CA GLN A 223 -18.82 -4.07 -53.43
C GLN A 223 -18.50 -2.59 -53.34
N LYS A 224 -17.32 -2.23 -52.81
CA LYS A 224 -16.85 -0.87 -52.94
C LYS A 224 -16.46 -0.58 -54.38
N SER A 225 -15.84 -1.55 -55.05
CA SER A 225 -15.49 -1.46 -56.45
C SER A 225 -16.58 -2.14 -57.27
N PRO A 226 -17.53 -1.40 -57.83
CA PRO A 226 -18.78 -2.03 -58.28
C PRO A 226 -18.68 -2.76 -59.60
N ALA A 227 -17.58 -2.67 -60.33
CA ALA A 227 -17.51 -3.30 -61.65
C ALA A 227 -17.40 -4.82 -61.52
N VAL A 228 -16.50 -5.28 -60.66
CA VAL A 228 -16.36 -6.71 -60.41
C VAL A 228 -17.60 -7.26 -59.70
N ALA A 229 -18.31 -6.40 -58.96
CA ALA A 229 -19.63 -6.77 -58.49
C ALA A 229 -20.62 -6.87 -59.64
N GLY A 230 -20.43 -6.08 -60.69
CA GLY A 230 -21.21 -6.24 -61.90
C GLY A 230 -20.87 -7.50 -62.67
N LEU A 231 -19.70 -8.08 -62.42
CA LEU A 231 -19.42 -9.39 -63.01
C LEU A 231 -20.29 -10.48 -62.39
N MET A 232 -20.15 -10.70 -61.09
CA MET A 232 -20.76 -11.83 -60.42
C MET A 232 -22.24 -11.58 -60.16
N HIS A 233 -23.03 -12.63 -60.29
CA HIS A 233 -24.44 -12.56 -59.92
C HIS A 233 -24.55 -12.59 -58.40
N GLN A 234 -25.67 -12.06 -57.89
CA GLN A 234 -25.88 -11.95 -56.45
C GLN A 234 -26.05 -13.32 -55.80
N ALA A 235 -26.46 -14.33 -56.58
CA ALA A 235 -26.63 -15.67 -56.04
C ALA A 235 -25.30 -16.25 -55.55
N SER A 236 -24.23 -15.96 -56.28
CA SER A 236 -22.90 -16.30 -55.82
C SER A 236 -22.53 -15.55 -54.57
N LEU A 237 -22.91 -14.28 -54.48
CA LEU A 237 -22.57 -13.49 -53.31
C LEU A 237 -23.35 -13.89 -52.09
N LEU A 238 -24.52 -14.50 -52.27
CA LEU A 238 -25.19 -15.18 -51.17
C LEU A 238 -24.35 -16.34 -50.66
N GLY A 239 -23.62 -16.98 -51.56
CA GLY A 239 -22.83 -18.13 -51.19
C GLY A 239 -21.59 -17.82 -50.38
N ILE A 240 -21.30 -16.56 -50.11
CA ILE A 240 -20.07 -16.23 -49.40
C ILE A 240 -20.31 -16.21 -47.89
N ASN A 241 -21.22 -15.34 -47.44
CA ASN A 241 -21.47 -15.25 -46.00
C ASN A 241 -22.30 -16.43 -45.51
N ASN A 242 -23.25 -16.88 -46.31
CA ASN A 242 -23.96 -18.13 -46.04
C ASN A 242 -23.36 -19.25 -46.86
N SER A 243 -23.19 -20.40 -46.21
CA SER A 243 -22.67 -21.58 -46.88
C SER A 243 -23.77 -22.16 -47.77
N ILE A 244 -23.64 -21.95 -49.08
CA ILE A 244 -24.56 -22.51 -50.05
C ILE A 244 -23.74 -23.39 -50.99
N SER A 245 -23.76 -24.68 -50.72
CA SER A 245 -23.11 -25.64 -51.59
C SER A 245 -23.89 -25.74 -52.90
N PRO A 246 -23.24 -26.21 -53.97
CA PRO A 246 -23.99 -26.41 -55.22
C PRO A 246 -25.05 -27.48 -55.14
N GLU A 247 -24.84 -28.52 -54.32
CA GLU A 247 -25.84 -29.56 -54.18
C GLU A 247 -27.08 -29.05 -53.46
N LEU A 248 -26.89 -28.21 -52.45
CA LEU A 248 -28.01 -27.54 -51.81
C LEU A 248 -28.71 -26.59 -52.77
N PHE A 249 -27.95 -26.00 -53.68
CA PHE A 249 -28.57 -25.14 -54.68
C PHE A 249 -29.39 -25.95 -55.66
N ASN A 250 -28.98 -27.19 -55.94
CA ASN A 250 -29.80 -28.06 -56.79
C ASN A 250 -31.05 -28.52 -56.07
N ILE A 251 -30.95 -28.77 -54.76
CA ILE A 251 -32.12 -29.14 -53.98
C ILE A 251 -33.12 -28.00 -53.95
N LEU A 252 -32.65 -26.79 -53.72
CA LEU A 252 -33.58 -25.68 -53.58
C LEU A 252 -34.07 -25.19 -54.93
N THR A 253 -33.29 -25.43 -55.99
CA THR A 253 -33.63 -24.91 -57.31
C THR A 253 -34.78 -25.67 -57.95
N GLU A 254 -34.80 -26.98 -57.78
CA GLU A 254 -35.64 -27.86 -58.57
C GLU A 254 -37.12 -27.69 -58.25
N GLU A 255 -37.95 -27.99 -59.24
CA GLU A 255 -39.40 -27.87 -59.10
C GLU A 255 -40.04 -29.25 -59.06
N ILE A 256 -41.07 -29.38 -58.24
CA ILE A 256 -41.64 -30.68 -57.89
C ILE A 256 -43.12 -30.65 -58.20
N THR A 257 -43.54 -31.49 -59.12
CA THR A 257 -44.94 -31.73 -59.42
C THR A 257 -45.40 -32.98 -58.66
N GLU A 258 -46.59 -33.45 -59.01
CA GLU A 258 -47.01 -34.75 -58.49
C GLU A 258 -46.36 -35.89 -59.24
N ALA A 259 -45.83 -35.63 -60.43
CA ALA A 259 -45.25 -36.68 -61.25
C ALA A 259 -43.93 -37.16 -60.69
N ASN A 260 -43.01 -36.24 -60.43
CA ASN A 260 -41.70 -36.59 -59.88
C ASN A 260 -41.71 -36.76 -58.36
N ALA A 261 -42.89 -36.80 -57.74
CA ALA A 261 -43.03 -36.61 -56.31
C ALA A 261 -42.39 -37.72 -55.50
N GLU A 262 -42.78 -38.97 -55.73
CA GLU A 262 -42.25 -40.05 -54.90
C GLU A 262 -40.83 -40.39 -55.27
N ALA A 263 -40.44 -40.13 -56.53
CA ALA A 263 -39.05 -40.29 -56.94
C ALA A 263 -38.14 -39.34 -56.18
N ILE A 264 -38.48 -38.06 -56.13
CA ILE A 264 -37.64 -37.12 -55.40
C ILE A 264 -37.83 -37.27 -53.89
N TYR A 265 -38.94 -37.87 -53.46
CA TYR A 265 -39.11 -38.22 -52.06
C TYR A 265 -38.13 -39.30 -51.64
N LYS A 266 -38.04 -40.36 -52.43
CA LYS A 266 -37.09 -41.43 -52.15
C LYS A 266 -35.66 -40.95 -52.36
N GLN A 267 -35.47 -39.94 -53.21
CA GLN A 267 -34.14 -39.37 -53.36
C GLN A 267 -33.75 -38.53 -52.15
N ASN A 268 -34.72 -37.86 -51.53
CA ASN A 268 -34.41 -36.96 -50.43
C ASN A 268 -34.58 -37.62 -49.07
N PHE A 269 -35.28 -38.75 -49.03
CA PHE A 269 -35.49 -39.41 -47.74
C PHE A 269 -35.04 -40.85 -47.72
N GLY A 270 -34.71 -41.43 -48.87
CA GLY A 270 -34.40 -42.84 -48.87
C GLY A 270 -35.66 -43.63 -48.67
N ASP A 271 -35.72 -44.35 -47.55
CA ASP A 271 -36.84 -45.22 -47.27
C ASP A 271 -37.62 -44.81 -46.03
N ILE A 272 -37.71 -43.53 -45.74
CA ILE A 272 -38.55 -43.08 -44.64
C ILE A 272 -39.99 -43.12 -45.08
N ASP A 273 -40.85 -43.74 -44.26
CA ASP A 273 -42.25 -43.78 -44.59
C ASP A 273 -42.89 -42.42 -44.31
N PRO A 274 -43.91 -42.04 -45.09
CA PRO A 274 -44.54 -40.73 -44.86
C PRO A 274 -45.31 -40.65 -43.57
N ALA A 275 -45.70 -41.78 -42.98
CA ALA A 275 -46.50 -41.75 -41.77
C ALA A 275 -45.69 -41.28 -40.57
N CYS A 276 -44.52 -41.89 -40.35
CA CYS A 276 -43.68 -41.48 -39.24
C CYS A 276 -42.94 -40.19 -39.56
N LEU A 277 -42.77 -39.86 -40.84
CA LEU A 277 -42.29 -38.54 -41.19
C LEU A 277 -43.32 -37.48 -40.88
N ALA A 278 -44.61 -37.82 -40.97
CA ALA A 278 -45.67 -36.87 -40.69
C ALA A 278 -45.72 -36.46 -39.24
N MET A 279 -45.42 -37.37 -38.32
CA MET A 279 -45.51 -37.03 -36.92
C MET A 279 -44.31 -36.17 -36.50
N PRO A 280 -44.55 -35.10 -35.75
CA PRO A 280 -43.46 -34.15 -35.47
C PRO A 280 -42.41 -34.64 -34.49
N GLU A 281 -42.63 -35.78 -33.83
CA GLU A 281 -41.60 -36.26 -32.92
C GLU A 281 -40.41 -36.81 -33.69
N TYR A 282 -40.67 -37.51 -34.78
CA TYR A 282 -39.58 -37.92 -35.65
C TYR A 282 -39.02 -36.74 -36.41
N LEU A 283 -39.80 -35.66 -36.56
CA LEU A 283 -39.24 -34.44 -37.11
C LEU A 283 -38.27 -33.79 -36.16
N LYS A 284 -38.59 -33.79 -34.87
CA LYS A 284 -37.66 -33.28 -33.87
C LYS A 284 -36.42 -34.14 -33.78
N SER A 285 -36.59 -35.45 -33.90
CA SER A 285 -35.45 -36.36 -33.89
C SER A 285 -34.59 -36.22 -35.13
N TYR A 286 -35.21 -36.04 -36.29
CA TYR A 286 -34.45 -36.05 -37.54
C TYR A 286 -33.92 -34.67 -37.87
N TYR A 287 -34.80 -33.69 -37.97
CA TYR A 287 -34.37 -32.37 -38.37
C TYR A 287 -33.71 -31.59 -37.25
N ASN A 288 -33.72 -32.13 -36.02
CA ASN A 288 -32.91 -31.65 -34.90
C ASN A 288 -33.30 -30.22 -34.50
N PHE A 289 -34.53 -30.07 -34.04
CA PHE A 289 -34.98 -28.74 -33.61
C PHE A 289 -35.49 -28.76 -32.17
N SER A 290 -35.70 -27.57 -31.64
CA SER A 290 -36.44 -27.41 -30.39
C SER A 290 -37.94 -27.56 -30.65
N ASP A 291 -38.70 -27.77 -29.57
CA ASP A 291 -40.14 -27.92 -29.74
C ASP A 291 -40.82 -26.56 -29.79
N GLU A 292 -40.16 -25.54 -29.20
CA GLU A 292 -40.56 -24.16 -29.48
C GLU A 292 -40.40 -23.87 -30.96
N GLU A 293 -39.30 -24.34 -31.54
CA GLU A 293 -39.14 -24.28 -32.98
C GLU A 293 -40.17 -25.16 -33.68
N LEU A 294 -40.62 -26.24 -33.03
CA LEU A 294 -41.54 -27.17 -33.67
C LEU A 294 -42.98 -26.68 -33.53
N SER A 295 -43.19 -25.59 -32.79
CA SER A 295 -44.46 -24.90 -32.82
C SER A 295 -44.74 -24.25 -34.15
N GLN A 296 -43.70 -24.05 -34.97
CA GLN A 296 -43.80 -23.13 -36.10
C GLN A 296 -43.76 -23.86 -37.44
N PHE A 297 -43.42 -25.16 -37.48
CA PHE A 297 -43.11 -25.78 -38.76
C PHE A 297 -44.36 -26.09 -39.58
N ILE A 298 -45.19 -26.99 -39.09
CA ILE A 298 -46.48 -27.21 -39.71
C ILE A 298 -47.39 -26.28 -38.94
N ARG A 299 -47.51 -26.57 -37.64
CA ARG A 299 -48.08 -25.79 -36.55
C ARG A 299 -47.57 -26.42 -35.26
N LYS A 300 -48.18 -26.08 -34.15
CA LYS A 300 -48.00 -26.90 -32.95
C LYS A 300 -48.66 -28.26 -33.15
N TYR A 301 -48.34 -29.22 -32.28
CA TYR A 301 -48.91 -30.57 -32.41
C TYR A 301 -49.02 -31.28 -31.07
N PRO A 302 -50.24 -31.40 -30.52
CA PRO A 302 -50.49 -32.41 -29.47
C PRO A 302 -50.78 -33.76 -30.10
N ASP A 303 -51.15 -34.79 -29.32
CA ASP A 303 -51.39 -36.10 -29.90
C ASP A 303 -52.67 -36.16 -30.74
N ASN A 304 -53.53 -35.13 -30.65
CA ASN A 304 -54.64 -34.99 -31.57
C ASN A 304 -54.11 -34.57 -32.95
N GLU A 305 -54.93 -34.72 -33.98
CA GLU A 305 -54.54 -34.29 -35.32
C GLU A 305 -54.70 -32.78 -35.43
N LEU A 306 -53.63 -32.13 -35.90
CA LEU A 306 -53.64 -30.67 -35.97
C LEU A 306 -52.81 -30.24 -37.18
N ASN A 307 -53.36 -29.29 -37.94
CA ASN A 307 -52.91 -28.86 -39.26
C ASN A 307 -52.75 -30.10 -40.12
N THR A 308 -53.86 -30.82 -40.31
CA THR A 308 -53.83 -32.13 -40.95
C THR A 308 -53.44 -32.01 -42.41
N GLN A 309 -52.23 -32.45 -42.70
CA GLN A 309 -51.64 -32.41 -44.04
C GLN A 309 -52.15 -33.64 -44.78
N LYS A 310 -52.09 -33.58 -46.10
CA LYS A 310 -52.21 -34.80 -46.87
C LYS A 310 -50.82 -35.33 -47.21
N ILE A 311 -50.04 -34.57 -47.99
CA ILE A 311 -48.58 -34.53 -47.97
C ILE A 311 -48.12 -33.19 -48.53
N HIS A 312 -47.26 -32.51 -47.78
CA HIS A 312 -46.29 -31.57 -48.34
C HIS A 312 -45.01 -31.77 -47.54
N LEU A 313 -44.21 -32.72 -47.98
CA LEU A 313 -43.02 -33.06 -47.22
C LEU A 313 -41.78 -32.53 -47.90
N LEU A 314 -41.89 -32.25 -49.19
CA LEU A 314 -40.78 -31.70 -49.94
C LEU A 314 -40.71 -30.19 -49.75
N LYS A 315 -41.88 -29.55 -49.72
CA LYS A 315 -41.97 -28.12 -49.51
C LYS A 315 -41.51 -27.72 -48.13
N ILE A 316 -41.76 -28.55 -47.13
CA ILE A 316 -41.25 -28.25 -45.81
C ILE A 316 -39.75 -28.55 -45.75
N ASN A 317 -39.27 -29.47 -46.59
CA ASN A 317 -37.86 -29.85 -46.55
C ASN A 317 -36.98 -28.72 -47.04
N LYS A 318 -37.40 -28.08 -48.13
CA LYS A 318 -36.66 -26.96 -48.70
C LYS A 318 -36.53 -25.81 -47.70
N ILE A 319 -37.64 -25.46 -47.05
CA ILE A 319 -37.63 -24.31 -46.17
C ILE A 319 -36.90 -24.63 -44.86
N ILE A 320 -36.93 -25.88 -44.40
CA ILE A 320 -36.15 -26.24 -43.21
C ILE A 320 -34.65 -26.15 -43.50
N LEU A 321 -34.23 -26.73 -44.63
CA LEU A 321 -32.81 -26.70 -44.97
C LEU A 321 -32.33 -25.27 -45.24
N LEU A 322 -33.16 -24.46 -45.88
CA LEU A 322 -32.81 -23.07 -46.11
C LEU A 322 -32.66 -22.32 -44.81
N SER A 323 -33.58 -22.56 -43.86
CA SER A 323 -33.51 -21.85 -42.59
C SER A 323 -32.33 -22.33 -41.77
N GLN A 324 -31.92 -23.58 -41.94
CA GLN A 324 -30.73 -24.04 -41.24
C GLN A 324 -29.48 -23.44 -41.85
N ALA A 325 -29.50 -23.18 -43.15
CA ALA A 325 -28.38 -22.51 -43.78
C ALA A 325 -28.28 -21.05 -43.35
N VAL A 326 -29.34 -20.27 -43.60
CA VAL A 326 -29.28 -18.82 -43.48
C VAL A 326 -29.60 -18.33 -42.07
N ASN A 327 -29.94 -19.24 -41.16
CA ASN A 327 -30.06 -19.00 -39.71
C ASN A 327 -31.19 -18.03 -39.37
N LEU A 328 -32.38 -18.25 -39.95
CA LEU A 328 -33.45 -17.27 -39.79
C LEU A 328 -34.73 -17.93 -39.25
N PRO A 329 -35.60 -17.15 -38.60
CA PRO A 329 -36.88 -17.71 -38.13
C PRO A 329 -37.86 -17.94 -39.28
N PHE A 330 -39.08 -18.31 -38.90
CA PHE A 330 -40.00 -18.94 -39.83
C PHE A 330 -41.22 -18.09 -40.15
N LEU A 331 -41.46 -17.01 -39.41
CA LEU A 331 -42.33 -15.96 -39.95
C LEU A 331 -41.74 -15.37 -41.22
N LYS A 332 -40.41 -15.26 -41.27
CA LYS A 332 -39.76 -14.67 -42.42
C LYS A 332 -39.87 -15.57 -43.64
N LEU A 333 -39.59 -16.86 -43.47
CA LEU A 333 -39.59 -17.75 -44.61
C LEU A 333 -41.00 -18.21 -44.95
N ASP A 334 -41.96 -18.01 -44.04
CA ASP A 334 -43.35 -17.95 -44.47
C ASP A 334 -43.59 -16.70 -45.30
N GLU A 335 -43.13 -15.55 -44.81
CA GLU A 335 -43.38 -14.26 -45.42
C GLU A 335 -42.71 -14.12 -46.76
N ILE A 336 -41.47 -14.57 -46.88
CA ILE A 336 -40.78 -14.54 -48.16
C ILE A 336 -41.31 -15.66 -49.02
N ILE A 337 -41.84 -15.29 -50.19
CA ILE A 337 -42.51 -16.11 -51.22
C ILE A 337 -43.46 -17.12 -50.58
N PRO A 338 -44.65 -16.66 -50.17
CA PRO A 338 -45.61 -17.56 -49.52
C PRO A 338 -46.11 -18.68 -50.41
N GLU A 339 -46.09 -18.51 -51.73
CA GLU A 339 -46.11 -19.68 -52.58
C GLU A 339 -44.84 -20.49 -52.34
N GLN A 340 -45.01 -21.69 -51.81
CA GLN A 340 -43.90 -22.47 -51.28
C GLN A 340 -43.07 -23.00 -52.45
N ASN A 341 -42.29 -22.10 -53.04
CA ASN A 341 -41.54 -22.31 -54.26
C ASN A 341 -40.27 -21.47 -54.15
N ILE A 342 -39.26 -21.85 -54.91
CA ILE A 342 -38.00 -21.12 -54.90
C ILE A 342 -37.53 -20.88 -56.32
N THR A 343 -37.37 -19.61 -56.67
CA THR A 343 -36.65 -19.15 -57.83
C THR A 343 -35.45 -18.36 -57.32
N PRO A 344 -34.32 -18.35 -58.05
CA PRO A 344 -33.11 -17.72 -57.50
C PRO A 344 -33.19 -16.21 -57.28
N THR A 345 -34.23 -15.53 -57.73
CA THR A 345 -34.41 -14.15 -57.30
C THR A 345 -34.86 -14.07 -55.84
N VAL A 346 -35.47 -15.13 -55.31
CA VAL A 346 -35.67 -15.22 -53.87
C VAL A 346 -34.33 -15.29 -53.16
N LEU A 347 -33.37 -15.98 -53.77
CA LEU A 347 -32.03 -16.00 -53.22
C LEU A 347 -31.32 -14.67 -53.36
N GLY A 348 -31.68 -13.88 -54.36
CA GLY A 348 -31.20 -12.52 -54.45
C GLY A 348 -31.76 -11.67 -53.32
N LYS A 349 -33.06 -11.83 -53.07
CA LYS A 349 -33.72 -11.14 -51.97
C LYS A 349 -33.10 -11.47 -50.62
N ILE A 350 -32.80 -12.75 -50.40
CA ILE A 350 -32.31 -13.13 -49.09
C ILE A 350 -30.86 -12.69 -48.94
N PHE A 351 -30.11 -12.59 -50.04
CA PHE A 351 -28.79 -12.01 -49.94
C PHE A 351 -28.87 -10.51 -49.66
N LEU A 352 -29.87 -9.83 -50.23
CA LEU A 352 -30.07 -8.42 -49.94
C LEU A 352 -30.34 -8.19 -48.47
N VAL A 353 -31.23 -9.00 -47.88
CA VAL A 353 -31.58 -8.75 -46.49
C VAL A 353 -30.43 -9.14 -45.55
N LYS A 354 -29.70 -10.22 -45.86
CA LYS A 354 -28.54 -10.58 -45.05
C LYS A 354 -27.42 -9.56 -45.20
N TYR A 355 -27.34 -8.89 -46.35
CA TYR A 355 -26.30 -7.91 -46.49
C TYR A 355 -26.66 -6.60 -45.81
N TYR A 356 -27.94 -6.22 -45.84
CA TYR A 356 -28.33 -5.02 -45.10
C TYR A 356 -28.20 -5.20 -43.59
N MET A 357 -28.44 -6.42 -43.10
CA MET A 357 -28.23 -6.71 -41.68
C MET A 357 -26.77 -6.50 -41.29
N GLN A 358 -25.85 -6.97 -42.13
CA GLN A 358 -24.45 -6.82 -41.79
C GLN A 358 -23.98 -5.39 -42.01
N LYS A 359 -24.57 -4.70 -42.99
CA LYS A 359 -24.10 -3.38 -43.37
C LYS A 359 -24.54 -2.32 -42.37
N TYR A 360 -25.84 -2.24 -42.11
CA TYR A 360 -26.38 -1.17 -41.31
C TYR A 360 -26.64 -1.56 -39.88
N ASN A 361 -26.47 -2.86 -39.56
CA ASN A 361 -26.61 -3.42 -38.22
C ASN A 361 -27.99 -3.14 -37.63
N ILE A 362 -29.00 -3.70 -38.29
CA ILE A 362 -30.39 -3.47 -37.92
C ILE A 362 -31.06 -4.81 -37.66
N GLY A 363 -32.34 -4.75 -37.29
CA GLY A 363 -33.08 -5.94 -36.94
C GLY A 363 -33.49 -6.74 -38.16
N THR A 364 -34.08 -7.92 -37.90
CA THR A 364 -34.45 -8.80 -38.98
C THR A 364 -35.77 -8.39 -39.62
N GLU A 365 -36.62 -7.69 -38.88
CA GLU A 365 -37.83 -7.14 -39.48
C GLU A 365 -37.50 -5.92 -40.33
N THR A 366 -36.40 -5.25 -39.98
CA THR A 366 -36.17 -3.90 -40.46
C THR A 366 -35.60 -3.92 -41.86
N ALA A 367 -34.72 -4.87 -42.15
CA ALA A 367 -34.27 -5.00 -43.51
C ALA A 367 -35.29 -5.73 -44.37
N LEU A 368 -36.23 -6.46 -43.75
CA LEU A 368 -37.38 -6.94 -44.51
C LEU A 368 -38.28 -5.80 -44.95
N ILE A 369 -38.31 -4.71 -44.20
CA ILE A 369 -38.91 -3.50 -44.74
C ILE A 369 -38.12 -2.99 -45.93
N LEU A 370 -36.79 -3.09 -45.87
CA LEU A 370 -35.95 -2.62 -46.97
C LEU A 370 -36.00 -3.52 -48.18
N CYS A 371 -36.54 -4.73 -48.08
CA CYS A 371 -36.80 -5.54 -49.25
C CYS A 371 -38.15 -5.24 -49.88
N ASN A 372 -38.71 -4.07 -49.59
CA ASN A 372 -40.03 -3.62 -50.02
C ASN A 372 -41.11 -4.61 -49.64
N ASP A 373 -41.12 -5.01 -48.38
CA ASP A 373 -42.14 -5.92 -47.89
C ASP A 373 -42.81 -5.30 -46.68
N SER A 374 -44.08 -5.66 -46.49
CA SER A 374 -44.92 -4.94 -45.55
C SER A 374 -44.60 -5.33 -44.11
N ILE A 375 -45.27 -4.65 -43.19
CA ILE A 375 -45.10 -4.90 -41.77
C ILE A 375 -45.93 -6.11 -41.39
N SER A 376 -45.29 -7.08 -40.74
CA SER A 376 -45.98 -8.27 -40.29
C SER A 376 -46.71 -7.99 -38.98
N GLN A 377 -47.97 -8.38 -38.92
CA GLN A 377 -48.73 -8.30 -37.68
C GLN A 377 -48.82 -9.64 -36.97
N TYR A 378 -48.40 -10.71 -37.63
CA TYR A 378 -48.46 -12.04 -37.03
C TYR A 378 -47.46 -12.14 -35.89
N SER A 379 -47.93 -12.68 -34.76
CA SER A 379 -47.12 -12.77 -33.56
C SER A 379 -46.64 -14.20 -33.38
N TYR A 380 -45.47 -14.35 -32.76
CA TYR A 380 -44.88 -15.64 -32.48
C TYR A 380 -43.87 -15.48 -31.36
N SER A 381 -43.35 -16.63 -30.89
CA SER A 381 -42.30 -16.72 -29.86
C SER A 381 -42.70 -16.08 -28.54
N ASN A 382 -44.02 -16.08 -28.25
CA ASN A 382 -44.63 -15.47 -27.06
C ASN A 382 -44.27 -13.99 -26.92
N GLN A 383 -44.11 -13.32 -28.04
CA GLN A 383 -43.61 -11.96 -28.14
C GLN A 383 -44.49 -11.14 -29.06
N PRO A 384 -44.58 -9.82 -28.85
CA PRO A 384 -45.38 -8.99 -29.75
C PRO A 384 -44.71 -8.90 -31.13
N SER A 385 -45.54 -8.67 -32.13
CA SER A 385 -45.09 -8.71 -33.50
C SER A 385 -44.31 -7.44 -33.85
N GLN A 386 -43.96 -7.36 -35.14
CA GLN A 386 -43.37 -6.14 -35.69
C GLN A 386 -44.30 -4.96 -35.53
N PHE A 387 -45.60 -5.18 -35.75
CA PHE A 387 -46.59 -4.13 -35.62
C PHE A 387 -46.72 -3.66 -34.19
N ASP A 388 -46.84 -4.59 -33.24
CA ASP A 388 -47.11 -4.20 -31.87
C ASP A 388 -45.86 -3.64 -31.19
N ARG A 389 -44.68 -4.15 -31.56
CA ARG A 389 -43.46 -3.52 -31.07
C ARG A 389 -43.24 -2.18 -31.74
N LEU A 390 -43.84 -1.99 -32.92
CA LEU A 390 -43.71 -0.70 -33.59
C LEU A 390 -44.59 0.34 -32.92
N PHE A 391 -45.78 -0.03 -32.50
CA PHE A 391 -46.68 1.02 -32.03
C PHE A 391 -47.03 0.92 -30.56
N ASN A 392 -47.63 -0.18 -30.14
CA ASN A 392 -48.51 -0.17 -28.98
C ASN A 392 -47.85 -0.51 -27.66
N THR A 393 -46.52 -0.41 -27.57
CA THR A 393 -45.82 -0.47 -26.30
C THR A 393 -45.08 0.85 -26.13
N SER A 394 -45.57 1.73 -25.25
CA SER A 394 -46.68 1.53 -24.32
C SER A 394 -48.05 1.80 -24.94
N PRO A 395 -49.10 1.18 -24.41
CA PRO A 395 -50.46 1.53 -24.85
C PRO A 395 -50.79 2.97 -24.52
N LEU A 396 -50.94 3.78 -25.56
CA LEU A 396 -51.28 5.18 -25.43
C LEU A 396 -52.72 5.28 -24.95
N ASN A 397 -52.90 5.82 -23.74
CA ASN A 397 -54.20 6.00 -23.07
C ASN A 397 -54.94 4.68 -22.87
N GLY A 398 -54.20 3.58 -22.80
CA GLY A 398 -54.81 2.26 -22.75
C GLY A 398 -55.45 1.82 -24.04
N GLN A 399 -55.28 2.56 -25.12
CA GLN A 399 -55.95 2.27 -26.38
C GLN A 399 -55.01 1.49 -27.29
N TYR A 400 -55.59 0.61 -28.09
CA TYR A 400 -54.84 -0.15 -29.08
C TYR A 400 -55.00 0.52 -30.44
N PHE A 401 -53.92 0.60 -31.19
CA PHE A 401 -53.97 1.15 -32.53
C PHE A 401 -54.51 0.09 -33.49
N VAL A 402 -55.76 0.26 -33.90
CA VAL A 402 -56.48 -0.75 -34.65
C VAL A 402 -56.37 -0.43 -36.13
N ILE A 403 -55.93 -1.42 -36.92
CA ILE A 403 -55.96 -1.30 -38.37
C ILE A 403 -57.41 -1.23 -38.83
N GLU A 404 -57.68 -0.31 -39.74
CA GLU A 404 -59.07 0.02 -40.07
C GLU A 404 -59.08 0.52 -41.51
N ASP A 405 -60.19 1.11 -41.94
CA ASP A 405 -60.29 1.78 -43.23
C ASP A 405 -60.43 3.28 -43.11
N THR A 406 -60.18 3.84 -41.93
CA THR A 406 -60.36 5.26 -41.72
C THR A 406 -59.25 6.06 -42.38
N ASN A 407 -59.47 7.35 -42.54
CA ASN A 407 -58.40 8.23 -42.95
C ASN A 407 -57.72 8.85 -41.74
N ILE A 408 -56.43 9.10 -41.88
CA ILE A 408 -55.68 9.89 -40.91
C ILE A 408 -55.07 11.05 -41.67
N ASP A 409 -55.59 12.24 -41.43
CA ASP A 409 -55.14 13.43 -42.14
C ASP A 409 -53.83 13.91 -41.55
N LEU A 410 -52.75 13.76 -42.30
CA LEU A 410 -51.44 14.19 -41.88
C LEU A 410 -51.11 15.60 -42.32
N SER A 411 -52.11 16.35 -42.77
CA SER A 411 -51.92 17.76 -43.05
C SER A 411 -51.57 18.50 -41.78
N LEU A 412 -50.85 19.61 -41.93
CA LEU A 412 -50.24 20.25 -40.78
C LEU A 412 -51.28 20.98 -39.94
N ASN A 413 -52.41 21.32 -40.56
CA ASN A 413 -53.51 21.95 -39.86
C ASN A 413 -54.62 20.95 -39.53
N SER A 414 -54.27 19.72 -39.15
CA SER A 414 -55.29 18.71 -38.89
C SER A 414 -55.87 18.83 -37.50
N THR A 415 -54.99 18.91 -36.48
CA THR A 415 -55.30 18.73 -35.06
C THR A 415 -56.07 17.42 -34.86
N ASP A 416 -55.36 16.31 -35.01
CA ASP A 416 -56.00 15.01 -35.04
C ASP A 416 -55.81 14.29 -33.69
N ASN A 417 -56.31 13.08 -33.61
CA ASN A 417 -56.36 12.30 -32.39
C ASN A 417 -55.02 11.64 -32.11
N TRP A 418 -55.07 10.64 -31.24
CA TRP A 418 -53.99 9.71 -30.96
C TRP A 418 -53.52 8.93 -32.18
N HIS A 419 -54.31 8.90 -33.26
CA HIS A 419 -53.82 8.36 -34.52
C HIS A 419 -52.59 9.09 -35.01
N LYS A 420 -52.55 10.40 -34.86
CA LYS A 420 -51.35 11.14 -35.19
C LYS A 420 -50.29 10.98 -34.12
N ALA A 421 -50.71 10.80 -32.87
CA ALA A 421 -49.77 10.73 -31.76
C ALA A 421 -48.98 9.43 -31.77
N VAL A 422 -49.60 8.33 -32.21
CA VAL A 422 -48.87 7.06 -32.25
C VAL A 422 -47.84 7.08 -33.37
N LEU A 423 -48.13 7.79 -34.46
CA LEU A 423 -47.15 7.95 -35.51
C LEU A 423 -46.00 8.81 -35.01
N LYS A 424 -46.31 9.87 -34.28
CA LYS A 424 -45.25 10.73 -33.76
C LYS A 424 -44.44 10.03 -32.69
N ARG A 425 -45.03 9.07 -31.99
CA ARG A 425 -44.28 8.32 -31.00
C ARG A 425 -43.41 7.26 -31.66
N ALA A 426 -43.93 6.57 -32.66
CA ALA A 426 -43.17 5.48 -33.27
C ALA A 426 -42.06 6.01 -34.17
N PHE A 427 -42.32 7.09 -34.89
CA PHE A 427 -41.34 7.58 -35.85
C PHE A 427 -40.46 8.69 -35.29
N ASN A 428 -40.70 9.12 -34.04
CA ASN A 428 -39.88 10.09 -33.32
C ASN A 428 -39.80 11.41 -34.08
N VAL A 429 -40.95 12.01 -34.32
CA VAL A 429 -41.10 13.08 -35.29
C VAL A 429 -42.21 14.02 -34.81
N ASP A 430 -42.10 15.29 -35.18
CA ASP A 430 -43.15 16.26 -34.89
C ASP A 430 -44.14 16.31 -36.04
N ASP A 431 -45.01 17.34 -36.03
CA ASP A 431 -46.07 17.46 -37.01
C ASP A 431 -45.51 17.80 -38.39
N ILE A 432 -44.65 18.82 -38.45
CA ILE A 432 -44.23 19.40 -39.72
C ILE A 432 -43.32 18.45 -40.48
N SER A 433 -42.38 17.80 -39.81
CA SER A 433 -41.49 16.89 -40.50
C SER A 433 -42.21 15.63 -40.94
N LEU A 434 -43.24 15.23 -40.19
CA LEU A 434 -44.14 14.18 -40.68
C LEU A 434 -44.86 14.61 -41.94
N TYR A 435 -45.30 15.87 -41.98
CA TYR A 435 -45.98 16.38 -43.15
C TYR A 435 -45.04 16.44 -44.35
N ARG A 436 -43.77 16.72 -44.11
CA ARG A 436 -42.79 16.63 -45.17
C ARG A 436 -42.54 15.20 -45.58
N LEU A 437 -42.50 14.29 -44.61
CA LEU A 437 -42.26 12.87 -44.87
C LEU A 437 -43.35 12.27 -45.72
N LEU A 438 -44.57 12.76 -45.57
CA LEU A 438 -45.67 12.32 -46.41
C LEU A 438 -45.44 12.62 -47.88
N HIS A 439 -45.07 13.87 -48.20
CA HIS A 439 -44.82 14.21 -49.59
C HIS A 439 -43.52 13.62 -50.10
N ILE A 440 -42.60 13.29 -49.20
CA ILE A 440 -41.42 12.54 -49.62
C ILE A 440 -41.81 11.13 -50.04
N ALA A 441 -42.64 10.47 -49.24
CA ALA A 441 -43.05 9.10 -49.55
C ALA A 441 -43.94 9.05 -50.78
N ASN A 442 -44.72 10.10 -51.01
CA ASN A 442 -45.58 10.16 -52.17
C ASN A 442 -45.85 11.60 -52.53
N HIS A 443 -45.33 12.03 -53.67
CA HIS A 443 -45.64 13.34 -54.23
C HIS A 443 -46.99 13.38 -54.93
N ASN A 444 -47.68 12.25 -55.01
CA ASN A 444 -49.01 12.23 -55.59
C ASN A 444 -50.10 12.31 -54.54
N ASN A 445 -49.74 12.47 -53.27
CA ASN A 445 -50.75 12.75 -52.28
C ASN A 445 -51.17 14.21 -52.36
N THR A 446 -52.46 14.42 -52.57
CA THR A 446 -53.01 15.77 -52.68
C THR A 446 -53.28 16.42 -51.34
N ASP A 447 -53.32 15.64 -50.27
CA ASP A 447 -53.62 16.17 -48.94
C ASP A 447 -52.91 15.33 -47.90
N GLY A 448 -53.35 15.49 -46.66
CA GLY A 448 -52.84 14.65 -45.60
C GLY A 448 -53.60 13.37 -45.39
N LYS A 449 -54.77 13.21 -46.00
CA LYS A 449 -55.61 12.05 -45.73
C LYS A 449 -55.08 10.82 -46.47
N ILE A 450 -54.68 9.82 -45.70
CA ILE A 450 -54.24 8.54 -46.25
C ILE A 450 -55.08 7.44 -45.65
N ALA A 451 -55.11 6.30 -46.32
CA ALA A 451 -55.86 5.16 -45.82
C ALA A 451 -55.14 4.53 -44.64
N ASN A 452 -55.88 3.70 -43.90
CA ASN A 452 -55.32 3.07 -42.72
C ASN A 452 -54.88 1.64 -42.99
N ASN A 453 -54.60 1.29 -44.24
CA ASN A 453 -54.10 -0.05 -44.53
C ASN A 453 -52.64 -0.18 -44.11
N ILE A 454 -52.11 -1.39 -44.26
CA ILE A 454 -50.74 -1.62 -43.82
C ILE A 454 -49.72 -1.06 -44.81
N LYS A 455 -50.14 -0.81 -46.06
CA LYS A 455 -49.16 -0.54 -47.11
C LYS A 455 -48.66 0.89 -47.05
N ASN A 456 -49.55 1.84 -46.77
CA ASN A 456 -49.10 3.22 -46.57
C ASN A 456 -48.22 3.33 -45.32
N LEU A 457 -48.52 2.53 -44.30
CA LEU A 457 -47.69 2.49 -43.12
C LEU A 457 -46.30 1.95 -43.45
N SER A 458 -46.25 0.94 -44.31
CA SER A 458 -44.97 0.40 -44.75
C SER A 458 -44.17 1.41 -45.55
N ASN A 459 -44.85 2.17 -46.41
CA ASN A 459 -44.20 3.23 -47.17
C ASN A 459 -43.59 4.27 -46.25
N LEU A 460 -44.36 4.74 -45.26
CA LEU A 460 -43.86 5.75 -44.33
C LEU A 460 -42.71 5.23 -43.50
N TYR A 461 -42.81 3.98 -43.03
CA TYR A 461 -41.73 3.45 -42.20
C TYR A 461 -40.46 3.23 -43.00
N MET A 462 -40.60 2.84 -44.26
CA MET A 462 -39.42 2.62 -45.08
C MET A 462 -38.74 3.94 -45.43
N THR A 463 -39.53 4.94 -45.81
CA THR A 463 -38.92 6.21 -46.15
C THR A 463 -38.39 6.93 -44.92
N LYS A 464 -38.82 6.53 -43.72
CA LYS A 464 -38.13 6.99 -42.53
C LYS A 464 -36.82 6.25 -42.33
N LEU A 465 -36.79 4.93 -42.58
CA LEU A 465 -35.58 4.15 -42.38
C LEU A 465 -34.47 4.56 -43.33
N LEU A 466 -34.83 5.01 -44.52
CA LEU A 466 -33.83 5.44 -45.50
C LEU A 466 -33.01 6.61 -44.99
N ALA A 467 -33.63 7.53 -44.27
CA ALA A 467 -32.85 8.59 -43.64
C ALA A 467 -32.23 8.10 -42.35
N ASP A 468 -32.84 7.11 -41.70
CA ASP A 468 -32.33 6.66 -40.40
C ASP A 468 -31.00 5.92 -40.52
N ILE A 469 -30.83 5.10 -41.56
CA ILE A 469 -29.63 4.26 -41.62
C ILE A 469 -28.41 5.09 -41.96
N HIS A 470 -28.58 6.24 -42.59
CA HIS A 470 -27.47 7.16 -42.76
C HIS A 470 -27.50 8.29 -41.74
N GLN A 471 -28.50 8.26 -40.84
CA GLN A 471 -28.65 9.20 -39.73
C GLN A 471 -28.78 10.65 -40.23
N LEU A 472 -29.87 10.90 -40.93
CA LEU A 472 -30.23 12.23 -41.40
C LEU A 472 -31.61 12.60 -40.88
N THR A 473 -32.02 13.84 -41.17
CA THR A 473 -33.36 14.27 -40.80
C THR A 473 -34.32 14.01 -41.95
N ILE A 474 -35.49 14.62 -41.87
CA ILE A 474 -36.46 14.50 -42.95
C ILE A 474 -36.14 15.48 -44.06
N ASP A 475 -35.89 16.74 -43.72
CA ASP A 475 -35.57 17.74 -44.74
C ASP A 475 -34.20 17.50 -45.34
N GLU A 476 -33.29 16.91 -44.56
CA GLU A 476 -32.00 16.51 -45.11
C GLU A 476 -32.16 15.40 -46.13
N LEU A 477 -33.07 14.46 -45.87
CA LEU A 477 -33.38 13.43 -46.86
C LEU A 477 -34.04 14.04 -48.08
N TYR A 478 -34.86 15.07 -47.87
CA TYR A 478 -35.52 15.76 -48.97
C TYR A 478 -34.50 16.46 -49.86
N LEU A 479 -33.58 17.21 -49.27
CA LEU A 479 -32.49 17.83 -49.99
C LEU A 479 -31.57 16.80 -50.62
N LEU A 480 -31.44 15.64 -50.00
CA LEU A 480 -30.62 14.58 -50.56
C LEU A 480 -31.23 14.01 -51.83
N LEU A 481 -32.54 13.79 -51.82
CA LEU A 481 -33.23 13.33 -53.00
C LEU A 481 -33.27 14.39 -54.10
N ILE A 482 -33.24 15.67 -53.71
CA ILE A 482 -33.08 16.72 -54.71
C ILE A 482 -31.70 16.66 -55.33
N THR A 483 -30.66 16.64 -54.48
CA THR A 483 -29.30 16.81 -54.98
C THR A 483 -28.77 15.56 -55.65
N ILE A 484 -29.45 14.43 -55.49
CA ILE A 484 -29.09 13.29 -56.33
C ILE A 484 -29.91 13.32 -57.62
N GLY A 485 -31.00 14.09 -57.64
CA GLY A 485 -31.86 14.15 -58.79
C GLY A 485 -33.00 13.16 -58.79
N GLU A 486 -33.16 12.39 -57.72
CA GLU A 486 -34.25 11.44 -57.59
C GLU A 486 -35.47 12.04 -56.92
N ASP A 487 -35.65 13.37 -57.01
CA ASP A 487 -36.72 14.02 -56.28
C ASP A 487 -38.09 13.69 -56.89
N LYS A 488 -38.12 13.47 -58.21
CA LYS A 488 -39.40 13.30 -58.89
C LYS A 488 -40.02 11.94 -58.63
N ILE A 489 -39.22 10.93 -58.30
CA ILE A 489 -39.76 9.57 -58.20
C ILE A 489 -40.38 9.37 -56.81
N ASN A 490 -41.45 8.58 -56.76
CA ASN A 490 -42.13 8.27 -55.52
C ASN A 490 -41.81 6.85 -55.07
N LEU A 491 -41.80 6.67 -53.76
CA LEU A 491 -41.58 5.35 -53.17
C LEU A 491 -42.86 4.57 -52.98
N TYR A 492 -44.00 5.15 -53.35
CA TYR A 492 -45.28 4.47 -53.21
C TYR A 492 -45.35 3.28 -54.15
N ASP A 493 -44.79 3.41 -55.34
CA ASP A 493 -44.64 2.31 -56.28
C ASP A 493 -43.23 2.38 -56.85
N ILE A 494 -42.45 1.34 -56.58
CA ILE A 494 -41.08 1.25 -57.06
C ILE A 494 -40.70 -0.22 -57.17
N ASP A 495 -40.02 -0.57 -58.27
CA ASP A 495 -39.46 -1.90 -58.43
C ASP A 495 -38.40 -2.15 -57.37
N ASP A 496 -38.32 -3.40 -56.94
CA ASP A 496 -37.39 -3.78 -55.88
C ASP A 496 -35.96 -3.70 -56.37
N LYS A 497 -35.73 -3.98 -57.64
CA LYS A 497 -34.40 -3.78 -58.22
C LYS A 497 -34.06 -2.29 -58.26
N GLU A 498 -35.02 -1.47 -58.67
CA GLU A 498 -34.81 -0.03 -58.69
C GLU A 498 -34.64 0.51 -57.29
N LEU A 499 -35.36 -0.06 -56.33
CA LEU A 499 -35.23 0.35 -54.93
C LEU A 499 -33.85 -0.01 -54.40
N GLU A 500 -33.38 -1.22 -54.70
CA GLU A 500 -32.03 -1.65 -54.38
C GLU A 500 -30.99 -0.70 -54.97
N LYS A 501 -31.15 -0.36 -56.25
CA LYS A 501 -30.23 0.53 -56.93
C LYS A 501 -30.23 1.93 -56.32
N LEU A 502 -31.41 2.39 -55.90
CA LEU A 502 -31.52 3.69 -55.25
C LEU A 502 -30.82 3.70 -53.90
N ILE A 503 -30.96 2.61 -53.14
CA ILE A 503 -30.28 2.51 -51.86
C ILE A 503 -28.77 2.44 -52.07
N ASN A 504 -28.33 1.78 -53.14
CA ASN A 504 -26.91 1.74 -53.45
C ASN A 504 -26.39 3.12 -53.83
N ARG A 505 -27.20 3.90 -54.57
CA ARG A 505 -26.79 5.26 -54.92
C ARG A 505 -26.69 6.14 -53.68
N LEU A 506 -27.66 6.03 -52.78
CA LEU A 506 -27.60 6.80 -51.54
C LEU A 506 -26.43 6.40 -50.68
N ASP A 507 -26.11 5.10 -50.64
CA ASP A 507 -25.00 4.64 -49.82
C ASP A 507 -23.68 5.07 -50.43
N THR A 508 -23.58 5.04 -51.75
CA THR A 508 -22.37 5.50 -52.44
C THR A 508 -22.14 6.98 -52.20
N LEU A 509 -23.20 7.78 -52.34
CA LEU A 509 -23.11 9.21 -52.11
C LEU A 509 -22.78 9.52 -50.67
N SER A 510 -23.39 8.79 -49.73
CA SER A 510 -23.16 9.03 -48.32
C SER A 510 -21.74 8.68 -47.92
N ASN A 511 -21.26 7.51 -48.38
CA ASN A 511 -19.90 7.09 -48.06
C ASN A 511 -18.89 8.01 -48.70
N TRP A 512 -19.17 8.49 -49.91
CA TRP A 512 -18.28 9.45 -50.55
C TRP A 512 -18.26 10.78 -49.80
N LEU A 513 -19.39 11.22 -49.27
CA LEU A 513 -19.38 12.42 -48.45
C LEU A 513 -18.63 12.20 -47.14
N HIS A 514 -18.68 10.99 -46.59
CA HIS A 514 -17.90 10.72 -45.40
C HIS A 514 -16.41 10.66 -45.72
N THR A 515 -16.06 10.33 -46.96
CA THR A 515 -14.66 10.44 -47.35
C THR A 515 -14.26 11.89 -47.59
N GLN A 516 -15.18 12.72 -48.09
CA GLN A 516 -14.85 14.10 -48.40
C GLN A 516 -15.01 15.03 -47.22
N LYS A 517 -15.73 14.60 -46.18
CA LYS A 517 -16.08 15.42 -45.01
C LYS A 517 -16.78 16.71 -45.44
N TRP A 518 -17.96 16.54 -46.02
CA TRP A 518 -18.77 17.64 -46.49
C TRP A 518 -20.10 17.65 -45.77
N SER A 519 -20.66 18.83 -45.56
CA SER A 519 -22.05 18.91 -45.17
C SER A 519 -22.94 18.57 -46.36
N ILE A 520 -24.19 18.22 -46.08
CA ILE A 520 -25.13 18.05 -47.18
C ILE A 520 -25.54 19.40 -47.73
N TYR A 521 -25.42 20.46 -46.93
CA TYR A 521 -25.68 21.81 -47.43
C TYR A 521 -24.64 22.23 -48.45
N GLN A 522 -23.38 21.81 -48.25
CA GLN A 522 -22.33 22.09 -49.21
C GLN A 522 -22.65 21.47 -50.56
N LEU A 523 -23.07 20.19 -50.53
CA LEU A 523 -23.38 19.50 -51.77
C LEU A 523 -24.62 20.08 -52.44
N PHE A 524 -25.60 20.48 -51.64
CA PHE A 524 -26.80 21.07 -52.21
C PHE A 524 -26.52 22.44 -52.83
N LEU A 525 -25.66 23.22 -52.18
CA LEU A 525 -25.33 24.53 -52.74
C LEU A 525 -24.43 24.40 -53.96
N MET A 526 -23.58 23.38 -53.98
CA MET A 526 -22.75 23.16 -55.16
C MET A 526 -23.48 22.39 -56.24
N THR A 527 -24.72 21.97 -55.99
CA THR A 527 -25.42 21.18 -56.98
C THR A 527 -26.72 21.83 -57.44
N THR A 528 -27.17 22.88 -56.74
CA THR A 528 -28.46 23.48 -57.05
C THR A 528 -28.46 24.18 -58.41
N THR A 529 -29.60 24.09 -59.09
CA THR A 529 -29.80 24.80 -60.34
C THR A 529 -30.68 26.02 -60.10
N ASN A 530 -31.46 26.00 -59.02
CA ASN A 530 -32.20 27.18 -58.60
C ASN A 530 -31.23 28.23 -58.08
N TYR A 531 -31.23 29.38 -58.73
CA TYR A 531 -30.41 30.52 -58.32
C TYR A 531 -31.35 31.60 -57.81
N ASP A 532 -30.91 32.29 -56.77
CA ASP A 532 -31.74 33.34 -56.19
C ASP A 532 -31.62 34.61 -57.02
N LYS A 533 -32.70 35.38 -57.07
CA LYS A 533 -32.79 36.59 -57.86
C LYS A 533 -32.87 37.80 -56.91
N THR A 534 -31.71 38.37 -56.60
CA THR A 534 -31.63 39.48 -55.66
C THR A 534 -30.38 40.29 -55.94
N LEU A 535 -30.56 41.57 -56.27
CA LEU A 535 -29.42 42.43 -56.54
C LEU A 535 -28.75 42.81 -55.23
N THR A 536 -27.63 42.16 -54.93
CA THR A 536 -26.90 42.48 -53.72
C THR A 536 -25.91 43.58 -54.03
N PRO A 537 -25.54 44.39 -53.02
CA PRO A 537 -24.52 45.42 -53.27
C PRO A 537 -23.14 44.87 -53.63
N GLU A 538 -22.85 43.62 -53.27
CA GLU A 538 -21.56 43.04 -53.61
C GLU A 538 -21.51 42.65 -55.08
N ILE A 539 -22.56 41.99 -55.57
CA ILE A 539 -22.64 41.67 -56.98
C ILE A 539 -22.79 42.95 -57.79
N GLN A 540 -23.44 43.98 -57.23
CA GLN A 540 -23.47 45.28 -57.88
C GLN A 540 -22.08 45.91 -57.94
N ASN A 541 -21.26 45.70 -56.91
CA ASN A 541 -19.87 46.17 -56.96
C ASN A 541 -19.08 45.43 -58.04
N LEU A 542 -19.34 44.14 -58.20
CA LEU A 542 -18.77 43.40 -59.32
C LEU A 542 -19.19 44.01 -60.65
N LEU A 543 -20.47 44.35 -60.78
CA LEU A 543 -20.98 44.96 -62.00
C LEU A 543 -20.32 46.30 -62.28
N ASP A 544 -20.13 47.10 -61.23
CA ASP A 544 -19.53 48.41 -61.40
C ASP A 544 -18.06 48.30 -61.77
N THR A 545 -17.36 47.35 -61.16
CA THR A 545 -15.94 47.19 -61.44
C THR A 545 -15.71 46.67 -62.85
N VAL A 546 -16.53 45.72 -63.30
CA VAL A 546 -16.39 45.22 -64.66
C VAL A 546 -16.86 46.26 -65.67
N TYR A 547 -17.85 47.07 -65.30
CA TYR A 547 -18.35 48.12 -66.17
C TYR A 547 -17.30 49.18 -66.41
N ASN A 548 -16.65 49.66 -65.35
CA ASN A 548 -15.58 50.63 -65.53
C ASN A 548 -14.35 49.97 -66.15
N GLY A 549 -14.15 48.69 -65.88
CA GLY A 549 -12.95 48.02 -66.34
C GLY A 549 -12.97 47.75 -67.82
N LEU A 550 -14.03 47.09 -68.29
CA LEU A 550 -14.11 46.78 -69.71
C LEU A 550 -14.80 47.88 -70.51
N GLN A 551 -14.96 49.07 -69.93
CA GLN A 551 -15.27 50.23 -70.75
C GLN A 551 -14.06 50.53 -71.64
N ASN A 552 -14.34 51.14 -72.80
CA ASN A 552 -13.40 51.25 -73.93
C ASN A 552 -12.95 49.86 -74.40
N PHE A 553 -13.90 49.12 -74.95
CA PHE A 553 -13.65 47.82 -75.56
C PHE A 553 -14.20 47.79 -76.99
N ASP A 554 -13.48 47.10 -77.87
CA ASP A 554 -13.99 46.71 -79.18
C ASP A 554 -13.88 45.20 -79.32
N LYS A 555 -14.86 44.60 -79.98
CA LYS A 555 -14.90 43.16 -80.14
C LYS A 555 -13.80 42.67 -81.08
N ASN A 556 -13.55 43.40 -82.16
CA ASN A 556 -12.61 42.90 -83.15
C ASN A 556 -11.16 43.23 -82.81
N LYS A 557 -10.93 43.96 -81.72
CA LYS A 557 -9.56 44.20 -81.28
C LYS A 557 -9.01 42.98 -80.56
N THR A 558 -9.78 42.41 -79.64
CA THR A 558 -9.31 41.32 -78.81
C THR A 558 -10.49 40.48 -78.33
N LYS A 559 -10.16 39.36 -77.69
CA LYS A 559 -11.17 38.46 -77.18
C LYS A 559 -11.86 39.07 -75.96
N LEU A 560 -13.18 38.92 -75.91
CA LEU A 560 -13.96 39.41 -74.78
C LEU A 560 -13.62 38.66 -73.51
N LEU A 561 -13.42 37.34 -73.63
CA LEU A 561 -13.15 36.48 -72.48
C LEU A 561 -11.83 36.82 -71.81
N ALA A 562 -10.78 37.03 -72.60
CA ALA A 562 -9.49 37.40 -72.04
C ALA A 562 -9.53 38.79 -71.43
N ALA A 563 -10.41 39.65 -71.94
CA ALA A 563 -10.56 40.98 -71.36
C ALA A 563 -11.27 40.93 -70.02
N ILE A 564 -12.32 40.11 -69.89
CA ILE A 564 -13.06 40.08 -68.64
C ILE A 564 -12.38 39.18 -67.60
N ALA A 565 -11.49 38.30 -68.05
CA ALA A 565 -10.84 37.33 -67.16
C ALA A 565 -10.13 37.87 -65.91
N PRO A 566 -9.46 39.03 -65.90
CA PRO A 566 -8.86 39.46 -64.63
C PRO A 566 -9.87 39.87 -63.56
N TYR A 567 -10.92 40.58 -63.95
CA TYR A 567 -11.93 40.99 -62.98
C TYR A 567 -12.69 39.79 -62.44
N ILE A 568 -12.92 38.79 -63.29
CA ILE A 568 -13.54 37.56 -62.83
C ILE A 568 -12.58 36.80 -61.91
N ALA A 569 -11.28 36.82 -62.22
CA ALA A 569 -10.30 36.11 -61.41
C ALA A 569 -10.14 36.77 -60.04
N ALA A 570 -10.37 38.08 -59.97
CA ALA A 570 -10.25 38.76 -58.70
C ALA A 570 -11.53 38.68 -57.88
N THR A 571 -12.67 38.94 -58.50
CA THR A 571 -13.94 38.92 -57.77
C THR A 571 -14.34 37.52 -57.35
N LEU A 572 -13.99 36.51 -58.13
CA LEU A 572 -14.15 35.14 -57.69
C LEU A 572 -12.91 34.58 -57.03
N GLN A 573 -11.90 35.45 -56.81
CA GLN A 573 -10.71 35.15 -56.02
C GLN A 573 -9.94 33.96 -56.57
N LEU A 574 -9.96 33.83 -57.88
CA LEU A 574 -9.29 32.73 -58.54
C LEU A 574 -7.80 33.03 -58.67
N PRO A 575 -6.94 32.04 -58.47
CA PRO A 575 -5.50 32.31 -58.52
C PRO A 575 -4.97 32.59 -59.92
N SER A 576 -5.37 31.80 -60.91
CA SER A 576 -4.79 31.88 -62.24
C SER A 576 -5.70 32.70 -63.15
N GLU A 577 -5.25 32.88 -64.39
CA GLU A 577 -6.08 33.49 -65.40
C GLU A 577 -6.63 32.45 -66.37
N ASN A 578 -5.90 31.34 -66.53
CA ASN A 578 -6.41 30.25 -67.36
C ASN A 578 -7.57 29.54 -66.68
N VAL A 579 -7.62 29.58 -65.35
CA VAL A 579 -8.79 29.07 -64.63
C VAL A 579 -10.00 29.94 -64.90
N ALA A 580 -9.82 31.26 -64.93
CA ALA A 580 -10.92 32.16 -65.26
C ALA A 580 -11.33 32.01 -66.72
N HIS A 581 -10.39 31.66 -67.58
CA HIS A 581 -10.73 31.28 -68.95
C HIS A 581 -11.57 30.01 -68.96
N SER A 582 -11.17 29.03 -68.14
CA SER A 582 -11.81 27.73 -68.10
C SER A 582 -13.25 27.84 -67.65
N ILE A 583 -13.48 28.56 -66.56
CA ILE A 583 -14.82 28.65 -66.00
C ILE A 583 -15.76 29.44 -66.90
N LEU A 584 -15.23 30.37 -67.70
CA LEU A 584 -16.08 31.06 -68.66
C LEU A 584 -16.45 30.15 -69.82
N LEU A 585 -15.49 29.34 -70.29
CA LEU A 585 -15.83 28.32 -71.29
C LEU A 585 -16.83 27.31 -70.73
N TRP A 586 -16.73 27.02 -69.44
CA TRP A 586 -17.62 26.09 -68.77
C TRP A 586 -19.03 26.61 -68.67
N ALA A 587 -19.19 27.86 -68.24
CA ALA A 587 -20.49 28.51 -68.23
C ALA A 587 -21.06 28.70 -69.62
N ASP A 588 -20.21 28.84 -70.63
CA ASP A 588 -20.70 28.77 -72.00
C ASP A 588 -21.24 27.39 -72.35
N LYS A 589 -20.57 26.35 -71.89
CA LYS A 589 -20.98 25.00 -72.27
C LYS A 589 -22.25 24.56 -71.55
N ILE A 590 -22.44 24.97 -70.30
CA ILE A 590 -23.55 24.40 -69.52
C ILE A 590 -24.89 25.00 -69.95
N LYS A 591 -24.86 26.19 -70.57
CA LYS A 591 -26.02 27.02 -70.91
C LYS A 591 -26.92 27.21 -69.70
N PRO A 592 -26.52 28.09 -68.78
CA PRO A 592 -27.24 28.27 -67.51
C PRO A 592 -28.56 29.00 -67.63
N SER A 593 -28.99 29.59 -66.51
CA SER A 593 -30.35 29.97 -66.08
C SER A 593 -31.08 30.84 -67.11
N GLU A 594 -32.37 31.08 -66.85
CA GLU A 594 -33.53 30.95 -67.72
C GLU A 594 -33.27 31.14 -69.21
N ASN A 595 -32.67 32.26 -69.62
CA ASN A 595 -32.50 32.51 -71.04
C ASN A 595 -31.31 31.72 -71.57
N LYS A 596 -31.42 31.29 -72.82
CA LYS A 596 -30.23 30.86 -73.52
C LYS A 596 -29.34 32.09 -73.69
N ILE A 597 -28.30 32.16 -72.86
CA ILE A 597 -27.57 33.40 -72.62
C ILE A 597 -26.10 33.11 -72.90
N THR A 598 -25.32 34.17 -73.13
CA THR A 598 -23.94 34.03 -73.55
C THR A 598 -23.12 35.10 -72.82
N ALA A 599 -21.81 34.87 -72.71
CA ALA A 599 -20.92 35.93 -72.26
C ALA A 599 -20.84 37.07 -73.26
N GLU A 600 -21.02 36.77 -74.54
CA GLU A 600 -21.19 37.84 -75.53
C GLU A 600 -22.54 38.51 -75.36
N LYS A 601 -23.58 37.75 -74.97
CA LYS A 601 -24.84 38.37 -74.57
C LYS A 601 -24.70 39.16 -73.28
N PHE A 602 -23.85 38.69 -72.36
CA PHE A 602 -23.53 39.41 -71.13
C PHE A 602 -22.92 40.79 -71.42
N TRP A 603 -21.88 40.82 -72.25
CA TRP A 603 -21.32 42.12 -72.59
C TRP A 603 -22.20 42.89 -73.58
N ILE A 604 -23.11 42.23 -74.29
CA ILE A 604 -23.98 43.03 -75.14
C ILE A 604 -25.10 43.63 -74.32
N TRP A 605 -25.36 43.07 -73.13
CA TRP A 605 -26.26 43.71 -72.18
C TRP A 605 -25.59 44.88 -71.49
N LEU A 606 -24.36 44.68 -70.99
CA LEU A 606 -23.63 45.77 -70.35
C LEU A 606 -23.17 46.80 -71.38
N GLN A 607 -23.20 46.44 -72.65
CA GLN A 607 -22.71 47.27 -73.75
C GLN A 607 -23.84 48.07 -74.36
N ASN A 608 -25.03 47.50 -74.43
CA ASN A 608 -26.16 48.25 -74.94
C ASN A 608 -26.90 48.91 -73.79
N ARG A 609 -27.47 48.11 -72.88
CA ARG A 609 -28.30 48.62 -71.80
C ARG A 609 -27.53 48.57 -70.50
N ASP A 610 -26.69 49.59 -70.27
CA ASP A 610 -26.12 49.78 -68.96
C ASP A 610 -25.76 51.25 -68.79
N THR A 611 -26.07 51.75 -67.60
CA THR A 611 -25.61 53.04 -67.12
C THR A 611 -25.48 52.91 -65.62
N THR A 612 -24.25 52.92 -65.12
CA THR A 612 -24.02 52.55 -63.73
C THR A 612 -24.40 53.67 -62.78
N GLU A 613 -24.43 53.33 -61.49
CA GLU A 613 -24.85 54.22 -60.39
C GLU A 613 -26.28 54.74 -60.63
N LEU A 614 -27.15 53.82 -61.06
CA LEU A 614 -28.54 54.09 -61.35
C LEU A 614 -29.28 52.76 -61.24
N SER A 615 -30.42 52.78 -60.56
CA SER A 615 -31.16 51.55 -60.24
C SER A 615 -32.53 51.61 -60.87
N LYS A 616 -32.64 51.14 -62.12
CA LYS A 616 -33.89 51.00 -62.85
C LYS A 616 -33.79 49.67 -63.58
N PRO A 617 -34.80 48.82 -63.51
CA PRO A 617 -34.65 47.42 -63.95
C PRO A 617 -34.84 47.27 -65.46
N PRO A 618 -33.87 46.66 -66.13
CA PRO A 618 -34.09 46.22 -67.51
C PRO A 618 -34.61 44.79 -67.55
N GLU A 619 -34.73 44.29 -68.78
CA GLU A 619 -35.37 43.00 -69.01
C GLU A 619 -34.44 41.83 -68.71
N MET A 620 -33.14 42.04 -68.71
CA MET A 620 -32.20 40.93 -68.76
C MET A 620 -31.42 40.77 -67.45
N GLN A 621 -31.75 41.57 -66.44
CA GLN A 621 -30.90 41.71 -65.27
C GLN A 621 -30.89 40.45 -64.41
N GLU A 622 -32.05 39.81 -64.25
CA GLU A 622 -32.12 38.56 -63.50
C GLU A 622 -31.37 37.45 -64.19
N GLN A 623 -31.44 37.40 -65.53
CA GLN A 623 -30.70 36.46 -66.34
C GLN A 623 -29.20 36.66 -66.21
N ILE A 624 -28.78 37.89 -65.95
CA ILE A 624 -27.36 38.19 -65.75
C ILE A 624 -26.93 37.80 -64.34
N ILE A 625 -27.76 38.09 -63.35
CA ILE A 625 -27.28 37.88 -61.99
C ILE A 625 -27.39 36.41 -61.61
N GLN A 626 -28.29 35.65 -62.24
CA GLN A 626 -28.26 34.21 -61.99
C GLN A 626 -27.12 33.54 -62.76
N TYR A 627 -26.68 34.13 -63.86
CA TYR A 627 -25.43 33.71 -64.48
C TYR A 627 -24.25 33.97 -63.56
N CYS A 628 -24.28 35.08 -62.83
CA CYS A 628 -23.22 35.38 -61.86
C CYS A 628 -23.24 34.40 -60.70
N HIS A 629 -24.43 34.05 -60.22
CA HIS A 629 -24.56 33.00 -59.21
C HIS A 629 -24.10 31.66 -59.74
N CYS A 630 -24.27 31.40 -61.02
CA CYS A 630 -23.83 30.13 -61.59
C CYS A 630 -22.31 30.08 -61.64
N LEU A 631 -21.68 31.20 -61.96
CA LEU A 631 -20.21 31.28 -61.89
C LEU A 631 -19.72 31.10 -60.46
N ALA A 632 -20.38 31.74 -59.50
CA ALA A 632 -20.01 31.62 -58.10
C ALA A 632 -20.24 30.20 -57.57
N GLN A 633 -21.16 29.47 -58.18
CA GLN A 633 -21.32 28.07 -57.81
C GLN A 633 -20.22 27.22 -58.41
N LEU A 634 -19.94 27.39 -59.70
CA LEU A 634 -19.01 26.52 -60.39
C LEU A 634 -17.57 26.75 -59.98
N THR A 635 -17.25 27.91 -59.43
CA THR A 635 -15.92 28.04 -58.84
C THR A 635 -15.77 27.28 -57.54
N MET A 636 -16.88 27.00 -56.86
CA MET A 636 -16.79 26.39 -55.54
C MET A 636 -16.42 24.92 -55.65
N ILE A 637 -16.87 24.24 -56.70
CA ILE A 637 -16.45 22.86 -56.89
C ILE A 637 -15.00 22.80 -57.35
N TYR A 638 -14.50 23.86 -57.99
CA TYR A 638 -13.10 23.90 -58.34
C TYR A 638 -12.24 24.09 -57.11
N ARG A 639 -12.74 24.87 -56.17
CA ARG A 639 -12.03 25.04 -54.91
C ARG A 639 -12.06 23.76 -54.08
N SER A 640 -13.23 23.15 -53.95
CA SER A 640 -13.38 22.03 -53.03
C SER A 640 -12.83 20.74 -53.60
N SER A 641 -12.75 20.64 -54.93
CA SER A 641 -12.27 19.40 -55.53
C SER A 641 -10.77 19.25 -55.37
N GLY A 642 -10.03 20.35 -55.50
CA GLY A 642 -8.58 20.27 -55.44
C GLY A 642 -7.94 19.68 -56.67
N ILE A 643 -8.61 19.70 -57.82
CA ILE A 643 -8.01 19.23 -59.05
C ILE A 643 -7.00 20.27 -59.54
N ASN A 644 -5.92 19.79 -60.15
CA ASN A 644 -4.97 20.71 -60.76
C ASN A 644 -5.53 21.31 -62.04
N GLU A 645 -4.76 22.21 -62.63
CA GLU A 645 -5.30 23.08 -63.67
C GLU A 645 -5.28 22.41 -65.02
N ASN A 646 -4.26 21.62 -65.30
CA ASN A 646 -4.08 21.03 -66.62
C ASN A 646 -5.12 19.95 -66.90
N ALA A 647 -5.33 19.06 -65.92
CA ALA A 647 -6.40 18.07 -66.05
C ALA A 647 -7.77 18.71 -66.07
N PHE A 648 -7.92 19.87 -65.45
CA PHE A 648 -9.18 20.61 -65.53
C PHE A 648 -9.44 21.10 -66.95
N ARG A 649 -8.41 21.64 -67.61
CA ARG A 649 -8.48 21.96 -69.04
C ARG A 649 -8.83 20.76 -69.87
N LEU A 650 -8.21 19.63 -69.57
CA LEU A 650 -8.52 18.38 -70.26
C LEU A 650 -9.96 17.94 -70.05
N PHE A 651 -10.50 18.13 -68.85
CA PHE A 651 -11.86 17.71 -68.60
C PHE A 651 -12.86 18.56 -69.33
N ILE A 652 -12.71 19.88 -69.29
CA ILE A 652 -13.65 20.74 -69.99
C ILE A 652 -13.52 20.58 -71.50
N GLU A 653 -12.29 20.40 -71.99
CA GLU A 653 -12.09 20.39 -73.42
C GLU A 653 -12.54 19.08 -74.04
N LYS A 654 -12.38 17.97 -73.32
CA LYS A 654 -12.84 16.67 -73.76
C LYS A 654 -13.63 16.01 -72.63
N PRO A 655 -14.92 16.31 -72.51
CA PRO A 655 -15.73 15.65 -71.48
C PRO A 655 -16.00 14.19 -71.78
N THR A 656 -15.99 13.78 -73.04
CA THR A 656 -16.35 12.41 -73.40
C THR A 656 -15.31 11.39 -72.98
N ILE A 657 -14.05 11.79 -72.86
CA ILE A 657 -13.02 10.83 -72.52
C ILE A 657 -13.06 10.50 -71.04
N PHE A 658 -13.78 11.29 -70.26
CA PHE A 658 -14.07 11.01 -68.87
C PHE A 658 -15.40 10.30 -68.68
N GLY A 659 -15.97 9.74 -69.73
CA GLY A 659 -17.10 8.85 -69.62
C GLY A 659 -18.47 9.50 -69.70
N ILE A 660 -18.58 10.74 -70.16
CA ILE A 660 -19.88 11.32 -70.44
C ILE A 660 -20.20 10.79 -71.84
N PRO A 661 -21.47 10.66 -72.25
CA PRO A 661 -21.75 10.39 -73.66
C PRO A 661 -21.31 11.53 -74.57
N ASP A 662 -20.74 11.15 -75.72
CA ASP A 662 -20.03 12.11 -76.57
C ASP A 662 -20.99 12.95 -77.40
N GLU A 663 -20.59 14.19 -77.63
CA GLU A 663 -21.17 15.16 -78.55
C GLU A 663 -20.11 16.26 -78.69
N PRO A 664 -19.78 16.70 -79.91
CA PRO A 664 -18.61 17.58 -80.09
C PRO A 664 -18.86 18.99 -79.58
N ASN A 665 -18.24 19.30 -78.43
CA ASN A 665 -18.30 20.58 -77.72
C ASN A 665 -19.72 21.00 -77.36
N LYS A 666 -20.62 20.03 -77.17
CA LYS A 666 -21.98 20.30 -76.75
C LYS A 666 -22.35 19.34 -75.61
N ALA A 667 -21.64 18.22 -75.52
CA ALA A 667 -21.82 17.30 -74.40
C ALA A 667 -21.29 17.94 -73.12
N THR A 668 -22.19 18.53 -72.35
CA THR A 668 -21.78 19.33 -71.23
C THR A 668 -22.03 18.60 -69.93
N PRO A 669 -21.03 18.49 -69.07
CA PRO A 669 -21.29 18.06 -67.70
C PRO A 669 -21.95 19.18 -66.92
N ALA A 670 -23.00 18.83 -66.20
CA ALA A 670 -23.69 19.79 -65.36
C ALA A 670 -22.94 19.98 -64.06
N HIS A 671 -23.57 20.68 -63.13
CA HIS A 671 -23.06 20.66 -61.77
C HIS A 671 -23.83 19.67 -60.90
N ASN A 672 -24.20 18.53 -61.49
CA ASN A 672 -24.85 17.43 -60.80
C ASN A 672 -23.82 16.60 -60.02
N ALA A 673 -24.30 15.83 -59.04
CA ALA A 673 -23.40 15.05 -58.19
C ALA A 673 -22.66 13.89 -58.87
N PRO A 674 -23.25 13.11 -59.81
CA PRO A 674 -22.44 12.08 -60.49
C PRO A 674 -21.29 12.61 -61.29
N THR A 675 -21.41 13.81 -61.85
CA THR A 675 -20.24 14.42 -62.49
C THR A 675 -19.48 15.32 -61.53
N LEU A 676 -19.75 15.23 -60.23
CA LEU A 676 -18.82 15.73 -59.23
C LEU A 676 -17.93 14.63 -58.69
N ILE A 677 -18.53 13.47 -58.39
CA ILE A 677 -17.79 12.39 -57.77
C ILE A 677 -16.73 11.82 -58.72
N ILE A 678 -16.96 11.88 -60.03
CA ILE A 678 -15.98 11.32 -60.94
C ILE A 678 -14.78 12.27 -61.10
N LEU A 679 -15.03 13.59 -61.08
CA LEU A 679 -13.93 14.55 -61.01
C LEU A 679 -13.14 14.39 -59.72
N THR A 680 -13.84 14.14 -58.62
CA THR A 680 -13.19 13.96 -57.34
C THR A 680 -12.31 12.73 -57.32
N ARG A 681 -12.81 11.62 -57.89
CA ARG A 681 -12.01 10.40 -57.99
C ARG A 681 -10.80 10.59 -58.89
N PHE A 682 -10.98 11.32 -60.00
CA PHE A 682 -9.85 11.55 -60.89
C PHE A 682 -8.81 12.45 -60.25
N ALA A 683 -9.26 13.44 -59.48
CA ALA A 683 -8.33 14.30 -58.77
C ALA A 683 -7.60 13.55 -57.67
N ASN A 684 -8.29 12.63 -57.01
CA ASN A 684 -7.65 11.83 -55.99
C ASN A 684 -6.64 10.86 -56.59
N TRP A 685 -6.92 10.38 -57.81
CA TRP A 685 -5.94 9.57 -58.52
C TRP A 685 -4.70 10.38 -58.89
N VAL A 686 -4.90 11.63 -59.30
CA VAL A 686 -3.77 12.49 -59.64
C VAL A 686 -2.95 12.84 -58.39
N ASN A 687 -3.62 13.05 -57.27
CA ASN A 687 -2.91 13.29 -56.03
C ASN A 687 -2.22 12.03 -55.51
N SER A 688 -2.79 10.86 -55.82
CA SER A 688 -2.11 9.61 -55.51
C SER A 688 -0.85 9.44 -56.33
N LEU A 689 -0.86 9.88 -57.59
CA LEU A 689 0.35 9.88 -58.39
C LEU A 689 1.38 10.86 -57.84
N GLY A 690 1.04 12.13 -57.74
CA GLY A 690 1.93 13.06 -57.06
C GLY A 690 3.03 13.57 -57.98
N GLU A 691 4.23 13.00 -57.81
CA GLU A 691 5.43 13.61 -58.38
C GLU A 691 5.52 13.40 -59.88
N LYS A 692 5.15 12.21 -60.37
CA LYS A 692 5.26 11.95 -61.79
C LYS A 692 4.02 12.33 -62.57
N ALA A 693 3.25 13.31 -62.08
CA ALA A 693 1.91 13.55 -62.61
C ALA A 693 1.93 14.21 -63.98
N SER A 694 2.80 15.19 -64.17
CA SER A 694 2.85 15.92 -65.44
C SER A 694 3.16 15.03 -66.66
N PRO A 695 4.18 14.15 -66.68
CA PRO A 695 4.35 13.32 -67.87
C PRO A 695 3.24 12.31 -68.08
N ILE A 696 2.68 11.74 -67.01
CA ILE A 696 1.64 10.76 -67.24
C ILE A 696 0.33 11.44 -67.62
N LEU A 697 0.09 12.66 -67.16
CA LEU A 697 -1.13 13.36 -67.59
C LEU A 697 -1.02 13.84 -69.02
N THR A 698 0.17 14.27 -69.44
CA THR A 698 0.25 14.65 -70.85
C THR A 698 0.39 13.44 -71.76
N ALA A 699 0.76 12.27 -71.21
CA ALA A 699 0.69 11.06 -72.00
C ALA A 699 -0.73 10.54 -72.10
N PHE A 700 -1.53 10.79 -71.07
CA PHE A 700 -2.96 10.51 -71.14
C PHE A 700 -3.66 11.50 -72.05
N GLU A 701 -3.12 12.72 -72.14
CA GLU A 701 -3.71 13.72 -73.01
C GLU A 701 -3.53 13.34 -74.47
N ASN A 702 -2.37 12.82 -74.82
CA ASN A 702 -2.18 12.19 -76.10
C ASN A 702 -2.84 10.81 -76.04
N LYS A 703 -2.99 10.16 -77.19
CA LYS A 703 -3.54 8.81 -77.23
C LYS A 703 -2.47 7.73 -77.20
N THR A 704 -1.28 8.06 -76.72
CA THR A 704 -0.17 7.12 -76.72
C THR A 704 0.17 6.58 -75.34
N LEU A 705 -0.72 6.74 -74.35
CA LEU A 705 -0.45 6.27 -73.00
C LEU A 705 -0.40 4.75 -72.96
N THR A 706 0.65 4.23 -72.33
CA THR A 706 0.88 2.78 -72.26
C THR A 706 0.72 2.31 -70.83
N ALA A 707 0.74 0.99 -70.67
CA ALA A 707 0.68 0.40 -69.33
C ALA A 707 2.00 0.60 -68.61
N GLU A 708 3.09 0.65 -69.35
CA GLU A 708 4.42 0.54 -68.75
C GLU A 708 4.83 1.84 -68.08
N LYS A 709 4.52 2.98 -68.70
CA LYS A 709 4.72 4.26 -68.05
C LYS A 709 3.80 4.41 -66.85
N LEU A 710 2.61 3.83 -66.94
CA LEU A 710 1.63 3.96 -65.87
C LEU A 710 2.03 3.15 -64.64
N ALA A 711 2.64 1.99 -64.84
CA ALA A 711 3.05 1.15 -63.73
C ALA A 711 4.18 1.77 -62.94
N ASN A 712 5.05 2.52 -63.61
CA ASN A 712 6.23 3.07 -62.96
C ASN A 712 5.84 4.19 -62.01
N ALA A 713 4.71 4.85 -62.26
CA ALA A 713 4.25 5.90 -61.37
C ALA A 713 3.57 5.32 -60.14
N MET A 714 3.21 4.04 -60.17
CA MET A 714 2.56 3.40 -59.03
C MET A 714 3.47 2.40 -58.33
N ASN A 715 4.71 2.26 -58.79
CA ASN A 715 5.71 1.31 -58.28
C ASN A 715 5.22 -0.14 -58.40
N LEU A 716 4.37 -0.41 -59.39
CA LEU A 716 3.76 -1.71 -59.58
C LEU A 716 4.39 -2.41 -60.77
N ASP A 717 4.31 -3.73 -60.78
CA ASP A 717 4.83 -4.47 -61.92
C ASP A 717 3.87 -4.34 -63.09
N ALA A 718 4.43 -4.14 -64.27
CA ALA A 718 3.63 -3.78 -65.44
C ALA A 718 2.77 -4.93 -65.91
N ASN A 719 3.27 -6.17 -65.74
CA ASN A 719 2.55 -7.36 -66.14
C ASN A 719 1.22 -7.51 -65.41
N LEU A 720 1.12 -6.95 -64.20
CA LEU A 720 -0.14 -6.96 -63.47
C LEU A 720 -1.20 -6.14 -64.18
N LEU A 721 -0.84 -4.92 -64.62
CA LEU A 721 -1.74 -4.09 -65.37
C LEU A 721 -2.06 -4.69 -66.73
N GLU A 722 -1.07 -5.33 -67.35
CA GLU A 722 -1.27 -6.03 -68.61
C GLU A 722 -2.32 -7.12 -68.46
N GLN A 723 -2.19 -7.94 -67.42
CA GLN A 723 -3.13 -9.03 -67.23
C GLN A 723 -4.49 -8.52 -66.80
N ALA A 724 -4.54 -7.43 -66.03
CA ALA A 724 -5.83 -6.85 -65.68
C ALA A 724 -6.56 -6.33 -66.92
N SER A 725 -5.81 -5.71 -67.83
CA SER A 725 -6.39 -5.29 -69.12
C SER A 725 -6.87 -6.47 -69.92
N ILE A 726 -6.10 -7.56 -69.93
CA ILE A 726 -6.50 -8.74 -70.70
C ILE A 726 -7.74 -9.38 -70.10
N GLN A 727 -7.84 -9.39 -68.77
CA GLN A 727 -9.02 -9.98 -68.15
C GLN A 727 -10.26 -9.12 -68.37
N ALA A 728 -10.10 -7.80 -68.41
CA ALA A 728 -11.22 -6.95 -68.75
C ALA A 728 -11.62 -7.11 -70.21
N GLN A 729 -10.64 -7.36 -71.09
CA GLN A 729 -10.94 -7.63 -72.49
C GLN A 729 -11.57 -9.00 -72.69
N ASN A 730 -11.34 -9.93 -71.76
CA ASN A 730 -12.02 -11.22 -71.84
C ASN A 730 -13.50 -11.07 -71.54
N TYR A 731 -13.83 -10.15 -70.66
CA TYR A 731 -15.20 -9.90 -70.24
C TYR A 731 -15.82 -8.91 -71.24
N LYS A 732 -16.99 -8.35 -70.90
CA LYS A 732 -17.62 -7.22 -71.57
C LYS A 732 -16.62 -6.08 -71.75
N GLN A 733 -16.87 -5.29 -72.79
CA GLN A 733 -15.83 -4.57 -73.52
C GLN A 733 -15.05 -3.57 -72.68
N VAL A 734 -13.74 -3.67 -72.78
CA VAL A 734 -12.81 -2.56 -72.64
C VAL A 734 -12.00 -2.58 -73.93
N THR A 735 -12.32 -1.65 -74.83
CA THR A 735 -11.86 -1.72 -76.22
C THR A 735 -10.36 -1.46 -76.27
N LYS A 736 -9.69 -2.21 -77.16
CA LYS A 736 -8.23 -2.29 -77.16
C LYS A 736 -7.57 -0.96 -77.55
N GLU A 737 -8.32 -0.07 -78.19
CA GLU A 737 -7.80 1.27 -78.42
C GLU A 737 -7.82 2.11 -77.15
N ASN A 738 -9.00 2.28 -76.56
CA ASN A 738 -9.14 3.13 -75.39
C ASN A 738 -8.92 2.38 -74.09
N THR A 739 -8.13 1.31 -74.13
CA THR A 739 -7.86 0.55 -72.91
C THR A 739 -6.97 1.33 -71.95
N PHE A 740 -6.32 2.37 -72.45
CA PHE A 740 -5.66 3.36 -71.60
C PHE A 740 -5.93 4.78 -72.04
N SER A 741 -6.78 4.97 -73.05
CA SER A 741 -7.15 6.33 -73.43
C SER A 741 -8.40 6.78 -72.68
N ASN A 742 -9.33 5.86 -72.44
CA ASN A 742 -10.48 6.13 -71.61
C ASN A 742 -10.08 6.13 -70.14
N TRP A 743 -10.48 7.19 -69.43
CA TRP A 743 -10.36 7.21 -67.98
C TRP A 743 -11.20 6.12 -67.32
N GLN A 744 -12.39 5.86 -67.88
CA GLN A 744 -13.26 4.81 -67.34
C GLN A 744 -12.62 3.44 -67.42
N SER A 745 -11.96 3.15 -68.53
CA SER A 745 -11.23 1.89 -68.69
C SER A 745 -10.10 1.78 -67.68
N ILE A 746 -9.41 2.89 -67.43
CA ILE A 746 -8.34 2.90 -66.45
C ILE A 746 -8.89 2.70 -65.04
N ASP A 747 -10.07 3.23 -64.77
CA ASP A 747 -10.69 3.03 -63.46
C ASP A 747 -11.12 1.57 -63.28
N ILE A 748 -11.60 0.94 -64.36
CA ILE A 748 -11.98 -0.47 -64.28
C ILE A 748 -10.76 -1.34 -64.01
N ILE A 749 -9.66 -1.05 -64.70
CA ILE A 749 -8.44 -1.81 -64.50
C ILE A 749 -7.86 -1.57 -63.11
N LEU A 750 -8.06 -0.36 -62.59
CA LEU A 750 -7.69 -0.11 -61.20
C LEU A 750 -8.52 -0.92 -60.24
N GLN A 751 -9.81 -1.13 -60.54
CA GLN A 751 -10.62 -1.95 -59.64
C GLN A 751 -10.22 -3.42 -59.71
N TRP A 752 -9.82 -3.89 -60.90
CA TRP A 752 -9.22 -5.22 -61.00
C TRP A 752 -7.95 -5.33 -60.17
N THR A 753 -7.11 -4.31 -60.17
CA THR A 753 -5.91 -4.38 -59.35
C THR A 753 -6.22 -4.27 -57.87
N ASN A 754 -7.28 -3.55 -57.49
CA ASN A 754 -7.64 -3.48 -56.08
C ASN A 754 -8.14 -4.81 -55.57
N ILE A 755 -8.96 -5.50 -56.37
CA ILE A 755 -9.44 -6.79 -55.90
C ILE A 755 -8.33 -7.84 -55.99
N ALA A 756 -7.36 -7.66 -56.90
CA ALA A 756 -6.20 -8.54 -56.89
C ALA A 756 -5.31 -8.27 -55.68
N SER A 757 -5.23 -7.03 -55.25
CA SER A 757 -4.46 -6.67 -54.07
C SER A 757 -5.13 -7.16 -52.80
N ASN A 758 -6.45 -7.36 -52.83
CA ASN A 758 -7.12 -7.89 -51.65
C ASN A 758 -6.76 -9.36 -51.45
N LEU A 759 -6.97 -10.19 -52.47
CA LEU A 759 -6.76 -11.61 -52.34
C LEU A 759 -5.31 -12.02 -52.49
N ASN A 760 -4.43 -11.09 -52.88
CA ASN A 760 -3.03 -11.35 -53.22
C ASN A 760 -2.90 -12.42 -54.29
N ILE A 761 -3.73 -12.32 -55.33
CA ILE A 761 -3.79 -13.30 -56.40
C ILE A 761 -3.77 -12.56 -57.72
N SER A 762 -2.98 -13.06 -58.67
CA SER A 762 -2.95 -12.49 -60.00
C SER A 762 -4.30 -12.66 -60.70
N PRO A 763 -4.75 -11.64 -61.44
CA PRO A 763 -6.15 -11.61 -61.86
C PRO A 763 -6.53 -12.59 -62.95
N GLN A 764 -5.63 -13.45 -63.40
CA GLN A 764 -6.13 -14.56 -64.19
C GLN A 764 -6.70 -15.67 -63.33
N GLY A 765 -6.41 -15.65 -62.03
CA GLY A 765 -6.96 -16.63 -61.12
C GLY A 765 -8.33 -16.26 -60.63
N ILE A 766 -8.69 -14.98 -60.80
CA ILE A 766 -10.01 -14.52 -60.41
C ILE A 766 -10.99 -14.71 -61.57
N SER A 767 -10.48 -15.04 -62.75
CA SER A 767 -11.37 -15.37 -63.87
C SER A 767 -12.14 -16.68 -63.69
N PRO A 768 -11.51 -17.83 -63.36
CA PRO A 768 -12.36 -19.03 -63.16
C PRO A 768 -13.13 -18.97 -61.87
N LEU A 769 -12.69 -18.15 -60.91
CA LEU A 769 -13.46 -17.89 -59.71
C LEU A 769 -14.82 -17.31 -60.03
N ILE A 770 -14.85 -16.30 -60.88
CA ILE A 770 -16.12 -15.73 -61.30
C ILE A 770 -16.81 -16.66 -62.28
N ALA A 771 -16.05 -17.48 -63.01
CA ALA A 771 -16.69 -18.48 -63.86
C ALA A 771 -17.26 -19.67 -63.08
N LEU A 772 -17.04 -19.75 -61.77
CA LEU A 772 -17.67 -20.79 -60.97
C LEU A 772 -19.03 -20.42 -60.43
N ASP A 773 -19.76 -19.52 -61.09
CA ASP A 773 -21.06 -19.11 -60.59
C ASP A 773 -22.08 -20.24 -60.78
N TYR A 774 -23.18 -20.15 -60.04
CA TYR A 774 -24.19 -21.20 -60.15
C TYR A 774 -25.01 -21.04 -61.41
N ILE A 775 -25.48 -19.84 -61.69
CA ILE A 775 -26.45 -19.67 -62.78
C ILE A 775 -25.82 -19.01 -64.00
N LYS A 776 -24.62 -18.44 -63.87
CA LYS A 776 -24.05 -17.73 -65.01
C LYS A 776 -23.43 -18.68 -66.04
N PRO A 777 -22.64 -19.76 -65.65
CA PRO A 777 -22.49 -20.89 -66.55
C PRO A 777 -23.49 -22.01 -66.27
N ALA A 778 -24.78 -21.69 -66.40
CA ALA A 778 -25.83 -22.66 -66.18
C ALA A 778 -25.82 -23.79 -67.22
N GLN A 779 -25.16 -23.58 -68.35
CA GLN A 779 -24.93 -24.64 -69.33
C GLN A 779 -23.89 -25.62 -68.80
N LYS A 780 -22.67 -25.13 -68.56
CA LYS A 780 -21.55 -25.95 -68.14
C LYS A 780 -21.47 -25.96 -66.63
N THR A 781 -22.00 -27.01 -66.01
CA THR A 781 -21.94 -27.14 -64.57
C THR A 781 -20.51 -27.43 -64.15
N PRO A 782 -19.96 -26.71 -63.17
CA PRO A 782 -18.55 -26.90 -62.79
C PRO A 782 -18.31 -28.24 -62.12
N THR A 783 -17.28 -28.94 -62.57
CA THR A 783 -16.88 -30.19 -61.96
C THR A 783 -16.14 -29.93 -60.66
N TYR A 784 -15.85 -31.01 -59.93
CA TYR A 784 -15.21 -30.90 -58.63
C TYR A 784 -13.78 -30.40 -58.74
N ALA A 785 -13.09 -30.76 -59.82
CA ALA A 785 -11.69 -30.39 -59.98
C ALA A 785 -11.54 -28.90 -60.22
N GLN A 786 -12.55 -28.28 -60.82
CA GLN A 786 -12.49 -26.84 -61.03
C GLN A 786 -12.61 -26.10 -59.70
N TRP A 787 -13.50 -26.59 -58.83
CA TRP A 787 -13.57 -26.09 -57.47
C TRP A 787 -12.27 -26.31 -56.73
N GLU A 788 -11.61 -27.45 -56.98
CA GLU A 788 -10.34 -27.73 -56.35
C GLU A 788 -9.26 -26.75 -56.79
N ASN A 789 -9.18 -26.50 -58.09
CA ASN A 789 -8.17 -25.59 -58.61
C ASN A 789 -8.40 -24.16 -58.17
N ALA A 790 -9.64 -23.74 -58.07
CA ALA A 790 -9.88 -22.39 -57.56
C ALA A 790 -9.60 -22.32 -56.07
N ALA A 791 -9.96 -23.38 -55.33
CA ALA A 791 -9.79 -23.39 -53.89
C ALA A 791 -8.33 -23.36 -53.49
N ILE A 792 -7.49 -24.08 -54.22
CA ILE A 792 -6.08 -24.09 -53.86
C ILE A 792 -5.42 -22.76 -54.21
N ALA A 793 -5.93 -22.08 -55.25
CA ALA A 793 -5.41 -20.78 -55.60
C ALA A 793 -5.79 -19.73 -54.57
N LEU A 794 -7.01 -19.83 -54.04
CA LEU A 794 -7.38 -18.97 -52.93
C LEU A 794 -6.62 -19.34 -51.66
N THR A 795 -6.28 -20.62 -51.50
CA THR A 795 -5.63 -21.09 -50.29
C THR A 795 -4.20 -20.60 -50.19
N ALA A 796 -3.49 -20.54 -51.32
CA ALA A 796 -2.08 -20.18 -51.33
C ALA A 796 -1.83 -18.74 -50.86
N GLY A 797 -2.81 -17.85 -51.01
CA GLY A 797 -2.58 -16.45 -50.71
C GLY A 797 -2.63 -16.09 -49.24
N LEU A 798 -2.83 -17.05 -48.36
CA LEU A 798 -3.12 -16.74 -46.97
C LEU A 798 -1.86 -16.79 -46.11
N ASP A 799 -1.86 -16.04 -45.02
CA ASP A 799 -0.76 -16.01 -44.07
C ASP A 799 -0.98 -17.01 -42.92
N THR A 800 -0.19 -16.86 -41.86
CA THR A 800 -0.08 -17.91 -40.84
C THR A 800 -1.29 -18.01 -39.92
N GLN A 801 -1.82 -16.89 -39.42
CA GLN A 801 -2.95 -16.96 -38.51
C GLN A 801 -4.19 -17.42 -39.24
N GLN A 802 -4.36 -16.92 -40.47
CA GLN A 802 -5.46 -17.35 -41.30
C GLN A 802 -5.32 -18.81 -41.70
N THR A 803 -4.10 -19.33 -41.91
CA THR A 803 -4.04 -20.73 -42.30
C THR A 803 -4.21 -21.66 -41.11
N HIS A 804 -3.81 -21.25 -39.89
CA HIS A 804 -4.13 -22.05 -38.71
C HIS A 804 -5.63 -22.07 -38.48
N THR A 805 -6.27 -20.91 -38.59
CA THR A 805 -7.71 -20.84 -38.38
C THR A 805 -8.46 -21.60 -39.47
N LEU A 806 -7.88 -21.64 -40.67
CA LEU A 806 -8.45 -22.41 -41.76
C LEU A 806 -8.36 -23.91 -41.49
N HIS A 807 -7.21 -24.37 -40.98
CA HIS A 807 -7.09 -25.79 -40.65
C HIS A 807 -8.05 -26.20 -39.55
N VAL A 808 -8.21 -25.32 -38.55
CA VAL A 808 -9.18 -25.56 -37.47
C VAL A 808 -10.58 -25.75 -38.03
N PHE A 809 -11.04 -24.78 -38.83
CA PHE A 809 -12.43 -24.82 -39.30
C PHE A 809 -12.65 -25.94 -40.30
N LEU A 810 -11.69 -26.21 -41.18
CA LEU A 810 -11.87 -27.27 -42.16
C LEU A 810 -11.90 -28.63 -41.51
N ASP A 811 -11.07 -28.84 -40.48
CA ASP A 811 -11.12 -30.12 -39.79
C ASP A 811 -12.41 -30.29 -39.01
N GLU A 812 -12.90 -29.21 -38.39
CA GLU A 812 -14.19 -29.30 -37.69
C GLU A 812 -15.34 -29.54 -38.64
N SER A 813 -15.27 -29.00 -39.85
CA SER A 813 -16.32 -29.27 -40.83
C SER A 813 -16.26 -30.70 -41.36
N ARG A 814 -15.05 -31.19 -41.65
CA ARG A 814 -14.91 -32.55 -42.15
C ARG A 814 -15.32 -33.58 -41.13
N SER A 815 -15.21 -33.24 -39.83
CA SER A 815 -15.67 -34.12 -38.76
C SER A 815 -17.14 -34.44 -38.91
N THR A 816 -18.00 -33.42 -38.83
CA THR A 816 -19.43 -33.66 -38.92
C THR A 816 -19.86 -33.98 -40.34
N ALA A 817 -19.01 -33.72 -41.33
CA ALA A 817 -19.34 -34.14 -42.67
C ALA A 817 -19.20 -35.64 -42.81
N LEU A 818 -18.09 -36.20 -42.33
CA LEU A 818 -17.88 -37.62 -42.44
C LEU A 818 -18.77 -38.41 -41.49
N SER A 819 -19.03 -37.84 -40.31
CA SER A 819 -19.67 -38.61 -39.25
C SER A 819 -21.11 -38.95 -39.60
N ASN A 820 -21.83 -37.98 -40.15
CA ASN A 820 -23.23 -38.22 -40.44
C ASN A 820 -23.41 -39.15 -41.62
N TYR A 821 -22.53 -39.07 -42.62
CA TYR A 821 -22.56 -40.04 -43.71
C TYR A 821 -22.21 -41.44 -43.23
N TYR A 822 -21.27 -41.52 -42.28
CA TYR A 822 -20.91 -42.82 -41.74
C TYR A 822 -22.07 -43.46 -41.00
N ILE A 823 -22.74 -42.66 -40.16
CA ILE A 823 -23.93 -43.13 -39.45
C ILE A 823 -25.01 -43.54 -40.43
N GLY A 824 -25.16 -42.78 -41.50
CA GLY A 824 -26.17 -43.07 -42.49
C GLY A 824 -25.96 -44.34 -43.28
N LYS A 825 -24.76 -44.55 -43.80
CA LYS A 825 -24.61 -45.61 -44.80
C LYS A 825 -23.67 -46.71 -44.37
N VAL A 826 -22.63 -46.39 -43.60
CA VAL A 826 -21.53 -47.33 -43.48
C VAL A 826 -21.66 -48.16 -42.23
N ALA A 827 -22.28 -47.60 -41.19
CA ALA A 827 -22.50 -48.33 -39.95
C ALA A 827 -23.47 -49.48 -40.16
N ASN A 828 -23.38 -50.48 -39.29
CA ASN A 828 -24.28 -51.61 -39.41
C ASN A 828 -25.58 -51.32 -38.67
N ARG A 829 -26.68 -51.84 -39.23
CA ARG A 829 -27.99 -51.65 -38.64
C ARG A 829 -28.14 -52.39 -37.32
N ALA A 830 -27.32 -53.43 -37.10
CA ALA A 830 -27.31 -54.14 -35.83
C ALA A 830 -26.87 -53.22 -34.69
N ALA A 831 -25.90 -52.36 -34.95
CA ALA A 831 -25.46 -51.39 -33.96
C ALA A 831 -26.41 -50.20 -33.99
N SER A 832 -27.19 -50.05 -32.93
CA SER A 832 -28.12 -48.93 -32.82
C SER A 832 -27.35 -47.63 -32.64
N ILE A 833 -27.32 -46.80 -33.68
CA ILE A 833 -26.58 -45.55 -33.66
C ILE A 833 -27.52 -44.44 -34.11
N LYS A 834 -27.93 -43.58 -33.18
CA LYS A 834 -28.72 -42.43 -33.56
C LYS A 834 -27.85 -41.20 -33.78
N SER A 835 -27.14 -40.77 -32.74
CA SER A 835 -26.47 -39.48 -32.77
C SER A 835 -24.96 -39.63 -32.87
N ARG A 836 -24.25 -38.51 -32.79
CA ARG A 836 -22.79 -38.54 -32.84
C ARG A 836 -22.18 -39.12 -31.58
N ASP A 837 -22.86 -38.96 -30.44
CA ASP A 837 -22.34 -39.55 -29.20
C ASP A 837 -22.46 -41.06 -29.24
N ASP A 838 -23.49 -41.58 -29.90
CA ASP A 838 -23.58 -43.01 -30.14
C ASP A 838 -22.42 -43.48 -31.01
N LEU A 839 -22.03 -42.66 -31.98
CA LEU A 839 -20.88 -42.99 -32.82
C LEU A 839 -19.59 -42.97 -32.01
N TYR A 840 -19.48 -42.03 -31.08
CA TYR A 840 -18.35 -42.01 -30.15
C TYR A 840 -18.29 -43.26 -29.30
N GLN A 841 -19.44 -43.73 -28.83
CA GLN A 841 -19.46 -44.93 -28.03
C GLN A 841 -19.18 -46.17 -28.87
N TYR A 842 -19.46 -46.10 -30.17
CA TYR A 842 -19.24 -47.26 -31.00
C TYR A 842 -17.82 -47.31 -31.55
N LEU A 843 -17.16 -46.16 -31.67
CA LEU A 843 -15.84 -46.16 -32.30
C LEU A 843 -14.71 -45.92 -31.33
N LEU A 844 -15.03 -45.59 -30.07
CA LEU A 844 -14.10 -45.37 -28.96
C LEU A 844 -13.19 -44.19 -29.16
N ILE A 845 -13.54 -43.25 -30.02
CA ILE A 845 -12.70 -42.10 -30.30
C ILE A 845 -13.61 -40.93 -30.65
N ASP A 846 -13.21 -39.73 -30.27
CA ASP A 846 -14.13 -38.61 -30.23
C ASP A 846 -14.02 -37.78 -31.51
N ASN A 847 -15.17 -37.34 -32.01
CA ASN A 847 -15.24 -36.51 -33.20
C ASN A 847 -15.57 -35.07 -32.88
N GLN A 848 -16.06 -34.79 -31.67
CA GLN A 848 -16.51 -33.45 -31.36
C GLN A 848 -15.45 -32.62 -30.67
N VAL A 849 -14.29 -33.19 -30.38
CA VAL A 849 -13.19 -32.44 -29.80
C VAL A 849 -12.68 -31.44 -30.83
N SER A 850 -12.53 -30.19 -30.40
CA SER A 850 -11.93 -29.19 -31.27
C SER A 850 -10.46 -29.50 -31.49
N ALA A 851 -9.95 -29.09 -32.65
CA ALA A 851 -8.63 -29.50 -33.11
C ALA A 851 -7.49 -28.83 -32.38
N GLU A 852 -7.77 -28.02 -31.36
CA GLU A 852 -6.75 -27.44 -30.51
C GLU A 852 -6.04 -28.49 -29.66
N ILE A 853 -6.72 -29.60 -29.37
CA ILE A 853 -6.18 -30.59 -28.45
C ILE A 853 -5.14 -31.45 -29.15
N LYS A 854 -3.98 -31.62 -28.51
CA LYS A 854 -2.89 -32.43 -29.05
C LYS A 854 -2.65 -33.61 -28.14
N THR A 855 -2.56 -34.82 -28.72
CA THR A 855 -2.25 -36.04 -27.99
C THR A 855 -1.32 -36.91 -28.81
N THR A 856 -0.73 -37.91 -28.16
CA THR A 856 0.04 -38.89 -28.89
C THR A 856 -0.87 -40.01 -29.38
N ARG A 857 -0.30 -40.88 -30.21
CA ARG A 857 -1.09 -41.97 -30.78
C ARG A 857 -1.40 -43.04 -29.75
N ILE A 858 -0.40 -43.45 -28.99
CA ILE A 858 -0.53 -44.61 -28.12
C ILE A 858 -1.45 -44.29 -26.95
N ALA A 859 -1.39 -43.06 -26.45
CA ALA A 859 -2.27 -42.65 -25.38
C ALA A 859 -3.72 -42.62 -25.84
N GLU A 860 -3.94 -42.26 -27.11
CA GLU A 860 -5.29 -42.29 -27.65
C GLU A 860 -5.81 -43.72 -27.79
N ALA A 861 -4.97 -44.64 -28.24
CA ALA A 861 -5.40 -46.03 -28.31
C ALA A 861 -5.65 -46.61 -26.93
N ILE A 862 -4.87 -46.18 -25.93
CA ILE A 862 -5.11 -46.57 -24.55
C ILE A 862 -6.47 -46.09 -24.08
N ALA A 863 -6.82 -44.84 -24.39
CA ALA A 863 -8.11 -44.30 -24.00
C ALA A 863 -9.25 -45.07 -24.68
N SER A 864 -9.04 -45.46 -25.94
CA SER A 864 -10.03 -46.26 -26.64
C SER A 864 -10.23 -47.62 -25.98
N ILE A 865 -9.14 -48.28 -25.60
CA ILE A 865 -9.24 -49.61 -25.02
C ILE A 865 -9.83 -49.55 -23.62
N GLN A 866 -9.46 -48.55 -22.84
CA GLN A 866 -10.02 -48.39 -21.51
C GLN A 866 -11.50 -48.08 -21.56
N LEU A 867 -11.93 -47.29 -22.53
CA LEU A 867 -13.34 -46.99 -22.65
C LEU A 867 -14.12 -48.23 -23.06
N TYR A 868 -13.53 -49.05 -23.93
CA TYR A 868 -14.14 -50.33 -24.28
C TYR A 868 -14.29 -51.26 -23.09
N VAL A 869 -13.26 -51.35 -22.25
CA VAL A 869 -13.31 -52.26 -21.12
C VAL A 869 -14.31 -51.78 -20.10
N ASN A 870 -14.42 -50.46 -19.91
CA ASN A 870 -15.46 -49.93 -19.04
C ASN A 870 -16.84 -50.22 -19.56
N ARG A 871 -17.04 -50.17 -20.87
CA ARG A 871 -18.35 -50.50 -21.38
C ARG A 871 -18.62 -52.00 -21.33
N ALA A 872 -17.57 -52.80 -21.34
CA ALA A 872 -17.79 -54.22 -21.28
C ALA A 872 -18.10 -54.70 -19.87
N LEU A 873 -17.49 -54.08 -18.86
CA LEU A 873 -17.72 -54.54 -17.50
C LEU A 873 -19.09 -54.15 -16.98
N GLU A 874 -19.68 -53.09 -17.51
CA GLU A 874 -20.97 -52.66 -16.98
C GLU A 874 -22.12 -53.50 -17.50
N ASN A 875 -21.86 -54.41 -18.45
CA ASN A 875 -22.86 -55.15 -19.22
C ASN A 875 -23.86 -54.20 -19.88
N ILE A 876 -23.42 -52.99 -20.23
CA ILE A 876 -24.29 -52.06 -20.93
C ILE A 876 -24.33 -52.38 -22.41
N GLU A 877 -23.20 -52.72 -23.00
CA GLU A 877 -23.16 -53.29 -24.33
C GLU A 877 -23.39 -54.79 -24.16
N ILE A 878 -24.33 -55.33 -24.93
CA ILE A 878 -25.00 -56.55 -24.54
C ILE A 878 -24.12 -57.77 -24.85
N HIS A 879 -24.41 -58.88 -24.14
CA HIS A 879 -23.80 -60.19 -24.32
C HIS A 879 -22.32 -60.22 -23.95
N ALA A 880 -21.99 -59.76 -22.75
CA ALA A 880 -20.65 -59.93 -22.23
C ALA A 880 -20.37 -61.40 -21.97
N VAL A 881 -19.25 -61.91 -22.50
CA VAL A 881 -18.89 -63.30 -22.28
C VAL A 881 -18.27 -63.42 -20.90
N SER A 882 -18.91 -64.20 -20.03
CA SER A 882 -18.52 -64.34 -18.63
C SER A 882 -17.27 -65.19 -18.45
N ASP A 883 -16.77 -65.78 -19.52
CA ASP A 883 -15.62 -66.66 -19.42
C ASP A 883 -14.34 -65.88 -19.15
N VAL A 884 -14.23 -64.67 -19.69
CA VAL A 884 -12.99 -63.93 -19.56
C VAL A 884 -13.08 -62.93 -18.41
N ILE A 885 -14.31 -62.59 -18.00
CA ILE A 885 -14.51 -61.60 -16.94
C ILE A 885 -14.00 -62.14 -15.61
N THR A 886 -14.09 -63.45 -15.43
CA THR A 886 -13.66 -64.06 -14.19
C THR A 886 -12.15 -64.21 -14.06
N ARG A 887 -11.36 -63.72 -15.02
CA ARG A 887 -9.92 -63.87 -14.93
C ARG A 887 -9.33 -62.95 -13.87
N GLN A 888 -8.07 -63.23 -13.51
CA GLN A 888 -7.41 -62.54 -12.42
C GLN A 888 -7.18 -61.07 -12.73
N PHE A 889 -6.96 -60.76 -14.00
CA PHE A 889 -6.66 -59.39 -14.39
C PHE A 889 -7.84 -58.46 -14.17
N PHE A 890 -9.04 -58.92 -14.46
CA PHE A 890 -10.20 -58.04 -14.37
C PHE A 890 -10.79 -58.00 -12.98
N ILE A 891 -10.45 -58.94 -12.12
CA ILE A 891 -10.71 -58.78 -10.70
C ILE A 891 -9.89 -57.62 -10.16
N ASP A 892 -8.67 -57.49 -10.65
CA ASP A 892 -7.82 -56.37 -10.29
C ASP A 892 -7.94 -55.22 -11.26
N TRP A 893 -9.03 -55.12 -12.02
CA TRP A 893 -9.19 -53.99 -12.93
C TRP A 893 -9.39 -52.70 -12.17
N ASP A 894 -10.46 -52.65 -11.36
CA ASP A 894 -10.99 -51.42 -10.78
C ASP A 894 -10.03 -50.72 -9.86
N LYS A 895 -9.06 -51.44 -9.30
CA LYS A 895 -8.16 -50.85 -8.32
C LYS A 895 -6.78 -50.62 -8.91
N TYR A 896 -6.34 -51.54 -9.77
CA TYR A 896 -4.93 -51.54 -10.17
C TYR A 896 -4.75 -51.36 -11.67
N ASN A 897 -5.65 -51.89 -12.46
CA ASN A 897 -5.37 -51.97 -13.89
C ASN A 897 -6.09 -50.92 -14.71
N LYS A 898 -6.91 -50.09 -14.08
CA LYS A 898 -7.78 -49.23 -14.86
C LYS A 898 -7.03 -48.03 -15.39
N ARG A 899 -6.15 -47.46 -14.58
CA ARG A 899 -5.32 -46.35 -14.99
C ARG A 899 -3.93 -46.84 -15.34
N TYR A 900 -3.15 -45.96 -15.96
CA TYR A 900 -1.75 -46.24 -16.18
C TYR A 900 -0.95 -46.16 -14.88
N SER A 901 -1.28 -45.21 -14.02
CA SER A 901 -0.43 -44.89 -12.88
C SER A 901 -0.44 -45.99 -11.84
N THR A 902 -1.60 -46.57 -11.57
CA THR A 902 -1.65 -47.66 -10.60
C THR A 902 -0.98 -48.90 -11.14
N TRP A 903 -1.08 -49.14 -12.44
CA TRP A 903 -0.39 -50.27 -13.05
C TRP A 903 1.11 -50.09 -12.96
N ALA A 904 1.59 -48.87 -13.19
CA ALA A 904 3.01 -48.60 -13.05
C ALA A 904 3.45 -48.71 -11.60
N GLY A 905 2.57 -48.35 -10.66
CA GLY A 905 2.90 -48.49 -9.26
C GLY A 905 3.06 -49.93 -8.85
N VAL A 906 2.14 -50.79 -9.28
CA VAL A 906 2.24 -52.22 -8.96
C VAL A 906 3.46 -52.83 -9.64
N SER A 907 3.71 -52.48 -10.90
CA SER A 907 4.83 -53.06 -11.63
C SER A 907 6.17 -52.62 -11.05
N GLN A 908 6.26 -51.38 -10.60
CA GLN A 908 7.51 -50.97 -9.95
C GLN A 908 7.62 -51.54 -8.56
N LEU A 909 6.49 -51.74 -7.88
CA LEU A 909 6.56 -52.23 -6.51
C LEU A 909 6.93 -53.71 -6.48
N VAL A 910 6.75 -54.40 -7.60
CA VAL A 910 7.36 -55.72 -7.72
C VAL A 910 8.87 -55.60 -7.78
N TYR A 911 9.39 -54.96 -8.83
CA TYR A 911 10.83 -55.06 -9.11
C TYR A 911 11.65 -54.13 -8.23
N TYR A 912 11.10 -53.00 -7.80
CA TYR A 912 11.84 -52.05 -6.99
C TYR A 912 11.04 -51.70 -5.74
N PRO A 913 11.07 -52.56 -4.72
CA PRO A 913 10.34 -52.25 -3.49
C PRO A 913 10.98 -51.15 -2.67
N GLU A 914 12.28 -50.93 -2.84
CA GLU A 914 13.02 -50.00 -1.99
C GLU A 914 12.61 -48.56 -2.25
N ASN A 915 11.93 -48.31 -3.36
CA ASN A 915 11.32 -47.01 -3.55
C ASN A 915 10.13 -46.82 -2.62
N TYR A 916 9.56 -47.92 -2.11
CA TYR A 916 8.38 -47.79 -1.29
C TYR A 916 8.61 -48.31 0.12
N ILE A 917 9.79 -48.88 0.36
CA ILE A 917 10.15 -49.26 1.72
C ILE A 917 10.35 -48.02 2.56
N ASP A 918 9.57 -47.88 3.61
CA ASP A 918 9.68 -46.74 4.50
C ASP A 918 9.69 -47.26 5.93
N PRO A 919 10.78 -47.05 6.65
CA PRO A 919 10.92 -47.68 7.97
C PRO A 919 10.03 -47.06 9.04
N THR A 920 9.37 -45.96 8.71
CA THR A 920 8.44 -45.36 9.65
C THR A 920 7.18 -46.22 9.80
N MET A 921 6.52 -46.54 8.69
CA MET A 921 5.30 -47.31 8.75
C MET A 921 5.47 -48.65 8.05
N ARG A 922 5.48 -49.71 8.85
CA ARG A 922 5.65 -51.06 8.37
C ARG A 922 4.39 -51.85 8.67
N ILE A 923 3.89 -52.58 7.68
CA ILE A 923 2.73 -53.43 7.88
C ILE A 923 3.17 -54.68 8.62
N GLY A 924 2.43 -55.06 9.66
CA GLY A 924 2.83 -56.15 10.51
C GLY A 924 3.66 -55.74 11.71
N GLN A 925 3.43 -54.55 12.23
CA GLN A 925 4.30 -53.98 13.24
C GLN A 925 3.80 -54.34 14.63
N THR A 926 4.72 -54.70 15.52
CA THR A 926 4.36 -54.97 16.90
C THR A 926 4.13 -53.66 17.63
N LYS A 927 3.61 -53.75 18.85
CA LYS A 927 3.47 -52.56 19.67
C LYS A 927 4.79 -52.14 20.29
N MET A 928 5.78 -53.02 20.28
CA MET A 928 7.13 -52.68 20.74
C MET A 928 7.72 -51.54 19.91
N MET A 929 7.78 -51.72 18.59
CA MET A 929 8.22 -50.66 17.70
C MET A 929 7.32 -49.45 17.75
N ASP A 930 6.03 -49.65 18.05
CA ASP A 930 5.11 -48.54 18.19
C ASP A 930 5.48 -47.65 19.36
N THR A 931 5.70 -48.24 20.53
CA THR A 931 6.05 -47.40 21.66
C THR A 931 7.48 -46.88 21.55
N LEU A 932 8.34 -47.53 20.77
CA LEU A 932 9.63 -46.93 20.47
C LEU A 932 9.48 -45.67 19.62
N LEU A 933 8.69 -45.77 18.53
CA LEU A 933 8.46 -44.62 17.66
C LEU A 933 7.78 -43.50 18.41
N GLN A 934 6.83 -43.83 19.29
CA GLN A 934 6.21 -42.82 20.12
C GLN A 934 7.22 -42.22 21.11
N SER A 935 8.19 -43.02 21.56
CA SER A 935 9.21 -42.48 22.44
C SER A 935 10.14 -41.51 21.72
N VAL A 936 10.33 -41.68 20.41
CA VAL A 936 11.20 -40.76 19.69
C VAL A 936 10.45 -39.77 18.82
N SER A 937 9.15 -39.57 19.05
CA SER A 937 8.36 -38.69 18.21
C SER A 937 8.29 -37.32 18.84
N GLN A 938 9.39 -36.55 18.74
CA GLN A 938 9.36 -35.14 19.08
C GLN A 938 10.44 -34.40 18.30
N SER A 939 10.57 -33.09 18.55
CA SER A 939 11.49 -32.29 17.76
C SER A 939 12.90 -32.30 18.33
N GLN A 940 13.08 -31.81 19.55
CA GLN A 940 14.40 -31.71 20.16
C GLN A 940 14.86 -33.09 20.58
N LEU A 941 15.74 -33.68 19.79
CA LEU A 941 16.27 -35.00 20.07
C LEU A 941 17.71 -34.88 20.49
N ASN A 942 18.02 -35.42 21.67
CA ASN A 942 19.37 -35.57 22.14
C ASN A 942 19.71 -37.05 22.03
N ALA A 943 21.01 -37.36 22.05
CA ALA A 943 21.44 -38.75 21.88
C ALA A 943 21.05 -39.59 23.09
N ASP A 944 21.09 -39.00 24.28
CA ASP A 944 20.83 -39.77 25.48
C ASP A 944 19.35 -40.04 25.67
N THR A 945 18.50 -39.17 25.14
CA THR A 945 17.07 -39.46 25.06
C THR A 945 16.80 -40.68 24.20
N VAL A 946 17.48 -40.75 23.06
CA VAL A 946 17.42 -41.91 22.17
C VAL A 946 17.92 -43.15 22.89
N GLU A 947 18.98 -43.00 23.69
CA GLU A 947 19.52 -44.10 24.47
C GLU A 947 18.51 -44.64 25.48
N ASP A 948 17.85 -43.73 26.21
CA ASP A 948 16.87 -44.17 27.20
C ASP A 948 15.65 -44.81 26.55
N ALA A 949 15.21 -44.28 25.42
CA ALA A 949 14.14 -44.92 24.68
C ALA A 949 14.55 -46.30 24.20
N PHE A 950 15.82 -46.45 23.82
CA PHE A 950 16.30 -47.75 23.41
C PHE A 950 16.37 -48.73 24.57
N LYS A 951 16.70 -48.24 25.77
CA LYS A 951 16.72 -49.13 26.92
C LYS A 951 15.32 -49.59 27.28
N SER A 952 14.33 -48.70 27.15
CA SER A 952 12.95 -49.08 27.41
C SER A 952 12.46 -50.12 26.41
N TYR A 953 12.79 -49.92 25.13
CA TYR A 953 12.49 -50.93 24.13
C TYR A 953 13.19 -52.25 24.41
N LEU A 954 14.40 -52.19 24.96
CA LEU A 954 15.13 -53.41 25.26
C LEU A 954 14.48 -54.18 26.40
N THR A 955 13.96 -53.48 27.40
CA THR A 955 13.23 -54.15 28.47
C THR A 955 11.95 -54.78 27.96
N SER A 956 11.22 -54.07 27.11
CA SER A 956 10.02 -54.65 26.51
C SER A 956 10.31 -55.83 25.60
N PHE A 957 11.51 -55.88 25.03
CA PHE A 957 11.91 -57.06 24.28
C PHE A 957 12.29 -58.22 25.18
N GLU A 958 12.95 -57.91 26.30
CA GLU A 958 13.30 -58.91 27.30
C GLU A 958 12.06 -59.62 27.82
N GLN A 959 10.97 -58.89 27.98
CA GLN A 959 9.76 -59.46 28.57
C GLN A 959 9.17 -60.57 27.70
N VAL A 960 9.16 -60.38 26.39
CA VAL A 960 8.59 -61.41 25.52
C VAL A 960 9.64 -62.35 24.95
N ALA A 961 10.92 -62.14 25.23
CA ALA A 961 11.88 -63.11 24.75
C ALA A 961 11.97 -64.34 25.64
N ASN A 962 11.54 -64.24 26.90
CA ASN A 962 11.65 -65.33 27.85
C ASN A 962 10.40 -66.19 27.96
N LEU A 963 9.59 -66.25 26.91
CA LEU A 963 8.27 -66.87 27.06
C LEU A 963 8.37 -68.38 27.08
N GLU A 964 7.57 -68.99 27.94
CA GLU A 964 7.51 -70.42 28.12
C GLU A 964 6.11 -70.89 27.76
N VAL A 965 6.01 -72.05 27.12
CA VAL A 965 4.74 -72.58 26.67
C VAL A 965 4.19 -73.47 27.76
N ILE A 966 2.97 -73.17 28.24
CA ILE A 966 2.34 -74.09 29.18
C ILE A 966 1.74 -75.26 28.44
N SER A 967 0.77 -74.98 27.57
CA SER A 967 0.09 -76.03 26.84
C SER A 967 -0.39 -75.44 25.54
N ALA A 968 -1.00 -76.29 24.73
CA ALA A 968 -1.39 -75.92 23.39
C ALA A 968 -2.57 -76.74 22.95
N TYR A 969 -3.09 -76.41 21.77
CA TYR A 969 -4.25 -77.10 21.22
C TYR A 969 -4.17 -77.06 19.70
N HIS A 970 -4.34 -78.21 19.09
CA HIS A 970 -4.30 -78.31 17.63
C HIS A 970 -5.71 -78.18 17.11
N ASP A 971 -5.85 -77.58 15.93
CA ASP A 971 -7.17 -77.30 15.40
C ASP A 971 -7.76 -78.52 14.70
N ASN A 972 -7.12 -78.97 13.62
CA ASN A 972 -7.67 -80.00 12.76
C ASN A 972 -7.58 -81.37 13.44
N VAL A 973 -8.27 -82.35 12.85
CA VAL A 973 -8.31 -83.69 13.41
C VAL A 973 -6.95 -84.38 13.31
N ASN A 974 -6.19 -84.12 12.26
CA ASN A 974 -4.89 -84.73 12.09
C ASN A 974 -3.81 -83.65 11.95
N ASN A 975 -2.58 -84.06 12.20
CA ASN A 975 -1.51 -83.13 12.51
C ASN A 975 -0.99 -82.37 11.31
N ASP A 976 -1.37 -82.75 10.10
CA ASP A 976 -0.70 -82.20 8.93
C ASP A 976 -1.34 -80.91 8.47
N GLN A 977 -2.60 -80.69 8.82
CA GLN A 977 -3.34 -79.52 8.36
C GLN A 977 -3.92 -78.79 9.55
N GLY A 978 -4.55 -77.66 9.26
CA GLY A 978 -5.13 -76.85 10.31
C GLY A 978 -4.11 -75.99 11.02
N LEU A 979 -4.56 -75.39 12.11
CA LEU A 979 -3.76 -74.45 12.87
C LEU A 979 -3.40 -75.03 14.23
N THR A 980 -2.68 -74.24 15.01
CA THR A 980 -2.22 -74.62 16.33
C THR A 980 -2.09 -73.36 17.16
N TYR A 981 -2.62 -73.39 18.38
CA TYR A 981 -2.59 -72.24 19.27
C TYR A 981 -1.74 -72.59 20.49
N PHE A 982 -0.79 -71.74 20.82
CA PHE A 982 0.03 -71.93 22.01
C PHE A 982 -0.44 -70.98 23.11
N ILE A 983 -0.04 -71.28 24.34
CA ILE A 983 -0.32 -70.42 25.49
C ILE A 983 0.98 -70.13 26.20
N GLY A 984 1.34 -68.86 26.29
CA GLY A 984 2.63 -68.47 26.80
C GLY A 984 2.64 -68.14 28.28
N ASN A 985 3.79 -68.37 28.90
CA ASN A 985 4.02 -68.04 30.30
C ASN A 985 5.17 -67.05 30.34
N SER A 986 5.16 -66.16 31.31
CA SER A 986 6.34 -65.35 31.55
C SER A 986 7.08 -65.90 32.75
N LYS A 987 8.26 -65.37 33.03
CA LYS A 987 8.95 -65.67 34.27
C LYS A 987 8.71 -64.49 35.21
N THR A 988 7.45 -64.27 35.54
CA THR A 988 7.05 -63.26 36.52
C THR A 988 5.97 -63.86 37.39
N GLU A 989 5.59 -63.11 38.42
CA GLU A 989 4.38 -63.38 39.15
C GLU A 989 3.24 -62.70 38.37
N VAL A 990 2.07 -62.57 39.00
CA VAL A 990 0.76 -62.97 38.47
C VAL A 990 0.66 -62.72 36.98
N ASN A 991 0.41 -63.79 36.24
CA ASN A 991 1.00 -63.87 34.93
C ASN A 991 0.18 -63.11 33.91
N GLN A 992 0.86 -62.67 32.88
CA GLN A 992 0.25 -62.08 31.71
C GLN A 992 0.38 -63.08 30.58
N TYR A 993 -0.57 -64.02 30.52
CA TYR A 993 -0.52 -65.14 29.61
C TYR A 993 -0.62 -64.65 28.18
N TYR A 994 0.18 -65.24 27.30
CA TYR A 994 0.24 -64.84 25.92
C TYR A 994 -0.17 -65.99 25.04
N TRP A 995 -0.61 -65.69 23.84
CA TRP A 995 -0.97 -66.74 22.91
C TRP A 995 -0.53 -66.35 21.52
N ARG A 996 -0.18 -67.35 20.72
CA ARG A 996 0.17 -67.13 19.33
C ARG A 996 -0.36 -68.30 18.53
N SER A 997 -0.38 -68.12 17.22
CA SER A 997 -0.93 -69.14 16.35
C SER A 997 0.10 -69.48 15.30
N VAL A 998 -0.04 -70.65 14.71
CA VAL A 998 0.84 -71.12 13.67
C VAL A 998 0.07 -72.06 12.77
N ASP A 999 0.37 -72.05 11.48
CA ASP A 999 -0.32 -72.86 10.51
C ASP A 999 0.51 -74.09 10.18
N HIS A 1000 -0.17 -75.18 9.81
CA HIS A 1000 0.53 -76.36 9.34
C HIS A 1000 0.48 -76.48 7.82
N SER A 1001 -0.30 -75.65 7.15
CA SER A 1001 -0.37 -75.76 5.69
C SER A 1001 0.86 -75.15 5.04
N LYS A 1002 1.46 -74.14 5.65
CA LYS A 1002 2.66 -73.53 5.09
C LYS A 1002 3.93 -74.29 5.43
N PHE A 1003 3.82 -75.51 5.97
CA PHE A 1003 5.00 -76.31 6.22
C PHE A 1003 5.52 -76.91 4.94
N ASN A 1004 6.85 -76.85 4.78
CA ASN A 1004 7.55 -77.54 3.71
C ASN A 1004 9.03 -77.61 4.05
N ASP A 1005 9.65 -78.73 3.64
CA ASP A 1005 11.10 -78.95 3.72
C ASP A 1005 11.62 -78.89 5.15
N GLY A 1006 10.92 -79.53 6.07
CA GLY A 1006 11.45 -79.68 7.41
C GLY A 1006 11.41 -78.45 8.29
N LYS A 1007 10.74 -77.37 7.86
CA LYS A 1007 10.73 -76.14 8.64
C LYS A 1007 9.57 -75.26 8.24
N PHE A 1008 8.86 -74.74 9.24
CA PHE A 1008 7.92 -73.66 9.04
C PHE A 1008 8.62 -72.45 8.46
N ALA A 1009 8.09 -71.93 7.35
CA ALA A 1009 8.51 -70.61 6.90
C ALA A 1009 8.01 -69.58 7.89
N ALA A 1010 8.76 -68.48 8.02
CA ALA A 1010 8.55 -67.56 9.13
C ALA A 1010 7.24 -66.78 9.04
N ASN A 1011 6.60 -66.78 7.88
CA ASN A 1011 5.27 -66.19 7.78
C ASN A 1011 4.17 -67.11 8.27
N ALA A 1012 4.47 -68.37 8.54
CA ALA A 1012 3.45 -69.26 9.06
C ALA A 1012 3.19 -69.00 10.53
N TRP A 1013 4.15 -68.39 11.22
CA TRP A 1013 3.94 -68.03 12.60
C TRP A 1013 3.08 -66.78 12.71
N SER A 1014 2.77 -66.42 13.94
CA SER A 1014 2.06 -65.20 14.23
C SER A 1014 2.71 -64.52 15.41
N GLU A 1015 2.28 -63.29 15.66
CA GLU A 1015 2.79 -62.52 16.78
C GLU A 1015 2.16 -63.03 18.07
N TRP A 1016 2.85 -62.78 19.18
CA TRP A 1016 2.22 -63.03 20.48
C TRP A 1016 1.14 -61.99 20.71
N HIS A 1017 0.08 -62.37 21.38
CA HIS A 1017 -0.96 -61.46 21.76
C HIS A 1017 -1.19 -61.57 23.26
N LYS A 1018 -1.62 -60.49 23.87
CA LYS A 1018 -1.76 -60.45 25.31
C LYS A 1018 -3.19 -60.83 25.71
N ILE A 1019 -3.32 -61.50 26.84
CA ILE A 1019 -4.62 -61.88 27.38
C ILE A 1019 -4.91 -60.98 28.56
N ASP A 1020 -6.12 -60.44 28.63
CA ASP A 1020 -6.41 -59.37 29.58
C ASP A 1020 -7.20 -59.84 30.80
N CYS A 1021 -8.00 -60.88 30.68
CA CYS A 1021 -8.81 -61.33 31.80
C CYS A 1021 -7.91 -61.92 32.88
N ALA A 1022 -8.28 -61.69 34.13
CA ALA A 1022 -7.48 -62.13 35.26
C ALA A 1022 -7.56 -63.63 35.40
N ILE A 1023 -6.45 -64.31 35.17
CA ILE A 1023 -6.38 -65.76 35.18
C ILE A 1023 -5.42 -66.19 36.26
N ASN A 1024 -5.85 -67.12 37.11
CA ASN A 1024 -5.01 -67.66 38.16
C ASN A 1024 -5.24 -69.16 38.24
N PRO A 1025 -4.50 -69.93 37.44
CA PRO A 1025 -4.70 -71.38 37.45
C PRO A 1025 -4.07 -72.02 38.67
N TYR A 1026 -4.29 -73.31 38.80
CA TYR A 1026 -3.62 -74.12 39.79
C TYR A 1026 -2.73 -75.13 39.10
N GLN A 1027 -1.44 -75.13 39.48
CA GLN A 1027 -0.39 -75.98 38.89
C GLN A 1027 -0.25 -75.77 37.39
N SER A 1028 -0.60 -74.57 36.92
CA SER A 1028 -0.68 -74.21 35.50
C SER A 1028 -1.49 -75.24 34.71
N THR A 1029 -2.76 -75.36 35.07
CA THR A 1029 -3.66 -76.30 34.41
C THR A 1029 -4.64 -75.47 33.59
N ILE A 1030 -4.32 -75.30 32.31
CA ILE A 1030 -5.07 -74.42 31.44
C ILE A 1030 -4.85 -74.86 30.00
N ARG A 1031 -5.93 -74.97 29.24
CA ARG A 1031 -5.81 -75.32 27.86
C ARG A 1031 -6.70 -74.40 27.03
N PRO A 1032 -6.25 -74.01 25.85
CA PRO A 1032 -7.15 -73.35 24.92
C PRO A 1032 -7.96 -74.39 24.17
N VAL A 1033 -9.04 -73.92 23.56
CA VAL A 1033 -9.90 -74.80 22.78
C VAL A 1033 -10.65 -73.92 21.78
N ILE A 1034 -10.96 -74.49 20.63
CA ILE A 1034 -11.66 -73.76 19.59
C ILE A 1034 -13.06 -74.34 19.51
N TYR A 1035 -13.98 -73.69 20.19
CA TYR A 1035 -15.38 -74.12 20.18
C TYR A 1035 -16.16 -73.12 19.36
N LYS A 1036 -16.84 -73.64 18.33
CA LYS A 1036 -17.59 -72.84 17.36
C LYS A 1036 -16.73 -71.76 16.72
N SER A 1037 -15.51 -72.15 16.35
CA SER A 1037 -14.52 -71.31 15.64
C SER A 1037 -14.19 -70.02 16.40
N ARG A 1038 -14.28 -70.08 17.73
CA ARG A 1038 -13.90 -68.97 18.59
C ARG A 1038 -12.95 -69.51 19.64
N LEU A 1039 -11.89 -68.76 19.92
CA LEU A 1039 -10.89 -69.17 20.90
C LEU A 1039 -11.49 -69.14 22.29
N TYR A 1040 -11.46 -70.26 23.00
CA TYR A 1040 -11.89 -70.28 24.40
C TYR A 1040 -10.72 -70.72 25.25
N LEU A 1041 -10.52 -70.04 26.37
CA LEU A 1041 -9.59 -70.48 27.40
C LEU A 1041 -10.37 -71.12 28.51
N ILE A 1042 -9.94 -72.30 28.94
CA ILE A 1042 -10.57 -73.00 30.04
C ILE A 1042 -9.49 -73.39 31.03
N TRP A 1043 -9.74 -73.18 32.32
CA TRP A 1043 -8.75 -73.51 33.30
C TRP A 1043 -9.41 -73.92 34.60
N LEU A 1044 -8.61 -74.53 35.46
CA LEU A 1044 -9.05 -74.95 36.77
C LEU A 1044 -8.55 -73.96 37.80
N GLU A 1045 -9.33 -73.73 38.84
CA GLU A 1045 -8.96 -72.75 39.85
C GLU A 1045 -9.38 -73.25 41.22
N GLN A 1046 -8.52 -73.01 42.21
CA GLN A 1046 -8.63 -73.64 43.52
C GLN A 1046 -8.72 -72.61 44.62
N LYS A 1047 -9.75 -72.72 45.45
CA LYS A 1047 -9.93 -71.86 46.60
C LYS A 1047 -9.85 -72.70 47.86
N GLU A 1048 -9.12 -72.22 48.85
CA GLU A 1048 -9.04 -72.88 50.15
C GLU A 1048 -10.22 -72.42 51.01
N THR A 1049 -10.84 -73.36 51.69
CA THR A 1049 -11.89 -73.08 52.65
C THR A 1049 -11.48 -73.65 54.01
N ALA A 1050 -12.42 -73.62 54.95
CA ALA A 1050 -12.21 -74.21 56.26
C ALA A 1050 -13.55 -74.61 56.84
N LYS A 1051 -13.81 -75.91 56.90
CA LYS A 1051 -14.97 -76.42 57.61
C LYS A 1051 -14.66 -76.45 59.10
N GLN A 1052 -15.70 -76.53 59.91
CA GLN A 1052 -15.54 -76.76 61.33
C GLN A 1052 -15.65 -78.26 61.61
N LYS A 1053 -14.54 -78.85 62.01
CA LYS A 1053 -14.45 -80.27 62.35
C LYS A 1053 -14.78 -80.50 63.82
N GLU A 1054 -15.29 -79.49 64.51
CA GLU A 1054 -15.00 -79.32 65.93
C GLU A 1054 -15.64 -80.39 66.79
N ASP A 1055 -14.90 -81.46 67.02
CA ASP A 1055 -14.73 -81.92 68.37
C ASP A 1055 -13.81 -80.99 69.13
N ASN A 1056 -12.65 -80.66 68.55
CA ASN A 1056 -11.78 -79.62 69.06
C ASN A 1056 -11.52 -78.53 68.01
N LYS A 1057 -11.09 -78.93 66.82
CA LYS A 1057 -10.38 -78.02 65.95
C LYS A 1057 -11.20 -77.64 64.73
N VAL A 1058 -10.57 -76.84 63.87
CA VAL A 1058 -11.16 -76.34 62.64
C VAL A 1058 -10.34 -76.89 61.48
N THR A 1059 -10.96 -77.70 60.64
CA THR A 1059 -10.25 -78.34 59.55
C THR A 1059 -10.15 -77.38 58.38
N THR A 1060 -9.29 -77.74 57.44
CA THR A 1060 -9.02 -76.94 56.25
C THR A 1060 -9.37 -77.75 55.03
N ASP A 1061 -10.18 -77.18 54.14
CA ASP A 1061 -10.61 -77.87 52.94
C ASP A 1061 -10.34 -77.00 51.72
N TYR A 1062 -10.21 -77.66 50.58
CA TYR A 1062 -10.11 -76.99 49.30
C TYR A 1062 -11.34 -77.34 48.48
N HIS A 1063 -11.80 -76.39 47.67
CA HIS A 1063 -12.79 -76.72 46.66
C HIS A 1063 -12.31 -76.18 45.33
N TYR A 1064 -12.65 -76.90 44.28
CA TYR A 1064 -12.16 -76.62 42.95
C TYR A 1064 -13.30 -76.09 42.10
N GLU A 1065 -13.00 -75.08 41.30
CA GLU A 1065 -14.00 -74.52 40.42
C GLU A 1065 -13.43 -74.41 39.02
N LEU A 1066 -14.32 -74.40 38.05
CA LEU A 1066 -13.96 -74.40 36.65
C LEU A 1066 -14.34 -73.07 36.04
N LYS A 1067 -13.47 -72.52 35.20
CA LYS A 1067 -13.72 -71.24 34.56
C LYS A 1067 -13.65 -71.43 33.05
N LEU A 1068 -14.35 -70.58 32.32
CA LEU A 1068 -14.37 -70.63 30.87
C LEU A 1068 -14.59 -69.22 30.34
N ALA A 1069 -13.67 -68.75 29.53
CA ALA A 1069 -13.72 -67.39 29.01
C ALA A 1069 -13.32 -67.38 27.54
N HIS A 1070 -13.95 -66.50 26.78
CA HIS A 1070 -13.76 -66.48 25.34
C HIS A 1070 -13.47 -65.09 24.83
N ILE A 1071 -12.83 -65.03 23.70
CA ILE A 1071 -12.42 -63.76 23.11
C ILE A 1071 -13.64 -63.17 22.40
N ARG A 1072 -13.65 -61.86 22.24
CA ARG A 1072 -14.63 -61.19 21.42
C ARG A 1072 -14.03 -60.91 20.04
N TYR A 1073 -14.76 -60.16 19.22
CA TYR A 1073 -14.30 -59.90 17.87
C TYR A 1073 -13.14 -58.93 17.84
N ASP A 1074 -13.25 -57.81 18.56
CA ASP A 1074 -12.21 -56.80 18.52
C ASP A 1074 -10.93 -57.24 19.20
N GLY A 1075 -10.99 -58.23 20.08
CA GLY A 1075 -9.82 -58.73 20.77
C GLY A 1075 -9.89 -58.62 22.26
N THR A 1076 -11.05 -58.32 22.83
CA THR A 1076 -11.16 -58.28 24.27
C THR A 1076 -11.75 -59.59 24.79
N TRP A 1077 -11.65 -59.76 26.10
CA TRP A 1077 -11.98 -61.02 26.74
C TRP A 1077 -13.21 -60.86 27.59
N ASN A 1078 -14.08 -61.87 27.54
CA ASN A 1078 -15.33 -61.82 28.27
C ASN A 1078 -15.08 -62.10 29.76
N VAL A 1079 -16.08 -61.82 30.56
CA VAL A 1079 -16.05 -62.25 31.96
C VAL A 1079 -16.23 -63.76 32.03
N PRO A 1080 -15.38 -64.47 32.76
CA PRO A 1080 -15.46 -65.94 32.76
C PRO A 1080 -16.70 -66.47 33.45
N ILE A 1081 -17.05 -67.69 33.09
CA ILE A 1081 -18.24 -68.37 33.59
C ILE A 1081 -17.81 -69.31 34.71
N THR A 1082 -18.60 -69.35 35.78
CA THR A 1082 -18.30 -70.17 36.94
C THR A 1082 -18.92 -71.55 36.74
N PHE A 1083 -18.20 -72.59 37.15
CA PHE A 1083 -18.76 -73.91 37.33
C PHE A 1083 -18.15 -74.55 38.55
N ASP A 1084 -19.00 -75.18 39.36
CA ASP A 1084 -18.57 -75.86 40.56
C ASP A 1084 -18.31 -77.32 40.19
N VAL A 1085 -17.07 -77.76 40.38
CA VAL A 1085 -16.68 -79.12 40.02
C VAL A 1085 -16.02 -79.85 41.17
N ASP A 1086 -16.26 -79.43 42.42
CA ASP A 1086 -15.61 -80.07 43.56
C ASP A 1086 -16.08 -81.50 43.74
N GLU A 1087 -17.33 -81.78 43.35
CA GLU A 1087 -17.85 -83.14 43.36
C GLU A 1087 -17.03 -84.07 42.49
N LYS A 1088 -16.76 -83.68 41.26
CA LYS A 1088 -16.08 -84.58 40.34
C LYS A 1088 -14.59 -84.68 40.62
N ILE A 1089 -13.97 -83.60 41.09
CA ILE A 1089 -12.57 -83.70 41.46
C ILE A 1089 -12.43 -84.50 42.73
N LEU A 1090 -13.39 -84.40 43.64
CA LEU A 1090 -13.40 -85.27 44.80
C LEU A 1090 -13.70 -86.72 44.43
N ALA A 1091 -14.38 -86.93 43.31
CA ALA A 1091 -14.62 -88.29 42.84
C ALA A 1091 -13.33 -88.94 42.36
N LEU A 1092 -12.48 -88.19 41.68
CA LEU A 1092 -11.16 -88.69 41.36
C LEU A 1092 -10.32 -88.77 42.62
N GLU A 1093 -9.49 -89.80 42.71
CA GLU A 1093 -8.73 -90.08 43.91
C GLU A 1093 -7.36 -89.43 43.79
N LEU A 1094 -7.23 -88.25 44.38
CA LEU A 1094 -6.09 -87.38 44.13
C LEU A 1094 -5.37 -87.08 45.43
N THR A 1095 -4.04 -87.12 45.38
CA THR A 1095 -3.26 -86.60 46.49
C THR A 1095 -3.19 -85.09 46.40
N LYS A 1096 -2.69 -84.48 47.47
CA LYS A 1096 -2.46 -83.05 47.44
C LYS A 1096 -1.25 -82.73 46.59
N SER A 1097 -1.19 -81.46 46.12
CA SER A 1097 -0.11 -80.91 45.31
C SER A 1097 0.09 -81.64 43.99
N GLN A 1098 -0.97 -82.25 43.47
CA GLN A 1098 -0.93 -82.87 42.15
C GLN A 1098 -2.22 -82.53 41.43
N ALA A 1099 -2.11 -81.78 40.36
CA ALA A 1099 -3.29 -81.38 39.60
C ALA A 1099 -3.83 -82.55 38.82
N PRO A 1100 -5.15 -82.68 38.72
CA PRO A 1100 -5.70 -83.69 37.83
C PRO A 1100 -5.48 -83.29 36.38
N GLY A 1101 -5.40 -84.30 35.52
CA GLY A 1101 -5.30 -84.04 34.11
C GLY A 1101 -6.60 -83.46 33.57
N LEU A 1102 -6.47 -82.70 32.49
CA LEU A 1102 -7.61 -82.03 31.88
C LEU A 1102 -7.60 -82.31 30.39
N TYR A 1103 -8.73 -82.76 29.87
CA TYR A 1103 -8.87 -83.04 28.44
C TYR A 1103 -10.06 -82.27 27.93
N CYS A 1104 -9.89 -81.62 26.77
CA CYS A 1104 -10.86 -80.65 26.29
C CYS A 1104 -10.78 -80.58 24.78
N ALA A 1105 -11.87 -80.89 24.10
CA ALA A 1105 -11.82 -80.95 22.64
C ALA A 1105 -13.14 -80.50 22.04
N GLY A 1106 -13.07 -79.99 20.82
CA GLY A 1106 -14.25 -79.64 20.07
C GLY A 1106 -14.81 -80.84 19.32
N TYR A 1107 -15.99 -80.66 18.74
CA TYR A 1107 -16.74 -81.77 18.17
C TYR A 1107 -17.79 -81.20 17.22
N GLN A 1108 -17.62 -81.44 15.92
CA GLN A 1108 -18.34 -80.71 14.88
C GLN A 1108 -19.79 -81.13 14.71
N GLY A 1109 -20.00 -82.38 14.31
CA GLY A 1109 -21.33 -82.96 14.41
C GLY A 1109 -21.71 -83.05 15.88
N GLU A 1110 -22.93 -82.59 16.19
CA GLU A 1110 -23.42 -82.41 17.56
C GLU A 1110 -22.50 -81.47 18.33
N ASP A 1111 -22.53 -80.19 17.91
CA ASP A 1111 -21.66 -79.15 18.46
C ASP A 1111 -21.83 -79.01 19.97
N THR A 1112 -20.78 -79.40 20.68
CA THR A 1112 -20.78 -79.61 22.12
C THR A 1112 -19.34 -79.67 22.57
N LEU A 1113 -19.01 -78.83 23.56
CA LEU A 1113 -17.65 -78.72 24.04
C LEU A 1113 -17.34 -79.88 25.00
N LEU A 1114 -16.49 -80.80 24.57
CA LEU A 1114 -16.13 -81.95 25.38
C LEU A 1114 -15.17 -81.53 26.47
N ILE A 1115 -15.30 -82.14 27.64
CA ILE A 1115 -14.34 -81.97 28.72
C ILE A 1115 -14.30 -83.24 29.55
N MET A 1116 -13.09 -83.70 29.86
CA MET A 1116 -12.91 -84.88 30.68
C MET A 1116 -11.81 -84.62 31.70
N PHE A 1117 -12.05 -85.02 32.94
CA PHE A 1117 -11.03 -84.99 33.97
C PHE A 1117 -10.48 -86.39 34.16
N TYR A 1118 -9.22 -86.48 34.56
CA TYR A 1118 -8.58 -87.76 34.72
C TYR A 1118 -7.38 -87.61 35.64
N ARG A 1119 -7.15 -88.62 36.46
CA ARG A 1119 -5.94 -88.70 37.24
C ARG A 1119 -4.78 -88.97 36.30
N LYS A 1120 -3.62 -88.40 36.60
CA LYS A 1120 -2.47 -88.65 35.74
C LYS A 1120 -1.81 -89.98 36.10
N LYS A 1121 -1.60 -90.82 35.08
CA LYS A 1121 -0.93 -92.09 35.25
C LYS A 1121 0.45 -91.99 34.61
N GLU A 1122 1.20 -93.10 34.58
CA GLU A 1122 2.50 -93.06 33.93
C GLU A 1122 2.42 -93.55 32.49
N LYS A 1123 1.46 -94.42 32.20
CA LYS A 1123 1.38 -95.06 30.90
C LYS A 1123 0.08 -94.65 30.22
N LEU A 1124 0.17 -94.45 28.90
CA LEU A 1124 -1.01 -94.13 28.09
C LEU A 1124 -2.05 -95.24 28.14
N ASP A 1125 -1.62 -96.50 28.15
CA ASP A 1125 -2.55 -97.61 28.10
C ASP A 1125 -3.27 -97.83 29.42
N ASP A 1126 -2.77 -97.23 30.50
CA ASP A 1126 -3.48 -97.22 31.76
C ASP A 1126 -4.77 -96.41 31.69
N TYR A 1127 -4.85 -95.43 30.79
CA TYR A 1127 -6.03 -94.59 30.69
C TYR A 1127 -7.19 -95.28 29.98
N LYS A 1128 -6.96 -96.44 29.38
CA LYS A 1128 -8.06 -97.21 28.82
C LYS A 1128 -8.92 -97.80 29.93
N THR A 1129 -8.32 -97.99 31.11
CA THR A 1129 -8.99 -98.59 32.25
C THR A 1129 -9.40 -97.58 33.31
N ALA A 1130 -8.86 -96.36 33.25
CA ALA A 1130 -9.14 -95.38 34.28
C ALA A 1130 -10.57 -94.87 34.15
N PRO A 1131 -11.35 -94.87 35.23
CA PRO A 1131 -12.68 -94.27 35.18
C PRO A 1131 -12.59 -92.77 35.03
N MET A 1132 -13.65 -92.20 34.47
CA MET A 1132 -13.60 -90.85 33.94
C MET A 1132 -14.60 -89.95 34.63
N GLN A 1133 -14.20 -88.69 34.82
CA GLN A 1133 -15.10 -87.64 35.24
C GLN A 1133 -15.09 -86.59 34.15
N GLY A 1134 -16.27 -86.12 33.76
CA GLY A 1134 -16.35 -85.10 32.74
C GLY A 1134 -17.78 -84.83 32.39
N PHE A 1135 -17.99 -83.78 31.60
CA PHE A 1135 -19.33 -83.43 31.18
C PHE A 1135 -19.31 -82.79 29.82
N TYR A 1136 -20.43 -82.19 29.48
CA TYR A 1136 -20.64 -81.59 28.17
C TYR A 1136 -21.01 -80.14 28.37
N ILE A 1137 -20.70 -79.31 27.39
CA ILE A 1137 -21.09 -77.91 27.41
C ILE A 1137 -21.77 -77.62 26.10
N PHE A 1138 -23.01 -77.15 26.18
CA PHE A 1138 -23.80 -76.88 25.00
C PHE A 1138 -23.62 -75.42 24.59
N SER A 1139 -24.48 -74.95 23.69
CA SER A 1139 -24.38 -73.58 23.22
C SER A 1139 -24.83 -72.58 24.28
N ASP A 1140 -25.61 -73.02 25.26
CA ASP A 1140 -26.11 -72.12 26.30
C ASP A 1140 -25.21 -72.06 27.53
N MET A 1141 -24.02 -72.65 27.46
CA MET A 1141 -23.12 -72.89 28.60
C MET A 1141 -23.82 -73.63 29.73
N SER A 1142 -24.71 -74.55 29.40
CA SER A 1142 -25.29 -75.44 30.38
C SER A 1142 -24.55 -76.76 30.35
N SER A 1143 -24.46 -77.40 31.50
CA SER A 1143 -23.73 -78.64 31.66
C SER A 1143 -24.66 -79.82 31.47
N LYS A 1144 -24.08 -80.97 31.14
CA LYS A 1144 -24.75 -82.26 31.26
C LYS A 1144 -23.67 -83.30 31.53
N ASP A 1145 -23.82 -84.05 32.62
CA ASP A 1145 -22.75 -84.93 33.04
C ASP A 1145 -22.69 -86.17 32.15
N MET A 1146 -21.51 -86.76 32.10
CA MET A 1146 -21.28 -87.93 31.26
C MET A 1146 -21.79 -89.18 31.95
N THR A 1147 -22.59 -89.95 31.24
CA THR A 1147 -22.80 -91.33 31.63
C THR A 1147 -21.65 -92.18 31.10
N ASN A 1148 -21.21 -93.13 31.91
CA ASN A 1148 -19.94 -93.78 31.66
C ASN A 1148 -20.02 -94.72 30.47
N GLU A 1149 -21.21 -95.25 30.17
CA GLU A 1149 -21.38 -96.01 28.95
C GLU A 1149 -21.27 -95.13 27.71
N GLN A 1150 -21.59 -93.85 27.85
CA GLN A 1150 -21.38 -92.91 26.76
C GLN A 1150 -19.92 -92.47 26.69
N CYS A 1151 -19.28 -92.32 27.85
CA CYS A 1151 -17.90 -91.88 27.93
C CYS A 1151 -16.93 -92.98 27.51
N ASN A 1152 -17.37 -94.24 27.49
CA ASN A 1152 -16.52 -95.34 27.04
C ASN A 1152 -16.11 -95.18 25.59
N SER A 1153 -17.02 -94.70 24.74
CA SER A 1153 -16.71 -94.49 23.34
C SER A 1153 -15.64 -93.41 23.17
N TYR A 1154 -15.78 -92.30 23.90
CA TYR A 1154 -14.81 -91.22 23.84
C TYR A 1154 -13.46 -91.64 24.41
N ARG A 1155 -13.47 -92.43 25.47
CA ARG A 1155 -12.23 -92.92 26.06
C ARG A 1155 -11.52 -93.90 25.13
N ASP A 1156 -12.29 -94.78 24.47
CA ASP A 1156 -11.69 -95.71 23.53
C ASP A 1156 -11.22 -95.04 22.26
N ASN A 1157 -11.83 -93.91 21.89
CA ASN A 1157 -11.41 -93.22 20.68
C ASN A 1157 -10.21 -92.31 20.94
N GLY A 1158 -10.15 -91.67 22.09
CA GLY A 1158 -9.11 -90.69 22.31
C GLY A 1158 -8.17 -90.97 23.47
N TYR A 1159 -7.85 -92.25 23.70
CA TYR A 1159 -6.97 -92.55 24.81
C TYR A 1159 -5.52 -92.16 24.56
N THR A 1160 -5.13 -91.96 23.31
CA THR A 1160 -3.74 -91.64 23.03
C THR A 1160 -3.38 -90.18 23.30
N HIS A 1161 -4.37 -89.31 23.44
CA HIS A 1161 -4.07 -87.89 23.62
C HIS A 1161 -3.89 -87.52 25.07
N PHE A 1162 -4.04 -88.47 26.00
CA PHE A 1162 -3.88 -88.15 27.41
C PHE A 1162 -2.42 -87.97 27.77
N ASP A 1163 -2.20 -87.51 28.99
CA ASP A 1163 -0.86 -87.11 29.39
C ASP A 1163 -0.34 -88.04 30.48
N THR A 1164 0.97 -88.24 30.50
CA THR A 1164 1.57 -89.07 31.52
C THR A 1164 1.72 -88.27 32.82
N ASN A 1165 2.34 -88.90 33.81
CA ASN A 1165 2.72 -88.18 35.01
C ASN A 1165 3.81 -87.18 34.68
N SER A 1166 3.42 -85.92 34.58
CA SER A 1166 4.26 -84.86 34.02
C SER A 1166 5.06 -84.20 35.13
N ASP A 1167 6.26 -84.70 35.36
CA ASP A 1167 7.30 -83.99 36.08
C ASP A 1167 8.11 -83.22 35.02
N THR A 1168 9.21 -82.60 35.44
CA THR A 1168 10.13 -82.08 34.45
C THR A 1168 10.84 -83.23 33.75
N ASN A 1169 11.09 -83.04 32.45
CA ASN A 1169 11.52 -84.08 31.52
C ASN A 1169 10.58 -85.29 31.56
N SER A 1170 9.28 -85.00 31.52
CA SER A 1170 8.24 -86.01 31.34
C SER A 1170 7.35 -85.54 30.20
N VAL A 1171 6.27 -86.27 29.95
CA VAL A 1171 5.57 -86.17 28.68
C VAL A 1171 4.26 -85.42 28.88
N ILE A 1172 4.14 -84.29 28.18
CA ILE A 1172 2.89 -83.56 28.05
C ILE A 1172 2.56 -83.48 26.57
N ARG A 1173 1.28 -83.64 26.25
CA ARG A 1173 0.87 -83.76 24.86
C ARG A 1173 -0.12 -82.65 24.51
N ILE A 1174 -0.56 -82.69 23.28
CA ILE A 1174 -1.46 -81.68 22.72
C ILE A 1174 -2.77 -82.38 22.41
N ASN A 1175 -3.81 -81.59 22.12
CA ASN A 1175 -5.10 -82.16 21.82
C ASN A 1175 -5.56 -81.76 20.43
N ASN A 1176 -6.08 -82.73 19.69
CA ASN A 1176 -6.74 -82.45 18.43
C ASN A 1176 -8.21 -82.20 18.71
N ARG A 1177 -8.95 -81.83 17.68
CA ARG A 1177 -10.40 -81.82 17.84
C ARG A 1177 -10.89 -83.24 17.82
N TYR A 1178 -12.03 -83.49 18.45
CA TYR A 1178 -12.48 -84.86 18.56
C TYR A 1178 -13.24 -85.28 17.32
N ALA A 1179 -12.89 -86.46 16.82
CA ALA A 1179 -13.70 -87.16 15.84
C ALA A 1179 -13.35 -88.64 15.93
N GLU A 1180 -14.29 -89.46 15.51
CA GLU A 1180 -14.06 -90.88 15.33
C GLU A 1180 -13.61 -91.11 13.89
N ASP A 1181 -13.75 -92.34 13.41
CA ASP A 1181 -13.10 -92.88 12.21
C ASP A 1181 -13.33 -92.02 10.97
N TYR A 1182 -14.46 -91.33 10.84
CA TYR A 1182 -14.62 -90.39 9.74
C TYR A 1182 -15.29 -89.12 10.21
N GLU A 1183 -14.97 -88.02 9.53
CA GLU A 1183 -15.47 -86.70 9.88
C GLU A 1183 -16.18 -86.10 8.68
N ILE A 1184 -17.50 -86.03 8.73
CA ILE A 1184 -18.31 -85.62 7.59
C ILE A 1184 -19.24 -84.50 8.00
N PRO A 1185 -19.34 -83.42 7.23
CA PRO A 1185 -20.33 -82.38 7.54
C PRO A 1185 -21.75 -82.88 7.34
N SER A 1186 -22.69 -82.18 7.96
CA SER A 1186 -24.08 -82.64 7.96
C SER A 1186 -24.87 -82.09 6.78
N LEU A 1187 -24.70 -80.81 6.48
CA LEU A 1187 -25.55 -80.17 5.47
C LEU A 1187 -24.69 -79.23 4.64
N ILE A 1188 -25.02 -79.15 3.35
CA ILE A 1188 -24.44 -78.17 2.44
C ILE A 1188 -25.58 -77.32 1.91
N ASN A 1189 -25.39 -76.01 1.85
CA ASN A 1189 -26.37 -75.16 1.21
C ASN A 1189 -25.72 -74.29 0.15
N HIS A 1190 -24.51 -73.81 0.41
CA HIS A 1190 -23.80 -72.97 -0.53
C HIS A 1190 -23.33 -73.81 -1.72
N SER A 1191 -23.45 -73.24 -2.91
CA SER A 1191 -23.08 -73.90 -4.15
C SER A 1191 -21.57 -73.81 -4.34
N ASN A 1192 -21.00 -74.82 -4.99
CA ASN A 1192 -19.58 -74.76 -5.29
C ASN A 1192 -19.34 -74.22 -6.68
N SER A 1193 -20.20 -74.59 -7.63
CA SER A 1193 -20.33 -73.91 -8.90
C SER A 1193 -21.70 -74.17 -9.46
N HIS A 1194 -22.21 -73.23 -10.23
CA HIS A 1194 -23.43 -73.45 -10.98
C HIS A 1194 -23.30 -72.72 -12.30
N ASP A 1195 -24.32 -72.86 -13.14
CA ASP A 1195 -24.20 -72.37 -14.50
C ASP A 1195 -25.60 -72.16 -15.07
N TRP A 1196 -25.68 -71.20 -15.98
CA TRP A 1196 -26.88 -71.00 -16.76
C TRP A 1196 -27.05 -72.14 -17.76
N GLY A 1197 -28.28 -72.34 -18.22
CA GLY A 1197 -28.56 -73.29 -19.26
C GLY A 1197 -28.29 -72.70 -20.64
N GLU A 1198 -28.95 -73.29 -21.63
CA GLU A 1198 -28.88 -72.74 -22.97
C GLU A 1198 -29.92 -71.64 -23.11
N TYR A 1199 -29.55 -70.59 -23.86
CA TYR A 1199 -30.31 -69.38 -24.16
C TYR A 1199 -30.59 -68.51 -22.94
N ASN A 1200 -30.01 -68.82 -21.77
CA ASN A 1200 -30.17 -68.08 -20.52
C ASN A 1200 -31.62 -67.94 -20.10
N LEU A 1201 -32.40 -69.01 -20.31
CA LEU A 1201 -33.82 -68.93 -20.03
C LEU A 1201 -34.16 -69.41 -18.63
N SER A 1202 -33.45 -70.40 -18.13
CA SER A 1202 -33.68 -70.92 -16.79
C SER A 1202 -32.40 -71.55 -16.30
N GLN A 1203 -32.42 -71.98 -15.04
CA GLN A 1203 -31.22 -72.50 -14.40
C GLN A 1203 -31.65 -73.34 -13.20
N VAL A 1204 -30.77 -74.24 -12.80
CA VAL A 1204 -31.00 -75.10 -11.64
C VAL A 1204 -30.21 -74.53 -10.49
N TYR A 1205 -30.91 -74.12 -9.42
CA TYR A 1205 -30.27 -73.36 -8.38
C TYR A 1205 -31.02 -73.52 -7.08
N GLY A 1206 -30.29 -73.46 -5.98
CA GLY A 1206 -30.89 -73.53 -4.66
C GLY A 1206 -30.99 -74.92 -4.07
N GLY A 1207 -30.22 -75.88 -4.56
CA GLY A 1207 -30.28 -77.22 -4.02
C GLY A 1207 -29.49 -77.38 -2.74
N ASN A 1208 -29.69 -78.50 -2.07
CA ASN A 1208 -29.08 -78.77 -0.78
C ASN A 1208 -29.04 -80.27 -0.54
N ILE A 1209 -28.06 -80.70 0.25
CA ILE A 1209 -27.89 -82.10 0.63
C ILE A 1209 -27.74 -82.18 2.14
N VAL A 1210 -28.63 -82.94 2.78
CA VAL A 1210 -28.42 -83.40 4.14
C VAL A 1210 -27.72 -84.74 4.08
N ILE A 1211 -26.82 -84.99 5.03
CA ILE A 1211 -25.98 -86.19 5.02
C ILE A 1211 -26.18 -86.94 6.33
N ASN A 1212 -26.46 -88.23 6.23
CA ASN A 1212 -26.44 -89.11 7.38
C ASN A 1212 -25.46 -90.25 7.09
N TYR A 1213 -24.44 -90.36 7.92
CA TYR A 1213 -23.40 -91.36 7.72
C TYR A 1213 -23.44 -92.35 8.86
N LYS A 1214 -23.15 -93.61 8.55
CA LYS A 1214 -23.01 -94.65 9.56
C LYS A 1214 -21.60 -95.21 9.44
N VAL A 1215 -20.94 -95.40 10.58
CA VAL A 1215 -19.54 -95.78 10.63
C VAL A 1215 -19.45 -97.26 10.96
N THR A 1216 -18.85 -98.03 10.06
CA THR A 1216 -18.51 -99.42 10.32
C THR A 1216 -17.28 -99.78 9.52
N SER A 1217 -16.70 -100.94 9.83
CA SER A 1217 -15.33 -101.22 9.42
C SER A 1217 -15.25 -101.62 7.95
N ASN A 1218 -14.16 -101.19 7.31
CA ASN A 1218 -13.77 -101.47 5.92
C ASN A 1218 -14.72 -100.83 4.90
N ASP A 1219 -15.61 -99.95 5.33
CA ASP A 1219 -16.48 -99.22 4.43
C ASP A 1219 -16.97 -97.96 5.13
N LEU A 1220 -17.91 -97.28 4.48
CA LEU A 1220 -18.61 -96.18 5.08
C LEU A 1220 -19.95 -96.06 4.39
N LYS A 1221 -20.99 -95.81 5.17
CA LYS A 1221 -22.35 -95.80 4.62
C LYS A 1221 -22.90 -94.39 4.74
N ILE A 1222 -22.73 -93.62 3.68
CA ILE A 1222 -23.22 -92.26 3.60
C ILE A 1222 -24.61 -92.30 2.99
N TYR A 1223 -25.56 -91.66 3.64
CA TYR A 1223 -26.93 -91.58 3.13
C TYR A 1223 -27.30 -90.12 2.95
N ILE A 1224 -27.53 -89.72 1.70
CA ILE A 1224 -27.85 -88.34 1.39
C ILE A 1224 -29.24 -88.27 0.82
N SER A 1225 -29.81 -87.07 0.84
CA SER A 1225 -31.11 -86.78 0.24
C SER A 1225 -31.00 -85.43 -0.45
N PRO A 1226 -30.52 -85.41 -1.69
CA PRO A 1226 -30.45 -84.15 -2.43
C PRO A 1226 -31.84 -83.67 -2.85
N LYS A 1227 -32.08 -82.38 -2.64
CA LYS A 1227 -33.35 -81.77 -2.99
C LYS A 1227 -33.10 -80.76 -4.10
N LEU A 1228 -33.36 -81.16 -5.33
CA LEU A 1228 -33.11 -80.36 -6.52
C LEU A 1228 -34.17 -79.27 -6.62
N ARG A 1229 -33.84 -78.17 -7.26
CA ARG A 1229 -34.77 -77.07 -7.49
C ARG A 1229 -34.52 -76.44 -8.86
N ILE A 1230 -35.56 -76.34 -9.66
CA ILE A 1230 -35.50 -75.68 -10.97
C ILE A 1230 -36.32 -74.41 -10.88
N ILE A 1231 -35.71 -73.30 -11.26
CA ILE A 1231 -36.39 -72.02 -11.36
C ILE A 1231 -36.46 -71.64 -12.83
N HIS A 1232 -37.17 -70.56 -13.13
CA HIS A 1232 -37.23 -70.02 -14.49
C HIS A 1232 -37.11 -68.50 -14.42
N ASP A 1233 -35.90 -68.02 -14.63
CA ASP A 1233 -35.64 -66.60 -14.70
C ASP A 1233 -34.61 -66.36 -15.80
N GLY A 1234 -34.72 -65.22 -16.46
CA GLY A 1234 -33.78 -64.87 -17.49
C GLY A 1234 -32.61 -64.08 -16.94
N LYS A 1235 -31.55 -64.02 -17.74
CA LYS A 1235 -30.49 -63.06 -17.49
C LYS A 1235 -31.05 -61.65 -17.68
N GLU A 1236 -30.43 -60.68 -17.01
CA GLU A 1236 -30.89 -59.29 -17.08
C GLU A 1236 -30.78 -58.75 -18.50
N GLY A 1237 -31.77 -57.98 -18.91
CA GLY A 1237 -31.85 -57.50 -20.27
C GLY A 1237 -33.15 -57.95 -20.91
N ARG A 1238 -33.04 -58.52 -22.11
CA ARG A 1238 -34.23 -59.02 -22.79
C ARG A 1238 -34.66 -60.36 -22.22
N GLU A 1239 -33.77 -61.06 -21.53
CA GLU A 1239 -34.05 -62.45 -21.20
C GLU A 1239 -34.93 -62.54 -19.97
N ARG A 1240 -34.71 -61.67 -18.98
CA ARG A 1240 -35.56 -61.64 -17.80
C ARG A 1240 -36.98 -61.22 -18.16
N ILE A 1241 -37.11 -60.25 -19.06
CA ILE A 1241 -38.44 -59.78 -19.40
C ILE A 1241 -39.16 -60.76 -20.34
N GLN A 1242 -38.42 -61.45 -21.21
CA GLN A 1242 -39.05 -62.52 -21.98
C GLN A 1242 -39.40 -63.71 -21.11
N SER A 1243 -38.62 -63.99 -20.07
CA SER A 1243 -38.99 -64.98 -19.08
C SER A 1243 -40.25 -64.59 -18.33
N ASN A 1244 -40.43 -63.31 -18.02
CA ASN A 1244 -41.66 -62.87 -17.38
C ASN A 1244 -42.86 -63.00 -18.31
N LEU A 1245 -42.69 -62.65 -19.58
CA LEU A 1245 -43.78 -62.77 -20.55
C LEU A 1245 -44.16 -64.23 -20.76
N ILE A 1246 -43.16 -65.12 -20.80
CA ILE A 1246 -43.46 -66.52 -21.02
C ILE A 1246 -43.89 -67.17 -19.72
N LYS A 1247 -43.66 -66.49 -18.60
CA LYS A 1247 -44.16 -66.96 -17.32
C LYS A 1247 -45.63 -66.66 -17.17
N LYS A 1248 -46.07 -65.50 -17.65
CA LYS A 1248 -47.43 -65.05 -17.35
C LYS A 1248 -48.46 -65.82 -18.15
N TYR A 1249 -48.44 -65.71 -19.47
CA TYR A 1249 -49.59 -66.15 -20.25
C TYR A 1249 -49.55 -67.64 -20.56
N GLY A 1250 -48.38 -68.19 -20.84
CA GLY A 1250 -48.24 -69.58 -21.16
C GLY A 1250 -48.09 -70.45 -19.92
N LYS A 1251 -48.49 -71.70 -20.06
CA LYS A 1251 -48.37 -72.68 -18.99
C LYS A 1251 -47.23 -73.64 -19.28
N LEU A 1252 -46.86 -74.42 -18.28
CA LEU A 1252 -45.71 -75.29 -18.41
C LEU A 1252 -46.06 -76.47 -19.30
N GLY A 1253 -45.23 -76.69 -20.31
CA GLY A 1253 -45.46 -77.74 -21.29
C GLY A 1253 -45.76 -77.23 -22.68
N ASP A 1254 -46.10 -75.95 -22.82
CA ASP A 1254 -46.39 -75.40 -24.14
C ASP A 1254 -45.11 -75.19 -24.94
N LYS A 1255 -45.29 -74.90 -26.22
CA LYS A 1255 -44.20 -74.56 -27.11
C LYS A 1255 -44.26 -73.08 -27.45
N PHE A 1256 -43.09 -72.47 -27.60
CA PHE A 1256 -43.00 -71.04 -27.82
C PHE A 1256 -41.94 -70.73 -28.87
N ILE A 1257 -42.14 -69.60 -29.53
CA ILE A 1257 -41.14 -69.03 -30.42
C ILE A 1257 -40.65 -67.74 -29.78
N ILE A 1258 -39.37 -67.68 -29.48
CA ILE A 1258 -38.76 -66.50 -28.89
C ILE A 1258 -37.81 -65.94 -29.93
N TYR A 1259 -37.51 -64.65 -29.82
CA TYR A 1259 -36.75 -63.94 -30.85
C TYR A 1259 -35.50 -63.36 -30.23
N THR A 1260 -34.35 -63.72 -30.79
CA THR A 1260 -33.09 -63.25 -30.25
C THR A 1260 -32.74 -61.87 -30.81
N SER A 1261 -32.58 -61.77 -32.12
CA SER A 1261 -32.13 -60.53 -32.73
C SER A 1261 -33.25 -59.50 -32.70
N LEU A 1262 -33.24 -58.66 -31.68
CA LEU A 1262 -34.22 -57.60 -31.55
C LEU A 1262 -33.50 -56.27 -31.61
N GLY A 1263 -33.64 -55.59 -32.73
CA GLY A 1263 -32.98 -54.31 -32.90
C GLY A 1263 -34.01 -53.25 -33.19
N ILE A 1264 -33.56 -52.01 -33.20
CA ILE A 1264 -34.43 -50.90 -33.45
C ILE A 1264 -34.37 -50.52 -34.93
N ASN A 1265 -35.50 -50.11 -35.49
CA ASN A 1265 -35.53 -49.62 -36.85
C ASN A 1265 -35.15 -48.16 -36.82
N PRO A 1266 -34.05 -47.75 -37.46
CA PRO A 1266 -33.70 -46.32 -37.48
C PRO A 1266 -34.63 -45.48 -38.35
N ASN A 1267 -35.47 -46.12 -39.17
CA ASN A 1267 -36.30 -45.37 -40.09
C ASN A 1267 -37.53 -44.80 -39.38
N ASN A 1268 -38.37 -45.67 -38.85
CA ASN A 1268 -39.68 -45.25 -38.38
C ASN A 1268 -39.81 -45.27 -36.86
N SER A 1269 -38.71 -45.18 -36.13
CA SER A 1269 -38.74 -45.12 -34.68
C SER A 1269 -37.97 -43.91 -34.21
N SER A 1270 -38.68 -42.95 -33.61
CA SER A 1270 -38.05 -41.81 -33.00
C SER A 1270 -37.56 -42.10 -31.59
N ASN A 1271 -38.26 -42.96 -30.86
CA ASN A 1271 -37.92 -43.29 -29.49
C ASN A 1271 -36.78 -44.30 -29.50
N ARG A 1272 -36.25 -44.59 -28.31
CA ARG A 1272 -35.37 -45.73 -28.17
C ARG A 1272 -36.06 -46.96 -27.62
N PHE A 1273 -37.38 -47.05 -27.71
CA PHE A 1273 -38.10 -48.15 -27.10
C PHE A 1273 -38.40 -49.24 -28.10
N MET A 1274 -38.47 -50.48 -27.61
CA MET A 1274 -38.63 -51.66 -28.45
C MET A 1274 -39.84 -52.48 -28.02
N PHE A 1275 -40.33 -53.31 -28.94
CA PHE A 1275 -41.28 -54.35 -28.58
C PHE A 1275 -40.52 -55.64 -28.33
N TYR A 1276 -41.03 -56.46 -27.41
CA TYR A 1276 -40.41 -57.74 -27.09
C TYR A 1276 -41.39 -58.88 -27.38
N PRO A 1277 -41.42 -59.41 -28.59
CA PRO A 1277 -42.44 -60.39 -28.93
C PRO A 1277 -42.00 -61.83 -28.68
N VAL A 1278 -42.94 -62.62 -28.18
CA VAL A 1278 -42.82 -64.06 -28.09
C VAL A 1278 -44.12 -64.66 -28.60
N TYR A 1279 -44.02 -65.50 -29.63
CA TYR A 1279 -45.22 -66.10 -30.20
C TYR A 1279 -45.54 -67.41 -29.49
N GLN A 1280 -46.81 -67.55 -29.14
CA GLN A 1280 -47.32 -68.74 -28.46
C GLN A 1280 -47.99 -69.64 -29.48
N TYR A 1281 -47.65 -70.92 -29.46
CA TYR A 1281 -48.37 -71.90 -30.25
C TYR A 1281 -49.76 -72.15 -29.68
N ASN A 1282 -50.58 -72.80 -30.48
CA ASN A 1282 -51.84 -73.33 -30.00
C ASN A 1282 -51.62 -74.73 -29.46
N GLY A 1283 -52.54 -75.20 -28.62
CA GLY A 1283 -52.49 -76.59 -28.24
C GLY A 1283 -52.01 -76.95 -26.85
N ASN A 1284 -50.75 -77.40 -26.77
CA ASN A 1284 -50.22 -78.49 -25.93
C ASN A 1284 -50.75 -78.46 -24.50
N THR A 1285 -50.48 -77.43 -23.71
CA THR A 1285 -50.99 -77.44 -22.33
C THR A 1285 -52.22 -76.55 -22.20
N SER A 1286 -52.05 -75.25 -22.45
CA SER A 1286 -53.19 -74.34 -22.52
C SER A 1286 -53.85 -74.55 -23.86
N GLY A 1287 -54.93 -75.35 -23.87
CA GLY A 1287 -55.67 -75.57 -25.10
C GLY A 1287 -56.38 -74.30 -25.51
N LEU A 1288 -55.84 -73.63 -26.54
CA LEU A 1288 -56.33 -72.34 -26.95
C LEU A 1288 -57.20 -72.51 -28.19
N ALA A 1289 -57.82 -71.40 -28.62
CA ALA A 1289 -58.58 -71.45 -29.85
C ALA A 1289 -57.68 -71.19 -31.05
N GLN A 1290 -57.01 -70.05 -31.07
CA GLN A 1290 -56.08 -69.71 -32.13
C GLN A 1290 -54.76 -69.31 -31.50
N GLY A 1291 -53.76 -69.14 -32.36
CA GLY A 1291 -52.50 -68.60 -31.91
C GLY A 1291 -52.62 -67.14 -31.51
N ARG A 1292 -51.66 -66.69 -30.71
CA ARG A 1292 -51.66 -65.32 -30.25
C ARG A 1292 -50.22 -64.87 -30.09
N LEU A 1293 -50.00 -63.59 -30.32
CA LEU A 1293 -48.66 -63.01 -30.31
C LEU A 1293 -48.54 -62.06 -29.12
N LEU A 1294 -47.76 -62.47 -28.14
CA LEU A 1294 -47.51 -61.63 -26.98
C LEU A 1294 -46.41 -60.64 -27.30
N PHE A 1295 -46.40 -59.53 -26.57
CA PHE A 1295 -45.38 -58.51 -26.73
C PHE A 1295 -45.39 -57.62 -25.51
N HIS A 1296 -44.25 -56.98 -25.26
CA HIS A 1296 -44.12 -55.99 -24.20
C HIS A 1296 -43.75 -54.65 -24.81
N ARG A 1297 -44.28 -53.57 -24.25
CA ARG A 1297 -43.93 -52.23 -24.71
C ARG A 1297 -43.81 -51.31 -23.50
N ASP A 1298 -43.03 -50.25 -23.65
CA ASP A 1298 -42.80 -49.35 -22.52
C ASP A 1298 -43.40 -47.96 -22.74
N THR A 1299 -43.78 -47.62 -23.97
CA THR A 1299 -44.59 -46.43 -24.20
C THR A 1299 -45.95 -46.64 -23.54
N SER A 1300 -46.26 -45.81 -22.55
CA SER A 1300 -47.35 -46.17 -21.66
C SER A 1300 -48.70 -45.80 -22.25
N TYR A 1301 -48.74 -44.93 -23.25
CA TYR A 1301 -50.01 -44.51 -23.82
C TYR A 1301 -50.61 -45.63 -24.67
N SER A 1302 -51.92 -45.80 -24.55
CA SER A 1302 -52.61 -46.85 -25.28
C SER A 1302 -52.65 -46.51 -26.76
N SER A 1303 -52.61 -47.54 -27.60
CA SER A 1303 -52.47 -47.36 -29.04
C SER A 1303 -52.95 -48.63 -29.72
N LYS A 1304 -52.55 -48.77 -30.98
CA LYS A 1304 -52.62 -50.05 -31.69
C LYS A 1304 -51.21 -50.43 -32.12
N VAL A 1305 -50.94 -51.73 -32.14
CA VAL A 1305 -49.61 -52.23 -32.47
C VAL A 1305 -49.76 -53.18 -33.65
N ALA A 1306 -49.24 -52.78 -34.81
CA ALA A 1306 -49.36 -53.56 -36.02
C ALA A 1306 -48.10 -54.39 -36.21
N ALA A 1307 -48.19 -55.67 -35.88
CA ALA A 1307 -47.12 -56.62 -36.14
C ALA A 1307 -47.28 -57.12 -37.57
N TRP A 1308 -46.69 -56.39 -38.51
CA TRP A 1308 -46.82 -56.69 -39.92
C TRP A 1308 -45.64 -57.52 -40.39
N ILE A 1309 -45.93 -58.70 -40.94
CA ILE A 1309 -44.91 -59.60 -41.45
C ILE A 1309 -44.67 -59.26 -42.92
N PRO A 1310 -43.44 -58.88 -43.30
CA PRO A 1310 -43.16 -58.65 -44.71
C PRO A 1310 -43.21 -59.92 -45.56
N GLY A 1311 -42.79 -61.05 -44.99
CA GLY A 1311 -42.72 -62.28 -45.76
C GLY A 1311 -44.08 -62.85 -46.12
N ALA A 1312 -44.93 -63.05 -45.11
CA ALA A 1312 -46.28 -63.55 -45.35
C ALA A 1312 -47.19 -62.47 -45.93
N GLY A 1313 -46.89 -61.21 -45.65
CA GLY A 1313 -47.72 -60.13 -46.14
C GLY A 1313 -48.93 -59.80 -45.30
N ARG A 1314 -49.18 -60.55 -44.23
CA ARG A 1314 -50.29 -60.26 -43.35
C ARG A 1314 -49.77 -59.64 -42.06
N SER A 1315 -50.63 -58.88 -41.41
CA SER A 1315 -50.28 -58.18 -40.19
C SER A 1315 -51.09 -58.73 -39.04
N LEU A 1316 -50.56 -58.58 -37.83
CA LEU A 1316 -51.30 -58.90 -36.62
C LEU A 1316 -51.40 -57.64 -35.78
N ILE A 1317 -52.59 -57.11 -35.67
CA ILE A 1317 -52.79 -55.83 -35.00
C ILE A 1317 -53.74 -56.04 -33.84
N ASN A 1318 -53.54 -55.26 -32.78
CA ASN A 1318 -54.38 -55.30 -31.59
C ASN A 1318 -54.79 -53.89 -31.27
N GLU A 1319 -56.05 -53.57 -31.51
CA GLU A 1319 -56.59 -52.27 -31.15
C GLU A 1319 -56.72 -52.17 -29.64
N ASN A 1320 -56.55 -50.94 -29.13
CA ASN A 1320 -56.44 -50.65 -27.70
C ASN A 1320 -55.32 -51.48 -27.08
N ALA A 1321 -54.11 -51.17 -27.49
CA ALA A 1321 -52.94 -51.83 -26.94
C ALA A 1321 -52.82 -51.56 -25.46
N ASN A 1322 -52.75 -52.64 -24.69
CA ASN A 1322 -52.67 -52.56 -23.24
C ASN A 1322 -51.30 -52.04 -22.82
N ILE A 1323 -51.23 -51.55 -21.60
CA ILE A 1323 -49.97 -50.99 -21.11
C ILE A 1323 -49.02 -52.13 -20.74
N GLY A 1324 -47.80 -52.07 -21.26
CA GLY A 1324 -46.81 -53.07 -20.92
C GLY A 1324 -46.98 -54.30 -21.78
N ASP A 1325 -47.30 -55.41 -21.15
CA ASP A 1325 -47.65 -56.62 -21.86
C ASP A 1325 -49.07 -56.53 -22.40
N ASP A 1326 -49.39 -57.36 -23.39
CA ASP A 1326 -50.71 -57.36 -24.01
C ASP A 1326 -50.93 -58.70 -24.67
N CYS A 1327 -52.20 -59.04 -24.87
CA CYS A 1327 -52.61 -60.22 -25.60
C CYS A 1327 -53.15 -59.81 -26.97
N ALA A 1328 -52.47 -60.26 -28.01
CA ALA A 1328 -52.83 -59.95 -29.39
C ALA A 1328 -52.98 -61.26 -30.14
N GLU A 1329 -54.17 -61.50 -30.69
CA GLU A 1329 -54.48 -62.80 -31.27
C GLU A 1329 -54.07 -62.88 -32.73
N ASP A 1330 -53.38 -63.96 -33.09
CA ASP A 1330 -53.14 -64.31 -34.48
C ASP A 1330 -54.42 -64.92 -35.04
N SER A 1331 -54.81 -64.47 -36.24
CA SER A 1331 -56.00 -65.03 -36.87
C SER A 1331 -55.69 -66.39 -37.50
N VAL A 1332 -54.80 -66.41 -38.50
CA VAL A 1332 -54.44 -67.64 -39.20
C VAL A 1332 -53.39 -68.36 -38.37
N ASN A 1333 -53.70 -69.57 -37.95
CA ASN A 1333 -52.78 -70.38 -37.17
C ASN A 1333 -51.82 -71.07 -38.13
N LYS A 1334 -50.76 -70.38 -38.52
CA LYS A 1334 -49.68 -70.97 -39.33
C LYS A 1334 -48.35 -70.40 -38.86
N PRO A 1335 -47.60 -71.17 -38.07
CA PRO A 1335 -46.43 -70.59 -37.39
C PRO A 1335 -45.19 -70.49 -38.25
N ASP A 1336 -45.16 -71.12 -39.43
CA ASP A 1336 -44.00 -71.02 -40.31
C ASP A 1336 -43.85 -69.60 -40.84
N ASP A 1337 -44.97 -68.89 -41.01
CA ASP A 1337 -44.93 -67.51 -41.45
C ASP A 1337 -44.37 -66.56 -40.40
N LEU A 1338 -44.31 -66.99 -39.14
CA LEU A 1338 -43.75 -66.17 -38.09
C LEU A 1338 -42.26 -66.40 -37.89
N LYS A 1339 -41.63 -67.20 -38.75
CA LYS A 1339 -40.22 -67.50 -38.58
C LYS A 1339 -39.33 -66.44 -39.21
N GLN A 1340 -39.77 -65.83 -40.30
CA GLN A 1340 -38.92 -64.85 -40.97
C GLN A 1340 -38.99 -63.50 -40.25
N TYR A 1341 -38.44 -62.48 -40.91
CA TYR A 1341 -38.33 -61.14 -40.31
C TYR A 1341 -39.69 -60.53 -40.06
N ILE A 1342 -39.86 -59.95 -38.88
CA ILE A 1342 -41.13 -59.38 -38.45
C ILE A 1342 -40.96 -57.89 -38.19
N TYR A 1343 -41.87 -57.09 -38.75
CA TYR A 1343 -41.86 -55.65 -38.55
C TYR A 1343 -43.02 -55.27 -37.64
N MET A 1344 -42.72 -55.00 -36.38
CA MET A 1344 -43.70 -54.48 -35.45
C MET A 1344 -43.57 -52.97 -35.42
N THR A 1345 -44.69 -52.29 -35.23
CA THR A 1345 -44.69 -50.83 -35.21
C THR A 1345 -45.80 -50.33 -34.29
N ASP A 1346 -45.72 -49.04 -33.98
CA ASP A 1346 -46.76 -48.34 -33.26
C ASP A 1346 -47.58 -47.46 -34.20
N SER A 1347 -46.94 -46.98 -35.29
CA SER A 1347 -47.31 -45.85 -36.12
C SER A 1347 -47.34 -44.56 -35.32
N LYS A 1348 -46.66 -44.55 -34.17
CA LYS A 1348 -46.55 -43.40 -33.29
C LYS A 1348 -45.15 -43.21 -32.74
N GLY A 1349 -44.13 -43.39 -33.56
CA GLY A 1349 -42.75 -43.15 -33.16
C GLY A 1349 -42.01 -44.36 -32.65
N THR A 1350 -42.54 -45.57 -32.85
CA THR A 1350 -41.92 -46.79 -32.35
C THR A 1350 -42.05 -47.89 -33.40
N ALA A 1351 -40.91 -48.47 -33.77
CA ALA A 1351 -40.86 -49.67 -34.59
C ALA A 1351 -39.71 -50.54 -34.12
N THR A 1352 -39.82 -51.84 -34.32
CA THR A 1352 -38.82 -52.75 -33.78
C THR A 1352 -38.53 -53.84 -34.80
N ASP A 1353 -37.25 -54.05 -35.07
CA ASP A 1353 -36.81 -55.14 -35.94
C ASP A 1353 -36.85 -56.44 -35.16
N VAL A 1354 -37.53 -57.44 -35.70
CA VAL A 1354 -37.71 -58.72 -35.01
C VAL A 1354 -37.20 -59.81 -35.94
N SER A 1355 -36.15 -60.51 -35.53
CA SER A 1355 -35.58 -61.58 -36.32
C SER A 1355 -34.86 -62.54 -35.39
N GLY A 1356 -34.36 -63.63 -35.97
CA GLY A 1356 -33.71 -64.67 -35.22
C GLY A 1356 -34.64 -65.46 -34.31
N PRO A 1357 -35.51 -66.28 -34.88
CA PRO A 1357 -36.44 -67.04 -34.04
C PRO A 1357 -35.75 -68.23 -33.40
N VAL A 1358 -36.29 -68.65 -32.25
CA VAL A 1358 -35.89 -69.89 -31.60
C VAL A 1358 -37.16 -70.57 -31.10
N ASP A 1359 -37.42 -71.78 -31.60
CA ASP A 1359 -38.52 -72.58 -31.08
C ASP A 1359 -38.03 -73.32 -29.84
N ILE A 1360 -38.83 -73.30 -28.77
CA ILE A 1360 -38.49 -73.95 -27.52
C ILE A 1360 -39.66 -74.80 -27.05
N ASN A 1361 -39.36 -75.78 -26.21
CA ASN A 1361 -40.36 -76.67 -25.61
C ASN A 1361 -40.20 -76.59 -24.10
N THR A 1362 -41.22 -76.08 -23.41
CA THR A 1362 -41.11 -75.87 -21.98
C THR A 1362 -41.38 -77.12 -21.16
N ALA A 1363 -41.82 -78.21 -21.79
CA ALA A 1363 -42.15 -79.41 -21.05
C ALA A 1363 -40.91 -80.07 -20.47
N ILE A 1364 -41.02 -80.56 -19.24
CA ILE A 1364 -39.89 -81.04 -18.46
C ILE A 1364 -40.21 -82.45 -17.99
N SER A 1365 -39.52 -83.43 -18.56
CA SER A 1365 -39.73 -84.82 -18.17
C SER A 1365 -38.99 -85.12 -16.87
N SER A 1366 -39.61 -85.94 -16.02
CA SER A 1366 -38.92 -86.43 -14.85
C SER A 1366 -37.80 -87.39 -15.20
N GLU A 1367 -37.87 -88.01 -16.38
CA GLU A 1367 -36.81 -88.88 -16.86
C GLU A 1367 -35.53 -88.13 -17.15
N LYS A 1368 -35.62 -86.90 -17.65
CA LYS A 1368 -34.42 -86.16 -18.00
C LYS A 1368 -33.98 -85.19 -16.92
N VAL A 1369 -34.40 -85.41 -15.68
CA VAL A 1369 -33.86 -84.73 -14.51
C VAL A 1369 -33.07 -85.76 -13.74
N GLN A 1370 -31.75 -85.67 -13.77
CA GLN A 1370 -30.92 -86.78 -13.31
C GLN A 1370 -29.73 -86.27 -12.51
N ILE A 1371 -29.13 -87.20 -11.76
CA ILE A 1371 -28.01 -86.94 -10.88
C ILE A 1371 -26.91 -87.95 -11.22
N THR A 1372 -25.68 -87.47 -11.30
CA THR A 1372 -24.53 -88.35 -11.15
C THR A 1372 -23.75 -87.88 -9.93
N ILE A 1373 -23.11 -88.83 -9.24
CA ILE A 1373 -22.26 -88.54 -8.10
C ILE A 1373 -20.94 -89.28 -8.33
N LYS A 1374 -19.84 -88.63 -7.97
CA LYS A 1374 -18.51 -89.16 -8.29
C LYS A 1374 -17.78 -89.47 -7.00
N ALA A 1375 -17.93 -90.70 -6.52
CA ALA A 1375 -17.16 -91.22 -5.40
C ALA A 1375 -16.52 -92.51 -5.87
N GLY A 1376 -15.39 -92.38 -6.55
CA GLY A 1376 -14.78 -93.51 -7.22
C GLY A 1376 -15.37 -93.77 -8.60
N LYS A 1377 -16.68 -93.96 -8.65
CA LYS A 1377 -17.38 -94.17 -9.91
C LYS A 1377 -18.58 -93.25 -9.95
N GLU A 1378 -19.23 -93.21 -11.11
CA GLU A 1378 -20.51 -92.53 -11.26
C GLU A 1378 -21.61 -93.46 -10.77
N TYR A 1379 -22.47 -92.94 -9.91
CA TYR A 1379 -23.68 -93.64 -9.51
C TYR A 1379 -24.84 -92.84 -10.04
N SER A 1380 -25.19 -93.09 -11.31
CA SER A 1380 -26.17 -92.27 -12.02
C SER A 1380 -27.56 -92.53 -11.47
N LEU A 1381 -28.26 -91.46 -11.11
CA LEU A 1381 -29.59 -91.55 -10.52
C LEU A 1381 -30.55 -90.70 -11.33
N THR A 1382 -31.80 -91.14 -11.39
CA THR A 1382 -32.83 -90.49 -12.18
C THR A 1382 -34.05 -90.23 -11.30
N ALA A 1383 -34.66 -89.05 -11.50
CA ALA A 1383 -35.74 -88.61 -10.62
C ALA A 1383 -37.01 -89.44 -10.77
N ASN A 1384 -37.18 -90.13 -11.91
CA ASN A 1384 -38.44 -90.81 -12.21
C ASN A 1384 -38.73 -91.95 -11.24
N LYS A 1385 -37.67 -92.55 -10.68
CA LYS A 1385 -37.84 -93.63 -9.73
C LYS A 1385 -37.51 -93.18 -8.31
N ASP A 1386 -37.02 -91.95 -8.16
CA ASP A 1386 -36.48 -91.54 -6.86
C ASP A 1386 -37.25 -90.39 -6.26
N VAL A 1387 -38.03 -89.67 -7.07
CA VAL A 1387 -38.97 -88.70 -6.51
C VAL A 1387 -40.15 -89.45 -5.91
N SER A 1388 -40.49 -89.12 -4.66
CA SER A 1388 -41.67 -89.69 -4.04
C SER A 1388 -42.95 -89.16 -4.69
N VAL A 1389 -43.09 -87.84 -4.76
CA VAL A 1389 -44.30 -87.20 -5.29
C VAL A 1389 -43.89 -86.09 -6.27
N GLN A 1390 -44.46 -86.14 -7.47
CA GLN A 1390 -44.09 -85.19 -8.51
C GLN A 1390 -44.57 -83.79 -8.15
N PRO A 1391 -43.70 -82.78 -8.25
CA PRO A 1391 -44.15 -81.40 -7.99
C PRO A 1391 -45.03 -80.90 -9.11
N SER A 1392 -45.86 -79.91 -8.78
CA SER A 1392 -46.83 -79.40 -9.74
C SER A 1392 -46.12 -78.56 -10.81
N PRO A 1393 -46.64 -78.56 -12.04
CA PRO A 1393 -46.01 -77.75 -13.09
C PRO A 1393 -46.20 -76.26 -12.83
N SER A 1394 -45.10 -75.59 -12.51
CA SER A 1394 -45.11 -74.15 -12.27
C SER A 1394 -43.76 -73.59 -12.70
N PHE A 1395 -43.81 -72.40 -13.30
CA PHE A 1395 -42.57 -71.76 -13.73
C PHE A 1395 -41.76 -71.23 -12.55
N GLU A 1396 -42.40 -71.02 -11.40
CA GLU A 1396 -41.72 -70.40 -10.26
C GLU A 1396 -40.74 -71.37 -9.61
N GLU A 1397 -41.25 -72.49 -9.09
CA GLU A 1397 -40.42 -73.44 -8.37
C GLU A 1397 -40.88 -74.84 -8.73
N MET A 1398 -39.91 -75.71 -9.00
CA MET A 1398 -40.17 -77.13 -9.20
C MET A 1398 -39.22 -77.89 -8.29
N CYS A 1399 -39.72 -78.26 -7.11
CA CYS A 1399 -38.89 -78.83 -6.06
C CYS A 1399 -38.97 -80.35 -6.13
N TYR A 1400 -37.84 -80.99 -6.40
CA TYR A 1400 -37.76 -82.44 -6.48
C TYR A 1400 -37.10 -82.97 -5.22
N GLN A 1401 -37.85 -83.70 -4.42
CA GLN A 1401 -37.32 -84.35 -3.23
C GLN A 1401 -36.96 -85.79 -3.56
N PHE A 1402 -35.73 -86.18 -3.23
CA PHE A 1402 -35.24 -87.50 -3.54
C PHE A 1402 -35.26 -88.40 -2.31
N ASN A 1403 -34.85 -89.64 -2.50
CA ASN A 1403 -34.95 -90.63 -1.43
C ASN A 1403 -33.60 -90.80 -0.73
N ALA A 1404 -33.55 -91.80 0.14
CA ALA A 1404 -32.29 -92.17 0.80
C ALA A 1404 -31.36 -92.83 -0.20
N LEU A 1405 -30.20 -92.22 -0.40
CA LEU A 1405 -29.27 -92.66 -1.43
C LEU A 1405 -27.98 -93.11 -0.77
N GLU A 1406 -27.68 -94.40 -0.88
CA GLU A 1406 -26.52 -94.99 -0.24
C GLU A 1406 -25.27 -94.62 -1.03
N ILE A 1407 -24.18 -94.34 -0.33
CA ILE A 1407 -22.87 -94.18 -0.94
C ILE A 1407 -21.92 -95.16 -0.29
N ASP A 1408 -21.33 -96.03 -1.09
CA ASP A 1408 -20.33 -96.97 -0.60
C ASP A 1408 -19.05 -96.22 -0.28
N GLY A 1409 -18.53 -96.41 0.94
CA GLY A 1409 -17.37 -95.68 1.38
C GLY A 1409 -16.05 -96.12 0.79
N SER A 1410 -15.99 -97.31 0.20
CA SER A 1410 -14.77 -97.74 -0.47
C SER A 1410 -14.60 -97.01 -1.79
N ASN A 1411 -13.47 -97.26 -2.44
CA ASN A 1411 -12.98 -96.63 -3.66
C ASN A 1411 -12.81 -95.13 -3.47
N LEU A 1412 -12.53 -94.67 -2.24
CA LEU A 1412 -12.19 -93.26 -2.04
C LEU A 1412 -10.71 -93.12 -1.71
N ASN A 1413 -9.97 -92.54 -2.64
CA ASN A 1413 -8.55 -92.30 -2.44
C ASN A 1413 -8.36 -91.12 -1.50
N PHE A 1414 -7.37 -91.21 -0.62
CA PHE A 1414 -7.10 -90.17 0.35
C PHE A 1414 -5.71 -89.61 0.12
N THR A 1415 -5.64 -88.42 -0.45
CA THR A 1415 -4.43 -87.60 -0.45
C THR A 1415 -4.55 -86.57 0.66
N ASN A 1416 -3.47 -86.45 1.45
CA ASN A 1416 -3.43 -85.69 2.69
C ASN A 1416 -4.56 -86.08 3.65
N ASN A 1417 -4.88 -87.38 3.66
CA ASN A 1417 -5.98 -87.97 4.42
C ASN A 1417 -7.32 -87.31 4.11
N SER A 1418 -7.53 -86.94 2.84
CA SER A 1418 -8.72 -86.23 2.45
C SER A 1418 -9.25 -86.78 1.14
N ALA A 1419 -10.57 -86.83 1.01
CA ALA A 1419 -11.25 -87.21 -0.22
C ALA A 1419 -12.42 -86.27 -0.46
N SER A 1420 -12.93 -86.29 -1.69
CA SER A 1420 -14.01 -85.38 -2.05
C SER A 1420 -15.02 -86.11 -2.92
N ILE A 1421 -16.28 -85.78 -2.72
CA ILE A 1421 -17.39 -86.41 -3.42
C ILE A 1421 -18.20 -85.31 -4.09
N ASP A 1422 -18.17 -85.27 -5.43
CA ASP A 1422 -18.90 -84.28 -6.19
C ASP A 1422 -20.27 -84.81 -6.53
N VAL A 1423 -21.28 -83.96 -6.40
CA VAL A 1423 -22.64 -84.25 -6.85
C VAL A 1423 -22.93 -83.31 -8.00
N THR A 1424 -23.49 -83.82 -9.08
CA THR A 1424 -23.81 -83.00 -10.25
C THR A 1424 -25.31 -82.99 -10.46
N PHE A 1425 -25.95 -81.90 -10.05
CA PHE A 1425 -27.32 -81.65 -10.44
C PHE A 1425 -27.35 -81.22 -11.88
N THR A 1426 -28.32 -81.72 -12.64
CA THR A 1426 -28.52 -81.27 -14.02
C THR A 1426 -29.97 -81.46 -14.41
N ALA A 1427 -30.33 -80.83 -15.52
CA ALA A 1427 -31.68 -80.91 -16.03
C ALA A 1427 -31.64 -80.76 -17.54
N LEU A 1428 -32.49 -81.51 -18.22
CA LEU A 1428 -32.51 -81.51 -19.67
C LEU A 1428 -33.94 -81.32 -20.15
N ALA A 1429 -34.14 -80.34 -21.03
CA ALA A 1429 -35.46 -80.17 -21.61
C ALA A 1429 -35.70 -81.27 -22.64
N ASP A 1430 -36.97 -81.39 -23.07
CA ASP A 1430 -37.35 -82.56 -23.85
C ASP A 1430 -36.86 -82.47 -25.29
N ASP A 1431 -36.59 -81.26 -25.78
CA ASP A 1431 -36.03 -81.09 -27.10
C ASP A 1431 -34.58 -81.54 -27.21
N GLY A 1432 -33.89 -81.63 -26.08
CA GLY A 1432 -32.47 -81.92 -26.06
C GLY A 1432 -31.62 -80.81 -25.49
N ARG A 1433 -32.18 -79.61 -25.30
CA ARG A 1433 -31.39 -78.56 -24.68
C ARG A 1433 -31.36 -78.77 -23.18
N LYS A 1434 -30.39 -78.15 -22.53
CA LYS A 1434 -30.18 -78.32 -21.11
C LYS A 1434 -30.66 -77.10 -20.35
N LEU A 1435 -31.20 -77.34 -19.16
CA LEU A 1435 -31.70 -76.23 -18.36
C LEU A 1435 -30.61 -75.60 -17.52
N GLY A 1436 -29.47 -76.26 -17.42
CA GLY A 1436 -28.38 -75.78 -16.58
C GLY A 1436 -28.02 -76.82 -15.55
N TYR A 1437 -26.78 -76.74 -15.08
CA TYR A 1437 -26.30 -77.68 -14.10
C TYR A 1437 -25.85 -76.93 -12.85
N GLU A 1438 -25.69 -77.70 -11.77
CA GLU A 1438 -25.35 -77.16 -10.47
C GLU A 1438 -24.51 -78.19 -9.75
N ILE A 1439 -23.20 -78.08 -9.87
CA ILE A 1439 -22.26 -79.06 -9.34
C ILE A 1439 -21.92 -78.69 -7.91
N PHE A 1440 -21.99 -79.66 -7.01
CA PHE A 1440 -21.61 -79.46 -5.62
C PHE A 1440 -20.36 -80.28 -5.31
N ASN A 1441 -19.93 -80.18 -4.06
CA ASN A 1441 -18.67 -80.77 -3.62
C ASN A 1441 -18.74 -81.06 -2.13
N ILE A 1442 -18.45 -82.30 -1.76
CA ILE A 1442 -18.53 -82.75 -0.37
C ILE A 1442 -17.15 -83.31 0.02
N PRO A 1443 -16.43 -82.67 0.93
CA PRO A 1443 -15.15 -83.22 1.36
C PRO A 1443 -15.35 -84.37 2.35
N VAL A 1444 -14.41 -85.32 2.32
CA VAL A 1444 -14.36 -86.42 3.27
C VAL A 1444 -12.95 -86.46 3.84
N ILE A 1445 -12.84 -86.31 5.15
CA ILE A 1445 -11.54 -86.28 5.83
C ILE A 1445 -11.48 -87.45 6.80
N GLN A 1446 -10.31 -88.10 6.85
CA GLN A 1446 -10.13 -89.36 7.56
C GLN A 1446 -9.08 -89.21 8.65
N LYS A 1447 -9.37 -89.77 9.81
CA LYS A 1447 -8.41 -89.78 10.92
C LYS A 1447 -7.60 -91.06 10.90
N VAL A 1448 -6.28 -90.91 10.94
CA VAL A 1448 -5.33 -92.02 10.99
C VAL A 1448 -5.15 -92.42 12.45
N LYS A 1449 -4.54 -93.58 12.66
CA LYS A 1449 -4.30 -94.04 14.02
C LYS A 1449 -2.82 -94.14 14.34
N THR A 1450 -1.98 -94.32 13.31
CA THR A 1450 -0.56 -94.63 13.52
C THR A 1450 0.20 -93.44 14.09
N ASP A 1451 -0.25 -92.23 13.81
CA ASP A 1451 0.43 -91.06 14.36
C ASP A 1451 0.00 -90.82 15.80
N ASN A 1452 0.98 -90.71 16.68
CA ASN A 1452 0.70 -90.29 18.04
C ASN A 1452 0.43 -88.80 18.08
N ALA A 1453 -0.07 -88.33 19.22
CA ALA A 1453 -0.27 -86.91 19.41
C ALA A 1453 1.07 -86.20 19.53
N LEU A 1454 1.04 -84.88 19.41
CA LEU A 1454 2.28 -84.13 19.43
C LEU A 1454 2.64 -83.82 20.87
N THR A 1455 3.90 -84.07 21.21
CA THR A 1455 4.34 -83.79 22.56
C THR A 1455 5.12 -82.49 22.56
N LEU A 1456 5.13 -81.85 23.72
CA LEU A 1456 6.05 -80.77 23.97
C LEU A 1456 7.16 -81.32 24.84
N PHE A 1457 8.39 -81.11 24.44
CA PHE A 1457 9.50 -81.66 25.18
C PHE A 1457 10.28 -80.50 25.76
N HIS A 1458 9.97 -80.13 26.99
CA HIS A 1458 10.78 -79.19 27.73
C HIS A 1458 12.08 -79.88 28.08
N ASP A 1459 13.19 -79.37 27.57
CA ASP A 1459 14.46 -80.05 27.71
C ASP A 1459 15.12 -79.64 29.04
N GLU A 1460 16.08 -80.47 29.45
CA GLU A 1460 16.88 -80.21 30.65
C GLU A 1460 17.68 -78.92 30.54
N ASN A 1461 18.37 -78.70 29.43
CA ASN A 1461 19.24 -77.54 29.30
C ASN A 1461 18.49 -76.24 29.09
N GLY A 1462 17.19 -76.28 28.89
CA GLY A 1462 16.38 -75.08 28.79
C GLY A 1462 15.66 -74.91 27.47
N ALA A 1463 15.83 -75.83 26.53
CA ALA A 1463 15.14 -75.72 25.26
C ALA A 1463 13.74 -76.32 25.37
N GLN A 1464 12.88 -75.94 24.43
CA GLN A 1464 11.57 -76.56 24.28
C GLN A 1464 11.30 -76.80 22.80
N TYR A 1465 10.70 -77.93 22.48
CA TYR A 1465 10.40 -78.25 21.11
C TYR A 1465 9.20 -79.17 21.01
N MET A 1466 8.57 -79.14 19.85
CA MET A 1466 7.41 -79.95 19.54
C MET A 1466 7.80 -81.07 18.60
N GLN A 1467 7.63 -82.30 19.05
CA GLN A 1467 7.94 -83.47 18.25
C GLN A 1467 6.79 -83.71 17.28
N TRP A 1468 6.91 -83.18 16.07
CA TRP A 1468 5.83 -83.27 15.10
C TRP A 1468 6.10 -84.48 14.22
N GLY A 1469 5.89 -85.67 14.78
CA GLY A 1469 6.30 -86.87 14.09
C GLY A 1469 7.80 -86.98 14.15
N ALA A 1470 8.44 -87.02 12.98
CA ALA A 1470 9.89 -87.09 12.96
C ALA A 1470 10.54 -85.72 13.05
N TYR A 1471 9.75 -84.66 13.17
CA TYR A 1471 10.32 -83.33 13.16
C TYR A 1471 10.41 -82.77 14.56
N ARG A 1472 11.51 -82.07 14.82
CA ARG A 1472 11.65 -81.31 16.04
C ARG A 1472 11.77 -79.85 15.64
N ILE A 1473 10.93 -78.99 16.20
CA ILE A 1473 10.94 -77.59 15.87
C ILE A 1473 10.96 -76.76 17.14
N ARG A 1474 11.86 -75.78 17.19
CA ARG A 1474 12.15 -75.05 18.40
C ARG A 1474 11.09 -73.97 18.61
N LEU A 1475 10.71 -73.75 19.87
CA LEU A 1475 9.59 -72.87 20.16
C LEU A 1475 10.00 -71.64 20.95
N ASN A 1476 11.06 -71.76 21.74
CA ASN A 1476 11.57 -70.67 22.55
C ASN A 1476 13.07 -70.54 22.35
N THR A 1477 13.68 -69.58 23.04
CA THR A 1477 15.12 -69.41 22.95
C THR A 1477 15.65 -68.84 24.25
N LEU A 1478 16.92 -69.12 24.51
CA LEU A 1478 17.63 -68.59 25.66
C LEU A 1478 18.42 -67.34 25.31
N PHE A 1479 17.93 -66.56 24.35
CA PHE A 1479 18.68 -65.39 23.92
C PHE A 1479 18.67 -64.30 24.97
N ALA A 1480 17.55 -64.14 25.67
CA ALA A 1480 17.46 -63.09 26.68
C ALA A 1480 18.28 -63.44 27.91
N ARG A 1481 18.52 -64.73 28.16
CA ARG A 1481 19.40 -65.12 29.25
C ARG A 1481 20.82 -64.65 29.01
N GLN A 1482 21.37 -65.01 27.85
CA GLN A 1482 22.76 -64.72 27.54
C GLN A 1482 22.95 -63.35 26.92
N LEU A 1483 21.87 -62.59 26.76
CA LEU A 1483 21.98 -61.22 26.31
C LEU A 1483 22.45 -60.28 27.41
N VAL A 1484 22.27 -60.67 28.66
CA VAL A 1484 22.46 -59.78 29.80
C VAL A 1484 23.93 -59.38 29.94
N GLU A 1485 24.82 -60.35 29.78
CA GLU A 1485 26.26 -60.11 29.82
C GLU A 1485 26.73 -59.17 28.73
N ARG A 1486 26.23 -59.35 27.51
CA ARG A 1486 26.59 -58.46 26.42
C ARG A 1486 26.01 -57.08 26.60
N ALA A 1487 24.83 -56.97 27.20
CA ALA A 1487 24.14 -55.71 27.33
C ALA A 1487 24.64 -54.87 28.50
N ASN A 1488 25.74 -55.25 29.13
CA ASN A 1488 26.17 -54.58 30.34
C ASN A 1488 26.81 -53.23 30.02
N THR A 1489 27.60 -53.17 28.95
CA THR A 1489 28.52 -52.07 28.81
C THR A 1489 28.07 -51.01 27.80
N GLY A 1490 27.08 -51.31 26.97
CA GLY A 1490 26.54 -50.28 26.11
C GLY A 1490 25.92 -50.85 24.86
N ILE A 1491 25.26 -49.93 24.12
CA ILE A 1491 24.50 -50.27 22.92
C ILE A 1491 25.40 -50.82 21.83
N ASP A 1492 26.66 -50.36 21.78
CA ASP A 1492 27.61 -50.78 20.76
C ASP A 1492 27.88 -52.27 20.83
N THR A 1493 27.92 -52.82 22.04
CA THR A 1493 28.13 -54.23 22.21
C THR A 1493 26.87 -55.02 21.86
N ILE A 1494 25.70 -54.40 22.04
CA ILE A 1494 24.44 -55.09 21.78
C ILE A 1494 24.26 -55.33 20.29
N LEU A 1495 24.64 -54.37 19.47
CA LEU A 1495 24.39 -54.47 18.06
C LEU A 1495 25.58 -55.02 17.28
N SER A 1496 26.49 -55.72 17.94
CA SER A 1496 27.66 -56.24 17.26
C SER A 1496 27.29 -57.46 16.43
N MET A 1497 28.24 -57.88 15.60
CA MET A 1497 28.15 -59.20 15.00
C MET A 1497 28.36 -60.28 16.04
N GLU A 1498 29.13 -59.97 17.08
CA GLU A 1498 29.41 -60.94 18.13
C GLU A 1498 28.15 -61.29 18.92
N THR A 1499 27.28 -60.31 19.15
CA THR A 1499 26.01 -60.59 19.79
C THR A 1499 25.13 -61.45 18.90
N GLN A 1500 25.22 -61.24 17.59
CA GLN A 1500 24.40 -62.00 16.65
C GLN A 1500 24.83 -63.46 16.54
N ASN A 1501 26.00 -63.83 17.02
CA ASN A 1501 26.46 -65.21 16.94
C ASN A 1501 26.35 -65.95 18.25
N ILE A 1502 25.49 -65.51 19.17
CA ILE A 1502 25.26 -66.25 20.39
C ILE A 1502 24.49 -67.52 20.06
N GLN A 1503 24.99 -68.66 20.55
CA GLN A 1503 24.43 -69.94 20.20
C GLN A 1503 23.39 -70.40 21.21
N GLU A 1504 22.53 -71.31 20.75
CA GLU A 1504 21.38 -71.86 21.42
C GLU A 1504 21.51 -73.38 21.49
N PRO A 1505 21.16 -74.01 22.61
CA PRO A 1505 21.46 -75.43 22.80
C PRO A 1505 20.70 -76.38 21.88
N MET A 1506 21.06 -77.65 21.99
CA MET A 1506 20.60 -78.69 21.10
C MET A 1506 19.18 -79.11 21.44
N MET A 1507 18.38 -79.34 20.40
CA MET A 1507 16.96 -79.64 20.54
C MET A 1507 16.81 -81.07 21.03
N GLY A 1508 16.95 -81.27 22.33
CA GLY A 1508 16.89 -82.63 22.86
C GLY A 1508 18.13 -83.38 22.49
N ILE A 1509 17.99 -84.70 22.36
CA ILE A 1509 19.10 -85.57 22.05
C ILE A 1509 19.08 -85.88 20.55
N GLY A 1510 20.25 -85.86 19.94
CA GLY A 1510 20.37 -86.01 18.50
C GLY A 1510 21.75 -85.55 18.07
N ALA A 1511 21.93 -85.43 16.76
CA ALA A 1511 23.22 -85.04 16.23
C ALA A 1511 23.09 -84.00 15.15
N TYR A 1512 24.14 -83.22 15.01
CA TYR A 1512 24.36 -82.36 13.85
C TYR A 1512 25.34 -83.09 12.94
N ILE A 1513 24.91 -83.42 11.73
CA ILE A 1513 25.80 -84.07 10.79
C ILE A 1513 25.71 -83.33 9.47
N GLU A 1514 26.74 -83.44 8.65
CA GLU A 1514 26.85 -82.74 7.39
C GLU A 1514 27.26 -83.72 6.31
N LEU A 1515 26.53 -83.72 5.21
CA LEU A 1515 26.79 -84.63 4.10
C LEU A 1515 27.11 -83.80 2.87
N ILE A 1516 28.38 -83.73 2.51
CA ILE A 1516 28.77 -83.09 1.27
C ILE A 1516 28.48 -84.06 0.14
N LEU A 1517 27.92 -83.55 -0.94
CA LEU A 1517 27.39 -84.41 -1.98
C LEU A 1517 28.26 -84.29 -3.23
N ASP A 1518 28.19 -85.29 -4.08
CA ASP A 1518 29.10 -85.32 -5.22
C ASP A 1518 28.63 -84.35 -6.30
N LYS A 1519 29.47 -84.20 -7.32
CA LYS A 1519 29.23 -83.26 -8.40
C LYS A 1519 28.09 -83.74 -9.28
N TYR A 1520 27.48 -82.80 -10.00
CA TYR A 1520 26.39 -83.14 -10.90
C TYR A 1520 26.96 -83.84 -12.11
N ASN A 1521 26.93 -85.17 -12.09
CA ASN A 1521 27.07 -85.95 -13.30
C ASN A 1521 25.67 -86.39 -13.69
N PRO A 1522 25.14 -85.95 -14.82
CA PRO A 1522 23.83 -86.44 -15.27
C PRO A 1522 23.84 -87.89 -15.69
N ASP A 1523 25.02 -88.49 -15.82
CA ASP A 1523 25.14 -89.94 -15.96
C ASP A 1523 24.54 -90.65 -14.75
N ILE A 1524 24.78 -90.12 -13.55
CA ILE A 1524 24.22 -90.74 -12.36
C ILE A 1524 23.02 -89.96 -11.83
N HIS A 1525 23.07 -88.62 -11.85
CA HIS A 1525 22.05 -87.83 -11.21
C HIS A 1525 20.79 -87.68 -12.04
N GLY A 1526 20.72 -88.28 -13.21
CA GLY A 1526 19.56 -88.11 -14.04
C GLY A 1526 19.55 -86.77 -14.73
N THR A 1527 18.39 -86.47 -15.34
CA THR A 1527 18.26 -85.28 -16.16
C THR A 1527 18.21 -84.00 -15.34
N ASN A 1528 17.87 -84.09 -14.06
CA ASN A 1528 17.60 -82.91 -13.25
C ASN A 1528 18.70 -82.70 -12.24
N LYS A 1529 19.00 -81.43 -11.96
CA LYS A 1529 19.85 -81.10 -10.83
C LYS A 1529 19.08 -81.05 -9.52
N SER A 1530 17.76 -81.25 -9.57
CA SER A 1530 16.96 -81.27 -8.36
C SER A 1530 17.11 -82.61 -7.64
N PHE A 1531 17.30 -82.56 -6.33
CA PHE A 1531 17.31 -83.76 -5.50
C PHE A 1531 16.52 -83.50 -4.23
N LYS A 1532 16.34 -84.57 -3.46
CA LYS A 1532 15.79 -84.50 -2.11
C LYS A 1532 16.59 -85.43 -1.22
N ILE A 1533 17.19 -84.90 -0.17
CA ILE A 1533 17.66 -85.84 0.85
C ILE A 1533 16.41 -86.17 1.64
N ILE A 1534 16.41 -87.31 2.32
CA ILE A 1534 15.19 -87.84 2.91
C ILE A 1534 15.53 -88.30 4.31
N TYR A 1535 14.50 -88.53 5.11
CA TYR A 1535 14.66 -89.26 6.35
C TYR A 1535 13.84 -90.52 6.25
N GLY A 1536 14.30 -91.59 6.91
CA GLY A 1536 13.54 -92.83 6.93
C GLY A 1536 13.75 -93.55 8.24
N ASP A 1537 12.85 -94.51 8.48
CA ASP A 1537 12.94 -95.51 9.55
C ASP A 1537 12.95 -94.89 10.95
N ILE A 1538 11.88 -94.19 11.29
CA ILE A 1538 11.61 -93.87 12.68
C ILE A 1538 10.10 -93.97 12.85
N PHE A 1539 9.68 -94.28 14.08
CA PHE A 1539 8.30 -94.17 14.57
C PHE A 1539 7.37 -95.24 13.97
N LYS A 1540 7.85 -95.95 12.96
CA LYS A 1540 7.14 -96.93 12.14
C LYS A 1540 8.16 -97.43 11.13
N ALA A 1541 7.74 -98.41 10.31
CA ALA A 1541 8.58 -98.90 9.23
C ALA A 1541 8.36 -98.16 7.93
N GLY A 1542 7.70 -97.00 7.95
CA GLY A 1542 7.40 -96.29 6.72
C GLY A 1542 8.46 -95.26 6.37
N ASP A 1543 8.06 -94.32 5.52
CA ASP A 1543 8.98 -93.36 4.90
C ASP A 1543 8.63 -91.95 5.35
N HIS A 1544 9.67 -91.18 5.69
CA HIS A 1544 9.52 -89.77 6.00
C HIS A 1544 10.00 -88.92 4.82
N PHE A 1545 10.15 -87.63 5.08
CA PHE A 1545 10.05 -86.69 3.99
C PHE A 1545 10.88 -85.47 4.43
N PRO A 1546 10.97 -84.36 3.64
CA PRO A 1546 12.29 -83.80 3.32
C PRO A 1546 12.99 -83.02 4.44
N ILE A 1547 13.87 -83.69 5.18
CA ILE A 1547 14.73 -82.96 6.11
C ILE A 1547 15.62 -81.95 5.41
N TYR A 1548 15.93 -82.15 4.13
CA TYR A 1548 16.45 -81.08 3.29
C TYR A 1548 16.09 -81.36 1.84
N GLN A 1549 15.84 -80.29 1.10
CA GLN A 1549 15.71 -80.34 -0.35
C GLN A 1549 16.58 -79.23 -0.95
N GLY A 1550 17.30 -79.56 -2.02
CA GLY A 1550 18.13 -78.58 -2.67
C GLY A 1550 18.32 -78.88 -4.14
N ALA A 1551 19.46 -78.43 -4.66
CA ALA A 1551 19.79 -78.58 -6.08
C ALA A 1551 21.26 -78.93 -6.24
N LEU A 1552 21.60 -79.49 -7.41
CA LEU A 1552 22.95 -79.92 -7.69
C LEU A 1552 23.74 -78.87 -8.47
N SER A 1553 25.06 -79.03 -8.48
CA SER A 1553 25.94 -78.13 -9.21
C SER A 1553 27.11 -78.92 -9.79
N ASP A 1554 27.81 -78.27 -10.74
CA ASP A 1554 28.95 -78.89 -11.37
C ASP A 1554 30.13 -79.00 -10.41
N ILE A 1555 30.38 -77.95 -9.63
CA ILE A 1555 31.18 -78.11 -8.44
C ILE A 1555 30.39 -78.93 -7.42
N THR A 1556 31.11 -79.74 -6.64
CA THR A 1556 30.49 -80.36 -5.48
C THR A 1556 30.20 -79.27 -4.45
N GLN A 1557 29.02 -78.69 -4.55
CA GLN A 1557 28.65 -77.47 -3.84
C GLN A 1557 27.71 -77.84 -2.70
N THR A 1558 26.97 -78.93 -2.88
CA THR A 1558 26.02 -79.36 -1.89
C THR A 1558 26.73 -79.90 -0.66
N THR A 1559 26.77 -79.09 0.39
CA THR A 1559 27.28 -79.49 1.69
C THR A 1559 26.32 -78.97 2.75
N VAL A 1560 25.54 -79.89 3.33
CA VAL A 1560 24.37 -79.50 4.10
C VAL A 1560 24.52 -79.99 5.53
N LYS A 1561 24.70 -79.05 6.44
CA LYS A 1561 24.81 -79.33 7.87
C LYS A 1561 23.40 -79.50 8.43
N LEU A 1562 23.07 -80.72 8.87
CA LEU A 1562 21.70 -81.01 9.26
C LEU A 1562 21.66 -81.51 10.70
N PHE A 1563 20.76 -80.95 11.49
CA PHE A 1563 20.39 -81.59 12.75
C PHE A 1563 19.65 -82.88 12.45
N LEU A 1564 19.72 -83.82 13.37
CA LEU A 1564 19.22 -85.15 13.09
C LEU A 1564 18.57 -85.77 14.31
N PRO A 1565 17.25 -85.89 14.35
CA PRO A 1565 16.55 -86.20 15.60
C PRO A 1565 16.62 -87.68 15.93
N ARG A 1566 16.60 -87.97 17.22
CA ARG A 1566 16.73 -89.35 17.69
C ARG A 1566 15.85 -89.62 18.88
N VAL A 1567 14.92 -90.55 18.69
CA VAL A 1567 14.35 -91.26 19.83
C VAL A 1567 15.47 -92.10 20.45
N ASP A 1568 15.51 -92.16 21.78
CA ASP A 1568 16.59 -92.86 22.46
C ASP A 1568 16.52 -94.37 22.24
N ASN A 1569 15.33 -94.90 21.98
CA ASN A 1569 15.14 -96.31 21.66
C ASN A 1569 14.63 -96.42 20.23
N ALA A 1570 15.55 -96.63 19.29
CA ALA A 1570 15.13 -96.85 17.92
C ALA A 1570 14.70 -98.30 17.73
N TYR A 1571 13.92 -98.54 16.68
CA TYR A 1571 13.32 -99.86 16.47
C TYR A 1571 14.37 -100.81 15.92
N GLY A 1572 15.13 -100.36 14.93
CA GLY A 1572 16.37 -101.04 14.60
C GLY A 1572 17.43 -100.64 15.62
N ASN A 1573 17.71 -101.55 16.55
CA ASN A 1573 18.64 -101.23 17.62
C ASN A 1573 20.08 -101.48 17.18
N LYS A 1574 20.25 -102.25 16.10
CA LYS A 1574 21.57 -102.52 15.52
C LYS A 1574 22.24 -101.24 15.05
N ASN A 1575 21.46 -100.35 14.47
CA ASN A 1575 21.94 -99.07 13.97
C ASN A 1575 20.74 -98.13 13.90
N ASN A 1576 20.79 -97.06 14.69
CA ASN A 1576 19.56 -96.44 15.17
C ASN A 1576 18.90 -95.56 14.11
N LEU A 1577 19.66 -94.99 13.19
CA LEU A 1577 19.09 -93.96 12.34
C LEU A 1577 19.52 -94.17 10.89
N TYR A 1578 18.60 -93.89 9.97
CA TYR A 1578 18.84 -94.07 8.54
C TYR A 1578 18.45 -92.84 7.74
N VAL A 1579 19.33 -92.48 6.81
CA VAL A 1579 19.13 -91.42 5.84
C VAL A 1579 19.53 -91.94 4.47
N TYR A 1580 18.70 -91.71 3.46
CA TYR A 1580 19.20 -91.81 2.09
C TYR A 1580 18.97 -90.50 1.36
N ALA A 1581 19.42 -90.48 0.11
CA ALA A 1581 19.31 -89.32 -0.75
C ALA A 1581 18.61 -89.74 -2.03
N ALA A 1582 17.51 -89.07 -2.34
CA ALA A 1582 16.73 -89.35 -3.52
C ALA A 1582 16.91 -88.25 -4.56
N TYR A 1583 16.69 -88.60 -5.82
CA TYR A 1583 16.56 -87.60 -6.88
C TYR A 1583 15.70 -88.19 -7.99
N GLN A 1584 15.77 -87.57 -9.17
CA GLN A 1584 14.87 -87.91 -10.28
C GLN A 1584 15.09 -89.33 -10.77
N LYS A 1585 16.33 -89.68 -11.10
CA LYS A 1585 16.58 -90.98 -11.71
C LYS A 1585 16.57 -92.10 -10.69
N VAL A 1586 17.49 -92.06 -9.73
CA VAL A 1586 17.68 -93.13 -8.75
C VAL A 1586 17.38 -92.53 -7.39
N GLU A 1587 16.62 -93.27 -6.59
CA GLU A 1587 16.15 -92.83 -5.28
C GLU A 1587 16.21 -93.93 -4.23
N THR A 1588 17.19 -94.81 -4.32
CA THR A 1588 17.03 -96.12 -3.71
C THR A 1588 17.62 -96.21 -2.31
N ASN A 1589 17.44 -97.38 -1.70
CA ASN A 1589 17.64 -97.64 -0.29
C ASN A 1589 19.10 -97.98 -0.03
N PHE A 1590 19.64 -97.36 1.02
CA PHE A 1590 21.07 -97.46 1.33
C PHE A 1590 21.17 -98.06 2.72
N ILE A 1591 22.37 -98.01 3.32
CA ILE A 1591 22.52 -98.32 4.74
C ILE A 1591 23.02 -97.03 5.40
N ARG A 1592 23.26 -97.08 6.71
CA ARG A 1592 22.88 -96.00 7.59
C ARG A 1592 24.00 -95.60 8.54
N PHE A 1593 23.61 -94.81 9.54
CA PHE A 1593 24.44 -94.40 10.66
C PHE A 1593 24.04 -95.16 11.93
N VAL A 1594 24.68 -94.78 13.03
CA VAL A 1594 24.33 -95.29 14.35
C VAL A 1594 24.85 -94.30 15.40
N LYS A 1595 24.01 -93.96 16.36
CA LYS A 1595 24.46 -93.21 17.52
C LYS A 1595 24.51 -94.14 18.72
N GLU A 1596 25.49 -93.91 19.58
CA GLU A 1596 25.53 -94.53 20.88
C GLU A 1596 24.38 -93.98 21.74
N ASP A 1597 24.05 -94.70 22.82
CA ASP A 1597 23.12 -94.14 23.78
C ASP A 1597 23.81 -93.13 24.68
N ASN A 1598 25.15 -93.18 24.71
CA ASN A 1598 26.00 -92.21 25.37
C ASN A 1598 25.82 -90.82 24.76
N ASN A 1599 26.19 -89.81 25.53
CA ASN A 1599 26.28 -88.45 25.02
C ASN A 1599 27.35 -88.30 23.95
N LYS A 1600 28.33 -89.20 23.90
CA LYS A 1600 29.27 -89.31 22.81
C LYS A 1600 28.54 -89.49 21.48
N PRO A 1601 28.74 -88.61 20.52
CA PRO A 1601 27.86 -88.59 19.34
C PRO A 1601 28.15 -89.72 18.35
N ALA A 1602 27.47 -89.63 17.21
CA ALA A 1602 27.32 -90.76 16.31
C ALA A 1602 28.52 -90.94 15.40
N THR A 1603 28.79 -92.18 15.05
CA THR A 1603 29.69 -92.47 13.94
C THR A 1603 28.92 -93.03 12.75
N PHE A 1604 29.68 -93.43 11.73
CA PHE A 1604 29.15 -94.19 10.62
C PHE A 1604 28.98 -95.65 11.04
N ASP A 1605 27.94 -96.30 10.51
CA ASP A 1605 27.71 -97.72 10.80
C ASP A 1605 28.80 -98.55 10.14
N THR A 1606 29.72 -99.07 10.95
CA THR A 1606 31.01 -99.50 10.47
C THR A 1606 31.06 -101.02 10.27
N THR A 1607 30.71 -101.46 9.07
CA THR A 1607 31.56 -102.42 8.38
C THR A 1607 32.29 -101.53 7.38
N TYR A 1608 33.07 -102.09 6.46
CA TYR A 1608 33.67 -101.25 5.42
C TYR A 1608 32.53 -100.84 4.48
N LYS A 1609 31.90 -99.71 4.82
CA LYS A 1609 30.79 -99.10 4.10
C LYS A 1609 29.58 -100.02 3.93
N ASN A 1610 28.87 -100.29 5.04
CA ASN A 1610 27.45 -100.66 4.94
C ASN A 1610 26.78 -99.73 3.96
N GLY A 1611 26.74 -98.46 4.32
CA GLY A 1611 26.20 -97.45 3.45
C GLY A 1611 27.17 -97.13 2.34
N THR A 1612 26.75 -97.41 1.12
CA THR A 1612 27.51 -96.97 -0.03
C THR A 1612 27.30 -95.47 -0.24
N PHE A 1613 28.22 -94.89 -1.00
CA PHE A 1613 28.20 -93.47 -1.33
C PHE A 1613 28.08 -93.31 -2.85
N PRO A 1614 26.89 -93.48 -3.41
CA PRO A 1614 26.77 -93.30 -4.87
C PRO A 1614 26.85 -91.84 -5.28
N GLY A 1615 26.20 -90.94 -4.55
CA GLY A 1615 26.35 -89.52 -4.79
C GLY A 1615 26.87 -88.84 -3.55
N LEU A 1616 27.12 -89.64 -2.51
CA LEU A 1616 27.54 -89.14 -1.22
C LEU A 1616 29.06 -89.04 -1.22
N ALA A 1617 29.61 -88.21 -0.34
CA ALA A 1617 31.06 -88.08 -0.31
C ALA A 1617 31.66 -88.43 1.04
N SER A 1618 31.19 -87.82 2.13
CA SER A 1618 31.83 -88.05 3.42
C SER A 1618 30.82 -87.80 4.55
N ALA A 1619 31.25 -88.12 5.77
CA ALA A 1619 30.49 -87.93 6.98
C ALA A 1619 31.38 -87.21 8.00
N ARG A 1620 30.77 -86.31 8.76
CA ARG A 1620 31.53 -85.36 9.58
C ARG A 1620 30.70 -85.00 10.81
N VAL A 1621 30.83 -83.74 11.26
CA VAL A 1621 31.10 -83.27 12.63
C VAL A 1621 30.50 -84.13 13.72
N ILE A 1622 31.37 -84.57 14.62
CA ILE A 1622 30.93 -85.19 15.86
C ILE A 1622 30.68 -84.13 16.92
N GLN A 1623 31.57 -83.15 17.04
CA GLN A 1623 31.64 -82.33 18.24
C GLN A 1623 31.08 -80.95 17.97
N THR A 1624 29.77 -80.81 18.10
CA THR A 1624 29.13 -79.52 18.26
C THR A 1624 27.90 -79.74 19.13
N VAL A 1625 27.67 -78.82 20.06
CA VAL A 1625 26.52 -78.99 20.94
C VAL A 1625 25.46 -77.97 20.61
N SER A 1626 25.83 -76.70 20.52
CA SER A 1626 24.89 -75.63 20.31
C SER A 1626 25.02 -75.13 18.88
N GLU A 1627 23.94 -74.54 18.39
CA GLU A 1627 23.91 -74.02 17.04
C GLU A 1627 23.68 -72.52 17.08
N PRO A 1628 24.14 -71.78 16.07
CA PRO A 1628 23.82 -70.36 15.97
C PRO A 1628 22.34 -70.15 15.74
N MET A 1629 21.85 -69.00 16.19
CA MET A 1629 20.41 -68.76 16.24
C MET A 1629 19.85 -68.58 14.84
N ASP A 1630 18.55 -68.79 14.71
CA ASP A 1630 17.89 -68.78 13.42
C ASP A 1630 17.10 -67.49 13.27
N PHE A 1631 17.25 -66.86 12.11
CA PHE A 1631 16.39 -65.77 11.68
C PHE A 1631 15.24 -66.25 10.82
N SER A 1632 14.91 -67.54 10.86
CA SER A 1632 13.77 -68.08 10.14
C SER A 1632 12.78 -68.78 11.05
N GLY A 1633 13.07 -68.88 12.34
CA GLY A 1633 12.25 -69.63 13.26
C GLY A 1633 11.04 -68.87 13.73
N ALA A 1634 10.60 -69.21 14.94
CA ALA A 1634 9.40 -68.61 15.47
C ALA A 1634 9.63 -67.17 15.90
N ASN A 1635 10.73 -66.91 16.60
CA ASN A 1635 10.97 -65.59 17.16
C ASN A 1635 11.65 -64.65 16.19
N SER A 1636 11.67 -64.97 14.89
CA SER A 1636 12.53 -64.29 13.94
C SER A 1636 12.13 -62.85 13.71
N LEU A 1637 10.82 -62.57 13.78
CA LEU A 1637 10.33 -61.22 13.58
C LEU A 1637 10.86 -60.27 14.65
N TYR A 1638 11.00 -60.75 15.88
CA TYR A 1638 11.54 -59.91 16.93
C TYR A 1638 13.03 -59.67 16.72
N PHE A 1639 13.74 -60.64 16.15
CA PHE A 1639 15.15 -60.43 15.84
C PHE A 1639 15.33 -59.41 14.72
N TRP A 1640 14.47 -59.45 13.71
CA TRP A 1640 14.54 -58.44 12.66
C TRP A 1640 14.21 -57.05 13.20
N GLU A 1641 13.18 -56.95 14.04
CA GLU A 1641 12.81 -55.64 14.58
C GLU A 1641 13.87 -55.13 15.55
N LEU A 1642 14.63 -56.02 16.16
CA LEU A 1642 15.74 -55.55 16.99
C LEU A 1642 16.89 -55.07 16.14
N PHE A 1643 17.36 -55.89 15.21
CA PHE A 1643 18.65 -55.60 14.62
C PHE A 1643 18.57 -54.66 13.43
N TYR A 1644 17.53 -54.77 12.59
CA TYR A 1644 17.52 -53.94 11.40
C TYR A 1644 16.56 -52.77 11.51
N TYR A 1645 15.31 -53.03 11.92
CA TYR A 1645 14.31 -51.98 11.82
C TYR A 1645 14.52 -50.89 12.86
N THR A 1646 15.10 -51.24 14.00
CA THR A 1646 15.34 -50.23 15.02
C THR A 1646 16.38 -49.18 14.63
N PRO A 1647 17.61 -49.53 14.17
CA PRO A 1647 18.53 -48.45 13.81
C PRO A 1647 18.09 -47.69 12.58
N MET A 1648 17.38 -48.34 11.67
CA MET A 1648 16.83 -47.62 10.53
C MET A 1648 15.82 -46.57 10.95
N MET A 1649 14.95 -46.90 11.89
CA MET A 1649 13.89 -45.99 12.25
C MET A 1649 14.44 -44.85 13.09
N VAL A 1650 15.39 -45.16 13.98
CA VAL A 1650 16.09 -44.13 14.72
C VAL A 1650 16.84 -43.19 13.78
N ALA A 1651 17.50 -43.75 12.76
CA ALA A 1651 18.30 -42.91 11.87
C ALA A 1651 17.43 -42.05 10.98
N GLN A 1652 16.30 -42.58 10.53
CA GLN A 1652 15.38 -41.79 9.73
C GLN A 1652 14.79 -40.64 10.55
N ARG A 1653 14.41 -40.93 11.79
CA ARG A 1653 13.82 -39.91 12.63
C ARG A 1653 14.84 -38.85 13.04
N LEU A 1654 16.11 -39.24 13.21
CA LEU A 1654 17.12 -38.25 13.51
C LEU A 1654 17.50 -37.44 12.28
N LEU A 1655 17.35 -38.04 11.11
CA LEU A 1655 17.65 -37.30 9.90
C LEU A 1655 16.60 -36.22 9.66
N HIS A 1656 15.34 -36.51 9.95
CA HIS A 1656 14.31 -35.49 9.71
C HIS A 1656 14.38 -34.35 10.71
N GLU A 1657 15.10 -34.50 11.81
CA GLU A 1657 15.24 -33.43 12.78
C GLU A 1657 16.56 -32.70 12.68
N GLN A 1658 17.26 -32.83 11.55
CA GLN A 1658 18.45 -32.06 11.21
C GLN A 1658 19.60 -32.28 12.19
N ASN A 1659 19.61 -33.42 12.85
CA ASN A 1659 20.67 -33.78 13.79
C ASN A 1659 21.50 -34.85 13.10
N PHE A 1660 22.69 -34.47 12.64
CA PHE A 1660 23.31 -35.24 11.56
C PHE A 1660 24.25 -36.33 12.04
N ASP A 1661 25.23 -35.99 12.89
CA ASP A 1661 26.26 -36.97 13.24
C ASP A 1661 25.71 -38.09 14.08
N GLU A 1662 24.66 -37.81 14.84
CA GLU A 1662 24.02 -38.89 15.58
C GLU A 1662 23.28 -39.84 14.64
N ALA A 1663 22.70 -39.29 13.57
CA ALA A 1663 22.13 -40.14 12.54
C ALA A 1663 23.20 -40.95 11.83
N ASN A 1664 24.40 -40.38 11.68
CA ASN A 1664 25.46 -41.12 11.01
C ASN A 1664 25.96 -42.26 11.87
N ARG A 1665 26.15 -42.01 13.16
CA ARG A 1665 26.62 -43.10 14.01
C ARG A 1665 25.52 -44.12 14.26
N TRP A 1666 24.25 -43.75 14.11
CA TRP A 1666 23.24 -44.80 14.11
C TRP A 1666 23.18 -45.58 12.82
N LEU A 1667 23.49 -44.97 11.67
CA LEU A 1667 23.59 -45.78 10.47
C LEU A 1667 24.81 -46.67 10.47
N LYS A 1668 25.85 -46.32 11.23
CA LYS A 1668 27.03 -47.16 11.21
C LYS A 1668 26.85 -48.44 12.01
N TYR A 1669 25.77 -48.57 12.77
CA TYR A 1669 25.51 -49.84 13.43
C TYR A 1669 25.03 -50.90 12.47
N VAL A 1670 24.75 -50.55 11.23
CA VAL A 1670 24.23 -51.48 10.24
C VAL A 1670 25.21 -51.67 9.10
N TRP A 1671 25.60 -50.59 8.45
CA TRP A 1671 26.42 -50.69 7.26
C TRP A 1671 27.54 -49.66 7.34
N SER A 1672 28.71 -50.09 7.80
CA SER A 1672 29.84 -49.19 7.83
C SER A 1672 30.63 -49.39 6.55
N PRO A 1673 30.83 -48.35 5.76
CA PRO A 1673 31.65 -48.50 4.56
C PRO A 1673 33.12 -48.56 4.89
N SER A 1674 33.50 -48.06 6.05
CA SER A 1674 34.90 -48.00 6.42
C SER A 1674 35.37 -49.22 7.18
N GLY A 1675 34.51 -50.20 7.40
CA GLY A 1675 34.88 -51.36 8.18
C GLY A 1675 34.82 -51.08 9.66
N TYR A 1676 34.70 -52.16 10.41
CA TYR A 1676 34.49 -52.09 11.85
C TYR A 1676 35.78 -52.40 12.57
N ILE A 1677 36.00 -51.73 13.69
CA ILE A 1677 37.16 -51.97 14.53
C ILE A 1677 36.64 -52.37 15.90
N VAL A 1678 37.01 -53.56 16.36
CA VAL A 1678 36.60 -54.05 17.66
C VAL A 1678 37.86 -54.35 18.46
N ARG A 1679 38.07 -53.57 19.53
CA ARG A 1679 39.22 -53.69 20.43
C ARG A 1679 40.53 -53.64 19.65
N GLY A 1680 40.77 -52.52 18.99
CA GLY A 1680 41.99 -52.34 18.24
C GLY A 1680 42.06 -53.05 16.91
N GLN A 1681 41.36 -54.16 16.73
CA GLN A 1681 41.49 -54.96 15.52
C GLN A 1681 40.39 -54.62 14.54
N ILE A 1682 40.78 -54.36 13.29
CA ILE A 1682 39.83 -54.21 12.20
C ILE A 1682 39.25 -55.57 11.86
N LYS A 1683 37.92 -55.65 11.80
CA LYS A 1683 37.28 -56.92 11.48
C LYS A 1683 37.14 -57.10 9.98
N ASN A 1684 36.89 -58.34 9.58
CA ASN A 1684 36.81 -58.66 8.17
C ASN A 1684 35.50 -58.18 7.58
N TYR A 1685 34.38 -58.40 8.28
CA TYR A 1685 33.06 -58.25 7.69
C TYR A 1685 32.74 -56.79 7.41
N HIS A 1686 31.73 -56.58 6.58
CA HIS A 1686 31.48 -55.24 6.08
C HIS A 1686 30.05 -54.80 6.34
N TRP A 1687 29.15 -55.76 6.54
CA TRP A 1687 27.79 -55.51 7.00
C TRP A 1687 27.67 -56.00 8.43
N ASN A 1688 26.80 -55.37 9.20
CA ASN A 1688 26.72 -55.69 10.62
C ASN A 1688 25.58 -56.64 10.95
N VAL A 1689 24.64 -56.84 10.04
CA VAL A 1689 23.51 -57.72 10.29
C VAL A 1689 23.82 -59.04 9.59
N ARG A 1690 23.68 -60.14 10.32
CA ARG A 1690 24.14 -61.43 9.78
C ARG A 1690 23.30 -61.99 8.64
N PRO A 1691 21.95 -61.98 8.66
CA PRO A 1691 21.25 -62.44 7.45
C PRO A 1691 21.35 -61.52 6.25
N LEU A 1692 22.02 -60.37 6.38
CA LEU A 1692 22.38 -59.62 5.18
C LEU A 1692 23.60 -60.23 4.52
N LEU A 1693 24.50 -60.80 5.30
CA LEU A 1693 25.65 -61.50 4.72
C LEU A 1693 25.19 -62.75 3.99
N GLU A 1694 24.20 -63.43 4.54
CA GLU A 1694 23.71 -64.69 4.00
C GLU A 1694 22.22 -64.56 3.77
N ASN A 1695 21.84 -64.43 2.50
CA ASN A 1695 20.46 -64.16 2.12
C ASN A 1695 19.53 -65.28 2.55
N THR A 1696 18.49 -64.92 3.29
CA THR A 1696 17.62 -65.90 3.94
C THR A 1696 16.19 -65.41 3.81
N SER A 1697 15.46 -66.00 2.87
CA SER A 1697 14.09 -65.59 2.61
C SER A 1697 13.21 -66.08 3.76
N TRP A 1698 12.79 -65.14 4.60
CA TRP A 1698 11.96 -65.48 5.74
C TRP A 1698 10.50 -65.12 5.53
N ASN A 1699 10.04 -65.18 4.28
CA ASN A 1699 8.64 -65.04 3.91
C ASN A 1699 8.51 -65.71 2.56
N SER A 1700 7.79 -66.83 2.51
CA SER A 1700 7.77 -67.64 1.30
C SER A 1700 6.96 -67.01 0.17
N ASP A 1701 5.89 -66.30 0.47
CA ASP A 1701 4.93 -65.87 -0.54
C ASP A 1701 4.71 -64.37 -0.46
N PRO A 1702 5.63 -63.58 -1.02
CA PRO A 1702 5.44 -62.12 -1.02
C PRO A 1702 4.33 -61.67 -1.92
N LEU A 1703 3.99 -62.44 -2.94
CA LEU A 1703 2.94 -62.08 -3.88
C LEU A 1703 1.57 -62.56 -3.42
N ASP A 1704 1.40 -62.83 -2.13
CA ASP A 1704 0.06 -62.99 -1.57
C ASP A 1704 -0.74 -61.72 -1.75
N SER A 1705 -0.13 -60.59 -1.47
CA SER A 1705 -0.77 -59.30 -1.63
C SER A 1705 0.26 -58.33 -2.18
N VAL A 1706 -0.10 -57.06 -2.20
CA VAL A 1706 0.81 -56.00 -2.63
C VAL A 1706 1.38 -55.33 -1.38
N ASP A 1707 2.68 -55.58 -1.16
CA ASP A 1707 3.37 -55.09 0.03
C ASP A 1707 4.84 -54.97 -0.35
N PRO A 1708 5.42 -53.79 -0.21
CA PRO A 1708 6.87 -53.68 -0.29
C PRO A 1708 7.59 -54.42 0.81
N ASP A 1709 6.96 -54.52 1.98
CA ASP A 1709 7.59 -55.24 3.09
C ASP A 1709 7.70 -56.73 2.79
N ALA A 1710 6.68 -57.30 2.15
CA ALA A 1710 6.71 -58.73 1.85
C ALA A 1710 7.78 -59.06 0.82
N VAL A 1711 7.91 -58.24 -0.22
CA VAL A 1711 8.90 -58.50 -1.25
C VAL A 1711 10.30 -58.24 -0.71
N ALA A 1712 10.40 -57.28 0.21
CA ALA A 1712 11.67 -57.10 0.91
C ALA A 1712 12.01 -58.31 1.77
N GLN A 1713 11.03 -58.90 2.42
CA GLN A 1713 11.28 -60.07 3.26
C GLN A 1713 11.65 -61.28 2.44
N HIS A 1714 11.18 -61.35 1.19
CA HIS A 1714 11.54 -62.53 0.39
C HIS A 1714 12.96 -62.44 -0.12
N ASP A 1715 13.55 -61.25 -0.14
CA ASP A 1715 14.91 -61.13 -0.62
C ASP A 1715 15.60 -59.94 0.04
N PRO A 1716 16.58 -60.15 0.91
CA PRO A 1716 17.07 -59.07 1.76
C PRO A 1716 17.97 -58.06 1.04
N MET A 1717 18.32 -58.33 -0.22
CA MET A 1717 19.13 -57.37 -0.95
C MET A 1717 18.39 -56.05 -1.17
N HIS A 1718 17.07 -56.07 -1.15
CA HIS A 1718 16.34 -54.82 -1.19
C HIS A 1718 16.51 -54.05 0.10
N TYR A 1719 16.69 -54.74 1.23
CA TYR A 1719 17.04 -54.03 2.44
C TYR A 1719 18.43 -53.42 2.34
N LYS A 1720 19.35 -54.12 1.68
CA LYS A 1720 20.67 -53.53 1.44
C LYS A 1720 20.58 -52.24 0.63
N VAL A 1721 19.79 -52.28 -0.44
CA VAL A 1721 19.67 -51.11 -1.30
C VAL A 1721 18.97 -49.97 -0.57
N ALA A 1722 18.01 -50.30 0.29
CA ALA A 1722 17.31 -49.26 1.06
C ALA A 1722 18.24 -48.58 2.04
N THR A 1723 19.08 -49.36 2.73
CA THR A 1723 20.06 -48.78 3.65
C THR A 1723 21.06 -47.92 2.90
N PHE A 1724 21.42 -48.33 1.69
CA PHE A 1724 22.33 -47.55 0.87
C PHE A 1724 21.72 -46.21 0.47
N MET A 1725 20.44 -46.21 0.09
CA MET A 1725 19.80 -44.95 -0.23
C MET A 1725 19.64 -44.06 0.98
N ARG A 1726 19.46 -44.64 2.17
CA ARG A 1726 19.46 -43.82 3.38
C ARG A 1726 20.81 -43.15 3.59
N THR A 1727 21.89 -43.88 3.33
CA THR A 1727 23.23 -43.32 3.49
C THR A 1727 23.47 -42.17 2.51
N LEU A 1728 23.00 -42.34 1.27
CA LEU A 1728 23.16 -41.27 0.29
C LEU A 1728 22.33 -40.06 0.64
N ASP A 1729 21.11 -40.27 1.17
CA ASP A 1729 20.29 -39.16 1.60
C ASP A 1729 20.95 -38.40 2.74
N LEU A 1730 21.58 -39.11 3.65
CA LEU A 1730 22.32 -38.48 4.74
C LEU A 1730 23.46 -37.62 4.21
N LEU A 1731 24.23 -38.15 3.25
CA LEU A 1731 25.37 -37.39 2.76
C LEU A 1731 24.94 -36.17 1.97
N MET A 1732 23.90 -36.31 1.14
CA MET A 1732 23.45 -35.15 0.39
C MET A 1732 22.81 -34.11 1.29
N ALA A 1733 22.16 -34.55 2.37
CA ALA A 1733 21.59 -33.59 3.31
C ALA A 1733 22.68 -32.81 4.03
N ARG A 1734 23.76 -33.49 4.42
CA ARG A 1734 24.87 -32.78 5.06
C ARG A 1734 25.51 -31.77 4.10
N GLY A 1735 25.66 -32.17 2.84
CA GLY A 1735 26.19 -31.25 1.85
C GLY A 1735 25.29 -30.06 1.57
N ASP A 1736 23.97 -30.29 1.54
CA ASP A 1736 23.04 -29.20 1.26
C ASP A 1736 22.96 -28.23 2.42
N HIS A 1737 22.96 -28.75 3.65
CA HIS A 1737 22.92 -27.85 4.81
C HIS A 1737 24.23 -27.11 4.95
N ALA A 1738 25.33 -27.68 4.47
CA ALA A 1738 26.56 -26.91 4.41
C ALA A 1738 26.47 -25.81 3.35
N TYR A 1739 25.83 -26.12 2.23
CA TYR A 1739 25.95 -25.28 1.05
C TYR A 1739 25.15 -23.99 1.18
N ARG A 1740 24.17 -23.96 2.08
CA ARG A 1740 23.37 -22.76 2.23
C ARG A 1740 24.03 -21.71 3.11
N GLN A 1741 25.06 -22.08 3.85
CA GLN A 1741 25.84 -21.11 4.60
C GLN A 1741 27.05 -20.74 3.78
N LEU A 1742 27.07 -19.52 3.26
CA LEU A 1742 27.85 -19.19 2.07
C LEU A 1742 29.29 -18.75 2.37
N GLU A 1743 29.86 -19.10 3.50
CA GLU A 1743 31.28 -18.82 3.67
C GLU A 1743 32.11 -19.86 2.93
N ARG A 1744 33.39 -19.55 2.77
CA ARG A 1744 34.21 -20.24 1.76
C ARG A 1744 34.61 -21.63 2.22
N ASP A 1745 35.00 -21.77 3.48
CA ASP A 1745 35.46 -23.06 3.98
C ASP A 1745 34.31 -24.06 4.03
N THR A 1746 33.11 -23.58 4.29
CA THR A 1746 31.96 -24.46 4.24
C THR A 1746 31.59 -24.83 2.82
N LEU A 1747 31.94 -24.01 1.83
CA LEU A 1747 31.81 -24.43 0.44
C LEU A 1747 32.79 -25.55 0.12
N ASN A 1748 34.00 -25.46 0.66
CA ASN A 1748 34.95 -26.57 0.50
C ASN A 1748 34.44 -27.83 1.18
N GLU A 1749 33.80 -27.67 2.34
CA GLU A 1749 33.15 -28.78 3.02
C GLU A 1749 32.04 -29.39 2.17
N ALA A 1750 31.25 -28.55 1.53
CA ALA A 1750 30.19 -29.04 0.65
C ALA A 1750 30.78 -29.84 -0.50
N LYS A 1751 31.89 -29.36 -1.05
CA LYS A 1751 32.56 -30.05 -2.15
C LYS A 1751 33.06 -31.41 -1.72
N MET A 1752 33.65 -31.51 -0.53
CA MET A 1752 34.12 -32.83 -0.11
C MET A 1752 32.98 -33.76 0.27
N TRP A 1753 31.84 -33.25 0.73
CA TRP A 1753 30.72 -34.18 0.97
C TRP A 1753 30.13 -34.71 -0.32
N TYR A 1754 29.92 -33.86 -1.32
CA TYR A 1754 29.36 -34.37 -2.56
C TYR A 1754 30.34 -35.28 -3.29
N MET A 1755 31.64 -34.99 -3.18
CA MET A 1755 32.62 -35.90 -3.77
C MET A 1755 32.66 -37.23 -3.02
N GLN A 1756 32.45 -37.20 -1.71
CA GLN A 1756 32.37 -38.44 -0.95
C GLN A 1756 31.18 -39.27 -1.39
N ALA A 1757 30.06 -38.63 -1.69
CA ALA A 1757 28.94 -39.37 -2.24
C ALA A 1757 29.22 -39.93 -3.63
N LEU A 1758 29.88 -39.16 -4.49
CA LEU A 1758 30.07 -39.61 -5.85
C LEU A 1758 31.06 -40.76 -5.94
N HIS A 1759 32.08 -40.78 -5.09
CA HIS A 1759 32.95 -41.94 -5.19
C HIS A 1759 32.36 -43.15 -4.48
N LEU A 1760 31.29 -42.97 -3.69
CA LEU A 1760 30.49 -44.14 -3.35
C LEU A 1760 29.72 -44.64 -4.55
N LEU A 1761 29.21 -43.74 -5.38
CA LEU A 1761 28.37 -44.22 -6.46
C LEU A 1761 29.19 -44.77 -7.63
N GLY A 1762 30.32 -44.16 -7.91
CA GLY A 1762 31.04 -44.46 -9.14
C GLY A 1762 30.58 -43.57 -10.27
N ASN A 1763 30.55 -44.13 -11.48
CA ASN A 1763 30.11 -43.38 -12.64
C ASN A 1763 28.60 -43.37 -12.76
N LYS A 1764 28.13 -42.50 -13.62
CA LYS A 1764 26.85 -42.72 -14.24
C LYS A 1764 26.96 -43.97 -15.11
N PRO A 1765 26.07 -44.94 -14.95
CA PRO A 1765 26.20 -46.18 -15.70
C PRO A 1765 25.84 -46.01 -17.16
N TYR A 1766 26.58 -46.69 -18.02
CA TYR A 1766 26.33 -46.66 -19.45
C TYR A 1766 25.48 -47.85 -19.86
N LEU A 1767 24.52 -47.59 -20.75
CA LEU A 1767 23.78 -48.65 -21.43
C LEU A 1767 23.96 -48.49 -22.92
N PRO A 1768 24.24 -49.55 -23.66
CA PRO A 1768 24.24 -49.46 -25.13
C PRO A 1768 22.84 -49.18 -25.66
N LEU A 1769 22.68 -47.99 -26.24
CA LEU A 1769 21.38 -47.59 -26.78
C LEU A 1769 21.06 -48.38 -28.06
N SER A 1770 22.08 -48.88 -28.73
CA SER A 1770 21.87 -49.84 -29.79
C SER A 1770 21.35 -51.14 -29.19
N SER A 1771 20.12 -51.50 -29.54
CA SER A 1771 19.43 -52.55 -28.83
C SER A 1771 18.91 -53.59 -29.80
N VAL A 1772 18.37 -54.67 -29.22
CA VAL A 1772 17.82 -55.76 -30.00
C VAL A 1772 16.41 -55.40 -30.49
N TRP A 1773 15.81 -54.37 -29.90
CA TRP A 1773 14.40 -54.06 -30.10
C TRP A 1773 14.11 -53.61 -31.52
N ASN A 1774 13.46 -54.49 -32.27
CA ASN A 1774 12.78 -54.15 -33.50
C ASN A 1774 11.44 -53.52 -33.10
N ASP A 1775 10.77 -52.88 -34.04
CA ASP A 1775 9.48 -52.29 -33.74
C ASP A 1775 8.39 -53.15 -34.35
N PRO A 1776 7.76 -54.04 -33.59
CA PRO A 1776 6.89 -55.05 -34.18
C PRO A 1776 5.48 -54.54 -34.38
N ARG A 1777 4.70 -55.36 -35.06
CA ARG A 1777 3.27 -55.19 -35.07
C ARG A 1777 2.72 -55.40 -33.68
N LEU A 1778 1.60 -54.73 -33.39
CA LEU A 1778 0.91 -54.93 -32.13
C LEU A 1778 0.40 -56.35 -32.00
N ASP A 1779 -0.25 -56.87 -33.04
CA ASP A 1779 -0.87 -58.19 -32.95
C ASP A 1779 0.17 -59.28 -32.87
N ASN A 1780 1.32 -59.08 -33.52
CA ASN A 1780 2.39 -60.05 -33.42
C ASN A 1780 2.99 -60.06 -32.02
N ALA A 1781 3.23 -58.87 -31.47
CA ALA A 1781 3.86 -58.79 -30.16
C ALA A 1781 2.90 -59.18 -29.04
N ALA A 1782 1.60 -59.04 -29.28
CA ALA A 1782 0.59 -59.40 -28.28
C ALA A 1782 0.15 -60.84 -28.39
N ALA A 1783 0.95 -61.70 -28.99
CA ALA A 1783 0.56 -63.09 -29.20
C ALA A 1783 0.56 -63.85 -27.89
N THR A 1784 -0.48 -64.66 -27.70
CA THR A 1784 -0.52 -65.53 -26.53
C THR A 1784 0.46 -66.70 -26.64
N THR A 1785 0.90 -67.01 -27.86
CA THR A 1785 1.91 -68.05 -28.04
C THR A 1785 3.23 -67.62 -27.42
N THR A 1786 3.56 -66.33 -27.55
CA THR A 1786 4.70 -65.74 -26.86
C THR A 1786 4.61 -65.94 -25.35
N GLN A 1787 3.42 -65.71 -24.79
CA GLN A 1787 3.23 -65.84 -23.35
C GLN A 1787 3.33 -67.29 -22.89
N LYS A 1788 2.74 -68.22 -23.66
CA LYS A 1788 2.77 -69.62 -23.27
C LYS A 1788 4.17 -70.19 -23.36
N ALA A 1789 4.91 -69.86 -24.43
CA ALA A 1789 6.30 -70.28 -24.55
C ALA A 1789 7.16 -69.62 -23.47
N HIS A 1790 6.84 -68.38 -23.10
CA HIS A 1790 7.55 -67.68 -22.05
C HIS A 1790 7.39 -68.35 -20.69
N ALA A 1791 6.15 -68.64 -20.30
CA ALA A 1791 5.88 -69.31 -19.04
C ALA A 1791 6.47 -70.72 -19.00
N TYR A 1792 6.33 -71.45 -20.11
CA TYR A 1792 6.89 -72.80 -20.18
C TYR A 1792 8.42 -72.78 -20.13
N ALA A 1793 9.04 -71.75 -20.73
CA ALA A 1793 10.48 -71.64 -20.68
C ALA A 1793 10.99 -71.32 -19.29
N ILE A 1794 10.26 -70.46 -18.56
CA ILE A 1794 10.70 -70.13 -17.20
C ILE A 1794 10.56 -71.33 -16.27
N THR A 1795 9.47 -72.08 -16.41
CA THR A 1795 9.33 -73.31 -15.62
C THR A 1795 10.37 -74.35 -16.03
N SER A 1796 10.74 -74.36 -17.31
CA SER A 1796 11.73 -75.31 -17.78
C SER A 1796 13.11 -74.99 -17.23
N LEU A 1797 13.43 -73.70 -17.14
CA LEU A 1797 14.69 -73.32 -16.52
C LEU A 1797 14.67 -73.57 -15.02
N ARG A 1798 13.49 -73.45 -14.39
CA ARG A 1798 13.41 -73.64 -12.95
C ARG A 1798 13.53 -75.11 -12.55
N GLN A 1799 12.95 -76.01 -13.35
CA GLN A 1799 12.98 -77.42 -13.00
C GLN A 1799 14.35 -78.04 -13.24
N GLY A 1800 15.05 -77.61 -14.28
CA GLY A 1800 16.37 -78.11 -14.58
C GLY A 1800 16.41 -79.30 -15.50
N THR A 1801 15.73 -79.26 -16.64
CA THR A 1801 15.46 -80.49 -17.36
C THR A 1801 15.99 -80.51 -18.79
N GLN A 1802 16.11 -79.37 -19.47
CA GLN A 1802 16.40 -79.40 -20.89
C GLN A 1802 17.83 -78.94 -21.17
N THR A 1803 18.25 -79.15 -22.42
CA THR A 1803 19.55 -78.77 -22.94
C THR A 1803 19.48 -77.36 -23.54
N PRO A 1804 20.39 -76.47 -23.16
CA PRO A 1804 20.40 -75.14 -23.77
C PRO A 1804 20.82 -75.18 -25.23
N ALA A 1805 20.10 -74.43 -26.06
CA ALA A 1805 20.35 -74.39 -27.49
C ALA A 1805 20.18 -72.96 -27.98
N LEU A 1806 20.70 -72.68 -29.17
CA LEU A 1806 20.68 -71.34 -29.74
C LEU A 1806 20.11 -71.43 -31.15
N LEU A 1807 18.82 -71.15 -31.28
CA LEU A 1807 18.13 -71.17 -32.57
C LEU A 1807 16.97 -70.20 -32.47
N LEU A 1808 16.79 -69.36 -33.51
CA LEU A 1808 15.78 -68.32 -33.53
C LEU A 1808 14.47 -68.91 -34.05
N ARG A 1809 13.90 -69.84 -33.28
CA ARG A 1809 12.56 -70.36 -33.57
C ARG A 1809 11.62 -69.96 -32.46
N SER A 1810 11.95 -70.35 -31.23
CA SER A 1810 11.24 -69.82 -30.08
C SER A 1810 11.71 -68.42 -29.74
N ALA A 1811 12.90 -68.05 -30.24
CA ALA A 1811 13.37 -66.68 -30.07
C ALA A 1811 12.61 -65.71 -30.97
N ASN A 1812 11.86 -66.22 -31.95
CA ASN A 1812 10.90 -65.39 -32.66
C ASN A 1812 9.81 -64.92 -31.70
N THR A 1813 9.41 -65.78 -30.77
CA THR A 1813 8.49 -65.36 -29.73
C THR A 1813 9.19 -64.51 -28.69
N LEU A 1814 10.36 -64.94 -28.23
CA LEU A 1814 11.03 -64.29 -27.11
C LEU A 1814 11.76 -63.01 -27.49
N THR A 1815 11.79 -62.65 -28.78
CA THR A 1815 12.35 -61.36 -29.17
C THR A 1815 11.44 -60.22 -28.75
N ASP A 1816 10.13 -60.39 -28.93
CA ASP A 1816 9.19 -59.31 -28.67
C ASP A 1816 8.85 -59.15 -27.20
N LEU A 1817 9.51 -59.86 -26.31
CA LEU A 1817 9.45 -59.52 -24.90
C LEU A 1817 10.07 -58.15 -24.68
N PHE A 1818 9.52 -57.42 -23.74
CA PHE A 1818 10.03 -56.09 -23.45
C PHE A 1818 11.29 -56.17 -22.60
N LEU A 1819 12.06 -55.14 -22.65
CA LEU A 1819 13.28 -55.14 -21.88
C LEU A 1819 13.03 -54.46 -20.54
N PRO A 1820 13.73 -54.89 -19.50
CA PRO A 1820 13.60 -54.23 -18.20
C PRO A 1820 14.32 -52.90 -18.20
N GLN A 1821 13.86 -52.00 -17.35
CA GLN A 1821 14.51 -50.71 -17.21
C GLN A 1821 15.12 -50.58 -15.83
N ILE A 1822 16.09 -49.68 -15.71
CA ILE A 1822 16.77 -49.50 -14.45
C ILE A 1822 15.97 -48.54 -13.56
N ASN A 1823 16.41 -48.45 -12.32
CA ASN A 1823 15.68 -47.71 -11.29
C ASN A 1823 15.76 -46.21 -11.56
N ASP A 1824 14.61 -45.57 -11.74
CA ASP A 1824 14.55 -44.15 -12.05
C ASP A 1824 14.89 -43.32 -10.82
N VAL A 1825 14.44 -43.76 -9.64
CA VAL A 1825 14.71 -43.03 -8.41
C VAL A 1825 16.20 -43.04 -8.12
N MET A 1826 16.85 -44.15 -8.37
CA MET A 1826 18.30 -44.21 -8.22
C MET A 1826 19.00 -43.40 -9.30
N LEU A 1827 18.41 -43.36 -10.50
CA LEU A 1827 18.97 -42.55 -11.57
C LEU A 1827 18.90 -41.07 -11.27
N SER A 1828 17.93 -40.65 -10.46
CA SER A 1828 17.80 -39.25 -10.08
C SER A 1828 19.00 -38.75 -9.29
N TYR A 1829 19.67 -39.62 -8.55
CA TYR A 1829 20.73 -39.17 -7.67
C TYR A 1829 21.96 -38.71 -8.44
N TRP A 1830 22.30 -39.38 -9.54
CA TRP A 1830 23.44 -38.92 -10.34
C TRP A 1830 23.20 -37.55 -10.92
N ASN A 1831 22.00 -37.31 -11.45
CA ASN A 1831 21.69 -36.00 -11.99
C ASN A 1831 21.65 -34.95 -10.89
N LYS A 1832 21.15 -35.32 -9.73
CA LYS A 1832 20.98 -34.34 -8.66
C LYS A 1832 22.33 -33.95 -8.07
N LEU A 1833 23.18 -34.94 -7.75
CA LEU A 1833 24.51 -34.65 -7.27
C LEU A 1833 25.38 -33.98 -8.31
N GLU A 1834 25.26 -34.39 -9.57
CA GLU A 1834 26.02 -33.77 -10.64
C GLU A 1834 25.64 -32.32 -10.83
N LEU A 1835 24.36 -31.98 -10.65
CA LEU A 1835 23.94 -30.60 -10.81
C LEU A 1835 24.38 -29.75 -9.63
N ARG A 1836 24.25 -30.28 -8.40
CA ARG A 1836 24.74 -29.59 -7.21
C ARG A 1836 26.23 -29.32 -7.33
N LEU A 1837 26.98 -30.30 -7.80
CA LEU A 1837 28.42 -30.15 -7.88
C LEU A 1837 28.81 -29.27 -9.07
N TYR A 1838 27.97 -29.22 -10.10
CA TYR A 1838 28.18 -28.28 -11.18
C TYR A 1838 28.00 -26.85 -10.71
N ASN A 1839 27.00 -26.60 -9.87
CA ASN A 1839 26.88 -25.29 -9.25
C ASN A 1839 28.03 -25.01 -8.30
N LEU A 1840 28.62 -26.03 -7.69
CA LEU A 1840 29.85 -25.81 -6.94
C LEU A 1840 31.02 -25.42 -7.82
N ARG A 1841 31.15 -26.02 -9.01
CA ARG A 1841 32.36 -25.83 -9.78
C ARG A 1841 32.42 -24.44 -10.41
N HIS A 1842 31.28 -23.88 -10.75
CA HIS A 1842 31.26 -22.47 -11.04
C HIS A 1842 30.87 -21.75 -9.78
N ASN A 1843 30.61 -20.46 -9.87
CA ASN A 1843 30.38 -19.72 -8.65
C ASN A 1843 28.91 -19.46 -8.40
N LEU A 1844 28.05 -20.40 -8.75
CA LEU A 1844 26.62 -20.19 -8.61
C LEU A 1844 26.15 -20.53 -7.20
N SER A 1845 24.88 -20.27 -6.96
CA SER A 1845 24.21 -20.65 -5.72
C SER A 1845 23.58 -22.04 -5.88
N ILE A 1846 22.71 -22.38 -4.94
CA ILE A 1846 21.91 -23.58 -5.13
C ILE A 1846 20.79 -23.31 -6.12
N ASP A 1847 20.37 -22.06 -6.23
CA ASP A 1847 19.32 -21.70 -7.16
C ASP A 1847 19.85 -21.14 -8.46
N GLY A 1848 21.15 -21.19 -8.68
CA GLY A 1848 21.74 -20.75 -9.92
C GLY A 1848 21.89 -19.24 -10.04
N GLN A 1849 21.53 -18.49 -9.02
CA GLN A 1849 21.81 -17.07 -9.01
C GLN A 1849 23.31 -16.87 -8.85
N PRO A 1850 23.98 -16.17 -9.76
CA PRO A 1850 25.43 -15.99 -9.63
C PRO A 1850 25.78 -15.09 -8.46
N LEU A 1851 26.88 -15.40 -7.79
CA LEU A 1851 27.34 -14.54 -6.71
C LEU A 1851 27.91 -13.24 -7.25
N HIS A 1852 28.55 -13.28 -8.42
CA HIS A 1852 29.09 -12.07 -9.00
C HIS A 1852 27.99 -11.25 -9.64
N LEU A 1853 28.14 -9.95 -9.57
CA LEU A 1853 27.20 -9.06 -10.22
C LEU A 1853 27.69 -8.73 -11.63
N PRO A 1854 26.79 -8.62 -12.61
CA PRO A 1854 27.24 -8.47 -14.00
C PRO A 1854 27.82 -7.09 -14.25
N ILE A 1855 28.75 -7.04 -15.20
CA ILE A 1855 29.40 -5.78 -15.55
C ILE A 1855 28.43 -4.95 -16.37
N TYR A 1856 28.59 -3.63 -16.29
CA TYR A 1856 27.68 -2.68 -16.92
C TYR A 1856 28.36 -2.04 -18.12
N ALA A 1857 27.66 -2.00 -19.25
CA ALA A 1857 28.24 -1.51 -20.48
C ALA A 1857 28.33 0.01 -20.48
N THR A 1858 29.35 0.51 -21.19
CA THR A 1858 29.57 1.91 -21.43
C THR A 1858 28.96 2.31 -22.76
N PRO A 1859 28.08 3.31 -22.79
CA PRO A 1859 27.41 3.67 -24.04
C PRO A 1859 28.36 4.31 -25.05
N ALA A 1860 27.98 4.19 -26.32
CA ALA A 1860 28.83 4.60 -27.42
C ALA A 1860 28.93 6.12 -27.50
N ASP A 1861 29.96 6.60 -28.18
CA ASP A 1861 30.14 8.04 -28.30
C ASP A 1861 29.40 8.54 -29.55
N PRO A 1862 28.61 9.60 -29.42
CA PRO A 1862 27.89 10.12 -30.59
C PRO A 1862 28.81 10.91 -31.51
N LYS A 1863 28.49 10.89 -32.80
CA LYS A 1863 29.29 11.63 -33.76
C LYS A 1863 28.89 13.09 -33.80
N ALA A 1864 29.88 13.95 -34.04
CA ALA A 1864 29.69 15.39 -34.14
C ALA A 1864 29.63 15.75 -35.62
N LEU A 1865 28.43 15.98 -36.12
CA LEU A 1865 28.23 16.33 -37.52
C LEU A 1865 28.82 17.69 -37.82
N LEU A 1866 29.69 17.75 -38.82
CA LEU A 1866 30.44 18.96 -39.11
C LEU A 1866 30.27 19.29 -40.58
N SER A 1867 30.05 20.56 -40.88
CA SER A 1867 29.91 21.04 -42.23
C SER A 1867 31.17 21.80 -42.64
N ALA A 1868 31.47 21.76 -43.93
CA ALA A 1868 32.59 22.49 -44.49
C ALA A 1868 32.03 23.56 -45.42
N ALA A 1869 32.48 24.80 -45.23
CA ALA A 1869 32.05 25.93 -46.04
C ALA A 1869 33.27 26.48 -46.77
N VAL A 1870 33.27 26.33 -48.10
CA VAL A 1870 34.38 26.79 -48.92
C VAL A 1870 33.85 27.81 -49.91
N ALA A 1871 34.77 28.59 -50.49
CA ALA A 1871 34.41 29.60 -51.47
C ALA A 1871 35.18 29.35 -52.76
N THR A 1872 34.64 29.87 -53.86
CA THR A 1872 35.22 29.68 -55.18
C THR A 1872 35.73 31.01 -55.73
N SER A 1873 36.61 30.92 -56.73
CA SER A 1873 37.21 32.08 -57.34
C SER A 1873 36.89 32.11 -58.83
N GLN A 1874 35.94 32.95 -59.21
CA GLN A 1874 35.63 33.20 -60.61
C GLN A 1874 36.52 34.33 -61.12
N GLY A 1875 36.96 34.19 -62.36
CA GLY A 1875 37.87 35.19 -62.93
C GLY A 1875 37.12 36.43 -63.37
N GLY A 1876 37.74 37.58 -63.21
CA GLY A 1876 37.09 38.84 -63.56
C GLY A 1876 37.09 39.08 -65.05
N GLY A 1877 36.12 39.88 -65.51
CA GLY A 1877 36.05 40.21 -66.91
C GLY A 1877 36.93 41.38 -67.28
N LYS A 1878 37.46 41.30 -68.50
CA LYS A 1878 38.29 42.36 -69.06
C LYS A 1878 37.40 43.37 -69.77
N LEU A 1879 38.02 44.34 -70.43
CA LEU A 1879 37.24 45.41 -71.03
C LEU A 1879 36.97 45.13 -72.51
N PRO A 1880 35.85 45.60 -73.03
CA PRO A 1880 35.64 45.60 -74.48
C PRO A 1880 36.47 46.66 -75.18
N GLU A 1881 36.30 46.73 -76.49
CA GLU A 1881 37.16 47.57 -77.31
C GLU A 1881 36.68 49.01 -77.29
N SER A 1882 37.63 49.93 -77.30
CA SER A 1882 37.32 51.36 -77.39
C SER A 1882 36.76 51.70 -78.77
N PHE A 1883 35.49 52.04 -78.82
CA PHE A 1883 34.85 52.51 -80.03
C PHE A 1883 34.52 53.99 -79.90
N ILE A 1884 35.05 54.79 -80.82
CA ILE A 1884 34.96 56.24 -80.75
C ILE A 1884 33.60 56.63 -81.31
N SER A 1885 33.07 57.77 -80.87
CA SER A 1885 31.78 58.24 -81.34
C SER A 1885 31.88 59.66 -81.89
N LEU A 1886 30.72 60.19 -82.26
CA LEU A 1886 30.66 61.54 -82.82
C LEU A 1886 30.57 62.59 -81.72
N TRP A 1887 30.04 62.21 -80.57
CA TRP A 1887 29.60 63.21 -79.62
C TRP A 1887 30.77 63.78 -78.83
N ARG A 1888 30.60 65.01 -78.36
CA ARG A 1888 31.54 65.58 -77.42
C ARG A 1888 31.33 65.01 -76.03
N PHE A 1889 32.05 65.57 -75.07
CA PHE A 1889 32.08 64.97 -73.75
C PHE A 1889 30.79 65.08 -72.95
N PRO A 1890 30.12 66.25 -72.79
CA PRO A 1890 29.01 66.29 -71.83
C PRO A 1890 27.78 65.50 -72.25
N HIS A 1891 27.48 65.42 -73.54
CA HIS A 1891 26.32 64.66 -73.98
C HIS A 1891 26.52 63.18 -73.76
N MET A 1892 27.70 62.67 -74.10
CA MET A 1892 28.00 61.26 -73.88
C MET A 1892 28.08 60.96 -72.39
N LEU A 1893 28.53 61.93 -71.59
CA LEU A 1893 28.58 61.75 -70.15
C LEU A 1893 27.19 61.63 -69.55
N GLU A 1894 26.29 62.53 -69.93
CA GLU A 1894 24.92 62.47 -69.43
C GLU A 1894 24.21 61.21 -69.89
N ASN A 1895 24.48 60.79 -71.13
CA ASN A 1895 23.90 59.56 -71.66
C ASN A 1895 24.35 58.35 -70.84
N ALA A 1896 25.65 58.26 -70.56
CA ALA A 1896 26.16 57.15 -69.76
C ALA A 1896 25.65 57.22 -68.33
N ARG A 1897 25.40 58.43 -67.82
CA ARG A 1897 24.87 58.57 -66.48
C ARG A 1897 23.45 58.02 -66.38
N SER A 1898 22.64 58.27 -67.41
CA SER A 1898 21.31 57.67 -67.48
C SER A 1898 21.38 56.16 -67.53
N MET A 1899 22.35 55.62 -68.28
CA MET A 1899 22.53 54.18 -68.33
C MET A 1899 22.91 53.61 -66.97
N VAL A 1900 23.78 54.31 -66.25
CA VAL A 1900 24.27 53.81 -64.97
C VAL A 1900 23.16 53.80 -63.92
N THR A 1901 22.31 54.84 -63.92
CA THR A 1901 21.24 54.85 -62.93
C THR A 1901 20.15 53.84 -63.28
N GLN A 1902 19.99 53.54 -64.57
CA GLN A 1902 19.12 52.43 -64.94
C GLN A 1902 19.67 51.11 -64.40
N LEU A 1903 20.98 50.93 -64.51
CA LEU A 1903 21.62 49.71 -64.04
C LEU A 1903 21.51 49.57 -62.52
N ILE A 1904 21.57 50.69 -61.81
CA ILE A 1904 21.53 50.59 -60.35
C ILE A 1904 20.09 50.30 -59.89
N GLN A 1905 19.09 50.69 -60.69
CA GLN A 1905 17.73 50.23 -60.44
C GLN A 1905 17.60 48.72 -60.59
N PHE A 1906 18.24 48.17 -61.63
CA PHE A 1906 18.23 46.71 -61.79
C PHE A 1906 18.91 46.01 -60.62
N GLY A 1907 20.00 46.61 -60.11
CA GLY A 1907 20.71 46.01 -58.99
C GLY A 1907 19.87 45.95 -57.72
N SER A 1908 19.10 47.02 -57.45
CA SER A 1908 18.21 47.00 -56.29
C SER A 1908 17.13 45.93 -56.42
N THR A 1909 16.55 45.81 -57.62
CA THR A 1909 15.53 44.80 -57.84
C THR A 1909 16.08 43.38 -57.66
N LEU A 1910 17.31 43.16 -58.12
CA LEU A 1910 17.91 41.82 -58.00
C LEU A 1910 18.21 41.47 -56.56
N GLN A 1911 18.65 42.45 -55.77
CA GLN A 1911 18.89 42.22 -54.35
C GLN A 1911 17.61 41.80 -53.62
N ASN A 1912 16.52 42.51 -53.90
CA ASN A 1912 15.24 42.17 -53.27
C ASN A 1912 14.77 40.76 -53.65
N ILE A 1913 14.95 40.40 -54.92
CA ILE A 1913 14.52 39.09 -55.40
C ILE A 1913 15.31 37.96 -54.74
N ILE A 1914 16.62 38.15 -54.58
CA ILE A 1914 17.45 37.10 -53.96
C ILE A 1914 17.06 36.87 -52.51
N GLU A 1915 16.88 37.96 -51.75
CA GLU A 1915 16.51 37.79 -50.34
C GLU A 1915 15.13 37.17 -50.21
N ARG A 1916 14.24 37.48 -51.15
CA ARG A 1916 12.90 36.92 -51.08
C ARG A 1916 12.89 35.42 -51.36
N GLN A 1917 13.67 34.96 -52.34
CA GLN A 1917 13.64 33.53 -52.64
C GLN A 1917 14.31 32.73 -51.53
N ASP A 1918 15.28 33.33 -50.84
CA ASP A 1918 15.90 32.61 -49.73
C ASP A 1918 14.93 32.46 -48.57
N ALA A 1919 14.13 33.50 -48.32
CA ALA A 1919 13.09 33.39 -47.29
C ALA A 1919 12.07 32.30 -47.64
N GLU A 1920 11.71 32.19 -48.92
CA GLU A 1920 10.71 31.20 -49.30
C GLU A 1920 11.23 29.77 -49.16
N SER A 1921 12.49 29.54 -49.55
CA SER A 1921 13.06 28.21 -49.43
C SER A 1921 13.18 27.79 -47.96
N LEU A 1922 13.54 28.75 -47.09
CA LEU A 1922 13.61 28.47 -45.67
C LEU A 1922 12.25 28.08 -45.10
N ASN A 1923 11.20 28.75 -45.57
CA ASN A 1923 9.84 28.43 -45.13
C ASN A 1923 9.43 27.01 -45.50
N ALA A 1924 9.72 26.59 -46.74
CA ALA A 1924 9.35 25.25 -47.17
C ALA A 1924 10.10 24.17 -46.38
N LEU A 1925 11.37 24.46 -46.04
CA LEU A 1925 12.15 23.54 -45.22
C LEU A 1925 11.55 23.35 -43.83
N LEU A 1926 11.11 24.46 -43.22
CA LEU A 1926 10.45 24.38 -41.91
C LEU A 1926 9.18 23.53 -41.96
N GLN A 1927 8.42 23.64 -43.05
CA GLN A 1927 7.19 22.87 -43.16
C GLN A 1927 7.46 21.37 -43.22
N ASN A 1928 8.45 20.95 -44.02
CA ASN A 1928 8.73 19.52 -44.12
C ASN A 1928 9.21 18.93 -42.79
N GLN A 1929 10.00 19.71 -42.05
CA GLN A 1929 10.47 19.23 -40.76
C GLN A 1929 9.33 19.10 -39.75
N ALA A 1930 8.34 20.00 -39.84
CA ALA A 1930 7.14 19.88 -39.01
C ALA A 1930 6.37 18.60 -39.33
N LYS A 1931 6.35 18.21 -40.60
CA LYS A 1931 5.66 16.98 -40.99
C LYS A 1931 6.28 15.74 -40.35
N GLU A 1932 7.61 15.65 -40.39
CA GLU A 1932 8.29 14.52 -39.75
C GLU A 1932 8.04 14.47 -38.24
N LEU A 1933 8.06 15.64 -37.60
CA LEU A 1933 7.86 15.68 -36.16
C LEU A 1933 6.46 15.23 -35.75
N ILE A 1934 5.45 15.57 -36.56
CA ILE A 1934 4.09 15.19 -36.19
C ILE A 1934 3.89 13.68 -36.39
N LEU A 1935 4.65 13.07 -37.31
CA LEU A 1935 4.62 11.59 -37.42
C LEU A 1935 5.12 10.92 -36.15
N THR A 1936 6.25 11.41 -35.62
CA THR A 1936 6.81 10.84 -34.40
C THR A 1936 5.85 10.96 -33.21
N THR A 1937 5.22 12.14 -33.06
CA THR A 1937 4.30 12.32 -31.94
C THR A 1937 3.04 11.45 -32.06
N LEU A 1938 2.61 11.13 -33.30
CA LEU A 1938 1.53 10.17 -33.47
C LEU A 1938 1.88 8.79 -32.96
N SER A 1939 3.09 8.31 -33.29
CA SER A 1939 3.51 6.99 -32.79
C SER A 1939 3.57 6.95 -31.27
N ILE A 1940 4.02 8.05 -30.66
CA ILE A 1940 4.11 8.11 -29.19
C ILE A 1940 2.72 8.06 -28.56
N GLN A 1941 1.74 8.70 -29.19
CA GLN A 1941 0.38 8.66 -28.65
C GLN A 1941 -0.22 7.24 -28.74
N ASP A 1942 0.13 6.51 -29.80
CA ASP A 1942 -0.30 5.11 -29.91
C ASP A 1942 0.25 4.26 -28.78
N LYS A 1943 1.53 4.44 -28.45
CA LYS A 1943 2.11 3.68 -27.34
C LYS A 1943 1.47 4.07 -26.00
N THR A 1944 1.03 5.32 -25.87
CA THR A 1944 0.31 5.74 -24.66
C THR A 1944 -1.00 4.97 -24.48
N ILE A 1945 -1.77 4.84 -25.56
CA ILE A 1945 -3.03 4.10 -25.47
C ILE A 1945 -2.79 2.62 -25.17
N GLU A 1946 -1.71 2.05 -25.73
CA GLU A 1946 -1.35 0.67 -25.42
C GLU A 1946 -1.02 0.48 -23.93
N GLU A 1947 -0.31 1.45 -23.35
CA GLU A 1947 -0.05 1.45 -21.91
C GLU A 1947 -1.35 1.43 -21.10
N ILE A 1948 -2.33 2.23 -21.52
CA ILE A 1948 -3.55 2.35 -20.71
C ILE A 1948 -4.37 1.05 -20.80
N ASP A 1949 -4.20 0.30 -21.90
CA ASP A 1949 -4.82 -1.02 -21.97
C ASP A 1949 -4.13 -2.01 -21.03
N ALA A 1950 -2.80 -1.92 -20.92
CA ALA A 1950 -2.10 -2.78 -19.97
C ALA A 1950 -2.50 -2.48 -18.53
N GLU A 1951 -2.83 -1.22 -18.24
CA GLU A 1951 -3.33 -0.89 -16.91
C GLU A 1951 -4.70 -1.48 -16.65
N LYS A 1952 -5.54 -1.54 -17.68
CA LYS A 1952 -6.82 -2.23 -17.52
C LYS A 1952 -6.61 -3.70 -17.23
N THR A 1953 -5.56 -4.29 -17.80
CA THR A 1953 -5.24 -5.69 -17.48
C THR A 1953 -4.80 -5.87 -16.03
N VAL A 1954 -4.00 -4.95 -15.50
CA VAL A 1954 -3.55 -5.15 -14.11
C VAL A 1954 -4.71 -4.96 -13.14
N LEU A 1955 -5.68 -4.13 -13.49
CA LEU A 1955 -6.84 -4.03 -12.61
C LEU A 1955 -7.75 -5.25 -12.73
N GLU A 1956 -7.77 -5.88 -13.92
CA GLU A 1956 -8.44 -7.18 -14.03
C GLU A 1956 -7.85 -8.21 -13.10
N LYS A 1957 -6.52 -8.24 -12.99
CA LYS A 1957 -5.86 -9.22 -12.12
C LYS A 1957 -6.20 -8.97 -10.65
N SER A 1958 -6.12 -7.72 -10.20
CA SER A 1958 -6.44 -7.42 -8.81
C SER A 1958 -7.90 -7.69 -8.48
N LYS A 1959 -8.79 -7.40 -9.44
CA LYS A 1959 -10.21 -7.68 -9.29
C LYS A 1959 -10.47 -9.17 -9.12
N ALA A 1960 -9.77 -10.00 -9.91
CA ALA A 1960 -9.96 -11.45 -9.79
C ALA A 1960 -9.47 -11.97 -8.44
N GLY A 1961 -8.34 -11.43 -7.95
CA GLY A 1961 -7.85 -11.86 -6.64
C GLY A 1961 -8.79 -11.51 -5.49
N ALA A 1962 -9.33 -10.27 -5.51
CA ALA A 1962 -10.28 -9.88 -4.48
C ALA A 1962 -11.58 -10.65 -4.58
N LYS A 1963 -11.98 -11.02 -5.81
CA LYS A 1963 -13.19 -11.81 -5.98
C LYS A 1963 -13.02 -13.21 -5.40
N SER A 1964 -11.82 -13.80 -5.56
CA SER A 1964 -11.55 -15.10 -4.97
C SER A 1964 -11.59 -15.07 -3.46
N ARG A 1965 -10.96 -14.04 -2.86
CA ARG A 1965 -11.05 -13.87 -1.42
C ARG A 1965 -12.48 -13.72 -0.93
N PHE A 1966 -13.29 -12.94 -1.66
CA PHE A 1966 -14.66 -12.70 -1.24
C PHE A 1966 -15.49 -13.97 -1.26
N ASP A 1967 -15.38 -14.73 -2.34
CA ASP A 1967 -16.15 -15.96 -2.44
C ASP A 1967 -15.69 -16.99 -1.42
N ASN A 1968 -14.39 -17.04 -1.14
CA ASN A 1968 -13.90 -18.06 -0.23
C ASN A 1968 -14.28 -17.75 1.21
N TYR A 1969 -14.18 -16.48 1.61
CA TYR A 1969 -14.61 -16.14 2.96
C TYR A 1969 -16.13 -16.23 3.11
N SER A 1970 -16.88 -15.94 2.05
CA SER A 1970 -18.33 -16.08 2.13
C SER A 1970 -18.71 -17.55 2.28
N LYS A 1971 -17.97 -18.44 1.62
CA LYS A 1971 -18.22 -19.87 1.79
C LYS A 1971 -17.91 -20.33 3.20
N LEU A 1972 -16.78 -19.91 3.75
CA LEU A 1972 -16.44 -20.37 5.09
C LEU A 1972 -17.25 -19.67 6.17
N TYR A 1973 -17.92 -18.58 5.80
CA TYR A 1973 -18.81 -17.93 6.73
C TYR A 1973 -20.17 -18.59 6.77
N ASP A 1974 -20.72 -18.91 5.59
CA ASP A 1974 -22.09 -19.43 5.58
C ASP A 1974 -22.13 -20.89 5.99
N GLU A 1975 -21.07 -21.63 5.69
CA GLU A 1975 -20.90 -22.96 6.28
C GLU A 1975 -20.23 -22.76 7.63
N ASP A 1976 -21.07 -22.48 8.62
CA ASP A 1976 -20.62 -21.86 9.86
C ASP A 1976 -19.89 -22.84 10.76
N VAL A 1977 -20.41 -24.05 10.91
CA VAL A 1977 -19.76 -25.09 11.68
C VAL A 1977 -19.78 -26.38 10.87
N ASN A 1978 -18.77 -27.23 11.08
CA ASN A 1978 -18.68 -28.45 10.31
C ASN A 1978 -19.60 -29.52 10.88
N ALA A 1979 -19.49 -30.71 10.31
CA ALA A 1979 -20.14 -31.86 10.93
C ALA A 1979 -19.43 -32.28 12.19
N GLY A 1980 -18.09 -32.37 12.14
CA GLY A 1980 -17.34 -32.89 13.26
C GLY A 1980 -17.34 -31.94 14.45
N GLU A 1981 -17.48 -30.65 14.20
CA GLU A 1981 -17.60 -29.69 15.28
C GLU A 1981 -18.91 -29.90 16.03
N ARG A 1982 -19.99 -30.14 15.29
CA ARG A 1982 -21.25 -30.48 15.93
C ARG A 1982 -21.17 -31.85 16.60
N GLN A 1983 -20.33 -32.74 16.09
CA GLN A 1983 -20.10 -34.01 16.78
C GLN A 1983 -19.37 -33.79 18.09
N ALA A 1984 -18.46 -32.83 18.14
CA ALA A 1984 -17.79 -32.51 19.40
C ALA A 1984 -18.76 -31.97 20.42
N LEU A 1985 -19.67 -31.09 19.99
CA LEU A 1985 -20.73 -30.63 20.88
C LEU A 1985 -21.66 -31.77 21.28
N ASP A 1986 -21.82 -32.77 20.43
CA ASP A 1986 -22.65 -33.91 20.79
C ASP A 1986 -21.95 -34.77 21.84
N MET A 1987 -20.64 -34.97 21.71
CA MET A 1987 -19.93 -35.81 22.66
C MET A 1987 -19.86 -35.17 24.03
N ARG A 1988 -19.69 -33.84 24.08
CA ARG A 1988 -19.70 -33.16 25.37
C ARG A 1988 -21.04 -33.28 26.07
N ILE A 1989 -22.13 -33.14 25.32
CA ILE A 1989 -23.44 -33.18 25.95
C ILE A 1989 -23.83 -34.61 26.27
N ALA A 1990 -23.25 -35.58 25.56
CA ALA A 1990 -23.43 -36.97 25.95
C ALA A 1990 -22.71 -37.26 27.26
N SER A 1991 -21.53 -36.67 27.44
CA SER A 1991 -20.82 -36.84 28.71
C SER A 1991 -21.57 -36.18 29.86
N GLN A 1992 -22.17 -35.01 29.59
CA GLN A 1992 -23.01 -34.35 30.59
C GLN A 1992 -24.23 -35.19 30.93
N SER A 1993 -24.82 -35.84 29.93
CA SER A 1993 -25.97 -36.69 30.22
C SER A 1993 -25.55 -37.97 30.94
N ILE A 1994 -24.31 -38.39 30.75
CA ILE A 1994 -23.91 -39.67 31.31
C ILE A 1994 -23.31 -39.49 32.70
N THR A 1995 -23.02 -38.25 33.09
CA THR A 1995 -22.68 -38.04 34.50
C THR A 1995 -23.95 -38.10 35.34
N SER A 1996 -25.10 -37.81 34.73
CA SER A 1996 -26.38 -38.51 34.98
C SER A 1996 -26.94 -38.33 36.39
N GLY A 1997 -26.27 -37.53 37.21
CA GLY A 1997 -26.45 -37.66 38.65
C GLY A 1997 -26.02 -39.05 39.07
N LEU A 1998 -24.76 -39.40 38.77
CA LEU A 1998 -24.25 -40.72 39.06
C LEU A 1998 -24.03 -40.92 40.56
N LYS A 1999 -24.10 -39.84 41.33
CA LYS A 1999 -24.02 -39.93 42.78
C LYS A 1999 -25.18 -40.72 43.35
N GLY A 2000 -26.32 -40.76 42.65
CA GLY A 2000 -27.37 -41.70 43.00
C GLY A 2000 -26.92 -43.15 42.87
N LEU A 2001 -26.09 -43.42 41.85
CA LEU A 2001 -25.63 -44.78 41.66
C LEU A 2001 -24.59 -45.17 42.70
N HIS A 2002 -23.76 -44.21 43.12
CA HIS A 2002 -22.91 -44.47 44.29
C HIS A 2002 -23.71 -44.66 45.57
N MET A 2003 -24.75 -43.85 45.77
CA MET A 2003 -25.52 -43.96 47.01
C MET A 2003 -26.32 -45.25 47.06
N ALA A 2004 -26.60 -45.84 45.90
CA ALA A 2004 -27.15 -47.19 45.85
C ALA A 2004 -26.21 -48.18 46.54
N ALA A 2005 -24.92 -48.14 46.21
CA ALA A 2005 -23.96 -49.03 46.85
C ALA A 2005 -23.76 -48.71 48.32
N ALA A 2006 -23.75 -47.42 48.65
CA ALA A 2006 -23.55 -47.02 50.04
C ALA A 2006 -24.72 -47.46 50.91
N ALA A 2007 -25.95 -47.33 50.40
CA ALA A 2007 -27.09 -47.84 51.15
C ALA A 2007 -27.11 -49.35 51.17
N LEU A 2008 -26.54 -49.99 50.14
CA LEU A 2008 -26.60 -51.44 50.07
C LEU A 2008 -25.55 -52.07 50.97
N GLU A 2009 -24.58 -51.29 51.42
CA GLU A 2009 -23.54 -51.86 52.28
C GLU A 2009 -23.68 -51.52 53.75
N MET A 2010 -24.88 -51.24 54.26
CA MET A 2010 -24.99 -50.90 55.67
C MET A 2010 -25.07 -52.13 56.56
N VAL A 2011 -25.57 -53.23 56.02
CA VAL A 2011 -25.95 -54.37 56.86
C VAL A 2011 -24.71 -55.11 57.31
N PRO A 2012 -24.71 -55.73 58.49
CA PRO A 2012 -23.57 -56.54 58.90
C PRO A 2012 -23.51 -57.81 58.08
N ASN A 2013 -22.30 -58.18 57.66
CA ASN A 2013 -22.17 -59.33 56.80
C ASN A 2013 -21.52 -60.52 57.50
N ILE A 2014 -20.69 -60.29 58.50
CA ILE A 2014 -20.15 -61.40 59.25
C ILE A 2014 -21.21 -61.94 60.20
N TYR A 2015 -21.62 -63.18 59.98
CA TYR A 2015 -22.62 -63.78 60.87
C TYR A 2015 -22.03 -64.91 61.67
N GLY A 2016 -22.79 -65.41 62.63
CA GLY A 2016 -22.31 -66.45 63.50
C GLY A 2016 -21.97 -65.88 64.86
N PHE A 2017 -20.73 -66.09 65.30
CA PHE A 2017 -20.31 -65.58 66.59
C PHE A 2017 -19.91 -64.11 66.48
N ALA A 2018 -18.96 -63.81 65.61
CA ALA A 2018 -18.63 -62.43 65.33
C ALA A 2018 -19.80 -61.76 64.64
N VAL A 2019 -20.35 -60.74 65.29
CA VAL A 2019 -21.53 -60.07 64.74
C VAL A 2019 -21.14 -58.62 64.46
N GLY A 2020 -21.56 -58.11 63.31
CA GLY A 2020 -21.18 -56.76 62.96
C GLY A 2020 -20.29 -56.77 61.73
N GLY A 2021 -19.21 -56.01 61.80
CA GLY A 2021 -18.28 -55.94 60.69
C GLY A 2021 -18.70 -55.01 59.58
N THR A 2022 -19.84 -54.35 59.70
CA THR A 2022 -20.29 -53.45 58.66
C THR A 2022 -19.48 -52.17 58.66
N ARG A 2023 -19.32 -51.59 57.48
CA ARG A 2023 -18.86 -50.22 57.39
C ARG A 2023 -19.94 -49.30 57.96
N TYR A 2024 -19.52 -48.19 58.53
CA TYR A 2024 -20.48 -47.16 58.90
C TYR A 2024 -20.35 -45.93 58.04
N GLY A 2025 -19.16 -45.63 57.54
CA GLY A 2025 -18.94 -44.46 56.74
C GLY A 2025 -19.08 -44.63 55.27
N ALA A 2026 -19.94 -45.54 54.81
CA ALA A 2026 -20.19 -45.66 53.38
C ALA A 2026 -20.98 -44.46 52.87
N ILE A 2027 -21.82 -43.90 53.74
CA ILE A 2027 -22.71 -42.82 53.36
C ILE A 2027 -21.92 -41.56 53.05
N ALA A 2028 -21.12 -41.11 54.01
CA ALA A 2028 -20.37 -39.88 53.84
C ALA A 2028 -19.32 -40.01 52.75
N ASN A 2029 -18.80 -41.22 52.56
CA ASN A 2029 -17.87 -41.46 51.47
C ASN A 2029 -18.57 -41.33 50.12
N ALA A 2030 -19.83 -41.77 50.04
CA ALA A 2030 -20.57 -41.62 48.80
C ALA A 2030 -20.94 -40.17 48.55
N ILE A 2031 -21.29 -39.43 49.62
CA ILE A 2031 -21.55 -38.01 49.47
C ILE A 2031 -20.28 -37.28 49.04
N ALA A 2032 -19.13 -37.75 49.51
CA ALA A 2032 -17.86 -37.15 49.10
C ALA A 2032 -17.58 -37.38 47.62
N ILE A 2033 -17.75 -38.61 47.15
CA ILE A 2033 -17.44 -38.88 45.75
C ILE A 2033 -18.49 -38.22 44.84
N GLY A 2034 -19.70 -38.02 45.35
CA GLY A 2034 -20.69 -37.25 44.60
C GLY A 2034 -20.32 -35.77 44.51
N GLY A 2035 -19.81 -35.22 45.61
CA GLY A 2035 -19.37 -33.82 45.58
C GLY A 2035 -18.20 -33.61 44.65
N GLY A 2036 -17.34 -34.63 44.51
CA GLY A 2036 -16.30 -34.55 43.50
C GLY A 2036 -16.84 -34.64 42.09
N ILE A 2037 -17.80 -35.54 41.86
CA ILE A 2037 -18.23 -35.80 40.49
C ILE A 2037 -19.09 -34.65 39.97
N ALA A 2038 -19.73 -33.90 40.88
CA ALA A 2038 -20.49 -32.73 40.45
C ALA A 2038 -19.56 -31.62 39.96
N ALA A 2039 -18.43 -31.43 40.64
CA ALA A 2039 -17.45 -30.44 40.22
C ALA A 2039 -16.84 -30.81 38.88
N GLU A 2040 -16.59 -32.11 38.67
CA GLU A 2040 -16.04 -32.53 37.38
C GLU A 2040 -17.05 -32.31 36.25
N GLY A 2041 -18.33 -32.56 36.52
CA GLY A 2041 -19.36 -32.26 35.53
C GLY A 2041 -19.47 -30.78 35.20
N LEU A 2042 -19.33 -29.92 36.21
CA LEU A 2042 -19.35 -28.49 35.95
C LEU A 2042 -18.14 -28.04 35.14
N LEU A 2043 -16.99 -28.67 35.35
CA LEU A 2043 -15.83 -28.32 34.52
C LEU A 2043 -16.03 -28.75 33.07
N ILE A 2044 -16.69 -29.90 32.86
CA ILE A 2044 -17.02 -30.35 31.50
C ILE A 2044 -17.93 -29.34 30.81
N GLU A 2045 -18.95 -28.87 31.52
CA GLU A 2045 -19.88 -27.92 30.94
C GLU A 2045 -19.21 -26.57 30.67
N ALA A 2046 -18.26 -26.19 31.52
CA ALA A 2046 -17.49 -24.96 31.29
C ALA A 2046 -16.65 -25.05 30.02
N GLU A 2047 -16.02 -26.21 29.79
CA GLU A 2047 -15.23 -26.37 28.58
C GLU A 2047 -16.10 -26.34 27.33
N LYS A 2048 -17.31 -26.92 27.42
CA LYS A 2048 -18.22 -26.90 26.28
C LYS A 2048 -18.64 -25.48 25.91
N VAL A 2049 -19.04 -24.69 26.92
CA VAL A 2049 -19.53 -23.36 26.60
C VAL A 2049 -18.39 -22.45 26.15
N SER A 2050 -17.17 -22.69 26.64
CA SER A 2050 -16.03 -21.90 26.18
C SER A 2050 -15.69 -22.21 24.73
N GLN A 2051 -15.80 -23.48 24.34
CA GLN A 2051 -15.54 -23.82 22.95
C GLN A 2051 -16.57 -23.22 22.02
N SER A 2052 -17.84 -23.19 22.44
CA SER A 2052 -18.86 -22.54 21.62
C SER A 2052 -18.60 -21.04 21.47
N GLU A 2053 -18.10 -20.42 22.54
CA GLU A 2053 -17.86 -18.98 22.46
C GLU A 2053 -16.68 -18.65 21.54
N ILE A 2054 -15.64 -19.48 21.56
CA ILE A 2054 -14.53 -19.17 20.66
C ILE A 2054 -14.91 -19.47 19.21
N TRP A 2055 -15.88 -20.37 19.01
CA TRP A 2055 -16.43 -20.54 17.66
C TRP A 2055 -17.16 -19.30 17.20
N ARG A 2056 -17.94 -18.67 18.09
CA ARG A 2056 -18.65 -17.46 17.71
C ARG A 2056 -17.68 -16.32 17.38
N ARG A 2057 -16.62 -16.17 18.17
CA ARG A 2057 -15.66 -15.10 17.89
C ARG A 2057 -14.92 -15.35 16.58
N ARG A 2058 -14.63 -16.63 16.29
CA ARG A 2058 -14.02 -16.99 15.02
C ARG A 2058 -14.92 -16.59 13.85
N ARG A 2059 -16.22 -16.87 13.97
CA ARG A 2059 -17.16 -16.54 12.91
C ARG A 2059 -17.25 -15.03 12.69
N GLN A 2060 -17.17 -14.26 13.77
CA GLN A 2060 -17.19 -12.81 13.62
C GLN A 2060 -15.97 -12.30 12.88
N GLU A 2061 -14.80 -12.90 13.14
CA GLU A 2061 -13.62 -12.51 12.37
C GLU A 2061 -13.73 -12.88 10.90
N TRP A 2062 -14.36 -14.04 10.62
CA TRP A 2062 -14.64 -14.41 9.24
C TRP A 2062 -15.49 -13.36 8.54
N GLU A 2063 -16.48 -12.83 9.25
CA GLU A 2063 -17.38 -11.88 8.64
C GLU A 2063 -16.69 -10.55 8.35
N ILE A 2064 -15.79 -10.14 9.25
CA ILE A 2064 -15.04 -8.90 9.01
C ILE A 2064 -14.13 -9.06 7.79
N GLN A 2065 -13.52 -10.23 7.63
CA GLN A 2065 -12.70 -10.46 6.43
C GLN A 2065 -13.53 -10.44 5.16
N ARG A 2066 -14.74 -11.00 5.21
CA ARG A 2066 -15.61 -10.99 4.04
C ARG A 2066 -15.99 -9.57 3.63
N ASN A 2067 -16.29 -8.73 4.62
CA ASN A 2067 -16.67 -7.35 4.30
C ASN A 2067 -15.50 -6.55 3.75
N ASN A 2068 -14.28 -6.82 4.22
CA ASN A 2068 -13.13 -6.13 3.63
C ASN A 2068 -12.91 -6.55 2.18
N ALA A 2069 -13.11 -7.83 1.88
CA ALA A 2069 -12.95 -8.30 0.51
C ALA A 2069 -13.98 -7.67 -0.43
N GLU A 2070 -15.23 -7.59 0.02
CA GLU A 2070 -16.26 -7.00 -0.84
C GLU A 2070 -16.02 -5.49 -1.04
N ALA A 2071 -15.53 -4.80 -0.01
CA ALA A 2071 -15.23 -3.38 -0.16
C ALA A 2071 -14.09 -3.15 -1.16
N GLU A 2072 -13.05 -3.98 -1.11
CA GLU A 2072 -11.96 -3.84 -2.08
C GLU A 2072 -12.44 -4.13 -3.49
N MET A 2073 -13.38 -5.05 -3.63
CA MET A 2073 -13.92 -5.37 -4.95
C MET A 2073 -14.69 -4.19 -5.55
N LYS A 2074 -15.53 -3.54 -4.75
CA LYS A 2074 -16.22 -2.34 -5.25
C LYS A 2074 -15.24 -1.21 -5.57
N GLN A 2075 -14.19 -1.09 -4.76
CA GLN A 2075 -13.14 -0.11 -5.03
C GLN A 2075 -12.50 -0.32 -6.40
N ILE A 2076 -12.19 -1.57 -6.73
CA ILE A 2076 -11.49 -1.84 -7.98
C ILE A 2076 -12.42 -1.64 -9.18
N ASP A 2077 -13.72 -1.89 -9.00
CA ASP A 2077 -14.66 -1.59 -10.08
C ASP A 2077 -14.77 -0.09 -10.37
N ALA A 2078 -14.82 0.72 -9.31
CA ALA A 2078 -14.87 2.16 -9.52
C ALA A 2078 -13.57 2.68 -10.13
N GLN A 2079 -12.44 2.05 -9.79
CA GLN A 2079 -11.18 2.45 -10.39
C GLN A 2079 -11.12 2.06 -11.87
N LEU A 2080 -11.80 0.97 -12.25
CA LEU A 2080 -11.95 0.65 -13.67
C LEU A 2080 -12.71 1.73 -14.42
N LYS A 2081 -13.77 2.26 -13.81
CA LYS A 2081 -14.50 3.36 -14.44
C LYS A 2081 -13.60 4.58 -14.65
N SER A 2082 -12.77 4.89 -13.66
CA SER A 2082 -11.80 5.98 -13.81
C SER A 2082 -10.83 5.73 -14.96
N LEU A 2083 -10.39 4.48 -15.10
CA LEU A 2083 -9.39 4.18 -16.12
C LEU A 2083 -9.99 4.24 -17.52
N THR A 2084 -11.24 3.84 -17.68
CA THR A 2084 -11.82 3.93 -19.02
C THR A 2084 -12.13 5.38 -19.40
N VAL A 2085 -12.37 6.24 -18.39
CA VAL A 2085 -12.46 7.67 -18.69
C VAL A 2085 -11.12 8.21 -19.20
N ARG A 2086 -10.02 7.80 -18.55
CA ARG A 2086 -8.70 8.20 -19.04
C ARG A 2086 -8.42 7.67 -20.44
N ARG A 2087 -8.93 6.49 -20.76
CA ARG A 2087 -8.77 5.96 -22.11
C ARG A 2087 -9.49 6.82 -23.15
N GLU A 2088 -10.72 7.25 -22.83
CA GLU A 2088 -11.44 8.13 -23.74
C GLU A 2088 -10.70 9.46 -23.96
N ALA A 2089 -10.09 9.98 -22.88
CA ALA A 2089 -9.30 11.20 -23.03
C ALA A 2089 -8.10 11.00 -23.94
N ALA A 2090 -7.45 9.83 -23.85
CA ALA A 2090 -6.32 9.56 -24.73
C ALA A 2090 -6.76 9.41 -26.18
N VAL A 2091 -7.95 8.87 -26.41
CA VAL A 2091 -8.47 8.74 -27.77
C VAL A 2091 -8.72 10.13 -28.37
N LEU A 2092 -9.29 11.04 -27.57
CA LEU A 2092 -9.48 12.41 -28.06
C LEU A 2092 -8.16 13.10 -28.35
N GLN A 2093 -7.13 12.79 -27.56
CA GLN A 2093 -5.79 13.31 -27.85
C GLN A 2093 -5.28 12.80 -29.19
N LYS A 2094 -5.51 11.52 -29.49
CA LYS A 2094 -5.05 10.97 -30.76
C LYS A 2094 -5.74 11.60 -31.95
N THR A 2095 -7.06 11.79 -31.87
CA THR A 2095 -7.74 12.40 -33.01
C THR A 2095 -7.40 13.89 -33.13
N GLY A 2096 -7.03 14.53 -32.01
CA GLY A 2096 -6.51 15.89 -32.10
C GLY A 2096 -5.18 15.95 -32.83
N LEU A 2097 -4.32 14.97 -32.60
CA LEU A 2097 -3.05 14.96 -33.31
C LEU A 2097 -3.23 14.67 -34.80
N LYS A 2098 -4.21 13.84 -35.15
CA LYS A 2098 -4.45 13.61 -36.58
C LYS A 2098 -5.04 14.85 -37.25
N THR A 2099 -5.84 15.62 -36.52
CA THR A 2099 -6.30 16.90 -37.04
C THR A 2099 -5.14 17.86 -37.25
N GLN A 2100 -4.17 17.86 -36.34
CA GLN A 2100 -2.98 18.71 -36.52
C GLN A 2100 -2.18 18.28 -37.74
N GLN A 2101 -2.07 16.98 -37.99
CA GLN A 2101 -1.33 16.50 -39.15
C GLN A 2101 -2.01 16.92 -40.45
N GLU A 2102 -3.34 16.82 -40.49
CA GLU A 2102 -4.07 17.24 -41.68
C GLU A 2102 -3.96 18.75 -41.91
N GLN A 2103 -3.91 19.51 -40.81
CA GLN A 2103 -3.70 20.95 -40.93
C GLN A 2103 -2.32 21.29 -41.48
N THR A 2104 -1.31 20.53 -41.05
CA THR A 2104 0.04 20.73 -41.59
C THR A 2104 0.09 20.40 -43.08
N GLN A 2105 -0.63 19.36 -43.48
CA GLN A 2105 -0.73 19.01 -44.89
C GLN A 2105 -1.41 20.13 -45.68
N ALA A 2106 -2.42 20.76 -45.09
CA ALA A 2106 -3.09 21.87 -45.74
C ALA A 2106 -2.19 23.07 -45.92
N GLN A 2107 -1.37 23.40 -44.91
CA GLN A 2107 -0.45 24.52 -45.05
C GLN A 2107 0.60 24.24 -46.11
N LEU A 2108 1.07 22.99 -46.18
CA LEU A 2108 2.08 22.67 -47.17
C LEU A 2108 1.52 22.73 -48.58
N ALA A 2109 0.28 22.25 -48.77
CA ALA A 2109 -0.35 22.38 -50.08
C ALA A 2109 -0.64 23.82 -50.43
N PHE A 2110 -0.87 24.66 -49.42
CA PHE A 2110 -1.02 26.08 -49.69
C PHE A 2110 0.28 26.72 -50.13
N LEU A 2111 1.38 26.38 -49.48
CA LEU A 2111 2.66 26.98 -49.86
C LEU A 2111 3.17 26.42 -51.18
N GLN A 2112 2.64 25.29 -51.63
CA GLN A 2112 2.98 24.87 -52.98
C GLN A 2112 2.05 25.49 -54.01
N ARG A 2113 0.76 25.56 -53.74
CA ARG A 2113 -0.18 25.95 -54.78
C ARG A 2113 -0.49 27.43 -54.81
N LYS A 2114 0.12 28.24 -53.96
CA LYS A 2114 -0.13 29.68 -54.06
C LYS A 2114 0.64 30.24 -55.25
N PHE A 2115 0.34 31.48 -55.61
CA PHE A 2115 0.88 32.06 -56.83
C PHE A 2115 2.37 32.31 -56.71
N SER A 2116 2.77 33.19 -55.81
CA SER A 2116 4.17 33.50 -55.64
C SER A 2116 4.85 32.39 -54.86
N ASN A 2117 5.24 31.34 -55.55
CA ASN A 2117 5.95 30.24 -54.92
C ASN A 2117 7.40 30.32 -55.33
N GLN A 2118 8.17 29.29 -54.98
CA GLN A 2118 9.61 29.34 -55.15
C GLN A 2118 10.00 29.30 -56.62
N ALA A 2119 9.21 28.60 -57.44
CA ALA A 2119 9.50 28.50 -58.87
C ALA A 2119 9.38 29.85 -59.57
N LEU A 2120 8.47 30.70 -59.09
CA LEU A 2120 8.35 32.05 -59.59
C LEU A 2120 9.64 32.83 -59.39
N TYR A 2121 10.18 32.79 -58.18
CA TYR A 2121 11.41 33.51 -57.92
C TYR A 2121 12.62 32.91 -58.61
N ASN A 2122 12.63 31.59 -58.81
CA ASN A 2122 13.70 31.02 -59.62
C ASN A 2122 13.66 31.54 -61.05
N TRP A 2123 12.47 31.56 -61.66
CA TRP A 2123 12.30 32.10 -63.00
C TRP A 2123 12.69 33.56 -63.08
N LEU A 2124 12.29 34.35 -62.08
CA LEU A 2124 12.64 35.77 -62.08
C LEU A 2124 14.13 35.97 -61.94
N ARG A 2125 14.78 35.20 -61.07
CA ARG A 2125 16.21 35.43 -60.85
C ARG A 2125 17.01 35.05 -62.09
N GLY A 2126 16.60 33.99 -62.79
CA GLY A 2126 17.27 33.64 -64.02
C GLY A 2126 17.11 34.69 -65.12
N ARG A 2127 15.87 35.09 -65.37
CA ARG A 2127 15.60 36.06 -66.43
C ARG A 2127 16.22 37.41 -66.14
N LEU A 2128 16.13 37.86 -64.90
CA LEU A 2128 16.71 39.13 -64.50
C LEU A 2128 18.23 39.09 -64.56
N ALA A 2129 18.84 37.94 -64.22
CA ALA A 2129 20.29 37.84 -64.28
C ALA A 2129 20.80 37.93 -65.71
N ALA A 2130 20.11 37.29 -66.65
CA ALA A 2130 20.54 37.36 -68.05
C ALA A 2130 20.40 38.78 -68.61
N ILE A 2131 19.26 39.41 -68.35
CA ILE A 2131 19.03 40.78 -68.83
C ILE A 2131 20.03 41.74 -68.19
N TYR A 2132 20.33 41.53 -66.91
CA TYR A 2132 21.25 42.38 -66.18
C TYR A 2132 22.66 42.27 -66.72
N PHE A 2133 23.09 41.07 -67.08
CA PHE A 2133 24.44 40.91 -67.61
C PHE A 2133 24.59 41.57 -68.98
N GLN A 2134 23.59 41.39 -69.86
CA GLN A 2134 23.68 42.00 -71.18
C GLN A 2134 23.63 43.52 -71.09
N PHE A 2135 22.82 44.04 -70.18
CA PHE A 2135 22.74 45.48 -70.00
C PHE A 2135 24.03 46.05 -69.42
N TYR A 2136 24.67 45.27 -68.54
CA TYR A 2136 26.00 45.64 -68.03
C TYR A 2136 27.00 45.79 -69.16
N ASP A 2137 27.00 44.85 -70.10
CA ASP A 2137 27.93 44.94 -71.21
C ASP A 2137 27.70 46.19 -72.06
N LEU A 2138 26.43 46.53 -72.30
CA LEU A 2138 26.15 47.73 -73.10
C LEU A 2138 26.57 49.01 -72.38
N VAL A 2139 26.39 49.04 -71.05
CA VAL A 2139 26.77 50.23 -70.30
C VAL A 2139 28.27 50.41 -70.29
N VAL A 2140 29.01 49.30 -70.21
CA VAL A 2140 30.48 49.39 -70.25
C VAL A 2140 30.94 49.89 -71.61
N ALA A 2141 30.25 49.46 -72.68
CA ALA A 2141 30.59 49.95 -74.02
C ALA A 2141 30.39 51.46 -74.14
N ARG A 2142 29.28 51.98 -73.61
CA ARG A 2142 29.08 53.42 -73.69
C ARG A 2142 30.02 54.21 -72.81
N CYS A 2143 30.39 53.68 -71.65
CA CYS A 2143 31.39 54.36 -70.83
C CYS A 2143 32.74 54.40 -71.51
N LEU A 2144 33.09 53.36 -72.27
CA LEU A 2144 34.33 53.43 -73.03
C LEU A 2144 34.24 54.43 -74.16
N MET A 2145 33.04 54.60 -74.75
CA MET A 2145 32.84 55.67 -75.73
C MET A 2145 33.11 57.04 -75.12
N ALA A 2146 32.59 57.26 -73.91
CA ALA A 2146 32.81 58.53 -73.23
C ALA A 2146 34.27 58.71 -72.85
N GLU A 2147 34.96 57.61 -72.53
CA GLU A 2147 36.38 57.72 -72.21
C GLU A 2147 37.20 58.11 -73.44
N GLN A 2148 36.81 57.58 -74.61
CA GLN A 2148 37.49 58.02 -75.83
C GLN A 2148 37.20 59.47 -76.15
N ALA A 2149 35.98 59.92 -75.86
CA ALA A 2149 35.67 61.34 -76.05
C ALA A 2149 36.49 62.23 -75.13
N TYR A 2150 36.73 61.78 -73.90
CA TYR A 2150 37.59 62.53 -72.99
C TYR A 2150 39.03 62.52 -73.48
N ARG A 2151 39.50 61.37 -73.98
CA ARG A 2151 40.86 61.28 -74.48
C ARG A 2151 41.06 62.07 -75.77
N TRP A 2152 39.98 62.43 -76.45
CA TRP A 2152 40.18 63.22 -77.65
C TRP A 2152 39.97 64.70 -77.38
N GLU A 2153 39.14 65.06 -76.40
CA GLU A 2153 38.98 66.46 -76.04
C GLU A 2153 40.28 67.04 -75.50
N THR A 2154 40.70 66.58 -74.34
CA THR A 2154 42.03 66.86 -73.85
C THR A 2154 42.97 65.79 -74.39
N ASN A 2155 44.24 66.14 -74.52
CA ASN A 2155 45.18 65.30 -75.24
C ASN A 2155 45.99 64.48 -74.25
N ASP A 2156 45.53 63.26 -73.98
CA ASP A 2156 46.26 62.27 -73.19
C ASP A 2156 45.76 60.88 -73.53
N SER A 2157 46.57 60.12 -74.27
CA SER A 2157 46.11 58.80 -74.65
C SER A 2157 46.37 57.78 -73.56
N SER A 2158 47.41 57.98 -72.75
CA SER A 2158 47.77 57.01 -71.74
C SER A 2158 46.81 57.06 -70.55
N ALA A 2159 46.14 58.19 -70.36
CA ALA A 2159 45.26 58.35 -69.21
C ALA A 2159 44.01 57.50 -69.37
N ARG A 2160 43.85 56.54 -68.46
CA ARG A 2160 42.69 55.66 -68.48
C ARG A 2160 41.96 55.75 -67.14
N PHE A 2161 40.65 55.55 -67.17
CA PHE A 2161 39.87 55.62 -65.95
C PHE A 2161 39.05 54.37 -65.72
N ILE A 2162 38.48 53.81 -66.78
CA ILE A 2162 37.65 52.62 -66.64
C ILE A 2162 38.55 51.42 -66.39
N LYS A 2163 38.46 50.87 -65.19
CA LYS A 2163 39.30 49.74 -64.81
C LYS A 2163 38.45 48.51 -64.75
N PRO A 2164 39.00 47.34 -65.05
CA PRO A 2164 38.26 46.09 -64.91
C PRO A 2164 38.06 45.73 -63.46
N GLY A 2165 37.25 44.71 -63.25
CA GLY A 2165 36.92 44.25 -61.91
C GLY A 2165 35.63 44.84 -61.38
N ALA A 2166 34.93 45.64 -62.17
CA ALA A 2166 33.63 46.13 -61.75
C ALA A 2166 32.59 45.02 -61.72
N TRP A 2167 32.73 44.02 -62.57
CA TRP A 2167 31.87 42.86 -62.56
C TRP A 2167 32.50 41.77 -61.70
N GLN A 2168 31.74 41.24 -60.76
CA GLN A 2168 32.21 40.17 -59.90
C GLN A 2168 31.30 38.97 -60.08
N GLY A 2169 31.73 38.02 -60.91
CA GLY A 2169 30.87 36.91 -61.26
C GLY A 2169 30.66 35.95 -60.11
N THR A 2170 31.59 35.92 -59.15
CA THR A 2170 31.46 35.02 -58.03
C THR A 2170 30.43 35.52 -57.01
N TYR A 2171 29.95 36.74 -57.15
CA TYR A 2171 28.84 37.22 -56.35
C TYR A 2171 27.66 37.64 -57.20
N ALA A 2172 27.50 37.02 -58.39
CA ALA A 2172 26.41 37.26 -59.33
C ALA A 2172 26.35 38.70 -59.81
N GLY A 2173 27.48 39.39 -59.77
CA GLY A 2173 27.57 40.70 -60.38
C GLY A 2173 26.80 41.80 -59.69
N LEU A 2174 26.58 41.68 -58.38
CA LEU A 2174 25.98 42.78 -57.65
C LEU A 2174 26.93 43.95 -57.57
N LEU A 2175 26.35 45.16 -57.45
CA LEU A 2175 27.08 46.41 -57.24
C LEU A 2175 28.06 46.72 -58.37
N ALA A 2176 27.54 46.88 -59.57
CA ALA A 2176 28.36 47.45 -60.63
C ALA A 2176 28.10 48.93 -60.81
N GLY A 2177 26.86 49.35 -60.52
CA GLY A 2177 26.43 50.72 -60.69
C GLY A 2177 27.22 51.68 -59.84
N GLU A 2178 27.57 51.23 -58.64
CA GLU A 2178 28.38 52.03 -57.73
C GLU A 2178 29.75 52.29 -58.31
N THR A 2179 30.40 51.25 -58.83
CA THR A 2179 31.74 51.38 -59.38
C THR A 2179 31.73 52.26 -60.63
N LEU A 2180 30.73 52.07 -61.48
CA LEU A 2180 30.69 52.86 -62.70
C LEU A 2180 30.31 54.30 -62.43
N MET A 2181 29.46 54.55 -61.44
CA MET A 2181 29.11 55.91 -61.08
C MET A 2181 30.29 56.64 -60.47
N LEU A 2182 31.05 55.94 -59.61
CA LEU A 2182 32.26 56.52 -59.05
C LEU A 2182 33.29 56.82 -60.13
N ASN A 2183 33.40 55.95 -61.12
CA ASN A 2183 34.43 56.15 -62.12
C ASN A 2183 34.04 57.25 -63.10
N LEU A 2184 32.75 57.38 -63.42
CA LEU A 2184 32.27 58.52 -64.18
C LEU A 2184 32.49 59.82 -63.42
N ALA A 2185 32.30 59.79 -62.10
CA ALA A 2185 32.58 60.96 -61.29
C ALA A 2185 34.05 61.34 -61.34
N GLN A 2186 34.94 60.35 -61.33
CA GLN A 2186 36.36 60.64 -61.45
C GLN A 2186 36.71 61.24 -62.80
N MET A 2187 36.11 60.75 -63.88
CA MET A 2187 36.35 61.36 -65.20
C MET A 2187 35.85 62.79 -65.28
N GLU A 2188 34.64 63.05 -64.78
CA GLU A 2188 34.09 64.39 -64.89
C GLU A 2188 34.86 65.36 -63.99
N ASP A 2189 35.34 64.90 -62.85
CA ASP A 2189 36.10 65.78 -61.97
C ASP A 2189 37.48 66.05 -62.55
N ALA A 2190 38.08 65.05 -63.21
CA ALA A 2190 39.35 65.29 -63.89
C ALA A 2190 39.18 66.27 -65.05
N HIS A 2191 38.03 66.21 -65.74
CA HIS A 2191 37.74 67.19 -66.77
C HIS A 2191 37.61 68.59 -66.19
N LEU A 2192 36.87 68.73 -65.08
CA LEU A 2192 36.69 70.04 -64.47
C LEU A 2192 37.98 70.60 -63.93
N LYS A 2193 38.91 69.75 -63.54
CA LYS A 2193 40.23 70.23 -63.19
C LYS A 2193 41.01 70.66 -64.43
N GLN A 2194 40.94 69.88 -65.50
CA GLN A 2194 41.73 70.22 -66.68
C GLN A 2194 41.01 71.15 -67.64
N GLU A 2195 39.90 71.73 -67.23
CA GLU A 2195 39.20 72.68 -68.07
C GLU A 2195 39.88 74.04 -67.99
N GLN A 2196 39.96 74.73 -69.13
CA GLN A 2196 40.61 76.04 -69.19
C GLN A 2196 39.83 77.00 -70.07
N ARG A 2197 40.30 78.24 -70.09
CA ARG A 2197 39.80 79.23 -71.04
C ARG A 2197 40.64 79.16 -72.31
N ALA A 2198 39.98 78.98 -73.44
CA ALA A 2198 40.69 78.83 -74.70
C ALA A 2198 40.91 80.19 -75.37
N LEU A 2199 42.00 80.27 -76.14
CA LEU A 2199 42.24 81.42 -77.01
C LEU A 2199 41.87 81.00 -78.42
N GLU A 2200 40.92 81.71 -79.02
CA GLU A 2200 40.34 81.33 -80.30
C GLU A 2200 40.77 82.33 -81.36
N VAL A 2201 41.71 81.94 -82.20
CA VAL A 2201 42.26 82.83 -83.21
C VAL A 2201 41.82 82.34 -84.57
N GLU A 2202 41.26 83.23 -85.37
CA GLU A 2202 40.94 82.95 -86.76
C GLU A 2202 42.11 83.34 -87.64
N ARG A 2203 42.25 82.69 -88.78
CA ARG A 2203 43.27 83.09 -89.75
C ARG A 2203 42.80 82.71 -91.14
N THR A 2204 43.04 83.62 -92.09
CA THR A 2204 42.69 83.43 -93.48
C THR A 2204 43.90 82.97 -94.26
N VAL A 2205 43.74 81.90 -95.02
CA VAL A 2205 44.79 81.39 -95.89
C VAL A 2205 44.37 81.59 -97.33
N SER A 2206 45.12 82.41 -98.06
CA SER A 2206 44.88 82.62 -99.48
C SER A 2206 45.87 81.76 -100.26
N LEU A 2207 45.34 80.87 -101.09
CA LEU A 2207 46.16 79.84 -101.72
C LEU A 2207 47.05 80.42 -102.81
N ALA A 2208 46.66 81.58 -103.37
CA ALA A 2208 47.51 82.24 -104.35
C ALA A 2208 48.82 82.70 -103.72
N GLN A 2209 48.75 83.24 -102.50
CA GLN A 2209 49.94 83.58 -101.75
C GLN A 2209 50.74 82.35 -101.37
N VAL A 2210 50.05 81.26 -101.03
CA VAL A 2210 50.73 80.07 -100.56
C VAL A 2210 51.50 79.39 -101.68
N TYR A 2211 50.84 79.11 -102.81
CA TYR A 2211 51.55 78.56 -103.95
C TYR A 2211 52.49 79.55 -104.61
N GLN A 2212 52.28 80.85 -104.39
CA GLN A 2212 53.21 81.82 -104.95
C GLN A 2212 54.47 81.93 -104.10
N SER A 2213 54.31 82.09 -102.79
CA SER A 2213 55.45 82.14 -101.88
C SER A 2213 55.84 80.72 -101.50
N LEU A 2214 56.85 80.20 -102.19
CA LEU A 2214 57.36 78.85 -101.96
C LEU A 2214 58.87 78.87 -102.18
N GLY A 2215 59.43 77.70 -102.42
CA GLY A 2215 60.75 77.64 -103.04
C GLY A 2215 60.66 78.09 -104.50
N GLU A 2216 61.81 78.20 -105.16
CA GLU A 2216 61.84 78.84 -106.48
C GLU A 2216 61.13 78.05 -107.57
N LYS A 2217 60.78 76.79 -107.30
CA LYS A 2217 59.78 76.09 -108.09
C LYS A 2217 58.41 76.52 -107.58
N SER A 2218 57.99 77.73 -107.93
CA SER A 2218 56.69 78.25 -107.53
C SER A 2218 56.05 78.88 -108.75
N PHE A 2219 54.83 79.37 -108.57
CA PHE A 2219 53.98 79.69 -109.71
C PHE A 2219 52.82 80.55 -109.21
N ALA A 2220 52.20 81.25 -110.14
CA ALA A 2220 50.99 82.02 -109.89
C ALA A 2220 49.79 81.12 -110.12
N LEU A 2221 48.84 81.16 -109.19
CA LEU A 2221 47.79 80.14 -109.12
C LEU A 2221 46.84 80.24 -110.31
N LYS A 2222 46.45 81.46 -110.68
CA LYS A 2222 45.40 81.68 -111.66
C LYS A 2222 45.81 81.19 -113.04
N ASP A 2223 46.95 81.68 -113.53
CA ASP A 2223 47.42 81.33 -114.87
C ASP A 2223 47.77 79.87 -114.98
N LYS A 2224 48.34 79.28 -113.92
CA LYS A 2224 48.73 77.89 -114.01
C LYS A 2224 47.51 76.97 -113.95
N ILE A 2225 46.50 77.33 -113.15
CA ILE A 2225 45.27 76.53 -113.18
C ILE A 2225 44.57 76.67 -114.51
N GLU A 2226 44.59 77.87 -115.08
CA GLU A 2226 43.98 78.11 -116.38
C GLU A 2226 44.68 77.33 -117.48
N ALA A 2227 46.01 77.26 -117.43
CA ALA A 2227 46.76 76.52 -118.44
C ALA A 2227 46.64 75.02 -118.24
N LEU A 2228 46.67 74.57 -116.99
CA LEU A 2228 46.60 73.14 -116.70
C LEU A 2228 45.20 72.57 -116.97
N LEU A 2229 44.17 73.40 -116.86
CA LEU A 2229 42.83 72.94 -117.23
C LEU A 2229 42.56 73.16 -118.71
N GLN A 2230 43.18 74.17 -119.32
CA GLN A 2230 43.04 74.39 -120.75
C GLN A 2230 43.74 73.31 -121.53
N GLY A 2231 45.04 73.17 -121.34
CA GLY A 2231 45.77 72.07 -121.93
C GLY A 2231 45.37 70.75 -121.29
N ASP A 2232 45.39 69.70 -122.10
CA ASP A 2232 45.07 68.36 -121.64
C ASP A 2232 46.34 67.56 -121.37
N LYS A 2233 47.37 68.23 -120.86
CA LYS A 2233 48.71 67.66 -120.78
C LYS A 2233 48.91 67.06 -119.38
N GLU A 2234 50.02 66.32 -119.23
CA GLU A 2234 50.49 65.78 -117.96
C GLU A 2234 50.78 66.84 -116.91
N THR A 2235 51.01 68.09 -117.32
CA THR A 2235 51.69 69.11 -116.52
C THR A 2235 51.01 69.40 -115.20
N SER A 2236 51.82 69.55 -114.16
CA SER A 2236 51.35 69.87 -112.83
C SER A 2236 52.41 70.73 -112.16
N ALA A 2237 51.96 71.63 -111.29
CA ALA A 2237 52.82 72.64 -110.72
C ALA A 2237 52.87 72.44 -109.22
N GLY A 2238 54.06 72.55 -108.64
CA GLY A 2238 54.24 72.37 -107.22
C GLY A 2238 55.28 71.31 -106.91
N ASN A 2239 55.20 70.82 -105.68
CA ASN A 2239 56.28 70.06 -105.08
C ASN A 2239 55.68 69.00 -104.17
N ASP A 2240 56.47 68.56 -103.19
CA ASP A 2240 56.17 67.47 -102.24
C ASP A 2240 54.82 67.69 -101.57
N GLY A 2241 54.59 68.82 -100.91
CA GLY A 2241 53.32 69.04 -100.27
C GLY A 2241 52.34 69.87 -101.06
N ASN A 2242 52.83 70.61 -102.05
CA ASN A 2242 52.00 71.61 -102.73
C ASN A 2242 51.92 71.40 -104.23
N GLN A 2243 51.88 70.15 -104.70
CA GLN A 2243 51.65 69.96 -106.12
C GLN A 2243 50.17 70.16 -106.44
N LEU A 2244 49.90 70.64 -107.64
CA LEU A 2244 48.56 70.94 -108.10
C LEU A 2244 48.31 70.07 -109.32
N LYS A 2245 47.66 68.93 -109.13
CA LYS A 2245 47.80 67.80 -110.01
C LYS A 2245 46.45 67.45 -110.63
N LEU A 2246 46.48 67.09 -111.92
CA LEU A 2246 45.31 66.60 -112.63
C LEU A 2246 45.39 65.10 -112.78
N THR A 2247 44.54 64.40 -112.05
CA THR A 2247 44.29 62.99 -112.32
C THR A 2247 43.10 62.91 -113.27
N ASN A 2248 42.48 61.72 -113.37
CA ASN A 2248 41.57 61.28 -114.43
C ASN A 2248 40.47 62.29 -114.78
N ASN A 2249 39.62 62.61 -113.82
CA ASN A 2249 38.65 63.67 -114.05
C ASN A 2249 39.06 64.91 -113.28
N THR A 2250 39.26 64.75 -111.97
CA THR A 2250 39.28 65.89 -111.07
C THR A 2250 40.61 66.62 -111.08
N LEU A 2251 40.59 67.82 -110.52
CA LEU A 2251 41.77 68.62 -110.25
C LEU A 2251 41.93 68.75 -108.75
N SER A 2252 43.14 68.51 -108.27
CA SER A 2252 43.43 68.56 -106.84
C SER A 2252 44.53 69.57 -106.59
N ALA A 2253 44.27 70.51 -105.70
CA ALA A 2253 45.29 71.41 -105.17
C ALA A 2253 45.48 71.06 -103.70
N THR A 2254 46.60 70.42 -103.39
CA THR A 2254 46.84 69.93 -102.05
C THR A 2254 47.83 70.83 -101.34
N LEU A 2255 47.99 70.59 -100.04
CA LEU A 2255 48.74 71.51 -99.20
C LEU A 2255 49.20 70.76 -97.95
N THR A 2256 50.39 71.11 -97.48
CA THR A 2256 50.92 70.55 -96.25
C THR A 2256 50.99 71.61 -95.17
N LEU A 2257 50.82 71.15 -93.93
CA LEU A 2257 50.60 72.05 -92.80
C LEU A 2257 51.85 72.77 -92.36
N GLN A 2258 53.03 72.31 -92.77
CA GLN A 2258 54.26 73.01 -92.41
C GLN A 2258 54.36 74.35 -93.12
N ASP A 2259 53.89 74.41 -94.37
CA ASP A 2259 54.03 75.62 -95.18
C ASP A 2259 53.19 76.78 -94.67
N LEU A 2260 52.18 76.50 -93.84
CA LEU A 2260 51.42 77.59 -93.24
C LEU A 2260 52.26 78.33 -92.22
N LYS A 2261 53.17 77.61 -91.53
CA LYS A 2261 54.01 78.13 -90.43
C LYS A 2261 53.16 78.76 -89.34
N LEU A 2262 51.99 78.17 -89.11
CA LEU A 2262 50.92 78.89 -88.45
C LEU A 2262 51.11 78.93 -86.95
N LYS A 2263 51.89 78.00 -86.41
CA LYS A 2263 52.36 78.13 -85.03
C LYS A 2263 53.23 79.36 -84.85
N ASP A 2264 53.99 79.72 -85.88
CA ASP A 2264 54.94 80.81 -85.79
C ASP A 2264 54.35 82.17 -86.12
N ASP A 2265 53.02 82.28 -86.17
CA ASP A 2265 52.38 83.59 -86.22
C ASP A 2265 52.53 84.30 -84.88
N TYR A 2266 52.69 83.53 -83.82
CA TYR A 2266 52.93 84.01 -82.49
C TYR A 2266 54.27 83.50 -82.01
N PRO A 2267 54.91 84.15 -81.03
CA PRO A 2267 56.01 83.50 -80.32
C PRO A 2267 55.50 82.29 -79.56
N GLU A 2268 56.42 81.35 -79.30
CA GLU A 2268 56.05 80.04 -78.77
C GLU A 2268 55.46 80.17 -77.37
N GLU A 2269 56.23 80.76 -76.45
CA GLU A 2269 55.77 81.52 -75.28
C GLU A 2269 54.76 80.76 -74.43
N MET A 2270 55.24 79.71 -73.75
CA MET A 2270 54.38 78.65 -73.21
C MET A 2270 53.40 79.13 -72.14
N GLN A 2271 53.57 80.34 -71.63
CA GLN A 2271 52.51 81.03 -70.90
C GLN A 2271 51.24 81.21 -71.73
N LEU A 2272 51.36 81.30 -73.05
CA LEU A 2272 50.18 81.31 -73.92
C LEU A 2272 49.68 79.90 -74.15
N GLY A 2273 50.54 79.03 -74.65
CA GLY A 2273 50.14 77.65 -74.85
C GLY A 2273 51.03 76.99 -75.87
N LYS A 2274 51.11 75.66 -75.75
CA LYS A 2274 51.84 74.88 -76.74
C LYS A 2274 50.90 74.22 -77.72
N THR A 2275 49.98 73.41 -77.22
CA THR A 2275 49.12 72.59 -78.08
C THR A 2275 48.12 73.47 -78.81
N ARG A 2276 47.98 73.20 -80.11
CA ARG A 2276 47.24 74.09 -81.01
C ARG A 2276 46.42 73.26 -81.96
N ARG A 2277 45.10 73.29 -81.79
CA ARG A 2277 44.20 72.39 -82.49
C ARG A 2277 43.19 73.18 -83.30
N ILE A 2278 42.79 72.59 -84.42
CA ILE A 2278 41.82 73.22 -85.32
C ILE A 2278 40.45 73.19 -84.68
N LYS A 2279 39.79 74.34 -84.62
CA LYS A 2279 38.37 74.36 -84.33
C LYS A 2279 37.56 74.05 -85.59
N GLN A 2280 37.72 74.87 -86.62
CA GLN A 2280 36.89 74.75 -87.81
C GLN A 2280 37.64 75.32 -89.00
N ILE A 2281 37.55 74.63 -90.12
CA ILE A 2281 38.04 75.13 -91.39
C ILE A 2281 36.83 75.48 -92.24
N SER A 2282 36.78 76.71 -92.74
CA SER A 2282 35.71 77.14 -93.62
C SER A 2282 36.33 77.64 -94.91
N VAL A 2283 35.67 77.32 -96.02
CA VAL A 2283 36.22 77.61 -97.34
C VAL A 2283 35.45 78.79 -97.93
N SER A 2284 36.18 79.75 -98.49
CA SER A 2284 35.60 80.76 -99.35
C SER A 2284 36.23 80.62 -100.73
N LEU A 2285 35.38 80.60 -101.74
CA LEU A 2285 35.85 80.68 -103.13
C LEU A 2285 35.50 82.06 -103.66
N PRO A 2286 36.41 83.02 -103.58
CA PRO A 2286 36.11 84.33 -104.17
C PRO A 2286 36.13 84.24 -105.68
N ALA A 2287 34.94 84.25 -106.25
CA ALA A 2287 34.76 84.05 -107.69
C ALA A 2287 33.38 84.59 -108.02
N LEU A 2288 33.21 84.96 -109.28
CA LEU A 2288 31.90 85.37 -109.77
C LEU A 2288 31.07 84.12 -109.96
N LEU A 2289 30.36 83.72 -108.91
CA LEU A 2289 29.57 82.51 -108.90
C LEU A 2289 28.35 82.71 -109.78
N GLY A 2290 27.92 81.65 -110.45
CA GLY A 2290 26.74 81.72 -111.27
C GLY A 2290 25.49 81.93 -110.45
N PRO A 2291 24.62 82.82 -110.91
CA PRO A 2291 23.37 83.08 -110.18
C PRO A 2291 22.49 81.84 -110.20
N TYR A 2292 22.25 81.31 -108.99
CA TYR A 2292 21.66 79.99 -108.77
C TYR A 2292 22.43 78.91 -109.53
N GLN A 2293 23.75 79.00 -109.51
CA GLN A 2293 24.62 78.04 -110.16
C GLN A 2293 25.82 77.81 -109.27
N ASP A 2294 26.00 76.57 -108.83
CA ASP A 2294 26.90 76.26 -107.74
C ASP A 2294 28.14 75.53 -108.22
N VAL A 2295 29.15 75.54 -107.37
CA VAL A 2295 30.38 74.80 -107.62
C VAL A 2295 30.24 73.43 -106.96
N GLN A 2296 31.07 72.48 -107.37
CA GLN A 2296 31.12 71.16 -106.75
C GLN A 2296 32.56 70.90 -106.31
N ALA A 2297 32.76 70.70 -105.02
CA ALA A 2297 34.10 70.59 -104.49
C ALA A 2297 34.08 69.84 -103.17
N VAL A 2298 35.07 68.96 -102.99
CA VAL A 2298 35.24 68.21 -101.76
C VAL A 2298 36.57 68.61 -101.14
N LEU A 2299 36.72 68.34 -99.85
CA LEU A 2299 37.92 68.70 -99.11
C LEU A 2299 38.39 67.50 -98.31
N SER A 2300 39.61 67.06 -98.56
CA SER A 2300 40.12 65.83 -97.97
C SER A 2300 41.26 66.16 -97.01
N TYR A 2301 41.82 65.11 -96.43
CA TYR A 2301 42.87 65.22 -95.42
C TYR A 2301 43.61 63.90 -95.32
N GLY A 2302 44.91 63.96 -95.05
CA GLY A 2302 45.75 62.78 -95.10
C GLY A 2302 46.34 62.27 -93.80
N GLY A 2303 45.93 62.82 -92.67
CA GLY A 2303 46.49 62.39 -91.40
C GLY A 2303 45.74 61.29 -90.71
N ASP A 2304 45.07 60.45 -91.52
CA ASP A 2304 44.52 59.13 -91.18
C ASP A 2304 43.26 59.21 -90.32
N ALA A 2305 42.91 60.41 -89.82
CA ALA A 2305 41.78 60.66 -88.92
C ALA A 2305 41.83 59.75 -87.69
N THR A 2306 43.03 59.63 -87.11
CA THR A 2306 43.31 58.59 -86.13
C THR A 2306 42.64 58.87 -84.79
N GLY A 2307 42.45 60.12 -84.43
CA GLY A 2307 41.72 60.45 -83.24
C GLY A 2307 40.39 61.05 -83.62
N LEU A 2308 40.17 61.19 -84.91
CA LEU A 2308 38.93 61.74 -85.42
C LEU A 2308 37.86 60.67 -85.53
N ALA A 2309 36.61 61.10 -85.54
CA ALA A 2309 35.51 60.18 -85.74
C ALA A 2309 35.39 59.81 -87.20
N LYS A 2310 34.47 58.89 -87.48
CA LYS A 2310 34.30 58.37 -88.83
C LYS A 2310 33.68 59.42 -89.73
N GLY A 2311 34.49 60.01 -90.59
CA GLY A 2311 34.04 61.02 -91.52
C GLY A 2311 34.33 62.44 -91.12
N CYS A 2312 35.07 62.66 -90.03
CA CYS A 2312 35.49 64.02 -89.67
C CYS A 2312 36.70 64.49 -90.48
N LYS A 2313 37.23 63.66 -91.36
CA LYS A 2313 38.36 64.07 -92.17
C LYS A 2313 37.95 64.66 -93.51
N ALA A 2314 36.66 64.66 -93.82
CA ALA A 2314 36.18 65.13 -95.11
C ALA A 2314 35.31 66.36 -94.93
N LEU A 2315 35.11 67.09 -96.02
CA LEU A 2315 34.28 68.29 -96.01
C LEU A 2315 33.84 68.58 -97.43
N ALA A 2316 32.64 69.15 -97.55
CA ALA A 2316 32.03 69.42 -98.84
C ALA A 2316 31.70 70.90 -98.97
N VAL A 2317 31.88 71.42 -100.19
CA VAL A 2317 31.66 72.82 -100.49
C VAL A 2317 30.64 72.92 -101.61
N SER A 2318 29.57 73.67 -101.38
CA SER A 2318 28.51 73.77 -102.37
C SER A 2318 28.46 75.15 -103.00
N HIS A 2319 28.31 76.20 -102.19
CA HIS A 2319 28.20 77.54 -102.75
C HIS A 2319 29.45 78.36 -102.52
N GLY A 2320 30.35 77.92 -101.67
CA GLY A 2320 31.71 78.44 -101.64
C GLY A 2320 31.89 79.83 -101.07
N LEU A 2321 30.99 80.29 -100.21
CA LEU A 2321 31.16 81.58 -99.56
C LEU A 2321 31.04 81.40 -98.04
N ASN A 2322 32.18 81.06 -97.41
CA ASN A 2322 32.32 80.96 -95.95
C ASN A 2322 31.33 79.94 -95.38
N ASP A 2323 31.50 78.69 -95.76
CA ASP A 2323 30.52 77.66 -95.46
C ASP A 2323 31.13 76.49 -94.71
N ASN A 2324 30.37 75.97 -93.74
CA ASN A 2324 30.55 74.61 -93.31
C ASN A 2324 29.95 73.68 -94.37
N GLY A 2325 30.38 72.42 -94.34
CA GLY A 2325 29.68 71.40 -95.09
C GLY A 2325 28.25 71.22 -94.62
N GLN A 2326 28.00 71.45 -93.33
CA GLN A 2326 26.66 71.45 -92.79
C GLN A 2326 25.82 72.58 -93.37
N PHE A 2327 24.51 72.45 -93.24
CA PHE A 2327 23.61 73.50 -93.73
C PHE A 2327 23.65 74.70 -92.80
N GLN A 2328 23.52 74.47 -91.50
CA GLN A 2328 23.74 75.51 -90.52
C GLN A 2328 24.87 75.10 -89.58
N LEU A 2329 25.64 76.09 -89.16
CA LEU A 2329 26.79 75.87 -88.29
C LEU A 2329 26.35 75.90 -86.84
N ASP A 2330 26.53 74.78 -86.15
CA ASP A 2330 26.08 74.62 -84.78
C ASP A 2330 27.32 74.43 -83.90
N PHE A 2331 27.76 75.52 -83.26
CA PHE A 2331 28.79 75.39 -82.24
C PHE A 2331 28.30 74.62 -81.03
N ASN A 2332 27.01 74.72 -80.73
CA ASN A 2332 26.45 74.05 -79.56
C ASN A 2332 26.07 72.61 -79.85
N ASP A 2333 26.36 72.10 -81.06
CA ASP A 2333 26.16 70.69 -81.34
C ASP A 2333 27.16 69.87 -80.54
N GLY A 2334 26.67 68.77 -79.97
CA GLY A 2334 27.55 67.87 -79.28
C GLY A 2334 28.39 67.05 -80.25
N LYS A 2335 27.97 66.99 -81.50
CA LYS A 2335 28.79 66.34 -82.51
C LYS A 2335 30.05 67.17 -82.76
N PHE A 2336 31.16 66.49 -82.97
CA PHE A 2336 32.36 67.19 -83.41
C PHE A 2336 32.22 67.62 -84.86
N LEU A 2337 32.75 68.80 -85.14
CA LEU A 2337 32.82 69.26 -86.51
C LEU A 2337 33.93 68.50 -87.24
N PRO A 2338 33.90 68.50 -88.58
CA PRO A 2338 35.05 67.98 -89.31
C PRO A 2338 36.27 68.85 -89.08
N PHE A 2339 37.42 68.19 -89.06
CA PHE A 2339 38.76 68.73 -88.80
C PHE A 2339 38.96 69.22 -87.38
N GLU A 2340 38.01 69.00 -86.49
CA GLU A 2340 38.12 69.52 -85.14
C GLU A 2340 39.09 68.68 -84.32
N GLY A 2341 40.21 69.29 -83.95
CA GLY A 2341 41.20 68.64 -83.13
C GLY A 2341 42.51 68.32 -83.81
N ILE A 2342 42.77 68.86 -84.98
CA ILE A 2342 43.94 68.52 -85.76
C ILE A 2342 45.09 69.45 -85.41
N ASP A 2343 46.29 68.88 -85.26
CA ASP A 2343 47.50 69.62 -85.02
C ASP A 2343 47.80 70.61 -86.14
N ILE A 2344 48.29 71.79 -85.74
CA ILE A 2344 48.83 72.76 -86.69
C ILE A 2344 50.08 72.22 -87.34
N ASN A 2345 50.91 71.50 -86.59
CA ASN A 2345 52.13 70.93 -87.14
C ASN A 2345 51.77 69.76 -88.06
N ASP A 2346 52.78 69.25 -88.77
CA ASP A 2346 52.62 68.28 -89.84
C ASP A 2346 52.01 67.00 -89.31
N LYS A 2347 50.78 66.72 -89.74
CA LYS A 2347 50.16 65.43 -89.50
C LYS A 2347 49.36 65.11 -90.76
N GLY A 2348 50.00 64.42 -91.69
CA GLY A 2348 49.30 64.16 -92.92
C GLY A 2348 49.33 65.35 -93.87
N THR A 2349 48.44 65.27 -94.86
CA THR A 2349 48.42 66.19 -95.98
C THR A 2349 47.01 66.68 -96.19
N PHE A 2350 46.88 67.98 -96.42
CA PHE A 2350 45.57 68.62 -96.55
C PHE A 2350 45.24 68.84 -98.01
N THR A 2351 44.05 68.41 -98.44
CA THR A 2351 43.81 68.23 -99.86
C THR A 2351 42.44 68.75 -100.29
N LEU A 2352 42.43 69.65 -101.26
CA LEU A 2352 41.21 70.12 -101.90
C LEU A 2352 41.09 69.45 -103.26
N SER A 2353 39.86 69.11 -103.67
CA SER A 2353 39.61 68.51 -104.97
C SER A 2353 38.37 69.11 -105.60
N PHE A 2354 38.37 69.20 -106.93
CA PHE A 2354 37.23 69.69 -107.68
C PHE A 2354 36.78 68.60 -108.64
N PRO A 2355 35.74 67.84 -108.32
CA PRO A 2355 35.28 66.78 -109.21
C PRO A 2355 34.66 67.37 -110.47
N ASN A 2356 34.67 66.54 -111.52
CA ASN A 2356 34.30 66.92 -112.89
C ASN A 2356 35.11 68.13 -113.36
N ALA A 2357 36.43 68.01 -113.20
CA ALA A 2357 37.34 68.98 -113.79
C ALA A 2357 37.62 68.69 -115.26
N ALA A 2358 36.81 67.85 -115.89
CA ALA A 2358 36.58 67.89 -117.33
C ALA A 2358 35.61 69.03 -117.62
N SER A 2359 35.04 69.05 -118.81
CA SER A 2359 34.23 70.20 -119.24
C SER A 2359 32.83 70.14 -118.64
N LYS A 2360 32.76 70.11 -117.30
CA LYS A 2360 31.50 70.27 -116.57
C LYS A 2360 31.64 71.42 -115.59
N GLN A 2361 32.73 71.42 -114.82
CA GLN A 2361 33.07 72.55 -113.98
C GLN A 2361 34.03 73.51 -114.67
N LYS A 2362 34.16 73.38 -115.99
CA LYS A 2362 35.19 74.07 -116.75
C LYS A 2362 35.01 75.57 -116.74
N ASN A 2363 33.77 76.05 -116.87
CA ASN A 2363 33.51 77.48 -116.97
C ASN A 2363 33.85 78.18 -115.65
N ILE A 2364 33.30 77.67 -114.55
CA ILE A 2364 33.54 78.29 -113.26
C ILE A 2364 34.99 78.10 -112.80
N LEU A 2365 35.63 77.01 -113.23
CA LEU A 2365 37.02 76.81 -112.84
C LEU A 2365 37.98 77.58 -113.73
N GLN A 2366 37.52 78.04 -114.90
CA GLN A 2366 38.28 79.04 -115.61
C GLN A 2366 37.90 80.44 -115.15
N MET A 2367 36.88 80.52 -114.31
CA MET A 2367 36.52 81.79 -113.69
C MET A 2367 37.10 81.90 -112.27
N LEU A 2368 37.67 80.82 -111.75
CA LEU A 2368 38.31 80.85 -110.43
C LEU A 2368 39.58 81.68 -110.46
N THR A 2369 39.73 82.58 -109.49
CA THR A 2369 40.97 83.36 -109.41
C THR A 2369 41.87 82.91 -108.26
N ASP A 2370 41.33 82.73 -107.06
CA ASP A 2370 42.10 82.17 -105.95
C ASP A 2370 41.17 81.54 -104.94
N ILE A 2371 41.77 80.79 -104.03
CA ILE A 2371 41.05 80.01 -103.04
C ILE A 2371 41.38 80.55 -101.66
N ILE A 2372 40.38 80.65 -100.80
CA ILE A 2372 40.53 81.21 -99.46
C ILE A 2372 40.05 80.20 -98.43
N LEU A 2373 40.86 79.98 -97.41
CA LEU A 2373 40.48 79.21 -96.25
C LEU A 2373 40.15 80.14 -95.10
N HIS A 2374 39.19 79.76 -94.28
CA HIS A 2374 38.94 80.40 -93.00
C HIS A 2374 39.24 79.39 -91.93
N ILE A 2375 40.50 79.35 -91.50
CA ILE A 2375 40.98 78.37 -90.55
C ILE A 2375 40.84 78.97 -89.16
N ARG A 2376 40.06 78.30 -88.33
CA ARG A 2376 39.84 78.70 -86.96
C ARG A 2376 40.45 77.66 -86.05
N TYR A 2377 41.30 78.11 -85.13
CA TYR A 2377 42.07 77.18 -84.30
C TYR A 2377 42.11 77.71 -82.88
N THR A 2378 42.71 76.91 -82.01
CA THR A 2378 42.60 77.09 -80.57
C THR A 2378 43.98 77.01 -79.94
N ILE A 2379 44.28 77.94 -79.04
CA ILE A 2379 45.58 77.99 -78.37
C ILE A 2379 45.36 77.92 -76.87
N LEU A 2380 45.89 76.88 -76.25
CA LEU A 2380 46.08 76.80 -74.81
C LEU A 2380 47.16 75.76 -74.54
N GLU A 2381 47.34 75.42 -73.27
CA GLU A 2381 48.16 74.28 -72.88
C GLU A 2381 47.70 73.77 -71.52
N LEU B 21 -64.67 -41.25 2.58
CA LEU B 21 -65.28 -40.33 1.61
C LEU B 21 -65.39 -38.94 2.23
N THR B 22 -64.53 -38.02 1.76
CA THR B 22 -64.49 -36.57 1.97
C THR B 22 -64.55 -36.11 3.43
N ASP B 23 -64.32 -37.02 4.38
CA ASP B 23 -64.52 -36.70 5.79
C ASP B 23 -63.26 -36.08 6.42
N ILE B 24 -62.22 -35.82 5.62
CA ILE B 24 -61.04 -35.20 6.20
C ILE B 24 -61.01 -33.68 5.94
N CYS B 25 -61.46 -33.22 4.77
CA CYS B 25 -61.71 -31.80 4.57
C CYS B 25 -62.97 -31.36 5.31
N HIS B 26 -63.85 -32.31 5.60
CA HIS B 26 -65.08 -32.08 6.34
C HIS B 26 -64.84 -32.63 7.73
N TYR B 27 -64.29 -31.80 8.62
CA TYR B 27 -63.75 -32.25 9.90
C TYR B 27 -64.88 -32.68 10.85
N SER B 28 -64.50 -33.15 12.05
CA SER B 28 -65.50 -33.70 12.97
C SER B 28 -66.41 -32.62 13.56
N PHE B 29 -66.04 -31.35 13.42
CA PHE B 29 -66.97 -30.27 13.77
C PHE B 29 -67.92 -29.97 12.62
N ASN B 30 -67.39 -29.94 11.38
CA ASN B 30 -68.19 -30.00 10.17
C ASN B 30 -69.16 -31.19 10.20
N GLU B 31 -68.64 -32.37 10.50
CA GLU B 31 -69.49 -33.55 10.58
C GLU B 31 -70.36 -33.54 11.83
N PHE B 32 -69.95 -32.79 12.86
CA PHE B 32 -70.68 -32.79 14.12
C PHE B 32 -71.94 -31.95 14.01
N ARG B 33 -71.85 -30.84 13.26
CA ARG B 33 -73.03 -30.02 12.97
C ARG B 33 -74.05 -30.79 12.13
N GLN B 34 -73.58 -31.59 11.18
CA GLN B 34 -74.51 -32.44 10.43
C GLN B 34 -74.97 -33.63 11.26
N GLN B 35 -74.21 -33.98 12.29
CA GLN B 35 -74.42 -35.22 13.02
C GLN B 35 -74.68 -34.96 14.51
N VAL B 36 -75.58 -34.03 14.83
CA VAL B 36 -76.09 -33.94 16.19
C VAL B 36 -77.11 -35.04 16.44
N SER B 37 -78.02 -35.22 15.48
CA SER B 37 -79.13 -36.15 15.66
C SER B 37 -78.92 -37.48 14.97
N ASP B 38 -77.93 -37.59 14.08
CA ASP B 38 -77.78 -38.81 13.28
C ASP B 38 -77.29 -39.98 14.14
N HIS B 39 -76.11 -39.87 14.74
CA HIS B 39 -75.53 -41.00 15.45
C HIS B 39 -74.76 -40.54 16.68
N LEU B 40 -74.21 -41.53 17.38
CA LEU B 40 -73.52 -41.31 18.65
C LEU B 40 -72.10 -40.82 18.40
N SER B 41 -71.56 -40.07 19.38
CA SER B 41 -70.34 -39.31 19.17
C SER B 41 -69.11 -40.20 19.07
N TRP B 42 -69.09 -41.29 19.85
CA TRP B 42 -67.96 -42.21 19.80
C TRP B 42 -67.91 -42.95 18.48
N SER B 43 -69.06 -43.12 17.82
CA SER B 43 -69.06 -43.68 16.48
C SER B 43 -68.59 -42.65 15.46
N GLU B 44 -68.95 -41.37 15.68
CA GLU B 44 -68.54 -40.30 14.79
C GLU B 44 -67.03 -40.11 14.78
N THR B 45 -66.41 -40.10 15.96
CA THR B 45 -64.97 -39.88 16.02
C THR B 45 -64.22 -41.10 15.49
N ASN B 46 -64.83 -42.28 15.56
CA ASN B 46 -64.27 -43.45 14.90
C ASN B 46 -64.32 -43.31 13.39
N ARG B 47 -65.45 -42.81 12.86
CA ARG B 47 -65.54 -42.50 11.43
C ARG B 47 -64.52 -41.46 11.01
N LEU B 48 -64.30 -40.45 11.85
CA LEU B 48 -63.30 -39.40 11.60
C LEU B 48 -61.91 -40.00 11.49
N TYR B 49 -61.51 -40.80 12.48
CA TYR B 49 -60.17 -41.39 12.43
C TYR B 49 -60.03 -42.39 11.30
N ARG B 50 -61.09 -43.13 10.97
CA ARG B 50 -61.00 -44.09 9.87
C ARG B 50 -60.83 -43.40 8.53
N ASP B 51 -61.55 -42.31 8.26
CA ASP B 51 -61.35 -41.68 6.96
C ASP B 51 -60.09 -40.81 6.97
N ALA B 52 -59.64 -40.37 8.15
CA ALA B 52 -58.34 -39.72 8.23
C ALA B 52 -57.21 -40.67 7.90
N GLN B 53 -57.32 -41.92 8.33
CA GLN B 53 -56.38 -42.95 7.90
C GLN B 53 -56.55 -43.27 6.42
N GLN B 54 -57.79 -43.26 5.94
CA GLN B 54 -58.10 -43.57 4.54
C GLN B 54 -57.50 -42.55 3.59
N GLU B 55 -57.40 -41.29 4.03
CA GLU B 55 -56.73 -40.26 3.23
C GLU B 55 -55.24 -40.56 3.05
N GLN B 56 -54.57 -40.97 4.13
CA GLN B 56 -53.16 -41.33 4.01
C GLN B 56 -52.99 -42.59 3.20
N LYS B 57 -53.96 -43.51 3.26
CA LYS B 57 -53.92 -44.70 2.40
C LYS B 57 -54.06 -44.33 0.93
N GLU B 58 -54.89 -43.32 0.63
CA GLU B 58 -54.96 -42.79 -0.73
C GLU B 58 -53.62 -42.25 -1.17
N ASN B 59 -52.99 -41.44 -0.31
CA ASN B 59 -51.70 -40.85 -0.64
C ASN B 59 -50.63 -41.93 -0.87
N GLN B 60 -50.63 -42.96 -0.03
CA GLN B 60 -49.67 -44.05 -0.16
C GLN B 60 -49.87 -44.82 -1.46
N LEU B 61 -51.11 -45.24 -1.76
CA LEU B 61 -51.33 -46.05 -2.96
C LEU B 61 -51.08 -45.25 -4.22
N TYR B 62 -51.63 -44.03 -4.28
CA TYR B 62 -51.46 -43.19 -5.45
C TYR B 62 -50.01 -42.80 -5.67
N GLU B 63 -49.26 -42.53 -4.61
CA GLU B 63 -47.88 -42.14 -4.75
C GLU B 63 -47.00 -43.31 -5.15
N ALA B 64 -47.18 -44.46 -4.48
CA ALA B 64 -46.39 -45.64 -4.78
C ALA B 64 -46.76 -46.22 -6.14
N ARG B 65 -47.93 -45.87 -6.65
CA ARG B 65 -48.21 -46.06 -8.07
C ARG B 65 -47.37 -45.11 -8.91
N ILE B 66 -47.55 -43.81 -8.70
CA ILE B 66 -47.20 -42.85 -9.74
C ILE B 66 -45.70 -42.60 -9.82
N LEU B 67 -44.96 -42.80 -8.71
CA LEU B 67 -43.55 -42.44 -8.78
C LEU B 67 -42.70 -43.56 -9.36
N LYS B 68 -43.34 -44.70 -9.71
CA LYS B 68 -42.61 -45.75 -10.40
C LYS B 68 -42.29 -45.34 -11.82
N ARG B 69 -43.05 -44.39 -12.38
CA ARG B 69 -42.91 -44.01 -13.76
C ARG B 69 -41.77 -43.02 -14.01
N ALA B 70 -41.37 -42.26 -12.98
CA ALA B 70 -40.67 -40.98 -13.12
C ALA B 70 -39.43 -41.07 -13.99
N ASN B 71 -39.52 -40.42 -15.15
CA ASN B 71 -38.70 -40.76 -16.31
C ASN B 71 -37.19 -40.68 -16.17
N PRO B 72 -36.59 -39.92 -15.22
CA PRO B 72 -35.16 -40.17 -14.94
C PRO B 72 -34.82 -41.57 -14.40
N GLN B 73 -35.81 -42.41 -14.12
CA GLN B 73 -35.51 -43.77 -13.68
C GLN B 73 -35.48 -44.75 -14.83
N LEU B 74 -36.54 -44.78 -15.64
CA LEU B 74 -36.75 -45.93 -16.51
C LEU B 74 -35.88 -45.93 -17.75
N GLN B 75 -34.98 -44.96 -17.92
CA GLN B 75 -34.02 -45.11 -19.00
C GLN B 75 -32.86 -46.01 -18.57
N ASN B 76 -32.56 -46.02 -17.29
CA ASN B 76 -31.50 -46.88 -16.80
C ASN B 76 -32.09 -48.11 -16.12
N ALA B 77 -31.99 -49.26 -16.79
CA ALA B 77 -32.50 -50.51 -16.27
C ALA B 77 -31.51 -51.22 -15.36
N VAL B 78 -30.31 -50.68 -15.18
CA VAL B 78 -29.32 -51.25 -14.28
C VAL B 78 -29.76 -51.07 -12.83
N HIS B 79 -30.61 -50.07 -12.56
CA HIS B 79 -31.28 -49.94 -11.28
C HIS B 79 -32.12 -51.16 -10.92
N LEU B 80 -32.83 -51.69 -11.91
CA LEU B 80 -33.89 -52.70 -11.77
C LEU B 80 -35.07 -52.16 -10.96
N GLY B 81 -35.17 -50.84 -10.79
CA GLY B 81 -36.36 -50.25 -10.22
C GLY B 81 -37.50 -50.38 -11.19
N ILE B 82 -38.42 -51.29 -10.89
CA ILE B 82 -39.34 -51.83 -11.88
C ILE B 82 -40.75 -51.35 -11.57
N THR B 83 -41.55 -51.20 -12.62
CA THR B 83 -42.96 -50.85 -12.51
C THR B 83 -43.80 -52.11 -12.62
N LEU B 84 -45.04 -52.03 -12.18
CA LEU B 84 -45.99 -53.11 -12.45
C LEU B 84 -47.13 -52.57 -13.30
N PRO B 85 -47.48 -53.22 -14.41
CA PRO B 85 -48.55 -52.68 -15.27
C PRO B 85 -49.94 -52.93 -14.74
N HIS B 86 -50.08 -53.74 -13.67
CA HIS B 86 -51.39 -54.28 -13.30
C HIS B 86 -52.31 -53.21 -12.73
N ALA B 87 -51.91 -52.59 -11.61
CA ALA B 87 -52.68 -51.48 -11.08
C ALA B 87 -52.46 -50.21 -11.89
N GLU B 88 -51.37 -50.14 -12.66
CA GLU B 88 -51.12 -49.02 -13.56
C GLU B 88 -52.18 -48.94 -14.64
N LEU B 89 -52.70 -50.10 -15.06
CA LEU B 89 -53.69 -50.21 -16.13
C LEU B 89 -54.95 -49.41 -15.85
N ARG B 90 -55.28 -49.22 -14.58
CA ARG B 90 -56.63 -48.83 -14.23
C ARG B 90 -56.79 -47.32 -14.17
N GLY B 91 -55.80 -46.61 -13.60
CA GLY B 91 -55.95 -45.19 -13.39
C GLY B 91 -55.91 -44.37 -14.66
N TYR B 92 -55.31 -44.89 -15.73
CA TYR B 92 -55.42 -44.24 -17.02
C TYR B 92 -56.82 -44.30 -17.57
N ASN B 93 -57.58 -45.33 -17.23
CA ASN B 93 -59.02 -45.28 -17.50
C ASN B 93 -59.70 -44.37 -16.50
N SER B 94 -59.17 -44.29 -15.28
CA SER B 94 -59.83 -43.51 -14.25
C SER B 94 -59.48 -42.04 -14.39
N GLU B 95 -58.20 -41.70 -14.21
CA GLU B 95 -57.81 -40.30 -14.16
C GLU B 95 -57.49 -39.71 -15.53
N PHE B 96 -57.56 -40.52 -16.59
CA PHE B 96 -57.41 -40.10 -17.98
C PHE B 96 -56.05 -39.44 -18.23
N GLY B 97 -55.01 -40.26 -18.10
CA GLY B 97 -53.69 -39.80 -18.43
C GLY B 97 -53.07 -38.87 -17.43
N GLY B 98 -53.49 -38.92 -16.16
CA GLY B 98 -52.89 -38.08 -15.14
C GLY B 98 -51.47 -38.49 -14.83
N ARG B 99 -51.12 -39.73 -15.16
CA ARG B 99 -49.75 -40.18 -15.00
C ARG B 99 -48.97 -40.06 -16.31
N ALA B 100 -49.69 -39.83 -17.42
CA ALA B 100 -49.11 -39.93 -18.76
C ALA B 100 -48.02 -38.90 -18.99
N SER B 101 -48.36 -37.62 -18.94
CA SER B 101 -47.37 -36.60 -19.17
C SER B 101 -46.86 -36.05 -17.85
N GLN B 102 -45.72 -36.54 -17.40
CA GLN B 102 -45.01 -35.86 -16.35
C GLN B 102 -44.36 -34.62 -16.94
N TYR B 103 -44.02 -33.67 -16.07
CA TYR B 103 -43.69 -32.34 -16.51
C TYR B 103 -42.26 -31.99 -16.09
N VAL B 104 -41.69 -31.01 -16.77
CA VAL B 104 -40.31 -30.56 -16.63
C VAL B 104 -40.20 -29.75 -15.33
N ALA B 105 -38.98 -29.36 -14.95
CA ALA B 105 -38.64 -28.31 -13.99
C ALA B 105 -39.61 -27.15 -14.12
N PRO B 106 -40.10 -26.60 -12.99
CA PRO B 106 -41.51 -26.24 -12.89
C PRO B 106 -41.97 -25.10 -13.79
N GLY B 107 -43.27 -25.10 -14.04
CA GLY B 107 -43.94 -24.09 -14.80
C GLY B 107 -45.33 -23.94 -14.24
N SER B 108 -46.24 -23.43 -15.08
CA SER B 108 -47.60 -23.20 -14.62
C SER B 108 -48.42 -24.47 -14.51
N VAL B 109 -47.86 -25.62 -14.84
CA VAL B 109 -48.67 -26.83 -14.93
C VAL B 109 -48.43 -27.73 -13.72
N SER B 110 -47.24 -27.65 -13.12
CA SER B 110 -46.74 -28.67 -12.22
C SER B 110 -47.53 -28.76 -10.92
N SER B 111 -47.48 -29.93 -10.30
CA SER B 111 -48.13 -30.15 -9.02
C SER B 111 -47.34 -29.59 -7.85
N MET B 112 -46.18 -29.00 -8.10
CA MET B 112 -45.40 -28.48 -6.99
C MET B 112 -45.07 -27.01 -7.17
N PHE B 113 -45.55 -26.38 -8.23
CA PHE B 113 -45.23 -24.98 -8.39
C PHE B 113 -46.40 -24.14 -7.87
N SER B 114 -46.13 -22.84 -7.74
CA SER B 114 -47.00 -21.77 -7.24
C SER B 114 -48.51 -21.87 -7.49
N PRO B 115 -49.03 -22.24 -8.68
CA PRO B 115 -50.49 -22.36 -8.78
C PRO B 115 -51.07 -23.52 -8.02
N ALA B 116 -50.28 -24.56 -7.72
CA ALA B 116 -50.81 -25.64 -6.90
C ALA B 116 -51.04 -25.19 -5.47
N ALA B 117 -50.04 -24.52 -4.87
CA ALA B 117 -50.20 -23.91 -3.55
C ALA B 117 -51.31 -22.88 -3.57
N TYR B 118 -51.40 -22.15 -4.67
CA TYR B 118 -52.40 -21.12 -4.81
C TYR B 118 -53.81 -21.69 -4.83
N LEU B 119 -54.02 -22.79 -5.55
CA LEU B 119 -55.34 -23.40 -5.62
C LEU B 119 -55.70 -24.04 -4.30
N THR B 120 -54.76 -24.78 -3.69
CA THR B 120 -55.07 -25.44 -2.44
C THR B 120 -55.12 -24.47 -1.28
N GLU B 121 -54.73 -23.23 -1.49
CA GLU B 121 -54.94 -22.21 -0.50
C GLU B 121 -56.23 -21.45 -0.76
N LEU B 122 -56.68 -21.38 -2.02
CA LEU B 122 -57.99 -20.82 -2.30
C LEU B 122 -59.09 -21.69 -1.69
N TYR B 123 -59.06 -23.01 -1.96
CA TYR B 123 -60.23 -23.76 -1.49
C TYR B 123 -60.15 -24.10 -0.03
N ARG B 124 -59.08 -23.70 0.66
CA ARG B 124 -59.15 -23.59 2.10
C ARG B 124 -59.56 -22.19 2.52
N GLU B 125 -59.39 -21.20 1.64
CA GLU B 125 -59.61 -19.82 2.04
C GLU B 125 -61.06 -19.42 1.94
N ALA B 126 -61.76 -19.86 0.89
CA ALA B 126 -63.02 -19.24 0.49
C ALA B 126 -64.18 -19.56 1.41
N ARG B 127 -63.95 -20.17 2.57
CA ARG B 127 -64.99 -20.47 3.53
C ARG B 127 -64.64 -20.01 4.94
N ASN B 128 -63.65 -19.13 5.09
CA ASN B 128 -63.29 -18.67 6.43
C ASN B 128 -64.36 -17.79 7.04
N LEU B 129 -64.94 -16.90 6.25
CA LEU B 129 -66.06 -16.11 6.72
C LEU B 129 -67.27 -16.56 5.94
N HIS B 130 -68.46 -16.27 6.48
CA HIS B 130 -69.66 -16.60 5.73
C HIS B 130 -69.84 -15.61 4.59
N ALA B 131 -70.48 -16.08 3.52
CA ALA B 131 -70.61 -15.31 2.29
C ALA B 131 -71.47 -14.07 2.44
N SER B 132 -72.27 -13.98 3.50
CA SER B 132 -73.04 -12.76 3.75
C SER B 132 -72.20 -11.64 4.34
N ASP B 133 -70.94 -11.91 4.69
CA ASP B 133 -70.14 -10.91 5.36
C ASP B 133 -69.67 -9.84 4.39
N SER B 134 -69.57 -8.61 4.89
CA SER B 134 -68.86 -7.58 4.17
C SER B 134 -67.37 -7.84 4.10
N VAL B 135 -66.83 -8.55 5.10
CA VAL B 135 -65.41 -8.86 5.15
C VAL B 135 -65.12 -10.18 4.45
N TYR B 136 -66.16 -10.83 3.91
CA TYR B 136 -66.00 -12.10 3.21
C TYR B 136 -65.12 -11.96 1.98
N HIS B 137 -64.35 -13.01 1.70
CA HIS B 137 -63.20 -12.91 0.80
C HIS B 137 -63.60 -12.59 -0.63
N LEU B 138 -64.53 -13.35 -1.20
CA LEU B 138 -64.96 -13.03 -2.55
C LEU B 138 -65.78 -11.75 -2.59
N ASP B 139 -66.36 -11.35 -1.47
CA ASP B 139 -67.17 -10.15 -1.43
C ASP B 139 -66.31 -8.90 -1.25
N GLU B 140 -65.24 -9.00 -0.47
CA GLU B 140 -64.61 -7.78 0.05
C GLU B 140 -63.88 -6.99 -1.02
N ARG B 141 -63.17 -7.65 -1.92
CA ARG B 141 -62.75 -6.99 -3.15
C ARG B 141 -62.87 -7.89 -4.36
N ARG B 142 -62.97 -9.19 -4.16
CA ARG B 142 -62.44 -10.16 -5.11
C ARG B 142 -63.51 -11.02 -5.78
N PRO B 143 -64.26 -10.48 -6.74
CA PRO B 143 -64.74 -11.35 -7.82
C PRO B 143 -63.71 -11.60 -8.90
N ASP B 144 -62.60 -10.86 -8.91
CA ASP B 144 -61.63 -11.00 -9.99
C ASP B 144 -60.81 -12.28 -9.87
N LEU B 145 -60.66 -12.80 -8.66
CA LEU B 145 -59.85 -14.00 -8.47
C LEU B 145 -60.51 -15.21 -9.09
N GLN B 146 -61.83 -15.33 -8.91
CA GLN B 146 -62.53 -16.48 -9.47
C GLN B 146 -62.68 -16.37 -10.98
N SER B 147 -62.40 -15.20 -11.54
CA SER B 147 -62.34 -15.04 -12.99
C SER B 147 -60.96 -15.32 -13.55
N MET B 148 -59.94 -15.32 -12.71
CA MET B 148 -58.56 -15.33 -13.20
C MET B 148 -58.18 -16.69 -13.75
N THR B 149 -57.52 -16.69 -14.90
CA THR B 149 -57.03 -17.94 -15.48
C THR B 149 -55.61 -18.23 -15.02
N LEU B 150 -55.17 -19.45 -15.28
CA LEU B 150 -53.84 -19.90 -14.90
C LEU B 150 -53.09 -20.26 -16.17
N SER B 151 -52.41 -19.28 -16.76
CA SER B 151 -51.60 -19.52 -17.94
C SER B 151 -50.14 -19.35 -17.56
N GLN B 152 -49.27 -19.70 -18.49
CA GLN B 152 -47.85 -19.54 -18.27
C GLN B 152 -47.46 -18.07 -18.24
N GLN B 153 -48.21 -17.23 -18.97
CA GLN B 153 -47.91 -15.80 -19.00
C GLN B 153 -48.22 -15.15 -17.66
N ASN B 154 -49.23 -15.65 -16.95
CA ASN B 154 -49.55 -15.10 -15.64
C ASN B 154 -48.48 -15.46 -14.63
N MET B 155 -47.80 -16.58 -14.83
CA MET B 155 -46.64 -16.95 -14.05
C MET B 155 -45.44 -16.05 -14.37
N ASP B 156 -45.14 -15.87 -15.65
CA ASP B 156 -43.81 -15.44 -16.04
C ASP B 156 -43.60 -13.94 -15.91
N THR B 157 -44.42 -13.14 -16.59
CA THR B 157 -44.09 -11.74 -16.82
C THR B 157 -44.22 -10.91 -15.55
N GLU B 158 -43.47 -9.81 -15.50
CA GLU B 158 -43.45 -8.91 -14.35
C GLU B 158 -43.94 -7.54 -14.75
N LEU B 159 -45.12 -7.19 -14.26
CA LEU B 159 -45.66 -5.85 -14.40
C LEU B 159 -45.47 -5.10 -13.08
N SER B 160 -45.74 -3.81 -13.11
CA SER B 160 -45.63 -3.01 -11.90
C SER B 160 -46.81 -3.31 -10.99
N THR B 161 -46.53 -3.43 -9.69
CA THR B 161 -47.58 -3.70 -8.72
C THR B 161 -48.59 -2.57 -8.67
N LEU B 162 -48.10 -1.34 -8.78
CA LEU B 162 -48.96 -0.17 -8.69
C LEU B 162 -49.88 -0.07 -9.89
N SER B 163 -49.43 -0.59 -11.04
CA SER B 163 -50.28 -0.62 -12.22
C SER B 163 -51.49 -1.53 -12.01
N LEU B 164 -51.25 -2.74 -11.49
CA LEU B 164 -52.34 -3.64 -11.16
C LEU B 164 -53.21 -3.09 -10.04
N SER B 165 -52.62 -2.34 -9.11
CA SER B 165 -53.41 -1.74 -8.04
C SER B 165 -54.33 -0.65 -8.55
N ASN B 166 -53.90 0.15 -9.51
CA ASN B 166 -54.82 1.08 -10.16
C ASN B 166 -55.88 0.34 -10.94
N GLU B 167 -55.48 -0.76 -11.59
CA GLU B 167 -56.41 -1.51 -12.40
C GLU B 167 -57.54 -2.14 -11.57
N ILE B 168 -57.21 -2.72 -10.42
CA ILE B 168 -58.24 -3.34 -9.61
C ILE B 168 -59.17 -2.29 -9.00
N LEU B 169 -58.67 -1.08 -8.77
CA LEU B 169 -59.52 -0.02 -8.28
C LEU B 169 -60.48 0.47 -9.34
N LEU B 170 -59.99 0.62 -10.58
CA LEU B 170 -60.86 1.00 -11.68
C LEU B 170 -61.95 -0.03 -11.91
N LYS B 171 -61.60 -1.32 -11.75
CA LYS B 171 -62.60 -2.38 -11.86
C LYS B 171 -63.71 -2.20 -10.84
N GLY B 172 -63.36 -1.98 -9.58
CA GLY B 172 -64.36 -1.91 -8.54
C GLY B 172 -65.21 -0.66 -8.61
N ILE B 173 -64.61 0.46 -9.02
CA ILE B 173 -65.40 1.68 -9.13
C ILE B 173 -66.30 1.63 -10.36
N LYS B 174 -65.77 1.14 -11.48
CA LYS B 174 -66.54 1.05 -12.72
C LYS B 174 -67.65 0.02 -12.61
N ALA B 175 -67.51 -0.94 -11.69
CA ALA B 175 -68.44 -2.06 -11.59
C ALA B 175 -69.86 -1.61 -11.24
N ASN B 176 -70.05 -1.07 -10.05
CA ASN B 176 -71.40 -0.90 -9.55
C ASN B 176 -71.76 0.55 -9.27
N GLN B 177 -70.83 1.33 -8.72
CA GLN B 177 -71.15 2.59 -8.05
C GLN B 177 -71.69 3.64 -9.00
N SER B 178 -71.15 3.71 -10.21
CA SER B 178 -71.60 4.75 -11.13
C SER B 178 -72.13 4.21 -12.45
N ASN B 179 -71.87 2.92 -12.75
CA ASN B 179 -72.22 2.26 -14.00
C ASN B 179 -71.69 3.03 -15.22
N LEU B 180 -70.37 3.10 -15.31
CA LEU B 180 -69.73 3.90 -16.32
C LEU B 180 -69.38 3.08 -17.55
N ASP B 181 -68.85 3.77 -18.56
CA ASP B 181 -68.47 3.10 -19.80
C ASP B 181 -67.03 2.64 -19.73
N SER B 182 -66.09 3.58 -19.56
CA SER B 182 -64.68 3.27 -19.61
C SER B 182 -63.93 4.14 -18.62
N ASP B 183 -62.60 4.11 -18.75
CA ASP B 183 -61.74 4.80 -17.80
C ASP B 183 -61.80 6.30 -17.96
N THR B 184 -62.08 6.77 -19.17
CA THR B 184 -62.22 8.20 -19.40
C THR B 184 -63.42 8.77 -18.67
N LYS B 185 -64.48 7.97 -18.50
CA LYS B 185 -65.62 8.37 -17.69
C LYS B 185 -65.21 8.52 -16.23
N VAL B 186 -64.35 7.62 -15.76
CA VAL B 186 -63.85 7.66 -14.40
C VAL B 186 -63.00 8.91 -14.21
N MET B 187 -62.16 9.23 -15.18
CA MET B 187 -61.33 10.42 -15.07
C MET B 187 -62.14 11.70 -15.15
N GLU B 188 -63.23 11.70 -15.93
CA GLU B 188 -64.13 12.84 -15.92
C GLU B 188 -64.78 13.05 -14.57
N MET B 189 -65.31 11.98 -13.98
CA MET B 189 -66.03 12.20 -12.73
C MET B 189 -65.08 12.38 -11.55
N LEU B 190 -63.81 11.99 -11.71
CA LEU B 190 -62.81 12.39 -10.73
C LEU B 190 -62.36 13.82 -10.93
N SER B 191 -62.45 14.34 -12.16
CA SER B 191 -62.28 15.78 -12.33
C SER B 191 -63.46 16.54 -11.76
N THR B 192 -64.62 15.90 -11.67
CA THR B 192 -65.78 16.54 -11.07
C THR B 192 -65.69 16.59 -9.55
N PHE B 193 -65.18 15.53 -8.93
CA PHE B 193 -65.44 15.23 -7.52
C PHE B 193 -64.67 16.18 -6.60
N ARG B 194 -65.39 17.08 -5.93
CA ARG B 194 -64.76 17.94 -4.93
C ARG B 194 -64.39 17.23 -3.64
N PRO B 195 -65.33 16.72 -2.83
CA PRO B 195 -65.24 16.96 -1.36
C PRO B 195 -64.16 16.18 -0.62
N SER B 196 -63.23 15.53 -1.29
CA SER B 196 -62.13 14.99 -0.52
C SER B 196 -61.19 16.13 -0.10
N GLY B 197 -60.65 16.01 1.11
CA GLY B 197 -59.89 17.08 1.74
C GLY B 197 -58.60 17.52 1.10
N THR B 198 -58.18 16.88 0.01
CA THR B 198 -56.93 17.26 -0.64
C THR B 198 -57.06 17.49 -2.14
N ILE B 199 -58.07 16.92 -2.76
CA ILE B 199 -58.24 16.89 -4.21
C ILE B 199 -59.02 18.16 -4.54
N PRO B 200 -59.40 18.49 -5.81
CA PRO B 200 -59.64 17.91 -7.15
C PRO B 200 -58.44 17.27 -7.79
N TYR B 201 -58.72 16.42 -8.78
CA TYR B 201 -57.71 15.80 -9.61
C TYR B 201 -58.20 15.80 -11.05
N HIS B 202 -57.55 16.58 -11.90
CA HIS B 202 -57.86 16.62 -13.32
C HIS B 202 -56.70 15.92 -14.02
N ASP B 203 -56.95 14.72 -14.55
CA ASP B 203 -55.87 13.82 -14.94
C ASP B 203 -55.07 14.36 -16.13
N ALA B 204 -55.80 14.81 -17.15
CA ALA B 204 -55.15 15.38 -18.33
C ALA B 204 -54.38 16.64 -17.97
N TYR B 205 -54.85 17.36 -16.95
CA TYR B 205 -54.16 18.55 -16.51
C TYR B 205 -52.84 18.21 -15.84
N GLU B 206 -52.82 17.12 -15.07
CA GLU B 206 -51.57 16.70 -14.45
C GLU B 206 -50.59 16.21 -15.49
N ASN B 207 -51.10 15.57 -16.53
CA ASN B 207 -50.28 15.22 -17.67
C ASN B 207 -49.66 16.46 -18.32
N VAL B 208 -50.47 17.49 -18.53
CA VAL B 208 -50.01 18.76 -19.10
C VAL B 208 -48.92 19.39 -18.25
N ARG B 209 -49.18 19.53 -16.95
CA ARG B 209 -48.26 20.31 -16.13
C ARG B 209 -46.96 19.57 -15.88
N LYS B 210 -47.00 18.23 -15.86
CA LYS B 210 -45.70 17.59 -15.70
C LYS B 210 -44.95 17.55 -17.02
N ALA B 211 -45.67 17.51 -18.15
CA ALA B 211 -45.00 17.62 -19.45
C ALA B 211 -44.28 18.95 -19.58
N ILE B 212 -44.91 20.01 -19.08
CA ILE B 212 -44.28 21.32 -19.10
C ILE B 212 -43.10 21.37 -18.14
N GLN B 213 -43.25 20.80 -16.93
CA GLN B 213 -42.15 20.88 -15.97
C GLN B 213 -40.97 20.01 -16.38
N LEU B 214 -41.20 19.01 -17.22
CA LEU B 214 -40.08 18.22 -17.72
C LEU B 214 -39.43 18.88 -18.92
N GLN B 215 -40.20 19.61 -19.72
CA GLN B 215 -39.58 20.34 -20.81
C GLN B 215 -38.73 21.51 -20.30
N ASP B 216 -39.36 22.44 -19.57
CA ASP B 216 -38.69 23.66 -19.14
C ASP B 216 -38.84 23.82 -17.63
N PRO B 217 -37.75 23.67 -16.89
CA PRO B 217 -37.76 24.13 -15.50
C PRO B 217 -37.69 25.66 -15.48
N LYS B 218 -38.39 26.25 -14.50
CA LYS B 218 -38.25 27.65 -14.07
C LYS B 218 -38.80 28.65 -15.10
N LEU B 219 -39.39 28.15 -16.19
CA LEU B 219 -40.07 28.95 -17.23
C LEU B 219 -39.13 29.97 -17.87
N GLU B 220 -37.86 29.59 -18.00
CA GLU B 220 -36.85 30.50 -18.55
C GLU B 220 -37.08 30.74 -20.03
N GLN B 221 -37.34 29.67 -20.78
CA GLN B 221 -37.63 29.81 -22.21
C GLN B 221 -38.95 30.53 -22.43
N PHE B 222 -39.90 30.39 -21.51
CA PHE B 222 -41.19 31.04 -21.69
C PHE B 222 -41.09 32.53 -21.43
N GLN B 223 -40.74 32.93 -20.21
CA GLN B 223 -40.73 34.35 -19.89
C GLN B 223 -39.47 35.06 -20.36
N LYS B 224 -38.52 34.35 -20.94
CA LYS B 224 -37.43 35.01 -21.65
C LYS B 224 -37.95 35.67 -22.92
N SER B 225 -38.86 35.00 -23.62
CA SER B 225 -39.50 35.53 -24.81
C SER B 225 -40.84 36.13 -24.40
N PRO B 226 -40.94 37.44 -24.20
CA PRO B 226 -42.07 37.98 -23.43
C PRO B 226 -43.36 38.11 -24.23
N ALA B 227 -43.36 37.86 -25.54
CA ALA B 227 -44.59 38.05 -26.30
C ALA B 227 -45.60 36.94 -26.01
N VAL B 228 -45.14 35.70 -26.04
CA VAL B 228 -46.00 34.56 -25.70
C VAL B 228 -46.39 34.60 -24.23
N ALA B 229 -45.55 35.21 -23.38
CA ALA B 229 -45.98 35.54 -22.04
C ALA B 229 -47.05 36.61 -22.03
N GLY B 230 -47.02 37.51 -23.01
CA GLY B 230 -48.11 38.46 -23.18
C GLY B 230 -49.38 37.82 -23.68
N LEU B 231 -49.30 36.63 -24.27
CA LEU B 231 -50.52 35.91 -24.61
C LEU B 231 -51.23 35.41 -23.36
N MET B 232 -50.58 34.57 -22.58
CA MET B 232 -51.23 33.86 -21.48
C MET B 232 -51.36 34.77 -20.26
N HIS B 233 -52.48 34.62 -19.56
CA HIS B 233 -52.66 35.32 -18.30
C HIS B 233 -51.82 34.63 -17.23
N GLN B 234 -51.49 35.39 -16.18
CA GLN B 234 -50.63 34.88 -15.11
C GLN B 234 -51.30 33.79 -14.29
N ALA B 235 -52.65 33.75 -14.30
CA ALA B 235 -53.38 32.72 -13.57
C ALA B 235 -53.08 31.34 -14.13
N SER B 236 -52.95 31.24 -15.46
CA SER B 236 -52.51 30.01 -16.08
C SER B 236 -51.08 29.67 -15.69
N LEU B 237 -50.21 30.68 -15.59
CA LEU B 237 -48.83 30.42 -15.25
C LEU B 237 -48.66 30.02 -13.78
N LEU B 238 -49.60 30.42 -12.92
CA LEU B 238 -49.67 29.84 -11.59
C LEU B 238 -49.95 28.35 -11.67
N GLY B 239 -50.72 27.93 -12.66
CA GLY B 239 -51.09 26.54 -12.78
C GLY B 239 -49.99 25.62 -13.24
N ILE B 240 -48.80 26.14 -13.52
CA ILE B 240 -47.74 25.27 -14.03
C ILE B 240 -46.91 24.71 -12.89
N ASN B 241 -46.29 25.58 -12.09
CA ASN B 241 -45.47 25.10 -10.99
C ASN B 241 -46.32 24.58 -9.83
N ASN B 242 -47.44 25.24 -9.56
CA ASN B 242 -48.42 24.73 -8.62
C ASN B 242 -49.54 24.04 -9.37
N SER B 243 -49.95 22.89 -8.86
CA SER B 243 -51.05 22.14 -9.46
C SER B 243 -52.36 22.84 -9.11
N ILE B 244 -52.94 23.53 -10.09
CA ILE B 244 -54.23 24.19 -9.93
C ILE B 244 -55.16 23.59 -10.96
N SER B 245 -55.96 22.63 -10.54
CA SER B 245 -56.97 22.06 -11.40
C SER B 245 -58.07 23.09 -11.65
N PRO B 246 -58.85 22.92 -12.72
CA PRO B 246 -59.97 23.83 -12.94
C PRO B 246 -61.07 23.73 -11.90
N GLU B 247 -61.27 22.54 -11.33
CA GLU B 247 -62.28 22.39 -10.30
C GLU B 247 -61.88 23.10 -9.02
N LEU B 248 -60.59 23.04 -8.66
CA LEU B 248 -60.08 23.82 -7.55
C LEU B 248 -60.19 25.30 -7.83
N PHE B 249 -60.03 25.69 -9.10
CA PHE B 249 -60.20 27.10 -9.45
C PHE B 249 -61.65 27.52 -9.31
N ASN B 250 -62.60 26.63 -9.57
CA ASN B 250 -64.00 26.96 -9.35
C ASN B 250 -64.33 27.04 -7.87
N ILE B 251 -63.70 26.20 -7.06
CA ILE B 251 -63.90 26.27 -5.61
C ILE B 251 -63.36 27.57 -5.06
N LEU B 252 -62.17 27.97 -5.49
CA LEU B 252 -61.57 29.18 -4.94
C LEU B 252 -62.17 30.43 -5.55
N THR B 253 -62.72 30.33 -6.76
CA THR B 253 -63.22 31.50 -7.46
C THR B 253 -64.53 32.01 -6.87
N GLU B 254 -65.41 31.08 -6.49
CA GLU B 254 -66.81 31.39 -6.22
C GLU B 254 -66.97 32.22 -4.95
N GLU B 255 -68.05 32.99 -4.91
CA GLU B 255 -68.34 33.86 -3.78
C GLU B 255 -69.55 33.33 -3.01
N ILE B 256 -69.49 33.45 -1.69
CA ILE B 256 -70.41 32.79 -0.80
C ILE B 256 -71.06 33.83 0.09
N THR B 257 -72.37 33.98 -0.04
CA THR B 257 -73.17 34.79 0.85
C THR B 257 -73.80 33.89 1.92
N GLU B 258 -74.75 34.45 2.67
CA GLU B 258 -75.52 33.61 3.57
C GLU B 258 -76.61 32.85 2.82
N ALA B 259 -76.94 33.30 1.61
CA ALA B 259 -78.02 32.67 0.86
C ALA B 259 -77.61 31.30 0.33
N ASN B 260 -76.48 31.22 -0.36
CA ASN B 260 -75.98 29.96 -0.90
C ASN B 260 -75.22 29.13 0.12
N ALA B 261 -75.27 29.50 1.39
CA ALA B 261 -74.32 29.00 2.38
C ALA B 261 -74.45 27.52 2.64
N GLU B 262 -75.64 27.05 3.03
CA GLU B 262 -75.78 25.64 3.38
C GLU B 262 -75.79 24.76 2.14
N ALA B 263 -76.21 25.31 1.00
CA ALA B 263 -76.12 24.59 -0.26
C ALA B 263 -74.67 24.29 -0.63
N ILE B 264 -73.81 25.30 -0.58
CA ILE B 264 -72.42 25.05 -0.92
C ILE B 264 -71.70 24.34 0.22
N TYR B 265 -72.25 24.40 1.44
CA TYR B 265 -71.73 23.59 2.54
C TYR B 265 -71.97 22.12 2.30
N LYS B 266 -73.19 21.76 1.92
CA LYS B 266 -73.50 20.38 1.60
C LYS B 266 -72.80 19.95 0.32
N GLN B 267 -72.49 20.89 -0.56
CA GLN B 267 -71.74 20.56 -1.76
C GLN B 267 -70.28 20.28 -1.42
N ASN B 268 -69.73 20.98 -0.43
CA ASN B 268 -68.31 20.85 -0.13
C ASN B 268 -68.06 19.86 1.00
N PHE B 269 -69.09 19.52 1.77
CA PHE B 269 -68.88 18.60 2.87
C PHE B 269 -69.80 17.40 2.84
N GLY B 270 -70.79 17.39 1.96
CA GLY B 270 -71.73 16.29 2.00
C GLY B 270 -72.62 16.43 3.22
N ASP B 271 -72.51 15.46 4.11
CA ASP B 271 -73.34 15.41 5.29
C ASP B 271 -72.56 15.54 6.59
N ILE B 272 -71.46 16.29 6.60
CA ILE B 272 -70.76 16.53 7.85
C ILE B 272 -71.52 17.57 8.65
N ASP B 273 -71.77 17.28 9.92
CA ASP B 273 -72.45 18.25 10.75
C ASP B 273 -71.48 19.37 11.14
N PRO B 274 -71.99 20.59 11.32
CA PRO B 274 -71.10 21.70 11.68
C PRO B 274 -70.52 21.58 13.08
N ALA B 275 -71.14 20.79 13.95
CA ALA B 275 -70.65 20.69 15.33
C ALA B 275 -69.34 19.94 15.40
N CYS B 276 -69.29 18.74 14.81
CA CYS B 276 -68.05 17.97 14.81
C CYS B 276 -67.04 18.53 13.82
N LEU B 277 -67.52 19.26 12.80
CA LEU B 277 -66.58 20.00 11.96
C LEU B 277 -65.95 21.15 12.73
N ALA B 278 -66.67 21.73 13.69
CA ALA B 278 -66.15 22.84 14.47
C ALA B 278 -65.00 22.43 15.37
N MET B 279 -65.03 21.22 15.91
CA MET B 279 -63.98 20.82 16.82
C MET B 279 -62.72 20.47 16.03
N PRO B 280 -61.56 20.93 16.49
CA PRO B 280 -60.34 20.76 15.69
C PRO B 280 -59.78 19.35 15.64
N GLU B 281 -60.30 18.43 16.44
CA GLU B 281 -59.78 17.07 16.36
C GLU B 281 -60.26 16.38 15.09
N TYR B 282 -61.51 16.61 14.71
CA TYR B 282 -61.98 16.12 13.43
C TYR B 282 -61.37 16.93 12.29
N LEU B 283 -60.91 18.16 12.57
CA LEU B 283 -60.16 18.89 11.56
C LEU B 283 -58.79 18.27 11.33
N LYS B 284 -58.13 17.83 12.40
CA LYS B 284 -56.86 17.13 12.27
C LYS B 284 -57.05 15.79 11.56
N SER B 285 -58.15 15.11 11.87
CA SER B 285 -58.44 13.84 11.22
C SER B 285 -58.80 14.02 9.75
N TYR B 286 -59.55 15.07 9.41
CA TYR B 286 -60.03 15.22 8.05
C TYR B 286 -59.04 15.95 7.18
N TYR B 287 -58.66 17.16 7.57
CA TYR B 287 -57.79 17.96 6.75
C TYR B 287 -56.33 17.53 6.84
N ASN B 288 -56.02 16.59 7.74
CA ASN B 288 -54.73 15.87 7.77
C ASN B 288 -53.56 16.83 8.04
N PHE B 289 -53.58 17.44 9.22
CA PHE B 289 -52.49 18.35 9.58
C PHE B 289 -51.83 17.95 10.89
N SER B 290 -50.69 18.58 11.16
CA SER B 290 -50.08 18.51 12.48
C SER B 290 -50.83 19.43 13.45
N ASP B 291 -50.59 19.21 14.75
CA ASP B 291 -51.27 20.05 15.74
C ASP B 291 -50.50 21.35 15.94
N GLU B 292 -49.21 21.35 15.65
CA GLU B 292 -48.48 22.60 15.50
C GLU B 292 -49.08 23.42 14.36
N GLU B 293 -49.41 22.75 13.27
CA GLU B 293 -50.17 23.39 12.20
C GLU B 293 -51.57 23.77 12.69
N LEU B 294 -52.12 23.01 13.63
CA LEU B 294 -53.49 23.28 14.10
C LEU B 294 -53.52 24.36 15.16
N SER B 295 -52.35 24.84 15.58
CA SER B 295 -52.27 26.04 16.37
C SER B 295 -52.66 27.28 15.59
N GLN B 296 -52.65 27.19 14.26
CA GLN B 296 -52.68 28.38 13.42
C GLN B 296 -53.99 28.54 12.66
N PHE B 297 -54.85 27.51 12.64
CA PHE B 297 -55.98 27.56 11.69
C PHE B 297 -57.09 28.50 12.15
N ILE B 298 -57.75 28.16 13.26
CA ILE B 298 -58.69 29.08 13.86
C ILE B 298 -57.85 29.85 14.86
N ARG B 299 -57.33 29.10 15.83
CA ARG B 299 -56.29 29.41 16.80
C ARG B 299 -55.84 28.08 17.37
N LYS B 300 -55.13 28.11 18.49
CA LYS B 300 -54.95 26.90 19.28
C LYS B 300 -56.30 26.51 19.91
N TYR B 301 -56.40 25.29 20.41
CA TYR B 301 -57.66 24.81 21.01
C TYR B 301 -57.42 23.77 22.10
N PRO B 302 -57.59 24.15 23.37
CA PRO B 302 -57.79 23.14 24.42
C PRO B 302 -59.26 22.74 24.49
N ASP B 303 -59.66 21.92 25.46
CA ASP B 303 -61.06 21.48 25.52
C ASP B 303 -62.01 22.61 25.94
N ASN B 304 -61.48 23.73 26.43
CA ASN B 304 -62.28 24.93 26.62
C ASN B 304 -62.61 25.56 25.26
N GLU B 305 -63.60 26.44 25.24
CA GLU B 305 -63.95 27.14 24.00
C GLU B 305 -62.95 28.26 23.75
N LEU B 306 -62.39 28.28 22.54
CA LEU B 306 -61.36 29.27 22.22
C LEU B 306 -61.48 29.63 20.75
N ASN B 307 -61.41 30.94 20.49
CA ASN B 307 -61.73 31.59 19.22
C ASN B 307 -63.10 31.11 18.78
N THR B 308 -64.11 31.39 19.61
CA THR B 308 -65.44 30.84 19.43
C THR B 308 -66.10 31.39 18.17
N GLN B 309 -66.20 30.52 17.17
CA GLN B 309 -66.76 30.86 15.87
C GLN B 309 -68.27 30.73 16.00
N LYS B 310 -68.99 31.38 15.09
CA LYS B 310 -70.38 31.02 14.91
C LYS B 310 -70.53 30.02 13.78
N ILE B 311 -70.18 30.44 12.55
CA ILE B 311 -69.66 29.60 11.48
C ILE B 311 -68.85 30.45 10.51
N HIS B 312 -67.62 30.03 10.24
CA HIS B 312 -66.95 30.33 8.98
C HIS B 312 -66.21 29.06 8.58
N LEU B 313 -66.91 28.18 7.89
CA LEU B 313 -66.33 26.89 7.56
C LEU B 313 -65.94 26.83 6.10
N LEU B 314 -66.52 27.71 5.30
CA LEU B 314 -66.20 27.77 3.89
C LEU B 314 -64.96 28.62 3.68
N LYS B 315 -64.85 29.71 4.43
CA LYS B 315 -63.69 30.58 4.36
C LYS B 315 -62.42 29.89 4.84
N ILE B 316 -62.54 29.02 5.83
CA ILE B 316 -61.37 28.27 6.25
C ILE B 316 -61.07 27.17 5.23
N ASN B 317 -62.09 26.70 4.51
CA ASN B 317 -61.89 25.60 3.57
C ASN B 317 -61.06 26.04 2.38
N LYS B 318 -61.36 27.24 1.87
CA LYS B 318 -60.63 27.80 0.74
C LYS B 318 -59.16 27.98 1.07
N ILE B 319 -58.88 28.55 2.24
CA ILE B 319 -57.50 28.85 2.59
C ILE B 319 -56.73 27.59 2.95
N ILE B 320 -57.38 26.58 3.51
CA ILE B 320 -56.69 25.31 3.77
C ILE B 320 -56.32 24.62 2.46
N LEU B 321 -57.27 24.54 1.52
CA LEU B 321 -56.99 23.89 0.25
C LEU B 321 -55.95 24.65 -0.55
N LEU B 322 -55.99 25.99 -0.51
CA LEU B 322 -54.99 26.79 -1.18
C LEU B 322 -53.61 26.55 -0.58
N SER B 323 -53.53 26.48 0.74
CA SER B 323 -52.23 26.28 1.37
C SER B 323 -51.71 24.88 1.13
N GLN B 324 -52.61 23.92 0.96
CA GLN B 324 -52.14 22.58 0.62
C GLN B 324 -51.65 22.52 -0.82
N ALA B 325 -52.24 23.33 -1.69
CA ALA B 325 -51.75 23.40 -3.06
C ALA B 325 -50.40 24.09 -3.14
N VAL B 326 -50.31 25.33 -2.66
CA VAL B 326 -49.15 26.17 -2.91
C VAL B 326 -48.06 26.00 -1.86
N ASN B 327 -48.31 25.17 -0.83
CA ASN B 327 -47.31 24.69 0.13
C ASN B 327 -46.75 25.82 1.01
N LEU B 328 -47.64 26.67 1.56
CA LEU B 328 -47.18 27.85 2.27
C LEU B 328 -47.74 27.93 3.68
N PRO B 329 -47.07 28.62 4.61
CA PRO B 329 -47.64 28.79 5.94
C PRO B 329 -48.79 29.78 5.98
N PHE B 330 -49.24 30.07 7.19
CA PHE B 330 -50.55 30.67 7.39
C PHE B 330 -50.51 32.08 7.94
N LEU B 331 -49.34 32.57 8.37
CA LEU B 331 -49.18 34.01 8.48
C LEU B 331 -49.30 34.65 7.10
N LYS B 332 -48.82 33.97 6.07
CA LYS B 332 -48.85 34.53 4.73
C LYS B 332 -50.27 34.59 4.19
N LEU B 333 -51.03 33.51 4.35
CA LEU B 333 -52.37 33.51 3.78
C LEU B 333 -53.36 34.20 4.70
N ASP B 334 -52.99 34.46 5.95
CA ASP B 334 -53.65 35.52 6.69
C ASP B 334 -53.29 36.88 6.10
N GLU B 335 -52.01 37.10 5.85
CA GLU B 335 -51.49 38.38 5.40
C GLU B 335 -51.96 38.72 4.00
N ILE B 336 -51.96 37.77 3.09
CA ILE B 336 -52.47 38.00 1.75
C ILE B 336 -53.99 38.00 1.81
N ILE B 337 -54.57 39.12 1.37
CA ILE B 337 -56.00 39.47 1.36
C ILE B 337 -56.69 39.08 2.67
N PRO B 338 -56.49 39.89 3.72
CA PRO B 338 -57.08 39.55 5.03
C PRO B 338 -58.59 39.55 5.04
N GLU B 339 -59.23 40.29 4.13
CA GLU B 339 -60.61 39.96 3.81
C GLU B 339 -60.66 38.57 3.19
N GLN B 340 -61.29 37.64 3.90
CA GLN B 340 -61.19 36.22 3.57
C GLN B 340 -62.00 35.96 2.30
N ASN B 341 -61.43 36.37 1.17
CA ASN B 341 -62.06 36.38 -0.13
C ASN B 341 -60.97 36.12 -1.16
N ILE B 342 -61.36 35.64 -2.33
CA ILE B 342 -60.41 35.36 -3.39
C ILE B 342 -60.92 35.94 -4.70
N THR B 343 -60.14 36.83 -5.29
CA THR B 343 -60.25 37.26 -6.67
C THR B 343 -58.97 36.81 -7.36
N PRO B 344 -59.04 36.51 -8.67
CA PRO B 344 -57.86 35.94 -9.34
C PRO B 344 -56.63 36.85 -9.43
N THR B 345 -56.73 38.12 -9.08
CA THR B 345 -55.52 38.90 -8.93
C THR B 345 -54.74 38.52 -7.66
N VAL B 346 -55.41 37.93 -6.67
CA VAL B 346 -54.69 37.30 -5.58
C VAL B 346 -53.89 36.12 -6.10
N LEU B 347 -54.45 35.41 -7.07
CA LEU B 347 -53.71 34.33 -7.71
C LEU B 347 -52.57 34.85 -8.57
N GLY B 348 -52.70 36.05 -9.10
CA GLY B 348 -51.59 36.68 -9.77
C GLY B 348 -50.48 37.02 -8.80
N LYS B 349 -50.87 37.56 -7.64
CA LYS B 349 -49.91 37.87 -6.57
C LYS B 349 -49.17 36.64 -6.10
N ILE B 350 -49.89 35.52 -5.93
CA ILE B 350 -49.23 34.36 -5.38
C ILE B 350 -48.35 33.71 -6.43
N PHE B 351 -48.69 33.86 -7.71
CA PHE B 351 -47.77 33.42 -8.74
C PHE B 351 -46.52 34.29 -8.78
N LEU B 352 -46.69 35.59 -8.55
CA LEU B 352 -45.52 36.49 -8.49
C LEU B 352 -44.57 36.08 -7.38
N VAL B 353 -45.11 35.79 -6.19
CA VAL B 353 -44.22 35.49 -5.07
C VAL B 353 -43.59 34.11 -5.24
N LYS B 354 -44.33 33.13 -5.78
CA LYS B 354 -43.74 31.82 -6.04
C LYS B 354 -42.72 31.89 -7.17
N TYR B 355 -42.87 32.84 -8.09
CA TYR B 355 -41.89 32.93 -9.14
C TYR B 355 -40.64 33.65 -8.68
N TYR B 356 -40.78 34.67 -7.83
CA TYR B 356 -39.60 35.31 -7.29
C TYR B 356 -38.80 34.40 -6.39
N MET B 357 -39.49 33.50 -5.66
CA MET B 357 -38.79 32.51 -4.85
C MET B 357 -37.94 31.59 -5.71
N GLN B 358 -38.47 31.16 -6.84
CA GLN B 358 -37.71 30.26 -7.70
C GLN B 358 -36.64 31.01 -8.45
N LYS B 359 -36.89 32.28 -8.77
CA LYS B 359 -35.99 33.03 -9.62
C LYS B 359 -34.77 33.50 -8.86
N TYR B 360 -34.97 34.19 -7.74
CA TYR B 360 -33.87 34.82 -7.04
C TYR B 360 -33.41 34.02 -5.83
N ASN B 361 -34.12 32.94 -5.51
CA ASN B 361 -33.78 32.00 -4.43
C ASN B 361 -33.68 32.71 -3.09
N ILE B 362 -34.82 33.26 -2.65
CA ILE B 362 -34.88 34.05 -1.43
C ILE B 362 -35.93 33.45 -0.51
N GLY B 363 -36.09 34.07 0.65
CA GLY B 363 -37.00 33.58 1.66
C GLY B 363 -38.45 33.89 1.33
N THR B 364 -39.33 33.34 2.16
CA THR B 364 -40.76 33.52 1.90
C THR B 364 -41.25 34.88 2.39
N GLU B 365 -40.59 35.48 3.36
CA GLU B 365 -40.92 36.83 3.76
C GLU B 365 -40.41 37.83 2.73
N THR B 366 -39.37 37.45 2.01
CA THR B 366 -38.58 38.41 1.29
C THR B 366 -39.22 38.75 -0.04
N ALA B 367 -39.82 37.75 -0.69
CA ALA B 367 -40.58 38.06 -1.89
C ALA B 367 -41.95 38.61 -1.54
N LEU B 368 -42.42 38.40 -0.31
CA LEU B 368 -43.60 39.13 0.14
C LEU B 368 -43.32 40.60 0.29
N ILE B 369 -42.07 40.96 0.60
CA ILE B 369 -41.69 42.36 0.47
C ILE B 369 -41.77 42.81 -0.99
N LEU B 370 -41.37 41.93 -1.92
CA LEU B 370 -41.41 42.26 -3.33
C LEU B 370 -42.81 42.30 -3.91
N CYS B 371 -43.80 41.78 -3.20
CA CYS B 371 -45.19 41.98 -3.62
C CYS B 371 -45.77 43.27 -3.08
N ASN B 372 -44.90 44.23 -2.70
CA ASN B 372 -45.26 45.51 -2.10
C ASN B 372 -46.11 45.32 -0.86
N ASP B 373 -45.67 44.45 0.04
CA ASP B 373 -46.38 44.24 1.28
C ASP B 373 -45.44 44.44 2.44
N SER B 374 -46.00 44.87 3.57
CA SER B 374 -45.19 45.37 4.66
C SER B 374 -44.51 44.24 5.42
N ILE B 375 -43.70 44.62 6.39
CA ILE B 375 -42.99 43.67 7.23
C ILE B 375 -43.92 43.20 8.32
N SER B 376 -44.05 41.88 8.45
CA SER B 376 -44.88 41.31 9.48
C SER B 376 -44.13 41.28 10.81
N GLN B 377 -44.79 41.75 11.86
CA GLN B 377 -44.25 41.64 13.21
C GLN B 377 -44.85 40.49 13.98
N TYR B 378 -45.90 39.87 13.46
CA TYR B 378 -46.54 38.75 14.13
C TYR B 378 -45.62 37.55 14.16
N SER B 379 -45.51 36.93 15.33
CA SER B 379 -44.60 35.81 15.53
C SER B 379 -45.40 34.51 15.56
N TYR B 380 -44.75 33.43 15.13
CA TYR B 380 -45.36 32.11 15.12
C TYR B 380 -44.24 31.07 15.07
N SER B 381 -44.65 29.80 15.20
CA SER B 381 -43.78 28.62 15.11
C SER B 381 -42.65 28.63 16.14
N ASN B 382 -42.90 29.27 17.29
CA ASN B 382 -41.94 29.45 18.40
C ASN B 382 -40.66 30.12 17.94
N GLN B 383 -40.77 31.02 16.97
CA GLN B 383 -39.66 31.64 16.28
C GLN B 383 -39.88 33.13 16.18
N PRO B 384 -38.81 33.93 16.13
CA PRO B 384 -38.99 35.38 15.96
C PRO B 384 -39.52 35.72 14.58
N SER B 385 -40.21 36.84 14.50
CA SER B 385 -40.90 37.21 13.29
C SER B 385 -39.93 37.73 12.24
N GLN B 386 -40.51 38.21 11.14
CA GLN B 386 -39.75 38.91 10.11
C GLN B 386 -39.07 40.15 10.68
N PHE B 387 -39.79 40.88 11.53
CA PHE B 387 -39.26 42.07 12.15
C PHE B 387 -38.11 41.77 13.09
N ASP B 388 -38.28 40.78 13.95
CA ASP B 388 -37.27 40.52 14.96
C ASP B 388 -36.05 39.82 14.38
N ARG B 389 -36.25 38.97 13.37
CA ARG B 389 -35.11 38.42 12.66
C ARG B 389 -34.45 39.48 11.80
N LEU B 390 -35.19 40.54 11.45
CA LEU B 390 -34.60 41.60 10.67
C LEU B 390 -33.71 42.48 11.55
N PHE B 391 -34.13 42.74 12.79
CA PHE B 391 -33.37 43.73 13.54
C PHE B 391 -32.68 43.15 14.78
N ASN B 392 -33.45 42.58 15.70
CA ASN B 392 -33.04 42.56 17.10
C ASN B 392 -32.29 41.30 17.51
N THR B 393 -31.73 40.55 16.58
CA THR B 393 -30.79 39.48 16.89
C THR B 393 -29.48 39.80 16.20
N SER B 394 -28.47 40.24 16.97
CA SER B 394 -28.42 40.31 18.43
C SER B 394 -29.05 41.60 18.98
N PRO B 395 -29.53 41.56 20.22
CA PRO B 395 -29.97 42.80 20.87
C PRO B 395 -28.82 43.77 21.06
N LEU B 396 -28.88 44.88 20.34
CA LEU B 396 -27.88 45.93 20.41
C LEU B 396 -27.99 46.61 21.77
N ASN B 397 -26.94 46.47 22.58
CA ASN B 397 -26.83 47.03 23.94
C ASN B 397 -27.92 46.53 24.85
N GLY B 398 -28.45 45.33 24.57
CA GLY B 398 -29.59 44.82 25.30
C GLY B 398 -30.90 45.54 25.04
N GLN B 399 -30.93 46.44 24.07
CA GLN B 399 -32.10 47.25 23.81
C GLN B 399 -32.92 46.65 22.68
N TYR B 400 -34.23 46.80 22.75
CA TYR B 400 -35.13 46.35 21.71
C TYR B 400 -35.50 47.53 20.83
N PHE B 401 -35.53 47.31 19.53
CA PHE B 401 -35.93 48.34 18.59
C PHE B 401 -37.44 48.45 18.57
N VAL B 402 -37.97 49.48 19.21
CA VAL B 402 -39.40 49.63 19.44
C VAL B 402 -40.00 50.49 18.34
N ILE B 403 -41.05 49.96 17.70
CA ILE B 403 -41.83 50.76 16.76
C ILE B 403 -42.52 51.89 17.52
N GLU B 404 -42.47 53.09 16.96
CA GLU B 404 -42.86 54.28 17.70
C GLU B 404 -43.35 55.30 16.68
N ASP B 405 -43.53 56.55 17.13
CA ASP B 405 -43.83 57.66 16.24
C ASP B 405 -42.70 58.66 16.13
N THR B 406 -41.51 58.30 16.60
CA THR B 406 -40.39 59.23 16.60
C THR B 406 -39.83 59.40 15.19
N ASN B 407 -39.04 60.44 15.02
CA ASN B 407 -38.28 60.58 13.78
C ASN B 407 -36.89 59.99 13.94
N ILE B 408 -36.38 59.46 12.84
CA ILE B 408 -34.97 59.05 12.76
C ILE B 408 -34.37 59.81 11.61
N ASP B 409 -33.51 60.77 11.92
CA ASP B 409 -32.92 61.62 10.89
C ASP B 409 -31.77 60.87 10.22
N LEU B 410 -31.98 60.51 8.96
CA LEU B 410 -31.00 59.79 8.18
C LEU B 410 -30.11 60.73 7.38
N SER B 411 -30.14 62.03 7.70
CA SER B 411 -29.21 62.96 7.09
C SER B 411 -27.79 62.62 7.52
N LEU B 412 -26.83 62.98 6.68
CA LEU B 412 -25.48 62.48 6.84
C LEU B 412 -24.78 63.15 8.02
N ASN B 413 -25.25 64.34 8.39
CA ASN B 413 -24.74 65.06 9.54
C ASN B 413 -25.63 64.91 10.76
N SER B 414 -26.21 63.72 10.97
CA SER B 414 -27.14 63.55 12.09
C SER B 414 -26.41 63.29 13.40
N THR B 415 -25.47 62.33 13.39
CA THR B 415 -24.87 61.72 14.58
C THR B 415 -25.96 61.23 15.53
N ASP B 416 -26.64 60.16 15.11
CA ASP B 416 -27.83 59.71 15.82
C ASP B 416 -27.49 58.49 16.67
N ASN B 417 -28.51 57.96 17.34
CA ASN B 417 -28.38 56.89 18.31
C ASN B 417 -28.27 55.54 17.63
N TRP B 418 -28.51 54.50 18.43
CA TRP B 418 -28.68 53.12 17.98
C TRP B 418 -29.83 52.94 17.00
N HIS B 419 -30.73 53.91 16.88
CA HIS B 419 -31.73 53.88 15.81
C HIS B 419 -31.08 53.86 14.44
N LYS B 420 -30.01 54.62 14.26
CA LYS B 420 -29.26 54.55 13.02
C LYS B 420 -28.41 53.29 12.96
N ALA B 421 -27.93 52.82 14.11
CA ALA B 421 -27.03 51.68 14.14
C ALA B 421 -27.75 50.38 13.80
N VAL B 422 -29.01 50.24 14.20
CA VAL B 422 -29.74 49.02 13.87
C VAL B 422 -30.05 48.97 12.38
N LEU B 423 -30.26 50.13 11.75
CA LEU B 423 -30.44 50.16 10.32
C LEU B 423 -29.15 49.79 9.62
N LYS B 424 -28.04 50.31 10.13
CA LYS B 424 -26.76 49.99 9.51
C LYS B 424 -26.37 48.53 9.73
N ARG B 425 -26.86 47.93 10.81
CA ARG B 425 -26.59 46.51 11.04
C ARG B 425 -27.47 45.63 10.18
N ALA B 426 -28.75 45.98 10.04
CA ALA B 426 -29.66 45.13 9.30
C ALA B 426 -29.44 45.25 7.80
N PHE B 427 -29.16 46.45 7.31
CA PHE B 427 -29.03 46.66 5.88
C PHE B 427 -27.60 46.57 5.37
N ASN B 428 -26.63 46.40 6.28
CA ASN B 428 -25.22 46.19 5.95
C ASN B 428 -24.66 47.36 5.14
N VAL B 429 -24.74 48.54 5.73
CA VAL B 429 -24.56 49.79 5.01
C VAL B 429 -23.95 50.82 5.96
N ASP B 430 -23.19 51.76 5.40
CA ASP B 430 -22.65 52.85 6.17
C ASP B 430 -23.61 54.04 6.15
N ASP B 431 -23.12 55.21 6.60
CA ASP B 431 -23.97 56.39 6.73
C ASP B 431 -24.35 56.95 5.36
N ILE B 432 -23.34 57.13 4.50
CA ILE B 432 -23.53 57.86 3.25
C ILE B 432 -24.39 57.09 2.27
N SER B 433 -24.16 55.78 2.13
CA SER B 433 -24.96 55.01 1.20
C SER B 433 -26.38 54.83 1.70
N LEU B 434 -26.58 54.82 3.01
CA LEU B 434 -27.93 54.90 3.56
C LEU B 434 -28.58 56.22 3.20
N TYR B 435 -27.81 57.31 3.26
CA TYR B 435 -28.37 58.62 2.90
C TYR B 435 -28.72 58.68 1.43
N ARG B 436 -27.95 57.99 0.60
CA ARG B 436 -28.33 57.87 -0.80
C ARG B 436 -29.56 57.00 -0.99
N LEU B 437 -29.63 55.91 -0.21
CA LEU B 437 -30.75 54.97 -0.28
C LEU B 437 -32.06 55.64 0.10
N LEU B 438 -32.00 56.62 0.99
CA LEU B 438 -33.18 57.38 1.36
C LEU B 438 -33.75 58.15 0.17
N HIS B 439 -32.90 58.90 -0.54
CA HIS B 439 -33.39 59.65 -1.70
C HIS B 439 -33.70 58.74 -2.88
N ILE B 440 -33.12 57.55 -2.91
CA ILE B 440 -33.53 56.57 -3.91
C ILE B 440 -34.95 56.09 -3.61
N ALA B 441 -35.24 55.77 -2.35
CA ALA B 441 -36.56 55.28 -1.99
C ALA B 441 -37.61 56.37 -2.12
N ASN B 442 -37.23 57.61 -1.89
CA ASN B 442 -38.15 58.73 -2.01
C ASN B 442 -37.38 59.99 -2.33
N HIS B 443 -37.57 60.51 -3.54
CA HIS B 443 -37.03 61.81 -3.91
C HIS B 443 -37.85 62.96 -3.38
N ASN B 444 -38.96 62.69 -2.70
CA ASN B 444 -39.74 63.74 -2.10
C ASN B 444 -39.42 63.93 -0.62
N ASN B 445 -38.45 63.21 -0.10
CA ASN B 445 -37.97 63.50 1.24
C ASN B 445 -37.08 64.73 1.21
N THR B 446 -37.46 65.73 1.99
CA THR B 446 -36.73 66.98 2.07
C THR B 446 -35.53 66.90 3.01
N ASP B 447 -35.48 65.91 3.89
CA ASP B 447 -34.41 65.78 4.84
C ASP B 447 -34.19 64.32 5.16
N GLY B 448 -33.48 64.08 6.25
CA GLY B 448 -33.31 62.73 6.73
C GLY B 448 -34.37 62.24 7.68
N LYS B 449 -35.23 63.13 8.18
CA LYS B 449 -36.20 62.75 9.19
C LYS B 449 -37.37 62.00 8.55
N ILE B 450 -37.54 60.75 8.95
CA ILE B 450 -38.65 59.93 8.51
C ILE B 450 -39.39 59.42 9.75
N ALA B 451 -40.64 59.03 9.54
CA ALA B 451 -41.43 58.48 10.64
C ALA B 451 -40.96 57.08 11.00
N ASN B 452 -41.37 56.62 12.17
CA ASN B 452 -40.96 55.31 12.65
C ASN B 452 -42.03 54.25 12.41
N ASN B 453 -42.94 54.47 11.47
CA ASN B 453 -43.94 53.46 11.17
C ASN B 453 -43.32 52.31 10.38
N ILE B 454 -44.13 51.29 10.12
CA ILE B 454 -43.60 50.12 9.45
C ILE B 454 -43.44 50.36 7.95
N LYS B 455 -44.13 51.36 7.40
CA LYS B 455 -44.23 51.47 5.94
C LYS B 455 -42.97 52.07 5.34
N ASN B 456 -42.39 53.08 5.99
CA ASN B 456 -41.11 53.60 5.53
C ASN B 456 -40.01 52.56 5.67
N LEU B 457 -40.10 51.72 6.70
CA LEU B 457 -39.16 50.62 6.85
C LEU B 457 -39.30 49.62 5.72
N SER B 458 -40.54 49.35 5.31
CA SER B 458 -40.78 48.46 4.19
C SER B 458 -40.25 49.03 2.88
N ASN B 459 -40.42 50.35 2.69
CA ASN B 459 -39.86 51.02 1.52
C ASN B 459 -38.35 50.88 1.45
N LEU B 460 -37.68 51.16 2.57
CA LEU B 460 -36.22 51.07 2.62
C LEU B 460 -35.74 49.64 2.40
N TYR B 461 -36.41 48.67 3.01
CA TYR B 461 -35.97 47.30 2.87
C TYR B 461 -36.19 46.80 1.45
N MET B 462 -37.27 47.22 0.80
CA MET B 462 -37.53 46.78 -0.55
C MET B 462 -36.55 47.41 -1.53
N THR B 463 -36.29 48.70 -1.39
CA THR B 463 -35.36 49.32 -2.30
C THR B 463 -33.92 48.89 -2.03
N LYS B 464 -33.65 48.31 -0.87
CA LYS B 464 -32.39 47.61 -0.70
C LYS B 464 -32.38 46.26 -1.40
N LEU B 465 -33.49 45.51 -1.32
CA LEU B 465 -33.56 44.19 -1.94
C LEU B 465 -33.46 44.26 -3.45
N LEU B 466 -33.94 45.35 -4.04
CA LEU B 466 -33.89 45.51 -5.49
C LEU B 466 -32.46 45.54 -5.99
N ALA B 467 -31.55 46.16 -5.25
CA ALA B 467 -30.15 46.07 -5.63
C ALA B 467 -29.53 44.75 -5.16
N ASP B 468 -30.09 44.16 -4.09
CA ASP B 468 -29.49 42.95 -3.55
C ASP B 468 -29.67 41.73 -4.46
N ILE B 469 -30.83 41.61 -5.11
CA ILE B 469 -31.11 40.40 -5.87
C ILE B 469 -30.29 40.36 -7.16
N HIS B 470 -29.88 41.52 -7.66
CA HIS B 470 -28.93 41.54 -8.75
C HIS B 470 -27.51 41.79 -8.28
N GLN B 471 -27.32 41.93 -6.97
CA GLN B 471 -26.01 42.09 -6.32
C GLN B 471 -25.30 43.34 -6.82
N LEU B 472 -25.87 44.49 -6.52
CA LEU B 472 -25.28 45.79 -6.81
C LEU B 472 -25.14 46.60 -5.52
N THR B 473 -24.54 47.77 -5.64
CA THR B 473 -24.44 48.66 -4.50
C THR B 473 -25.62 49.61 -4.48
N ILE B 474 -25.50 50.66 -3.68
CA ILE B 474 -26.54 51.68 -3.64
C ILE B 474 -26.38 52.66 -4.78
N ASP B 475 -25.15 53.18 -4.98
CA ASP B 475 -24.92 54.11 -6.07
C ASP B 475 -25.00 53.43 -7.43
N GLU B 476 -24.69 52.14 -7.49
CA GLU B 476 -24.88 51.39 -8.72
C GLU B 476 -26.37 51.26 -9.04
N LEU B 477 -27.20 51.07 -8.02
CA LEU B 477 -28.64 51.07 -8.24
C LEU B 477 -29.13 52.44 -8.65
N TYR B 478 -28.50 53.49 -8.10
CA TYR B 478 -28.85 54.85 -8.46
C TYR B 478 -28.54 55.13 -9.93
N LEU B 479 -27.32 54.79 -10.36
CA LEU B 479 -26.94 54.89 -11.76
C LEU B 479 -27.79 54.00 -12.65
N LEU B 480 -28.23 52.87 -12.13
CA LEU B 480 -29.08 51.97 -12.89
C LEU B 480 -30.45 52.57 -13.14
N LEU B 481 -31.04 53.20 -12.13
CA LEU B 481 -32.30 53.89 -12.29
C LEU B 481 -32.17 55.12 -13.18
N ILE B 482 -30.99 55.75 -13.19
CA ILE B 482 -30.74 56.81 -14.15
C ILE B 482 -30.70 56.26 -15.56
N THR B 483 -29.89 55.22 -15.79
CA THR B 483 -29.60 54.76 -17.14
C THR B 483 -30.76 53.97 -17.72
N ILE B 484 -31.73 53.57 -16.91
CA ILE B 484 -32.95 53.03 -17.49
C ILE B 484 -33.96 54.16 -17.72
N GLY B 485 -33.75 55.31 -17.08
CA GLY B 485 -34.66 56.42 -17.20
C GLY B 485 -35.76 56.44 -16.16
N GLU B 486 -35.76 55.52 -15.21
CA GLU B 486 -36.73 55.49 -14.14
C GLU B 486 -36.28 56.27 -12.92
N ASP B 487 -35.42 57.27 -13.09
CA ASP B 487 -34.86 57.98 -11.96
C ASP B 487 -35.89 58.87 -11.28
N LYS B 488 -36.85 59.38 -12.07
CA LYS B 488 -37.78 60.35 -11.53
C LYS B 488 -38.85 59.72 -10.64
N ILE B 489 -39.15 58.43 -10.83
CA ILE B 489 -40.26 57.84 -10.10
C ILE B 489 -39.79 57.39 -8.71
N ASN B 490 -40.68 57.49 -7.73
CA ASN B 490 -40.39 57.09 -6.37
C ASN B 490 -41.09 55.77 -6.03
N LEU B 491 -40.45 55.01 -5.17
CA LEU B 491 -40.99 53.74 -4.70
C LEU B 491 -41.87 53.91 -3.48
N TYR B 492 -42.03 55.13 -2.99
CA TYR B 492 -42.88 55.38 -1.83
C TYR B 492 -44.34 55.10 -2.15
N ASP B 493 -44.75 55.43 -3.36
CA ASP B 493 -46.07 55.09 -3.86
C ASP B 493 -45.90 54.58 -5.28
N ILE B 494 -46.27 53.32 -5.49
CA ILE B 494 -46.16 52.68 -6.80
C ILE B 494 -47.19 51.56 -6.87
N ASP B 495 -47.87 51.46 -8.00
CA ASP B 495 -48.77 50.36 -8.27
C ASP B 495 -47.99 49.05 -8.33
N ASP B 496 -48.64 47.99 -7.86
CA ASP B 496 -47.99 46.68 -7.80
C ASP B 496 -47.75 46.12 -9.19
N LYS B 497 -48.63 46.42 -10.13
CA LYS B 497 -48.39 46.05 -11.52
C LYS B 497 -47.22 46.83 -12.08
N GLU B 498 -47.16 48.13 -11.79
CA GLU B 498 -46.04 48.94 -12.23
C GLU B 498 -44.76 48.51 -11.56
N LEU B 499 -44.84 48.11 -10.29
CA LEU B 499 -43.68 47.61 -9.59
C LEU B 499 -43.17 46.31 -10.18
N GLU B 500 -44.11 45.39 -10.48
CA GLU B 500 -43.79 44.17 -11.21
C GLU B 500 -43.10 44.45 -12.52
N LYS B 501 -43.65 45.38 -13.30
CA LYS B 501 -43.10 45.75 -14.60
C LYS B 501 -41.71 46.35 -14.47
N LEU B 502 -41.50 47.14 -13.41
CA LEU B 502 -40.20 47.73 -13.16
C LEU B 502 -39.16 46.68 -12.81
N ILE B 503 -39.56 45.69 -12.02
CA ILE B 503 -38.66 44.60 -11.67
C ILE B 503 -38.35 43.77 -12.90
N ASN B 504 -39.33 43.60 -13.78
CA ASN B 504 -39.07 42.88 -15.03
C ASN B 504 -38.11 43.66 -15.93
N ARG B 505 -38.23 44.99 -15.95
CA ARG B 505 -37.31 45.80 -16.74
C ARG B 505 -35.89 45.71 -16.20
N LEU B 506 -35.75 45.76 -14.87
CA LEU B 506 -34.43 45.64 -14.26
C LEU B 506 -33.84 44.26 -14.49
N ASP B 507 -34.67 43.23 -14.45
CA ASP B 507 -34.17 41.87 -14.65
C ASP B 507 -33.78 41.66 -16.10
N THR B 508 -34.55 42.22 -17.03
CA THR B 508 -34.23 42.15 -18.45
C THR B 508 -32.92 42.85 -18.75
N LEU B 509 -32.75 44.05 -18.21
CA LEU B 509 -31.54 44.82 -18.42
C LEU B 509 -30.34 44.13 -17.77
N SER B 510 -30.53 43.57 -16.59
CA SER B 510 -29.44 42.90 -15.89
C SER B 510 -29.00 41.63 -16.62
N ASN B 511 -29.98 40.82 -17.04
CA ASN B 511 -29.67 39.60 -17.77
C ASN B 511 -29.04 39.90 -19.11
N TRP B 512 -29.48 40.97 -19.77
CA TRP B 512 -28.86 41.36 -21.02
C TRP B 512 -27.43 41.85 -20.82
N LEU B 513 -27.16 42.55 -19.71
CA LEU B 513 -25.78 42.92 -19.43
C LEU B 513 -24.93 41.70 -19.08
N HIS B 514 -25.52 40.69 -18.47
CA HIS B 514 -24.77 39.47 -18.22
C HIS B 514 -24.50 38.71 -19.50
N THR B 515 -25.37 38.89 -20.51
CA THR B 515 -25.06 38.33 -21.82
C THR B 515 -24.00 39.15 -22.55
N GLN B 516 -24.00 40.46 -22.35
CA GLN B 516 -23.04 41.32 -23.06
C GLN B 516 -21.71 41.43 -22.35
N LYS B 517 -21.65 41.07 -21.06
CA LYS B 517 -20.46 41.24 -20.21
C LYS B 517 -20.00 42.70 -20.23
N TRP B 518 -20.85 43.56 -19.68
CA TRP B 518 -20.58 44.99 -19.61
C TRP B 518 -20.58 45.42 -18.15
N SER B 519 -19.75 46.41 -17.84
CA SER B 519 -19.92 47.10 -16.57
C SER B 519 -21.16 47.98 -16.62
N ILE B 520 -21.66 48.36 -15.45
CA ILE B 520 -22.74 49.33 -15.42
C ILE B 520 -22.21 50.72 -15.74
N TYR B 521 -20.90 50.95 -15.51
CA TYR B 521 -20.29 52.21 -15.91
C TYR B 521 -20.24 52.36 -17.41
N GLN B 522 -20.02 51.26 -18.13
CA GLN B 522 -20.05 51.28 -19.58
C GLN B 522 -21.41 51.70 -20.09
N LEU B 523 -22.47 51.12 -19.53
CA LEU B 523 -23.82 51.46 -19.96
C LEU B 523 -24.18 52.89 -19.59
N PHE B 524 -23.73 53.34 -18.42
CA PHE B 524 -24.02 54.71 -18.02
C PHE B 524 -23.29 55.71 -18.89
N LEU B 525 -22.05 55.42 -19.25
CA LEU B 525 -21.31 56.33 -20.11
C LEU B 525 -21.83 56.31 -21.53
N MET B 526 -22.32 55.15 -21.98
CA MET B 526 -22.91 55.09 -23.32
C MET B 526 -24.35 55.55 -23.33
N THR B 527 -24.91 55.89 -22.17
CA THR B 527 -26.32 56.27 -22.14
C THR B 527 -26.52 57.68 -21.60
N THR B 528 -25.48 58.29 -21.02
CA THR B 528 -25.63 59.59 -20.38
C THR B 528 -25.93 60.69 -21.39
N THR B 529 -26.76 61.64 -20.97
CA THR B 529 -27.04 62.82 -21.76
C THR B 529 -26.28 64.02 -21.19
N ASN B 530 -25.92 63.94 -19.91
CA ASN B 530 -25.03 64.93 -19.33
C ASN B 530 -23.63 64.79 -19.91
N TYR B 531 -23.17 65.85 -20.55
CA TYR B 531 -21.82 65.89 -21.10
C TYR B 531 -21.02 66.90 -20.30
N ASP B 532 -19.76 66.59 -20.06
CA ASP B 532 -18.91 67.49 -19.28
C ASP B 532 -18.41 68.63 -20.16
N LYS B 533 -18.23 69.78 -19.53
CA LYS B 533 -17.83 71.01 -20.21
C LYS B 533 -16.41 71.38 -19.77
N THR B 534 -15.42 70.90 -20.53
CA THR B 534 -14.02 71.12 -20.20
C THR B 534 -13.18 71.04 -21.47
N LEU B 535 -12.50 72.13 -21.78
CA LEU B 535 -11.64 72.14 -22.97
C LEU B 535 -10.37 71.37 -22.69
N THR B 536 -10.31 70.14 -23.20
CA THR B 536 -9.13 69.32 -23.02
C THR B 536 -8.16 69.60 -24.16
N PRO B 537 -6.87 69.42 -23.95
CA PRO B 537 -5.90 69.60 -25.06
C PRO B 537 -6.09 68.61 -26.19
N GLU B 538 -6.71 67.46 -25.94
CA GLU B 538 -6.92 66.48 -27.00
C GLU B 538 -8.06 66.91 -27.92
N ILE B 539 -9.17 67.34 -27.33
CA ILE B 539 -10.27 67.88 -28.12
C ILE B 539 -9.85 69.19 -28.78
N GLN B 540 -8.97 69.95 -28.13
CA GLN B 540 -8.40 71.12 -28.77
C GLN B 540 -7.52 70.75 -29.96
N ASN B 541 -6.80 69.63 -29.87
CA ASN B 541 -6.04 69.14 -31.02
C ASN B 541 -6.96 68.72 -32.15
N LEU B 542 -8.09 68.11 -31.82
CA LEU B 542 -9.12 67.84 -32.82
C LEU B 542 -9.58 69.12 -33.49
N LEU B 543 -9.83 70.16 -32.69
CA LEU B 543 -10.28 71.44 -33.22
C LEU B 543 -9.23 72.06 -34.14
N ASP B 544 -7.96 71.96 -33.75
CA ASP B 544 -6.89 72.53 -34.56
C ASP B 544 -6.71 71.77 -35.87
N THR B 545 -6.83 70.45 -35.82
CA THR B 545 -6.65 69.63 -37.01
C THR B 545 -7.80 69.85 -37.99
N VAL B 546 -9.03 69.94 -37.50
CA VAL B 546 -10.16 70.20 -38.38
C VAL B 546 -10.14 71.63 -38.88
N TYR B 547 -9.64 72.56 -38.06
CA TYR B 547 -9.55 73.95 -38.47
C TYR B 547 -8.56 74.13 -39.60
N ASN B 548 -7.36 73.55 -39.48
CA ASN B 548 -6.42 73.63 -40.57
C ASN B 548 -6.86 72.78 -41.75
N GLY B 549 -7.58 71.70 -41.49
CA GLY B 549 -7.96 70.79 -42.54
C GLY B 549 -9.05 71.33 -43.44
N LEU B 550 -10.15 71.77 -42.83
CA LEU B 550 -11.24 72.30 -43.63
C LEU B 550 -11.13 73.80 -43.85
N GLN B 551 -9.97 74.38 -43.58
CA GLN B 551 -9.69 75.71 -44.10
C GLN B 551 -9.60 75.63 -45.62
N ASN B 552 -9.92 76.75 -46.29
CA ASN B 552 -10.21 76.81 -47.73
C ASN B 552 -11.37 75.88 -48.09
N PHE B 553 -12.55 76.22 -47.61
CA PHE B 553 -13.79 75.53 -47.94
C PHE B 553 -14.83 76.52 -48.44
N ASP B 554 -15.63 76.09 -49.41
CA ASP B 554 -16.85 76.77 -49.81
C ASP B 554 -18.01 75.79 -49.69
N LYS B 555 -19.16 76.31 -49.28
CA LYS B 555 -20.34 75.47 -49.08
C LYS B 555 -20.90 74.97 -50.40
N ASN B 556 -20.92 75.81 -51.43
CA ASN B 556 -21.57 75.41 -52.66
C ASN B 556 -20.65 74.61 -53.57
N LYS B 557 -19.40 74.41 -53.18
CA LYS B 557 -18.52 73.54 -53.96
C LYS B 557 -18.82 72.08 -53.67
N THR B 558 -18.93 71.72 -52.39
CA THR B 558 -19.11 70.34 -51.99
C THR B 558 -19.81 70.26 -50.66
N LYS B 559 -20.16 69.04 -50.27
CA LYS B 559 -20.85 68.81 -49.02
C LYS B 559 -19.90 69.01 -47.84
N LEU B 560 -20.41 69.68 -46.81
CA LEU B 560 -19.65 69.90 -45.59
C LEU B 560 -19.33 68.59 -44.89
N LEU B 561 -20.31 67.68 -44.87
CA LEU B 561 -20.18 66.42 -44.14
C LEU B 561 -19.10 65.54 -44.75
N ALA B 562 -19.09 65.43 -46.08
CA ALA B 562 -18.07 64.65 -46.75
C ALA B 562 -16.69 65.27 -46.58
N ALA B 563 -16.63 66.59 -46.42
CA ALA B 563 -15.36 67.25 -46.20
C ALA B 563 -14.83 67.00 -44.80
N ILE B 564 -15.70 67.02 -43.79
CA ILE B 564 -15.23 66.83 -42.42
C ILE B 564 -15.06 65.36 -42.08
N ALA B 565 -15.69 64.47 -42.87
CA ALA B 565 -15.66 63.03 -42.58
C ALA B 565 -14.30 62.35 -42.41
N PRO B 566 -13.21 62.72 -43.12
CA PRO B 566 -11.95 62.01 -42.83
C PRO B 566 -11.34 62.36 -41.47
N TYR B 567 -11.39 63.63 -41.07
CA TYR B 567 -10.85 64.02 -39.78
C TYR B 567 -11.65 63.43 -38.64
N ILE B 568 -12.97 63.33 -38.83
CA ILE B 568 -13.81 62.66 -37.83
C ILE B 568 -13.52 61.17 -37.81
N ALA B 569 -13.27 60.57 -38.98
CA ALA B 569 -12.99 59.14 -39.04
C ALA B 569 -11.65 58.81 -38.40
N ALA B 570 -10.72 59.75 -38.43
CA ALA B 570 -9.42 59.51 -37.84
C ALA B 570 -9.41 59.82 -36.35
N THR B 571 -9.95 60.96 -35.95
CA THR B 571 -9.95 61.34 -34.54
C THR B 571 -10.87 60.48 -33.70
N LEU B 572 -11.96 59.98 -34.28
CA LEU B 572 -12.77 58.99 -33.60
C LEU B 572 -12.38 57.57 -33.99
N GLN B 573 -11.30 57.43 -34.76
CA GLN B 573 -10.65 56.14 -35.07
C GLN B 573 -11.61 55.19 -35.78
N LEU B 574 -12.48 55.75 -36.57
CA LEU B 574 -13.47 54.97 -37.29
C LEU B 574 -12.84 54.35 -38.53
N PRO B 575 -13.18 53.10 -38.85
CA PRO B 575 -12.53 52.46 -40.00
C PRO B 575 -12.99 52.99 -41.34
N SER B 576 -14.29 53.21 -41.54
CA SER B 576 -14.83 53.57 -42.84
C SER B 576 -15.05 55.05 -42.91
N GLU B 577 -15.50 55.51 -44.09
CA GLU B 577 -15.92 56.89 -44.23
C GLU B 577 -17.44 57.01 -44.26
N ASN B 578 -18.12 55.95 -44.69
CA ASN B 578 -19.58 55.93 -44.64
C ASN B 578 -20.07 55.84 -43.20
N VAL B 579 -19.28 55.25 -42.31
CA VAL B 579 -19.60 55.26 -40.88
C VAL B 579 -19.52 56.68 -40.33
N ALA B 580 -18.50 57.42 -40.73
CA ALA B 580 -18.39 58.82 -40.30
C ALA B 580 -19.50 59.67 -40.91
N HIS B 581 -19.95 59.31 -42.10
CA HIS B 581 -21.16 59.91 -42.66
C HIS B 581 -22.37 59.59 -41.81
N SER B 582 -22.48 58.34 -41.38
CA SER B 582 -23.63 57.85 -40.63
C SER B 582 -23.75 58.55 -39.30
N ILE B 583 -22.64 58.64 -38.56
CA ILE B 583 -22.68 59.21 -37.22
C ILE B 583 -22.94 60.70 -37.27
N LEU B 584 -22.55 61.38 -38.35
CA LEU B 584 -22.88 62.79 -38.48
C LEU B 584 -24.35 62.99 -38.78
N LEU B 585 -24.93 62.13 -39.63
CA LEU B 585 -26.38 62.15 -39.83
C LEU B 585 -27.11 61.82 -38.55
N TRP B 586 -26.54 60.95 -37.73
CA TRP B 586 -27.12 60.54 -36.46
C TRP B 586 -27.13 61.69 -35.45
N ALA B 587 -26.00 62.37 -35.29
CA ALA B 587 -25.93 63.54 -34.44
C ALA B 587 -26.82 64.67 -34.96
N ASP B 588 -27.02 64.75 -36.27
CA ASP B 588 -28.04 65.66 -36.79
C ASP B 588 -29.44 65.26 -36.34
N LYS B 589 -29.73 63.96 -36.34
CA LYS B 589 -31.08 63.52 -36.02
C LYS B 589 -31.39 63.64 -34.53
N ILE B 590 -30.41 63.41 -33.66
CA ILE B 590 -30.73 63.33 -32.24
C ILE B 590 -30.98 64.70 -31.65
N LYS B 591 -30.46 65.77 -32.29
CA LYS B 591 -30.42 67.14 -31.81
C LYS B 591 -29.85 67.22 -30.40
N PRO B 592 -28.53 67.10 -30.27
CA PRO B 592 -27.87 67.02 -28.94
C PRO B 592 -27.84 68.34 -28.19
N SER B 593 -26.88 68.43 -27.26
CA SER B 593 -26.78 69.27 -26.05
C SER B 593 -27.00 70.76 -26.34
N GLU B 594 -27.08 71.54 -25.27
CA GLU B 594 -28.06 72.58 -24.94
C GLU B 594 -28.71 73.26 -26.14
N ASN B 595 -27.95 73.83 -27.06
CA ASN B 595 -28.54 74.58 -28.15
C ASN B 595 -29.04 73.63 -29.22
N LYS B 596 -30.14 74.01 -29.87
CA LYS B 596 -30.49 73.37 -31.12
C LYS B 596 -29.39 73.72 -32.11
N ILE B 597 -28.51 72.76 -32.36
CA ILE B 597 -27.22 73.01 -32.98
C ILE B 597 -27.11 72.09 -34.20
N THR B 598 -26.22 72.43 -35.12
CA THR B 598 -26.12 71.71 -36.39
C THR B 598 -24.63 71.58 -36.73
N ALA B 599 -24.32 70.61 -37.59
CA ALA B 599 -22.98 70.53 -38.16
C ALA B 599 -22.70 71.71 -39.09
N GLU B 600 -23.75 72.25 -39.72
CA GLU B 600 -23.59 73.51 -40.43
C GLU B 600 -23.42 74.67 -39.44
N LYS B 601 -24.09 74.59 -38.29
CA LYS B 601 -23.81 75.55 -37.23
C LYS B 601 -22.41 75.35 -36.64
N PHE B 602 -21.95 74.10 -36.59
CA PHE B 602 -20.58 73.77 -36.17
C PHE B 602 -19.54 74.45 -37.06
N TRP B 603 -19.67 74.26 -38.38
CA TRP B 603 -18.73 74.94 -39.26
C TRP B 603 -19.03 76.43 -39.39
N ILE B 604 -20.23 76.90 -39.05
CA ILE B 604 -20.43 78.33 -39.12
C ILE B 604 -19.85 78.99 -37.87
N TRP B 605 -19.66 78.20 -36.80
CA TRP B 605 -18.92 78.68 -35.65
C TRP B 605 -17.42 78.71 -35.92
N LEU B 606 -16.88 77.61 -36.47
CA LEU B 606 -15.45 77.57 -36.81
C LEU B 606 -15.15 78.47 -38.00
N GLN B 607 -16.19 78.87 -38.74
CA GLN B 607 -16.07 79.65 -39.96
C GLN B 607 -16.19 81.13 -39.68
N ASN B 608 -17.04 81.50 -38.74
CA ASN B 608 -17.14 82.90 -38.38
C ASN B 608 -16.22 83.20 -37.20
N ARG B 609 -16.47 82.57 -36.05
CA ARG B 609 -15.73 82.88 -34.84
C ARG B 609 -14.73 81.75 -34.55
N ASP B 610 -13.59 81.81 -35.23
CA ASP B 610 -12.48 80.96 -34.83
C ASP B 610 -11.18 81.61 -35.27
N THR B 611 -10.20 81.55 -34.37
CA THR B 611 -8.82 81.89 -34.65
C THR B 611 -7.99 80.99 -33.74
N THR B 612 -7.29 80.03 -34.34
CA THR B 612 -6.67 78.97 -33.55
C THR B 612 -5.40 79.48 -32.86
N GLU B 613 -4.89 78.64 -31.94
CA GLU B 613 -3.73 78.92 -31.09
C GLU B 613 -3.96 80.23 -30.29
N LEU B 614 -5.16 80.35 -29.75
CA LEU B 614 -5.59 81.50 -28.95
C LEU B 614 -6.74 81.02 -28.08
N SER B 615 -6.71 81.37 -26.80
CA SER B 615 -7.66 80.86 -25.82
C SER B 615 -8.44 82.02 -25.22
N LYS B 616 -9.55 82.38 -25.87
CA LYS B 616 -10.50 83.38 -25.38
C LYS B 616 -11.88 82.81 -25.67
N PRO B 617 -12.79 82.83 -24.71
CA PRO B 617 -14.03 82.06 -24.84
C PRO B 617 -15.09 82.79 -25.65
N PRO B 618 -15.63 82.15 -26.69
CA PRO B 618 -16.84 82.66 -27.32
C PRO B 618 -18.09 82.07 -26.70
N GLU B 619 -19.23 82.42 -27.31
CA GLU B 619 -20.52 82.07 -26.73
C GLU B 619 -20.90 80.61 -26.99
N MET B 620 -20.33 79.98 -28.01
CA MET B 620 -20.87 78.75 -28.52
C MET B 620 -19.97 77.55 -28.22
N GLN B 621 -18.89 77.77 -27.47
CA GLN B 621 -17.81 76.79 -27.37
C GLN B 621 -18.23 75.55 -26.59
N GLU B 622 -19.00 75.74 -25.50
CA GLU B 622 -19.50 74.61 -24.73
C GLU B 622 -20.48 73.79 -25.53
N GLN B 623 -21.32 74.44 -26.31
CA GLN B 623 -22.26 73.79 -27.20
C GLN B 623 -21.55 72.97 -28.27
N ILE B 624 -20.35 73.39 -28.65
CA ILE B 624 -19.55 72.65 -29.62
C ILE B 624 -18.88 71.46 -28.96
N ILE B 625 -18.33 71.66 -27.77
CA ILE B 625 -17.53 70.59 -27.19
C ILE B 625 -18.43 69.50 -26.59
N GLN B 626 -19.66 69.85 -26.19
CA GLN B 626 -20.57 68.80 -25.78
C GLN B 626 -21.14 68.06 -26.98
N TYR B 627 -21.22 68.72 -28.12
CA TYR B 627 -21.48 68.01 -29.38
C TYR B 627 -20.37 67.03 -29.70
N CYS B 628 -19.12 67.41 -29.43
CA CYS B 628 -17.98 66.51 -29.63
C CYS B 628 -18.03 65.32 -28.68
N HIS B 629 -18.39 65.57 -27.43
CA HIS B 629 -18.61 64.48 -26.48
C HIS B 629 -19.77 63.59 -26.91
N CYS B 630 -20.78 64.16 -27.55
CA CYS B 630 -21.90 63.35 -28.01
C CYS B 630 -21.48 62.44 -29.15
N LEU B 631 -20.64 62.95 -30.05
CA LEU B 631 -20.05 62.11 -31.09
C LEU B 631 -19.19 61.00 -30.50
N ALA B 632 -18.37 61.34 -29.51
CA ALA B 632 -17.51 60.37 -28.86
C ALA B 632 -18.32 59.33 -28.08
N GLN B 633 -19.52 59.69 -27.65
CA GLN B 633 -20.39 58.71 -27.03
C GLN B 633 -21.00 57.80 -28.07
N LEU B 634 -21.56 58.37 -29.13
CA LEU B 634 -22.31 57.59 -30.10
C LEU B 634 -21.42 56.69 -30.95
N THR B 635 -20.14 56.98 -31.04
CA THR B 635 -19.26 56.00 -31.68
C THR B 635 -19.00 54.79 -30.80
N MET B 636 -19.17 54.93 -29.49
CA MET B 636 -18.82 53.85 -28.59
C MET B 636 -19.85 52.73 -28.64
N ILE B 637 -21.12 53.07 -28.87
CA ILE B 637 -22.11 52.03 -29.03
C ILE B 637 -21.95 51.35 -30.39
N TYR B 638 -21.39 52.05 -31.38
CA TYR B 638 -21.11 51.42 -32.65
C TYR B 638 -19.96 50.44 -32.53
N ARG B 639 -18.98 50.79 -31.70
CA ARG B 639 -17.89 49.86 -31.45
C ARG B 639 -18.36 48.65 -30.64
N SER B 640 -19.12 48.89 -29.56
CA SER B 640 -19.44 47.81 -28.65
C SER B 640 -20.56 46.93 -29.18
N SER B 641 -21.40 47.45 -30.07
CA SER B 641 -22.50 46.66 -30.58
C SER B 641 -22.04 45.61 -31.57
N GLY B 642 -21.06 45.95 -32.41
CA GLY B 642 -20.61 45.01 -33.42
C GLY B 642 -21.56 44.84 -34.58
N ILE B 643 -22.45 45.81 -34.83
CA ILE B 643 -23.33 45.74 -35.98
C ILE B 643 -22.52 46.05 -37.24
N ASN B 644 -22.89 45.40 -38.34
CA ASN B 644 -22.27 45.73 -39.61
C ASN B 644 -22.76 47.07 -40.13
N GLU B 645 -22.18 47.48 -41.26
CA GLU B 645 -22.33 48.86 -41.69
C GLU B 645 -23.63 49.08 -42.46
N ASN B 646 -24.04 48.09 -43.24
CA ASN B 646 -25.20 48.26 -44.11
C ASN B 646 -26.50 48.30 -43.31
N ALA B 647 -26.65 47.37 -42.36
CA ALA B 647 -27.79 47.42 -41.46
C ALA B 647 -27.78 48.66 -40.58
N PHE B 648 -26.61 49.20 -40.29
CA PHE B 648 -26.52 50.46 -39.56
C PHE B 648 -27.08 51.62 -40.38
N ARG B 649 -26.74 51.68 -41.67
CA ARG B 649 -27.36 52.62 -42.60
C ARG B 649 -28.86 52.45 -42.65
N LEU B 650 -29.32 51.20 -42.69
CA LEU B 650 -30.75 50.91 -42.68
C LEU B 650 -31.42 51.39 -41.39
N PHE B 651 -30.74 51.24 -40.26
CA PHE B 651 -31.34 51.65 -39.00
C PHE B 651 -31.48 53.15 -38.90
N ILE B 652 -30.42 53.89 -39.24
CA ILE B 652 -30.51 55.34 -39.15
C ILE B 652 -31.47 55.89 -40.19
N GLU B 653 -31.49 55.29 -41.38
CA GLU B 653 -32.29 55.86 -42.46
C GLU B 653 -33.77 55.58 -42.27
N LYS B 654 -34.09 54.42 -41.71
CA LYS B 654 -35.48 54.05 -41.40
C LYS B 654 -35.55 53.55 -39.97
N PRO B 655 -35.68 54.45 -39.00
CA PRO B 655 -35.83 54.00 -37.60
C PRO B 655 -37.16 53.36 -37.31
N THR B 656 -38.21 53.71 -38.06
CA THR B 656 -39.54 53.21 -37.77
C THR B 656 -39.72 51.74 -38.06
N ILE B 657 -38.94 51.18 -38.99
CA ILE B 657 -39.12 49.79 -39.36
C ILE B 657 -38.49 48.88 -38.31
N PHE B 658 -37.68 49.44 -37.42
CA PHE B 658 -37.17 48.76 -36.26
C PHE B 658 -38.00 49.00 -35.01
N GLY B 659 -39.23 49.48 -35.18
CA GLY B 659 -40.19 49.52 -34.08
C GLY B 659 -40.20 50.78 -33.25
N ILE B 660 -39.59 51.87 -33.71
CA ILE B 660 -39.76 53.15 -33.03
C ILE B 660 -41.07 53.68 -33.60
N PRO B 661 -41.81 54.54 -32.90
CA PRO B 661 -42.94 55.21 -33.55
C PRO B 661 -42.50 56.12 -34.69
N ASP B 662 -43.27 56.11 -35.78
CA ASP B 662 -42.84 56.71 -37.02
C ASP B 662 -43.02 58.23 -37.01
N GLU B 663 -42.10 58.90 -37.71
CA GLU B 663 -42.11 60.31 -38.06
C GLU B 663 -41.05 60.47 -39.14
N PRO B 664 -41.33 61.15 -40.25
CA PRO B 664 -40.42 61.12 -41.40
C PRO B 664 -39.15 61.92 -41.16
N ASN B 665 -38.04 61.20 -40.93
CA ASN B 665 -36.70 61.72 -40.68
C ASN B 665 -36.64 62.67 -39.47
N LYS B 666 -37.53 62.47 -38.50
CA LYS B 666 -37.52 63.25 -37.27
C LYS B 666 -37.68 62.30 -36.08
N ALA B 667 -38.22 61.10 -36.34
CA ALA B 667 -38.29 60.07 -35.31
C ALA B 667 -36.90 59.56 -35.00
N THR B 668 -36.31 60.10 -33.94
CA THR B 668 -34.91 59.83 -33.68
C THR B 668 -34.77 58.87 -32.51
N PRO B 669 -34.01 57.79 -32.67
CA PRO B 669 -33.61 57.00 -31.52
C PRO B 669 -32.53 57.74 -30.74
N ALA B 670 -32.71 57.79 -29.43
CA ALA B 670 -31.72 58.41 -28.56
C ALA B 670 -30.58 57.46 -28.31
N HIS B 671 -29.70 57.83 -27.39
CA HIS B 671 -28.76 56.86 -26.88
C HIS B 671 -29.23 56.26 -25.56
N ASN B 672 -30.53 56.01 -25.44
CA ASN B 672 -31.15 55.36 -24.30
C ASN B 672 -30.98 53.85 -24.41
N ALA B 673 -31.12 53.16 -23.27
CA ALA B 673 -30.90 51.71 -23.24
C ALA B 673 -31.92 50.85 -24.01
N PRO B 674 -33.23 51.15 -24.03
CA PRO B 674 -34.14 50.34 -24.86
C PRO B 674 -33.85 50.39 -26.34
N THR B 675 -33.33 51.50 -26.85
CA THR B 675 -32.88 51.52 -28.22
C THR B 675 -31.40 51.18 -28.35
N LEU B 676 -30.79 50.66 -27.28
CA LEU B 676 -29.54 49.94 -27.43
C LEU B 676 -29.73 48.45 -27.52
N ILE B 677 -30.61 47.91 -26.66
CA ILE B 677 -30.80 46.47 -26.60
C ILE B 677 -31.44 45.94 -27.89
N ILE B 678 -32.23 46.75 -28.57
CA ILE B 678 -32.87 46.26 -29.79
C ILE B 678 -31.88 46.24 -30.95
N LEU B 679 -30.98 47.22 -31.02
CA LEU B 679 -29.87 47.16 -31.96
C LEU B 679 -28.96 45.97 -31.68
N THR B 680 -28.72 45.69 -30.41
CA THR B 680 -27.88 44.56 -30.03
C THR B 680 -28.51 43.24 -30.43
N ARG B 681 -29.82 43.09 -30.22
CA ARG B 681 -30.51 41.88 -30.64
C ARG B 681 -30.52 41.74 -32.15
N PHE B 682 -30.70 42.84 -32.88
CA PHE B 682 -30.69 42.76 -34.32
C PHE B 682 -29.30 42.41 -34.86
N ALA B 683 -28.26 42.95 -34.22
CA ALA B 683 -26.90 42.62 -34.62
C ALA B 683 -26.58 41.16 -34.30
N ASN B 684 -27.09 40.66 -33.19
CA ASN B 684 -26.87 39.26 -32.85
C ASN B 684 -27.63 38.34 -33.79
N TRP B 685 -28.77 38.78 -34.28
CA TRP B 685 -29.48 38.03 -35.31
C TRP B 685 -28.70 37.99 -36.61
N VAL B 686 -28.08 39.12 -36.98
CA VAL B 686 -27.28 39.18 -38.19
C VAL B 686 -26.03 38.30 -38.07
N ASN B 687 -25.42 38.30 -36.88
CA ASN B 687 -24.28 37.43 -36.66
C ASN B 687 -24.69 35.97 -36.59
N SER B 688 -25.91 35.69 -36.15
CA SER B 688 -26.44 34.33 -36.21
C SER B 688 -26.63 33.87 -37.64
N LEU B 689 -27.06 34.78 -38.52
CA LEU B 689 -27.13 34.45 -39.94
C LEU B 689 -25.75 34.21 -40.53
N GLY B 690 -24.86 35.18 -40.45
CA GLY B 690 -23.49 34.93 -40.86
C GLY B 690 -23.30 35.04 -42.36
N GLU B 691 -23.22 33.89 -43.02
CA GLU B 691 -22.73 33.85 -44.40
C GLU B 691 -23.75 34.39 -45.40
N LYS B 692 -25.02 34.09 -45.21
CA LYS B 692 -26.03 34.53 -46.16
C LYS B 692 -26.60 35.89 -45.82
N ALA B 693 -25.85 36.74 -45.12
CA ALA B 693 -26.41 37.93 -44.51
C ALA B 693 -26.72 39.01 -45.54
N SER B 694 -25.83 39.24 -46.50
CA SER B 694 -26.04 40.29 -47.50
C SER B 694 -27.31 40.13 -48.34
N PRO B 695 -27.63 38.96 -48.93
CA PRO B 695 -28.90 38.89 -49.68
C PRO B 695 -30.13 39.00 -48.79
N ILE B 696 -30.10 38.44 -47.58
CA ILE B 696 -31.29 38.54 -46.76
C ILE B 696 -31.44 39.94 -46.17
N LEU B 697 -30.34 40.65 -45.93
CA LEU B 697 -30.47 42.02 -45.45
C LEU B 697 -30.94 42.95 -46.54
N THR B 698 -30.48 42.75 -47.78
CA THR B 698 -31.00 43.61 -48.82
C THR B 698 -32.39 43.19 -49.28
N ALA B 699 -32.80 41.95 -48.97
CA ALA B 699 -34.20 41.59 -49.20
C ALA B 699 -35.10 42.15 -48.11
N PHE B 700 -34.57 42.28 -46.90
CA PHE B 700 -35.28 42.97 -45.84
C PHE B 700 -35.30 44.47 -46.09
N GLU B 701 -34.29 44.99 -46.78
CA GLU B 701 -34.26 46.40 -47.11
C GLU B 701 -35.33 46.76 -48.11
N ASN B 702 -35.55 45.90 -49.10
CA ASN B 702 -36.72 46.00 -49.94
C ASN B 702 -37.92 45.47 -49.15
N LYS B 703 -39.11 45.70 -49.66
CA LYS B 703 -40.31 45.18 -49.01
C LYS B 703 -40.74 43.84 -49.57
N THR B 704 -39.83 43.11 -50.22
CA THR B 704 -40.17 41.84 -50.86
C THR B 704 -39.63 40.62 -50.11
N LEU B 705 -39.23 40.78 -48.85
CA LEU B 705 -38.69 39.67 -48.08
C LEU B 705 -39.77 38.63 -47.80
N THR B 706 -39.46 37.36 -48.07
CA THR B 706 -40.40 36.27 -47.92
C THR B 706 -39.96 35.36 -46.78
N ALA B 707 -40.84 34.42 -46.44
CA ALA B 707 -40.49 33.43 -45.43
C ALA B 707 -39.49 32.42 -45.97
N GLU B 708 -39.54 32.16 -47.27
CA GLU B 708 -38.84 31.02 -47.84
C GLU B 708 -37.35 31.30 -47.96
N LYS B 709 -36.98 32.53 -48.35
CA LYS B 709 -35.58 32.91 -48.33
C LYS B 709 -35.05 32.98 -46.90
N LEU B 710 -35.93 33.35 -45.96
CA LEU B 710 -35.52 33.49 -44.57
C LEU B 710 -35.26 32.14 -43.92
N ALA B 711 -36.03 31.13 -44.29
CA ALA B 711 -35.87 29.79 -43.71
C ALA B 711 -34.57 29.16 -44.15
N ASN B 712 -34.14 29.44 -45.37
CA ASN B 712 -32.96 28.79 -45.93
C ASN B 712 -31.69 29.28 -45.24
N ALA B 713 -31.73 30.50 -44.70
CA ALA B 713 -30.57 31.02 -43.98
C ALA B 713 -30.49 30.45 -42.56
N MET B 714 -31.57 29.84 -42.08
CA MET B 714 -31.59 29.26 -40.75
C MET B 714 -31.62 27.74 -40.77
N ASN B 715 -31.59 27.15 -41.96
CA ASN B 715 -31.68 25.70 -42.18
C ASN B 715 -32.96 25.11 -41.63
N LEU B 716 -34.02 25.91 -41.58
CA LEU B 716 -35.30 25.52 -41.00
C LEU B 716 -36.31 25.27 -42.11
N ASP B 717 -37.32 24.47 -41.79
CA ASP B 717 -38.37 24.23 -42.78
C ASP B 717 -39.28 25.45 -42.84
N ALA B 718 -39.65 25.82 -44.06
CA ALA B 718 -40.33 27.09 -44.30
C ALA B 718 -41.74 27.08 -43.74
N ASN B 719 -42.39 25.91 -43.76
CA ASN B 719 -43.75 25.76 -43.25
C ASN B 719 -43.85 26.10 -41.78
N LEU B 720 -42.75 25.94 -41.02
CA LEU B 720 -42.74 26.32 -39.62
C LEU B 720 -42.89 27.82 -39.46
N LEU B 721 -42.14 28.58 -40.24
CA LEU B 721 -42.26 30.04 -40.22
C LEU B 721 -43.61 30.50 -40.75
N GLU B 722 -44.12 29.79 -41.75
CA GLU B 722 -45.45 30.08 -42.28
C GLU B 722 -46.51 29.92 -41.20
N GLN B 723 -46.46 28.81 -40.47
CA GLN B 723 -47.45 28.57 -39.45
C GLN B 723 -47.27 29.49 -38.25
N ALA B 724 -46.04 29.85 -37.93
CA ALA B 724 -45.81 30.82 -36.87
C ALA B 724 -46.39 32.18 -37.23
N SER B 725 -46.24 32.59 -38.49
CA SER B 725 -46.86 33.82 -38.97
C SER B 725 -48.37 33.73 -38.91
N ILE B 726 -48.93 32.57 -39.27
CA ILE B 726 -50.38 32.42 -39.26
C ILE B 726 -50.91 32.45 -37.83
N GLN B 727 -50.17 31.86 -36.89
CA GLN B 727 -50.61 31.87 -35.50
C GLN B 727 -50.51 33.26 -34.89
N ALA B 728 -49.50 34.04 -35.29
CA ALA B 728 -49.45 35.42 -34.85
C ALA B 728 -50.56 36.26 -35.47
N GLN B 729 -50.94 35.94 -36.70
CA GLN B 729 -52.06 36.63 -37.34
C GLN B 729 -53.40 36.20 -36.74
N ASN B 730 -53.46 35.02 -36.13
CA ASN B 730 -54.69 34.63 -35.43
C ASN B 730 -54.87 35.46 -34.17
N TYR B 731 -53.77 35.82 -33.53
CA TYR B 731 -53.80 36.58 -32.30
C TYR B 731 -53.85 38.08 -32.67
N LYS B 732 -53.62 38.95 -31.70
CA LYS B 732 -53.39 40.38 -31.88
C LYS B 732 -52.32 40.62 -32.95
N GLN B 733 -52.44 41.78 -33.59
CA GLN B 733 -52.00 41.98 -34.97
C GLN B 733 -50.50 41.77 -35.20
N VAL B 734 -50.22 40.97 -36.22
CA VAL B 734 -49.02 41.08 -37.02
C VAL B 734 -49.52 41.22 -38.44
N THR B 735 -49.48 42.43 -38.97
CA THR B 735 -50.20 42.79 -40.19
C THR B 735 -49.56 42.10 -41.39
N LYS B 736 -50.41 41.65 -42.31
CA LYS B 736 -50.00 40.74 -43.38
C LYS B 736 -49.04 41.39 -44.36
N GLU B 737 -48.99 42.72 -44.40
CA GLU B 737 -47.98 43.39 -45.20
C GLU B 737 -46.61 43.34 -44.53
N ASN B 738 -46.52 43.85 -43.30
CA ASN B 738 -45.24 43.92 -42.60
C ASN B 738 -44.95 42.67 -41.79
N THR B 739 -45.51 41.53 -42.18
CA THR B 739 -45.27 40.28 -41.46
C THR B 739 -43.84 39.81 -41.65
N PHE B 740 -43.15 40.34 -42.65
CA PHE B 740 -41.71 40.17 -42.78
C PHE B 740 -41.01 41.46 -43.13
N SER B 741 -41.74 42.57 -43.20
CA SER B 741 -41.08 43.86 -43.42
C SER B 741 -40.70 44.52 -42.09
N ASN B 742 -41.55 44.36 -41.08
CA ASN B 742 -41.23 44.83 -39.74
C ASN B 742 -40.23 43.87 -39.09
N TRP B 743 -39.16 44.45 -38.54
CA TRP B 743 -38.25 43.67 -37.70
C TRP B 743 -38.93 43.17 -36.44
N GLN B 744 -39.84 43.95 -35.87
CA GLN B 744 -40.57 43.55 -34.68
C GLN B 744 -41.43 42.31 -34.94
N SER B 745 -42.10 42.27 -36.10
CA SER B 745 -42.87 41.10 -36.48
C SER B 745 -42.00 39.87 -36.65
N ILE B 746 -40.81 40.06 -37.21
CA ILE B 746 -39.87 38.97 -37.38
C ILE B 746 -39.37 38.48 -36.03
N ASP B 747 -39.20 39.40 -35.08
CA ASP B 747 -38.78 39.00 -33.74
C ASP B 747 -39.88 38.22 -33.02
N ILE B 748 -41.14 38.61 -33.24
CA ILE B 748 -42.26 37.90 -32.64
C ILE B 748 -42.35 36.48 -33.19
N ILE B 749 -42.19 36.35 -34.52
CA ILE B 749 -42.24 35.04 -35.14
C ILE B 749 -41.04 34.19 -34.73
N LEU B 750 -39.91 34.82 -34.47
CA LEU B 750 -38.78 34.10 -33.90
C LEU B 750 -39.09 33.60 -32.49
N GLN B 751 -39.83 34.37 -31.69
CA GLN B 751 -40.18 33.89 -30.37
C GLN B 751 -41.18 32.73 -30.43
N TRP B 752 -42.09 32.76 -31.40
CA TRP B 752 -42.94 31.60 -31.65
C TRP B 752 -42.13 30.38 -32.03
N THR B 753 -41.10 30.55 -32.85
CA THR B 753 -40.28 29.40 -33.19
C THR B 753 -39.42 28.93 -32.02
N ASN B 754 -39.01 29.83 -31.15
CA ASN B 754 -38.23 29.41 -29.98
C ASN B 754 -39.08 28.60 -29.02
N ILE B 755 -40.33 29.03 -28.79
CA ILE B 755 -41.16 28.25 -27.90
C ILE B 755 -41.63 26.96 -28.57
N ALA B 756 -41.71 26.94 -29.91
CA ALA B 756 -41.99 25.69 -30.59
C ALA B 756 -40.79 24.75 -30.53
N SER B 757 -39.58 25.30 -30.54
CA SER B 757 -38.37 24.50 -30.41
C SER B 757 -38.21 23.97 -29.01
N ASN B 758 -38.79 24.63 -28.01
CA ASN B 758 -38.71 24.11 -26.66
C ASN B 758 -39.56 22.85 -26.51
N LEU B 759 -40.84 22.94 -26.86
CA LEU B 759 -41.75 21.83 -26.65
C LEU B 759 -41.67 20.78 -27.75
N ASN B 760 -40.93 21.06 -28.82
CA ASN B 760 -40.86 20.23 -30.03
C ASN B 760 -42.24 19.97 -30.62
N ILE B 761 -43.05 21.03 -30.70
CA ILE B 761 -44.43 20.95 -31.15
C ILE B 761 -44.66 22.06 -32.15
N SER B 762 -45.33 21.73 -33.26
CA SER B 762 -45.68 22.72 -34.26
C SER B 762 -46.66 23.74 -33.67
N PRO B 763 -46.49 25.03 -34.01
CA PRO B 763 -47.17 26.09 -33.26
C PRO B 763 -48.66 26.20 -33.49
N GLN B 764 -49.28 25.33 -34.28
CA GLN B 764 -50.73 25.29 -34.21
C GLN B 764 -51.21 24.48 -33.02
N GLY B 765 -50.34 23.70 -32.40
CA GLY B 765 -50.71 22.95 -31.21
C GLY B 765 -50.60 23.78 -29.95
N ILE B 766 -49.86 24.88 -30.05
CA ILE B 766 -49.73 25.78 -28.91
C ILE B 766 -50.86 26.80 -28.89
N SER B 767 -51.65 26.86 -29.97
CA SER B 767 -52.83 27.71 -29.97
C SER B 767 -53.94 27.22 -29.04
N PRO B 768 -54.40 25.95 -29.06
CA PRO B 768 -55.44 25.58 -28.09
C PRO B 768 -54.88 25.46 -26.68
N LEU B 769 -53.57 25.26 -26.55
CA LEU B 769 -52.91 25.29 -25.25
C LEU B 769 -53.12 26.62 -24.57
N ILE B 770 -52.88 27.72 -25.29
CA ILE B 770 -53.12 29.04 -24.73
C ILE B 770 -54.61 29.32 -24.67
N ALA B 771 -55.40 28.69 -25.54
CA ALA B 771 -56.85 28.83 -25.43
C ALA B 771 -57.45 28.02 -24.29
N LEU B 772 -56.67 27.21 -23.58
CA LEU B 772 -57.17 26.52 -22.40
C LEU B 772 -57.01 27.30 -21.11
N ASP B 773 -56.97 28.63 -21.18
CA ASP B 773 -56.79 29.43 -19.97
C ASP B 773 -58.07 29.39 -19.13
N TYR B 774 -57.93 29.74 -17.85
CA TYR B 774 -59.09 29.70 -16.97
C TYR B 774 -60.00 30.90 -17.22
N ILE B 775 -59.42 32.10 -17.28
CA ILE B 775 -60.26 33.29 -17.30
C ILE B 775 -60.29 33.94 -18.67
N LYS B 776 -59.40 33.53 -19.59
CA LYS B 776 -59.36 34.22 -20.88
C LYS B 776 -60.47 33.73 -21.81
N PRO B 777 -60.77 32.39 -21.94
CA PRO B 777 -62.10 31.99 -22.43
C PRO B 777 -63.09 31.73 -21.29
N ALA B 778 -63.34 32.76 -20.48
CA ALA B 778 -64.28 32.65 -19.37
C ALA B 778 -65.71 32.41 -19.84
N GLN B 779 -66.02 32.71 -21.09
CA GLN B 779 -67.30 32.35 -21.68
C GLN B 779 -67.38 30.86 -21.93
N LYS B 780 -66.48 30.34 -22.77
CA LYS B 780 -66.48 28.94 -23.18
C LYS B 780 -65.56 28.16 -22.24
N THR B 781 -66.15 27.50 -21.26
CA THR B 781 -65.38 26.67 -20.35
C THR B 781 -64.87 25.43 -21.09
N PRO B 782 -63.58 25.12 -21.00
CA PRO B 782 -63.05 23.97 -21.76
C PRO B 782 -63.56 22.64 -21.24
N THR B 783 -64.00 21.79 -22.17
CA THR B 783 -64.44 20.46 -21.83
C THR B 783 -63.23 19.55 -21.58
N TYR B 784 -63.52 18.33 -21.12
CA TYR B 784 -62.45 17.40 -20.77
C TYR B 784 -61.68 16.93 -22.00
N ALA B 785 -62.38 16.81 -23.13
CA ALA B 785 -61.75 16.30 -24.35
C ALA B 785 -60.73 17.29 -24.89
N GLN B 786 -60.95 18.59 -24.66
CA GLN B 786 -59.99 19.59 -25.11
C GLN B 786 -58.70 19.49 -24.31
N TRP B 787 -58.83 19.27 -22.99
CA TRP B 787 -57.68 18.98 -22.15
C TRP B 787 -56.99 17.72 -22.60
N GLU B 788 -57.76 16.71 -23.03
CA GLU B 788 -57.18 15.46 -23.51
C GLU B 788 -56.38 15.67 -24.78
N ASN B 789 -56.92 16.43 -25.73
CA ASN B 789 -56.24 16.66 -27.00
C ASN B 789 -55.00 17.51 -26.81
N ALA B 790 -55.03 18.48 -25.90
CA ALA B 790 -53.81 19.23 -25.66
C ALA B 790 -52.78 18.40 -24.91
N ALA B 791 -53.24 17.57 -23.97
CA ALA B 791 -52.34 16.76 -23.16
C ALA B 791 -51.61 15.73 -23.99
N ILE B 792 -52.30 15.12 -24.95
CA ILE B 792 -51.64 14.11 -25.75
C ILE B 792 -50.65 14.75 -26.72
N ALA B 793 -50.94 15.98 -27.13
CA ALA B 793 -50.01 16.69 -28.01
C ALA B 793 -48.75 17.08 -27.26
N LEU B 794 -48.90 17.48 -26.00
CA LEU B 794 -47.73 17.72 -25.17
C LEU B 794 -47.01 16.43 -24.83
N THR B 795 -47.75 15.32 -24.75
CA THR B 795 -47.18 14.04 -24.35
C THR B 795 -46.29 13.47 -25.44
N ALA B 796 -46.69 13.64 -26.70
CA ALA B 796 -45.96 13.05 -27.81
C ALA B 796 -44.55 13.59 -27.99
N GLY B 797 -44.29 14.83 -27.53
CA GLY B 797 -43.01 15.45 -27.76
C GLY B 797 -41.89 15.01 -26.86
N LEU B 798 -42.15 14.07 -25.95
CA LEU B 798 -41.18 13.77 -24.89
C LEU B 798 -40.30 12.57 -25.26
N ASP B 799 -39.11 12.54 -24.69
CA ASP B 799 -38.17 11.44 -24.91
C ASP B 799 -38.30 10.37 -23.82
N THR B 800 -37.31 9.49 -23.74
CA THR B 800 -37.44 8.25 -22.97
C THR B 800 -37.37 8.45 -21.46
N GLN B 801 -36.41 9.24 -20.96
CA GLN B 801 -36.29 9.42 -19.53
C GLN B 801 -37.47 10.23 -18.99
N GLN B 802 -37.87 11.24 -19.75
CA GLN B 802 -39.05 12.01 -19.40
C GLN B 802 -40.32 11.18 -19.47
N THR B 803 -40.43 10.23 -20.41
CA THR B 803 -41.67 9.47 -20.43
C THR B 803 -41.71 8.39 -19.36
N HIS B 804 -40.56 7.84 -18.96
CA HIS B 804 -40.55 6.94 -17.81
C HIS B 804 -40.93 7.69 -16.54
N THR B 805 -40.35 8.88 -16.36
CA THR B 805 -40.63 9.68 -15.18
C THR B 805 -42.07 10.15 -15.18
N LEU B 806 -42.63 10.37 -16.37
CA LEU B 806 -44.02 10.74 -16.50
C LEU B 806 -44.94 9.59 -16.12
N HIS B 807 -44.62 8.36 -16.55
CA HIS B 807 -45.42 7.21 -16.15
C HIS B 807 -45.38 6.97 -14.65
N VAL B 808 -44.20 7.15 -14.05
CA VAL B 808 -44.06 7.04 -12.60
C VAL B 808 -44.97 8.03 -11.89
N PHE B 809 -44.89 9.31 -12.24
CA PHE B 809 -45.64 10.32 -11.53
C PHE B 809 -47.13 10.23 -11.78
N LEU B 810 -47.53 9.90 -13.01
CA LEU B 810 -48.96 9.81 -13.30
C LEU B 810 -49.59 8.62 -12.61
N ASP B 811 -48.87 7.51 -12.51
CA ASP B 811 -49.43 6.38 -11.79
C ASP B 811 -49.50 6.64 -10.29
N GLU B 812 -48.50 7.34 -9.73
CA GLU B 812 -48.57 7.69 -8.32
C GLU B 812 -49.69 8.68 -8.03
N SER B 813 -49.98 9.58 -8.98
CA SER B 813 -51.09 10.49 -8.77
C SER B 813 -52.44 9.79 -8.89
N ARG B 814 -52.59 8.90 -9.88
CA ARG B 814 -53.84 8.18 -10.04
C ARG B 814 -54.14 7.25 -8.87
N SER B 815 -53.08 6.78 -8.19
CA SER B 815 -53.25 5.97 -6.99
C SER B 815 -54.05 6.71 -5.93
N THR B 816 -53.53 7.83 -5.45
CA THR B 816 -54.22 8.57 -4.40
C THR B 816 -55.44 9.30 -4.93
N ALA B 817 -55.55 9.45 -6.25
CA ALA B 817 -56.77 10.02 -6.80
C ALA B 817 -57.92 9.03 -6.71
N LEU B 818 -57.67 7.78 -7.10
CA LEU B 818 -58.73 6.80 -7.06
C LEU B 818 -59.03 6.35 -5.64
N SER B 819 -58.00 6.30 -4.79
CA SER B 819 -58.15 5.67 -3.48
C SER B 819 -59.07 6.47 -2.58
N ASN B 820 -58.92 7.79 -2.59
CA ASN B 820 -59.72 8.60 -1.70
C ASN B 820 -61.17 8.68 -2.15
N TYR B 821 -61.41 8.69 -3.47
CA TYR B 821 -62.78 8.61 -3.96
C TYR B 821 -63.41 7.27 -3.64
N TYR B 822 -62.61 6.20 -3.70
CA TYR B 822 -63.13 4.88 -3.38
C TYR B 822 -63.54 4.80 -1.92
N ILE B 823 -62.68 5.30 -1.03
CA ILE B 823 -62.98 5.36 0.40
C ILE B 823 -64.22 6.21 0.64
N GLY B 824 -64.34 7.32 -0.09
CA GLY B 824 -65.47 8.20 0.08
C GLY B 824 -66.80 7.63 -0.34
N LYS B 825 -66.88 7.04 -1.53
CA LYS B 825 -68.20 6.76 -2.07
C LYS B 825 -68.45 5.28 -2.28
N VAL B 826 -67.42 4.50 -2.62
CA VAL B 826 -67.70 3.18 -3.18
C VAL B 826 -67.61 2.11 -2.10
N ALA B 827 -66.79 2.34 -1.09
CA ALA B 827 -66.66 1.41 0.01
C ALA B 827 -67.95 1.34 0.82
N ASN B 828 -68.14 0.22 1.50
CA ASN B 828 -69.34 0.08 2.31
C ASN B 828 -69.12 0.67 3.70
N ARG B 829 -70.19 1.24 4.24
CA ARG B 829 -70.12 1.86 5.56
C ARG B 829 -69.95 0.83 6.66
N ALA B 830 -70.31 -0.43 6.39
CA ALA B 830 -70.07 -1.50 7.34
C ALA B 830 -68.59 -1.73 7.57
N ALA B 831 -67.79 -1.62 6.53
CA ALA B 831 -66.34 -1.73 6.65
C ALA B 831 -65.79 -0.39 7.10
N SER B 832 -65.30 -0.34 8.34
CA SER B 832 -64.72 0.88 8.88
C SER B 832 -63.40 1.17 8.18
N ILE B 833 -63.39 2.20 7.34
CA ILE B 833 -62.22 2.56 6.56
C ILE B 833 -61.97 4.05 6.75
N LYS B 834 -60.92 4.39 7.48
CA LYS B 834 -60.54 5.79 7.61
C LYS B 834 -59.48 6.17 6.59
N SER B 835 -58.32 5.53 6.65
CA SER B 835 -57.17 5.99 5.89
C SER B 835 -56.85 5.05 4.74
N ARG B 836 -55.75 5.31 4.05
CA ARG B 836 -55.33 4.45 2.94
C ARG B 836 -54.81 3.12 3.42
N ASP B 837 -54.24 3.05 4.63
CA ASP B 837 -53.78 1.78 5.16
C ASP B 837 -54.96 0.88 5.51
N ASP B 838 -56.06 1.48 5.95
CA ASP B 838 -57.29 0.73 6.12
C ASP B 838 -57.78 0.16 4.80
N LEU B 839 -57.62 0.93 3.72
CA LEU B 839 -57.97 0.44 2.41
C LEU B 839 -57.07 -0.70 1.97
N TYR B 840 -55.78 -0.61 2.30
CA TYR B 840 -54.86 -1.71 2.06
C TYR B 840 -55.27 -2.97 2.80
N GLN B 841 -55.71 -2.81 4.05
CA GLN B 841 -56.13 -3.97 4.82
C GLN B 841 -57.44 -4.53 4.30
N TYR B 842 -58.25 -3.68 3.66
CA TYR B 842 -59.53 -4.17 3.18
C TYR B 842 -59.43 -4.77 1.79
N LEU B 843 -58.44 -4.36 0.99
CA LEU B 843 -58.38 -4.83 -0.38
C LEU B 843 -57.26 -5.81 -0.63
N LEU B 844 -56.38 -6.02 0.34
CA LEU B 844 -55.27 -6.97 0.33
C LEU B 844 -54.21 -6.65 -0.71
N ILE B 845 -54.13 -5.41 -1.17
CA ILE B 845 -53.18 -5.03 -2.20
C ILE B 845 -52.83 -3.57 -1.97
N ASP B 846 -51.58 -3.21 -2.26
CA ASP B 846 -51.02 -1.97 -1.76
C ASP B 846 -51.13 -0.87 -2.82
N ASN B 847 -51.49 0.33 -2.38
CA ASN B 847 -51.58 1.49 -3.25
C ASN B 847 -50.44 2.46 -3.08
N GLN B 848 -49.69 2.34 -1.99
CA GLN B 848 -48.65 3.32 -1.72
C GLN B 848 -47.29 2.90 -2.22
N VAL B 849 -47.16 1.70 -2.78
CA VAL B 849 -45.91 1.27 -3.37
C VAL B 849 -45.61 2.11 -4.59
N SER B 850 -44.38 2.61 -4.68
CA SER B 850 -43.96 3.33 -5.85
C SER B 850 -43.84 2.36 -7.04
N ALA B 851 -44.07 2.88 -8.24
CA ALA B 851 -44.21 2.07 -9.43
C ALA B 851 -42.90 1.47 -9.94
N GLU B 852 -41.81 1.67 -9.21
CA GLU B 852 -40.54 1.04 -9.54
C GLU B 852 -40.59 -0.47 -9.31
N ILE B 853 -41.45 -0.94 -8.41
CA ILE B 853 -41.47 -2.34 -8.03
C ILE B 853 -42.19 -3.17 -9.09
N LYS B 854 -41.57 -4.27 -9.49
CA LYS B 854 -42.12 -5.18 -10.50
C LYS B 854 -42.38 -6.53 -9.86
N THR B 855 -43.58 -7.07 -10.06
CA THR B 855 -43.95 -8.40 -9.59
C THR B 855 -44.77 -9.12 -10.64
N THR B 856 -44.94 -10.42 -10.46
CA THR B 856 -45.85 -11.16 -11.32
C THR B 856 -47.26 -11.12 -10.74
N ARG B 857 -48.21 -11.60 -11.54
CA ARG B 857 -49.60 -11.56 -11.12
C ARG B 857 -49.90 -12.57 -10.02
N ILE B 858 -49.42 -13.80 -10.18
CA ILE B 858 -49.81 -14.89 -9.30
C ILE B 858 -49.18 -14.71 -7.94
N ALA B 859 -47.95 -14.19 -7.89
CA ALA B 859 -47.30 -13.92 -6.61
C ALA B 859 -48.02 -12.83 -5.85
N GLU B 860 -48.58 -11.85 -6.58
CA GLU B 860 -49.36 -10.81 -5.93
C GLU B 860 -50.66 -11.35 -5.36
N ALA B 861 -51.33 -12.23 -6.10
CA ALA B 861 -52.54 -12.84 -5.56
C ALA B 861 -52.23 -13.74 -4.36
N ILE B 862 -51.08 -14.40 -4.38
CA ILE B 862 -50.62 -15.18 -3.24
C ILE B 862 -50.44 -14.30 -2.01
N ALA B 863 -49.81 -13.13 -2.21
CA ALA B 863 -49.60 -12.21 -1.10
C ALA B 863 -50.93 -11.71 -0.55
N SER B 864 -51.90 -11.47 -1.44
CA SER B 864 -53.24 -11.07 -1.00
C SER B 864 -53.90 -12.14 -0.16
N ILE B 865 -53.83 -13.40 -0.62
CA ILE B 865 -54.50 -14.48 0.10
C ILE B 865 -53.82 -14.77 1.42
N GLN B 866 -52.48 -14.72 1.46
CA GLN B 866 -51.76 -14.92 2.71
C GLN B 866 -52.05 -13.83 3.71
N LEU B 867 -52.18 -12.59 3.25
CA LEU B 867 -52.49 -11.51 4.16
C LEU B 867 -53.89 -11.66 4.71
N TYR B 868 -54.83 -12.12 3.86
CA TYR B 868 -56.18 -12.41 4.33
C TYR B 868 -56.20 -13.50 5.38
N VAL B 869 -55.45 -14.58 5.18
CA VAL B 869 -55.46 -15.69 6.13
C VAL B 869 -54.84 -15.27 7.45
N ASN B 870 -53.78 -14.45 7.39
CA ASN B 870 -53.20 -13.91 8.62
C ASN B 870 -54.19 -13.03 9.36
N ARG B 871 -54.99 -12.25 8.65
CA ARG B 871 -55.96 -11.43 9.35
C ARG B 871 -57.12 -12.27 9.87
N ALA B 872 -57.37 -13.41 9.24
CA ALA B 872 -58.47 -14.23 9.71
C ALA B 872 -58.08 -15.03 10.95
N LEU B 873 -56.83 -15.48 11.02
CA LEU B 873 -56.44 -16.30 12.17
C LEU B 873 -56.29 -15.49 13.44
N GLU B 874 -56.01 -14.20 13.33
CA GLU B 874 -55.80 -13.43 14.54
C GLU B 874 -57.10 -13.03 15.22
N ASN B 875 -58.25 -13.31 14.59
CA ASN B 875 -59.57 -12.82 14.96
C ASN B 875 -59.58 -11.30 15.11
N ILE B 876 -58.76 -10.62 14.32
CA ILE B 876 -58.76 -9.16 14.33
C ILE B 876 -59.89 -8.64 13.46
N GLU B 877 -60.12 -9.23 12.31
CA GLU B 877 -61.32 -8.97 11.54
C GLU B 877 -62.39 -9.89 12.10
N ILE B 878 -63.55 -9.31 12.41
CA ILE B 878 -64.44 -9.90 13.39
C ILE B 878 -65.24 -11.05 12.78
N HIS B 879 -65.74 -11.94 13.65
CA HIS B 879 -66.61 -13.06 13.34
C HIS B 879 -65.94 -14.13 12.48
N ALA B 880 -64.79 -14.61 12.93
CA ALA B 880 -64.17 -15.76 12.30
C ALA B 880 -65.01 -17.01 12.55
N VAL B 881 -65.34 -17.73 11.48
CA VAL B 881 -66.11 -18.95 11.62
C VAL B 881 -65.19 -20.07 12.07
N SER B 882 -65.46 -20.61 13.27
CA SER B 882 -64.62 -21.62 13.91
C SER B 882 -64.73 -22.99 13.27
N ASP B 883 -65.63 -23.15 12.31
CA ASP B 883 -65.86 -24.44 11.69
C ASP B 883 -64.70 -24.83 10.77
N VAL B 884 -64.10 -23.85 10.11
CA VAL B 884 -63.06 -24.15 9.13
C VAL B 884 -61.68 -24.02 9.76
N ILE B 885 -61.58 -23.27 10.86
CA ILE B 885 -60.29 -23.03 11.50
C ILE B 885 -59.74 -24.32 12.09
N THR B 886 -60.62 -25.21 12.53
CA THR B 886 -60.20 -26.46 13.13
C THR B 886 -59.75 -27.50 12.12
N ARG B 887 -59.69 -27.18 10.82
CA ARG B 887 -59.29 -28.17 9.84
C ARG B 887 -57.79 -28.44 9.93
N GLN B 888 -57.38 -29.53 9.28
CA GLN B 888 -56.01 -30.01 9.36
C GLN B 888 -55.04 -29.05 8.71
N PHE B 889 -55.48 -28.35 7.66
CA PHE B 889 -54.61 -27.47 6.92
C PHE B 889 -54.16 -26.28 7.75
N PHE B 890 -55.07 -25.73 8.56
CA PHE B 890 -54.73 -24.52 9.29
C PHE B 890 -54.08 -24.80 10.62
N ILE B 891 -54.16 -26.04 11.10
CA ILE B 891 -53.29 -26.46 12.19
C ILE B 891 -51.84 -26.47 11.70
N ASP B 892 -51.64 -26.86 10.46
CA ASP B 892 -50.32 -26.82 9.85
C ASP B 892 -50.08 -25.53 9.09
N TRP B 893 -50.82 -24.46 9.38
CA TRP B 893 -50.57 -23.19 8.70
C TRP B 893 -49.23 -22.61 9.09
N ASP B 894 -49.07 -22.33 10.39
CA ASP B 894 -47.99 -21.50 10.93
C ASP B 894 -46.61 -22.07 10.67
N LYS B 895 -46.50 -23.37 10.46
CA LYS B 895 -45.20 -24.00 10.32
C LYS B 895 -44.94 -24.38 8.87
N TYR B 896 -45.97 -24.82 8.15
CA TYR B 896 -45.75 -25.45 6.87
C TYR B 896 -46.44 -24.73 5.73
N ASN B 897 -47.60 -24.14 5.99
CA ASN B 897 -48.40 -23.68 4.87
C ASN B 897 -48.35 -22.18 4.67
N LYS B 898 -47.63 -21.46 5.52
CA LYS B 898 -47.74 -20.01 5.50
C LYS B 898 -46.91 -19.42 4.38
N ARG B 899 -45.74 -19.97 4.14
CA ARG B 899 -44.89 -19.54 3.05
C ARG B 899 -45.00 -20.51 1.89
N TYR B 900 -44.46 -20.10 0.75
CA TYR B 900 -44.35 -21.01 -0.38
C TYR B 900 -43.27 -22.05 -0.14
N SER B 901 -42.16 -21.65 0.47
CA SER B 901 -40.97 -22.51 0.51
C SER B 901 -41.17 -23.72 1.40
N THR B 902 -41.83 -23.54 2.55
CA THR B 902 -42.08 -24.68 3.42
C THR B 902 -43.09 -25.62 2.82
N TRP B 903 -44.07 -25.08 2.09
CA TRP B 903 -45.04 -25.92 1.41
C TRP B 903 -44.36 -26.74 0.32
N ALA B 904 -43.45 -26.12 -0.40
CA ALA B 904 -42.70 -26.85 -1.42
C ALA B 904 -41.79 -27.88 -0.80
N GLY B 905 -41.25 -27.58 0.39
CA GLY B 905 -40.42 -28.55 1.08
C GLY B 905 -41.18 -29.78 1.52
N VAL B 906 -42.38 -29.58 2.07
CA VAL B 906 -43.22 -30.71 2.47
C VAL B 906 -43.67 -31.50 1.25
N SER B 907 -44.07 -30.81 0.18
CA SER B 907 -44.56 -31.50 -1.00
C SER B 907 -43.47 -32.28 -1.70
N GLN B 908 -42.25 -31.75 -1.72
CA GLN B 908 -41.16 -32.52 -2.30
C GLN B 908 -40.73 -33.64 -1.37
N LEU B 909 -40.84 -33.44 -0.06
CA LEU B 909 -40.37 -34.45 0.87
C LEU B 909 -41.32 -35.64 0.90
N VAL B 910 -42.55 -35.44 0.44
CA VAL B 910 -43.40 -36.60 0.17
C VAL B 910 -42.86 -37.39 -1.01
N TYR B 911 -42.84 -36.78 -2.20
CA TYR B 911 -42.61 -37.55 -3.42
C TYR B 911 -41.13 -37.86 -3.63
N TYR B 912 -40.24 -37.00 -3.18
CA TYR B 912 -38.81 -37.23 -3.38
C TYR B 912 -38.07 -37.14 -2.05
N PRO B 913 -38.09 -38.20 -1.25
CA PRO B 913 -37.37 -38.17 0.02
C PRO B 913 -35.88 -38.22 -0.13
N GLU B 914 -35.39 -38.77 -1.24
CA GLU B 914 -33.96 -39.01 -1.42
C GLU B 914 -33.18 -37.72 -1.57
N ASN B 915 -33.87 -36.62 -1.82
CA ASN B 915 -33.22 -35.32 -1.74
C ASN B 915 -32.93 -34.95 -0.30
N TYR B 916 -33.61 -35.57 0.66
CA TYR B 916 -33.41 -35.19 2.05
C TYR B 916 -32.90 -36.34 2.88
N ILE B 917 -32.78 -37.53 2.27
CA ILE B 917 -32.15 -38.65 2.97
C ILE B 917 -30.67 -38.36 3.11
N ASP B 918 -30.20 -38.32 4.34
CA ASP B 918 -28.80 -38.08 4.62
C ASP B 918 -28.34 -39.12 5.63
N PRO B 919 -27.40 -39.98 5.25
CA PRO B 919 -27.04 -41.10 6.12
C PRO B 919 -26.24 -40.70 7.34
N THR B 920 -25.83 -39.44 7.41
CA THR B 920 -25.14 -38.95 8.60
C THR B 920 -26.09 -38.84 9.77
N MET B 921 -27.20 -38.12 9.61
CA MET B 921 -28.13 -37.91 10.71
C MET B 921 -29.47 -38.55 10.39
N ARG B 922 -29.78 -39.64 11.09
CA ARG B 922 -31.01 -40.37 10.92
C ARG B 922 -31.83 -40.29 12.20
N ILE B 923 -33.10 -39.98 12.07
CA ILE B 923 -34.00 -39.94 13.22
C ILE B 923 -34.35 -41.37 13.61
N GLY B 924 -34.24 -41.68 14.90
CA GLY B 924 -34.42 -43.03 15.37
C GLY B 924 -33.15 -43.84 15.44
N GLN B 925 -32.03 -43.17 15.72
CA GLN B 925 -30.72 -43.81 15.63
C GLN B 925 -30.33 -44.43 16.96
N THR B 926 -29.78 -45.63 16.92
CA THR B 926 -29.28 -46.26 18.13
C THR B 926 -27.95 -45.64 18.52
N LYS B 927 -27.48 -45.98 19.72
CA LYS B 927 -26.16 -45.52 20.12
C LYS B 927 -25.04 -46.33 19.46
N MET B 928 -25.37 -47.49 18.88
CA MET B 928 -24.42 -48.27 18.11
C MET B 928 -23.87 -47.49 16.93
N MET B 929 -24.77 -47.00 16.07
CA MET B 929 -24.36 -46.14 14.96
C MET B 929 -23.74 -44.85 15.43
N ASP B 930 -24.13 -44.38 16.62
CA ASP B 930 -23.53 -43.18 17.18
C ASP B 930 -22.06 -43.38 17.49
N THR B 931 -21.73 -44.47 18.19
CA THR B 931 -20.33 -44.67 18.50
C THR B 931 -19.54 -45.13 17.27
N LEU B 932 -20.21 -45.69 16.26
CA LEU B 932 -19.52 -45.90 14.99
C LEU B 932 -19.15 -44.59 14.31
N LEU B 933 -20.11 -43.67 14.21
CA LEU B 933 -19.86 -42.37 13.61
C LEU B 933 -18.79 -41.60 14.37
N GLN B 934 -18.84 -41.68 15.70
CA GLN B 934 -17.79 -41.06 16.51
C GLN B 934 -16.45 -41.76 16.30
N SER B 935 -16.45 -43.05 16.01
CA SER B 935 -15.20 -43.74 15.73
C SER B 935 -14.62 -43.31 14.40
N VAL B 936 -15.44 -42.90 13.44
CA VAL B 936 -14.91 -42.47 12.14
C VAL B 936 -14.93 -40.96 11.96
N SER B 937 -15.09 -40.19 13.02
CA SER B 937 -15.19 -38.74 12.90
C SER B 937 -13.81 -38.12 13.09
N GLN B 938 -12.96 -38.23 12.08
CA GLN B 938 -11.71 -37.46 12.04
C GLN B 938 -11.28 -37.24 10.61
N SER B 939 -10.13 -36.58 10.41
CA SER B 939 -9.71 -36.24 9.06
C SER B 939 -8.92 -37.34 8.39
N GLN B 940 -7.78 -37.74 8.96
CA GLN B 940 -6.91 -38.73 8.36
C GLN B 940 -7.54 -40.10 8.55
N LEU B 941 -8.15 -40.62 7.49
CA LEU B 941 -8.79 -41.92 7.54
C LEU B 941 -7.99 -42.91 6.73
N ASN B 942 -7.58 -44.00 7.36
CA ASN B 942 -6.99 -45.13 6.70
C ASN B 942 -8.03 -46.23 6.66
N ALA B 943 -7.83 -47.20 5.76
CA ALA B 943 -8.81 -48.27 5.61
C ALA B 943 -8.84 -49.17 6.84
N ASP B 944 -7.69 -49.39 7.46
CA ASP B 944 -7.64 -50.31 8.57
C ASP B 944 -8.21 -49.71 9.85
N THR B 945 -8.16 -48.39 9.97
CA THR B 945 -8.87 -47.69 11.03
C THR B 945 -10.38 -47.91 10.91
N VAL B 946 -10.88 -47.80 9.67
CA VAL B 946 -12.28 -48.08 9.38
C VAL B 946 -12.62 -49.53 9.70
N GLU B 947 -11.68 -50.45 9.41
CA GLU B 947 -11.87 -51.86 9.72
C GLU B 947 -11.99 -52.09 11.22
N ASP B 948 -11.11 -51.48 12.02
CA ASP B 948 -11.15 -51.66 13.45
C ASP B 948 -12.40 -51.04 14.07
N ALA B 949 -12.83 -49.89 13.55
CA ALA B 949 -14.10 -49.31 13.99
C ALA B 949 -15.26 -50.22 13.65
N PHE B 950 -15.19 -50.87 12.49
CA PHE B 950 -16.23 -51.79 12.11
C PHE B 950 -16.24 -53.03 13.01
N LYS B 951 -15.07 -53.50 13.44
CA LYS B 951 -15.03 -54.63 14.35
C LYS B 951 -15.62 -54.28 15.70
N SER B 952 -15.36 -53.05 16.17
CA SER B 952 -15.94 -52.62 17.44
C SER B 952 -17.46 -52.51 17.35
N TYR B 953 -17.96 -51.96 16.24
CA TYR B 953 -19.39 -51.95 16.00
C TYR B 953 -19.96 -53.35 15.93
N LEU B 954 -19.20 -54.29 15.37
CA LEU B 954 -19.69 -55.66 15.27
C LEU B 954 -19.81 -56.32 16.63
N THR B 955 -18.86 -56.05 17.52
CA THR B 955 -18.96 -56.57 18.88
C THR B 955 -20.15 -55.98 19.62
N SER B 956 -20.37 -54.66 19.47
CA SER B 956 -21.53 -54.05 20.09
C SER B 956 -22.84 -54.55 19.51
N PHE B 957 -22.84 -55.00 18.27
CA PHE B 957 -24.02 -55.65 17.71
C PHE B 957 -24.22 -57.05 18.24
N GLU B 958 -23.12 -57.78 18.41
CA GLU B 958 -23.15 -59.11 19.00
C GLU B 958 -23.77 -59.10 20.37
N GLN B 959 -23.48 -58.05 21.15
CA GLN B 959 -23.95 -58.01 22.53
C GLN B 959 -25.48 -57.95 22.61
N VAL B 960 -26.12 -57.18 21.75
CA VAL B 960 -27.57 -57.10 21.80
C VAL B 960 -28.26 -58.04 20.84
N ALA B 961 -27.53 -58.80 20.03
CA ALA B 961 -28.22 -59.76 19.19
C ALA B 961 -28.58 -61.04 19.95
N ASN B 962 -27.90 -61.32 21.05
CA ASN B 962 -28.10 -62.56 21.80
C ASN B 962 -29.08 -62.42 22.95
N LEU B 963 -30.01 -61.48 22.89
CA LEU B 963 -30.79 -61.18 24.07
C LEU B 963 -31.88 -62.22 24.30
N GLU B 964 -32.07 -62.56 25.56
CA GLU B 964 -33.05 -63.54 26.00
C GLU B 964 -34.06 -62.84 26.90
N VAL B 965 -35.32 -63.22 26.78
CA VAL B 965 -36.39 -62.59 27.53
C VAL B 965 -36.59 -63.37 28.81
N ILE B 966 -36.48 -62.70 29.97
CA ILE B 966 -36.81 -63.37 31.21
C ILE B 966 -38.31 -63.40 31.40
N SER B 967 -38.92 -62.24 31.51
CA SER B 967 -40.35 -62.16 31.74
C SER B 967 -40.84 -60.86 31.14
N ALA B 968 -42.15 -60.67 31.23
CA ALA B 968 -42.79 -59.55 30.58
C ALA B 968 -44.04 -59.16 31.33
N TYR B 969 -44.66 -58.08 30.89
CA TYR B 969 -45.88 -57.57 31.52
C TYR B 969 -46.72 -56.87 30.48
N HIS B 970 -47.99 -57.20 30.42
CA HIS B 970 -48.90 -56.59 29.48
C HIS B 970 -49.58 -55.41 30.16
N ASP B 971 -49.87 -54.38 29.38
CA ASP B 971 -50.40 -53.16 29.97
C ASP B 971 -51.91 -53.26 30.17
N ASN B 972 -52.67 -53.40 29.09
CA ASN B 972 -54.12 -53.33 29.15
C ASN B 972 -54.70 -54.59 29.77
N VAL B 973 -55.99 -54.53 30.09
CA VAL B 973 -56.66 -55.65 30.75
C VAL B 973 -56.79 -56.85 29.82
N ASN B 974 -56.98 -56.61 28.52
CA ASN B 974 -57.10 -57.70 27.56
C ASN B 974 -56.05 -57.57 26.48
N ASN B 975 -55.80 -58.70 25.79
CA ASN B 975 -54.57 -58.86 25.03
C ASN B 975 -54.57 -58.10 23.71
N ASP B 976 -55.69 -57.53 23.30
CA ASP B 976 -55.75 -57.02 21.94
C ASP B 976 -55.27 -55.58 21.88
N GLN B 977 -55.32 -54.87 22.99
CA GLN B 977 -54.96 -53.45 23.01
C GLN B 977 -53.91 -53.20 24.07
N GLY B 978 -53.45 -51.96 24.13
CA GLY B 978 -52.42 -51.60 25.08
C GLY B 978 -51.03 -51.99 24.63
N LEU B 979 -50.09 -51.87 25.56
CA LEU B 979 -48.69 -52.10 25.26
C LEU B 979 -48.20 -53.34 25.99
N THR B 980 -46.91 -53.64 25.80
CA THR B 980 -46.27 -54.80 26.40
C THR B 980 -44.81 -54.47 26.60
N TYR B 981 -44.27 -54.77 27.77
CA TYR B 981 -42.89 -54.47 28.11
C TYR B 981 -42.16 -55.78 28.33
N PHE B 982 -41.03 -55.95 27.68
CA PHE B 982 -40.20 -57.13 27.88
C PHE B 982 -39.00 -56.78 28.75
N ILE B 983 -38.37 -57.80 29.31
CA ILE B 983 -37.15 -57.64 30.10
C ILE B 983 -36.08 -58.56 29.54
N GLY B 984 -34.97 -57.99 29.09
CA GLY B 984 -33.96 -58.75 28.39
C GLY B 984 -32.85 -59.26 29.28
N ASN B 985 -32.27 -60.39 28.87
CA ASN B 985 -31.13 -61.00 29.54
C ASN B 985 -30.00 -61.05 28.52
N SER B 986 -28.77 -60.94 28.99
CA SER B 986 -27.65 -61.23 28.12
C SER B 986 -27.11 -62.61 28.45
N LYS B 987 -26.17 -63.09 27.65
CA LYS B 987 -25.43 -64.29 28.00
C LYS B 987 -24.09 -63.84 28.56
N THR B 988 -24.13 -63.11 29.67
CA THR B 988 -22.94 -62.70 30.39
C THR B 988 -23.22 -62.87 31.87
N GLU B 989 -22.18 -62.67 32.66
CA GLU B 989 -22.34 -62.48 34.09
C GLU B 989 -22.68 -61.00 34.30
N VAL B 990 -22.58 -60.52 35.55
CA VAL B 990 -23.61 -59.75 36.25
C VAL B 990 -24.34 -58.81 35.31
N ASN B 991 -25.64 -58.99 35.23
CA ASN B 991 -26.30 -58.76 33.96
C ASN B 991 -26.60 -57.29 33.76
N GLN B 992 -26.67 -56.91 32.50
CA GLN B 992 -27.11 -55.60 32.09
C GLN B 992 -28.48 -55.77 31.46
N TYR B 993 -29.51 -55.80 32.30
CA TYR B 993 -30.87 -56.11 31.89
C TYR B 993 -31.39 -55.04 30.95
N TYR B 994 -32.08 -55.47 29.90
CA TYR B 994 -32.57 -54.58 28.89
C TYR B 994 -34.09 -54.65 28.85
N TRP B 995 -34.72 -53.61 28.34
CA TRP B 995 -36.16 -53.63 28.20
C TRP B 995 -36.54 -52.97 26.90
N ARG B 996 -37.64 -53.43 26.32
CA ARG B 996 -38.18 -52.82 25.13
C ARG B 996 -39.69 -52.88 25.23
N SER B 997 -40.34 -52.12 24.37
CA SER B 997 -41.78 -52.03 24.40
C SER B 997 -42.32 -52.35 23.02
N VAL B 998 -43.59 -52.73 22.98
CA VAL B 998 -44.25 -53.05 21.73
C VAL B 998 -45.74 -52.78 21.91
N ASP B 999 -46.39 -52.32 20.85
CA ASP B 999 -47.80 -51.97 20.90
C ASP B 999 -48.62 -53.10 20.30
N HIS B 1000 -49.87 -53.22 20.77
CA HIS B 1000 -50.80 -54.15 20.18
C HIS B 1000 -51.79 -53.48 19.26
N SER B 1001 -51.82 -52.15 19.23
CA SER B 1001 -52.79 -51.48 18.38
C SER B 1001 -52.33 -51.49 16.93
N LYS B 1002 -51.02 -51.48 16.68
CA LYS B 1002 -50.52 -51.54 15.32
C LYS B 1002 -50.47 -52.94 14.75
N PHE B 1003 -51.09 -53.91 15.40
CA PHE B 1003 -51.14 -55.26 14.86
C PHE B 1003 -52.17 -55.34 13.75
N ASN B 1004 -51.80 -56.00 12.65
CA ASN B 1004 -52.72 -56.34 11.58
C ASN B 1004 -52.08 -57.43 10.72
N ASP B 1005 -52.94 -58.32 10.21
CA ASP B 1005 -52.60 -59.35 9.24
C ASP B 1005 -51.54 -60.31 9.76
N GLY B 1006 -51.69 -60.76 10.99
CA GLY B 1006 -50.85 -61.81 11.50
C GLY B 1006 -49.44 -61.42 11.86
N LYS B 1007 -49.10 -60.13 11.86
CA LYS B 1007 -47.74 -59.71 12.14
C LYS B 1007 -47.70 -58.25 12.58
N PHE B 1008 -46.95 -57.99 13.65
CA PHE B 1008 -46.58 -56.63 14.01
C PHE B 1008 -45.80 -55.98 12.88
N ALA B 1009 -46.24 -54.80 12.46
CA ALA B 1009 -45.40 -53.98 11.60
C ALA B 1009 -44.21 -53.49 12.41
N ALA B 1010 -43.08 -53.29 11.73
CA ALA B 1010 -41.81 -53.11 12.43
C ALA B 1010 -41.71 -51.79 13.18
N ASN B 1011 -42.61 -50.84 12.92
CA ASN B 1011 -42.66 -49.63 13.71
C ASN B 1011 -43.41 -49.81 15.02
N ALA B 1012 -44.08 -50.94 15.22
CA ALA B 1012 -44.77 -51.16 16.48
C ALA B 1012 -43.79 -51.56 17.56
N TRP B 1013 -42.62 -52.05 17.18
CA TRP B 1013 -41.61 -52.37 18.17
C TRP B 1013 -40.90 -51.11 18.63
N SER B 1014 -40.00 -51.29 19.59
CA SER B 1014 -39.16 -50.22 20.07
C SER B 1014 -37.74 -50.74 20.22
N GLU B 1015 -36.83 -49.81 20.47
CA GLU B 1015 -35.44 -50.16 20.66
C GLU B 1015 -35.25 -50.73 22.06
N TRP B 1016 -34.20 -51.52 22.22
CA TRP B 1016 -33.81 -51.94 23.56
C TRP B 1016 -33.25 -50.73 24.31
N HIS B 1017 -33.49 -50.69 25.60
CA HIS B 1017 -32.92 -49.66 26.44
C HIS B 1017 -32.20 -50.34 27.60
N LYS B 1018 -31.17 -49.67 28.11
CA LYS B 1018 -30.35 -50.26 29.14
C LYS B 1018 -30.86 -49.85 30.51
N ILE B 1019 -30.72 -50.76 31.48
CA ILE B 1019 -31.11 -50.50 32.86
C ILE B 1019 -29.83 -50.32 33.66
N ASP B 1020 -29.79 -49.28 34.50
CA ASP B 1020 -28.54 -48.89 35.13
C ASP B 1020 -28.42 -49.31 36.58
N CYS B 1021 -29.52 -49.45 37.30
CA CYS B 1021 -29.44 -49.82 38.70
C CYS B 1021 -28.95 -51.24 38.85
N ALA B 1022 -28.17 -51.48 39.89
CA ALA B 1022 -27.56 -52.79 40.10
C ALA B 1022 -28.63 -53.77 40.55
N ILE B 1023 -28.89 -54.76 39.71
CA ILE B 1023 -29.94 -55.73 39.94
C ILE B 1023 -29.30 -57.11 40.02
N ASN B 1024 -29.63 -57.87 41.05
CA ASN B 1024 -29.14 -59.23 41.21
C ASN B 1024 -30.28 -60.09 41.72
N PRO B 1025 -31.08 -60.64 40.81
CA PRO B 1025 -32.21 -61.47 41.25
C PRO B 1025 -31.74 -62.84 41.67
N TYR B 1026 -32.69 -63.60 42.18
CA TYR B 1026 -32.49 -65.01 42.48
C TYR B 1026 -33.36 -65.86 41.57
N GLN B 1027 -32.72 -66.79 40.86
CA GLN B 1027 -33.35 -67.67 39.87
C GLN B 1027 -34.05 -66.89 38.75
N SER B 1028 -33.55 -65.69 38.47
CA SER B 1028 -34.15 -64.72 37.55
C SER B 1028 -35.63 -64.52 37.83
N THR B 1029 -35.93 -64.04 39.03
CA THR B 1029 -37.29 -63.79 39.45
C THR B 1029 -37.49 -62.28 39.47
N ILE B 1030 -38.01 -61.73 38.39
CA ILE B 1030 -38.12 -60.29 38.22
C ILE B 1030 -39.23 -60.02 37.20
N ARG B 1031 -40.10 -59.08 37.54
CA ARG B 1031 -41.15 -58.71 36.62
C ARG B 1031 -41.23 -57.19 36.57
N PRO B 1032 -41.50 -56.63 35.40
CA PRO B 1032 -41.86 -55.22 35.34
C PRO B 1032 -43.33 -55.06 35.65
N VAL B 1033 -43.70 -53.82 35.97
CA VAL B 1033 -45.08 -53.50 36.26
C VAL B 1033 -45.26 -52.02 36.01
N ILE B 1034 -46.46 -51.64 35.60
CA ILE B 1034 -46.78 -50.25 35.31
C ILE B 1034 -47.69 -49.75 36.41
N TYR B 1035 -47.12 -49.13 37.40
CA TYR B 1035 -47.89 -48.58 38.51
C TYR B 1035 -47.89 -47.07 38.37
N LYS B 1036 -49.10 -46.50 38.29
CA LYS B 1036 -49.33 -45.07 38.08
C LYS B 1036 -48.63 -44.57 36.82
N SER B 1037 -48.73 -45.37 35.75
CA SER B 1037 -48.22 -45.06 34.41
C SER B 1037 -46.71 -44.80 34.41
N ARG B 1038 -46.00 -45.43 35.33
CA ARG B 1038 -44.55 -45.35 35.40
C ARG B 1038 -44.01 -46.76 35.47
N LEU B 1039 -42.95 -47.04 34.73
CA LEU B 1039 -42.36 -48.37 34.71
C LEU B 1039 -41.69 -48.67 36.04
N TYR B 1040 -42.10 -49.75 36.70
CA TYR B 1040 -41.43 -50.19 37.91
C TYR B 1040 -40.86 -51.58 37.68
N LEU B 1041 -39.64 -51.80 38.13
CA LEU B 1041 -39.06 -53.13 38.19
C LEU B 1041 -39.14 -53.63 39.61
N ILE B 1042 -39.62 -54.85 39.79
CA ILE B 1042 -39.69 -55.47 41.10
C ILE B 1042 -39.04 -56.84 41.02
N TRP B 1043 -38.20 -57.16 42.00
CA TRP B 1043 -37.53 -58.45 41.96
C TRP B 1043 -37.29 -58.95 43.37
N LEU B 1044 -36.97 -60.23 43.44
CA LEU B 1044 -36.66 -60.88 44.70
C LEU B 1044 -35.15 -61.03 44.80
N GLU B 1045 -34.61 -60.93 46.01
CA GLU B 1045 -33.18 -61.00 46.19
C GLU B 1045 -32.87 -61.74 47.49
N GLN B 1046 -31.84 -62.57 47.44
CA GLN B 1046 -31.56 -63.55 48.49
C GLN B 1046 -30.18 -63.35 49.07
N LYS B 1047 -30.11 -63.23 50.38
CA LYS B 1047 -28.84 -63.13 51.11
C LYS B 1047 -28.70 -64.32 52.02
N GLU B 1048 -27.52 -64.93 52.02
CA GLU B 1048 -27.22 -66.01 52.93
C GLU B 1048 -26.75 -65.44 54.27
N THR B 1049 -27.25 -66.01 55.35
CA THR B 1049 -26.81 -65.67 56.70
C THR B 1049 -26.30 -66.94 57.37
N ALA B 1050 -26.02 -66.83 58.67
CA ALA B 1050 -25.61 -67.97 59.47
C ALA B 1050 -26.00 -67.72 60.92
N LYS B 1051 -27.01 -68.44 61.39
CA LYS B 1051 -27.34 -68.43 62.80
C LYS B 1051 -26.40 -69.35 63.55
N GLN B 1052 -26.32 -69.17 64.86
CA GLN B 1052 -25.59 -70.11 65.70
C GLN B 1052 -26.57 -71.14 66.25
N LYS B 1053 -26.41 -72.38 65.80
CA LYS B 1053 -27.22 -73.50 66.23
C LYS B 1053 -26.64 -74.18 67.45
N GLU B 1054 -25.64 -73.55 68.10
CA GLU B 1054 -24.59 -74.30 68.76
C GLU B 1054 -25.08 -75.03 70.00
N ASP B 1055 -25.49 -76.26 69.79
CA ASP B 1055 -24.99 -77.32 70.63
C ASP B 1055 -23.54 -77.63 70.27
N ASN B 1056 -23.28 -77.82 68.97
CA ASN B 1056 -21.91 -77.91 68.45
C ASN B 1056 -21.65 -76.86 67.38
N LYS B 1057 -22.51 -76.79 66.37
CA LYS B 1057 -22.11 -76.20 65.10
C LYS B 1057 -22.82 -74.87 64.85
N VAL B 1058 -22.54 -74.32 63.68
CA VAL B 1058 -23.08 -73.05 63.22
C VAL B 1058 -23.91 -73.32 61.97
N THR B 1059 -25.20 -73.08 62.06
CA THR B 1059 -26.09 -73.39 60.95
C THR B 1059 -26.05 -72.26 59.93
N THR B 1060 -26.59 -72.55 58.75
CA THR B 1060 -26.59 -71.61 57.64
C THR B 1060 -28.04 -71.33 57.25
N ASP B 1061 -28.39 -70.06 57.17
CA ASP B 1061 -29.76 -69.67 56.85
C ASP B 1061 -29.75 -68.67 55.70
N TYR B 1062 -30.88 -68.63 54.99
CA TYR B 1062 -31.11 -67.63 53.96
C TYR B 1062 -32.24 -66.74 54.41
N HIS B 1063 -32.17 -65.47 54.05
CA HIS B 1063 -33.33 -64.61 54.19
C HIS B 1063 -33.56 -63.89 52.87
N TYR B 1064 -34.83 -63.64 52.58
CA TYR B 1064 -35.26 -63.11 51.30
C TYR B 1064 -35.72 -61.68 51.49
N GLU B 1065 -35.35 -60.82 50.56
CA GLU B 1065 -35.79 -59.44 50.63
C GLU B 1065 -36.35 -59.04 49.29
N LEU B 1066 -37.20 -58.02 49.32
CA LEU B 1066 -37.92 -57.56 48.15
C LEU B 1066 -37.41 -56.18 47.78
N LYS B 1067 -37.22 -55.94 46.49
CA LYS B 1067 -36.74 -54.66 46.02
C LYS B 1067 -37.75 -54.09 45.03
N LEU B 1068 -37.77 -52.77 44.91
CA LEU B 1068 -38.66 -52.08 44.00
C LEU B 1068 -38.01 -50.80 43.56
N ALA B 1069 -37.86 -50.63 42.25
CA ALA B 1069 -37.16 -49.48 41.69
C ALA B 1069 -37.91 -49.00 40.45
N HIS B 1070 -37.91 -47.68 40.25
CA HIS B 1070 -38.67 -47.10 39.18
C HIS B 1070 -37.84 -46.11 38.37
N ILE B 1071 -38.26 -45.91 37.15
CA ILE B 1071 -37.55 -45.04 36.23
C ILE B 1071 -37.93 -43.61 36.56
N ARG B 1072 -37.07 -42.67 36.21
CA ARG B 1072 -37.36 -41.26 36.28
C ARG B 1072 -37.77 -40.77 34.90
N TYR B 1073 -37.94 -39.46 34.76
CA TYR B 1073 -38.40 -38.90 33.49
C TYR B 1073 -37.32 -38.95 32.43
N ASP B 1074 -36.11 -38.51 32.78
CA ASP B 1074 -35.05 -38.45 31.78
C ASP B 1074 -34.55 -39.82 31.36
N GLY B 1075 -34.79 -40.85 32.16
CA GLY B 1075 -34.37 -42.19 31.82
C GLY B 1075 -33.43 -42.80 32.82
N THR B 1076 -33.25 -42.20 33.99
CA THR B 1076 -32.40 -42.81 34.99
C THR B 1076 -33.25 -43.56 36.01
N TRP B 1077 -32.57 -44.37 36.82
CA TRP B 1077 -33.24 -45.30 37.71
C TRP B 1077 -33.02 -44.88 39.15
N ASN B 1078 -34.07 -44.99 39.95
CA ASN B 1078 -34.00 -44.58 41.33
C ASN B 1078 -33.27 -45.62 42.16
N VAL B 1079 -32.90 -45.24 43.37
CA VAL B 1079 -32.37 -46.21 44.33
C VAL B 1079 -33.51 -47.11 44.80
N PRO B 1080 -33.34 -48.44 44.79
CA PRO B 1080 -34.44 -49.33 45.12
C PRO B 1080 -34.83 -49.28 46.58
N ILE B 1081 -36.06 -49.68 46.85
CA ILE B 1081 -36.65 -49.67 48.18
C ILE B 1081 -36.55 -51.06 48.77
N THR B 1082 -36.20 -51.14 50.04
CA THR B 1082 -36.03 -52.41 50.73
C THR B 1082 -37.36 -52.84 51.32
N PHE B 1083 -37.65 -54.14 51.25
CA PHE B 1083 -38.71 -54.74 52.04
C PHE B 1083 -38.26 -56.12 52.51
N ASP B 1084 -38.52 -56.40 53.77
CA ASP B 1084 -38.18 -57.68 54.36
C ASP B 1084 -39.38 -58.59 54.21
N VAL B 1085 -39.20 -59.71 53.50
CA VAL B 1085 -40.28 -60.64 53.24
C VAL B 1085 -39.94 -62.06 53.64
N ASP B 1086 -38.97 -62.25 54.53
CA ASP B 1086 -38.55 -63.60 54.91
C ASP B 1086 -39.65 -64.33 55.65
N GLU B 1087 -40.50 -63.58 56.37
CA GLU B 1087 -41.67 -64.17 57.03
C GLU B 1087 -42.61 -64.83 56.05
N LYS B 1088 -42.95 -64.13 54.96
CA LYS B 1088 -43.94 -64.67 54.05
C LYS B 1088 -43.37 -65.75 53.14
N ILE B 1089 -42.09 -65.66 52.79
CA ILE B 1089 -41.48 -66.72 52.00
C ILE B 1089 -41.28 -67.95 52.87
N LEU B 1090 -40.99 -67.75 54.15
CA LEU B 1090 -40.94 -68.87 55.08
C LEU B 1090 -42.33 -69.44 55.33
N ALA B 1091 -43.38 -68.63 55.16
CA ALA B 1091 -44.73 -69.14 55.29
C ALA B 1091 -45.07 -70.09 54.16
N LEU B 1092 -44.64 -69.78 52.95
CA LEU B 1092 -44.78 -70.73 51.85
C LEU B 1092 -43.82 -71.89 52.06
N GLU B 1093 -44.26 -73.08 51.69
CA GLU B 1093 -43.51 -74.30 51.97
C GLU B 1093 -42.66 -74.62 50.75
N LEU B 1094 -41.39 -74.23 50.81
CA LEU B 1094 -40.53 -74.21 49.65
C LEU B 1094 -39.30 -75.08 49.89
N THR B 1095 -38.93 -75.87 48.89
CA THR B 1095 -37.65 -76.52 48.93
C THR B 1095 -36.55 -75.54 48.52
N LYS B 1096 -35.31 -75.98 48.72
CA LYS B 1096 -34.19 -75.16 48.27
C LYS B 1096 -34.07 -75.26 46.75
N SER B 1097 -33.40 -74.25 46.18
CA SER B 1097 -33.11 -74.14 44.74
C SER B 1097 -34.37 -74.09 43.88
N GLN B 1098 -35.47 -73.61 44.44
CA GLN B 1098 -36.70 -73.38 43.70
C GLN B 1098 -37.29 -72.05 44.12
N ALA B 1099 -37.33 -71.12 43.19
CA ALA B 1099 -37.86 -69.80 43.50
C ALA B 1099 -39.37 -69.86 43.62
N PRO B 1100 -39.96 -69.12 44.55
CA PRO B 1100 -41.41 -69.00 44.57
C PRO B 1100 -41.89 -68.19 43.41
N GLY B 1101 -43.11 -68.47 42.99
CA GLY B 1101 -43.72 -67.67 41.95
C GLY B 1101 -44.04 -66.27 42.45
N LEU B 1102 -44.08 -65.33 41.52
CA LEU B 1102 -44.31 -63.94 41.83
C LEU B 1102 -45.39 -63.39 40.92
N TYR B 1103 -46.40 -62.77 41.51
CA TYR B 1103 -47.49 -62.18 40.75
C TYR B 1103 -47.61 -60.72 41.14
N CYS B 1104 -47.76 -59.85 40.15
CA CYS B 1104 -47.64 -58.41 40.37
C CYS B 1104 -48.46 -57.68 39.31
N ALA B 1105 -49.44 -56.91 39.74
CA ALA B 1105 -50.33 -56.28 38.77
C ALA B 1105 -50.78 -54.92 39.28
N GLY B 1106 -51.10 -54.04 38.33
CA GLY B 1106 -51.68 -52.75 38.66
C GLY B 1106 -53.18 -52.84 38.82
N TYR B 1107 -53.77 -51.74 39.29
CA TYR B 1107 -55.17 -51.73 39.68
C TYR B 1107 -55.65 -50.29 39.74
N GLN B 1108 -56.54 -49.92 38.81
CA GLN B 1108 -56.86 -48.52 38.54
C GLN B 1108 -57.74 -47.85 39.58
N GLY B 1109 -58.96 -48.34 39.72
CA GLY B 1109 -59.75 -47.97 40.88
C GLY B 1109 -59.09 -48.52 42.12
N GLU B 1110 -58.96 -47.66 43.13
CA GLU B 1110 -58.18 -47.92 44.35
C GLU B 1110 -56.72 -48.22 43.98
N ASP B 1111 -56.04 -47.18 43.48
CA ASP B 1111 -54.65 -47.28 43.02
C ASP B 1111 -53.72 -47.82 44.08
N THR B 1112 -53.25 -49.05 43.83
CA THR B 1112 -52.56 -49.86 44.81
C THR B 1112 -51.86 -50.98 44.05
N LEU B 1113 -50.56 -51.11 44.28
CA LEU B 1113 -49.75 -52.08 43.56
C LEU B 1113 -49.94 -53.46 44.17
N LEU B 1114 -50.59 -54.35 43.45
CA LEU B 1114 -50.85 -55.70 43.92
C LEU B 1114 -49.58 -56.53 43.83
N ILE B 1115 -49.38 -57.42 44.80
CA ILE B 1115 -48.32 -58.39 44.76
C ILE B 1115 -48.75 -59.64 45.51
N MET B 1116 -48.51 -60.80 44.91
CA MET B 1116 -48.84 -62.07 45.52
C MET B 1116 -47.69 -63.04 45.32
N PHE B 1117 -47.33 -63.75 46.37
CA PHE B 1117 -46.37 -64.83 46.28
C PHE B 1117 -47.11 -66.16 46.26
N TYR B 1118 -46.53 -67.15 45.61
CA TYR B 1118 -47.17 -68.44 45.48
C TYR B 1118 -46.13 -69.49 45.16
N ARG B 1119 -46.32 -70.67 45.71
CA ARG B 1119 -45.52 -71.83 45.34
C ARG B 1119 -45.90 -72.23 43.92
N LYS B 1120 -44.93 -72.68 43.15
CA LYS B 1120 -45.25 -73.11 41.79
C LYS B 1120 -45.81 -74.53 41.79
N LYS B 1121 -46.96 -74.70 41.14
CA LYS B 1121 -47.58 -76.00 40.99
C LYS B 1121 -47.44 -76.44 39.54
N GLU B 1122 -48.03 -77.58 39.19
CA GLU B 1122 -47.97 -78.02 37.79
C GLU B 1122 -49.20 -77.59 37.02
N LYS B 1123 -50.33 -77.44 37.71
CA LYS B 1123 -51.59 -77.18 37.05
C LYS B 1123 -52.12 -75.82 37.49
N LEU B 1124 -52.72 -75.10 36.54
CA LEU B 1124 -53.35 -73.81 36.83
C LEU B 1124 -54.47 -73.94 37.84
N ASP B 1125 -55.25 -75.00 37.76
CA ASP B 1125 -56.41 -75.15 38.63
C ASP B 1125 -56.02 -75.50 40.06
N ASP B 1126 -54.78 -75.93 40.27
CA ASP B 1126 -54.26 -76.14 41.62
C ASP B 1126 -54.13 -74.81 42.37
N TYR B 1127 -53.96 -73.69 41.66
CA TYR B 1127 -53.78 -72.41 42.32
C TYR B 1127 -55.08 -71.82 42.84
N LYS B 1128 -56.22 -72.41 42.49
CA LYS B 1128 -57.48 -71.99 43.11
C LYS B 1128 -57.53 -72.40 44.57
N THR B 1129 -56.79 -73.45 44.92
CA THR B 1129 -56.77 -73.99 46.27
C THR B 1129 -55.53 -73.62 47.05
N ALA B 1130 -54.49 -73.11 46.38
CA ALA B 1130 -53.25 -72.81 47.07
C ALA B 1130 -53.41 -71.57 47.95
N PRO B 1131 -53.03 -71.64 49.22
CA PRO B 1131 -53.04 -70.45 50.06
C PRO B 1131 -51.99 -69.45 49.61
N MET B 1132 -52.25 -68.19 49.93
CA MET B 1132 -51.54 -67.10 49.28
C MET B 1132 -50.79 -66.26 50.29
N GLN B 1133 -49.63 -65.77 49.88
CA GLN B 1133 -48.89 -64.76 50.61
C GLN B 1133 -48.76 -63.55 49.71
N GLY B 1134 -49.03 -62.37 50.24
CA GLY B 1134 -48.91 -61.18 49.44
C GLY B 1134 -49.37 -59.98 50.22
N PHE B 1135 -49.12 -58.80 49.66
CA PHE B 1135 -49.55 -57.58 50.32
C PHE B 1135 -49.88 -56.52 49.30
N TYR B 1136 -50.00 -55.30 49.79
CA TYR B 1136 -50.40 -54.16 48.98
C TYR B 1136 -49.33 -53.09 49.11
N ILE B 1137 -49.19 -52.28 48.09
CA ILE B 1137 -48.27 -51.15 48.12
C ILE B 1137 -49.05 -49.92 47.72
N PHE B 1138 -49.06 -48.93 48.61
CA PHE B 1138 -49.81 -47.71 48.37
C PHE B 1138 -48.92 -46.68 47.70
N SER B 1139 -49.39 -45.44 47.67
CA SER B 1139 -48.61 -44.38 47.02
C SER B 1139 -47.40 -43.98 47.85
N ASP B 1140 -47.40 -44.29 49.14
CA ASP B 1140 -46.28 -43.91 50.01
C ASP B 1140 -45.22 -45.00 50.13
N MET B 1141 -45.30 -46.05 49.31
CA MET B 1141 -44.52 -47.28 49.44
C MET B 1141 -44.63 -47.90 50.82
N SER B 1142 -45.80 -47.80 51.44
CA SER B 1142 -46.05 -48.51 52.67
C SER B 1142 -46.81 -49.78 52.36
N SER B 1143 -46.58 -50.81 53.16
CA SER B 1143 -47.16 -52.12 52.95
C SER B 1143 -48.45 -52.24 53.75
N LYS B 1144 -49.31 -53.17 53.34
CA LYS B 1144 -50.40 -53.68 54.15
C LYS B 1144 -50.66 -55.10 53.72
N ASP B 1145 -50.61 -56.02 54.68
CA ASP B 1145 -50.68 -57.43 54.34
C ASP B 1145 -52.09 -57.84 53.96
N MET B 1146 -52.19 -58.89 53.16
CA MET B 1146 -53.46 -59.37 52.67
C MET B 1146 -54.15 -60.22 53.73
N THR B 1147 -55.40 -59.90 54.02
CA THR B 1147 -56.26 -60.85 54.69
C THR B 1147 -56.82 -61.82 53.66
N ASN B 1148 -56.90 -63.09 54.04
CA ASN B 1148 -57.12 -64.15 53.05
C ASN B 1148 -58.54 -64.13 52.53
N GLU B 1149 -59.49 -63.62 53.32
CA GLU B 1149 -60.84 -63.42 52.81
C GLU B 1149 -60.88 -62.31 51.76
N GLN B 1150 -59.96 -61.37 51.83
CA GLN B 1150 -59.84 -60.36 50.79
C GLN B 1150 -59.09 -60.90 49.59
N CYS B 1151 -58.07 -61.73 49.83
CA CYS B 1151 -57.26 -62.31 48.78
C CYS B 1151 -58.00 -63.39 48.00
N ASN B 1152 -59.10 -63.94 48.56
CA ASN B 1152 -59.89 -64.92 47.84
C ASN B 1152 -60.50 -64.36 46.58
N SER B 1153 -60.94 -63.10 46.61
CA SER B 1153 -61.50 -62.47 45.43
C SER B 1153 -60.47 -62.33 44.32
N TYR B 1154 -59.26 -61.88 44.69
CA TYR B 1154 -58.18 -61.73 43.73
C TYR B 1154 -57.72 -63.07 43.18
N ARG B 1155 -57.67 -64.09 44.02
CA ARG B 1155 -57.29 -65.42 43.58
C ARG B 1155 -58.33 -66.02 42.65
N ASP B 1156 -59.61 -65.81 42.95
CA ASP B 1156 -60.66 -66.33 42.08
C ASP B 1156 -60.78 -65.54 40.79
N ASN B 1157 -60.35 -64.28 40.78
CA ASN B 1157 -60.42 -63.50 39.56
C ASN B 1157 -59.21 -63.74 38.65
N GLY B 1158 -58.03 -63.93 39.24
CA GLY B 1158 -56.84 -64.01 38.42
C GLY B 1158 -56.07 -65.30 38.53
N TYR B 1159 -56.76 -66.43 38.68
CA TYR B 1159 -56.05 -67.69 38.82
C TYR B 1159 -55.44 -68.17 37.50
N THR B 1160 -55.89 -67.66 36.37
CA THR B 1160 -55.38 -68.14 35.10
C THR B 1160 -54.03 -67.54 34.73
N HIS B 1161 -53.63 -66.45 35.38
CA HIS B 1161 -52.37 -65.82 35.01
C HIS B 1161 -51.18 -66.37 35.76
N PHE B 1162 -51.38 -67.35 36.63
CA PHE B 1162 -50.27 -67.92 37.36
C PHE B 1162 -49.43 -68.84 36.48
N ASP B 1163 -48.31 -69.26 37.01
CA ASP B 1163 -47.33 -70.00 36.22
C ASP B 1163 -47.22 -71.42 36.71
N THR B 1164 -46.92 -72.33 35.79
CA THR B 1164 -46.74 -73.72 36.17
C THR B 1164 -45.35 -73.92 36.75
N ASN B 1165 -45.01 -75.18 37.04
CA ASN B 1165 -43.64 -75.51 37.40
C ASN B 1165 -42.75 -75.35 36.18
N SER B 1166 -42.00 -74.26 36.16
CA SER B 1166 -41.29 -73.81 34.97
C SER B 1166 -39.88 -74.38 34.98
N ASP B 1167 -39.72 -75.52 34.34
CA ASP B 1167 -38.44 -76.03 33.89
C ASP B 1167 -38.24 -75.50 32.47
N THR B 1168 -37.17 -75.95 31.81
CA THR B 1168 -37.07 -75.67 30.38
C THR B 1168 -38.11 -76.50 29.63
N ASN B 1169 -38.65 -75.89 28.57
CA ASN B 1169 -39.84 -76.37 27.85
C ASN B 1169 -41.00 -76.62 28.81
N SER B 1170 -41.24 -75.65 29.68
CA SER B 1170 -42.42 -75.60 30.53
C SER B 1170 -43.05 -74.22 30.36
N VAL B 1171 -44.08 -73.93 31.14
CA VAL B 1171 -44.98 -72.84 30.83
C VAL B 1171 -44.74 -71.67 31.77
N ILE B 1172 -44.35 -70.54 31.19
CA ILE B 1172 -44.29 -69.27 31.89
C ILE B 1172 -45.22 -68.31 31.17
N ARG B 1173 -45.93 -67.49 31.93
CA ARG B 1173 -46.98 -66.65 31.37
C ARG B 1173 -46.69 -65.19 31.66
N ILE B 1174 -47.59 -64.35 31.20
CA ILE B 1174 -47.46 -62.90 31.30
C ILE B 1174 -48.59 -62.42 32.21
N ASN B 1175 -48.52 -61.17 32.64
CA ASN B 1175 -49.54 -60.62 33.51
C ASN B 1175 -50.21 -59.43 32.87
N ASN B 1176 -51.53 -59.38 32.97
CA ASN B 1176 -52.29 -58.20 32.59
C ASN B 1176 -52.41 -57.31 33.81
N ARG B 1177 -52.98 -56.13 33.62
CA ARG B 1177 -53.34 -55.35 34.79
C ARG B 1177 -54.57 -55.97 35.41
N TYR B 1178 -54.74 -55.77 36.71
CA TYR B 1178 -55.85 -56.44 37.38
C TYR B 1178 -57.13 -55.67 37.22
N ALA B 1179 -58.19 -56.38 36.86
CA ALA B 1179 -59.55 -55.88 36.96
C ALA B 1179 -60.47 -57.09 37.04
N GLU B 1180 -61.63 -56.86 37.63
CA GLU B 1180 -62.71 -57.82 37.61
C GLU B 1180 -63.58 -57.54 36.39
N ASP B 1181 -64.83 -58.02 36.43
CA ASP B 1181 -65.73 -58.18 35.27
C ASP B 1181 -65.90 -56.89 34.48
N TYR B 1182 -65.82 -55.71 35.09
CA TYR B 1182 -65.84 -54.47 34.33
C TYR B 1182 -64.84 -53.47 34.88
N GLU B 1183 -64.32 -52.63 33.99
CA GLU B 1183 -63.30 -51.65 34.34
C GLU B 1183 -63.80 -50.27 33.96
N ILE B 1184 -64.14 -49.47 34.97
CA ILE B 1184 -64.78 -48.18 34.76
C ILE B 1184 -64.00 -47.10 35.49
N PRO B 1185 -63.69 -45.98 34.86
CA PRO B 1185 -63.07 -44.86 35.58
C PRO B 1185 -64.02 -44.25 36.60
N SER B 1186 -63.44 -43.55 37.57
CA SER B 1186 -64.23 -43.03 38.68
C SER B 1186 -64.77 -41.64 38.40
N LEU B 1187 -63.95 -40.76 37.84
CA LEU B 1187 -64.35 -39.36 37.69
C LEU B 1187 -63.87 -38.85 36.34
N ILE B 1188 -64.67 -37.99 35.74
CA ILE B 1188 -64.30 -37.26 34.53
C ILE B 1188 -64.37 -35.77 34.88
N ASN B 1189 -63.36 -35.02 34.43
CA ASN B 1189 -63.44 -33.58 34.59
C ASN B 1189 -63.19 -32.87 33.25
N HIS B 1190 -62.29 -33.41 32.44
CA HIS B 1190 -62.02 -32.84 31.14
C HIS B 1190 -63.18 -33.08 30.18
N SER B 1191 -63.50 -32.06 29.41
CA SER B 1191 -64.59 -32.11 28.45
C SER B 1191 -64.15 -32.85 27.20
N ASN B 1192 -65.10 -33.51 26.55
CA ASN B 1192 -64.77 -34.18 25.30
C ASN B 1192 -65.11 -33.29 24.12
N SER B 1193 -66.23 -32.57 24.22
CA SER B 1193 -66.51 -31.44 23.35
C SER B 1193 -67.49 -30.53 24.07
N HIS B 1194 -67.41 -29.24 23.76
CA HIS B 1194 -68.41 -28.30 24.22
C HIS B 1194 -68.61 -27.28 23.12
N ASP B 1195 -69.53 -26.36 23.37
CA ASP B 1195 -69.95 -25.45 22.31
C ASP B 1195 -70.57 -24.21 22.92
N TRP B 1196 -70.44 -23.10 22.22
CA TRP B 1196 -71.14 -21.88 22.57
C TRP B 1196 -72.62 -22.04 22.26
N GLY B 1197 -73.43 -21.22 22.91
CA GLY B 1197 -74.85 -21.16 22.63
C GLY B 1197 -75.14 -20.27 21.43
N GLU B 1198 -76.37 -19.79 21.39
CA GLU B 1198 -76.74 -18.83 20.36
C GLU B 1198 -76.35 -17.43 20.83
N TYR B 1199 -75.90 -16.61 19.88
CA TYR B 1199 -75.43 -15.23 20.01
C TYR B 1199 -74.15 -15.09 20.84
N ASN B 1200 -73.51 -16.21 21.23
CA ASN B 1200 -72.26 -16.24 22.01
C ASN B 1200 -72.39 -15.49 23.33
N LEU B 1201 -73.55 -15.63 23.97
CA LEU B 1201 -73.79 -14.87 25.19
C LEU B 1201 -73.43 -15.65 26.44
N SER B 1202 -73.64 -16.97 26.42
CA SER B 1202 -73.30 -17.80 27.56
C SER B 1202 -73.06 -19.21 27.05
N GLN B 1203 -72.64 -20.08 27.96
CA GLN B 1203 -72.26 -21.43 27.59
C GLN B 1203 -72.31 -22.30 28.84
N VAL B 1204 -72.45 -23.60 28.62
CA VAL B 1204 -72.48 -24.58 29.70
C VAL B 1204 -71.11 -25.24 29.75
N TYR B 1205 -70.42 -25.08 30.88
CA TYR B 1205 -69.02 -25.47 30.93
C TYR B 1205 -68.62 -25.75 32.37
N GLY B 1206 -67.69 -26.69 32.52
CA GLY B 1206 -67.16 -27.02 33.82
C GLY B 1206 -67.87 -28.14 34.55
N GLY B 1207 -68.61 -28.98 33.85
CA GLY B 1207 -69.31 -30.07 34.49
C GLY B 1207 -68.41 -31.26 34.76
N ASN B 1208 -68.91 -32.18 35.57
CA ASN B 1208 -68.14 -33.35 36.00
C ASN B 1208 -69.10 -34.45 36.41
N ILE B 1209 -68.64 -35.69 36.28
CA ILE B 1209 -69.39 -36.87 36.67
C ILE B 1209 -68.52 -37.75 37.55
N VAL B 1210 -68.98 -38.03 38.76
CA VAL B 1210 -68.44 -39.10 39.58
C VAL B 1210 -69.25 -40.36 39.27
N ILE B 1211 -68.59 -41.52 39.26
CA ILE B 1211 -69.20 -42.77 38.87
C ILE B 1211 -69.05 -43.77 40.02
N ASN B 1212 -70.16 -44.39 40.40
CA ASN B 1212 -70.12 -45.54 41.29
C ASN B 1212 -70.81 -46.70 40.61
N TYR B 1213 -70.08 -47.78 40.41
CA TYR B 1213 -70.59 -48.93 39.70
C TYR B 1213 -70.65 -50.11 40.66
N LYS B 1214 -71.68 -50.94 40.48
CA LYS B 1214 -71.81 -52.19 41.21
C LYS B 1214 -71.84 -53.33 40.21
N VAL B 1215 -71.09 -54.39 40.50
CA VAL B 1215 -70.89 -55.49 39.57
C VAL B 1215 -71.76 -56.66 40.01
N THR B 1216 -72.67 -57.08 39.13
CA THR B 1216 -73.42 -58.30 39.32
C THR B 1216 -73.76 -58.87 37.95
N SER B 1217 -74.25 -60.11 37.95
CA SER B 1217 -74.26 -60.90 36.73
C SER B 1217 -75.39 -60.49 35.78
N ASN B 1218 -75.10 -60.55 34.48
CA ASN B 1218 -76.00 -60.29 33.35
C ASN B 1218 -76.45 -58.82 33.27
N ASP B 1219 -75.83 -57.94 34.05
CA ASP B 1219 -76.10 -56.51 33.97
C ASP B 1219 -74.91 -55.75 34.53
N LEU B 1220 -75.10 -54.44 34.68
CA LEU B 1220 -74.15 -53.61 35.38
C LEU B 1220 -74.92 -52.41 35.90
N LYS B 1221 -74.61 -52.00 37.12
CA LYS B 1221 -75.36 -50.94 37.77
C LYS B 1221 -74.43 -49.76 37.99
N ILE B 1222 -74.43 -48.84 37.03
CA ILE B 1222 -73.63 -47.64 37.07
C ILE B 1222 -74.48 -46.55 37.71
N TYR B 1223 -73.93 -45.88 38.72
CA TYR B 1223 -74.61 -44.78 39.38
C TYR B 1223 -73.75 -43.53 39.26
N ILE B 1224 -74.27 -42.54 38.56
CA ILE B 1224 -73.54 -41.31 38.32
C ILE B 1224 -74.28 -40.15 38.97
N SER B 1225 -73.56 -39.06 39.17
CA SER B 1225 -74.13 -37.82 39.69
C SER B 1225 -73.51 -36.67 38.90
N PRO B 1226 -74.07 -36.35 37.75
CA PRO B 1226 -73.55 -35.21 36.98
C PRO B 1226 -73.89 -33.89 37.64
N LYS B 1227 -72.89 -33.00 37.71
CA LYS B 1227 -73.05 -31.68 38.30
C LYS B 1227 -72.88 -30.64 37.21
N LEU B 1228 -73.99 -30.15 36.69
CA LEU B 1228 -74.02 -29.21 35.57
C LEU B 1228 -73.62 -27.84 36.09
N ARG B 1229 -73.07 -27.01 35.22
CA ARG B 1229 -72.71 -25.64 35.55
C ARG B 1229 -72.96 -24.72 34.36
N ILE B 1230 -73.71 -23.65 34.59
CA ILE B 1230 -73.97 -22.63 33.58
C ILE B 1230 -73.24 -21.37 34.00
N ILE B 1231 -72.45 -20.83 33.09
CA ILE B 1231 -71.79 -19.54 33.28
C ILE B 1231 -72.39 -18.54 32.30
N HIS B 1232 -72.00 -17.29 32.43
CA HIS B 1232 -72.42 -16.25 31.50
C HIS B 1232 -71.23 -15.37 31.16
N ASP B 1233 -70.60 -15.67 30.03
CA ASP B 1233 -69.51 -14.87 29.52
C ASP B 1233 -69.64 -14.79 28.02
N GLY B 1234 -69.23 -13.67 27.45
CA GLY B 1234 -69.28 -13.50 26.02
C GLY B 1234 -67.99 -13.95 25.36
N LYS B 1235 -68.07 -14.15 24.05
CA LYS B 1235 -66.87 -14.28 23.24
C LYS B 1235 -66.13 -12.94 23.27
N GLU B 1236 -64.81 -13.00 23.06
CA GLU B 1236 -63.98 -11.80 23.08
C GLU B 1236 -64.39 -10.82 21.98
N GLY B 1237 -64.37 -9.54 22.31
CA GLY B 1237 -64.85 -8.54 21.39
C GLY B 1237 -65.98 -7.75 22.03
N ARG B 1238 -67.07 -7.60 21.28
CA ARG B 1238 -68.22 -6.89 21.81
C ARG B 1238 -69.03 -7.78 22.76
N GLU B 1239 -68.84 -9.09 22.68
CA GLU B 1239 -69.75 -9.99 23.36
C GLU B 1239 -69.40 -10.12 24.83
N ARG B 1240 -68.09 -10.16 25.14
CA ARG B 1240 -67.66 -10.21 26.53
C ARG B 1240 -68.01 -8.93 27.26
N ILE B 1241 -67.88 -7.78 26.59
CA ILE B 1241 -68.16 -6.53 27.26
C ILE B 1241 -69.66 -6.29 27.36
N GLN B 1242 -70.45 -6.75 26.39
CA GLN B 1242 -71.90 -6.70 26.57
C GLN B 1242 -72.38 -7.69 27.62
N SER B 1243 -71.71 -8.83 27.76
CA SER B 1243 -71.98 -9.73 28.88
C SER B 1243 -71.66 -9.10 30.21
N ASN B 1244 -70.59 -8.32 30.30
CA ASN B 1244 -70.29 -7.62 31.53
C ASN B 1244 -71.32 -6.54 31.85
N LEU B 1245 -71.76 -5.79 30.83
CA LEU B 1245 -72.77 -4.76 31.05
C LEU B 1245 -74.10 -5.38 31.46
N ILE B 1246 -74.45 -6.52 30.87
CA ILE B 1246 -75.73 -7.15 31.22
C ILE B 1246 -75.57 -7.95 32.50
N LYS B 1247 -74.33 -8.17 32.92
CA LYS B 1247 -74.08 -8.80 34.20
C LYS B 1247 -74.25 -7.81 35.34
N LYS B 1248 -73.82 -6.57 35.12
CA LYS B 1248 -73.76 -5.63 36.23
C LYS B 1248 -75.13 -5.13 36.63
N TYR B 1249 -75.83 -4.43 35.74
CA TYR B 1249 -76.98 -3.66 36.18
C TYR B 1249 -78.25 -4.49 36.23
N GLY B 1250 -78.44 -5.41 35.29
CA GLY B 1250 -79.61 -6.24 35.25
C GLY B 1250 -79.47 -7.48 36.10
N LYS B 1251 -80.61 -8.00 36.54
CA LYS B 1251 -80.66 -9.22 37.34
C LYS B 1251 -81.18 -10.35 36.49
N LEU B 1252 -81.03 -11.56 37.01
CA LEU B 1252 -81.38 -12.75 36.25
C LEU B 1252 -82.90 -12.87 36.16
N GLY B 1253 -83.39 -13.02 34.93
CA GLY B 1253 -84.81 -13.08 34.67
C GLY B 1253 -85.35 -11.91 33.89
N ASP B 1254 -84.61 -10.81 33.82
CA ASP B 1254 -85.07 -9.64 33.07
C ASP B 1254 -84.97 -9.88 31.57
N LYS B 1255 -85.58 -8.96 30.83
CA LYS B 1255 -85.49 -8.95 29.37
C LYS B 1255 -84.63 -7.80 28.92
N PHE B 1256 -83.88 -8.03 27.83
CA PHE B 1256 -82.93 -7.05 27.35
C PHE B 1256 -82.97 -6.96 25.84
N ILE B 1257 -82.59 -5.80 25.33
CA ILE B 1257 -82.37 -5.58 23.91
C ILE B 1257 -80.89 -5.35 23.72
N ILE B 1258 -80.25 -6.21 22.95
CA ILE B 1258 -78.84 -6.10 22.66
C ILE B 1258 -78.72 -5.79 21.18
N TYR B 1259 -77.60 -5.18 20.78
CA TYR B 1259 -77.44 -4.68 19.42
C TYR B 1259 -76.24 -5.34 18.78
N THR B 1260 -76.47 -5.99 17.64
CA THR B 1260 -75.39 -6.69 16.96
C THR B 1260 -74.59 -5.73 16.09
N SER B 1261 -75.24 -5.12 15.09
CA SER B 1261 -74.54 -4.29 14.13
C SER B 1261 -74.12 -2.98 14.78
N LEU B 1262 -72.89 -2.94 15.27
CA LEU B 1262 -72.36 -1.74 15.88
C LEU B 1262 -71.17 -1.28 15.06
N GLY B 1263 -71.38 -0.21 14.30
CA GLY B 1263 -70.31 0.31 13.46
C GLY B 1263 -70.04 1.75 13.84
N ILE B 1264 -68.99 2.27 13.25
CA ILE B 1264 -68.59 3.65 13.53
C ILE B 1264 -69.16 4.55 12.45
N ASN B 1265 -69.56 5.76 12.85
CA ASN B 1265 -70.02 6.75 11.90
C ASN B 1265 -68.79 7.46 11.35
N PRO B 1266 -68.51 7.39 10.04
CA PRO B 1266 -67.35 8.12 9.51
C PRO B 1266 -67.55 9.62 9.46
N ASN B 1267 -68.77 10.10 9.68
CA ASN B 1267 -69.03 11.53 9.57
C ASN B 1267 -68.60 12.27 10.81
N ASN B 1268 -69.20 11.95 11.95
CA ASN B 1268 -69.03 12.77 13.14
C ASN B 1268 -68.20 12.09 14.22
N SER B 1269 -67.33 11.15 13.85
CA SER B 1269 -66.45 10.51 14.81
C SER B 1269 -65.02 10.61 14.31
N SER B 1270 -64.20 11.35 15.04
CA SER B 1270 -62.77 11.43 14.75
C SER B 1270 -62.01 10.27 15.35
N ASN B 1271 -62.44 9.77 16.50
CA ASN B 1271 -61.77 8.68 17.20
C ASN B 1271 -62.14 7.37 16.55
N ARG B 1272 -61.49 6.31 16.98
CA ARG B 1272 -61.96 4.98 16.63
C ARG B 1272 -62.76 4.32 17.75
N PHE B 1273 -63.31 5.09 18.67
CA PHE B 1273 -63.99 4.50 19.81
C PHE B 1273 -65.50 4.45 19.59
N MET B 1274 -66.15 3.46 20.21
CA MET B 1274 -67.56 3.19 20.00
C MET B 1274 -68.31 3.18 21.33
N PHE B 1275 -69.62 3.38 21.26
CA PHE B 1275 -70.49 3.09 22.39
C PHE B 1275 -71.05 1.69 22.25
N TYR B 1276 -71.28 1.01 23.37
CA TYR B 1276 -71.83 -0.33 23.36
C TYR B 1276 -73.15 -0.35 24.11
N PRO B 1277 -74.27 -0.09 23.46
CA PRO B 1277 -75.54 0.04 24.19
C PRO B 1277 -76.30 -1.27 24.30
N VAL B 1278 -76.90 -1.46 25.47
CA VAL B 1278 -77.87 -2.52 25.71
C VAL B 1278 -79.04 -1.88 26.45
N TYR B 1279 -80.23 -1.98 25.87
CA TYR B 1279 -81.40 -1.39 26.52
C TYR B 1279 -82.05 -2.39 27.47
N GLN B 1280 -82.36 -1.90 28.66
CA GLN B 1280 -83.01 -2.70 29.69
C GLN B 1280 -84.49 -2.38 29.70
N TYR B 1281 -85.32 -3.43 29.71
CA TYR B 1281 -86.74 -3.26 29.91
C TYR B 1281 -87.04 -2.87 31.36
N ASN B 1282 -88.26 -2.42 31.58
CA ASN B 1282 -88.77 -2.24 32.92
C ASN B 1282 -89.41 -3.55 33.37
N GLY B 1283 -89.56 -3.71 34.69
CA GLY B 1283 -90.35 -4.83 35.17
C GLY B 1283 -89.64 -6.02 35.78
N ASN B 1284 -89.52 -7.09 34.98
CA ASN B 1284 -89.65 -8.51 35.34
C ASN B 1284 -88.96 -8.87 36.65
N THR B 1285 -87.64 -8.75 36.76
CA THR B 1285 -87.00 -9.12 38.02
C THR B 1285 -86.67 -7.88 38.85
N SER B 1286 -85.80 -7.03 38.32
CA SER B 1286 -85.54 -5.73 38.93
C SER B 1286 -86.71 -4.82 38.61
N GLY B 1287 -87.64 -4.70 39.54
CA GLY B 1287 -88.77 -3.81 39.34
C GLY B 1287 -88.31 -2.37 39.35
N LEU B 1288 -88.26 -1.77 38.17
CA LEU B 1288 -87.70 -0.43 38.02
C LEU B 1288 -88.84 0.56 37.90
N ALA B 1289 -88.48 1.85 37.86
CA ALA B 1289 -89.49 2.87 37.63
C ALA B 1289 -89.71 3.10 36.15
N GLN B 1290 -88.65 3.44 35.42
CA GLN B 1290 -88.74 3.62 33.99
C GLN B 1290 -87.64 2.80 33.33
N GLY B 1291 -87.70 2.72 32.01
CA GLY B 1291 -86.62 2.11 31.26
C GLY B 1291 -85.35 2.94 31.34
N ARG B 1292 -84.23 2.27 31.07
CA ARG B 1292 -82.94 2.94 31.09
C ARG B 1292 -82.04 2.30 30.05
N LEU B 1293 -81.17 3.12 29.48
CA LEU B 1293 -80.29 2.69 28.39
C LEU B 1293 -78.86 2.65 28.89
N LEU B 1294 -78.32 1.45 29.03
CA LEU B 1294 -76.94 1.29 29.43
C LEU B 1294 -76.04 1.44 28.21
N PHE B 1295 -74.78 1.80 28.46
CA PHE B 1295 -73.79 1.91 27.41
C PHE B 1295 -72.41 1.91 28.04
N HIS B 1296 -71.43 1.54 27.24
CA HIS B 1296 -70.04 1.58 27.64
C HIS B 1296 -69.29 2.53 26.70
N ARG B 1297 -68.32 3.26 27.26
CA ARG B 1297 -67.50 4.15 26.45
C ARG B 1297 -66.06 4.09 26.95
N ASP B 1298 -65.11 4.38 26.07
CA ASP B 1298 -63.71 4.29 26.47
C ASP B 1298 -63.00 5.64 26.50
N THR B 1299 -63.61 6.68 25.93
CA THR B 1299 -63.12 8.04 26.15
C THR B 1299 -63.32 8.38 27.62
N SER B 1300 -62.22 8.62 28.33
CA SER B 1300 -62.32 8.60 29.78
C SER B 1300 -62.84 9.93 30.33
N TYR B 1301 -62.80 11.00 29.54
CA TYR B 1301 -63.24 12.30 30.04
C TYR B 1301 -64.76 12.34 30.14
N SER B 1302 -65.24 12.95 31.22
CA SER B 1302 -66.67 13.03 31.46
C SER B 1302 -67.31 13.99 30.48
N SER B 1303 -68.55 13.70 30.10
CA SER B 1303 -69.22 14.43 29.03
C SER B 1303 -70.72 14.23 29.19
N LYS B 1304 -71.43 14.50 28.10
CA LYS B 1304 -72.82 14.06 27.94
C LYS B 1304 -72.90 13.20 26.70
N VAL B 1305 -73.78 12.21 26.73
CA VAL B 1305 -73.93 11.27 25.63
C VAL B 1305 -75.36 11.30 25.16
N ALA B 1306 -75.58 11.82 23.95
CA ALA B 1306 -76.92 11.98 23.40
C ALA B 1306 -77.23 10.78 22.51
N ALA B 1307 -78.01 9.85 23.04
CA ALA B 1307 -78.52 8.73 22.26
C ALA B 1307 -79.78 9.20 21.55
N TRP B 1308 -79.61 9.77 20.37
CA TRP B 1308 -80.71 10.35 19.62
C TRP B 1308 -81.21 9.33 18.60
N ILE B 1309 -82.50 9.02 18.68
CA ILE B 1309 -83.14 8.07 17.77
C ILE B 1309 -83.68 8.85 16.58
N PRO B 1310 -83.23 8.56 15.36
CA PRO B 1310 -83.81 9.24 14.19
C PRO B 1310 -85.25 8.85 13.93
N GLY B 1311 -85.62 7.60 14.20
CA GLY B 1311 -86.97 7.14 13.88
C GLY B 1311 -88.03 7.75 14.77
N ALA B 1312 -87.86 7.62 16.09
CA ALA B 1312 -88.81 8.21 17.02
C ALA B 1312 -88.66 9.73 17.11
N GLY B 1313 -87.46 10.23 16.84
CA GLY B 1313 -87.22 11.66 16.92
C GLY B 1313 -86.87 12.18 18.30
N ARG B 1314 -86.88 11.33 19.32
CA ARG B 1314 -86.50 11.74 20.65
C ARG B 1314 -85.11 11.20 20.98
N SER B 1315 -84.44 11.89 21.90
CA SER B 1315 -83.09 11.54 22.28
C SER B 1315 -83.08 11.11 23.74
N LEU B 1316 -82.09 10.31 24.09
CA LEU B 1316 -81.85 9.95 25.48
C LEU B 1316 -80.45 10.41 25.85
N ILE B 1317 -80.38 11.42 26.71
CA ILE B 1317 -79.10 12.03 27.04
C ILE B 1317 -78.88 11.90 28.54
N ASN B 1318 -77.61 11.77 28.91
CA ASN B 1318 -77.22 11.66 30.32
C ASN B 1318 -76.11 12.66 30.56
N GLU B 1319 -76.43 13.73 31.29
CA GLU B 1319 -75.44 14.72 31.66
C GLU B 1319 -74.51 14.13 32.70
N ASN B 1320 -73.24 14.57 32.67
CA ASN B 1320 -72.14 14.00 33.46
C ASN B 1320 -72.04 12.50 33.19
N ALA B 1321 -71.65 12.19 31.97
CA ALA B 1321 -71.44 10.80 31.58
C ALA B 1321 -70.32 10.19 32.41
N ASN B 1322 -70.64 9.08 33.06
CA ASN B 1322 -69.70 8.39 33.92
C ASN B 1322 -68.64 7.71 33.08
N ILE B 1323 -67.51 7.38 33.71
CA ILE B 1323 -66.41 6.77 32.99
C ILE B 1323 -66.72 5.30 32.76
N GLY B 1324 -66.59 4.87 31.50
CA GLY B 1324 -66.81 3.47 31.18
C GLY B 1324 -68.29 3.19 30.98
N ASP B 1325 -68.84 2.37 31.85
CA ASP B 1325 -70.27 2.13 31.87
C ASP B 1325 -70.97 3.29 32.57
N ASP B 1326 -72.27 3.42 32.32
CA ASP B 1326 -73.07 4.50 32.89
C ASP B 1326 -74.53 4.08 32.88
N CYS B 1327 -75.30 4.71 33.76
CA CYS B 1327 -76.75 4.54 33.82
C CYS B 1327 -77.41 5.79 33.25
N ALA B 1328 -78.15 5.60 32.16
CA ALA B 1328 -78.85 6.68 31.48
C ALA B 1328 -80.31 6.28 31.36
N GLU B 1329 -81.19 7.10 31.94
CA GLU B 1329 -82.59 6.72 32.03
C GLU B 1329 -83.39 7.15 30.80
N ASP B 1330 -84.17 6.21 30.27
CA ASP B 1330 -85.18 6.51 29.27
C ASP B 1330 -86.38 7.15 29.96
N SER B 1331 -86.88 8.25 29.40
CA SER B 1331 -88.05 8.89 29.97
C SER B 1331 -89.32 8.13 29.59
N VAL B 1332 -89.64 8.08 28.31
CA VAL B 1332 -90.84 7.41 27.81
C VAL B 1332 -90.55 5.93 27.71
N ASN B 1333 -91.30 5.13 28.45
CA ASN B 1333 -91.14 3.68 28.43
C ASN B 1333 -91.91 3.14 27.22
N LYS B 1334 -91.28 3.15 26.05
CA LYS B 1334 -91.83 2.52 24.85
C LYS B 1334 -90.71 1.87 24.06
N PRO B 1335 -90.56 0.55 24.16
CA PRO B 1335 -89.36 -0.10 23.62
C PRO B 1335 -89.39 -0.35 22.13
N ASP B 1336 -90.54 -0.19 21.47
CA ASP B 1336 -90.62 -0.39 20.03
C ASP B 1336 -89.83 0.69 19.29
N ASP B 1337 -89.77 1.89 19.88
CA ASP B 1337 -89.00 2.97 19.30
C ASP B 1337 -87.48 2.74 19.39
N LEU B 1338 -87.04 1.82 20.24
CA LEU B 1338 -85.64 1.51 20.34
C LEU B 1338 -85.21 0.39 19.41
N LYS B 1339 -86.09 -0.08 18.55
CA LYS B 1339 -85.77 -1.19 17.67
C LYS B 1339 -85.06 -0.72 16.40
N GLN B 1340 -85.40 0.46 15.90
CA GLN B 1340 -84.79 0.92 14.67
C GLN B 1340 -83.39 1.47 14.91
N TYR B 1341 -82.85 2.13 13.90
CA TYR B 1341 -81.48 2.63 13.93
C TYR B 1341 -81.32 3.72 15.00
N ILE B 1342 -80.23 3.62 15.77
CA ILE B 1342 -79.99 4.53 16.88
C ILE B 1342 -78.68 5.27 16.62
N TYR B 1343 -78.71 6.59 16.79
CA TYR B 1343 -77.53 7.42 16.63
C TYR B 1343 -77.08 7.91 18.00
N MET B 1344 -76.04 7.29 18.55
CA MET B 1344 -75.42 7.76 19.77
C MET B 1344 -74.25 8.65 19.41
N THR B 1345 -73.99 9.66 20.22
CA THR B 1345 -72.91 10.58 19.97
C THR B 1345 -72.35 11.12 21.28
N ASP B 1346 -71.19 11.75 21.16
CA ASP B 1346 -70.59 12.48 22.27
C ASP B 1346 -70.75 13.98 22.10
N SER B 1347 -70.84 14.43 20.84
CA SER B 1347 -70.62 15.79 20.35
C SER B 1347 -69.20 16.25 20.64
N LYS B 1348 -68.29 15.30 20.87
CA LYS B 1348 -66.89 15.56 21.15
C LYS B 1348 -65.97 14.58 20.43
N GLY B 1349 -66.26 14.26 19.17
CA GLY B 1349 -65.39 13.42 18.38
C GLY B 1349 -65.75 11.95 18.39
N THR B 1350 -66.93 11.58 18.88
CA THR B 1350 -67.34 10.18 18.98
C THR B 1350 -68.80 10.05 18.60
N ALA B 1351 -69.09 9.18 17.65
CA ALA B 1351 -70.45 8.78 17.31
C ALA B 1351 -70.42 7.31 16.93
N THR B 1352 -71.55 6.62 17.13
CA THR B 1352 -71.58 5.19 16.92
C THR B 1352 -72.89 4.80 16.25
N ASP B 1353 -72.79 4.04 15.17
CA ASP B 1353 -73.96 3.51 14.49
C ASP B 1353 -74.48 2.31 15.27
N VAL B 1354 -75.76 2.32 15.62
CA VAL B 1354 -76.36 1.27 16.44
C VAL B 1354 -77.55 0.72 15.66
N SER B 1355 -77.47 -0.55 15.30
CA SER B 1355 -78.55 -1.20 14.57
C SER B 1355 -78.49 -2.69 14.82
N GLY B 1356 -79.46 -3.41 14.28
CA GLY B 1356 -79.58 -4.84 14.49
C GLY B 1356 -79.92 -5.23 15.91
N PRO B 1357 -81.15 -4.97 16.35
CA PRO B 1357 -81.51 -5.32 17.72
C PRO B 1357 -81.80 -6.81 17.85
N VAL B 1358 -81.60 -7.32 19.07
CA VAL B 1358 -82.00 -8.67 19.45
C VAL B 1358 -82.63 -8.60 20.82
N ASP B 1359 -83.89 -8.99 20.93
CA ASP B 1359 -84.53 -9.12 22.23
C ASP B 1359 -84.19 -10.47 22.81
N ILE B 1360 -83.81 -10.50 24.09
CA ILE B 1360 -83.43 -11.74 24.77
C ILE B 1360 -84.16 -11.82 26.10
N ASN B 1361 -84.30 -13.04 26.62
CA ASN B 1361 -84.91 -13.31 27.91
C ASN B 1361 -83.92 -14.09 28.75
N THR B 1362 -83.47 -13.49 29.85
CA THR B 1362 -82.43 -14.10 30.65
C THR B 1362 -82.96 -15.16 31.62
N ALA B 1363 -84.27 -15.30 31.74
CA ALA B 1363 -84.84 -16.23 32.71
C ALA B 1363 -84.58 -17.67 32.28
N ILE B 1364 -84.24 -18.51 33.26
CA ILE B 1364 -83.78 -19.87 33.02
C ILE B 1364 -84.65 -20.82 33.82
N SER B 1365 -85.48 -21.58 33.13
CA SER B 1365 -86.34 -22.55 33.81
C SER B 1365 -85.56 -23.80 34.16
N SER B 1366 -85.86 -24.38 35.32
CA SER B 1366 -85.31 -25.68 35.67
C SER B 1366 -85.87 -26.78 34.79
N GLU B 1367 -87.04 -26.57 34.20
CA GLU B 1367 -87.64 -27.52 33.27
C GLU B 1367 -86.83 -27.66 31.98
N LYS B 1368 -86.23 -26.58 31.50
CA LYS B 1368 -85.52 -26.63 30.25
C LYS B 1368 -84.02 -26.78 30.43
N VAL B 1369 -83.59 -27.28 31.58
CA VAL B 1369 -82.21 -27.72 31.81
C VAL B 1369 -82.27 -29.23 31.93
N GLN B 1370 -81.79 -29.93 30.90
CA GLN B 1370 -82.07 -31.36 30.81
C GLN B 1370 -80.83 -32.12 30.35
N ILE B 1371 -80.89 -33.43 30.56
CA ILE B 1371 -79.81 -34.37 30.24
C ILE B 1371 -80.39 -35.49 29.43
N THR B 1372 -79.70 -35.88 28.36
CA THR B 1372 -79.88 -37.20 27.77
C THR B 1372 -78.56 -37.94 27.89
N ILE B 1373 -78.64 -39.26 28.05
CA ILE B 1373 -77.49 -40.13 28.10
C ILE B 1373 -77.73 -41.28 27.13
N LYS B 1374 -76.69 -41.69 26.41
CA LYS B 1374 -76.83 -42.65 25.33
C LYS B 1374 -76.06 -43.91 25.68
N ALA B 1375 -76.74 -44.85 26.34
CA ALA B 1375 -76.21 -46.18 26.60
C ALA B 1375 -77.25 -47.16 26.06
N GLY B 1376 -77.18 -47.42 24.76
CA GLY B 1376 -78.21 -48.19 24.09
C GLY B 1376 -79.40 -47.34 23.69
N LYS B 1377 -80.01 -46.66 24.66
CA LYS B 1377 -81.13 -45.78 24.41
C LYS B 1377 -80.88 -44.45 25.09
N GLU B 1378 -81.73 -43.49 24.81
CA GLU B 1378 -81.73 -42.23 25.53
C GLU B 1378 -82.49 -42.41 26.84
N TYR B 1379 -81.87 -41.98 27.93
CA TYR B 1379 -82.54 -41.92 29.22
C TYR B 1379 -82.65 -40.44 29.57
N SER B 1380 -83.69 -39.80 29.08
CA SER B 1380 -83.82 -38.35 29.18
C SER B 1380 -84.14 -37.96 30.61
N LEU B 1381 -83.37 -37.03 31.16
CA LEU B 1381 -83.52 -36.59 32.54
C LEU B 1381 -83.68 -35.09 32.56
N THR B 1382 -84.44 -34.59 33.53
CA THR B 1382 -84.75 -33.18 33.65
C THR B 1382 -84.43 -32.72 35.07
N ALA B 1383 -83.90 -31.50 35.18
CA ALA B 1383 -83.39 -31.00 36.45
C ALA B 1383 -84.51 -30.72 37.45
N ASN B 1384 -85.74 -30.52 36.98
CA ASN B 1384 -86.84 -30.06 37.85
C ASN B 1384 -87.20 -31.10 38.90
N LYS B 1385 -86.98 -32.37 38.60
CA LYS B 1385 -87.26 -33.43 39.55
C LYS B 1385 -85.98 -34.03 40.13
N ASP B 1386 -84.82 -33.61 39.63
CA ASP B 1386 -83.58 -34.28 39.98
C ASP B 1386 -82.63 -33.37 40.74
N VAL B 1387 -82.82 -32.06 40.65
CA VAL B 1387 -82.09 -31.15 41.52
C VAL B 1387 -82.67 -31.22 42.92
N SER B 1388 -81.79 -31.42 43.91
CA SER B 1388 -82.23 -31.39 45.30
C SER B 1388 -82.63 -29.98 45.72
N VAL B 1389 -81.74 -29.00 45.53
CA VAL B 1389 -81.98 -27.63 45.95
C VAL B 1389 -81.61 -26.68 44.81
N GLN B 1390 -82.53 -25.79 44.47
CA GLN B 1390 -82.33 -24.89 43.33
C GLN B 1390 -81.23 -23.88 43.65
N PRO B 1391 -80.27 -23.68 42.76
CA PRO B 1391 -79.24 -22.67 42.99
C PRO B 1391 -79.82 -21.27 42.81
N SER B 1392 -79.17 -20.30 43.45
CA SER B 1392 -79.68 -18.94 43.46
C SER B 1392 -79.45 -18.30 42.09
N PRO B 1393 -80.34 -17.39 41.67
CA PRO B 1393 -80.16 -16.72 40.37
C PRO B 1393 -78.96 -15.78 40.39
N SER B 1394 -77.93 -16.16 39.66
CA SER B 1394 -76.72 -15.34 39.55
C SER B 1394 -76.13 -15.56 38.17
N PHE B 1395 -75.61 -14.48 37.58
CA PHE B 1395 -74.99 -14.59 36.27
C PHE B 1395 -73.65 -15.30 36.33
N GLU B 1396 -73.02 -15.33 37.50
CA GLU B 1396 -71.68 -15.89 37.62
C GLU B 1396 -71.69 -17.41 37.50
N GLU B 1397 -72.37 -18.07 38.43
CA GLU B 1397 -72.37 -19.53 38.46
C GLU B 1397 -73.77 -19.99 38.83
N MET B 1398 -74.26 -20.99 38.12
CA MET B 1398 -75.51 -21.66 38.45
C MET B 1398 -75.23 -23.15 38.48
N CYS B 1399 -74.97 -23.67 39.67
CA CYS B 1399 -74.50 -25.04 39.86
C CYS B 1399 -75.69 -25.94 40.16
N TYR B 1400 -75.95 -26.89 39.27
CA TYR B 1400 -77.05 -27.83 39.44
C TYR B 1400 -76.47 -29.17 39.87
N GLN B 1401 -76.79 -29.59 41.08
CA GLN B 1401 -76.39 -30.89 41.57
C GLN B 1401 -77.53 -31.89 41.37
N PHE B 1402 -77.23 -33.01 40.75
CA PHE B 1402 -78.23 -34.01 40.45
C PHE B 1402 -78.18 -35.17 41.44
N ASN B 1403 -79.07 -36.13 41.24
CA ASN B 1403 -79.19 -37.23 42.19
C ASN B 1403 -78.48 -38.47 41.68
N ALA B 1404 -78.68 -39.57 42.39
CA ALA B 1404 -78.17 -40.86 41.96
C ALA B 1404 -78.94 -41.36 40.75
N LEU B 1405 -78.24 -41.56 39.65
CA LEU B 1405 -78.86 -41.89 38.38
C LEU B 1405 -78.38 -43.26 37.95
N GLU B 1406 -79.30 -44.22 37.89
CA GLU B 1406 -78.98 -45.59 37.56
C GLU B 1406 -78.78 -45.70 36.06
N ILE B 1407 -77.80 -46.50 35.65
CA ILE B 1407 -77.62 -46.88 34.26
C ILE B 1407 -77.64 -48.40 34.17
N ASP B 1408 -78.58 -48.92 33.38
CA ASP B 1408 -78.66 -50.35 33.13
C ASP B 1408 -77.49 -50.78 32.25
N GLY B 1409 -76.75 -51.78 32.69
CA GLY B 1409 -75.57 -52.23 31.97
C GLY B 1409 -75.82 -53.00 30.70
N SER B 1410 -77.03 -53.53 30.51
CA SER B 1410 -77.33 -54.20 29.25
C SER B 1410 -77.52 -53.18 28.14
N ASN B 1411 -77.74 -53.70 26.93
CA ASN B 1411 -77.83 -52.99 25.66
C ASN B 1411 -76.54 -52.22 25.37
N LEU B 1412 -75.39 -52.67 25.87
CA LEU B 1412 -74.12 -52.07 25.48
C LEU B 1412 -73.36 -53.00 24.56
N ASN B 1413 -73.23 -52.62 23.31
CA ASN B 1413 -72.47 -53.39 22.34
C ASN B 1413 -70.98 -53.20 22.58
N PHE B 1414 -70.22 -54.27 22.43
CA PHE B 1414 -68.78 -54.23 22.66
C PHE B 1414 -68.05 -54.58 21.37
N THR B 1415 -67.49 -53.56 20.74
CA THR B 1415 -66.49 -53.76 19.68
C THR B 1415 -65.11 -53.57 20.28
N ASN B 1416 -64.21 -54.50 19.98
CA ASN B 1416 -62.89 -54.63 20.61
C ASN B 1416 -62.99 -54.67 22.13
N ASN B 1417 -64.04 -55.34 22.62
CA ASN B 1417 -64.39 -55.43 24.05
C ASN B 1417 -64.53 -54.07 24.70
N SER B 1418 -65.06 -53.09 23.97
CA SER B 1418 -65.16 -51.73 24.47
C SER B 1418 -66.51 -51.15 24.11
N ALA B 1419 -67.05 -50.34 25.02
CA ALA B 1419 -68.27 -49.59 24.79
C ALA B 1419 -68.10 -48.17 25.32
N SER B 1420 -69.00 -47.29 24.91
CA SER B 1420 -68.90 -45.90 25.30
C SER B 1420 -70.28 -45.35 25.63
N ILE B 1421 -70.33 -44.49 26.63
CA ILE B 1421 -71.57 -43.89 27.10
C ILE B 1421 -71.41 -42.38 27.07
N ASP B 1422 -72.16 -41.74 26.18
CA ASP B 1422 -72.12 -40.29 26.03
C ASP B 1422 -73.16 -39.66 26.94
N VAL B 1423 -72.78 -38.58 27.60
CA VAL B 1423 -73.70 -37.74 28.36
C VAL B 1423 -73.77 -36.40 27.66
N THR B 1424 -74.98 -35.88 27.47
CA THR B 1424 -75.16 -34.60 26.80
C THR B 1424 -75.76 -33.60 27.78
N PHE B 1425 -74.92 -32.73 28.29
CA PHE B 1425 -75.42 -31.57 29.02
C PHE B 1425 -75.96 -30.56 28.03
N THR B 1426 -77.09 -29.95 28.35
CA THR B 1426 -77.63 -28.90 27.52
C THR B 1426 -78.47 -27.95 28.37
N ALA B 1427 -78.78 -26.80 27.80
CA ALA B 1427 -79.59 -25.80 28.49
C ALA B 1427 -80.35 -25.00 27.45
N LEU B 1428 -81.58 -24.67 27.79
CA LEU B 1428 -82.44 -23.94 26.86
C LEU B 1428 -83.05 -22.74 27.58
N ALA B 1429 -82.92 -21.57 26.98
CA ALA B 1429 -83.56 -20.40 27.53
C ALA B 1429 -85.06 -20.47 27.27
N ASP B 1430 -85.81 -19.59 27.94
CA ASP B 1430 -87.26 -19.74 27.94
C ASP B 1430 -87.88 -19.28 26.63
N ASP B 1431 -87.19 -18.41 25.89
CA ASP B 1431 -87.67 -17.99 24.58
C ASP B 1431 -87.59 -19.09 23.54
N GLY B 1432 -86.77 -20.11 23.77
CA GLY B 1432 -86.51 -21.14 22.79
C GLY B 1432 -85.08 -21.19 22.32
N ARG B 1433 -84.26 -20.19 22.62
CA ARG B 1433 -82.86 -20.28 22.24
C ARG B 1433 -82.12 -21.15 23.23
N LYS B 1434 -80.97 -21.64 22.80
CA LYS B 1434 -80.19 -22.57 23.61
C LYS B 1434 -78.99 -21.86 24.21
N LEU B 1435 -78.64 -22.27 25.42
CA LEU B 1435 -77.51 -21.64 26.10
C LEU B 1435 -76.19 -22.29 25.71
N GLY B 1436 -76.25 -23.44 25.06
CA GLY B 1436 -75.05 -24.17 24.71
C GLY B 1436 -75.09 -25.56 25.30
N TYR B 1437 -74.35 -26.46 24.68
CA TYR B 1437 -74.31 -27.84 25.14
C TYR B 1437 -72.88 -28.22 25.48
N GLU B 1438 -72.75 -29.33 26.18
CA GLU B 1438 -71.47 -29.81 26.68
C GLU B 1438 -71.54 -31.32 26.72
N ILE B 1439 -71.11 -31.96 25.64
CA ILE B 1439 -71.22 -33.41 25.49
C ILE B 1439 -69.98 -34.07 26.08
N PHE B 1440 -70.19 -35.09 26.91
CA PHE B 1440 -69.10 -35.86 27.47
C PHE B 1440 -69.11 -37.27 26.92
N ASN B 1441 -68.16 -38.08 27.39
CA ASN B 1441 -67.93 -39.41 26.84
C ASN B 1441 -67.28 -40.27 27.92
N ILE B 1442 -67.89 -41.42 28.19
CA ILE B 1442 -67.43 -42.34 29.23
C ILE B 1442 -67.17 -43.70 28.56
N PRO B 1443 -65.92 -44.15 28.50
CA PRO B 1443 -65.66 -45.48 27.94
C PRO B 1443 -65.99 -46.58 28.93
N VAL B 1444 -66.39 -47.73 28.40
CA VAL B 1444 -66.63 -48.93 29.19
C VAL B 1444 -65.88 -50.07 28.54
N ILE B 1445 -64.95 -50.67 29.27
CA ILE B 1445 -64.11 -51.74 28.75
C ILE B 1445 -64.37 -53.01 29.55
N GLN B 1446 -64.45 -54.14 28.85
CA GLN B 1446 -64.90 -55.40 29.40
C GLN B 1446 -63.82 -56.46 29.30
N LYS B 1447 -63.63 -57.22 30.37
CA LYS B 1447 -62.68 -58.32 30.38
C LYS B 1447 -63.36 -59.62 30.01
N VAL B 1448 -62.80 -60.31 29.02
CA VAL B 1448 -63.29 -61.61 28.58
C VAL B 1448 -62.67 -62.69 29.46
N LYS B 1449 -63.20 -63.91 29.37
CA LYS B 1449 -62.66 -65.00 30.16
C LYS B 1449 -62.07 -66.10 29.29
N THR B 1450 -62.53 -66.21 28.03
CA THR B 1450 -62.18 -67.34 27.19
C THR B 1450 -60.71 -67.31 26.76
N ASP B 1451 -60.14 -66.12 26.67
CA ASP B 1451 -58.72 -66.02 26.31
C ASP B 1451 -57.85 -66.32 27.51
N ASN B 1452 -56.91 -67.25 27.34
CA ASN B 1452 -55.89 -67.46 28.34
C ASN B 1452 -54.85 -66.37 28.28
N ALA B 1453 -54.00 -66.33 29.29
CA ALA B 1453 -52.90 -65.39 29.29
C ALA B 1453 -51.86 -65.76 28.24
N LEU B 1454 -50.98 -64.84 27.94
CA LEU B 1454 -50.01 -65.10 26.90
C LEU B 1454 -48.81 -65.81 27.49
N THR B 1455 -48.38 -66.87 26.83
CA THR B 1455 -47.24 -67.61 27.31
C THR B 1455 -46.03 -67.24 26.50
N LEU B 1456 -44.86 -67.39 27.11
CA LEU B 1456 -43.62 -67.35 26.38
C LEU B 1456 -43.15 -68.78 26.24
N PHE B 1457 -42.83 -69.17 25.02
CA PHE B 1457 -42.44 -70.55 24.79
C PHE B 1457 -40.99 -70.54 24.37
N HIS B 1458 -40.09 -70.71 25.32
CA HIS B 1458 -38.69 -70.95 25.02
C HIS B 1458 -38.58 -72.33 24.41
N ASP B 1459 -38.14 -72.39 23.16
CA ASP B 1459 -38.14 -73.66 22.45
C ASP B 1459 -36.85 -74.43 22.74
N GLU B 1460 -36.90 -75.73 22.44
CA GLU B 1460 -35.74 -76.60 22.58
C GLU B 1460 -34.60 -76.19 21.69
N ASN B 1461 -34.87 -75.92 20.41
CA ASN B 1461 -33.81 -75.63 19.46
C ASN B 1461 -33.21 -74.25 19.63
N GLY B 1462 -33.78 -73.39 20.47
CA GLY B 1462 -33.22 -72.09 20.76
C GLY B 1462 -34.11 -70.93 20.42
N ALA B 1463 -35.28 -71.17 19.86
CA ALA B 1463 -36.18 -70.08 19.54
C ALA B 1463 -37.02 -69.69 20.75
N GLN B 1464 -37.57 -68.49 20.71
CA GLN B 1464 -38.54 -68.03 21.70
C GLN B 1464 -39.67 -67.32 20.98
N TYR B 1465 -40.89 -67.55 21.44
CA TYR B 1465 -42.04 -66.90 20.84
C TYR B 1465 -43.16 -66.75 21.84
N MET B 1466 -44.03 -65.80 21.55
CA MET B 1466 -45.19 -65.48 22.37
C MET B 1466 -46.44 -65.98 21.69
N GLN B 1467 -47.15 -66.89 22.34
CA GLN B 1467 -48.38 -67.44 21.82
C GLN B 1467 -49.51 -66.45 22.09
N TRP B 1468 -49.79 -65.60 21.12
CA TRP B 1468 -50.79 -64.54 21.30
C TRP B 1468 -52.11 -65.06 20.77
N GLY B 1469 -52.72 -65.97 21.52
CA GLY B 1469 -53.88 -66.65 20.99
C GLY B 1469 -53.44 -67.64 19.94
N ALA B 1470 -53.95 -67.48 18.73
CA ALA B 1470 -53.55 -68.37 17.64
C ALA B 1470 -52.26 -67.91 16.96
N TYR B 1471 -51.68 -66.82 17.43
CA TYR B 1471 -50.52 -66.29 16.74
C TYR B 1471 -49.24 -66.65 17.47
N ARG B 1472 -48.22 -66.98 16.70
CA ARG B 1472 -46.88 -67.16 17.23
C ARG B 1472 -46.00 -66.09 16.60
N ILE B 1473 -45.31 -65.32 17.43
CA ILE B 1473 -44.47 -64.26 16.93
C ILE B 1473 -43.09 -64.35 17.59
N ARG B 1474 -42.06 -64.27 16.76
CA ARG B 1474 -40.70 -64.55 17.19
C ARG B 1474 -40.13 -63.33 17.90
N LEU B 1475 -39.34 -63.58 18.95
CA LEU B 1475 -38.89 -62.49 19.79
C LEU B 1475 -37.37 -62.33 19.76
N ASN B 1476 -36.66 -63.41 19.51
CA ASN B 1476 -35.20 -63.40 19.45
C ASN B 1476 -34.74 -64.10 18.18
N THR B 1477 -33.43 -64.16 18.00
CA THR B 1477 -32.89 -64.87 16.85
C THR B 1477 -31.53 -65.45 17.18
N LEU B 1478 -31.17 -66.50 16.46
CA LEU B 1478 -29.86 -67.13 16.58
C LEU B 1478 -28.89 -66.62 15.54
N PHE B 1479 -29.03 -65.37 15.13
CA PHE B 1479 -28.19 -64.84 14.07
C PHE B 1479 -26.76 -64.64 14.55
N ALA B 1480 -26.59 -64.21 15.80
CA ALA B 1480 -25.26 -63.98 16.31
C ALA B 1480 -24.51 -65.28 16.58
N ARG B 1481 -25.24 -66.37 16.80
CA ARG B 1481 -24.60 -67.67 16.93
C ARG B 1481 -23.94 -68.09 15.62
N GLN B 1482 -24.71 -68.09 14.55
CA GLN B 1482 -24.23 -68.57 13.26
C GLN B 1482 -23.53 -67.49 12.47
N LEU B 1483 -23.40 -66.29 13.00
CA LEU B 1483 -22.62 -65.25 12.37
C LEU B 1483 -21.13 -65.46 12.55
N VAL B 1484 -20.73 -66.21 13.59
CA VAL B 1484 -19.33 -66.29 14.00
C VAL B 1484 -18.49 -66.96 12.93
N GLU B 1485 -19.01 -68.05 12.34
CA GLU B 1485 -18.35 -68.76 11.27
C GLU B 1485 -18.14 -67.90 10.03
N ARG B 1486 -19.16 -67.13 9.65
CA ARG B 1486 -19.03 -66.25 8.50
C ARG B 1486 -18.08 -65.10 8.79
N ALA B 1487 -18.04 -64.62 10.03
CA ALA B 1487 -17.25 -63.46 10.38
C ALA B 1487 -15.78 -63.78 10.60
N ASN B 1488 -15.34 -64.99 10.27
CA ASN B 1488 -13.98 -65.38 10.61
C ASN B 1488 -12.96 -64.75 9.68
N THR B 1489 -13.29 -64.66 8.39
CA THR B 1489 -12.26 -64.41 7.39
C THR B 1489 -12.23 -62.98 6.88
N GLY B 1490 -13.26 -62.19 7.14
CA GLY B 1490 -13.18 -60.77 6.78
C GLY B 1490 -14.54 -60.16 6.54
N ILE B 1491 -14.51 -58.84 6.37
CA ILE B 1491 -15.71 -58.03 6.22
C ILE B 1491 -16.48 -58.39 4.96
N ASP B 1492 -15.76 -58.80 3.91
CA ASP B 1492 -16.36 -59.15 2.63
C ASP B 1492 -17.33 -60.30 2.76
N THR B 1493 -17.01 -61.26 3.62
CA THR B 1493 -17.89 -62.39 3.85
C THR B 1493 -19.08 -61.98 4.70
N ILE B 1494 -18.91 -60.97 5.56
CA ILE B 1494 -19.98 -60.55 6.46
C ILE B 1494 -21.09 -59.89 5.67
N LEU B 1495 -20.73 -59.09 4.67
CA LEU B 1495 -21.74 -58.32 3.97
C LEU B 1495 -22.21 -59.00 2.69
N SER B 1496 -22.05 -60.31 2.59
CA SER B 1496 -22.45 -61.01 1.39
C SER B 1496 -23.96 -61.17 1.35
N MET B 1497 -24.46 -61.60 0.19
CA MET B 1497 -25.82 -62.10 0.13
C MET B 1497 -25.93 -63.44 0.85
N GLU B 1498 -24.83 -64.20 0.89
CA GLU B 1498 -24.84 -65.50 1.55
C GLU B 1498 -25.04 -65.36 3.05
N THR B 1499 -24.47 -64.33 3.66
CA THR B 1499 -24.71 -64.08 5.07
C THR B 1499 -26.15 -63.68 5.31
N GLN B 1500 -26.74 -62.96 4.36
CA GLN B 1500 -28.12 -62.52 4.50
C GLN B 1500 -29.13 -63.66 4.40
N ASN B 1501 -28.74 -64.81 3.90
CA ASN B 1501 -29.66 -65.93 3.79
C ASN B 1501 -29.46 -66.99 4.85
N ILE B 1502 -28.88 -66.64 5.99
CA ILE B 1502 -28.78 -67.57 7.10
C ILE B 1502 -30.16 -67.79 7.70
N GLN B 1503 -30.54 -69.05 7.85
CA GLN B 1503 -31.88 -69.37 8.29
C GLN B 1503 -31.96 -69.55 9.80
N GLU B 1504 -33.19 -69.40 10.31
CA GLU B 1504 -33.57 -69.41 11.71
C GLU B 1504 -34.61 -70.51 11.94
N PRO B 1505 -34.53 -71.23 13.05
CA PRO B 1505 -35.37 -72.43 13.21
C PRO B 1505 -36.86 -72.15 13.37
N MET B 1506 -37.62 -73.23 13.41
CA MET B 1506 -39.06 -73.21 13.38
C MET B 1506 -39.63 -72.80 14.73
N MET B 1507 -40.67 -71.97 14.69
CA MET B 1507 -41.27 -71.40 15.89
C MET B 1507 -42.09 -72.47 16.60
N GLY B 1508 -41.42 -73.31 17.37
CA GLY B 1508 -42.12 -74.41 18.02
C GLY B 1508 -42.51 -75.45 17.00
N ILE B 1509 -43.59 -76.15 17.28
CA ILE B 1509 -44.08 -77.22 16.41
C ILE B 1509 -45.19 -76.68 15.52
N GLY B 1510 -45.15 -77.07 14.26
CA GLY B 1510 -46.07 -76.53 13.27
C GLY B 1510 -45.54 -76.86 11.89
N ALA B 1511 -46.18 -76.24 10.89
CA ALA B 1511 -45.77 -76.50 9.52
C ALA B 1511 -45.70 -75.22 8.71
N TYR B 1512 -44.86 -75.27 7.69
CA TYR B 1512 -44.84 -74.29 6.62
C TYR B 1512 -45.59 -74.89 5.45
N ILE B 1513 -46.68 -74.27 5.05
CA ILE B 1513 -47.44 -74.76 3.91
C ILE B 1513 -47.70 -73.58 2.98
N GLU B 1514 -47.93 -73.87 1.72
CA GLU B 1514 -48.13 -72.86 0.70
C GLU B 1514 -49.35 -73.23 -0.12
N LEU B 1515 -50.24 -72.26 -0.30
CA LEU B 1515 -51.48 -72.47 -1.04
C LEU B 1515 -51.50 -71.52 -2.22
N ILE B 1516 -51.24 -72.05 -3.41
CA ILE B 1516 -51.36 -71.27 -4.62
C ILE B 1516 -52.85 -71.18 -4.95
N LEU B 1517 -53.29 -69.99 -5.33
CA LEU B 1517 -54.72 -69.73 -5.44
C LEU B 1517 -55.07 -69.56 -6.91
N ASP B 1518 -56.35 -69.75 -7.23
CA ASP B 1518 -56.75 -69.76 -8.62
C ASP B 1518 -56.83 -68.34 -9.17
N LYS B 1519 -57.04 -68.23 -10.47
CA LYS B 1519 -57.06 -66.97 -11.17
C LYS B 1519 -58.31 -66.18 -10.81
N TYR B 1520 -58.22 -64.86 -10.99
CA TYR B 1520 -59.37 -64.01 -10.71
C TYR B 1520 -60.42 -64.20 -11.78
N ASN B 1521 -61.40 -65.05 -11.48
CA ASN B 1521 -62.64 -65.06 -12.22
C ASN B 1521 -63.65 -64.34 -11.35
N PRO B 1522 -64.17 -63.19 -11.78
CA PRO B 1522 -65.22 -62.51 -10.99
C PRO B 1522 -66.54 -63.24 -11.01
N ASP B 1523 -66.68 -64.27 -11.85
CA ASP B 1523 -67.79 -65.21 -11.75
C ASP B 1523 -67.80 -65.89 -10.39
N ILE B 1524 -66.61 -66.27 -9.89
CA ILE B 1524 -66.55 -66.93 -8.59
C ILE B 1524 -66.05 -65.96 -7.51
N HIS B 1525 -65.06 -65.13 -7.82
CA HIS B 1525 -64.42 -64.32 -6.79
C HIS B 1525 -65.22 -63.08 -6.43
N GLY B 1526 -66.37 -62.86 -7.02
CA GLY B 1526 -67.12 -61.67 -6.73
C GLY B 1526 -66.53 -60.45 -7.43
N THR B 1527 -67.05 -59.29 -7.02
CA THR B 1527 -66.69 -58.04 -7.68
C THR B 1527 -65.27 -57.59 -7.36
N ASN B 1528 -64.70 -58.06 -6.26
CA ASN B 1528 -63.44 -57.53 -5.77
C ASN B 1528 -62.32 -58.53 -5.97
N LYS B 1529 -61.12 -58.03 -6.26
CA LYS B 1529 -59.94 -58.86 -6.22
C LYS B 1529 -59.39 -59.00 -4.80
N SER B 1530 -59.98 -58.34 -3.82
CA SER B 1530 -59.54 -58.46 -2.45
C SER B 1530 -60.06 -59.76 -1.84
N PHE B 1531 -59.19 -60.48 -1.15
CA PHE B 1531 -59.58 -61.67 -0.39
C PHE B 1531 -58.90 -61.65 0.96
N LYS B 1532 -59.29 -62.60 1.80
CA LYS B 1532 -58.62 -62.88 3.07
C LYS B 1532 -58.53 -64.38 3.23
N ILE B 1533 -57.32 -64.91 3.36
CA ILE B 1533 -57.25 -66.28 3.84
C ILE B 1533 -57.44 -66.14 5.35
N ILE B 1534 -57.89 -67.21 6.00
CA ILE B 1534 -58.32 -67.11 7.38
C ILE B 1534 -57.72 -68.29 8.14
N TYR B 1535 -57.76 -68.22 9.46
CA TYR B 1535 -57.50 -69.39 10.28
C TYR B 1535 -58.77 -69.67 11.06
N GLY B 1536 -59.02 -70.94 11.35
CA GLY B 1536 -60.16 -71.31 12.16
C GLY B 1536 -59.86 -72.53 13.00
N ASP B 1537 -60.72 -72.75 14.00
CA ASP B 1537 -60.79 -73.96 14.81
C ASP B 1537 -59.50 -74.25 15.59
N ILE B 1538 -59.14 -73.32 16.46
CA ILE B 1538 -58.16 -73.62 17.50
C ILE B 1538 -58.62 -72.88 18.74
N PHE B 1539 -58.26 -73.43 19.92
CA PHE B 1539 -58.35 -72.78 21.23
C PHE B 1539 -59.79 -72.63 21.72
N LYS B 1540 -60.76 -72.88 20.86
CA LYS B 1540 -62.19 -72.70 21.04
C LYS B 1540 -62.84 -73.14 19.73
N ALA B 1541 -64.17 -73.13 19.71
CA ALA B 1541 -64.91 -73.42 18.48
C ALA B 1541 -65.20 -72.17 17.65
N GLY B 1542 -64.53 -71.06 17.94
CA GLY B 1542 -64.84 -69.83 17.23
C GLY B 1542 -63.94 -69.61 16.02
N ASP B 1543 -63.88 -68.36 15.59
CA ASP B 1543 -63.24 -67.98 14.33
C ASP B 1543 -62.04 -67.08 14.60
N HIS B 1544 -60.94 -67.36 13.91
CA HIS B 1544 -59.76 -66.51 13.94
C HIS B 1544 -59.66 -65.68 12.67
N PHE B 1545 -58.51 -65.06 12.48
CA PHE B 1545 -58.50 -63.87 11.66
C PHE B 1545 -57.06 -63.78 11.11
N PRO B 1546 -56.68 -62.73 10.32
CA PRO B 1546 -56.02 -62.99 9.02
C PRO B 1546 -54.57 -63.44 9.08
N ILE B 1547 -54.34 -64.75 9.03
CA ILE B 1547 -52.97 -65.25 8.87
C ILE B 1547 -52.35 -64.78 7.56
N TYR B 1548 -53.15 -64.48 6.53
CA TYR B 1548 -52.68 -63.67 5.41
C TYR B 1548 -53.87 -62.94 4.79
N GLN B 1549 -53.60 -61.74 4.29
CA GLN B 1549 -54.52 -61.00 3.46
C GLN B 1549 -53.79 -60.51 2.22
N GLY B 1550 -54.43 -60.63 1.06
CA GLY B 1550 -53.82 -60.16 -0.16
C GLY B 1550 -54.85 -59.77 -1.19
N ALA B 1551 -54.45 -59.88 -2.46
CA ALA B 1551 -55.29 -59.50 -3.58
C ALA B 1551 -55.18 -60.51 -4.72
N LEU B 1552 -56.17 -60.50 -5.61
CA LEU B 1552 -56.21 -61.45 -6.71
C LEU B 1552 -55.64 -60.86 -7.99
N SER B 1553 -55.33 -61.73 -8.94
CA SER B 1553 -54.82 -61.32 -10.24
C SER B 1553 -55.35 -62.24 -11.33
N ASP B 1554 -55.22 -61.77 -12.57
CA ASP B 1554 -55.68 -62.54 -13.72
C ASP B 1554 -54.82 -63.77 -13.94
N ILE B 1555 -53.50 -63.61 -13.83
CA ILE B 1555 -52.65 -64.77 -13.62
C ILE B 1555 -52.91 -65.33 -12.23
N THR B 1556 -52.80 -66.66 -12.10
CA THR B 1556 -52.78 -67.26 -10.77
C THR B 1556 -51.46 -66.88 -10.10
N GLN B 1557 -51.48 -65.75 -9.41
CA GLN B 1557 -50.27 -65.10 -8.90
C GLN B 1557 -50.19 -65.33 -7.40
N THR B 1558 -51.34 -65.51 -6.77
CA THR B 1558 -51.38 -65.70 -5.33
C THR B 1558 -50.82 -67.07 -4.98
N THR B 1559 -49.59 -67.07 -4.47
CA THR B 1559 -48.95 -68.27 -3.94
C THR B 1559 -48.25 -67.88 -2.64
N VAL B 1560 -48.84 -68.29 -1.52
CA VAL B 1560 -48.48 -67.72 -0.22
C VAL B 1560 -47.95 -68.83 0.68
N LYS B 1561 -46.65 -68.76 0.96
CA LYS B 1561 -45.98 -69.69 1.85
C LYS B 1561 -46.23 -69.25 3.29
N LEU B 1562 -46.98 -70.04 4.05
CA LEU B 1562 -47.40 -69.62 5.38
C LEU B 1562 -46.95 -70.62 6.42
N PHE B 1563 -46.36 -70.10 7.49
CA PHE B 1563 -46.19 -70.91 8.69
C PHE B 1563 -47.57 -71.16 9.30
N LEU B 1564 -47.70 -72.26 10.03
CA LEU B 1564 -49.02 -72.69 10.47
C LEU B 1564 -48.96 -73.30 11.86
N PRO B 1565 -49.45 -72.61 12.88
CA PRO B 1565 -49.17 -73.00 14.26
C PRO B 1565 -50.04 -74.15 14.71
N ARG B 1566 -49.51 -74.97 15.61
CA ARG B 1566 -50.20 -76.15 16.08
C ARG B 1566 -49.99 -76.38 17.56
N VAL B 1567 -51.08 -76.35 18.30
CA VAL B 1567 -51.12 -77.02 19.58
C VAL B 1567 -51.01 -78.52 19.32
N ASP B 1568 -50.26 -79.23 20.17
CA ASP B 1568 -50.03 -80.65 19.94
C ASP B 1568 -51.30 -81.48 20.13
N ASN B 1569 -52.22 -80.99 20.95
CA ASN B 1569 -53.52 -81.64 21.15
C ASN B 1569 -54.61 -80.71 20.62
N ALA B 1570 -55.02 -80.93 19.38
CA ALA B 1570 -56.13 -80.16 18.85
C ALA B 1570 -57.45 -80.76 19.32
N TYR B 1571 -58.50 -79.94 19.27
CA TYR B 1571 -59.79 -80.34 19.82
C TYR B 1571 -60.47 -81.31 18.88
N GLY B 1572 -60.48 -80.99 17.59
CA GLY B 1572 -60.77 -82.00 16.60
C GLY B 1572 -59.54 -82.85 16.40
N ASN B 1573 -59.58 -84.06 16.96
CA ASN B 1573 -58.41 -84.92 16.90
C ASN B 1573 -58.37 -85.72 15.60
N LYS B 1574 -59.53 -85.80 14.92
CA LYS B 1574 -59.65 -86.47 13.63
C LYS B 1574 -58.76 -85.82 12.58
N ASN B 1575 -58.69 -84.49 12.61
CA ASN B 1575 -57.89 -83.70 11.69
C ASN B 1575 -57.62 -82.36 12.36
N ASN B 1576 -56.35 -82.08 12.62
CA ASN B 1576 -56.01 -81.19 13.72
C ASN B 1576 -56.20 -79.72 13.36
N LEU B 1577 -56.06 -79.34 12.09
CA LEU B 1577 -56.00 -77.93 11.77
C LEU B 1577 -56.87 -77.63 10.55
N TYR B 1578 -57.52 -76.46 10.59
CA TYR B 1578 -58.41 -76.02 9.53
C TYR B 1578 -58.11 -74.62 9.05
N VAL B 1579 -58.10 -74.45 7.73
CA VAL B 1579 -57.95 -73.18 7.05
C VAL B 1579 -59.02 -73.08 5.97
N TYR B 1580 -59.72 -71.95 5.89
CA TYR B 1580 -60.43 -71.66 4.66
C TYR B 1580 -59.97 -70.32 4.11
N ALA B 1581 -60.55 -69.96 2.96
CA ALA B 1581 -60.24 -68.73 2.26
C ALA B 1581 -61.53 -67.97 2.03
N ALA B 1582 -61.58 -66.74 2.52
CA ALA B 1582 -62.74 -65.88 2.39
C ALA B 1582 -62.47 -64.78 1.38
N TYR B 1583 -63.54 -64.26 0.79
CA TYR B 1583 -63.48 -63.03 0.01
C TYR B 1583 -64.85 -62.37 0.05
N GLN B 1584 -65.07 -61.43 -0.88
CA GLN B 1584 -66.26 -60.59 -0.87
C GLN B 1584 -67.53 -61.40 -1.09
N LYS B 1585 -67.58 -62.20 -2.15
CA LYS B 1585 -68.82 -62.88 -2.48
C LYS B 1585 -69.04 -64.10 -1.59
N VAL B 1586 -68.16 -65.08 -1.67
CA VAL B 1586 -68.30 -66.35 -0.97
C VAL B 1586 -67.16 -66.46 0.03
N GLU B 1587 -67.48 -66.86 1.24
CA GLU B 1587 -66.54 -66.93 2.35
C GLU B 1587 -66.70 -68.19 3.19
N THR B 1588 -67.09 -69.30 2.58
CA THR B 1588 -67.76 -70.35 3.35
C THR B 1588 -66.79 -71.43 3.83
N ASN B 1589 -67.36 -72.38 4.57
CA ASN B 1589 -66.66 -73.34 5.39
C ASN B 1589 -66.28 -74.55 4.55
N PHE B 1590 -65.02 -74.98 4.70
CA PHE B 1590 -64.45 -76.04 3.87
C PHE B 1590 -64.04 -77.17 4.80
N ILE B 1591 -63.26 -78.12 4.30
CA ILE B 1591 -62.60 -79.09 5.16
C ILE B 1591 -61.09 -78.88 4.97
N ARG B 1592 -60.28 -79.69 5.65
CA ARG B 1592 -59.09 -79.19 6.29
C ARG B 1592 -57.86 -80.05 6.00
N PHE B 1593 -56.82 -79.80 6.79
CA PHE B 1593 -55.59 -80.57 6.81
C PHE B 1593 -55.53 -81.43 8.07
N VAL B 1594 -54.39 -82.10 8.24
CA VAL B 1594 -54.10 -82.86 9.45
C VAL B 1594 -52.58 -83.04 9.55
N LYS B 1595 -52.03 -82.78 10.73
CA LYS B 1595 -50.65 -83.13 11.00
C LYS B 1595 -50.60 -84.34 11.92
N GLU B 1596 -49.62 -85.19 11.70
CA GLU B 1596 -49.28 -86.24 12.64
C GLU B 1596 -48.76 -85.63 13.93
N ASP B 1597 -48.75 -86.41 15.01
CA ASP B 1597 -48.08 -85.96 16.21
C ASP B 1597 -46.57 -86.17 16.09
N ASN B 1598 -46.16 -87.00 15.13
CA ASN B 1598 -44.77 -87.20 14.74
C ASN B 1598 -44.18 -85.89 14.22
N ASN B 1599 -42.85 -85.83 14.23
CA ASN B 1599 -42.11 -84.75 13.58
C ASN B 1599 -42.28 -84.77 12.07
N LYS B 1600 -42.66 -85.90 11.49
CA LYS B 1600 -43.08 -86.01 10.10
C LYS B 1600 -44.24 -85.06 9.83
N PRO B 1601 -44.09 -84.13 8.89
CA PRO B 1601 -45.07 -83.04 8.77
C PRO B 1601 -46.37 -83.45 8.13
N ALA B 1602 -47.21 -82.44 7.88
CA ALA B 1602 -48.63 -82.65 7.63
C ALA B 1602 -48.90 -83.03 6.20
N THR B 1603 -49.95 -83.83 6.00
CA THR B 1603 -50.52 -84.01 4.68
C THR B 1603 -51.89 -83.34 4.58
N PHE B 1604 -52.54 -83.55 3.45
CA PHE B 1604 -53.94 -83.18 3.26
C PHE B 1604 -54.82 -84.23 3.93
N ASP B 1605 -55.95 -83.79 4.49
CA ASP B 1605 -56.89 -84.71 5.12
C ASP B 1605 -57.54 -85.57 4.04
N THR B 1606 -57.16 -86.84 4.00
CA THR B 1606 -57.34 -87.65 2.81
C THR B 1606 -58.55 -88.56 2.94
N THR B 1607 -59.70 -88.05 2.50
CA THR B 1607 -60.55 -88.84 1.61
C THR B 1607 -60.25 -88.21 0.26
N TYR B 1608 -60.95 -88.60 -0.81
CA TYR B 1608 -60.75 -87.90 -2.07
C TYR B 1608 -61.37 -86.50 -1.93
N LYS B 1609 -60.55 -85.57 -1.45
CA LYS B 1609 -60.88 -84.17 -1.22
C LYS B 1609 -62.05 -83.98 -0.25
N ASN B 1610 -61.83 -84.25 1.04
CA ASN B 1610 -62.62 -83.62 2.10
C ASN B 1610 -62.73 -82.14 1.78
N GLY B 1611 -61.58 -81.47 1.80
CA GLY B 1611 -61.54 -80.09 1.45
C GLY B 1611 -61.63 -79.91 -0.06
N THR B 1612 -62.70 -79.25 -0.48
CA THR B 1612 -62.80 -78.86 -1.87
C THR B 1612 -61.89 -77.68 -2.13
N PHE B 1613 -61.62 -77.46 -3.42
CA PHE B 1613 -60.76 -76.37 -3.89
C PHE B 1613 -61.58 -75.48 -4.80
N PRO B 1614 -62.43 -74.60 -4.26
CA PRO B 1614 -63.19 -73.70 -5.14
C PRO B 1614 -62.33 -72.62 -5.76
N GLY B 1615 -61.44 -72.00 -4.97
CA GLY B 1615 -60.49 -71.06 -5.51
C GLY B 1615 -59.09 -71.53 -5.22
N LEU B 1616 -58.98 -72.69 -4.59
CA LEU B 1616 -57.72 -73.24 -4.16
C LEU B 1616 -57.15 -74.08 -5.29
N ALA B 1617 -55.83 -74.29 -5.29
CA ALA B 1617 -55.25 -75.07 -6.38
C ALA B 1617 -54.52 -76.31 -5.89
N SER B 1618 -53.58 -76.17 -4.95
CA SER B 1618 -52.77 -77.31 -4.54
C SER B 1618 -52.25 -77.11 -3.12
N ALA B 1619 -51.63 -78.16 -2.59
CA ALA B 1619 -51.02 -78.18 -1.28
C ALA B 1619 -49.60 -78.72 -1.41
N ARG B 1620 -48.68 -78.16 -0.65
CA ARG B 1620 -47.25 -78.39 -0.86
C ARG B 1620 -46.52 -78.26 0.48
N VAL B 1621 -45.28 -77.75 0.43
CA VAL B 1621 -44.05 -78.26 1.03
C VAL B 1621 -44.23 -78.99 2.34
N ILE B 1622 -43.74 -80.23 2.36
CA ILE B 1622 -43.60 -80.97 3.59
C ILE B 1622 -42.28 -80.64 4.27
N GLN B 1623 -41.20 -80.60 3.51
CA GLN B 1623 -39.85 -80.68 4.07
C GLN B 1623 -39.17 -79.32 4.04
N THR B 1624 -39.42 -78.54 5.07
CA THR B 1624 -38.58 -77.40 5.39
C THR B 1624 -38.62 -77.24 6.91
N VAL B 1625 -37.47 -76.95 7.50
CA VAL B 1625 -37.45 -76.81 8.95
C VAL B 1625 -37.24 -75.36 9.33
N SER B 1626 -36.24 -74.72 8.76
CA SER B 1626 -35.87 -73.37 9.12
C SER B 1626 -36.30 -72.43 8.00
N GLU B 1627 -36.50 -71.18 8.37
CA GLU B 1627 -36.93 -70.17 7.42
C GLU B 1627 -35.88 -69.08 7.32
N PRO B 1628 -35.78 -68.40 6.18
CA PRO B 1628 -34.89 -67.24 6.09
C PRO B 1628 -35.36 -66.12 7.00
N MET B 1629 -34.39 -65.30 7.43
CA MET B 1629 -34.65 -64.33 8.48
C MET B 1629 -35.53 -63.19 7.95
N ASP B 1630 -36.19 -62.51 8.87
CA ASP B 1630 -37.15 -61.48 8.51
C ASP B 1630 -36.55 -60.11 8.77
N PHE B 1631 -36.72 -59.23 7.80
CA PHE B 1631 -36.44 -57.82 7.94
C PHE B 1631 -37.68 -57.02 8.33
N SER B 1632 -38.71 -57.69 8.84
CA SER B 1632 -39.91 -57.01 9.33
C SER B 1632 -40.21 -57.32 10.78
N GLY B 1633 -39.42 -58.19 11.41
CA GLY B 1633 -39.70 -58.63 12.76
C GLY B 1633 -39.25 -57.65 13.81
N ALA B 1634 -38.94 -58.19 14.97
CA ALA B 1634 -38.56 -57.35 16.10
C ALA B 1634 -37.18 -56.77 15.92
N ASN B 1635 -36.22 -57.58 15.51
CA ASN B 1635 -34.83 -57.14 15.44
C ASN B 1635 -34.48 -56.47 14.13
N SER B 1636 -35.48 -56.06 13.35
CA SER B 1636 -35.27 -55.68 11.95
C SER B 1636 -34.47 -54.39 11.83
N LEU B 1637 -34.64 -53.48 12.79
CA LEU B 1637 -33.92 -52.22 12.78
C LEU B 1637 -32.42 -52.44 12.88
N TYR B 1638 -32.00 -53.41 13.67
CA TYR B 1638 -30.58 -53.71 13.79
C TYR B 1638 -30.05 -54.33 12.50
N PHE B 1639 -30.88 -55.09 11.79
CA PHE B 1639 -30.44 -55.64 10.51
C PHE B 1639 -30.28 -54.55 9.47
N TRP B 1640 -31.20 -53.58 9.45
CA TRP B 1640 -31.04 -52.46 8.52
C TRP B 1640 -29.81 -51.64 8.85
N GLU B 1641 -29.57 -51.37 10.14
CA GLU B 1641 -28.41 -50.56 10.51
C GLU B 1641 -27.11 -51.32 10.26
N LEU B 1642 -27.16 -52.64 10.25
CA LEU B 1642 -25.96 -53.39 9.88
C LEU B 1642 -25.74 -53.35 8.38
N PHE B 1643 -26.75 -53.71 7.60
CA PHE B 1643 -26.46 -53.99 6.21
C PHE B 1643 -26.50 -52.76 5.32
N TYR B 1644 -27.39 -51.82 5.57
CA TYR B 1644 -27.50 -50.70 4.65
C TYR B 1644 -26.89 -49.43 5.21
N TYR B 1645 -27.23 -49.05 6.44
CA TYR B 1645 -26.85 -47.74 6.93
C TYR B 1645 -25.37 -47.67 7.24
N THR B 1646 -24.75 -48.79 7.60
CA THR B 1646 -23.33 -48.77 7.89
C THR B 1646 -22.45 -48.52 6.67
N PRO B 1647 -22.58 -49.24 5.53
CA PRO B 1647 -21.69 -48.91 4.41
C PRO B 1647 -21.99 -47.58 3.79
N MET B 1648 -23.25 -47.13 3.85
CA MET B 1648 -23.57 -45.78 3.39
C MET B 1648 -22.87 -44.72 4.21
N MET B 1649 -22.85 -44.87 5.52
CA MET B 1649 -22.30 -43.83 6.37
C MET B 1649 -20.78 -43.82 6.28
N VAL B 1650 -20.18 -45.02 6.21
CA VAL B 1650 -18.75 -45.13 5.97
C VAL B 1650 -18.37 -44.50 4.63
N ALA B 1651 -19.17 -44.77 3.59
CA ALA B 1651 -18.82 -44.26 2.27
C ALA B 1651 -18.99 -42.76 2.17
N GLN B 1652 -20.01 -42.22 2.82
CA GLN B 1652 -20.20 -40.78 2.83
C GLN B 1652 -19.06 -40.09 3.57
N ARG B 1653 -18.67 -40.65 4.72
CA ARG B 1653 -17.61 -40.04 5.50
C ARG B 1653 -16.25 -40.16 4.80
N LEU B 1654 -16.03 -41.25 4.06
CA LEU B 1654 -14.78 -41.35 3.31
C LEU B 1654 -14.80 -40.46 2.08
N LEU B 1655 -15.98 -40.20 1.53
CA LEU B 1655 -16.06 -39.30 0.40
C LEU B 1655 -15.74 -37.88 0.81
N HIS B 1656 -16.18 -37.45 1.99
CA HIS B 1656 -15.90 -36.07 2.40
C HIS B 1656 -14.44 -35.85 2.78
N GLU B 1657 -13.68 -36.92 2.98
CA GLU B 1657 -12.27 -36.77 3.31
C GLU B 1657 -11.36 -37.03 2.12
N GLN B 1658 -11.90 -36.99 0.90
CA GLN B 1658 -11.14 -37.02 -0.36
C GLN B 1658 -10.36 -38.32 -0.53
N ASN B 1659 -10.80 -39.39 0.11
CA ASN B 1659 -10.16 -40.69 -0.01
C ASN B 1659 -11.10 -41.54 -0.85
N PHE B 1660 -10.71 -41.77 -2.10
CA PHE B 1660 -11.71 -42.12 -3.10
C PHE B 1660 -11.92 -43.61 -3.29
N ASP B 1661 -10.86 -44.38 -3.52
CA ASP B 1661 -11.03 -45.78 -3.88
C ASP B 1661 -11.55 -46.59 -2.71
N GLU B 1662 -11.24 -46.16 -1.49
CA GLU B 1662 -11.80 -46.84 -0.33
C GLU B 1662 -13.29 -46.56 -0.22
N ALA B 1663 -13.71 -45.35 -0.58
CA ALA B 1663 -15.13 -45.06 -0.67
C ALA B 1663 -15.81 -45.87 -1.77
N ASN B 1664 -15.09 -46.14 -2.85
CA ASN B 1664 -15.69 -46.91 -3.93
C ASN B 1664 -15.86 -48.37 -3.52
N ARG B 1665 -14.84 -48.94 -2.87
CA ARG B 1665 -15.00 -50.33 -2.46
C ARG B 1665 -15.95 -50.47 -1.29
N TRP B 1666 -16.19 -49.40 -0.53
CA TRP B 1666 -17.29 -49.48 0.42
C TRP B 1666 -18.65 -49.33 -0.22
N LEU B 1667 -18.78 -48.56 -1.29
CA LEU B 1667 -20.04 -48.56 -2.00
C LEU B 1667 -20.31 -49.86 -2.72
N LYS B 1668 -19.27 -50.61 -3.08
CA LYS B 1668 -19.51 -51.84 -3.80
C LYS B 1668 -20.05 -52.94 -2.91
N TYR B 1669 -20.04 -52.77 -1.59
CA TYR B 1669 -20.68 -53.76 -0.73
C TYR B 1669 -22.19 -53.69 -0.79
N VAL B 1670 -22.75 -52.70 -1.46
CA VAL B 1670 -24.19 -52.51 -1.53
C VAL B 1670 -24.69 -52.66 -2.95
N TRP B 1671 -24.14 -51.87 -3.87
CA TRP B 1671 -24.66 -51.84 -5.23
C TRP B 1671 -23.49 -51.88 -6.19
N SER B 1672 -23.15 -53.07 -6.67
CA SER B 1672 -22.11 -53.18 -7.68
C SER B 1672 -22.76 -53.15 -9.04
N PRO B 1673 -22.38 -52.22 -9.90
CA PRO B 1673 -22.94 -52.21 -11.25
C PRO B 1673 -22.31 -53.28 -12.11
N SER B 1674 -21.13 -53.74 -11.73
CA SER B 1674 -20.42 -54.71 -12.55
C SER B 1674 -20.72 -56.14 -12.17
N GLY B 1675 -21.59 -56.38 -11.21
CA GLY B 1675 -21.86 -57.72 -10.75
C GLY B 1675 -20.80 -58.22 -9.81
N TYR B 1676 -21.20 -59.22 -9.03
CA TYR B 1676 -20.37 -59.74 -7.96
C TYR B 1676 -19.75 -61.05 -8.39
N ILE B 1677 -18.53 -61.29 -7.95
CA ILE B 1677 -17.83 -62.53 -8.22
C ILE B 1677 -17.47 -63.14 -6.88
N VAL B 1678 -17.97 -64.35 -6.63
CA VAL B 1678 -17.71 -65.07 -5.39
C VAL B 1678 -17.03 -66.39 -5.75
N ARG B 1679 -15.77 -66.53 -5.36
CA ARG B 1679 -14.94 -67.71 -5.61
C ARG B 1679 -14.95 -68.08 -7.10
N GLY B 1680 -14.42 -67.18 -7.91
CA GLY B 1680 -14.35 -67.43 -9.33
C GLY B 1680 -15.63 -67.28 -10.11
N GLN B 1681 -16.78 -67.50 -9.50
CA GLN B 1681 -18.05 -67.50 -10.22
C GLN B 1681 -18.74 -66.15 -10.10
N ILE B 1682 -19.14 -65.62 -11.24
CA ILE B 1682 -19.99 -64.44 -11.28
C ILE B 1682 -21.39 -64.80 -10.80
N LYS B 1683 -21.91 -64.05 -9.85
CA LYS B 1683 -23.24 -64.32 -9.33
C LYS B 1683 -24.31 -63.63 -10.17
N ASN B 1684 -25.54 -64.10 -9.99
CA ASN B 1684 -26.64 -63.57 -10.78
C ASN B 1684 -27.06 -62.19 -10.29
N TYR B 1685 -27.18 -62.03 -8.98
CA TYR B 1685 -27.83 -60.86 -8.41
C TYR B 1685 -27.03 -59.59 -8.63
N HIS B 1686 -27.68 -58.46 -8.45
CA HIS B 1686 -27.09 -57.20 -8.85
C HIS B 1686 -27.06 -56.21 -7.71
N TRP B 1687 -27.94 -56.38 -6.74
CA TRP B 1687 -27.93 -55.64 -5.48
C TRP B 1687 -27.49 -56.59 -4.37
N ASN B 1688 -26.84 -56.04 -3.35
CA ASN B 1688 -26.27 -56.89 -2.32
C ASN B 1688 -27.15 -56.98 -1.09
N VAL B 1689 -28.14 -56.11 -0.94
CA VAL B 1689 -29.01 -56.15 0.23
C VAL B 1689 -30.29 -56.84 -0.19
N ARG B 1690 -30.73 -57.82 0.59
CA ARG B 1690 -31.84 -58.66 0.15
C ARG B 1690 -33.20 -57.97 0.14
N PRO B 1691 -33.62 -57.18 1.15
CA PRO B 1691 -34.91 -56.48 0.98
C PRO B 1691 -34.89 -55.37 -0.05
N LEU B 1692 -33.76 -55.07 -0.68
CA LEU B 1692 -33.80 -54.23 -1.86
C LEU B 1692 -34.24 -55.02 -3.08
N LEU B 1693 -33.91 -56.30 -3.13
CA LEU B 1693 -34.40 -57.14 -4.22
C LEU B 1693 -35.89 -57.33 -4.12
N GLU B 1694 -36.40 -57.45 -2.89
CA GLU B 1694 -37.80 -57.72 -2.64
C GLU B 1694 -38.33 -56.64 -1.71
N ASN B 1695 -39.11 -55.72 -2.28
CA ASN B 1695 -39.58 -54.54 -1.54
C ASN B 1695 -40.46 -54.93 -0.38
N THR B 1696 -40.09 -54.44 0.80
CA THR B 1696 -40.71 -54.88 2.05
C THR B 1696 -40.89 -53.65 2.93
N SER B 1697 -42.11 -53.14 2.99
CA SER B 1697 -42.42 -51.94 3.75
C SER B 1697 -42.38 -52.29 5.23
N TRP B 1698 -41.33 -51.86 5.91
CA TRP B 1698 -41.17 -52.14 7.32
C TRP B 1698 -41.51 -50.93 8.18
N ASN B 1699 -42.43 -50.11 7.74
CA ASN B 1699 -43.01 -49.01 8.52
C ASN B 1699 -44.34 -48.71 7.86
N SER B 1700 -45.43 -48.98 8.57
CA SER B 1700 -46.75 -48.91 7.97
C SER B 1700 -47.21 -47.47 7.71
N ASP B 1701 -46.86 -46.53 8.57
CA ASP B 1701 -47.45 -45.19 8.54
C ASP B 1701 -46.37 -44.14 8.46
N PRO B 1702 -45.82 -43.89 7.28
CA PRO B 1702 -44.80 -42.85 7.14
C PRO B 1702 -45.35 -41.46 7.29
N LEU B 1703 -46.64 -41.26 7.02
CA LEU B 1703 -47.26 -39.96 7.13
C LEU B 1703 -47.79 -39.68 8.52
N ASP B 1704 -47.28 -40.38 9.53
CA ASP B 1704 -47.51 -39.97 10.91
C ASP B 1704 -46.95 -38.59 11.16
N SER B 1705 -45.74 -38.34 10.67
CA SER B 1705 -45.09 -37.06 10.78
C SER B 1705 -44.36 -36.77 9.48
N VAL B 1706 -43.55 -35.73 9.50
CA VAL B 1706 -42.73 -35.38 8.35
C VAL B 1706 -41.31 -35.89 8.59
N ASP B 1707 -40.94 -36.91 7.83
CA ASP B 1707 -39.66 -37.59 7.99
C ASP B 1707 -39.31 -38.20 6.65
N PRO B 1708 -38.17 -37.84 6.07
CA PRO B 1708 -37.67 -38.58 4.92
C PRO B 1708 -37.34 -40.02 5.25
N ASP B 1709 -36.91 -40.29 6.49
CA ASP B 1709 -36.58 -41.65 6.89
C ASP B 1709 -37.83 -42.53 6.89
N ALA B 1710 -38.96 -42.00 7.33
CA ALA B 1710 -40.19 -42.80 7.39
C ALA B 1710 -40.69 -43.15 6.00
N VAL B 1711 -40.66 -42.19 5.08
CA VAL B 1711 -41.15 -42.44 3.73
C VAL B 1711 -40.18 -43.35 3.00
N ALA B 1712 -38.89 -43.25 3.33
CA ALA B 1712 -37.92 -44.22 2.82
C ALA B 1712 -38.21 -45.61 3.34
N GLN B 1713 -38.58 -45.73 4.61
CA GLN B 1713 -38.86 -47.04 5.19
C GLN B 1713 -40.13 -47.64 4.61
N HIS B 1714 -41.07 -46.82 4.17
CA HIS B 1714 -42.29 -47.39 3.62
C HIS B 1714 -42.07 -47.93 2.21
N ASP B 1715 -41.00 -47.50 1.54
CA ASP B 1715 -40.75 -47.99 0.19
C ASP B 1715 -39.27 -47.94 -0.12
N PRO B 1716 -38.60 -49.09 -0.24
CA PRO B 1716 -37.12 -49.08 -0.27
C PRO B 1716 -36.52 -48.62 -1.58
N MET B 1717 -37.34 -48.38 -2.60
CA MET B 1717 -36.80 -47.88 -3.85
C MET B 1717 -36.21 -46.49 -3.71
N HIS B 1718 -36.63 -45.73 -2.71
CA HIS B 1718 -35.98 -44.48 -2.43
C HIS B 1718 -34.58 -44.71 -1.87
N TYR B 1719 -34.37 -45.80 -1.15
CA TYR B 1719 -33.01 -46.14 -0.76
C TYR B 1719 -32.18 -46.51 -1.97
N LYS B 1720 -32.78 -47.19 -2.95
CA LYS B 1720 -32.06 -47.48 -4.19
C LYS B 1720 -31.62 -46.20 -4.88
N VAL B 1721 -32.52 -45.23 -4.99
CA VAL B 1721 -32.21 -43.98 -5.68
C VAL B 1721 -31.17 -43.19 -4.91
N ALA B 1722 -31.20 -43.27 -3.58
CA ALA B 1722 -30.22 -42.56 -2.77
C ALA B 1722 -28.84 -43.13 -2.95
N THR B 1723 -28.73 -44.47 -2.98
CA THR B 1723 -27.45 -45.11 -3.22
C THR B 1723 -26.92 -44.78 -4.61
N PHE B 1724 -27.82 -44.69 -5.57
CA PHE B 1724 -27.44 -44.32 -6.92
C PHE B 1724 -26.88 -42.89 -6.99
N MET B 1725 -27.52 -41.95 -6.29
CA MET B 1725 -26.99 -40.60 -6.26
C MET B 1725 -25.66 -40.52 -5.53
N ARG B 1726 -25.45 -41.37 -4.53
CA ARG B 1726 -24.14 -41.43 -3.90
C ARG B 1726 -23.08 -41.90 -4.88
N THR B 1727 -23.42 -42.88 -5.72
CA THR B 1727 -22.46 -43.37 -6.71
C THR B 1727 -22.13 -42.31 -7.73
N LEU B 1728 -23.13 -41.54 -8.16
CA LEU B 1728 -22.87 -40.47 -9.12
C LEU B 1728 -22.03 -39.35 -8.50
N ASP B 1729 -22.28 -39.04 -7.23
CA ASP B 1729 -21.47 -38.04 -6.55
C ASP B 1729 -20.02 -38.49 -6.45
N LEU B 1730 -19.80 -39.77 -6.20
CA LEU B 1730 -18.45 -40.32 -6.16
C LEU B 1730 -17.76 -40.18 -7.51
N LEU B 1731 -18.46 -40.53 -8.59
CA LEU B 1731 -17.83 -40.46 -9.90
C LEU B 1731 -17.53 -39.04 -10.33
N MET B 1732 -18.46 -38.12 -10.07
CA MET B 1732 -18.20 -36.73 -10.45
C MET B 1732 -17.12 -36.12 -9.58
N ALA B 1733 -17.01 -36.54 -8.32
CA ALA B 1733 -15.93 -36.04 -7.48
C ALA B 1733 -14.57 -36.52 -7.96
N ARG B 1734 -14.47 -37.80 -8.39
CA ARG B 1734 -13.22 -38.31 -8.94
C ARG B 1734 -12.84 -37.56 -10.21
N GLY B 1735 -13.83 -37.30 -11.07
CA GLY B 1735 -13.56 -36.53 -12.28
C GLY B 1735 -13.14 -35.10 -12.00
N ASP B 1736 -13.75 -34.47 -11.01
CA ASP B 1736 -13.43 -33.07 -10.72
C ASP B 1736 -12.04 -32.96 -10.09
N HIS B 1737 -11.70 -33.88 -9.20
CA HIS B 1737 -10.37 -33.84 -8.61
C HIS B 1737 -9.31 -34.21 -9.61
N ALA B 1738 -9.65 -34.99 -10.63
CA ALA B 1738 -8.72 -35.18 -11.73
C ALA B 1738 -8.58 -33.91 -12.55
N TYR B 1739 -9.67 -33.20 -12.75
CA TYR B 1739 -9.70 -32.15 -13.75
C TYR B 1739 -8.93 -30.90 -13.32
N ARG B 1740 -8.69 -30.75 -12.03
CA ARG B 1740 -7.98 -29.57 -11.56
C ARG B 1740 -6.48 -29.70 -11.69
N GLN B 1741 -5.97 -30.92 -11.90
CA GLN B 1741 -4.56 -31.10 -12.18
C GLN B 1741 -4.38 -31.19 -13.69
N LEU B 1742 -3.79 -30.16 -14.26
CA LEU B 1742 -3.98 -29.84 -15.68
C LEU B 1742 -3.03 -30.54 -16.62
N GLU B 1743 -2.42 -31.66 -16.25
CA GLU B 1743 -1.65 -32.39 -17.24
C GLU B 1743 -2.60 -33.19 -18.13
N ARG B 1744 -2.05 -33.68 -19.25
CA ARG B 1744 -2.87 -34.11 -20.37
C ARG B 1744 -3.51 -35.47 -20.11
N ASP B 1745 -2.74 -36.40 -19.55
CA ASP B 1745 -3.25 -37.75 -19.32
C ASP B 1745 -4.33 -37.75 -18.26
N THR B 1746 -4.21 -36.85 -17.28
CA THR B 1746 -5.26 -36.71 -16.29
C THR B 1746 -6.50 -36.04 -16.87
N LEU B 1747 -6.36 -35.24 -17.93
CA LEU B 1747 -7.53 -34.77 -18.64
C LEU B 1747 -8.23 -35.90 -19.36
N ASN B 1748 -7.46 -36.83 -19.94
CA ASN B 1748 -8.06 -38.03 -20.52
C ASN B 1748 -8.76 -38.88 -19.46
N GLU B 1749 -8.16 -38.94 -18.27
CA GLU B 1749 -8.79 -39.61 -17.13
C GLU B 1749 -10.10 -38.95 -16.75
N ALA B 1750 -10.12 -37.62 -16.74
CA ALA B 1750 -11.34 -36.89 -16.43
C ALA B 1750 -12.42 -37.20 -17.45
N LYS B 1751 -12.03 -37.28 -18.73
CA LYS B 1751 -12.98 -37.59 -19.79
C LYS B 1751 -13.57 -38.97 -19.62
N MET B 1752 -12.74 -39.95 -19.27
CA MET B 1752 -13.32 -41.29 -19.10
C MET B 1752 -14.16 -41.41 -17.83
N TRP B 1753 -13.88 -40.62 -16.78
CA TRP B 1753 -14.77 -40.68 -15.63
C TRP B 1753 -16.13 -40.06 -15.92
N TYR B 1754 -16.15 -38.89 -16.58
CA TYR B 1754 -17.45 -38.29 -16.86
C TYR B 1754 -18.23 -39.11 -17.89
N MET B 1755 -17.54 -39.73 -18.83
CA MET B 1755 -18.24 -40.62 -19.76
C MET B 1755 -18.75 -41.86 -19.06
N GLN B 1756 -18.03 -42.35 -18.06
CA GLN B 1756 -18.53 -43.47 -17.26
C GLN B 1756 -19.79 -43.09 -16.52
N ALA B 1757 -19.85 -41.87 -16.00
CA ALA B 1757 -21.09 -41.43 -15.38
C ALA B 1757 -22.23 -41.28 -16.38
N LEU B 1758 -21.95 -40.76 -17.57
CA LEU B 1758 -23.03 -40.50 -18.52
C LEU B 1758 -23.61 -41.78 -19.08
N HIS B 1759 -22.79 -42.82 -19.28
CA HIS B 1759 -23.44 -44.03 -19.77
C HIS B 1759 -24.09 -44.81 -18.64
N LEU B 1760 -23.85 -44.44 -17.38
CA LEU B 1760 -24.76 -44.88 -16.34
C LEU B 1760 -26.10 -44.17 -16.44
N LEU B 1761 -26.08 -42.89 -16.78
CA LEU B 1761 -27.36 -42.19 -16.77
C LEU B 1761 -28.17 -42.45 -18.01
N GLY B 1762 -27.52 -42.58 -19.16
CA GLY B 1762 -28.24 -42.61 -20.41
C GLY B 1762 -28.40 -41.21 -20.98
N ASN B 1763 -29.54 -40.99 -21.62
CA ASN B 1763 -29.82 -39.68 -22.21
C ASN B 1763 -30.36 -38.72 -21.16
N LYS B 1764 -30.39 -37.46 -21.54
CA LYS B 1764 -31.33 -36.55 -20.95
C LYS B 1764 -32.72 -36.99 -21.35
N PRO B 1765 -33.64 -37.18 -20.40
CA PRO B 1765 -34.96 -37.69 -20.75
C PRO B 1765 -35.81 -36.65 -21.45
N TYR B 1766 -36.58 -37.12 -22.42
CA TYR B 1766 -37.49 -36.27 -23.17
C TYR B 1766 -38.89 -36.33 -22.58
N LEU B 1767 -39.54 -35.17 -22.50
CA LEU B 1767 -40.95 -35.08 -22.18
C LEU B 1767 -41.65 -34.36 -23.31
N PRO B 1768 -42.79 -34.86 -23.78
CA PRO B 1768 -43.58 -34.09 -24.76
C PRO B 1768 -44.15 -32.82 -24.12
N LEU B 1769 -43.67 -31.68 -24.60
CA LEU B 1769 -44.12 -30.39 -24.07
C LEU B 1769 -45.55 -30.10 -24.51
N SER B 1770 -45.98 -30.70 -25.61
CA SER B 1770 -47.40 -30.68 -25.94
C SER B 1770 -48.16 -31.51 -24.92
N SER B 1771 -49.04 -30.83 -24.17
CA SER B 1771 -49.62 -31.44 -22.99
C SER B 1771 -51.13 -31.35 -23.03
N VAL B 1772 -51.76 -32.01 -22.05
CA VAL B 1772 -53.20 -32.01 -21.94
C VAL B 1772 -53.69 -30.71 -21.29
N TRP B 1773 -52.77 -29.98 -20.66
CA TRP B 1773 -53.12 -28.85 -19.82
C TRP B 1773 -53.71 -27.70 -20.60
N ASN B 1774 -55.02 -27.53 -20.43
CA ASN B 1774 -55.71 -26.30 -20.78
C ASN B 1774 -55.45 -25.31 -19.65
N ASP B 1775 -55.74 -24.03 -19.90
CA ASP B 1775 -55.55 -23.03 -18.86
C ASP B 1775 -56.91 -22.66 -18.28
N PRO B 1776 -57.31 -23.22 -17.16
CA PRO B 1776 -58.69 -23.08 -16.71
C PRO B 1776 -58.89 -21.82 -15.89
N ARG B 1777 -60.16 -21.57 -15.59
CA ARG B 1777 -60.49 -20.60 -14.56
C ARG B 1777 -60.00 -21.08 -13.22
N LEU B 1778 -59.70 -20.12 -12.35
CA LEU B 1778 -59.33 -20.46 -10.98
C LEU B 1778 -60.47 -21.14 -10.25
N ASP B 1779 -61.68 -20.59 -10.33
CA ASP B 1779 -62.79 -21.12 -9.57
C ASP B 1779 -63.22 -22.49 -10.08
N ASN B 1780 -63.07 -22.71 -11.38
CA ASN B 1780 -63.40 -24.03 -11.92
C ASN B 1780 -62.38 -25.06 -11.47
N ALA B 1781 -61.10 -24.70 -11.51
CA ALA B 1781 -60.06 -25.65 -11.15
C ALA B 1781 -60.01 -25.88 -9.64
N ALA B 1782 -60.46 -24.92 -8.85
CA ALA B 1782 -60.46 -25.02 -7.40
C ALA B 1782 -61.74 -25.64 -6.87
N ALA B 1783 -62.47 -26.38 -7.69
CA ALA B 1783 -63.74 -26.95 -7.27
C ALA B 1783 -63.52 -28.07 -6.28
N THR B 1784 -64.35 -28.08 -5.23
CA THR B 1784 -64.31 -29.18 -4.28
C THR B 1784 -64.93 -30.45 -4.84
N THR B 1785 -65.74 -30.34 -5.90
CA THR B 1785 -66.28 -31.51 -6.57
C THR B 1785 -65.17 -32.31 -7.23
N THR B 1786 -64.19 -31.61 -7.80
CA THR B 1786 -62.97 -32.24 -8.31
C THR B 1786 -62.27 -33.04 -7.23
N GLN B 1787 -62.15 -32.46 -6.02
CA GLN B 1787 -61.45 -33.13 -4.94
C GLN B 1787 -62.23 -34.35 -4.44
N LYS B 1788 -63.55 -34.23 -4.33
CA LYS B 1788 -64.36 -35.34 -3.82
C LYS B 1788 -64.37 -36.50 -4.81
N ALA B 1789 -64.53 -36.19 -6.10
CA ALA B 1789 -64.44 -37.23 -7.13
C ALA B 1789 -63.05 -37.83 -7.20
N HIS B 1790 -62.02 -37.02 -6.95
CA HIS B 1790 -60.64 -37.50 -6.94
C HIS B 1790 -60.39 -38.51 -5.82
N ALA B 1791 -60.78 -38.14 -4.59
CA ALA B 1791 -60.61 -39.03 -3.44
C ALA B 1791 -61.44 -40.31 -3.59
N TYR B 1792 -62.68 -40.16 -4.06
CA TYR B 1792 -63.54 -41.33 -4.27
C TYR B 1792 -62.99 -42.23 -5.36
N ALA B 1793 -62.38 -41.65 -6.39
CA ALA B 1793 -61.81 -42.46 -7.46
C ALA B 1793 -60.59 -43.21 -6.99
N ILE B 1794 -59.75 -42.59 -6.15
CA ILE B 1794 -58.57 -43.28 -5.67
C ILE B 1794 -58.95 -44.43 -4.74
N THR B 1795 -59.94 -44.20 -3.87
CA THR B 1795 -60.43 -45.30 -3.03
C THR B 1795 -61.10 -46.38 -3.86
N SER B 1796 -61.75 -45.99 -4.95
CA SER B 1796 -62.41 -46.97 -5.81
C SER B 1796 -61.39 -47.84 -6.54
N LEU B 1797 -60.27 -47.24 -6.96
CA LEU B 1797 -59.22 -48.04 -7.56
C LEU B 1797 -58.53 -48.91 -6.52
N ARG B 1798 -58.46 -48.44 -5.28
CA ARG B 1798 -57.78 -49.21 -4.26
C ARG B 1798 -58.58 -50.42 -3.81
N GLN B 1799 -59.91 -50.28 -3.73
CA GLN B 1799 -60.74 -51.37 -3.24
C GLN B 1799 -60.89 -52.47 -4.30
N GLY B 1800 -60.96 -52.10 -5.57
CA GLY B 1800 -61.08 -53.07 -6.64
C GLY B 1800 -62.50 -53.41 -7.03
N THR B 1801 -63.35 -52.43 -7.27
CA THR B 1801 -64.78 -52.72 -7.30
C THR B 1801 -65.46 -52.34 -8.61
N GLN B 1802 -64.98 -51.35 -9.35
CA GLN B 1802 -65.75 -50.85 -10.48
C GLN B 1802 -65.12 -51.26 -11.81
N THR B 1803 -65.86 -51.05 -12.89
CA THR B 1803 -65.47 -51.32 -14.26
C THR B 1803 -64.81 -50.08 -14.86
N PRO B 1804 -63.62 -50.22 -15.46
CA PRO B 1804 -62.99 -49.07 -16.11
C PRO B 1804 -63.76 -48.64 -17.37
N ALA B 1805 -63.93 -47.32 -17.51
CA ALA B 1805 -64.66 -46.75 -18.63
C ALA B 1805 -63.95 -45.50 -19.09
N LEU B 1806 -64.28 -45.04 -20.30
CA LEU B 1806 -63.63 -43.89 -20.91
C LEU B 1806 -64.72 -42.94 -21.38
N LEU B 1807 -65.01 -41.92 -20.56
CA LEU B 1807 -66.00 -40.91 -20.89
C LEU B 1807 -65.60 -39.64 -20.14
N LEU B 1808 -65.66 -38.51 -20.84
CA LEU B 1808 -65.23 -37.22 -20.31
C LEU B 1808 -66.39 -36.56 -19.56
N ARG B 1809 -66.82 -37.20 -18.46
CA ARG B 1809 -67.80 -36.61 -17.57
C ARG B 1809 -67.16 -36.33 -16.23
N SER B 1810 -66.61 -37.37 -15.60
CA SER B 1810 -65.77 -37.17 -14.43
C SER B 1810 -64.39 -36.70 -14.85
N ALA B 1811 -64.01 -36.92 -16.11
CA ALA B 1811 -62.76 -36.41 -16.61
C ALA B 1811 -62.82 -34.90 -16.81
N ASN B 1812 -64.01 -34.31 -16.80
CA ASN B 1812 -64.13 -32.86 -16.71
C ASN B 1812 -63.58 -32.37 -15.37
N THR B 1813 -63.79 -33.15 -14.31
CA THR B 1813 -63.16 -32.84 -13.03
C THR B 1813 -61.69 -33.20 -13.05
N LEU B 1814 -61.36 -34.39 -13.53
CA LEU B 1814 -59.99 -34.92 -13.42
C LEU B 1814 -59.04 -34.34 -14.46
N THR B 1815 -59.53 -33.50 -15.38
CA THR B 1815 -58.63 -32.80 -16.30
C THR B 1815 -57.83 -31.73 -15.57
N ASP B 1816 -58.49 -30.99 -14.68
CA ASP B 1816 -57.84 -29.86 -14.02
C ASP B 1816 -56.96 -30.26 -12.86
N LEU B 1817 -56.75 -31.56 -12.63
CA LEU B 1817 -55.68 -31.98 -11.75
C LEU B 1817 -54.34 -31.55 -12.33
N PHE B 1818 -53.42 -31.22 -11.46
CA PHE B 1818 -52.10 -30.80 -11.89
C PHE B 1818 -51.26 -32.00 -12.26
N LEU B 1819 -50.28 -31.77 -13.07
CA LEU B 1819 -49.41 -32.86 -13.46
C LEU B 1819 -48.21 -32.92 -12.55
N PRO B 1820 -47.68 -34.12 -12.31
CA PRO B 1820 -46.47 -34.25 -11.51
C PRO B 1820 -45.25 -33.81 -12.29
N GLN B 1821 -44.23 -33.37 -11.57
CA GLN B 1821 -42.98 -32.98 -12.21
C GLN B 1821 -41.88 -33.93 -11.80
N ILE B 1822 -40.83 -33.98 -12.60
CA ILE B 1822 -39.73 -34.88 -12.33
C ILE B 1822 -38.75 -34.21 -11.36
N ASN B 1823 -37.80 -35.02 -10.88
CA ASN B 1823 -36.89 -34.59 -9.83
C ASN B 1823 -35.91 -33.56 -10.35
N ASP B 1824 -35.94 -32.38 -9.74
CA ASP B 1824 -35.08 -31.28 -10.17
C ASP B 1824 -33.63 -31.53 -9.78
N VAL B 1825 -33.42 -32.12 -8.60
CA VAL B 1825 -32.06 -32.40 -8.15
C VAL B 1825 -31.40 -33.42 -9.06
N MET B 1826 -32.16 -34.42 -9.50
CA MET B 1826 -31.64 -35.37 -10.45
C MET B 1826 -31.47 -34.75 -11.82
N LEU B 1827 -32.32 -33.80 -12.18
CA LEU B 1827 -32.20 -33.08 -13.43
C LEU B 1827 -30.93 -32.23 -13.46
N SER B 1828 -30.47 -31.77 -12.30
CA SER B 1828 -29.25 -30.98 -12.23
C SER B 1828 -28.02 -31.74 -12.71
N TYR B 1829 -28.00 -33.06 -12.56
CA TYR B 1829 -26.80 -33.81 -12.86
C TYR B 1829 -26.52 -33.88 -14.36
N TRP B 1830 -27.56 -33.97 -15.19
CA TRP B 1830 -27.33 -33.98 -16.64
C TRP B 1830 -26.72 -32.66 -17.09
N ASN B 1831 -27.25 -31.55 -16.61
CA ASN B 1831 -26.71 -30.25 -16.98
C ASN B 1831 -25.30 -30.07 -16.43
N LYS B 1832 -25.04 -30.58 -15.24
CA LYS B 1832 -23.74 -30.37 -14.61
C LYS B 1832 -22.67 -31.20 -15.31
N LEU B 1833 -22.93 -32.49 -15.54
CA LEU B 1833 -22.00 -33.33 -16.26
C LEU B 1833 -21.85 -32.90 -17.70
N GLU B 1834 -22.94 -32.48 -18.35
CA GLU B 1834 -22.87 -32.02 -19.72
C GLU B 1834 -22.02 -30.77 -19.84
N LEU B 1835 -22.08 -29.88 -18.85
CA LEU B 1835 -21.29 -28.66 -18.91
C LEU B 1835 -19.82 -28.94 -18.62
N ARG B 1836 -19.53 -29.81 -17.63
CA ARG B 1836 -18.16 -30.22 -17.37
C ARG B 1836 -17.54 -30.88 -18.59
N LEU B 1837 -18.31 -31.72 -19.27
CA LEU B 1837 -17.78 -32.42 -20.42
C LEU B 1837 -17.71 -31.52 -21.63
N TYR B 1838 -18.55 -30.49 -21.69
CA TYR B 1838 -18.42 -29.49 -22.72
C TYR B 1838 -17.14 -28.68 -22.56
N ASN B 1839 -16.79 -28.34 -21.32
CA ASN B 1839 -15.50 -27.72 -21.10
C ASN B 1839 -14.35 -28.68 -21.38
N LEU B 1840 -14.56 -29.98 -21.23
CA LEU B 1840 -13.55 -30.93 -21.69
C LEU B 1840 -13.41 -30.94 -23.20
N ARG B 1841 -14.50 -30.82 -23.94
CA ARG B 1841 -14.43 -31.04 -25.38
C ARG B 1841 -13.76 -29.89 -26.10
N HIS B 1842 -13.91 -28.68 -25.58
CA HIS B 1842 -13.05 -27.61 -26.03
C HIS B 1842 -11.90 -27.53 -25.05
N ASN B 1843 -11.08 -26.50 -25.17
CA ASN B 1843 -9.88 -26.48 -24.35
C ASN B 1843 -10.03 -25.56 -23.16
N LEU B 1844 -11.21 -25.49 -22.57
CA LEU B 1844 -11.43 -24.58 -21.46
C LEU B 1844 -11.00 -25.21 -20.14
N SER B 1845 -11.08 -24.40 -19.09
CA SER B 1845 -10.85 -24.85 -17.72
C SER B 1845 -12.17 -25.30 -17.10
N ILE B 1846 -12.16 -25.46 -15.78
CA ILE B 1846 -13.42 -25.68 -15.09
C ILE B 1846 -14.16 -24.36 -14.95
N ASP B 1847 -13.43 -23.25 -14.96
CA ASP B 1847 -14.06 -21.94 -14.84
C ASP B 1847 -14.23 -21.27 -16.18
N GLY B 1848 -13.99 -21.98 -17.28
CA GLY B 1848 -14.19 -21.43 -18.59
C GLY B 1848 -13.11 -20.48 -19.06
N GLN B 1849 -12.07 -20.28 -18.29
CA GLN B 1849 -10.92 -19.53 -18.77
C GLN B 1849 -10.19 -20.37 -19.80
N PRO B 1850 -10.00 -19.87 -21.02
CA PRO B 1850 -9.32 -20.67 -22.04
C PRO B 1850 -7.85 -20.86 -21.72
N LEU B 1851 -7.32 -22.04 -22.05
CA LEU B 1851 -5.90 -22.27 -21.85
C LEU B 1851 -5.07 -21.51 -22.87
N HIS B 1852 -5.59 -21.35 -24.09
CA HIS B 1852 -4.86 -20.61 -25.10
C HIS B 1852 -4.99 -19.11 -24.85
N LEU B 1853 -3.93 -18.39 -25.17
CA LEU B 1853 -3.98 -16.96 -25.06
C LEU B 1853 -4.40 -16.35 -26.40
N PRO B 1854 -5.20 -15.28 -26.39
CA PRO B 1854 -5.75 -14.76 -27.64
C PRO B 1854 -4.70 -14.11 -28.51
N ILE B 1855 -4.92 -14.16 -29.81
CA ILE B 1855 -3.98 -13.56 -30.75
C ILE B 1855 -4.16 -12.05 -30.73
N TYR B 1856 -3.10 -11.33 -31.05
CA TYR B 1856 -3.07 -9.88 -30.96
C TYR B 1856 -3.08 -9.29 -32.37
N ALA B 1857 -3.94 -8.29 -32.58
CA ALA B 1857 -4.12 -7.73 -33.90
C ALA B 1857 -2.96 -6.80 -34.26
N THR B 1858 -2.68 -6.73 -35.56
CA THR B 1858 -1.71 -5.84 -36.16
C THR B 1858 -2.41 -4.58 -36.64
N PRO B 1859 -1.97 -3.41 -36.20
CA PRO B 1859 -2.65 -2.16 -36.58
C PRO B 1859 -2.48 -1.82 -38.05
N ALA B 1860 -3.44 -1.06 -38.57
CA ALA B 1860 -3.51 -0.77 -39.98
C ALA B 1860 -2.40 0.19 -40.40
N ASP B 1861 -2.11 0.22 -41.69
CA ASP B 1861 -1.07 1.11 -42.18
C ASP B 1861 -1.67 2.47 -42.54
N PRO B 1862 -1.06 3.57 -42.08
CA PRO B 1862 -1.61 4.89 -42.39
C PRO B 1862 -1.27 5.30 -43.82
N LYS B 1863 -2.15 6.10 -44.41
CA LYS B 1863 -1.92 6.57 -45.77
C LYS B 1863 -0.98 7.78 -45.78
N ALA B 1864 -0.16 7.86 -46.82
CA ALA B 1864 0.77 8.96 -47.02
C ALA B 1864 0.15 9.93 -48.00
N LEU B 1865 -0.37 11.03 -47.49
CA LEU B 1865 -1.01 12.05 -48.31
C LEU B 1865 0.03 12.74 -49.20
N LEU B 1866 -0.25 12.74 -50.50
CA LEU B 1866 0.71 13.22 -51.47
C LEU B 1866 0.03 14.24 -52.37
N SER B 1867 0.73 15.33 -52.64
CA SER B 1867 0.23 16.39 -53.51
C SER B 1867 0.96 16.33 -54.83
N ALA B 1868 0.27 16.75 -55.89
CA ALA B 1868 0.84 16.85 -57.21
C ALA B 1868 0.90 18.31 -57.60
N ALA B 1869 2.08 18.75 -58.05
CA ALA B 1869 2.30 20.13 -58.47
C ALA B 1869 2.66 20.12 -59.95
N VAL B 1870 1.78 20.65 -60.78
CA VAL B 1870 1.98 20.70 -62.22
C VAL B 1870 1.99 22.16 -62.67
N ALA B 1871 2.52 22.40 -63.86
CA ALA B 1871 2.56 23.73 -64.43
C ALA B 1871 1.87 23.75 -65.78
N THR B 1872 1.43 24.93 -66.19
CA THR B 1872 0.69 25.11 -67.43
C THR B 1872 1.52 25.92 -68.42
N SER B 1873 1.16 25.83 -69.70
CA SER B 1873 1.84 26.53 -70.77
C SER B 1873 0.88 27.46 -71.50
N GLN B 1874 0.97 28.74 -71.19
CA GLN B 1874 0.23 29.76 -71.92
C GLN B 1874 1.04 30.22 -73.12
N GLY B 1875 0.36 30.47 -74.22
CA GLY B 1875 1.04 30.85 -75.45
C GLY B 1875 1.46 32.31 -75.42
N GLY B 1876 2.61 32.61 -76.00
CA GLY B 1876 3.12 33.97 -75.99
C GLY B 1876 2.41 34.85 -76.99
N GLY B 1877 2.42 36.15 -76.73
CA GLY B 1877 1.81 37.09 -77.64
C GLY B 1877 2.74 37.51 -78.76
N LYS B 1878 2.15 37.74 -79.92
CA LYS B 1878 2.86 38.21 -81.09
C LYS B 1878 2.90 39.73 -81.09
N LEU B 1879 3.42 40.30 -82.17
CA LEU B 1879 3.61 41.74 -82.19
C LEU B 1879 2.44 42.44 -82.88
N PRO B 1880 2.12 43.67 -82.47
CA PRO B 1880 1.19 44.49 -83.25
C PRO B 1880 1.83 45.02 -84.52
N GLU B 1881 1.05 45.80 -85.26
CA GLU B 1881 1.47 46.23 -86.58
C GLU B 1881 2.38 47.45 -86.50
N SER B 1882 3.38 47.48 -87.39
CA SER B 1882 4.27 48.62 -87.48
C SER B 1882 3.53 49.84 -88.03
N PHE B 1883 3.34 50.84 -87.17
CA PHE B 1883 2.77 52.11 -87.58
C PHE B 1883 3.83 53.19 -87.53
N ILE B 1884 4.05 53.83 -88.67
CA ILE B 1884 5.13 54.79 -88.83
C ILE B 1884 4.65 56.12 -88.27
N SER B 1885 5.58 56.96 -87.81
CA SER B 1885 5.24 58.25 -87.26
C SER B 1885 5.99 59.37 -87.96
N LEU B 1886 5.79 60.59 -87.45
CA LEU B 1886 6.44 61.76 -88.02
C LEU B 1886 7.83 61.96 -87.44
N TRP B 1887 8.05 61.47 -86.23
CA TRP B 1887 9.22 61.91 -85.48
C TRP B 1887 10.48 61.21 -85.95
N ARG B 1888 11.61 61.87 -85.76
CA ARG B 1888 12.90 61.23 -85.96
C ARG B 1888 13.22 60.31 -84.79
N PHE B 1889 14.44 59.79 -84.82
CA PHE B 1889 14.79 58.74 -83.87
C PHE B 1889 14.93 59.19 -82.42
N PRO B 1890 15.67 60.26 -82.05
CA PRO B 1890 15.90 60.48 -80.61
C PRO B 1890 14.66 60.90 -79.82
N HIS B 1891 13.75 61.65 -80.41
CA HIS B 1891 12.55 62.06 -79.70
C HIS B 1891 11.65 60.88 -79.42
N MET B 1892 11.46 60.01 -80.41
CA MET B 1892 10.65 58.83 -80.21
C MET B 1892 11.33 57.87 -79.25
N LEU B 1893 12.66 57.82 -79.27
CA LEU B 1893 13.41 56.99 -78.34
C LEU B 1893 13.21 57.44 -76.90
N GLU B 1894 13.36 58.74 -76.64
CA GLU B 1894 13.18 59.26 -75.30
C GLU B 1894 11.73 59.09 -74.84
N ASN B 1895 10.78 59.26 -75.75
CA ASN B 1895 9.37 59.06 -75.44
C ASN B 1895 9.11 57.62 -75.00
N ALA B 1896 9.62 56.67 -75.76
CA ALA B 1896 9.44 55.26 -75.42
C ALA B 1896 10.17 54.91 -74.13
N ARG B 1897 11.28 55.59 -73.85
CA ARG B 1897 12.02 55.36 -72.62
C ARG B 1897 11.20 55.78 -71.40
N SER B 1898 10.51 56.92 -71.51
CA SER B 1898 9.61 57.36 -70.46
C SER B 1898 8.47 56.36 -70.25
N MET B 1899 7.96 55.80 -71.35
CA MET B 1899 6.91 54.79 -71.24
C MET B 1899 7.42 53.53 -70.54
N VAL B 1900 8.65 53.12 -70.84
CA VAL B 1900 9.20 51.89 -70.28
C VAL B 1900 9.45 52.05 -68.78
N THR B 1901 9.94 53.20 -68.36
CA THR B 1901 10.18 53.37 -66.92
C THR B 1901 8.87 53.52 -66.16
N GLN B 1902 7.84 54.05 -66.81
CA GLN B 1902 6.52 54.02 -66.19
C GLN B 1902 6.03 52.59 -66.00
N LEU B 1903 6.26 51.75 -67.01
CA LEU B 1903 5.85 50.36 -66.93
C LEU B 1903 6.62 49.60 -65.86
N ILE B 1904 7.89 49.95 -65.64
CA ILE B 1904 8.65 49.21 -64.65
C ILE B 1904 8.25 49.64 -63.24
N GLN B 1905 7.73 50.87 -63.11
CA GLN B 1905 7.11 51.25 -61.84
C GLN B 1905 5.86 50.42 -61.55
N PHE B 1906 5.04 50.19 -62.59
CA PHE B 1906 3.87 49.33 -62.41
C PHE B 1906 4.26 47.91 -62.02
N GLY B 1907 5.36 47.41 -62.61
CA GLY B 1907 5.81 46.06 -62.30
C GLY B 1907 6.24 45.91 -60.84
N SER B 1908 6.94 46.91 -60.31
CA SER B 1908 7.33 46.87 -58.89
C SER B 1908 6.11 46.88 -57.98
N THR B 1909 5.11 47.72 -58.30
CA THR B 1909 3.90 47.78 -57.50
C THR B 1909 3.15 46.45 -57.52
N LEU B 1910 3.11 45.80 -58.68
CA LEU B 1910 2.39 44.53 -58.79
C LEU B 1910 3.08 43.42 -58.01
N GLN B 1911 4.41 43.43 -58.02
CA GLN B 1911 5.16 42.44 -57.23
C GLN B 1911 4.87 42.57 -55.74
N ASN B 1912 4.87 43.82 -55.23
CA ASN B 1912 4.57 44.04 -53.82
C ASN B 1912 3.15 43.60 -53.45
N ILE B 1913 2.19 43.87 -54.34
CA ILE B 1913 0.80 43.51 -54.08
C ILE B 1913 0.62 41.99 -54.02
N ILE B 1914 1.28 41.26 -54.92
CA ILE B 1914 1.14 39.79 -54.94
C ILE B 1914 1.69 39.18 -53.66
N GLU B 1915 2.90 39.61 -53.26
CA GLU B 1915 3.48 39.05 -52.03
C GLU B 1915 2.66 39.40 -50.81
N ARG B 1916 2.04 40.58 -50.81
CA ARG B 1916 1.23 40.97 -49.67
C ARG B 1916 -0.05 40.14 -49.56
N GLN B 1917 -0.72 39.86 -50.69
CA GLN B 1917 -1.96 39.10 -50.58
C GLN B 1917 -1.68 37.65 -50.21
N ASP B 1918 -0.50 37.13 -50.60
CA ASP B 1918 -0.19 35.77 -50.20
C ASP B 1918 0.08 35.68 -48.70
N ALA B 1919 0.74 36.70 -48.15
CA ALA B 1919 0.92 36.74 -46.70
C ALA B 1919 -0.42 36.81 -45.96
N GLU B 1920 -1.37 37.57 -46.49
CA GLU B 1920 -2.66 37.71 -45.81
C GLU B 1920 -3.46 36.41 -45.83
N SER B 1921 -3.46 35.71 -46.97
CA SER B 1921 -4.18 34.45 -47.06
C SER B 1921 -3.58 33.39 -46.12
N LEU B 1922 -2.24 33.38 -46.01
CA LEU B 1922 -1.58 32.47 -45.09
C LEU B 1922 -1.98 32.75 -43.64
N ASN B 1923 -2.11 34.03 -43.30
CA ASN B 1923 -2.52 34.41 -41.95
C ASN B 1923 -3.93 33.91 -41.61
N ALA B 1924 -4.86 34.08 -42.54
CA ALA B 1924 -6.24 33.63 -42.29
C ALA B 1924 -6.32 32.11 -42.13
N LEU B 1925 -5.49 31.39 -42.90
CA LEU B 1925 -5.44 29.93 -42.77
C LEU B 1925 -4.96 29.49 -41.40
N LEU B 1926 -3.91 30.17 -40.88
CA LEU B 1926 -3.42 29.88 -39.54
C LEU B 1926 -4.48 30.10 -38.47
N GLN B 1927 -5.29 31.16 -38.65
CA GLN B 1927 -6.32 31.43 -37.65
C GLN B 1927 -7.39 30.33 -37.60
N ASN B 1928 -7.84 29.86 -38.77
CA ASN B 1928 -8.87 28.82 -38.76
C ASN B 1928 -8.36 27.51 -38.16
N GLN B 1929 -7.09 27.19 -38.41
CA GLN B 1929 -6.53 25.98 -37.83
C GLN B 1929 -6.40 26.08 -36.31
N ALA B 1930 -6.11 27.30 -35.81
CA ALA B 1930 -6.10 27.51 -34.36
C ALA B 1930 -7.48 27.30 -33.75
N LYS B 1931 -8.53 27.67 -34.49
CA LYS B 1931 -9.89 27.48 -33.98
C LYS B 1931 -10.23 26.00 -33.80
N GLU B 1932 -9.89 25.18 -34.79
CA GLU B 1932 -10.12 23.73 -34.66
C GLU B 1932 -9.36 23.12 -33.49
N LEU B 1933 -8.10 23.55 -33.31
CA LEU B 1933 -7.28 22.99 -32.25
C LEU B 1933 -7.83 23.34 -30.86
N ILE B 1934 -8.38 24.55 -30.70
CA ILE B 1934 -8.89 24.92 -29.39
C ILE B 1934 -10.19 24.16 -29.08
N LEU B 1935 -10.93 23.76 -30.12
CA LEU B 1935 -12.09 22.89 -29.89
C LEU B 1935 -11.68 21.54 -29.31
N THR B 1936 -10.64 20.93 -29.89
CA THR B 1936 -10.17 19.65 -29.40
C THR B 1936 -9.68 19.72 -27.95
N THR B 1937 -8.93 20.77 -27.62
CA THR B 1937 -8.43 20.88 -26.25
C THR B 1937 -9.56 21.12 -25.23
N LEU B 1938 -10.65 21.77 -25.65
CA LEU B 1938 -11.82 21.88 -24.77
C LEU B 1938 -12.43 20.53 -24.44
N SER B 1939 -12.59 19.67 -25.45
CA SER B 1939 -13.12 18.32 -25.19
C SER B 1939 -12.23 17.53 -24.25
N ILE B 1940 -10.91 17.67 -24.40
CA ILE B 1940 -9.99 16.95 -23.53
C ILE B 1940 -10.08 17.43 -22.08
N GLN B 1941 -10.30 18.73 -21.88
CA GLN B 1941 -10.47 19.24 -20.52
C GLN B 1941 -11.75 18.73 -19.87
N ASP B 1942 -12.81 18.56 -20.68
CA ASP B 1942 -14.05 17.97 -20.16
C ASP B 1942 -13.84 16.55 -19.67
N LYS B 1943 -13.09 15.74 -20.44
CA LYS B 1943 -12.81 14.38 -19.99
C LYS B 1943 -11.93 14.34 -18.75
N THR B 1944 -11.08 15.36 -18.57
CA THR B 1944 -10.28 15.46 -17.34
C THR B 1944 -11.17 15.66 -16.11
N ILE B 1945 -12.15 16.54 -16.21
CA ILE B 1945 -13.05 16.77 -15.08
C ILE B 1945 -13.89 15.52 -14.78
N GLU B 1946 -14.29 14.80 -15.82
CA GLU B 1946 -15.02 13.54 -15.62
C GLU B 1946 -14.18 12.50 -14.87
N GLU B 1947 -12.88 12.42 -15.21
CA GLU B 1947 -11.94 11.58 -14.47
C GLU B 1947 -11.90 11.94 -13.00
N ILE B 1948 -11.88 13.24 -12.69
CA ILE B 1948 -11.71 13.64 -11.29
C ILE B 1948 -12.99 13.33 -10.49
N ASP B 1949 -14.14 13.29 -11.19
CA ASP B 1949 -15.35 12.83 -10.51
C ASP B 1949 -15.30 11.33 -10.22
N ALA B 1950 -14.74 10.55 -11.16
CA ALA B 1950 -14.59 9.11 -10.90
C ALA B 1950 -13.65 8.84 -9.73
N GLU B 1951 -12.67 9.72 -9.53
CA GLU B 1951 -11.78 9.57 -8.38
C GLU B 1951 -12.51 9.88 -7.07
N LYS B 1952 -13.44 10.84 -7.12
CA LYS B 1952 -14.27 11.07 -5.94
C LYS B 1952 -15.13 9.86 -5.61
N THR B 1953 -15.56 9.13 -6.65
CA THR B 1953 -16.29 7.89 -6.42
C THR B 1953 -15.43 6.80 -5.76
N VAL B 1954 -14.17 6.67 -6.19
CA VAL B 1954 -13.34 5.60 -5.58
C VAL B 1954 -13.02 5.93 -4.14
N LEU B 1955 -12.92 7.22 -3.80
CA LEU B 1955 -12.70 7.54 -2.40
C LEU B 1955 -13.97 7.35 -1.58
N GLU B 1956 -15.14 7.52 -2.20
CA GLU B 1956 -16.39 7.15 -1.53
C GLU B 1956 -16.41 5.66 -1.17
N LYS B 1957 -15.93 4.82 -2.08
CA LYS B 1957 -15.93 3.37 -1.81
C LYS B 1957 -15.00 3.01 -0.67
N SER B 1958 -13.78 3.58 -0.67
CA SER B 1958 -12.84 3.27 0.41
C SER B 1958 -13.31 3.81 1.75
N LYS B 1959 -13.95 4.98 1.72
CA LYS B 1959 -14.54 5.56 2.93
C LYS B 1959 -15.62 4.68 3.51
N ALA B 1960 -16.47 4.11 2.65
CA ALA B 1960 -17.53 3.23 3.14
C ALA B 1960 -16.96 1.95 3.75
N GLY B 1961 -15.90 1.39 3.14
CA GLY B 1961 -15.28 0.19 3.70
C GLY B 1961 -14.66 0.43 5.07
N ALA B 1962 -13.92 1.53 5.21
CA ALA B 1962 -13.33 1.86 6.51
C ALA B 1962 -14.40 2.16 7.55
N LYS B 1963 -15.51 2.77 7.12
CA LYS B 1963 -16.60 3.04 8.06
C LYS B 1963 -17.23 1.76 8.57
N SER B 1964 -17.37 0.76 7.70
CA SER B 1964 -17.91 -0.52 8.13
C SER B 1964 -17.00 -1.21 9.13
N ARG B 1965 -15.68 -1.20 8.85
CA ARG B 1965 -14.73 -1.75 9.82
C ARG B 1965 -14.80 -1.04 11.16
N PHE B 1966 -14.92 0.30 11.14
CA PHE B 1966 -14.92 1.05 12.38
C PHE B 1966 -16.14 0.73 13.22
N ASP B 1967 -17.31 0.70 12.59
CA ASP B 1967 -18.53 0.41 13.34
C ASP B 1967 -18.54 -1.02 13.85
N ASN B 1968 -17.99 -1.95 13.08
CA ASN B 1968 -18.06 -3.35 13.50
C ASN B 1968 -17.10 -3.62 14.66
N TYR B 1969 -15.88 -3.06 14.60
CA TYR B 1969 -14.97 -3.22 15.72
C TYR B 1969 -15.44 -2.47 16.95
N SER B 1970 -16.09 -1.32 16.76
CA SER B 1970 -16.63 -0.61 17.91
C SER B 1970 -17.74 -1.38 18.58
N LYS B 1971 -18.56 -2.08 17.78
CA LYS B 1971 -19.59 -2.94 18.34
C LYS B 1971 -19.00 -4.10 19.11
N LEU B 1972 -17.99 -4.77 18.54
CA LEU B 1972 -17.43 -5.93 19.25
C LEU B 1972 -16.54 -5.51 20.41
N TYR B 1973 -16.17 -4.23 20.46
CA TYR B 1973 -15.42 -3.74 21.60
C TYR B 1973 -16.34 -3.38 22.75
N ASP B 1974 -17.45 -2.70 22.48
CA ASP B 1974 -18.28 -2.22 23.56
C ASP B 1974 -19.13 -3.34 24.14
N GLU B 1975 -19.52 -4.30 23.31
CA GLU B 1975 -20.10 -5.54 23.81
C GLU B 1975 -18.93 -6.46 24.16
N ASP B 1976 -18.41 -6.26 25.36
CA ASP B 1976 -17.07 -6.72 25.71
C ASP B 1976 -17.03 -8.22 25.94
N VAL B 1977 -18.01 -8.77 26.65
CA VAL B 1977 -18.11 -10.20 26.87
C VAL B 1977 -19.54 -10.63 26.61
N ASN B 1978 -19.72 -11.87 26.16
CA ASN B 1978 -21.05 -12.34 25.83
C ASN B 1978 -21.80 -12.76 27.08
N ALA B 1979 -22.98 -13.33 26.86
CA ALA B 1979 -23.68 -13.98 27.95
C ALA B 1979 -23.01 -15.28 28.33
N GLY B 1980 -22.68 -16.10 27.32
CA GLY B 1980 -22.14 -17.42 27.59
C GLY B 1980 -20.75 -17.40 28.18
N GLU B 1981 -19.98 -16.35 27.87
CA GLU B 1981 -18.68 -16.19 28.49
C GLU B 1981 -18.81 -15.91 29.97
N ARG B 1982 -19.78 -15.08 30.33
CA ARG B 1982 -20.06 -14.85 31.74
C ARG B 1982 -20.65 -16.11 32.38
N GLN B 1983 -21.34 -16.93 31.59
CA GLN B 1983 -21.79 -18.22 32.11
C GLN B 1983 -20.63 -19.15 32.38
N ALA B 1984 -19.59 -19.09 31.56
CA ALA B 1984 -18.39 -19.89 31.81
C ALA B 1984 -17.70 -19.46 33.09
N LEU B 1985 -17.60 -18.15 33.31
CA LEU B 1985 -17.08 -17.66 34.59
C LEU B 1985 -17.98 -18.03 35.75
N ASP B 1986 -19.28 -18.18 35.50
CA ASP B 1986 -20.18 -18.61 36.56
C ASP B 1986 -19.97 -20.08 36.90
N MET B 1987 -19.77 -20.91 35.88
CA MET B 1987 -19.60 -22.34 36.12
C MET B 1987 -18.29 -22.63 36.84
N ARG B 1988 -17.23 -21.90 36.50
CA ARG B 1988 -15.96 -22.07 37.20
C ARG B 1988 -16.07 -21.70 38.67
N ILE B 1989 -16.77 -20.60 38.97
CA ILE B 1989 -16.84 -20.16 40.35
C ILE B 1989 -17.84 -21.01 41.12
N ALA B 1990 -18.79 -21.63 40.41
CA ALA B 1990 -19.64 -22.61 41.07
C ALA B 1990 -18.85 -23.86 41.44
N SER B 1991 -17.93 -24.27 40.58
CA SER B 1991 -17.07 -25.41 40.89
C SER B 1991 -16.15 -25.09 42.07
N GLN B 1992 -15.64 -23.85 42.11
CA GLN B 1992 -14.83 -23.42 43.25
C GLN B 1992 -15.65 -23.40 44.54
N SER B 1993 -16.91 -22.99 44.45
CA SER B 1993 -17.75 -23.00 45.65
C SER B 1993 -18.12 -24.42 46.05
N ILE B 1994 -18.14 -25.35 45.09
CA ILE B 1994 -18.63 -26.68 45.41
C ILE B 1994 -17.47 -27.58 45.82
N THR B 1995 -16.23 -27.15 45.62
CA THR B 1995 -15.15 -27.89 46.24
C THR B 1995 -15.09 -27.59 47.73
N SER B 1996 -15.62 -26.43 48.13
CA SER B 1996 -16.40 -26.25 49.37
C SER B 1996 -15.62 -26.48 50.67
N GLY B 1997 -14.33 -26.75 50.55
CA GLY B 1997 -13.64 -27.42 51.63
C GLY B 1997 -14.28 -28.78 51.85
N LEU B 1998 -14.30 -29.60 50.79
CA LEU B 1998 -14.94 -30.91 50.86
C LEU B 1998 -14.14 -31.89 51.69
N LYS B 1999 -12.90 -31.52 52.04
CA LYS B 1999 -12.08 -32.32 52.93
C LYS B 1999 -12.71 -32.43 54.32
N GLY B 2000 -13.52 -31.44 54.71
CA GLY B 2000 -14.34 -31.60 55.89
C GLY B 2000 -15.35 -32.73 55.74
N LEU B 2001 -15.88 -32.92 54.54
CA LEU B 2001 -16.86 -33.97 54.33
C LEU B 2001 -16.18 -35.34 54.31
N HIS B 2002 -14.95 -35.41 53.78
CA HIS B 2002 -14.19 -36.64 53.96
C HIS B 2002 -13.83 -36.91 55.41
N MET B 2003 -13.45 -35.87 56.16
CA MET B 2003 -13.04 -36.10 57.55
C MET B 2003 -14.23 -36.48 58.41
N ALA B 2004 -15.45 -36.12 57.98
CA ALA B 2004 -16.64 -36.67 58.62
C ALA B 2004 -16.67 -38.19 58.57
N ALA B 2005 -16.41 -38.76 57.39
CA ALA B 2005 -16.39 -40.22 57.26
C ALA B 2005 -15.21 -40.83 58.00
N ALA B 2006 -14.06 -40.17 57.96
CA ALA B 2006 -12.87 -40.69 58.64
C ALA B 2006 -13.07 -40.71 60.14
N ALA B 2007 -13.67 -39.66 60.70
CA ALA B 2007 -13.98 -39.67 62.13
C ALA B 2007 -15.08 -40.66 62.44
N LEU B 2008 -15.98 -40.90 61.49
CA LEU B 2008 -17.11 -41.77 61.76
C LEU B 2008 -16.72 -43.23 61.68
N GLU B 2009 -15.56 -43.52 61.11
CA GLU B 2009 -15.14 -44.92 60.99
C GLU B 2009 -14.06 -45.33 61.99
N MET B 2010 -13.94 -44.68 63.15
CA MET B 2010 -12.89 -45.08 64.08
C MET B 2010 -13.30 -46.26 64.94
N VAL B 2011 -14.59 -46.42 65.18
CA VAL B 2011 -15.06 -47.33 66.23
C VAL B 2011 -14.93 -48.76 65.73
N PRO B 2012 -14.70 -49.73 66.62
CA PRO B 2012 -14.68 -51.13 66.19
C PRO B 2012 -16.08 -51.59 65.86
N ASN B 2013 -16.21 -52.34 64.77
CA ASN B 2013 -17.54 -52.74 64.33
C ASN B 2013 -17.79 -54.22 64.54
N ILE B 2014 -16.76 -55.05 64.53
CA ILE B 2014 -16.97 -56.46 64.82
C ILE B 2014 -17.14 -56.64 66.32
N TYR B 2015 -18.33 -57.09 66.72
CA TYR B 2015 -18.56 -57.31 68.15
C TYR B 2015 -18.73 -58.78 68.44
N GLY B 2016 -18.79 -59.12 69.72
CA GLY B 2016 -18.88 -60.51 70.14
C GLY B 2016 -17.54 -60.99 70.64
N PHE B 2017 -17.04 -62.07 70.05
CA PHE B 2017 -15.76 -62.61 70.48
C PHE B 2017 -14.61 -61.85 69.83
N ALA B 2018 -14.61 -61.79 68.51
CA ALA B 2018 -13.64 -60.96 67.82
C ALA B 2018 -13.92 -59.50 68.11
N VAL B 2019 -12.98 -58.83 68.75
CA VAL B 2019 -13.19 -57.44 69.13
C VAL B 2019 -12.16 -56.60 68.39
N GLY B 2020 -12.58 -55.46 67.85
CA GLY B 2020 -11.68 -54.64 67.09
C GLY B 2020 -12.12 -54.58 65.64
N GLY B 2021 -11.18 -54.76 64.74
CA GLY B 2021 -11.47 -54.72 63.33
C GLY B 2021 -11.57 -53.34 62.73
N THR B 2022 -11.39 -52.30 63.54
CA THR B 2022 -11.48 -50.95 63.02
C THR B 2022 -10.27 -50.60 62.17
N ARG B 2023 -10.50 -49.75 61.18
CA ARG B 2023 -9.38 -49.09 60.53
C ARG B 2023 -8.73 -48.14 61.51
N TYR B 2024 -7.43 -47.94 61.35
CA TYR B 2024 -6.76 -46.90 62.10
C TYR B 2024 -6.30 -45.75 61.22
N GLY B 2025 -6.00 -46.03 59.96
CA GLY B 2025 -5.53 -45.01 59.07
C GLY B 2025 -6.58 -44.32 58.24
N ALA B 2026 -7.80 -44.19 58.76
CA ALA B 2026 -8.81 -43.42 58.04
C ALA B 2026 -8.48 -41.93 58.07
N ILE B 2027 -7.84 -41.50 59.15
CA ILE B 2027 -7.55 -40.08 59.35
C ILE B 2027 -6.54 -39.59 58.33
N ALA B 2028 -5.38 -40.24 58.26
CA ALA B 2028 -4.32 -39.80 57.36
C ALA B 2028 -4.73 -39.98 55.91
N ASN B 2029 -5.56 -40.98 55.64
CA ASN B 2029 -6.08 -41.15 54.29
C ASN B 2029 -7.00 -39.99 53.91
N ALA B 2030 -7.79 -39.51 54.88
CA ALA B 2030 -8.66 -38.36 54.59
C ALA B 2030 -7.85 -37.09 54.43
N ILE B 2031 -6.80 -36.92 55.24
CA ILE B 2031 -5.91 -35.78 55.06
C ILE B 2031 -5.21 -35.85 53.71
N ALA B 2032 -4.91 -37.06 53.24
CA ALA B 2032 -4.30 -37.23 51.93
C ALA B 2032 -5.24 -36.82 50.81
N ILE B 2033 -6.49 -37.29 50.87
CA ILE B 2033 -7.41 -36.97 49.79
C ILE B 2033 -7.82 -35.49 49.85
N GLY B 2034 -7.74 -34.88 51.03
CA GLY B 2034 -7.94 -33.44 51.12
C GLY B 2034 -6.79 -32.66 50.52
N GLY B 2035 -5.57 -33.13 50.74
CA GLY B 2035 -4.41 -32.49 50.14
C GLY B 2035 -4.43 -32.59 48.63
N GLY B 2036 -4.97 -33.67 48.10
CA GLY B 2036 -5.17 -33.75 46.66
C GLY B 2036 -6.25 -32.81 46.16
N ILE B 2037 -7.36 -32.72 46.91
CA ILE B 2037 -8.50 -31.97 46.39
C ILE B 2037 -8.24 -30.46 46.46
N ALA B 2038 -7.36 -30.04 47.38
CA ALA B 2038 -6.99 -28.62 47.44
C ALA B 2038 -6.16 -28.22 46.23
N ALA B 2039 -5.26 -29.10 45.79
CA ALA B 2039 -4.45 -28.83 44.61
C ALA B 2039 -5.32 -28.79 43.36
N GLU B 2040 -6.31 -29.67 43.29
CA GLU B 2040 -7.21 -29.64 42.13
C GLU B 2040 -8.05 -28.36 42.11
N GLY B 2041 -8.49 -27.89 43.28
CA GLY B 2041 -9.19 -26.61 43.33
C GLY B 2041 -8.33 -25.44 42.92
N LEU B 2042 -7.05 -25.45 43.31
CA LEU B 2042 -6.14 -24.39 42.88
C LEU B 2042 -5.91 -24.41 41.38
N LEU B 2043 -5.87 -25.59 40.78
CA LEU B 2043 -5.73 -25.65 39.32
C LEU B 2043 -6.97 -25.12 38.62
N ILE B 2044 -8.15 -25.38 39.19
CA ILE B 2044 -9.39 -24.81 38.64
C ILE B 2044 -9.35 -23.29 38.67
N GLU B 2045 -8.91 -22.73 39.79
CA GLU B 2045 -8.86 -21.28 39.93
C GLU B 2045 -7.80 -20.68 39.00
N ALA B 2046 -6.71 -21.39 38.77
CA ALA B 2046 -5.70 -20.94 37.82
C ALA B 2046 -6.24 -20.89 36.40
N GLU B 2047 -7.02 -21.90 36.00
CA GLU B 2047 -7.60 -21.88 34.67
C GLU B 2047 -8.60 -20.74 34.51
N LYS B 2048 -9.36 -20.44 35.57
CA LYS B 2048 -10.32 -19.34 35.50
C LYS B 2048 -9.63 -18.00 35.30
N VAL B 2049 -8.58 -17.74 36.09
CA VAL B 2049 -7.94 -16.44 36.00
C VAL B 2049 -7.17 -16.30 34.68
N SER B 2050 -6.66 -17.42 34.15
CA SER B 2050 -5.97 -17.35 32.85
C SER B 2050 -6.95 -17.06 31.73
N GLN B 2051 -8.16 -17.62 31.80
CA GLN B 2051 -9.15 -17.33 30.77
C GLN B 2051 -9.59 -15.87 30.82
N SER B 2052 -9.72 -15.31 32.03
CA SER B 2052 -10.06 -13.89 32.12
C SER B 2052 -8.96 -13.01 31.56
N GLU B 2053 -7.70 -13.41 31.75
CA GLU B 2053 -6.61 -12.58 31.25
C GLU B 2053 -6.52 -12.63 29.73
N ILE B 2054 -6.79 -13.79 29.11
CA ILE B 2054 -6.73 -13.81 27.65
C ILE B 2054 -7.93 -13.07 27.07
N TRP B 2055 -9.04 -12.99 27.82
CA TRP B 2055 -10.13 -12.12 27.39
C TRP B 2055 -9.73 -10.65 27.40
N ARG B 2056 -8.99 -10.23 28.43
CA ARG B 2056 -8.55 -8.84 28.47
C ARG B 2056 -7.59 -8.52 27.33
N ARG B 2057 -6.66 -9.43 27.03
CA ARG B 2057 -5.73 -9.17 25.93
C ARG B 2057 -6.45 -9.14 24.58
N ARG B 2058 -7.46 -9.99 24.42
CA ARG B 2058 -8.29 -9.97 23.22
C ARG B 2058 -8.97 -8.61 23.06
N ARG B 2059 -9.53 -8.09 24.16
CA ARG B 2059 -10.22 -6.80 24.10
C ARG B 2059 -9.27 -5.67 23.74
N GLN B 2060 -8.03 -5.74 24.23
CA GLN B 2060 -7.06 -4.71 23.87
C GLN B 2060 -6.72 -4.76 22.38
N GLU B 2061 -6.63 -5.96 21.80
CA GLU B 2061 -6.41 -6.03 20.36
C GLU B 2061 -7.59 -5.49 19.56
N TRP B 2062 -8.82 -5.73 20.07
CA TRP B 2062 -10.01 -5.14 19.46
C TRP B 2062 -9.91 -3.62 19.43
N GLU B 2063 -9.42 -3.04 20.52
CA GLU B 2063 -9.38 -1.59 20.61
C GLU B 2063 -8.33 -1.01 19.66
N ILE B 2064 -7.20 -1.71 19.50
CA ILE B 2064 -6.19 -1.23 18.55
C ILE B 2064 -6.72 -1.27 17.12
N GLN B 2065 -7.49 -2.32 16.79
CA GLN B 2065 -8.11 -2.37 15.45
C GLN B 2065 -9.12 -1.26 15.24
N ARG B 2066 -9.89 -0.92 16.28
CA ARG B 2066 -10.86 0.16 16.16
C ARG B 2066 -10.17 1.50 15.91
N ASN B 2067 -9.07 1.74 16.61
CA ASN B 2067 -8.36 3.01 16.42
C ASN B 2067 -7.71 3.11 15.04
N ASN B 2068 -7.23 1.99 14.50
CA ASN B 2068 -6.71 2.04 13.13
C ASN B 2068 -7.80 2.34 12.12
N ALA B 2069 -8.99 1.76 12.32
CA ALA B 2069 -10.09 2.03 11.40
C ALA B 2069 -10.51 3.50 11.43
N GLU B 2070 -10.59 4.08 12.63
CA GLU B 2070 -10.99 5.49 12.73
C GLU B 2070 -9.93 6.41 12.13
N ALA B 2071 -8.65 6.07 12.30
CA ALA B 2071 -7.59 6.88 11.71
C ALA B 2071 -7.64 6.86 10.19
N GLU B 2072 -7.89 5.67 9.60
CA GLU B 2072 -8.01 5.59 8.15
C GLU B 2072 -9.21 6.36 7.64
N MET B 2073 -10.28 6.39 8.43
CA MET B 2073 -11.47 7.15 8.04
C MET B 2073 -11.19 8.65 7.99
N LYS B 2074 -10.51 9.18 9.00
CA LYS B 2074 -10.15 10.60 8.96
C LYS B 2074 -9.19 10.91 7.82
N GLN B 2075 -8.27 9.98 7.53
CA GLN B 2075 -7.37 10.13 6.40
C GLN B 2075 -8.12 10.27 5.08
N ILE B 2076 -9.14 9.44 4.88
CA ILE B 2076 -9.85 9.46 3.60
C ILE B 2076 -10.72 10.72 3.48
N ASP B 2077 -11.22 11.24 4.60
CA ASP B 2077 -11.95 12.51 4.54
C ASP B 2077 -11.04 13.68 4.16
N ALA B 2078 -9.83 13.72 4.73
CA ALA B 2078 -8.91 14.79 4.34
C ALA B 2078 -8.46 14.64 2.89
N GLN B 2079 -8.36 13.41 2.40
CA GLN B 2079 -8.02 13.22 0.99
C GLN B 2079 -9.15 13.65 0.07
N LEU B 2080 -10.41 13.53 0.53
CA LEU B 2080 -11.54 14.10 -0.21
C LEU B 2080 -11.43 15.60 -0.34
N LYS B 2081 -11.01 16.28 0.75
CA LYS B 2081 -10.80 17.72 0.66
C LYS B 2081 -9.74 18.08 -0.37
N SER B 2082 -8.65 17.31 -0.41
CA SER B 2082 -7.62 17.52 -1.43
C SER B 2082 -8.18 17.34 -2.84
N LEU B 2083 -9.03 16.33 -3.01
CA LEU B 2083 -9.54 16.05 -4.36
C LEU B 2083 -10.51 17.12 -4.83
N THR B 2084 -11.31 17.68 -3.93
CA THR B 2084 -12.23 18.72 -4.39
C THR B 2084 -11.49 20.03 -4.67
N VAL B 2085 -10.33 20.24 -4.02
CA VAL B 2085 -9.47 21.36 -4.41
C VAL B 2085 -8.94 21.17 -5.83
N ARG B 2086 -8.50 19.94 -6.15
CA ARG B 2086 -8.07 19.65 -7.53
C ARG B 2086 -9.20 19.82 -8.54
N ARG B 2087 -10.42 19.52 -8.13
CA ARG B 2087 -11.55 19.73 -9.02
C ARG B 2087 -11.77 21.21 -9.32
N GLU B 2088 -11.66 22.06 -8.30
CA GLU B 2088 -11.78 23.51 -8.51
C GLU B 2088 -10.70 24.02 -9.45
N ALA B 2089 -9.48 23.48 -9.32
CA ALA B 2089 -8.40 23.88 -10.22
C ALA B 2089 -8.71 23.48 -11.66
N ALA B 2090 -9.30 22.30 -11.87
CA ALA B 2090 -9.65 21.88 -13.22
C ALA B 2090 -10.77 22.75 -13.80
N VAL B 2091 -11.68 23.21 -12.95
CA VAL B 2091 -12.74 24.10 -13.43
C VAL B 2091 -12.18 25.43 -13.89
N LEU B 2092 -11.20 25.96 -13.14
CA LEU B 2092 -10.54 27.20 -13.58
C LEU B 2092 -9.77 27.00 -14.87
N GLN B 2093 -9.20 25.81 -15.06
CA GLN B 2093 -8.55 25.50 -16.34
C GLN B 2093 -9.55 25.52 -17.49
N LYS B 2094 -10.75 24.98 -17.26
CA LYS B 2094 -11.76 24.96 -18.31
C LYS B 2094 -12.21 26.36 -18.70
N THR B 2095 -12.46 27.22 -17.71
CA THR B 2095 -12.91 28.57 -18.06
C THR B 2095 -11.77 29.38 -18.67
N GLY B 2096 -10.51 29.03 -18.34
CA GLY B 2096 -9.40 29.64 -19.04
C GLY B 2096 -9.35 29.26 -20.51
N LEU B 2097 -9.66 28.00 -20.81
CA LEU B 2097 -9.67 27.59 -22.21
C LEU B 2097 -10.82 28.24 -22.98
N LYS B 2098 -11.97 28.45 -22.33
CA LYS B 2098 -13.05 29.13 -23.02
C LYS B 2098 -12.73 30.60 -23.26
N THR B 2099 -11.98 31.22 -22.35
CA THR B 2099 -11.50 32.57 -22.58
C THR B 2099 -10.53 32.61 -23.76
N GLN B 2100 -9.67 31.60 -23.89
CA GLN B 2100 -8.78 31.52 -25.05
C GLN B 2100 -9.54 31.37 -26.35
N GLN B 2101 -10.63 30.59 -26.33
CA GLN B 2101 -11.43 30.40 -27.53
C GLN B 2101 -12.10 31.70 -27.96
N GLU B 2102 -12.64 32.44 -26.98
CA GLU B 2102 -13.27 33.72 -27.30
C GLU B 2102 -12.25 34.73 -27.81
N GLN B 2103 -11.01 34.67 -27.28
CA GLN B 2103 -9.96 35.54 -27.80
C GLN B 2103 -9.59 35.20 -29.23
N THR B 2104 -9.57 33.91 -29.57
CA THR B 2104 -9.30 33.51 -30.94
C THR B 2104 -10.40 33.99 -31.87
N GLN B 2105 -11.65 33.93 -31.41
CA GLN B 2105 -12.77 34.45 -32.18
C GLN B 2105 -12.63 35.95 -32.40
N ALA B 2106 -12.14 36.67 -31.39
CA ALA B 2106 -11.93 38.10 -31.53
C ALA B 2106 -10.84 38.43 -32.54
N GLN B 2107 -9.74 37.67 -32.55
CA GLN B 2107 -8.69 37.91 -33.53
C GLN B 2107 -9.19 37.63 -34.95
N LEU B 2108 -10.00 36.58 -35.10
CA LEU B 2108 -10.50 36.26 -36.42
C LEU B 2108 -11.47 37.31 -36.93
N ALA B 2109 -12.33 37.82 -36.05
CA ALA B 2109 -13.22 38.91 -36.45
C ALA B 2109 -12.45 40.18 -36.73
N PHE B 2110 -11.31 40.38 -36.07
CA PHE B 2110 -10.47 41.51 -36.41
C PHE B 2110 -9.84 41.37 -37.78
N LEU B 2111 -9.34 40.18 -38.11
CA LEU B 2111 -8.71 40.01 -39.41
C LEU B 2111 -9.74 39.98 -40.54
N GLN B 2112 -11.01 39.77 -40.22
CA GLN B 2112 -12.01 39.96 -41.26
C GLN B 2112 -12.47 41.40 -41.36
N ARG B 2113 -12.68 42.08 -40.24
CA ARG B 2113 -13.30 43.39 -40.30
C ARG B 2113 -12.33 44.55 -40.37
N LYS B 2114 -11.02 44.30 -40.43
CA LYS B 2114 -10.11 45.42 -40.58
C LYS B 2114 -10.15 45.90 -42.03
N PHE B 2115 -9.53 47.06 -42.27
CA PHE B 2115 -9.66 47.71 -43.56
C PHE B 2115 -8.92 46.93 -44.65
N SER B 2116 -7.61 46.83 -44.52
CA SER B 2116 -6.82 46.12 -45.51
C SER B 2116 -6.96 44.63 -45.30
N ASN B 2117 -8.02 44.05 -45.83
CA ASN B 2117 -8.22 42.61 -45.74
C ASN B 2117 -7.95 42.01 -47.10
N GLN B 2118 -8.24 40.73 -47.23
CA GLN B 2118 -7.85 39.99 -48.43
C GLN B 2118 -8.62 40.45 -49.65
N ALA B 2119 -9.87 40.86 -49.46
CA ALA B 2119 -10.69 41.31 -50.58
C ALA B 2119 -10.15 42.58 -51.20
N LEU B 2120 -9.53 43.45 -50.38
CA LEU B 2120 -8.87 44.64 -50.87
C LEU B 2120 -7.76 44.28 -51.84
N TYR B 2121 -6.90 43.35 -51.46
CA TYR B 2121 -5.82 42.96 -52.34
C TYR B 2121 -6.27 42.19 -53.55
N ASN B 2122 -7.36 41.43 -53.45
CA ASN B 2122 -7.92 40.82 -54.65
C ASN B 2122 -8.39 41.88 -55.65
N TRP B 2123 -9.12 42.87 -55.15
CA TRP B 2123 -9.56 43.97 -56.00
C TRP B 2123 -8.40 44.73 -56.63
N LEU B 2124 -7.37 44.99 -55.84
CA LEU B 2124 -6.21 45.71 -56.36
C LEU B 2124 -5.48 44.90 -57.41
N ARG B 2125 -5.32 43.58 -57.19
CA ARG B 2125 -4.57 42.78 -58.15
C ARG B 2125 -5.32 42.67 -59.46
N GLY B 2126 -6.65 42.57 -59.41
CA GLY B 2126 -7.42 42.54 -60.64
C GLY B 2126 -7.35 43.83 -61.42
N ARG B 2127 -7.60 44.96 -60.75
CA ARG B 2127 -7.60 46.25 -61.42
C ARG B 2127 -6.23 46.61 -61.96
N LEU B 2128 -5.19 46.36 -61.16
CA LEU B 2128 -3.83 46.64 -61.58
C LEU B 2128 -3.41 45.75 -62.73
N ALA B 2129 -3.85 44.49 -62.74
CA ALA B 2129 -3.49 43.59 -63.83
C ALA B 2129 -4.11 44.04 -65.15
N ALA B 2130 -5.36 44.49 -65.12
CA ALA B 2130 -5.99 44.96 -66.36
C ALA B 2130 -5.32 46.23 -66.89
N ILE B 2131 -5.07 47.20 -66.00
CA ILE B 2131 -4.42 48.44 -66.41
C ILE B 2131 -3.00 48.16 -66.92
N TYR B 2132 -2.30 47.23 -66.27
CA TYR B 2132 -0.95 46.88 -66.64
C TYR B 2132 -0.89 46.23 -68.02
N PHE B 2133 -1.85 45.37 -68.33
CA PHE B 2133 -1.85 44.74 -69.65
C PHE B 2133 -2.11 45.75 -70.77
N GLN B 2134 -3.09 46.64 -70.55
CA GLN B 2134 -3.40 47.62 -71.59
C GLN B 2134 -2.24 48.59 -71.80
N PHE B 2135 -1.57 48.97 -70.70
CA PHE B 2135 -0.43 49.85 -70.81
C PHE B 2135 0.74 49.17 -71.49
N TYR B 2136 0.91 47.87 -71.26
CA TYR B 2136 1.91 47.08 -71.98
C TYR B 2136 1.68 47.13 -73.48
N ASP B 2137 0.43 46.99 -73.90
CA ASP B 2137 0.14 47.02 -75.33
C ASP B 2137 0.49 48.38 -75.93
N LEU B 2138 0.19 49.47 -75.22
CA LEU B 2138 0.52 50.79 -75.76
C LEU B 2138 2.02 51.02 -75.84
N VAL B 2139 2.77 50.51 -74.87
CA VAL B 2139 4.21 50.69 -74.88
C VAL B 2139 4.83 49.90 -76.02
N VAL B 2140 4.30 48.71 -76.32
CA VAL B 2140 4.81 47.93 -77.44
C VAL B 2140 4.53 48.63 -78.75
N ALA B 2141 3.37 49.29 -78.86
CA ALA B 2141 3.05 50.05 -80.06
C ALA B 2141 4.02 51.20 -80.27
N ARG B 2142 4.36 51.93 -79.21
CA ARG B 2142 5.32 53.03 -79.39
C ARG B 2142 6.73 52.55 -79.67
N CYS B 2143 7.14 51.44 -79.10
CA CYS B 2143 8.44 50.89 -79.44
C CYS B 2143 8.51 50.44 -80.88
N LEU B 2144 7.40 49.93 -81.43
CA LEU B 2144 7.40 49.61 -82.85
C LEU B 2144 7.46 50.87 -83.71
N MET B 2145 6.84 51.96 -83.25
CA MET B 2145 6.99 53.25 -83.93
C MET B 2145 8.45 53.67 -83.99
N ALA B 2146 9.16 53.53 -82.86
CA ALA B 2146 10.57 53.89 -82.84
C ALA B 2146 11.40 52.97 -83.70
N GLU B 2147 11.01 51.71 -83.80
CA GLU B 2147 11.74 50.78 -84.66
C GLU B 2147 11.56 51.14 -86.13
N GLN B 2148 10.36 51.60 -86.51
CA GLN B 2148 10.16 52.07 -87.87
C GLN B 2148 10.96 53.33 -88.15
N ALA B 2149 11.07 54.21 -87.15
CA ALA B 2149 11.91 55.40 -87.31
C ALA B 2149 13.37 55.04 -87.50
N TYR B 2150 13.84 54.02 -86.78
CA TYR B 2150 15.22 53.56 -86.99
C TYR B 2150 15.38 52.92 -88.36
N ARG B 2151 14.39 52.16 -88.81
CA ARG B 2151 14.47 51.54 -90.13
C ARG B 2151 14.36 52.55 -91.25
N TRP B 2152 13.87 53.75 -90.96
CA TRP B 2152 13.81 54.72 -92.03
C TRP B 2152 15.00 55.68 -92.00
N GLU B 2153 15.58 55.92 -90.82
CA GLU B 2153 16.76 56.75 -90.74
C GLU B 2153 17.93 56.09 -91.46
N THR B 2154 18.42 54.98 -90.92
CA THR B 2154 19.35 54.14 -91.66
C THR B 2154 18.54 53.16 -92.48
N ASN B 2155 19.13 52.70 -93.57
CA ASN B 2155 18.39 51.95 -94.58
C ASN B 2155 18.63 50.46 -94.38
N ASP B 2156 17.75 49.82 -93.64
CA ASP B 2156 17.72 48.37 -93.48
C ASP B 2156 16.33 47.92 -93.05
N SER B 2157 15.60 47.32 -93.99
CA SER B 2157 14.24 46.92 -93.64
C SER B 2157 14.21 45.58 -92.93
N SER B 2158 15.18 44.71 -93.22
CA SER B 2158 15.17 43.37 -92.64
C SER B 2158 15.60 43.39 -91.18
N ALA B 2159 16.34 44.42 -90.77
CA ALA B 2159 16.85 44.50 -89.42
C ALA B 2159 15.72 44.76 -88.42
N ARG B 2160 15.50 43.80 -87.54
CA ARG B 2160 14.46 43.92 -86.52
C ARG B 2160 15.08 43.76 -85.15
N PHE B 2161 14.49 44.42 -84.15
CA PHE B 2161 15.02 44.33 -82.79
C PHE B 2161 13.95 43.89 -81.80
N ILE B 2162 12.73 44.40 -81.96
CA ILE B 2162 11.67 44.04 -81.03
C ILE B 2162 11.22 42.61 -81.30
N LYS B 2163 11.49 41.72 -80.35
CA LYS B 2163 11.15 40.32 -80.52
C LYS B 2163 10.00 40.00 -79.60
N PRO B 2164 9.14 39.06 -80.00
CA PRO B 2164 8.06 38.63 -79.11
C PRO B 2164 8.59 37.80 -77.96
N GLY B 2165 7.69 37.52 -77.02
CA GLY B 2165 8.04 36.78 -75.84
C GLY B 2165 8.38 37.65 -74.65
N ALA B 2166 8.27 38.98 -74.79
CA ALA B 2166 8.45 39.85 -73.65
C ALA B 2166 7.32 39.73 -72.66
N TRP B 2167 6.12 39.42 -73.12
CA TRP B 2167 4.99 39.18 -72.24
C TRP B 2167 4.90 37.68 -71.96
N GLN B 2168 4.82 37.34 -70.68
CA GLN B 2168 4.69 35.94 -70.27
C GLN B 2168 3.40 35.80 -69.48
N GLY B 2169 2.34 35.33 -70.15
CA GLY B 2169 1.04 35.29 -69.53
C GLY B 2169 0.93 34.23 -68.45
N THR B 2170 1.79 33.21 -68.52
CA THR B 2170 1.75 32.15 -67.51
C THR B 2170 2.38 32.58 -66.21
N TYR B 2171 3.04 33.74 -66.17
CA TYR B 2171 3.51 34.32 -64.92
C TYR B 2171 2.92 35.69 -64.67
N ALA B 2172 1.72 35.95 -65.20
CA ALA B 2172 0.99 37.21 -65.05
C ALA B 2172 1.75 38.41 -65.60
N GLY B 2173 2.65 38.17 -66.54
CA GLY B 2173 3.29 39.26 -67.25
C GLY B 2173 4.26 40.09 -66.44
N LEU B 2174 4.87 39.51 -65.42
CA LEU B 2174 5.92 40.22 -64.71
C LEU B 2174 7.15 40.38 -65.59
N LEU B 2175 7.91 41.44 -65.32
CA LEU B 2175 9.20 41.72 -65.95
C LEU B 2175 9.09 41.88 -67.47
N ALA B 2176 8.33 42.88 -67.89
CA ALA B 2176 8.38 43.27 -69.30
C ALA B 2176 9.28 44.47 -69.49
N GLY B 2177 9.37 45.33 -68.48
CA GLY B 2177 10.14 46.55 -68.53
C GLY B 2177 11.61 46.30 -68.74
N GLU B 2178 12.10 45.22 -68.14
CA GLU B 2178 13.49 44.81 -68.31
C GLU B 2178 13.78 44.45 -69.75
N THR B 2179 12.92 43.65 -70.37
CA THR B 2179 13.12 43.21 -71.74
C THR B 2179 13.03 44.39 -72.71
N LEU B 2180 12.07 45.28 -72.47
CA LEU B 2180 11.91 46.39 -73.39
C LEU B 2180 13.01 47.42 -73.21
N MET B 2181 13.50 47.60 -71.98
CA MET B 2181 14.61 48.51 -71.76
C MET B 2181 15.89 47.99 -72.38
N LEU B 2182 16.13 46.68 -72.24
CA LEU B 2182 17.28 46.05 -72.89
C LEU B 2182 17.20 46.18 -74.41
N ASN B 2183 16.00 46.03 -74.96
CA ASN B 2183 15.90 46.03 -76.40
C ASN B 2183 16.00 47.44 -76.97
N LEU B 2184 15.49 48.44 -76.24
CA LEU B 2184 15.74 49.83 -76.60
C LEU B 2184 17.22 50.18 -76.51
N ALA B 2185 17.91 49.63 -75.52
CA ALA B 2185 19.35 49.83 -75.43
C ALA B 2185 20.07 49.23 -76.62
N GLN B 2186 19.63 48.06 -77.08
CA GLN B 2186 20.24 47.46 -78.27
C GLN B 2186 20.00 48.30 -79.51
N MET B 2187 18.80 48.87 -79.66
CA MET B 2187 18.55 49.76 -80.80
C MET B 2187 19.41 51.01 -80.75
N GLU B 2188 19.49 51.66 -79.60
CA GLU B 2188 20.25 52.89 -79.53
C GLU B 2188 21.74 52.63 -79.70
N ASP B 2189 22.23 51.49 -79.23
CA ASP B 2189 23.64 51.19 -79.39
C ASP B 2189 23.95 50.84 -80.84
N ALA B 2190 23.02 50.15 -81.52
CA ALA B 2190 23.21 49.89 -82.93
C ALA B 2190 23.18 51.18 -83.74
N HIS B 2191 22.36 52.15 -83.34
CA HIS B 2191 22.38 53.47 -83.96
C HIS B 2191 23.71 54.16 -83.77
N LEU B 2192 24.23 54.15 -82.53
CA LEU B 2192 25.50 54.81 -82.25
C LEU B 2192 26.65 54.15 -82.97
N LYS B 2193 26.55 52.85 -83.23
CA LYS B 2193 27.55 52.22 -84.08
C LYS B 2193 27.40 52.65 -85.54
N GLN B 2194 26.15 52.70 -86.03
CA GLN B 2194 25.96 53.02 -87.44
C GLN B 2194 25.86 54.51 -87.71
N GLU B 2195 26.17 55.34 -86.73
CA GLU B 2195 26.15 56.78 -86.94
C GLU B 2195 27.42 57.21 -87.65
N GLN B 2196 27.29 58.17 -88.57
CA GLN B 2196 28.42 58.65 -89.35
C GLN B 2196 28.35 60.16 -89.52
N ARG B 2197 29.41 60.70 -90.12
CA ARG B 2197 29.43 62.09 -90.56
C ARG B 2197 28.89 62.16 -91.98
N ALA B 2198 27.88 62.99 -92.19
CA ALA B 2198 27.27 63.08 -93.50
C ALA B 2198 27.94 64.14 -94.35
N LEU B 2199 27.89 63.93 -95.67
CA LEU B 2199 28.31 64.96 -96.63
C LEU B 2199 27.04 65.59 -97.19
N GLU B 2200 26.90 66.90 -97.02
CA GLU B 2200 25.68 67.61 -97.34
C GLU B 2200 25.94 68.51 -98.53
N VAL B 2201 25.45 68.12 -99.69
CA VAL B 2201 25.69 68.86 -100.92
C VAL B 2201 24.38 69.46 -101.38
N GLU B 2202 24.39 70.75 -101.66
CA GLU B 2202 23.25 71.44 -102.26
C GLU B 2202 23.42 71.42 -103.77
N ARG B 2203 22.31 71.47 -104.49
CA ARG B 2203 22.34 71.59 -105.93
C ARG B 2203 21.10 72.30 -106.42
N THR B 2204 21.29 73.20 -107.38
CA THR B 2204 20.21 73.97 -107.97
C THR B 2204 19.81 73.33 -109.30
N VAL B 2205 18.51 73.11 -109.46
CA VAL B 2205 17.96 72.57 -110.70
C VAL B 2205 17.12 73.65 -111.36
N SER B 2206 17.54 74.09 -112.54
CA SER B 2206 16.78 75.05 -113.33
C SER B 2206 16.00 74.29 -114.38
N LEU B 2207 14.68 74.43 -114.36
CA LEU B 2207 13.82 73.59 -115.18
C LEU B 2207 13.89 73.97 -116.65
N ALA B 2208 14.29 75.21 -116.95
CA ALA B 2208 14.48 75.60 -118.34
C ALA B 2208 15.61 74.83 -118.98
N GLN B 2209 16.70 74.64 -118.26
CA GLN B 2209 17.79 73.79 -118.71
C GLN B 2209 17.37 72.34 -118.81
N VAL B 2210 16.53 71.87 -117.88
CA VAL B 2210 16.15 70.47 -117.86
C VAL B 2210 15.24 70.12 -119.01
N TYR B 2211 14.15 70.88 -119.20
CA TYR B 2211 13.29 70.65 -120.36
C TYR B 2211 13.95 71.07 -121.66
N GLN B 2212 14.97 71.92 -121.62
CA GLN B 2212 15.65 72.27 -122.85
C GLN B 2212 16.65 71.17 -123.25
N SER B 2213 17.48 70.74 -122.33
CA SER B 2213 18.43 69.67 -122.59
C SER B 2213 17.72 68.33 -122.37
N LEU B 2214 17.27 67.72 -123.45
CA LEU B 2214 16.57 66.44 -123.42
C LEU B 2214 16.95 65.69 -124.68
N GLY B 2215 16.12 64.71 -125.04
CA GLY B 2215 16.13 64.20 -126.40
C GLY B 2215 15.59 65.23 -127.35
N GLU B 2216 15.64 64.97 -128.66
CA GLU B 2216 15.35 65.99 -129.65
C GLU B 2216 13.89 66.41 -129.69
N LYS B 2217 13.01 65.69 -129.00
CA LYS B 2217 11.70 66.22 -128.65
C LYS B 2217 11.87 67.05 -127.38
N SER B 2218 12.42 68.24 -127.53
CA SER B 2218 12.63 69.15 -126.42
C SER B 2218 12.16 70.53 -126.85
N PHE B 2219 12.22 71.48 -125.93
CA PHE B 2219 11.52 72.74 -126.09
C PHE B 2219 12.07 73.73 -125.08
N ALA B 2220 11.85 75.01 -125.35
CA ALA B 2220 12.17 76.10 -124.44
C ALA B 2220 10.98 76.33 -123.54
N LEU B 2221 11.25 76.47 -122.23
CA LEU B 2221 10.19 76.40 -121.23
C LEU B 2221 9.26 77.60 -121.30
N LYS B 2222 9.81 78.80 -121.48
CA LYS B 2222 9.05 80.03 -121.39
C LYS B 2222 8.01 80.15 -122.49
N ASP B 2223 8.45 80.02 -123.74
CA ASP B 2223 7.57 80.18 -124.88
C ASP B 2223 6.52 79.07 -124.95
N LYS B 2224 6.91 77.84 -124.57
CA LYS B 2224 5.95 76.75 -124.63
C LYS B 2224 4.91 76.85 -123.53
N ILE B 2225 5.32 77.30 -122.33
CA ILE B 2225 4.32 77.51 -121.29
C ILE B 2225 3.40 78.67 -121.66
N GLU B 2226 3.96 79.71 -122.26
CA GLU B 2226 3.17 80.85 -122.70
C GLU B 2226 2.17 80.46 -123.79
N ALA B 2227 2.58 79.62 -124.72
CA ALA B 2227 1.69 79.19 -125.78
C ALA B 2227 0.65 78.19 -125.28
N LEU B 2228 1.06 77.27 -124.40
CA LEU B 2228 0.16 76.25 -123.89
C LEU B 2228 -0.87 76.83 -122.93
N LEU B 2229 -0.54 77.93 -122.25
CA LEU B 2229 -1.52 78.61 -121.42
C LEU B 2229 -2.32 79.62 -122.21
N GLN B 2230 -1.73 80.20 -123.25
CA GLN B 2230 -2.46 81.13 -124.11
C GLN B 2230 -3.50 80.39 -124.92
N GLY B 2231 -3.07 79.44 -125.74
CA GLY B 2231 -3.99 78.58 -126.45
C GLY B 2231 -4.71 77.65 -125.49
N ASP B 2232 -5.97 77.36 -125.82
CA ASP B 2232 -6.79 76.45 -125.03
C ASP B 2232 -6.81 75.06 -125.64
N LYS B 2233 -5.68 74.63 -126.21
CA LYS B 2233 -5.62 73.44 -127.03
C LYS B 2233 -5.17 72.26 -126.17
N GLU B 2234 -5.26 71.05 -126.74
CA GLU B 2234 -4.76 69.80 -126.17
C GLU B 2234 -3.26 69.81 -125.90
N THR B 2235 -2.51 70.68 -126.60
CA THR B 2235 -1.07 70.55 -126.78
C THR B 2235 -0.29 70.50 -125.46
N SER B 2236 0.70 69.62 -125.42
CA SER B 2236 1.57 69.46 -124.28
C SER B 2236 2.95 69.06 -124.80
N ALA B 2237 3.97 69.49 -124.08
CA ALA B 2237 5.34 69.36 -124.54
C ALA B 2237 6.09 68.47 -123.56
N GLY B 2238 6.90 67.57 -124.10
CA GLY B 2238 7.67 66.65 -123.29
C GLY B 2238 7.41 65.20 -123.64
N ASN B 2239 7.74 64.34 -122.68
CA ASN B 2239 7.89 62.92 -122.96
C ASN B 2239 7.44 62.16 -121.72
N ASP B 2240 7.95 60.93 -121.59
CA ASP B 2240 7.62 59.94 -120.55
C ASP B 2240 7.74 60.56 -119.16
N GLY B 2241 8.88 61.10 -118.78
CA GLY B 2241 9.00 61.68 -117.46
C GLY B 2241 8.85 63.17 -117.41
N ASN B 2242 8.96 63.85 -118.55
CA ASN B 2242 9.02 65.30 -118.57
C ASN B 2242 7.96 65.95 -119.43
N GLN B 2243 6.75 65.40 -119.47
CA GLN B 2243 5.69 66.09 -120.18
C GLN B 2243 5.17 67.25 -119.33
N LEU B 2244 4.73 68.29 -120.00
CA LEU B 2244 4.24 69.50 -119.36
C LEU B 2244 2.80 69.68 -119.81
N LYS B 2245 1.87 69.24 -118.98
CA LYS B 2245 0.55 68.86 -119.45
C LYS B 2245 -0.51 69.73 -118.78
N LEU B 2246 -1.53 70.09 -119.56
CA LEU B 2246 -2.69 70.81 -119.06
C LEU B 2246 -3.87 69.87 -118.92
N THR B 2247 -4.22 69.57 -117.69
CA THR B 2247 -5.51 68.94 -117.41
C THR B 2247 -6.52 70.05 -117.13
N ASN B 2248 -7.66 69.68 -116.51
CA ASN B 2248 -8.89 70.46 -116.43
C ASN B 2248 -8.71 71.92 -116.04
N ASN B 2249 -8.18 72.17 -114.86
CA ASN B 2249 -7.86 73.53 -114.49
C ASN B 2249 -6.34 73.72 -114.52
N THR B 2250 -5.63 72.87 -113.80
CA THR B 2250 -4.25 73.17 -113.46
C THR B 2250 -3.29 72.84 -114.58
N LEU B 2251 -2.08 73.36 -114.43
CA LEU B 2251 -0.94 73.07 -115.29
C LEU B 2251 0.09 72.31 -114.46
N SER B 2252 0.60 71.21 -115.00
CA SER B 2252 1.58 70.39 -114.30
C SER B 2252 2.82 70.26 -115.16
N ALA B 2253 3.96 70.60 -114.57
CA ALA B 2253 5.26 70.32 -115.15
C ALA B 2253 5.93 69.27 -114.27
N THR B 2254 6.01 68.05 -114.78
CA THR B 2254 6.51 66.93 -114.00
C THR B 2254 7.93 66.59 -114.44
N LEU B 2255 8.56 65.71 -113.67
CA LEU B 2255 9.98 65.46 -113.87
C LEU B 2255 10.33 64.10 -113.26
N THR B 2256 11.25 63.40 -113.90
CA THR B 2256 11.71 62.12 -113.38
C THR B 2256 13.16 62.24 -112.93
N LEU B 2257 13.51 61.45 -111.93
CA LEU B 2257 14.76 61.61 -111.22
C LEU B 2257 15.97 61.13 -111.99
N GLN B 2258 15.76 60.33 -113.05
CA GLN B 2258 16.89 59.88 -113.85
C GLN B 2258 17.50 61.04 -114.63
N ASP B 2259 16.65 61.95 -115.11
CA ASP B 2259 17.11 63.04 -115.96
C ASP B 2259 17.98 64.05 -115.24
N LEU B 2260 17.96 64.06 -113.90
CA LEU B 2260 18.88 64.92 -113.17
C LEU B 2260 20.30 64.40 -113.27
N LYS B 2261 20.46 63.07 -113.35
CA LYS B 2261 21.76 62.39 -113.38
C LYS B 2261 22.60 62.76 -112.16
N LEU B 2262 21.92 62.97 -111.03
CA LEU B 2262 22.49 63.75 -109.95
C LEU B 2262 23.47 62.93 -109.12
N LYS B 2263 23.35 61.60 -109.17
CA LYS B 2263 24.41 60.74 -108.65
C LYS B 2263 25.71 60.93 -109.43
N ASP B 2264 25.62 61.23 -110.72
CA ASP B 2264 26.79 61.32 -111.58
C ASP B 2264 27.41 62.71 -111.61
N ASP B 2265 27.02 63.59 -110.68
CA ASP B 2265 27.76 64.83 -110.50
C ASP B 2265 29.12 64.55 -109.87
N TYR B 2266 29.23 63.45 -109.16
CA TYR B 2266 30.46 62.97 -108.57
C TYR B 2266 30.79 61.61 -109.15
N PRO B 2267 32.06 61.19 -109.11
CA PRO B 2267 32.35 59.78 -109.35
C PRO B 2267 31.75 58.92 -108.25
N GLU B 2268 31.51 57.66 -108.58
CA GLU B 2268 30.73 56.78 -107.72
C GLU B 2268 31.45 56.52 -106.40
N GLU B 2269 32.69 56.00 -106.49
CA GLU B 2269 33.79 56.20 -105.55
C GLU B 2269 33.41 55.88 -104.10
N MET B 2270 33.19 54.59 -103.81
CA MET B 2270 32.45 54.15 -102.62
C MET B 2270 33.10 54.53 -101.30
N GLN B 2271 34.36 54.97 -101.33
CA GLN B 2271 34.95 55.69 -100.20
C GLN B 2271 34.19 56.95 -99.84
N LEU B 2272 33.51 57.59 -100.80
CA LEU B 2272 32.64 58.71 -100.48
C LEU B 2272 31.28 58.19 -99.99
N GLY B 2273 30.63 57.36 -100.78
CA GLY B 2273 29.36 56.82 -100.36
C GLY B 2273 28.55 56.35 -101.54
N LYS B 2274 27.67 55.40 -101.27
CA LYS B 2274 26.75 54.93 -102.30
C LYS B 2274 25.38 55.54 -102.12
N THR B 2275 24.77 55.32 -100.96
CA THR B 2275 23.39 55.71 -100.72
C THR B 2275 23.27 57.22 -100.63
N ARG B 2276 22.27 57.77 -101.31
CA ARG B 2276 22.15 59.20 -101.51
C ARG B 2276 20.70 59.61 -101.35
N ARG B 2277 20.40 60.34 -100.28
CA ARG B 2277 19.04 60.62 -99.90
C ARG B 2277 18.81 62.12 -99.82
N ILE B 2278 17.57 62.52 -100.14
CA ILE B 2278 17.21 63.93 -100.11
C ILE B 2278 17.11 64.41 -98.68
N LYS B 2279 17.79 65.52 -98.38
CA LYS B 2279 17.51 66.23 -97.14
C LYS B 2279 16.28 67.11 -97.30
N GLN B 2280 16.33 68.05 -98.24
CA GLN B 2280 15.26 69.04 -98.38
C GLN B 2280 15.23 69.53 -99.80
N ILE B 2281 14.03 69.68 -100.32
CA ILE B 2281 13.81 70.33 -101.61
C ILE B 2281 13.16 71.67 -101.33
N SER B 2282 13.77 72.74 -101.85
CA SER B 2282 13.22 74.08 -101.71
C SER B 2282 13.01 74.66 -103.09
N VAL B 2283 11.93 75.39 -103.26
CA VAL B 2283 11.53 75.90 -104.57
C VAL B 2283 11.80 77.39 -104.61
N SER B 2284 12.42 77.85 -105.70
CA SER B 2284 12.47 79.27 -106.02
C SER B 2284 11.76 79.47 -107.34
N LEU B 2285 10.86 80.45 -107.37
CA LEU B 2285 10.26 80.89 -108.62
C LEU B 2285 10.85 82.24 -108.97
N PRO B 2286 11.91 82.30 -109.78
CA PRO B 2286 12.44 83.60 -110.19
C PRO B 2286 11.47 84.27 -111.16
N ALA B 2287 10.75 85.26 -110.66
CA ALA B 2287 9.70 85.91 -111.41
C ALA B 2287 9.46 87.24 -110.71
N LEU B 2288 8.93 88.19 -111.46
CA LEU B 2288 8.53 89.47 -110.89
C LEU B 2288 7.21 89.23 -110.17
N LEU B 2289 7.31 88.90 -108.89
CA LEU B 2289 6.16 88.58 -108.06
C LEU B 2289 5.40 89.85 -107.77
N GLY B 2290 4.09 89.75 -107.67
CA GLY B 2290 3.27 90.88 -107.35
C GLY B 2290 3.50 91.35 -105.94
N PRO B 2291 3.61 92.67 -105.76
CA PRO B 2291 3.82 93.22 -104.42
C PRO B 2291 2.61 92.95 -103.54
N TYR B 2292 2.85 92.16 -102.49
CA TYR B 2292 1.82 91.55 -101.65
C TYR B 2292 0.82 90.77 -102.50
N GLN B 2293 1.34 90.03 -103.48
CA GLN B 2293 0.51 89.22 -104.36
C GLN B 2293 1.26 87.93 -104.64
N ASP B 2294 0.67 86.82 -104.24
CA ASP B 2294 1.37 85.54 -104.14
C ASP B 2294 0.94 84.58 -105.23
N VAL B 2295 1.78 83.58 -105.44
CA VAL B 2295 1.49 82.49 -106.35
C VAL B 2295 0.82 81.38 -105.56
N GLN B 2296 0.15 80.46 -106.26
CA GLN B 2296 -0.45 79.29 -105.65
C GLN B 2296 0.08 78.07 -106.38
N ALA B 2297 0.76 77.18 -105.65
CA ALA B 2297 1.44 76.06 -106.28
C ALA B 2297 1.65 74.94 -105.28
N VAL B 2298 1.43 73.72 -105.72
CA VAL B 2298 1.66 72.53 -104.90
C VAL B 2298 2.76 71.71 -105.56
N LEU B 2299 3.36 70.82 -104.79
CA LEU B 2299 4.46 69.99 -105.27
C LEU B 2299 4.19 68.54 -104.86
N SER B 2300 4.10 67.67 -105.85
CA SER B 2300 3.72 66.28 -105.61
C SER B 2300 4.90 65.36 -105.89
N TYR B 2301 4.64 64.06 -105.73
CA TYR B 2301 5.67 63.03 -105.87
C TYR B 2301 4.99 61.70 -106.11
N GLY B 2302 5.63 60.83 -106.91
CA GLY B 2302 4.98 59.61 -107.33
C GLY B 2302 5.56 58.30 -106.84
N GLY B 2303 6.51 58.35 -105.91
CA GLY B 2303 7.14 57.13 -105.42
C GLY B 2303 6.48 56.52 -104.20
N ASP B 2304 5.17 56.76 -104.08
CA ASP B 2304 4.22 56.07 -103.20
C ASP B 2304 4.36 56.44 -101.72
N ALA B 2305 5.43 57.19 -101.37
CA ALA B 2305 5.79 57.58 -100.00
C ALA B 2305 5.86 56.37 -99.07
N THR B 2306 6.50 55.30 -99.57
CA THR B 2306 6.40 53.99 -98.94
C THR B 2306 7.18 53.91 -97.63
N GLY B 2307 8.25 54.67 -97.50
CA GLY B 2307 8.97 54.73 -96.24
C GLY B 2307 8.75 56.08 -95.62
N LEU B 2308 8.01 56.93 -96.33
CA LEU B 2308 7.72 58.27 -95.84
C LEU B 2308 6.51 58.25 -94.92
N ALA B 2309 6.43 59.29 -94.09
CA ALA B 2309 5.28 59.44 -93.22
C ALA B 2309 4.09 59.97 -94.01
N LYS B 2310 2.95 60.05 -93.34
CA LYS B 2310 1.72 60.47 -93.99
C LYS B 2310 1.77 61.95 -94.31
N GLY B 2311 1.95 62.28 -95.58
CA GLY B 2311 2.00 63.64 -96.02
C GLY B 2311 3.39 64.20 -96.26
N CYS B 2312 4.43 63.37 -96.14
CA CYS B 2312 5.77 63.82 -96.48
C CYS B 2312 6.05 63.81 -97.98
N LYS B 2313 5.08 63.38 -98.79
CA LYS B 2313 5.27 63.37 -100.23
C LYS B 2313 4.79 64.65 -100.90
N ALA B 2314 4.18 65.56 -100.15
CA ALA B 2314 3.61 66.77 -100.71
C ALA B 2314 4.34 67.99 -100.19
N LEU B 2315 4.18 69.11 -100.88
CA LEU B 2315 4.81 70.36 -100.50
C LEU B 2315 4.03 71.51 -101.14
N ALA B 2316 3.98 72.64 -100.44
CA ALA B 2316 3.23 73.80 -100.88
C ALA B 2316 4.14 75.01 -101.00
N VAL B 2317 3.87 75.83 -102.01
CA VAL B 2317 4.66 77.02 -102.32
C VAL B 2317 3.73 78.22 -102.30
N SER B 2318 4.08 79.22 -101.51
CA SER B 2318 3.23 80.39 -101.38
C SER B 2318 3.85 81.63 -102.03
N HIS B 2319 5.05 81.99 -101.60
CA HIS B 2319 5.68 83.19 -102.12
C HIS B 2319 6.83 82.88 -103.06
N GLY B 2320 7.31 81.64 -103.10
CA GLY B 2320 8.14 81.18 -104.18
C GLY B 2320 9.56 81.69 -104.21
N LEU B 2321 10.12 82.10 -103.08
CA LEU B 2321 11.51 82.51 -103.03
C LEU B 2321 12.23 81.73 -101.94
N ASN B 2322 12.72 80.54 -102.30
CA ASN B 2322 13.56 79.69 -101.44
C ASN B 2322 12.83 79.34 -100.14
N ASP B 2323 11.73 78.61 -100.28
CA ASP B 2323 10.83 78.37 -99.15
C ASP B 2323 10.61 76.89 -98.89
N ASN B 2324 10.55 76.54 -97.62
CA ASN B 2324 9.85 75.35 -97.21
C ASN B 2324 8.36 75.62 -97.27
N GLY B 2325 7.59 74.53 -97.33
CA GLY B 2325 6.16 74.64 -97.10
C GLY B 2325 5.83 75.14 -95.71
N GLN B 2326 6.69 74.83 -94.73
CA GLN B 2326 6.57 75.35 -93.39
C GLN B 2326 6.79 76.86 -93.36
N PHE B 2327 6.34 77.48 -92.28
CA PHE B 2327 6.54 78.92 -92.14
C PHE B 2327 7.99 79.23 -91.80
N GLN B 2328 8.54 78.53 -90.82
CA GLN B 2328 9.97 78.60 -90.55
C GLN B 2328 10.58 77.21 -90.70
N LEU B 2329 11.81 77.19 -91.18
CA LEU B 2329 12.53 75.96 -91.44
C LEU B 2329 13.27 75.53 -90.17
N ASP B 2330 12.90 74.36 -89.64
CA ASP B 2330 13.46 73.85 -88.40
C ASP B 2330 14.23 72.58 -88.72
N PHE B 2331 15.56 72.71 -88.84
CA PHE B 2331 16.40 71.53 -88.92
C PHE B 2331 16.39 70.74 -87.62
N ASN B 2332 16.22 71.42 -86.49
CA ASN B 2332 16.23 70.75 -85.20
C ASN B 2332 14.88 70.18 -84.83
N ASP B 2333 13.88 70.27 -85.72
CA ASP B 2333 12.61 69.62 -85.48
C ASP B 2333 12.79 68.10 -85.55
N GLY B 2334 12.17 67.41 -84.61
CA GLY B 2334 12.19 65.97 -84.64
C GLY B 2334 11.28 65.41 -85.72
N LYS B 2335 10.37 66.23 -86.22
CA LYS B 2335 9.56 65.81 -87.36
C LYS B 2335 10.43 65.72 -88.60
N PHE B 2336 10.16 64.74 -89.43
CA PHE B 2336 10.80 64.69 -90.73
C PHE B 2336 10.23 65.76 -91.64
N LEU B 2337 11.10 66.34 -92.45
CA LEU B 2337 10.66 67.26 -93.47
C LEU B 2337 10.03 66.48 -94.62
N PRO B 2338 9.22 67.12 -95.46
CA PRO B 2338 8.78 66.48 -96.69
C PRO B 2338 9.95 66.20 -97.59
N PHE B 2339 9.86 65.09 -98.31
CA PHE B 2339 10.83 64.52 -99.24
C PHE B 2339 12.10 64.04 -98.56
N GLU B 2340 12.16 64.02 -97.24
CA GLU B 2340 13.38 63.64 -96.55
C GLU B 2340 13.55 62.13 -96.59
N GLY B 2341 14.59 61.68 -97.29
CA GLY B 2341 14.91 60.27 -97.37
C GLY B 2341 14.70 59.62 -98.71
N ILE B 2342 14.49 60.39 -99.76
CA ILE B 2342 14.15 59.85 -101.07
C ILE B 2342 15.43 59.61 -101.87
N ASP B 2343 15.47 58.46 -102.55
CA ASP B 2343 16.57 58.10 -103.43
C ASP B 2343 16.73 59.11 -104.56
N ILE B 2344 17.99 59.39 -104.89
CA ILE B 2344 18.32 60.16 -106.08
C ILE B 2344 17.95 59.39 -107.34
N ASN B 2345 18.14 58.07 -107.32
CA ASN B 2345 17.78 57.25 -108.47
C ASN B 2345 16.26 57.15 -108.58
N ASP B 2346 15.79 56.57 -109.68
CA ASP B 2346 14.38 56.56 -110.07
C ASP B 2346 13.55 55.83 -109.04
N LYS B 2347 12.70 56.57 -108.34
CA LYS B 2347 11.68 56.00 -107.49
C LYS B 2347 10.44 56.87 -107.64
N GLY B 2348 9.59 56.51 -108.59
CA GLY B 2348 8.44 57.34 -108.82
C GLY B 2348 8.78 58.55 -109.69
N THR B 2349 7.84 59.50 -109.64
CA THR B 2349 7.86 60.65 -110.53
C THR B 2349 7.64 61.91 -109.71
N PHE B 2350 8.43 62.94 -110.01
CA PHE B 2350 8.39 64.18 -109.25
C PHE B 2350 7.57 65.23 -110.00
N THR B 2351 6.63 65.86 -109.31
CA THR B 2351 5.58 66.57 -110.02
C THR B 2351 5.25 67.91 -109.37
N LEU B 2352 5.34 68.97 -110.17
CA LEU B 2352 4.92 70.31 -109.78
C LEU B 2352 3.58 70.61 -110.43
N SER B 2353 2.70 71.32 -109.72
CA SER B 2353 1.40 71.70 -110.26
C SER B 2353 1.07 73.13 -109.87
N PHE B 2354 0.35 73.83 -110.75
CA PHE B 2354 -0.11 75.18 -110.48
C PHE B 2354 -1.62 75.22 -110.55
N PRO B 2355 -2.33 75.17 -109.43
CA PRO B 2355 -3.79 75.20 -109.48
C PRO B 2355 -4.30 76.55 -109.94
N ASN B 2356 -5.52 76.52 -110.47
CA ASN B 2356 -6.17 77.65 -111.14
C ASN B 2356 -5.29 78.18 -112.28
N ALA B 2357 -4.86 77.24 -113.14
CA ALA B 2357 -4.20 77.62 -114.37
C ALA B 2357 -5.20 77.98 -115.47
N ALA B 2358 -6.45 78.21 -115.12
CA ALA B 2358 -7.34 79.08 -115.88
C ALA B 2358 -6.99 80.53 -115.57
N SER B 2359 -7.86 81.46 -115.92
CA SER B 2359 -7.53 82.88 -115.82
C SER B 2359 -7.67 83.37 -114.38
N LYS B 2360 -6.92 82.75 -113.47
CA LYS B 2360 -6.78 83.24 -112.10
C LYS B 2360 -5.31 83.44 -111.79
N GLN B 2361 -4.50 82.42 -112.08
CA GLN B 2361 -3.05 82.53 -112.02
C GLN B 2361 -2.44 82.92 -113.36
N LYS B 2362 -3.29 83.40 -114.28
CA LYS B 2362 -2.89 83.60 -115.67
C LYS B 2362 -1.83 84.68 -115.82
N ASN B 2363 -1.96 85.79 -115.07
CA ASN B 2363 -1.04 86.90 -115.22
C ASN B 2363 0.37 86.52 -114.75
N ILE B 2364 0.47 85.98 -113.54
CA ILE B 2364 1.77 85.62 -113.00
C ILE B 2364 2.36 84.42 -113.73
N LEU B 2365 1.52 83.54 -114.28
CA LEU B 2365 2.04 82.40 -115.02
C LEU B 2365 2.39 82.77 -116.46
N GLN B 2366 1.90 83.90 -116.95
CA GLN B 2366 2.46 84.44 -118.18
C GLN B 2366 3.64 85.34 -117.86
N MET B 2367 3.87 85.61 -116.57
CA MET B 2367 5.06 86.33 -116.16
C MET B 2367 6.17 85.38 -115.69
N LEU B 2368 5.86 84.08 -115.56
CA LEU B 2368 6.87 83.09 -115.19
C LEU B 2368 7.88 82.89 -116.31
N THR B 2369 9.16 82.91 -115.97
CA THR B 2369 10.19 82.65 -116.98
C THR B 2369 10.83 81.26 -116.82
N ASP B 2370 11.23 80.89 -115.61
CA ASP B 2370 11.73 79.54 -115.37
C ASP B 2370 11.55 79.19 -113.90
N ILE B 2371 11.74 77.90 -113.61
CA ILE B 2371 11.50 77.34 -112.28
C ILE B 2371 12.83 76.83 -111.74
N ILE B 2372 13.08 77.07 -110.46
CA ILE B 2372 14.33 76.70 -109.82
C ILE B 2372 14.04 75.83 -108.61
N LEU B 2373 14.74 74.72 -108.51
CA LEU B 2373 14.73 73.88 -107.32
C LEU B 2373 16.00 74.12 -106.53
N HIS B 2374 15.88 74.05 -105.21
CA HIS B 2374 17.04 74.00 -104.32
C HIS B 2374 17.03 72.63 -103.65
N ILE B 2375 17.66 71.66 -104.31
CA ILE B 2375 17.65 70.29 -103.86
C ILE B 2375 18.86 70.08 -102.97
N ARG B 2376 18.61 69.70 -101.73
CA ARG B 2376 19.64 69.42 -100.76
C ARG B 2376 19.62 67.95 -100.43
N TYR B 2377 20.76 67.29 -100.54
CA TYR B 2377 20.82 65.86 -100.40
C TYR B 2377 22.06 65.47 -99.62
N THR B 2378 22.18 64.18 -99.35
CA THR B 2378 23.12 63.67 -98.38
C THR B 2378 23.88 62.49 -98.96
N ILE B 2379 25.21 62.48 -98.79
CA ILE B 2379 26.05 61.44 -99.32
C ILE B 2379 26.82 60.79 -98.18
N LEU B 2380 26.58 59.50 -97.97
CA LEU B 2380 27.44 58.64 -97.17
C LEU B 2380 27.17 57.20 -97.59
N GLU B 2381 27.74 56.26 -96.84
CA GLU B 2381 27.40 54.84 -96.97
C GLU B 2381 27.67 54.14 -95.66
N LEU C 21 -49.98 10.19 57.30
CA LEU C 21 -50.07 11.61 56.95
C LEU C 21 -48.71 12.27 57.17
N THR C 22 -48.03 12.58 56.06
CA THR C 22 -46.81 13.40 55.89
C THR C 22 -45.64 13.02 56.78
N ASP C 23 -45.68 11.85 57.40
CA ASP C 23 -44.66 11.48 58.39
C ASP C 23 -43.44 10.83 57.76
N ILE C 24 -43.37 10.78 56.42
CA ILE C 24 -42.18 10.21 55.80
C ILE C 24 -41.22 11.31 55.33
N CYS C 25 -41.72 12.43 54.81
CA CYS C 25 -40.86 13.60 54.60
C CYS C 25 -40.51 14.26 55.92
N HIS C 26 -41.32 14.03 56.94
CA HIS C 26 -41.12 14.54 58.29
C HIS C 26 -40.63 13.37 59.12
N TYR C 27 -39.31 13.15 59.12
CA TYR C 27 -38.69 11.93 59.64
C TYR C 27 -38.83 11.85 61.17
N SER C 28 -38.35 10.75 61.76
CA SER C 28 -38.53 10.53 63.19
C SER C 28 -37.69 11.48 64.04
N PHE C 29 -36.71 12.16 63.43
CA PHE C 29 -36.01 13.22 64.15
C PHE C 29 -36.79 14.54 64.04
N ASN C 30 -37.32 14.84 62.85
CA ASN C 30 -38.34 15.88 62.67
C ASN C 30 -39.51 15.65 63.62
N GLU C 31 -40.04 14.43 63.67
CA GLU C 31 -41.14 14.13 64.57
C GLU C 31 -40.68 14.05 66.02
N PHE C 32 -39.38 13.80 66.23
CA PHE C 32 -38.87 13.62 67.59
C PHE C 32 -38.73 14.97 68.29
N ARG C 33 -38.33 15.99 67.53
CA ARG C 33 -38.28 17.34 68.06
C ARG C 33 -39.67 17.86 68.43
N GLN C 34 -40.68 17.53 67.61
CA GLN C 34 -42.05 17.89 67.97
C GLN C 34 -42.58 16.99 69.07
N GLN C 35 -41.99 15.81 69.24
CA GLN C 35 -42.53 14.79 70.10
C GLN C 35 -41.55 14.38 71.20
N VAL C 36 -40.97 15.36 71.91
CA VAL C 36 -40.26 15.05 73.14
C VAL C 36 -41.27 14.83 74.27
N SER C 37 -42.26 15.71 74.35
CA SER C 37 -43.20 15.69 75.47
C SER C 37 -44.53 15.03 75.12
N ASP C 38 -44.80 14.80 73.84
CA ASP C 38 -46.12 14.31 73.44
C ASP C 38 -46.33 12.86 73.86
N HIS C 39 -45.51 11.94 73.36
CA HIS C 39 -45.73 10.53 73.60
C HIS C 39 -44.41 9.77 73.74
N LEU C 40 -44.54 8.48 73.97
CA LEU C 40 -43.42 7.59 74.23
C LEU C 40 -42.73 7.19 72.93
N SER C 41 -41.44 6.88 73.03
CA SER C 41 -40.60 6.77 71.84
C SER C 41 -40.91 5.50 71.04
N TRP C 42 -41.24 4.41 71.73
CA TRP C 42 -41.58 3.17 71.03
C TRP C 42 -42.91 3.30 70.29
N SER C 43 -43.80 4.19 70.76
CA SER C 43 -44.99 4.48 69.98
C SER C 43 -44.68 5.37 68.79
N GLU C 44 -43.73 6.29 68.95
CA GLU C 44 -43.33 7.18 67.87
C GLU C 44 -42.70 6.41 66.71
N THR C 45 -41.79 5.49 67.02
CA THR C 45 -41.13 4.74 65.94
C THR C 45 -42.09 3.77 65.28
N ASN C 46 -43.13 3.33 66.01
CA ASN C 46 -44.19 2.56 65.39
C ASN C 46 -45.00 3.42 64.42
N ARG C 47 -45.31 4.67 64.82
CA ARG C 47 -45.96 5.60 63.91
C ARG C 47 -45.11 5.88 62.67
N LEU C 48 -43.79 6.00 62.87
CA LEU C 48 -42.85 6.20 61.77
C LEU C 48 -42.90 5.06 60.77
N TYR C 49 -42.76 3.82 61.27
CA TYR C 49 -42.80 2.67 60.37
C TYR C 49 -44.16 2.49 59.71
N ARG C 50 -45.25 2.80 60.43
CA ARG C 50 -46.57 2.66 59.84
C ARG C 50 -46.80 3.66 58.71
N ASP C 51 -46.39 4.91 58.87
CA ASP C 51 -46.62 5.83 57.76
C ASP C 51 -45.57 5.64 56.67
N ALA C 52 -44.40 5.09 57.01
CA ALA C 52 -43.44 4.71 55.99
C ALA C 52 -43.97 3.59 55.11
N GLN C 53 -44.68 2.64 55.71
CA GLN C 53 -45.39 1.63 54.93
C GLN C 53 -46.55 2.23 54.16
N GLN C 54 -47.23 3.21 54.77
CA GLN C 54 -48.39 3.85 54.16
C GLN C 54 -48.00 4.63 52.90
N GLU C 55 -46.78 5.17 52.87
CA GLU C 55 -46.27 5.83 51.67
C GLU C 55 -46.12 4.85 50.50
N GLN C 56 -45.56 3.67 50.77
CA GLN C 56 -45.44 2.67 49.73
C GLN C 56 -46.80 2.13 49.33
N LYS C 57 -47.75 2.07 50.26
CA LYS C 57 -49.11 1.70 49.90
C LYS C 57 -49.76 2.73 48.98
N GLU C 58 -49.47 4.02 49.20
CA GLU C 58 -49.90 5.06 48.29
C GLU C 58 -49.34 4.83 46.90
N ASN C 59 -48.02 4.58 46.83
CA ASN C 59 -47.36 4.35 45.55
C ASN C 59 -47.94 3.15 44.83
N GLN C 60 -48.21 2.07 45.57
CA GLN C 60 -48.77 0.86 44.98
C GLN C 60 -50.17 1.11 44.43
N LEU C 61 -51.07 1.71 45.24
CA LEU C 61 -52.44 1.88 44.78
C LEU C 61 -52.51 2.88 43.62
N TYR C 62 -51.82 4.02 43.76
CA TYR C 62 -51.85 5.03 42.72
C TYR C 62 -51.22 4.53 41.43
N GLU C 63 -50.14 3.75 41.51
CA GLU C 63 -49.49 3.26 40.32
C GLU C 63 -50.30 2.17 39.64
N ALA C 64 -50.82 1.21 40.43
CA ALA C 64 -51.61 0.13 39.87
C ALA C 64 -52.95 0.63 39.37
N ARG C 65 -53.38 1.79 39.84
CA ARG C 65 -54.44 2.51 39.17
C ARG C 65 -53.98 3.05 37.83
N ILE C 66 -52.94 3.89 37.84
CA ILE C 66 -52.73 4.82 36.74
C ILE C 66 -52.11 4.13 35.53
N LEU C 67 -51.37 3.02 35.73
CA LEU C 67 -50.68 2.47 34.57
C LEU C 67 -51.58 1.52 33.79
N LYS C 68 -52.82 1.32 34.25
CA LYS C 68 -53.77 0.55 33.47
C LYS C 68 -54.21 1.32 32.24
N ARG C 69 -54.08 2.64 32.26
CA ARG C 69 -54.57 3.48 31.19
C ARG C 69 -53.62 3.56 29.99
N ALA C 70 -52.32 3.32 30.22
CA ALA C 70 -51.22 3.81 29.37
C ALA C 70 -51.41 3.43 27.90
N ASN C 71 -51.63 4.47 27.10
CA ASN C 71 -52.30 4.34 25.81
C ASN C 71 -51.66 3.42 24.77
N PRO C 72 -50.36 3.10 24.79
CA PRO C 72 -49.91 1.96 23.95
C PRO C 72 -50.50 0.60 24.32
N GLN C 73 -51.29 0.49 25.40
CA GLN C 73 -51.93 -0.77 25.73
C GLN C 73 -53.33 -0.86 25.14
N LEU C 74 -54.18 0.14 25.41
CA LEU C 74 -55.61 -0.06 25.22
C LEU C 74 -56.05 0.01 23.77
N GLN C 75 -55.15 0.20 22.81
CA GLN C 75 -55.58 0.06 21.43
C GLN C 75 -55.60 -1.41 21.03
N ASN C 76 -54.76 -2.22 21.64
CA ASN C 76 -54.76 -3.65 21.34
C ASN C 76 -55.47 -4.41 22.45
N ALA C 77 -56.67 -4.89 22.16
CA ALA C 77 -57.46 -5.65 23.11
C ALA C 77 -57.13 -7.14 23.10
N VAL C 78 -56.22 -7.57 22.23
CA VAL C 78 -55.80 -8.97 22.19
C VAL C 78 -54.95 -9.30 23.42
N HIS C 79 -54.33 -8.27 24.02
CA HIS C 79 -53.69 -8.42 25.33
C HIS C 79 -54.65 -8.89 26.40
N LEU C 80 -55.87 -8.34 26.39
CA LEU C 80 -56.88 -8.42 27.46
C LEU C 80 -56.38 -7.77 28.76
N GLY C 81 -55.34 -6.95 28.69
CA GLY C 81 -54.94 -6.14 29.82
C GLY C 81 -56.00 -5.07 30.06
N ILE C 82 -56.79 -5.27 31.11
CA ILE C 82 -58.06 -4.60 31.25
C ILE C 82 -58.00 -3.61 32.40
N THR C 83 -58.76 -2.52 32.29
CA THR C 83 -58.90 -1.53 33.33
C THR C 83 -60.17 -1.80 34.12
N LEU C 84 -60.25 -1.22 35.31
CA LEU C 84 -61.51 -1.23 36.04
C LEU C 84 -62.00 0.20 36.23
N PRO C 85 -63.25 0.52 35.90
CA PRO C 85 -63.70 1.91 36.02
C PRO C 85 -64.03 2.32 37.46
N HIS C 86 -64.05 1.37 38.40
CA HIS C 86 -64.64 1.60 39.71
C HIS C 86 -63.82 2.56 40.55
N ALA C 87 -62.58 2.19 40.86
CA ALA C 87 -61.69 3.11 41.56
C ALA C 87 -61.15 4.20 40.63
N GLU C 88 -61.20 3.97 39.32
CA GLU C 88 -60.82 4.97 38.33
C GLU C 88 -61.76 6.18 38.40
N LEU C 89 -63.02 5.94 38.75
CA LEU C 89 -64.06 6.96 38.80
C LEU C 89 -63.72 8.09 39.77
N ARG C 90 -62.94 7.79 40.79
CA ARG C 90 -62.89 8.68 41.94
C ARG C 90 -61.78 9.72 41.81
N GLY C 91 -60.61 9.31 41.32
CA GLY C 91 -59.47 10.22 41.29
C GLY C 91 -59.61 11.34 40.29
N TYR C 92 -60.43 11.16 39.25
CA TYR C 92 -60.75 12.27 38.37
C TYR C 92 -61.57 13.33 39.06
N ASN C 93 -62.38 12.95 40.04
CA ASN C 93 -62.96 13.96 40.91
C ASN C 93 -61.92 14.46 41.90
N SER C 94 -60.98 13.61 42.28
CA SER C 94 -60.00 14.02 43.28
C SER C 94 -58.88 14.82 42.66
N GLU C 95 -58.12 14.21 41.76
CA GLU C 95 -56.93 14.85 41.23
C GLU C 95 -57.19 15.70 40.01
N PHE C 96 -58.44 15.73 39.52
CA PHE C 96 -58.91 16.59 38.44
C PHE C 96 -58.12 16.34 37.14
N GLY C 97 -58.31 15.13 36.63
CA GLY C 97 -57.73 14.81 35.33
C GLY C 97 -56.24 14.57 35.34
N GLY C 98 -55.69 14.16 36.49
CA GLY C 98 -54.26 13.87 36.54
C GLY C 98 -53.92 12.60 35.78
N ARG C 99 -54.91 11.76 35.54
CA ARG C 99 -54.70 10.59 34.71
C ARG C 99 -55.15 10.84 33.27
N ALA C 100 -55.85 11.95 33.04
CA ALA C 100 -56.53 12.18 31.77
C ALA C 100 -55.54 12.32 30.61
N SER C 101 -54.69 13.33 30.65
CA SER C 101 -53.74 13.51 29.57
C SER C 101 -52.40 12.94 29.95
N GLN C 102 -52.12 11.73 29.48
CA GLN C 102 -50.76 11.23 29.51
C GLN C 102 -49.98 11.95 28.42
N TYR C 103 -48.67 11.94 28.55
CA TYR C 103 -47.83 12.81 27.77
C TYR C 103 -46.87 11.99 26.92
N VAL C 104 -46.35 12.62 25.87
CA VAL C 104 -45.49 12.03 24.85
C VAL C 104 -44.09 11.87 25.46
N ALA C 105 -43.18 11.22 24.72
CA ALA C 105 -41.73 11.22 24.89
C ALA C 105 -41.26 12.61 25.31
N PRO C 106 -40.35 12.70 26.28
CA PRO C 106 -40.48 13.73 27.33
C PRO C 106 -40.32 15.17 26.87
N GLY C 107 -40.90 16.05 27.67
CA GLY C 107 -40.81 17.48 27.48
C GLY C 107 -40.83 18.13 28.84
N SER C 108 -41.25 19.40 28.87
CA SER C 108 -41.24 20.12 30.14
C SER C 108 -42.38 19.73 31.06
N VAL C 109 -43.24 18.81 30.65
CA VAL C 109 -44.45 18.54 31.41
C VAL C 109 -44.33 17.25 32.19
N SER C 110 -43.53 16.31 31.69
CA SER C 110 -43.57 14.91 32.10
C SER C 110 -43.14 14.70 33.54
N SER C 111 -43.63 13.60 34.11
CA SER C 111 -43.25 13.24 35.46
C SER C 111 -41.88 12.57 35.54
N MET C 112 -41.21 12.38 34.40
CA MET C 112 -39.91 11.72 34.44
C MET C 112 -38.83 12.55 33.80
N PHE C 113 -39.15 13.76 33.36
CA PHE C 113 -38.10 14.57 32.76
C PHE C 113 -37.56 15.54 33.80
N SER C 114 -36.44 16.16 33.43
CA SER C 114 -35.64 17.13 34.19
C SER C 114 -36.34 18.08 35.16
N PRO C 115 -37.49 18.71 34.85
CA PRO C 115 -38.12 19.54 35.88
C PRO C 115 -38.72 18.77 37.03
N ALA C 116 -39.05 17.49 36.84
CA ALA C 116 -39.54 16.71 37.96
C ALA C 116 -38.42 16.44 38.97
N ALA C 117 -37.25 15.99 38.48
CA ALA C 117 -36.09 15.84 39.35
C ALA C 117 -35.69 17.17 39.95
N TYR C 118 -35.84 18.23 39.17
CA TYR C 118 -35.48 19.55 39.63
C TYR C 118 -36.38 20.02 40.76
N LEU C 119 -37.68 19.78 40.66
CA LEU C 119 -38.59 20.20 41.71
C LEU C 119 -38.41 19.36 42.96
N THR C 120 -38.28 18.04 42.79
CA THR C 120 -38.14 17.18 43.95
C THR C 120 -36.76 17.27 44.56
N GLU C 121 -35.84 17.95 43.89
CA GLU C 121 -34.57 18.26 44.50
C GLU C 121 -34.58 19.63 45.13
N LEU C 122 -35.42 20.55 44.64
CA LEU C 122 -35.60 21.82 45.33
C LEU C 122 -36.25 21.62 46.70
N TYR C 123 -37.36 20.88 46.76
CA TYR C 123 -38.04 20.85 48.06
C TYR C 123 -37.39 19.86 49.01
N ARG C 124 -36.34 19.18 48.58
CA ARG C 124 -35.43 18.59 49.55
C ARG C 124 -34.28 19.53 49.85
N GLU C 125 -34.01 20.50 48.98
CA GLU C 125 -32.83 21.33 49.14
C GLU C 125 -33.06 22.50 50.07
N ALA C 126 -34.23 23.13 49.98
CA ALA C 126 -34.42 24.47 50.54
C ALA C 126 -34.50 24.50 52.06
N ARG C 127 -34.19 23.40 52.74
CA ARG C 127 -34.19 23.36 54.19
C ARG C 127 -32.90 22.77 54.76
N ASN C 128 -31.84 22.68 53.96
CA ASN C 128 -30.58 22.12 54.47
C ASN C 128 -29.92 23.03 55.49
N LEU C 129 -29.92 24.32 55.24
CA LEU C 129 -29.43 25.26 56.22
C LEU C 129 -30.61 26.08 56.70
N HIS C 130 -30.47 26.69 57.86
CA HIS C 130 -31.54 27.54 58.33
C HIS C 130 -31.54 28.85 57.54
N ALA C 131 -32.74 29.45 57.41
CA ALA C 131 -32.94 30.61 56.56
C ALA C 131 -32.21 31.85 57.06
N SER C 132 -31.77 31.87 58.32
CA SER C 132 -30.97 32.98 58.82
C SER C 132 -29.53 32.93 58.37
N ASP C 133 -29.11 31.85 57.71
CA ASP C 133 -27.70 31.70 57.37
C ASP C 133 -27.35 32.58 56.18
N SER C 134 -26.12 33.07 56.20
CA SER C 134 -25.54 33.68 55.02
C SER C 134 -25.30 32.66 53.92
N VAL C 135 -25.05 31.40 54.31
CA VAL C 135 -24.78 30.34 53.35
C VAL C 135 -26.08 29.65 52.93
N TYR C 136 -27.22 30.10 53.47
CA TYR C 136 -28.52 29.53 53.14
C TYR C 136 -28.85 29.69 51.67
N HIS C 137 -29.55 28.69 51.12
CA HIS C 137 -29.62 28.51 49.68
C HIS C 137 -30.36 29.66 48.98
N LEU C 138 -31.57 29.98 49.44
CA LEU C 138 -32.28 31.10 48.83
C LEU C 138 -31.61 32.43 49.16
N ASP C 139 -30.85 32.48 50.24
CA ASP C 139 -30.21 33.73 50.64
C ASP C 139 -28.89 33.94 49.88
N GLU C 140 -28.15 32.85 49.61
CA GLU C 140 -26.74 33.04 49.25
C GLU C 140 -26.55 33.63 47.87
N ARG C 141 -27.35 33.22 46.89
CA ARG C 141 -27.43 33.99 45.66
C ARG C 141 -28.86 34.06 45.13
N ARG C 142 -29.73 33.18 45.59
CA ARG C 142 -30.84 32.71 44.76
C ARG C 142 -32.22 33.10 45.28
N PRO C 143 -32.63 34.36 45.12
CA PRO C 143 -34.07 34.61 44.94
C PRO C 143 -34.55 34.36 43.52
N ASP C 144 -33.65 34.19 42.57
CA ASP C 144 -34.08 34.05 41.18
C ASP C 144 -34.69 32.69 40.89
N LEU C 145 -34.31 31.66 41.66
CA LEU C 145 -34.81 30.32 41.41
C LEU C 145 -36.29 30.23 41.74
N GLN C 146 -36.70 30.84 42.84
CA GLN C 146 -38.10 30.78 43.22
C GLN C 146 -38.97 31.66 42.33
N SER C 147 -38.34 32.53 41.53
CA SER C 147 -39.07 33.29 40.53
C SER C 147 -39.16 32.58 39.19
N MET C 148 -38.32 31.56 38.98
CA MET C 148 -38.16 30.99 37.66
C MET C 148 -39.37 30.15 37.27
N THR C 149 -39.84 30.31 36.05
CA THR C 149 -40.94 29.50 35.56
C THR C 149 -40.42 28.26 34.86
N LEU C 150 -41.33 27.33 34.60
CA LEU C 150 -41.01 26.08 33.94
C LEU C 150 -41.78 26.01 32.63
N SER C 151 -41.18 26.53 31.56
CA SER C 151 -41.79 26.46 30.24
C SER C 151 -40.96 25.53 29.38
N GLN C 152 -41.50 25.24 28.20
CA GLN C 152 -40.78 24.40 27.26
C GLN C 152 -39.55 25.12 26.72
N GLN C 153 -39.60 26.44 26.64
CA GLN C 153 -38.47 27.21 26.13
C GLN C 153 -37.30 27.16 27.10
N ASN C 154 -37.58 27.10 28.40
CA ASN C 154 -36.51 27.00 29.37
C ASN C 154 -35.82 25.65 29.31
N MET C 155 -36.55 24.63 28.89
CA MET C 155 -35.97 23.32 28.60
C MET C 155 -35.12 23.35 27.34
N ASP C 156 -35.64 23.91 26.26
CA ASP C 156 -35.11 23.59 24.94
C ASP C 156 -33.87 24.38 24.58
N THR C 157 -33.95 25.72 24.60
CA THR C 157 -32.94 26.53 23.94
C THR C 157 -31.61 26.54 24.70
N GLU C 158 -30.54 26.78 23.97
CA GLU C 158 -29.19 26.79 24.52
C GLU C 158 -28.57 28.17 24.37
N LEU C 159 -28.41 28.85 25.48
CA LEU C 159 -27.67 30.09 25.54
C LEU C 159 -26.28 29.83 26.10
N SER C 160 -25.43 30.84 26.04
CA SER C 160 -24.10 30.70 26.60
C SER C 160 -24.16 30.77 28.11
N THR C 161 -23.39 29.90 28.77
CA THR C 161 -23.37 29.87 30.22
C THR C 161 -22.82 31.18 30.78
N LEU C 162 -21.82 31.73 30.12
CA LEU C 162 -21.18 32.95 30.58
C LEU C 162 -22.12 34.14 30.47
N SER C 163 -23.03 34.10 29.50
CA SER C 163 -24.04 35.16 29.38
C SER C 163 -24.97 35.17 30.57
N LEU C 164 -25.47 33.99 30.96
CA LEU C 164 -26.31 33.89 32.15
C LEU C 164 -25.52 34.23 33.41
N SER C 165 -24.23 33.92 33.44
CA SER C 165 -23.41 34.26 34.59
C SER C 165 -23.21 35.75 34.75
N ASN C 166 -23.05 36.48 33.64
CA ASN C 166 -23.03 37.93 33.73
C ASN C 166 -24.39 38.46 34.15
N GLU C 167 -25.45 37.83 33.64
CA GLU C 167 -26.80 38.27 33.95
C GLU C 167 -27.15 38.14 35.44
N ILE C 168 -26.78 37.01 36.05
CA ILE C 168 -27.10 36.83 37.46
C ILE C 168 -26.26 37.76 38.34
N LEU C 169 -25.07 38.12 37.89
CA LEU C 169 -24.27 39.09 38.64
C LEU C 169 -24.85 40.48 38.56
N LEU C 170 -25.31 40.88 37.37
CA LEU C 170 -25.97 42.17 37.22
C LEU C 170 -27.22 42.25 38.07
N LYS C 171 -27.96 41.15 38.17
CA LYS C 171 -29.13 41.09 39.05
C LYS C 171 -28.77 41.38 40.49
N GLY C 172 -27.74 40.71 41.00
CA GLY C 172 -27.40 40.83 42.41
C GLY C 172 -26.79 42.18 42.74
N ILE C 173 -26.01 42.75 41.82
CA ILE C 173 -25.44 44.05 42.11
C ILE C 173 -26.49 45.14 41.98
N LYS C 174 -27.35 45.07 40.96
CA LYS C 174 -28.40 46.05 40.75
C LYS C 174 -29.45 45.99 41.85
N ALA C 175 -29.56 44.84 42.51
CA ALA C 175 -30.64 44.61 43.47
C ALA C 175 -30.56 45.58 44.65
N ASN C 176 -29.53 45.46 45.47
CA ASN C 176 -29.55 46.12 46.77
C ASN C 176 -28.43 47.14 46.93
N GLN C 177 -27.23 46.83 46.45
CA GLN C 177 -26.01 47.51 46.88
C GLN C 177 -25.97 48.98 46.46
N SER C 178 -26.45 49.29 45.27
CA SER C 178 -26.37 50.67 44.80
C SER C 178 -27.72 51.26 44.46
N ASN C 179 -28.76 50.43 44.31
CA ASN C 179 -30.11 50.82 43.88
C ASN C 179 -30.08 51.58 42.56
N LEU C 180 -29.66 50.88 41.51
CA LEU C 180 -29.46 51.53 40.23
C LEU C 180 -30.67 51.37 39.33
N ASP C 181 -30.59 52.01 38.17
CA ASP C 181 -31.68 51.94 37.21
C ASP C 181 -31.51 50.76 36.27
N SER C 182 -30.42 50.74 35.52
CA SER C 182 -30.22 49.73 34.49
C SER C 182 -28.75 49.36 34.42
N ASP C 183 -28.41 48.64 33.36
CA ASP C 183 -27.06 48.11 33.19
C ASP C 183 -26.07 49.20 32.86
N THR C 184 -26.54 50.25 32.19
CA THR C 184 -25.65 51.37 31.87
C THR C 184 -25.20 52.09 33.13
N LYS C 185 -26.03 52.12 34.17
CA LYS C 185 -25.62 52.65 35.47
C LYS C 185 -24.51 51.81 36.07
N VAL C 186 -24.63 50.48 35.92
CA VAL C 186 -23.62 49.56 36.41
C VAL C 186 -22.31 49.78 35.68
N MET C 187 -22.38 49.96 34.36
CA MET C 187 -21.17 50.18 33.59
C MET C 187 -20.53 51.53 33.89
N GLU C 188 -21.35 52.55 34.20
CA GLU C 188 -20.80 53.82 34.65
C GLU C 188 -20.06 53.68 35.97
N MET C 189 -20.65 53.01 36.94
CA MET C 189 -20.00 52.98 38.24
C MET C 189 -18.86 51.96 38.25
N LEU C 190 -18.83 51.04 37.30
CA LEU C 190 -17.63 50.23 37.11
C LEU C 190 -16.55 51.00 36.38
N SER C 191 -16.91 51.97 35.55
CA SER C 191 -15.90 52.88 35.04
C SER C 191 -15.39 53.80 36.14
N THR C 192 -16.19 54.03 37.18
CA THR C 192 -15.74 54.83 38.30
C THR C 192 -14.77 54.08 39.21
N PHE C 193 -15.02 52.80 39.44
CA PHE C 193 -14.49 52.07 40.60
C PHE C 193 -13.01 51.79 40.44
N ARG C 194 -12.18 52.47 41.23
CA ARG C 194 -10.74 52.18 41.24
C ARG C 194 -10.38 50.86 41.94
N PRO C 195 -10.58 50.70 43.26
CA PRO C 195 -9.52 50.09 44.09
C PRO C 195 -9.30 48.60 43.94
N SER C 196 -9.87 47.95 42.93
CA SER C 196 -9.45 46.57 42.72
C SER C 196 -8.07 46.56 42.08
N GLY C 197 -7.26 45.57 42.47
CA GLY C 197 -5.85 45.52 42.13
C GLY C 197 -5.49 45.36 40.66
N THR C 198 -6.46 45.21 39.77
CA THR C 198 -6.16 45.03 38.36
C THR C 198 -6.92 45.98 37.45
N ILE C 199 -8.04 46.52 37.90
CA ILE C 199 -8.96 47.30 37.08
C ILE C 199 -8.48 48.74 37.22
N PRO C 200 -9.11 49.79 36.62
CA PRO C 200 -10.40 50.21 36.04
C PRO C 200 -10.87 49.40 34.85
N TYR C 201 -12.17 49.50 34.58
CA TYR C 201 -12.80 48.89 33.42
C TYR C 201 -13.79 49.88 32.85
N HIS C 202 -13.50 50.41 31.68
CA HIS C 202 -14.43 51.30 30.98
C HIS C 202 -14.98 50.50 29.79
N ASP C 203 -16.25 50.14 29.87
CA ASP C 203 -16.80 49.10 28.99
C ASP C 203 -16.85 49.56 27.54
N ALA C 204 -17.35 50.78 27.31
CA ALA C 204 -17.41 51.32 25.97
C ALA C 204 -16.02 51.52 25.40
N TYR C 205 -15.04 51.77 26.27
CA TYR C 205 -13.68 51.91 25.81
C TYR C 205 -13.10 50.60 25.33
N GLU C 206 -13.44 49.50 26.03
CA GLU C 206 -12.97 48.20 25.59
C GLU C 206 -13.63 47.81 24.28
N ASN C 207 -14.89 48.19 24.11
CA ASN C 207 -15.57 48.04 22.84
C ASN C 207 -14.82 48.78 21.72
N VAL C 208 -14.44 50.04 21.99
CA VAL C 208 -13.70 50.86 21.03
C VAL C 208 -12.39 50.22 20.66
N ARG C 209 -11.59 49.82 21.66
CA ARG C 209 -10.23 49.40 21.38
C ARG C 209 -10.21 48.04 20.71
N LYS C 210 -11.19 47.17 21.00
CA LYS C 210 -11.15 45.92 20.27
C LYS C 210 -11.71 46.09 18.86
N ALA C 211 -12.65 47.03 18.67
CA ALA C 211 -13.12 47.34 17.33
C ALA C 211 -11.98 47.84 16.45
N ILE C 212 -11.10 48.65 17.05
CA ILE C 212 -9.94 49.14 16.32
C ILE C 212 -8.94 48.01 16.05
N GLN C 213 -8.70 47.15 17.04
CA GLN C 213 -7.72 46.09 16.84
C GLN C 213 -8.22 45.02 15.87
N LEU C 214 -9.53 44.92 15.69
CA LEU C 214 -10.04 43.99 14.69
C LEU C 214 -10.06 44.62 13.31
N GLN C 215 -10.23 45.93 13.22
CA GLN C 215 -10.13 46.56 11.91
C GLN C 215 -8.71 46.58 11.40
N ASP C 216 -7.79 47.18 12.15
CA ASP C 216 -6.42 47.39 11.71
C ASP C 216 -5.46 46.84 12.76
N PRO C 217 -4.77 45.74 12.47
CA PRO C 217 -3.61 45.38 13.29
C PRO C 217 -2.46 46.31 12.96
N LYS C 218 -1.67 46.64 13.99
CA LYS C 218 -0.33 47.25 13.89
C LYS C 218 -0.38 48.72 13.45
N LEU C 219 -1.59 49.26 13.27
CA LEU C 219 -1.84 50.68 12.95
C LEU C 219 -1.16 51.12 11.65
N GLU C 220 -1.10 50.19 10.69
CA GLU C 220 -0.42 50.43 9.43
C GLU C 220 -1.19 51.44 8.60
N GLN C 221 -2.51 51.27 8.50
CA GLN C 221 -3.34 52.22 7.78
C GLN C 221 -3.37 53.57 8.46
N PHE C 222 -3.24 53.58 9.80
CA PHE C 222 -3.28 54.86 10.50
C PHE C 222 -2.00 55.64 10.31
N GLN C 223 -0.87 55.10 10.77
CA GLN C 223 0.37 55.86 10.70
C GLN C 223 1.03 55.80 9.33
N LYS C 224 0.47 55.07 8.38
CA LYS C 224 0.90 55.20 7.00
C LYS C 224 0.46 56.54 6.43
N SER C 225 -0.75 56.98 6.78
CA SER C 225 -1.26 58.28 6.39
C SER C 225 -1.02 59.26 7.52
N PRO C 226 0.05 60.07 7.48
CA PRO C 226 0.52 60.72 8.70
C PRO C 226 -0.28 61.94 9.12
N ALA C 227 -1.24 62.42 8.33
CA ALA C 227 -1.95 63.63 8.70
C ALA C 227 -2.92 63.37 9.84
N VAL C 228 -3.70 62.30 9.73
CA VAL C 228 -4.63 61.92 10.79
C VAL C 228 -3.85 61.46 12.03
N ALA C 229 -2.64 60.95 11.84
CA ALA C 229 -1.73 60.76 12.96
C ALA C 229 -1.29 62.09 13.56
N GLY C 230 -1.18 63.13 12.73
CA GLY C 230 -0.95 64.46 13.25
C GLY C 230 -2.13 65.04 13.98
N LEU C 231 -3.33 64.50 13.76
CA LEU C 231 -4.45 64.92 14.59
C LEU C 231 -4.32 64.42 16.02
N MET C 232 -4.27 63.11 16.21
CA MET C 232 -4.35 62.50 17.53
C MET C 232 -3.01 62.58 18.24
N HIS C 233 -3.06 62.80 19.54
CA HIS C 233 -1.86 62.75 20.35
C HIS C 233 -1.46 61.30 20.56
N GLN C 234 -0.17 61.08 20.85
CA GLN C 234 0.35 59.73 20.99
C GLN C 234 -0.19 59.03 22.23
N ALA C 235 -0.66 59.79 23.22
CA ALA C 235 -1.22 59.20 24.43
C ALA C 235 -2.48 58.41 24.11
N SER C 236 -3.29 58.91 23.19
CA SER C 236 -4.43 58.15 22.70
C SER C 236 -3.98 56.90 21.96
N LEU C 237 -2.90 57.00 21.18
CA LEU C 237 -2.43 55.85 20.43
C LEU C 237 -1.81 54.79 21.33
N LEU C 238 -1.32 55.17 22.51
CA LEU C 238 -0.98 54.20 23.53
C LEU C 238 -2.21 53.43 23.97
N GLY C 239 -3.36 54.09 23.97
CA GLY C 239 -4.57 53.48 24.44
C GLY C 239 -5.16 52.46 23.50
N ILE C 240 -4.56 52.21 22.34
CA ILE C 240 -5.16 51.29 21.39
C ILE C 240 -4.63 49.88 21.62
N ASN C 241 -3.31 49.69 21.52
CA ASN C 241 -2.75 48.36 21.71
C ASN C 241 -2.72 47.97 23.18
N ASN C 242 -2.44 48.92 24.07
CA ASN C 242 -2.58 48.71 25.49
C ASN C 242 -3.90 49.30 25.96
N SER C 243 -4.59 48.55 26.81
CA SER C 243 -5.85 48.99 27.39
C SER C 243 -5.55 50.05 28.44
N ILE C 244 -5.81 51.31 28.11
CA ILE C 244 -5.65 52.42 29.03
C ILE C 244 -7.00 53.09 29.18
N SER C 245 -7.73 52.74 30.22
CA SER C 245 -8.99 53.37 30.53
C SER C 245 -8.74 54.80 30.98
N PRO C 246 -9.75 55.68 30.89
CA PRO C 246 -9.57 57.04 31.42
C PRO C 246 -9.38 57.11 32.92
N GLU C 247 -9.99 56.19 33.65
CA GLU C 247 -9.82 56.18 35.10
C GLU C 247 -8.41 55.79 35.50
N LEU C 248 -7.82 54.83 34.79
CA LEU C 248 -6.42 54.49 34.98
C LEU C 248 -5.52 55.65 34.59
N PHE C 249 -5.94 56.42 33.59
CA PHE C 249 -5.17 57.59 33.22
C PHE C 249 -5.24 58.67 34.29
N ASN C 250 -6.37 58.76 34.99
CA ASN C 250 -6.44 59.69 36.11
C ASN C 250 -5.62 59.23 37.29
N ILE C 251 -5.56 57.91 37.52
CA ILE C 251 -4.72 57.38 38.58
C ILE C 251 -3.25 57.65 38.29
N LEU C 252 -2.82 57.41 37.06
CA LEU C 252 -1.41 57.57 36.75
C LEU C 252 -1.04 59.03 36.55
N THR C 253 -2.01 59.87 36.20
CA THR C 253 -1.72 61.26 35.90
C THR C 253 -1.44 62.07 37.15
N GLU C 254 -2.18 61.81 38.22
CA GLU C 254 -2.24 62.70 39.37
C GLU C 254 -0.93 62.73 40.15
N GLU C 255 -0.68 63.84 40.83
CA GLU C 255 0.53 64.03 41.61
C GLU C 255 0.19 64.01 43.09
N ILE C 256 1.08 63.43 43.88
CA ILE C 256 0.81 63.11 45.27
C ILE C 256 1.89 63.74 46.13
N THR C 257 1.50 64.67 46.98
CA THR C 257 2.37 65.23 48.00
C THR C 257 2.14 64.51 49.32
N GLU C 258 2.68 65.06 50.40
CA GLU C 258 2.34 64.55 51.71
C GLU C 258 0.98 65.05 52.18
N ALA C 259 0.48 66.13 51.55
CA ALA C 259 -0.78 66.72 51.98
C ALA C 259 -1.96 65.84 51.60
N ASN C 260 -2.05 65.46 50.34
CA ASN C 260 -3.14 64.62 49.86
C ASN C 260 -2.92 63.13 50.11
N ALA C 261 -1.90 62.78 50.90
CA ALA C 261 -1.37 61.42 50.93
C ALA C 261 -2.36 60.42 51.48
N GLU C 262 -2.86 60.63 52.70
CA GLU C 262 -3.75 59.63 53.30
C GLU C 262 -5.13 59.67 52.67
N ALA C 263 -5.53 60.82 52.14
CA ALA C 263 -6.78 60.91 51.40
C ALA C 263 -6.74 60.04 50.15
N ILE C 264 -5.69 60.17 49.35
CA ILE C 264 -5.62 59.35 48.14
C ILE C 264 -5.24 57.91 48.49
N TYR C 265 -4.66 57.68 49.67
CA TYR C 265 -4.43 56.33 50.15
C TYR C 265 -5.75 55.62 50.45
N LYS C 266 -6.62 56.30 51.17
CA LYS C 266 -7.94 55.74 51.46
C LYS C 266 -8.79 55.67 50.20
N GLN C 267 -8.51 56.53 49.23
CA GLN C 267 -9.21 56.45 47.96
C GLN C 267 -8.75 55.24 47.15
N ASN C 268 -7.47 54.89 47.26
CA ASN C 268 -6.92 53.82 46.43
C ASN C 268 -6.89 52.48 47.15
N PHE C 269 -7.03 52.50 48.47
CA PHE C 269 -6.99 51.25 49.21
C PHE C 269 -8.20 51.03 50.09
N GLY C 270 -9.05 52.03 50.26
CA GLY C 270 -10.15 51.86 51.19
C GLY C 270 -9.61 51.88 52.61
N ASP C 271 -9.76 50.76 53.28
CA ASP C 271 -9.37 50.65 54.68
C ASP C 271 -8.25 49.64 54.92
N ILE C 272 -7.34 49.47 53.96
CA ILE C 272 -6.19 48.61 54.20
C ILE C 272 -5.20 49.35 55.09
N ASP C 273 -4.75 48.70 56.14
CA ASP C 273 -3.75 49.31 57.00
C ASP C 273 -2.39 49.28 56.32
N PRO C 274 -1.55 50.28 56.58
CA PRO C 274 -0.23 50.30 55.95
C PRO C 274 0.70 49.21 56.45
N ALA C 275 0.43 48.64 57.62
CA ALA C 275 1.33 47.63 58.17
C ALA C 275 1.24 46.33 57.39
N CYS C 276 0.03 45.82 57.19
CA CYS C 276 -0.13 44.58 56.43
C CYS C 276 0.02 44.84 54.93
N LEU C 277 -0.19 46.08 54.49
CA LEU C 277 0.16 46.40 53.12
C LEU C 277 1.67 46.41 52.93
N ALA C 278 2.42 46.74 53.97
CA ALA C 278 3.88 46.78 53.87
C ALA C 278 4.48 45.40 53.68
N MET C 279 3.89 44.38 54.30
CA MET C 279 4.48 43.06 54.17
C MET C 279 4.16 42.46 52.81
N PRO C 280 5.16 41.86 52.15
CA PRO C 280 4.95 41.42 50.76
C PRO C 280 4.07 40.21 50.59
N GLU C 281 3.69 39.52 51.66
CA GLU C 281 2.81 38.38 51.49
C GLU C 281 1.40 38.83 51.15
N TYR C 282 0.93 39.89 51.80
CA TYR C 282 -0.34 40.47 51.40
C TYR C 282 -0.22 41.18 50.06
N LEU C 283 1.00 41.58 49.68
CA LEU C 283 1.20 42.09 48.32
C LEU C 283 1.04 41.00 47.29
N LYS C 284 1.56 39.81 47.56
CA LYS C 284 1.38 38.68 46.68
C LYS C 284 -0.07 38.26 46.61
N SER C 285 -0.76 38.32 47.75
CA SER C 285 -2.18 37.99 47.79
C SER C 285 -3.02 39.02 47.06
N TYR C 286 -2.69 40.30 47.20
CA TYR C 286 -3.55 41.34 46.67
C TYR C 286 -3.19 41.65 45.22
N TYR C 287 -1.95 42.02 44.97
CA TYR C 287 -1.56 42.42 43.64
C TYR C 287 -1.35 41.24 42.70
N ASN C 288 -1.41 40.01 43.23
CA ASN C 288 -1.49 38.78 42.43
C ASN C 288 -0.25 38.58 41.56
N PHE C 289 0.89 38.41 42.22
CA PHE C 289 2.12 38.19 41.48
C PHE C 289 2.82 36.90 41.91
N SER C 290 3.82 36.52 41.13
CA SER C 290 4.74 35.46 41.53
C SER C 290 5.75 36.03 42.54
N ASP C 291 6.43 35.13 43.25
CA ASP C 291 7.42 35.60 44.22
C ASP C 291 8.75 35.89 43.55
N GLU C 292 9.00 35.26 42.40
CA GLU C 292 10.06 35.71 41.53
C GLU C 292 9.80 37.14 41.08
N GLU C 293 8.55 37.44 40.74
CA GLU C 293 8.15 38.81 40.49
C GLU C 293 8.26 39.65 41.76
N LEU C 294 8.08 39.03 42.93
CA LEU C 294 8.11 39.78 44.19
C LEU C 294 9.53 39.98 44.70
N SER C 295 10.50 39.39 44.00
CA SER C 295 11.89 39.74 44.23
C SER C 295 12.21 41.16 43.78
N GLN C 296 11.36 41.73 42.93
CA GLN C 296 11.73 42.93 42.19
C GLN C 296 10.98 44.18 42.64
N PHE C 297 9.93 44.03 43.45
CA PHE C 297 9.03 45.18 43.66
C PHE C 297 9.63 46.22 44.61
N ILE C 298 9.82 45.86 45.87
CA ILE C 298 10.55 46.72 46.78
C ILE C 298 11.99 46.23 46.65
N ARG C 299 12.17 44.97 47.05
CA ARG C 299 13.32 44.09 46.84
C ARG C 299 12.82 42.68 47.12
N LYS C 300 13.74 41.74 47.32
CA LYS C 300 13.37 40.48 47.93
C LYS C 300 13.01 40.72 49.40
N TYR C 301 12.37 39.74 50.04
CA TYR C 301 11.97 39.88 51.45
C TYR C 301 11.92 38.54 52.17
N PRO C 302 12.89 38.27 53.04
CA PRO C 302 12.70 37.23 54.07
C PRO C 302 11.97 37.81 55.27
N ASP C 303 11.80 37.04 56.36
CA ASP C 303 11.05 37.56 57.51
C ASP C 303 11.82 38.64 58.27
N ASN C 304 13.11 38.82 57.98
CA ASN C 304 13.86 39.97 58.47
C ASN C 304 13.41 41.22 57.71
N GLU C 305 13.73 42.40 58.26
CA GLU C 305 13.40 43.65 57.59
C GLU C 305 14.40 43.90 56.47
N LEU C 306 13.89 44.18 55.27
CA LEU C 306 14.75 44.37 54.12
C LEU C 306 14.12 45.39 53.19
N ASN C 307 14.95 46.32 52.72
CA ASN C 307 14.58 47.54 52.01
C ASN C 307 13.52 48.25 52.83
N THR C 308 13.88 48.62 54.06
CA THR C 308 12.94 49.15 55.04
C THR C 308 12.40 50.49 54.60
N GLN C 309 11.13 50.48 54.19
CA GLN C 309 10.42 51.65 53.71
C GLN C 309 9.92 52.40 54.93
N LYS C 310 9.62 53.67 54.75
CA LYS C 310 8.80 54.35 55.74
C LYS C 310 7.35 54.34 55.29
N ILE C 311 7.05 55.00 54.17
CA ILE C 311 5.95 54.67 53.25
C ILE C 311 6.28 55.21 51.87
N HIS C 312 6.20 54.34 50.86
CA HIS C 312 5.90 54.75 49.49
C HIS C 312 4.97 53.69 48.93
N LEU C 313 3.69 53.87 49.17
CA LEU C 313 2.73 52.86 48.78
C LEU C 313 1.96 53.28 47.56
N LEU C 314 1.94 54.58 47.31
CA LEU C 314 1.26 55.11 46.14
C LEU C 314 2.16 55.03 44.93
N LYS C 315 3.45 55.30 45.12
CA LYS C 315 4.42 55.23 44.05
C LYS C 315 4.60 53.81 43.56
N ILE C 316 4.52 52.83 44.45
CA ILE C 316 4.59 51.46 43.99
C ILE C 316 3.28 51.05 43.34
N ASN C 317 2.17 51.69 43.71
CA ASN C 317 0.86 51.32 43.16
C ASN C 317 0.76 51.70 41.69
N LYS C 318 1.24 52.90 41.35
CA LYS C 318 1.23 53.38 39.98
C LYS C 318 2.04 52.47 39.07
N ILE C 319 3.24 52.09 39.51
CA ILE C 319 4.11 51.32 38.66
C ILE C 319 3.66 49.87 38.56
N ILE C 320 3.02 49.32 39.59
CA ILE C 320 2.46 47.98 39.51
C ILE C 320 1.31 47.95 38.51
N LEU C 321 0.37 48.91 38.63
CA LEU C 321 -0.76 48.94 37.72
C LEU C 321 -0.33 49.20 36.28
N LEU C 322 0.67 50.07 36.09
CA LEU C 322 1.19 50.32 34.76
C LEU C 322 1.81 49.07 34.17
N SER C 323 2.57 48.34 34.98
CA SER C 323 3.22 47.13 34.47
C SER C 323 2.21 46.04 34.19
N GLN C 324 1.11 46.03 34.92
CA GLN C 324 0.07 45.05 34.62
C GLN C 324 -0.66 45.42 33.34
N ALA C 325 -0.77 46.71 33.06
CA ALA C 325 -1.37 47.14 31.79
C ALA C 325 -0.46 46.82 30.61
N VAL C 326 0.76 47.34 30.63
CA VAL C 326 1.62 47.32 29.45
C VAL C 326 2.46 46.05 29.35
N ASN C 327 2.38 45.17 30.35
CA ASN C 327 2.92 43.80 30.33
C ASN C 327 4.45 43.79 30.27
N LEU C 328 5.11 44.59 31.12
CA LEU C 328 6.55 44.73 31.01
C LEU C 328 7.26 44.44 32.34
N PRO C 329 8.53 44.04 32.30
CA PRO C 329 9.27 43.84 33.55
C PRO C 329 9.64 45.14 34.23
N PHE C 330 10.43 45.01 35.29
CA PHE C 330 10.56 46.07 36.28
C PHE C 330 11.93 46.69 36.33
N LEU C 331 12.93 46.12 35.67
CA LEU C 331 14.11 46.90 35.32
C LEU C 331 13.74 48.05 34.41
N LYS C 332 12.79 47.83 33.52
CA LYS C 332 12.39 48.85 32.57
C LYS C 332 11.66 50.00 33.27
N LEU C 333 10.71 49.67 34.12
CA LEU C 333 9.94 50.73 34.75
C LEU C 333 10.66 51.32 35.94
N ASP C 334 11.71 50.66 36.43
CA ASP C 334 12.72 51.38 37.19
C ASP C 334 13.48 52.33 36.29
N GLU C 335 13.93 51.84 35.14
CA GLU C 335 14.77 52.58 34.21
C GLU C 335 14.04 53.76 33.59
N ILE C 336 12.81 53.58 33.19
CA ILE C 336 12.01 54.68 32.66
C ILE C 336 11.55 55.54 33.83
N ILE C 337 11.92 56.82 33.76
CA ILE C 337 11.72 57.90 34.74
C ILE C 337 11.99 57.42 36.16
N PRO C 338 13.26 57.31 36.54
CA PRO C 338 13.59 56.81 37.89
C PRO C 338 13.11 57.70 39.02
N GLU C 339 12.91 58.99 38.76
CA GLU C 339 12.03 59.74 39.64
C GLU C 339 10.62 59.18 39.53
N GLN C 340 10.15 58.61 40.63
CA GLN C 340 8.94 57.79 40.62
C GLN C 340 7.73 58.70 40.45
N ASN C 341 7.55 59.17 39.22
CA ASN C 341 6.58 60.19 38.84
C ASN C 341 6.14 59.87 37.42
N ILE C 342 4.97 60.38 37.05
CA ILE C 342 4.44 60.14 35.71
C ILE C 342 3.92 61.44 35.14
N THR C 343 4.50 61.83 34.01
CA THR C 343 3.97 62.85 33.12
C THR C 343 3.64 62.16 31.81
N PRO C 344 2.62 62.63 31.07
CA PRO C 344 2.19 61.88 29.87
C PRO C 344 3.21 61.79 28.74
N THR C 345 4.33 62.51 28.79
CA THR C 345 5.39 62.22 27.85
C THR C 345 6.09 60.91 28.15
N VAL C 346 6.04 60.44 29.40
CA VAL C 346 6.45 59.07 29.70
C VAL C 346 5.53 58.09 29.00
N LEU C 347 4.25 58.43 28.92
CA LEU C 347 3.32 57.60 28.17
C LEU C 347 3.56 57.69 26.67
N GLY C 348 4.10 58.80 26.19
CA GLY C 348 4.53 58.87 24.81
C GLY C 348 5.71 57.97 24.56
N LYS C 349 6.67 57.99 25.49
CA LYS C 349 7.84 57.11 25.41
C LYS C 349 7.44 55.65 25.40
N ILE C 350 6.49 55.27 26.26
CA ILE C 350 6.17 53.86 26.35
C ILE C 350 5.36 53.43 25.14
N PHE C 351 4.61 54.36 24.53
CA PHE C 351 3.97 54.01 23.27
C PHE C 351 5.00 53.86 22.16
N LEU C 352 6.05 54.69 22.19
CA LEU C 352 7.12 54.56 21.20
C LEU C 352 7.78 53.20 21.29
N VAL C 353 8.10 52.75 22.51
CA VAL C 353 8.82 51.49 22.64
C VAL C 353 7.91 50.31 22.32
N LYS C 354 6.63 50.38 22.71
CA LYS C 354 5.70 49.31 22.35
C LYS C 354 5.42 49.29 20.86
N TYR C 355 5.52 50.44 20.19
CA TYR C 355 5.29 50.42 18.77
C TYR C 355 6.50 49.94 18.01
N TYR C 356 7.71 50.26 18.47
CA TYR C 356 8.89 49.73 17.81
C TYR C 356 9.00 48.22 17.99
N MET C 357 8.55 47.69 19.14
CA MET C 357 8.52 46.25 19.34
C MET C 357 7.62 45.57 18.32
N GLN C 358 6.45 46.15 18.07
CA GLN C 358 5.53 45.53 17.12
C GLN C 358 5.99 45.76 15.69
N LYS C 359 6.66 46.88 15.44
CA LYS C 359 7.00 47.26 14.07
C LYS C 359 8.20 46.46 13.57
N TYR C 360 9.30 46.48 14.32
CA TYR C 360 10.54 45.91 13.85
C TYR C 360 10.81 44.54 14.43
N ASN C 361 9.97 44.09 15.37
CA ASN C 361 10.02 42.77 16.00
C ASN C 361 11.37 42.53 16.65
N ILE C 362 11.68 43.33 17.67
CA ILE C 362 12.96 43.30 18.35
C ILE C 362 12.72 43.09 19.84
N GLY C 363 13.81 43.02 20.58
CA GLY C 363 13.73 42.74 22.01
C GLY C 363 13.30 43.96 22.80
N THR C 364 13.10 43.73 24.10
CA THR C 364 12.62 44.80 24.95
C THR C 364 13.74 45.75 25.38
N GLU C 365 14.97 45.26 25.39
CA GLU C 365 16.11 46.14 25.64
C GLU C 365 16.39 46.99 24.41
N THR C 366 16.04 46.46 23.25
CA THR C 366 16.58 46.98 22.01
C THR C 366 15.82 48.22 21.57
N ALA C 367 14.52 48.24 21.77
CA ALA C 367 13.80 49.47 21.51
C ALA C 367 13.95 50.46 22.64
N LEU C 368 14.37 50.01 23.83
CA LEU C 368 14.79 50.95 24.85
C LEU C 368 16.06 51.67 24.46
N ILE C 369 16.92 51.02 23.67
CA ILE C 369 17.99 51.76 23.03
C ILE C 369 17.44 52.80 22.07
N LEU C 370 16.38 52.45 21.34
CA LEU C 370 15.77 53.37 20.38
C LEU C 370 15.00 54.50 21.04
N CYS C 371 14.70 54.42 22.33
CA CYS C 371 14.16 55.56 23.05
C CYS C 371 15.25 56.47 23.57
N ASN C 372 16.45 56.40 23.00
CA ASN C 372 17.63 57.15 23.41
C ASN C 372 17.95 56.93 24.88
N ASP C 373 17.98 55.68 25.30
CA ASP C 373 18.33 55.36 26.67
C ASP C 373 19.48 54.36 26.67
N SER C 374 20.28 54.43 27.74
CA SER C 374 21.56 53.74 27.75
C SER C 374 21.39 52.25 27.96
N ILE C 375 22.51 51.55 27.91
CA ILE C 375 22.53 50.11 28.10
C ILE C 375 22.52 49.81 29.59
N SER C 376 21.58 48.98 30.02
CA SER C 376 21.50 48.60 31.42
C SER C 376 22.51 47.51 31.72
N GLN C 377 23.26 47.68 32.80
CA GLN C 377 24.15 46.66 33.29
C GLN C 377 23.56 45.88 34.45
N TYR C 378 22.45 46.34 35.01
CA TYR C 378 21.82 45.68 36.14
C TYR C 378 21.24 44.34 35.70
N SER C 379 21.52 43.31 36.48
CA SER C 379 21.10 41.95 36.16
C SER C 379 19.90 41.57 37.02
N TYR C 380 19.06 40.70 36.47
CA TYR C 380 17.87 40.20 37.16
C TYR C 380 17.45 38.90 36.50
N SER C 381 16.46 38.26 37.13
CA SER C 381 15.82 37.02 36.65
C SER C 381 16.81 35.86 36.48
N ASN C 382 17.88 35.87 37.29
CA ASN C 382 18.97 34.89 37.26
C ASN C 382 19.61 34.78 35.89
N GLN C 383 19.66 35.90 35.17
CA GLN C 383 20.08 35.99 33.79
C GLN C 383 21.05 37.13 33.60
N PRO C 384 21.96 37.05 32.63
CA PRO C 384 22.86 38.16 32.38
C PRO C 384 22.13 39.35 31.81
N SER C 385 22.68 40.54 32.06
CA SER C 385 22.02 41.77 31.71
C SER C 385 22.11 42.04 30.22
N GLN C 386 21.61 43.22 29.84
CA GLN C 386 21.78 43.73 28.48
C GLN C 386 23.24 43.85 28.11
N PHE C 387 24.05 44.33 29.06
CA PHE C 387 25.47 44.50 28.84
C PHE C 387 26.17 43.17 28.65
N ASP C 388 25.90 42.21 29.52
CA ASP C 388 26.63 40.95 29.48
C ASP C 388 26.17 40.07 28.34
N ARG C 389 24.88 40.13 28.00
CA ARG C 389 24.43 39.44 26.79
C ARG C 389 24.93 40.16 25.55
N LEU C 390 25.25 41.44 25.67
CA LEU C 390 25.78 42.15 24.52
C LEU C 390 27.22 41.78 24.26
N PHE C 391 28.02 41.59 25.33
CA PHE C 391 29.44 41.42 25.07
C PHE C 391 29.96 40.04 25.47
N ASN C 392 29.84 39.68 26.74
CA ASN C 392 30.77 38.74 27.34
C ASN C 392 30.35 37.29 27.30
N THR C 393 29.42 36.93 26.43
CA THR C 393 29.11 35.54 26.14
C THR C 393 29.38 35.30 24.66
N SER C 394 30.47 34.63 24.32
CA SER C 394 31.40 33.94 25.22
C SER C 394 32.48 34.86 25.79
N PRO C 395 33.03 34.53 26.96
CA PRO C 395 34.18 35.27 27.47
C PRO C 395 35.39 35.12 26.55
N LEU C 396 35.76 36.23 25.93
CA LEU C 396 36.91 36.28 25.03
C LEU C 396 38.17 36.14 25.85
N ASN C 397 38.89 35.04 25.63
CA ASN C 397 40.15 34.68 26.31
C ASN C 397 39.95 34.55 27.82
N GLY C 398 38.74 34.23 28.25
CA GLY C 398 38.42 34.22 29.67
C GLY C 398 38.37 35.58 30.33
N GLN C 399 38.44 36.65 29.56
CA GLN C 399 38.52 38.00 30.10
C GLN C 399 37.13 38.62 30.08
N TYR C 400 36.86 39.46 31.07
CA TYR C 400 35.62 40.21 31.15
C TYR C 400 35.85 41.61 30.62
N PHE C 401 34.91 42.12 29.84
CA PHE C 401 34.99 43.48 29.34
C PHE C 401 34.57 44.45 30.43
N VAL C 402 35.53 45.13 31.03
CA VAL C 402 35.31 45.95 32.21
C VAL C 402 35.10 47.38 31.79
N ILE C 403 33.99 47.97 32.25
CA ILE C 403 33.76 49.40 32.06
C ILE C 403 34.82 50.18 32.84
N GLU C 404 35.40 51.20 32.22
CA GLU C 404 36.59 51.83 32.76
C GLU C 404 36.58 53.29 32.28
N ASP C 405 37.71 53.97 32.45
CA ASP C 405 37.90 55.30 31.89
C ASP C 405 38.95 55.33 30.80
N THR C 406 39.34 54.17 30.28
CA THR C 406 40.39 54.12 29.28
C THR C 406 39.88 54.57 27.92
N ASN C 407 40.80 54.87 27.02
CA ASN C 407 40.41 55.11 25.65
C ASN C 407 40.53 53.84 24.83
N ILE C 408 39.66 53.70 23.84
CA ILE C 408 39.77 52.66 22.84
C ILE C 408 39.84 53.36 21.49
N ASP C 409 41.02 53.33 20.87
CA ASP C 409 41.23 54.01 19.61
C ASP C 409 40.64 53.18 18.48
N LEU C 410 39.57 53.68 17.89
CA LEU C 410 38.90 53.02 16.79
C LEU C 410 39.42 53.49 15.45
N SER C 411 40.54 54.19 15.42
CA SER C 411 41.18 54.53 14.17
C SER C 411 41.64 53.27 13.46
N LEU C 412 41.73 53.35 12.13
CA LEU C 412 41.88 52.14 11.34
C LEU C 412 43.31 51.60 11.45
N ASN C 413 44.25 52.47 11.82
CA ASN C 413 45.63 52.08 12.03
C ASN C 413 45.95 51.92 13.52
N SER C 414 45.02 51.38 14.31
CA SER C 414 45.24 51.29 15.75
C SER C 414 46.06 50.05 16.11
N THR C 415 45.65 48.89 15.59
CA THR C 415 46.09 47.55 16.03
C THR C 415 45.95 47.42 17.54
N ASP C 416 44.69 47.34 17.98
CA ASP C 416 44.38 47.40 19.40
C ASP C 416 44.09 45.99 19.94
N ASN C 417 43.77 45.93 21.22
CA ASN C 417 43.59 44.69 21.95
C ASN C 417 42.22 44.09 21.68
N TRP C 418 41.86 43.16 22.58
CA TRP C 418 40.52 42.59 22.68
C TRP C 418 39.43 43.62 22.93
N HIS C 419 39.77 44.85 23.33
CA HIS C 419 38.80 45.93 23.39
C HIS C 419 38.19 46.19 22.03
N LYS C 420 38.99 46.14 20.97
CA LYS C 420 38.46 46.25 19.63
C LYS C 420 37.77 44.97 19.20
N ALA C 421 38.26 43.83 19.69
CA ALA C 421 37.73 42.54 19.25
C ALA C 421 36.33 42.29 19.80
N VAL C 422 36.05 42.76 21.02
CA VAL C 422 34.72 42.55 21.58
C VAL C 422 33.70 43.42 20.86
N LEU C 423 34.11 44.60 20.40
CA LEU C 423 33.23 45.42 19.60
C LEU C 423 32.97 44.75 18.26
N LYS C 424 34.02 44.19 17.67
CA LYS C 424 33.84 43.52 16.38
C LYS C 424 33.01 42.25 16.52
N ARG C 425 33.05 41.62 17.69
CA ARG C 425 32.22 40.44 17.91
C ARG C 425 30.78 40.81 18.17
N ALA C 426 30.54 41.85 18.97
CA ALA C 426 29.17 42.20 19.32
C ALA C 426 28.45 42.86 18.17
N PHE C 427 29.14 43.72 17.41
CA PHE C 427 28.48 44.47 16.36
C PHE C 427 28.59 43.81 14.99
N ASN C 428 29.31 42.70 14.89
CA ASN C 428 29.43 41.88 13.67
C ASN C 428 29.99 42.70 12.51
N VAL C 429 31.19 43.23 12.72
CA VAL C 429 31.74 44.28 11.89
C VAL C 429 33.26 44.13 11.86
N ASP C 430 33.87 44.56 10.75
CA ASP C 430 35.32 44.57 10.64
C ASP C 430 35.87 45.92 11.11
N ASP C 431 37.15 46.17 10.82
CA ASP C 431 37.82 47.37 11.30
C ASP C 431 37.31 48.61 10.60
N ILE C 432 37.25 48.56 9.26
CA ILE C 432 37.00 49.75 8.45
C ILE C 432 35.56 50.23 8.61
N SER C 433 34.60 49.32 8.59
CA SER C 433 33.22 49.73 8.73
C SER C 433 32.91 50.22 10.13
N LEU C 434 33.62 49.69 11.13
CA LEU C 434 33.57 50.28 12.47
C LEU C 434 34.11 51.69 12.47
N TYR C 435 35.20 51.92 11.74
CA TYR C 435 35.78 53.25 11.66
C TYR C 435 34.84 54.21 10.96
N ARG C 436 34.08 53.72 9.99
CA ARG C 436 33.05 54.54 9.37
C ARG C 436 31.90 54.78 10.34
N LEU C 437 31.53 53.76 11.10
CA LEU C 437 30.43 53.84 12.06
C LEU C 437 30.71 54.86 13.15
N LEU C 438 31.99 55.03 13.49
CA LEU C 438 32.38 56.04 14.46
C LEU C 438 32.06 57.44 13.97
N HIS C 439 32.47 57.77 12.74
CA HIS C 439 32.18 59.10 12.20
C HIS C 439 30.71 59.28 11.85
N ILE C 440 30.01 58.17 11.62
CA ILE C 440 28.56 58.26 11.48
C ILE C 440 27.91 58.65 12.80
N ALA C 441 28.34 58.00 13.89
CA ALA C 441 27.76 58.29 15.19
C ALA C 441 28.13 59.68 15.67
N ASN C 442 29.31 60.14 15.30
CA ASN C 442 29.76 61.46 15.71
C ASN C 442 30.76 61.98 14.68
N HIS C 443 30.37 63.02 13.94
CA HIS C 443 31.28 63.72 13.06
C HIS C 443 32.18 64.70 13.79
N ASN C 444 32.02 64.84 15.10
CA ASN C 444 32.91 65.69 15.88
C ASN C 444 34.01 64.92 16.55
N ASN C 445 34.10 63.62 16.30
CA ASN C 445 35.27 62.88 16.76
C ASN C 445 36.45 63.16 15.84
N THR C 446 37.52 63.66 16.44
CA THR C 446 38.73 64.00 15.71
C THR C 446 39.62 62.79 15.45
N ASP C 447 39.42 61.69 16.17
CA ASP C 447 40.25 60.51 16.02
C ASP C 447 39.42 59.28 16.34
N GLY C 448 40.13 58.18 16.56
CA GLY C 448 39.46 56.97 17.00
C GLY C 448 39.31 56.83 18.49
N LYS C 449 39.98 57.67 19.28
CA LYS C 449 39.98 57.51 20.72
C LYS C 449 38.68 58.01 21.32
N ILE C 450 37.92 57.11 21.94
CA ILE C 450 36.70 57.45 22.64
C ILE C 450 36.81 56.96 24.08
N ALA C 451 36.00 57.55 24.94
CA ALA C 451 35.99 57.13 26.34
C ALA C 451 35.31 55.77 26.49
N ASN C 452 35.54 55.15 27.64
CA ASN C 452 34.99 53.82 27.90
C ASN C 452 33.72 53.89 28.74
N ASN C 453 33.03 55.02 28.76
CA ASN C 453 31.77 55.10 29.50
C ASN C 453 30.67 54.37 28.75
N ILE C 454 29.49 54.30 29.37
CA ILE C 454 28.40 53.57 28.76
C ILE C 454 27.74 54.36 27.64
N LYS C 455 27.94 55.67 27.59
CA LYS C 455 27.13 56.51 26.71
C LYS C 455 27.63 56.44 25.27
N ASN C 456 28.94 56.44 25.08
CA ASN C 456 29.47 56.24 23.73
C ASN C 456 29.14 54.86 23.20
N LEU C 457 29.10 53.87 24.09
CA LEU C 457 28.68 52.53 23.71
C LEU C 457 27.23 52.52 23.28
N SER C 458 26.39 53.26 23.98
CA SER C 458 24.99 53.38 23.61
C SER C 458 24.82 54.07 22.26
N ASN C 459 25.62 55.11 22.00
CA ASN C 459 25.60 55.78 20.71
C ASN C 459 25.95 54.84 19.59
N LEU C 460 27.04 54.08 19.76
CA LEU C 460 27.47 53.14 18.73
C LEU C 460 26.46 52.03 18.50
N TYR C 461 25.87 51.50 19.57
CA TYR C 461 24.91 50.43 19.42
C TYR C 461 23.63 50.92 18.76
N MET C 462 23.22 52.15 19.07
CA MET C 462 22.01 52.68 18.46
C MET C 462 22.21 52.96 16.99
N THR C 463 23.34 53.58 16.63
CA THR C 463 23.56 53.87 15.23
C THR C 463 23.87 52.62 14.43
N LYS C 464 24.21 51.52 15.09
CA LYS C 464 24.21 50.24 14.40
C LYS C 464 22.80 49.71 14.21
N LEU C 465 21.93 49.85 15.22
CA LEU C 465 20.57 49.32 15.13
C LEU C 465 19.76 50.04 14.06
N LEU C 466 20.06 51.31 13.83
CA LEU C 466 19.34 52.08 12.82
C LEU C 466 19.53 51.50 11.43
N ALA C 467 20.71 51.01 11.12
CA ALA C 467 20.90 50.30 9.86
C ALA C 467 20.40 48.87 9.96
N ASP C 468 20.40 48.30 11.16
CA ASP C 468 20.03 46.90 11.30
C ASP C 468 18.54 46.66 11.08
N ILE C 469 17.69 47.58 11.54
CA ILE C 469 16.26 47.32 11.48
C ILE C 469 15.73 47.44 10.06
N HIS C 470 16.42 48.18 9.22
CA HIS C 470 16.10 48.18 7.80
C HIS C 470 17.02 47.27 7.01
N GLN C 471 17.97 46.61 7.68
CA GLN C 471 18.89 45.64 7.12
C GLN C 471 19.75 46.26 6.01
N LEU C 472 20.60 47.21 6.42
CA LEU C 472 21.57 47.84 5.54
C LEU C 472 22.97 47.65 6.12
N THR C 473 23.97 48.11 5.37
CA THR C 473 25.34 48.08 5.87
C THR C 473 25.67 49.39 6.57
N ILE C 474 26.96 49.60 6.80
CA ILE C 474 27.40 50.85 7.41
C ILE C 474 27.49 51.95 6.35
N ASP C 475 28.15 51.65 5.23
CA ASP C 475 28.28 52.65 4.16
C ASP C 475 26.94 52.92 3.49
N GLU C 476 26.06 51.92 3.46
CA GLU C 476 24.71 52.16 2.95
C GLU C 476 23.94 53.09 3.87
N LEU C 477 24.13 52.96 5.17
CA LEU C 477 23.53 53.91 6.10
C LEU C 477 24.15 55.29 5.94
N TYR C 478 25.44 55.34 5.63
CA TYR C 478 26.13 56.61 5.40
C TYR C 478 25.57 57.31 4.17
N LEU C 479 25.46 56.58 3.05
CA LEU C 479 24.83 57.10 1.84
C LEU C 479 23.37 57.45 2.07
N LEU C 480 22.69 56.72 2.95
CA LEU C 480 21.31 57.01 3.25
C LEU C 480 21.16 58.33 3.99
N LEU C 481 22.03 58.59 4.96
CA LEU C 481 22.02 59.86 5.65
C LEU C 481 22.46 61.01 4.74
N ILE C 482 23.30 60.73 3.75
CA ILE C 482 23.60 61.73 2.74
C ILE C 482 22.37 62.04 1.90
N THR C 483 21.74 60.99 1.36
CA THR C 483 20.69 61.19 0.37
C THR C 483 19.38 61.63 0.99
N ILE C 484 19.25 61.55 2.32
CA ILE C 484 18.11 62.21 2.94
C ILE C 484 18.48 63.64 3.32
N GLY C 485 19.77 63.94 3.37
CA GLY C 485 20.23 65.26 3.75
C GLY C 485 20.50 65.43 5.23
N GLU C 486 20.38 64.36 6.01
CA GLU C 486 20.68 64.40 7.44
C GLU C 486 22.12 64.05 7.74
N ASP C 487 23.03 64.28 6.79
CA ASP C 487 24.42 63.85 6.98
C ASP C 487 25.13 64.72 8.01
N LYS C 488 24.73 65.98 8.12
CA LYS C 488 25.46 66.91 8.97
C LYS C 488 25.18 66.70 10.45
N ILE C 489 24.02 66.13 10.80
CA ILE C 489 23.64 66.04 12.20
C ILE C 489 24.29 64.81 12.83
N ASN C 490 24.65 64.93 14.11
CA ASN C 490 25.25 63.84 14.86
C ASN C 490 24.24 63.23 15.83
N LEU C 491 24.41 61.93 16.06
CA LEU C 491 23.57 61.22 17.01
C LEU C 491 24.12 61.26 18.42
N TYR C 492 25.27 61.91 18.62
CA TYR C 492 25.86 62.00 19.94
C TYR C 492 24.99 62.83 20.87
N ASP C 493 24.38 63.88 20.33
CA ASP C 493 23.41 64.67 21.05
C ASP C 493 22.24 64.93 20.11
N ILE C 494 21.07 64.43 20.48
CA ILE C 494 19.86 64.59 19.68
C ILE C 494 18.66 64.51 20.61
N ASP C 495 17.69 65.40 20.39
CA ASP C 495 16.42 65.34 21.10
C ASP C 495 15.68 64.06 20.73
N ASP C 496 14.96 63.53 21.72
CA ASP C 496 14.25 62.28 21.53
C ASP C 496 13.09 62.44 20.56
N LYS C 497 12.47 63.61 20.55
CA LYS C 497 11.46 63.91 19.55
C LYS C 497 12.07 63.98 18.16
N GLU C 498 13.22 64.64 18.06
CA GLU C 498 13.93 64.73 16.79
C GLU C 498 14.43 63.38 16.35
N LEU C 499 14.85 62.55 17.31
CA LEU C 499 15.29 61.19 17.01
C LEU C 499 14.13 60.34 16.50
N GLU C 500 12.97 60.45 17.16
CA GLU C 500 11.74 59.82 16.70
C GLU C 500 11.41 60.24 15.28
N LYS C 501 11.44 61.54 15.01
CA LYS C 501 11.13 62.08 13.69
C LYS C 501 12.11 61.58 12.64
N LEU C 502 13.38 61.46 13.01
CA LEU C 502 14.40 60.96 12.09
C LEU C 502 14.16 59.50 11.77
N ILE C 503 13.78 58.70 12.76
CA ILE C 503 13.46 57.30 12.52
C ILE C 503 12.23 57.17 11.66
N ASN C 504 11.26 58.06 11.84
CA ASN C 504 10.08 58.06 10.98
C ASN C 504 10.43 58.43 9.55
N ARG C 505 11.36 59.38 9.37
CA ARG C 505 11.80 59.72 8.02
C ARG C 505 12.52 58.57 7.34
N LEU C 506 13.38 57.89 8.08
CA LEU C 506 14.09 56.74 7.53
C LEU C 506 13.12 55.61 7.20
N ASP C 507 12.10 55.41 8.04
CA ASP C 507 11.16 54.33 7.79
C ASP C 507 10.26 54.66 6.61
N THR C 508 9.89 55.94 6.48
CA THR C 508 9.10 56.38 5.34
C THR C 508 9.86 56.21 4.04
N LEU C 509 11.13 56.63 4.03
CA LEU C 509 11.97 56.50 2.86
C LEU C 509 12.22 55.04 2.51
N SER C 510 12.45 54.21 3.53
CA SER C 510 12.72 52.80 3.30
C SER C 510 11.50 52.09 2.76
N ASN C 511 10.33 52.34 3.36
CA ASN C 511 9.11 51.70 2.89
C ASN C 511 8.74 52.18 1.50
N TRP C 512 9.00 53.46 1.20
CA TRP C 512 8.75 53.95 -0.15
C TRP C 512 9.69 53.32 -1.16
N LEU C 513 10.95 53.09 -0.78
CA LEU C 513 11.84 52.37 -1.68
C LEU C 513 11.43 50.91 -1.86
N HIS C 514 10.85 50.31 -0.83
CA HIS C 514 10.34 48.95 -1.00
C HIS C 514 9.10 48.94 -1.88
N THR C 515 8.36 50.05 -1.92
CA THR C 515 7.28 50.14 -2.89
C THR C 515 7.79 50.39 -4.29
N GLN C 516 8.88 51.15 -4.43
CA GLN C 516 9.40 51.47 -5.75
C GLN C 516 10.34 50.42 -6.30
N LYS C 517 10.85 49.53 -5.45
CA LYS C 517 11.87 48.54 -5.81
C LYS C 517 13.09 49.22 -6.43
N TRP C 518 13.77 50.01 -5.62
CA TRP C 518 14.96 50.73 -6.05
C TRP C 518 16.13 50.31 -5.19
N SER C 519 17.32 50.31 -5.78
CA SER C 519 18.52 50.25 -4.96
C SER C 519 18.73 51.57 -4.25
N ILE C 520 19.55 51.54 -3.20
CA ILE C 520 19.93 52.79 -2.57
C ILE C 520 20.94 53.53 -3.44
N TYR C 521 21.67 52.80 -4.29
CA TYR C 521 22.57 53.44 -5.24
C TYR C 521 21.81 54.24 -6.28
N GLN C 522 20.64 53.75 -6.69
CA GLN C 522 19.79 54.48 -7.62
C GLN C 522 19.36 55.81 -7.02
N LEU C 523 18.92 55.78 -5.76
CA LEU C 523 18.48 57.01 -5.11
C LEU C 523 19.63 57.96 -4.88
N PHE C 524 20.80 57.43 -4.53
CA PHE C 524 21.95 58.28 -4.32
C PHE C 524 22.42 58.93 -5.62
N LEU C 525 22.38 58.17 -6.72
CA LEU C 525 22.80 58.74 -7.99
C LEU C 525 21.76 59.72 -8.52
N MET C 526 20.49 59.49 -8.22
CA MET C 526 19.47 60.44 -8.64
C MET C 526 19.33 61.59 -7.68
N THR C 527 20.08 61.58 -6.58
CA THR C 527 19.92 62.64 -5.59
C THR C 527 21.21 63.41 -5.35
N THR C 528 22.34 62.91 -5.86
CA THR C 528 23.63 63.53 -5.59
C THR C 528 23.75 64.91 -6.23
N THR C 529 24.42 65.81 -5.52
CA THR C 529 24.75 67.12 -6.06
C THR C 529 26.21 67.17 -6.47
N ASN C 530 27.03 66.29 -5.90
CA ASN C 530 28.40 66.13 -6.36
C ASN C 530 28.40 65.49 -7.74
N TYR C 531 28.96 66.21 -8.71
CA TYR C 531 29.11 65.72 -10.07
C TYR C 531 30.59 65.51 -10.34
N ASP C 532 30.91 64.44 -11.06
CA ASP C 532 32.30 64.15 -11.35
C ASP C 532 32.79 65.03 -12.49
N LYS C 533 34.07 65.36 -12.45
CA LYS C 533 34.70 66.24 -13.42
C LYS C 533 35.70 65.43 -14.27
N THR C 534 35.23 64.91 -15.39
CA THR C 534 36.04 64.07 -16.24
C THR C 534 35.50 64.14 -17.67
N LEU C 535 36.35 64.58 -18.60
CA LEU C 535 35.94 64.67 -19.99
C LEU C 535 35.93 63.27 -20.60
N THR C 536 34.75 62.69 -20.74
CA THR C 536 34.64 61.39 -21.34
C THR C 536 34.48 61.54 -22.85
N PRO C 537 34.91 60.56 -23.65
CA PRO C 537 34.69 60.66 -25.09
C PRO C 537 33.23 60.67 -25.51
N GLU C 538 32.33 60.16 -24.67
CA GLU C 538 30.91 60.17 -25.01
C GLU C 538 30.32 61.56 -24.84
N ILE C 539 30.62 62.20 -23.72
CA ILE C 539 30.19 63.58 -23.52
C ILE C 539 30.90 64.50 -24.50
N GLN C 540 32.14 64.16 -24.89
CA GLN C 540 32.81 64.90 -25.94
C GLN C 540 32.12 64.71 -27.29
N ASN C 541 31.57 63.52 -27.56
CA ASN C 541 30.78 63.31 -28.76
C ASN C 541 29.51 64.13 -28.74
N LEU C 542 28.88 64.24 -27.56
CA LEU C 542 27.75 65.15 -27.40
C LEU C 542 28.16 66.58 -27.74
N LEU C 543 29.32 67.01 -27.24
CA LEU C 543 29.81 68.36 -27.49
C LEU C 543 30.06 68.59 -28.98
N ASP C 544 30.63 67.59 -29.65
CA ASP C 544 30.92 67.72 -31.07
C ASP C 544 29.65 67.76 -31.89
N THR C 545 28.66 66.93 -31.53
CA THR C 545 27.42 66.89 -32.28
C THR C 545 26.62 68.18 -32.10
N VAL C 546 26.58 68.73 -30.88
CA VAL C 546 25.88 69.98 -30.66
C VAL C 546 26.65 71.14 -31.29
N TYR C 547 27.98 71.05 -31.30
CA TYR C 547 28.80 72.09 -31.89
C TYR C 547 28.58 72.18 -33.39
N ASN C 548 28.61 71.04 -34.09
CA ASN C 548 28.33 71.06 -35.52
C ASN C 548 26.87 71.35 -35.78
N GLY C 549 25.99 70.95 -34.87
CA GLY C 549 24.58 71.09 -35.11
C GLY C 549 24.10 72.51 -34.97
N LEU C 550 24.41 73.14 -33.85
CA LEU C 550 23.99 74.52 -33.66
C LEU C 550 24.99 75.53 -34.17
N GLN C 551 25.96 75.09 -34.97
CA GLN C 551 26.73 76.04 -35.77
C GLN C 551 25.79 76.67 -36.80
N ASN C 552 26.12 77.90 -37.20
CA ASN C 552 25.22 78.81 -37.94
C ASN C 552 23.94 79.07 -37.14
N PHE C 553 24.10 79.75 -36.02
CA PHE C 553 22.98 80.20 -35.18
C PHE C 553 23.09 81.69 -34.93
N ASP C 554 21.92 82.35 -34.88
CA ASP C 554 21.80 83.72 -34.36
C ASP C 554 20.77 83.70 -33.24
N LYS C 555 21.02 84.52 -32.22
CA LYS C 555 20.13 84.58 -31.06
C LYS C 555 18.80 85.22 -31.40
N ASN C 556 18.80 86.27 -32.22
CA ASN C 556 17.57 86.99 -32.46
C ASN C 556 16.74 86.37 -33.58
N LYS C 557 17.24 85.31 -34.22
CA LYS C 557 16.43 84.61 -35.20
C LYS C 557 15.42 83.70 -34.52
N THR C 558 15.87 82.93 -33.53
CA THR C 558 15.02 81.94 -32.88
C THR C 558 15.54 81.66 -31.48
N LYS C 559 14.74 80.88 -30.74
CA LYS C 559 15.08 80.53 -29.38
C LYS C 559 16.24 79.54 -29.35
N LEU C 560 17.18 79.78 -28.44
CA LEU C 560 18.31 78.88 -28.26
C LEU C 560 17.86 77.50 -27.79
N LEU C 561 16.88 77.47 -26.87
CA LEU C 561 16.43 76.23 -26.27
C LEU C 561 15.76 75.33 -27.29
N ALA C 562 14.90 75.89 -28.14
CA ALA C 562 14.26 75.09 -29.18
C ALA C 562 15.27 74.61 -30.21
N ALA C 563 16.35 75.36 -30.39
CA ALA C 563 17.39 74.93 -31.31
C ALA C 563 18.20 73.77 -30.76
N ILE C 564 18.53 73.81 -29.46
CA ILE C 564 19.36 72.74 -28.90
C ILE C 564 18.52 71.53 -28.52
N ALA C 565 17.19 71.70 -28.39
CA ALA C 565 16.31 70.62 -27.96
C ALA C 565 16.36 69.29 -28.72
N PRO C 566 16.56 69.23 -30.06
CA PRO C 566 16.63 67.89 -30.67
C PRO C 566 17.87 67.11 -30.30
N TYR C 567 19.04 67.76 -30.25
CA TYR C 567 20.27 67.06 -29.89
C TYR C 567 20.24 66.61 -28.44
N ILE C 568 19.62 67.41 -27.58
CA ILE C 568 19.45 67.00 -26.19
C ILE C 568 18.46 65.85 -26.10
N ALA C 569 17.41 65.88 -26.92
CA ALA C 569 16.40 64.82 -26.90
C ALA C 569 16.97 63.51 -27.42
N ALA C 570 17.95 63.58 -28.31
CA ALA C 570 18.55 62.37 -28.84
C ALA C 570 19.66 61.84 -27.93
N THR C 571 20.56 62.71 -27.49
CA THR C 571 21.68 62.28 -26.66
C THR C 571 21.23 61.85 -25.27
N LEU C 572 20.18 62.45 -24.74
CA LEU C 572 19.57 61.96 -23.52
C LEU C 572 18.43 61.00 -23.79
N GLN C 573 18.22 60.64 -25.07
CA GLN C 573 17.30 59.58 -25.50
C GLN C 573 15.87 59.87 -25.06
N LEU C 574 15.52 61.12 -25.04
CA LEU C 574 14.21 61.55 -24.62
C LEU C 574 13.22 61.39 -25.77
N PRO C 575 12.00 60.93 -25.49
CA PRO C 575 11.05 60.69 -26.59
C PRO C 575 10.51 61.96 -27.21
N SER C 576 10.12 62.95 -26.42
CA SER C 576 9.44 64.12 -26.93
C SER C 576 10.43 65.27 -27.10
N GLU C 577 9.93 66.38 -27.61
CA GLU C 577 10.73 67.60 -27.66
C GLU C 577 10.30 68.58 -26.57
N ASN C 578 9.04 68.50 -26.14
CA ASN C 578 8.59 69.34 -25.04
C ASN C 578 9.20 68.86 -23.73
N VAL C 579 9.55 67.59 -23.63
CA VAL C 579 10.29 67.10 -22.46
C VAL C 579 11.69 67.69 -22.43
N ALA C 580 12.34 67.77 -23.60
CA ALA C 580 13.66 68.40 -23.66
C ALA C 580 13.57 69.90 -23.40
N HIS C 581 12.44 70.51 -23.77
CA HIS C 581 12.18 71.89 -23.35
C HIS C 581 12.05 71.98 -21.84
N SER C 582 11.33 71.03 -21.25
CA SER C 582 11.05 71.03 -19.82
C SER C 582 12.31 70.90 -19.01
N ILE C 583 13.17 69.95 -19.36
CA ILE C 583 14.37 69.70 -18.57
C ILE C 583 15.37 70.84 -18.70
N LEU C 584 15.35 71.57 -19.82
CA LEU C 584 16.22 72.74 -19.92
C LEU C 584 15.69 73.88 -19.06
N LEU C 585 14.36 74.07 -19.04
CA LEU C 585 13.80 75.04 -18.09
C LEU C 585 14.07 74.64 -16.64
N TRP C 586 14.10 73.33 -16.39
CA TRP C 586 14.36 72.81 -15.06
C TRP C 586 15.79 73.06 -14.61
N ALA C 587 16.76 72.75 -15.47
CA ALA C 587 18.15 73.07 -15.21
C ALA C 587 18.39 74.57 -15.10
N ASP C 588 17.60 75.38 -15.80
CA ASP C 588 17.64 76.82 -15.56
C ASP C 588 17.15 77.16 -14.17
N LYS C 589 16.10 76.49 -13.70
CA LYS C 589 15.53 76.85 -12.42
C LYS C 589 16.38 76.40 -11.25
N ILE C 590 17.05 75.25 -11.36
CA ILE C 590 17.73 74.69 -10.19
C ILE C 590 19.02 75.45 -9.89
N LYS C 591 19.59 76.13 -10.89
CA LYS C 591 20.90 76.77 -10.87
C LYS C 591 21.98 75.81 -10.39
N PRO C 592 22.40 74.87 -11.26
CA PRO C 592 23.34 73.80 -10.88
C PRO C 592 24.76 74.27 -10.67
N SER C 593 25.69 73.32 -10.79
CA SER C 593 27.05 73.22 -10.24
C SER C 593 27.91 74.44 -10.56
N GLU C 594 29.10 74.48 -9.96
CA GLU C 594 29.73 75.57 -9.21
C GLU C 594 29.32 76.98 -9.63
N ASN C 595 29.44 77.34 -10.91
CA ASN C 595 29.16 78.70 -11.32
C ASN C 595 27.67 78.90 -11.45
N LYS C 596 27.21 80.11 -11.13
CA LYS C 596 25.88 80.51 -11.56
C LYS C 596 25.91 80.57 -13.08
N ILE C 597 25.33 79.54 -13.70
CA ILE C 597 25.57 79.25 -15.11
C ILE C 597 24.22 79.17 -15.80
N THR C 598 24.21 79.32 -17.12
CA THR C 598 22.97 79.41 -17.88
C THR C 598 23.15 78.62 -19.16
N ALA C 599 22.03 78.21 -19.78
CA ALA C 599 22.08 77.65 -21.12
C ALA C 599 22.50 78.70 -22.15
N GLU C 600 22.17 79.97 -21.89
CA GLU C 600 22.74 81.04 -22.70
C GLU C 600 24.23 81.21 -22.40
N LYS C 601 24.63 80.99 -21.15
CA LYS C 601 26.06 80.93 -20.85
C LYS C 601 26.72 79.71 -21.47
N PHE C 602 25.98 78.59 -21.55
CA PHE C 602 26.43 77.37 -22.22
C PHE C 602 26.73 77.63 -23.70
N TRP C 603 25.78 78.22 -24.42
CA TRP C 603 26.07 78.53 -25.81
C TRP C 603 27.00 79.73 -25.96
N ILE C 604 27.14 80.58 -24.94
CA ILE C 604 28.10 81.66 -25.11
C ILE C 604 29.51 81.13 -24.85
N TRP C 605 29.62 79.99 -24.16
CA TRP C 605 30.91 79.31 -24.05
C TRP C 605 31.25 78.59 -25.34
N LEU C 606 30.29 77.81 -25.88
CA LEU C 606 30.53 77.12 -27.15
C LEU C 606 30.58 78.10 -28.32
N GLN C 607 30.10 79.33 -28.10
CA GLN C 607 30.00 80.34 -29.12
C GLN C 607 31.21 81.24 -29.13
N ASN C 608 31.77 81.53 -27.97
CA ASN C 608 32.98 82.32 -27.92
C ASN C 608 34.20 81.40 -27.90
N ARG C 609 34.33 80.59 -26.86
CA ARG C 609 35.52 79.75 -26.68
C ARG C 609 35.18 78.32 -27.02
N ASP C 610 35.20 77.99 -28.31
CA ASP C 610 35.17 76.60 -28.72
C ASP C 610 35.81 76.47 -30.09
N THR C 611 36.61 75.41 -30.21
CA THR C 611 37.15 74.95 -31.47
C THR C 611 37.29 73.45 -31.34
N THR C 612 36.46 72.69 -32.06
CA THR C 612 36.35 71.27 -31.81
C THR C 612 37.54 70.51 -32.39
N GLU C 613 37.63 69.23 -32.02
CA GLU C 613 38.72 68.32 -32.38
C GLU C 613 40.08 68.91 -31.94
N LEU C 614 40.10 69.44 -30.72
CA LEU C 614 41.27 70.04 -30.10
C LEU C 614 41.06 69.98 -28.61
N SER C 615 42.09 69.58 -27.88
CA SER C 615 41.97 69.34 -26.44
C SER C 615 42.94 70.26 -25.69
N LYS C 616 42.46 71.45 -25.36
CA LYS C 616 43.17 72.42 -24.54
C LYS C 616 42.14 73.02 -23.60
N PRO C 617 42.42 73.09 -22.30
CA PRO C 617 41.36 73.39 -21.32
C PRO C 617 41.08 74.88 -21.19
N PRO C 618 39.83 75.28 -21.35
CA PRO C 618 39.43 76.64 -20.97
C PRO C 618 38.95 76.69 -19.52
N GLU C 619 38.48 77.88 -19.14
CA GLU C 619 38.14 78.14 -17.75
C GLU C 619 36.79 77.55 -17.36
N MET C 620 35.92 77.29 -18.32
CA MET C 620 34.51 77.06 -18.01
C MET C 620 34.11 75.60 -18.26
N GLN C 621 35.07 74.75 -18.61
CA GLN C 621 34.75 73.43 -19.16
C GLN C 621 34.16 72.50 -18.10
N GLU C 622 34.71 72.55 -16.88
CA GLU C 622 34.16 71.74 -15.79
C GLU C 622 32.76 72.17 -15.42
N GLN C 623 32.50 73.47 -15.43
CA GLN C 623 31.19 74.03 -15.19
C GLN C 623 30.18 73.60 -16.24
N ILE C 624 30.66 73.35 -17.47
CA ILE C 624 29.81 72.87 -18.54
C ILE C 624 29.54 71.38 -18.38
N ILE C 625 30.56 70.61 -18.05
CA ILE C 625 30.37 69.17 -18.07
C ILE C 625 29.64 68.71 -16.81
N GLN C 626 29.73 69.46 -15.70
CA GLN C 626 28.90 69.12 -14.57
C GLN C 626 27.45 69.56 -14.78
N TYR C 627 27.24 70.58 -15.59
CA TYR C 627 25.90 70.89 -16.07
C TYR C 627 25.33 69.75 -16.91
N CYS C 628 26.19 69.13 -17.73
CA CYS C 628 25.77 67.98 -18.53
C CYS C 628 25.44 66.78 -17.66
N HIS C 629 26.25 66.55 -16.63
CA HIS C 629 25.93 65.51 -15.65
C HIS C 629 24.65 65.82 -14.90
N CYS C 630 24.35 67.10 -14.68
CA CYS C 630 23.12 67.46 -13.99
C CYS C 630 21.91 67.17 -14.86
N LEU C 631 22.04 67.44 -16.16
CA LEU C 631 20.99 67.06 -17.11
C LEU C 631 20.80 65.54 -17.16
N ALA C 632 21.91 64.81 -17.19
CA ALA C 632 21.84 63.35 -17.22
C ALA C 632 21.28 62.78 -15.92
N GLN C 633 21.41 63.51 -14.83
CA GLN C 633 20.78 63.09 -13.59
C GLN C 633 19.28 63.36 -13.64
N LEU C 634 18.90 64.57 -14.02
CA LEU C 634 17.51 64.98 -13.95
C LEU C 634 16.63 64.29 -14.97
N THR C 635 17.20 63.77 -16.05
CA THR C 635 16.39 62.92 -16.92
C THR C 635 16.10 61.56 -16.31
N MET C 636 16.92 61.11 -15.37
CA MET C 636 16.77 59.77 -14.84
C MET C 636 15.57 59.68 -13.90
N ILE C 637 15.29 60.76 -13.17
CA ILE C 637 14.08 60.75 -12.34
C ILE C 637 12.84 60.87 -13.21
N TYR C 638 12.96 61.47 -14.39
CA TYR C 638 11.82 61.52 -15.30
C TYR C 638 11.55 60.15 -15.88
N ARG C 639 12.62 59.40 -16.14
CA ARG C 639 12.44 58.02 -16.59
C ARG C 639 11.87 57.13 -15.51
N SER C 640 12.42 57.21 -14.30
CA SER C 640 12.07 56.26 -13.25
C SER C 640 10.75 56.61 -12.61
N SER C 641 10.33 57.87 -12.67
CA SER C 641 9.09 58.25 -12.02
C SER C 641 7.88 57.77 -12.81
N GLY C 642 7.95 57.82 -14.14
CA GLY C 642 6.81 57.45 -14.94
C GLY C 642 5.68 58.46 -14.95
N ILE C 643 5.97 59.72 -14.64
CA ILE C 643 4.95 60.75 -14.73
C ILE C 643 4.70 61.09 -16.19
N ASN C 644 3.46 61.42 -16.52
CA ASN C 644 3.14 61.87 -17.86
C ASN C 644 3.66 63.29 -18.10
N GLU C 645 3.50 63.76 -19.32
CA GLU C 645 4.20 64.95 -19.75
C GLU C 645 3.49 66.22 -19.32
N ASN C 646 2.16 66.21 -19.34
CA ASN C 646 1.39 67.43 -19.09
C ASN C 646 1.48 67.83 -17.62
N ALA C 647 1.30 66.86 -16.71
CA ALA C 647 1.50 67.13 -15.29
C ALA C 647 2.94 67.50 -14.96
N PHE C 648 3.90 67.02 -15.76
CA PHE C 648 5.27 67.42 -15.59
C PHE C 648 5.48 68.90 -15.92
N ARG C 649 4.86 69.36 -17.03
CA ARG C 649 4.81 70.79 -17.34
C ARG C 649 4.16 71.59 -16.22
N LEU C 650 3.07 71.08 -15.68
CA LEU C 650 2.40 71.71 -14.56
C LEU C 650 3.28 71.79 -13.32
N PHE C 651 4.07 70.75 -13.07
CA PHE C 651 4.92 70.76 -11.89
C PHE C 651 6.04 71.77 -12.01
N ILE C 652 6.73 71.78 -13.14
CA ILE C 652 7.82 72.73 -13.30
C ILE C 652 7.30 74.16 -13.36
N GLU C 653 6.14 74.36 -14.00
CA GLU C 653 5.67 75.72 -14.22
C GLU C 653 5.09 76.32 -12.95
N LYS C 654 4.45 75.49 -12.13
CA LYS C 654 3.92 75.92 -10.83
C LYS C 654 4.37 74.95 -9.75
N PRO C 655 5.57 75.14 -9.20
CA PRO C 655 6.01 74.25 -8.11
C PRO C 655 5.28 74.49 -6.81
N THR C 656 4.75 75.69 -6.59
CA THR C 656 4.12 76.01 -5.32
C THR C 656 2.80 75.30 -5.11
N ILE C 657 2.09 74.94 -6.17
CA ILE C 657 0.79 74.32 -6.02
C ILE C 657 0.95 72.86 -5.63
N PHE C 658 2.16 72.31 -5.75
CA PHE C 658 2.50 71.00 -5.26
C PHE C 658 3.14 71.05 -3.88
N GLY C 659 3.00 72.16 -3.16
CA GLY C 659 3.36 72.22 -1.76
C GLY C 659 4.78 72.65 -1.45
N ILE C 660 5.51 73.21 -2.41
CA ILE C 660 6.80 73.81 -2.09
C ILE C 660 6.43 75.19 -1.58
N PRO C 661 7.24 75.86 -0.75
CA PRO C 661 6.98 77.28 -0.46
C PRO C 661 7.13 78.15 -1.70
N ASP C 662 6.22 79.12 -1.83
CA ASP C 662 6.07 79.86 -3.08
C ASP C 662 7.14 80.94 -3.21
N GLU C 663 7.52 81.17 -4.48
CA GLU C 663 8.36 82.27 -4.96
C GLU C 663 8.18 82.26 -6.48
N PRO C 664 7.93 83.41 -7.11
CA PRO C 664 7.53 83.40 -8.53
C PRO C 664 8.68 83.06 -9.46
N ASN C 665 8.64 81.83 -10.00
CA ASN C 665 9.62 81.25 -10.93
C ASN C 665 11.04 81.25 -10.38
N LYS C 666 11.18 81.17 -9.05
CA LYS C 666 12.48 81.08 -8.40
C LYS C 666 12.44 79.97 -7.34
N ALA C 667 11.22 79.65 -6.88
CA ALA C 667 11.04 78.53 -5.96
C ALA C 667 11.30 77.23 -6.69
N THR C 668 12.52 76.72 -6.55
CA THR C 668 12.94 75.59 -7.36
C THR C 668 12.96 74.32 -6.53
N PRO C 669 12.32 73.25 -6.99
CA PRO C 669 12.55 71.94 -6.39
C PRO C 669 13.90 71.42 -6.83
N ALA C 670 14.66 70.92 -5.86
CA ALA C 670 15.95 70.33 -6.14
C ALA C 670 15.77 68.91 -6.65
N HIS C 671 16.87 68.19 -6.77
CA HIS C 671 16.77 66.75 -6.95
C HIS C 671 16.94 66.01 -5.63
N ASN C 672 16.41 66.56 -4.55
CA ASN C 672 16.40 65.94 -3.24
C ASN C 672 15.26 64.91 -3.15
N ALA C 673 15.39 64.01 -2.18
CA ALA C 673 14.41 62.92 -2.04
C ALA C 673 13.00 63.33 -1.62
N PRO C 674 12.78 64.32 -0.71
CA PRO C 674 11.38 64.72 -0.43
C PRO C 674 10.65 65.30 -1.61
N THR C 675 11.33 65.96 -2.53
CA THR C 675 10.69 66.38 -3.76
C THR C 675 10.85 65.35 -4.87
N LEU C 676 11.29 64.13 -4.55
CA LEU C 676 11.08 63.00 -5.43
C LEU C 676 9.86 62.19 -5.04
N ILE C 677 9.68 61.95 -3.75
CA ILE C 677 8.59 61.10 -3.29
C ILE C 677 7.23 61.75 -3.55
N ILE C 678 7.16 63.08 -3.56
CA ILE C 678 5.87 63.72 -3.77
C ILE C 678 5.50 63.69 -5.26
N LEU C 679 6.48 63.82 -6.16
CA LEU C 679 6.24 63.58 -7.57
C LEU C 679 5.82 62.15 -7.83
N THR C 680 6.44 61.21 -7.14
CA THR C 680 6.11 59.80 -7.30
C THR C 680 4.69 59.51 -6.84
N ARG C 681 4.28 60.09 -5.71
CA ARG C 681 2.91 59.93 -5.23
C ARG C 681 1.91 60.56 -6.17
N PHE C 682 2.24 61.73 -6.73
CA PHE C 682 1.32 62.37 -7.65
C PHE C 682 1.21 61.58 -8.95
N ALA C 683 2.32 61.00 -9.41
CA ALA C 683 2.29 60.19 -10.61
C ALA C 683 1.51 58.91 -10.37
N ASN C 684 1.62 58.33 -9.18
CA ASN C 684 0.86 57.14 -8.86
C ASN C 684 -0.63 57.44 -8.73
N TRP C 685 -0.97 58.65 -8.29
CA TRP C 685 -2.36 59.07 -8.28
C TRP C 685 -2.89 59.22 -9.70
N VAL C 686 -2.08 59.75 -10.61
CA VAL C 686 -2.50 59.91 -11.99
C VAL C 686 -2.65 58.55 -12.67
N ASN C 687 -1.76 57.62 -12.35
CA ASN C 687 -1.90 56.26 -12.88
C ASN C 687 -3.06 55.53 -12.26
N SER C 688 -3.42 55.86 -11.02
CA SER C 688 -4.62 55.32 -10.41
C SER C 688 -5.87 55.83 -11.10
N LEU C 689 -5.86 57.09 -11.53
CA LEU C 689 -6.96 57.61 -12.32
C LEU C 689 -7.05 56.93 -13.69
N GLY C 690 -5.98 56.99 -14.47
CA GLY C 690 -5.96 56.21 -15.71
C GLY C 690 -6.70 56.91 -16.84
N GLU C 691 -7.93 56.44 -17.10
CA GLU C 691 -8.61 56.78 -18.35
C GLU C 691 -9.13 58.21 -18.35
N LYS C 692 -9.66 58.67 -17.22
CA LYS C 692 -10.22 60.01 -17.18
C LYS C 692 -9.20 61.07 -16.80
N ALA C 693 -7.91 60.84 -17.07
CA ALA C 693 -6.86 61.66 -16.47
C ALA C 693 -6.77 63.03 -17.11
N SER C 694 -6.88 63.12 -18.44
CA SER C 694 -6.76 64.40 -19.13
C SER C 694 -7.79 65.45 -18.70
N PRO C 695 -9.11 65.17 -18.62
CA PRO C 695 -10.02 66.23 -18.16
C PRO C 695 -9.82 66.60 -16.70
N ILE C 696 -9.50 65.64 -15.83
CA ILE C 696 -9.33 66.01 -14.44
C ILE C 696 -8.00 66.71 -14.21
N LEU C 697 -6.98 66.41 -15.01
CA LEU C 697 -5.72 67.14 -14.86
C LEU C 697 -5.83 68.55 -15.40
N THR C 698 -6.57 68.75 -16.50
CA THR C 698 -6.71 70.12 -16.95
C THR C 698 -7.74 70.88 -16.14
N ALA C 699 -8.61 70.18 -15.40
CA ALA C 699 -9.47 70.88 -14.45
C ALA C 699 -8.70 71.24 -13.19
N PHE C 700 -7.72 70.43 -12.82
CA PHE C 700 -6.81 70.78 -11.74
C PHE C 700 -5.87 71.89 -12.17
N GLU C 701 -5.56 71.96 -13.46
CA GLU C 701 -4.69 73.01 -13.97
C GLU C 701 -5.38 74.36 -13.88
N ASN C 702 -6.66 74.40 -14.21
CA ASN C 702 -7.46 75.58 -13.90
C ASN C 702 -7.79 75.55 -12.41
N LYS C 703 -8.31 76.64 -11.89
CA LYS C 703 -8.70 76.71 -10.49
C LYS C 703 -10.17 76.37 -10.29
N THR C 704 -10.79 75.66 -11.22
CA THR C 704 -12.20 75.35 -11.15
C THR C 704 -12.49 73.89 -10.83
N LEU C 705 -11.49 73.15 -10.35
CA LEU C 705 -11.69 71.74 -10.03
C LEU C 705 -12.65 71.56 -8.86
N THR C 706 -13.64 70.69 -9.02
CA THR C 706 -14.66 70.47 -8.02
C THR C 706 -14.52 69.07 -7.45
N ALA C 707 -15.29 68.81 -6.39
CA ALA C 707 -15.31 67.47 -5.80
C ALA C 707 -16.05 66.49 -6.70
N GLU C 708 -17.03 66.99 -7.45
CA GLU C 708 -17.97 66.11 -8.13
C GLU C 708 -17.36 65.47 -9.36
N LYS C 709 -16.57 66.24 -10.11
CA LYS C 709 -15.81 65.66 -11.21
C LYS C 709 -14.74 64.69 -10.69
N LEU C 710 -14.19 64.99 -9.51
CA LEU C 710 -13.14 64.17 -8.94
C LEU C 710 -13.67 62.83 -8.46
N ALA C 711 -14.89 62.81 -7.92
CA ALA C 711 -15.47 61.57 -7.42
C ALA C 711 -15.78 60.59 -8.53
N ASN C 712 -16.15 61.13 -9.70
CA ASN C 712 -16.58 60.28 -10.80
C ASN C 712 -15.39 59.52 -11.40
N ALA C 713 -14.19 60.07 -11.24
CA ALA C 713 -13.01 59.37 -11.74
C ALA C 713 -12.56 58.27 -10.78
N MET C 714 -13.07 58.28 -9.55
CA MET C 714 -12.72 57.27 -8.57
C MET C 714 -13.86 56.32 -8.27
N ASN C 715 -15.01 56.49 -8.95
CA ASN C 715 -16.24 55.71 -8.76
C ASN C 715 -16.76 55.82 -7.32
N LEU C 716 -16.49 56.94 -6.67
CA LEU C 716 -16.85 57.16 -5.28
C LEU C 716 -18.02 58.13 -5.20
N ASP C 717 -18.76 58.06 -4.10
CA ASP C 717 -19.84 59.00 -3.91
C ASP C 717 -19.28 60.35 -3.51
N ALA C 718 -19.85 61.40 -4.10
CA ALA C 718 -19.27 62.73 -3.99
C ALA C 718 -19.41 63.30 -2.58
N ASN C 719 -20.49 62.92 -1.89
CA ASN C 719 -20.75 63.39 -0.54
C ASN C 719 -19.67 62.95 0.43
N LEU C 720 -18.98 61.83 0.13
CA LEU C 720 -17.87 61.39 0.96
C LEU C 720 -16.71 62.38 0.89
N LEU C 721 -16.36 62.81 -0.32
CA LEU C 721 -15.32 63.80 -0.49
C LEU C 721 -15.73 65.15 0.08
N GLU C 722 -17.01 65.49 -0.05
CA GLU C 722 -17.55 66.71 0.53
C GLU C 722 -17.38 66.71 2.04
N GLN C 723 -17.74 65.62 2.69
CA GLN C 723 -17.64 65.54 4.14
C GLN C 723 -16.20 65.45 4.59
N ALA C 724 -15.34 64.81 3.81
CA ALA C 724 -13.91 64.78 4.16
C ALA C 724 -13.32 66.18 4.09
N SER C 725 -13.71 66.97 3.08
CA SER C 725 -13.29 68.35 3.00
C SER C 725 -13.81 69.16 4.18
N ILE C 726 -15.06 68.92 4.57
CA ILE C 726 -15.64 69.67 5.69
C ILE C 726 -14.95 69.30 6.99
N GLN C 727 -14.58 68.04 7.17
CA GLN C 727 -13.90 67.63 8.39
C GLN C 727 -12.48 68.18 8.43
N ALA C 728 -11.82 68.28 7.29
CA ALA C 728 -10.51 68.93 7.27
C ALA C 728 -10.62 70.42 7.54
N GLN C 729 -11.71 71.04 7.08
CA GLN C 729 -11.94 72.45 7.37
C GLN C 729 -12.34 72.68 8.83
N ASN C 730 -12.88 71.66 9.50
CA ASN C 730 -13.15 71.78 10.92
C ASN C 730 -11.86 71.82 11.71
N TYR C 731 -10.86 71.10 11.25
CA TYR C 731 -9.57 71.01 11.92
C TYR C 731 -8.71 72.19 11.43
N LYS C 732 -7.40 72.15 11.72
CA LYS C 732 -6.38 73.02 11.16
C LYS C 732 -6.49 73.06 9.63
N GLN C 733 -6.06 74.20 9.07
CA GLN C 733 -6.57 74.74 7.83
C GLN C 733 -6.38 73.82 6.62
N VAL C 734 -7.48 73.64 5.90
CA VAL C 734 -7.48 73.38 4.48
C VAL C 734 -8.39 74.46 3.91
N THR C 735 -7.78 75.48 3.30
CA THR C 735 -8.47 76.72 2.97
C THR C 735 -9.48 76.47 1.86
N LYS C 736 -10.64 77.13 1.98
CA LYS C 736 -11.81 76.82 1.16
C LYS C 736 -11.59 77.16 -0.32
N GLU C 737 -10.61 78.01 -0.62
CA GLU C 737 -10.26 78.23 -2.02
C GLU C 737 -9.46 77.06 -2.58
N ASN C 738 -8.32 76.75 -1.95
CA ASN C 738 -7.45 75.70 -2.46
C ASN C 738 -7.79 74.32 -1.91
N THR C 739 -9.06 74.10 -1.54
CA THR C 739 -9.46 72.81 -1.01
C THR C 739 -9.46 71.74 -2.10
N PHE C 740 -9.44 72.17 -3.36
CA PHE C 740 -9.16 71.28 -4.47
C PHE C 740 -8.19 71.87 -5.47
N SER C 741 -7.65 73.05 -5.18
CA SER C 741 -6.62 73.60 -6.05
C SER C 741 -5.23 73.17 -5.61
N ASN C 742 -5.02 73.07 -4.30
CA ASN C 742 -3.79 72.53 -3.75
C ASN C 742 -3.78 71.02 -3.89
N TRP C 743 -2.68 70.49 -4.44
CA TRP C 743 -2.45 69.05 -4.42
C TRP C 743 -2.31 68.51 -3.01
N GLN C 744 -1.69 69.28 -2.11
CA GLN C 744 -1.53 68.87 -0.73
C GLN C 744 -2.86 68.71 -0.03
N SER C 745 -3.80 69.63 -0.27
CA SER C 745 -5.15 69.52 0.27
C SER C 745 -5.86 68.29 -0.25
N ILE C 746 -5.66 67.98 -1.53
CA ILE C 746 -6.27 66.80 -2.11
C ILE C 746 -5.67 65.54 -1.52
N ASP C 747 -4.37 65.57 -1.21
CA ASP C 747 -3.74 64.41 -0.57
C ASP C 747 -4.25 64.22 0.84
N ILE C 748 -4.50 65.32 1.56
CA ILE C 748 -5.04 65.22 2.92
C ILE C 748 -6.44 64.62 2.89
N ILE C 749 -7.27 65.08 1.94
CA ILE C 749 -8.63 64.57 1.82
C ILE C 749 -8.62 63.11 1.38
N LEU C 750 -7.63 62.73 0.58
CA LEU C 750 -7.46 61.33 0.25
C LEU C 750 -7.09 60.50 1.48
N GLN C 751 -6.29 61.06 2.40
CA GLN C 751 -5.98 60.30 3.60
C GLN C 751 -7.19 60.17 4.52
N TRP C 752 -8.04 61.21 4.57
CA TRP C 752 -9.32 61.07 5.25
C TRP C 752 -10.18 59.99 4.64
N THR C 753 -10.21 59.89 3.31
CA THR C 753 -11.00 58.83 2.71
C THR C 753 -10.38 57.45 2.92
N ASN C 754 -9.05 57.37 3.01
CA ASN C 754 -8.42 56.08 3.27
C ASN C 754 -8.74 55.59 4.68
N ILE C 755 -8.68 56.49 5.66
CA ILE C 755 -9.01 56.04 7.01
C ILE C 755 -10.51 55.81 7.16
N ALA C 756 -11.33 56.49 6.36
CA ALA C 756 -12.76 56.17 6.35
C ALA C 756 -13.03 54.83 5.69
N SER C 757 -12.24 54.48 4.69
CA SER C 757 -12.36 53.19 4.03
C SER C 757 -11.86 52.06 4.91
N ASN C 758 -10.97 52.36 5.86
CA ASN C 758 -10.53 51.32 6.79
C ASN C 758 -11.65 50.94 7.74
N LEU C 759 -12.21 51.91 8.45
CA LEU C 759 -13.20 51.64 9.47
C LEU C 759 -14.59 51.44 8.90
N ASN C 760 -14.78 51.70 7.60
CA ASN C 760 -16.09 51.70 6.94
C ASN C 760 -17.07 52.64 7.62
N ILE C 761 -16.60 53.83 7.97
CA ILE C 761 -17.37 54.81 8.71
C ILE C 761 -17.23 56.16 8.02
N SER C 762 -18.34 56.87 7.86
CA SER C 762 -18.32 58.20 7.29
C SER C 762 -17.54 59.16 8.20
N PRO C 763 -16.73 60.05 7.61
CA PRO C 763 -15.73 60.77 8.40
C PRO C 763 -16.27 61.84 9.33
N GLN C 764 -17.57 62.02 9.44
CA GLN C 764 -18.04 62.82 10.56
C GLN C 764 -18.09 62.00 11.84
N GLY C 765 -18.01 60.69 11.75
CA GLY C 765 -17.99 59.84 12.92
C GLY C 765 -16.60 59.70 13.50
N ILE C 766 -15.59 60.02 12.69
CA ILE C 766 -14.22 59.97 13.15
C ILE C 766 -13.83 61.30 13.81
N SER C 767 -14.67 62.32 13.68
CA SER C 767 -14.44 63.57 14.40
C SER C 767 -14.60 63.46 15.91
N PRO C 768 -15.70 62.92 16.48
CA PRO C 768 -15.74 62.82 17.94
C PRO C 768 -14.82 61.73 18.46
N LEU C 769 -14.47 60.77 17.62
CA LEU C 769 -13.45 59.77 17.96
C LEU C 769 -12.13 60.44 18.30
N ILE C 770 -11.68 61.35 17.45
CA ILE C 770 -10.45 62.07 17.74
C ILE C 770 -10.70 63.10 18.83
N ALA C 771 -11.93 63.58 18.96
CA ALA C 771 -12.23 64.47 20.08
C ALA C 771 -12.35 63.74 21.42
N LEU C 772 -12.27 62.41 21.45
CA LEU C 772 -12.25 61.70 22.72
C LEU C 772 -10.86 61.49 23.28
N ASP C 773 -9.90 62.36 22.96
CA ASP C 773 -8.55 62.18 23.46
C ASP C 773 -8.50 62.50 24.95
N TYR C 774 -7.44 62.03 25.61
CA TYR C 774 -7.32 62.27 27.04
C TYR C 774 -6.89 63.69 27.32
N ILE C 775 -5.85 64.15 26.63
CA ILE C 775 -5.25 65.43 27.01
C ILE C 775 -5.59 66.53 26.01
N LYS C 776 -6.14 66.18 24.84
CA LYS C 776 -6.39 67.23 23.85
C LYS C 776 -7.65 68.02 24.16
N PRO C 777 -8.82 67.39 24.56
CA PRO C 777 -9.84 68.16 25.30
C PRO C 777 -9.68 68.02 26.82
N ALA C 778 -8.52 68.45 27.33
CA ALA C 778 -8.26 68.39 28.77
C ALA C 778 -9.17 69.31 29.57
N GLN C 779 -9.79 70.29 28.92
CA GLN C 779 -10.82 71.09 29.56
C GLN C 779 -12.10 70.30 29.74
N LYS C 780 -12.68 69.83 28.63
CA LYS C 780 -13.96 69.13 28.64
C LYS C 780 -13.69 67.63 28.71
N THR C 781 -13.78 67.07 29.90
CA THR C 781 -13.60 65.64 30.08
C THR C 781 -14.78 64.90 29.47
N PRO C 782 -14.55 63.89 28.63
CA PRO C 782 -15.67 63.20 27.97
C PRO C 782 -16.52 62.40 28.93
N THR C 783 -17.83 62.55 28.81
CA THR C 783 -18.77 61.78 29.62
C THR C 783 -18.89 60.37 29.06
N TYR C 784 -19.61 59.52 29.79
CA TYR C 784 -19.75 58.12 29.41
C TYR C 784 -20.56 57.96 28.14
N ALA C 785 -21.55 58.84 27.94
CA ALA C 785 -22.44 58.73 26.79
C ALA C 785 -21.70 59.03 25.49
N GLN C 786 -20.68 59.89 25.56
CA GLN C 786 -19.89 60.19 24.37
C GLN C 786 -19.07 58.98 23.96
N TRP C 787 -18.49 58.28 24.94
CA TRP C 787 -17.84 57.01 24.69
C TRP C 787 -18.81 55.99 24.13
N GLU C 788 -20.06 56.01 24.62
CA GLU C 788 -21.06 55.09 24.12
C GLU C 788 -21.40 55.36 22.66
N ASN C 789 -21.59 56.63 22.30
CA ASN C 789 -21.94 56.99 20.93
C ASN C 789 -20.79 56.72 19.97
N ALA C 790 -19.56 56.92 20.40
CA ALA C 790 -18.46 56.57 19.51
C ALA C 790 -18.29 55.07 19.40
N ALA C 791 -18.51 54.35 20.50
CA ALA C 791 -18.33 52.90 20.52
C ALA C 791 -19.35 52.21 19.64
N ILE C 792 -20.58 52.69 19.65
CA ILE C 792 -21.60 52.02 18.83
C ILE C 792 -21.37 52.33 17.36
N ALA C 793 -20.79 53.50 17.05
CA ALA C 793 -20.49 53.83 15.67
C ALA C 793 -19.34 52.99 15.16
N LEU C 794 -18.36 52.72 16.01
CA LEU C 794 -17.30 51.78 15.63
C LEU C 794 -17.83 50.35 15.55
N THR C 795 -18.84 50.03 16.38
CA THR C 795 -19.36 48.68 16.45
C THR C 795 -20.13 48.31 15.19
N ALA C 796 -20.88 49.27 14.64
CA ALA C 796 -21.75 48.99 13.50
C ALA C 796 -20.97 48.59 12.24
N GLY C 797 -19.71 49.02 12.11
CA GLY C 797 -18.98 48.78 10.88
C GLY C 797 -18.40 47.39 10.74
N LEU C 798 -18.64 46.50 11.70
CA LEU C 798 -17.93 45.23 11.72
C LEU C 798 -18.74 44.12 11.06
N ASP C 799 -18.05 43.12 10.54
CA ASP C 799 -18.68 41.96 9.92
C ASP C 799 -18.85 40.81 10.93
N THR C 800 -19.15 39.61 10.41
CA THR C 800 -19.65 38.52 11.25
C THR C 800 -18.58 37.88 12.13
N GLN C 801 -17.39 37.59 11.59
CA GLN C 801 -16.37 36.95 12.40
C GLN C 801 -15.85 37.89 13.46
N GLN C 802 -15.68 39.16 13.07
CA GLN C 802 -15.28 40.17 14.02
C GLN C 802 -16.35 40.42 15.07
N THR C 803 -17.64 40.33 14.73
CA THR C 803 -18.63 40.59 15.77
C THR C 803 -18.80 39.38 16.70
N HIS C 804 -18.60 38.15 16.22
CA HIS C 804 -18.57 37.01 17.14
C HIS C 804 -17.40 37.11 18.08
N THR C 805 -16.23 37.45 17.55
CA THR C 805 -15.03 37.55 18.37
C THR C 805 -15.16 38.71 19.35
N LEU C 806 -15.88 39.75 18.94
CA LEU C 806 -16.13 40.88 19.81
C LEU C 806 -17.06 40.49 20.97
N HIS C 807 -18.11 39.72 20.68
CA HIS C 807 -18.99 39.26 21.75
C HIS C 807 -18.26 38.36 22.73
N VAL C 808 -17.39 37.49 22.21
CA VAL C 808 -16.57 36.63 23.06
C VAL C 808 -15.72 37.45 24.02
N PHE C 809 -14.96 38.41 23.48
CA PHE C 809 -14.03 39.16 24.31
C PHE C 809 -14.74 40.11 25.26
N LEU C 810 -15.83 40.72 24.82
CA LEU C 810 -16.54 41.65 25.70
C LEU C 810 -17.21 40.91 26.85
N ASP C 811 -17.75 39.72 26.59
CA ASP C 811 -18.34 38.96 27.69
C ASP C 811 -17.27 38.47 28.66
N GLU C 812 -16.10 38.06 28.15
CA GLU C 812 -15.03 37.64 29.04
C GLU C 812 -14.50 38.80 29.86
N SER C 813 -14.48 40.00 29.30
CA SER C 813 -14.06 41.15 30.09
C SER C 813 -15.08 41.55 31.13
N ARG C 814 -16.37 41.53 30.78
CA ARG C 814 -17.42 41.88 31.73
C ARG C 814 -17.49 40.90 32.88
N SER C 815 -17.10 39.65 32.62
CA SER C 815 -17.04 38.64 33.69
C SER C 815 -16.15 39.07 34.83
N THR C 816 -14.85 39.26 34.53
CA THR C 816 -13.91 39.64 35.58
C THR C 816 -14.08 41.09 36.00
N ALA C 817 -14.79 41.88 35.20
CA ALA C 817 -15.09 43.24 35.64
C ALA C 817 -16.14 43.22 36.73
N LEU C 818 -17.21 42.48 36.54
CA LEU C 818 -18.26 42.44 37.54
C LEU C 818 -17.85 41.64 38.75
N SER C 819 -17.05 40.59 38.57
CA SER C 819 -16.80 39.64 39.63
C SER C 819 -15.96 40.26 40.75
N ASN C 820 -14.95 41.03 40.37
CA ASN C 820 -14.09 41.59 41.39
C ASN C 820 -14.77 42.72 42.15
N TYR C 821 -15.61 43.50 41.48
CA TYR C 821 -16.41 44.50 42.19
C TYR C 821 -17.42 43.85 43.11
N TYR C 822 -17.99 42.71 42.69
CA TYR C 822 -18.93 42.01 43.53
C TYR C 822 -18.27 41.49 44.80
N ILE C 823 -17.09 40.87 44.64
CA ILE C 823 -16.30 40.40 45.77
C ILE C 823 -15.94 41.57 46.68
N GLY C 824 -15.59 42.71 46.09
CA GLY C 824 -15.20 43.86 46.87
C GLY C 824 -16.31 44.48 47.69
N LYS C 825 -17.47 44.72 47.08
CA LYS C 825 -18.43 45.58 47.76
C LYS C 825 -19.74 44.87 48.10
N VAL C 826 -20.17 43.92 47.27
CA VAL C 826 -21.56 43.51 47.36
C VAL C 826 -21.69 42.24 48.19
N ALA C 827 -20.65 41.41 48.20
CA ALA C 827 -20.66 40.20 48.99
C ALA C 827 -20.65 40.52 50.48
N ASN C 828 -21.13 39.59 51.28
CA ASN C 828 -21.14 39.81 52.71
C ASN C 828 -19.82 39.39 53.33
N ARG C 829 -19.42 40.13 54.36
CA ARG C 829 -18.17 39.86 55.05
C ARG C 829 -18.23 38.55 55.82
N ALA C 830 -19.43 38.08 56.16
CA ALA C 830 -19.59 36.79 56.81
C ALA C 830 -19.13 35.65 55.90
N ALA C 831 -19.41 35.75 54.61
CA ALA C 831 -18.95 34.78 53.65
C ALA C 831 -17.51 35.10 53.27
N SER C 832 -16.59 34.25 53.70
CA SER C 832 -15.17 34.43 53.39
C SER C 832 -14.93 34.18 51.91
N ILE C 833 -14.68 35.24 51.16
CA ILE C 833 -14.49 35.16 49.72
C ILE C 833 -13.20 35.89 49.37
N LYS C 834 -12.16 35.13 49.01
CA LYS C 834 -10.93 35.76 48.54
C LYS C 834 -10.91 35.88 47.03
N SER C 835 -10.97 34.75 46.33
CA SER C 835 -10.71 34.72 44.90
C SER C 835 -11.98 34.49 44.10
N ARG C 836 -11.82 34.34 42.79
CA ARG C 836 -12.98 34.08 41.93
C ARG C 836 -13.51 32.66 42.11
N ASP C 837 -12.66 31.72 42.48
CA ASP C 837 -13.14 30.36 42.72
C ASP C 837 -13.98 30.30 43.99
N ASP C 838 -13.63 31.14 44.98
CA ASP C 838 -14.49 31.29 46.15
C ASP C 838 -15.85 31.84 45.75
N LEU C 839 -15.86 32.76 44.80
CA LEU C 839 -17.12 33.30 44.30
C LEU C 839 -17.92 32.24 43.57
N TYR C 840 -17.24 31.38 42.82
CA TYR C 840 -17.90 30.24 42.18
C TYR C 840 -18.52 29.31 43.20
N GLN C 841 -17.81 29.06 44.30
CA GLN C 841 -18.35 28.20 45.33
C GLN C 841 -19.49 28.85 46.08
N TYR C 842 -19.52 30.18 46.10
CA TYR C 842 -20.57 30.86 46.84
C TYR C 842 -21.80 31.09 45.97
N LEU C 843 -21.64 31.15 44.65
CA LEU C 843 -22.79 31.47 43.81
C LEU C 843 -23.30 30.30 43.00
N LEU C 844 -22.59 29.17 43.03
CA LEU C 844 -22.93 27.91 42.37
C LEU C 844 -22.96 28.00 40.86
N ILE C 845 -22.31 28.98 40.26
CA ILE C 845 -22.31 29.16 38.83
C ILE C 845 -20.98 29.79 38.43
N ASP C 846 -20.48 29.43 37.26
CA ASP C 846 -19.09 29.66 36.93
C ASP C 846 -18.95 30.94 36.12
N ASN C 847 -17.91 31.72 36.44
CA ASN C 847 -17.61 32.94 35.73
C ASN C 847 -16.41 32.82 34.81
N GLN C 848 -15.61 31.77 34.97
CA GLN C 848 -14.39 31.66 34.20
C GLN C 848 -14.55 30.83 32.94
N VAL C 849 -15.73 30.26 32.72
CA VAL C 849 -15.98 29.52 31.50
C VAL C 849 -16.00 30.46 30.32
N SER C 850 -15.26 30.11 29.27
CA SER C 850 -15.30 30.91 28.06
C SER C 850 -16.67 30.78 27.40
N ALA C 851 -17.07 31.83 26.68
CA ALA C 851 -18.43 31.97 26.17
C ALA C 851 -18.73 31.05 25.00
N GLU C 852 -17.80 30.19 24.61
CA GLU C 852 -18.05 29.19 23.59
C GLU C 852 -19.05 28.13 24.06
N ILE C 853 -19.14 27.90 25.36
CA ILE C 853 -19.96 26.82 25.90
C ILE C 853 -21.42 27.22 25.89
N LYS C 854 -22.28 26.34 25.38
CA LYS C 854 -23.72 26.56 25.32
C LYS C 854 -24.43 25.52 26.18
N THR C 855 -25.34 25.99 27.03
CA THR C 855 -26.15 25.11 27.88
C THR C 855 -27.58 25.65 27.94
N THR C 856 -28.49 24.81 28.43
CA THR C 856 -29.84 25.29 28.69
C THR C 856 -29.92 25.87 30.08
N ARG C 857 -31.06 26.50 30.37
CA ARG C 857 -31.23 27.14 31.67
C ARG C 857 -31.42 26.13 32.79
N ILE C 858 -32.28 25.13 32.56
CA ILE C 858 -32.68 24.23 33.62
C ILE C 858 -31.54 23.31 34.01
N ALA C 859 -30.74 22.90 33.03
CA ALA C 859 -29.57 22.07 33.32
C ALA C 859 -28.54 22.85 34.13
N GLU C 860 -28.43 24.15 33.89
CA GLU C 860 -27.54 24.97 34.69
C GLU C 860 -28.02 25.11 36.13
N ALA C 861 -29.33 25.30 36.31
CA ALA C 861 -29.86 25.36 37.67
C ALA C 861 -29.72 24.01 38.39
N ILE C 862 -29.84 22.91 37.64
CA ILE C 862 -29.59 21.58 38.19
C ILE C 862 -28.15 21.46 38.68
N ALA C 863 -27.20 21.93 37.87
CA ALA C 863 -25.80 21.88 38.26
C ALA C 863 -25.54 22.71 39.51
N SER C 864 -26.21 23.87 39.60
CA SER C 864 -26.09 24.71 40.78
C SER C 864 -26.60 24.00 42.03
N ILE C 865 -27.77 23.36 41.92
CA ILE C 865 -28.37 22.71 43.07
C ILE C 865 -27.57 21.48 43.49
N GLN C 866 -27.08 20.71 42.52
CA GLN C 866 -26.26 19.55 42.84
C GLN C 866 -24.96 19.94 43.48
N LEU C 867 -24.36 21.05 43.04
CA LEU C 867 -23.12 21.48 43.66
C LEU C 867 -23.36 21.96 45.08
N TYR C 868 -24.51 22.61 45.31
CA TYR C 868 -24.88 22.99 46.67
C TYR C 868 -25.07 21.79 47.58
N VAL C 869 -25.74 20.76 47.08
CA VAL C 869 -26.01 19.59 47.92
C VAL C 869 -24.72 18.84 48.22
N ASN C 870 -23.80 18.79 47.26
CA ASN C 870 -22.50 18.19 47.52
C ASN C 870 -21.73 18.99 48.56
N ARG C 871 -21.83 20.30 48.53
CA ARG C 871 -21.12 21.07 49.56
C ARG C 871 -21.82 20.96 50.90
N ALA C 872 -23.11 20.68 50.91
CA ALA C 872 -23.79 20.56 52.18
C ALA C 872 -23.53 19.22 52.84
N LEU C 873 -23.40 18.15 52.06
CA LEU C 873 -23.22 16.84 52.66
C LEU C 873 -21.82 16.66 53.22
N GLU C 874 -20.83 17.38 52.70
CA GLU C 874 -19.48 17.18 53.18
C GLU C 874 -19.22 17.87 54.51
N ASN C 875 -20.17 18.67 54.99
CA ASN C 875 -20.01 19.58 56.12
C ASN C 875 -18.81 20.51 55.93
N ILE C 876 -18.50 20.85 54.69
CA ILE C 876 -17.42 21.78 54.41
C ILE C 876 -17.91 23.21 54.59
N GLU C 877 -19.11 23.50 54.13
CA GLU C 877 -19.77 24.76 54.47
C GLU C 877 -20.46 24.53 55.80
N ILE C 878 -20.22 25.43 56.74
CA ILE C 878 -20.38 25.11 58.15
C ILE C 878 -21.85 25.13 58.56
N HIS C 879 -22.15 24.43 59.67
CA HIS C 879 -23.45 24.37 60.32
C HIS C 879 -24.52 23.69 59.48
N ALA C 880 -24.24 22.48 59.00
CA ALA C 880 -25.26 21.68 58.36
C ALA C 880 -26.30 21.25 59.38
N VAL C 881 -27.58 21.50 59.07
CA VAL C 881 -28.65 21.09 59.96
C VAL C 881 -28.90 19.60 59.79
N SER C 882 -28.69 18.84 60.86
CA SER C 882 -28.77 17.38 60.84
C SER C 882 -30.20 16.86 60.77
N ASP C 883 -31.18 17.76 60.85
CA ASP C 883 -32.58 17.35 60.86
C ASP C 883 -33.02 16.86 59.49
N VAL C 884 -32.50 17.46 58.43
CA VAL C 884 -32.96 17.12 57.09
C VAL C 884 -32.05 16.10 56.45
N ILE C 885 -30.80 15.99 56.95
CA ILE C 885 -29.82 15.08 56.36
C ILE C 885 -30.25 13.63 56.57
N THR C 886 -30.94 13.38 57.68
CA THR C 886 -31.37 12.02 57.99
C THR C 886 -32.59 11.56 57.20
N ARG C 887 -33.10 12.36 56.27
CA ARG C 887 -34.28 11.96 55.52
C ARG C 887 -33.95 10.86 54.52
N GLN C 888 -35.01 10.23 54.02
CA GLN C 888 -34.85 9.07 53.14
C GLN C 888 -34.21 9.43 51.82
N PHE C 889 -34.47 10.65 51.34
CA PHE C 889 -33.96 11.07 50.04
C PHE C 889 -32.44 11.18 50.03
N PHE C 890 -31.86 11.68 51.11
CA PHE C 890 -30.42 11.91 51.11
C PHE C 890 -29.64 10.69 51.54
N ILE C 891 -30.29 9.71 52.14
CA ILE C 891 -29.68 8.40 52.28
C ILE C 891 -29.49 7.78 50.90
N ASP C 892 -30.46 8.00 50.02
CA ASP C 892 -30.35 7.55 48.64
C ASP C 892 -29.77 8.61 47.73
N TRP C 893 -29.05 9.60 48.25
CA TRP C 893 -28.44 10.60 47.40
C TRP C 893 -27.33 9.99 46.55
N ASP C 894 -26.31 9.44 47.22
CA ASP C 894 -25.03 9.09 46.60
C ASP C 894 -25.15 8.04 45.53
N LYS C 895 -26.20 7.23 45.56
CA LYS C 895 -26.32 6.13 44.62
C LYS C 895 -27.37 6.43 43.57
N TYR C 896 -28.46 7.10 43.95
CA TYR C 896 -29.62 7.18 43.07
C TYR C 896 -29.98 8.61 42.71
N ASN C 897 -29.78 9.54 43.63
CA ASN C 897 -30.35 10.85 43.41
C ASN C 897 -29.34 11.89 42.97
N LYS C 898 -28.07 11.52 42.84
CA LYS C 898 -27.05 12.54 42.63
C LYS C 898 -27.01 12.98 41.18
N ARG C 899 -27.18 12.04 40.26
CA ARG C 899 -27.23 12.35 38.85
C ARG C 899 -28.66 12.35 38.36
N TYR C 900 -28.86 12.85 37.15
CA TYR C 900 -30.16 12.73 36.51
C TYR C 900 -30.44 11.32 36.07
N SER C 901 -29.42 10.61 35.57
CA SER C 901 -29.64 9.36 34.88
C SER C 901 -30.08 8.26 35.83
N THR C 902 -29.48 8.20 37.02
CA THR C 902 -29.88 7.18 37.98
C THR C 902 -31.27 7.47 38.53
N TRP C 903 -31.61 8.74 38.67
CA TRP C 903 -32.95 9.10 39.12
C TRP C 903 -33.98 8.70 38.07
N ALA C 904 -33.65 8.92 36.81
CA ALA C 904 -34.55 8.49 35.74
C ALA C 904 -34.64 6.98 35.67
N GLY C 905 -33.55 6.29 35.98
CA GLY C 905 -33.58 4.84 35.99
C GLY C 905 -34.49 4.28 37.07
N VAL C 906 -34.39 4.85 38.27
CA VAL C 906 -35.26 4.42 39.36
C VAL C 906 -36.72 4.75 39.06
N SER C 907 -36.97 5.95 38.54
CA SER C 907 -38.34 6.38 38.27
C SER C 907 -38.97 5.56 37.16
N GLN C 908 -38.19 5.20 36.14
CA GLN C 908 -38.75 4.33 35.11
C GLN C 908 -38.89 2.90 35.60
N LEU C 909 -38.00 2.47 36.50
CA LEU C 909 -38.05 1.08 36.94
C LEU C 909 -39.22 0.86 37.89
N VAL C 910 -39.75 1.94 38.46
CA VAL C 910 -41.04 1.83 39.13
C VAL C 910 -42.14 1.57 38.12
N TYR C 911 -42.38 2.53 37.22
CA TYR C 911 -43.60 2.49 36.41
C TYR C 911 -43.47 1.51 35.25
N TYR C 912 -42.28 1.31 34.71
CA TYR C 912 -42.09 0.43 33.57
C TYR C 912 -41.00 -0.59 33.87
N PRO C 913 -41.32 -1.66 34.60
CA PRO C 913 -40.31 -2.68 34.89
C PRO C 913 -39.96 -3.51 33.69
N GLU C 914 -40.86 -3.62 32.71
CA GLU C 914 -40.68 -4.53 31.59
C GLU C 914 -39.55 -4.08 30.67
N ASN C 915 -39.11 -2.84 30.81
CA ASN C 915 -37.90 -2.42 30.14
C ASN C 915 -36.67 -3.06 30.77
N TYR C 916 -36.80 -3.52 32.02
CA TYR C 916 -35.63 -4.06 32.69
C TYR C 916 -35.82 -5.51 33.07
N ILE C 917 -37.02 -6.05 32.82
CA ILE C 917 -37.22 -7.47 33.02
C ILE C 917 -36.45 -8.24 31.96
N ASP C 918 -35.54 -9.08 32.41
CA ASP C 918 -34.74 -9.90 31.50
C ASP C 918 -34.76 -11.31 32.01
N PRO C 919 -35.32 -12.25 31.24
CA PRO C 919 -35.51 -13.61 31.75
C PRO C 919 -34.23 -14.42 31.87
N THR C 920 -33.13 -13.87 31.37
CA THR C 920 -31.83 -14.53 31.53
C THR C 920 -31.37 -14.47 32.98
N MET C 921 -31.30 -13.28 33.55
CA MET C 921 -30.80 -13.13 34.91
C MET C 921 -31.90 -12.59 35.82
N ARG C 922 -32.38 -13.46 36.71
CA ARG C 922 -33.43 -13.11 37.65
C ARG C 922 -32.88 -13.20 39.05
N ILE C 923 -33.15 -12.18 39.86
CA ILE C 923 -32.73 -12.19 41.25
C ILE C 923 -33.67 -13.10 42.03
N GLY C 924 -33.10 -13.98 42.86
CA GLY C 924 -33.89 -14.98 43.54
C GLY C 924 -34.01 -16.29 42.80
N GLN C 925 -33.00 -16.66 42.03
CA GLN C 925 -33.10 -17.79 41.13
C GLN C 925 -32.64 -19.07 41.81
N THR C 926 -33.37 -20.15 41.61
CA THR C 926 -32.96 -21.44 42.14
C THR C 926 -31.83 -22.01 41.30
N LYS C 927 -31.23 -23.09 41.78
CA LYS C 927 -30.22 -23.76 40.97
C LYS C 927 -30.84 -24.62 39.88
N MET C 928 -32.15 -24.89 39.97
CA MET C 928 -32.87 -25.60 38.93
C MET C 928 -32.82 -24.84 37.61
N MET C 929 -33.25 -23.57 37.62
CA MET C 929 -33.14 -22.73 36.44
C MET C 929 -31.70 -22.49 36.03
N ASP C 930 -30.78 -22.52 36.99
CA ASP C 930 -29.37 -22.38 36.69
C ASP C 930 -28.86 -23.52 35.85
N THR C 931 -29.14 -24.75 36.25
CA THR C 931 -28.65 -25.87 35.46
C THR C 931 -29.45 -26.03 34.17
N LEU C 932 -30.67 -25.51 34.11
CA LEU C 932 -31.37 -25.44 32.84
C LEU C 932 -30.67 -24.48 31.88
N LEU C 933 -30.37 -23.27 32.34
CA LEU C 933 -29.68 -22.29 31.51
C LEU C 933 -28.32 -22.79 31.08
N GLN C 934 -27.61 -23.46 31.98
CA GLN C 934 -26.33 -24.06 31.61
C GLN C 934 -26.53 -25.19 30.62
N SER C 935 -27.66 -25.89 30.68
CA SER C 935 -27.93 -26.94 29.71
C SER C 935 -28.21 -26.37 28.32
N VAL C 936 -28.74 -25.14 28.25
CA VAL C 936 -29.01 -24.56 26.94
C VAL C 936 -28.02 -23.47 26.54
N SER C 937 -26.86 -23.41 27.19
CA SER C 937 -25.90 -22.35 26.91
C SER C 937 -24.88 -22.84 25.90
N GLN C 938 -25.29 -22.93 24.64
CA GLN C 938 -24.33 -23.15 23.55
C GLN C 938 -24.88 -22.56 22.26
N SER C 939 -24.13 -22.73 21.15
CA SER C 939 -24.53 -22.10 19.91
C SER C 939 -25.49 -22.95 19.10
N GLN C 940 -25.08 -24.15 18.69
CA GLN C 940 -25.88 -25.03 17.86
C GLN C 940 -26.98 -25.64 18.70
N LEU C 941 -28.18 -25.10 18.58
CA LEU C 941 -29.33 -25.59 19.33
C LEU C 941 -30.28 -26.30 18.40
N ASN C 942 -30.57 -27.55 18.72
CA ASN C 942 -31.60 -28.32 18.06
C ASN C 942 -32.79 -28.39 19.02
N ALA C 943 -33.96 -28.70 18.48
CA ALA C 943 -35.17 -28.75 19.31
C ALA C 943 -35.12 -29.90 20.30
N ASP C 944 -34.52 -31.02 19.89
CA ASP C 944 -34.54 -32.19 20.75
C ASP C 944 -33.53 -32.08 21.88
N THR C 945 -32.46 -31.32 21.66
CA THR C 945 -31.56 -30.96 22.74
C THR C 945 -32.28 -30.15 23.82
N VAL C 946 -33.09 -29.18 23.37
CA VAL C 946 -33.93 -28.41 24.28
C VAL C 946 -34.92 -29.30 25.00
N GLU C 947 -35.46 -30.30 24.30
CA GLU C 947 -36.38 -31.25 24.90
C GLU C 947 -35.70 -32.06 26.01
N ASP C 948 -34.50 -32.57 25.74
CA ASP C 948 -33.79 -33.35 26.75
C ASP C 948 -33.38 -32.52 27.95
N ALA C 949 -32.98 -31.27 27.71
CA ALA C 949 -32.70 -30.36 28.82
C ALA C 949 -33.96 -30.09 29.63
N PHE C 950 -35.09 -30.00 28.96
CA PHE C 950 -36.35 -29.80 29.67
C PHE C 950 -36.73 -31.02 30.48
N LYS C 951 -36.44 -32.22 29.99
CA LYS C 951 -36.73 -33.43 30.76
C LYS C 951 -35.85 -33.50 32.00
N SER C 952 -34.60 -33.10 31.88
CA SER C 952 -33.72 -33.07 33.04
C SER C 952 -34.18 -32.07 34.09
N TYR C 953 -34.58 -30.89 33.64
CA TYR C 953 -35.18 -29.92 34.54
C TYR C 953 -36.46 -30.46 35.19
N LEU C 954 -37.23 -31.24 34.45
CA LEU C 954 -38.46 -31.78 35.00
C LEU C 954 -38.18 -32.80 36.09
N THR C 955 -37.15 -33.62 35.91
CA THR C 955 -36.75 -34.56 36.96
C THR C 955 -36.27 -33.82 38.21
N SER C 956 -35.47 -32.78 38.02
CA SER C 956 -35.02 -31.99 39.16
C SER C 956 -36.16 -31.26 39.86
N PHE C 957 -37.23 -30.95 39.13
CA PHE C 957 -38.42 -30.40 39.76
C PHE C 957 -39.20 -31.45 40.53
N GLU C 958 -39.29 -32.66 39.96
CA GLU C 958 -39.93 -33.78 40.61
C GLU C 958 -39.31 -34.08 41.97
N GLN C 959 -37.99 -33.94 42.06
CA GLN C 959 -37.29 -34.30 43.29
C GLN C 959 -37.70 -33.41 44.46
N VAL C 960 -37.86 -32.11 44.22
CA VAL C 960 -38.23 -31.23 45.32
C VAL C 960 -39.72 -30.96 45.38
N ALA C 961 -40.51 -31.51 44.47
CA ALA C 961 -41.95 -31.31 44.62
C ALA C 961 -42.57 -32.29 45.61
N ASN C 962 -41.90 -33.41 45.87
CA ASN C 962 -42.44 -34.46 46.75
C ASN C 962 -41.97 -34.36 48.18
N LEU C 963 -41.62 -33.16 48.65
CA LEU C 963 -40.95 -33.08 49.94
C LEU C 963 -41.94 -33.22 51.09
N GLU C 964 -41.51 -33.94 52.11
CA GLU C 964 -42.29 -34.20 53.30
C GLU C 964 -41.58 -33.59 54.50
N VAL C 965 -42.34 -33.03 55.42
CA VAL C 965 -41.78 -32.35 56.58
C VAL C 965 -41.66 -33.36 57.70
N ILE C 966 -40.45 -33.55 58.24
CA ILE C 966 -40.32 -34.40 59.41
C ILE C 966 -40.72 -33.63 60.65
N SER C 967 -39.99 -32.57 60.95
CA SER C 967 -40.26 -31.79 62.14
C SER C 967 -39.82 -30.37 61.88
N ALA C 968 -40.05 -29.51 62.86
CA ALA C 968 -39.82 -28.09 62.70
C ALA C 968 -39.50 -27.48 64.05
N TYR C 969 -39.16 -26.19 64.02
CA TYR C 969 -38.81 -25.45 65.21
C TYR C 969 -39.18 -24.00 65.02
N HIS C 970 -39.88 -23.43 65.99
CA HIS C 970 -40.27 -22.04 65.95
C HIS C 970 -39.22 -21.21 66.65
N ASP C 971 -39.01 -20.00 66.18
CA ASP C 971 -37.95 -19.17 66.71
C ASP C 971 -38.39 -18.46 67.98
N ASN C 972 -39.38 -17.58 67.87
CA ASN C 972 -39.76 -16.69 68.96
C ASN C 972 -40.52 -17.47 70.04
N VAL C 973 -40.71 -16.83 71.19
CA VAL C 973 -41.36 -17.47 72.33
C VAL C 973 -42.84 -17.72 72.04
N ASN C 974 -43.50 -16.84 71.30
CA ASN C 974 -44.90 -17.01 70.98
C ASN C 974 -45.11 -17.01 69.48
N ASN C 975 -46.25 -17.55 69.06
CA ASN C 975 -46.43 -18.02 67.70
C ASN C 975 -46.64 -16.90 66.69
N ASP C 976 -46.83 -15.66 67.15
CA ASP C 976 -47.28 -14.64 66.22
C ASP C 976 -46.09 -13.96 65.55
N GLN C 977 -44.92 -14.01 66.16
CA GLN C 977 -43.76 -13.31 65.65
C GLN C 977 -42.60 -14.29 65.50
N GLY C 978 -41.50 -13.79 64.97
CA GLY C 978 -40.34 -14.62 64.76
C GLY C 978 -40.44 -15.47 63.51
N LEU C 979 -39.49 -16.39 63.39
CA LEU C 979 -39.39 -17.23 62.20
C LEU C 979 -39.72 -18.67 62.55
N THR C 980 -39.62 -19.53 61.55
CA THR C 980 -39.92 -20.94 61.67
C THR C 980 -39.08 -21.69 60.65
N TYR C 981 -38.44 -22.77 61.07
CA TYR C 981 -37.57 -23.55 60.21
C TYR C 981 -38.16 -24.94 60.06
N PHE C 982 -38.30 -25.41 58.83
CA PHE C 982 -38.78 -26.75 58.58
C PHE C 982 -37.62 -27.65 58.19
N ILE C 983 -37.84 -28.96 58.28
CA ILE C 983 -36.86 -29.95 57.86
C ILE C 983 -37.53 -30.91 56.88
N GLY C 984 -37.01 -30.97 55.66
CA GLY C 984 -37.65 -31.72 54.61
C GLY C 984 -37.14 -33.14 54.46
N ASN C 985 -38.02 -34.01 53.98
CA ASN C 985 -37.70 -35.39 53.68
C ASN C 985 -37.97 -35.61 52.21
N SER C 986 -37.21 -36.48 51.57
CA SER C 986 -37.58 -36.91 50.23
C SER C 986 -38.22 -38.29 50.32
N LYS C 987 -38.74 -38.76 49.20
CA LYS C 987 -39.19 -40.15 49.11
C LYS C 987 -38.09 -40.91 48.39
N THR C 988 -36.91 -40.95 49.00
CA THR C 988 -35.79 -41.75 48.51
C THR C 988 -35.13 -42.40 49.70
N GLU C 989 -34.18 -43.27 49.41
CA GLU C 989 -33.24 -43.74 50.41
C GLU C 989 -32.14 -42.69 50.51
N VAL C 990 -31.02 -43.04 51.16
CA VAL C 990 -30.37 -42.27 52.23
C VAL C 990 -30.46 -40.78 51.98
N ASN C 991 -31.07 -40.09 52.93
CA ASN C 991 -31.86 -38.94 52.54
C ASN C 991 -31.00 -37.71 52.36
N GLN C 992 -31.49 -36.82 51.53
CA GLN C 992 -30.89 -35.50 51.34
C GLN C 992 -31.85 -34.51 51.97
N TYR C 993 -31.70 -34.32 53.29
CA TYR C 993 -32.62 -33.53 54.08
C TYR C 993 -32.56 -32.08 53.64
N TYR C 994 -33.71 -31.44 53.58
CA TYR C 994 -33.82 -30.08 53.11
C TYR C 994 -34.38 -29.22 54.22
N TRP C 995 -34.12 -27.92 54.15
CA TRP C 995 -34.69 -27.03 55.13
C TRP C 995 -35.09 -25.73 54.46
N ARG C 996 -36.13 -25.11 54.98
CA ARG C 996 -36.57 -23.82 54.49
C ARG C 996 -37.04 -23.01 55.68
N SER C 997 -37.20 -21.72 55.47
CA SER C 997 -37.59 -20.83 56.53
C SER C 997 -38.81 -20.06 56.10
N VAL C 998 -39.54 -19.53 57.08
CA VAL C 998 -40.73 -18.74 56.83
C VAL C 998 -40.89 -17.78 57.99
N ASP C 999 -41.40 -16.59 57.70
CA ASP C 999 -41.58 -15.55 58.70
C ASP C 999 -43.02 -15.50 59.14
N HIS C 1000 -43.25 -15.08 60.38
CA HIS C 1000 -44.59 -14.85 60.88
C HIS C 1000 -44.96 -13.38 60.89
N SER C 1001 -44.00 -12.49 60.65
CA SER C 1001 -44.33 -11.08 60.68
C SER C 1001 -45.05 -10.65 59.40
N LYS C 1002 -44.76 -11.30 58.28
CA LYS C 1002 -45.44 -10.97 57.03
C LYS C 1002 -46.80 -11.64 56.89
N PHE C 1003 -47.33 -12.22 57.96
CA PHE C 1003 -48.66 -12.79 57.91
C PHE C 1003 -49.71 -11.70 57.96
N ASN C 1004 -50.72 -11.81 57.11
CA ASN C 1004 -51.91 -10.98 57.15
C ASN C 1004 -53.01 -11.64 56.34
N ASP C 1005 -54.24 -11.46 56.82
CA ASP C 1005 -55.47 -11.86 56.13
C ASP C 1005 -55.52 -13.36 55.86
N GLY C 1006 -55.18 -14.15 56.86
CA GLY C 1006 -55.39 -15.58 56.76
C GLY C 1006 -54.42 -16.34 55.88
N LYS C 1007 -53.36 -15.71 55.38
CA LYS C 1007 -52.44 -16.37 54.48
C LYS C 1007 -51.09 -15.66 54.46
N PHE C 1008 -50.02 -16.44 54.55
CA PHE C 1008 -48.68 -15.96 54.24
C PHE C 1008 -48.62 -15.44 52.81
N ALA C 1009 -48.14 -14.23 52.64
CA ALA C 1009 -47.76 -13.77 51.32
C ALA C 1009 -46.54 -14.55 50.86
N ALA C 1010 -46.42 -14.75 49.55
CA ALA C 1010 -45.46 -15.73 49.03
C ALA C 1010 -44.02 -15.30 49.19
N ASN C 1011 -43.76 -14.03 49.50
CA ASN C 1011 -42.42 -13.60 49.82
C ASN C 1011 -42.01 -13.91 51.25
N ALA C 1012 -42.96 -14.33 52.09
CA ALA C 1012 -42.60 -14.68 53.46
C ALA C 1012 -41.93 -16.05 53.51
N TRP C 1013 -42.14 -16.86 52.49
CA TRP C 1013 -41.47 -18.14 52.45
C TRP C 1013 -40.03 -17.97 51.98
N SER C 1014 -39.31 -19.07 51.97
CA SER C 1014 -37.95 -19.11 51.45
C SER C 1014 -37.78 -20.36 50.60
N GLU C 1015 -36.66 -20.41 49.91
CA GLU C 1015 -36.34 -21.55 49.08
C GLU C 1015 -35.88 -22.72 49.95
N TRP C 1016 -36.02 -23.93 49.42
CA TRP C 1016 -35.42 -25.06 50.08
C TRP C 1016 -33.91 -24.98 49.92
N HIS C 1017 -33.19 -25.43 50.93
CA HIS C 1017 -31.74 -25.51 50.86
C HIS C 1017 -31.33 -26.92 51.20
N LYS C 1018 -30.21 -27.36 50.64
CA LYS C 1018 -29.76 -28.72 50.80
C LYS C 1018 -28.81 -28.83 51.99
N ILE C 1019 -28.86 -29.95 52.69
CA ILE C 1019 -27.98 -30.22 53.82
C ILE C 1019 -26.96 -31.25 53.36
N ASP C 1020 -25.69 -31.02 53.67
CA ASP C 1020 -24.62 -31.80 53.07
C ASP C 1020 -24.04 -32.84 54.00
N CYS C 1021 -24.08 -32.64 55.31
CA CYS C 1021 -23.48 -33.60 56.23
C CYS C 1021 -24.29 -34.87 56.23
N ALA C 1022 -23.60 -36.00 56.38
CA ALA C 1022 -24.24 -37.30 56.31
C ALA C 1022 -25.05 -37.53 57.58
N ILE C 1023 -26.37 -37.61 57.41
CA ILE C 1023 -27.29 -37.73 58.52
C ILE C 1023 -28.05 -39.03 58.36
N ASN C 1024 -28.10 -39.82 59.42
CA ASN C 1024 -28.85 -41.08 59.41
C ASN C 1024 -29.57 -41.21 60.75
N PRO C 1025 -30.77 -40.65 60.86
CA PRO C 1025 -31.48 -40.73 62.13
C PRO C 1025 -32.09 -42.11 62.34
N TYR C 1026 -32.68 -42.28 63.51
CA TYR C 1026 -33.47 -43.45 63.81
C TYR C 1026 -34.91 -43.05 64.02
N GLN C 1027 -35.82 -43.69 63.28
CA GLN C 1027 -37.26 -43.41 63.27
C GLN C 1027 -37.56 -41.96 62.91
N SER C 1028 -36.67 -41.33 62.14
CA SER C 1028 -36.70 -39.91 61.80
C SER C 1028 -36.87 -39.04 63.04
N THR C 1029 -35.90 -39.12 63.94
CA THR C 1029 -35.92 -38.35 65.18
C THR C 1029 -34.85 -37.29 65.05
N ILE C 1030 -35.26 -36.10 64.62
CA ILE C 1030 -34.34 -35.02 64.33
C ILE C 1030 -35.09 -33.70 64.44
N ARG C 1031 -34.48 -32.75 65.12
CA ARG C 1031 -35.10 -31.44 65.23
C ARG C 1031 -34.04 -30.39 64.97
N PRO C 1032 -34.40 -29.30 64.31
CA PRO C 1032 -33.51 -28.14 64.25
C PRO C 1032 -33.68 -27.33 65.51
N VAL C 1033 -32.71 -26.46 65.76
CA VAL C 1033 -32.75 -25.58 66.92
C VAL C 1033 -31.85 -24.39 66.60
N ILE C 1034 -32.21 -23.24 67.16
CA ILE C 1034 -31.46 -22.02 66.93
C ILE C 1034 -30.76 -21.68 68.22
N TYR C 1035 -29.50 -22.10 68.32
CA TYR C 1035 -28.70 -21.82 69.49
C TYR C 1035 -27.67 -20.78 69.14
N LYS C 1036 -27.68 -19.66 69.86
CA LYS C 1036 -26.84 -18.50 69.62
C LYS C 1036 -26.98 -17.99 68.20
N SER C 1037 -28.23 -17.91 67.74
CA SER C 1037 -28.63 -17.38 66.42
C SER C 1037 -27.95 -18.09 65.26
N ARG C 1038 -27.63 -19.37 65.46
CA ARG C 1038 -27.06 -20.20 64.41
C ARG C 1038 -27.89 -21.47 64.34
N LEU C 1039 -28.19 -21.91 63.12
CA LEU C 1039 -28.99 -23.10 62.92
C LEU C 1039 -28.21 -24.34 63.35
N TYR C 1040 -28.75 -25.12 64.28
CA TYR C 1040 -28.13 -26.39 64.65
C TYR C 1040 -29.11 -27.50 64.35
N LEU C 1041 -28.62 -28.58 63.78
CA LEU C 1041 -29.38 -29.81 63.64
C LEU C 1041 -28.92 -30.79 64.71
N ILE C 1042 -29.88 -31.39 65.41
CA ILE C 1042 -29.58 -32.38 66.41
C ILE C 1042 -30.43 -33.60 66.16
N TRP C 1043 -29.82 -34.78 66.23
CA TRP C 1043 -30.57 -35.99 65.96
C TRP C 1043 -30.03 -37.13 66.78
N LEU C 1044 -30.83 -38.19 66.83
CA LEU C 1044 -30.47 -39.40 67.54
C LEU C 1044 -30.03 -40.43 66.53
N GLU C 1045 -29.06 -41.26 66.89
CA GLU C 1045 -28.54 -42.25 65.95
C GLU C 1045 -28.21 -43.53 66.71
N GLN C 1046 -28.52 -44.67 66.08
CA GLN C 1046 -28.54 -45.97 66.73
C GLN C 1046 -27.60 -46.93 66.04
N LYS C 1047 -26.70 -47.53 66.81
CA LYS C 1047 -25.80 -48.56 66.34
C LYS C 1047 -26.09 -49.85 67.05
N GLU C 1048 -26.15 -50.94 66.29
CA GLU C 1048 -26.31 -52.27 66.86
C GLU C 1048 -24.95 -52.81 67.27
N THR C 1049 -24.88 -53.41 68.45
CA THR C 1049 -23.71 -54.11 68.93
C THR C 1049 -24.08 -55.56 69.23
N ALA C 1050 -23.14 -56.28 69.84
CA ALA C 1050 -23.38 -57.64 70.27
C ALA C 1050 -22.47 -57.95 71.45
N LYS C 1051 -23.03 -58.05 72.64
CA LYS C 1051 -22.31 -58.53 73.79
C LYS C 1051 -22.24 -60.05 73.75
N GLN C 1052 -21.31 -60.61 74.51
CA GLN C 1052 -21.27 -62.05 74.69
C GLN C 1052 -22.03 -62.42 75.96
N LYS C 1053 -23.16 -63.09 75.79
CA LYS C 1053 -23.99 -63.54 76.88
C LYS C 1053 -23.58 -64.92 77.37
N GLU C 1054 -22.41 -65.41 76.94
CA GLU C 1054 -22.24 -66.83 76.72
C GLU C 1054 -22.20 -67.62 78.02
N ASP C 1055 -23.37 -68.07 78.42
CA ASP C 1055 -23.48 -69.46 78.80
C ASP C 1055 -23.46 -70.33 77.56
N ASN C 1056 -24.27 -69.99 76.56
CA ASN C 1056 -24.20 -70.59 75.23
C ASN C 1056 -23.97 -69.56 74.14
N LYS C 1057 -24.80 -68.52 74.11
CA LYS C 1057 -24.99 -67.75 72.89
C LYS C 1057 -24.38 -66.36 73.00
N VAL C 1058 -24.57 -65.59 71.93
CA VAL C 1058 -24.09 -64.23 71.79
C VAL C 1058 -25.30 -63.32 71.64
N THR C 1059 -25.49 -62.44 72.61
CA THR C 1059 -26.67 -61.58 72.61
C THR C 1059 -26.41 -60.39 71.70
N THR C 1060 -27.50 -59.68 71.40
CA THR C 1060 -27.47 -58.53 70.50
C THR C 1060 -27.96 -57.31 71.27
N ASP C 1061 -27.18 -56.24 71.24
CA ASP C 1061 -27.53 -55.03 71.96
C ASP C 1061 -27.47 -53.83 71.02
N TYR C 1062 -28.21 -52.80 71.40
CA TYR C 1062 -28.17 -51.52 70.71
C TYR C 1062 -27.62 -50.48 71.67
N HIS C 1063 -26.87 -49.53 71.14
CA HIS C 1063 -26.53 -48.36 71.93
C HIS C 1063 -26.85 -47.12 71.10
N TYR C 1064 -27.25 -46.07 71.81
CA TYR C 1064 -27.75 -44.86 71.19
C TYR C 1064 -26.74 -43.76 71.40
N GLU C 1065 -26.54 -42.97 70.36
CA GLU C 1065 -25.61 -41.85 70.45
C GLU C 1065 -26.30 -40.60 69.93
N LEU C 1066 -25.81 -39.47 70.39
CA LEU C 1066 -26.39 -38.18 70.07
C LEU C 1066 -25.43 -37.41 69.20
N LYS C 1067 -25.95 -36.74 68.18
CA LYS C 1067 -25.12 -35.95 67.27
C LYS C 1067 -25.61 -34.52 67.26
N LEU C 1068 -24.72 -33.59 66.96
CA LEU C 1068 -25.03 -32.18 66.90
C LEU C 1068 -24.14 -31.52 65.88
N ALA C 1069 -24.73 -30.88 64.89
CA ALA C 1069 -23.99 -30.27 63.81
C ALA C 1069 -24.61 -28.92 63.45
N HIS C 1070 -23.76 -27.98 63.08
CA HIS C 1070 -24.21 -26.62 62.84
C HIS C 1070 -23.69 -26.08 61.53
N ILE C 1071 -24.39 -25.12 61.00
CA ILE C 1071 -24.07 -24.53 59.72
C ILE C 1071 -22.93 -23.54 59.93
N ARG C 1072 -22.17 -23.27 58.89
CA ARG C 1072 -21.18 -22.21 58.88
C ARG C 1072 -21.77 -20.99 58.20
N TYR C 1073 -20.94 -19.97 58.00
CA TYR C 1073 -21.44 -18.74 57.41
C TYR C 1073 -21.73 -18.88 55.93
N ASP C 1074 -20.82 -19.48 55.17
CA ASP C 1074 -21.01 -19.58 53.73
C ASP C 1074 -22.11 -20.56 53.35
N GLY C 1075 -22.48 -21.48 54.25
CA GLY C 1075 -23.53 -22.43 53.98
C GLY C 1075 -23.08 -23.87 54.04
N THR C 1076 -21.89 -24.14 54.55
CA THR C 1076 -21.46 -25.51 54.69
C THR C 1076 -21.69 -26.00 56.11
N TRP C 1077 -21.60 -27.31 56.29
CA TRP C 1077 -21.97 -27.95 57.54
C TRP C 1077 -20.74 -28.50 58.22
N ASN C 1078 -20.70 -28.35 59.54
CA ASN C 1078 -19.55 -28.78 60.30
C ASN C 1078 -19.59 -30.30 60.49
N VAL C 1079 -18.48 -30.85 60.94
CA VAL C 1079 -18.45 -32.25 61.35
C VAL C 1079 -19.22 -32.39 62.66
N PRO C 1080 -20.14 -33.34 62.78
CA PRO C 1080 -20.97 -33.44 63.97
C PRO C 1080 -20.19 -33.88 65.20
N ILE C 1081 -20.73 -33.54 66.35
CA ILE C 1081 -20.13 -33.83 67.65
C ILE C 1081 -20.77 -35.07 68.22
N THR C 1082 -19.97 -35.95 68.80
CA THR C 1082 -20.44 -37.20 69.36
C THR C 1082 -20.85 -36.99 70.81
N PHE C 1083 -21.94 -37.62 71.23
CA PHE C 1083 -22.27 -37.76 72.63
C PHE C 1083 -22.85 -39.15 72.86
N ASP C 1084 -22.41 -39.79 73.92
CA ASP C 1084 -22.89 -41.11 74.30
C ASP C 1084 -24.05 -40.92 75.26
N VAL C 1085 -25.23 -41.40 74.88
CA VAL C 1085 -26.42 -41.24 75.70
C VAL C 1085 -27.13 -42.55 75.97
N ASP C 1086 -26.42 -43.68 75.86
CA ASP C 1086 -27.05 -44.98 76.05
C ASP C 1086 -27.52 -45.16 77.50
N GLU C 1087 -26.82 -44.53 78.45
CA GLU C 1087 -27.24 -44.53 79.84
C GLU C 1087 -28.62 -43.93 80.02
N LYS C 1088 -28.86 -42.77 79.44
CA LYS C 1088 -30.12 -42.08 79.68
C LYS C 1088 -31.27 -42.68 78.89
N ILE C 1089 -30.99 -43.19 77.69
CA ILE C 1089 -32.04 -43.86 76.94
C ILE C 1089 -32.37 -45.20 77.59
N LEU C 1090 -31.36 -45.86 78.16
CA LEU C 1090 -31.63 -47.07 78.94
C LEU C 1090 -32.35 -46.74 80.24
N ALA C 1091 -32.19 -45.51 80.74
CA ALA C 1091 -32.94 -45.11 81.93
C ALA C 1091 -34.42 -44.98 81.63
N LEU C 1092 -34.77 -44.44 80.46
CA LEU C 1092 -36.16 -44.44 80.03
C LEU C 1092 -36.58 -45.87 79.69
N GLU C 1093 -37.82 -46.20 80.00
CA GLU C 1093 -38.31 -47.56 79.86
C GLU C 1093 -38.98 -47.68 78.50
N LEU C 1094 -38.25 -48.21 77.54
CA LEU C 1094 -38.65 -48.14 76.14
C LEU C 1094 -38.75 -49.54 75.56
N THR C 1095 -39.80 -49.78 74.79
CA THR C 1095 -39.84 -50.99 73.99
C THR C 1095 -39.00 -50.80 72.73
N LYS C 1096 -38.79 -51.90 72.02
CA LYS C 1096 -38.10 -51.82 70.75
C LYS C 1096 -39.02 -51.23 69.69
N SER C 1097 -38.40 -50.68 68.64
CA SER C 1097 -39.08 -50.09 67.47
C SER C 1097 -39.96 -48.90 67.84
N GLN C 1098 -39.63 -48.21 68.93
CA GLN C 1098 -40.30 -46.98 69.31
C GLN C 1098 -39.27 -45.97 69.76
N ALA C 1099 -39.13 -44.90 69.01
CA ALA C 1099 -38.15 -43.89 69.36
C ALA C 1099 -38.62 -43.08 70.56
N PRO C 1100 -37.71 -42.72 71.45
CA PRO C 1100 -38.09 -41.81 72.52
C PRO C 1100 -38.32 -40.42 71.97
N GLY C 1101 -39.18 -39.67 72.66
CA GLY C 1101 -39.40 -38.30 72.28
C GLY C 1101 -38.17 -37.45 72.57
N LEU C 1102 -38.05 -36.36 71.82
CA LEU C 1102 -36.91 -35.48 71.93
C LEU C 1102 -37.40 -34.05 72.04
N TYR C 1103 -36.92 -33.34 73.04
CA TYR C 1103 -37.29 -31.95 73.25
C TYR C 1103 -36.02 -31.12 73.30
N CYS C 1104 -36.01 -29.99 72.62
CA CYS C 1104 -34.79 -29.24 72.39
C CYS C 1104 -35.14 -27.78 72.18
N ALA C 1105 -34.63 -26.90 73.03
CA ALA C 1105 -35.02 -25.50 72.94
C ALA C 1105 -33.86 -24.59 73.34
N GLY C 1106 -33.88 -23.39 72.80
CA GLY C 1106 -32.92 -22.36 73.19
C GLY C 1106 -33.39 -21.62 74.42
N TYR C 1107 -32.49 -20.79 74.96
CA TYR C 1107 -32.71 -20.14 76.25
C TYR C 1107 -31.77 -18.95 76.36
N GLN C 1108 -32.34 -17.74 76.35
CA GLN C 1108 -31.55 -16.51 76.14
C GLN C 1108 -30.74 -16.08 77.34
N GLY C 1109 -31.42 -15.73 78.43
CA GLY C 1109 -30.72 -15.58 79.69
C GLY C 1109 -30.18 -16.94 80.10
N GLU C 1110 -28.90 -16.95 80.50
CA GLU C 1110 -28.11 -18.16 80.75
C GLU C 1110 -28.08 -19.04 79.50
N ASP C 1111 -27.39 -18.53 78.48
CA ASP C 1111 -27.28 -19.17 77.17
C ASP C 1111 -26.75 -20.59 77.27
N THR C 1112 -27.64 -21.54 77.00
CA THR C 1112 -27.45 -22.95 77.26
C THR C 1112 -28.49 -23.72 76.48
N LEU C 1113 -28.04 -24.68 75.69
CA LEU C 1113 -28.90 -25.44 74.81
C LEU C 1113 -29.62 -26.51 75.61
N LEU C 1114 -30.93 -26.36 75.79
CA LEU C 1114 -31.73 -27.31 76.55
C LEU C 1114 -31.97 -28.55 75.71
N ILE C 1115 -31.99 -29.71 76.36
CA ILE C 1115 -32.39 -30.95 75.73
C ILE C 1115 -33.01 -31.86 76.77
N MET C 1116 -34.14 -32.47 76.41
CA MET C 1116 -34.83 -33.39 77.30
C MET C 1116 -35.29 -34.59 76.51
N PHE C 1117 -35.08 -35.78 77.06
CA PHE C 1117 -35.62 -37.00 76.49
C PHE C 1117 -36.84 -37.41 77.29
N TYR C 1118 -37.78 -38.08 76.62
CA TYR C 1118 -39.01 -38.47 77.26
C TYR C 1118 -39.64 -39.61 76.48
N ARG C 1119 -40.25 -40.53 77.21
CA ARG C 1119 -41.06 -41.57 76.60
C ARG C 1119 -42.31 -40.92 76.03
N LYS C 1120 -42.80 -41.41 74.90
CA LYS C 1120 -44.02 -40.85 74.35
C LYS C 1120 -45.24 -41.43 75.03
N LYS C 1121 -46.13 -40.56 75.49
CA LYS C 1121 -47.39 -40.96 76.10
C LYS C 1121 -48.51 -40.62 75.14
N GLU C 1122 -49.76 -40.84 75.57
CA GLU C 1122 -50.88 -40.48 74.71
C GLU C 1122 -51.42 -39.10 75.04
N LYS C 1123 -51.27 -38.67 76.28
CA LYS C 1123 -51.88 -37.44 76.75
C LYS C 1123 -50.79 -36.46 77.16
N LEU C 1124 -51.01 -35.18 76.86
CA LEU C 1124 -50.10 -34.13 77.25
C LEU C 1124 -49.96 -34.03 78.76
N ASP C 1125 -51.06 -34.22 79.50
CA ASP C 1125 -51.02 -34.06 80.94
C ASP C 1125 -50.31 -35.21 81.64
N ASP C 1126 -50.10 -36.32 80.95
CA ASP C 1126 -49.28 -37.40 81.46
C ASP C 1126 -47.82 -36.99 81.61
N TYR C 1127 -47.35 -36.03 80.80
CA TYR C 1127 -45.96 -35.61 80.85
C TYR C 1127 -45.65 -34.72 82.04
N LYS C 1128 -46.66 -34.27 82.77
CA LYS C 1128 -46.40 -33.54 84.02
C LYS C 1128 -45.86 -34.49 85.08
N THR C 1129 -46.18 -35.78 84.96
CA THR C 1129 -45.77 -36.79 85.92
C THR C 1129 -44.63 -37.66 85.43
N ALA C 1130 -44.31 -37.62 84.14
CA ALA C 1130 -43.27 -38.50 83.61
C ALA C 1130 -41.91 -38.01 84.06
N PRO C 1131 -41.07 -38.90 84.61
CA PRO C 1131 -39.70 -38.52 84.95
C PRO C 1131 -38.89 -38.28 83.68
N MET C 1132 -37.85 -37.47 83.84
CA MET C 1132 -37.20 -36.87 82.69
C MET C 1132 -35.74 -37.25 82.63
N GLN C 1133 -35.24 -37.42 81.41
CA GLN C 1133 -33.83 -37.57 81.15
C GLN C 1133 -33.43 -36.42 80.23
N GLY C 1134 -32.33 -35.76 80.55
CA GLY C 1134 -31.88 -34.67 79.71
C GLY C 1134 -30.69 -33.99 80.33
N PHE C 1135 -30.06 -33.11 79.57
CA PHE C 1135 -28.92 -32.39 80.08
C PHE C 1135 -28.83 -31.02 79.45
N TYR C 1136 -27.68 -30.39 79.63
CA TYR C 1136 -27.46 -29.03 79.18
C TYR C 1136 -26.25 -29.02 78.28
N ILE C 1137 -26.19 -28.08 77.36
CA ILE C 1137 -25.05 -27.92 76.49
C ILE C 1137 -24.62 -26.47 76.57
N PHE C 1138 -23.38 -26.25 76.97
CA PHE C 1138 -22.86 -24.90 77.14
C PHE C 1138 -22.21 -24.44 75.84
N SER C 1139 -21.46 -23.34 75.92
CA SER C 1139 -20.81 -22.80 74.74
C SER C 1139 -19.64 -23.66 74.30
N ASP C 1140 -19.09 -24.48 75.19
CA ASP C 1140 -17.95 -25.31 74.86
C ASP C 1140 -18.33 -26.70 74.35
N MET C 1141 -19.62 -26.93 74.09
CA MET C 1141 -20.19 -28.25 73.82
C MET C 1141 -19.86 -29.26 74.91
N SER C 1142 -19.81 -28.81 76.15
CA SER C 1142 -19.69 -29.71 77.29
C SER C 1142 -21.06 -29.94 77.89
N SER C 1143 -21.27 -31.13 78.43
CA SER C 1143 -22.54 -31.54 78.98
C SER C 1143 -22.58 -31.24 80.46
N LYS C 1144 -23.79 -31.13 81.01
CA LYS C 1144 -24.04 -31.21 82.43
C LYS C 1144 -25.43 -31.77 82.62
N ASP C 1145 -25.54 -32.85 83.38
CA ASP C 1145 -26.80 -33.57 83.48
C ASP C 1145 -27.79 -32.81 84.36
N MET C 1146 -29.06 -33.06 84.10
CA MET C 1146 -30.12 -32.38 84.83
C MET C 1146 -30.34 -33.04 86.17
N THR C 1147 -30.34 -32.22 87.23
CA THR C 1147 -30.94 -32.66 88.48
C THR C 1147 -32.44 -32.46 88.41
N ASN C 1148 -33.18 -33.42 88.96
CA ASN C 1148 -34.61 -33.50 88.68
C ASN C 1148 -35.37 -32.39 89.40
N GLU C 1149 -34.84 -31.88 90.50
CA GLU C 1149 -35.43 -30.72 91.14
C GLU C 1149 -35.25 -29.47 90.28
N GLN C 1150 -34.21 -29.43 89.46
CA GLN C 1150 -34.03 -28.34 88.51
C GLN C 1150 -34.91 -28.56 87.29
N CYS C 1151 -35.04 -29.82 86.85
CA CYS C 1151 -35.82 -30.15 85.68
C CYS C 1151 -37.33 -30.05 85.93
N ASN C 1152 -37.75 -30.02 87.20
CA ASN C 1152 -39.17 -29.85 87.52
C ASN C 1152 -39.71 -28.51 87.05
N SER C 1153 -38.89 -27.46 87.15
CA SER C 1153 -39.31 -26.14 86.69
C SER C 1153 -39.51 -26.13 85.18
N TYR C 1154 -38.57 -26.72 84.44
CA TYR C 1154 -38.69 -26.79 82.98
C TYR C 1154 -39.84 -27.67 82.55
N ARG C 1155 -40.08 -28.77 83.26
CA ARG C 1155 -41.20 -29.63 82.93
C ARG C 1155 -42.54 -28.96 83.22
N ASP C 1156 -42.62 -28.22 84.32
CA ASP C 1156 -43.86 -27.52 84.63
C ASP C 1156 -44.08 -26.31 83.73
N ASN C 1157 -43.01 -25.74 83.18
CA ASN C 1157 -43.18 -24.60 82.28
C ASN C 1157 -43.49 -25.03 80.86
N GLY C 1158 -42.90 -26.13 80.39
CA GLY C 1158 -43.06 -26.49 79.00
C GLY C 1158 -43.70 -27.84 78.75
N TYR C 1159 -44.66 -28.23 79.58
CA TYR C 1159 -45.29 -29.53 79.37
C TYR C 1159 -46.21 -29.57 78.16
N THR C 1160 -46.65 -28.42 77.67
CA THR C 1160 -47.59 -28.42 76.56
C THR C 1160 -46.93 -28.65 75.22
N HIS C 1161 -45.62 -28.51 75.12
CA HIS C 1161 -44.95 -28.64 73.84
C HIS C 1161 -44.54 -30.07 73.54
N PHE C 1162 -44.81 -31.00 74.45
CA PHE C 1162 -44.43 -32.39 74.21
C PHE C 1162 -45.36 -33.04 73.20
N ASP C 1163 -44.99 -34.24 72.77
CA ASP C 1163 -45.68 -34.90 71.69
C ASP C 1163 -46.42 -36.13 72.19
N THR C 1164 -47.53 -36.44 71.56
CA THR C 1164 -48.27 -37.64 71.93
C THR C 1164 -47.62 -38.87 71.31
N ASN C 1165 -48.27 -40.03 71.50
CA ASN C 1165 -47.86 -41.21 70.78
C ASN C 1165 -48.17 -41.06 69.30
N SER C 1166 -47.13 -40.77 68.53
CA SER C 1166 -47.26 -40.33 67.15
C SER C 1166 -47.22 -41.54 66.21
N ASP C 1167 -48.39 -42.06 65.90
CA ASP C 1167 -48.60 -42.93 64.76
C ASP C 1167 -48.99 -42.02 63.59
N THR C 1168 -49.37 -42.61 62.47
CA THR C 1168 -49.97 -41.80 61.42
C THR C 1168 -51.36 -41.36 61.86
N ASN C 1169 -51.72 -40.15 61.46
CA ASN C 1169 -52.89 -39.40 61.96
C ASN C 1169 -52.89 -39.33 63.48
N SER C 1170 -51.73 -38.99 64.04
CA SER C 1170 -51.57 -38.67 65.45
C SER C 1170 -50.86 -37.33 65.54
N VAL C 1171 -50.52 -36.91 66.76
CA VAL C 1171 -50.20 -35.52 67.01
C VAL C 1171 -48.70 -35.36 67.21
N ILE C 1172 -48.08 -34.57 66.35
CA ILE C 1172 -46.71 -34.14 66.51
C ILE C 1172 -46.73 -32.61 66.54
N ARG C 1173 -45.91 -32.03 67.41
CA ARG C 1173 -45.96 -30.60 67.66
C ARG C 1173 -44.62 -29.97 67.35
N ILE C 1174 -44.56 -28.66 67.57
CA ILE C 1174 -43.39 -27.86 67.27
C ILE C 1174 -42.86 -27.33 68.59
N ASN C 1175 -41.67 -26.76 68.57
CA ASN C 1175 -41.08 -26.24 69.79
C ASN C 1175 -40.80 -24.75 69.64
N ASN C 1176 -41.13 -23.99 70.67
CA ASN C 1176 -40.74 -22.60 70.77
C ASN C 1176 -39.40 -22.54 71.47
N ARG C 1177 -38.82 -21.35 71.55
CA ARG C 1177 -37.68 -21.19 72.41
C ARG C 1177 -38.16 -21.17 73.85
N TYR C 1178 -37.30 -21.57 74.78
CA TYR C 1178 -37.77 -21.68 76.15
C TYR C 1178 -37.70 -20.34 76.86
N ALA C 1179 -38.80 -20.01 77.54
CA ALA C 1179 -38.81 -18.93 78.52
C ALA C 1179 -39.94 -19.21 79.48
N GLU C 1180 -39.81 -18.66 80.68
CA GLU C 1180 -40.89 -18.64 81.65
C GLU C 1180 -41.68 -17.36 81.44
N ASP C 1181 -42.43 -16.95 82.48
CA ASP C 1181 -43.52 -15.97 82.42
C ASP C 1181 -43.08 -14.64 81.80
N TYR C 1182 -41.83 -14.22 81.91
CA TYR C 1182 -41.37 -13.05 81.19
C TYR C 1182 -39.98 -13.25 80.62
N GLU C 1183 -39.71 -12.58 79.50
CA GLU C 1183 -38.46 -12.72 78.78
C GLU C 1183 -37.82 -11.35 78.65
N ILE C 1184 -36.75 -11.11 79.40
CA ILE C 1184 -36.13 -9.79 79.49
C ILE C 1184 -34.64 -9.92 79.18
N PRO C 1185 -34.09 -9.06 78.33
CA PRO C 1185 -32.63 -9.06 78.13
C PRO C 1185 -31.89 -8.60 79.37
N SER C 1186 -30.61 -8.96 79.43
CA SER C 1186 -29.83 -8.69 80.64
C SER C 1186 -29.14 -7.33 80.59
N LEU C 1187 -28.56 -6.97 79.45
CA LEU C 1187 -27.75 -5.77 79.39
C LEU C 1187 -28.00 -5.06 78.06
N ILE C 1188 -28.00 -3.74 78.10
CA ILE C 1188 -28.04 -2.90 76.91
C ILE C 1188 -26.76 -2.07 76.90
N ASN C 1189 -26.14 -1.96 75.73
CA ASN C 1189 -25.00 -1.06 75.60
C ASN C 1189 -25.20 -0.11 74.43
N HIS C 1190 -25.78 -0.59 73.35
CA HIS C 1190 -26.03 0.25 72.19
C HIS C 1190 -27.16 1.24 72.48
N SER C 1191 -26.96 2.47 72.02
CA SER C 1191 -27.93 3.54 72.22
C SER C 1191 -29.06 3.41 71.23
N ASN C 1192 -30.25 3.85 71.63
CA ASN C 1192 -31.38 3.83 70.71
C ASN C 1192 -31.53 5.18 70.03
N SER C 1193 -31.30 6.25 70.79
CA SER C 1193 -31.07 7.58 70.22
C SER C 1193 -30.29 8.39 71.23
N HIS C 1194 -29.50 9.33 70.72
CA HIS C 1194 -28.86 10.30 71.58
C HIS C 1194 -28.81 11.61 70.83
N ASP C 1195 -28.29 12.64 71.50
CA ASP C 1195 -28.38 13.97 70.94
C ASP C 1195 -27.31 14.85 71.57
N TRP C 1196 -26.86 15.83 70.79
CA TRP C 1196 -25.98 16.87 71.31
C TRP C 1196 -26.76 17.78 72.23
N GLY C 1197 -26.04 18.48 73.10
CA GLY C 1197 -26.63 19.48 73.95
C GLY C 1197 -26.77 20.81 73.22
N GLU C 1198 -26.84 21.88 74.02
CA GLU C 1198 -26.86 23.21 73.44
C GLU C 1198 -25.42 23.65 73.19
N TYR C 1199 -25.24 24.38 72.09
CA TYR C 1199 -23.98 24.93 71.56
C TYR C 1199 -22.98 23.85 71.12
N ASN C 1200 -23.36 22.57 71.12
CA ASN C 1200 -22.52 21.44 70.70
C ASN C 1200 -21.22 21.36 71.51
N LEU C 1201 -21.32 21.66 72.81
CA LEU C 1201 -20.12 21.69 73.63
C LEU C 1201 -19.85 20.37 74.31
N SER C 1202 -20.89 19.65 74.71
CA SER C 1202 -20.73 18.36 75.35
C SER C 1202 -21.99 17.56 75.12
N GLN C 1203 -21.96 16.30 75.56
CA GLN C 1203 -23.05 15.38 75.30
C GLN C 1203 -22.98 14.25 76.32
N VAL C 1204 -24.10 13.59 76.51
CA VAL C 1204 -24.20 12.46 77.42
C VAL C 1204 -24.20 11.20 76.57
N TYR C 1205 -23.20 10.36 76.75
CA TYR C 1205 -23.00 9.25 75.82
C TYR C 1205 -22.23 8.14 76.52
N GLY C 1206 -22.53 6.91 76.11
CA GLY C 1206 -21.83 5.75 76.62
C GLY C 1206 -22.45 5.10 77.83
N GLY C 1207 -23.74 5.32 78.08
CA GLY C 1207 -24.39 4.72 79.22
C GLY C 1207 -24.82 3.29 78.96
N ASN C 1208 -25.18 2.60 80.03
CA ASN C 1208 -25.54 1.19 79.95
C ASN C 1208 -26.43 0.83 81.14
N ILE C 1209 -27.27 -0.18 80.95
CA ILE C 1209 -28.16 -0.69 81.98
C ILE C 1209 -27.99 -2.20 82.08
N VAL C 1210 -27.64 -2.69 83.26
CA VAL C 1210 -27.78 -4.10 83.59
C VAL C 1210 -29.14 -4.29 84.23
N ILE C 1211 -29.78 -5.42 83.95
CA ILE C 1211 -31.14 -5.69 84.39
C ILE C 1211 -31.16 -6.97 85.20
N ASN C 1212 -31.75 -6.91 86.38
CA ASN C 1212 -32.06 -8.10 87.16
C ASN C 1212 -33.55 -8.11 87.44
N TYR C 1213 -34.22 -9.15 86.97
CA TYR C 1213 -35.66 -9.25 87.12
C TYR C 1213 -35.98 -10.44 88.01
N LYS C 1214 -37.04 -10.29 88.81
CA LYS C 1214 -37.56 -11.38 89.62
C LYS C 1214 -39.00 -11.61 89.21
N VAL C 1215 -39.38 -12.88 89.05
CA VAL C 1215 -40.67 -13.25 88.50
C VAL C 1215 -41.55 -13.71 89.65
N THR C 1216 -42.68 -13.02 89.84
CA THR C 1216 -43.72 -13.45 90.75
C THR C 1216 -45.07 -12.96 90.23
N SER C 1217 -46.14 -13.48 90.82
CA SER C 1217 -47.45 -13.41 90.19
C SER C 1217 -48.06 -12.01 90.35
N ASN C 1218 -48.78 -11.59 89.29
CA ASN C 1218 -49.55 -10.33 89.18
C ASN C 1218 -48.66 -9.09 89.19
N ASP C 1219 -47.35 -9.26 89.05
CA ASP C 1219 -46.43 -8.14 88.93
C ASP C 1219 -45.15 -8.62 88.27
N LEU C 1220 -44.16 -7.73 88.27
CA LEU C 1220 -42.82 -8.09 87.85
C LEU C 1220 -41.88 -7.11 88.53
N LYS C 1221 -40.76 -7.62 89.01
CA LYS C 1221 -39.83 -6.80 89.79
C LYS C 1221 -38.53 -6.69 89.01
N ILE C 1222 -38.42 -5.63 88.22
CA ILE C 1222 -37.24 -5.35 87.43
C ILE C 1222 -36.34 -4.46 88.25
N TYR C 1223 -35.08 -4.83 88.37
CA TYR C 1223 -34.09 -4.05 89.10
C TYR C 1223 -32.97 -3.68 88.15
N ILE C 1224 -32.82 -2.39 87.89
CA ILE C 1224 -31.81 -1.91 86.96
C ILE C 1224 -30.82 -1.04 87.71
N SER C 1225 -29.65 -0.85 87.09
CA SER C 1225 -28.61 0.03 87.62
C SER C 1225 -28.02 0.79 86.43
N PRO C 1226 -28.64 1.89 86.04
CA PRO C 1226 -28.10 2.69 84.94
C PRO C 1226 -26.84 3.43 85.37
N LYS C 1227 -25.82 3.37 84.50
CA LYS C 1227 -24.56 4.04 84.75
C LYS C 1227 -24.37 5.14 83.72
N LEU C 1228 -24.68 6.37 84.12
CA LEU C 1228 -24.65 7.53 83.24
C LEU C 1228 -23.20 7.93 83.02
N ARG C 1229 -22.93 8.57 81.88
CA ARG C 1229 -21.60 9.08 81.57
C ARG C 1229 -21.71 10.40 80.82
N ILE C 1230 -21.03 11.41 81.31
CA ILE C 1230 -20.96 12.72 80.66
C ILE C 1230 -19.54 12.91 80.14
N ILE C 1231 -19.42 13.23 78.87
CA ILE C 1231 -18.14 13.58 78.26
C ILE C 1231 -18.18 15.05 77.89
N HIS C 1232 -17.05 15.57 77.44
CA HIS C 1232 -16.96 16.94 76.96
C HIS C 1232 -16.13 16.97 75.69
N ASP C 1233 -16.81 16.95 74.55
CA ASP C 1233 -16.17 17.08 73.26
C ASP C 1233 -17.04 17.93 72.36
N GLY C 1234 -16.41 18.69 71.48
CA GLY C 1234 -17.15 19.51 70.57
C GLY C 1234 -17.45 18.79 69.28
N LYS C 1235 -18.39 19.33 68.53
CA LYS C 1235 -18.57 18.94 67.15
C LYS C 1235 -17.34 19.35 66.35
N GLU C 1236 -17.07 18.65 65.25
CA GLU C 1236 -15.90 18.91 64.43
C GLU C 1236 -15.96 20.32 63.83
N GLY C 1237 -14.83 20.98 63.79
CA GLY C 1237 -14.78 22.37 63.36
C GLY C 1237 -14.18 23.23 64.45
N ARG C 1238 -14.87 24.34 64.75
CA ARG C 1238 -14.41 25.21 65.81
C ARG C 1238 -14.77 24.65 67.18
N GLU C 1239 -15.74 23.73 67.25
CA GLU C 1239 -16.28 23.36 68.54
C GLU C 1239 -15.39 22.35 69.24
N ARG C 1240 -14.82 21.41 68.49
CA ARG C 1240 -13.89 20.45 69.06
C ARG C 1240 -12.63 21.14 69.55
N ILE C 1241 -12.14 22.12 68.81
CA ILE C 1241 -10.91 22.76 69.22
C ILE C 1241 -11.16 23.76 70.35
N GLN C 1242 -12.33 24.39 70.39
CA GLN C 1242 -12.66 25.20 71.57
C GLN C 1242 -12.93 24.34 72.79
N SER C 1243 -13.46 23.14 72.61
CA SER C 1243 -13.56 22.17 73.69
C SER C 1243 -12.21 21.74 74.21
N ASN C 1244 -11.23 21.58 73.32
CA ASN C 1244 -9.88 21.25 73.76
C ASN C 1244 -9.23 22.41 74.51
N LEU C 1245 -9.43 23.64 74.04
CA LEU C 1245 -8.87 24.80 74.74
C LEU C 1245 -9.51 24.99 76.11
N ILE C 1246 -10.82 24.74 76.20
CA ILE C 1246 -11.49 24.91 77.48
C ILE C 1246 -11.28 23.69 78.35
N LYS C 1247 -10.79 22.61 77.75
CA LYS C 1247 -10.42 21.42 78.51
C LYS C 1247 -9.07 21.62 79.18
N LYS C 1248 -8.14 22.27 78.49
CA LYS C 1248 -6.77 22.31 78.98
C LYS C 1248 -6.61 23.25 80.16
N TYR C 1249 -6.85 24.55 79.96
CA TYR C 1249 -6.40 25.51 80.95
C TYR C 1249 -7.40 25.70 82.08
N GLY C 1250 -8.69 25.67 81.78
CA GLY C 1250 -9.70 25.85 82.79
C GLY C 1250 -10.08 24.55 83.47
N LYS C 1251 -10.56 24.67 84.70
CA LYS C 1251 -11.01 23.52 85.47
C LYS C 1251 -12.53 23.51 85.52
N LEU C 1252 -13.07 22.38 85.98
CA LEU C 1252 -14.51 22.20 85.98
C LEU C 1252 -15.15 23.05 87.07
N GLY C 1253 -16.14 23.83 86.67
CA GLY C 1253 -16.79 24.77 87.56
C GLY C 1253 -16.56 26.22 87.23
N ASP C 1254 -15.56 26.53 86.42
CA ASP C 1254 -15.29 27.90 86.06
C ASP C 1254 -16.31 28.43 85.06
N LYS C 1255 -16.28 29.74 84.85
CA LYS C 1255 -17.09 30.40 83.86
C LYS C 1255 -16.24 30.85 82.69
N PHE C 1256 -16.80 30.79 81.49
CA PHE C 1256 -16.05 31.10 80.29
C PHE C 1256 -16.89 31.91 79.33
N ILE C 1257 -16.21 32.68 78.50
CA ILE C 1257 -16.82 33.38 77.38
C ILE C 1257 -16.27 32.75 76.11
N ILE C 1258 -17.15 32.18 75.31
CA ILE C 1258 -16.79 31.56 74.05
C ILE C 1258 -17.39 32.42 72.95
N TYR C 1259 -16.82 32.35 71.75
CA TYR C 1259 -17.20 33.24 70.66
C TYR C 1259 -17.67 32.41 69.48
N THR C 1260 -18.89 32.68 69.04
CA THR C 1260 -19.46 31.91 67.94
C THR C 1260 -19.01 32.48 66.60
N SER C 1261 -19.36 33.73 66.33
CA SER C 1261 -19.09 34.33 65.02
C SER C 1261 -17.60 34.62 64.89
N LEU C 1262 -16.88 33.68 64.29
CA LEU C 1262 -15.45 33.85 64.05
C LEU C 1262 -15.21 33.84 62.56
N GLY C 1263 -14.95 35.02 62.02
CA GLY C 1263 -14.71 35.14 60.59
C GLY C 1263 -13.34 35.73 60.36
N ILE C 1264 -12.95 35.73 59.10
CA ILE C 1264 -11.65 36.25 58.72
C ILE C 1264 -11.80 37.70 58.28
N ASN C 1265 -10.81 38.52 58.60
CA ASN C 1265 -10.78 39.89 58.14
C ASN C 1265 -10.18 39.89 56.74
N PRO C 1266 -10.91 40.31 55.70
CA PRO C 1266 -10.31 40.36 54.37
C PRO C 1266 -9.29 41.46 54.19
N ASN C 1267 -9.21 42.39 55.14
CA ASN C 1267 -8.31 43.53 54.99
C ASN C 1267 -6.88 43.15 55.34
N ASN C 1268 -6.64 42.76 56.58
CA ASN C 1268 -5.28 42.60 57.06
C ASN C 1268 -4.87 41.16 57.27
N SER C 1269 -5.50 40.21 56.58
CA SER C 1269 -5.12 38.81 56.67
C SER C 1269 -4.88 38.27 55.27
N SER C 1270 -3.63 37.92 54.98
CA SER C 1270 -3.28 37.26 53.74
C SER C 1270 -3.53 35.77 53.78
N ASN C 1271 -3.36 35.14 54.94
CA ASN C 1271 -3.53 33.71 55.10
C ASN C 1271 -5.01 33.40 55.19
N ARG C 1272 -5.32 32.12 55.20
CA ARG C 1272 -6.67 31.70 55.57
C ARG C 1272 -6.76 31.21 57.01
N PHE C 1273 -5.82 31.59 57.87
CA PHE C 1273 -5.81 31.05 59.22
C PHE C 1273 -6.46 32.02 60.20
N MET C 1274 -7.04 31.46 61.27
CA MET C 1274 -7.81 32.22 62.23
C MET C 1274 -7.28 32.00 63.64
N PHE C 1275 -7.61 32.94 64.52
CA PHE C 1275 -7.44 32.72 65.96
C PHE C 1275 -8.74 32.22 66.54
N TYR C 1276 -8.65 31.37 67.56
CA TYR C 1276 -9.84 30.83 68.23
C TYR C 1276 -9.83 31.23 69.69
N PRO C 1277 -10.39 32.39 70.06
CA PRO C 1277 -10.28 32.85 71.43
C PRO C 1277 -11.42 32.41 72.31
N VAL C 1278 -11.07 32.07 73.56
CA VAL C 1278 -12.02 31.84 74.63
C VAL C 1278 -11.50 32.58 75.85
N TYR C 1279 -12.31 33.50 76.38
CA TYR C 1279 -11.88 34.26 77.54
C TYR C 1279 -12.25 33.54 78.83
N GLN C 1280 -11.30 33.46 79.73
CA GLN C 1280 -11.48 32.82 81.03
C GLN C 1280 -11.74 33.89 82.07
N TYR C 1281 -12.77 33.70 82.89
CA TYR C 1281 -12.98 34.56 84.04
C TYR C 1281 -11.94 34.28 85.13
N ASN C 1282 -11.87 35.19 86.08
CA ASN C 1282 -11.11 34.95 87.29
C ASN C 1282 -12.03 34.27 88.31
N GLY C 1283 -11.42 33.61 89.29
CA GLY C 1283 -12.21 33.13 90.40
C GLY C 1283 -12.50 31.64 90.50
N ASN C 1284 -13.72 31.27 90.10
CA ASN C 1284 -14.61 30.25 90.70
C ASN C 1284 -13.86 28.97 91.10
N THR C 1285 -13.28 28.22 90.18
CA THR C 1285 -12.60 26.99 90.60
C THR C 1285 -11.09 27.20 90.64
N SER C 1286 -10.49 27.50 89.50
CA SER C 1286 -9.08 27.87 89.45
C SER C 1286 -8.99 29.32 89.93
N GLY C 1287 -8.67 29.49 91.21
CA GLY C 1287 -8.49 30.83 91.74
C GLY C 1287 -7.26 31.49 91.12
N LEU C 1288 -7.49 32.41 90.21
CA LEU C 1288 -6.42 33.03 89.44
C LEU C 1288 -6.12 34.40 90.02
N ALA C 1289 -5.08 35.04 89.49
CA ALA C 1289 -4.79 36.41 89.89
C ALA C 1289 -5.58 37.40 89.06
N GLN C 1290 -5.41 37.35 87.74
CA GLN C 1290 -6.15 38.21 86.84
C GLN C 1290 -6.79 37.35 85.76
N GLY C 1291 -7.64 37.97 84.96
CA GLY C 1291 -8.18 37.30 83.80
C GLY C 1291 -7.12 37.05 82.75
N ARG C 1292 -7.40 36.10 81.88
CA ARG C 1292 -6.47 35.76 80.81
C ARG C 1292 -7.27 35.33 79.60
N LEU C 1293 -6.72 35.61 78.43
CA LEU C 1293 -7.39 35.35 77.16
C LEU C 1293 -6.66 34.24 76.44
N LEU C 1294 -7.29 33.07 76.35
CA LEU C 1294 -6.71 31.97 75.61
C LEU C 1294 -7.03 32.11 74.14
N PHE C 1295 -6.21 31.48 73.31
CA PHE C 1295 -6.41 31.49 71.87
C PHE C 1295 -5.59 30.36 71.25
N HIS C 1296 -6.03 29.93 70.08
CA HIS C 1296 -5.30 28.95 69.30
C HIS C 1296 -4.91 29.56 67.97
N ARG C 1297 -3.73 29.20 67.46
CA ARG C 1297 -3.29 29.68 66.17
C ARG C 1297 -2.57 28.55 65.44
N ASP C 1298 -2.55 28.60 64.12
CA ASP C 1298 -1.93 27.54 63.36
C ASP C 1298 -0.69 27.98 62.60
N THR C 1299 -0.46 29.28 62.47
CA THR C 1299 0.83 29.76 62.00
C THR C 1299 1.88 29.40 63.03
N SER C 1300 2.84 28.57 62.64
CA SER C 1300 3.66 27.91 63.64
C SER C 1300 4.79 28.80 64.13
N TYR C 1301 5.12 29.84 63.39
CA TYR C 1301 6.23 30.71 63.78
C TYR C 1301 5.83 31.58 64.97
N SER C 1302 6.77 31.73 65.91
CA SER C 1302 6.49 32.51 67.10
C SER C 1302 6.42 33.99 66.75
N SER C 1303 5.59 34.72 67.48
CA SER C 1303 5.27 36.10 67.15
C SER C 1303 4.72 36.78 68.39
N LYS C 1304 4.05 37.90 68.18
CA LYS C 1304 3.19 38.51 69.17
C LYS C 1304 1.78 38.60 68.61
N VAL C 1305 0.78 38.47 69.46
CA VAL C 1305 -0.62 38.47 69.03
C VAL C 1305 -1.33 39.57 69.79
N ALA C 1306 -1.73 40.61 69.07
CA ALA C 1306 -2.38 41.77 69.67
C ALA C 1306 -3.89 41.62 69.56
N ALA C 1307 -4.52 41.22 70.66
CA ALA C 1307 -5.97 41.17 70.74
C ALA C 1307 -6.46 42.56 71.12
N TRP C 1308 -6.67 43.40 70.13
CA TRP C 1308 -7.06 44.78 70.35
C TRP C 1308 -8.57 44.92 70.25
N ILE C 1309 -9.17 45.43 71.31
CA ILE C 1309 -10.62 45.63 71.37
C ILE C 1309 -10.91 47.04 70.86
N PRO C 1310 -11.70 47.17 69.79
CA PRO C 1310 -12.09 48.52 69.35
C PRO C 1310 -13.00 49.24 70.31
N GLY C 1311 -13.87 48.52 71.00
CA GLY C 1311 -14.84 49.17 71.87
C GLY C 1311 -14.22 49.76 73.12
N ALA C 1312 -13.47 48.95 73.86
CA ALA C 1312 -12.80 49.44 75.06
C ALA C 1312 -11.58 50.27 74.72
N GLY C 1313 -10.97 50.03 73.55
CA GLY C 1313 -9.79 50.77 73.16
C GLY C 1313 -8.49 50.24 73.69
N ARG C 1314 -8.51 49.20 74.52
CA ARG C 1314 -7.29 48.60 75.02
C ARG C 1314 -7.05 47.28 74.31
N SER C 1315 -5.78 46.88 74.28
CA SER C 1315 -5.36 45.68 73.60
C SER C 1315 -4.83 44.68 74.61
N LEU C 1316 -4.89 43.41 74.26
CA LEU C 1316 -4.25 42.36 75.05
C LEU C 1316 -3.24 41.66 74.17
N ILE C 1317 -1.96 41.85 74.47
CA ILE C 1317 -0.89 41.34 73.62
C ILE C 1317 -0.04 40.39 74.45
N ASN C 1318 0.50 39.38 73.79
CA ASN C 1318 1.37 38.40 74.42
C ASN C 1318 2.62 38.28 73.57
N GLU C 1319 3.73 38.81 74.07
CA GLU C 1319 5.00 38.69 73.38
C GLU C 1319 5.49 37.25 73.49
N ASN C 1320 6.21 36.80 72.46
CA ASN C 1320 6.62 35.41 72.25
C ASN C 1320 5.38 34.49 72.29
N ALA C 1321 4.55 34.67 71.27
CA ALA C 1321 3.37 33.83 71.13
C ALA C 1321 3.77 32.37 70.95
N ASN C 1322 3.23 31.53 71.83
CA ASN C 1322 3.54 30.12 71.82
C ASN C 1322 2.89 29.45 70.61
N ILE C 1323 3.39 28.28 70.26
CA ILE C 1323 2.87 27.57 69.09
C ILE C 1323 1.54 26.91 69.44
N GLY C 1324 0.52 27.17 68.62
CA GLY C 1324 -0.77 26.55 68.85
C GLY C 1324 -1.58 27.34 69.86
N ASP C 1325 -1.86 26.70 70.99
CA ASP C 1325 -2.48 27.38 72.10
C ASP C 1325 -1.45 28.22 72.85
N ASP C 1326 -1.92 29.19 73.63
CA ASP C 1326 -1.05 30.07 74.38
C ASP C 1326 -1.83 30.67 75.54
N CYS C 1327 -1.10 31.11 76.56
CA CYS C 1327 -1.66 31.82 77.69
C CYS C 1327 -1.28 33.29 77.58
N ALA C 1328 -2.32 34.13 77.45
CA ALA C 1328 -2.15 35.57 77.32
C ALA C 1328 -2.98 36.25 78.40
N GLU C 1329 -2.33 37.01 79.27
CA GLU C 1329 -3.01 37.54 80.45
C GLU C 1329 -3.68 38.88 80.15
N ASP C 1330 -4.93 38.99 80.56
CA ASP C 1330 -5.64 40.27 80.61
C ASP C 1330 -5.15 41.05 81.82
N SER C 1331 -4.83 42.32 81.61
CA SER C 1331 -4.41 43.17 82.73
C SER C 1331 -5.60 43.60 83.57
N VAL C 1332 -6.51 44.38 82.99
CA VAL C 1332 -7.68 44.89 83.68
C VAL C 1332 -8.74 43.81 83.68
N ASN C 1333 -9.15 43.37 84.87
CA ASN C 1333 -10.17 42.36 85.01
C ASN C 1333 -11.54 43.04 84.91
N LYS C 1334 -12.01 43.24 83.68
CA LYS C 1334 -13.37 43.74 83.44
C LYS C 1334 -13.93 43.04 82.21
N PRO C 1335 -14.82 42.06 82.42
CA PRO C 1335 -15.21 41.19 81.31
C PRO C 1335 -16.30 41.77 80.42
N ASP C 1336 -16.94 42.86 80.82
CA ASP C 1336 -17.97 43.48 79.98
C ASP C 1336 -17.35 44.06 78.72
N ASP C 1337 -16.10 44.52 78.82
CA ASP C 1337 -15.38 45.05 77.66
C ASP C 1337 -15.01 43.97 76.66
N LEU C 1338 -15.04 42.70 77.05
CA LEU C 1338 -14.75 41.61 76.13
C LEU C 1338 -15.99 41.09 75.44
N LYS C 1339 -17.13 41.74 75.62
CA LYS C 1339 -18.37 41.24 75.02
C LYS C 1339 -18.54 41.74 73.59
N GLN C 1340 -18.08 42.95 73.29
CA GLN C 1340 -18.27 43.49 71.95
C GLN C 1340 -17.25 42.90 70.98
N TYR C 1341 -17.19 43.49 69.79
CA TYR C 1341 -16.35 42.99 68.71
C TYR C 1341 -14.87 43.09 69.07
N ILE C 1342 -14.13 42.02 68.79
CA ILE C 1342 -12.72 41.92 69.14
C ILE C 1342 -11.91 41.74 67.87
N TYR C 1343 -10.84 42.55 67.75
CA TYR C 1343 -9.94 42.46 66.62
C TYR C 1343 -8.62 41.86 67.08
N MET C 1344 -8.41 40.57 66.78
CA MET C 1344 -7.15 39.92 67.02
C MET C 1344 -6.32 39.98 65.75
N THR C 1345 -5.01 40.09 65.90
CA THR C 1345 -4.12 40.17 64.76
C THR C 1345 -2.78 39.55 65.09
N ASP C 1346 -1.99 39.34 64.04
CA ASP C 1346 -0.61 38.91 64.17
C ASP C 1346 0.34 40.06 63.90
N SER C 1347 -0.10 41.02 63.05
CA SER C 1347 0.69 42.01 62.32
C SER C 1347 1.67 41.32 61.37
N LYS C 1348 1.39 40.07 61.03
CA LYS C 1348 2.20 39.27 60.12
C LYS C 1348 1.36 38.44 59.17
N GLY C 1349 0.29 39.01 58.62
CA GLY C 1349 -0.53 38.35 57.63
C GLY C 1349 -1.72 37.59 58.19
N THR C 1350 -2.09 37.82 59.45
CA THR C 1350 -3.20 37.10 60.08
C THR C 1350 -3.98 38.07 60.94
N ALA C 1351 -5.29 38.14 60.70
CA ALA C 1351 -6.23 38.84 61.56
C ALA C 1351 -7.53 38.05 61.58
N THR C 1352 -8.28 38.18 62.67
CA THR C 1352 -9.48 37.38 62.83
C THR C 1352 -10.58 38.22 63.45
N ASP C 1353 -11.75 38.19 62.80
CA ASP C 1353 -12.93 38.86 63.34
C ASP C 1353 -13.52 38.01 64.45
N VAL C 1354 -13.72 38.61 65.63
CA VAL C 1354 -14.21 37.88 66.79
C VAL C 1354 -15.46 38.60 67.29
N SER C 1355 -16.59 37.91 67.23
CA SER C 1355 -17.85 38.49 67.68
C SER C 1355 -18.79 37.35 68.08
N GLY C 1356 -19.95 37.72 68.60
CA GLY C 1356 -20.92 36.77 69.09
C GLY C 1356 -20.48 36.03 70.33
N PRO C 1357 -20.43 36.71 71.48
CA PRO C 1357 -20.00 36.04 72.69
C PRO C 1357 -21.11 35.17 73.27
N VAL C 1358 -20.70 34.15 74.01
CA VAL C 1358 -21.61 33.32 74.80
C VAL C 1358 -20.95 33.08 76.15
N ASP C 1359 -21.58 33.52 77.22
CA ASP C 1359 -21.12 33.18 78.56
C ASP C 1359 -21.67 31.81 78.95
N ILE C 1360 -20.81 30.95 79.50
CA ILE C 1360 -21.19 29.61 79.89
C ILE C 1360 -20.70 29.33 81.30
N ASN C 1361 -21.35 28.38 81.97
CA ASN C 1361 -20.99 27.95 83.31
C ASN C 1361 -20.74 26.45 83.26
N THR C 1362 -19.51 26.05 83.53
CA THR C 1362 -19.15 24.64 83.39
C THR C 1362 -19.52 23.80 84.60
N ALA C 1363 -19.98 24.43 85.69
CA ALA C 1363 -20.29 23.69 86.91
C ALA C 1363 -21.52 22.81 86.71
N ILE C 1364 -21.46 21.60 87.26
CA ILE C 1364 -22.46 20.56 87.02
C ILE C 1364 -22.95 20.07 88.36
N SER C 1365 -24.20 20.39 88.68
CA SER C 1365 -24.79 19.96 89.93
C SER C 1365 -25.26 18.52 89.82
N SER C 1366 -25.09 17.76 90.90
CA SER C 1366 -25.67 16.42 90.97
C SER C 1366 -27.18 16.46 91.03
N GLU C 1367 -27.76 17.58 91.48
CA GLU C 1367 -29.21 17.75 91.49
C GLU C 1367 -29.80 17.81 90.09
N LYS C 1368 -29.09 18.40 89.13
CA LYS C 1368 -29.64 18.55 87.80
C LYS C 1368 -29.14 17.48 86.84
N VAL C 1369 -28.69 16.35 87.36
CA VAL C 1369 -28.44 15.15 86.58
C VAL C 1369 -29.51 14.14 86.98
N GLN C 1370 -30.48 13.89 86.10
CA GLN C 1370 -31.67 13.18 86.51
C GLN C 1370 -32.11 12.19 85.46
N ILE C 1371 -32.97 11.27 85.87
CA ILE C 1371 -33.49 10.19 85.05
C ILE C 1371 -35.00 10.19 85.17
N THR C 1372 -35.69 10.05 84.04
CA THR C 1372 -37.07 9.59 84.05
C THR C 1372 -37.12 8.27 83.29
N ILE C 1373 -38.02 7.38 83.71
CA ILE C 1373 -38.26 6.11 83.05
C ILE C 1373 -39.76 5.98 82.82
N LYS C 1374 -40.14 5.46 81.67
CA LYS C 1374 -41.54 5.44 81.26
C LYS C 1374 -42.03 4.00 81.16
N ALA C 1375 -42.53 3.47 82.26
CA ALA C 1375 -43.19 2.17 82.29
C ALA C 1375 -44.57 2.42 82.89
N GLY C 1376 -45.52 2.84 82.05
CA GLY C 1376 -46.81 3.27 82.53
C GLY C 1376 -46.81 4.71 82.99
N LYS C 1377 -45.92 5.04 83.93
CA LYS C 1377 -45.80 6.40 84.44
C LYS C 1377 -44.33 6.77 84.43
N GLU C 1378 -44.07 8.04 84.71
CA GLU C 1378 -42.71 8.50 84.93
C GLU C 1378 -42.31 8.20 86.36
N TYR C 1379 -41.14 7.59 86.54
CA TYR C 1379 -40.56 7.40 87.86
C TYR C 1379 -39.30 8.24 87.88
N SER C 1380 -39.45 9.52 88.20
CA SER C 1380 -38.36 10.48 88.09
C SER C 1380 -37.34 10.23 89.18
N LEU C 1381 -36.08 10.11 88.77
CA LEU C 1381 -34.99 9.82 89.70
C LEU C 1381 -33.91 10.88 89.55
N THR C 1382 -33.23 11.17 90.64
CA THR C 1382 -32.21 12.21 90.69
C THR C 1382 -30.93 11.63 91.29
N ALA C 1383 -29.80 12.05 90.71
CA ALA C 1383 -28.51 11.47 91.08
C ALA C 1383 -28.08 11.82 92.49
N ASN C 1384 -28.61 12.91 93.07
CA ASN C 1384 -28.12 13.43 94.35
C ASN C 1384 -28.38 12.46 95.49
N LYS C 1385 -29.42 11.65 95.37
CA LYS C 1385 -29.74 10.67 96.40
C LYS C 1385 -29.41 9.25 95.94
N ASP C 1386 -29.02 9.09 94.68
CA ASP C 1386 -28.90 7.74 94.13
C ASP C 1386 -27.48 7.41 93.72
N VAL C 1387 -26.63 8.41 93.56
CA VAL C 1387 -25.20 8.16 93.41
C VAL C 1387 -24.61 7.76 94.75
N SER C 1388 -23.90 6.65 94.79
CA SER C 1388 -23.20 6.25 96.00
C SER C 1388 -22.03 7.20 96.30
N VAL C 1389 -21.13 7.40 95.34
CA VAL C 1389 -19.95 8.22 95.52
C VAL C 1389 -19.80 9.17 94.33
N GLN C 1390 -19.66 10.46 94.62
CA GLN C 1390 -19.59 11.47 93.57
C GLN C 1390 -18.30 11.32 92.77
N PRO C 1391 -18.37 11.31 91.45
CA PRO C 1391 -17.14 11.25 90.64
C PRO C 1391 -16.41 12.58 90.69
N SER C 1392 -15.10 12.52 90.44
CA SER C 1392 -14.26 13.69 90.56
C SER C 1392 -14.51 14.64 89.38
N PRO C 1393 -14.39 15.95 89.59
CA PRO C 1393 -14.61 16.90 88.50
C PRO C 1393 -13.50 16.80 87.45
N SER C 1394 -13.88 16.30 86.28
CA SER C 1394 -12.95 16.17 85.16
C SER C 1394 -13.73 16.35 83.87
N PHE C 1395 -13.11 17.03 82.91
CA PHE C 1395 -13.76 17.23 81.62
C PHE C 1395 -13.81 15.94 80.80
N GLU C 1396 -12.95 14.98 81.10
CA GLU C 1396 -12.85 13.78 80.29
C GLU C 1396 -14.04 12.86 80.51
N GLU C 1397 -14.21 12.38 81.73
CA GLU C 1397 -15.25 11.42 82.04
C GLU C 1397 -15.84 11.77 83.40
N MET C 1398 -17.16 11.75 83.49
CA MET C 1398 -17.86 11.90 84.76
C MET C 1398 -18.85 10.75 84.85
N CYS C 1399 -18.45 9.69 85.52
CA CYS C 1399 -19.20 8.44 85.57
C CYS C 1399 -20.07 8.42 86.80
N TYR C 1400 -21.38 8.37 86.61
CA TYR C 1400 -22.34 8.33 87.70
C TYR C 1400 -22.89 6.92 87.81
N GLN C 1401 -22.58 6.24 88.91
CA GLN C 1401 -23.12 4.93 89.18
C GLN C 1401 -24.35 5.06 90.08
N PHE C 1402 -25.44 4.45 89.67
CA PHE C 1402 -26.69 4.55 90.42
C PHE C 1402 -26.95 3.28 91.23
N ASN C 1403 -28.06 3.29 91.95
CA ASN C 1403 -28.35 2.18 92.85
C ASN C 1403 -29.34 1.21 92.23
N ALA C 1404 -29.79 0.27 93.06
CA ALA C 1404 -30.83 -0.66 92.64
C ALA C 1404 -32.16 0.06 92.53
N LEU C 1405 -32.74 0.05 91.34
CA LEU C 1405 -33.93 0.82 91.04
C LEU C 1405 -35.04 -0.14 90.67
N GLU C 1406 -36.08 -0.20 91.50
CA GLU C 1406 -37.19 -1.12 91.31
C GLU C 1406 -38.09 -0.58 90.20
N ILE C 1407 -38.61 -1.47 89.37
CA ILE C 1407 -39.65 -1.15 88.41
C ILE C 1407 -40.83 -2.07 88.66
N ASP C 1408 -41.99 -1.48 88.94
CA ASP C 1408 -43.21 -2.24 89.11
C ASP C 1408 -43.67 -2.77 87.77
N GLY C 1409 -43.91 -4.08 87.69
CA GLY C 1409 -44.28 -4.71 86.44
C GLY C 1409 -45.68 -4.45 85.95
N SER C 1410 -46.57 -3.98 86.81
CA SER C 1410 -47.91 -3.64 86.36
C SER C 1410 -47.87 -2.32 85.59
N ASN C 1411 -49.04 -1.96 85.06
CA ASN C 1411 -49.30 -0.81 84.18
C ASN C 1411 -48.48 -0.94 82.89
N LEU C 1412 -48.14 -2.15 82.44
CA LEU C 1412 -47.52 -2.32 81.15
C LEU C 1412 -48.51 -2.94 80.17
N ASN C 1413 -48.91 -2.15 79.18
CA ASN C 1413 -49.82 -2.64 78.15
C ASN C 1413 -49.05 -3.50 77.16
N PHE C 1414 -49.67 -4.57 76.71
CA PHE C 1414 -49.04 -5.50 75.78
C PHE C 1414 -49.82 -5.54 74.47
N THR C 1415 -49.26 -4.91 73.45
CA THR C 1415 -49.70 -5.11 72.08
C THR C 1415 -48.75 -6.09 71.40
N ASN C 1416 -49.34 -7.08 70.73
CA ASN C 1416 -48.63 -8.24 70.18
C ASN C 1416 -47.80 -8.95 71.24
N ASN C 1417 -48.34 -9.00 72.47
CA ASN C 1417 -47.68 -9.54 73.66
C ASN C 1417 -46.33 -8.90 73.93
N SER C 1418 -46.22 -7.60 73.67
CA SER C 1418 -44.95 -6.90 73.80
C SER C 1418 -45.17 -5.55 74.46
N ALA C 1419 -44.21 -5.15 75.28
CA ALA C 1419 -44.19 -3.83 75.90
C ALA C 1419 -42.78 -3.27 75.86
N SER C 1420 -42.66 -1.97 76.08
CA SER C 1420 -41.36 -1.32 76.00
C SER C 1420 -41.22 -0.31 77.12
N ILE C 1421 -40.01 -0.21 77.64
CA ILE C 1421 -39.70 0.67 78.75
C ILE C 1421 -38.55 1.58 78.32
N ASP C 1422 -38.84 2.87 78.18
CA ASP C 1422 -37.85 3.85 77.78
C ASP C 1422 -37.18 4.44 79.01
N VAL C 1423 -35.87 4.59 78.95
CA VAL C 1423 -35.11 5.30 79.96
C VAL C 1423 -34.55 6.56 79.31
N THR C 1424 -34.68 7.69 79.98
CA THR C 1424 -34.19 8.95 79.44
C THR C 1424 -33.07 9.48 80.32
N PHE C 1425 -31.83 9.30 79.87
CA PHE C 1425 -30.72 9.99 80.49
C PHE C 1425 -30.74 11.45 80.05
N THR C 1426 -30.47 12.35 80.98
CA THR C 1426 -30.35 13.76 80.64
C THR C 1426 -29.43 14.44 81.63
N ALA C 1427 -29.02 15.65 81.28
CA ALA C 1427 -28.14 16.43 82.13
C ALA C 1427 -28.40 17.91 81.86
N LEU C 1428 -28.36 18.70 82.93
CA LEU C 1428 -28.65 20.12 82.84
C LEU C 1428 -27.55 20.90 83.51
N ALA C 1429 -26.99 21.87 82.80
CA ALA C 1429 -26.00 22.74 83.41
C ALA C 1429 -26.70 23.71 84.36
N ASP C 1430 -25.90 24.39 85.19
CA ASP C 1430 -26.48 25.15 86.29
C ASP C 1430 -27.11 26.45 85.82
N ASP C 1431 -26.70 26.95 84.66
CA ASP C 1431 -27.31 28.14 84.09
C ASP C 1431 -28.71 27.90 83.57
N GLY C 1432 -29.06 26.63 83.30
CA GLY C 1432 -30.32 26.29 82.68
C GLY C 1432 -30.17 25.65 81.32
N ARG C 1433 -28.98 25.66 80.72
CA ARG C 1433 -28.82 24.97 79.46
C ARG C 1433 -28.63 23.48 79.71
N LYS C 1434 -28.88 22.69 78.68
CA LYS C 1434 -28.83 21.25 78.80
C LYS C 1434 -27.55 20.71 78.17
N LEU C 1435 -27.02 19.65 78.76
CA LEU C 1435 -25.80 19.06 78.26
C LEU C 1435 -26.08 18.05 77.15
N GLY C 1436 -27.33 17.66 76.99
CA GLY C 1436 -27.68 16.65 76.02
C GLY C 1436 -28.38 15.49 76.70
N TYR C 1437 -29.17 14.77 75.92
CA TYR C 1437 -29.90 13.63 76.45
C TYR C 1437 -29.52 12.38 75.68
N GLU C 1438 -29.88 11.25 76.26
CA GLU C 1438 -29.51 9.94 75.72
C GLU C 1438 -30.63 8.99 76.09
N ILE C 1439 -31.60 8.83 75.19
CA ILE C 1439 -32.79 8.04 75.45
C ILE C 1439 -32.53 6.60 75.04
N PHE C 1440 -32.87 5.65 75.93
CA PHE C 1440 -32.74 4.25 75.63
C PHE C 1440 -34.11 3.60 75.55
N ASN C 1441 -34.12 2.30 75.31
CA ASN C 1441 -35.34 1.56 75.03
C ASN C 1441 -35.14 0.10 75.42
N ILE C 1442 -36.03 -0.41 76.26
CA ILE C 1442 -35.95 -1.78 76.77
C ILE C 1442 -37.25 -2.50 76.40
N PRO C 1443 -37.22 -3.49 75.52
CA PRO C 1443 -38.45 -4.24 75.22
C PRO C 1443 -38.78 -5.23 76.32
N VAL C 1444 -40.07 -5.49 76.49
CA VAL C 1444 -40.57 -6.50 77.41
C VAL C 1444 -41.55 -7.37 76.64
N ILE C 1445 -41.26 -8.66 76.55
CA ILE C 1445 -42.09 -9.59 75.79
C ILE C 1445 -42.64 -10.65 76.74
N GLN C 1446 -43.91 -10.99 76.57
CA GLN C 1446 -44.66 -11.81 77.50
C GLN C 1446 -45.14 -13.09 76.83
N LYS C 1447 -45.02 -14.20 77.53
CA LYS C 1447 -45.51 -15.49 77.04
C LYS C 1447 -46.91 -15.75 77.56
N VAL C 1448 -47.83 -16.04 76.63
CA VAL C 1448 -49.20 -16.38 76.96
C VAL C 1448 -49.28 -17.87 77.27
N LYS C 1449 -50.40 -18.30 77.84
CA LYS C 1449 -50.57 -19.71 78.15
C LYS C 1449 -51.71 -20.35 77.36
N THR C 1450 -52.67 -19.54 76.92
CA THR C 1450 -53.89 -20.07 76.33
C THR C 1450 -53.64 -20.70 74.96
N ASP C 1451 -52.63 -20.24 74.25
CA ASP C 1451 -52.31 -20.83 72.96
C ASP C 1451 -51.54 -22.12 73.13
N ASN C 1452 -52.02 -23.19 72.52
CA ASN C 1452 -51.26 -24.41 72.45
C ASN C 1452 -50.15 -24.28 71.42
N ALA C 1453 -49.24 -25.25 71.44
CA ALA C 1453 -48.18 -25.29 70.45
C ALA C 1453 -48.75 -25.64 69.08
N LEU C 1454 -47.95 -25.41 68.05
CA LEU C 1454 -48.43 -25.65 66.71
C LEU C 1454 -48.23 -27.11 66.34
N THR C 1455 -49.26 -27.73 65.81
CA THR C 1455 -49.15 -29.11 65.42
C THR C 1455 -48.95 -29.19 63.91
N LEU C 1456 -48.33 -30.27 63.48
CA LEU C 1456 -48.32 -30.62 62.09
C LEU C 1456 -49.31 -31.76 61.92
N PHE C 1457 -50.22 -31.61 60.98
CA PHE C 1457 -51.24 -32.61 60.79
C PHE C 1457 -51.02 -33.27 59.44
N HIS C 1458 -50.29 -34.37 59.44
CA HIS C 1458 -50.18 -35.19 58.25
C HIS C 1458 -51.53 -35.86 58.04
N ASP C 1459 -52.18 -35.55 56.92
CA ASP C 1459 -53.52 -36.03 56.70
C ASP C 1459 -53.50 -37.43 56.08
N GLU C 1460 -54.64 -38.11 56.18
CA GLU C 1460 -54.84 -39.41 55.57
C GLU C 1460 -54.69 -39.39 54.06
N ASN C 1461 -55.34 -38.45 53.40
CA ASN C 1461 -55.34 -38.42 51.93
C ASN C 1461 -54.01 -37.96 51.34
N GLY C 1462 -53.07 -37.48 52.14
CA GLY C 1462 -51.76 -37.11 51.67
C GLY C 1462 -51.39 -35.66 51.88
N ALA C 1463 -52.28 -34.86 52.45
CA ALA C 1463 -51.96 -33.46 52.69
C ALA C 1463 -51.23 -33.29 54.01
N GLN C 1464 -50.54 -32.18 54.16
CA GLN C 1464 -49.95 -31.79 55.43
C GLN C 1464 -50.20 -30.32 55.67
N TYR C 1465 -50.50 -29.97 56.92
CA TYR C 1465 -50.75 -28.59 57.25
C TYR C 1465 -50.41 -28.31 58.70
N MET C 1466 -50.17 -27.04 58.97
CA MET C 1466 -49.82 -26.54 60.30
C MET C 1466 -51.02 -25.80 60.88
N GLN C 1467 -51.52 -26.29 62.00
CA GLN C 1467 -52.65 -25.67 62.68
C GLN C 1467 -52.12 -24.50 63.49
N TRP C 1468 -52.15 -23.31 62.92
CA TRP C 1468 -51.59 -22.13 63.56
C TRP C 1468 -52.72 -21.43 64.30
N GLY C 1469 -53.14 -22.01 65.40
CA GLY C 1469 -54.34 -21.52 66.06
C GLY C 1469 -55.54 -21.91 65.24
N ALA C 1470 -56.32 -20.92 64.81
CA ALA C 1470 -57.47 -21.21 63.97
C ALA C 1470 -57.12 -21.33 62.51
N TYR C 1471 -55.85 -21.20 62.16
CA TYR C 1471 -55.48 -21.21 60.76
C TYR C 1471 -54.91 -22.55 60.36
N ARG C 1472 -55.27 -23.00 59.16
CA ARG C 1472 -54.66 -24.16 58.55
C ARG C 1472 -53.96 -23.68 57.30
N ILE C 1473 -52.67 -23.98 57.17
CA ILE C 1473 -51.90 -23.55 56.02
C ILE C 1473 -51.13 -24.73 55.45
N ARG C 1474 -51.23 -24.89 54.13
CA ARG C 1474 -50.74 -26.09 53.46
C ARG C 1474 -49.23 -25.99 53.27
N LEU C 1475 -48.54 -27.11 53.41
CA LEU C 1475 -47.08 -27.09 53.41
C LEU C 1475 -46.50 -27.84 52.24
N ASN C 1476 -47.20 -28.86 51.75
CA ASN C 1476 -46.76 -29.68 50.63
C ASN C 1476 -47.87 -29.78 49.61
N THR C 1477 -47.61 -30.51 48.53
CA THR C 1477 -48.63 -30.73 47.53
C THR C 1477 -48.41 -32.07 46.85
N LEU C 1478 -49.49 -32.62 46.31
CA LEU C 1478 -49.48 -33.85 45.54
C LEU C 1478 -49.39 -33.59 44.06
N PHE C 1479 -48.76 -32.49 43.66
CA PHE C 1479 -48.71 -32.14 42.25
C PHE C 1479 -47.82 -33.08 41.46
N ALA C 1480 -46.72 -33.51 42.07
CA ALA C 1480 -45.80 -34.40 41.37
C ALA C 1480 -46.37 -35.80 41.23
N ARG C 1481 -47.27 -36.19 42.13
CA ARG C 1481 -47.95 -37.47 41.98
C ARG C 1481 -48.81 -37.50 40.74
N GLN C 1482 -49.70 -36.53 40.60
CA GLN C 1482 -50.66 -36.49 39.52
C GLN C 1482 -50.10 -35.82 38.27
N LEU C 1483 -48.85 -35.38 38.30
CA LEU C 1483 -48.21 -34.87 37.12
C LEU C 1483 -47.77 -35.97 36.17
N VAL C 1484 -47.59 -37.19 36.68
CA VAL C 1484 -46.95 -38.27 35.94
C VAL C 1484 -47.80 -38.68 34.75
N GLU C 1485 -49.11 -38.79 34.97
CA GLU C 1485 -50.06 -39.12 33.91
C GLU C 1485 -50.08 -38.09 32.80
N ARG C 1486 -50.07 -36.81 33.16
CA ARG C 1486 -50.05 -35.75 32.15
C ARG C 1486 -48.73 -35.71 31.41
N ALA C 1487 -47.64 -36.02 32.09
CA ALA C 1487 -46.31 -35.91 31.51
C ALA C 1487 -45.93 -37.08 30.63
N ASN C 1488 -46.87 -37.97 30.32
CA ASN C 1488 -46.53 -39.20 29.62
C ASN C 1488 -46.28 -38.93 28.14
N THR C 1489 -47.08 -38.05 27.54
CA THR C 1489 -47.14 -38.03 26.08
C THR C 1489 -46.39 -36.86 25.46
N GLY C 1490 -45.98 -35.87 26.22
CA GLY C 1490 -45.13 -34.83 25.67
C GLY C 1490 -45.26 -33.52 26.41
N ILE C 1491 -44.38 -32.59 26.03
CA ILE C 1491 -44.25 -31.28 26.66
C ILE C 1491 -45.51 -30.46 26.48
N ASP C 1492 -46.20 -30.64 25.35
CA ASP C 1492 -47.41 -29.90 25.02
C ASP C 1492 -48.50 -30.13 26.06
N THR C 1493 -48.60 -31.36 26.55
CA THR C 1493 -49.58 -31.67 27.56
C THR C 1493 -49.17 -31.12 28.92
N ILE C 1494 -47.86 -30.99 29.15
CA ILE C 1494 -47.37 -30.52 30.45
C ILE C 1494 -47.69 -29.05 30.63
N LEU C 1495 -47.58 -28.27 29.58
CA LEU C 1495 -47.77 -26.84 29.71
C LEU C 1495 -49.17 -26.38 29.37
N SER C 1496 -50.15 -27.27 29.43
CA SER C 1496 -51.50 -26.91 29.09
C SER C 1496 -52.14 -26.11 30.21
N MET C 1497 -53.30 -25.53 29.91
CA MET C 1497 -54.16 -25.02 30.96
C MET C 1497 -54.75 -26.17 31.77
N GLU C 1498 -54.93 -27.33 31.13
CA GLU C 1498 -55.50 -28.49 31.81
C GLU C 1498 -54.58 -29.01 32.91
N THR C 1499 -53.28 -28.97 32.67
CA THR C 1499 -52.32 -29.34 33.71
C THR C 1499 -52.36 -28.35 34.86
N GLN C 1500 -52.59 -27.08 34.55
CA GLN C 1500 -52.63 -26.04 35.57
C GLN C 1500 -53.86 -26.14 36.47
N ASN C 1501 -54.88 -26.89 36.08
CA ASN C 1501 -56.07 -27.01 36.90
C ASN C 1501 -56.16 -28.32 37.65
N ILE C 1502 -55.03 -28.99 37.88
CA ILE C 1502 -55.05 -30.18 38.70
C ILE C 1502 -55.30 -29.80 40.15
N GLN C 1503 -56.27 -30.47 40.77
CA GLN C 1503 -56.68 -30.09 42.11
C GLN C 1503 -55.95 -30.90 43.17
N GLU C 1504 -55.93 -30.33 44.39
CA GLU C 1504 -55.24 -30.78 45.58
C GLU C 1504 -56.24 -30.99 46.69
N PRO C 1505 -56.11 -32.05 47.49
CA PRO C 1505 -57.17 -32.40 48.46
C PRO C 1505 -57.34 -31.41 49.60
N MET C 1506 -58.37 -31.70 50.38
CA MET C 1506 -58.85 -30.81 51.43
C MET C 1506 -57.93 -30.87 52.66
N MET C 1507 -57.69 -29.70 53.24
CA MET C 1507 -56.74 -29.56 54.35
C MET C 1507 -57.39 -30.10 55.61
N GLY C 1508 -57.34 -31.42 55.77
CA GLY C 1508 -57.99 -32.02 56.92
C GLY C 1508 -59.49 -31.97 56.75
N ILE C 1509 -60.19 -31.93 57.86
CA ILE C 1509 -61.65 -31.93 57.86
C ILE C 1509 -62.14 -30.48 58.01
N GLY C 1510 -63.16 -30.15 57.24
CA GLY C 1510 -63.65 -28.79 57.17
C GLY C 1510 -64.53 -28.63 55.96
N ALA C 1511 -64.87 -27.38 55.66
CA ALA C 1511 -65.74 -27.12 54.53
C ALA C 1511 -65.25 -25.95 53.71
N TYR C 1512 -65.62 -25.98 52.43
CA TYR C 1512 -65.52 -24.84 51.55
C TYR C 1512 -66.89 -24.22 51.46
N ILE C 1513 -67.03 -22.99 51.89
CA ILE C 1513 -68.31 -22.30 51.80
C ILE C 1513 -68.07 -20.93 51.17
N GLU C 1514 -69.12 -20.37 50.58
CA GLU C 1514 -69.04 -19.11 49.87
C GLU C 1514 -70.19 -18.23 50.32
N LEU C 1515 -69.87 -16.99 50.68
CA LEU C 1515 -70.86 -16.05 51.16
C LEU C 1515 -70.86 -14.85 50.23
N ILE C 1516 -71.88 -14.77 49.38
CA ILE C 1516 -72.05 -13.60 48.54
C ILE C 1516 -72.67 -12.51 49.41
N LEU C 1517 -72.16 -11.29 49.26
CA LEU C 1517 -72.49 -10.23 50.18
C LEU C 1517 -73.36 -9.20 49.47
N ASP C 1518 -74.11 -8.42 50.25
CA ASP C 1518 -75.06 -7.52 49.63
C ASP C 1518 -74.35 -6.29 49.08
N LYS C 1519 -75.12 -5.47 48.37
CA LYS C 1519 -74.61 -4.29 47.69
C LYS C 1519 -74.22 -3.22 48.70
N TYR C 1520 -73.33 -2.33 48.27
CA TYR C 1520 -72.90 -1.24 49.13
C TYR C 1520 -74.02 -0.23 49.26
N ASN C 1521 -74.78 -0.35 50.33
CA ASN C 1521 -75.63 0.74 50.77
C ASN C 1521 -74.91 1.39 51.95
N PRO C 1522 -74.49 2.65 51.83
CA PRO C 1522 -73.87 3.31 52.99
C PRO C 1522 -74.85 3.62 54.10
N ASP C 1523 -76.15 3.46 53.85
CA ASP C 1523 -77.15 3.45 54.91
C ASP C 1523 -76.85 2.34 55.93
N ILE C 1524 -76.45 1.16 55.44
CA ILE C 1524 -76.14 0.07 56.37
C ILE C 1524 -74.64 -0.11 56.51
N HIS C 1525 -73.88 -0.01 55.43
CA HIS C 1525 -72.47 -0.35 55.46
C HIS C 1525 -71.59 0.73 56.04
N GLY C 1526 -72.15 1.84 56.47
CA GLY C 1526 -71.34 2.91 56.99
C GLY C 1526 -70.67 3.69 55.87
N THR C 1527 -69.74 4.55 56.29
CA THR C 1527 -69.09 5.47 55.36
C THR C 1527 -68.10 4.77 54.44
N ASN C 1528 -67.62 3.60 54.81
CA ASN C 1528 -66.53 2.96 54.10
C ASN C 1528 -67.02 1.75 53.34
N LYS C 1529 -66.43 1.51 52.17
CA LYS C 1529 -66.64 0.25 51.48
C LYS C 1529 -65.72 -0.85 52.01
N SER C 1530 -64.85 -0.54 52.96
CA SER C 1530 -63.98 -1.54 53.55
C SER C 1530 -64.75 -2.38 54.57
N PHE C 1531 -64.58 -3.69 54.51
CA PHE C 1531 -65.14 -4.58 55.51
C PHE C 1531 -64.11 -5.64 55.87
N LYS C 1532 -64.44 -6.43 56.88
CA LYS C 1532 -63.69 -7.61 57.26
C LYS C 1532 -64.67 -8.72 57.59
N ILE C 1533 -64.58 -9.84 56.87
CA ILE C 1533 -65.30 -10.99 57.41
C ILE C 1533 -64.36 -11.52 58.48
N ILE C 1534 -64.91 -12.27 59.44
CA ILE C 1534 -64.16 -12.62 60.64
C ILE C 1534 -64.40 -14.10 60.90
N TYR C 1535 -63.58 -14.67 61.77
CA TYR C 1535 -63.87 -15.97 62.34
C TYR C 1535 -64.03 -15.79 63.83
N GLY C 1536 -64.88 -16.60 64.44
CA GLY C 1536 -65.04 -16.56 65.88
C GLY C 1536 -65.35 -17.93 66.43
N ASP C 1537 -65.20 -18.04 67.76
CA ASP C 1537 -65.64 -19.19 68.57
C ASP C 1537 -64.96 -20.51 68.16
N ILE C 1538 -63.65 -20.55 68.28
CA ILE C 1538 -62.94 -21.82 68.30
C ILE C 1538 -61.82 -21.66 69.29
N PHE C 1539 -61.40 -22.80 69.89
CA PHE C 1539 -60.18 -22.97 70.68
C PHE C 1539 -60.24 -22.26 72.04
N LYS C 1540 -61.26 -21.43 72.24
CA LYS C 1540 -61.49 -20.56 73.38
C LYS C 1540 -62.80 -19.83 73.10
N ALA C 1541 -63.24 -19.03 74.06
CA ALA C 1541 -64.41 -18.19 73.87
C ALA C 1541 -64.08 -16.80 73.32
N GLY C 1542 -62.87 -16.61 72.80
CA GLY C 1542 -62.47 -15.29 72.33
C GLY C 1542 -62.74 -15.10 70.84
N ASP C 1543 -62.05 -14.11 70.28
CA ASP C 1543 -62.31 -13.64 68.92
C ASP C 1543 -61.09 -13.90 68.04
N HIS C 1544 -61.35 -14.39 66.84
CA HIS C 1544 -60.32 -14.54 65.82
C HIS C 1544 -60.42 -13.45 64.77
N PHE C 1545 -59.70 -13.64 63.69
CA PHE C 1545 -59.30 -12.48 62.91
C PHE C 1545 -59.10 -13.00 61.48
N PRO C 1546 -58.67 -12.17 60.48
CA PRO C 1546 -59.40 -12.10 59.22
C PRO C 1546 -59.23 -13.27 58.26
N ILE C 1547 -60.15 -14.23 58.31
CA ILE C 1547 -60.17 -15.28 57.28
C ILE C 1547 -60.39 -14.71 55.88
N TYR C 1548 -61.03 -13.54 55.77
CA TYR C 1548 -60.95 -12.76 54.54
C TYR C 1548 -61.16 -11.29 54.87
N GLN C 1549 -60.48 -10.43 54.12
CA GLN C 1549 -60.73 -8.99 54.13
C GLN C 1549 -60.86 -8.52 52.70
N GLY C 1550 -61.84 -7.66 52.44
CA GLY C 1550 -62.03 -7.13 51.11
C GLY C 1550 -62.68 -5.76 51.14
N ALA C 1551 -63.38 -5.46 50.05
CA ALA C 1551 -64.04 -4.17 49.87
C ALA C 1551 -65.41 -4.35 49.24
N LEU C 1552 -66.25 -3.33 49.39
CA LEU C 1552 -67.62 -3.38 48.89
C LEU C 1552 -67.76 -2.71 47.54
N SER C 1553 -68.86 -3.00 46.85
CA SER C 1553 -69.16 -2.40 45.56
C SER C 1553 -70.65 -2.16 45.42
N ASP C 1554 -70.99 -1.34 44.43
CA ASP C 1554 -72.40 -1.01 44.18
C ASP C 1554 -73.14 -2.21 43.63
N ILE C 1555 -72.53 -2.93 42.70
CA ILE C 1555 -72.99 -4.29 42.43
C ILE C 1555 -72.66 -5.18 43.63
N THR C 1556 -73.53 -6.15 43.89
CA THR C 1556 -73.18 -7.19 44.84
C THR C 1556 -72.08 -8.06 44.23
N GLN C 1557 -70.84 -7.65 44.48
CA GLN C 1557 -69.67 -8.18 43.79
C GLN C 1557 -68.93 -9.11 44.73
N THR C 1558 -69.06 -8.85 46.02
CA THR C 1558 -68.38 -9.65 47.02
C THR C 1558 -68.99 -11.03 47.10
N THR C 1559 -68.29 -12.00 46.51
CA THR C 1559 -68.64 -13.42 46.61
C THR C 1559 -67.37 -14.20 46.86
N VAL C 1560 -67.20 -14.66 48.10
CA VAL C 1560 -65.90 -15.13 48.56
C VAL C 1560 -66.01 -16.60 48.96
N LYS C 1561 -65.37 -17.45 48.18
CA LYS C 1561 -65.31 -18.89 48.43
C LYS C 1561 -64.21 -19.14 49.46
N LEU C 1562 -64.60 -19.58 50.66
CA LEU C 1562 -63.65 -19.70 51.75
C LEU C 1562 -63.61 -21.12 52.28
N PHE C 1563 -62.41 -21.66 52.43
CA PHE C 1563 -62.24 -22.85 53.25
C PHE C 1563 -62.51 -22.50 54.69
N LEU C 1564 -62.93 -23.49 55.47
CA LEU C 1564 -63.42 -23.20 56.81
C LEU C 1564 -63.03 -24.30 57.79
N PRO C 1565 -62.08 -24.06 58.67
CA PRO C 1565 -61.47 -25.15 59.44
C PRO C 1565 -62.34 -25.59 60.59
N ARG C 1566 -62.23 -26.87 60.92
CA ARG C 1566 -63.05 -27.46 61.97
C ARG C 1566 -62.28 -28.45 62.81
N VAL C 1567 -62.18 -28.15 64.10
CA VAL C 1567 -61.92 -29.18 65.08
C VAL C 1567 -63.15 -30.08 65.11
N ASP C 1568 -62.93 -31.39 65.25
CA ASP C 1568 -64.04 -32.34 65.20
C ASP C 1568 -64.95 -32.22 66.41
N ASN C 1569 -64.41 -31.75 67.54
CA ASN C 1569 -65.19 -31.50 68.75
C ASN C 1569 -65.17 -30.01 69.03
N ALA C 1570 -66.21 -29.31 68.57
CA ALA C 1570 -66.31 -27.90 68.92
C ALA C 1570 -66.90 -27.74 70.31
N TYR C 1571 -66.67 -26.56 70.89
CA TYR C 1571 -67.06 -26.33 72.28
C TYR C 1571 -68.56 -26.10 72.36
N GLY C 1572 -69.08 -25.26 71.48
CA GLY C 1572 -70.51 -25.26 71.24
C GLY C 1572 -70.87 -26.45 70.36
N ASN C 1573 -71.43 -27.48 70.98
CA ASN C 1573 -71.72 -28.70 70.24
C ASN C 1573 -73.07 -28.60 69.53
N LYS C 1574 -73.90 -27.64 69.96
CA LYS C 1574 -75.20 -27.38 69.33
C LYS C 1574 -75.05 -26.97 67.88
N ASN C 1575 -74.03 -26.17 67.60
CA ASN C 1575 -73.72 -25.69 66.26
C ASN C 1575 -72.26 -25.31 66.25
N ASN C 1576 -71.48 -25.99 65.41
CA ASN C 1576 -70.06 -26.15 65.70
C ASN C 1576 -69.25 -24.91 65.33
N LEU C 1577 -69.68 -24.14 64.34
CA LEU C 1577 -68.80 -23.10 63.81
C LEU C 1577 -69.59 -21.81 63.62
N TYR C 1578 -68.90 -20.69 63.89
CA TYR C 1578 -69.51 -19.36 63.78
C TYR C 1578 -68.64 -18.40 62.99
N VAL C 1579 -69.30 -17.67 62.10
CA VAL C 1579 -68.71 -16.59 61.30
C VAL C 1579 -69.64 -15.39 61.38
N TYR C 1580 -69.07 -14.20 61.62
CA TYR C 1580 -69.81 -12.99 61.30
C TYR C 1580 -69.00 -12.13 60.35
N ALA C 1581 -69.60 -11.02 59.97
CA ALA C 1581 -69.01 -10.06 59.05
C ALA C 1581 -69.01 -8.70 59.72
N ALA C 1582 -67.82 -8.11 59.83
CA ALA C 1582 -67.64 -6.80 60.44
C ALA C 1582 -67.34 -5.76 59.37
N TYR C 1583 -67.66 -4.50 59.70
CA TYR C 1583 -67.19 -3.37 58.91
C TYR C 1583 -67.12 -2.15 59.82
N GLN C 1584 -67.05 -0.98 59.20
CA GLN C 1584 -66.81 0.28 59.93
C GLN C 1584 -67.95 0.60 60.88
N LYS C 1585 -69.18 0.63 60.39
CA LYS C 1585 -70.29 1.08 61.22
C LYS C 1585 -70.73 0.00 62.19
N VAL C 1586 -71.22 -1.13 61.67
CA VAL C 1586 -71.79 -2.21 62.48
C VAL C 1586 -70.90 -3.43 62.29
N GLU C 1587 -70.58 -4.09 63.39
CA GLU C 1587 -69.68 -5.23 63.41
C GLU C 1587 -70.17 -6.35 64.33
N THR C 1588 -71.48 -6.54 64.43
CA THR C 1588 -72.01 -7.19 65.61
C THR C 1588 -72.21 -8.70 65.42
N ASN C 1589 -72.65 -9.33 66.51
CA ASN C 1589 -72.66 -10.77 66.70
C ASN C 1589 -73.92 -11.38 66.10
N PHE C 1590 -73.74 -12.46 65.36
CA PHE C 1590 -74.83 -13.08 64.60
C PHE C 1590 -74.96 -14.50 65.11
N ILE C 1591 -75.72 -15.33 64.39
CA ILE C 1591 -75.72 -16.77 64.65
C ILE C 1591 -75.18 -17.44 63.37
N ARG C 1592 -75.11 -18.76 63.36
CA ARG C 1592 -73.97 -19.45 62.80
C ARG C 1592 -74.38 -20.59 61.86
N PHE C 1593 -73.39 -21.42 61.55
CA PHE C 1593 -73.54 -22.66 60.81
C PHE C 1593 -73.42 -23.85 61.74
N VAL C 1594 -73.44 -25.05 61.14
CA VAL C 1594 -73.19 -26.29 61.85
C VAL C 1594 -72.77 -27.34 60.83
N LYS C 1595 -71.70 -28.08 61.13
CA LYS C 1595 -71.35 -29.25 60.35
C LYS C 1595 -71.69 -30.50 61.14
N GLU C 1596 -72.13 -31.53 60.43
CA GLU C 1596 -72.24 -32.86 61.00
C GLU C 1596 -70.85 -33.40 61.32
N ASP C 1597 -70.79 -34.43 62.16
CA ASP C 1597 -69.53 -35.12 62.35
C ASP C 1597 -69.26 -36.09 61.20
N ASN C 1598 -70.30 -36.40 60.44
CA ASN C 1598 -70.23 -37.16 59.20
C ASN C 1598 -69.38 -36.41 58.17
N ASN C 1599 -68.89 -37.17 57.18
CA ASN C 1599 -68.24 -36.58 56.02
C ASN C 1599 -69.21 -35.76 55.17
N LYS C 1600 -70.51 -36.00 55.29
CA LYS C 1600 -71.54 -35.14 54.73
C LYS C 1600 -71.38 -33.71 55.22
N PRO C 1601 -71.20 -32.74 54.33
CA PRO C 1601 -70.78 -31.41 54.77
C PRO C 1601 -71.88 -30.59 55.40
N ALA C 1602 -71.56 -29.33 55.67
CA ALA C 1602 -72.32 -28.51 56.59
C ALA C 1602 -73.54 -27.90 55.94
N THR C 1603 -74.59 -27.70 56.74
CA THR C 1603 -75.69 -26.85 56.34
C THR C 1603 -75.70 -25.55 57.16
N PHE C 1604 -76.74 -24.76 56.95
CA PHE C 1604 -77.03 -23.61 57.79
C PHE C 1604 -77.70 -24.09 59.08
N ASP C 1605 -77.41 -23.41 60.19
CA ASP C 1605 -78.03 -23.75 61.47
C ASP C 1605 -79.50 -23.41 61.42
N THR C 1606 -80.35 -24.43 61.34
CA THR C 1606 -81.71 -24.27 60.86
C THR C 1606 -82.70 -24.20 62.02
N THR C 1607 -82.95 -22.99 62.49
CA THR C 1607 -84.33 -22.57 62.70
C THR C 1607 -84.58 -21.68 61.48
N TYR C 1608 -85.73 -21.02 61.38
CA TYR C 1608 -85.89 -20.06 60.28
C TYR C 1608 -84.98 -18.87 60.56
N LYS C 1609 -83.73 -18.98 60.09
CA LYS C 1609 -82.67 -17.99 60.22
C LYS C 1609 -82.35 -17.64 61.67
N ASN C 1610 -81.70 -18.57 62.39
CA ASN C 1610 -80.87 -18.21 63.54
C ASN C 1610 -80.01 -17.03 63.13
N GLY C 1611 -79.13 -17.29 62.17
CA GLY C 1611 -78.29 -16.24 61.65
C GLY C 1611 -79.09 -15.35 60.71
N THR C 1612 -79.20 -14.09 61.10
CA THR C 1612 -79.76 -13.10 60.21
C THR C 1612 -78.75 -12.74 59.14
N PHE C 1613 -79.25 -12.15 58.07
CA PHE C 1613 -78.45 -11.72 56.92
C PHE C 1613 -78.60 -10.22 56.76
N PRO C 1614 -77.91 -9.41 57.58
CA PRO C 1614 -78.02 -7.96 57.39
C PRO C 1614 -77.29 -7.46 56.16
N GLY C 1615 -76.09 -7.96 55.90
CA GLY C 1615 -75.40 -7.65 54.67
C GLY C 1615 -75.12 -8.93 53.90
N LEU C 1616 -75.57 -10.04 54.46
CA LEU C 1616 -75.31 -11.36 53.90
C LEU C 1616 -76.41 -11.69 52.90
N ALA C 1617 -76.14 -12.60 51.97
CA ALA C 1617 -77.16 -12.91 50.99
C ALA C 1617 -77.55 -14.40 51.01
N SER C 1618 -76.58 -15.30 50.89
CA SER C 1618 -76.93 -16.72 50.78
C SER C 1618 -75.77 -17.58 51.27
N ALA C 1619 -76.03 -18.88 51.35
CA ALA C 1619 -75.06 -19.90 51.75
C ALA C 1619 -75.09 -21.01 50.72
N ARG C 1620 -73.92 -21.56 50.42
CA ARG C 1620 -73.75 -22.45 49.27
C ARG C 1620 -72.62 -23.44 49.57
N VAL C 1621 -71.87 -23.82 48.53
CA VAL C 1621 -71.49 -25.16 48.10
C VAL C 1621 -71.32 -26.17 49.22
N ILE C 1622 -72.05 -27.27 49.11
CA ILE C 1622 -71.83 -28.43 49.96
C ILE C 1622 -70.75 -29.32 49.34
N GLN C 1623 -70.82 -29.56 48.04
CA GLN C 1623 -70.12 -30.68 47.42
C GLN C 1623 -68.91 -30.18 46.65
N THR C 1624 -67.80 -30.03 47.35
CA THR C 1624 -66.50 -29.94 46.72
C THR C 1624 -65.50 -30.55 47.70
N VAL C 1625 -64.57 -31.33 47.18
CA VAL C 1625 -63.59 -31.96 48.07
C VAL C 1625 -62.23 -31.32 47.89
N SER C 1626 -61.77 -31.23 46.65
CA SER C 1626 -60.45 -30.73 46.36
C SER C 1626 -60.55 -29.34 45.78
N GLU C 1627 -59.47 -28.59 45.92
CA GLU C 1627 -59.43 -27.23 45.44
C GLU C 1627 -58.34 -27.09 44.38
N PRO C 1628 -58.47 -26.16 43.45
CA PRO C 1628 -57.39 -25.88 42.51
C PRO C 1628 -56.17 -25.33 43.23
N MET C 1629 -55.00 -25.57 42.63
CA MET C 1629 -53.74 -25.29 43.32
C MET C 1629 -53.51 -23.80 43.41
N ASP C 1630 -52.67 -23.41 44.36
CA ASP C 1630 -52.44 -22.00 44.64
C ASP C 1630 -51.08 -21.58 44.10
N PHE C 1631 -51.06 -20.45 43.43
CA PHE C 1631 -49.85 -19.76 43.05
C PHE C 1631 -49.43 -18.71 44.06
N SER C 1632 -49.95 -18.77 45.29
CA SER C 1632 -49.56 -17.87 46.35
C SER C 1632 -49.03 -18.59 47.58
N GLY C 1633 -49.04 -19.92 47.56
CA GLY C 1633 -48.66 -20.70 48.73
C GLY C 1633 -47.17 -20.83 48.90
N ALA C 1634 -46.78 -21.94 49.52
CA ALA C 1634 -45.37 -22.17 49.80
C ALA C 1634 -44.59 -22.52 48.55
N ASN C 1635 -45.12 -23.41 47.73
CA ASN C 1635 -44.39 -23.91 46.58
C ASN C 1635 -44.56 -23.04 45.35
N SER C 1636 -45.04 -21.81 45.51
CA SER C 1636 -45.50 -21.02 44.38
C SER C 1636 -44.37 -20.59 43.46
N LEU C 1637 -43.18 -20.37 44.03
CA LEU C 1637 -42.02 -19.97 43.25
C LEU C 1637 -41.63 -21.05 42.25
N TYR C 1638 -41.76 -22.30 42.63
CA TYR C 1638 -41.45 -23.39 41.72
C TYR C 1638 -42.48 -23.48 40.61
N PHE C 1639 -43.74 -23.14 40.91
CA PHE C 1639 -44.75 -23.14 39.86
C PHE C 1639 -44.52 -22.02 38.87
N TRP C 1640 -44.11 -20.84 39.35
CA TRP C 1640 -43.78 -19.76 38.42
C TRP C 1640 -42.58 -20.12 37.57
N GLU C 1641 -41.54 -20.71 38.16
CA GLU C 1641 -40.35 -21.05 37.39
C GLU C 1641 -40.63 -22.18 36.42
N LEU C 1642 -41.63 -23.01 36.70
CA LEU C 1642 -42.01 -24.02 35.72
C LEU C 1642 -42.80 -23.40 34.58
N PHE C 1643 -43.85 -22.66 34.89
CA PHE C 1643 -44.79 -22.34 33.82
C PHE C 1643 -44.41 -21.10 33.05
N TYR C 1644 -43.87 -20.07 33.69
CA TYR C 1644 -43.62 -18.84 32.96
C TYR C 1644 -42.15 -18.65 32.63
N TYR C 1645 -41.26 -18.79 33.61
CA TYR C 1645 -39.87 -18.41 33.39
C TYR C 1645 -39.15 -19.39 32.47
N THR C 1646 -39.57 -20.65 32.48
CA THR C 1646 -38.91 -21.62 31.60
C THR C 1646 -39.18 -21.39 30.12
N PRO C 1647 -40.42 -21.23 29.62
CA PRO C 1647 -40.55 -20.99 28.18
C PRO C 1647 -40.01 -19.65 27.75
N MET C 1648 -40.07 -18.65 28.62
CA MET C 1648 -39.45 -17.36 28.31
C MET C 1648 -37.96 -17.48 28.12
N MET C 1649 -37.28 -18.23 28.98
CA MET C 1649 -35.84 -18.29 28.93
C MET C 1649 -35.39 -19.14 27.75
N VAL C 1650 -36.12 -20.23 27.48
CA VAL C 1650 -35.87 -21.03 26.29
C VAL C 1650 -36.08 -20.21 25.02
N ALA C 1651 -37.14 -19.40 24.99
CA ALA C 1651 -37.44 -18.64 23.79
C ALA C 1651 -36.45 -17.52 23.56
N GLN C 1652 -36.00 -16.88 24.63
CA GLN C 1652 -34.98 -15.83 24.50
C GLN C 1652 -33.67 -16.42 24.00
N ARG C 1653 -33.28 -17.57 24.56
CA ARG C 1653 -32.02 -18.18 24.16
C ARG C 1653 -32.09 -18.72 22.74
N LEU C 1654 -33.24 -19.19 22.30
CA LEU C 1654 -33.36 -19.63 20.91
C LEU C 1654 -33.43 -18.46 19.96
N LEU C 1655 -33.94 -17.33 20.43
CA LEU C 1655 -33.98 -16.15 19.58
C LEU C 1655 -32.58 -15.61 19.34
N HIS C 1656 -31.71 -15.65 20.35
CA HIS C 1656 -30.36 -15.12 20.15
C HIS C 1656 -29.51 -16.02 19.28
N GLU C 1657 -29.92 -17.25 19.04
CA GLU C 1657 -29.17 -18.15 18.19
C GLU C 1657 -29.76 -18.29 16.80
N GLN C 1658 -30.62 -17.34 16.40
CA GLN C 1658 -31.14 -17.22 15.03
C GLN C 1658 -31.94 -18.43 14.59
N ASN C 1659 -32.50 -19.16 15.53
CA ASN C 1659 -33.32 -20.33 15.24
C ASN C 1659 -34.76 -19.92 15.54
N PHE C 1660 -35.54 -19.70 14.48
CA PHE C 1660 -36.71 -18.85 14.65
C PHE C 1660 -37.99 -19.59 14.97
N ASP C 1661 -38.35 -20.60 14.18
CA ASP C 1661 -39.65 -21.24 14.34
C ASP C 1661 -39.73 -22.03 15.64
N GLU C 1662 -38.60 -22.51 16.12
CA GLU C 1662 -38.59 -23.18 17.40
C GLU C 1662 -38.80 -22.18 18.53
N ALA C 1663 -38.25 -20.97 18.37
CA ALA C 1663 -38.56 -19.92 19.31
C ALA C 1663 -40.03 -19.51 19.25
N ASN C 1664 -40.64 -19.58 18.07
CA ASN C 1664 -42.03 -19.21 17.97
C ASN C 1664 -42.92 -20.24 18.63
N ARG C 1665 -42.64 -21.52 18.41
CA ARG C 1665 -43.47 -22.53 19.05
C ARG C 1665 -43.18 -22.62 20.54
N TRP C 1666 -42.02 -22.16 21.01
CA TRP C 1666 -41.88 -22.03 22.45
C TRP C 1666 -42.59 -20.81 23.01
N LEU C 1667 -42.71 -19.73 22.27
CA LEU C 1667 -43.53 -18.63 22.75
C LEU C 1667 -45.01 -18.96 22.72
N LYS C 1668 -45.42 -19.90 21.87
CA LYS C 1668 -46.84 -20.20 21.82
C LYS C 1668 -47.31 -21.02 23.00
N TYR C 1669 -46.40 -21.56 23.81
CA TYR C 1669 -46.82 -22.24 25.03
C TYR C 1669 -47.30 -21.27 26.09
N VAL C 1670 -47.14 -19.98 25.89
CA VAL C 1670 -47.52 -18.97 26.87
C VAL C 1670 -48.64 -18.09 26.35
N TRP C 1671 -48.42 -17.46 25.21
CA TRP C 1671 -49.37 -16.47 24.70
C TRP C 1671 -49.59 -16.73 23.22
N SER C 1672 -50.63 -17.46 22.88
CA SER C 1672 -50.97 -17.66 21.49
C SER C 1672 -51.96 -16.60 21.08
N PRO C 1673 -51.66 -15.80 20.06
CA PRO C 1673 -52.64 -14.81 19.61
C PRO C 1673 -53.73 -15.46 18.79
N SER C 1674 -53.46 -16.64 18.24
CA SER C 1674 -54.42 -17.29 17.38
C SER C 1674 -55.35 -18.22 18.12
N GLY C 1675 -55.24 -18.32 19.43
CA GLY C 1675 -56.06 -19.25 20.18
C GLY C 1675 -55.52 -20.66 20.11
N TYR C 1676 -55.93 -21.45 21.09
CA TYR C 1676 -55.41 -22.79 21.26
C TYR C 1676 -56.43 -23.80 20.77
N ILE C 1677 -55.95 -24.89 20.20
CA ILE C 1677 -56.80 -25.97 19.75
C ILE C 1677 -56.35 -27.22 20.47
N VAL C 1678 -57.25 -27.84 21.23
CA VAL C 1678 -56.96 -29.05 21.97
C VAL C 1678 -57.92 -30.13 21.50
N ARG C 1679 -57.38 -31.16 20.83
CA ARG C 1679 -58.14 -32.29 20.29
C ARG C 1679 -59.29 -31.80 19.41
N GLY C 1680 -58.94 -31.13 18.32
CA GLY C 1680 -59.92 -30.66 17.39
C GLY C 1680 -60.70 -29.42 17.81
N GLN C 1681 -60.88 -29.18 19.10
CA GLN C 1681 -61.72 -28.09 19.57
C GLN C 1681 -60.88 -26.87 19.89
N ILE C 1682 -61.29 -25.73 19.36
CA ILE C 1682 -60.71 -24.45 19.74
C ILE C 1682 -61.17 -24.09 21.15
N LYS C 1683 -60.21 -23.75 22.01
CA LYS C 1683 -60.54 -23.40 23.37
C LYS C 1683 -60.87 -21.93 23.50
N ASN C 1684 -61.52 -21.58 24.61
CA ASN C 1684 -61.95 -20.21 24.81
C ASN C 1684 -60.78 -19.31 25.17
N TYR C 1685 -59.92 -19.77 26.08
CA TYR C 1685 -58.94 -18.90 26.71
C TYR C 1685 -57.87 -18.45 25.73
N HIS C 1686 -57.14 -17.41 26.11
CA HIS C 1686 -56.25 -16.77 25.17
C HIS C 1686 -54.83 -16.68 25.70
N TRP C 1687 -54.68 -16.76 27.02
CA TRP C 1687 -53.39 -16.89 27.68
C TRP C 1687 -53.29 -18.29 28.25
N ASN C 1688 -52.07 -18.81 28.32
CA ASN C 1688 -51.90 -20.20 28.73
C ASN C 1688 -51.52 -20.34 30.20
N VAL C 1689 -51.12 -19.27 30.86
CA VAL C 1689 -50.74 -19.33 32.26
C VAL C 1689 -51.91 -18.82 33.07
N ARG C 1690 -52.32 -19.58 34.08
CA ARG C 1690 -53.57 -19.26 34.77
C ARG C 1690 -53.51 -18.01 35.65
N PRO C 1691 -52.47 -17.73 36.46
CA PRO C 1691 -52.46 -16.44 37.16
C PRO C 1691 -52.24 -15.23 36.28
N LEU C 1692 -52.03 -15.40 34.98
CA LEU C 1692 -52.12 -14.25 34.08
C LEU C 1692 -53.56 -13.92 33.77
N LEU C 1693 -54.44 -14.93 33.74
CA LEU C 1693 -55.86 -14.65 33.56
C LEU C 1693 -56.43 -13.94 34.77
N GLU C 1694 -55.96 -14.31 35.95
CA GLU C 1694 -56.46 -13.78 37.21
C GLU C 1694 -55.28 -13.22 37.99
N ASN C 1695 -55.19 -11.89 38.02
CA ASN C 1695 -54.04 -11.21 38.61
C ASN C 1695 -53.93 -11.51 40.10
N THR C 1696 -52.76 -11.98 40.50
CA THR C 1696 -52.53 -12.50 41.84
C THR C 1696 -51.17 -12.03 42.32
N SER C 1697 -51.16 -11.00 43.15
CA SER C 1697 -49.92 -10.42 43.65
C SER C 1697 -49.30 -11.39 44.63
N TRP C 1698 -48.24 -12.05 44.22
CA TRP C 1698 -47.56 -13.00 45.07
C TRP C 1698 -46.27 -12.45 45.64
N ASN C 1699 -46.22 -11.15 45.88
CA ASN C 1699 -45.15 -10.48 46.60
C ASN C 1699 -45.73 -9.18 47.10
N SER C 1700 -45.87 -9.06 48.43
CA SER C 1700 -46.61 -7.93 48.99
C SER C 1700 -45.85 -6.62 48.90
N ASP C 1701 -44.54 -6.63 49.00
CA ASP C 1701 -43.77 -5.40 49.17
C ASP C 1701 -42.67 -5.32 48.11
N PRO C 1702 -43.02 -4.91 46.89
CA PRO C 1702 -41.99 -4.77 45.86
C PRO C 1702 -41.05 -3.61 46.10
N LEU C 1703 -41.49 -2.60 46.85
CA LEU C 1703 -40.66 -1.44 47.13
C LEU C 1703 -39.81 -1.63 48.37
N ASP C 1704 -39.57 -2.87 48.78
CA ASP C 1704 -38.52 -3.13 49.76
C ASP C 1704 -37.16 -2.69 49.23
N SER C 1705 -36.88 -3.01 47.99
CA SER C 1705 -35.66 -2.61 47.32
C SER C 1705 -35.98 -2.23 45.89
N VAL C 1706 -34.93 -2.04 45.10
CA VAL C 1706 -35.08 -1.74 43.70
C VAL C 1706 -34.86 -3.02 42.91
N ASP C 1707 -35.94 -3.54 42.33
CA ASP C 1707 -35.93 -4.81 41.62
C ASP C 1707 -37.05 -4.75 40.61
N PRO C 1708 -36.75 -4.92 39.32
CA PRO C 1708 -37.83 -5.14 38.35
C PRO C 1708 -38.58 -6.43 38.59
N ASP C 1709 -37.91 -7.44 39.13
CA ASP C 1709 -38.57 -8.71 39.40
C ASP C 1709 -39.63 -8.55 40.49
N ALA C 1710 -39.34 -7.75 41.52
CA ALA C 1710 -40.29 -7.57 42.61
C ALA C 1710 -41.54 -6.83 42.15
N VAL C 1711 -41.35 -5.78 41.35
CA VAL C 1711 -42.50 -5.01 40.88
C VAL C 1711 -43.30 -5.81 39.87
N ALA C 1712 -42.61 -6.67 39.11
CA ALA C 1712 -43.30 -7.62 38.25
C ALA C 1712 -44.13 -8.61 39.06
N GLN C 1713 -43.58 -9.07 40.18
CA GLN C 1713 -44.30 -10.03 41.01
C GLN C 1713 -45.50 -9.40 41.69
N HIS C 1714 -45.45 -8.10 41.95
CA HIS C 1714 -46.59 -7.48 42.59
C HIS C 1714 -47.76 -7.28 41.62
N ASP C 1715 -47.49 -7.31 40.32
CA ASP C 1715 -48.57 -7.11 39.37
C ASP C 1715 -48.23 -7.81 38.05
N PRO C 1716 -48.93 -8.90 37.70
CA PRO C 1716 -48.45 -9.75 36.60
C PRO C 1716 -48.69 -9.16 35.21
N MET C 1717 -49.39 -8.04 35.11
CA MET C 1717 -49.59 -7.42 33.81
C MET C 1717 -48.29 -6.94 33.20
N HIS C 1718 -47.27 -6.68 34.02
CA HIS C 1718 -45.97 -6.39 33.46
C HIS C 1718 -45.36 -7.63 32.84
N TYR C 1719 -45.66 -8.82 33.37
CA TYR C 1719 -45.24 -10.03 32.67
C TYR C 1719 -45.96 -10.18 31.35
N LYS C 1720 -47.23 -9.78 31.29
CA LYS C 1720 -47.94 -9.79 30.01
C LYS C 1720 -47.26 -8.89 28.99
N VAL C 1721 -46.91 -7.69 29.41
CA VAL C 1721 -46.30 -6.72 28.50
C VAL C 1721 -44.91 -7.19 28.06
N ALA C 1722 -44.20 -7.87 28.97
CA ALA C 1722 -42.87 -8.37 28.64
C ALA C 1722 -42.95 -9.48 27.60
N THR C 1723 -43.91 -10.39 27.76
CA THR C 1723 -44.13 -11.45 26.78
C THR C 1723 -44.52 -10.88 25.43
N PHE C 1724 -45.31 -9.81 25.46
CA PHE C 1724 -45.71 -9.15 24.23
C PHE C 1724 -44.53 -8.52 23.50
N MET C 1725 -43.62 -7.89 24.24
CA MET C 1725 -42.44 -7.33 23.61
C MET C 1725 -41.52 -8.41 23.09
N ARG C 1726 -41.49 -9.57 23.74
CA ARG C 1726 -40.72 -10.69 23.19
C ARG C 1726 -41.30 -11.14 21.86
N THR C 1727 -42.63 -11.17 21.76
CA THR C 1727 -43.28 -11.57 20.51
C THR C 1727 -42.98 -10.58 19.40
N LEU C 1728 -42.99 -9.29 19.72
CA LEU C 1728 -42.68 -8.29 18.70
C LEU C 1728 -41.23 -8.35 18.27
N ASP C 1729 -40.32 -8.63 19.21
CA ASP C 1729 -38.92 -8.79 18.85
C ASP C 1729 -38.72 -9.98 17.94
N LEU C 1730 -39.44 -11.06 18.19
CA LEU C 1730 -39.39 -12.23 17.32
C LEU C 1730 -39.86 -11.89 15.91
N LEU C 1731 -40.98 -11.17 15.79
CA LEU C 1731 -41.51 -10.87 14.46
C LEU C 1731 -40.60 -9.92 13.70
N MET C 1732 -40.07 -8.91 14.37
CA MET C 1732 -39.19 -7.98 13.67
C MET C 1732 -37.87 -8.65 13.31
N ALA C 1733 -37.40 -9.59 14.13
CA ALA C 1733 -36.19 -10.30 13.78
C ALA C 1733 -36.38 -11.19 12.56
N ARG C 1734 -37.54 -11.85 12.46
CA ARG C 1734 -37.83 -12.66 11.27
C ARG C 1734 -37.91 -11.79 10.03
N GLY C 1735 -38.54 -10.63 10.15
CA GLY C 1735 -38.61 -9.70 9.03
C GLY C 1735 -37.26 -9.15 8.62
N ASP C 1736 -36.39 -8.86 9.59
CA ASP C 1736 -35.09 -8.30 9.28
C ASP C 1736 -34.18 -9.34 8.64
N HIS C 1737 -34.22 -10.57 9.14
CA HIS C 1737 -33.41 -11.62 8.53
C HIS C 1737 -33.93 -11.99 7.16
N ALA C 1738 -35.23 -11.81 6.91
CA ALA C 1738 -35.71 -11.95 5.54
C ALA C 1738 -35.21 -10.81 4.66
N TYR C 1739 -35.16 -9.61 5.21
CA TYR C 1739 -34.99 -8.42 4.38
C TYR C 1739 -33.56 -8.28 3.87
N ARG C 1740 -32.60 -8.96 4.49
CA ARG C 1740 -31.23 -8.83 4.04
C ARG C 1740 -30.91 -9.75 2.87
N GLN C 1741 -31.76 -10.72 2.59
CA GLN C 1741 -31.61 -11.54 1.40
C GLN C 1741 -32.50 -10.98 0.31
N LEU C 1742 -31.88 -10.38 -0.70
CA LEU C 1742 -32.54 -9.37 -1.52
C LEU C 1742 -33.32 -9.93 -2.71
N GLU C 1743 -33.72 -11.19 -2.70
CA GLU C 1743 -34.60 -11.63 -3.77
C GLU C 1743 -36.03 -11.17 -3.49
N ARG C 1744 -36.86 -11.26 -4.53
CA ARG C 1744 -38.11 -10.52 -4.55
C ARG C 1744 -39.17 -11.16 -3.66
N ASP C 1745 -39.28 -12.48 -3.69
CA ASP C 1745 -40.30 -13.16 -2.91
C ASP C 1745 -40.02 -13.03 -1.42
N THR C 1746 -38.75 -12.99 -1.06
CA THR C 1746 -38.40 -12.76 0.33
C THR C 1746 -38.66 -11.32 0.75
N LEU C 1747 -38.64 -10.38 -0.20
CA LEU C 1747 -39.10 -9.03 0.13
C LEU C 1747 -40.60 -9.01 0.39
N ASN C 1748 -41.36 -9.79 -0.37
CA ASN C 1748 -42.79 -9.93 -0.08
C ASN C 1748 -43.02 -10.58 1.29
N GLU C 1749 -42.17 -11.54 1.64
CA GLU C 1749 -42.20 -12.15 2.95
C GLU C 1749 -41.89 -11.14 4.04
N ALA C 1750 -40.92 -10.27 3.80
CA ALA C 1750 -40.60 -9.23 4.77
C ALA C 1750 -41.79 -8.30 4.97
N LYS C 1751 -42.46 -7.97 3.87
CA LYS C 1751 -43.63 -7.09 3.94
C LYS C 1751 -44.75 -7.72 4.75
N MET C 1752 -45.01 -9.01 4.56
CA MET C 1752 -46.07 -9.62 5.35
C MET C 1752 -45.68 -9.81 6.80
N TRP C 1753 -44.38 -9.98 7.12
CA TRP C 1753 -44.04 -10.04 8.55
C TRP C 1753 -44.19 -8.70 9.24
N TYR C 1754 -43.73 -7.61 8.62
CA TYR C 1754 -43.88 -6.33 9.28
C TYR C 1754 -45.34 -5.90 9.35
N MET C 1755 -46.14 -6.26 8.34
CA MET C 1755 -47.56 -5.97 8.43
C MET C 1755 -48.24 -6.80 9.49
N GLN C 1756 -47.78 -8.04 9.70
CA GLN C 1756 -48.29 -8.85 10.79
C GLN C 1756 -47.98 -8.22 12.14
N ALA C 1757 -46.80 -7.65 12.29
CA ALA C 1757 -46.51 -6.93 13.52
C ALA C 1757 -47.37 -5.68 13.69
N LEU C 1758 -47.59 -4.93 12.61
CA LEU C 1758 -48.31 -3.67 12.75
C LEU C 1758 -49.78 -3.88 13.07
N HIS C 1759 -50.39 -4.94 12.52
CA HIS C 1759 -51.78 -5.11 12.91
C HIS C 1759 -51.91 -5.77 14.27
N LEU C 1760 -50.81 -6.28 14.84
CA LEU C 1760 -50.83 -6.54 16.28
C LEU C 1760 -50.80 -5.24 17.05
N LEU C 1761 -50.04 -4.25 16.59
CA LEU C 1761 -49.92 -3.05 17.40
C LEU C 1761 -51.13 -2.14 17.25
N GLY C 1762 -51.69 -2.06 16.06
CA GLY C 1762 -52.68 -1.04 15.78
C GLY C 1762 -52.04 0.23 15.26
N ASN C 1763 -52.63 1.36 15.64
CA ASN C 1763 -52.10 2.64 15.23
C ASN C 1763 -50.94 3.09 16.13
N LYS C 1764 -50.25 4.10 15.65
CA LYS C 1764 -49.53 4.96 16.55
C LYS C 1764 -50.56 5.68 17.42
N PRO C 1765 -50.42 5.65 18.74
CA PRO C 1765 -51.44 6.25 19.59
C PRO C 1765 -51.37 7.77 19.57
N TYR C 1766 -52.54 8.40 19.61
CA TYR C 1766 -52.64 9.84 19.62
C TYR C 1766 -52.80 10.34 21.05
N LEU C 1767 -52.10 11.43 21.36
CA LEU C 1767 -52.31 12.17 22.60
C LEU C 1767 -52.68 13.60 22.26
N PRO C 1768 -53.70 14.18 22.88
CA PRO C 1768 -53.96 15.61 22.69
C PRO C 1768 -52.84 16.46 23.28
N LEU C 1769 -52.11 17.15 22.40
CA LEU C 1769 -51.00 17.99 22.82
C LEU C 1769 -51.50 19.23 23.54
N SER C 1770 -52.75 19.63 23.28
CA SER C 1770 -53.38 20.64 24.09
C SER C 1770 -53.64 20.06 25.48
N SER C 1771 -53.00 20.64 26.49
CA SER C 1771 -52.93 20.02 27.79
C SER C 1771 -53.38 21.00 28.86
N VAL C 1772 -53.49 20.47 30.08
CA VAL C 1772 -53.90 21.27 31.23
C VAL C 1772 -52.72 22.07 31.76
N TRP C 1773 -51.50 21.70 31.34
CA TRP C 1773 -50.28 22.23 31.94
C TRP C 1773 -50.09 23.71 31.66
N ASN C 1774 -50.29 24.51 32.69
CA ASN C 1774 -49.81 25.88 32.75
C ASN C 1774 -48.33 25.82 33.09
N ASP C 1775 -47.63 26.93 32.91
CA ASP C 1775 -46.22 26.97 33.24
C ASP C 1775 -46.05 27.73 34.54
N PRO C 1776 -45.93 27.06 35.68
CA PRO C 1776 -46.00 27.75 36.96
C PRO C 1776 -44.65 28.28 37.40
N ARG C 1777 -44.70 29.05 38.47
CA ARG C 1777 -43.50 29.38 39.21
C ARG C 1777 -42.90 28.13 39.80
N LEU C 1778 -41.58 28.15 39.97
CA LEU C 1778 -40.90 27.05 40.64
C LEU C 1778 -41.34 26.92 42.09
N ASP C 1779 -41.38 28.04 42.81
CA ASP C 1779 -41.68 27.98 44.23
C ASP C 1779 -43.13 27.60 44.48
N ASN C 1780 -44.02 28.00 43.58
CA ASN C 1780 -45.41 27.60 43.71
C ASN C 1780 -45.58 26.11 43.45
N ALA C 1781 -44.91 25.60 42.41
CA ALA C 1781 -45.07 24.20 42.05
C ALA C 1781 -44.33 23.29 43.04
N ALA C 1782 -43.30 23.80 43.69
CA ALA C 1782 -42.53 23.03 44.65
C ALA C 1782 -43.08 23.12 46.07
N ALA C 1783 -44.35 23.48 46.21
CA ALA C 1783 -44.93 23.66 47.53
C ALA C 1783 -45.11 22.32 48.23
N THR C 1784 -44.76 22.29 49.51
CA THR C 1784 -45.00 21.10 50.32
C THR C 1784 -46.47 20.91 50.64
N THR C 1785 -47.27 21.98 50.54
CA THR C 1785 -48.72 21.87 50.73
C THR C 1785 -49.34 21.00 49.64
N THR C 1786 -48.83 21.15 48.41
CA THR C 1786 -49.20 20.28 47.30
C THR C 1786 -48.93 18.82 47.63
N GLN C 1787 -47.75 18.54 48.20
CA GLN C 1787 -47.38 17.18 48.53
C GLN C 1787 -48.24 16.61 49.64
N LYS C 1788 -48.51 17.41 50.68
CA LYS C 1788 -49.30 16.92 51.80
C LYS C 1788 -50.74 16.66 51.41
N ALA C 1789 -51.33 17.57 50.62
CA ALA C 1789 -52.67 17.35 50.10
C ALA C 1789 -52.70 16.17 49.14
N HIS C 1790 -51.63 15.96 48.38
CA HIS C 1790 -51.51 14.84 47.47
C HIS C 1790 -51.51 13.50 48.19
N ALA C 1791 -50.65 13.36 49.20
CA ALA C 1791 -50.57 12.14 49.99
C ALA C 1791 -51.87 11.88 50.74
N TYR C 1792 -52.44 12.93 51.34
CA TYR C 1792 -53.71 12.78 52.06
C TYR C 1792 -54.85 12.40 51.12
N ALA C 1793 -54.83 12.93 49.89
CA ALA C 1793 -55.87 12.58 48.93
C ALA C 1793 -55.74 11.14 48.47
N ILE C 1794 -54.52 10.65 48.28
CA ILE C 1794 -54.36 9.26 47.84
C ILE C 1794 -54.78 8.30 48.95
N THR C 1795 -54.42 8.60 50.21
CA THR C 1795 -54.89 7.78 51.32
C THR C 1795 -56.40 7.86 51.48
N SER C 1796 -56.98 9.04 51.18
CA SER C 1796 -58.42 9.21 51.31
C SER C 1796 -59.15 8.41 50.24
N LEU C 1797 -58.60 8.33 49.03
CA LEU C 1797 -59.21 7.49 48.01
C LEU C 1797 -59.01 6.02 48.34
N ARG C 1798 -57.91 5.67 49.01
CA ARG C 1798 -57.64 4.27 49.31
C ARG C 1798 -58.54 3.75 50.42
N GLN C 1799 -58.81 4.58 51.43
CA GLN C 1799 -59.61 4.13 52.56
C GLN C 1799 -61.08 4.01 52.21
N GLY C 1800 -61.58 4.91 51.36
CA GLY C 1800 -62.97 4.88 50.94
C GLY C 1800 -63.93 5.68 51.80
N THR C 1801 -63.61 6.95 52.09
CA THR C 1801 -64.31 7.60 53.18
C THR C 1801 -65.05 8.88 52.77
N GLN C 1802 -64.58 9.61 51.75
CA GLN C 1802 -65.13 10.93 51.49
C GLN C 1802 -66.02 10.92 50.24
N THR C 1803 -66.74 12.03 50.06
CA THR C 1803 -67.61 12.28 48.93
C THR C 1803 -66.84 12.99 47.82
N PRO C 1804 -66.91 12.49 46.59
CA PRO C 1804 -66.24 13.18 45.48
C PRO C 1804 -66.91 14.51 45.15
N ALA C 1805 -66.08 15.53 44.93
CA ALA C 1805 -66.56 16.88 44.64
C ALA C 1805 -65.67 17.49 43.57
N LEU C 1806 -66.16 18.56 42.97
CA LEU C 1806 -65.46 19.23 41.86
C LEU C 1806 -65.38 20.71 42.18
N LEU C 1807 -64.25 21.14 42.73
CA LEU C 1807 -64.02 22.54 43.07
C LEU C 1807 -62.51 22.76 43.00
N LEU C 1808 -62.11 23.86 42.38
CA LEU C 1808 -60.70 24.19 42.16
C LEU C 1808 -60.15 24.93 43.38
N ARG C 1809 -60.12 24.25 44.52
CA ARG C 1809 -59.47 24.77 45.72
C ARG C 1809 -58.26 23.93 46.06
N SER C 1810 -58.48 22.63 46.25
CA SER C 1810 -57.37 21.70 46.35
C SER C 1810 -56.82 21.38 44.97
N ALA C 1811 -57.61 21.64 43.92
CA ALA C 1811 -57.11 21.47 42.56
C ALA C 1811 -56.13 22.58 42.20
N ASN C 1812 -56.09 23.66 42.98
CA ASN C 1812 -54.99 24.62 42.85
C ASN C 1812 -53.66 23.96 43.21
N THR C 1813 -53.68 23.07 44.21
CA THR C 1813 -52.49 22.29 44.50
C THR C 1813 -52.28 21.18 43.47
N LEU C 1814 -53.35 20.45 43.14
CA LEU C 1814 -53.23 19.27 42.31
C LEU C 1814 -53.09 19.58 40.81
N THR C 1815 -53.18 20.86 40.42
CA THR C 1815 -52.92 21.22 39.04
C THR C 1815 -51.43 21.08 38.72
N ASP C 1816 -50.58 21.53 39.62
CA ASP C 1816 -49.15 21.56 39.35
C ASP C 1816 -48.47 20.21 39.54
N LEU C 1817 -49.22 19.15 39.77
CA LEU C 1817 -48.66 17.81 39.64
C LEU C 1817 -48.26 17.58 38.19
N PHE C 1818 -47.18 16.84 38.01
CA PHE C 1818 -46.70 16.54 36.67
C PHE C 1818 -47.55 15.44 36.04
N LEU C 1819 -47.53 15.40 34.75
CA LEU C 1819 -48.28 14.38 34.06
C LEU C 1819 -47.40 13.19 33.78
N PRO C 1820 -47.97 11.99 33.77
CA PRO C 1820 -47.19 10.80 33.41
C PRO C 1820 -46.94 10.74 31.92
N GLN C 1821 -45.85 10.08 31.55
CA GLN C 1821 -45.55 9.91 30.14
C GLN C 1821 -45.64 8.44 29.78
N ILE C 1822 -45.81 8.19 28.48
CA ILE C 1822 -45.94 6.82 28.02
C ILE C 1822 -44.58 6.21 27.80
N ASN C 1823 -44.57 4.89 27.56
CA ASN C 1823 -43.34 4.12 27.49
C ASN C 1823 -42.56 4.46 26.23
N ASP C 1824 -41.33 4.95 26.42
CA ASP C 1824 -40.50 5.36 25.29
C ASP C 1824 -39.99 4.16 24.52
N VAL C 1825 -39.66 3.08 25.23
CA VAL C 1825 -39.15 1.88 24.58
C VAL C 1825 -40.22 1.27 23.69
N MET C 1826 -41.47 1.29 24.17
CA MET C 1826 -42.58 0.82 23.36
C MET C 1826 -42.85 1.78 22.21
N LEU C 1827 -42.65 3.08 22.44
CA LEU C 1827 -42.81 4.08 21.39
C LEU C 1827 -41.79 3.90 20.28
N SER C 1828 -40.62 3.36 20.60
CA SER C 1828 -39.60 3.12 19.60
C SER C 1828 -40.03 2.13 18.52
N TYR C 1829 -40.92 1.20 18.86
CA TYR C 1829 -41.27 0.14 17.91
C TYR C 1829 -42.10 0.66 16.75
N TRP C 1830 -43.01 1.62 17.00
CA TRP C 1830 -43.78 2.18 15.90
C TRP C 1830 -42.89 2.89 14.90
N ASN C 1831 -41.94 3.69 15.40
CA ASN C 1831 -41.02 4.39 14.51
C ASN C 1831 -40.12 3.40 13.78
N LYS C 1832 -39.71 2.34 14.47
CA LYS C 1832 -38.76 1.42 13.87
C LYS C 1832 -39.43 0.58 12.79
N LEU C 1833 -40.60 0.02 13.08
CA LEU C 1833 -41.35 -0.73 12.08
C LEU C 1833 -41.85 0.16 10.96
N GLU C 1834 -42.26 1.39 11.26
CA GLU C 1834 -42.71 2.31 10.24
C GLU C 1834 -41.58 2.67 9.29
N LEU C 1835 -40.35 2.81 9.81
CA LEU C 1835 -39.23 3.15 8.96
C LEU C 1835 -38.79 1.96 8.11
N ARG C 1836 -38.75 0.76 8.70
CA ARG C 1836 -38.45 -0.45 7.93
C ARG C 1836 -39.46 -0.63 6.81
N LEU C 1837 -40.73 -0.40 7.10
CA LEU C 1837 -41.75 -0.62 6.10
C LEU C 1837 -41.79 0.51 5.09
N TYR C 1838 -41.32 1.70 5.48
CA TYR C 1838 -41.16 2.78 4.52
C TYR C 1838 -40.06 2.47 3.54
N ASN C 1839 -38.96 1.88 4.01
CA ASN C 1839 -37.94 1.40 3.08
C ASN C 1839 -38.44 0.25 2.23
N LEU C 1840 -39.38 -0.54 2.74
CA LEU C 1840 -40.03 -1.53 1.87
C LEU C 1840 -40.88 -0.90 0.79
N ARG C 1841 -41.59 0.20 1.10
CA ARG C 1841 -42.58 0.70 0.16
C ARG C 1841 -41.92 1.41 -1.01
N HIS C 1842 -40.78 2.02 -0.80
CA HIS C 1842 -39.98 2.42 -1.93
C HIS C 1842 -38.97 1.33 -2.17
N ASN C 1843 -38.01 1.56 -3.05
CA ASN C 1843 -37.12 0.48 -3.41
C ASN C 1843 -35.78 0.58 -2.70
N LEU C 1844 -35.77 1.03 -1.46
CA LEU C 1844 -34.52 1.22 -0.76
C LEU C 1844 -34.06 -0.07 -0.10
N SER C 1845 -32.87 -0.02 0.49
CA SER C 1845 -32.31 -1.09 1.28
C SER C 1845 -32.70 -0.92 2.74
N ILE C 1846 -32.05 -1.68 3.62
CA ILE C 1846 -32.20 -1.41 5.04
C ILE C 1846 -31.40 -0.18 5.43
N ASP C 1847 -30.35 0.11 4.67
CA ASP C 1847 -29.51 1.27 4.97
C ASP C 1847 -29.86 2.47 4.10
N GLY C 1848 -30.94 2.39 3.34
CA GLY C 1848 -31.39 3.50 2.53
C GLY C 1848 -30.62 3.71 1.26
N GLN C 1849 -29.67 2.84 0.95
CA GLN C 1849 -29.03 2.88 -0.36
C GLN C 1849 -30.02 2.42 -1.40
N PRO C 1850 -30.32 3.21 -2.43
CA PRO C 1850 -31.29 2.78 -3.43
C PRO C 1850 -30.75 1.64 -4.27
N LEU C 1851 -31.65 0.73 -4.65
CA LEU C 1851 -31.23 -0.36 -5.53
C LEU C 1851 -31.01 0.13 -6.95
N HIS C 1852 -31.78 1.13 -7.38
CA HIS C 1852 -31.59 1.67 -8.72
C HIS C 1852 -30.38 2.60 -8.75
N LEU C 1853 -29.70 2.59 -9.87
CA LEU C 1853 -28.58 3.50 -10.05
C LEU C 1853 -29.05 4.79 -10.71
N PRO C 1854 -28.52 5.94 -10.33
CA PRO C 1854 -29.06 7.21 -10.81
C PRO C 1854 -28.74 7.44 -12.28
N ILE C 1855 -29.62 8.17 -12.95
CA ILE C 1855 -29.44 8.46 -14.36
C ILE C 1855 -28.36 9.54 -14.50
N TYR C 1856 -27.67 9.52 -15.64
CA TYR C 1856 -26.54 10.40 -15.88
C TYR C 1856 -26.93 11.47 -16.88
N ALA C 1857 -26.62 12.72 -16.58
CA ALA C 1857 -27.03 13.83 -17.41
C ALA C 1857 -26.19 13.93 -18.67
N THR C 1858 -26.81 14.43 -19.73
CA THR C 1858 -26.19 14.72 -21.00
C THR C 1858 -25.77 16.19 -21.05
N PRO C 1859 -24.49 16.47 -21.31
CA PRO C 1859 -24.03 17.87 -21.27
C PRO C 1859 -24.59 18.70 -22.43
N ALA C 1860 -24.65 20.00 -22.18
CA ALA C 1860 -25.29 20.92 -23.12
C ALA C 1860 -24.47 21.09 -24.38
N ASP C 1861 -25.11 21.57 -25.44
CA ASP C 1861 -24.40 21.76 -26.69
C ASP C 1861 -23.81 23.17 -26.74
N PRO C 1862 -22.53 23.29 -27.09
CA PRO C 1862 -21.91 24.63 -27.15
C PRO C 1862 -22.35 25.38 -28.40
N LYS C 1863 -22.38 26.70 -28.29
CA LYS C 1863 -22.77 27.53 -29.42
C LYS C 1863 -21.59 27.76 -30.35
N ALA C 1864 -21.87 27.84 -31.65
CA ALA C 1864 -20.87 28.09 -32.68
C ALA C 1864 -20.94 29.57 -33.04
N LEU C 1865 -19.98 30.34 -32.52
CA LEU C 1865 -19.93 31.77 -32.79
C LEU C 1865 -19.61 32.02 -34.25
N LEU C 1866 -20.47 32.82 -34.89
CA LEU C 1866 -20.37 33.04 -36.32
C LEU C 1866 -20.37 34.54 -36.59
N SER C 1867 -19.49 34.96 -37.48
CA SER C 1867 -19.38 36.35 -37.88
C SER C 1867 -19.98 36.54 -39.27
N ALA C 1868 -20.52 37.72 -39.52
CA ALA C 1868 -21.04 38.08 -40.82
C ALA C 1868 -20.18 39.18 -41.40
N ALA C 1869 -19.73 39.00 -42.63
CA ALA C 1869 -18.89 39.96 -43.33
C ALA C 1869 -19.65 40.46 -44.55
N VAL C 1870 -20.03 41.73 -44.53
CA VAL C 1870 -20.78 42.34 -45.62
C VAL C 1870 -19.97 43.49 -46.19
N ALA C 1871 -20.33 43.90 -47.39
CA ALA C 1871 -19.65 45.01 -48.05
C ALA C 1871 -20.68 46.09 -48.42
N THR C 1872 -20.18 47.31 -48.58
CA THR C 1872 -21.03 48.46 -48.88
C THR C 1872 -20.74 48.99 -50.28
N SER C 1873 -21.69 49.76 -50.81
CA SER C 1873 -21.58 50.31 -52.15
C SER C 1873 -21.63 51.83 -52.09
N GLN C 1874 -20.48 52.48 -52.20
CA GLN C 1874 -20.39 53.92 -52.32
C GLN C 1874 -20.50 54.31 -53.78
N GLY C 1875 -21.19 55.42 -54.04
CA GLY C 1875 -21.41 55.85 -55.41
C GLY C 1875 -20.18 56.53 -55.97
N GLY C 1876 -19.92 56.33 -57.26
CA GLY C 1876 -18.75 56.90 -57.88
C GLY C 1876 -18.92 58.38 -58.18
N GLY C 1877 -17.80 59.08 -58.26
CA GLY C 1877 -17.84 60.49 -58.58
C GLY C 1877 -17.89 60.76 -60.07
N LYS C 1878 -18.61 61.82 -60.43
CA LYS C 1878 -18.72 62.28 -61.80
C LYS C 1878 -17.58 63.22 -62.12
N LEU C 1879 -17.62 63.81 -63.30
CA LEU C 1879 -16.51 64.64 -63.73
C LEU C 1879 -16.79 66.11 -63.45
N PRO C 1880 -15.75 66.91 -63.18
CA PRO C 1880 -15.90 68.36 -63.15
C PRO C 1880 -16.05 68.93 -64.55
N GLU C 1881 -16.16 70.26 -64.60
CA GLU C 1881 -16.49 70.94 -65.84
C GLU C 1881 -15.25 71.14 -66.70
N SER C 1882 -15.41 71.01 -68.01
CA SER C 1882 -14.34 71.27 -68.94
C SER C 1882 -14.01 72.76 -68.99
N PHE C 1883 -12.83 73.10 -68.49
CA PHE C 1883 -12.32 74.45 -68.57
C PHE C 1883 -11.14 74.50 -69.54
N ILE C 1884 -11.27 75.35 -70.56
CA ILE C 1884 -10.30 75.41 -71.64
C ILE C 1884 -9.15 76.28 -71.17
N SER C 1885 -7.96 76.05 -71.71
CA SER C 1885 -6.79 76.81 -71.35
C SER C 1885 -6.12 77.45 -72.57
N LEU C 1886 -4.99 78.10 -72.33
CA LEU C 1886 -4.25 78.74 -73.40
C LEU C 1886 -3.31 77.77 -74.09
N TRP C 1887 -2.88 76.75 -73.39
CA TRP C 1887 -1.74 75.99 -73.84
C TRP C 1887 -2.12 75.01 -74.95
N ARG C 1888 -1.16 74.68 -75.79
CA ARG C 1888 -1.31 73.61 -76.74
C ARG C 1888 -1.21 72.26 -76.06
N PHE C 1889 -1.21 71.21 -76.87
CA PHE C 1889 -1.32 69.87 -76.32
C PHE C 1889 -0.07 69.37 -75.57
N PRO C 1890 1.17 69.46 -76.08
CA PRO C 1890 2.26 68.76 -75.36
C PRO C 1890 2.64 69.37 -74.02
N HIS C 1891 2.53 70.70 -73.88
CA HIS C 1891 2.87 71.32 -72.61
C HIS C 1891 1.87 70.95 -71.53
N MET C 1892 0.59 70.97 -71.87
CA MET C 1892 -0.44 70.59 -70.92
C MET C 1892 -0.37 69.11 -70.61
N LEU C 1893 0.03 68.32 -71.60
CA LEU C 1893 0.21 66.88 -71.39
C LEU C 1893 1.33 66.58 -70.41
N GLU C 1894 2.48 67.22 -70.60
CA GLU C 1894 3.61 67.02 -69.69
C GLU C 1894 3.28 67.52 -68.29
N ASN C 1895 2.56 68.65 -68.20
CA ASN C 1895 2.14 69.19 -66.92
C ASN C 1895 1.25 68.21 -66.17
N ALA C 1896 0.26 67.65 -66.87
CA ALA C 1896 -0.63 66.67 -66.25
C ALA C 1896 0.11 65.40 -65.89
N ARG C 1897 1.14 65.05 -66.66
CA ARG C 1897 1.93 63.87 -66.36
C ARG C 1897 2.69 64.03 -65.05
N SER C 1898 3.25 65.23 -64.83
CA SER C 1898 3.90 65.54 -63.56
C SER C 1898 2.91 65.46 -62.40
N MET C 1899 1.68 65.94 -62.62
CA MET C 1899 0.67 65.84 -61.59
C MET C 1899 0.31 64.39 -61.27
N VAL C 1900 0.24 63.55 -62.30
CA VAL C 1900 -0.17 62.16 -62.10
C VAL C 1900 0.91 61.39 -61.35
N THR C 1901 2.19 61.64 -61.67
CA THR C 1901 3.23 60.91 -60.94
C THR C 1901 3.36 61.41 -59.51
N GLN C 1902 3.04 62.68 -59.27
CA GLN C 1902 2.95 63.14 -57.89
C GLN C 1902 1.85 62.40 -57.14
N LEU C 1903 0.71 62.21 -57.80
CA LEU C 1903 -0.41 61.52 -57.18
C LEU C 1903 -0.08 60.05 -56.90
N ILE C 1904 0.71 59.44 -57.77
CA ILE C 1904 1.00 58.02 -57.55
C ILE C 1904 2.02 57.86 -56.42
N GLN C 1905 2.84 58.89 -56.19
CA GLN C 1905 3.67 58.89 -54.99
C GLN C 1905 2.82 58.96 -53.72
N PHE C 1906 1.77 59.79 -53.73
CA PHE C 1906 0.86 59.83 -52.59
C PHE C 1906 0.17 58.49 -52.37
N GLY C 1907 -0.20 57.81 -53.45
CA GLY C 1907 -0.85 56.52 -53.33
C GLY C 1907 0.02 55.47 -52.67
N SER C 1908 1.31 55.44 -53.04
CA SER C 1908 2.25 54.51 -52.42
C SER C 1908 2.39 54.79 -50.91
N THR C 1909 2.51 56.08 -50.56
CA THR C 1909 2.62 56.43 -49.14
C THR C 1909 1.39 56.03 -48.35
N LEU C 1910 0.20 56.19 -48.95
CA LEU C 1910 -1.03 55.85 -48.24
C LEU C 1910 -1.16 54.36 -48.03
N GLN C 1911 -0.73 53.57 -49.03
CA GLN C 1911 -0.74 52.11 -48.89
C GLN C 1911 0.13 51.64 -47.73
N ASN C 1912 1.34 52.21 -47.64
CA ASN C 1912 2.25 51.84 -46.55
C ASN C 1912 1.68 52.22 -45.19
N ILE C 1913 1.04 53.39 -45.11
CA ILE C 1913 0.47 53.84 -43.83
C ILE C 1913 -0.67 52.94 -43.37
N ILE C 1914 -1.53 52.51 -44.30
CA ILE C 1914 -2.66 51.66 -43.93
C ILE C 1914 -2.19 50.32 -43.40
N GLU C 1915 -1.23 49.69 -44.11
CA GLU C 1915 -0.73 48.40 -43.65
C GLU C 1915 -0.02 48.51 -42.30
N ARG C 1916 0.64 49.64 -42.08
CA ARG C 1916 1.35 49.83 -40.83
C ARG C 1916 0.38 49.99 -39.65
N GLN C 1917 -0.71 50.73 -39.83
CA GLN C 1917 -1.61 50.92 -38.70
C GLN C 1917 -2.37 49.64 -38.39
N ASP C 1918 -2.60 48.80 -39.41
CA ASP C 1918 -3.27 47.54 -39.12
C ASP C 1918 -2.37 46.60 -38.34
N ALA C 1919 -1.07 46.61 -38.66
CA ALA C 1919 -0.12 45.83 -37.87
C ALA C 1919 -0.08 46.30 -36.41
N GLU C 1920 -0.14 47.62 -36.20
CA GLU C 1920 -0.05 48.13 -34.83
C GLU C 1920 -1.29 47.77 -34.00
N SER C 1921 -2.47 47.87 -34.61
CA SER C 1921 -3.69 47.52 -33.90
C SER C 1921 -3.72 46.04 -33.53
N LEU C 1922 -3.22 45.18 -34.44
CA LEU C 1922 -3.14 43.76 -34.16
C LEU C 1922 -2.21 43.47 -32.98
N ASN C 1923 -1.10 44.21 -32.91
CA ASN C 1923 -0.15 44.05 -31.81
C ASN C 1923 -0.78 44.39 -30.46
N ALA C 1924 -1.53 45.50 -30.40
CA ALA C 1924 -2.15 45.90 -29.14
C ALA C 1924 -3.20 44.88 -28.69
N LEU C 1925 -3.92 44.30 -29.65
CA LEU C 1925 -4.91 43.27 -29.33
C LEU C 1925 -4.25 42.04 -28.72
N LEU C 1926 -3.11 41.62 -29.28
CA LEU C 1926 -2.38 40.47 -28.73
C LEU C 1926 -1.93 40.73 -27.30
N GLN C 1927 -1.51 41.98 -27.01
CA GLN C 1927 -1.07 42.29 -25.65
C GLN C 1927 -2.18 42.18 -24.62
N ASN C 1928 -3.37 42.71 -24.96
CA ASN C 1928 -4.47 42.63 -24.00
C ASN C 1928 -4.92 41.20 -23.73
N GLN C 1929 -4.88 40.36 -24.77
CA GLN C 1929 -5.26 38.97 -24.58
C GLN C 1929 -4.24 38.22 -23.71
N ALA C 1930 -2.95 38.59 -23.84
CA ALA C 1930 -1.93 38.03 -22.95
C ALA C 1930 -2.18 38.40 -21.50
N LYS C 1931 -2.69 39.62 -21.27
CA LYS C 1931 -2.98 40.06 -19.90
C LYS C 1931 -4.06 39.21 -19.25
N GLU C 1932 -5.15 38.96 -19.98
CA GLU C 1932 -6.22 38.09 -19.45
C GLU C 1932 -5.72 36.69 -19.14
N LEU C 1933 -4.90 36.14 -20.04
CA LEU C 1933 -4.41 34.78 -19.85
C LEU C 1933 -3.50 34.65 -18.62
N ILE C 1934 -2.71 35.68 -18.34
CA ILE C 1934 -1.83 35.59 -17.18
C ILE C 1934 -2.62 35.71 -15.88
N LEU C 1935 -3.78 36.40 -15.92
CA LEU C 1935 -4.66 36.40 -14.74
C LEU C 1935 -5.18 35.01 -14.42
N THR C 1936 -5.64 34.29 -15.45
CA THR C 1936 -6.14 32.93 -15.24
C THR C 1936 -5.07 31.99 -14.68
N THR C 1937 -3.85 32.07 -15.22
CA THR C 1937 -2.80 31.19 -14.73
C THR C 1937 -2.39 31.51 -13.28
N LEU C 1938 -2.52 32.78 -12.87
CA LEU C 1938 -2.30 33.12 -11.45
C LEU C 1938 -3.30 32.44 -10.53
N SER C 1939 -4.59 32.46 -10.91
CA SER C 1939 -5.60 31.79 -10.09
C SER C 1939 -5.33 30.29 -9.98
N ILE C 1940 -4.88 29.68 -11.08
CA ILE C 1940 -4.61 28.24 -11.07
C ILE C 1940 -3.43 27.91 -10.15
N GLN C 1941 -2.42 28.79 -10.11
CA GLN C 1941 -1.29 28.56 -9.21
C GLN C 1941 -1.71 28.67 -7.74
N ASP C 1942 -2.66 29.57 -7.45
CA ASP C 1942 -3.19 29.67 -6.08
C ASP C 1942 -3.88 28.38 -5.66
N LYS C 1943 -4.69 27.80 -6.55
CA LYS C 1943 -5.34 26.53 -6.21
C LYS C 1943 -4.34 25.39 -6.04
N THR C 1944 -3.20 25.46 -6.76
CA THR C 1944 -2.15 24.46 -6.56
C THR C 1944 -1.57 24.51 -5.15
N ILE C 1945 -1.30 25.72 -4.66
CA ILE C 1945 -0.74 25.84 -3.31
C ILE C 1945 -1.77 25.39 -2.25
N GLU C 1946 -3.05 25.66 -2.50
CA GLU C 1946 -4.10 25.18 -1.59
C GLU C 1946 -4.15 23.65 -1.53
N GLU C 1947 -3.98 23.00 -2.69
CA GLU C 1947 -3.86 21.55 -2.74
C GLU C 1947 -2.70 21.03 -1.90
N ILE C 1948 -1.56 21.72 -1.96
CA ILE C 1948 -0.39 21.20 -1.25
C ILE C 1948 -0.56 21.36 0.27
N ASP C 1949 -1.38 22.35 0.67
CA ASP C 1949 -1.72 22.44 2.09
C ASP C 1949 -2.63 21.31 2.53
N ALA C 1950 -3.57 20.92 1.66
CA ALA C 1950 -4.43 19.77 1.98
C ALA C 1950 -3.63 18.48 2.11
N GLU C 1951 -2.55 18.37 1.33
CA GLU C 1951 -1.68 17.21 1.44
C GLU C 1951 -0.93 17.20 2.77
N LYS C 1952 -0.55 18.39 3.25
CA LYS C 1952 0.05 18.46 4.58
C LYS C 1952 -0.94 18.02 5.65
N THR C 1953 -2.23 18.30 5.43
CA THR C 1953 -3.24 17.83 6.37
C THR C 1953 -3.38 16.29 6.37
N VAL C 1954 -3.31 15.66 5.18
CA VAL C 1954 -3.48 14.20 5.16
C VAL C 1954 -2.27 13.52 5.80
N LEU C 1955 -1.09 14.14 5.70
CA LEU C 1955 0.05 13.53 6.38
C LEU C 1955 -0.02 13.77 7.89
N GLU C 1956 -0.65 14.86 8.32
CA GLU C 1956 -0.94 15.03 9.74
C GLU C 1956 -1.82 13.92 10.28
N LYS C 1957 -2.83 13.53 9.49
CA LYS C 1957 -3.74 12.46 9.93
C LYS C 1957 -3.02 11.12 10.06
N SER C 1958 -2.21 10.77 9.04
CA SER C 1958 -1.50 9.49 9.10
C SER C 1958 -0.46 9.47 10.22
N LYS C 1959 0.19 10.62 10.45
CA LYS C 1959 1.13 10.76 11.55
C LYS C 1959 0.46 10.54 12.90
N ALA C 1960 -0.74 11.10 13.09
CA ALA C 1960 -1.45 10.90 14.35
C ALA C 1960 -1.85 9.45 14.57
N GLY C 1961 -2.27 8.76 13.49
CA GLY C 1961 -2.62 7.36 13.63
C GLY C 1961 -1.44 6.47 14.00
N ALA C 1962 -0.30 6.69 13.35
CA ALA C 1962 0.90 5.92 13.69
C ALA C 1962 1.40 6.25 15.08
N LYS C 1963 1.23 7.49 15.52
CA LYS C 1963 1.63 7.87 16.88
C LYS C 1963 0.78 7.15 17.91
N SER C 1964 -0.52 7.01 17.65
CA SER C 1964 -1.39 6.30 18.57
C SER C 1964 -1.00 4.82 18.67
N ARG C 1965 -0.74 4.19 17.52
CA ARG C 1965 -0.25 2.80 17.54
C ARG C 1965 1.04 2.66 18.33
N PHE C 1966 1.97 3.60 18.14
CA PHE C 1966 3.26 3.50 18.81
C PHE C 1966 3.12 3.61 20.31
N ASP C 1967 2.33 4.58 20.78
CA ASP C 1967 2.17 4.74 22.21
C ASP C 1967 1.42 3.58 22.83
N ASN C 1968 0.45 3.02 22.09
CA ASN C 1968 -0.35 1.96 22.68
C ASN C 1968 0.44 0.66 22.76
N TYR C 1969 1.22 0.34 21.73
CA TYR C 1969 2.05 -0.86 21.82
C TYR C 1969 3.19 -0.68 22.80
N SER C 1970 3.70 0.54 22.95
CA SER C 1970 4.74 0.76 23.96
C SER C 1970 4.19 0.58 25.37
N LYS C 1971 2.94 1.00 25.58
CA LYS C 1971 2.31 0.79 26.87
C LYS C 1971 2.10 -0.69 27.15
N LEU C 1972 1.60 -1.45 26.16
CA LEU C 1972 1.34 -2.86 26.43
C LEU C 1972 2.63 -3.67 26.43
N TYR C 1973 3.72 -3.09 25.95
CA TYR C 1973 5.00 -3.76 26.05
C TYR C 1973 5.65 -3.56 27.40
N ASP C 1974 5.63 -2.32 27.90
CA ASP C 1974 6.35 -2.05 29.14
C ASP C 1974 5.59 -2.55 30.35
N GLU C 1975 4.27 -2.54 30.28
CA GLU C 1975 3.46 -3.24 31.27
C GLU C 1975 3.36 -4.70 30.80
N ASP C 1976 4.39 -5.46 31.16
CA ASP C 1976 4.69 -6.71 30.49
C ASP C 1976 3.73 -7.82 30.89
N VAL C 1977 3.43 -7.94 32.17
CA VAL C 1977 2.46 -8.91 32.66
C VAL C 1977 1.53 -8.22 33.64
N ASN C 1978 0.30 -8.71 33.71
CA ASN C 1978 -0.68 -8.06 34.57
C ASN C 1978 -0.51 -8.50 36.02
N ALA C 1979 -1.44 -8.07 36.86
CA ALA C 1979 -1.50 -8.60 38.21
C ALA C 1979 -2.03 -10.02 38.19
N GLY C 1980 -3.11 -10.26 37.46
CA GLY C 1980 -3.75 -11.56 37.49
C GLY C 1980 -2.93 -12.64 36.83
N GLU C 1981 -2.10 -12.27 35.87
CA GLU C 1981 -1.19 -13.23 35.26
C GLU C 1981 -0.14 -13.70 36.28
N ARG C 1982 0.37 -12.75 37.06
CA ARG C 1982 1.26 -13.13 38.14
C ARG C 1982 0.53 -13.90 39.22
N GLN C 1983 -0.77 -13.65 39.40
CA GLN C 1983 -1.56 -14.47 40.30
C GLN C 1983 -1.71 -15.90 39.79
N ALA C 1984 -1.81 -16.07 38.47
CA ALA C 1984 -1.87 -17.40 37.90
C ALA C 1984 -0.56 -18.16 38.15
N LEU C 1985 0.57 -17.47 37.96
CA LEU C 1985 1.85 -18.09 38.31
C LEU C 1985 1.97 -18.35 39.80
N ASP C 1986 1.30 -17.56 40.63
CA ASP C 1986 1.31 -17.82 42.06
C ASP C 1986 0.49 -19.06 42.40
N MET C 1987 -0.66 -19.23 41.75
CA MET C 1987 -1.51 -20.37 42.06
C MET C 1987 -0.88 -21.68 41.60
N ARG C 1988 -0.19 -21.66 40.46
CA ARG C 1988 0.51 -22.86 40.01
C ARG C 1988 1.61 -23.26 40.97
N ILE C 1989 2.38 -22.29 41.47
CA ILE C 1989 3.49 -22.63 42.33
C ILE C 1989 2.99 -22.96 43.74
N ALA C 1990 1.81 -22.46 44.09
CA ALA C 1990 1.18 -22.91 45.33
C ALA C 1990 0.75 -24.36 45.22
N SER C 1991 0.24 -24.75 44.06
CA SER C 1991 -0.13 -26.15 43.85
C SER C 1991 1.09 -27.05 43.86
N GLN C 1992 2.20 -26.58 43.29
CA GLN C 1992 3.45 -27.32 43.34
C GLN C 1992 3.96 -27.45 44.77
N SER C 1993 3.79 -26.41 45.58
CA SER C 1993 4.22 -26.49 46.96
C SER C 1993 3.29 -27.38 47.77
N ILE C 1994 2.03 -27.50 47.34
CA ILE C 1994 1.08 -28.24 48.16
C ILE C 1994 1.04 -29.70 47.75
N THR C 1995 1.64 -30.05 46.61
CA THR C 1995 1.82 -31.48 46.35
C THR C 1995 2.93 -32.03 47.22
N SER C 1996 3.86 -31.15 47.66
CA SER C 1996 4.47 -31.18 49.00
C SER C 1996 5.31 -32.43 49.30
N GLY C 1997 5.46 -33.31 48.31
CA GLY C 1997 5.83 -34.66 48.64
C GLY C 1997 4.75 -35.27 49.51
N LEU C 1998 3.52 -35.29 48.99
CA LEU C 1998 2.38 -35.78 49.76
C LEU C 1998 2.40 -37.30 49.89
N LYS C 1999 3.29 -37.95 49.13
CA LYS C 1999 3.50 -39.39 49.26
C LYS C 1999 4.03 -39.76 50.64
N GLY C 2000 4.72 -38.82 51.29
CA GLY C 2000 5.03 -39.02 52.70
C GLY C 2000 3.78 -39.09 53.56
N LEU C 2001 2.77 -38.30 53.22
CA LEU C 2001 1.54 -38.31 54.01
C LEU C 2001 0.74 -39.58 53.76
N HIS C 2002 0.77 -40.11 52.52
CA HIS C 2002 0.22 -41.43 52.30
C HIS C 2002 1.00 -42.52 53.03
N MET C 2003 2.32 -42.45 53.03
CA MET C 2003 3.11 -43.49 53.67
C MET C 2003 2.96 -43.46 55.18
N ALA C 2004 2.57 -42.31 55.74
CA ALA C 2004 2.16 -42.25 57.13
C ALA C 2004 0.99 -43.20 57.40
N ALA C 2005 -0.04 -43.16 56.56
CA ALA C 2005 -1.18 -44.05 56.74
C ALA C 2005 -0.81 -45.50 56.47
N ALA C 2006 0.02 -45.73 55.46
CA ALA C 2006 0.42 -47.10 55.12
C ALA C 2006 1.24 -47.72 56.24
N ALA C 2007 2.14 -46.96 56.85
CA ALA C 2007 2.88 -47.47 58.00
C ALA C 2007 1.98 -47.61 59.21
N LEU C 2008 0.94 -46.77 59.30
CA LEU C 2008 0.09 -46.80 60.48
C LEU C 2008 -0.91 -47.94 60.42
N GLU C 2009 -1.08 -48.54 59.24
CA GLU C 2009 -2.04 -49.63 59.12
C GLU C 2009 -1.41 -51.01 59.05
N MET C 2010 -0.21 -51.24 59.58
CA MET C 2010 0.39 -52.56 59.48
C MET C 2010 -0.10 -53.50 60.58
N VAL C 2011 -0.50 -52.95 61.71
CA VAL C 2011 -0.71 -53.77 62.90
C VAL C 2011 -2.02 -54.53 62.77
N PRO C 2012 -2.13 -55.72 63.35
CA PRO C 2012 -3.41 -56.43 63.32
C PRO C 2012 -4.41 -55.75 64.23
N ASN C 2013 -5.64 -55.62 63.77
CA ASN C 2013 -6.63 -54.90 64.54
C ASN C 2013 -7.69 -55.80 65.14
N ILE C 2014 -7.96 -56.94 64.53
CA ILE C 2014 -8.90 -57.88 65.15
C ILE C 2014 -8.21 -58.60 66.28
N TYR C 2015 -8.68 -58.41 67.50
CA TYR C 2015 -8.10 -59.10 68.63
C TYR C 2015 -9.06 -60.09 69.24
N GLY C 2016 -8.56 -60.89 70.16
CA GLY C 2016 -9.37 -61.94 70.76
C GLY C 2016 -9.00 -63.28 70.19
N PHE C 2017 -9.97 -63.99 69.64
CA PHE C 2017 -9.72 -65.30 69.08
C PHE C 2017 -9.15 -65.17 67.67
N ALA C 2018 -9.89 -64.50 66.80
CA ALA C 2018 -9.37 -64.20 65.48
C ALA C 2018 -8.22 -63.23 65.60
N VAL C 2019 -7.03 -63.66 65.18
CA VAL C 2019 -5.85 -62.83 65.32
C VAL C 2019 -5.33 -62.53 63.92
N GLY C 2020 -4.95 -61.28 63.68
CA GLY C 2020 -4.50 -60.91 62.35
C GLY C 2020 -5.45 -59.91 61.74
N GLY C 2021 -5.81 -60.15 60.49
CA GLY C 2021 -6.71 -59.27 59.79
C GLY C 2021 -6.07 -58.03 59.22
N THR C 2022 -4.77 -57.85 59.40
CA THR C 2022 -4.11 -56.67 58.88
C THR C 2022 -3.96 -56.75 57.37
N ARG C 2023 -3.98 -55.59 56.74
CA ARG C 2023 -3.52 -55.50 55.37
C ARG C 2023 -2.02 -55.75 55.33
N TYR C 2024 -1.55 -56.31 54.23
CA TYR C 2024 -0.12 -56.39 54.03
C TYR C 2024 0.35 -55.49 52.90
N GLY C 2025 -0.49 -55.23 51.92
CA GLY C 2025 -0.12 -54.43 50.79
C GLY C 2025 -0.45 -52.96 50.91
N ALA C 2026 -0.43 -52.41 52.12
CA ALA C 2026 -0.63 -50.97 52.25
C ALA C 2026 0.59 -50.21 51.75
N ILE C 2027 1.78 -50.83 51.88
CA ILE C 2027 3.03 -50.18 51.53
C ILE C 2027 3.13 -49.97 50.03
N ALA C 2028 2.97 -51.04 49.26
CA ALA C 2028 3.12 -50.93 47.82
C ALA C 2028 2.00 -50.12 47.21
N ASN C 2029 0.82 -50.13 47.84
CA ASN C 2029 -0.27 -49.29 47.38
C ASN C 2029 0.06 -47.81 47.60
N ALA C 2030 0.73 -47.50 48.72
CA ALA C 2030 1.13 -46.12 48.94
C ALA C 2030 2.24 -45.69 48.00
N ILE C 2031 3.17 -46.60 47.71
CA ILE C 2031 4.21 -46.30 46.73
C ILE C 2031 3.58 -46.09 45.35
N ALA C 2032 2.51 -46.83 45.06
CA ALA C 2032 1.81 -46.67 43.79
C ALA C 2032 1.14 -45.31 43.69
N ILE C 2033 0.43 -44.90 44.74
CA ILE C 2033 -0.28 -43.62 44.66
C ILE C 2033 0.72 -42.46 44.72
N GLY C 2034 1.90 -42.68 45.31
CA GLY C 2034 2.95 -41.68 45.24
C GLY C 2034 3.54 -41.56 43.86
N GLY C 2035 3.72 -42.69 43.18
CA GLY C 2035 4.22 -42.66 41.81
C GLY C 2035 3.25 -41.98 40.86
N GLY C 2036 1.95 -42.11 41.14
CA GLY C 2036 0.98 -41.35 40.37
C GLY C 2036 1.03 -39.86 40.67
N ILE C 2037 1.18 -39.51 41.95
CA ILE C 2037 1.06 -38.10 42.32
C ILE C 2037 2.29 -37.32 41.89
N ALA C 2038 3.44 -38.01 41.75
CA ALA C 2038 4.64 -37.34 41.24
C ALA C 2038 4.49 -36.98 39.77
N ALA C 2039 3.88 -37.87 38.99
CA ALA C 2039 3.64 -37.60 37.57
C ALA C 2039 2.65 -36.46 37.40
N GLU C 2040 1.63 -36.40 38.26
CA GLU C 2040 0.68 -35.29 38.17
C GLU C 2040 1.34 -33.96 38.53
N GLY C 2041 2.23 -33.97 39.52
CA GLY C 2041 2.98 -32.75 39.83
C GLY C 2041 3.89 -32.31 38.70
N LEU C 2042 4.53 -33.25 38.01
CA LEU C 2042 5.35 -32.89 36.87
C LEU C 2042 4.52 -32.32 35.73
N LEU C 2043 3.30 -32.81 35.54
CA LEU C 2043 2.44 -32.23 34.50
C LEU C 2043 2.02 -30.82 34.86
N ILE C 2044 1.79 -30.56 36.16
CA ILE C 2044 1.47 -29.19 36.60
C ILE C 2044 2.62 -28.25 36.31
N GLU C 2045 3.85 -28.69 36.60
CA GLU C 2045 5.01 -27.85 36.37
C GLU C 2045 5.26 -27.63 34.88
N ALA C 2046 4.95 -28.63 34.05
CA ALA C 2046 5.04 -28.48 32.61
C ALA C 2046 4.07 -27.43 32.08
N GLU C 2047 2.85 -27.43 32.60
CA GLU C 2047 1.87 -26.44 32.16
C GLU C 2047 2.29 -25.03 32.57
N LYS C 2048 2.89 -24.90 33.77
CA LYS C 2048 3.35 -23.59 34.22
C LYS C 2048 4.45 -23.04 33.33
N VAL C 2049 5.45 -23.87 33.01
CA VAL C 2049 6.56 -23.36 32.23
C VAL C 2049 6.14 -23.09 30.78
N SER C 2050 5.17 -23.86 30.27
CA SER C 2050 4.68 -23.58 28.92
C SER C 2050 3.91 -22.27 28.86
N GLN C 2051 3.14 -21.97 29.90
CA GLN C 2051 2.42 -20.69 29.91
C GLN C 2051 3.39 -19.51 30.00
N SER C 2052 4.47 -19.67 30.76
CA SER C 2052 5.46 -18.59 30.82
C SER C 2052 6.15 -18.39 29.47
N GLU C 2053 6.38 -19.48 28.74
CA GLU C 2053 7.04 -19.36 27.45
C GLU C 2053 6.14 -18.69 26.41
N ILE C 2054 4.83 -18.99 26.43
CA ILE C 2054 3.98 -18.33 25.45
C ILE C 2054 3.78 -16.86 25.82
N TRP C 2055 3.92 -16.52 27.10
CA TRP C 2055 3.95 -15.12 27.47
C TRP C 2055 5.17 -14.41 26.90
N ARG C 2056 6.34 -15.06 26.94
CA ARG C 2056 7.53 -14.44 26.37
C ARG C 2056 7.41 -14.25 24.86
N ARG C 2057 6.86 -15.24 24.15
CA ARG C 2057 6.70 -15.09 22.71
C ARG C 2057 5.70 -13.99 22.36
N ARG C 2058 4.65 -13.87 23.17
CA ARG C 2058 3.69 -12.78 23.00
C ARG C 2058 4.37 -11.44 23.15
N ARG C 2059 5.22 -11.30 24.17
CA ARG C 2059 5.91 -10.03 24.40
C ARG C 2059 6.85 -9.68 23.25
N GLN C 2060 7.49 -10.69 22.66
CA GLN C 2060 8.34 -10.43 21.51
C GLN C 2060 7.55 -9.93 20.31
N GLU C 2061 6.35 -10.48 20.10
CA GLU C 2061 5.51 -9.96 19.01
C GLU C 2061 5.05 -8.53 19.28
N TRP C 2062 4.78 -8.21 20.55
CA TRP C 2062 4.46 -6.83 20.92
C TRP C 2062 5.60 -5.90 20.55
N GLU C 2063 6.84 -6.34 20.79
CA GLU C 2063 7.98 -5.46 20.52
C GLU C 2063 8.18 -5.25 19.03
N ILE C 2064 7.94 -6.28 18.22
CA ILE C 2064 8.05 -6.12 16.76
C ILE C 2064 7.01 -5.13 16.26
N GLN C 2065 5.79 -5.19 16.81
CA GLN C 2065 4.77 -4.23 16.41
C GLN C 2065 5.14 -2.80 16.80
N ARG C 2066 5.74 -2.64 17.99
CA ARG C 2066 6.16 -1.30 18.41
C ARG C 2066 7.22 -0.73 17.49
N ASN C 2067 8.17 -1.55 17.08
CA ASN C 2067 9.22 -1.06 16.19
C ASN C 2067 8.70 -0.71 14.81
N ASN C 2068 7.71 -1.45 14.31
CA ASN C 2068 7.11 -1.07 13.04
C ASN C 2068 6.37 0.25 13.13
N ALA C 2069 5.69 0.49 14.25
CA ALA C 2069 4.98 1.75 14.41
C ALA C 2069 5.94 2.94 14.46
N GLU C 2070 7.05 2.79 15.19
CA GLU C 2070 8.02 3.89 15.28
C GLU C 2070 8.69 4.15 13.94
N ALA C 2071 8.96 3.09 13.16
CA ALA C 2071 9.56 3.27 11.84
C ALA C 2071 8.61 4.02 10.91
N GLU C 2072 7.32 3.69 10.93
CA GLU C 2072 6.36 4.40 10.10
C GLU C 2072 6.24 5.86 10.51
N MET C 2073 6.38 6.13 11.81
CA MET C 2073 6.32 7.51 12.29
C MET C 2073 7.48 8.34 11.76
N LYS C 2074 8.70 7.79 11.81
CA LYS C 2074 9.84 8.51 11.25
C LYS C 2074 9.72 8.70 9.75
N GLN C 2075 9.14 7.70 9.07
CA GLN C 2075 8.89 7.81 7.63
C GLN C 2075 7.97 8.99 7.32
N ILE C 2076 6.90 9.15 8.09
CA ILE C 2076 5.93 10.20 7.79
C ILE C 2076 6.50 11.58 8.11
N ASP C 2077 7.38 11.67 9.11
CA ASP C 2077 8.06 12.95 9.36
C ASP C 2077 8.99 13.35 8.22
N ALA C 2078 9.75 12.40 7.69
CA ALA C 2078 10.61 12.72 6.56
C ALA C 2078 9.79 13.08 5.31
N GLN C 2079 8.62 12.46 5.16
CA GLN C 2079 7.76 12.81 4.04
C GLN C 2079 7.16 14.20 4.19
N LEU C 2080 6.95 14.64 5.44
CA LEU C 2080 6.56 16.03 5.69
C LEU C 2080 7.64 17.00 5.24
N LYS C 2081 8.90 16.68 5.50
CA LYS C 2081 9.99 17.53 5.02
C LYS C 2081 9.98 17.63 3.50
N SER C 2082 9.75 16.51 2.81
CA SER C 2082 9.64 16.53 1.36
C SER C 2082 8.49 17.42 0.90
N LEU C 2083 7.37 17.37 1.60
CA LEU C 2083 6.20 18.12 1.15
C LEU C 2083 6.38 19.62 1.37
N THR C 2084 7.07 20.02 2.44
CA THR C 2084 7.28 21.46 2.62
C THR C 2084 8.32 22.00 1.63
N VAL C 2085 9.23 21.14 1.16
CA VAL C 2085 10.10 21.55 0.06
C VAL C 2085 9.30 21.79 -1.22
N ARG C 2086 8.34 20.90 -1.51
CA ARG C 2086 7.46 21.12 -2.66
C ARG C 2086 6.63 22.38 -2.51
N ARG C 2087 6.24 22.72 -1.29
CA ARG C 2087 5.51 23.96 -1.07
C ARG C 2087 6.35 25.18 -1.38
N GLU C 2088 7.62 25.17 -0.96
CA GLU C 2088 8.51 26.28 -1.29
C GLU C 2088 8.70 26.44 -2.79
N ALA C 2089 8.78 25.29 -3.50
CA ALA C 2089 8.88 25.36 -4.96
C ALA C 2089 7.64 25.97 -5.60
N ALA C 2090 6.46 25.65 -5.06
CA ALA C 2090 5.23 26.25 -5.59
C ALA C 2090 5.17 27.75 -5.31
N VAL C 2091 5.71 28.18 -4.17
CA VAL C 2091 5.73 29.61 -3.86
C VAL C 2091 6.63 30.36 -4.85
N LEU C 2092 7.79 29.77 -5.18
CA LEU C 2092 8.65 30.39 -6.18
C LEU C 2092 8.00 30.43 -7.55
N GLN C 2093 7.19 29.42 -7.87
CA GLN C 2093 6.43 29.45 -9.11
C GLN C 2093 5.43 30.61 -9.12
N LYS C 2094 4.77 30.86 -7.98
CA LYS C 2094 3.80 31.95 -7.91
C LYS C 2094 4.47 33.31 -8.09
N THR C 2095 5.61 33.53 -7.43
CA THR C 2095 6.25 34.83 -7.59
C THR C 2095 6.86 34.98 -8.98
N GLY C 2096 7.21 33.87 -9.63
CA GLY C 2096 7.61 33.94 -11.03
C GLY C 2096 6.48 34.37 -11.93
N LEU C 2097 5.27 33.89 -11.66
CA LEU C 2097 4.13 34.31 -12.47
C LEU C 2097 3.79 35.77 -12.24
N LYS C 2098 3.95 36.27 -11.01
CA LYS C 2098 3.69 37.69 -10.79
C LYS C 2098 4.73 38.56 -11.47
N THR C 2099 5.98 38.08 -11.55
CA THR C 2099 7.00 38.79 -12.31
C THR C 2099 6.64 38.82 -13.80
N GLN C 2100 6.11 37.71 -14.32
CA GLN C 2100 5.65 37.69 -15.71
C GLN C 2100 4.52 38.68 -15.96
N GLN C 2101 3.60 38.80 -15.00
CA GLN C 2101 2.49 39.75 -15.16
C GLN C 2101 2.98 41.18 -15.18
N GLU C 2102 3.93 41.50 -14.29
CA GLU C 2102 4.49 42.85 -14.27
C GLU C 2102 5.26 43.15 -15.55
N GLN C 2103 5.92 42.14 -16.11
CA GLN C 2103 6.62 42.32 -17.39
C GLN C 2103 5.63 42.57 -18.52
N THR C 2104 4.49 41.89 -18.51
CA THR C 2104 3.46 42.14 -19.52
C THR C 2104 2.91 43.55 -19.40
N GLN C 2105 2.74 44.01 -18.16
CA GLN C 2105 2.30 45.39 -17.93
C GLN C 2105 3.32 46.39 -18.46
N ALA C 2106 4.60 46.07 -18.31
CA ALA C 2106 5.65 46.94 -18.83
C ALA C 2106 5.65 47.01 -20.35
N GLN C 2107 5.45 45.87 -21.02
CA GLN C 2107 5.39 45.89 -22.48
C GLN C 2107 4.18 46.67 -22.98
N LEU C 2108 3.05 46.55 -22.27
CA LEU C 2108 1.87 47.27 -22.70
C LEU C 2108 2.02 48.78 -22.50
N ALA C 2109 2.65 49.19 -21.40
CA ALA C 2109 2.92 50.61 -21.20
C ALA C 2109 3.95 51.12 -22.20
N PHE C 2110 4.85 50.25 -22.65
CA PHE C 2110 5.76 50.66 -23.70
C PHE C 2110 5.06 50.85 -25.03
N LEU C 2111 4.14 49.95 -25.39
CA LEU C 2111 3.45 50.10 -26.65
C LEU C 2111 2.43 51.22 -26.62
N GLN C 2112 2.06 51.68 -25.43
CA GLN C 2112 1.25 52.90 -25.40
C GLN C 2112 2.11 54.16 -25.41
N ARG C 2113 3.21 54.18 -24.66
CA ARG C 2113 3.94 55.42 -24.47
C ARG C 2113 5.06 55.62 -25.48
N LYS C 2114 5.27 54.72 -26.42
CA LYS C 2114 6.30 54.98 -27.42
C LYS C 2114 5.80 56.02 -28.41
N PHE C 2115 6.70 56.52 -29.24
CA PHE C 2115 6.37 57.64 -30.11
C PHE C 2115 5.41 57.23 -31.21
N SER C 2116 5.83 56.33 -32.08
CA SER C 2116 4.98 55.89 -33.16
C SER C 2116 3.96 54.89 -32.64
N ASN C 2117 2.86 55.41 -32.09
CA ASN C 2117 1.81 54.56 -31.60
C ASN C 2117 0.64 54.66 -32.57
N GLN C 2118 -0.49 54.07 -32.20
CA GLN C 2118 -1.60 53.93 -33.12
C GLN C 2118 -2.23 55.28 -33.43
N ALA C 2119 -2.23 56.18 -32.45
CA ALA C 2119 -2.83 57.50 -32.66
C ALA C 2119 -2.07 58.30 -33.70
N LEU C 2120 -0.76 58.10 -33.78
CA LEU C 2120 0.05 58.73 -34.83
C LEU C 2120 -0.42 58.31 -36.21
N TYR C 2121 -0.61 57.01 -36.42
CA TYR C 2121 -1.05 56.54 -37.71
C TYR C 2121 -2.49 56.91 -38.01
N ASN C 2122 -3.35 57.01 -37.00
CA ASN C 2122 -4.69 57.53 -37.25
C ASN C 2122 -4.65 58.96 -37.74
N TRP C 2123 -3.86 59.80 -37.08
CA TRP C 2123 -3.70 61.19 -37.50
C TRP C 2123 -3.12 61.31 -38.91
N LEU C 2124 -2.12 60.48 -39.21
CA LEU C 2124 -1.53 60.50 -40.55
C LEU C 2124 -2.52 60.05 -41.60
N ARG C 2125 -3.30 59.01 -41.33
CA ARG C 2125 -4.21 58.51 -42.35
C ARG C 2125 -5.32 59.51 -42.63
N GLY C 2126 -5.79 60.21 -41.59
CA GLY C 2126 -6.80 61.23 -41.81
C GLY C 2126 -6.27 62.41 -42.62
N ARG C 2127 -5.13 62.96 -42.20
CA ARG C 2127 -4.56 64.12 -42.88
C ARG C 2127 -4.18 63.81 -44.32
N LEU C 2128 -3.56 62.65 -44.53
CA LEU C 2128 -3.15 62.23 -45.86
C LEU C 2128 -4.36 61.96 -46.74
N ALA C 2129 -5.44 61.41 -46.18
CA ALA C 2129 -6.62 61.16 -46.98
C ALA C 2129 -7.26 62.44 -47.46
N ALA C 2130 -7.33 63.46 -46.60
CA ALA C 2130 -7.91 64.73 -47.03
C ALA C 2130 -7.08 65.41 -48.10
N ILE C 2131 -5.75 65.45 -47.90
CA ILE C 2131 -4.87 66.07 -48.88
C ILE C 2131 -4.91 65.31 -50.20
N TYR C 2132 -4.99 63.98 -50.12
CA TYR C 2132 -5.03 63.14 -51.30
C TYR C 2132 -6.29 63.35 -52.11
N PHE C 2133 -7.43 63.51 -51.44
CA PHE C 2133 -8.66 63.73 -52.16
C PHE C 2133 -8.68 65.08 -52.88
N GLN C 2134 -8.21 66.14 -52.19
CA GLN C 2134 -8.19 67.45 -52.83
C GLN C 2134 -7.22 67.50 -54.01
N PHE C 2135 -6.08 66.82 -53.86
CA PHE C 2135 -5.12 66.77 -54.93
C PHE C 2135 -5.65 65.97 -56.12
N TYR C 2136 -6.41 64.91 -55.84
CA TYR C 2136 -7.09 64.17 -56.89
C TYR C 2136 -8.01 65.05 -57.70
N ASP C 2137 -8.78 65.90 -57.02
CA ASP C 2137 -9.69 66.79 -57.75
C ASP C 2137 -8.94 67.76 -58.65
N LEU C 2138 -7.82 68.29 -58.17
CA LEU C 2138 -7.04 69.22 -59.02
C LEU C 2138 -6.44 68.52 -60.23
N VAL C 2139 -5.99 67.28 -60.05
CA VAL C 2139 -5.39 66.54 -61.16
C VAL C 2139 -6.44 66.22 -62.21
N VAL C 2140 -7.66 65.90 -61.78
CA VAL C 2140 -8.74 65.64 -62.73
C VAL C 2140 -9.09 66.90 -63.50
N ALA C 2141 -9.05 68.06 -62.83
CA ALA C 2141 -9.30 69.32 -63.52
C ALA C 2141 -8.26 69.59 -64.61
N ARG C 2142 -6.98 69.35 -64.31
CA ARG C 2142 -5.97 69.60 -65.33
C ARG C 2142 -6.02 68.59 -66.47
N CYS C 2143 -6.39 67.34 -66.19
CA CYS C 2143 -6.55 66.38 -67.27
C CYS C 2143 -7.72 66.75 -68.17
N LEU C 2144 -8.78 67.35 -67.60
CA LEU C 2144 -9.86 67.82 -68.47
C LEU C 2144 -9.42 69.02 -69.30
N MET C 2145 -8.54 69.87 -68.75
CA MET C 2145 -7.95 70.94 -69.55
C MET C 2145 -7.19 70.38 -70.74
N ALA C 2146 -6.40 69.33 -70.52
CA ALA C 2146 -5.65 68.73 -71.61
C ALA C 2146 -6.57 68.05 -72.61
N GLU C 2147 -7.70 67.51 -72.14
CA GLU C 2147 -8.65 66.90 -73.06
C GLU C 2147 -9.30 67.95 -73.94
N GLN C 2148 -9.58 69.13 -73.40
CA GLN C 2148 -10.11 70.22 -74.22
C GLN C 2148 -9.08 70.69 -75.23
N ALA C 2149 -7.80 70.71 -74.83
CA ALA C 2149 -6.74 71.07 -75.77
C ALA C 2149 -6.64 70.06 -76.91
N TYR C 2150 -6.83 68.78 -76.60
CA TYR C 2150 -6.85 67.77 -77.66
C TYR C 2150 -8.06 67.92 -78.56
N ARG C 2151 -9.22 68.23 -77.96
CA ARG C 2151 -10.43 68.41 -78.75
C ARG C 2151 -10.38 69.68 -79.59
N TRP C 2152 -9.48 70.61 -79.27
CA TRP C 2152 -9.42 71.80 -80.11
C TRP C 2152 -8.31 71.69 -81.14
N GLU C 2153 -7.24 70.94 -80.85
CA GLU C 2153 -6.19 70.74 -81.84
C GLU C 2153 -6.72 69.97 -83.05
N THR C 2154 -7.07 68.71 -82.84
CA THR C 2154 -7.82 67.97 -83.84
C THR C 2154 -9.30 68.21 -83.59
N ASN C 2155 -10.08 68.09 -84.65
CA ASN C 2155 -11.47 68.53 -84.61
C ASN C 2155 -12.38 67.33 -84.38
N ASP C 2156 -12.70 67.07 -83.11
CA ASP C 2156 -13.69 66.07 -82.72
C ASP C 2156 -14.22 66.40 -81.34
N SER C 2157 -15.46 66.88 -81.28
CA SER C 2157 -15.99 67.26 -79.98
C SER C 2157 -16.56 66.06 -79.24
N SER C 2158 -17.07 65.07 -79.97
CA SER C 2158 -17.71 63.94 -79.34
C SER C 2158 -16.69 62.99 -78.72
N ALA C 2159 -15.45 63.03 -79.19
CA ALA C 2159 -14.42 62.12 -78.72
C ALA C 2159 -14.02 62.47 -77.30
N ARG C 2160 -14.27 61.54 -76.37
CA ARG C 2160 -13.92 61.75 -74.97
C ARG C 2160 -13.02 60.62 -74.51
N PHE C 2161 -12.15 60.91 -73.56
CA PHE C 2161 -11.24 59.89 -73.05
C PHE C 2161 -11.33 59.75 -71.54
N ILE C 2162 -11.45 60.87 -70.83
CA ILE C 2162 -11.50 60.82 -69.38
C ILE C 2162 -12.86 60.29 -68.95
N LYS C 2163 -12.88 59.10 -68.37
CA LYS C 2163 -14.11 58.48 -67.96
C LYS C 2163 -14.19 58.50 -66.45
N PRO C 2164 -15.40 58.59 -65.88
CA PRO C 2164 -15.55 58.52 -64.44
C PRO C 2164 -15.29 57.12 -63.92
N GLY C 2165 -15.25 57.01 -62.61
CA GLY C 2165 -14.98 55.74 -61.95
C GLY C 2165 -13.52 55.54 -61.61
N ALA C 2166 -12.67 56.53 -61.87
CA ALA C 2166 -11.28 56.43 -61.44
C ALA C 2166 -11.16 56.54 -59.93
N TRP C 2167 -12.05 57.27 -59.29
CA TRP C 2167 -12.09 57.36 -57.84
C TRP C 2167 -13.04 56.31 -57.29
N GLN C 2168 -12.58 55.51 -56.35
CA GLN C 2168 -13.41 54.49 -55.73
C GLN C 2168 -13.47 54.77 -54.24
N GLY C 2169 -14.55 55.42 -53.80
CA GLY C 2169 -14.64 55.86 -52.42
C GLY C 2169 -14.81 54.71 -51.45
N THR C 2170 -15.33 53.58 -51.93
CA THR C 2170 -15.53 52.44 -51.05
C THR C 2170 -14.24 51.71 -50.75
N TYR C 2171 -13.15 52.04 -51.43
CA TYR C 2171 -11.83 51.55 -51.10
C TYR C 2171 -10.86 52.66 -50.75
N ALA C 2172 -11.37 53.79 -50.27
CA ALA C 2172 -10.59 54.96 -49.87
C ALA C 2172 -9.77 55.56 -51.01
N GLY C 2173 -10.22 55.33 -52.24
CA GLY C 2173 -9.63 56.00 -53.37
C GLY C 2173 -8.23 55.57 -53.72
N LEU C 2174 -7.85 54.33 -53.41
CA LEU C 2174 -6.56 53.84 -53.86
C LEU C 2174 -6.56 53.65 -55.36
N LEU C 2175 -5.37 53.75 -55.96
CA LEU C 2175 -5.12 53.48 -57.38
C LEU C 2175 -5.93 54.38 -58.30
N ALA C 2176 -5.69 55.69 -58.20
CA ALA C 2176 -6.22 56.59 -59.22
C ALA C 2176 -5.15 56.93 -60.25
N GLY C 2177 -3.89 56.94 -59.81
CA GLY C 2177 -2.78 57.30 -60.65
C GLY C 2177 -2.60 56.37 -61.83
N GLU C 2178 -2.89 55.09 -61.60
CA GLU C 2178 -2.83 54.09 -62.66
C GLU C 2178 -3.86 54.40 -63.74
N THR C 2179 -5.09 54.67 -63.33
CA THR C 2179 -6.15 54.94 -64.29
C THR C 2179 -5.89 56.22 -65.07
N LEU C 2180 -5.41 57.24 -64.38
CA LEU C 2180 -5.17 58.51 -65.07
C LEU C 2180 -3.95 58.44 -65.97
N MET C 2181 -2.93 57.67 -65.57
CA MET C 2181 -1.76 57.50 -66.42
C MET C 2181 -2.10 56.70 -67.66
N LEU C 2182 -2.91 55.65 -67.50
CA LEU C 2182 -3.38 54.88 -68.66
C LEU C 2182 -4.22 55.74 -69.59
N ASN C 2183 -5.04 56.62 -69.04
CA ASN C 2183 -5.93 57.38 -69.90
C ASN C 2183 -5.18 58.50 -70.60
N LEU C 2184 -4.17 59.09 -69.95
CA LEU C 2184 -3.28 60.03 -70.62
C LEU C 2184 -2.50 59.34 -71.72
N ALA C 2185 -2.08 58.09 -71.49
CA ALA C 2185 -1.42 57.33 -72.54
C ALA C 2185 -2.33 57.10 -73.73
N GLN C 2186 -3.61 56.82 -73.48
CA GLN C 2186 -4.55 56.65 -74.58
C GLN C 2186 -4.74 57.93 -75.37
N MET C 2187 -4.81 59.08 -74.69
CA MET C 2187 -4.91 60.35 -75.41
C MET C 2187 -3.68 60.65 -76.25
N GLU C 2188 -2.49 60.45 -75.68
CA GLU C 2188 -1.28 60.76 -76.44
C GLU C 2188 -1.09 59.80 -77.61
N ASP C 2189 -1.50 58.55 -77.43
CA ASP C 2189 -1.36 57.60 -78.53
C ASP C 2189 -2.37 57.89 -79.63
N ALA C 2190 -3.58 58.32 -79.25
CA ALA C 2190 -4.55 58.74 -80.25
C ALA C 2190 -4.08 59.97 -81.01
N HIS C 2191 -3.39 60.88 -80.31
CA HIS C 2191 -2.78 62.02 -80.99
C HIS C 2191 -1.72 61.60 -81.98
N LEU C 2192 -0.83 60.69 -81.56
CA LEU C 2192 0.24 60.23 -82.44
C LEU C 2192 -0.30 59.47 -83.64
N LYS C 2193 -1.45 58.82 -83.48
CA LYS C 2193 -2.08 58.24 -84.65
C LYS C 2193 -2.69 59.30 -85.55
N GLN C 2194 -3.34 60.31 -84.97
CA GLN C 2194 -4.01 61.31 -85.79
C GLN C 2194 -3.10 62.46 -86.17
N GLU C 2195 -1.80 62.34 -85.93
CA GLU C 2195 -0.87 63.39 -86.32
C GLU C 2195 -0.55 63.27 -87.81
N GLN C 2196 -0.44 64.41 -88.49
CA GLN C 2196 -0.16 64.43 -89.92
C GLN C 2196 0.82 65.53 -90.27
N ARG C 2197 1.21 65.54 -91.54
CA ARG C 2197 1.98 66.64 -92.10
C ARG C 2197 1.03 67.69 -92.63
N ALA C 2198 1.18 68.93 -92.17
CA ALA C 2198 0.27 69.99 -92.59
C ALA C 2198 0.77 70.69 -93.84
N LEU C 2199 -0.17 71.21 -94.62
CA LEU C 2199 0.15 72.09 -95.73
C LEU C 2199 -0.13 73.53 -95.29
N GLU C 2200 0.90 74.36 -95.32
CA GLU C 2200 0.83 75.70 -94.75
C GLU C 2200 0.88 76.71 -95.89
N VAL C 2201 -0.26 77.31 -96.21
CA VAL C 2201 -0.36 78.24 -97.33
C VAL C 2201 -0.61 79.63 -96.77
N GLU C 2202 0.18 80.59 -97.20
CA GLU C 2202 -0.05 81.99 -96.87
C GLU C 2202 -0.89 82.61 -97.96
N ARG C 2203 -1.64 83.65 -97.61
CA ARG C 2203 -2.38 84.41 -98.60
C ARG C 2203 -2.56 85.83 -98.13
N THR C 2204 -2.40 86.77 -99.06
CA THR C 2204 -2.54 88.18 -98.81
C THR C 2204 -3.92 88.65 -99.24
N VAL C 2205 -4.61 89.35 -98.34
CA VAL C 2205 -5.91 89.92 -98.63
C VAL C 2205 -5.78 91.44 -98.65
N SER C 2206 -6.02 92.04 -99.79
CA SER C 2206 -6.01 93.49 -99.92
C SER C 2206 -7.46 93.97 -99.89
N LEU C 2207 -7.77 94.83 -98.92
CA LEU C 2207 -9.16 95.19 -98.66
C LEU C 2207 -9.72 96.10 -99.73
N ALA C 2208 -8.85 96.81 -100.46
CA ALA C 2208 -9.32 97.64 -101.57
C ALA C 2208 -9.91 96.77 -102.67
N GLN C 2209 -9.25 95.65 -102.97
CA GLN C 2209 -9.80 94.69 -103.91
C GLN C 2209 -11.07 94.05 -103.38
N VAL C 2210 -11.14 93.79 -102.08
CA VAL C 2210 -12.28 93.09 -101.52
C VAL C 2210 -13.51 93.97 -101.53
N TYR C 2211 -13.42 95.18 -100.98
CA TYR C 2211 -14.55 96.11 -101.05
C TYR C 2211 -14.80 96.62 -102.46
N GLN C 2212 -13.81 96.55 -103.35
CA GLN C 2212 -14.07 96.96 -104.72
C GLN C 2212 -14.78 95.87 -105.50
N SER C 2213 -14.28 94.65 -105.44
CA SER C 2213 -14.92 93.52 -106.11
C SER C 2213 -16.00 92.96 -105.19
N LEU C 2214 -17.24 93.37 -105.43
CA LEU C 2214 -18.40 92.93 -104.66
C LEU C 2214 -19.58 92.82 -105.60
N GLY C 2215 -20.78 92.86 -105.04
CA GLY C 2215 -21.96 93.17 -105.82
C GLY C 2215 -21.93 94.63 -106.24
N GLU C 2216 -22.89 95.05 -107.06
CA GLU C 2216 -22.82 96.37 -107.69
C GLU C 2216 -22.99 97.52 -106.71
N LYS C 2217 -23.41 97.25 -105.49
CA LYS C 2217 -23.24 98.18 -104.38
C LYS C 2217 -21.83 98.01 -103.86
N SER C 2218 -20.85 98.53 -104.58
CA SER C 2218 -19.45 98.46 -104.19
C SER C 2218 -18.84 99.83 -104.38
N PHE C 2219 -17.58 99.97 -104.03
CA PHE C 2219 -16.98 101.27 -103.85
C PHE C 2219 -15.46 101.10 -103.79
N ALA C 2220 -14.76 102.19 -104.05
CA ALA C 2220 -13.31 102.27 -103.90
C ALA C 2220 -12.99 102.68 -102.47
N LEU C 2221 -12.03 101.99 -101.87
CA LEU C 2221 -11.83 102.07 -100.42
C LEU C 2221 -11.29 103.43 -100.00
N LYS C 2222 -10.34 103.97 -100.77
CA LYS C 2222 -9.62 105.17 -100.37
C LYS C 2222 -10.52 106.39 -100.33
N ASP C 2223 -11.22 106.65 -101.45
CA ASP C 2223 -12.07 107.83 -101.56
C ASP C 2223 -13.25 107.75 -100.62
N LYS C 2224 -13.81 106.56 -100.42
CA LYS C 2224 -14.97 106.46 -99.55
C LYS C 2224 -14.58 106.59 -98.08
N ILE C 2225 -13.41 106.05 -97.70
CA ILE C 2225 -12.97 106.29 -96.33
C ILE C 2225 -12.63 107.75 -96.10
N GLU C 2226 -12.04 108.39 -97.11
CA GLU C 2226 -11.71 109.81 -97.02
C GLU C 2226 -12.96 110.66 -96.91
N ALA C 2227 -14.00 110.33 -97.66
CA ALA C 2227 -15.24 111.09 -97.60
C ALA C 2227 -16.01 110.81 -96.32
N LEU C 2228 -16.05 109.55 -95.89
CA LEU C 2228 -16.79 109.18 -94.69
C LEU C 2228 -16.13 109.69 -93.43
N LEU C 2229 -14.80 109.87 -93.44
CA LEU C 2229 -14.13 110.49 -92.30
C LEU C 2229 -14.11 112.01 -92.41
N GLN C 2230 -14.11 112.54 -93.63
CA GLN C 2230 -14.17 113.98 -93.82
C GLN C 2230 -15.54 114.51 -93.44
N GLY C 2231 -16.59 114.04 -94.11
CA GLY C 2231 -17.93 114.36 -93.72
C GLY C 2231 -18.29 113.72 -92.39
N ASP C 2232 -19.11 114.43 -91.62
CA ASP C 2232 -19.58 113.95 -90.33
C ASP C 2232 -20.97 113.36 -90.45
N LYS C 2233 -21.25 112.70 -91.57
CA LYS C 2233 -22.59 112.28 -91.92
C LYS C 2233 -22.82 110.83 -91.46
N GLU C 2234 -24.07 110.39 -91.54
CA GLU C 2234 -24.50 109.00 -91.30
C GLU C 2234 -23.84 108.00 -92.24
N THR C 2235 -23.36 108.45 -93.40
CA THR C 2235 -23.09 107.60 -94.56
C THR C 2235 -22.11 106.48 -94.28
N SER C 2236 -22.41 105.30 -94.82
CA SER C 2236 -21.57 104.14 -94.69
C SER C 2236 -21.72 103.32 -95.97
N ALA C 2237 -20.64 102.65 -96.35
CA ALA C 2237 -20.56 101.98 -97.63
C ALA C 2237 -20.40 100.49 -97.39
N GLY C 2238 -21.12 99.69 -98.15
CA GLY C 2238 -21.06 98.24 -98.03
C GLY C 2238 -22.43 97.64 -97.79
N ASN C 2239 -22.40 96.42 -97.24
CA ASN C 2239 -23.55 95.54 -97.27
C ASN C 2239 -23.55 94.71 -95.99
N ASP C 2240 -24.21 93.56 -96.05
CA ASP C 2240 -24.43 92.61 -94.95
C ASP C 2240 -23.11 92.27 -94.25
N GLY C 2241 -22.10 91.76 -94.95
CA GLY C 2241 -20.86 91.43 -94.31
C GLY C 2241 -19.78 92.46 -94.44
N ASN C 2242 -19.92 93.39 -95.39
CA ASN C 2242 -18.84 94.29 -95.74
C ASN C 2242 -19.22 95.76 -95.63
N GLN C 2243 -20.04 96.13 -94.64
CA GLN C 2243 -20.29 97.55 -94.45
C GLN C 2243 -19.11 98.19 -93.74
N LEU C 2244 -18.88 99.45 -94.04
CA LEU C 2244 -17.75 100.21 -93.50
C LEU C 2244 -18.37 101.39 -92.76
N LYS C 2245 -18.50 101.26 -91.44
CA LYS C 2245 -19.49 102.02 -90.70
C LYS C 2245 -18.81 102.88 -89.65
N LEU C 2246 -19.33 104.09 -89.48
CA LEU C 2246 -18.88 105.00 -88.44
C LEU C 2246 -19.88 105.02 -87.30
N THR C 2247 -19.49 104.44 -86.18
CA THR C 2247 -20.20 104.65 -84.93
C THR C 2247 -19.55 105.82 -84.21
N ASN C 2248 -19.82 105.96 -82.90
CA ASN C 2248 -19.60 107.16 -82.09
C ASN C 2248 -18.24 107.81 -82.25
N ASN C 2249 -17.18 107.09 -81.92
CA ASN C 2249 -15.85 107.60 -82.18
C ASN C 2249 -15.25 106.85 -83.35
N THR C 2250 -15.21 105.52 -83.25
CA THR C 2250 -14.35 104.74 -84.11
C THR C 2250 -14.93 104.50 -85.49
N LEU C 2251 -14.06 104.05 -86.39
CA LEU C 2251 -14.42 103.60 -87.72
C LEU C 2251 -14.14 102.11 -87.81
N SER C 2252 -15.11 101.36 -88.31
CA SER C 2252 -14.99 99.92 -88.43
C SER C 2252 -15.18 99.51 -89.88
N ALA C 2253 -14.21 98.77 -90.41
CA ALA C 2253 -14.34 98.10 -91.69
C ALA C 2253 -14.39 96.60 -91.42
N THR C 2254 -15.56 96.01 -91.57
CA THR C 2254 -15.75 94.62 -91.23
C THR C 2254 -15.80 93.78 -92.49
N LEU C 2255 -15.79 92.46 -92.30
CA LEU C 2255 -15.63 91.55 -93.42
C LEU C 2255 -16.16 90.18 -93.03
N THR C 2256 -16.76 89.49 -93.99
CA THR C 2256 -17.24 88.14 -93.76
C THR C 2256 -16.42 87.14 -94.57
N LEU C 2257 -16.30 85.94 -94.01
CA LEU C 2257 -15.35 84.97 -94.52
C LEU C 2257 -15.78 84.32 -95.81
N GLN C 2258 -17.05 84.44 -96.19
CA GLN C 2258 -17.49 83.87 -97.46
C GLN C 2258 -16.90 84.63 -98.63
N ASP C 2259 -16.79 85.96 -98.50
CA ASP C 2259 -16.33 86.81 -99.59
C ASP C 2259 -14.88 86.58 -99.96
N LEU C 2260 -14.10 85.97 -99.08
CA LEU C 2260 -12.72 85.63 -99.44
C LEU C 2260 -12.69 84.51 -100.46
N LYS C 2261 -13.67 83.59 -100.38
CA LYS C 2261 -13.78 82.38 -101.23
C LYS C 2261 -12.50 81.55 -101.13
N LEU C 2262 -11.91 81.53 -99.94
CA LEU C 2262 -10.50 81.18 -99.82
C LEU C 2262 -10.31 79.67 -99.85
N LYS C 2263 -11.35 78.90 -99.55
CA LYS C 2263 -11.34 77.47 -99.83
C LYS C 2263 -11.23 77.20 -101.32
N ASP C 2264 -11.80 78.08 -102.15
CA ASP C 2264 -11.86 77.87 -103.57
C ASP C 2264 -10.65 78.41 -104.32
N ASP C 2265 -9.58 78.76 -103.60
CA ASP C 2265 -8.31 79.04 -104.27
C ASP C 2265 -7.70 77.77 -104.82
N TYR C 2266 -8.06 76.63 -104.23
CA TYR C 2266 -7.67 75.32 -104.67
C TYR C 2266 -8.91 74.53 -105.03
N PRO C 2267 -8.78 73.49 -105.86
CA PRO C 2267 -9.87 72.51 -105.96
C PRO C 2267 -10.05 71.79 -104.65
N GLU C 2268 -11.26 71.26 -104.44
CA GLU C 2268 -11.65 70.73 -103.14
C GLU C 2268 -10.82 69.51 -102.77
N GLU C 2269 -10.86 68.48 -103.64
CA GLU C 2269 -9.79 67.51 -103.88
C GLU C 2269 -9.30 66.84 -102.61
N MET C 2270 -10.15 65.99 -102.01
CA MET C 2270 -10.02 65.56 -100.62
C MET C 2270 -8.74 64.78 -100.31
N GLN C 2271 -8.02 64.33 -101.35
CA GLN C 2271 -6.64 63.90 -101.19
C GLN C 2271 -5.74 65.00 -100.63
N LEU C 2272 -6.06 66.27 -100.88
CA LEU C 2272 -5.32 67.37 -100.24
C LEU C 2272 -5.85 67.59 -98.83
N GLY C 2273 -7.15 67.83 -98.69
CA GLY C 2273 -7.72 68.02 -97.38
C GLY C 2273 -9.03 68.76 -97.46
N LYS C 2274 -9.86 68.52 -96.45
CA LYS C 2274 -11.11 69.27 -96.35
C LYS C 2274 -11.00 70.38 -95.32
N THR C 2275 -10.68 70.04 -94.08
CA THR C 2275 -10.70 70.99 -92.99
C THR C 2275 -9.55 71.99 -93.12
N ARG C 2276 -9.89 73.26 -92.93
CA ARG C 2276 -8.99 74.35 -93.25
C ARG C 2276 -9.06 75.40 -92.15
N ARG C 2277 -7.99 75.53 -91.37
CA ARG C 2277 -8.00 76.33 -90.17
C ARG C 2277 -6.93 77.39 -90.24
N ILE C 2278 -7.22 78.54 -89.61
CA ILE C 2278 -6.29 79.66 -89.58
C ILE C 2278 -5.11 79.33 -88.68
N LYS C 2279 -3.90 79.49 -89.21
CA LYS C 2279 -2.74 79.53 -88.33
C LYS C 2279 -2.57 80.90 -87.69
N GLN C 2280 -2.42 81.93 -88.51
CA GLN C 2280 -2.12 83.26 -88.00
C GLN C 2280 -2.61 84.30 -89.00
N ILE C 2281 -3.20 85.36 -88.47
CA ILE C 2281 -3.55 86.52 -89.26
C ILE C 2281 -2.60 87.64 -88.86
N SER C 2282 -1.92 88.22 -89.84
CA SER C 2282 -1.02 89.34 -89.61
C SER C 2282 -1.48 90.52 -90.46
N VAL C 2283 -1.40 91.71 -89.90
CA VAL C 2283 -1.93 92.90 -90.56
C VAL C 2283 -0.77 93.73 -91.07
N SER C 2284 -0.87 94.19 -92.30
CA SER C 2284 0.01 95.23 -92.82
C SER C 2284 -0.85 96.42 -93.18
N LEU C 2285 -0.45 97.60 -92.73
CA LEU C 2285 -1.05 98.84 -93.18
C LEU C 2285 -0.07 99.54 -94.10
N PRO C 2286 -0.15 99.34 -95.42
CA PRO C 2286 0.74 100.08 -96.32
C PRO C 2286 0.33 101.54 -96.37
N ALA C 2287 1.13 102.36 -95.70
CA ALA C 2287 0.83 103.77 -95.53
C ALA C 2287 2.14 104.44 -95.14
N LEU C 2288 2.23 105.72 -95.42
CA LEU C 2288 3.38 106.51 -95.00
C LEU C 2288 3.21 106.79 -93.51
N LEU C 2289 3.75 105.89 -92.70
CA LEU C 2289 3.62 105.96 -91.26
C LEU C 2289 4.49 107.09 -90.75
N GLY C 2290 4.03 107.75 -89.69
CA GLY C 2290 4.79 108.81 -89.09
C GLY C 2290 6.06 108.29 -88.44
N PRO C 2291 7.17 109.00 -88.65
CA PRO C 2291 8.44 108.59 -88.05
C PRO C 2291 8.36 108.69 -86.53
N TYR C 2292 8.47 107.53 -85.88
CA TYR C 2292 8.18 107.35 -84.46
C TYR C 2292 6.78 107.84 -84.13
N GLN C 2293 5.83 107.53 -85.00
CA GLN C 2293 4.44 107.91 -84.81
C GLN C 2293 3.57 106.77 -85.29
N ASP C 2294 2.78 106.21 -84.38
CA ASP C 2294 2.13 104.93 -84.60
C ASP C 2294 0.63 105.08 -84.81
N VAL C 2295 0.05 104.03 -85.37
CA VAL C 2295 -1.39 103.95 -85.54
C VAL C 2295 -1.97 103.24 -84.31
N GLN C 2296 -3.27 103.39 -84.10
CA GLN C 2296 -3.97 102.67 -83.04
C GLN C 2296 -5.13 101.92 -83.67
N ALA C 2297 -5.13 100.60 -83.53
CA ALA C 2297 -6.12 99.78 -84.23
C ALA C 2297 -6.27 98.45 -83.52
N VAL C 2298 -7.51 97.99 -83.42
CA VAL C 2298 -7.83 96.70 -82.83
C VAL C 2298 -8.47 95.84 -83.91
N LEU C 2299 -8.48 94.53 -83.68
CA LEU C 2299 -9.01 93.58 -84.64
C LEU C 2299 -9.92 92.62 -83.92
N SER C 2300 -11.19 92.57 -84.32
CA SER C 2300 -12.19 91.78 -83.62
C SER C 2300 -12.65 90.63 -84.49
N TYR C 2301 -13.60 89.87 -83.96
CA TYR C 2301 -14.11 88.67 -84.61
C TYR C 2301 -15.46 88.31 -84.00
N GLY C 2302 -16.35 87.77 -84.83
CA GLY C 2302 -17.73 87.56 -84.39
C GLY C 2302 -18.20 86.13 -84.25
N GLY C 2303 -17.32 85.15 -84.36
CA GLY C 2303 -17.72 83.76 -84.28
C GLY C 2303 -17.66 83.16 -82.89
N ASP C 2304 -17.84 84.03 -81.88
CA ASP C 2304 -18.14 83.72 -80.48
C ASP C 2304 -16.94 83.16 -79.71
N ALA C 2305 -15.84 82.85 -80.41
CA ALA C 2305 -14.63 82.24 -79.87
C ALA C 2305 -14.96 80.96 -79.08
N THR C 2306 -15.82 80.12 -79.68
CA THR C 2306 -16.45 79.02 -78.94
C THR C 2306 -15.48 77.88 -78.66
N GLY C 2307 -14.49 77.67 -79.52
CA GLY C 2307 -13.47 76.69 -79.25
C GLY C 2307 -12.17 77.39 -78.94
N LEU C 2308 -12.21 78.72 -79.02
CA LEU C 2308 -11.04 79.51 -78.74
C LEU C 2308 -10.90 79.77 -77.25
N ALA C 2309 -9.66 80.09 -76.84
CA ALA C 2309 -9.42 80.45 -75.47
C ALA C 2309 -9.87 81.87 -75.20
N LYS C 2310 -9.79 82.27 -73.94
CA LYS C 2310 -10.26 83.57 -73.53
C LYS C 2310 -9.34 84.67 -74.05
N GLY C 2311 -9.81 85.38 -75.07
CA GLY C 2311 -9.04 86.45 -75.66
C GLY C 2311 -8.32 86.10 -76.94
N CYS C 2312 -8.51 84.90 -77.48
CA CYS C 2312 -7.95 84.57 -78.78
C CYS C 2312 -8.76 85.12 -79.94
N LYS C 2313 -9.85 85.81 -79.67
CA LYS C 2313 -10.66 86.39 -80.74
C LYS C 2313 -10.26 87.82 -81.06
N ALA C 2314 -9.35 88.41 -80.30
CA ALA C 2314 -8.98 89.80 -80.47
C ALA C 2314 -7.52 89.90 -80.91
N LEU C 2315 -7.17 91.07 -81.44
CA LEU C 2315 -5.81 91.32 -81.90
C LEU C 2315 -5.59 92.82 -81.95
N ALA C 2316 -4.36 93.24 -81.69
CA ALA C 2316 -4.00 94.65 -81.64
C ALA C 2316 -2.88 94.95 -82.62
N VAL C 2317 -2.97 96.14 -83.23
CA VAL C 2317 -2.02 96.59 -84.23
C VAL C 2317 -1.43 97.91 -83.76
N SER C 2318 -0.10 97.97 -83.70
CA SER C 2318 0.56 99.17 -83.21
C SER C 2318 1.30 99.90 -84.32
N HIS C 2319 2.21 99.22 -85.00
CA HIS C 2319 2.99 99.88 -86.04
C HIS C 2319 2.58 99.46 -87.44
N GLY C 2320 1.80 98.39 -87.56
CA GLY C 2320 1.09 98.12 -88.79
C GLY C 2320 1.92 97.64 -89.96
N LEU C 2321 3.07 97.02 -89.73
CA LEU C 2321 3.86 96.44 -90.81
C LEU C 2321 4.16 94.98 -90.48
N ASN C 2322 3.23 94.10 -90.85
CA ASN C 2322 3.37 92.64 -90.75
C ASN C 2322 3.64 92.23 -89.30
N ASP C 2323 2.66 92.46 -88.44
CA ASP C 2323 2.87 92.29 -87.01
C ASP C 2323 1.86 91.34 -86.39
N ASN C 2324 2.34 90.53 -85.46
CA ASN C 2324 1.47 89.98 -84.45
C ASN C 2324 1.14 91.06 -83.44
N GLY C 2325 0.05 90.85 -82.70
CA GLY C 2325 -0.19 91.65 -81.51
C GLY C 2325 0.89 91.49 -80.47
N GLN C 2326 1.51 90.31 -80.41
CA GLN C 2326 2.65 90.06 -79.55
C GLN C 2326 3.85 90.90 -79.99
N PHE C 2327 4.81 91.04 -79.08
CA PHE C 2327 6.01 91.79 -79.41
C PHE C 2327 6.92 90.97 -80.32
N GLN C 2328 7.16 89.72 -79.96
CA GLN C 2328 7.83 88.79 -80.85
C GLN C 2328 6.93 87.60 -81.13
N LEU C 2329 7.02 87.10 -82.35
CA LEU C 2329 6.19 85.99 -82.82
C LEU C 2329 6.86 84.67 -82.46
N ASP C 2330 6.20 83.88 -81.63
CA ASP C 2330 6.73 82.62 -81.14
C ASP C 2330 5.87 81.49 -81.68
N PHE C 2331 6.33 80.86 -82.75
CA PHE C 2331 5.68 79.63 -83.20
C PHE C 2331 5.85 78.50 -82.20
N ASN C 2332 6.96 78.49 -81.49
CA ASN C 2332 7.24 77.43 -80.53
C ASN C 2332 6.59 77.69 -79.18
N ASP C 2333 5.82 78.75 -79.04
CA ASP C 2333 5.06 78.97 -77.82
C ASP C 2333 3.96 77.92 -77.72
N GLY C 2334 3.80 77.38 -76.52
CA GLY C 2334 2.72 76.45 -76.27
C GLY C 2334 1.38 77.15 -76.20
N LYS C 2335 1.39 78.45 -75.99
CA LYS C 2335 0.15 79.21 -76.06
C LYS C 2335 -0.36 79.24 -77.48
N PHE C 2336 -1.68 79.16 -77.63
CA PHE C 2336 -2.27 79.38 -78.94
C PHE C 2336 -2.21 80.86 -79.31
N LEU C 2337 -1.97 81.11 -80.58
CA LEU C 2337 -2.05 82.46 -81.09
C LEU C 2337 -3.50 82.88 -81.22
N PRO C 2338 -3.78 84.18 -81.28
CA PRO C 2338 -5.13 84.62 -81.63
C PRO C 2338 -5.48 84.18 -83.03
N PHE C 2339 -6.77 83.87 -83.22
CA PHE C 2339 -7.42 83.37 -84.43
C PHE C 2339 -6.95 81.98 -84.84
N GLU C 2340 -6.17 81.31 -84.01
CA GLU C 2340 -5.64 80.00 -84.40
C GLU C 2340 -6.72 78.94 -84.27
N GLY C 2341 -7.13 78.38 -85.40
CA GLY C 2341 -8.11 77.32 -85.42
C GLY C 2341 -9.46 77.67 -86.01
N ILE C 2342 -9.57 78.80 -86.67
CA ILE C 2342 -10.85 79.28 -87.17
C ILE C 2342 -11.09 78.76 -88.58
N ASP C 2343 -12.32 78.31 -88.84
CA ASP C 2343 -12.75 77.87 -90.15
C ASP C 2343 -12.62 78.98 -91.19
N ILE C 2344 -12.19 78.57 -92.39
CA ILE C 2344 -12.23 79.44 -93.56
C ILE C 2344 -13.66 79.78 -93.94
N ASN C 2345 -14.56 78.81 -93.82
CA ASN C 2345 -15.96 79.04 -94.14
C ASN C 2345 -16.60 79.92 -93.07
N ASP C 2346 -17.84 80.36 -93.32
CA ASP C 2346 -18.53 81.37 -92.53
C ASP C 2346 -18.73 80.88 -91.11
N LYS C 2347 -18.05 81.53 -90.17
CA LYS C 2347 -18.29 81.35 -88.75
C LYS C 2347 -18.15 82.72 -88.11
N GLY C 2348 -19.26 83.44 -88.01
CA GLY C 2348 -19.14 84.76 -87.48
C GLY C 2348 -18.65 85.77 -88.51
N THR C 2349 -18.22 86.91 -87.98
CA THR C 2349 -17.90 88.08 -88.79
C THR C 2349 -16.56 88.63 -88.34
N PHE C 2350 -15.72 88.98 -89.31
CA PHE C 2350 -14.37 89.43 -89.02
C PHE C 2350 -14.30 90.95 -89.10
N THR C 2351 -13.75 91.59 -88.08
CA THR C 2351 -13.97 93.02 -87.90
C THR C 2351 -12.71 93.76 -87.50
N LEU C 2352 -12.37 94.78 -88.28
CA LEU C 2352 -11.29 95.70 -87.97
C LEU C 2352 -11.89 97.00 -87.45
N SER C 2353 -11.23 97.63 -86.48
CA SER C 2353 -11.69 98.91 -85.94
C SER C 2353 -10.51 99.84 -85.72
N PHE C 2354 -10.76 101.14 -85.88
CA PHE C 2354 -9.75 102.16 -85.63
C PHE C 2354 -10.25 103.11 -84.57
N PRO C 2355 -9.85 102.95 -83.31
CA PRO C 2355 -10.34 103.85 -82.26
C PRO C 2355 -9.79 105.25 -82.44
N ASN C 2356 -10.51 106.21 -81.87
CA ASN C 2356 -10.29 107.64 -82.05
C ASN C 2356 -10.29 108.02 -83.53
N ALA C 2357 -11.34 107.57 -84.22
CA ALA C 2357 -11.57 108.03 -85.58
C ALA C 2357 -12.28 109.38 -85.62
N ALA C 2358 -12.30 110.10 -84.51
CA ALA C 2358 -12.42 111.55 -84.52
C ALA C 2358 -11.05 112.13 -84.86
N SER C 2359 -10.85 113.42 -84.61
CA SER C 2359 -9.63 114.09 -85.06
C SER C 2359 -8.46 113.80 -84.13
N LYS C 2360 -8.14 112.51 -83.96
CA LYS C 2360 -6.93 112.08 -83.28
C LYS C 2360 -6.12 111.19 -84.21
N GLN C 2361 -6.79 110.20 -84.80
CA GLN C 2361 -6.19 109.40 -85.85
C GLN C 2361 -6.49 109.94 -87.23
N LYS C 2362 -6.96 111.19 -87.30
CA LYS C 2362 -7.50 111.76 -88.53
C LYS C 2362 -6.45 111.90 -89.61
N ASN C 2363 -5.23 112.32 -89.25
CA ASN C 2363 -4.19 112.58 -90.24
C ASN C 2363 -3.74 111.29 -90.90
N ILE C 2364 -3.39 110.29 -90.09
CA ILE C 2364 -2.91 109.02 -90.63
C ILE C 2364 -4.04 108.26 -91.32
N LEU C 2365 -5.29 108.45 -90.87
CA LEU C 2365 -6.39 107.75 -91.53
C LEU C 2365 -6.86 108.48 -92.78
N GLN C 2366 -6.48 109.74 -92.96
CA GLN C 2366 -6.61 110.35 -94.26
C GLN C 2366 -5.37 110.08 -95.10
N MET C 2367 -4.35 109.50 -94.49
CA MET C 2367 -3.19 109.07 -95.25
C MET C 2367 -3.25 107.57 -95.57
N LEU C 2368 -4.23 106.86 -95.01
CA LEU C 2368 -4.41 105.44 -95.34
C LEU C 2368 -4.90 105.26 -96.77
N THR C 2369 -4.25 104.34 -97.51
CA THR C 2369 -4.71 104.06 -98.86
C THR C 2369 -5.43 102.71 -98.97
N ASP C 2370 -4.86 101.64 -98.41
CA ASP C 2370 -5.55 100.36 -98.36
C ASP C 2370 -5.01 99.53 -97.22
N ILE C 2371 -5.71 98.45 -96.93
CA ILE C 2371 -5.43 97.59 -95.79
C ILE C 2371 -5.05 96.21 -96.33
N ILE C 2372 -4.04 95.60 -95.73
CA ILE C 2372 -3.53 94.30 -96.17
C ILE C 2372 -3.55 93.33 -95.01
N LEU C 2373 -4.08 92.15 -95.25
CA LEU C 2373 -4.00 91.04 -94.31
C LEU C 2373 -2.94 90.06 -94.78
N HIS C 2374 -2.25 89.45 -93.83
CA HIS C 2374 -1.39 88.30 -94.10
C HIS C 2374 -2.01 87.10 -93.40
N ILE C 2375 -2.91 86.43 -94.10
CA ILE C 2375 -3.66 85.32 -93.54
C ILE C 2375 -2.90 84.04 -93.83
N ARG C 2376 -2.52 83.35 -92.76
CA ARG C 2376 -1.81 82.09 -92.85
C ARG C 2376 -2.72 81.00 -92.33
N TYR C 2377 -2.90 79.95 -93.14
CA TYR C 2377 -3.87 78.91 -92.82
C TYR C 2377 -3.27 77.56 -93.15
N THR C 2378 -4.03 76.52 -92.81
CA THR C 2378 -3.51 75.16 -92.79
C THR C 2378 -4.49 74.24 -93.51
N ILE C 2379 -3.96 73.37 -94.36
CA ILE C 2379 -4.78 72.45 -95.14
C ILE C 2379 -4.33 71.02 -94.85
N LEU C 2380 -5.24 70.23 -94.29
CA LEU C 2380 -5.12 68.78 -94.25
C LEU C 2380 -6.52 68.21 -94.05
N GLU C 2381 -6.58 66.90 -93.79
CA GLU C 2381 -7.81 66.26 -93.37
C GLU C 2381 -7.48 64.99 -92.58
N LEU D 21 25.10 8.32 72.02
CA LEU D 21 25.90 9.46 71.58
C LEU D 21 26.97 8.98 70.59
N THR D 22 26.76 9.32 69.31
CA THR D 22 27.66 9.21 68.15
C THR D 22 28.30 7.84 67.93
N ASP D 23 27.78 6.80 68.58
CA ASP D 23 28.43 5.49 68.54
C ASP D 23 27.97 4.66 67.34
N ILE D 24 27.17 5.23 66.45
CA ILE D 24 26.77 4.45 65.27
C ILE D 24 27.61 4.82 64.04
N CYS D 25 27.97 6.09 63.86
CA CYS D 25 28.99 6.45 62.88
C CYS D 25 30.37 6.03 63.34
N HIS D 26 30.54 5.87 64.65
CA HIS D 26 31.78 5.43 65.27
C HIS D 26 31.56 3.98 65.66
N TYR D 27 31.82 3.06 64.74
CA TYR D 27 31.43 1.65 64.85
C TYR D 27 32.23 0.94 65.95
N SER D 28 31.93 -0.34 66.19
CA SER D 28 32.56 -1.07 67.29
C SER D 28 34.03 -1.35 67.03
N PHE D 29 34.50 -1.20 65.78
CA PHE D 29 35.93 -1.26 65.53
C PHE D 29 36.59 0.09 65.79
N ASN D 30 35.93 1.18 65.34
CA ASN D 30 36.25 2.53 65.79
C ASN D 30 36.27 2.62 67.31
N GLU D 31 35.23 2.12 67.96
CA GLU D 31 35.18 2.14 69.42
C GLU D 31 36.12 1.11 70.02
N PHE D 32 36.49 0.08 69.26
CA PHE D 32 37.32 -0.99 69.79
C PHE D 32 38.77 -0.55 69.88
N ARG D 33 39.21 0.25 68.91
CA ARG D 33 40.54 0.83 68.95
C ARG D 33 40.69 1.81 70.10
N GLN D 34 39.63 2.59 70.39
CA GLN D 34 39.66 3.45 71.56
C GLN D 34 39.48 2.65 72.85
N GLN D 35 38.89 1.46 72.75
CA GLN D 35 38.48 0.70 73.90
C GLN D 35 39.15 -0.67 73.97
N VAL D 36 40.47 -0.72 73.81
CA VAL D 36 41.21 -1.93 74.13
C VAL D 36 41.38 -2.03 75.65
N SER D 37 41.75 -0.92 76.27
CA SER D 37 42.09 -0.92 77.69
C SER D 37 40.97 -0.39 78.57
N ASP D 38 39.94 0.24 77.99
CA ASP D 38 38.92 0.89 78.80
C ASP D 38 38.03 -0.13 79.50
N HIS D 39 37.32 -0.95 78.74
CA HIS D 39 36.34 -1.86 79.34
C HIS D 39 36.31 -3.19 78.59
N LEU D 40 35.43 -4.06 79.09
CA LEU D 40 35.31 -5.42 78.60
C LEU D 40 34.47 -5.46 77.32
N SER D 41 34.72 -6.47 76.48
CA SER D 41 34.20 -6.47 75.12
C SER D 41 32.69 -6.71 75.08
N TRP D 42 32.19 -7.55 75.98
CA TRP D 42 30.75 -7.81 76.02
C TRP D 42 29.98 -6.59 76.48
N SER D 43 30.62 -5.72 77.27
CA SER D 43 29.98 -4.45 77.61
C SER D 43 30.04 -3.49 76.44
N GLU D 44 31.14 -3.53 75.66
CA GLU D 44 31.27 -2.67 74.49
C GLU D 44 30.23 -2.98 73.43
N THR D 45 30.03 -4.26 73.13
CA THR D 45 29.06 -4.60 72.09
C THR D 45 27.64 -4.35 72.56
N ASN D 46 27.40 -4.37 73.87
CA ASN D 46 26.11 -3.93 74.41
C ASN D 46 25.92 -2.45 74.23
N ARG D 47 26.97 -1.65 74.47
CA ARG D 47 26.91 -0.21 74.17
C ARG D 47 26.67 0.06 72.70
N LEU D 48 27.30 -0.74 71.83
CA LEU D 48 27.11 -0.63 70.38
C LEU D 48 25.67 -0.86 69.99
N TYR D 49 25.08 -1.97 70.45
CA TYR D 49 23.70 -2.26 70.12
C TYR D 49 22.73 -1.26 70.73
N ARG D 50 23.03 -0.77 71.94
CA ARG D 50 22.14 0.20 72.56
C ARG D 50 22.14 1.53 71.81
N ASP D 51 23.29 2.03 71.38
CA ASP D 51 23.24 3.29 70.65
C ASP D 51 22.80 3.09 69.20
N ALA D 52 22.98 1.87 68.67
CA ALA D 52 22.41 1.56 67.36
C ALA D 52 20.89 1.56 67.41
N GLN D 53 20.30 1.08 68.50
CA GLN D 53 18.87 1.22 68.72
C GLN D 53 18.48 2.67 68.97
N GLN D 54 19.34 3.41 69.67
CA GLN D 54 19.08 4.80 70.00
C GLN D 54 19.04 5.68 68.77
N GLU D 55 19.81 5.33 67.74
CA GLU D 55 19.75 6.04 66.46
C GLU D 55 18.40 5.87 65.78
N GLN D 56 17.86 4.65 65.77
CA GLN D 56 16.54 4.44 65.20
C GLN D 56 15.47 5.09 66.05
N LYS D 57 15.67 5.16 67.36
CA LYS D 57 14.73 5.90 68.20
C LYS D 57 14.75 7.39 67.90
N GLU D 58 15.92 7.94 67.58
CA GLU D 58 16.01 9.32 67.10
C GLU D 58 15.21 9.50 65.83
N ASN D 59 15.41 8.59 64.87
CA ASN D 59 14.70 8.68 63.59
C ASN D 59 13.19 8.59 63.79
N GLN D 60 12.75 7.69 64.67
CA GLN D 60 11.32 7.53 64.94
C GLN D 60 10.73 8.79 65.57
N LEU D 61 11.36 9.31 66.64
CA LEU D 61 10.77 10.46 67.32
C LEU D 61 10.80 11.70 66.44
N TYR D 62 11.95 11.97 65.81
CA TYR D 62 12.08 13.14 64.96
C TYR D 62 11.14 13.07 63.75
N GLU D 63 10.96 11.89 63.16
CA GLU D 63 10.12 11.76 61.99
C GLU D 63 8.64 11.86 62.36
N ALA D 64 8.24 11.18 63.44
CA ALA D 64 6.84 11.21 63.87
C ALA D 64 6.48 12.56 64.44
N ARG D 65 7.49 13.34 64.84
CA ARG D 65 7.28 14.76 65.06
C ARG D 65 7.03 15.47 63.74
N ILE D 66 7.99 15.41 62.83
CA ILE D 66 8.09 16.42 61.79
C ILE D 66 7.07 16.18 60.67
N LEU D 67 6.63 14.94 60.46
CA LEU D 67 5.75 14.74 59.32
C LEU D 67 4.30 15.03 59.66
N LYS D 68 4.02 15.42 60.91
CA LYS D 68 2.67 15.86 61.25
C LYS D 68 2.37 17.20 60.63
N ARG D 69 3.41 17.97 60.30
CA ARG D 69 3.23 19.31 59.81
C ARG D 69 2.91 19.39 58.32
N ALA D 70 3.28 18.35 57.55
CA ALA D 70 3.49 18.44 56.10
C ALA D 70 2.29 19.01 55.36
N ASN D 71 2.51 20.20 54.81
CA ASN D 71 1.43 21.14 54.50
C ASN D 71 0.35 20.68 53.52
N PRO D 72 0.54 19.69 52.63
CA PRO D 72 -0.64 19.09 51.98
C PRO D 72 -1.62 18.38 52.92
N GLN D 73 -1.32 18.25 54.20
CA GLN D 73 -2.27 17.66 55.14
C GLN D 73 -3.14 18.70 55.82
N LEU D 74 -2.52 19.72 56.42
CA LEU D 74 -3.25 20.52 57.40
C LEU D 74 -4.19 21.54 56.77
N GLN D 75 -4.32 21.59 55.45
CA GLN D 75 -5.38 22.43 54.91
C GLN D 75 -6.70 21.69 54.95
N ASN D 76 -6.67 20.36 54.88
CA ASN D 76 -7.91 19.60 54.94
C ASN D 76 -8.04 18.98 56.33
N ALA D 77 -8.96 19.51 57.13
CA ALA D 77 -9.22 19.02 58.47
C ALA D 77 -10.22 17.87 58.50
N VAL D 78 -10.76 17.48 57.35
CA VAL D 78 -11.68 16.35 57.27
C VAL D 78 -10.91 15.04 57.50
N HIS D 79 -9.60 15.05 57.25
CA HIS D 79 -8.73 13.94 57.64
C HIS D 79 -8.76 13.69 59.13
N LEU D 80 -8.74 14.77 59.92
CA LEU D 80 -8.50 14.79 61.37
C LEU D 80 -7.10 14.28 61.71
N GLY D 81 -6.20 14.24 60.74
CA GLY D 81 -4.80 13.99 61.04
C GLY D 81 -4.22 15.17 61.76
N ILE D 82 -3.99 15.01 63.07
CA ILE D 82 -3.84 16.14 63.97
C ILE D 82 -2.41 16.17 64.48
N THR D 83 -1.92 17.37 64.76
CA THR D 83 -0.61 17.59 65.35
C THR D 83 -0.75 17.79 66.85
N LEU D 84 0.34 17.64 67.58
CA LEU D 84 0.35 18.02 68.97
C LEU D 84 1.37 19.14 69.18
N PRO D 85 1.00 20.24 69.82
CA PRO D 85 1.96 21.35 69.98
C PRO D 85 2.99 21.12 71.08
N HIS D 86 2.85 20.05 71.87
CA HIS D 86 3.59 19.93 73.11
C HIS D 86 5.07 19.65 72.86
N ALA D 87 5.38 18.53 72.22
CA ALA D 87 6.76 18.26 71.85
C ALA D 87 7.19 19.09 70.64
N GLU D 88 6.23 19.61 69.87
CA GLU D 88 6.52 20.52 68.77
C GLU D 88 7.14 21.81 69.27
N LEU D 89 6.76 22.24 70.47
CA LEU D 89 7.21 23.49 71.08
C LEU D 89 8.72 23.54 71.23
N ARG D 90 9.36 22.40 71.37
CA ARG D 90 10.71 22.37 71.91
C ARG D 90 11.77 22.46 70.81
N GLY D 91 11.55 21.76 69.70
CA GLY D 91 12.57 21.68 68.67
C GLY D 91 12.78 22.97 67.91
N TYR D 92 11.76 23.83 67.89
CA TYR D 92 11.96 25.18 67.34
C TYR D 92 12.87 26.01 68.19
N ASN D 93 12.91 25.76 69.49
CA ASN D 93 13.98 26.34 70.30
C ASN D 93 15.27 25.58 70.07
N SER D 94 15.17 24.28 69.79
CA SER D 94 16.38 23.48 69.63
C SER D 94 16.97 23.65 68.25
N GLU D 95 16.24 23.24 67.22
CA GLU D 95 16.79 23.20 65.87
C GLU D 95 16.61 24.50 65.12
N PHE D 96 15.93 25.50 65.72
CA PHE D 96 15.79 26.86 65.20
C PHE D 96 15.10 26.85 63.84
N GLY D 97 13.82 26.44 63.86
CA GLY D 97 13.02 26.51 62.67
C GLY D 97 13.32 25.47 61.62
N GLY D 98 13.89 24.32 62.02
CA GLY D 98 14.17 23.26 61.06
C GLY D 98 12.89 22.61 60.54
N ARG D 99 11.81 22.77 61.29
CA ARG D 99 10.51 22.29 60.83
C ARG D 99 9.71 23.40 60.18
N ALA D 100 10.16 24.65 60.34
CA ALA D 100 9.36 25.82 59.97
C ALA D 100 9.10 25.90 58.47
N SER D 101 10.15 26.02 57.68
CA SER D 101 9.96 26.11 56.24
C SER D 101 10.19 24.75 55.60
N GLN D 102 9.12 24.04 55.32
CA GLN D 102 9.21 22.90 54.44
C GLN D 102 9.34 23.43 53.01
N TYR D 103 9.84 22.58 52.13
CA TYR D 103 10.30 23.04 50.84
C TYR D 103 9.50 22.35 49.74
N VAL D 104 9.52 22.97 48.56
CA VAL D 104 8.77 22.55 47.38
C VAL D 104 9.46 21.34 46.77
N ALA D 105 8.84 20.73 45.74
CA ALA D 105 9.42 19.80 44.78
C ALA D 105 10.84 20.22 44.42
N PRO D 106 11.78 19.28 44.37
CA PRO D 106 13.11 19.50 44.95
C PRO D 106 13.96 20.56 44.27
N GLY D 107 14.90 21.09 45.04
CA GLY D 107 15.86 22.06 44.58
C GLY D 107 17.15 21.83 45.35
N SER D 108 17.96 22.88 45.43
CA SER D 108 19.24 22.74 46.11
C SER D 108 19.12 22.70 47.62
N VAL D 109 17.93 22.82 48.17
CA VAL D 109 17.79 22.99 49.61
C VAL D 109 17.33 21.69 50.26
N SER D 110 16.60 20.86 49.53
CA SER D 110 15.79 19.80 50.09
C SER D 110 16.62 18.71 50.74
N SER D 111 16.00 17.99 51.68
CA SER D 111 16.65 16.88 52.34
C SER D 111 16.64 15.61 51.50
N MET D 112 16.05 15.64 50.31
CA MET D 112 16.01 14.44 49.51
C MET D 112 16.60 14.64 48.13
N PHE D 113 17.12 15.83 47.86
CA PHE D 113 17.70 16.02 46.55
C PHE D 113 19.22 15.83 46.62
N SER D 114 19.83 15.74 45.45
CA SER D 114 21.25 15.52 45.15
C SER D 114 22.29 16.09 46.12
N PRO D 115 22.20 17.32 46.65
CA PRO D 115 23.22 17.73 47.62
C PRO D 115 23.13 17.03 48.96
N ALA D 116 21.97 16.50 49.32
CA ALA D 116 21.89 15.72 50.55
C ALA D 116 22.66 14.41 50.44
N ALA D 117 22.42 13.67 49.34
CA ALA D 117 23.20 12.47 49.06
C ALA D 117 24.66 12.80 48.91
N TYR D 118 24.94 13.94 48.31
CA TYR D 118 26.30 14.37 48.10
C TYR D 118 27.02 14.66 49.40
N LEU D 119 26.36 15.32 50.34
CA LEU D 119 26.99 15.62 51.62
C LEU D 119 27.17 14.36 52.45
N THR D 120 26.13 13.52 52.49
CA THR D 120 26.23 12.31 53.31
C THR D 120 27.11 11.26 52.65
N GLU D 121 27.52 11.49 51.42
CA GLU D 121 28.51 10.64 50.81
C GLU D 121 29.91 11.23 50.97
N LEU D 122 30.02 12.56 51.09
CA LEU D 122 31.30 13.15 51.43
C LEU D 122 31.74 12.73 52.83
N TYR D 123 30.88 12.88 53.83
CA TYR D 123 31.41 12.64 55.18
C TYR D 123 31.46 11.16 55.50
N ARG D 124 31.03 10.31 54.58
CA ARG D 124 31.47 8.92 54.65
C ARG D 124 32.72 8.70 53.81
N GLU D 125 32.99 9.59 52.86
CA GLU D 125 34.08 9.35 51.93
C GLU D 125 35.43 9.80 52.48
N ALA D 126 35.46 10.94 53.18
CA ALA D 126 36.72 11.64 53.42
C ALA D 126 37.62 10.97 54.45
N ARG D 127 37.31 9.75 54.88
CA ARG D 127 38.13 9.02 55.81
C ARG D 127 38.45 7.61 55.35
N ASN D 128 38.26 7.31 54.06
CA ASN D 128 38.55 5.96 53.56
C ASN D 128 40.04 5.66 53.57
N LEU D 129 40.85 6.62 53.15
CA LEU D 129 42.28 6.47 53.25
C LEU D 129 42.78 7.45 54.28
N HIS D 130 43.97 7.21 54.81
CA HIS D 130 44.53 8.16 55.74
C HIS D 130 45.02 9.40 54.98
N ALA D 131 45.00 10.54 55.67
CA ALA D 131 45.29 11.83 55.04
C ALA D 131 46.74 11.96 54.59
N SER D 132 47.64 11.11 55.08
CA SER D 132 49.01 11.12 54.61
C SER D 132 49.18 10.45 53.24
N ASP D 133 48.14 9.81 52.72
CA ASP D 133 48.27 9.06 51.49
C ASP D 133 48.35 9.99 50.30
N SER D 134 49.12 9.57 49.31
CA SER D 134 49.06 10.20 48.00
C SER D 134 47.73 9.93 47.31
N VAL D 135 47.11 8.79 47.60
CA VAL D 135 45.85 8.41 47.00
C VAL D 135 44.68 8.92 47.82
N TYR D 136 44.95 9.62 48.92
CA TYR D 136 43.91 10.18 49.78
C TYR D 136 43.05 11.19 49.04
N HIS D 137 41.76 11.22 49.39
CA HIS D 137 40.76 11.86 48.55
C HIS D 137 40.95 13.36 48.43
N LEU D 138 41.06 14.06 49.55
CA LEU D 138 41.31 15.50 49.47
C LEU D 138 42.69 15.80 48.93
N ASP D 139 43.62 14.86 49.06
CA ASP D 139 44.98 15.10 48.61
C ASP D 139 45.12 14.83 47.11
N GLU D 140 44.41 13.83 46.58
CA GLU D 140 44.79 13.27 45.28
C GLU D 140 44.47 14.22 44.13
N ARG D 141 43.33 14.90 44.16
CA ARG D 141 43.14 16.04 43.29
C ARG D 141 42.42 17.19 43.99
N ARG D 142 41.76 16.91 45.10
CA ARG D 142 40.56 17.66 45.47
C ARG D 142 40.71 18.48 46.75
N PRO D 143 41.40 19.61 46.71
CA PRO D 143 41.02 20.70 47.61
C PRO D 143 39.84 21.51 47.10
N ASP D 144 39.44 21.34 45.84
CA ASP D 144 38.38 22.16 45.30
C ASP D 144 37.00 21.78 45.82
N LEU D 145 36.83 20.52 46.22
CA LEU D 145 35.52 20.08 46.69
C LEU D 145 35.17 20.74 48.01
N GLN D 146 36.14 20.84 48.92
CA GLN D 146 35.86 21.44 50.21
C GLN D 146 35.70 22.96 50.10
N SER D 147 36.07 23.52 48.96
CA SER D 147 35.83 24.94 48.70
C SER D 147 34.48 25.17 48.05
N MET D 148 33.87 24.12 47.49
CA MET D 148 32.71 24.30 46.62
C MET D 148 31.47 24.66 47.43
N THR D 149 30.71 25.63 46.95
CA THR D 149 29.48 26.00 47.59
C THR D 149 28.31 25.22 47.00
N LEU D 150 27.17 25.29 47.68
CA LEU D 150 25.96 24.61 47.25
C LEU D 150 24.89 25.65 46.99
N SER D 151 24.84 26.15 45.77
CA SER D 151 23.81 27.10 45.38
C SER D 151 22.89 26.42 44.38
N GLN D 152 21.80 27.12 44.07
CA GLN D 152 20.86 26.61 43.09
C GLN D 152 21.46 26.62 41.69
N GLN D 153 22.39 27.54 41.43
CA GLN D 153 23.01 27.62 40.12
C GLN D 153 23.93 26.43 39.89
N ASN D 154 24.56 25.93 40.95
CA ASN D 154 25.42 24.76 40.81
C ASN D 154 24.60 23.51 40.51
N MET D 155 23.36 23.47 40.98
CA MET D 155 22.41 22.44 40.61
C MET D 155 21.97 22.55 39.16
N ASP D 156 21.59 23.76 38.74
CA ASP D 156 20.73 23.87 37.56
C ASP D 156 21.52 23.82 36.26
N THR D 157 22.48 24.72 36.07
CA THR D 157 23.02 24.98 34.75
C THR D 157 23.90 23.83 34.26
N GLU D 158 24.01 23.71 32.93
CA GLU D 158 24.78 22.65 32.31
C GLU D 158 25.90 23.25 31.48
N LEU D 159 27.13 23.05 31.95
CA LEU D 159 28.32 23.40 31.21
C LEU D 159 28.91 22.14 30.60
N SER D 160 29.89 22.31 29.73
CA SER D 160 30.55 21.17 29.13
C SER D 160 31.47 20.52 30.15
N THR D 161 31.47 19.19 30.16
CA THR D 161 32.31 18.46 31.09
C THR D 161 33.78 18.71 30.80
N LEU D 162 34.13 18.80 29.52
CA LEU D 162 35.51 18.98 29.12
C LEU D 162 36.02 20.36 29.53
N SER D 163 35.12 21.34 29.58
CA SER D 163 35.50 22.67 30.03
C SER D 163 35.90 22.66 31.49
N LEU D 164 35.11 22.01 32.34
CA LEU D 164 35.47 21.85 33.75
C LEU D 164 36.71 21.00 33.92
N SER D 165 36.92 20.02 33.04
CA SER D 165 38.11 19.20 33.11
C SER D 165 39.38 19.97 32.78
N ASN D 166 39.32 20.88 31.81
CA ASN D 166 40.45 21.76 31.58
C ASN D 166 40.64 22.71 32.76
N GLU D 167 39.53 23.17 33.33
CA GLU D 167 39.60 24.11 34.44
C GLU D 167 40.27 23.50 35.67
N ILE D 168 39.91 22.26 36.02
CA ILE D 168 40.51 21.64 37.21
C ILE D 168 41.99 21.33 36.98
N LEU D 169 42.38 21.08 35.73
CA LEU D 169 43.79 20.87 35.45
C LEU D 169 44.59 22.16 35.55
N LEU D 170 44.03 23.26 35.06
CA LEU D 170 44.69 24.55 35.20
C LEU D 170 44.84 24.93 36.66
N LYS D 171 43.85 24.60 37.48
CA LYS D 171 43.94 24.84 38.91
C LYS D 171 45.12 24.10 39.52
N GLY D 172 45.26 22.82 39.23
CA GLY D 172 46.29 22.03 39.85
C GLY D 172 47.68 22.36 39.37
N ILE D 173 47.81 22.73 38.10
CA ILE D 173 49.13 23.10 37.60
C ILE D 173 49.52 24.47 38.09
N LYS D 174 48.58 25.42 38.07
CA LYS D 174 48.84 26.79 38.52
C LYS D 174 49.10 26.84 40.02
N ALA D 175 48.60 25.84 40.76
CA ALA D 175 48.66 25.87 42.22
C ALA D 175 50.09 25.87 42.74
N ASN D 176 50.83 24.78 42.52
CA ASN D 176 52.08 24.60 43.26
C ASN D 176 53.28 24.52 42.33
N GLN D 177 53.16 23.83 41.20
CA GLN D 177 54.32 23.35 40.44
C GLN D 177 55.17 24.48 39.87
N SER D 178 54.54 25.55 39.40
CA SER D 178 55.31 26.61 38.77
C SER D 178 55.10 27.96 39.43
N ASN D 179 54.06 28.10 40.26
CA ASN D 179 53.65 29.36 40.91
C ASN D 179 53.44 30.48 39.89
N LEU D 180 52.46 30.29 39.04
CA LEU D 180 52.24 31.20 37.93
C LEU D 180 51.20 32.26 38.29
N ASP D 181 51.00 33.18 37.34
CA ASP D 181 50.04 34.24 37.56
C ASP D 181 48.66 33.83 37.04
N SER D 182 48.56 33.54 35.75
CA SER D 182 47.28 33.26 35.14
C SER D 182 47.44 32.20 34.07
N ASP D 183 46.38 32.04 33.27
CA ASP D 183 46.34 30.98 32.27
C ASP D 183 47.26 31.27 31.10
N THR D 184 47.50 32.54 30.83
CA THR D 184 48.42 32.90 29.75
C THR D 184 49.85 32.49 30.09
N LYS D 185 50.21 32.49 31.37
CA LYS D 185 51.50 31.97 31.79
C LYS D 185 51.60 30.48 31.54
N VAL D 186 50.49 29.77 31.78
CA VAL D 186 50.43 28.34 31.53
C VAL D 186 50.58 28.07 30.05
N MET D 187 49.92 28.85 29.21
CA MET D 187 50.02 28.66 27.78
C MET D 187 51.40 29.01 27.25
N GLU D 188 52.07 29.99 27.85
CA GLU D 188 53.45 30.28 27.50
C GLU D 188 54.37 29.11 27.82
N MET D 189 54.25 28.57 29.03
CA MET D 189 55.21 27.52 29.38
C MET D 189 54.84 26.19 28.75
N LEU D 190 53.60 26.04 28.27
CA LEU D 190 53.28 24.91 27.42
C LEU D 190 53.78 25.11 26.00
N SER D 191 53.89 26.35 25.56
CA SER D 191 54.59 26.59 24.30
C SER D 191 56.08 26.34 24.45
N THR D 192 56.60 26.47 25.67
CA THR D 192 58.01 26.18 25.92
C THR D 192 58.30 24.68 25.93
N PHE D 193 57.40 23.89 26.52
CA PHE D 193 57.73 22.55 27.00
C PHE D 193 57.91 21.56 25.86
N ARG D 194 59.15 21.14 25.63
CA ARG D 194 59.40 20.10 24.63
C ARG D 194 58.97 18.69 25.07
N PRO D 195 59.55 18.07 26.10
CA PRO D 195 59.94 16.65 25.97
C PRO D 195 58.81 15.63 25.99
N SER D 196 57.56 16.03 25.89
CA SER D 196 56.56 15.00 25.69
C SER D 196 56.62 14.48 24.27
N GLY D 197 56.39 13.18 24.12
CA GLY D 197 56.61 12.48 22.86
C GLY D 197 55.74 12.86 21.67
N THR D 198 54.79 13.78 21.85
CA THR D 198 53.91 14.17 20.74
C THR D 198 53.84 15.67 20.54
N ILE D 199 54.13 16.46 21.56
CA ILE D 199 53.93 17.90 21.56
C ILE D 199 55.24 18.49 21.02
N PRO D 200 55.45 19.83 20.90
CA PRO D 200 54.99 21.14 21.38
C PRO D 200 53.54 21.47 21.13
N TYR D 201 53.03 22.43 21.89
CA TYR D 201 51.69 22.96 21.72
C TYR D 201 51.76 24.47 21.90
N HIS D 202 51.56 25.22 20.83
CA HIS D 202 51.50 26.67 20.89
C HIS D 202 50.04 27.05 20.68
N ASP D 203 49.39 27.53 21.75
CA ASP D 203 47.93 27.60 21.78
C ASP D 203 47.40 28.63 20.79
N ALA D 204 48.01 29.83 20.79
CA ALA D 204 47.59 30.87 19.86
C ALA D 204 47.86 30.45 18.42
N TYR D 205 48.87 29.62 18.21
CA TYR D 205 49.15 29.12 16.87
C TYR D 205 48.08 28.16 16.40
N GLU D 206 47.57 27.33 17.30
CA GLU D 206 46.50 26.42 16.92
C GLU D 206 45.22 27.18 16.64
N ASN D 207 45.01 28.26 17.39
CA ASN D 207 43.91 29.18 17.09
C ASN D 207 44.04 29.75 15.68
N VAL D 208 45.26 30.21 15.34
CA VAL D 208 45.54 30.77 14.01
C VAL D 208 45.27 29.75 12.92
N ARG D 209 45.84 28.56 13.05
CA ARG D 209 45.79 27.62 11.94
C ARG D 209 44.40 27.04 11.76
N LYS D 210 43.61 26.92 12.84
CA LYS D 210 42.27 26.44 12.57
C LYS D 210 41.39 27.56 12.05
N ALA D 211 41.66 28.81 12.44
CA ALA D 211 40.94 29.93 11.86
C ALA D 211 41.17 30.01 10.36
N ILE D 212 42.40 29.74 9.93
CA ILE D 212 42.71 29.72 8.52
C ILE D 212 42.04 28.54 7.83
N GLN D 213 42.07 27.35 8.45
CA GLN D 213 41.49 26.18 7.80
C GLN D 213 39.97 26.26 7.74
N LEU D 214 39.35 27.06 8.62
CA LEU D 214 37.92 27.23 8.52
C LEU D 214 37.55 28.32 7.52
N GLN D 215 38.42 29.32 7.35
CA GLN D 215 38.14 30.30 6.31
C GLN D 215 38.32 29.71 4.92
N ASP D 216 39.51 29.21 4.61
CA ASP D 216 39.84 28.74 3.26
C ASP D 216 40.37 27.31 3.34
N PRO D 217 39.61 26.34 2.85
CA PRO D 217 40.20 25.03 2.59
C PRO D 217 41.07 25.10 1.35
N LYS D 218 42.18 24.35 1.38
CA LYS D 218 43.01 24.01 0.21
C LYS D 218 43.82 25.20 -0.32
N LEU D 219 43.72 26.36 0.35
CA LEU D 219 44.50 27.57 0.06
C LEU D 219 44.27 28.08 -1.38
N GLU D 220 43.04 27.90 -1.86
CA GLU D 220 42.70 28.27 -3.22
C GLU D 220 42.71 29.78 -3.38
N GLN D 221 42.09 30.49 -2.44
CA GLN D 221 42.08 31.95 -2.46
C GLN D 221 43.49 32.51 -2.26
N PHE D 222 44.33 31.80 -1.50
CA PHE D 222 45.66 32.30 -1.25
C PHE D 222 46.55 32.14 -2.47
N GLN D 223 46.79 30.91 -2.91
CA GLN D 223 47.71 30.71 -4.02
C GLN D 223 47.09 30.94 -5.38
N LYS D 224 45.79 31.25 -5.44
CA LYS D 224 45.22 31.76 -6.67
C LYS D 224 45.73 33.16 -6.98
N SER D 225 45.87 33.98 -5.94
CA SER D 225 46.43 35.32 -6.06
C SER D 225 47.90 35.26 -5.69
N PRO D 226 48.82 35.17 -6.66
CA PRO D 226 50.17 34.73 -6.34
C PRO D 226 51.07 35.78 -5.72
N ALA D 227 50.64 37.03 -5.61
CA ALA D 227 51.53 38.07 -5.07
C ALA D 227 51.69 37.92 -3.57
N VAL D 228 50.57 37.75 -2.86
CA VAL D 228 50.62 37.52 -1.42
C VAL D 228 51.25 36.18 -1.11
N ALA D 229 51.17 35.22 -2.02
CA ALA D 229 51.98 34.02 -1.93
C ALA D 229 53.45 34.32 -2.13
N GLY D 230 53.77 35.34 -2.94
CA GLY D 230 55.14 35.81 -3.03
C GLY D 230 55.62 36.53 -1.79
N LEU D 231 54.70 36.99 -0.95
CA LEU D 231 55.14 37.53 0.33
C LEU D 231 55.64 36.44 1.25
N MET D 232 54.81 35.46 1.58
CA MET D 232 55.11 34.48 2.61
C MET D 232 56.03 33.40 2.06
N HIS D 233 56.94 32.94 2.91
CA HIS D 233 57.77 31.81 2.56
C HIS D 233 56.95 30.53 2.68
N GLN D 234 57.38 29.50 1.95
CA GLN D 234 56.65 28.23 1.91
C GLN D 234 56.68 27.50 3.25
N ALA D 235 57.68 27.79 4.09
CA ALA D 235 57.77 27.16 5.40
C ALA D 235 56.59 27.54 6.28
N SER D 236 56.14 28.79 6.18
CA SER D 236 54.92 29.20 6.84
C SER D 236 53.71 28.50 6.27
N LEU D 237 53.68 28.29 4.95
CA LEU D 237 52.53 27.64 4.34
C LEU D 237 52.48 26.15 4.66
N LEU D 238 53.63 25.55 4.99
CA LEU D 238 53.61 24.21 5.58
C LEU D 238 52.91 24.23 6.92
N GLY D 239 53.03 25.35 7.65
CA GLY D 239 52.45 25.43 8.96
C GLY D 239 50.95 25.57 8.99
N ILE D 240 50.30 25.63 7.84
CA ILE D 240 48.85 25.82 7.85
C ILE D 240 48.11 24.49 7.87
N ASN D 241 48.35 23.65 6.87
CA ASN D 241 47.66 22.37 6.83
C ASN D 241 48.24 21.38 7.84
N ASN D 242 49.56 21.41 8.01
CA ASN D 242 50.21 20.67 9.09
C ASN D 242 50.48 21.60 10.26
N SER D 243 50.22 21.10 11.46
CA SER D 243 50.47 21.86 12.67
C SER D 243 51.97 21.86 12.93
N ILE D 244 52.62 22.98 12.66
CA ILE D 244 54.04 23.16 12.94
C ILE D 244 54.17 24.32 13.91
N SER D 245 54.29 24.01 15.18
CA SER D 245 54.53 25.02 16.19
C SER D 245 55.95 25.58 16.03
N PRO D 246 56.20 26.78 16.54
CA PRO D 246 57.58 27.31 16.49
C PRO D 246 58.57 26.51 17.31
N GLU D 247 58.14 25.92 18.41
CA GLU D 247 59.05 25.11 19.23
C GLU D 247 59.44 23.84 18.51
N LEU D 248 58.50 23.21 17.80
CA LEU D 248 58.83 22.07 16.95
C LEU D 248 59.74 22.49 15.82
N PHE D 249 59.59 23.71 15.33
CA PHE D 249 60.48 24.20 14.30
C PHE D 249 61.89 24.41 14.84
N ASN D 250 62.00 24.80 16.11
CA ASN D 250 63.32 24.91 16.71
C ASN D 250 63.95 23.55 16.95
N ILE D 251 63.14 22.55 17.30
CA ILE D 251 63.64 21.19 17.47
C ILE D 251 64.14 20.64 16.14
N LEU D 252 63.38 20.83 15.08
CA LEU D 252 63.77 20.25 13.81
C LEU D 252 64.86 21.07 13.12
N THR D 253 64.95 22.35 13.46
CA THR D 253 65.89 23.24 12.78
C THR D 253 67.32 22.99 13.23
N GLU D 254 67.52 22.74 14.51
CA GLU D 254 68.84 22.80 15.13
C GLU D 254 69.74 21.66 14.66
N GLU D 255 71.05 21.90 14.71
CA GLU D 255 72.04 20.93 14.29
C GLU D 255 72.80 20.41 15.49
N ILE D 256 73.12 19.13 15.45
CA ILE D 256 73.62 18.41 16.61
C ILE D 256 74.94 17.76 16.24
N THR D 257 76.01 18.17 16.91
CA THR D 257 77.31 17.54 16.82
C THR D 257 77.47 16.56 17.99
N GLU D 258 78.69 16.08 18.16
CA GLU D 258 78.98 15.32 19.38
C GLU D 258 79.18 16.22 20.58
N ALA D 259 79.45 17.51 20.34
CA ALA D 259 79.73 18.43 21.43
C ALA D 259 78.48 18.74 22.23
N ASN D 260 77.40 19.16 21.56
CA ASN D 260 76.15 19.49 22.21
C ASN D 260 75.28 18.27 22.49
N ALA D 261 75.82 17.06 22.32
CA ALA D 261 75.01 15.86 22.21
C ALA D 261 74.26 15.53 23.48
N GLU D 262 74.97 15.38 24.60
CA GLU D 262 74.31 14.96 25.82
C GLU D 262 73.51 16.09 26.44
N ALA D 263 73.92 17.34 26.18
CA ALA D 263 73.15 18.50 26.60
C ALA D 263 71.78 18.52 25.93
N ILE D 264 71.73 18.37 24.61
CA ILE D 264 70.44 18.37 23.94
C ILE D 264 69.70 17.05 24.15
N TYR D 265 70.43 15.99 24.52
CA TYR D 265 69.79 14.75 24.94
C TYR D 265 69.02 14.93 26.22
N LYS D 266 69.65 15.53 27.22
CA LYS D 266 68.98 15.80 28.48
C LYS D 266 67.91 16.87 28.31
N GLN D 267 68.06 17.73 27.31
CA GLN D 267 67.02 18.70 27.03
C GLN D 267 65.80 18.04 26.39
N ASN D 268 66.03 17.01 25.58
CA ASN D 268 64.92 16.40 24.84
C ASN D 268 64.38 15.17 25.55
N PHE D 269 65.13 14.62 26.49
CA PHE D 269 64.64 13.43 27.18
C PHE D 269 64.61 13.57 28.69
N GLY D 270 65.17 14.64 29.24
CA GLY D 270 65.24 14.72 30.68
C GLY D 270 66.27 13.74 31.20
N ASP D 271 65.79 12.77 31.96
CA ASP D 271 66.66 11.80 32.59
C ASP D 271 66.41 10.37 32.11
N ILE D 272 66.02 10.19 30.85
CA ILE D 272 65.91 8.83 30.32
C ILE D 272 67.29 8.30 30.02
N ASP D 273 67.58 7.11 30.49
CA ASP D 273 68.86 6.50 30.20
C ASP D 273 68.89 6.00 28.76
N PRO D 274 70.06 6.03 28.11
CA PRO D 274 70.12 5.57 26.72
C PRO D 274 69.91 4.08 26.56
N ALA D 275 70.10 3.30 27.63
CA ALA D 275 69.97 1.85 27.51
C ALA D 275 68.51 1.43 27.32
N CYS D 276 67.62 1.91 28.18
CA CYS D 276 66.21 1.58 28.04
C CYS D 276 65.57 2.38 26.92
N LEU D 277 66.15 3.52 26.56
CA LEU D 277 65.70 4.19 25.35
C LEU D 277 66.08 3.40 24.11
N ALA D 278 67.19 2.66 24.17
CA ALA D 278 67.62 1.87 23.02
C ALA D 278 66.70 0.72 22.71
N MET D 279 66.11 0.10 23.73
CA MET D 279 65.26 -1.04 23.47
C MET D 279 63.91 -0.57 22.93
N PRO D 280 63.39 -1.23 21.89
CA PRO D 280 62.18 -0.72 21.23
C PRO D 280 60.90 -0.90 22.01
N GLU D 281 60.91 -1.64 23.11
CA GLU D 281 59.67 -1.77 23.87
C GLU D 281 59.35 -0.49 24.61
N TYR D 282 60.36 0.17 25.16
CA TYR D 282 60.13 1.47 25.73
C TYR D 282 59.92 2.52 24.64
N LEU D 283 60.38 2.24 23.42
CA LEU D 283 60.02 3.11 22.30
C LEU D 283 58.55 3.00 21.96
N LYS D 284 58.01 1.78 21.98
CA LYS D 284 56.59 1.58 21.75
C LYS D 284 55.77 2.21 22.87
N SER D 285 56.26 2.10 24.10
CA SER D 285 55.57 2.70 25.24
C SER D 285 55.63 4.22 25.19
N TYR D 286 56.77 4.79 24.80
CA TYR D 286 56.95 6.23 24.88
C TYR D 286 56.44 6.92 23.63
N TYR D 287 56.97 6.54 22.48
CA TYR D 287 56.60 7.21 21.24
C TYR D 287 55.25 6.78 20.72
N ASN D 288 54.63 5.76 21.33
CA ASN D 288 53.22 5.40 21.12
C ASN D 288 52.97 4.96 19.68
N PHE D 289 53.60 3.86 19.29
CA PHE D 289 53.40 3.35 17.95
C PHE D 289 52.93 1.90 17.96
N SER D 290 52.50 1.44 16.78
CA SER D 290 52.28 0.02 16.56
C SER D 290 53.61 -0.70 16.36
N ASP D 291 53.59 -2.03 16.48
CA ASP D 291 54.83 -2.78 16.30
C ASP D 291 55.07 -3.05 14.82
N GLU D 292 54.01 -3.04 14.02
CA GLU D 292 54.19 -2.95 12.57
C GLU D 292 54.89 -1.66 12.21
N GLU D 293 54.50 -0.57 12.86
CA GLU D 293 55.24 0.67 12.74
C GLU D 293 56.65 0.54 13.32
N LEU D 294 56.82 -0.33 14.32
CA LEU D 294 58.12 -0.46 14.97
C LEU D 294 59.04 -1.42 14.21
N SER D 295 58.51 -2.03 13.16
CA SER D 295 59.35 -2.74 12.20
C SER D 295 60.23 -1.79 11.41
N GLN D 296 59.89 -0.50 11.38
CA GLN D 296 60.45 0.40 10.38
C GLN D 296 61.39 1.43 11.01
N PHE D 297 61.43 1.57 12.34
CA PHE D 297 62.11 2.74 12.92
C PHE D 297 63.62 2.60 12.88
N ILE D 298 64.16 1.64 13.63
CA ILE D 298 65.58 1.33 13.51
C ILE D 298 65.61 0.23 12.47
N ARG D 299 64.97 -0.88 12.82
CA ARG D 299 64.57 -2.03 12.01
C ARG D 299 63.54 -2.79 12.83
N LYS D 300 63.26 -4.02 12.45
CA LYS D 300 62.57 -4.92 13.37
C LYS D 300 63.49 -5.26 14.53
N TYR D 301 62.94 -5.83 15.61
CA TYR D 301 63.74 -6.17 16.78
C TYR D 301 63.16 -7.36 17.55
N PRO D 302 63.79 -8.54 17.45
CA PRO D 302 63.56 -9.60 18.44
C PRO D 302 64.46 -9.38 19.65
N ASP D 303 64.49 -10.30 20.62
CA ASP D 303 65.30 -10.09 21.82
C ASP D 303 66.81 -10.20 21.53
N ASN D 304 67.18 -10.71 20.35
CA ASN D 304 68.56 -10.64 19.91
C ASN D 304 68.91 -9.20 19.51
N GLU D 305 70.19 -8.89 19.41
CA GLU D 305 70.62 -7.56 18.98
C GLU D 305 70.47 -7.45 17.47
N LEU D 306 69.79 -6.39 17.02
CA LEU D 306 69.53 -6.22 15.59
C LEU D 306 69.54 -4.74 15.28
N ASN D 307 70.22 -4.40 14.17
CA ASN D 307 70.58 -3.05 13.76
C ASN D 307 71.24 -2.35 14.93
N THR D 308 72.36 -2.92 15.38
CA THR D 308 73.01 -2.51 16.62
C THR D 308 73.57 -1.10 16.49
N GLN D 309 72.91 -0.17 17.16
CA GLN D 309 73.27 1.24 17.14
C GLN D 309 74.37 1.44 18.17
N LYS D 310 75.11 2.52 18.03
CA LYS D 310 75.93 2.97 19.14
C LYS D 310 75.18 4.03 19.93
N ILE D 311 74.90 5.18 19.30
CA ILE D 311 73.77 6.06 19.58
C ILE D 311 73.46 6.88 18.35
N HIS D 312 72.20 6.85 17.91
CA HIS D 312 71.59 7.96 17.17
C HIS D 312 70.17 8.08 17.70
N LEU D 313 70.04 8.84 18.77
CA LEU D 313 68.74 8.94 19.41
C LEU D 313 68.08 10.27 19.12
N LEU D 314 68.89 11.24 18.72
CA LEU D 314 68.37 12.55 18.37
C LEU D 314 67.88 12.55 16.94
N LYS D 315 68.62 11.88 16.05
CA LYS D 315 68.25 11.77 14.66
C LYS D 315 66.98 10.98 14.48
N ILE D 316 66.75 9.97 15.30
CA ILE D 316 65.49 9.26 15.22
C ILE D 316 64.37 10.09 15.83
N ASN D 317 64.70 10.98 16.78
CA ASN D 317 63.69 11.77 17.45
C ASN D 317 63.06 12.79 16.51
N LYS D 318 63.90 13.44 15.70
CA LYS D 318 63.44 14.42 14.74
C LYS D 318 62.50 13.79 13.73
N ILE D 319 62.88 12.63 13.19
CA ILE D 319 62.08 12.03 12.15
C ILE D 319 60.80 11.41 12.70
N ILE D 320 60.81 10.93 13.94
CA ILE D 320 59.58 10.44 14.55
C ILE D 320 58.59 11.58 14.77
N LEU D 321 59.07 12.69 15.35
CA LEU D 321 58.17 13.82 15.59
C LEU D 321 57.67 14.44 14.30
N LEU D 322 58.52 14.51 13.27
CA LEU D 322 58.09 14.99 11.98
C LEU D 322 57.03 14.11 11.37
N SER D 323 57.20 12.79 11.48
CA SER D 323 56.22 11.88 10.90
C SER D 323 54.93 11.90 11.67
N GLN D 324 54.99 12.19 12.97
CA GLN D 324 53.75 12.32 13.73
C GLN D 324 53.03 13.61 13.37
N ALA D 325 53.79 14.65 13.02
CA ALA D 325 53.16 15.88 12.56
C ALA D 325 52.52 15.71 11.19
N VAL D 326 53.31 15.32 10.19
CA VAL D 326 52.88 15.38 8.81
C VAL D 326 52.16 14.10 8.36
N ASN D 327 52.07 13.10 9.24
CA ASN D 327 51.23 11.91 9.08
C ASN D 327 51.67 11.03 7.91
N LEU D 328 52.99 10.74 7.82
CA LEU D 328 53.50 10.04 6.65
C LEU D 328 54.29 8.79 7.05
N PRO D 329 54.39 7.80 6.15
CA PRO D 329 55.22 6.62 6.46
C PRO D 329 56.71 6.92 6.38
N PHE D 330 57.49 5.85 6.50
CA PHE D 330 58.90 5.98 6.85
C PHE D 330 59.85 5.56 5.74
N LEU D 331 59.34 4.91 4.68
CA LEU D 331 60.11 4.89 3.44
C LEU D 331 60.30 6.30 2.91
N LYS D 332 59.30 7.15 3.08
CA LYS D 332 59.36 8.50 2.57
C LYS D 332 60.38 9.34 3.33
N LEU D 333 60.33 9.27 4.65
CA LEU D 333 61.23 10.10 5.43
C LEU D 333 62.61 9.48 5.55
N ASP D 334 62.75 8.20 5.22
CA ASP D 334 64.06 7.70 4.82
C ASP D 334 64.49 8.31 3.50
N GLU D 335 63.59 8.28 2.52
CA GLU D 335 63.86 8.72 1.16
C GLU D 335 64.13 10.20 1.07
N ILE D 336 63.35 11.01 1.76
CA ILE D 336 63.60 12.44 1.79
C ILE D 336 64.77 12.72 2.71
N ILE D 337 65.79 13.35 2.16
CA ILE D 337 67.11 13.70 2.73
C ILE D 337 67.67 12.54 3.55
N PRO D 338 68.24 11.53 2.88
CA PRO D 338 68.77 10.36 3.60
C PRO D 338 69.93 10.69 4.51
N GLU D 339 70.67 11.76 4.26
CA GLU D 339 71.46 12.34 5.33
C GLU D 339 70.52 12.85 6.41
N GLN D 340 70.59 12.23 7.57
CA GLN D 340 69.59 12.42 8.62
C GLN D 340 69.77 13.82 9.22
N ASN D 341 69.33 14.82 8.47
CA ASN D 341 69.54 16.23 8.75
C ASN D 341 68.33 16.97 8.22
N ILE D 342 68.10 18.16 8.75
CA ILE D 342 66.96 18.97 8.32
C ILE D 342 67.42 20.40 8.08
N THR D 343 67.22 20.85 6.86
CA THR D 343 67.28 22.26 6.47
C THR D 343 65.89 22.63 6.01
N PRO D 344 65.46 23.90 6.19
CA PRO D 344 64.06 24.24 5.87
C PRO D 344 63.66 24.13 4.41
N THR D 345 64.59 23.92 3.48
CA THR D 345 64.17 23.57 2.14
C THR D 345 63.61 22.14 2.07
N VAL D 346 63.98 21.27 3.01
CA VAL D 346 63.29 20.01 3.15
C VAL D 346 61.85 20.26 3.57
N LEU D 347 61.63 21.26 4.40
CA LEU D 347 60.28 21.64 4.75
C LEU D 347 59.53 22.28 3.59
N GLY D 348 60.25 22.91 2.68
CA GLY D 348 59.63 23.38 1.45
C GLY D 348 59.19 22.22 0.59
N LYS D 349 60.07 21.21 0.48
CA LYS D 349 59.76 19.99 -0.27
C LYS D 349 58.54 19.28 0.30
N ILE D 350 58.45 19.18 1.62
CA ILE D 350 57.36 18.42 2.18
C ILE D 350 56.07 19.20 2.10
N PHE D 351 56.15 20.54 2.08
CA PHE D 351 54.95 21.30 1.79
C PHE D 351 54.51 21.13 0.35
N LEU D 352 55.48 21.04 -0.57
CA LEU D 352 55.15 20.80 -1.96
C LEU D 352 54.41 19.48 -2.14
N VAL D 353 54.90 18.42 -1.50
CA VAL D 353 54.28 17.12 -1.72
C VAL D 353 52.92 17.05 -1.02
N LYS D 354 52.79 17.65 0.17
CA LYS D 354 51.49 17.69 0.82
C LYS D 354 50.50 18.56 0.07
N TYR D 355 50.99 19.56 -0.65
CA TYR D 355 50.06 20.39 -1.40
C TYR D 355 49.64 19.72 -2.70
N TYR D 356 50.56 18.99 -3.35
CA TYR D 356 50.15 18.27 -4.55
C TYR D 356 49.18 17.15 -4.23
N MET D 357 49.33 16.52 -3.06
CA MET D 357 48.37 15.51 -2.63
C MET D 357 46.97 16.10 -2.49
N GLN D 358 46.88 17.28 -1.90
CA GLN D 358 45.56 17.87 -1.71
C GLN D 358 45.03 18.44 -3.02
N LYS D 359 45.92 18.90 -3.90
CA LYS D 359 45.51 19.59 -5.10
C LYS D 359 45.02 18.61 -6.16
N TYR D 360 45.84 17.62 -6.49
CA TYR D 360 45.53 16.75 -7.61
C TYR D 360 44.95 15.42 -7.16
N ASN D 361 44.90 15.17 -5.86
CA ASN D 361 44.31 13.98 -5.23
C ASN D 361 44.96 12.71 -5.76
N ILE D 362 46.26 12.57 -5.48
CA ILE D 362 47.05 11.46 -5.98
C ILE D 362 47.69 10.74 -4.80
N GLY D 363 48.44 9.69 -5.11
CA GLY D 363 49.05 8.87 -4.09
C GLY D 363 50.28 9.52 -3.49
N THR D 364 50.80 8.86 -2.45
CA THR D 364 51.95 9.43 -1.75
C THR D 364 53.25 9.18 -2.48
N GLU D 365 53.32 8.12 -3.30
CA GLU D 365 54.48 7.91 -4.14
C GLU D 365 54.48 8.88 -5.31
N THR D 366 53.29 9.32 -5.70
CA THR D 366 53.10 9.93 -6.99
C THR D 366 53.52 11.39 -6.96
N ALA D 367 53.23 12.07 -5.86
CA ALA D 367 53.74 13.43 -5.74
C ALA D 367 55.20 13.43 -5.30
N LEU D 368 55.69 12.31 -4.77
CA LEU D 368 57.14 12.18 -4.60
C LEU D 368 57.85 12.09 -5.93
N ILE D 369 57.18 11.54 -6.95
CA ILE D 369 57.71 11.69 -8.29
C ILE D 369 57.72 13.16 -8.70
N LEU D 370 56.69 13.91 -8.33
CA LEU D 370 56.61 15.33 -8.66
C LEU D 370 57.58 16.19 -7.89
N CYS D 371 58.18 15.69 -6.82
CA CYS D 371 59.26 16.40 -6.17
C CYS D 371 60.61 16.10 -6.81
N ASN D 372 60.61 15.61 -8.05
CA ASN D 372 61.79 15.21 -8.81
C ASN D 372 62.59 14.16 -8.05
N ASP D 373 61.93 13.13 -7.56
CA ASP D 373 62.61 12.06 -6.88
C ASP D 373 62.26 10.74 -7.53
N SER D 374 63.20 9.79 -7.45
CA SER D 374 63.11 8.59 -8.25
C SER D 374 62.07 7.62 -7.71
N ILE D 375 61.89 6.53 -8.43
CA ILE D 375 60.95 5.49 -8.06
C ILE D 375 61.61 4.59 -7.03
N SER D 376 60.94 4.39 -5.91
CA SER D 376 61.46 3.53 -4.86
C SER D 376 61.16 2.07 -5.20
N GLN D 377 62.17 1.23 -5.09
CA GLN D 377 61.99 -0.21 -5.24
C GLN D 377 61.91 -0.92 -3.90
N TYR D 378 62.22 -0.23 -2.82
CA TYR D 378 62.19 -0.83 -1.49
C TYR D 378 60.76 -1.15 -1.09
N SER D 379 60.54 -2.35 -0.59
CA SER D 379 59.22 -2.83 -0.24
C SER D 379 59.05 -2.79 1.27
N TYR D 380 57.80 -2.59 1.71
CA TYR D 380 57.47 -2.55 3.12
C TYR D 380 55.98 -2.82 3.27
N SER D 381 55.55 -2.95 4.53
CA SER D 381 54.14 -3.14 4.92
C SER D 381 53.52 -4.40 4.31
N ASN D 382 54.35 -5.41 4.03
CA ASN D 382 53.95 -6.68 3.40
C ASN D 382 53.28 -6.46 2.04
N GLN D 383 53.69 -5.41 1.34
CA GLN D 383 53.08 -4.94 0.13
C GLN D 383 54.13 -4.68 -0.93
N PRO D 384 53.79 -4.81 -2.22
CA PRO D 384 54.76 -4.49 -3.26
C PRO D 384 55.06 -3.01 -3.31
N SER D 385 56.27 -2.70 -3.79
CA SER D 385 56.75 -1.33 -3.75
C SER D 385 56.11 -0.50 -4.84
N GLN D 386 56.59 0.75 -4.94
CA GLN D 386 56.21 1.63 -6.03
C GLN D 386 56.57 1.03 -7.37
N PHE D 387 57.74 0.41 -7.46
CA PHE D 387 58.20 -0.22 -8.69
C PHE D 387 57.33 -1.40 -9.07
N ASP D 388 57.05 -2.29 -8.12
CA ASP D 388 56.33 -3.51 -8.46
C ASP D 388 54.86 -3.26 -8.68
N ARG D 389 54.28 -2.29 -7.95
CA ARG D 389 52.92 -1.88 -8.27
C ARG D 389 52.87 -1.12 -9.58
N LEU D 390 53.99 -0.53 -9.98
CA LEU D 390 54.03 0.17 -11.24
C LEU D 390 54.07 -0.81 -12.41
N PHE D 391 54.80 -1.90 -12.28
CA PHE D 391 54.99 -2.72 -13.46
C PHE D 391 54.38 -4.11 -13.33
N ASN D 392 54.82 -4.89 -12.35
CA ASN D 392 54.80 -6.34 -12.47
C ASN D 392 53.55 -7.01 -11.91
N THR D 393 52.48 -6.27 -11.72
CA THR D 393 51.17 -6.86 -11.41
C THR D 393 50.21 -6.44 -12.52
N SER D 394 49.87 -7.37 -13.42
CA SER D 394 50.20 -8.80 -13.39
C SER D 394 51.57 -9.11 -14.00
N PRO D 395 52.18 -10.22 -13.59
CA PRO D 395 53.41 -10.66 -14.26
C PRO D 395 53.16 -11.02 -15.71
N LEU D 396 53.73 -10.22 -16.60
CA LEU D 396 53.61 -10.42 -18.03
C LEU D 396 54.40 -11.67 -18.40
N ASN D 397 53.68 -12.70 -18.88
CA ASN D 397 54.24 -14.00 -19.29
C ASN D 397 54.97 -14.70 -18.16
N GLY D 398 54.59 -14.40 -16.91
CA GLY D 398 55.31 -14.90 -15.76
C GLY D 398 56.69 -14.31 -15.56
N GLN D 399 57.05 -13.29 -16.32
CA GLN D 399 58.38 -12.72 -16.27
C GLN D 399 58.39 -11.50 -15.39
N TYR D 400 59.50 -11.27 -14.70
CA TYR D 400 59.69 -10.10 -13.87
C TYR D 400 60.50 -9.08 -14.66
N PHE D 401 60.11 -7.82 -14.56
CA PHE D 401 60.84 -6.74 -15.20
C PHE D 401 62.06 -6.39 -14.36
N VAL D 402 63.23 -6.81 -14.82
CA VAL D 402 64.46 -6.73 -14.06
C VAL D 402 65.20 -5.46 -14.44
N ILE D 403 65.55 -4.65 -13.44
CA ILE D 403 66.42 -3.51 -13.66
C ILE D 403 67.80 -4.01 -14.09
N GLU D 404 68.37 -3.38 -15.11
CA GLU D 404 69.56 -3.93 -15.76
C GLU D 404 70.33 -2.76 -16.34
N ASP D 405 71.32 -3.06 -17.19
CA ASP D 405 72.02 -2.05 -17.95
C ASP D 405 71.74 -2.11 -19.44
N THR D 406 70.71 -2.85 -19.84
CA THR D 406 70.42 -3.01 -21.26
C THR D 406 69.79 -1.76 -21.84
N ASN D 407 69.77 -1.68 -23.16
CA ASN D 407 69.02 -0.63 -23.81
C ASN D 407 67.63 -1.13 -24.18
N ILE D 408 66.67 -0.22 -24.15
CA ILE D 408 65.34 -0.47 -24.68
C ILE D 408 65.08 0.59 -25.74
N ASP D 409 65.08 0.17 -27.00
CA ASP D 409 64.91 1.11 -28.10
C ASP D 409 63.45 1.46 -28.25
N LEU D 410 63.11 2.70 -27.93
CA LEU D 410 61.75 3.20 -28.02
C LEU D 410 61.47 3.85 -29.36
N SER D 411 62.35 3.65 -30.34
CA SER D 411 62.07 4.10 -31.69
C SER D 411 60.87 3.36 -32.24
N LEU D 412 60.16 3.99 -33.18
CA LEU D 412 58.86 3.51 -33.58
C LEU D 412 59.00 2.26 -34.45
N ASN D 413 60.15 2.09 -35.08
CA ASN D 413 60.44 0.92 -35.88
C ASN D 413 61.31 -0.09 -35.12
N SER D 414 61.07 -0.26 -33.83
CA SER D 414 61.92 -1.16 -33.04
C SER D 414 61.48 -2.61 -33.19
N THR D 415 60.18 -2.87 -33.00
CA THR D 415 59.60 -4.22 -32.79
C THR D 415 60.36 -4.94 -31.67
N ASP D 416 60.14 -4.47 -30.44
CA ASP D 416 60.93 -4.93 -29.32
C ASP D 416 60.12 -5.93 -28.49
N ASN D 417 60.72 -6.40 -27.40
CA ASN D 417 60.18 -7.45 -26.56
C ASN D 417 59.13 -6.91 -25.60
N TRP D 418 58.86 -7.72 -24.59
CA TRP D 418 58.05 -7.35 -23.42
C TRP D 418 58.61 -6.16 -22.66
N HIS D 419 59.86 -5.77 -22.88
CA HIS D 419 60.38 -4.53 -22.33
C HIS D 419 59.57 -3.33 -22.82
N LYS D 420 59.17 -3.33 -24.08
CA LYS D 420 58.29 -2.29 -24.56
C LYS D 420 56.86 -2.50 -24.09
N ALA D 421 56.47 -3.77 -23.92
CA ALA D 421 55.09 -4.07 -23.56
C ALA D 421 54.77 -3.68 -22.12
N VAL D 422 55.75 -3.81 -21.22
CA VAL D 422 55.49 -3.43 -19.83
C VAL D 422 55.37 -1.92 -19.71
N LEU D 423 56.11 -1.17 -20.53
CA LEU D 423 55.95 0.27 -20.56
C LEU D 423 54.59 0.64 -21.10
N LYS D 424 54.15 -0.05 -22.16
CA LYS D 424 52.84 0.24 -22.73
C LYS D 424 51.72 -0.16 -21.79
N ARG D 425 51.96 -1.15 -20.94
CA ARG D 425 50.95 -1.54 -19.96
C ARG D 425 50.91 -0.58 -18.79
N ALA D 426 52.06 -0.14 -18.30
CA ALA D 426 52.08 0.71 -17.13
C ALA D 426 51.66 2.14 -17.47
N PHE D 427 52.07 2.63 -18.63
CA PHE D 427 51.79 4.02 -18.97
C PHE D 427 50.53 4.20 -19.80
N ASN D 428 49.88 3.09 -20.19
CA ASN D 428 48.60 3.10 -20.91
C ASN D 428 48.71 3.85 -22.23
N VAL D 429 49.62 3.38 -23.08
CA VAL D 429 50.08 4.14 -24.23
C VAL D 429 50.44 3.17 -25.34
N ASP D 430 50.31 3.62 -26.59
CA ASP D 430 50.72 2.82 -27.73
C ASP D 430 52.17 3.14 -28.09
N ASP D 431 52.60 2.69 -29.27
CA ASP D 431 53.99 2.84 -29.69
C ASP D 431 54.32 4.29 -30.01
N ILE D 432 53.48 4.93 -30.81
CA ILE D 432 53.79 6.23 -31.38
C ILE D 432 53.78 7.32 -30.31
N SER D 433 52.79 7.30 -29.42
CA SER D 433 52.72 8.33 -28.40
C SER D 433 53.80 8.14 -27.36
N LEU D 434 54.23 6.91 -27.14
CA LEU D 434 55.44 6.66 -26.35
C LEU D 434 56.66 7.25 -27.02
N TYR D 435 56.75 7.11 -28.34
CA TYR D 435 57.88 7.67 -29.07
C TYR D 435 57.87 9.19 -29.01
N ARG D 436 56.69 9.78 -28.99
CA ARG D 436 56.59 11.22 -28.77
C ARG D 436 56.97 11.59 -27.34
N LEU D 437 56.54 10.77 -26.38
CA LEU D 437 56.82 11.02 -24.97
C LEU D 437 58.30 10.98 -24.67
N LEU D 438 59.04 10.17 -25.42
CA LEU D 438 60.49 10.12 -25.29
C LEU D 438 61.13 11.46 -25.64
N HIS D 439 60.77 12.03 -26.78
CA HIS D 439 61.36 13.31 -27.17
C HIS D 439 60.79 14.45 -26.35
N ILE D 440 59.61 14.28 -25.76
CA ILE D 440 59.13 15.26 -24.81
C ILE D 440 59.99 15.25 -23.56
N ALA D 441 60.28 14.07 -23.03
CA ALA D 441 61.07 13.95 -21.81
C ALA D 441 62.51 14.39 -22.04
N ASN D 442 63.02 14.18 -23.25
CA ASN D 442 64.38 14.58 -23.58
C ASN D 442 64.48 14.81 -25.07
N HIS D 443 64.68 16.07 -25.45
CA HIS D 443 64.98 16.42 -26.83
C HIS D 443 66.42 16.16 -27.21
N ASN D 444 67.25 15.73 -26.28
CA ASN D 444 68.63 15.38 -26.59
C ASN D 444 68.81 13.89 -26.82
N ASN D 445 67.73 13.11 -26.81
CA ASN D 445 67.83 11.73 -27.23
C ASN D 445 67.90 11.66 -28.74
N THR D 446 68.96 11.06 -29.25
CA THR D 446 69.17 10.92 -30.68
C THR D 446 68.41 9.74 -31.28
N ASP D 447 67.96 8.80 -30.45
CA ASP D 447 67.27 7.61 -30.94
C ASP D 447 66.27 7.16 -29.88
N GLY D 448 65.83 5.92 -30.04
CA GLY D 448 64.98 5.32 -29.05
C GLY D 448 65.71 4.59 -27.95
N LYS D 449 67.00 4.36 -28.09
CA LYS D 449 67.74 3.56 -27.14
C LYS D 449 68.04 4.36 -25.87
N ILE D 450 67.50 3.92 -24.74
CA ILE D 450 67.76 4.53 -23.45
C ILE D 450 68.28 3.46 -22.52
N ALA D 451 68.96 3.88 -21.47
CA ALA D 451 69.48 2.95 -20.48
C ALA D 451 68.35 2.40 -19.62
N ASN D 452 68.64 1.31 -18.92
CA ASN D 452 67.63 0.65 -18.10
C ASN D 452 67.76 1.04 -16.62
N ASN D 453 68.38 2.16 -16.32
CA ASN D 453 68.47 2.60 -14.93
C ASN D 453 67.13 3.14 -14.46
N ILE D 454 67.07 3.50 -13.18
CA ILE D 454 65.81 3.95 -12.62
C ILE D 454 65.51 5.39 -13.02
N LYS D 455 66.53 6.15 -13.44
CA LYS D 455 66.35 7.60 -13.57
C LYS D 455 65.62 7.95 -14.85
N ASN D 456 65.93 7.27 -15.95
CA ASN D 456 65.17 7.48 -17.17
C ASN D 456 63.73 7.05 -17.01
N LEU D 457 63.51 5.99 -16.23
CA LEU D 457 62.15 5.56 -15.91
C LEU D 457 61.41 6.61 -15.11
N SER D 458 62.10 7.26 -14.17
CA SER D 458 61.51 8.34 -13.40
C SER D 458 61.17 9.53 -14.27
N ASN D 459 62.05 9.86 -15.23
CA ASN D 459 61.78 10.93 -16.17
C ASN D 459 60.53 10.66 -16.99
N LEU D 460 60.43 9.45 -17.54
CA LEU D 460 59.26 9.09 -18.35
C LEU D 460 57.98 9.08 -17.52
N TYR D 461 58.04 8.57 -16.30
CA TYR D 461 56.84 8.50 -15.49
C TYR D 461 56.39 9.89 -15.06
N MET D 462 57.35 10.78 -14.79
CA MET D 462 56.98 12.13 -14.38
C MET D 462 56.40 12.92 -15.55
N THR D 463 57.01 12.81 -16.72
CA THR D 463 56.47 13.55 -17.85
C THR D 463 55.17 12.94 -18.35
N LYS D 464 54.87 11.71 -17.97
CA LYS D 464 53.51 11.22 -18.17
C LYS D 464 52.54 11.80 -17.16
N LEU D 465 52.96 11.91 -15.89
CA LEU D 465 52.07 12.43 -14.84
C LEU D 465 51.71 13.88 -15.07
N LEU D 466 52.62 14.64 -15.68
CA LEU D 466 52.35 16.06 -15.95
C LEU D 466 51.16 16.24 -16.87
N ALA D 467 51.00 15.36 -17.86
CA ALA D 467 49.80 15.41 -18.67
C ALA D 467 48.63 14.73 -17.96
N ASP D 468 48.93 13.77 -17.08
CA ASP D 468 47.85 13.02 -16.44
C ASP D 468 47.07 13.86 -15.45
N ILE D 469 47.73 14.73 -14.69
CA ILE D 469 47.04 15.43 -13.62
C ILE D 469 46.13 16.51 -14.18
N HIS D 470 46.39 16.99 -15.38
CA HIS D 470 45.45 17.86 -16.05
C HIS D 470 44.61 17.12 -17.08
N GLN D 471 44.83 15.81 -17.20
CA GLN D 471 44.07 14.91 -18.08
C GLN D 471 44.17 15.33 -19.54
N LEU D 472 45.38 15.25 -20.09
CA LEU D 472 45.65 15.50 -21.49
C LEU D 472 46.31 14.29 -22.11
N THR D 473 46.53 14.35 -23.42
CA THR D 473 47.24 13.28 -24.10
C THR D 473 48.73 13.60 -24.15
N ILE D 474 49.44 12.87 -24.99
CA ILE D 474 50.86 13.13 -25.16
C ILE D 474 51.09 14.28 -26.12
N ASP D 475 50.42 14.26 -27.28
CA ASP D 475 50.58 15.33 -28.25
C ASP D 475 49.93 16.61 -27.75
N GLU D 476 48.89 16.50 -26.93
CA GLU D 476 48.32 17.70 -26.30
C GLU D 476 49.31 18.32 -25.33
N LEU D 477 50.05 17.49 -24.59
CA LEU D 477 51.10 18.01 -23.73
C LEU D 477 52.23 18.62 -24.56
N TYR D 478 52.50 18.03 -25.72
CA TYR D 478 53.52 18.57 -26.62
C TYR D 478 53.14 19.94 -27.14
N LEU D 479 51.90 20.08 -27.63
CA LEU D 479 51.37 21.37 -28.05
C LEU D 479 51.27 22.35 -26.90
N LEU D 480 51.05 21.85 -25.69
CA LEU D 480 50.98 22.70 -24.52
C LEU D 480 52.34 23.30 -24.19
N LEU D 481 53.39 22.48 -24.25
CA LEU D 481 54.74 22.97 -24.05
C LEU D 481 55.20 23.88 -25.17
N ILE D 482 54.67 23.69 -26.38
CA ILE D 482 54.92 24.66 -27.44
C ILE D 482 54.24 25.98 -27.13
N THR D 483 52.95 25.94 -26.82
CA THR D 483 52.16 27.17 -26.73
C THR D 483 52.43 27.93 -25.44
N ILE D 484 53.12 27.30 -24.48
CA ILE D 484 53.59 28.10 -23.35
C ILE D 484 54.99 28.62 -23.65
N GLY D 485 55.67 28.04 -24.64
CA GLY D 485 57.02 28.43 -24.97
C GLY D 485 58.10 27.67 -24.25
N GLU D 486 57.74 26.67 -23.45
CA GLU D 486 58.72 25.84 -22.76
C GLU D 486 59.10 24.61 -23.56
N ASP D 487 59.00 24.67 -24.89
CA ASP D 487 59.25 23.49 -25.72
C ASP D 487 60.73 23.13 -25.73
N LYS D 488 61.60 24.13 -25.63
CA LYS D 488 63.03 23.89 -25.78
C LYS D 488 63.65 23.20 -24.57
N ILE D 489 63.05 23.35 -23.39
CA ILE D 489 63.69 22.84 -22.19
C ILE D 489 63.37 21.36 -22.01
N ASN D 490 64.33 20.60 -21.48
CA ASN D 490 64.16 19.18 -21.24
C ASN D 490 63.96 18.90 -19.76
N LEU D 491 63.19 17.87 -19.47
CA LEU D 491 62.95 17.44 -18.11
C LEU D 491 63.99 16.45 -17.61
N TYR D 492 64.96 16.10 -18.45
CA TYR D 492 66.00 15.16 -18.05
C TYR D 492 66.88 15.77 -16.97
N ASP D 493 67.13 17.07 -17.07
CA ASP D 493 67.84 17.81 -16.03
C ASP D 493 67.09 19.12 -15.83
N ILE D 494 66.56 19.31 -14.63
CA ILE D 494 65.81 20.51 -14.29
C ILE D 494 65.91 20.72 -12.78
N ASP D 495 66.12 21.97 -12.37
CA ASP D 495 66.07 22.33 -10.96
C ASP D 495 64.68 22.12 -10.41
N ASP D 496 64.63 21.72 -9.14
CA ASP D 496 63.36 21.42 -8.50
C ASP D 496 62.53 22.68 -8.30
N LYS D 497 63.19 23.82 -8.08
CA LYS D 497 62.48 25.09 -8.02
C LYS D 497 61.93 25.44 -9.39
N GLU D 498 62.74 25.24 -10.45
CA GLU D 498 62.28 25.49 -11.80
C GLU D 498 61.17 24.53 -12.19
N LEU D 499 61.27 23.29 -11.72
CA LEU D 499 60.23 22.30 -11.98
C LEU D 499 58.93 22.68 -11.30
N GLU D 500 59.02 23.11 -10.03
CA GLU D 500 57.88 23.65 -9.30
C GLU D 500 57.24 24.81 -10.05
N LYS D 501 58.06 25.76 -10.50
CA LYS D 501 57.58 26.92 -11.22
C LYS D 501 56.91 26.54 -12.54
N LEU D 502 57.45 25.53 -13.22
CA LEU D 502 56.87 25.05 -14.45
C LEU D 502 55.52 24.41 -14.22
N ILE D 503 55.40 23.63 -13.13
CA ILE D 503 54.12 23.03 -12.79
C ILE D 503 53.11 24.10 -12.41
N ASN D 504 53.56 25.16 -11.75
CA ASN D 504 52.66 26.27 -11.43
C ASN D 504 52.21 26.99 -12.68
N ARG D 505 53.09 27.14 -13.67
CA ARG D 505 52.70 27.77 -14.93
C ARG D 505 51.69 26.92 -15.68
N LEU D 506 51.90 25.61 -15.71
CA LEU D 506 50.95 24.72 -16.36
C LEU D 506 49.61 24.71 -15.65
N ASP D 507 49.63 24.78 -14.32
CA ASP D 507 48.38 24.76 -13.57
C ASP D 507 47.64 26.07 -13.75
N THR D 508 48.37 27.18 -13.79
CA THR D 508 47.77 28.49 -14.03
C THR D 508 47.13 28.55 -15.40
N LEU D 509 47.85 28.08 -16.41
CA LEU D 509 47.34 28.08 -17.78
C LEU D 509 46.13 27.15 -17.90
N SER D 510 46.20 25.99 -17.26
CA SER D 510 45.11 25.02 -17.34
C SER D 510 43.86 25.54 -16.66
N ASN D 511 44.02 26.10 -15.45
CA ASN D 511 42.88 26.64 -14.73
C ASN D 511 42.29 27.84 -15.45
N TRP D 512 43.14 28.67 -16.07
CA TRP D 512 42.63 29.77 -16.85
C TRP D 512 41.88 29.31 -18.08
N LEU D 513 42.33 28.22 -18.72
CA LEU D 513 41.56 27.68 -19.83
C LEU D 513 40.25 27.06 -19.36
N HIS D 514 40.22 26.52 -18.15
CA HIS D 514 38.95 26.02 -17.63
C HIS D 514 38.02 27.17 -17.28
N THR D 515 38.57 28.34 -16.97
CA THR D 515 37.72 29.51 -16.81
C THR D 515 37.24 30.05 -18.15
N GLN D 516 38.07 29.95 -19.18
CA GLN D 516 37.71 30.50 -20.49
C GLN D 516 36.90 29.54 -21.34
N LYS D 517 36.92 28.25 -21.00
CA LYS D 517 36.30 27.17 -21.78
C LYS D 517 36.83 27.19 -23.22
N TRP D 518 38.12 26.92 -23.35
CA TRP D 518 38.79 26.88 -24.64
C TRP D 518 39.37 25.51 -24.87
N SER D 519 39.41 25.09 -26.13
CA SER D 519 40.22 23.95 -26.48
C SER D 519 41.70 24.34 -26.43
N ILE D 520 42.56 23.32 -26.35
CA ILE D 520 43.98 23.61 -26.46
C ILE D 520 44.34 23.91 -27.91
N TYR D 521 43.53 23.42 -28.86
CA TYR D 521 43.74 23.76 -30.27
C TYR D 521 43.47 25.23 -30.52
N GLN D 522 42.48 25.80 -29.83
CA GLN D 522 42.21 27.22 -29.93
C GLN D 522 43.39 28.04 -29.49
N LEU D 523 43.98 27.68 -28.35
CA LEU D 523 45.12 28.42 -27.82
C LEU D 523 46.34 28.24 -28.72
N PHE D 524 46.52 27.03 -29.26
CA PHE D 524 47.67 26.82 -30.14
C PHE D 524 47.52 27.58 -31.44
N LEU D 525 46.31 27.65 -31.98
CA LEU D 525 46.11 28.38 -33.21
C LEU D 525 46.19 29.89 -32.98
N MET D 526 45.77 30.35 -31.81
CA MET D 526 45.89 31.76 -31.50
C MET D 526 47.28 32.12 -30.99
N THR D 527 48.16 31.13 -30.83
CA THR D 527 49.47 31.44 -30.28
C THR D 527 50.61 31.06 -31.23
N THR D 528 50.30 30.32 -32.29
CA THR D 528 51.34 29.83 -33.19
C THR D 528 52.01 30.96 -33.97
N THR D 529 53.31 30.80 -34.17
CA THR D 529 54.08 31.71 -35.01
C THR D 529 54.34 31.08 -36.36
N ASN D 530 54.29 29.76 -36.43
CA ASN D 530 54.34 29.07 -37.71
C ASN D 530 53.06 29.33 -38.49
N TYR D 531 53.21 29.93 -39.66
CA TYR D 531 52.09 30.18 -40.56
C TYR D 531 52.26 29.30 -41.77
N ASP D 532 51.15 28.78 -42.28
CA ASP D 532 51.22 27.91 -43.44
C ASP D 532 51.35 28.73 -44.71
N LYS D 533 52.04 28.17 -45.69
CA LYS D 533 52.32 28.84 -46.96
C LYS D 533 51.55 28.14 -48.08
N THR D 534 50.35 28.62 -48.36
CA THR D 534 49.48 28.02 -49.36
C THR D 534 48.52 29.06 -49.89
N LEU D 535 48.57 29.30 -51.19
CA LEU D 535 47.68 30.27 -51.80
C LEU D 535 46.29 29.67 -51.94
N THR D 536 45.40 30.06 -51.05
CA THR D 536 44.04 29.58 -51.10
C THR D 536 43.22 30.50 -51.99
N PRO D 537 42.15 30.00 -52.62
CA PRO D 537 41.29 30.88 -53.42
C PRO D 537 40.58 31.95 -52.61
N GLU D 538 40.42 31.75 -51.30
CA GLU D 538 39.76 32.76 -50.49
C GLU D 538 40.69 33.93 -50.20
N ILE D 539 41.93 33.62 -49.82
CA ILE D 539 42.92 34.67 -49.63
C ILE D 539 43.26 35.31 -50.97
N GLN D 540 43.18 34.56 -52.06
CA GLN D 540 43.33 35.15 -53.38
C GLN D 540 42.16 36.10 -53.71
N ASN D 541 40.95 35.76 -53.25
CA ASN D 541 39.82 36.68 -53.41
C ASN D 541 40.03 37.95 -52.61
N LEU D 542 40.60 37.83 -51.41
CA LEU D 542 41.01 39.00 -50.64
C LEU D 542 41.99 39.84 -51.43
N LEU D 543 42.98 39.19 -52.05
CA LEU D 543 43.99 39.90 -52.83
C LEU D 543 43.37 40.62 -54.01
N ASP D 544 42.41 39.97 -54.68
CA ASP D 544 41.76 40.57 -55.84
C ASP D 544 40.89 41.74 -55.44
N THR D 545 40.19 41.62 -54.32
CA THR D 545 39.30 42.68 -53.87
C THR D 545 40.09 43.90 -53.42
N VAL D 546 41.20 43.69 -52.71
CA VAL D 546 42.03 44.81 -52.28
C VAL D 546 42.77 45.41 -53.48
N TYR D 547 43.13 44.57 -54.46
CA TYR D 547 43.82 45.05 -55.64
C TYR D 547 42.93 45.95 -56.46
N ASN D 548 41.68 45.53 -56.71
CA ASN D 548 40.77 46.40 -57.44
C ASN D 548 40.34 47.58 -56.58
N GLY D 549 40.30 47.40 -55.27
CA GLY D 549 39.81 48.43 -54.40
C GLY D 549 40.78 49.59 -54.23
N LEU D 550 42.01 49.27 -53.87
CA LEU D 550 43.00 50.31 -53.68
C LEU D 550 43.77 50.61 -54.95
N GLN D 551 43.30 50.15 -56.11
CA GLN D 551 43.77 50.70 -57.36
C GLN D 551 43.32 52.15 -57.46
N ASN D 552 44.10 52.95 -58.20
CA ASN D 552 44.05 54.42 -58.18
C ASN D 552 44.29 54.96 -56.77
N PHE D 553 45.52 54.76 -56.28
CA PHE D 553 45.97 55.30 -55.02
C PHE D 553 47.26 56.10 -55.21
N ASP D 554 47.40 57.18 -54.44
CA ASP D 554 48.67 57.88 -54.27
C ASP D 554 48.98 57.94 -52.79
N LYS D 555 50.27 57.82 -52.47
CA LYS D 555 50.70 57.83 -51.08
C LYS D 555 50.54 59.20 -50.43
N ASN D 556 50.84 60.26 -51.16
CA ASN D 556 50.83 61.57 -50.54
C ASN D 556 49.45 62.20 -50.54
N LYS D 557 48.46 61.53 -51.12
CA LYS D 557 47.08 62.03 -51.02
C LYS D 557 46.49 61.70 -49.65
N THR D 558 46.64 60.46 -49.20
CA THR D 558 46.02 60.01 -47.97
C THR D 558 46.81 58.85 -47.38
N LYS D 559 46.41 58.46 -46.18
CA LYS D 559 47.07 57.37 -45.49
C LYS D 559 46.73 56.04 -46.13
N LEU D 560 47.74 55.19 -46.29
CA LEU D 560 47.56 53.86 -46.84
C LEU D 560 46.67 53.00 -45.93
N LEU D 561 46.88 53.12 -44.63
CA LEU D 561 46.17 52.30 -43.66
C LEU D 561 44.68 52.60 -43.64
N ALA D 562 44.31 53.88 -43.67
CA ALA D 562 42.90 54.25 -43.72
C ALA D 562 42.27 53.84 -45.02
N ALA D 563 43.06 53.77 -46.09
CA ALA D 563 42.54 53.33 -47.38
C ALA D 563 42.28 51.82 -47.40
N ILE D 564 43.18 51.04 -46.81
CA ILE D 564 42.99 49.59 -46.85
C ILE D 564 42.04 49.11 -45.75
N ALA D 565 41.81 49.94 -44.73
CA ALA D 565 40.99 49.55 -43.58
C ALA D 565 39.57 49.04 -43.86
N PRO D 566 38.80 49.52 -44.86
CA PRO D 566 37.48 48.91 -45.05
C PRO D 566 37.52 47.49 -45.60
N TYR D 567 38.41 47.20 -46.53
CA TYR D 567 38.51 45.85 -47.07
C TYR D 567 39.02 44.88 -46.03
N ILE D 568 39.92 45.33 -45.18
CA ILE D 568 40.38 44.51 -44.07
C ILE D 568 39.26 44.30 -43.06
N ALA D 569 38.45 45.33 -42.82
CA ALA D 569 37.35 45.23 -41.86
C ALA D 569 36.26 44.30 -42.36
N ALA D 570 36.11 44.20 -43.68
CA ALA D 570 35.10 43.32 -44.24
C ALA D 570 35.60 41.89 -44.37
N THR D 571 36.80 41.71 -44.93
CA THR D 571 37.33 40.36 -45.12
C THR D 571 37.70 39.67 -43.81
N LEU D 572 38.10 40.44 -42.82
CA LEU D 572 38.27 39.88 -41.48
C LEU D 572 37.03 40.07 -40.63
N GLN D 573 35.94 40.57 -41.23
CA GLN D 573 34.61 40.64 -40.62
C GLN D 573 34.61 41.47 -39.34
N LEU D 574 35.44 42.47 -39.31
CA LEU D 574 35.57 43.32 -38.14
C LEU D 574 34.45 44.34 -38.13
N PRO D 575 33.88 44.64 -36.95
CA PRO D 575 32.75 45.57 -36.92
C PRO D 575 33.14 47.01 -37.17
N SER D 576 34.21 47.50 -36.57
CA SER D 576 34.56 48.91 -36.61
C SER D 576 35.62 49.15 -37.67
N GLU D 577 35.99 50.41 -37.84
CA GLU D 577 37.11 50.75 -38.69
C GLU D 577 38.34 51.11 -37.87
N ASN D 578 38.13 51.59 -36.64
CA ASN D 578 39.25 51.86 -35.74
C ASN D 578 39.88 50.56 -35.26
N VAL D 579 39.10 49.48 -35.21
CA VAL D 579 39.67 48.17 -34.91
C VAL D 579 40.58 47.71 -36.05
N ALA D 580 40.17 47.94 -37.30
CA ALA D 580 41.02 47.61 -38.43
C ALA D 580 42.24 48.49 -38.48
N HIS D 581 42.12 49.73 -38.00
CA HIS D 581 43.29 50.57 -37.80
C HIS D 581 44.21 49.99 -36.74
N SER D 582 43.62 49.50 -35.65
CA SER D 582 44.37 48.98 -34.51
C SER D 582 45.18 47.76 -34.90
N ILE D 583 44.54 46.81 -35.58
CA ILE D 583 45.21 45.56 -35.91
C ILE D 583 46.30 45.77 -36.96
N LEU D 584 46.18 46.79 -37.79
CA LEU D 584 47.26 47.10 -38.73
C LEU D 584 48.44 47.72 -38.01
N LEU D 585 48.17 48.61 -37.04
CA LEU D 585 49.25 49.11 -36.20
C LEU D 585 49.90 48.00 -35.38
N TRP D 586 49.10 47.02 -34.99
CA TRP D 586 49.58 45.88 -34.23
C TRP D 586 50.49 44.97 -35.04
N ALA D 587 50.08 44.63 -36.26
CA ALA D 587 50.93 43.88 -37.17
C ALA D 587 52.17 44.66 -37.57
N ASP D 588 52.10 45.98 -37.60
CA ASP D 588 53.32 46.77 -37.74
C ASP D 588 54.23 46.61 -36.54
N LYS D 589 53.67 46.58 -35.34
CA LYS D 589 54.51 46.52 -34.15
C LYS D 589 55.15 45.15 -33.95
N ILE D 590 54.44 44.08 -34.29
CA ILE D 590 54.95 42.76 -33.93
C ILE D 590 56.09 42.33 -34.83
N LYS D 591 56.19 42.92 -36.03
CA LYS D 591 57.12 42.56 -37.11
C LYS D 591 57.03 41.06 -37.41
N PRO D 592 55.97 40.64 -38.11
CA PRO D 592 55.70 39.21 -38.35
C PRO D 592 56.64 38.56 -39.36
N SER D 593 56.17 37.46 -39.93
CA SER D 593 56.87 36.33 -40.57
C SER D 593 57.86 36.77 -41.65
N GLU D 594 58.64 35.80 -42.14
CA GLU D 594 60.08 35.77 -42.33
C GLU D 594 60.74 37.13 -42.58
N ASN D 595 60.29 37.89 -43.56
CA ASN D 595 60.97 39.15 -43.88
C ASN D 595 60.54 40.22 -42.89
N LYS D 596 61.48 41.11 -42.58
CA LYS D 596 61.09 42.36 -41.96
C LYS D 596 60.24 43.13 -42.97
N ILE D 597 58.93 43.10 -42.76
CA ILE D 597 57.96 43.45 -43.78
C ILE D 597 57.06 44.54 -43.20
N THR D 598 56.38 45.28 -44.08
CA THR D 598 55.60 46.43 -43.67
C THR D 598 54.32 46.43 -44.49
N ALA D 599 53.29 47.13 -43.97
CA ALA D 599 52.10 47.39 -44.77
C ALA D 599 52.40 48.31 -45.94
N GLU D 600 53.38 49.20 -45.78
CA GLU D 600 53.87 49.95 -46.93
C GLU D 600 54.66 49.04 -47.87
N LYS D 601 55.38 48.06 -47.32
CA LYS D 601 55.97 47.03 -48.17
C LYS D 601 54.91 46.14 -48.82
N PHE D 602 53.81 45.90 -48.11
CA PHE D 602 52.66 45.18 -48.65
C PHE D 602 52.07 45.88 -49.87
N TRP D 603 51.78 47.17 -49.74
CA TRP D 603 51.27 47.87 -50.91
C TRP D 603 52.38 48.18 -51.92
N ILE D 604 53.65 48.14 -51.53
CA ILE D 604 54.66 48.36 -52.57
C ILE D 604 54.88 47.06 -53.34
N TRP D 605 54.49 45.92 -52.76
CA TRP D 605 54.47 44.67 -53.51
C TRP D 605 53.28 44.63 -54.45
N LEU D 606 52.08 44.95 -53.94
CA LEU D 606 50.90 44.98 -54.81
C LEU D 606 50.95 46.15 -55.79
N GLN D 607 51.82 47.12 -55.53
CA GLN D 607 51.93 48.33 -56.30
C GLN D 607 52.99 48.21 -57.39
N ASN D 608 54.07 47.49 -57.09
CA ASN D 608 55.08 47.26 -58.11
C ASN D 608 54.81 45.95 -58.83
N ARG D 609 54.86 44.84 -58.10
CA ARG D 609 54.74 43.51 -58.69
C ARG D 609 53.37 42.94 -58.39
N ASP D 610 52.38 43.35 -59.18
CA ASP D 610 51.09 42.67 -59.15
C ASP D 610 50.41 42.86 -60.49
N THR D 611 49.82 41.77 -60.96
CA THR D 611 48.89 41.77 -62.09
C THR D 611 47.90 40.65 -61.82
N THR D 612 46.66 41.00 -61.53
CA THR D 612 45.72 40.01 -61.01
C THR D 612 45.21 39.11 -62.12
N GLU D 613 44.50 38.04 -61.70
CA GLU D 613 43.98 36.99 -62.57
C GLU D 613 45.10 36.36 -63.40
N LEU D 614 46.23 36.10 -62.73
CA LEU D 614 47.42 35.50 -63.31
C LEU D 614 48.20 34.86 -62.17
N SER D 615 48.65 33.64 -62.38
CA SER D 615 49.29 32.85 -61.33
C SER D 615 50.72 32.52 -61.73
N LYS D 616 51.65 33.42 -61.40
CA LYS D 616 53.08 33.21 -61.58
C LYS D 616 53.73 33.76 -60.31
N PRO D 617 54.65 33.02 -59.70
CA PRO D 617 55.11 33.36 -58.34
C PRO D 617 56.19 34.43 -58.34
N PRO D 618 55.99 35.51 -57.59
CA PRO D 618 57.09 36.42 -57.31
C PRO D 618 57.82 36.04 -56.03
N GLU D 619 58.77 36.90 -55.67
CA GLU D 619 59.68 36.60 -54.56
C GLU D 619 59.03 36.83 -53.19
N MET D 620 57.99 37.64 -53.12
CA MET D 620 57.54 38.17 -51.84
C MET D 620 56.19 37.58 -51.42
N GLN D 621 55.65 36.64 -52.20
CA GLN D 621 54.26 36.25 -52.06
C GLN D 621 54.01 35.47 -50.78
N GLU D 622 54.94 34.60 -50.38
CA GLU D 622 54.81 33.86 -49.13
C GLU D 622 54.89 34.79 -47.93
N GLN D 623 55.76 35.79 -48.01
CA GLN D 623 55.89 36.81 -46.98
C GLN D 623 54.62 37.63 -46.85
N ILE D 624 53.87 37.78 -47.93
CA ILE D 624 52.61 38.48 -47.90
C ILE D 624 51.51 37.61 -47.33
N ILE D 625 51.47 36.35 -47.72
CA ILE D 625 50.33 35.54 -47.31
C ILE D 625 50.49 35.07 -45.87
N GLN D 626 51.73 34.95 -45.37
CA GLN D 626 51.87 34.68 -43.95
C GLN D 626 51.60 35.91 -43.10
N TYR D 627 51.82 37.10 -43.67
CA TYR D 627 51.32 38.33 -43.04
C TYR D 627 49.80 38.33 -42.95
N CYS D 628 49.14 37.82 -44.00
CA CYS D 628 47.68 37.71 -43.99
C CYS D 628 47.20 36.70 -42.95
N HIS D 629 47.90 35.57 -42.83
CA HIS D 629 47.61 34.61 -41.78
C HIS D 629 47.86 35.21 -40.39
N CYS D 630 48.84 36.11 -40.28
CA CYS D 630 49.11 36.73 -38.99
C CYS D 630 47.99 37.69 -38.60
N LEU D 631 47.46 38.41 -39.59
CA LEU D 631 46.28 39.24 -39.35
C LEU D 631 45.07 38.40 -38.97
N ALA D 632 44.86 37.28 -39.66
CA ALA D 632 43.76 36.39 -39.35
C ALA D 632 43.92 35.73 -37.99
N GLN D 633 45.15 35.59 -37.52
CA GLN D 633 45.35 35.10 -36.17
C GLN D 633 45.05 36.17 -35.14
N LEU D 634 45.58 37.38 -35.34
CA LEU D 634 45.47 38.42 -34.34
C LEU D 634 44.08 38.99 -34.22
N THR D 635 43.24 38.83 -35.24
CA THR D 635 41.84 39.19 -35.03
C THR D 635 41.10 38.19 -34.17
N MET D 636 41.60 36.95 -34.10
CA MET D 636 40.87 35.91 -33.38
C MET D 636 40.97 36.12 -31.87
N ILE D 637 42.10 36.62 -31.39
CA ILE D 637 42.18 36.93 -29.97
C ILE D 637 41.37 38.16 -29.63
N TYR D 638 41.15 39.05 -30.60
CA TYR D 638 40.27 40.19 -30.36
C TYR D 638 38.84 39.74 -30.27
N ARG D 639 38.47 38.75 -31.08
CA ARG D 639 37.13 38.20 -30.99
C ARG D 639 36.93 37.41 -29.69
N SER D 640 37.89 36.56 -29.34
CA SER D 640 37.68 35.65 -28.22
C SER D 640 37.89 36.35 -26.88
N SER D 641 38.65 37.44 -26.86
CA SER D 641 38.90 38.11 -25.59
C SER D 641 37.69 38.89 -25.12
N GLY D 642 36.96 39.52 -26.04
CA GLY D 642 35.85 40.34 -25.64
C GLY D 642 36.22 41.66 -25.02
N ILE D 643 37.43 42.17 -25.26
CA ILE D 643 37.81 43.47 -24.77
C ILE D 643 37.11 44.55 -25.59
N ASN D 644 36.76 45.65 -24.94
CA ASN D 644 36.20 46.78 -25.66
C ASN D 644 37.29 47.50 -26.46
N GLU D 645 36.85 48.50 -27.23
CA GLU D 645 37.70 49.06 -28.26
C GLU D 645 38.66 50.10 -27.70
N ASN D 646 38.21 50.88 -26.72
CA ASN D 646 39.00 51.99 -26.22
C ASN D 646 40.20 51.49 -25.41
N ALA D 647 39.97 50.53 -24.51
CA ALA D 647 41.06 49.90 -23.80
C ALA D 647 41.99 49.13 -24.71
N PHE D 648 41.49 48.64 -25.84
CA PHE D 648 42.34 48.01 -26.83
C PHE D 648 43.30 49.00 -27.47
N ARG D 649 42.78 50.20 -27.82
CA ARG D 649 43.63 51.31 -28.26
C ARG D 649 44.67 51.67 -27.21
N LEU D 650 44.26 51.71 -25.95
CA LEU D 650 45.17 51.98 -24.86
C LEU D 650 46.25 50.91 -24.74
N PHE D 651 45.89 49.65 -24.95
CA PHE D 651 46.87 48.59 -24.81
C PHE D 651 47.91 48.63 -25.91
N ILE D 652 47.47 48.79 -27.15
CA ILE D 652 48.44 48.84 -28.25
C ILE D 652 49.28 50.09 -28.18
N GLU D 653 48.69 51.22 -27.77
CA GLU D 653 49.40 52.48 -27.83
C GLU D 653 50.40 52.58 -26.69
N LYS D 654 50.07 52.03 -25.52
CA LYS D 654 50.98 52.00 -24.38
C LYS D 654 51.04 50.58 -23.83
N PRO D 655 51.90 49.72 -24.39
CA PRO D 655 52.03 48.37 -23.85
C PRO D 655 52.73 48.33 -22.51
N THR D 656 53.58 49.32 -22.21
CA THR D 656 54.36 49.27 -20.98
C THR D 656 53.54 49.49 -19.72
N ILE D 657 52.41 50.19 -19.83
CA ILE D 657 51.62 50.48 -18.65
C ILE D 657 50.82 49.25 -18.23
N PHE D 658 50.74 48.26 -19.10
CA PHE D 658 50.17 46.95 -18.79
C PHE D 658 51.23 45.94 -18.37
N GLY D 659 52.43 46.40 -18.02
CA GLY D 659 53.41 45.55 -17.40
C GLY D 659 54.37 44.84 -18.32
N ILE D 660 54.46 45.23 -19.59
CA ILE D 660 55.51 44.70 -20.46
C ILE D 660 56.73 45.58 -20.11
N PRO D 661 57.96 45.12 -20.30
CA PRO D 661 59.09 46.05 -20.20
C PRO D 661 59.06 47.13 -21.27
N ASP D 662 59.40 48.35 -20.87
CA ASP D 662 59.16 49.52 -21.70
C ASP D 662 60.23 49.66 -22.79
N GLU D 663 59.79 50.19 -23.93
CA GLU D 663 60.58 50.65 -25.07
C GLU D 663 59.62 51.48 -25.92
N PRO D 664 60.01 52.67 -26.37
CA PRO D 664 59.03 53.59 -26.98
C PRO D 664 58.61 53.15 -28.37
N ASN D 665 57.37 52.64 -28.46
CA ASN D 665 56.72 52.13 -29.67
C ASN D 665 57.49 51.02 -30.36
N LYS D 666 58.27 50.25 -29.59
CA LYS D 666 59.00 49.11 -30.11
C LYS D 666 58.80 47.92 -29.19
N ALA D 667 58.45 48.19 -27.93
CA ALA D 667 58.11 47.13 -27.00
C ALA D 667 56.79 46.49 -27.41
N THR D 668 56.89 45.37 -28.12
CA THR D 668 55.72 44.79 -28.73
C THR D 668 55.28 43.56 -27.97
N PRO D 669 54.01 43.46 -27.60
CA PRO D 669 53.48 42.19 -27.13
C PRO D 669 53.27 41.26 -28.31
N ALA D 670 53.71 40.03 -28.14
CA ALA D 670 53.53 39.02 -29.16
C ALA D 670 52.11 38.46 -29.09
N HIS D 671 51.88 37.39 -29.85
CA HIS D 671 50.68 36.62 -29.62
C HIS D 671 50.96 35.40 -28.75
N ASN D 672 51.84 35.54 -27.76
CA ASN D 672 52.16 34.51 -26.79
C ASN D 672 51.08 34.48 -25.70
N ALA D 673 51.02 33.34 -24.99
CA ALA D 673 49.98 33.16 -23.97
C ALA D 673 50.08 34.06 -22.73
N PRO D 674 51.26 34.37 -22.17
CA PRO D 674 51.27 35.33 -21.04
C PRO D 674 50.77 36.70 -21.37
N THR D 675 50.93 37.17 -22.59
CA THR D 675 50.30 38.42 -22.99
C THR D 675 48.94 38.19 -23.63
N LEU D 676 48.38 37.00 -23.50
CA LEU D 676 46.96 36.81 -23.70
C LEU D 676 46.19 36.82 -22.41
N ILE D 677 46.71 36.14 -21.39
CA ILE D 677 46.00 36.01 -20.13
C ILE D 677 45.89 37.36 -19.42
N ILE D 678 46.85 38.26 -19.62
CA ILE D 678 46.76 39.54 -18.93
C ILE D 678 45.74 40.46 -19.60
N LEU D 679 45.64 40.41 -20.94
CA LEU D 679 44.55 41.08 -21.63
C LEU D 679 43.20 40.52 -21.22
N THR D 680 43.11 39.21 -21.04
CA THR D 680 41.87 38.58 -20.64
C THR D 680 41.46 39.00 -19.24
N ARG D 681 42.43 39.07 -18.31
CA ARG D 681 42.14 39.54 -16.97
C ARG D 681 41.73 41.00 -16.95
N PHE D 682 42.37 41.83 -17.77
CA PHE D 682 42.00 43.23 -17.83
C PHE D 682 40.62 43.41 -18.42
N ALA D 683 40.28 42.62 -19.44
CA ALA D 683 38.95 42.68 -20.02
C ALA D 683 37.89 42.20 -19.05
N ASN D 684 38.22 41.19 -18.25
CA ASN D 684 37.27 40.71 -17.26
C ASN D 684 37.09 41.71 -16.13
N TRP D 685 38.13 42.48 -15.82
CA TRP D 685 37.99 43.57 -14.88
C TRP D 685 37.09 44.67 -15.42
N VAL D 686 37.21 44.97 -16.71
CA VAL D 686 36.38 45.99 -17.33
C VAL D 686 34.92 45.53 -17.39
N ASN D 687 34.71 44.25 -17.66
CA ASN D 687 33.36 43.72 -17.66
C ASN D 687 32.80 43.62 -16.24
N SER D 688 33.66 43.44 -15.25
CA SER D 688 33.22 43.51 -13.86
C SER D 688 32.78 44.92 -13.49
N LEU D 689 33.47 45.93 -14.00
CA LEU D 689 33.02 47.30 -13.81
C LEU D 689 31.69 47.57 -14.50
N GLY D 690 31.63 47.37 -15.80
CA GLY D 690 30.33 47.44 -16.46
C GLY D 690 29.93 48.87 -16.78
N GLU D 691 29.03 49.42 -15.95
CA GLU D 691 28.33 50.64 -16.33
C GLU D 691 29.21 51.87 -16.21
N LYS D 692 30.04 51.95 -15.18
CA LYS D 692 30.88 53.12 -14.99
C LYS D 692 32.21 53.02 -15.70
N ALA D 693 32.30 52.24 -16.78
CA ALA D 693 33.60 51.87 -17.34
C ALA D 693 34.27 53.02 -18.07
N SER D 694 33.51 53.77 -18.86
CA SER D 694 34.09 54.86 -19.65
C SER D 694 34.78 55.94 -18.81
N PRO D 695 34.20 56.50 -17.73
CA PRO D 695 34.97 57.50 -16.97
C PRO D 695 36.16 56.91 -16.24
N ILE D 696 36.06 55.69 -15.74
CA ILE D 696 37.21 55.15 -15.02
C ILE D 696 38.30 54.71 -15.99
N LEU D 697 37.95 54.30 -17.21
CA LEU D 697 38.97 53.95 -18.17
C LEU D 697 39.66 55.19 -18.72
N THR D 698 38.92 56.29 -18.91
CA THR D 698 39.62 57.47 -19.36
C THR D 698 40.33 58.19 -18.22
N ALA D 699 39.97 57.89 -16.97
CA ALA D 699 40.76 58.38 -15.85
C ALA D 699 42.02 57.56 -15.67
N PHE D 700 41.96 56.28 -16.01
CA PHE D 700 43.15 55.44 -16.05
C PHE D 700 44.02 55.81 -17.24
N GLU D 701 43.41 56.30 -18.31
CA GLU D 701 44.17 56.72 -19.48
C GLU D 701 44.99 57.95 -19.19
N ASN D 702 44.42 58.89 -18.44
CA ASN D 702 45.20 59.97 -17.88
C ASN D 702 45.96 59.42 -16.67
N LYS D 703 46.92 60.19 -16.16
CA LYS D 703 47.65 59.79 -14.97
C LYS D 703 47.04 60.33 -13.69
N THR D 704 45.77 60.70 -13.72
CA THR D 704 45.12 61.30 -12.56
C THR D 704 44.14 60.36 -11.85
N LEU D 705 44.19 59.06 -12.14
CA LEU D 705 43.27 58.12 -11.53
C LEU D 705 43.53 58.00 -10.03
N THR D 706 42.46 58.09 -9.24
CA THR D 706 42.56 58.07 -7.79
C THR D 706 41.91 56.81 -7.25
N ALA D 707 42.09 56.58 -5.95
CA ALA D 707 41.44 55.45 -5.29
C ALA D 707 39.95 55.68 -5.14
N GLU D 708 39.55 56.95 -5.01
CA GLU D 708 38.20 57.26 -4.57
C GLU D 708 37.20 57.08 -5.70
N LYS D 709 37.58 57.47 -6.92
CA LYS D 709 36.75 57.17 -8.08
C LYS D 709 36.69 55.68 -8.34
N LEU D 710 37.79 54.97 -8.05
CA LEU D 710 37.86 53.55 -8.30
C LEU D 710 36.98 52.76 -7.34
N ALA D 711 36.89 53.21 -6.09
CA ALA D 711 36.08 52.50 -5.10
C ALA D 711 34.60 52.60 -5.41
N ASN D 712 34.18 53.72 -5.99
CA ASN D 712 32.76 53.96 -6.23
C ASN D 712 32.25 53.06 -7.34
N ALA D 713 33.13 52.62 -8.23
CA ALA D 713 32.71 51.72 -9.29
C ALA D 713 32.61 50.28 -8.79
N MET D 714 33.17 50.00 -7.63
CA MET D 714 33.12 48.66 -7.05
C MET D 714 32.22 48.57 -5.83
N ASN D 715 31.57 49.69 -5.46
CA ASN D 715 30.71 49.81 -4.28
C ASN D 715 31.47 49.50 -2.99
N LEU D 716 32.78 49.74 -2.98
CA LEU D 716 33.64 49.43 -1.86
C LEU D 716 34.02 50.71 -1.12
N ASP D 717 34.38 50.56 0.14
CA ASP D 717 34.83 51.72 0.88
C ASP D 717 36.25 52.07 0.47
N ALA D 718 36.48 53.37 0.31
CA ALA D 718 37.73 53.84 -0.29
C ALA D 718 38.92 53.60 0.60
N ASN D 719 38.70 53.67 1.92
CA ASN D 719 39.76 53.46 2.90
C ASN D 719 40.36 52.07 2.81
N LEU D 720 39.60 51.09 2.33
CA LEU D 720 40.11 49.75 2.11
C LEU D 720 41.17 49.74 1.03
N LEU D 721 40.90 50.40 -0.09
CA LEU D 721 41.88 50.51 -1.16
C LEU D 721 43.07 51.34 -0.74
N GLU D 722 42.82 52.39 0.05
CA GLU D 722 43.90 53.20 0.59
C GLU D 722 44.85 52.38 1.44
N GLN D 723 44.30 51.56 2.33
CA GLN D 723 45.13 50.77 3.21
C GLN D 723 45.80 49.63 2.45
N ALA D 724 45.14 49.08 1.44
CA ALA D 724 45.79 48.07 0.61
C ALA D 724 46.98 48.65 -0.14
N SER D 725 46.83 49.87 -0.64
CA SER D 725 47.95 50.56 -1.28
C SER D 725 49.07 50.82 -0.28
N ILE D 726 48.72 51.22 0.95
CA ILE D 726 49.74 51.50 1.95
C ILE D 726 50.47 50.22 2.35
N GLN D 727 49.75 49.10 2.43
CA GLN D 727 50.40 47.85 2.80
C GLN D 727 51.29 47.35 1.67
N ALA D 728 50.91 47.58 0.42
CA ALA D 728 51.80 47.23 -0.68
C ALA D 728 53.02 48.13 -0.71
N GLN D 729 52.87 49.40 -0.32
CA GLN D 729 53.99 50.31 -0.22
C GLN D 729 54.89 49.97 0.96
N ASN D 730 54.36 49.31 1.98
CA ASN D 730 55.20 48.87 3.09
C ASN D 730 56.11 47.74 2.63
N TYR D 731 55.64 46.91 1.73
CA TYR D 731 56.39 45.77 1.22
C TYR D 731 57.25 46.26 0.05
N LYS D 732 57.81 45.33 -0.72
CA LYS D 732 58.46 45.57 -2.00
C LYS D 732 57.56 46.39 -2.91
N GLN D 733 58.21 47.14 -3.81
CA GLN D 733 57.70 48.40 -4.34
C GLN D 733 56.38 48.27 -5.08
N VAL D 734 55.46 49.14 -4.70
CA VAL D 734 54.42 49.68 -5.57
C VAL D 734 54.59 51.18 -5.48
N THR D 735 55.18 51.79 -6.51
CA THR D 735 55.68 53.15 -6.44
C THR D 735 54.52 54.12 -6.37
N LYS D 736 54.70 55.18 -5.57
CA LYS D 736 53.60 56.05 -5.18
C LYS D 736 53.04 56.85 -6.35
N GLU D 737 53.80 56.98 -7.43
CA GLU D 737 53.26 57.59 -8.64
C GLU D 737 52.33 56.63 -9.37
N ASN D 738 52.84 55.46 -9.75
CA ASN D 738 52.06 54.51 -10.52
C ASN D 738 51.26 53.56 -9.64
N THR D 739 50.90 53.98 -8.43
CA THR D 739 50.12 53.13 -7.55
C THR D 739 48.69 52.97 -8.05
N PHE D 740 48.27 53.83 -8.95
CA PHE D 740 47.05 53.63 -9.71
C PHE D 740 47.21 53.93 -11.18
N SER D 741 48.42 54.23 -11.63
CA SER D 741 48.65 54.40 -13.05
C SER D 741 49.04 53.09 -13.71
N ASN D 742 49.82 52.26 -13.00
CA ASN D 742 50.14 50.93 -13.46
C ASN D 742 48.94 50.00 -13.27
N TRP D 743 48.59 49.28 -14.34
CA TRP D 743 47.61 48.21 -14.21
C TRP D 743 48.10 47.09 -13.30
N GLN D 744 49.40 46.80 -13.33
CA GLN D 744 49.96 45.77 -12.47
C GLN D 744 49.82 46.11 -10.99
N SER D 745 50.05 47.38 -10.65
CA SER D 745 49.85 47.84 -9.28
C SER D 745 48.40 47.70 -8.86
N ILE D 746 47.49 48.02 -9.76
CA ILE D 746 46.07 47.90 -9.48
C ILE D 746 45.69 46.44 -9.29
N ASP D 747 46.31 45.54 -10.05
CA ASP D 747 46.04 44.12 -9.89
C ASP D 747 46.57 43.60 -8.55
N ILE D 748 47.72 44.11 -8.12
CA ILE D 748 48.27 43.72 -6.83
C ILE D 748 47.36 44.17 -5.70
N ILE D 749 46.87 45.41 -5.79
CA ILE D 749 45.98 45.93 -4.76
C ILE D 749 44.64 45.21 -4.78
N LEU D 750 44.22 44.76 -5.95
CA LEU D 750 43.04 43.90 -6.03
C LEU D 750 43.28 42.56 -5.34
N GLN D 751 44.48 42.01 -5.44
CA GLN D 751 44.74 40.75 -4.75
C GLN D 751 44.79 40.94 -3.24
N TRP D 752 45.30 42.09 -2.78
CA TRP D 752 45.20 42.42 -1.36
C TRP D 752 43.75 42.53 -0.92
N THR D 753 42.89 43.12 -1.73
CA THR D 753 41.49 43.19 -1.34
C THR D 753 40.79 41.83 -1.41
N ASN D 754 41.22 40.95 -2.31
CA ASN D 754 40.63 39.63 -2.36
C ASN D 754 40.99 38.81 -1.12
N ILE D 755 42.25 38.89 -0.70
CA ILE D 755 42.62 38.13 0.49
C ILE D 755 42.04 38.80 1.75
N ALA D 756 41.81 40.12 1.71
CA ALA D 756 41.11 40.75 2.82
C ALA D 756 39.64 40.36 2.85
N SER D 757 39.04 40.15 1.68
CA SER D 757 37.66 39.71 1.59
C SER D 757 37.51 38.25 2.00
N ASN D 758 38.58 37.47 1.90
CA ASN D 758 38.50 36.09 2.38
C ASN D 758 38.41 36.04 3.89
N LEU D 759 39.38 36.66 4.57
CA LEU D 759 39.45 36.57 6.02
C LEU D 759 38.51 37.54 6.72
N ASN D 760 37.87 38.45 5.98
CA ASN D 760 37.06 39.55 6.51
C ASN D 760 37.85 40.39 7.50
N ILE D 761 39.08 40.72 7.15
CA ILE D 761 39.99 41.45 8.01
C ILE D 761 40.62 42.57 7.20
N SER D 762 40.69 43.77 7.80
CA SER D 762 41.36 44.89 7.15
C SER D 762 42.84 44.60 6.97
N PRO D 763 43.41 44.99 5.83
CA PRO D 763 44.74 44.48 5.45
C PRO D 763 45.90 45.05 6.26
N GLN D 764 45.68 45.88 7.26
CA GLN D 764 46.78 46.12 8.17
C GLN D 764 46.92 45.01 9.19
N GLY D 765 45.91 44.15 9.33
CA GLY D 765 45.99 43.03 10.23
C GLY D 765 46.68 41.84 9.59
N ILE D 766 46.76 41.86 8.27
CA ILE D 766 47.45 40.78 7.56
C ILE D 766 48.94 41.09 7.45
N SER D 767 49.35 42.31 7.80
CA SER D 767 50.77 42.64 7.84
C SER D 767 51.52 41.92 8.97
N PRO D 768 51.11 41.96 10.26
CA PRO D 768 51.88 41.20 11.24
C PRO D 768 51.68 39.70 11.11
N LEU D 769 50.58 39.28 10.49
CA LEU D 769 50.39 37.87 10.15
C LEU D 769 51.51 37.36 9.27
N ILE D 770 51.82 38.09 8.20
CA ILE D 770 52.93 37.69 7.35
C ILE D 770 54.26 37.98 8.03
N ALA D 771 54.29 38.95 8.94
CA ALA D 771 55.50 39.17 9.72
C ALA D 771 55.72 38.12 10.80
N LEU D 772 54.79 37.20 11.02
CA LEU D 772 55.01 36.11 11.97
C LEU D 772 55.65 34.88 11.34
N ASP D 773 56.40 35.03 10.26
CA ASP D 773 57.01 33.88 9.62
C ASP D 773 58.14 33.33 10.48
N TYR D 774 58.52 32.09 10.22
CA TYR D 774 59.59 31.47 11.00
C TYR D 774 60.95 31.99 10.59
N ILE D 775 61.22 32.02 9.29
CA ILE D 775 62.58 32.31 8.85
C ILE D 775 62.69 33.70 8.25
N LYS D 776 61.57 34.38 7.96
CA LYS D 776 61.68 35.68 7.31
C LYS D 776 62.03 36.79 8.30
N PRO D 777 61.43 36.88 9.53
CA PRO D 777 62.10 37.61 10.62
C PRO D 777 62.94 36.70 11.50
N ALA D 778 63.93 36.04 10.89
CA ALA D 778 64.82 35.16 11.65
C ALA D 778 65.68 35.90 12.67
N GLN D 779 65.82 37.22 12.51
CA GLN D 779 66.46 38.04 13.53
C GLN D 779 65.55 38.18 14.75
N LYS D 780 64.37 38.76 14.56
CA LYS D 780 63.43 39.06 15.63
C LYS D 780 62.46 37.89 15.76
N THR D 781 62.72 37.01 16.72
CA THR D 781 61.82 35.89 16.96
C THR D 781 60.53 36.41 17.60
N PRO D 782 59.37 36.02 17.07
CA PRO D 782 58.11 36.55 17.59
C PRO D 782 57.80 36.06 19.00
N THR D 783 57.42 37.00 19.86
CA THR D 783 57.03 36.66 21.22
C THR D 783 55.61 36.10 21.21
N TYR D 784 55.18 35.62 22.38
CA TYR D 784 53.88 34.98 22.50
C TYR D 784 52.74 35.97 22.33
N ALA D 785 52.95 37.21 22.75
CA ALA D 785 51.91 38.22 22.68
C ALA D 785 51.61 38.62 21.24
N GLN D 786 52.62 38.53 20.37
CA GLN D 786 52.38 38.83 18.97
C GLN D 786 51.51 37.77 18.33
N TRP D 787 51.77 36.50 18.66
CA TRP D 787 50.89 35.41 18.26
C TRP D 787 49.49 35.60 18.82
N GLU D 788 49.38 36.10 20.04
CA GLU D 788 48.09 36.36 20.64
C GLU D 788 47.32 37.44 19.90
N ASN D 789 47.99 38.54 19.57
CA ASN D 789 47.34 39.63 18.87
C ASN D 789 46.94 39.25 17.46
N ALA D 790 47.74 38.45 16.79
CA ALA D 790 47.31 38.01 15.46
C ALA D 790 46.19 36.99 15.56
N ALA D 791 46.24 36.11 16.55
CA ALA D 791 45.23 35.08 16.71
C ALA D 791 43.88 35.65 17.04
N ILE D 792 43.83 36.68 17.86
CA ILE D 792 42.53 37.25 18.20
C ILE D 792 41.96 38.02 17.02
N ALA D 793 42.83 38.59 16.18
CA ALA D 793 42.36 39.29 14.99
C ALA D 793 41.80 38.31 13.98
N LEU D 794 42.43 37.15 13.85
CA LEU D 794 41.85 36.10 13.01
C LEU D 794 40.59 35.53 13.63
N THR D 795 40.51 35.52 14.95
CA THR D 795 39.38 34.91 15.64
C THR D 795 38.12 35.74 15.48
N ALA D 796 38.24 37.07 15.50
CA ALA D 796 37.09 37.95 15.45
C ALA D 796 36.31 37.85 14.15
N GLY D 797 36.95 37.44 13.04
CA GLY D 797 36.30 37.45 11.75
C GLY D 797 35.37 36.28 11.50
N LEU D 798 35.20 35.39 12.46
CA LEU D 798 34.51 34.13 12.19
C LEU D 798 33.04 34.22 12.58
N ASP D 799 32.21 33.39 11.92
CA ASP D 799 30.78 33.32 12.21
C ASP D 799 30.47 32.20 13.21
N THR D 800 29.19 31.85 13.31
CA THR D 800 28.71 31.03 14.43
C THR D 800 29.10 29.56 14.33
N GLN D 801 28.96 28.93 13.17
CA GLN D 801 29.30 27.52 13.06
C GLN D 801 30.80 27.32 13.17
N GLN D 802 31.56 28.21 12.56
CA GLN D 802 33.00 28.18 12.69
C GLN D 802 33.44 28.47 14.11
N THR D 803 32.75 29.34 14.86
CA THR D 803 33.24 29.57 16.21
C THR D 803 32.85 28.46 17.17
N HIS D 804 31.72 27.77 16.94
CA HIS D 804 31.43 26.58 17.74
C HIS D 804 32.43 25.48 17.46
N THR D 805 32.75 25.27 16.18
CA THR D 805 33.70 24.24 15.81
C THR D 805 35.10 24.59 16.31
N LEU D 806 35.39 25.89 16.38
CA LEU D 806 36.66 26.34 16.93
C LEU D 806 36.75 26.08 18.43
N HIS D 807 35.66 26.34 19.17
CA HIS D 807 35.67 26.04 20.60
C HIS D 807 35.82 24.55 20.87
N VAL D 808 35.15 23.73 20.05
CA VAL D 808 35.29 22.27 20.16
C VAL D 808 36.74 21.85 19.98
N PHE D 809 37.37 22.28 18.89
CA PHE D 809 38.72 21.81 18.59
C PHE D 809 39.75 22.38 19.56
N LEU D 810 39.59 23.64 19.97
CA LEU D 810 40.57 24.22 20.88
C LEU D 810 40.48 23.60 22.26
N ASP D 811 39.28 23.26 22.71
CA ASP D 811 39.17 22.59 24.00
C ASP D 811 39.72 21.17 23.94
N GLU D 812 39.50 20.47 22.83
CA GLU D 812 40.06 19.13 22.69
C GLU D 812 41.59 19.17 22.61
N SER D 813 42.15 20.22 22.01
CA SER D 813 43.59 20.32 21.97
C SER D 813 44.17 20.67 23.34
N ARG D 814 43.54 21.60 24.06
CA ARG D 814 44.02 21.98 25.38
C ARG D 814 43.94 20.83 26.37
N SER D 815 42.99 19.91 26.16
CA SER D 815 42.89 18.72 26.98
C SER D 815 44.18 17.92 26.97
N THR D 816 44.56 17.41 25.80
CA THR D 816 45.77 16.60 25.71
C THR D 816 47.03 17.44 25.83
N ALA D 817 46.92 18.75 25.68
CA ALA D 817 48.08 19.59 25.93
C ALA D 817 48.37 19.67 27.41
N LEU D 818 47.35 19.91 28.22
CA LEU D 818 47.57 20.03 29.66
C LEU D 818 47.85 18.68 30.28
N SER D 819 47.22 17.62 29.77
CA SER D 819 47.22 16.33 30.45
C SER D 819 48.61 15.72 30.44
N ASN D 820 49.29 15.80 29.31
CA ASN D 820 50.59 15.16 29.22
C ASN D 820 51.64 15.92 29.99
N TYR D 821 51.55 17.24 30.04
CA TYR D 821 52.45 18.02 30.90
C TYR D 821 52.18 17.74 32.37
N TYR D 822 50.92 17.55 32.72
CA TYR D 822 50.58 17.24 34.11
C TYR D 822 51.16 15.91 34.52
N ILE D 823 51.00 14.89 33.67
CA ILE D 823 51.57 13.58 33.91
C ILE D 823 53.09 13.67 34.01
N GLY D 824 53.69 14.48 33.15
CA GLY D 824 55.12 14.63 33.15
C GLY D 824 55.71 15.29 34.39
N LYS D 825 55.16 16.42 34.81
CA LYS D 825 55.87 17.21 35.79
C LYS D 825 55.12 17.36 37.10
N VAL D 826 53.80 17.40 37.07
CA VAL D 826 53.10 17.91 38.24
C VAL D 826 52.61 16.76 39.11
N ALA D 827 52.33 15.62 38.49
CA ALA D 827 51.90 14.44 39.24
C ALA D 827 53.02 13.93 40.14
N ASN D 828 52.65 13.22 41.19
CA ASN D 828 53.65 12.68 42.09
C ASN D 828 54.14 11.33 41.59
N ARG D 829 55.42 11.08 41.82
CA ARG D 829 56.04 9.82 41.39
C ARG D 829 55.51 8.64 42.17
N ALA D 830 54.97 8.89 43.38
CA ALA D 830 54.35 7.83 44.16
C ALA D 830 53.12 7.26 43.45
N ALA D 831 52.35 8.12 42.81
CA ALA D 831 51.19 7.68 42.03
C ALA D 831 51.69 7.22 40.66
N SER D 832 51.61 5.92 40.42
CA SER D 832 52.02 5.35 39.14
C SER D 832 51.04 5.77 38.05
N ILE D 833 51.47 6.68 37.17
CA ILE D 833 50.62 7.20 36.12
C ILE D 833 51.37 7.08 34.80
N LYS D 834 50.93 6.15 33.94
CA LYS D 834 51.53 6.06 32.62
C LYS D 834 50.72 6.85 31.60
N SER D 835 49.46 6.50 31.41
CA SER D 835 48.69 7.01 30.30
C SER D 835 47.62 8.00 30.76
N ARG D 836 46.78 8.46 29.83
CA ARG D 836 45.71 9.38 30.17
C ARG D 836 44.60 8.69 30.96
N ASP D 837 44.40 7.40 30.75
CA ASP D 837 43.38 6.69 31.52
C ASP D 837 43.82 6.54 32.97
N ASP D 838 45.12 6.39 33.20
CA ASP D 838 45.65 6.43 34.55
C ASP D 838 45.39 7.77 35.19
N LEU D 839 45.49 8.84 34.42
CA LEU D 839 45.19 10.18 34.92
C LEU D 839 43.72 10.32 35.25
N TYR D 840 42.86 9.72 34.41
CA TYR D 840 41.43 9.68 34.71
C TYR D 840 41.14 8.95 36.01
N GLN D 841 41.83 7.84 36.24
CA GLN D 841 41.62 7.09 37.46
C GLN D 841 42.18 7.83 38.66
N TYR D 842 43.17 8.70 38.44
CA TYR D 842 43.76 9.40 39.58
C TYR D 842 43.01 10.69 39.89
N LEU D 843 42.34 11.28 38.90
CA LEU D 843 41.70 12.57 39.14
C LEU D 843 40.20 12.50 39.22
N LEU D 844 39.60 11.35 38.93
CA LEU D 844 38.18 11.04 39.00
C LEU D 844 37.34 11.86 38.03
N ILE D 845 37.93 12.39 36.97
CA ILE D 845 37.21 13.21 36.01
C ILE D 845 37.88 13.02 34.65
N ASP D 846 37.08 13.06 33.59
CA ASP D 846 37.51 12.55 32.31
C ASP D 846 38.02 13.69 31.43
N ASN D 847 39.12 13.42 30.72
CA ASN D 847 39.71 14.38 29.80
C ASN D 847 39.45 14.04 28.36
N GLN D 848 39.04 12.81 28.07
CA GLN D 848 38.91 12.38 26.68
C GLN D 848 37.49 12.55 26.15
N VAL D 849 36.56 12.98 26.99
CA VAL D 849 35.21 13.25 26.53
C VAL D 849 35.22 14.44 25.60
N SER D 850 34.57 14.30 24.45
CA SER D 850 34.43 15.42 23.53
C SER D 850 33.50 16.47 24.15
N ALA D 851 33.73 17.72 23.77
CA ALA D 851 33.08 18.86 24.43
C ALA D 851 31.61 19.02 24.06
N GLU D 852 31.05 18.09 23.30
CA GLU D 852 29.63 18.09 23.01
C GLU D 852 28.80 17.76 24.25
N ILE D 853 29.37 17.04 25.21
CA ILE D 853 28.62 16.56 26.36
C ILE D 853 28.43 17.68 27.36
N LYS D 854 27.19 17.87 27.84
CA LYS D 854 26.86 18.89 28.82
C LYS D 854 26.38 18.22 30.09
N THR D 855 26.92 18.65 31.23
CA THR D 855 26.50 18.16 32.54
C THR D 855 26.47 19.31 33.53
N THR D 856 25.85 19.07 34.68
CA THR D 856 25.91 20.04 35.76
C THR D 856 27.15 19.79 36.61
N ARG D 857 27.41 20.74 37.52
CA ARG D 857 28.59 20.63 38.37
C ARG D 857 28.44 19.54 39.42
N ILE D 858 27.29 19.52 40.09
CA ILE D 858 27.13 18.65 41.25
C ILE D 858 27.04 17.19 40.83
N ALA D 859 26.42 16.93 39.68
CA ALA D 859 26.36 15.57 39.17
C ALA D 859 27.75 15.07 38.79
N GLU D 860 28.61 15.96 38.30
CA GLU D 860 29.97 15.57 38.00
C GLU D 860 30.77 15.27 39.26
N ALA D 861 30.59 16.06 40.31
CA ALA D 861 31.27 15.75 41.56
C ALA D 861 30.74 14.46 42.18
N ILE D 862 29.44 14.18 41.99
CA ILE D 862 28.88 12.90 42.42
C ILE D 862 29.54 11.74 41.70
N ALA D 863 29.71 11.88 40.39
CA ALA D 863 30.37 10.83 39.61
C ALA D 863 31.80 10.62 40.06
N SER D 864 32.49 11.70 40.39
CA SER D 864 33.85 11.61 40.91
C SER D 864 33.89 10.85 42.23
N ILE D 865 32.98 11.17 43.15
CA ILE D 865 32.99 10.55 44.46
C ILE D 865 32.58 9.08 44.37
N GLN D 866 31.60 8.77 43.53
CA GLN D 866 31.19 7.38 43.35
C GLN D 866 32.29 6.55 42.73
N LEU D 867 33.04 7.13 41.79
CA LEU D 867 34.12 6.37 41.19
C LEU D 867 35.24 6.14 42.19
N TYR D 868 35.49 7.13 43.07
CA TYR D 868 36.45 6.94 44.15
C TYR D 868 36.03 5.84 45.11
N VAL D 869 34.76 5.80 45.48
CA VAL D 869 34.30 4.80 46.44
C VAL D 869 34.35 3.41 45.83
N ASN D 870 34.04 3.30 44.53
CA ASN D 870 34.18 2.02 43.85
C ASN D 870 35.63 1.57 43.80
N ARG D 871 36.56 2.50 43.62
CA ARG D 871 37.95 2.08 43.61
C ARG D 871 38.45 1.77 45.01
N ALA D 872 37.82 2.34 46.02
CA ALA D 872 38.26 2.06 47.38
C ALA D 872 37.75 0.71 47.87
N LEU D 873 36.53 0.33 47.47
CA LEU D 873 35.99 -0.92 47.96
C LEU D 873 36.63 -2.13 47.32
N GLU D 874 37.17 -1.99 46.12
CA GLU D 874 37.75 -3.15 45.48
C GLU D 874 39.12 -3.50 46.00
N ASN D 875 39.71 -2.66 46.87
CA ASN D 875 41.10 -2.71 47.31
C ASN D 875 42.06 -2.73 46.12
N ILE D 876 41.67 -2.09 45.03
CA ILE D 876 42.56 -1.99 43.87
C ILE D 876 43.55 -0.86 44.08
N GLU D 877 43.12 0.25 44.61
CA GLU D 877 44.02 1.29 45.07
C GLU D 877 44.41 0.91 46.49
N ILE D 878 45.71 0.89 46.75
CA ILE D 878 46.26 0.10 47.84
C ILE D 878 46.03 0.78 49.19
N HIS D 879 46.06 -0.03 50.25
CA HIS D 879 45.99 0.38 51.65
C HIS D 879 44.64 0.98 52.02
N ALA D 880 43.56 0.25 51.74
CA ALA D 880 42.26 0.65 52.24
C ALA D 880 42.20 0.50 53.75
N VAL D 881 41.78 1.56 54.44
CA VAL D 881 41.66 1.50 55.89
C VAL D 881 40.37 0.77 56.25
N SER D 882 40.52 -0.37 56.93
CA SER D 882 39.40 -1.25 57.25
C SER D 882 38.52 -0.71 58.36
N ASP D 883 38.90 0.41 58.97
CA ASP D 883 38.15 0.96 60.08
C ASP D 883 36.85 1.57 59.62
N VAL D 884 36.82 2.16 58.43
CA VAL D 884 35.63 2.87 57.98
C VAL D 884 34.80 1.97 57.07
N ILE D 885 35.41 0.94 56.50
CA ILE D 885 34.71 0.04 55.57
C ILE D 885 33.63 -0.74 56.30
N THR D 886 33.87 -1.04 57.57
CA THR D 886 32.92 -1.81 58.35
C THR D 886 31.72 -1.00 58.83
N ARG D 887 31.58 0.26 58.46
CA ARG D 887 30.47 1.06 58.92
C ARG D 887 29.18 0.65 58.24
N GLN D 888 28.06 1.10 58.81
CA GLN D 888 26.74 0.69 58.35
C GLN D 888 26.44 1.18 56.95
N PHE D 889 26.97 2.34 56.60
CA PHE D 889 26.68 2.95 55.31
C PHE D 889 27.25 2.13 54.16
N PHE D 890 28.45 1.59 54.33
CA PHE D 890 29.07 0.90 53.22
C PHE D 890 28.69 -0.57 53.16
N ILE D 891 28.11 -1.12 54.22
CA ILE D 891 27.42 -2.39 54.09
C ILE D 891 26.21 -2.22 53.19
N ASP D 892 25.54 -1.08 53.29
CA ASP D 892 24.44 -0.78 52.41
C ASP D 892 24.85 0.01 51.19
N TRP D 893 26.13 -0.03 50.81
CA TRP D 893 26.56 0.67 49.61
C TRP D 893 25.98 0.03 48.36
N ASP D 894 26.30 -1.24 48.14
CA ASP D 894 26.10 -1.93 46.87
C ASP D 894 24.64 -2.03 46.45
N LYS D 895 23.72 -1.94 47.41
CA LYS D 895 22.31 -2.12 47.11
C LYS D 895 21.57 -0.80 47.15
N TYR D 896 21.94 0.08 48.07
CA TYR D 896 21.10 1.25 48.35
C TYR D 896 21.83 2.56 48.10
N ASN D 897 23.12 2.60 48.36
CA ASN D 897 23.78 3.89 48.41
C ASN D 897 24.60 4.18 47.17
N LYS D 898 24.68 3.26 46.22
CA LYS D 898 25.64 3.41 45.15
C LYS D 898 25.11 4.38 44.09
N ARG D 899 23.83 4.30 43.79
CA ARG D 899 23.20 5.23 42.86
C ARG D 899 22.45 6.30 43.61
N TYR D 900 22.05 7.33 42.88
CA TYR D 900 21.15 8.33 43.45
C TYR D 900 19.75 7.80 43.64
N SER D 901 19.27 6.98 42.69
CA SER D 901 17.87 6.63 42.65
C SER D 901 17.48 5.71 43.80
N THR D 902 18.33 4.74 44.13
CA THR D 902 18.01 3.86 45.25
C THR D 902 18.10 4.60 46.58
N TRP D 903 19.01 5.56 46.68
CA TRP D 903 19.11 6.36 47.88
C TRP D 903 17.85 7.22 48.05
N ALA D 904 17.37 7.78 46.95
CA ALA D 904 16.14 8.56 47.00
C ALA D 904 14.94 7.67 47.30
N GLY D 905 14.97 6.42 46.83
CA GLY D 905 13.90 5.49 47.14
C GLY D 905 13.84 5.14 48.61
N VAL D 906 14.99 4.88 49.22
CA VAL D 906 15.03 4.58 50.64
C VAL D 906 14.64 5.81 51.47
N SER D 907 15.14 6.98 51.08
CA SER D 907 14.83 8.20 51.83
C SER D 907 13.38 8.57 51.74
N GLN D 908 12.75 8.38 50.58
CA GLN D 908 11.33 8.64 50.50
C GLN D 908 10.52 7.57 51.19
N LEU D 909 11.01 6.32 51.19
CA LEU D 909 10.25 5.25 51.77
C LEU D 909 10.26 5.34 53.29
N VAL D 910 11.22 6.06 53.85
CA VAL D 910 11.11 6.42 55.26
C VAL D 910 9.96 7.40 55.47
N TYR D 911 10.05 8.60 54.88
CA TYR D 911 9.15 9.68 55.27
C TYR D 911 7.78 9.55 54.61
N TYR D 912 7.71 8.97 53.41
CA TYR D 912 6.45 8.84 52.71
C TYR D 912 6.23 7.39 52.29
N PRO D 913 5.77 6.53 53.20
CA PRO D 913 5.51 5.14 52.83
C PRO D 913 4.30 4.97 51.96
N GLU D 914 3.35 5.91 52.01
CA GLU D 914 2.08 5.75 51.33
C GLU D 914 2.23 5.82 49.82
N ASN D 915 3.37 6.30 49.35
CA ASN D 915 3.68 6.18 47.94
C ASN D 915 3.98 4.74 47.56
N TYR D 916 4.34 3.91 48.54
CA TYR D 916 4.73 2.54 48.22
C TYR D 916 3.81 1.54 48.89
N ILE D 917 2.87 2.01 49.72
CA ILE D 917 1.86 1.12 50.26
C ILE D 917 0.93 0.68 49.15
N ASP D 918 0.86 -0.62 48.93
CA ASP D 918 0.00 -1.17 47.90
C ASP D 918 -0.77 -2.33 48.52
N PRO D 919 -2.08 -2.23 48.61
CA PRO D 919 -2.86 -3.25 49.34
C PRO D 919 -2.97 -4.57 48.63
N THR D 920 -2.50 -4.63 47.38
CA THR D 920 -2.47 -5.90 46.67
C THR D 920 -1.42 -6.84 47.24
N MET D 921 -0.18 -6.39 47.33
CA MET D 921 0.90 -7.23 47.82
C MET D 921 1.47 -6.68 49.11
N ARG D 922 1.20 -7.38 50.19
CA ARG D 922 1.67 -7.00 51.51
C ARG D 922 2.61 -8.07 52.04
N ILE D 923 3.75 -7.64 52.56
CA ILE D 923 4.71 -8.56 53.16
C ILE D 923 4.19 -8.98 54.53
N GLY D 924 4.21 -10.27 54.80
CA GLY D 924 3.63 -10.79 56.03
C GLY D 924 2.18 -11.20 55.88
N GLN D 925 1.78 -11.67 54.71
CA GLN D 925 0.37 -11.91 54.42
C GLN D 925 -0.01 -13.33 54.76
N THR D 926 -1.18 -13.51 55.38
CA THR D 926 -1.68 -14.83 55.66
C THR D 926 -2.23 -15.46 54.40
N LYS D 927 -2.53 -16.75 54.46
CA LYS D 927 -3.19 -17.39 53.33
C LYS D 927 -4.67 -17.05 53.25
N MET D 928 -5.24 -16.50 54.32
CA MET D 928 -6.62 -16.01 54.31
C MET D 928 -6.82 -14.92 53.27
N MET D 929 -6.02 -13.86 53.36
CA MET D 929 -6.05 -12.81 52.36
C MET D 929 -5.64 -13.30 50.98
N ASP D 930 -4.81 -14.33 50.94
CA ASP D 930 -4.41 -14.92 49.66
C ASP D 930 -5.60 -15.55 48.97
N THR D 931 -6.36 -16.38 49.67
CA THR D 931 -7.48 -17.01 49.00
C THR D 931 -8.62 -16.02 48.80
N LEU D 932 -8.68 -14.93 49.57
CA LEU D 932 -9.61 -13.85 49.24
C LEU D 932 -9.24 -13.18 47.92
N LEU D 933 -7.97 -12.81 47.77
CA LEU D 933 -7.51 -12.18 46.54
C LEU D 933 -7.68 -13.09 45.34
N GLN D 934 -7.41 -14.38 45.53
CA GLN D 934 -7.67 -15.34 44.47
C GLN D 934 -9.16 -15.48 44.17
N SER D 935 -10.00 -15.31 45.19
CA SER D 935 -11.44 -15.34 44.96
C SER D 935 -11.92 -14.14 44.16
N VAL D 936 -11.23 -13.00 44.27
CA VAL D 936 -11.67 -11.82 43.51
C VAL D 936 -10.78 -11.52 42.32
N SER D 937 -9.96 -12.47 41.87
CA SER D 937 -9.03 -12.22 40.78
C SER D 937 -9.67 -12.65 39.47
N GLN D 938 -10.61 -11.85 38.96
CA GLN D 938 -11.10 -12.03 37.60
C GLN D 938 -11.61 -10.71 37.05
N SER D 939 -12.14 -10.72 35.83
CA SER D 939 -12.55 -9.48 35.20
C SER D 939 -13.96 -9.08 35.55
N GLN D 940 -14.95 -9.90 35.21
CA GLN D 940 -16.36 -9.57 35.42
C GLN D 940 -16.66 -9.73 36.90
N LEU D 941 -16.74 -8.62 37.61
CA LEU D 941 -17.02 -8.63 39.03
C LEU D 941 -18.42 -8.08 39.27
N ASN D 942 -19.24 -8.87 39.93
CA ASN D 942 -20.53 -8.43 40.42
C ASN D 942 -20.41 -8.24 41.92
N ALA D 943 -21.34 -7.49 42.51
CA ALA D 943 -21.27 -7.21 43.93
C ALA D 943 -21.52 -8.46 44.76
N ASP D 944 -22.40 -9.34 44.28
CA ASP D 944 -22.76 -10.51 45.06
C ASP D 944 -21.68 -11.58 45.01
N THR D 945 -20.90 -11.61 43.94
CA THR D 945 -19.70 -12.43 43.91
C THR D 945 -18.71 -12.00 44.98
N VAL D 946 -18.52 -10.69 45.11
CA VAL D 946 -17.69 -10.12 46.17
C VAL D 946 -18.23 -10.48 47.53
N GLU D 947 -19.57 -10.46 47.66
CA GLU D 947 -20.21 -10.83 48.93
C GLU D 947 -19.93 -12.28 49.29
N ASP D 948 -20.07 -13.19 48.33
CA ASP D 948 -19.83 -14.61 48.60
C ASP D 948 -18.37 -14.88 48.92
N ALA D 949 -17.45 -14.21 48.23
CA ALA D 949 -16.04 -14.31 48.56
C ALA D 949 -15.77 -13.79 49.96
N PHE D 950 -16.47 -12.74 50.36
CA PHE D 950 -16.31 -12.21 51.69
C PHE D 950 -16.86 -13.17 52.75
N LYS D 951 -17.94 -13.88 52.43
CA LYS D 951 -18.47 -14.85 53.39
C LYS D 951 -17.52 -16.02 53.55
N SER D 952 -16.87 -16.44 52.46
CA SER D 952 -15.89 -17.52 52.56
C SER D 952 -14.68 -17.09 53.38
N TYR D 953 -14.21 -15.87 53.17
CA TYR D 953 -13.15 -15.33 54.01
C TYR D 953 -13.58 -15.24 55.47
N LEU D 954 -14.85 -14.94 55.72
CA LEU D 954 -15.32 -14.83 57.08
C LEU D 954 -15.34 -16.18 57.77
N THR D 955 -15.70 -17.23 57.05
CA THR D 955 -15.65 -18.58 57.63
C THR D 955 -14.22 -18.99 57.93
N SER D 956 -13.30 -18.69 57.01
CA SER D 956 -11.90 -19.00 57.27
C SER D 956 -11.32 -18.19 58.42
N PHE D 957 -11.87 -17.02 58.69
CA PHE D 957 -11.47 -16.26 59.87
C PHE D 957 -12.06 -16.84 61.15
N GLU D 958 -13.30 -17.30 61.07
CA GLU D 958 -13.96 -17.96 62.19
C GLU D 958 -13.18 -19.18 62.65
N GLN D 959 -12.60 -19.91 61.71
CA GLN D 959 -11.91 -21.15 62.06
C GLN D 959 -10.69 -20.90 62.94
N VAL D 960 -9.93 -19.86 62.66
CA VAL D 960 -8.75 -19.59 63.47
C VAL D 960 -9.00 -18.57 64.57
N ALA D 961 -10.20 -18.02 64.67
CA ALA D 961 -10.43 -17.12 65.79
C ALA D 961 -10.78 -17.87 67.07
N ASN D 962 -11.23 -19.11 66.97
CA ASN D 962 -11.65 -19.88 68.13
C ASN D 962 -10.58 -20.79 68.68
N LEU D 963 -9.31 -20.46 68.51
CA LEU D 963 -8.26 -21.42 68.83
C LEU D 963 -8.02 -21.48 70.32
N GLU D 964 -7.80 -22.70 70.81
CA GLU D 964 -7.54 -22.98 72.20
C GLU D 964 -6.16 -23.59 72.33
N VAL D 965 -5.45 -23.23 73.39
CA VAL D 965 -4.08 -23.68 73.60
C VAL D 965 -4.13 -24.95 74.43
N ILE D 966 -3.56 -26.04 73.91
CA ILE D 966 -3.45 -27.23 74.74
C ILE D 966 -2.28 -27.10 75.68
N SER D 967 -1.08 -26.98 75.14
CA SER D 967 0.11 -26.90 75.96
C SER D 967 1.16 -26.11 75.18
N ALA D 968 2.29 -25.90 75.83
CA ALA D 968 3.31 -25.05 75.28
C ALA D 968 4.67 -25.48 75.79
N TYR D 969 5.71 -24.84 75.28
CA TYR D 969 7.08 -25.15 75.66
C TYR D 969 7.92 -23.90 75.53
N HIS D 970 8.67 -23.59 76.56
CA HIS D 970 9.55 -22.44 76.56
C HIS D 970 10.92 -22.86 76.09
N ASP D 971 11.61 -21.96 75.39
CA ASP D 971 12.88 -22.32 74.80
C ASP D 971 14.02 -22.21 75.80
N ASN D 972 14.28 -21.01 76.30
CA ASN D 972 15.45 -20.74 77.12
C ASN D 972 15.26 -21.32 78.52
N VAL D 973 16.36 -21.35 79.29
CA VAL D 973 16.33 -21.92 80.62
C VAL D 973 15.50 -21.07 81.58
N ASN D 974 15.51 -19.76 81.42
CA ASN D 974 14.74 -18.89 82.28
C ASN D 974 13.78 -18.03 81.46
N ASN D 975 12.76 -17.52 82.14
CA ASN D 975 11.55 -17.05 81.48
C ASN D 975 11.72 -15.72 80.77
N ASP D 976 12.83 -15.03 80.97
CA ASP D 976 12.90 -13.64 80.51
C ASP D 976 13.39 -13.58 79.06
N GLN D 977 14.10 -14.60 78.61
CA GLN D 977 14.69 -14.59 77.29
C GLN D 977 14.25 -15.83 76.52
N GLY D 978 14.67 -15.90 75.26
CA GLY D 978 14.31 -17.02 74.43
C GLY D 978 12.91 -16.89 73.86
N LEU D 979 12.46 -18.00 73.26
CA LEU D 979 11.19 -18.03 72.57
C LEU D 979 10.22 -18.94 73.31
N THR D 980 9.02 -19.06 72.76
CA THR D 980 7.95 -19.86 73.33
C THR D 980 7.08 -20.34 72.19
N TYR D 981 6.74 -21.62 72.19
CA TYR D 981 5.93 -22.23 71.15
C TYR D 981 4.62 -22.71 71.76
N PHE D 982 3.51 -22.33 71.15
CA PHE D 982 2.22 -22.79 71.60
C PHE D 982 1.69 -23.88 70.66
N ILE D 983 0.71 -24.63 71.12
CA ILE D 983 0.05 -25.64 70.32
C ILE D 983 -1.45 -25.41 70.36
N GLY D 984 -2.04 -25.16 69.20
CA GLY D 984 -3.44 -24.75 69.15
C GLY D 984 -4.41 -25.90 68.94
N ASN D 985 -5.62 -25.70 69.45
CA ASN D 985 -6.72 -26.65 69.28
C ASN D 985 -7.83 -25.91 68.58
N SER D 986 -8.60 -26.62 67.77
CA SER D 986 -9.83 -26.03 67.26
C SER D 986 -11.01 -26.57 68.05
N LYS D 987 -12.19 -26.04 67.80
CA LYS D 987 -13.40 -26.63 68.33
C LYS D 987 -14.04 -27.43 67.21
N THR D 988 -13.32 -28.44 66.74
CA THR D 988 -13.83 -29.37 65.74
C THR D 988 -13.40 -30.77 66.15
N GLU D 989 -13.91 -31.75 65.42
CA GLU D 989 -13.36 -33.10 65.46
C GLU D 989 -12.15 -33.10 64.51
N VAL D 990 -11.67 -34.31 64.17
CA VAL D 990 -10.27 -34.71 64.23
C VAL D 990 -9.34 -33.57 63.87
N ASN D 991 -8.47 -33.22 64.79
CA ASN D 991 -8.10 -31.83 64.91
C ASN D 991 -7.02 -31.46 63.92
N GLN D 992 -7.01 -30.18 63.57
CA GLN D 992 -5.96 -29.60 62.76
C GLN D 992 -5.16 -28.70 63.68
N TYR D 993 -4.20 -29.29 64.39
CA TYR D 993 -3.44 -28.62 65.43
C TYR D 993 -2.61 -27.52 64.83
N TYR D 994 -2.56 -26.39 65.51
CA TYR D 994 -1.86 -25.22 65.03
C TYR D 994 -0.76 -24.87 66.00
N TRP D 995 0.24 -24.15 65.52
CA TRP D 995 1.31 -23.72 66.41
C TRP D 995 1.74 -22.32 66.01
N ARG D 996 2.16 -21.55 67.00
CA ARG D 996 2.68 -20.23 66.77
C ARG D 996 3.83 -20.00 67.72
N SER D 997 4.60 -18.96 67.46
CA SER D 997 5.77 -18.67 68.27
C SER D 997 5.69 -17.24 68.75
N VAL D 998 6.41 -16.96 69.81
CA VAL D 998 6.45 -15.62 70.39
C VAL D 998 7.80 -15.46 71.07
N ASP D 999 8.35 -14.25 71.03
CA ASP D 999 9.65 -13.97 71.61
C ASP D 999 9.47 -13.29 72.96
N HIS D 1000 10.44 -13.50 73.84
CA HIS D 1000 10.46 -12.79 75.11
C HIS D 1000 11.44 -11.62 75.11
N SER D 1001 12.26 -11.50 74.08
CA SER D 1001 13.22 -10.40 74.06
C SER D 1001 12.55 -9.09 73.69
N LYS D 1002 11.49 -9.14 72.88
CA LYS D 1002 10.79 -7.92 72.51
C LYS D 1002 9.77 -7.48 73.56
N PHE D 1003 9.79 -8.05 74.75
CA PHE D 1003 8.91 -7.61 75.81
C PHE D 1003 9.41 -6.31 76.40
N ASN D 1004 8.49 -5.39 76.62
CA ASN D 1004 8.74 -4.17 77.37
C ASN D 1004 7.42 -3.54 77.79
N ASP D 1005 7.43 -2.92 78.97
CA ASP D 1005 6.32 -2.14 79.52
C ASP D 1005 5.04 -2.95 79.67
N GLY D 1006 5.16 -4.15 80.21
CA GLY D 1006 3.97 -4.90 80.57
C GLY D 1006 3.21 -5.52 79.42
N LYS D 1007 3.74 -5.50 78.20
CA LYS D 1007 3.01 -6.04 77.07
C LYS D 1007 3.96 -6.36 75.92
N PHE D 1008 3.78 -7.54 75.33
CA PHE D 1008 4.40 -7.87 74.06
C PHE D 1008 3.95 -6.89 72.99
N ALA D 1009 4.91 -6.30 72.29
CA ALA D 1009 4.59 -5.59 71.07
C ALA D 1009 4.14 -6.59 70.02
N ALA D 1010 3.25 -6.16 69.13
CA ALA D 1010 2.54 -7.10 68.27
C ALA D 1010 3.42 -7.75 67.21
N ASN D 1011 4.63 -7.23 66.99
CA ASN D 1011 5.57 -7.90 66.12
C ASN D 1011 6.32 -9.03 66.81
N ALA D 1012 6.19 -9.16 68.12
CA ALA D 1012 6.86 -10.26 68.81
C ALA D 1012 6.11 -11.56 68.61
N TRP D 1013 4.83 -11.47 68.27
CA TRP D 1013 4.08 -12.67 67.98
C TRP D 1013 4.40 -13.19 66.58
N SER D 1014 3.81 -14.32 66.25
CA SER D 1014 3.91 -14.89 64.93
C SER D 1014 2.54 -15.39 64.49
N GLU D 1015 2.47 -15.74 63.22
CA GLU D 1015 1.24 -16.27 62.67
C GLU D 1015 1.04 -17.71 63.11
N TRP D 1016 -0.21 -18.15 63.10
CA TRP D 1016 -0.46 -19.58 63.30
C TRP D 1016 0.00 -20.33 62.07
N HIS D 1017 0.49 -21.54 62.26
CA HIS D 1017 0.86 -22.41 61.17
C HIS D 1017 0.16 -23.73 61.35
N LYS D 1018 -0.13 -24.40 60.24
CA LYS D 1018 -0.90 -25.63 60.28
C LYS D 1018 0.04 -26.83 60.38
N ILE D 1019 -0.40 -27.87 61.07
CA ILE D 1019 0.35 -29.10 61.20
C ILE D 1019 -0.34 -30.15 60.35
N ASP D 1020 0.42 -30.89 59.56
CA ASP D 1020 -0.16 -31.74 58.54
C ASP D 1020 -0.19 -33.21 58.91
N CYS D 1021 0.72 -33.68 59.74
CA CYS D 1021 0.75 -35.09 60.08
C CYS D 1021 -0.46 -35.46 60.93
N ALA D 1022 -0.98 -36.65 60.71
CA ALA D 1022 -2.19 -37.10 61.39
C ALA D 1022 -1.88 -37.37 62.85
N ILE D 1023 -2.45 -36.57 63.74
CA ILE D 1023 -2.19 -36.64 65.16
C ILE D 1023 -3.50 -36.96 65.87
N ASN D 1024 -3.47 -37.95 66.74
CA ASN D 1024 -4.64 -38.31 67.54
C ASN D 1024 -4.19 -38.62 68.95
N PRO D 1025 -4.10 -37.61 69.80
CA PRO D 1025 -3.65 -37.85 71.17
C PRO D 1025 -4.73 -38.48 72.01
N TYR D 1026 -4.37 -38.81 73.23
CA TYR D 1026 -5.31 -39.25 74.24
C TYR D 1026 -5.35 -38.25 75.36
N GLN D 1027 -6.56 -37.76 75.67
CA GLN D 1027 -6.83 -36.73 76.67
C GLN D 1027 -6.07 -35.44 76.40
N SER D 1028 -5.77 -35.18 75.12
CA SER D 1028 -4.93 -34.08 74.65
C SER D 1028 -3.61 -34.03 75.42
N THR D 1029 -2.84 -35.08 75.29
CA THR D 1029 -1.54 -35.18 75.96
C THR D 1029 -0.48 -35.05 74.88
N ILE D 1030 0.02 -33.84 74.69
CA ILE D 1030 0.95 -33.54 73.61
C ILE D 1030 1.73 -32.30 73.98
N ARG D 1031 3.05 -32.36 73.79
CA ARG D 1031 3.87 -31.21 74.06
C ARG D 1031 4.84 -31.03 72.92
N PRO D 1032 5.14 -29.79 72.56
CA PRO D 1032 6.25 -29.54 71.64
C PRO D 1032 7.54 -29.53 72.43
N VAL D 1033 8.64 -29.66 71.70
CA VAL D 1033 9.96 -29.62 72.30
C VAL D 1033 10.95 -29.23 71.22
N ILE D 1034 12.00 -28.54 71.61
CA ILE D 1034 13.02 -28.09 70.69
C ILE D 1034 14.26 -28.92 70.93
N TYR D 1035 14.42 -29.97 70.14
CA TYR D 1035 15.58 -30.83 70.26
C TYR D 1035 16.47 -30.60 69.07
N LYS D 1036 17.72 -30.21 69.34
CA LYS D 1036 18.71 -29.85 68.34
C LYS D 1036 18.21 -28.73 67.42
N SER D 1037 17.57 -27.74 68.03
CA SER D 1037 17.08 -26.52 67.39
C SER D 1037 16.08 -26.82 66.26
N ARG D 1038 15.35 -27.91 66.39
CA ARG D 1038 14.31 -28.29 65.46
C ARG D 1038 13.05 -28.58 66.26
N LEU D 1039 11.92 -28.11 65.79
CA LEU D 1039 10.65 -28.31 66.48
C LEU D 1039 10.25 -29.78 66.41
N TYR D 1040 10.04 -30.41 67.56
CA TYR D 1040 9.53 -31.77 67.59
C TYR D 1040 8.21 -31.77 68.33
N LEU D 1041 7.23 -32.49 67.79
CA LEU D 1041 5.99 -32.77 68.50
C LEU D 1041 6.05 -34.18 69.04
N ILE D 1042 5.72 -34.34 70.31
CA ILE D 1042 5.68 -35.65 70.94
C ILE D 1042 4.34 -35.81 71.62
N TRP D 1043 3.72 -36.98 71.45
CA TRP D 1043 2.42 -37.17 72.06
C TRP D 1043 2.23 -38.63 72.42
N LEU D 1044 1.23 -38.87 73.24
CA LEU D 1044 0.86 -40.21 73.65
C LEU D 1044 -0.36 -40.65 72.87
N GLU D 1045 -0.44 -41.93 72.55
CA GLU D 1045 -1.55 -42.43 71.75
C GLU D 1045 -1.95 -43.81 72.24
N GLN D 1046 -3.25 -44.05 72.27
CA GLN D 1046 -3.84 -45.20 72.97
C GLN D 1046 -4.65 -46.05 72.01
N LYS D 1047 -4.34 -47.34 71.96
CA LYS D 1047 -5.09 -48.30 71.17
C LYS D 1047 -5.73 -49.32 72.10
N GLU D 1048 -6.99 -49.62 71.85
CA GLU D 1048 -7.69 -50.65 72.60
C GLU D 1048 -7.41 -52.00 71.96
N THR D 1049 -7.14 -53.01 72.79
CA THR D 1049 -6.99 -54.38 72.36
C THR D 1049 -7.99 -55.24 73.10
N ALA D 1050 -7.86 -56.55 72.94
CA ALA D 1050 -8.69 -57.51 73.65
C ALA D 1050 -7.92 -58.81 73.79
N LYS D 1051 -7.49 -59.12 75.02
CA LYS D 1051 -6.92 -60.42 75.31
C LYS D 1051 -8.04 -61.42 75.51
N GLN D 1052 -7.71 -62.69 75.43
CA GLN D 1052 -8.65 -63.74 75.79
C GLN D 1052 -8.42 -64.14 77.24
N LYS D 1053 -9.38 -63.83 78.08
CA LYS D 1053 -9.35 -64.15 79.51
C LYS D 1053 -9.94 -65.53 79.78
N GLU D 1054 -10.18 -66.32 78.73
CA GLU D 1054 -11.30 -67.25 78.73
C GLU D 1054 -11.10 -68.40 79.68
N ASP D 1055 -11.58 -68.21 80.91
CA ASP D 1055 -12.42 -69.21 81.49
C ASP D 1055 -13.78 -69.19 80.84
N ASN D 1056 -14.40 -68.00 80.73
CA ASN D 1056 -15.60 -67.80 79.94
C ASN D 1056 -15.40 -66.73 78.88
N LYS D 1057 -14.92 -65.56 79.25
CA LYS D 1057 -15.14 -64.37 78.47
C LYS D 1057 -13.84 -63.87 77.82
N VAL D 1058 -13.98 -62.75 77.12
CA VAL D 1058 -12.89 -62.08 76.42
C VAL D 1058 -12.70 -60.71 77.05
N THR D 1059 -11.53 -60.49 77.64
CA THR D 1059 -11.29 -59.25 78.34
C THR D 1059 -10.86 -58.19 77.35
N THR D 1060 -10.87 -56.94 77.81
CA THR D 1060 -10.54 -55.78 77.00
C THR D 1060 -9.34 -55.07 77.62
N ASP D 1061 -8.31 -54.82 76.82
CA ASP D 1061 -7.11 -54.19 77.32
C ASP D 1061 -6.76 -52.99 76.45
N TYR D 1062 -6.02 -52.06 77.03
CA TYR D 1062 -5.47 -50.94 76.32
C TYR D 1062 -3.95 -51.06 76.33
N HIS D 1063 -3.32 -50.62 75.25
CA HIS D 1063 -1.88 -50.44 75.28
C HIS D 1063 -1.56 -49.06 74.76
N TYR D 1064 -0.50 -48.48 75.31
CA TYR D 1064 -0.13 -47.11 75.05
C TYR D 1064 1.14 -47.09 74.22
N GLU D 1065 1.18 -46.20 73.25
CA GLU D 1065 2.35 -46.07 72.42
C GLU D 1065 2.74 -44.61 72.35
N LEU D 1066 4.01 -44.37 72.06
CA LEU D 1066 4.58 -43.04 72.04
C LEU D 1066 4.96 -42.69 70.61
N LYS D 1067 4.68 -41.47 70.22
CA LYS D 1067 4.99 -41.01 68.87
C LYS D 1067 5.89 -39.78 68.96
N LEU D 1068 6.67 -39.57 67.92
CA LEU D 1068 7.59 -38.44 67.85
C LEU D 1068 7.77 -38.04 66.41
N ALA D 1069 7.46 -36.80 66.08
CA ALA D 1069 7.51 -36.31 64.72
C ALA D 1069 8.10 -34.91 64.69
N HIS D 1070 8.86 -34.61 63.64
CA HIS D 1070 9.57 -33.37 63.55
C HIS D 1070 9.36 -32.69 62.22
N ILE D 1071 9.53 -31.40 62.22
CA ILE D 1071 9.32 -30.59 61.03
C ILE D 1071 10.55 -30.71 60.15
N ARG D 1072 10.37 -30.49 58.85
CA ARG D 1072 11.47 -30.38 57.93
C ARG D 1072 11.79 -28.91 57.69
N TYR D 1073 12.68 -28.65 56.74
CA TYR D 1073 13.09 -27.28 56.50
C TYR D 1073 12.01 -26.47 55.79
N ASP D 1074 11.42 -27.03 54.74
CA ASP D 1074 10.43 -26.29 53.97
C ASP D 1074 9.13 -26.09 54.73
N GLY D 1075 8.86 -26.89 55.74
CA GLY D 1075 7.65 -26.76 56.52
C GLY D 1075 6.78 -27.98 56.51
N THR D 1076 7.27 -29.11 56.02
CA THR D 1076 6.46 -30.32 56.05
C THR D 1076 6.87 -31.19 57.23
N TRP D 1077 6.04 -32.18 57.52
CA TRP D 1077 6.19 -32.98 58.73
C TRP D 1077 6.58 -34.39 58.38
N ASN D 1078 7.48 -34.96 59.15
CA ASN D 1078 7.98 -36.28 58.89
C ASN D 1078 6.96 -37.33 59.33
N VAL D 1079 7.18 -38.55 58.89
CA VAL D 1079 6.40 -39.68 59.41
C VAL D 1079 6.81 -39.96 60.85
N PRO D 1080 5.88 -40.07 61.79
CA PRO D 1080 6.25 -40.23 63.20
C PRO D 1080 6.90 -41.57 63.49
N ILE D 1081 7.66 -41.59 64.58
CA ILE D 1081 8.41 -42.76 65.03
C ILE D 1081 7.61 -43.46 66.11
N THR D 1082 7.57 -44.78 66.05
CA THR D 1082 6.82 -45.58 67.00
C THR D 1082 7.71 -45.90 68.20
N PHE D 1083 7.13 -45.87 69.39
CA PHE D 1083 7.74 -46.45 70.57
C PHE D 1083 6.67 -47.12 71.42
N ASP D 1084 6.97 -48.31 71.90
CA ASP D 1084 6.05 -49.05 72.74
C ASP D 1084 6.39 -48.71 74.18
N VAL D 1085 5.42 -48.15 74.91
CA VAL D 1085 5.64 -47.72 76.28
C VAL D 1085 4.60 -48.30 77.23
N ASP D 1086 3.94 -49.39 76.86
CA ASP D 1086 2.88 -49.95 77.70
C ASP D 1086 3.45 -50.49 79.00
N GLU D 1087 4.70 -50.95 78.98
CA GLU D 1087 5.38 -51.38 80.19
C GLU D 1087 5.48 -50.27 81.22
N LYS D 1088 5.93 -49.09 80.80
CA LYS D 1088 6.16 -48.02 81.76
C LYS D 1088 4.88 -47.34 82.19
N ILE D 1089 3.88 -47.27 81.32
CA ILE D 1089 2.60 -46.72 81.74
C ILE D 1089 1.89 -47.70 82.65
N LEU D 1090 2.07 -49.00 82.41
CA LEU D 1090 1.55 -49.99 83.34
C LEU D 1090 2.32 -49.98 84.64
N ALA D 1091 3.57 -49.53 84.63
CA ALA D 1091 4.33 -49.40 85.87
C ALA D 1091 3.77 -48.30 86.75
N LEU D 1092 3.37 -47.18 86.15
CA LEU D 1092 2.66 -46.16 86.89
C LEU D 1092 1.27 -46.67 87.26
N GLU D 1093 0.81 -46.30 88.44
CA GLU D 1093 -0.44 -46.83 88.97
C GLU D 1093 -1.55 -45.85 88.61
N LEU D 1094 -2.27 -46.15 87.54
CA LEU D 1094 -3.18 -45.21 86.92
C LEU D 1094 -4.59 -45.76 86.89
N THR D 1095 -5.56 -44.93 87.22
CA THR D 1095 -6.94 -45.29 86.95
C THR D 1095 -7.27 -45.06 85.49
N LYS D 1096 -8.43 -45.56 85.08
CA LYS D 1096 -8.90 -45.29 83.73
C LYS D 1096 -9.38 -43.85 83.62
N SER D 1097 -9.41 -43.36 82.38
CA SER D 1097 -9.88 -42.02 82.00
C SER D 1097 -9.06 -40.90 82.67
N GLN D 1098 -7.80 -41.17 82.99
CA GLN D 1098 -6.90 -40.17 83.51
C GLN D 1098 -5.55 -40.35 82.84
N ALA D 1099 -5.14 -39.37 82.06
CA ALA D 1099 -3.88 -39.46 81.36
C ALA D 1099 -2.74 -39.25 82.33
N PRO D 1100 -1.63 -39.97 82.16
CA PRO D 1100 -0.45 -39.68 82.96
C PRO D 1100 0.17 -38.38 82.51
N GLY D 1101 0.84 -37.73 83.45
CA GLY D 1101 1.57 -36.53 83.11
C GLY D 1101 2.76 -36.84 82.23
N LEU D 1102 3.16 -35.85 81.45
CA LEU D 1102 4.25 -35.99 80.50
C LEU D 1102 5.21 -34.83 80.67
N TYR D 1103 6.49 -35.14 80.82
CA TYR D 1103 7.52 -34.12 80.96
C TYR D 1103 8.58 -34.37 79.91
N CYS D 1104 9.01 -33.31 79.24
CA CYS D 1104 9.83 -33.44 78.05
C CYS D 1104 10.67 -32.18 77.88
N ALA D 1105 11.99 -32.32 77.89
CA ALA D 1105 12.84 -31.15 77.86
C ALA D 1105 14.12 -31.44 77.09
N GLY D 1106 14.69 -30.39 76.53
CA GLY D 1106 15.98 -30.48 75.88
C GLY D 1106 17.12 -30.32 76.87
N TYR D 1107 18.33 -30.56 76.40
CA TYR D 1107 19.50 -30.64 77.26
C TYR D 1107 20.75 -30.49 76.42
N GLN D 1108 21.46 -29.37 76.59
CA GLN D 1108 22.49 -28.94 75.65
C GLN D 1108 23.79 -29.71 75.74
N GLY D 1109 24.46 -29.61 76.88
CA GLY D 1109 25.54 -30.54 77.15
C GLY D 1109 24.97 -31.94 77.27
N GLU D 1110 25.61 -32.89 76.58
CA GLU D 1110 25.12 -34.26 76.41
C GLU D 1110 23.74 -34.24 75.73
N ASP D 1111 23.74 -33.82 74.46
CA ASP D 1111 22.52 -33.67 73.67
C ASP D 1111 21.71 -34.95 73.61
N THR D 1112 20.56 -34.91 74.28
CA THR D 1112 19.74 -36.06 74.57
C THR D 1112 18.36 -35.56 74.99
N LEU D 1113 17.35 -36.07 74.31
CA LEU D 1113 15.98 -35.62 74.54
C LEU D 1113 15.42 -36.28 75.79
N LEU D 1114 15.21 -35.50 76.84
CA LEU D 1114 14.70 -36.01 78.10
C LEU D 1114 13.21 -36.26 77.97
N ILE D 1115 12.73 -37.30 78.63
CA ILE D 1115 11.31 -37.57 78.75
C ILE D 1115 11.05 -38.30 80.06
N MET D 1116 10.03 -37.85 80.79
CA MET D 1116 9.64 -38.47 82.05
C MET D 1116 8.13 -38.60 82.09
N PHE D 1117 7.65 -39.76 82.52
CA PHE D 1117 6.25 -39.95 82.79
C PHE D 1117 6.01 -39.88 84.29
N TYR D 1118 4.82 -39.44 84.67
CA TYR D 1118 4.50 -39.28 86.07
C TYR D 1118 3.00 -39.26 86.25
N ARG D 1119 2.55 -39.85 87.35
CA ARG D 1119 1.16 -39.75 87.75
C ARG D 1119 0.90 -38.32 88.19
N LYS D 1120 -0.29 -37.81 87.91
CA LYS D 1120 -0.60 -36.45 88.34
C LYS D 1120 -1.03 -36.44 89.80
N LYS D 1121 -0.39 -35.57 90.58
CA LYS D 1121 -0.73 -35.38 91.98
C LYS D 1121 -1.42 -34.04 92.13
N GLU D 1122 -1.74 -33.65 93.38
CA GLU D 1122 -2.35 -32.34 93.58
C GLU D 1122 -1.31 -31.29 93.93
N LYS D 1123 -0.22 -31.70 94.55
CA LYS D 1123 0.78 -30.77 95.06
C LYS D 1123 2.09 -30.98 94.33
N LEU D 1124 2.79 -29.87 94.06
CA LEU D 1124 4.11 -29.93 93.44
C LEU D 1124 5.11 -30.67 94.29
N ASP D 1125 5.05 -30.51 95.61
CA ASP D 1125 6.03 -31.12 96.49
C ASP D 1125 5.82 -32.62 96.64
N ASP D 1126 4.66 -33.13 96.23
CA ASP D 1126 4.43 -34.57 96.17
C ASP D 1126 5.29 -35.22 95.10
N TYR D 1127 5.68 -34.49 94.06
CA TYR D 1127 6.48 -35.06 92.99
C TYR D 1127 7.94 -35.25 93.35
N LYS D 1128 8.38 -34.72 94.49
CA LYS D 1128 9.73 -35.00 94.96
C LYS D 1128 9.83 -36.44 95.43
N THR D 1129 8.71 -37.03 95.83
CA THR D 1129 8.66 -38.39 96.34
C THR D 1129 8.11 -39.39 95.35
N ALA D 1130 7.48 -38.93 94.27
CA ALA D 1130 6.85 -39.84 93.33
C ALA D 1130 7.92 -40.56 92.51
N PRO D 1131 7.86 -41.89 92.43
CA PRO D 1131 8.77 -42.62 91.56
C PRO D 1131 8.47 -42.33 90.10
N MET D 1132 9.50 -42.49 89.28
CA MET D 1132 9.49 -41.93 87.94
C MET D 1132 9.65 -43.02 86.89
N GLN D 1133 8.96 -42.82 85.77
CA GLN D 1133 9.16 -43.62 84.57
C GLN D 1133 9.60 -42.68 83.48
N GLY D 1134 10.63 -43.06 82.74
CA GLY D 1134 11.09 -42.21 81.66
C GLY D 1134 12.34 -42.77 81.06
N PHE D 1135 12.74 -42.20 79.93
CA PHE D 1135 13.95 -42.66 79.28
C PHE D 1135 14.62 -41.51 78.54
N TYR D 1136 15.57 -41.87 77.70
CA TYR D 1136 16.38 -40.91 76.98
C TYR D 1136 16.24 -41.19 75.50
N ILE D 1137 16.41 -40.16 74.69
CA ILE D 1137 16.39 -40.31 73.24
C ILE D 1137 17.65 -39.67 72.71
N PHE D 1138 18.45 -40.44 71.99
CA PHE D 1138 19.71 -39.97 71.47
C PHE D 1138 19.51 -39.42 70.07
N SER D 1139 20.61 -39.19 69.36
CA SER D 1139 20.52 -38.66 68.01
C SER D 1139 20.01 -39.69 67.02
N ASP D 1140 20.10 -40.97 67.34
CA ASP D 1140 19.66 -42.02 66.44
C ASP D 1140 18.22 -42.46 66.66
N MET D 1141 17.48 -41.72 67.49
CA MET D 1141 16.15 -42.11 67.99
C MET D 1141 16.15 -43.47 68.65
N SER D 1142 17.25 -43.82 69.33
CA SER D 1142 17.28 -45.01 70.14
C SER D 1142 17.02 -44.65 71.59
N SER D 1143 16.40 -45.55 72.31
CA SER D 1143 16.01 -45.33 73.69
C SER D 1143 17.09 -45.84 74.62
N LYS D 1144 17.09 -45.31 75.84
CA LYS D 1144 17.79 -45.91 76.96
C LYS D 1144 17.04 -45.55 78.23
N ASP D 1145 16.65 -46.55 79.00
CA ASP D 1145 15.77 -46.31 80.12
C ASP D 1145 16.53 -45.68 81.28
N MET D 1146 15.79 -44.96 82.11
CA MET D 1146 16.37 -44.23 83.23
C MET D 1146 16.60 -45.18 84.39
N THR D 1147 17.83 -45.17 84.91
CA THR D 1147 18.05 -45.71 86.25
C THR D 1147 17.66 -44.66 87.27
N ASN D 1148 17.05 -45.11 88.36
CA ASN D 1148 16.36 -44.18 89.25
C ASN D 1148 17.34 -43.36 90.07
N GLU D 1149 18.55 -43.89 90.29
CA GLU D 1149 19.60 -43.08 90.92
C GLU D 1149 20.06 -41.96 89.99
N GLN D 1150 19.95 -42.17 88.68
CA GLN D 1150 20.25 -41.10 87.74
C GLN D 1150 19.08 -40.14 87.63
N CYS D 1151 17.86 -40.66 87.69
CA CYS D 1151 16.65 -39.84 87.57
C CYS D 1151 16.40 -39.01 88.82
N ASN D 1152 17.03 -39.36 89.96
CA ASN D 1152 16.88 -38.58 91.17
C ASN D 1152 17.41 -37.16 91.01
N SER D 1153 18.52 -37.01 90.28
CA SER D 1153 19.08 -35.69 90.03
C SER D 1153 18.13 -34.83 89.20
N TYR D 1154 17.56 -35.40 88.14
CA TYR D 1154 16.62 -34.69 87.30
C TYR D 1154 15.34 -34.36 88.04
N ARG D 1155 14.87 -35.27 88.89
CA ARG D 1155 13.67 -35.01 89.68
C ARG D 1155 13.90 -33.94 90.72
N ASP D 1156 15.07 -33.93 91.35
CA ASP D 1156 15.37 -32.90 92.33
C ASP D 1156 15.65 -31.55 91.69
N ASN D 1157 16.10 -31.55 90.43
CA ASN D 1157 16.36 -30.27 89.76
C ASN D 1157 15.10 -29.69 89.15
N GLY D 1158 14.20 -30.52 88.62
CA GLY D 1158 13.07 -29.98 87.90
C GLY D 1158 11.71 -30.35 88.47
N TYR D 1159 11.60 -30.43 89.80
CA TYR D 1159 10.31 -30.81 90.37
C TYR D 1159 9.27 -29.71 90.29
N THR D 1160 9.69 -28.47 90.07
CA THR D 1160 8.72 -27.38 90.05
C THR D 1160 7.97 -27.26 88.73
N HIS D 1161 8.46 -27.91 87.68
CA HIS D 1161 7.81 -27.76 86.38
C HIS D 1161 6.72 -28.79 86.15
N PHE D 1162 6.47 -29.67 87.12
CA PHE D 1162 5.43 -30.67 86.94
C PHE D 1162 4.06 -30.05 87.10
N ASP D 1163 3.04 -30.84 86.79
CA ASP D 1163 1.69 -30.34 86.72
C ASP D 1163 0.84 -30.94 87.83
N THR D 1164 -0.14 -30.18 88.30
CA THR D 1164 -1.04 -30.70 89.32
C THR D 1164 -2.10 -31.58 88.67
N ASN D 1165 -3.05 -32.03 89.48
CA ASN D 1165 -4.23 -32.70 88.94
C ASN D 1165 -5.08 -31.69 88.19
N SER D 1166 -5.00 -31.75 86.87
CA SER D 1166 -5.52 -30.72 85.99
C SER D 1166 -6.95 -31.07 85.59
N ASP D 1167 -7.90 -30.57 86.36
CA ASP D 1167 -9.29 -30.45 85.94
C ASP D 1167 -9.43 -29.07 85.30
N THR D 1168 -10.66 -28.68 84.96
CA THR D 1168 -10.87 -27.30 84.58
C THR D 1168 -10.74 -26.41 85.81
N ASN D 1169 -10.19 -25.20 85.57
CA ASN D 1169 -9.73 -24.29 86.62
C ASN D 1169 -8.78 -24.98 87.59
N SER D 1170 -7.83 -25.71 87.03
CA SER D 1170 -6.70 -26.28 87.77
C SER D 1170 -5.43 -25.88 87.04
N VAL D 1171 -4.29 -26.39 87.50
CA VAL D 1171 -3.01 -25.81 87.15
C VAL D 1171 -2.29 -26.69 86.15
N ILE D 1172 -2.02 -26.13 84.98
CA ILE D 1172 -1.14 -26.73 83.99
C ILE D 1172 0.00 -25.76 83.74
N ARG D 1173 1.20 -26.28 83.58
CA ARG D 1173 2.39 -25.44 83.50
C ARG D 1173 3.11 -25.68 82.20
N ILE D 1174 4.22 -24.97 82.04
CA ILE D 1174 5.01 -24.99 80.83
C ILE D 1174 6.37 -25.60 81.19
N ASN D 1175 7.16 -25.93 80.20
CA ASN D 1175 8.46 -26.52 80.44
C ASN D 1175 9.56 -25.66 79.85
N ASN D 1176 10.62 -25.47 80.62
CA ASN D 1176 11.83 -24.86 80.13
C ASN D 1176 12.73 -25.95 79.58
N ARG D 1177 13.85 -25.55 78.98
CA ARG D 1177 14.84 -26.55 78.66
C ARG D 1177 15.54 -26.94 79.94
N TYR D 1178 16.09 -28.15 79.98
CA TYR D 1178 16.67 -28.62 81.23
C TYR D 1178 18.09 -28.13 81.39
N ALA D 1179 18.38 -27.61 82.58
CA ALA D 1179 19.74 -27.37 83.02
C ALA D 1179 19.73 -27.34 84.53
N GLU D 1180 20.90 -27.65 85.10
CA GLU D 1180 21.14 -27.47 86.52
C GLU D 1180 21.70 -26.07 86.72
N ASP D 1181 22.37 -25.86 87.86
CA ASP D 1181 22.72 -24.55 88.45
C ASP D 1181 23.46 -23.66 87.47
N TYR D 1182 24.25 -24.19 86.53
CA TYR D 1182 24.84 -23.34 85.51
C TYR D 1182 24.80 -24.02 84.16
N GLU D 1183 24.72 -23.21 83.11
CA GLU D 1183 24.61 -23.69 81.74
C GLU D 1183 25.75 -23.11 80.93
N ILE D 1184 26.71 -23.95 80.57
CA ILE D 1184 27.95 -23.50 79.91
C ILE D 1184 28.16 -24.32 78.65
N PRO D 1185 28.47 -23.68 77.52
CA PRO D 1185 28.82 -24.44 76.32
C PRO D 1185 30.13 -25.18 76.49
N SER D 1186 30.33 -26.20 75.64
CA SER D 1186 31.50 -27.06 75.79
C SER D 1186 32.69 -26.57 75.00
N LEU D 1187 32.47 -26.13 73.76
CA LEU D 1187 33.59 -25.80 72.89
C LEU D 1187 33.23 -24.55 72.09
N ILE D 1188 34.25 -23.72 71.85
CA ILE D 1188 34.14 -22.57 70.96
C ILE D 1188 35.16 -22.79 69.85
N ASN D 1189 34.76 -22.52 68.61
CA ASN D 1189 35.72 -22.54 67.52
C ASN D 1189 35.67 -21.25 66.72
N HIS D 1190 34.48 -20.69 66.55
CA HIS D 1190 34.34 -19.43 65.83
C HIS D 1190 34.87 -18.27 66.66
N SER D 1191 35.57 -17.38 65.98
CA SER D 1191 36.18 -16.21 66.62
C SER D 1191 35.11 -15.14 66.84
N ASN D 1192 35.30 -14.36 67.90
CA ASN D 1192 34.37 -13.26 68.13
C ASN D 1192 34.91 -11.96 67.55
N SER D 1193 36.23 -11.77 67.66
CA SER D 1193 36.95 -10.78 66.87
C SER D 1193 38.39 -11.19 66.79
N HIS D 1194 39.05 -10.81 65.71
CA HIS D 1194 40.48 -10.98 65.61
C HIS D 1194 41.03 -9.80 64.83
N ASP D 1195 42.34 -9.76 64.69
CA ASP D 1195 42.97 -8.58 64.13
C ASP D 1195 44.33 -8.94 63.58
N TRP D 1196 44.75 -8.20 62.57
CA TRP D 1196 46.11 -8.30 62.05
C TRP D 1196 47.07 -7.69 63.05
N GLY D 1197 48.34 -8.09 62.94
CA GLY D 1197 49.40 -7.50 63.74
C GLY D 1197 49.90 -6.21 63.12
N GLU D 1198 51.13 -5.87 63.48
CA GLU D 1198 51.76 -4.72 62.86
C GLU D 1198 52.42 -5.15 61.56
N TYR D 1199 52.36 -4.25 60.57
CA TYR D 1199 52.87 -4.39 59.20
C TYR D 1199 52.15 -5.45 58.38
N ASN D 1200 51.07 -6.06 58.89
CA ASN D 1200 50.26 -7.09 58.23
C ASN D 1200 51.10 -8.29 57.81
N LEU D 1201 52.05 -8.68 58.66
CA LEU D 1201 52.95 -9.76 58.30
C LEU D 1201 52.46 -11.10 58.79
N SER D 1202 51.84 -11.14 59.95
CA SER D 1202 51.31 -12.38 60.49
C SER D 1202 50.16 -12.05 61.43
N GLN D 1203 49.51 -13.09 61.93
CA GLN D 1203 48.33 -12.92 62.75
C GLN D 1203 48.11 -14.18 63.56
N VAL D 1204 47.38 -14.04 64.65
CA VAL D 1204 47.04 -15.16 65.52
C VAL D 1204 45.61 -15.56 65.22
N TYR D 1205 45.42 -16.78 64.75
CA TYR D 1205 44.12 -17.17 64.21
C TYR D 1205 43.95 -18.67 64.30
N GLY D 1206 42.71 -19.09 64.50
CA GLY D 1206 42.38 -20.50 64.53
C GLY D 1206 42.42 -21.14 65.90
N GLY D 1207 42.31 -20.36 66.97
CA GLY D 1207 42.33 -20.93 68.30
C GLY D 1207 40.98 -21.46 68.71
N ASN D 1208 40.97 -22.21 69.81
CA ASN D 1208 39.78 -22.88 70.29
C ASN D 1208 39.92 -23.17 71.79
N ILE D 1209 38.79 -23.22 72.47
CA ILE D 1209 38.73 -23.53 73.89
C ILE D 1209 37.72 -24.65 74.12
N VAL D 1210 38.19 -25.74 74.71
CA VAL D 1210 37.29 -26.73 75.30
C VAL D 1210 37.08 -26.36 76.76
N ILE D 1211 35.87 -26.58 77.27
CA ILE D 1211 35.49 -26.16 78.62
C ILE D 1211 35.02 -27.38 79.39
N ASN D 1212 35.57 -27.56 80.58
CA ASN D 1212 35.04 -28.52 81.54
C ASN D 1212 34.72 -27.80 82.83
N TYR D 1213 33.45 -27.84 83.22
CA TYR D 1213 33.00 -27.13 84.40
C TYR D 1213 32.55 -28.14 85.44
N LYS D 1214 32.79 -27.80 86.71
CA LYS D 1214 32.29 -28.59 87.82
C LYS D 1214 31.40 -27.70 88.67
N VAL D 1215 30.26 -28.21 89.07
CA VAL D 1215 29.23 -27.43 89.75
C VAL D 1215 29.28 -27.76 91.24
N THR D 1216 29.53 -26.73 92.06
CA THR D 1216 29.42 -26.85 93.50
C THR D 1216 29.03 -25.49 94.06
N SER D 1217 28.65 -25.48 95.33
CA SER D 1217 27.91 -24.34 95.88
C SER D 1217 28.83 -23.16 96.18
N ASN D 1218 28.28 -21.95 95.95
CA ASN D 1218 28.88 -20.63 96.20
C ASN D 1218 30.11 -20.35 95.30
N ASP D 1219 30.33 -21.18 94.28
CA ASP D 1219 31.39 -20.93 93.31
C ASP D 1219 31.07 -21.68 92.04
N LEU D 1220 32.04 -21.68 91.13
CA LEU D 1220 31.96 -22.51 89.94
C LEU D 1220 33.39 -22.76 89.49
N LYS D 1221 33.66 -23.98 89.08
CA LYS D 1221 35.02 -24.38 88.73
C LYS D 1221 35.07 -24.70 87.25
N ILE D 1222 35.42 -23.69 86.46
CA ILE D 1222 35.55 -23.83 85.02
C ILE D 1222 36.99 -24.18 84.72
N TYR D 1223 37.19 -25.22 83.93
CA TYR D 1223 38.52 -25.64 83.52
C TYR D 1223 38.60 -25.61 82.01
N ILE D 1224 39.44 -24.75 81.48
CA ILE D 1224 39.58 -24.58 80.05
C ILE D 1224 40.99 -24.96 79.63
N SER D 1225 41.15 -25.23 78.34
CA SER D 1225 42.44 -25.52 77.73
C SER D 1225 42.49 -24.80 76.40
N PRO D 1226 42.87 -23.54 76.39
CA PRO D 1226 43.00 -22.81 75.13
C PRO D 1226 44.20 -23.28 74.32
N LYS D 1227 43.98 -23.50 73.04
CA LYS D 1227 45.03 -23.94 72.12
C LYS D 1227 45.30 -22.83 71.12
N LEU D 1228 46.33 -22.05 71.37
CA LEU D 1228 46.68 -20.90 70.55
C LEU D 1228 47.32 -21.38 69.26
N ARG D 1229 47.21 -20.58 68.21
CA ARG D 1229 47.84 -20.88 66.92
C ARG D 1229 48.33 -19.60 66.27
N ILE D 1230 49.60 -19.58 65.88
CA ILE D 1230 50.20 -18.47 65.17
C ILE D 1230 50.50 -18.94 63.75
N ILE D 1231 50.03 -18.17 62.77
CA ILE D 1231 50.33 -18.41 61.37
C ILE D 1231 51.19 -17.26 60.88
N HIS D 1232 51.68 -17.37 59.66
CA HIS D 1232 52.44 -16.30 59.03
C HIS D 1232 51.98 -16.16 57.59
N ASP D 1233 51.07 -15.22 57.36
CA ASP D 1233 50.62 -14.89 56.02
C ASP D 1233 50.44 -13.39 55.93
N GLY D 1234 50.67 -12.85 54.75
CA GLY D 1234 50.51 -11.43 54.53
C GLY D 1234 49.11 -11.10 54.07
N LYS D 1235 48.77 -9.82 54.17
CA LYS D 1235 47.59 -9.32 53.49
C LYS D 1235 47.83 -9.39 51.98
N GLU D 1236 46.75 -9.47 51.22
CA GLU D 1236 46.85 -9.59 49.76
C GLU D 1236 47.51 -8.36 49.16
N GLY D 1237 48.34 -8.57 48.16
CA GLY D 1237 49.13 -7.50 47.58
C GLY D 1237 50.61 -7.82 47.69
N ARG D 1238 51.36 -6.84 48.18
CA ARG D 1238 52.80 -7.06 48.36
C ARG D 1238 53.07 -7.88 49.61
N GLU D 1239 52.12 -7.94 50.54
CA GLU D 1239 52.43 -8.48 51.85
C GLU D 1239 52.38 -9.99 51.84
N ARG D 1240 51.43 -10.57 51.12
CA ARG D 1240 51.37 -12.02 50.99
C ARG D 1240 52.58 -12.56 50.24
N ILE D 1241 53.02 -11.86 49.21
CA ILE D 1241 54.14 -12.36 48.43
C ILE D 1241 55.46 -12.12 49.16
N GLN D 1242 55.57 -11.04 49.93
CA GLN D 1242 56.75 -10.88 50.78
C GLN D 1242 56.75 -11.88 51.93
N SER D 1243 55.58 -12.25 52.44
CA SER D 1243 55.47 -13.34 53.40
C SER D 1243 55.91 -14.67 52.81
N ASN D 1244 55.58 -14.92 51.55
CA ASN D 1244 56.04 -16.14 50.89
C ASN D 1244 57.55 -16.14 50.69
N LEU D 1245 58.12 -15.00 50.30
CA LEU D 1245 59.56 -14.91 50.10
C LEU D 1245 60.30 -15.08 51.43
N ILE D 1246 59.75 -14.51 52.51
CA ILE D 1246 60.41 -14.62 53.79
C ILE D 1246 60.09 -15.96 54.42
N LYS D 1247 59.10 -16.67 53.89
CA LYS D 1247 58.79 -18.01 54.34
C LYS D 1247 59.77 -19.00 53.73
N LYS D 1248 60.15 -18.78 52.47
CA LYS D 1248 60.91 -19.81 51.77
C LYS D 1248 62.36 -19.88 52.24
N TYR D 1249 63.12 -18.80 52.04
CA TYR D 1249 64.56 -18.91 52.16
C TYR D 1249 65.04 -18.76 53.59
N GLY D 1250 64.42 -17.87 54.36
CA GLY D 1250 64.82 -17.64 55.73
C GLY D 1250 64.14 -18.60 56.69
N LYS D 1251 64.79 -18.83 57.82
CA LYS D 1251 64.27 -19.67 58.88
C LYS D 1251 63.78 -18.82 60.03
N LEU D 1252 63.05 -19.45 60.93
CA LEU D 1252 62.44 -18.72 62.03
C LEU D 1252 63.50 -18.31 63.05
N GLY D 1253 63.53 -17.02 63.37
CA GLY D 1253 64.53 -16.48 64.25
C GLY D 1253 65.48 -15.51 63.59
N ASP D 1254 65.55 -15.52 62.26
CA ASP D 1254 66.45 -14.61 61.56
C ASP D 1254 65.92 -13.18 61.59
N LYS D 1255 66.77 -12.25 61.17
CA LYS D 1255 66.40 -10.85 61.02
C LYS D 1255 66.33 -10.51 59.54
N PHE D 1256 65.40 -9.64 59.19
CA PHE D 1256 65.15 -9.30 57.80
C PHE D 1256 64.92 -7.81 57.65
N ILE D 1257 65.22 -7.31 56.46
CA ILE D 1257 64.88 -5.96 56.06
C ILE D 1257 63.84 -6.08 54.95
N ILE D 1258 62.66 -5.53 55.19
CA ILE D 1258 61.58 -5.54 54.23
C ILE D 1258 61.35 -4.10 53.80
N TYR D 1259 60.78 -3.90 52.61
CA TYR D 1259 60.68 -2.58 52.02
C TYR D 1259 59.22 -2.27 51.77
N THR D 1260 58.75 -1.16 52.34
CA THR D 1260 57.35 -0.78 52.18
C THR D 1260 57.14 -0.02 50.88
N SER D 1261 57.78 1.13 50.72
CA SER D 1261 57.54 1.97 49.57
C SER D 1261 58.16 1.35 48.32
N LEU D 1262 57.35 0.61 47.58
CA LEU D 1262 57.80 -0.01 46.34
C LEU D 1262 56.99 0.57 45.21
N GLY D 1263 57.63 1.43 44.42
CA GLY D 1263 56.96 2.06 43.31
C GLY D 1263 57.69 1.75 42.03
N ILE D 1264 57.08 2.12 40.94
CA ILE D 1264 57.67 1.87 39.63
C ILE D 1264 58.42 3.11 39.18
N ASN D 1265 59.55 2.90 38.50
CA ASN D 1265 60.29 4.00 37.92
C ASN D 1265 59.66 4.32 36.57
N PRO D 1266 59.12 5.53 36.37
CA PRO D 1266 58.56 5.85 35.05
C PRO D 1266 59.61 6.05 33.96
N ASN D 1267 60.88 6.14 34.35
CA ASN D 1267 61.92 6.42 33.37
C ASN D 1267 62.31 5.17 32.60
N ASN D 1268 62.83 4.17 33.30
CA ASN D 1268 63.44 3.03 32.64
C ASN D 1268 62.63 1.75 32.75
N SER D 1269 61.32 1.84 32.95
CA SER D 1269 60.46 0.67 32.99
C SER D 1269 59.32 0.87 32.00
N SER D 1270 59.30 0.04 30.97
CA SER D 1270 58.19 0.02 30.03
C SER D 1270 57.03 -0.82 30.52
N ASN D 1271 57.31 -1.89 31.26
CA ASN D 1271 56.29 -2.79 31.77
C ASN D 1271 55.64 -2.17 32.99
N ARG D 1272 54.59 -2.82 33.47
CA ARG D 1272 54.07 -2.48 34.79
C ARG D 1272 54.52 -3.44 35.87
N PHE D 1273 55.62 -4.16 35.66
CA PHE D 1273 56.02 -5.17 36.63
C PHE D 1273 57.10 -4.64 37.56
N MET D 1274 57.13 -5.17 38.78
CA MET D 1274 58.01 -4.69 39.83
C MET D 1274 58.85 -5.83 40.40
N PHE D 1275 59.97 -5.45 41.03
CA PHE D 1275 60.70 -6.39 41.86
C PHE D 1275 60.24 -6.23 43.30
N TYR D 1276 60.25 -7.33 44.06
CA TYR D 1276 59.86 -7.30 45.47
C TYR D 1276 61.03 -7.75 46.34
N PRO D 1277 61.90 -6.85 46.76
CA PRO D 1277 63.10 -7.28 47.48
C PRO D 1277 62.92 -7.32 48.97
N VAL D 1278 63.52 -8.35 49.58
CA VAL D 1278 63.68 -8.45 51.03
C VAL D 1278 65.11 -8.87 51.29
N TYR D 1279 65.84 -8.06 52.05
CA TYR D 1279 67.23 -8.39 52.34
C TYR D 1279 67.33 -9.25 53.59
N GLN D 1280 68.13 -10.31 53.48
CA GLN D 1280 68.36 -11.24 54.58
C GLN D 1280 69.68 -10.89 55.23
N TYR D 1281 69.68 -10.81 56.55
CA TYR D 1281 70.93 -10.68 57.30
C TYR D 1281 71.70 -12.00 57.27
N ASN D 1282 72.96 -11.92 57.68
CA ASN D 1282 73.74 -13.10 57.95
C ASN D 1282 73.54 -13.50 59.40
N GLY D 1283 73.83 -14.76 59.72
CA GLY D 1283 73.88 -15.14 61.11
C GLY D 1283 72.74 -15.97 61.67
N ASN D 1284 71.83 -15.31 62.38
CA ASN D 1284 71.14 -15.74 63.62
C ASN D 1284 70.67 -17.19 63.58
N THR D 1285 69.76 -17.58 62.69
CA THR D 1285 69.33 -18.98 62.70
C THR D 1285 70.00 -19.75 61.56
N SER D 1286 69.74 -19.36 60.33
CA SER D 1286 70.45 -19.92 59.18
C SER D 1286 71.83 -19.28 59.15
N GLY D 1287 72.82 -19.97 59.70
CA GLY D 1287 74.19 -19.47 59.65
C GLY D 1287 74.71 -19.47 58.23
N LEU D 1288 74.77 -18.29 57.64
CA LEU D 1288 75.12 -18.16 56.23
C LEU D 1288 76.57 -17.72 56.12
N ALA D 1289 77.06 -17.67 54.88
CA ALA D 1289 78.41 -17.15 54.67
C ALA D 1289 78.39 -15.64 54.52
N GLN D 1290 77.63 -15.13 53.56
CA GLN D 1290 77.50 -13.70 53.36
C GLN D 1290 76.02 -13.37 53.29
N GLY D 1291 75.73 -12.07 53.29
CA GLY D 1291 74.38 -11.63 53.07
C GLY D 1291 73.92 -11.90 51.64
N ARG D 1292 72.60 -11.93 51.48
CA ARG D 1292 72.03 -12.19 50.17
C ARG D 1292 70.73 -11.41 50.06
N LEU D 1293 70.42 -10.98 48.84
CA LEU D 1293 69.27 -10.15 48.57
C LEU D 1293 68.25 -10.94 47.76
N LEU D 1294 67.15 -11.29 48.40
CA LEU D 1294 66.08 -11.98 47.72
C LEU D 1294 65.21 -10.99 46.97
N PHE D 1295 64.52 -11.47 45.94
CA PHE D 1295 63.61 -10.65 45.16
C PHE D 1295 62.69 -11.57 44.38
N HIS D 1296 61.53 -11.02 44.02
CA HIS D 1296 60.58 -11.71 43.17
C HIS D 1296 60.37 -10.90 41.90
N ARG D 1297 60.20 -11.58 40.78
CA ARG D 1297 59.93 -10.91 39.51
C ARG D 1297 58.90 -11.71 38.73
N ASP D 1298 58.16 -11.04 37.85
CA ASP D 1298 57.12 -11.74 37.11
C ASP D 1298 57.40 -11.82 35.61
N THR D 1299 58.37 -11.05 35.11
CA THR D 1299 58.88 -11.26 33.76
C THR D 1299 59.55 -12.62 33.72
N SER D 1300 59.01 -13.53 32.92
CA SER D 1300 59.39 -14.93 33.08
C SER D 1300 60.70 -15.26 32.40
N TYR D 1301 61.15 -14.41 31.47
CA TYR D 1301 62.38 -14.71 30.74
C TYR D 1301 63.59 -14.48 31.64
N SER D 1302 64.56 -15.38 31.52
CA SER D 1302 65.76 -15.29 32.35
C SER D 1302 66.62 -14.13 31.90
N SER D 1303 67.32 -13.52 32.85
CA SER D 1303 68.03 -12.27 32.61
C SER D 1303 69.10 -12.12 33.68
N LYS D 1304 69.58 -10.89 33.83
CA LYS D 1304 70.34 -10.47 34.99
C LYS D 1304 69.60 -9.30 35.64
N VAL D 1305 69.69 -9.22 36.96
CA VAL D 1305 68.98 -8.18 37.71
C VAL D 1305 70.01 -7.42 38.52
N ALA D 1306 70.22 -6.16 38.16
CA ALA D 1306 71.22 -5.32 38.80
C ALA D 1306 70.55 -4.48 39.87
N ALA D 1307 70.70 -4.89 41.12
CA ALA D 1307 70.24 -4.11 42.27
C ALA D 1307 71.33 -3.11 42.60
N TRP D 1308 71.29 -1.96 41.96
CA TRP D 1308 72.32 -0.94 42.12
C TRP D 1308 71.87 0.08 43.15
N ILE D 1309 72.68 0.26 44.19
CA ILE D 1309 72.40 1.21 45.26
C ILE D 1309 73.03 2.54 44.87
N PRO D 1310 72.25 3.61 44.74
CA PRO D 1310 72.85 4.92 44.48
C PRO D 1310 73.66 5.46 45.64
N GLY D 1311 73.24 5.18 46.87
CA GLY D 1311 73.92 5.75 48.02
C GLY D 1311 75.31 5.16 48.26
N ALA D 1312 75.39 3.83 48.34
CA ALA D 1312 76.67 3.17 48.52
C ALA D 1312 77.48 3.16 47.24
N GLY D 1313 76.82 3.21 46.09
CA GLY D 1313 77.51 3.18 44.82
C GLY D 1313 77.86 1.81 44.30
N ARG D 1314 77.57 0.75 45.05
CA ARG D 1314 77.82 -0.60 44.59
C ARG D 1314 76.51 -1.25 44.21
N SER D 1315 76.61 -2.23 43.33
CA SER D 1315 75.45 -2.94 42.80
C SER D 1315 75.50 -4.38 43.24
N LEU D 1316 74.33 -5.00 43.31
CA LEU D 1316 74.22 -6.43 43.54
C LEU D 1316 73.51 -7.06 42.36
N ILE D 1317 74.25 -7.84 41.58
CA ILE D 1317 73.72 -8.39 40.34
C ILE D 1317 73.79 -9.90 40.43
N ASN D 1318 72.83 -10.56 39.79
CA ASN D 1318 72.76 -12.01 39.74
C ASN D 1318 72.57 -12.41 38.29
N GLU D 1319 73.62 -12.97 37.70
CA GLU D 1319 73.54 -13.47 36.33
C GLU D 1319 72.70 -14.73 36.32
N ASN D 1320 71.99 -14.93 35.20
CA ASN D 1320 70.98 -15.99 35.04
C ASN D 1320 69.92 -15.87 36.14
N ALA D 1321 69.17 -14.78 36.06
CA ALA D 1321 68.09 -14.55 37.01
C ALA D 1321 67.03 -15.65 36.88
N ASN D 1322 66.76 -16.29 38.00
CA ASN D 1322 65.80 -17.38 38.04
C ASN D 1322 64.39 -16.84 37.87
N ILE D 1323 63.47 -17.73 37.49
CA ILE D 1323 62.10 -17.31 37.26
C ILE D 1323 61.39 -17.13 38.59
N GLY D 1324 60.76 -15.97 38.76
CA GLY D 1324 60.02 -15.71 39.98
C GLY D 1324 60.93 -15.22 41.08
N ASP D 1325 61.04 -16.01 42.14
CA ASP D 1325 62.00 -15.74 43.20
C ASP D 1325 63.39 -16.17 42.75
N ASP D 1326 64.42 -15.64 43.41
CA ASP D 1326 65.79 -15.95 43.08
C ASP D 1326 66.66 -15.66 44.30
N CYS D 1327 67.83 -16.30 44.34
CA CYS D 1327 68.84 -16.05 45.34
C CYS D 1327 69.99 -15.27 44.72
N ALA D 1328 70.20 -14.06 45.24
CA ALA D 1328 71.23 -13.16 44.76
C ALA D 1328 72.09 -12.76 45.94
N GLU D 1329 73.39 -13.07 45.87
CA GLU D 1329 74.25 -12.89 47.03
C GLU D 1329 74.85 -11.49 47.09
N ASP D 1330 74.77 -10.88 48.26
CA ASP D 1330 75.50 -9.66 48.56
C ASP D 1330 76.95 -10.03 48.83
N SER D 1331 77.88 -9.29 48.23
CA SER D 1331 79.30 -9.55 48.47
C SER D 1331 79.73 -8.96 49.82
N VAL D 1332 79.67 -7.64 49.96
CA VAL D 1332 80.08 -6.96 51.18
C VAL D 1332 78.92 -7.03 52.17
N ASN D 1333 79.17 -7.65 53.31
CA ASN D 1333 78.17 -7.77 54.36
C ASN D 1333 78.17 -6.47 55.17
N LYS D 1334 77.44 -5.47 54.69
CA LYS D 1334 77.23 -4.23 55.44
C LYS D 1334 75.80 -3.75 55.21
N PRO D 1335 74.92 -3.98 56.17
CA PRO D 1335 73.48 -3.76 55.92
C PRO D 1335 73.03 -2.31 56.03
N ASP D 1336 73.87 -1.42 56.57
CA ASP D 1336 73.48 -0.01 56.66
C ASP D 1336 73.38 0.61 55.27
N ASP D 1337 74.18 0.12 54.32
CA ASP D 1337 74.13 0.60 52.95
C ASP D 1337 72.86 0.17 52.24
N LEU D 1338 72.15 -0.82 52.75
CA LEU D 1338 70.90 -1.25 52.15
C LEU D 1338 69.69 -0.53 52.72
N LYS D 1339 69.90 0.48 53.56
CA LYS D 1339 68.78 1.18 54.18
C LYS D 1339 68.25 2.30 53.29
N GLN D 1340 69.11 2.95 52.52
CA GLN D 1340 68.66 4.06 51.70
C GLN D 1340 67.98 3.55 50.43
N TYR D 1341 67.74 4.47 49.50
CA TYR D 1341 67.01 4.17 48.28
C TYR D 1341 67.77 3.20 47.40
N ILE D 1342 67.05 2.20 46.87
CA ILE D 1342 67.65 1.13 46.08
C ILE D 1342 67.04 1.15 44.68
N TYR D 1343 67.90 1.10 43.67
CA TYR D 1343 67.46 1.06 42.29
C TYR D 1343 67.72 -0.33 41.73
N MET D 1344 66.67 -1.13 41.62
CA MET D 1344 66.74 -2.43 40.97
C MET D 1344 66.31 -2.26 39.53
N THR D 1345 66.89 -3.03 38.64
CA THR D 1345 66.57 -2.95 37.22
C THR D 1345 66.75 -4.30 36.55
N ASP D 1346 66.22 -4.40 35.34
CA ASP D 1346 66.44 -5.54 34.48
C ASP D 1346 67.44 -5.22 33.39
N SER D 1347 67.51 -3.95 32.98
CA SER D 1347 68.06 -3.42 31.74
C SER D 1347 67.31 -3.98 30.53
N LYS D 1348 66.09 -4.47 30.75
CA LYS D 1348 65.22 -5.02 29.72
C LYS D 1348 63.78 -4.60 29.89
N GLY D 1349 63.53 -3.33 30.22
CA GLY D 1349 62.19 -2.80 30.31
C GLY D 1349 61.57 -2.86 31.69
N THR D 1350 62.36 -3.10 32.73
CA THR D 1350 61.85 -3.21 34.09
C THR D 1350 62.81 -2.55 35.06
N ALA D 1351 62.29 -1.61 35.85
CA ALA D 1351 63.01 -1.02 36.97
C ALA D 1351 62.02 -0.77 38.09
N THR D 1352 62.51 -0.78 39.33
CA THR D 1352 61.62 -0.67 40.47
C THR D 1352 62.25 0.23 41.53
N ASP D 1353 61.48 1.22 41.98
CA ASP D 1353 61.90 2.08 43.07
C ASP D 1353 61.74 1.34 44.38
N VAL D 1354 62.80 1.28 45.17
CA VAL D 1354 62.81 0.54 46.43
C VAL D 1354 63.21 1.50 47.53
N SER D 1355 62.30 1.75 48.47
CA SER D 1355 62.58 2.64 49.58
C SER D 1355 61.68 2.26 50.75
N GLY D 1356 61.88 2.94 51.87
CA GLY D 1356 61.14 2.67 53.08
C GLY D 1356 61.48 1.32 53.70
N PRO D 1357 62.67 1.19 54.27
CA PRO D 1357 63.04 -0.09 54.88
C PRO D 1357 62.38 -0.28 56.23
N VAL D 1358 62.18 -1.54 56.60
CA VAL D 1358 61.75 -1.92 57.94
C VAL D 1358 62.58 -3.13 58.37
N ASP D 1359 63.33 -2.99 59.45
CA ASP D 1359 64.03 -4.13 60.03
C ASP D 1359 63.07 -4.87 60.95
N ILE D 1360 63.03 -6.19 60.83
CA ILE D 1360 62.14 -7.03 61.63
C ILE D 1360 62.94 -8.18 62.24
N ASN D 1361 62.41 -8.74 63.32
CA ASN D 1361 63.01 -9.88 64.00
C ASN D 1361 61.95 -10.98 64.08
N THR D 1362 62.21 -12.10 63.41
CA THR D 1362 61.21 -13.16 63.32
C THR D 1362 61.18 -14.06 64.55
N ALA D 1363 62.14 -13.90 65.47
CA ALA D 1363 62.21 -14.78 66.62
C ALA D 1363 61.04 -14.54 67.57
N ILE D 1364 60.49 -15.63 68.11
CA ILE D 1364 59.26 -15.59 68.88
C ILE D 1364 59.53 -16.26 70.22
N SER D 1365 59.55 -15.48 71.29
CA SER D 1365 59.78 -16.01 72.62
C SER D 1365 58.49 -16.62 73.16
N SER D 1366 58.63 -17.73 73.88
CA SER D 1366 57.48 -18.28 74.61
C SER D 1366 57.06 -17.39 75.76
N GLU D 1367 57.96 -16.54 76.25
CA GLU D 1367 57.62 -15.59 77.30
C GLU D 1367 56.65 -14.52 76.83
N LYS D 1368 56.75 -14.09 75.57
CA LYS D 1368 55.90 -13.03 75.09
C LYS D 1368 54.70 -13.55 74.31
N VAL D 1369 54.31 -14.80 74.53
CA VAL D 1369 53.05 -15.34 74.06
C VAL D 1369 52.20 -15.56 75.30
N GLN D 1370 51.18 -14.73 75.50
CA GLN D 1370 50.51 -14.68 76.79
C GLN D 1370 49.01 -14.56 76.61
N ILE D 1371 48.30 -14.85 77.69
CA ILE D 1371 46.84 -14.84 77.75
C ILE D 1371 46.42 -14.00 78.95
N THR D 1372 45.43 -13.14 78.75
CA THR D 1372 44.64 -12.63 79.86
C THR D 1372 43.20 -13.09 79.66
N ILE D 1373 42.51 -13.33 80.77
CA ILE D 1373 41.09 -13.69 80.77
C ILE D 1373 40.39 -12.78 81.75
N LYS D 1374 39.19 -12.33 81.39
CA LYS D 1374 38.47 -11.32 82.16
C LYS D 1374 37.20 -11.92 82.72
N ALA D 1375 37.30 -12.49 83.91
CA ALA D 1375 36.14 -12.95 84.66
C ALA D 1375 36.21 -12.28 86.03
N GLY D 1376 35.74 -11.04 86.10
CA GLY D 1376 35.91 -10.24 87.29
C GLY D 1376 37.24 -9.53 87.31
N LYS D 1377 38.33 -10.29 87.20
CA LYS D 1377 39.67 -9.73 87.18
C LYS D 1377 40.42 -10.35 86.01
N GLU D 1378 41.61 -9.82 85.75
CA GLU D 1378 42.52 -10.43 84.80
C GLU D 1378 43.28 -11.55 85.50
N TYR D 1379 43.31 -12.72 84.86
CA TYR D 1379 44.13 -13.83 85.32
C TYR D 1379 45.18 -14.04 84.24
N SER D 1380 46.27 -13.28 84.33
CA SER D 1380 47.26 -13.24 83.26
C SER D 1380 48.06 -14.54 83.25
N LEU D 1381 48.15 -15.17 82.08
CA LEU D 1381 48.82 -16.44 81.93
C LEU D 1381 49.87 -16.32 80.84
N THR D 1382 50.95 -17.06 80.99
CA THR D 1382 52.09 -17.01 80.07
C THR D 1382 52.42 -18.42 79.61
N ALA D 1383 52.76 -18.55 78.33
CA ALA D 1383 52.96 -19.86 77.72
C ALA D 1383 54.20 -20.57 78.25
N ASN D 1384 55.18 -19.83 78.80
CA ASN D 1384 56.47 -20.41 79.17
C ASN D 1384 56.34 -21.43 80.28
N LYS D 1385 55.33 -21.28 81.14
CA LYS D 1385 55.11 -22.23 82.22
C LYS D 1385 53.90 -23.11 81.96
N ASP D 1386 53.17 -22.85 80.87
CA ASP D 1386 51.88 -23.51 80.70
C ASP D 1386 51.87 -24.37 79.44
N VAL D 1387 52.79 -24.15 78.52
CA VAL D 1387 52.97 -25.07 77.41
C VAL D 1387 53.67 -26.33 77.93
N SER D 1388 53.10 -27.50 77.62
CA SER D 1388 53.76 -28.75 77.97
C SER D 1388 55.01 -28.97 77.12
N VAL D 1389 54.87 -28.90 75.80
CA VAL D 1389 55.98 -29.15 74.89
C VAL D 1389 56.03 -28.06 73.82
N GLN D 1390 57.20 -27.45 73.65
CA GLN D 1390 57.33 -26.33 72.74
C GLN D 1390 57.18 -26.80 71.30
N PRO D 1391 56.37 -26.13 70.49
CA PRO D 1391 56.25 -26.50 69.08
C PRO D 1391 57.50 -26.09 68.31
N SER D 1392 57.72 -26.78 67.20
CA SER D 1392 58.94 -26.57 66.42
C SER D 1392 58.86 -25.24 65.67
N PRO D 1393 60.00 -24.57 65.48
CA PRO D 1393 59.98 -23.30 64.74
C PRO D 1393 59.65 -23.51 63.27
N SER D 1394 58.46 -23.04 62.89
CA SER D 1394 58.02 -23.13 61.51
C SER D 1394 57.13 -21.93 61.22
N PHE D 1395 57.26 -21.40 60.00
CA PHE D 1395 56.44 -20.26 59.61
C PHE D 1395 54.99 -20.66 59.36
N GLU D 1396 54.74 -21.94 59.10
CA GLU D 1396 53.41 -22.39 58.73
C GLU D 1396 52.47 -22.38 59.93
N GLU D 1397 52.78 -23.19 60.94
CA GLU D 1397 51.92 -23.33 62.09
C GLU D 1397 52.78 -23.42 63.34
N MET D 1398 52.39 -22.69 64.37
CA MET D 1398 53.02 -22.80 65.69
C MET D 1398 51.91 -23.01 66.70
N CYS D 1399 51.65 -24.26 67.04
CA CYS D 1399 50.51 -24.64 67.85
C CYS D 1399 50.94 -24.74 69.30
N TYR D 1400 50.37 -23.91 70.15
CA TYR D 1400 50.67 -23.90 71.58
C TYR D 1400 49.51 -24.53 72.32
N GLN D 1401 49.77 -25.68 72.93
CA GLN D 1401 48.78 -26.35 73.76
C GLN D 1401 49.01 -25.98 75.21
N PHE D 1402 47.95 -25.53 75.89
CA PHE D 1402 48.06 -25.09 77.27
C PHE D 1402 47.52 -26.15 78.23
N ASN D 1403 47.58 -25.84 79.51
CA ASN D 1403 47.22 -26.82 80.52
C ASN D 1403 45.80 -26.57 81.03
N ALA D 1404 45.45 -27.30 82.08
CA ALA D 1404 44.17 -27.09 82.75
C ALA D 1404 44.21 -25.79 83.54
N LEU D 1405 43.31 -24.88 83.19
CA LEU D 1405 43.31 -23.54 83.73
C LEU D 1405 42.02 -23.31 84.50
N GLU D 1406 42.14 -23.15 85.81
CA GLU D 1406 40.98 -22.99 86.68
C GLU D 1406 40.43 -21.57 86.54
N ILE D 1407 39.11 -21.44 86.55
CA ILE D 1407 38.44 -20.16 86.64
C ILE D 1407 37.52 -20.18 87.85
N ASP D 1408 37.76 -19.26 88.76
CA ASP D 1408 36.90 -19.11 89.93
C ASP D 1408 35.56 -18.52 89.50
N GLY D 1409 34.47 -19.20 89.88
CA GLY D 1409 33.14 -18.77 89.46
C GLY D 1409 32.59 -17.55 90.12
N SER D 1410 33.16 -17.14 91.26
CA SER D 1410 32.71 -15.90 91.90
C SER D 1410 33.23 -14.70 91.11
N ASN D 1411 32.82 -13.52 91.56
CA ASN D 1411 33.05 -12.20 90.98
C ASN D 1411 32.46 -12.14 89.56
N LEU D 1412 31.42 -12.91 89.25
CA LEU D 1412 30.73 -12.76 87.99
C LEU D 1412 29.38 -12.10 88.19
N ASN D 1413 29.24 -10.88 87.71
CA ASN D 1413 27.98 -10.16 87.80
C ASN D 1413 27.01 -10.70 86.76
N PHE D 1414 25.75 -10.80 87.13
CA PHE D 1414 24.72 -11.33 86.25
C PHE D 1414 23.68 -10.26 85.98
N THR D 1415 23.72 -9.68 84.80
CA THR D 1415 22.62 -8.89 84.27
C THR D 1415 21.80 -9.76 83.33
N ASN D 1416 20.48 -9.72 83.50
CA ASN D 1416 19.52 -10.63 82.85
C ASN D 1416 19.90 -12.10 83.05
N ASN D 1417 20.42 -12.40 84.25
CA ASN D 1417 20.93 -13.71 84.65
C ASN D 1417 22.00 -14.22 83.69
N SER D 1418 22.84 -13.32 83.20
CA SER D 1418 23.85 -13.68 82.21
C SER D 1418 25.16 -13.00 82.54
N ALA D 1419 26.26 -13.70 82.28
CA ALA D 1419 27.60 -13.17 82.43
C ALA D 1419 28.45 -13.61 81.23
N SER D 1420 29.58 -12.95 81.05
CA SER D 1420 30.44 -13.25 79.92
C SER D 1420 31.89 -13.23 80.34
N ILE D 1421 32.67 -14.13 79.76
CA ILE D 1421 34.08 -14.28 80.07
C ILE D 1421 34.86 -14.16 78.78
N ASP D 1422 35.64 -13.09 78.67
CA ASP D 1422 36.45 -12.84 77.48
C ASP D 1422 37.83 -13.46 77.68
N VAL D 1423 38.33 -14.09 76.64
CA VAL D 1423 39.71 -14.58 76.59
C VAL D 1423 40.42 -13.78 75.52
N THR D 1424 41.63 -13.29 75.83
CA THR D 1424 42.39 -12.50 74.88
C THR D 1424 43.66 -13.25 74.52
N PHE D 1425 43.67 -13.87 73.35
CA PHE D 1425 44.90 -14.39 72.80
C PHE D 1425 45.71 -13.22 72.25
N THR D 1426 47.02 -13.25 72.48
CA THR D 1426 47.90 -12.25 71.90
C THR D 1426 49.30 -12.82 71.73
N ALA D 1427 50.11 -12.11 70.97
CA ALA D 1427 51.48 -12.54 70.71
C ALA D 1427 52.32 -11.30 70.46
N LEU D 1428 53.55 -11.34 70.97
CA LEU D 1428 54.44 -10.20 70.85
C LEU D 1428 55.78 -10.67 70.32
N ALA D 1429 56.27 -10.03 69.27
CA ALA D 1429 57.59 -10.34 68.77
C ALA D 1429 58.63 -9.76 69.71
N ASP D 1430 59.89 -10.20 69.53
CA ASP D 1430 60.91 -9.90 70.53
C ASP D 1430 61.39 -8.46 70.44
N ASP D 1431 61.21 -7.81 69.28
CA ASP D 1431 61.56 -6.40 69.14
C ASP D 1431 60.60 -5.49 69.89
N GLY D 1432 59.40 -5.96 70.22
CA GLY D 1432 58.37 -5.14 70.80
C GLY D 1432 57.13 -4.99 69.93
N ARG D 1433 57.19 -5.39 68.67
CA ARG D 1433 55.98 -5.33 67.87
C ARG D 1433 55.10 -6.52 68.19
N LYS D 1434 53.83 -6.39 67.83
CA LYS D 1434 52.84 -7.41 68.15
C LYS D 1434 52.49 -8.20 66.91
N LEU D 1435 52.23 -9.49 67.11
CA LEU D 1435 51.88 -10.34 65.98
C LEU D 1435 50.41 -10.30 65.67
N GLY D 1436 49.61 -9.75 66.56
CA GLY D 1436 48.18 -9.71 66.39
C GLY D 1436 47.50 -10.39 67.56
N TYR D 1437 46.24 -10.00 67.78
CA TYR D 1437 45.48 -10.57 68.88
C TYR D 1437 44.22 -11.23 68.34
N GLU D 1438 43.61 -12.03 69.19
CA GLU D 1438 42.45 -12.83 68.83
C GLU D 1438 41.59 -12.96 70.08
N ILE D 1439 40.63 -12.06 70.24
CA ILE D 1439 39.81 -12.00 71.44
C ILE D 1439 38.59 -12.89 71.25
N PHE D 1440 38.32 -13.71 72.26
CA PHE D 1440 37.14 -14.57 72.24
C PHE D 1440 36.17 -14.13 73.32
N ASN D 1441 35.06 -14.85 73.42
CA ASN D 1441 33.96 -14.47 74.30
C ASN D 1441 33.18 -15.72 74.67
N ILE D 1442 32.99 -15.94 75.97
CA ILE D 1442 32.31 -17.11 76.49
C ILE D 1442 31.14 -16.63 77.36
N PRO D 1443 29.90 -16.87 76.96
CA PRO D 1443 28.77 -16.47 77.82
C PRO D 1443 28.58 -17.46 78.95
N VAL D 1444 28.07 -16.95 80.07
CA VAL D 1444 27.70 -17.76 81.23
C VAL D 1444 26.29 -17.36 81.63
N ILE D 1445 25.38 -18.33 81.59
CA ILE D 1445 23.97 -18.07 81.90
C ILE D 1445 23.58 -18.89 83.11
N GLN D 1446 22.80 -18.27 84.00
CA GLN D 1446 22.50 -18.82 85.32
C GLN D 1446 21.00 -19.03 85.49
N LYS D 1447 20.63 -20.18 86.05
CA LYS D 1447 19.24 -20.47 86.34
C LYS D 1447 18.89 -20.05 87.77
N VAL D 1448 17.84 -19.27 87.90
CA VAL D 1448 17.32 -18.83 89.20
C VAL D 1448 16.38 -19.90 89.73
N LYS D 1449 16.04 -19.80 91.02
CA LYS D 1449 15.13 -20.77 91.61
C LYS D 1449 13.82 -20.12 92.06
N THR D 1450 13.84 -18.81 92.34
CA THR D 1450 12.70 -18.15 92.97
C THR D 1450 11.51 -18.04 92.02
N ASP D 1451 11.76 -18.00 90.71
CA ASP D 1451 10.66 -17.93 89.76
C ASP D 1451 10.07 -19.32 89.54
N ASN D 1452 8.76 -19.42 89.71
CA ASN D 1452 8.06 -20.64 89.33
C ASN D 1452 7.92 -20.71 87.83
N ALA D 1453 7.51 -21.88 87.35
CA ALA D 1453 7.23 -22.05 85.94
C ALA D 1453 5.98 -21.28 85.54
N LEU D 1454 5.80 -21.11 84.24
CA LEU D 1454 4.68 -20.32 83.78
C LEU D 1454 3.46 -21.21 83.67
N THR D 1455 2.35 -20.74 84.19
CA THR D 1455 1.13 -21.51 84.14
C THR D 1455 0.25 -20.95 83.03
N LEU D 1456 -0.60 -21.81 82.50
CA LEU D 1456 -1.68 -21.37 81.66
C LEU D 1456 -2.95 -21.43 82.50
N PHE D 1457 -3.69 -20.34 82.52
CA PHE D 1457 -4.87 -20.31 83.36
C PHE D 1457 -6.07 -20.21 82.45
N HIS D 1458 -6.65 -21.34 82.11
CA HIS D 1458 -7.93 -21.36 81.41
C HIS D 1458 -8.99 -20.91 82.41
N ASP D 1459 -9.63 -19.78 82.10
CA ASP D 1459 -10.56 -19.20 83.04
C ASP D 1459 -11.95 -19.80 82.89
N GLU D 1460 -12.76 -19.61 83.93
CA GLU D 1460 -14.14 -20.06 83.94
C GLU D 1460 -14.97 -19.40 82.84
N ASN D 1461 -14.88 -18.08 82.71
CA ASN D 1461 -15.71 -17.36 81.77
C ASN D 1461 -15.30 -17.55 80.31
N GLY D 1462 -14.16 -18.19 80.05
CA GLY D 1462 -13.74 -18.50 78.70
C GLY D 1462 -12.43 -17.88 78.29
N ALA D 1463 -11.79 -17.10 79.15
CA ALA D 1463 -10.51 -16.51 78.81
C ALA D 1463 -9.37 -17.48 79.10
N GLN D 1464 -8.23 -17.24 78.47
CA GLN D 1464 -7.00 -17.95 78.78
C GLN D 1464 -5.86 -16.96 78.85
N TYR D 1465 -4.96 -17.16 79.80
CA TYR D 1465 -3.83 -16.28 79.93
C TYR D 1465 -2.65 -17.00 80.58
N MET D 1466 -1.48 -16.46 80.32
CA MET D 1466 -0.22 -16.98 80.83
C MET D 1466 0.29 -16.08 81.94
N GLN D 1467 0.42 -16.64 83.13
CA GLN D 1467 0.91 -15.90 84.28
C GLN D 1467 2.43 -15.85 84.21
N TRP D 1468 2.96 -14.78 83.62
CA TRP D 1468 4.40 -14.65 83.40
C TRP D 1468 4.98 -13.90 84.59
N GLY D 1469 5.07 -14.56 85.72
CA GLY D 1469 5.43 -13.86 86.93
C GLY D 1469 4.27 -13.00 87.37
N ALA D 1470 4.48 -11.69 87.46
CA ALA D 1470 3.40 -10.79 87.85
C ALA D 1470 2.55 -10.38 86.66
N TYR D 1471 2.86 -10.86 85.47
CA TYR D 1471 2.16 -10.41 84.29
C TYR D 1471 1.11 -11.43 83.87
N ARG D 1472 -0.04 -10.91 83.44
CA ARG D 1472 -1.06 -11.74 82.81
C ARG D 1472 -1.21 -11.24 81.40
N ILE D 1473 -1.10 -12.13 80.43
CA ILE D 1473 -1.20 -11.75 79.03
C ILE D 1473 -2.17 -12.68 78.33
N ARG D 1474 -3.09 -12.11 77.57
CA ARG D 1474 -4.21 -12.83 77.00
C ARG D 1474 -3.76 -13.57 75.75
N LEU D 1475 -4.29 -14.77 75.53
CA LEU D 1475 -3.78 -15.61 74.45
C LEU D 1475 -4.85 -15.88 73.42
N ASN D 1476 -6.12 -15.89 73.82
CA ASN D 1476 -7.23 -16.13 72.93
C ASN D 1476 -8.29 -15.05 73.10
N THR D 1477 -9.37 -15.16 72.35
CA THR D 1477 -10.46 -14.21 72.49
C THR D 1477 -11.78 -14.88 72.15
N LEU D 1478 -12.85 -14.34 72.71
CA LEU D 1478 -14.20 -14.77 72.43
C LEU D 1478 -14.86 -13.93 71.36
N PHE D 1479 -14.08 -13.40 70.43
CA PHE D 1479 -14.64 -12.52 69.42
C PHE D 1479 -15.51 -13.27 68.43
N ALA D 1480 -15.12 -14.50 68.09
CA ALA D 1480 -15.88 -15.26 67.12
C ALA D 1480 -17.18 -15.78 67.72
N ARG D 1481 -17.24 -15.91 69.05
CA ARG D 1481 -18.49 -16.29 69.70
C ARG D 1481 -19.53 -15.19 69.54
N GLN D 1482 -19.18 -13.97 69.91
CA GLN D 1482 -20.10 -12.86 69.92
C GLN D 1482 -20.16 -12.15 68.57
N LEU D 1483 -19.41 -12.62 67.59
CA LEU D 1483 -19.52 -12.09 66.25
C LEU D 1483 -20.76 -12.60 65.53
N VAL D 1484 -21.29 -13.75 65.95
CA VAL D 1484 -22.31 -14.47 65.19
C VAL D 1484 -23.60 -13.66 65.14
N GLU D 1485 -23.98 -13.06 66.26
CA GLU D 1485 -25.16 -12.21 66.35
C GLU D 1485 -25.05 -10.99 65.45
N ARG D 1486 -23.90 -10.33 65.43
CA ARG D 1486 -23.71 -9.18 64.57
C ARG D 1486 -23.68 -9.57 63.10
N ALA D 1487 -23.16 -10.75 62.80
CA ALA D 1487 -22.99 -11.18 61.42
C ALA D 1487 -24.25 -11.74 60.80
N ASN D 1488 -25.39 -11.61 61.46
CA ASN D 1488 -26.60 -12.25 60.98
C ASN D 1488 -27.19 -11.51 59.79
N THR D 1489 -27.17 -10.18 59.83
CA THR D 1489 -28.02 -9.42 58.93
C THR D 1489 -27.29 -8.82 57.75
N GLY D 1490 -25.96 -8.79 57.76
CA GLY D 1490 -25.25 -8.35 56.57
C GLY D 1490 -23.89 -7.77 56.90
N ILE D 1491 -23.14 -7.52 55.82
CA ILE D 1491 -21.76 -7.05 55.88
C ILE D 1491 -21.67 -5.69 56.55
N ASP D 1492 -22.70 -4.86 56.36
CA ASP D 1492 -22.72 -3.50 56.90
C ASP D 1492 -22.65 -3.51 58.42
N THR D 1493 -23.29 -4.48 59.04
CA THR D 1493 -23.25 -4.60 60.49
C THR D 1493 -21.91 -5.15 60.95
N ILE D 1494 -21.25 -5.93 60.11
CA ILE D 1494 -19.98 -6.55 60.49
C ILE D 1494 -18.89 -5.50 60.57
N LEU D 1495 -18.89 -4.55 59.66
CA LEU D 1495 -17.82 -3.58 59.60
C LEU D 1495 -18.14 -2.30 60.34
N SER D 1496 -19.09 -2.32 61.26
CA SER D 1496 -19.45 -1.11 61.98
C SER D 1496 -18.41 -0.77 63.03
N MET D 1497 -18.54 0.43 63.58
CA MET D 1497 -17.81 0.75 64.80
C MET D 1497 -18.38 -0.03 65.97
N GLU D 1498 -19.67 -0.36 65.91
CA GLU D 1498 -20.31 -1.10 67.00
C GLU D 1498 -19.75 -2.50 67.12
N THR D 1499 -19.44 -3.14 65.99
CA THR D 1499 -18.79 -4.44 66.04
C THR D 1499 -17.39 -4.33 66.61
N GLN D 1500 -16.71 -3.24 66.34
CA GLN D 1500 -15.36 -3.04 66.84
C GLN D 1500 -15.30 -2.80 68.34
N ASN D 1501 -16.41 -2.49 68.99
CA ASN D 1501 -16.40 -2.26 70.42
C ASN D 1501 -16.97 -3.43 71.22
N ILE D 1502 -16.96 -4.64 70.66
CA ILE D 1502 -17.35 -5.81 71.43
C ILE D 1502 -16.29 -6.11 72.48
N GLN D 1503 -16.74 -6.27 73.72
CA GLN D 1503 -15.81 -6.44 74.82
C GLN D 1503 -15.53 -7.90 75.12
N GLU D 1504 -14.39 -8.12 75.78
CA GLU D 1504 -13.80 -9.40 76.13
C GLU D 1504 -13.62 -9.49 77.64
N PRO D 1505 -13.89 -10.63 78.25
CA PRO D 1505 -13.92 -10.71 79.71
C PRO D 1505 -12.58 -10.51 80.41
N MET D 1506 -12.65 -10.48 81.72
CA MET D 1506 -11.54 -10.12 82.58
C MET D 1506 -10.56 -11.29 82.71
N MET D 1507 -9.27 -10.96 82.68
CA MET D 1507 -8.21 -11.96 82.67
C MET D 1507 -8.08 -12.55 84.07
N GLY D 1508 -8.93 -13.50 84.39
CA GLY D 1508 -8.91 -14.07 85.73
C GLY D 1508 -9.47 -13.08 86.71
N ILE D 1509 -9.00 -13.17 87.95
CA ILE D 1509 -9.48 -12.31 89.03
C ILE D 1509 -8.49 -11.16 89.21
N GLY D 1510 -9.03 -9.97 89.39
CA GLY D 1510 -8.22 -8.77 89.46
C GLY D 1510 -9.11 -7.55 89.29
N ALA D 1511 -8.47 -6.39 89.12
CA ALA D 1511 -9.23 -5.16 88.98
C ALA D 1511 -8.69 -4.31 87.86
N TYR D 1512 -9.58 -3.50 87.32
CA TYR D 1512 -9.23 -2.38 86.44
C TYR D 1512 -9.28 -1.13 87.29
N ILE D 1513 -8.15 -0.46 87.44
CA ILE D 1513 -8.12 0.78 88.19
C ILE D 1513 -7.40 1.82 87.35
N GLU D 1514 -7.68 3.09 87.64
CA GLU D 1514 -7.14 4.21 86.88
C GLU D 1514 -6.59 5.24 87.85
N LEU D 1515 -5.37 5.67 87.62
CA LEU D 1515 -4.70 6.64 88.47
C LEU D 1515 -4.37 7.86 87.65
N ILE D 1516 -5.15 8.92 87.82
CA ILE D 1516 -4.83 10.19 87.20
C ILE D 1516 -3.72 10.83 88.00
N LEU D 1517 -2.74 11.40 87.30
CA LEU D 1517 -1.52 11.83 87.94
C LEU D 1517 -1.46 13.35 87.92
N ASP D 1518 -0.67 13.92 88.83
CA ASP D 1518 -0.67 15.36 88.97
C ASP D 1518 0.13 16.01 87.85
N LYS D 1519 0.08 17.34 87.80
CA LYS D 1519 0.71 18.13 86.76
C LYS D 1519 2.22 18.10 86.92
N TYR D 1520 2.92 18.36 85.82
CA TYR D 1520 4.37 18.39 85.85
C TYR D 1520 4.83 19.65 86.57
N ASN D 1521 5.13 19.50 87.85
CA ASN D 1521 5.92 20.49 88.55
C ASN D 1521 7.32 19.92 88.66
N PRO D 1522 8.32 20.54 88.03
CA PRO D 1522 9.69 20.04 88.19
C PRO D 1522 10.26 20.29 89.57
N ASP D 1523 9.56 21.06 90.41
CA ASP D 1523 9.87 21.13 91.83
C ASP D 1523 9.74 19.76 92.47
N ILE D 1524 8.72 18.99 92.10
CA ILE D 1524 8.56 17.66 92.66
C ILE D 1524 8.99 16.58 91.69
N HIS D 1525 8.68 16.72 90.40
CA HIS D 1525 8.90 15.64 89.45
C HIS D 1525 10.34 15.55 88.97
N GLY D 1526 11.22 16.40 89.45
CA GLY D 1526 12.58 16.37 88.98
C GLY D 1526 12.73 17.01 87.62
N THR D 1527 13.91 16.82 87.04
CA THR D 1527 14.25 17.47 85.78
C THR D 1527 13.50 16.89 84.59
N ASN D 1528 13.02 15.66 84.70
CA ASN D 1528 12.49 14.95 83.56
C ASN D 1528 10.98 14.82 83.66
N LYS D 1529 10.30 14.89 82.51
CA LYS D 1529 8.90 14.53 82.45
C LYS D 1529 8.70 13.03 82.33
N SER D 1530 9.77 12.25 82.24
CA SER D 1530 9.66 10.81 82.16
C SER D 1530 9.40 10.24 83.56
N PHE D 1531 8.44 9.31 83.65
CA PHE D 1531 8.19 8.57 84.88
C PHE D 1531 7.96 7.10 84.54
N LYS D 1532 7.86 6.30 85.59
CA LYS D 1532 7.46 4.91 85.51
C LYS D 1532 6.51 4.61 86.66
N ILE D 1533 5.30 4.19 86.35
CA ILE D 1533 4.52 3.59 87.43
C ILE D 1533 5.07 2.18 87.54
N ILE D 1534 4.91 1.56 88.71
CA ILE D 1534 5.60 0.32 88.99
C ILE D 1534 4.59 -0.63 89.61
N TYR D 1535 4.95 -1.90 89.68
CA TYR D 1535 4.23 -2.84 90.52
C TYR D 1535 5.19 -3.36 91.56
N GLY D 1536 4.67 -3.68 92.74
CA GLY D 1536 5.50 -4.25 93.79
C GLY D 1536 4.71 -5.22 94.63
N ASP D 1537 5.46 -6.02 95.40
CA ASP D 1537 4.95 -6.89 96.46
C ASP D 1537 3.96 -7.95 95.96
N ILE D 1538 4.43 -8.82 95.07
CA ILE D 1538 3.72 -10.06 94.79
C ILE D 1538 4.80 -11.11 94.57
N PHE D 1539 4.44 -12.36 94.87
CA PHE D 1539 5.19 -13.58 94.51
C PHE D 1539 6.49 -13.74 95.30
N LYS D 1540 6.89 -12.70 96.03
CA LYS D 1540 8.13 -12.55 96.77
C LYS D 1540 8.08 -11.18 97.41
N ALA D 1541 9.10 -10.87 98.20
CA ALA D 1541 9.22 -9.54 98.79
C ALA D 1541 10.02 -8.58 97.93
N GLY D 1542 10.25 -8.91 96.66
CA GLY D 1542 11.07 -8.06 95.81
C GLY D 1542 10.26 -7.07 95.01
N ASP D 1543 10.88 -6.56 93.95
CA ASP D 1543 10.35 -5.45 93.17
C ASP D 1543 10.02 -5.91 91.75
N HIS D 1544 8.87 -5.49 91.25
CA HIS D 1544 8.49 -5.70 89.87
C HIS D 1544 8.65 -4.43 89.06
N PHE D 1545 8.10 -4.45 87.86
CA PHE D 1545 8.63 -3.56 86.85
C PHE D 1545 7.47 -3.32 85.87
N PRO D 1546 7.64 -2.56 84.75
CA PRO D 1546 6.70 -1.47 84.46
C PRO D 1546 5.32 -1.87 83.93
N ILE D 1547 4.34 -1.97 84.83
CA ILE D 1547 2.96 -2.14 84.39
C ILE D 1547 2.48 -0.96 83.54
N TYR D 1548 3.06 0.23 83.71
CA TYR D 1548 2.94 1.28 82.71
C TYR D 1548 4.16 2.20 82.81
N GLN D 1549 4.58 2.71 81.65
CA GLN D 1549 5.55 3.79 81.56
C GLN D 1549 5.02 4.87 80.64
N GLY D 1550 5.18 6.12 81.04
CA GLY D 1550 4.73 7.22 80.21
C GLY D 1550 5.53 8.47 80.45
N ALA D 1551 4.89 9.61 80.20
CA ALA D 1551 5.53 10.91 80.33
C ALA D 1551 4.57 11.91 80.98
N LEU D 1552 5.15 13.00 81.51
CA LEU D 1552 4.37 14.02 82.21
C LEU D 1552 4.02 15.19 81.29
N SER D 1553 3.05 15.98 81.73
CA SER D 1553 2.62 17.16 81.00
C SER D 1553 2.23 18.27 81.96
N ASP D 1554 2.15 19.48 81.42
CA ASP D 1554 1.79 20.64 82.23
C ASP D 1554 0.33 20.57 82.66
N ILE D 1555 -0.56 20.20 81.75
CA ILE D 1555 -1.87 19.71 82.16
C ILE D 1555 -1.71 18.37 82.87
N THR D 1556 -2.56 18.13 83.86
CA THR D 1556 -2.65 16.79 84.42
C THR D 1556 -3.29 15.87 83.38
N GLN D 1557 -2.44 15.29 82.54
CA GLN D 1557 -2.86 14.59 81.34
C GLN D 1557 -2.75 13.10 81.57
N THR D 1558 -1.84 12.72 82.45
CA THR D 1558 -1.61 11.31 82.74
C THR D 1558 -2.79 10.74 83.51
N THR D 1559 -3.62 9.98 82.80
CA THR D 1559 -4.73 9.24 83.40
C THR D 1559 -4.75 7.85 82.77
N VAL D 1560 -4.29 6.86 83.52
CA VAL D 1560 -3.95 5.57 82.95
C VAL D 1560 -4.83 4.48 83.58
N LYS D 1561 -5.72 3.93 82.76
CA LYS D 1561 -6.60 2.85 83.16
C LYS D 1561 -5.83 1.54 83.06
N LEU D 1562 -5.57 0.90 84.20
CA LEU D 1562 -4.71 -0.27 84.22
C LEU D 1562 -5.44 -1.45 84.81
N PHE D 1563 -5.35 -2.59 84.12
CA PHE D 1563 -5.70 -3.86 84.75
C PHE D 1563 -4.67 -4.17 85.82
N LEU D 1564 -5.08 -4.93 86.82
CA LEU D 1564 -4.23 -5.11 88.00
C LEU D 1564 -4.35 -6.52 88.55
N PRO D 1565 -3.33 -7.35 88.37
CA PRO D 1565 -3.49 -8.79 88.62
C PRO D 1565 -3.41 -9.12 90.09
N ARG D 1566 -4.13 -10.18 90.47
CA ARG D 1566 -4.21 -10.58 91.86
C ARG D 1566 -4.19 -12.08 92.03
N VAL D 1567 -3.18 -12.56 92.72
CA VAL D 1567 -3.27 -13.86 93.37
C VAL D 1567 -4.32 -13.73 94.47
N ASP D 1568 -5.14 -14.77 94.64
CA ASP D 1568 -6.23 -14.71 95.60
C ASP D 1568 -5.72 -14.68 97.05
N ASN D 1569 -4.54 -15.24 97.28
CA ASN D 1569 -3.89 -15.22 98.59
C ASN D 1569 -2.62 -14.39 98.49
N ALA D 1570 -2.70 -13.11 98.82
CA ALA D 1570 -1.50 -12.30 98.84
C ALA D 1570 -0.75 -12.51 100.15
N TYR D 1571 0.54 -12.18 100.13
CA TYR D 1571 1.40 -12.48 101.27
C TYR D 1571 1.13 -11.47 102.39
N GLY D 1572 1.05 -10.20 102.04
CA GLY D 1572 0.46 -9.24 102.95
C GLY D 1572 -1.05 -9.37 102.86
N ASN D 1573 -1.64 -10.00 103.88
CA ASN D 1573 -3.07 -10.27 103.85
C ASN D 1573 -3.85 -9.07 104.37
N LYS D 1574 -3.16 -8.17 105.08
CA LYS D 1574 -3.76 -6.93 105.58
C LYS D 1574 -4.26 -6.05 104.46
N ASN D 1575 -3.50 -6.00 103.37
CA ASN D 1575 -3.85 -5.21 102.19
C ASN D 1575 -3.09 -5.82 101.02
N ASN D 1576 -3.84 -6.32 100.03
CA ASN D 1576 -3.32 -7.40 99.21
C ASN D 1576 -2.36 -6.91 98.12
N LEU D 1577 -2.52 -5.67 97.66
CA LEU D 1577 -1.78 -5.26 96.48
C LEU D 1577 -1.19 -3.87 96.67
N TYR D 1578 0.02 -3.67 96.14
CA TYR D 1578 0.73 -2.41 96.26
C TYR D 1578 1.26 -1.92 94.93
N VAL D 1579 1.06 -0.62 94.69
CA VAL D 1579 1.57 0.11 93.54
C VAL D 1579 2.21 1.40 94.04
N TYR D 1580 3.42 1.71 93.56
CA TYR D 1580 3.87 3.09 93.67
C TYR D 1580 4.22 3.63 92.30
N ALA D 1581 4.62 4.89 92.29
CA ALA D 1581 4.99 5.59 91.07
C ALA D 1581 6.38 6.15 91.23
N ALA D 1582 7.27 5.77 90.32
CA ALA D 1582 8.65 6.23 90.33
C ALA D 1582 8.88 7.24 89.23
N TYR D 1583 9.90 8.08 89.43
CA TYR D 1583 10.43 8.92 88.35
C TYR D 1583 11.89 9.23 88.66
N GLN D 1584 12.41 10.25 87.98
CA GLN D 1584 13.85 10.57 88.04
C GLN D 1584 14.28 10.99 89.44
N LYS D 1585 13.61 11.97 90.02
CA LYS D 1585 14.07 12.50 91.29
C LYS D 1585 13.70 11.60 92.46
N VAL D 1586 12.41 11.40 92.69
CA VAL D 1586 11.90 10.66 93.84
C VAL D 1586 11.17 9.44 93.29
N GLU D 1587 11.43 8.29 93.90
CA GLU D 1587 10.91 7.01 93.46
C GLU D 1587 10.45 6.14 94.62
N THR D 1588 9.95 6.72 95.69
CA THR D 1588 9.99 6.05 96.98
C THR D 1588 8.71 5.28 97.29
N ASN D 1589 8.73 4.61 98.44
CA ASN D 1589 7.78 3.59 98.84
C ASN D 1589 6.57 4.23 99.51
N PHE D 1590 5.38 3.79 99.10
CA PHE D 1590 4.13 4.39 99.53
C PHE D 1590 3.33 3.31 100.23
N ILE D 1591 2.05 3.57 100.48
CA ILE D 1591 1.14 2.51 100.92
C ILE D 1591 0.07 2.38 99.83
N ARG D 1592 -0.89 1.49 100.02
CA ARG D 1592 -1.37 0.64 98.94
C ARG D 1592 -2.88 0.59 98.86
N PHE D 1593 -3.36 -0.37 98.09
CA PHE D 1593 -4.77 -0.73 97.95
C PHE D 1593 -5.06 -2.02 98.70
N VAL D 1594 -6.30 -2.48 98.55
CA VAL D 1594 -6.73 -3.79 99.05
C VAL D 1594 -7.97 -4.22 98.29
N LYS D 1595 -7.98 -5.47 97.83
CA LYS D 1595 -9.19 -6.06 97.29
C LYS D 1595 -9.76 -7.06 98.29
N GLU D 1596 -11.08 -7.12 98.35
CA GLU D 1596 -11.77 -8.18 99.06
C GLU D 1596 -11.53 -9.51 98.34
N ASP D 1597 -11.76 -10.61 99.04
CA ASP D 1597 -11.76 -11.90 98.36
C ASP D 1597 -13.06 -12.12 97.60
N ASN D 1598 -14.08 -11.34 97.94
CA ASN D 1598 -15.35 -11.27 97.22
C ASN D 1598 -15.13 -10.79 95.79
N ASN D 1599 -16.10 -11.10 94.94
CA ASN D 1599 -16.15 -10.54 93.59
C ASN D 1599 -16.36 -9.02 93.61
N LYS D 1600 -16.89 -8.47 94.69
CA LYS D 1600 -16.93 -7.04 94.93
C LYS D 1600 -15.52 -6.44 94.85
N PRO D 1601 -15.27 -5.50 93.95
CA PRO D 1601 -13.90 -5.09 93.68
C PRO D 1601 -13.28 -4.21 94.75
N ALA D 1602 -12.08 -3.72 94.43
CA ALA D 1602 -11.18 -3.18 95.44
C ALA D 1602 -11.50 -1.75 95.81
N THR D 1603 -11.22 -1.40 97.06
CA THR D 1603 -11.19 0.00 97.45
C THR D 1603 -9.75 0.44 97.73
N PHE D 1604 -9.63 1.67 98.21
CA PHE D 1604 -8.38 2.17 98.77
C PHE D 1604 -8.20 1.64 100.18
N ASP D 1605 -6.94 1.37 100.56
CA ASP D 1605 -6.64 0.90 101.90
C ASP D 1605 -6.90 2.01 102.90
N THR D 1606 -7.97 1.88 103.67
CA THR D 1606 -8.59 3.03 104.33
C THR D 1606 -8.17 3.09 105.79
N THR D 1607 -7.08 3.80 106.06
CA THR D 1607 -7.11 4.78 107.13
C THR D 1607 -7.24 6.09 106.36
N TYR D 1608 -7.18 7.25 107.01
CA TYR D 1608 -7.18 8.49 106.24
C TYR D 1608 -5.83 8.59 105.52
N LYS D 1609 -5.79 8.02 104.32
CA LYS D 1609 -4.63 7.96 103.43
C LYS D 1609 -3.42 7.30 104.05
N ASN D 1610 -3.47 5.96 104.23
CA ASN D 1610 -2.26 5.16 104.28
C ASN D 1610 -1.35 5.59 103.16
N GLY D 1611 -1.82 5.38 101.94
CA GLY D 1611 -1.08 5.82 100.78
C GLY D 1611 -1.23 7.32 100.60
N THR D 1612 -0.10 8.01 100.69
CA THR D 1612 -0.09 9.41 100.34
C THR D 1612 -0.12 9.57 98.83
N PHE D 1613 -0.48 10.77 98.40
CA PHE D 1613 -0.58 11.12 96.99
C PHE D 1613 0.39 12.27 96.70
N PRO D 1614 1.70 11.97 96.57
CA PRO D 1614 2.62 13.07 96.25
C PRO D 1614 2.50 13.56 94.82
N GLY D 1615 2.35 12.66 93.86
CA GLY D 1615 2.08 13.04 92.49
C GLY D 1615 0.78 12.43 92.04
N LEU D 1616 0.14 11.69 92.94
CA LEU D 1616 -1.08 10.96 92.64
C LEU D 1616 -2.26 11.89 92.87
N ALA D 1617 -3.39 11.58 92.24
CA ALA D 1617 -4.54 12.46 92.43
C ALA D 1617 -5.76 11.72 93.01
N SER D 1618 -6.18 10.62 92.39
CA SER D 1618 -7.40 9.97 92.84
C SER D 1618 -7.37 8.48 92.46
N ALA D 1619 -8.37 7.75 92.96
CA ALA D 1619 -8.57 6.35 92.69
C ALA D 1619 -10.01 6.13 92.26
N ARG D 1620 -10.22 5.23 91.31
CA ARG D 1620 -11.49 5.11 90.61
C ARG D 1620 -11.68 3.66 90.17
N VAL D 1621 -12.33 3.48 89.01
CA VAL D 1621 -13.45 2.59 88.70
C VAL D 1621 -13.47 1.31 89.49
N ILE D 1622 -14.59 1.08 90.17
CA ILE D 1622 -14.88 -0.21 90.77
C ILE D 1622 -15.55 -1.13 89.75
N GLN D 1623 -16.52 -0.61 89.00
CA GLN D 1623 -17.48 -1.45 88.31
C GLN D 1623 -17.17 -1.46 86.81
N THR D 1624 -16.29 -2.36 86.42
CA THR D 1624 -16.17 -2.77 85.03
C THR D 1624 -15.71 -4.22 85.05
N VAL D 1625 -16.29 -5.04 84.17
CA VAL D 1625 -15.91 -6.44 84.14
C VAL D 1625 -15.11 -6.74 82.89
N SER D 1626 -15.62 -6.36 81.74
CA SER D 1626 -15.00 -6.67 80.48
C SER D 1626 -14.34 -5.43 79.91
N GLU D 1627 -13.35 -5.65 79.06
CA GLU D 1627 -12.63 -4.56 78.46
C GLU D 1627 -12.79 -4.61 76.94
N PRO D 1628 -12.70 -3.47 76.26
CA PRO D 1628 -12.69 -3.49 74.80
C PRO D 1628 -11.46 -4.18 74.26
N MET D 1629 -11.61 -4.75 73.06
CA MET D 1629 -10.60 -5.64 72.52
C MET D 1629 -9.35 -4.85 72.13
N ASP D 1630 -8.23 -5.55 72.04
CA ASP D 1630 -6.95 -4.92 71.78
C ASP D 1630 -6.53 -5.19 70.36
N PHE D 1631 -6.07 -4.14 69.69
CA PHE D 1631 -5.39 -4.24 68.41
C PHE D 1631 -3.88 -4.29 68.56
N SER D 1632 -3.39 -4.62 69.75
CA SER D 1632 -1.96 -4.78 69.97
C SER D 1632 -1.60 -6.15 70.51
N GLY D 1633 -2.58 -7.00 70.77
CA GLY D 1633 -2.35 -8.29 71.39
C GLY D 1633 -1.87 -9.34 70.42
N ALA D 1634 -2.19 -10.58 70.74
CA ALA D 1634 -1.72 -11.69 69.93
C ALA D 1634 -2.47 -11.78 68.61
N ASN D 1635 -3.79 -11.65 68.64
CA ASN D 1635 -4.59 -11.84 67.45
C ASN D 1635 -4.74 -10.59 66.61
N SER D 1636 -3.90 -9.58 66.83
CA SER D 1636 -4.14 -8.24 66.30
C SER D 1636 -3.98 -8.20 64.78
N LEU D 1637 -3.09 -9.03 64.24
CA LEU D 1637 -2.89 -9.07 62.79
C LEU D 1637 -4.15 -9.52 62.07
N TYR D 1638 -4.89 -10.45 62.65
CA TYR D 1638 -6.13 -10.88 62.03
C TYR D 1638 -7.18 -9.80 62.11
N PHE D 1639 -7.17 -8.98 63.16
CA PHE D 1639 -8.11 -7.88 63.24
C PHE D 1639 -7.80 -6.81 62.20
N TRP D 1640 -6.51 -6.52 61.99
CA TRP D 1640 -6.16 -5.57 60.94
C TRP D 1640 -6.53 -6.09 59.56
N GLU D 1641 -6.28 -7.39 59.29
CA GLU D 1641 -6.60 -7.93 57.99
C GLU D 1641 -8.09 -8.03 57.78
N LEU D 1642 -8.87 -8.11 58.86
CA LEU D 1642 -10.31 -8.06 58.69
C LEU D 1642 -10.79 -6.65 58.42
N PHE D 1643 -10.41 -5.69 59.26
CA PHE D 1643 -11.11 -4.42 59.21
C PHE D 1643 -10.51 -3.47 58.19
N TYR D 1644 -9.20 -3.43 58.01
CA TYR D 1644 -8.64 -2.43 57.12
C TYR D 1644 -8.22 -3.01 55.77
N TYR D 1645 -7.47 -4.11 55.78
CA TYR D 1645 -6.86 -4.57 54.54
C TYR D 1645 -7.89 -5.18 53.60
N THR D 1646 -8.95 -5.74 54.15
CA THR D 1646 -9.96 -6.35 53.29
C THR D 1646 -10.75 -5.33 52.48
N PRO D 1647 -11.33 -4.25 53.05
CA PRO D 1647 -12.06 -3.32 52.17
C PRO D 1647 -11.15 -2.55 51.23
N MET D 1648 -9.90 -2.30 51.65
CA MET D 1648 -8.94 -1.68 50.76
C MET D 1648 -8.66 -2.54 49.54
N MET D 1649 -8.47 -3.84 49.75
CA MET D 1649 -8.09 -4.71 48.64
C MET D 1649 -9.26 -4.95 47.71
N VAL D 1650 -10.46 -5.10 48.29
CA VAL D 1650 -11.68 -5.19 47.49
C VAL D 1650 -11.88 -3.92 46.67
N ALA D 1651 -11.65 -2.75 47.28
CA ALA D 1651 -11.90 -1.51 46.58
C ALA D 1651 -10.89 -1.25 45.49
N GLN D 1652 -9.62 -1.62 45.72
CA GLN D 1652 -8.61 -1.49 44.70
C GLN D 1652 -8.90 -2.40 43.52
N ARG D 1653 -9.30 -3.64 43.81
CA ARG D 1653 -9.58 -4.59 42.74
C ARG D 1653 -10.83 -4.21 41.96
N LEU D 1654 -11.82 -3.62 42.63
CA LEU D 1654 -13.00 -3.16 41.91
C LEU D 1654 -12.72 -1.90 41.11
N LEU D 1655 -11.77 -1.09 41.59
CA LEU D 1655 -11.42 0.10 40.83
C LEU D 1655 -10.70 -0.26 39.55
N HIS D 1656 -9.85 -1.29 39.56
CA HIS D 1656 -9.15 -1.64 38.34
C HIS D 1656 -10.04 -2.30 37.31
N GLU D 1657 -11.22 -2.75 37.70
CA GLU D 1657 -12.15 -3.36 36.76
C GLU D 1657 -13.26 -2.42 36.32
N GLN D 1658 -13.09 -1.11 36.52
CA GLN D 1658 -13.96 -0.06 36.00
C GLN D 1658 -15.38 -0.15 36.53
N ASN D 1659 -15.55 -0.76 37.70
CA ASN D 1659 -16.85 -0.89 38.34
C ASN D 1659 -16.84 0.08 39.51
N PHE D 1660 -17.55 1.19 39.37
CA PHE D 1660 -17.21 2.36 40.17
C PHE D 1660 -17.99 2.47 41.48
N ASP D 1661 -19.32 2.41 41.42
CA ASP D 1661 -20.11 2.69 42.62
C ASP D 1661 -19.96 1.60 43.65
N GLU D 1662 -19.67 0.39 43.21
CA GLU D 1662 -19.39 -0.67 44.17
C GLU D 1662 -18.07 -0.45 44.87
N ALA D 1663 -17.09 0.09 44.13
CA ALA D 1663 -15.84 0.50 44.76
C ALA D 1663 -16.06 1.66 45.73
N ASN D 1664 -17.00 2.54 45.43
CA ASN D 1664 -17.24 3.66 46.32
C ASN D 1664 -17.91 3.19 47.61
N ARG D 1665 -18.89 2.30 47.50
CA ARG D 1665 -19.52 1.83 48.72
C ARG D 1665 -18.62 0.88 49.49
N TRP D 1666 -17.63 0.27 48.85
CA TRP D 1666 -16.64 -0.43 49.65
C TRP D 1666 -15.63 0.50 50.30
N LEU D 1667 -15.31 1.64 49.70
CA LEU D 1667 -14.48 2.59 50.42
C LEU D 1667 -15.23 3.26 51.55
N LYS D 1668 -16.56 3.32 51.49
CA LYS D 1668 -17.28 3.99 52.56
C LYS D 1668 -17.34 3.15 53.82
N TYR D 1669 -16.96 1.88 53.77
CA TYR D 1669 -16.88 1.11 55.00
C TYR D 1669 -15.70 1.49 55.87
N VAL D 1670 -14.81 2.33 55.37
CA VAL D 1670 -13.61 2.73 56.09
C VAL D 1670 -13.63 4.22 56.40
N TRP D 1671 -13.76 5.05 55.39
CA TRP D 1671 -13.64 6.49 55.58
C TRP D 1671 -14.77 7.18 54.83
N SER D 1672 -15.86 7.48 55.52
CA SER D 1672 -16.94 8.22 54.91
C SER D 1672 -16.72 9.70 55.18
N PRO D 1673 -16.63 10.52 54.14
CA PRO D 1673 -16.49 11.95 54.39
C PRO D 1673 -17.80 12.58 54.79
N SER D 1674 -18.91 11.92 54.47
CA SER D 1674 -20.21 12.48 54.74
C SER D 1674 -20.77 12.07 56.08
N GLY D 1675 -20.03 11.31 56.86
CA GLY D 1675 -20.54 10.83 58.13
C GLY D 1675 -21.45 9.63 57.96
N TYR D 1676 -21.58 8.88 59.04
CA TYR D 1676 -22.31 7.62 59.02
C TYR D 1676 -23.67 7.82 59.65
N ILE D 1677 -24.66 7.11 59.13
CA ILE D 1677 -26.00 7.12 59.68
C ILE D 1677 -26.35 5.70 60.06
N VAL D 1678 -26.65 5.47 61.33
CA VAL D 1678 -27.02 4.15 61.82
C VAL D 1678 -28.40 4.26 62.43
N ARG D 1679 -29.38 3.59 61.80
CA ARG D 1679 -30.78 3.57 62.23
C ARG D 1679 -31.32 4.99 62.42
N GLY D 1680 -31.35 5.75 61.32
CA GLY D 1680 -31.87 7.08 61.37
C GLY D 1680 -30.96 8.13 61.97
N GLN D 1681 -30.09 7.77 62.89
CA GLN D 1681 -29.28 8.74 63.60
C GLN D 1681 -27.91 8.88 62.96
N ILE D 1682 -27.51 10.11 62.70
CA ILE D 1682 -26.15 10.42 62.27
C ILE D 1682 -25.21 10.24 63.45
N LYS D 1683 -24.14 9.48 63.24
CA LYS D 1683 -23.18 9.24 64.30
C LYS D 1683 -22.12 10.33 64.34
N ASN D 1684 -21.43 10.39 65.47
CA ASN D 1684 -20.43 11.44 65.66
C ASN D 1684 -19.17 11.16 64.85
N TYR D 1685 -18.70 9.91 64.89
CA TYR D 1685 -17.36 9.58 64.41
C TYR D 1685 -17.27 9.73 62.90
N HIS D 1686 -16.03 9.79 62.41
CA HIS D 1686 -15.82 10.14 61.02
C HIS D 1686 -14.99 9.09 60.31
N TRP D 1687 -14.20 8.32 61.05
CA TRP D 1687 -13.50 7.15 60.55
C TRP D 1687 -14.16 5.91 61.10
N ASN D 1688 -14.11 4.82 60.36
CA ASN D 1688 -14.83 3.63 60.75
C ASN D 1688 -13.95 2.60 61.46
N VAL D 1689 -12.64 2.73 61.38
CA VAL D 1689 -11.74 1.79 62.02
C VAL D 1689 -11.26 2.42 63.31
N ARG D 1690 -11.36 1.69 64.41
CA ARG D 1690 -11.11 2.29 65.72
C ARG D 1690 -9.66 2.65 66.00
N PRO D 1691 -8.64 1.81 65.70
CA PRO D 1691 -7.27 2.31 65.92
C PRO D 1691 -6.82 3.39 64.95
N LEU D 1692 -7.65 3.78 63.98
CA LEU D 1692 -7.36 5.00 63.25
C LEU D 1692 -7.77 6.23 64.05
N LEU D 1693 -8.81 6.11 64.87
CA LEU D 1693 -9.18 7.21 65.74
C LEU D 1693 -8.13 7.42 66.81
N GLU D 1694 -7.55 6.33 67.30
CA GLU D 1694 -6.58 6.36 68.39
C GLU D 1694 -5.33 5.65 67.92
N ASN D 1695 -4.29 6.44 67.62
CA ASN D 1695 -3.06 5.92 67.02
C ASN D 1695 -2.37 4.94 67.95
N THR D 1696 -2.10 3.75 67.43
CA THR D 1696 -1.62 2.63 68.23
C THR D 1696 -0.55 1.90 67.44
N SER D 1697 0.70 2.16 67.78
CA SER D 1697 1.83 1.57 67.07
C SER D 1697 1.90 0.09 67.44
N TRP D 1698 1.51 -0.75 66.51
CA TRP D 1698 1.54 -2.19 66.74
C TRP D 1698 2.71 -2.87 66.05
N ASN D 1699 3.82 -2.18 65.92
CA ASN D 1699 5.08 -2.72 65.45
C ASN D 1699 6.15 -1.78 65.98
N SER D 1700 6.98 -2.26 66.91
CA SER D 1700 7.90 -1.37 67.60
C SER D 1700 9.07 -0.92 66.74
N ASP D 1701 9.55 -1.76 65.83
CA ASP D 1701 10.80 -1.50 65.13
C ASP D 1701 10.60 -1.58 63.63
N PRO D 1702 10.07 -0.52 63.02
CA PRO D 1702 9.89 -0.53 61.57
C PRO D 1702 11.20 -0.46 60.81
N LEU D 1703 12.24 0.09 61.42
CA LEU D 1703 13.53 0.22 60.77
C LEU D 1703 14.41 -0.99 60.97
N ASP D 1704 13.82 -2.15 61.30
CA ASP D 1704 14.54 -3.41 61.21
C ASP D 1704 15.00 -3.66 59.78
N SER D 1705 14.12 -3.43 58.82
CA SER D 1705 14.42 -3.58 57.42
C SER D 1705 13.75 -2.44 56.66
N VAL D 1706 13.76 -2.56 55.34
CA VAL D 1706 13.11 -1.60 54.49
C VAL D 1706 11.75 -2.18 54.04
N ASP D 1707 10.69 -1.59 54.58
CA ASP D 1707 9.34 -2.08 54.34
C ASP D 1707 8.41 -0.89 54.52
N PRO D 1708 7.64 -0.55 53.50
CA PRO D 1708 6.54 0.41 53.70
C PRO D 1708 5.49 -0.09 54.66
N ASP D 1709 5.27 -1.41 54.71
CA ASP D 1709 4.28 -1.97 55.62
C ASP D 1709 4.69 -1.77 57.07
N ALA D 1710 5.99 -1.92 57.37
CA ALA D 1710 6.46 -1.78 58.74
C ALA D 1710 6.33 -0.33 59.23
N VAL D 1711 6.69 0.62 58.38
CA VAL D 1711 6.62 2.02 58.77
C VAL D 1711 5.16 2.46 58.86
N ALA D 1712 4.31 1.87 58.02
CA ALA D 1712 2.88 2.09 58.17
C ALA D 1712 2.35 1.54 59.48
N GLN D 1713 2.84 0.37 59.89
CA GLN D 1713 2.39 -0.23 61.14
C GLN D 1713 2.87 0.56 62.34
N HIS D 1714 4.00 1.25 62.22
CA HIS D 1714 4.46 2.01 63.38
C HIS D 1714 3.66 3.30 63.57
N ASP D 1715 2.96 3.75 62.53
CA ASP D 1715 2.19 4.97 62.68
C ASP D 1715 1.01 4.95 61.71
N PRO D 1716 -0.22 4.84 62.20
CA PRO D 1716 -1.35 4.55 61.30
C PRO D 1716 -1.81 5.73 60.48
N MET D 1717 -1.27 6.92 60.71
CA MET D 1717 -1.64 8.07 59.90
C MET D 1717 -1.24 7.90 58.45
N HIS D 1718 -0.22 7.07 58.18
CA HIS D 1718 0.09 6.76 56.80
C HIS D 1718 -1.01 5.90 56.18
N TYR D 1719 -1.67 5.06 56.97
CA TYR D 1719 -2.83 4.37 56.44
C TYR D 1719 -3.96 5.33 56.14
N LYS D 1720 -4.11 6.37 56.98
CA LYS D 1720 -5.11 7.40 56.68
C LYS D 1720 -4.83 8.08 55.34
N VAL D 1721 -3.57 8.45 55.12
CA VAL D 1721 -3.20 9.15 53.90
C VAL D 1721 -3.35 8.23 52.69
N ALA D 1722 -3.07 6.93 52.87
CA ALA D 1722 -3.23 5.99 51.78
C ALA D 1722 -4.68 5.82 51.38
N THR D 1723 -5.57 5.72 52.37
CA THR D 1723 -7.00 5.64 52.08
C THR D 1723 -7.50 6.90 51.40
N PHE D 1724 -6.96 8.04 51.79
CA PHE D 1724 -7.32 9.30 51.17
C PHE D 1724 -6.90 9.36 49.71
N MET D 1725 -5.69 8.88 49.40
CA MET D 1725 -5.27 8.84 48.01
C MET D 1725 -6.09 7.86 47.19
N ARG D 1726 -6.54 6.76 47.81
CA ARG D 1726 -7.45 5.86 47.11
C ARG D 1726 -8.76 6.56 46.76
N THR D 1727 -9.26 7.37 47.69
CA THR D 1727 -10.51 8.09 47.43
C THR D 1727 -10.34 9.10 46.30
N LEU D 1728 -9.21 9.80 46.28
CA LEU D 1728 -8.96 10.74 45.20
C LEU D 1728 -8.79 10.05 43.86
N ASP D 1729 -8.14 8.88 43.85
CA ASP D 1729 -8.02 8.12 42.61
C ASP D 1729 -9.37 7.68 42.09
N LEU D 1730 -10.26 7.28 43.00
CA LEU D 1730 -11.61 6.93 42.62
C LEU D 1730 -12.34 8.10 41.98
N LEU D 1731 -12.25 9.28 42.61
CA LEU D 1731 -12.99 10.43 42.08
C LEU D 1731 -12.44 10.89 40.74
N MET D 1732 -11.12 10.90 40.59
CA MET D 1732 -10.56 11.31 39.32
C MET D 1732 -10.84 10.28 38.23
N ALA D 1733 -10.91 9.00 38.59
CA ALA D 1733 -11.25 7.99 37.60
C ALA D 1733 -12.68 8.13 37.12
N ARG D 1734 -13.61 8.42 38.05
CA ARG D 1734 -15.00 8.65 37.65
C ARG D 1734 -15.11 9.87 36.74
N GLY D 1735 -14.39 10.93 37.06
CA GLY D 1735 -14.39 12.10 36.21
C GLY D 1735 -13.79 11.86 34.84
N ASP D 1736 -12.72 11.07 34.77
CA ASP D 1736 -12.06 10.82 33.50
C ASP D 1736 -12.91 9.92 32.61
N HIS D 1737 -13.54 8.91 33.20
CA HIS D 1737 -14.40 8.04 32.41
C HIS D 1737 -15.66 8.78 31.98
N ALA D 1738 -16.09 9.78 32.74
CA ALA D 1738 -17.16 10.63 32.24
C ALA D 1738 -16.68 11.49 31.09
N TYR D 1739 -15.44 11.98 31.17
CA TYR D 1739 -15.01 13.05 30.28
C TYR D 1739 -14.74 12.56 28.87
N ARG D 1740 -14.56 11.25 28.70
CA ARG D 1740 -14.28 10.74 27.36
C ARG D 1740 -15.55 10.52 26.55
N GLN D 1741 -16.71 10.52 27.19
CA GLN D 1741 -17.97 10.48 26.46
C GLN D 1741 -18.48 11.90 26.30
N LEU D 1742 -18.44 12.42 25.08
CA LEU D 1742 -18.40 13.85 24.85
C LEU D 1742 -19.76 14.52 24.75
N GLU D 1743 -20.82 13.93 25.30
CA GLU D 1743 -22.07 14.68 25.35
C GLU D 1743 -22.03 15.70 26.48
N ARG D 1744 -22.98 16.63 26.45
CA ARG D 1744 -22.84 17.86 27.22
C ARG D 1744 -23.13 17.64 28.70
N ASP D 1745 -24.18 16.87 29.01
CA ASP D 1745 -24.55 16.65 30.41
C ASP D 1745 -23.48 15.84 31.13
N THR D 1746 -22.82 14.95 30.43
CA THR D 1746 -21.72 14.21 31.02
C THR D 1746 -20.49 15.09 31.20
N LEU D 1747 -20.35 16.15 30.40
CA LEU D 1747 -19.31 17.14 30.69
C LEU D 1747 -19.62 17.91 31.97
N ASN D 1748 -20.90 18.23 32.18
CA ASN D 1748 -21.29 18.84 33.45
C ASN D 1748 -21.04 17.89 34.63
N GLU D 1749 -21.27 16.60 34.41
CA GLU D 1749 -20.96 15.57 35.40
C GLU D 1749 -19.47 15.53 35.70
N ALA D 1750 -18.64 15.63 34.65
CA ALA D 1750 -17.20 15.65 34.84
C ALA D 1750 -16.78 16.85 35.67
N LYS D 1751 -17.41 18.00 35.40
CA LYS D 1751 -17.10 19.21 36.13
C LYS D 1751 -17.44 19.07 37.61
N MET D 1752 -18.60 18.48 37.91
CA MET D 1752 -18.93 18.34 39.32
C MET D 1752 -18.09 17.28 40.02
N TRP D 1753 -17.60 16.25 39.30
CA TRP D 1753 -16.70 15.33 39.98
C TRP D 1753 -15.34 15.95 40.28
N TYR D 1754 -14.77 16.68 39.33
CA TYR D 1754 -13.47 17.28 39.62
C TYR D 1754 -13.59 18.38 40.66
N MET D 1755 -14.70 19.11 40.67
CA MET D 1755 -14.90 20.09 41.72
C MET D 1755 -15.11 19.44 43.08
N GLN D 1756 -15.74 18.26 43.10
CA GLN D 1756 -15.87 17.52 44.35
C GLN D 1756 -14.51 17.09 44.87
N ALA D 1757 -13.61 16.69 43.97
CA ALA D 1757 -12.26 16.39 44.41
C ALA D 1757 -11.52 17.61 44.93
N LEU D 1758 -11.67 18.76 44.25
CA LEU D 1758 -10.89 19.93 44.63
C LEU D 1758 -11.34 20.50 45.96
N HIS D 1759 -12.64 20.45 46.27
CA HIS D 1759 -12.99 20.97 47.58
C HIS D 1759 -12.71 19.95 48.68
N LEU D 1760 -12.41 18.70 48.32
CA LEU D 1760 -11.75 17.85 49.31
C LEU D 1760 -10.33 18.29 49.55
N LEU D 1761 -9.63 18.71 48.50
CA LEU D 1761 -8.22 19.03 48.72
C LEU D 1761 -8.03 20.41 49.33
N GLY D 1762 -8.86 21.36 48.96
CA GLY D 1762 -8.59 22.74 49.33
C GLY D 1762 -7.75 23.43 48.27
N ASN D 1763 -6.88 24.32 48.74
CA ASN D 1763 -6.00 25.04 47.83
C ASN D 1763 -4.77 24.22 47.47
N LYS D 1764 -4.07 24.69 46.46
CA LYS D 1764 -2.66 24.38 46.35
C LYS D 1764 -1.96 25.04 47.52
N PRO D 1765 -1.16 24.30 48.29
CA PRO D 1765 -0.54 24.88 49.47
C PRO D 1765 0.59 25.83 49.12
N TYR D 1766 0.69 26.90 49.89
CA TYR D 1766 1.74 27.90 49.70
C TYR D 1766 2.89 27.63 50.64
N LEU D 1767 4.11 27.77 50.12
CA LEU D 1767 5.32 27.77 50.93
C LEU D 1767 6.04 29.07 50.71
N PRO D 1768 6.52 29.74 51.76
CA PRO D 1768 7.38 30.92 51.56
C PRO D 1768 8.71 30.52 50.95
N LEU D 1769 8.94 30.96 49.71
CA LEU D 1769 10.17 30.64 49.00
C LEU D 1769 11.36 31.39 49.61
N SER D 1770 11.08 32.51 50.26
CA SER D 1770 12.10 33.15 51.08
C SER D 1770 12.42 32.25 52.28
N SER D 1771 13.65 31.77 52.33
CA SER D 1771 13.97 30.70 53.25
C SER D 1771 15.18 31.07 54.09
N VAL D 1772 15.48 30.20 55.07
CA VAL D 1772 16.62 30.41 55.95
C VAL D 1772 17.90 29.97 55.26
N TRP D 1773 17.78 29.21 54.17
CA TRP D 1773 18.92 28.55 53.54
C TRP D 1773 19.91 29.53 52.94
N ASN D 1774 21.05 29.66 53.61
CA ASN D 1774 22.24 30.25 53.04
C ASN D 1774 22.88 29.17 52.17
N ASP D 1775 23.82 29.56 51.32
CA ASP D 1775 24.51 28.59 50.49
C ASP D 1775 25.90 28.34 51.05
N PRO D 1776 26.11 27.29 51.82
CA PRO D 1776 27.35 27.16 52.58
C PRO D 1776 28.44 26.51 51.77
N ARG D 1777 29.64 26.50 52.35
CA ARG D 1777 30.71 25.66 51.87
C ARG D 1777 30.32 24.21 52.06
N LEU D 1778 30.86 23.36 51.18
CA LEU D 1778 30.66 21.92 51.32
C LEU D 1778 31.28 21.40 52.60
N ASP D 1779 32.53 21.79 52.89
CA ASP D 1779 33.23 21.24 54.04
C ASP D 1779 32.61 21.74 55.34
N ASN D 1780 32.09 22.96 55.35
CA ASN D 1780 31.42 23.45 56.53
C ASN D 1780 30.12 22.71 56.77
N ALA D 1781 29.34 22.50 55.71
CA ALA D 1781 28.04 21.86 55.86
C ALA D 1781 28.19 20.36 56.11
N ALA D 1782 29.30 19.77 55.68
CA ALA D 1782 29.55 18.34 55.88
C ALA D 1782 30.26 18.05 57.18
N ALA D 1783 30.20 18.95 58.15
CA ALA D 1783 30.92 18.77 59.39
C ALA D 1783 30.29 17.67 60.23
N THR D 1784 31.13 16.83 60.82
CA THR D 1784 30.66 15.82 61.73
C THR D 1784 30.23 16.41 63.07
N THR D 1785 30.70 17.61 63.39
CA THR D 1785 30.25 18.30 64.60
C THR D 1785 28.77 18.64 64.52
N THR D 1786 28.32 19.03 63.33
CA THR D 1786 26.90 19.22 63.05
C THR D 1786 26.10 17.95 63.34
N GLN D 1787 26.63 16.81 62.89
CA GLN D 1787 25.93 15.54 63.09
C GLN D 1787 25.88 15.14 64.55
N LYS D 1788 27.00 15.32 65.27
CA LYS D 1788 27.05 14.92 66.67
C LYS D 1788 26.15 15.81 67.53
N ALA D 1789 26.16 17.11 67.28
CA ALA D 1789 25.26 18.02 67.98
C ALA D 1789 23.81 17.74 67.61
N HIS D 1790 23.56 17.34 66.36
CA HIS D 1790 22.22 16.98 65.90
C HIS D 1790 21.67 15.76 66.62
N ALA D 1791 22.44 14.69 66.66
CA ALA D 1791 22.03 13.46 67.35
C ALA D 1791 21.86 13.69 68.85
N TYR D 1792 22.79 14.43 69.46
CA TYR D 1792 22.71 14.72 70.88
C TYR D 1792 21.49 15.61 71.18
N ALA D 1793 21.16 16.53 70.29
CA ALA D 1793 20.00 17.38 70.49
C ALA D 1793 18.70 16.60 70.39
N ILE D 1794 18.63 15.66 69.45
CA ILE D 1794 17.41 14.87 69.32
C ILE D 1794 17.21 13.97 70.53
N THR D 1795 18.29 13.35 71.02
CA THR D 1795 18.19 12.55 72.24
C THR D 1795 17.85 13.43 73.44
N SER D 1796 18.35 14.66 73.45
CA SER D 1796 18.09 15.56 74.55
C SER D 1796 16.63 15.99 74.57
N LEU D 1797 16.04 16.20 73.39
CA LEU D 1797 14.62 16.51 73.35
C LEU D 1797 13.79 15.28 73.69
N ARG D 1798 14.29 14.09 73.37
CA ARG D 1798 13.51 12.88 73.65
C ARG D 1798 13.49 12.53 75.13
N GLN D 1799 14.61 12.74 75.82
CA GLN D 1799 14.70 12.37 77.22
C GLN D 1799 13.91 13.35 78.10
N GLY D 1800 13.91 14.62 77.76
CA GLY D 1800 13.19 15.62 78.52
C GLY D 1800 13.98 16.28 79.62
N THR D 1801 15.19 16.78 79.34
CA THR D 1801 16.10 17.09 80.43
C THR D 1801 16.55 18.54 80.46
N GLN D 1802 16.63 19.23 79.32
CA GLN D 1802 17.28 20.54 79.31
C GLN D 1802 16.25 21.66 79.16
N THR D 1803 16.72 22.89 79.36
CA THR D 1803 15.96 24.12 79.24
C THR D 1803 16.08 24.66 77.81
N PRO D 1804 14.96 24.98 77.16
CA PRO D 1804 15.04 25.57 75.82
C PRO D 1804 15.61 26.97 75.85
N ALA D 1805 16.50 27.25 74.90
CA ALA D 1805 17.17 28.54 74.81
C ALA D 1805 17.28 28.94 73.34
N LEU D 1806 17.55 30.22 73.10
CA LEU D 1806 17.62 30.75 71.75
C LEU D 1806 18.93 31.52 71.62
N LEU D 1807 19.94 30.86 71.06
CA LEU D 1807 21.25 31.47 70.83
C LEU D 1807 21.86 30.75 69.64
N LEU D 1808 22.44 31.54 68.72
CA LEU D 1808 23.02 31.02 67.48
C LEU D 1808 24.46 30.59 67.73
N ARG D 1809 24.64 29.56 68.56
CA ARG D 1809 25.94 28.95 68.77
C ARG D 1809 25.91 27.52 68.24
N SER D 1810 25.00 26.72 68.79
CA SER D 1810 24.72 25.41 68.21
C SER D 1810 23.86 25.55 66.97
N ALA D 1811 23.18 26.69 66.82
CA ALA D 1811 22.41 26.94 65.60
C ALA D 1811 23.33 27.27 64.43
N ASN D 1812 24.61 27.56 64.70
CA ASN D 1812 25.60 27.60 63.63
C ASN D 1812 25.75 26.21 63.00
N THR D 1813 25.67 25.16 63.83
CA THR D 1813 25.66 23.81 63.29
C THR D 1813 24.30 23.48 62.69
N LEU D 1814 23.22 23.79 63.40
CA LEU D 1814 21.89 23.36 62.99
C LEU D 1814 21.29 24.21 61.88
N THR D 1815 21.97 25.27 61.44
CA THR D 1815 21.50 26.02 60.28
C THR D 1815 21.70 25.22 59.00
N ASP D 1816 22.84 24.56 58.87
CA ASP D 1816 23.17 23.86 57.64
C ASP D 1816 22.51 22.50 57.50
N LEU D 1817 21.61 22.15 58.42
CA LEU D 1817 20.73 21.02 58.17
C LEU D 1817 19.83 21.32 56.98
N PHE D 1818 19.53 20.30 56.21
CA PHE D 1818 18.68 20.47 55.05
C PHE D 1818 17.23 20.56 55.47
N LEU D 1819 16.44 21.16 54.63
CA LEU D 1819 15.03 21.27 54.95
C LEU D 1819 14.27 20.11 54.33
N PRO D 1820 13.19 19.68 54.98
CA PRO D 1820 12.36 18.63 54.41
C PRO D 1820 11.52 19.17 53.25
N GLN D 1821 11.16 18.28 52.34
CA GLN D 1821 10.30 18.66 51.23
C GLN D 1821 8.97 17.94 51.35
N ILE D 1822 7.97 18.51 50.69
CA ILE D 1822 6.63 17.93 50.75
C ILE D 1822 6.50 16.82 49.71
N ASN D 1823 5.40 16.10 49.80
CA ASN D 1823 5.18 14.91 49.00
C ASN D 1823 4.95 15.28 47.54
N ASP D 1824 5.81 14.77 46.67
CA ASP D 1824 5.72 15.09 45.25
C ASP D 1824 4.55 14.39 44.60
N VAL D 1825 4.27 13.15 45.02
CA VAL D 1825 3.17 12.39 44.45
C VAL D 1825 1.84 13.06 44.79
N MET D 1826 1.74 13.57 46.01
CA MET D 1826 0.55 14.32 46.38
C MET D 1826 0.50 15.66 45.68
N LEU D 1827 1.66 16.26 45.42
CA LEU D 1827 1.72 17.51 44.68
C LEU D 1827 1.27 17.34 43.24
N SER D 1828 1.44 16.14 42.69
CA SER D 1828 1.00 15.87 41.32
C SER D 1828 -0.50 16.01 41.14
N TYR D 1829 -1.29 15.76 42.19
CA TYR D 1829 -2.74 15.74 42.04
C TYR D 1829 -3.31 17.12 41.81
N TRP D 1830 -2.75 18.16 42.45
CA TRP D 1830 -3.24 19.52 42.20
C TRP D 1830 -3.01 19.93 40.77
N ASN D 1831 -1.82 19.65 40.24
CA ASN D 1831 -1.53 19.99 38.86
C ASN D 1831 -2.39 19.18 37.91
N LYS D 1832 -2.63 17.91 38.24
CA LYS D 1832 -3.37 17.04 37.33
C LYS D 1832 -4.84 17.41 37.28
N LEU D 1833 -5.47 17.61 38.45
CA LEU D 1833 -6.85 18.06 38.49
C LEU D 1833 -7.02 19.46 37.96
N GLU D 1834 -6.07 20.35 38.24
CA GLU D 1834 -6.14 21.71 37.73
C GLU D 1834 -6.06 21.73 36.21
N LEU D 1835 -5.26 20.84 35.62
CA LEU D 1835 -5.14 20.81 34.17
C LEU D 1835 -6.37 20.21 33.52
N ARG D 1836 -6.90 19.12 34.11
CA ARG D 1836 -8.15 18.53 33.62
C ARG D 1836 -9.28 19.55 33.68
N LEU D 1837 -9.35 20.30 34.77
CA LEU D 1837 -10.43 21.24 34.91
C LEU D 1837 -10.20 22.49 34.06
N TYR D 1838 -8.94 22.79 33.76
CA TYR D 1838 -8.66 23.86 32.80
C TYR D 1838 -9.11 23.48 31.40
N ASN D 1839 -8.91 22.23 31.02
CA ASN D 1839 -9.48 21.77 29.77
C ASN D 1839 -11.00 21.73 29.79
N LEU D 1840 -11.59 21.53 30.96
CA LEU D 1840 -13.04 21.69 31.08
C LEU D 1840 -13.49 23.13 30.88
N ARG D 1841 -12.72 24.10 31.40
CA ARG D 1841 -13.24 25.47 31.42
C ARG D 1841 -13.20 26.11 30.05
N HIS D 1842 -12.24 25.72 29.22
CA HIS D 1842 -12.35 26.06 27.82
C HIS D 1842 -12.97 24.86 27.13
N ASN D 1843 -13.00 24.88 25.81
CA ASN D 1843 -13.73 23.83 25.13
C ASN D 1843 -12.80 22.76 24.58
N LEU D 1844 -11.72 22.45 25.28
CA LEU D 1844 -10.77 21.49 24.78
C LEU D 1844 -11.19 20.07 25.12
N SER D 1845 -10.41 19.12 24.60
CA SER D 1845 -10.56 17.71 24.91
C SER D 1845 -9.69 17.34 26.11
N ILE D 1846 -9.52 16.05 26.33
CA ILE D 1846 -8.53 15.63 27.32
C ILE D 1846 -7.14 15.75 26.73
N ASP D 1847 -7.02 15.69 25.41
CA ASP D 1847 -5.73 15.80 24.77
C ASP D 1847 -5.47 17.20 24.24
N GLY D 1848 -6.32 18.16 24.57
CA GLY D 1848 -6.12 19.53 24.17
C GLY D 1848 -6.47 19.83 22.73
N GLN D 1849 -6.99 18.86 21.99
CA GLN D 1849 -7.51 19.14 20.66
C GLN D 1849 -8.80 19.93 20.82
N PRO D 1850 -8.92 21.11 20.22
CA PRO D 1850 -10.14 21.90 20.37
C PRO D 1850 -11.31 21.24 19.64
N LEU D 1851 -12.50 21.37 20.23
CA LEU D 1851 -13.68 20.85 19.57
C LEU D 1851 -14.08 21.72 18.39
N HIS D 1852 -13.85 23.03 18.49
CA HIS D 1852 -14.17 23.91 17.38
C HIS D 1852 -13.12 23.82 16.29
N LEU D 1853 -13.56 23.95 15.06
CA LEU D 1853 -12.62 23.96 13.96
C LEU D 1853 -12.23 25.39 13.64
N PRO D 1854 -10.97 25.64 13.27
CA PRO D 1854 -10.50 27.02 13.11
C PRO D 1854 -11.10 27.68 11.88
N ILE D 1855 -11.24 28.99 11.96
CA ILE D 1855 -11.80 29.76 10.85
C ILE D 1855 -10.74 29.89 9.77
N TYR D 1856 -11.18 30.02 8.52
CA TYR D 1856 -10.31 30.04 7.37
C TYR D 1856 -10.25 31.45 6.80
N ALA D 1857 -9.04 31.92 6.52
CA ALA D 1857 -8.84 33.29 6.09
C ALA D 1857 -9.24 33.46 4.63
N THR D 1858 -9.69 34.67 4.31
CA THR D 1858 -10.03 35.10 2.96
C THR D 1858 -8.83 35.83 2.36
N PRO D 1859 -8.36 35.39 1.19
CA PRO D 1859 -7.17 36.00 0.60
C PRO D 1859 -7.41 37.42 0.12
N ALA D 1860 -6.32 38.19 0.07
CA ALA D 1860 -6.41 39.60 -0.24
C ALA D 1860 -6.76 39.84 -1.70
N ASP D 1861 -7.24 41.04 -1.99
CA ASP D 1861 -7.61 41.36 -3.37
C ASP D 1861 -6.40 41.94 -4.10
N PRO D 1862 -6.11 41.44 -5.30
CA PRO D 1862 -4.95 41.96 -6.05
C PRO D 1862 -5.27 43.31 -6.67
N LYS D 1863 -4.24 44.13 -6.83
CA LYS D 1863 -4.43 45.44 -7.44
C LYS D 1863 -4.42 45.35 -8.96
N ALA D 1864 -5.22 46.19 -9.60
CA ALA D 1864 -5.31 46.26 -11.05
C ALA D 1864 -4.46 47.44 -11.51
N LEU D 1865 -3.27 47.12 -12.04
CA LEU D 1865 -2.36 48.13 -12.52
C LEU D 1865 -2.93 48.83 -13.75
N LEU D 1866 -3.00 50.15 -13.68
CA LEU D 1866 -3.65 50.93 -14.71
C LEU D 1866 -2.70 52.02 -15.18
N SER D 1867 -2.63 52.22 -16.48
CA SER D 1867 -1.80 53.25 -17.08
C SER D 1867 -2.68 54.38 -17.57
N ALA D 1868 -2.13 55.59 -17.56
CA ALA D 1868 -2.79 56.76 -18.09
C ALA D 1868 -2.04 57.25 -19.32
N ALA D 1869 -2.76 57.45 -20.41
CA ALA D 1869 -2.20 57.93 -21.65
C ALA D 1869 -2.80 59.28 -21.97
N VAL D 1870 -1.97 60.32 -21.92
CA VAL D 1870 -2.42 61.69 -22.19
C VAL D 1870 -1.63 62.23 -23.38
N ALA D 1871 -2.15 63.29 -23.98
CA ALA D 1871 -1.50 63.93 -25.11
C ALA D 1871 -1.26 65.41 -24.80
N THR D 1872 -0.29 65.99 -25.50
CA THR D 1872 0.12 67.37 -25.28
C THR D 1872 -0.24 68.21 -26.50
N SER D 1873 -0.29 69.53 -26.30
CA SER D 1873 -0.62 70.47 -27.35
C SER D 1873 0.51 71.46 -27.55
N GLN D 1874 1.29 71.25 -28.60
CA GLN D 1874 2.33 72.19 -29.01
C GLN D 1874 1.71 73.22 -29.96
N GLY D 1875 2.15 74.46 -29.82
CA GLY D 1875 1.59 75.53 -30.63
C GLY D 1875 2.17 75.52 -32.04
N GLY D 1876 1.34 75.86 -33.01
CA GLY D 1876 1.78 75.83 -34.40
C GLY D 1876 2.64 77.04 -34.74
N GLY D 1877 3.47 76.87 -35.76
CA GLY D 1877 4.31 77.96 -36.21
C GLY D 1877 3.61 78.88 -37.17
N LYS D 1878 3.96 80.16 -37.08
CA LYS D 1878 3.44 81.19 -37.97
C LYS D 1878 4.34 81.29 -39.20
N LEU D 1879 4.05 82.26 -40.05
CA LEU D 1879 4.77 82.35 -41.31
C LEU D 1879 5.93 83.33 -41.20
N PRO D 1880 7.01 83.10 -41.94
CA PRO D 1880 8.05 84.12 -42.09
C PRO D 1880 7.61 85.25 -42.99
N GLU D 1881 8.52 86.20 -43.19
CA GLU D 1881 8.18 87.44 -43.88
C GLU D 1881 8.23 87.25 -45.39
N SER D 1882 7.30 87.90 -46.09
CA SER D 1882 7.29 87.88 -47.55
C SER D 1882 8.47 88.67 -48.10
N PHE D 1883 9.40 87.96 -48.71
CA PHE D 1883 10.53 88.56 -49.39
C PHE D 1883 10.37 88.37 -50.90
N ILE D 1884 10.36 89.48 -51.62
CA ILE D 1884 10.07 89.48 -53.05
C ILE D 1884 11.37 89.14 -53.77
N SER D 1885 11.26 88.55 -54.96
CA SER D 1885 12.44 88.18 -55.73
C SER D 1885 12.39 88.78 -57.13
N LEU D 1886 13.38 88.42 -57.93
CA LEU D 1886 13.47 88.92 -59.30
C LEU D 1886 12.65 88.08 -60.25
N TRP D 1887 12.45 86.81 -59.92
CA TRP D 1887 11.98 85.87 -60.92
C TRP D 1887 10.49 86.00 -61.15
N ARG D 1888 10.07 85.62 -62.35
CA ARG D 1888 8.65 85.49 -62.64
C ARG D 1888 8.10 84.21 -62.03
N PHE D 1889 6.85 83.94 -62.35
CA PHE D 1889 6.15 82.86 -61.67
C PHE D 1889 6.63 81.45 -62.00
N PRO D 1890 6.80 81.01 -63.26
CA PRO D 1890 7.06 79.57 -63.48
C PRO D 1890 8.42 79.10 -63.01
N HIS D 1891 9.45 79.94 -63.09
CA HIS D 1891 10.77 79.53 -62.63
C HIS D 1891 10.81 79.36 -61.13
N MET D 1892 10.21 80.30 -60.41
CA MET D 1892 10.16 80.20 -58.96
C MET D 1892 9.26 79.05 -58.53
N LEU D 1893 8.22 78.77 -59.31
CA LEU D 1893 7.34 77.65 -59.03
C LEU D 1893 8.07 76.32 -59.17
N GLU D 1894 8.80 76.14 -60.26
CA GLU D 1894 9.55 74.91 -60.47
C GLU D 1894 10.65 74.75 -59.43
N ASN D 1895 11.29 75.85 -59.05
CA ASN D 1895 12.31 75.84 -58.02
C ASN D 1895 11.74 75.37 -56.68
N ALA D 1896 10.59 75.93 -56.30
CA ALA D 1896 9.95 75.53 -55.05
C ALA D 1896 9.47 74.09 -55.13
N ARG D 1897 9.08 73.63 -56.31
CA ARG D 1897 8.66 72.24 -56.48
C ARG D 1897 9.79 71.27 -56.24
N SER D 1898 10.98 71.61 -56.74
CA SER D 1898 12.18 70.81 -56.44
C SER D 1898 12.48 70.79 -54.96
N MET D 1899 12.30 71.93 -54.28
CA MET D 1899 12.51 71.96 -52.84
C MET D 1899 11.52 71.08 -52.10
N VAL D 1900 10.26 71.08 -52.54
CA VAL D 1900 9.22 70.32 -51.85
C VAL D 1900 9.44 68.82 -52.02
N THR D 1901 9.86 68.38 -53.22
CA THR D 1901 10.08 66.96 -53.38
C THR D 1901 11.35 66.50 -52.65
N GLN D 1902 12.31 67.40 -52.49
CA GLN D 1902 13.45 67.08 -51.62
C GLN D 1902 12.99 66.89 -50.18
N LEU D 1903 12.09 67.76 -49.73
CA LEU D 1903 11.57 67.67 -48.37
C LEU D 1903 10.76 66.40 -48.16
N ILE D 1904 10.04 65.95 -49.18
CA ILE D 1904 9.22 64.76 -49.00
C ILE D 1904 10.10 63.51 -48.98
N GLN D 1905 11.27 63.57 -49.63
CA GLN D 1905 12.26 62.50 -49.46
C GLN D 1905 12.76 62.43 -48.03
N PHE D 1906 13.04 63.60 -47.43
CA PHE D 1906 13.45 63.60 -46.02
C PHE D 1906 12.36 63.04 -45.11
N GLY D 1907 11.11 63.34 -45.42
CA GLY D 1907 10.01 62.83 -44.61
C GLY D 1907 9.90 61.32 -44.63
N SER D 1908 10.08 60.72 -45.82
CA SER D 1908 10.07 59.26 -45.92
C SER D 1908 11.21 58.64 -45.12
N THR D 1909 12.41 59.22 -45.21
CA THR D 1909 13.55 58.70 -44.45
C THR D 1909 13.31 58.78 -42.95
N LEU D 1910 12.70 59.87 -42.49
CA LEU D 1910 12.47 60.05 -41.07
C LEU D 1910 11.43 59.05 -40.55
N GLN D 1911 10.40 58.77 -41.35
CA GLN D 1911 9.41 57.78 -40.97
C GLN D 1911 10.03 56.39 -40.79
N ASN D 1912 10.90 56.00 -41.74
CA ASN D 1912 11.56 54.70 -41.63
C ASN D 1912 12.46 54.62 -40.40
N ILE D 1913 13.16 55.71 -40.09
CA ILE D 1913 14.07 55.73 -38.94
C ILE D 1913 13.30 55.59 -37.64
N ILE D 1914 12.16 56.28 -37.52
CA ILE D 1914 11.38 56.21 -36.28
C ILE D 1914 10.86 54.80 -36.03
N GLU D 1915 10.28 54.18 -37.07
CA GLU D 1915 9.76 52.83 -36.89
C GLU D 1915 10.87 51.83 -36.57
N ARG D 1916 12.05 52.06 -37.13
CA ARG D 1916 13.16 51.16 -36.87
C ARG D 1916 13.66 51.25 -35.44
N GLN D 1917 13.75 52.48 -34.89
CA GLN D 1917 14.27 52.59 -33.53
C GLN D 1917 13.26 52.05 -32.52
N ASP D 1918 11.96 52.13 -32.84
CA ASP D 1918 10.97 51.59 -31.93
C ASP D 1918 11.04 50.06 -31.91
N ALA D 1919 11.27 49.45 -33.08
CA ALA D 1919 11.48 48.00 -33.12
C ALA D 1919 12.70 47.58 -32.31
N GLU D 1920 13.78 48.37 -32.37
CA GLU D 1920 14.99 47.98 -31.65
C GLU D 1920 14.82 48.08 -30.14
N SER D 1921 14.14 49.14 -29.67
CA SER D 1921 13.91 49.28 -28.24
C SER D 1921 13.02 48.17 -27.70
N LEU D 1922 12.02 47.77 -28.49
CA LEU D 1922 11.15 46.65 -28.10
C LEU D 1922 11.94 45.36 -27.97
N ASN D 1923 12.88 45.14 -28.89
CA ASN D 1923 13.72 43.95 -28.85
C ASN D 1923 14.57 43.89 -27.57
N ALA D 1924 15.19 45.01 -27.20
CA ALA D 1924 16.02 45.02 -25.99
C ALA D 1924 15.20 44.77 -24.74
N LEU D 1925 13.96 45.29 -24.72
CA LEU D 1925 13.07 45.05 -23.58
C LEU D 1925 12.73 43.57 -23.44
N LEU D 1926 12.45 42.90 -24.56
CA LEU D 1926 12.18 41.46 -24.54
C LEU D 1926 13.37 40.67 -23.99
N GLN D 1927 14.58 41.08 -24.34
CA GLN D 1927 15.76 40.36 -23.85
C GLN D 1927 15.92 40.46 -22.34
N ASN D 1928 15.73 41.66 -21.78
CA ASN D 1928 15.89 41.79 -20.33
C ASN D 1928 14.84 41.00 -19.57
N GLN D 1929 13.61 40.95 -20.10
CA GLN D 1929 12.58 40.17 -19.42
C GLN D 1929 12.88 38.67 -19.48
N ALA D 1930 13.50 38.21 -20.58
CA ALA D 1930 13.93 36.82 -20.66
C ALA D 1930 14.98 36.50 -19.60
N LYS D 1931 15.86 37.48 -19.32
CA LYS D 1931 16.89 37.27 -18.30
C LYS D 1931 16.29 37.04 -16.91
N GLU D 1932 15.31 37.87 -16.54
CA GLU D 1932 14.65 37.70 -15.24
C GLU D 1932 13.95 36.33 -15.14
N LEU D 1933 13.28 35.93 -16.22
CA LEU D 1933 12.55 34.67 -16.20
C LEU D 1933 13.48 33.47 -16.05
N ILE D 1934 14.67 33.53 -16.66
CA ILE D 1934 15.57 32.38 -16.55
C ILE D 1934 16.17 32.30 -15.13
N LEU D 1935 16.28 33.45 -14.43
CA LEU D 1935 16.68 33.41 -13.03
C LEU D 1935 15.68 32.64 -12.17
N THR D 1936 14.39 32.95 -12.37
CA THR D 1936 13.35 32.27 -11.59
C THR D 1936 13.33 30.76 -11.83
N THR D 1937 13.48 30.35 -13.10
CA THR D 1937 13.45 28.91 -13.40
C THR D 1937 14.67 28.19 -12.83
N LEU D 1938 15.82 28.88 -12.70
CA LEU D 1938 16.97 28.29 -12.02
C LEU D 1938 16.68 28.00 -10.56
N SER D 1939 16.06 28.96 -9.86
CA SER D 1939 15.72 28.71 -8.45
C SER D 1939 14.76 27.54 -8.28
N ILE D 1940 13.81 27.42 -9.22
CA ILE D 1940 12.84 26.32 -9.14
C ILE D 1940 13.53 24.96 -9.36
N GLN D 1941 14.53 24.92 -10.23
CA GLN D 1941 15.26 23.66 -10.44
C GLN D 1941 16.07 23.27 -9.21
N ASP D 1942 16.59 24.27 -8.49
CA ASP D 1942 17.30 23.99 -7.24
C ASP D 1942 16.38 23.36 -6.20
N LYS D 1943 15.16 23.89 -6.08
CA LYS D 1943 14.21 23.29 -5.14
C LYS D 1943 13.79 21.88 -5.55
N THR D 1944 13.78 21.60 -6.86
CA THR D 1944 13.50 20.25 -7.33
C THR D 1944 14.57 19.25 -6.86
N ILE D 1945 15.84 19.63 -6.97
CA ILE D 1945 16.91 18.73 -6.52
C ILE D 1945 16.87 18.52 -5.00
N GLU D 1946 16.50 19.57 -4.26
CA GLU D 1946 16.34 19.44 -2.81
C GLU D 1946 15.23 18.46 -2.45
N GLU D 1947 14.11 18.50 -3.19
CA GLU D 1947 13.05 17.51 -3.03
C GLU D 1947 13.56 16.09 -3.24
N ILE D 1948 14.40 15.89 -4.26
CA ILE D 1948 14.81 14.52 -4.58
C ILE D 1948 15.77 13.99 -3.50
N ASP D 1949 16.47 14.91 -2.82
CA ASP D 1949 17.27 14.49 -1.67
C ASP D 1949 16.39 14.10 -0.49
N ALA D 1950 15.29 14.81 -0.28
CA ALA D 1950 14.35 14.42 0.78
C ALA D 1950 13.73 13.05 0.50
N GLU D 1951 13.54 12.72 -0.77
CA GLU D 1951 13.03 11.40 -1.11
C GLU D 1951 14.05 10.31 -0.81
N LYS D 1952 15.34 10.62 -1.00
CA LYS D 1952 16.38 9.66 -0.60
C LYS D 1952 16.35 9.45 0.91
N THR D 1953 16.02 10.49 1.66
CA THR D 1953 15.89 10.33 3.11
C THR D 1953 14.71 9.43 3.50
N VAL D 1954 13.56 9.56 2.81
CA VAL D 1954 12.42 8.72 3.19
C VAL D 1954 12.69 7.25 2.84
N LEU D 1955 13.47 7.01 1.78
CA LEU D 1955 13.80 5.62 1.49
C LEU D 1955 14.83 5.08 2.48
N GLU D 1956 15.70 5.95 3.01
CA GLU D 1956 16.57 5.54 4.12
C GLU D 1956 15.77 5.08 5.33
N LYS D 1957 14.68 5.80 5.64
CA LYS D 1957 13.87 5.44 6.80
C LYS D 1957 13.19 4.09 6.60
N SER D 1958 12.59 3.87 5.42
CA SER D 1958 11.92 2.59 5.17
C SER D 1958 12.90 1.44 5.13
N LYS D 1959 14.09 1.68 4.59
CA LYS D 1959 15.15 0.68 4.57
C LYS D 1959 15.57 0.28 5.98
N ALA D 1960 15.69 1.25 6.88
CA ALA D 1960 16.07 0.94 8.26
C ALA D 1960 14.99 0.13 8.97
N GLY D 1961 13.72 0.46 8.72
CA GLY D 1961 12.64 -0.31 9.34
C GLY D 1961 12.60 -1.76 8.87
N ALA D 1962 12.74 -1.98 7.56
CA ALA D 1962 12.76 -3.34 7.03
C ALA D 1962 13.99 -4.10 7.52
N LYS D 1963 15.12 -3.41 7.69
CA LYS D 1963 16.32 -4.06 8.19
C LYS D 1963 16.13 -4.53 9.63
N SER D 1964 15.45 -3.72 10.44
CA SER D 1964 15.17 -4.12 11.81
C SER D 1964 14.27 -5.33 11.87
N ARG D 1965 13.21 -5.36 11.06
CA ARG D 1965 12.36 -6.55 10.99
C ARG D 1965 13.13 -7.78 10.55
N PHE D 1966 14.03 -7.63 9.58
CA PHE D 1966 14.76 -8.78 9.07
C PHE D 1966 15.69 -9.36 10.12
N ASP D 1967 16.41 -8.49 10.82
CA ASP D 1967 17.33 -8.98 11.83
C ASP D 1967 16.59 -9.59 13.01
N ASN D 1968 15.44 -9.03 13.36
CA ASN D 1968 14.74 -9.52 14.53
C ASN D 1968 14.09 -10.87 14.25
N TYR D 1969 13.48 -11.04 13.07
CA TYR D 1969 12.92 -12.34 12.72
C TYR D 1969 14.02 -13.38 12.50
N SER D 1970 15.17 -12.97 11.98
CA SER D 1970 16.26 -13.92 11.82
C SER D 1970 16.78 -14.38 13.17
N LYS D 1971 16.81 -13.48 14.15
CA LYS D 1971 17.21 -13.87 15.49
C LYS D 1971 16.22 -14.84 16.12
N LEU D 1972 14.91 -14.56 15.99
CA LEU D 1972 13.94 -15.44 16.62
C LEU D 1972 13.76 -16.73 15.83
N TYR D 1973 14.26 -16.77 14.60
CA TYR D 1973 14.24 -18.00 13.84
C TYR D 1973 15.40 -18.90 14.20
N ASP D 1974 16.60 -18.34 14.30
CA ASP D 1974 17.77 -19.19 14.50
C ASP D 1974 17.87 -19.66 15.95
N GLU D 1975 17.41 -18.82 16.89
CA GLU D 1975 17.20 -19.29 18.26
C GLU D 1975 15.82 -19.94 18.31
N ASP D 1976 15.82 -21.22 17.91
CA ASP D 1976 14.58 -21.87 17.50
C ASP D 1976 13.68 -22.22 18.68
N VAL D 1977 14.26 -22.74 19.75
CA VAL D 1977 13.52 -23.04 20.98
C VAL D 1977 14.29 -22.51 22.16
N ASN D 1978 13.58 -22.13 23.21
CA ASN D 1978 14.25 -21.56 24.37
C ASN D 1978 14.84 -22.65 25.26
N ALA D 1979 15.35 -22.22 26.40
CA ALA D 1979 15.73 -23.18 27.42
C ALA D 1979 14.50 -23.79 28.07
N GLY D 1980 13.53 -22.94 28.45
CA GLY D 1980 12.38 -23.43 29.19
C GLY D 1980 11.47 -24.29 28.37
N GLU D 1981 11.44 -24.07 27.05
CA GLU D 1981 10.67 -24.94 26.18
C GLU D 1981 11.27 -26.34 26.15
N ARG D 1982 12.59 -26.42 26.09
CA ARG D 1982 13.25 -27.71 26.19
C ARG D 1982 13.07 -28.31 27.60
N GLN D 1983 12.93 -27.45 28.61
CA GLN D 1983 12.61 -27.95 29.94
C GLN D 1983 11.21 -28.54 29.99
N ALA D 1984 10.27 -27.96 29.25
CA ALA D 1984 8.93 -28.52 29.17
C ALA D 1984 8.94 -29.88 28.51
N LEU D 1985 9.71 -30.02 27.43
CA LEU D 1985 9.88 -31.34 26.82
C LEU D 1985 10.59 -32.31 27.75
N ASP D 1986 11.45 -31.80 28.63
CA ASP D 1986 12.10 -32.68 29.59
C ASP D 1986 11.12 -33.15 30.65
N MET D 1987 10.25 -32.27 31.11
CA MET D 1987 9.31 -32.66 32.16
C MET D 1987 8.28 -33.65 31.65
N ARG D 1988 7.84 -33.49 30.40
CA ARG D 1988 6.91 -34.46 29.83
C ARG D 1988 7.54 -35.84 29.71
N ILE D 1989 8.81 -35.90 29.28
CA ILE D 1989 9.42 -37.20 29.08
C ILE D 1989 9.85 -37.79 30.41
N ALA D 1990 10.04 -36.94 31.43
CA ALA D 1990 10.24 -37.46 32.77
C ALA D 1990 8.96 -38.09 33.30
N SER D 1991 7.81 -37.48 33.00
CA SER D 1991 6.54 -38.07 33.41
C SER D 1991 6.28 -39.38 32.68
N GLN D 1992 6.66 -39.44 31.40
CA GLN D 1992 6.54 -40.69 30.65
C GLN D 1992 7.46 -41.77 31.22
N SER D 1993 8.65 -41.38 31.66
CA SER D 1993 9.55 -42.37 32.26
C SER D 1993 9.06 -42.77 33.64
N ILE D 1994 8.30 -41.91 34.32
CA ILE D 1994 7.95 -42.21 35.69
C ILE D 1994 6.61 -42.94 35.74
N THR D 1995 5.88 -42.97 34.62
CA THR D 1995 4.72 -43.87 34.59
C THR D 1995 5.19 -45.31 34.43
N SER D 1996 6.38 -45.50 33.87
CA SER D 1996 7.35 -46.52 34.28
C SER D 1996 6.90 -47.97 34.09
N GLY D 1997 5.71 -48.15 33.51
CA GLY D 1997 5.02 -49.40 33.72
C GLY D 1997 4.73 -49.58 35.19
N LEU D 1998 4.02 -48.62 35.77
CA LEU D 1998 3.73 -48.63 37.20
C LEU D 1998 2.69 -49.70 37.56
N LYS D 1999 2.06 -50.28 36.53
CA LYS D 1999 1.14 -51.38 36.75
C LYS D 1999 1.85 -52.60 37.30
N GLY D 2000 3.15 -52.73 37.04
CA GLY D 2000 3.94 -53.71 37.76
C GLY D 2000 3.99 -53.45 39.25
N LEU D 2001 4.03 -52.17 39.63
CA LEU D 2001 4.10 -51.83 41.05
C LEU D 2001 2.76 -52.06 41.71
N HIS D 2002 1.65 -51.82 40.99
CA HIS D 2002 0.35 -52.25 41.52
C HIS D 2002 0.22 -53.76 41.62
N MET D 2003 0.73 -54.50 40.63
CA MET D 2003 0.59 -55.95 40.65
C MET D 2003 1.45 -56.56 41.74
N ALA D 2004 2.49 -55.86 42.16
CA ALA D 2004 3.23 -56.26 43.37
C ALA D 2004 2.31 -56.31 44.58
N ALA D 2005 1.51 -55.26 44.79
CA ALA D 2005 0.59 -55.26 45.92
C ALA D 2005 -0.52 -56.28 45.75
N ALA D 2006 -1.02 -56.44 44.52
CA ALA D 2006 -2.09 -57.39 44.27
C ALA D 2006 -1.63 -58.82 44.51
N ALA D 2007 -0.41 -59.16 44.09
CA ALA D 2007 0.13 -60.47 44.38
C ALA D 2007 0.44 -60.61 45.86
N LEU D 2008 0.77 -59.51 46.53
CA LEU D 2008 1.18 -59.59 47.92
C LEU D 2008 -0.03 -59.72 48.84
N GLU D 2009 -1.22 -59.42 48.31
CA GLU D 2009 -2.41 -59.51 49.15
C GLU D 2009 -3.26 -60.74 48.90
N MET D 2010 -2.73 -61.85 48.40
CA MET D 2010 -3.58 -63.02 48.16
C MET D 2010 -3.77 -63.86 49.40
N VAL D 2011 -2.83 -63.82 50.32
CA VAL D 2011 -2.81 -64.80 51.40
C VAL D 2011 -3.87 -64.47 52.43
N PRO D 2012 -4.44 -65.45 53.11
CA PRO D 2012 -5.40 -65.13 54.18
C PRO D 2012 -4.67 -64.55 55.37
N ASN D 2013 -5.27 -63.52 55.96
CA ASN D 2013 -4.59 -62.83 57.05
C ASN D 2013 -5.25 -63.09 58.40
N ILE D 2014 -6.54 -63.37 58.42
CA ILE D 2014 -7.18 -63.71 59.68
C ILE D 2014 -6.82 -65.15 60.04
N TYR D 2015 -6.11 -65.32 61.15
CA TYR D 2015 -5.76 -66.67 61.58
C TYR D 2015 -6.46 -67.03 62.87
N GLY D 2016 -6.33 -68.29 63.26
CA GLY D 2016 -7.01 -68.78 64.43
C GLY D 2016 -8.22 -69.60 64.06
N PHE D 2017 -9.39 -69.21 64.57
CA PHE D 2017 -10.60 -69.94 64.24
C PHE D 2017 -11.15 -69.51 62.90
N ALA D 2018 -11.42 -68.22 62.74
CA ALA D 2018 -11.81 -67.69 61.46
C ALA D 2018 -10.63 -67.79 60.50
N VAL D 2019 -10.81 -68.57 59.44
CA VAL D 2019 -9.74 -68.80 58.48
C VAL D 2019 -10.18 -68.24 57.15
N GLY D 2020 -9.28 -67.54 56.47
CA GLY D 2020 -9.63 -66.93 55.21
C GLY D 2020 -9.57 -65.42 55.33
N GLY D 2021 -10.61 -64.75 54.82
CA GLY D 2021 -10.66 -63.32 54.87
C GLY D 2021 -9.87 -62.62 53.80
N THR D 2022 -9.21 -63.36 52.92
CA THR D 2022 -8.42 -62.73 51.87
C THR D 2022 -9.32 -62.14 50.79
N ARG D 2023 -8.85 -61.07 50.18
CA ARG D 2023 -9.44 -60.62 48.94
C ARG D 2023 -9.16 -61.65 47.86
N TYR D 2024 -10.06 -61.77 46.91
CA TYR D 2024 -9.78 -62.55 45.73
C TYR D 2024 -9.63 -61.71 44.49
N GLY D 2025 -10.30 -60.56 44.43
CA GLY D 2025 -10.25 -59.72 43.26
C GLY D 2025 -9.20 -58.64 43.30
N ALA D 2026 -8.07 -58.87 43.96
CA ALA D 2026 -6.99 -57.89 43.92
C ALA D 2026 -6.32 -57.87 42.55
N ILE D 2027 -6.33 -59.04 41.89
CA ILE D 2027 -5.65 -59.19 40.61
C ILE D 2027 -6.33 -58.38 39.53
N ALA D 2028 -7.64 -58.60 39.34
CA ALA D 2028 -8.37 -57.93 38.28
C ALA D 2028 -8.48 -56.44 38.57
N ASN D 2029 -8.51 -56.06 39.84
CA ASN D 2029 -8.51 -54.66 40.20
C ASN D 2029 -7.18 -54.01 39.81
N ALA D 2030 -6.08 -54.73 39.98
CA ALA D 2030 -4.79 -54.19 39.57
C ALA D 2030 -4.66 -54.11 38.06
N ILE D 2031 -5.20 -55.10 37.35
CA ILE D 2031 -5.23 -55.05 35.90
C ILE D 2031 -6.09 -53.88 35.43
N ALA D 2032 -7.16 -53.58 36.17
CA ALA D 2032 -8.01 -52.45 35.83
C ALA D 2032 -7.29 -51.12 36.01
N ILE D 2033 -6.60 -50.95 37.13
CA ILE D 2033 -5.93 -49.67 37.36
C ILE D 2033 -4.72 -49.54 36.45
N GLY D 2034 -4.14 -50.66 36.01
CA GLY D 2034 -3.10 -50.60 34.99
C GLY D 2034 -3.64 -50.20 33.63
N GLY D 2035 -4.82 -50.71 33.27
CA GLY D 2035 -5.44 -50.33 32.01
C GLY D 2035 -5.82 -48.86 32.00
N GLY D 2036 -6.17 -48.31 33.15
CA GLY D 2036 -6.38 -46.87 33.23
C GLY D 2036 -5.08 -46.08 33.10
N ILE D 2037 -4.01 -46.56 33.75
CA ILE D 2037 -2.80 -45.76 33.82
C ILE D 2037 -2.07 -45.78 32.47
N ALA D 2038 -2.29 -46.82 31.66
CA ALA D 2038 -1.71 -46.85 30.33
C ALA D 2038 -2.36 -45.82 29.41
N ALA D 2039 -3.69 -45.65 29.53
CA ALA D 2039 -4.39 -44.66 28.74
C ALA D 2039 -3.97 -43.26 29.15
N GLU D 2040 -3.76 -43.04 30.45
CA GLU D 2040 -3.30 -41.72 30.88
C GLU D 2040 -1.89 -41.42 30.37
N GLY D 2041 -1.01 -42.42 30.36
CA GLY D 2041 0.31 -42.23 29.77
C GLY D 2041 0.27 -41.93 28.28
N LEU D 2042 -0.63 -42.58 27.55
CA LEU D 2042 -0.77 -42.28 26.12
C LEU D 2042 -1.30 -40.86 25.89
N LEU D 2043 -2.17 -40.38 26.76
CA LEU D 2043 -2.63 -39.00 26.62
C LEU D 2043 -1.51 -38.00 26.89
N ILE D 2044 -0.63 -38.32 27.85
CA ILE D 2044 0.53 -37.48 28.12
C ILE D 2044 1.44 -37.41 26.89
N GLU D 2045 1.69 -38.55 26.27
CA GLU D 2045 2.55 -38.58 25.09
C GLU D 2045 1.91 -37.86 23.90
N ALA D 2046 0.58 -37.93 23.80
CA ALA D 2046 -0.12 -37.19 22.75
C ALA D 2046 0.02 -35.69 22.94
N GLU D 2047 -0.08 -35.21 24.18
CA GLU D 2047 0.09 -33.78 24.43
C GLU D 2047 1.50 -33.32 24.11
N LYS D 2048 2.49 -34.17 24.42
CA LYS D 2048 3.88 -33.81 24.13
C LYS D 2048 4.12 -33.68 22.62
N VAL D 2049 3.65 -34.64 21.84
CA VAL D 2049 3.93 -34.58 20.41
C VAL D 2049 3.13 -33.47 19.75
N SER D 2050 1.95 -33.13 20.28
CA SER D 2050 1.19 -32.02 19.72
C SER D 2050 1.87 -30.69 19.99
N GLN D 2051 2.47 -30.55 21.17
CA GLN D 2051 3.18 -29.31 21.47
C GLN D 2051 4.42 -29.15 20.59
N SER D 2052 5.11 -30.26 20.31
CA SER D 2052 6.25 -30.16 19.41
C SER D 2052 5.82 -29.80 17.99
N GLU D 2053 4.66 -30.28 17.56
CA GLU D 2053 4.22 -29.97 16.21
C GLU D 2053 3.80 -28.51 16.08
N ILE D 2054 3.16 -27.94 17.11
CA ILE D 2054 2.79 -26.53 16.98
C ILE D 2054 4.03 -25.65 17.09
N TRP D 2055 5.09 -26.13 17.76
CA TRP D 2055 6.35 -25.41 17.70
C TRP D 2055 6.93 -25.40 16.29
N ARG D 2056 6.85 -26.54 15.58
CA ARG D 2056 7.37 -26.55 14.22
C ARG D 2056 6.58 -25.63 13.29
N ARG D 2057 5.26 -25.61 13.43
CA ARG D 2057 4.46 -24.72 12.58
C ARG D 2057 4.74 -23.25 12.89
N ARG D 2058 4.96 -22.94 14.18
CA ARG D 2058 5.35 -21.59 14.57
C ARG D 2058 6.65 -21.19 13.90
N ARG D 2059 7.64 -22.10 13.90
CA ARG D 2059 8.94 -21.79 13.30
C ARG D 2059 8.82 -21.57 11.79
N GLN D 2060 7.93 -22.31 11.14
CA GLN D 2060 7.72 -22.09 9.71
C GLN D 2060 7.13 -20.72 9.42
N GLU D 2061 6.21 -20.27 10.29
CA GLU D 2061 5.67 -18.91 10.10
C GLU D 2061 6.74 -17.85 10.33
N TRP D 2062 7.64 -18.09 11.31
CA TRP D 2062 8.77 -17.19 11.51
C TRP D 2062 9.62 -17.08 10.25
N GLU D 2063 9.83 -18.20 9.57
CA GLU D 2063 10.69 -18.19 8.40
C GLU D 2063 10.04 -17.44 7.24
N ILE D 2064 8.71 -17.58 7.10
CA ILE D 2064 8.02 -16.84 6.04
C ILE D 2064 8.10 -15.33 6.29
N GLN D 2065 7.98 -14.92 7.56
CA GLN D 2065 8.13 -13.50 7.87
C GLN D 2065 9.54 -12.99 7.59
N ARG D 2066 10.56 -13.80 7.88
CA ARG D 2066 11.93 -13.41 7.59
C ARG D 2066 12.15 -13.20 6.09
N ASN D 2067 11.60 -14.10 5.27
CA ASN D 2067 11.80 -13.98 3.84
C ASN D 2067 11.06 -12.77 3.26
N ASN D 2068 9.90 -12.43 3.83
CA ASN D 2068 9.23 -11.21 3.36
C ASN D 2068 10.03 -9.96 3.72
N ALA D 2069 10.63 -9.95 4.90
CA ALA D 2069 11.44 -8.79 5.29
C ALA D 2069 12.66 -8.63 4.39
N GLU D 2070 13.34 -9.73 4.06
CA GLU D 2070 14.51 -9.64 3.20
C GLU D 2070 14.14 -9.21 1.78
N ALA D 2071 12.98 -9.68 1.29
CA ALA D 2071 12.54 -9.26 -0.04
C ALA D 2071 12.22 -7.77 -0.10
N GLU D 2072 11.57 -7.24 0.95
CA GLU D 2072 11.30 -5.81 0.97
C GLU D 2072 12.58 -5.00 1.06
N MET D 2073 13.60 -5.53 1.74
CA MET D 2073 14.88 -4.84 1.82
C MET D 2073 15.56 -4.74 0.47
N LYS D 2074 15.58 -5.82 -0.30
CA LYS D 2074 16.15 -5.76 -1.64
C LYS D 2074 15.35 -4.84 -2.55
N GLN D 2075 14.03 -4.82 -2.38
CA GLN D 2075 13.19 -3.90 -3.14
C GLN D 2075 13.56 -2.44 -2.88
N ILE D 2076 13.80 -2.09 -1.62
CA ILE D 2076 14.08 -0.69 -1.31
C ILE D 2076 15.48 -0.29 -1.79
N ASP D 2077 16.42 -1.24 -1.81
CA ASP D 2077 17.73 -0.93 -2.38
C ASP D 2077 17.66 -0.66 -3.89
N ALA D 2078 16.88 -1.47 -4.62
CA ALA D 2078 16.74 -1.22 -6.04
C ALA D 2078 16.00 0.09 -6.31
N GLN D 2079 15.06 0.45 -5.43
CA GLN D 2079 14.38 1.73 -5.59
C GLN D 2079 15.31 2.91 -5.31
N LEU D 2080 16.30 2.72 -4.42
CA LEU D 2080 17.35 3.73 -4.24
C LEU D 2080 18.16 3.94 -5.50
N LYS D 2081 18.48 2.85 -6.21
CA LYS D 2081 19.18 3.00 -7.48
C LYS D 2081 18.36 3.80 -8.49
N SER D 2082 17.05 3.54 -8.54
CA SER D 2082 16.17 4.33 -9.41
C SER D 2082 16.17 5.81 -9.03
N LEU D 2083 16.18 6.09 -7.73
CA LEU D 2083 16.11 7.48 -7.30
C LEU D 2083 17.40 8.24 -7.59
N THR D 2084 18.55 7.58 -7.48
CA THR D 2084 19.77 8.30 -7.79
C THR D 2084 19.94 8.51 -9.29
N VAL D 2085 19.32 7.64 -10.11
CA VAL D 2085 19.27 7.94 -11.54
C VAL D 2085 18.42 9.17 -11.83
N ARG D 2086 17.27 9.30 -11.13
CA ARG D 2086 16.47 10.52 -11.27
C ARG D 2086 17.22 11.76 -10.80
N ARG D 2087 18.08 11.61 -9.78
CA ARG D 2087 18.87 12.74 -9.33
C ARG D 2087 19.86 13.19 -10.39
N GLU D 2088 20.52 12.22 -11.06
CA GLU D 2088 21.44 12.58 -12.15
C GLU D 2088 20.72 13.29 -13.28
N ALA D 2089 19.49 12.86 -13.58
CA ALA D 2089 18.71 13.54 -14.61
C ALA D 2089 18.38 14.98 -14.21
N ALA D 2090 18.08 15.20 -12.94
CA ALA D 2090 17.81 16.57 -12.50
C ALA D 2090 19.07 17.45 -12.55
N VAL D 2091 20.23 16.86 -12.30
CA VAL D 2091 21.48 17.61 -12.38
C VAL D 2091 21.75 18.04 -13.83
N LEU D 2092 21.48 17.14 -14.79
CA LEU D 2092 21.64 17.51 -16.20
C LEU D 2092 20.64 18.59 -16.60
N GLN D 2093 19.45 18.57 -16.01
CA GLN D 2093 18.48 19.64 -16.25
C GLN D 2093 19.01 20.98 -15.75
N LYS D 2094 19.65 20.98 -14.59
CA LYS D 2094 20.18 22.23 -14.02
C LYS D 2094 21.30 22.79 -14.89
N THR D 2095 22.22 21.95 -15.34
CA THR D 2095 23.30 22.49 -16.17
C THR D 2095 22.79 22.90 -17.54
N GLY D 2096 21.69 22.29 -18.01
CA GLY D 2096 21.06 22.78 -19.22
C GLY D 2096 20.47 24.16 -19.06
N LEU D 2097 19.89 24.43 -17.90
CA LEU D 2097 19.34 25.76 -17.66
C LEU D 2097 20.44 26.81 -17.53
N LYS D 2098 21.59 26.43 -16.95
CA LYS D 2098 22.69 27.40 -16.88
C LYS D 2098 23.27 27.67 -18.27
N THR D 2099 23.27 26.66 -19.14
CA THR D 2099 23.68 26.89 -20.53
C THR D 2099 22.70 27.84 -21.23
N GLN D 2100 21.40 27.69 -20.95
CA GLN D 2100 20.43 28.62 -21.53
C GLN D 2100 20.63 30.05 -21.03
N GLN D 2101 20.99 30.21 -19.75
CA GLN D 2101 21.23 31.54 -19.22
C GLN D 2101 22.44 32.18 -19.87
N GLU D 2102 23.51 31.41 -20.06
CA GLU D 2102 24.70 31.95 -20.71
C GLU D 2102 24.43 32.29 -22.17
N GLN D 2103 23.56 31.52 -22.83
CA GLN D 2103 23.16 31.86 -24.19
C GLN D 2103 22.36 33.15 -24.26
N THR D 2104 21.49 33.38 -23.27
CA THR D 2104 20.74 34.63 -23.21
C THR D 2104 21.68 35.81 -22.99
N GLN D 2105 22.70 35.61 -22.15
CA GLN D 2105 23.71 36.65 -21.95
C GLN D 2105 24.46 36.95 -23.23
N ALA D 2106 24.74 35.91 -24.02
CA ALA D 2106 25.42 36.11 -25.29
C ALA D 2106 24.57 36.88 -26.29
N GLN D 2107 23.26 36.60 -26.35
CA GLN D 2107 22.39 37.36 -27.26
C GLN D 2107 22.29 38.81 -26.83
N LEU D 2108 22.25 39.06 -25.53
CA LEU D 2108 22.14 40.43 -25.07
C LEU D 2108 23.42 41.21 -25.34
N ALA D 2109 24.58 40.57 -25.16
CA ALA D 2109 25.83 41.24 -25.51
C ALA D 2109 25.95 41.44 -27.01
N PHE D 2110 25.34 40.58 -27.81
CA PHE D 2110 25.32 40.81 -29.24
C PHE D 2110 24.45 41.99 -29.61
N LEU D 2111 23.28 42.12 -28.99
CA LEU D 2111 22.41 43.24 -29.33
C LEU D 2111 22.92 44.55 -28.77
N GLN D 2112 23.84 44.50 -27.81
CA GLN D 2112 24.51 45.74 -27.42
C GLN D 2112 25.71 46.05 -28.31
N ARG D 2113 26.52 45.04 -28.64
CA ARG D 2113 27.79 45.34 -29.30
C ARG D 2113 27.71 45.29 -30.81
N LYS D 2114 26.56 45.04 -31.41
CA LYS D 2114 26.50 45.09 -32.86
C LYS D 2114 26.51 46.53 -33.32
N PHE D 2115 26.68 46.71 -34.63
CA PHE D 2115 26.90 48.07 -35.16
C PHE D 2115 25.63 48.90 -35.08
N SER D 2116 24.58 48.48 -35.79
CA SER D 2116 23.34 49.23 -35.77
C SER D 2116 22.59 48.94 -34.48
N ASN D 2117 22.93 49.64 -33.42
CA ASN D 2117 22.25 49.48 -32.15
C ASN D 2117 21.36 50.71 -31.95
N GLN D 2118 20.79 50.80 -30.75
CA GLN D 2118 19.78 51.82 -30.50
C GLN D 2118 20.39 53.21 -30.49
N ALA D 2119 21.63 53.33 -30.04
CA ALA D 2119 22.30 54.63 -29.98
C ALA D 2119 22.52 55.22 -31.36
N LEU D 2120 22.74 54.35 -32.36
CA LEU D 2120 22.85 54.79 -33.74
C LEU D 2120 21.57 55.45 -34.20
N TYR D 2121 20.44 54.83 -33.95
CA TYR D 2121 19.18 55.41 -34.37
C TYR D 2121 18.81 56.64 -33.58
N ASN D 2122 19.19 56.72 -32.30
CA ASN D 2122 19.00 57.96 -31.57
C ASN D 2122 19.77 59.11 -32.20
N TRP D 2123 21.05 58.87 -32.52
CA TRP D 2123 21.87 59.87 -33.18
C TRP D 2123 21.32 60.28 -34.52
N LEU D 2124 20.84 59.31 -35.30
CA LEU D 2124 20.28 59.62 -36.60
C LEU D 2124 19.00 60.43 -36.47
N ARG D 2125 18.13 60.08 -35.51
CA ARG D 2125 16.87 60.79 -35.41
C ARG D 2125 17.08 62.23 -34.97
N GLY D 2126 18.05 62.45 -34.07
CA GLY D 2126 18.36 63.82 -33.67
C GLY D 2126 18.92 64.66 -34.80
N ARG D 2127 19.94 64.14 -35.49
CA ARG D 2127 20.58 64.88 -36.57
C ARG D 2127 19.62 65.14 -37.72
N LEU D 2128 18.85 64.13 -38.09
CA LEU D 2128 17.89 64.27 -39.17
C LEU D 2128 16.78 65.23 -38.80
N ALA D 2129 16.36 65.24 -37.53
CA ALA D 2129 15.30 66.15 -37.12
C ALA D 2129 15.76 67.60 -37.20
N ALA D 2130 17.00 67.88 -36.79
CA ALA D 2130 17.49 69.26 -36.88
C ALA D 2130 17.63 69.73 -38.33
N ILE D 2131 18.21 68.87 -39.18
CA ILE D 2131 18.38 69.22 -40.59
C ILE D 2131 17.02 69.39 -41.26
N TYR D 2132 16.07 68.55 -40.90
CA TYR D 2132 14.74 68.60 -41.47
C TYR D 2132 14.00 69.86 -41.10
N PHE D 2133 14.15 70.31 -39.85
CA PHE D 2133 13.48 71.55 -39.45
C PHE D 2133 14.05 72.77 -40.17
N GLN D 2134 15.39 72.84 -40.27
CA GLN D 2134 15.99 73.99 -40.94
C GLN D 2134 15.64 74.01 -42.42
N PHE D 2135 15.60 72.84 -43.04
CA PHE D 2135 15.24 72.76 -44.44
C PHE D 2135 13.78 73.11 -44.67
N TYR D 2136 12.92 72.75 -43.72
CA TYR D 2136 11.52 73.18 -43.75
C TYR D 2136 11.40 74.69 -43.77
N ASP D 2137 12.18 75.37 -42.92
CA ASP D 2137 12.11 76.82 -42.88
C ASP D 2137 12.54 77.45 -44.21
N LEU D 2138 13.58 76.89 -44.84
CA LEU D 2138 14.01 77.45 -46.12
C LEU D 2138 12.98 77.22 -47.22
N VAL D 2139 12.31 76.07 -47.20
CA VAL D 2139 11.31 75.78 -48.22
C VAL D 2139 10.11 76.70 -48.07
N VAL D 2140 9.73 77.01 -46.82
CA VAL D 2140 8.62 77.93 -46.59
C VAL D 2140 8.99 79.33 -47.07
N ALA D 2141 10.25 79.73 -46.89
CA ALA D 2141 10.70 81.02 -47.38
C ALA D 2141 10.60 81.11 -48.90
N ARG D 2142 11.01 80.07 -49.61
CA ARG D 2142 10.91 80.11 -51.07
C ARG D 2142 9.48 80.05 -51.58
N CYS D 2143 8.60 79.31 -50.89
CA CYS D 2143 7.21 79.32 -51.29
C CYS D 2143 6.57 80.69 -51.07
N LEU D 2144 6.99 81.42 -50.04
CA LEU D 2144 6.49 82.78 -49.89
C LEU D 2144 7.03 83.70 -50.97
N MET D 2145 8.26 83.45 -51.44
CA MET D 2145 8.78 84.19 -52.59
C MET D 2145 7.91 83.96 -53.82
N ALA D 2146 7.53 82.71 -54.06
CA ALA D 2146 6.67 82.40 -55.20
C ALA D 2146 5.28 83.00 -55.03
N GLU D 2147 4.79 83.07 -53.79
CA GLU D 2147 3.49 83.69 -53.56
C GLU D 2147 3.53 85.19 -53.86
N GLN D 2148 4.64 85.84 -53.52
CA GLN D 2148 4.78 87.25 -53.88
C GLN D 2148 4.88 87.44 -55.38
N ALA D 2149 5.53 86.51 -56.06
CA ALA D 2149 5.59 86.57 -57.52
C ALA D 2149 4.21 86.41 -58.14
N TYR D 2150 3.37 85.55 -57.57
CA TYR D 2150 2.00 85.42 -58.04
C TYR D 2150 1.20 86.67 -57.75
N ARG D 2151 1.40 87.26 -56.57
CA ARG D 2151 0.67 88.47 -56.23
C ARG D 2151 1.13 89.67 -57.03
N TRP D 2152 2.29 89.58 -57.68
CA TRP D 2152 2.69 90.72 -58.49
C TRP D 2152 2.37 90.50 -59.96
N GLU D 2153 2.33 89.24 -60.41
CA GLU D 2153 1.94 88.97 -61.80
C GLU D 2153 0.49 89.36 -62.03
N THR D 2154 -0.43 88.67 -61.40
CA THR D 2154 -1.81 89.12 -61.36
C THR D 2154 -1.98 90.02 -60.15
N ASN D 2155 -2.94 90.91 -60.23
CA ASN D 2155 -3.04 92.00 -59.25
C ASN D 2155 -4.09 91.64 -58.21
N ASP D 2156 -3.63 91.05 -57.10
CA ASP D 2156 -4.47 90.79 -55.93
C ASP D 2156 -3.58 90.66 -54.70
N SER D 2157 -3.58 91.68 -53.85
CA SER D 2157 -2.71 91.60 -52.68
C SER D 2157 -3.35 90.81 -51.55
N SER D 2158 -4.68 90.82 -51.46
CA SER D 2158 -5.36 90.15 -50.37
C SER D 2158 -5.36 88.64 -50.54
N ALA D 2159 -5.20 88.17 -51.77
CA ALA D 2159 -5.26 86.74 -52.04
C ALA D 2159 -4.03 86.04 -51.49
N ARG D 2160 -4.24 85.15 -50.53
CA ARG D 2160 -3.16 84.40 -49.93
C ARG D 2160 -3.43 82.91 -50.07
N PHE D 2161 -2.36 82.12 -50.16
CA PHE D 2161 -2.53 80.68 -50.31
C PHE D 2161 -1.76 79.92 -49.25
N ILE D 2162 -0.55 80.36 -48.91
CA ILE D 2162 0.24 79.66 -47.92
C ILE D 2162 -0.34 79.91 -46.55
N LYS D 2163 -0.88 78.87 -45.94
CA LYS D 2163 -1.50 79.00 -44.63
C LYS D 2163 -0.62 78.33 -43.60
N PRO D 2164 -0.62 78.83 -42.36
CA PRO D 2164 0.15 78.17 -41.31
C PRO D 2164 -0.51 76.86 -40.89
N GLY D 2165 0.21 76.13 -40.05
CA GLY D 2165 -0.25 74.84 -39.59
C GLY D 2165 0.28 73.68 -40.39
N ALA D 2166 1.12 73.94 -41.39
CA ALA D 2166 1.77 72.86 -42.12
C ALA D 2166 2.77 72.12 -41.26
N TRP D 2167 3.41 72.80 -40.32
CA TRP D 2167 4.31 72.18 -39.37
C TRP D 2167 3.54 71.81 -38.12
N GLN D 2168 3.66 70.56 -37.70
CA GLN D 2168 3.01 70.08 -36.49
C GLN D 2168 4.08 69.58 -35.54
N GLY D 2169 4.46 70.43 -34.58
CA GLY D 2169 5.57 70.10 -33.70
C GLY D 2169 5.24 68.99 -32.72
N THR D 2170 3.96 68.80 -32.44
CA THR D 2170 3.56 67.75 -31.51
C THR D 2170 3.62 66.37 -32.14
N TYR D 2171 3.81 66.28 -33.44
CA TYR D 2171 4.09 65.01 -34.10
C TYR D 2171 5.42 64.99 -34.81
N ALA D 2172 6.38 65.79 -34.34
CA ALA D 2172 7.74 65.89 -34.87
C ALA D 2172 7.76 66.35 -36.32
N GLY D 2173 6.72 67.06 -36.75
CA GLY D 2173 6.74 67.70 -38.05
C GLY D 2173 6.68 66.76 -39.23
N LEU D 2174 6.08 65.59 -39.07
CA LEU D 2174 5.86 64.72 -40.22
C LEU D 2174 4.83 65.32 -41.15
N LEU D 2175 4.94 64.97 -42.44
CA LEU D 2175 3.99 65.35 -43.48
C LEU D 2175 3.84 66.86 -43.65
N ALA D 2176 4.94 67.51 -44.02
CA ALA D 2176 4.84 68.89 -44.47
C ALA D 2176 4.83 68.98 -45.97
N GLY D 2177 5.50 68.03 -46.63
CA GLY D 2177 5.64 68.02 -48.07
C GLY D 2177 4.31 67.88 -48.77
N GLU D 2178 3.42 67.11 -48.17
CA GLU D 2178 2.07 66.95 -48.71
C GLU D 2178 1.32 68.26 -48.71
N THR D 2179 1.36 68.99 -47.59
CA THR D 2179 0.64 70.24 -47.48
C THR D 2179 1.21 71.28 -48.41
N LEU D 2180 2.53 71.34 -48.52
CA LEU D 2180 3.14 72.35 -49.37
C LEU D 2180 2.95 72.01 -50.85
N MET D 2181 2.95 70.73 -51.19
CA MET D 2181 2.70 70.33 -52.57
C MET D 2181 1.28 70.63 -52.98
N LEU D 2182 0.33 70.35 -52.08
CA LEU D 2182 -1.07 70.68 -52.33
C LEU D 2182 -1.26 72.18 -52.47
N ASN D 2183 -0.56 72.97 -51.67
CA ASN D 2183 -0.79 74.40 -51.72
C ASN D 2183 -0.13 75.03 -52.95
N LEU D 2184 1.02 74.49 -53.38
CA LEU D 2184 1.60 74.91 -54.65
C LEU D 2184 0.69 74.53 -55.82
N ALA D 2185 0.05 73.36 -55.74
CA ALA D 2185 -0.92 72.99 -56.75
C ALA D 2185 -2.09 73.94 -56.81
N GLN D 2186 -2.56 74.40 -55.65
CA GLN D 2186 -3.65 75.37 -55.63
C GLN D 2186 -3.23 76.70 -56.24
N MET D 2187 -1.99 77.15 -55.98
CA MET D 2187 -1.51 78.39 -56.60
C MET D 2187 -1.40 78.26 -58.11
N GLU D 2188 -0.82 77.16 -58.59
CA GLU D 2188 -0.64 77.01 -60.03
C GLU D 2188 -1.97 76.84 -60.73
N ASP D 2189 -2.93 76.19 -60.09
CA ASP D 2189 -4.23 76.02 -60.72
C ASP D 2189 -5.00 77.34 -60.74
N ALA D 2190 -4.85 78.15 -59.68
CA ALA D 2190 -5.46 79.47 -59.69
C ALA D 2190 -4.83 80.36 -60.75
N HIS D 2191 -3.53 80.21 -61.00
CA HIS D 2191 -2.88 80.92 -62.09
C HIS D 2191 -3.44 80.49 -63.44
N LEU D 2192 -3.58 79.18 -63.65
CA LEU D 2192 -4.08 78.68 -64.93
C LEU D 2192 -5.53 79.09 -65.16
N LYS D 2193 -6.29 79.26 -64.09
CA LYS D 2193 -7.62 79.83 -64.26
C LYS D 2193 -7.55 81.31 -64.60
N GLN D 2194 -6.68 82.05 -63.93
CA GLN D 2194 -6.64 83.50 -64.17
C GLN D 2194 -5.72 83.89 -65.30
N GLU D 2195 -5.24 82.93 -66.09
CA GLU D 2195 -4.40 83.25 -67.22
C GLU D 2195 -5.26 83.71 -68.39
N GLN D 2196 -4.79 84.70 -69.14
CA GLN D 2196 -5.53 85.25 -70.26
C GLN D 2196 -4.60 85.54 -71.42
N ARG D 2197 -5.21 85.93 -72.54
CA ARG D 2197 -4.47 86.47 -73.68
C ARG D 2197 -4.33 87.97 -73.52
N ALA D 2198 -3.09 88.45 -73.58
CA ALA D 2198 -2.85 89.87 -73.36
C ALA D 2198 -2.91 90.64 -74.68
N LEU D 2199 -3.29 91.91 -74.58
CA LEU D 2199 -3.19 92.83 -75.71
C LEU D 2199 -1.96 93.70 -75.49
N GLU D 2200 -1.04 93.66 -76.43
CA GLU D 2200 0.27 94.29 -76.27
C GLU D 2200 0.36 95.46 -77.24
N VAL D 2201 0.24 96.67 -76.71
CA VAL D 2201 0.24 97.87 -77.54
C VAL D 2201 1.51 98.65 -77.25
N GLU D 2202 2.23 99.01 -78.30
CA GLU D 2202 3.38 99.89 -78.20
C GLU D 2202 2.92 101.33 -78.39
N ARG D 2203 3.65 102.27 -77.80
CA ARG D 2203 3.38 103.67 -78.04
C ARG D 2203 4.66 104.47 -77.88
N THR D 2204 4.85 105.43 -78.77
CA THR D 2204 6.01 106.31 -78.77
C THR D 2204 5.65 107.63 -78.12
N VAL D 2205 6.47 108.06 -77.16
CA VAL D 2205 6.30 109.34 -76.50
C VAL D 2205 7.44 110.24 -76.89
N SER D 2206 7.14 111.33 -77.59
CA SER D 2206 8.14 112.33 -77.94
C SER D 2206 8.04 113.47 -76.94
N LEU D 2207 9.14 113.75 -76.25
CA LEU D 2207 9.11 114.67 -75.12
C LEU D 2207 8.97 116.12 -75.57
N ALA D 2208 9.35 116.41 -76.82
CA ALA D 2208 9.14 117.75 -77.35
C ALA D 2208 7.67 118.07 -77.47
N GLN D 2209 6.88 117.12 -77.93
CA GLN D 2209 5.43 117.27 -77.95
C GLN D 2209 4.85 117.35 -76.55
N VAL D 2210 5.41 116.59 -75.61
CA VAL D 2210 4.86 116.53 -74.26
C VAL D 2210 5.10 117.83 -73.52
N TYR D 2211 6.35 118.31 -73.47
CA TYR D 2211 6.62 119.60 -72.86
C TYR D 2211 6.08 120.76 -73.68
N GLN D 2212 5.83 120.56 -74.97
CA GLN D 2212 5.24 121.64 -75.75
C GLN D 2212 3.74 121.74 -75.52
N SER D 2213 3.03 120.62 -75.62
CA SER D 2213 1.61 120.59 -75.36
C SER D 2213 1.39 120.42 -73.86
N LEU D 2214 1.14 121.53 -73.17
CA LEU D 2214 0.90 121.56 -71.73
C LEU D 2214 -0.13 122.65 -71.46
N GLY D 2215 -0.17 123.10 -70.21
CA GLY D 2215 -0.77 124.38 -69.91
C GLY D 2215 0.06 125.51 -70.48
N GLU D 2216 -0.42 126.75 -70.38
CA GLU D 2216 0.20 127.86 -71.10
C GLU D 2216 1.58 128.23 -70.55
N LYS D 2217 1.96 127.71 -69.39
CA LYS D 2217 3.36 127.68 -68.99
C LYS D 2217 4.01 126.47 -69.66
N SER D 2218 4.27 126.59 -70.96
CA SER D 2218 4.91 125.53 -71.70
C SER D 2218 6.00 126.16 -72.55
N PHE D 2219 6.73 125.32 -73.27
CA PHE D 2219 8.00 125.73 -73.86
C PHE D 2219 8.40 124.70 -74.90
N ALA D 2220 9.29 125.11 -75.80
CA ALA D 2220 9.89 124.23 -76.79
C ALA D 2220 11.14 123.62 -76.18
N LEU D 2221 11.30 122.31 -76.36
CA LEU D 2221 12.28 121.55 -75.59
C LEU D 2221 13.71 121.90 -75.98
N LYS D 2222 13.97 122.06 -77.28
CA LYS D 2222 15.33 122.22 -77.80
C LYS D 2222 15.95 123.53 -77.34
N ASP D 2223 15.27 124.65 -77.59
CA ASP D 2223 15.79 125.96 -77.26
C ASP D 2223 15.91 126.15 -75.75
N LYS D 2224 14.96 125.61 -74.99
CA LYS D 2224 15.01 125.81 -73.55
C LYS D 2224 16.11 124.96 -72.92
N ILE D 2225 16.33 123.74 -73.44
CA ILE D 2225 17.45 122.96 -72.91
C ILE D 2225 18.77 123.59 -73.30
N GLU D 2226 18.84 124.16 -74.51
CA GLU D 2226 20.04 124.83 -74.98
C GLU D 2226 20.34 126.07 -74.14
N ALA D 2227 19.31 126.83 -73.78
CA ALA D 2227 19.50 128.02 -72.98
C ALA D 2227 19.80 127.68 -71.52
N LEU D 2228 19.11 126.68 -70.98
CA LEU D 2228 19.29 126.29 -69.59
C LEU D 2228 20.65 125.62 -69.36
N LEU D 2229 21.20 124.97 -70.38
CA LEU D 2229 22.54 124.42 -70.25
C LEU D 2229 23.61 125.44 -70.63
N GLN D 2230 23.28 126.37 -71.53
CA GLN D 2230 24.21 127.44 -71.88
C GLN D 2230 24.38 128.41 -70.72
N GLY D 2231 23.30 129.03 -70.29
CA GLY D 2231 23.33 129.86 -69.10
C GLY D 2231 23.53 129.01 -67.86
N ASP D 2232 24.24 129.58 -66.89
CA ASP D 2232 24.50 128.92 -65.62
C ASP D 2232 23.53 129.41 -64.55
N LYS D 2233 22.29 129.69 -64.94
CA LYS D 2233 21.33 130.38 -64.09
C LYS D 2233 20.46 129.35 -63.37
N GLU D 2234 19.68 129.84 -62.39
CA GLU D 2234 18.67 129.09 -61.67
C GLU D 2234 17.58 128.50 -62.57
N THR D 2235 17.39 129.08 -63.76
CA THR D 2235 16.16 128.94 -64.55
C THR D 2235 15.82 127.49 -64.89
N SER D 2236 14.53 127.17 -64.78
CA SER D 2236 14.01 125.85 -65.09
C SER D 2236 12.62 126.04 -65.65
N ALA D 2237 12.25 125.14 -66.56
CA ALA D 2237 11.01 125.29 -67.32
C ALA D 2237 10.11 124.11 -67.01
N GLY D 2238 8.84 124.39 -66.81
CA GLY D 2238 7.86 123.36 -66.49
C GLY D 2238 7.11 123.66 -65.21
N ASN D 2239 6.54 122.59 -64.66
CA ASN D 2239 5.51 122.72 -63.66
C ASN D 2239 5.65 121.55 -62.68
N ASP D 2240 4.54 121.22 -62.01
CA ASP D 2240 4.42 120.20 -60.95
C ASP D 2240 5.01 118.88 -61.41
N GLY D 2241 4.55 118.29 -62.51
CA GLY D 2241 5.09 117.03 -62.94
C GLY D 2241 6.12 117.13 -64.03
N ASN D 2242 6.20 118.27 -64.71
CA ASN D 2242 7.02 118.38 -65.91
C ASN D 2242 8.05 119.50 -65.83
N GLN D 2243 8.63 119.76 -64.68
CA GLN D 2243 9.72 120.72 -64.63
C GLN D 2243 10.99 120.10 -65.17
N LEU D 2244 11.82 120.92 -65.78
CA LEU D 2244 13.06 120.49 -66.40
C LEU D 2244 14.18 121.25 -65.69
N LYS D 2245 14.81 120.62 -64.71
CA LYS D 2245 15.49 121.32 -63.65
C LYS D 2245 16.96 120.97 -63.64
N LEU D 2246 17.80 121.98 -63.37
CA LEU D 2246 19.22 121.80 -63.20
C LEU D 2246 19.59 121.85 -61.73
N THR D 2247 19.95 120.70 -61.19
CA THR D 2247 20.61 120.66 -59.90
C THR D 2247 22.12 120.69 -60.13
N ASN D 2248 22.89 120.29 -59.11
CA ASN D 2248 24.33 120.54 -58.98
C ASN D 2248 25.16 120.24 -60.21
N ASN D 2249 25.16 118.99 -60.64
CA ASN D 2249 25.82 118.66 -61.89
C ASN D 2249 24.78 118.39 -62.95
N THR D 2250 23.87 117.47 -62.67
CA THR D 2250 23.06 116.85 -63.71
C THR D 2250 21.88 117.72 -64.13
N LEU D 2251 21.31 117.35 -65.26
CA LEU D 2251 20.07 117.91 -65.77
C LEU D 2251 19.01 116.83 -65.74
N SER D 2252 17.84 117.17 -65.22
CA SER D 2252 16.74 116.21 -65.10
C SER D 2252 15.53 116.77 -65.83
N ALA D 2253 14.98 115.97 -66.74
CA ALA D 2253 13.69 116.24 -67.35
C ALA D 2253 12.74 115.17 -66.86
N THR D 2254 11.82 115.54 -65.97
CA THR D 2254 10.93 114.59 -65.34
C THR D 2254 9.54 114.69 -65.96
N LEU D 2255 8.69 113.74 -65.60
CA LEU D 2255 7.40 113.61 -66.26
C LEU D 2255 6.46 112.83 -65.35
N THR D 2256 5.18 113.21 -65.40
CA THR D 2256 4.16 112.50 -64.64
C THR D 2256 3.22 111.76 -65.58
N LEU D 2257 2.70 110.66 -65.08
CA LEU D 2257 1.99 109.70 -65.92
C LEU D 2257 0.60 110.17 -66.32
N GLN D 2258 0.05 111.18 -65.65
CA GLN D 2258 -1.25 111.68 -66.03
C GLN D 2258 -1.19 112.40 -67.37
N ASP D 2259 -0.09 113.12 -67.63
CA ASP D 2259 0.03 113.93 -68.83
C ASP D 2259 0.13 113.11 -70.10
N LEU D 2260 0.45 111.82 -69.99
CA LEU D 2260 0.43 110.97 -71.17
C LEU D 2260 -1.00 110.72 -71.63
N LYS D 2261 -1.95 110.66 -70.69
CA LYS D 2261 -3.37 110.36 -70.93
C LYS D 2261 -3.52 109.02 -71.65
N LEU D 2262 -2.63 108.09 -71.32
CA LEU D 2262 -2.36 106.96 -72.20
C LEU D 2262 -3.44 105.89 -72.09
N LYS D 2263 -4.15 105.86 -70.97
CA LYS D 2263 -5.37 105.07 -70.89
C LYS D 2263 -6.41 105.55 -71.89
N ASP D 2264 -6.45 106.85 -72.16
CA ASP D 2264 -7.47 107.43 -73.00
C ASP D 2264 -7.11 107.44 -74.48
N ASP D 2265 -6.08 106.70 -74.88
CA ASP D 2265 -5.86 106.44 -76.30
C ASP D 2265 -6.93 105.52 -76.85
N TYR D 2266 -7.53 104.72 -76.00
CA TYR D 2266 -8.63 103.84 -76.32
C TYR D 2266 -9.84 104.24 -75.48
N PRO D 2267 -11.04 103.89 -75.92
CA PRO D 2267 -12.18 103.96 -74.99
C PRO D 2267 -12.00 102.96 -73.87
N GLU D 2268 -12.66 103.24 -72.75
CA GLU D 2268 -12.41 102.49 -71.51
C GLU D 2268 -12.83 101.03 -71.65
N GLU D 2269 -14.11 100.81 -72.00
CA GLU D 2269 -14.62 99.67 -72.75
C GLU D 2269 -14.21 98.32 -72.16
N MET D 2270 -14.76 97.99 -70.99
CA MET D 2270 -14.21 96.97 -70.11
C MET D 2270 -14.19 95.57 -70.71
N GLN D 2271 -14.90 95.36 -71.82
CA GLN D 2271 -14.68 94.18 -72.66
C GLN D 2271 -13.24 94.08 -73.17
N LEU D 2272 -12.56 95.21 -73.34
CA LEU D 2272 -11.13 95.18 -73.67
C LEU D 2272 -10.30 94.96 -72.41
N GLY D 2273 -10.47 95.80 -71.41
CA GLY D 2273 -9.74 95.63 -70.18
C GLY D 2273 -9.66 96.92 -69.40
N LYS D 2274 -9.51 96.77 -68.10
CA LYS D 2274 -9.31 97.94 -67.25
C LYS D 2274 -7.84 98.10 -66.87
N THR D 2275 -7.26 97.09 -66.24
CA THR D 2275 -5.92 97.18 -65.70
C THR D 2275 -4.88 97.23 -66.83
N ARG D 2276 -3.94 98.15 -66.70
CA ARG D 2276 -3.03 98.48 -67.78
C ARG D 2276 -1.63 98.67 -67.22
N ARG D 2277 -0.73 97.74 -67.53
CA ARG D 2277 0.57 97.68 -66.90
C ARG D 2277 1.66 97.77 -67.94
N ILE D 2278 2.78 98.38 -67.53
CA ILE D 2278 3.93 98.55 -68.43
C ILE D 2278 4.61 97.20 -68.64
N LYS D 2279 4.81 96.84 -69.91
CA LYS D 2279 5.73 95.75 -70.21
C LYS D 2279 7.17 96.24 -70.18
N GLN D 2280 7.50 97.21 -71.02
CA GLN D 2280 8.88 97.65 -71.17
C GLN D 2280 8.90 99.09 -71.65
N ILE D 2281 9.80 99.87 -71.07
CA ILE D 2281 10.08 101.21 -71.54
C ILE D 2281 11.45 101.18 -72.20
N SER D 2282 11.52 101.63 -73.44
CA SER D 2282 12.78 101.71 -74.17
C SER D 2282 13.00 103.16 -74.61
N VAL D 2283 14.23 103.61 -74.53
CA VAL D 2283 14.55 105.01 -74.79
C VAL D 2283 15.25 105.10 -76.15
N SER D 2284 14.82 106.06 -76.96
CA SER D 2284 15.56 106.47 -78.13
C SER D 2284 15.95 107.92 -77.97
N LEU D 2285 17.22 108.22 -78.19
CA LEU D 2285 17.69 109.60 -78.28
C LEU D 2285 17.97 109.91 -79.73
N PRO D 2286 17.02 110.48 -80.47
CA PRO D 2286 17.31 110.86 -81.85
C PRO D 2286 18.24 112.07 -81.87
N ALA D 2287 19.50 111.80 -82.18
CA ALA D 2287 20.55 112.81 -82.12
C ALA D 2287 21.69 112.28 -82.96
N LEU D 2288 22.51 113.20 -83.46
CA LEU D 2288 23.71 112.83 -84.19
C LEU D 2288 24.73 112.38 -83.15
N LEU D 2289 24.73 111.10 -82.85
CA LEU D 2289 25.59 110.52 -81.83
C LEU D 2289 27.01 110.49 -82.36
N GLY D 2290 27.97 110.67 -81.47
CA GLY D 2290 29.36 110.62 -81.85
C GLY D 2290 29.77 109.23 -82.27
N PRO D 2291 30.53 109.13 -83.36
CA PRO D 2291 31.00 107.82 -83.82
C PRO D 2291 31.94 107.20 -82.82
N TYR D 2292 31.51 106.07 -82.26
CA TYR D 2292 32.11 105.44 -81.08
C TYR D 2292 32.22 106.41 -79.92
N GLN D 2293 31.17 107.21 -79.73
CA GLN D 2293 31.10 108.18 -78.65
C GLN D 2293 29.69 108.19 -78.10
N ASP D 2294 29.56 107.85 -76.83
CA ASP D 2294 28.28 107.50 -76.24
C ASP D 2294 27.78 108.59 -75.29
N VAL D 2295 26.50 108.53 -75.03
CA VAL D 2295 25.86 109.40 -74.06
C VAL D 2295 25.87 108.69 -72.72
N GLN D 2296 25.68 109.44 -71.63
CA GLN D 2296 25.55 108.90 -70.29
C GLN D 2296 24.24 109.40 -69.70
N ALA D 2297 23.35 108.48 -69.36
CA ALA D 2297 22.02 108.86 -68.93
C ALA D 2297 21.40 107.75 -68.10
N VAL D 2298 20.72 108.14 -67.02
CA VAL D 2298 20.00 107.21 -66.16
C VAL D 2298 18.53 107.55 -66.23
N LEU D 2299 17.69 106.60 -65.83
CA LEU D 2299 16.25 106.77 -65.87
C LEU D 2299 15.66 106.32 -64.54
N SER D 2300 14.98 107.23 -63.86
CA SER D 2300 14.48 106.98 -62.52
C SER D 2300 12.97 106.93 -62.52
N TYR D 2301 12.41 106.73 -61.33
CA TYR D 2301 10.97 106.57 -61.14
C TYR D 2301 10.63 106.85 -59.69
N GLY D 2302 9.46 107.42 -59.45
CA GLY D 2302 9.10 107.88 -58.13
C GLY D 2302 7.97 107.17 -57.40
N GLY D 2303 7.48 106.07 -57.95
CA GLY D 2303 6.36 105.37 -57.32
C GLY D 2303 6.77 104.27 -56.36
N ASP D 2304 7.94 104.46 -55.73
CA ASP D 2304 8.45 103.76 -54.55
C ASP D 2304 8.87 102.31 -54.83
N ALA D 2305 8.59 101.81 -56.04
CA ALA D 2305 8.85 100.42 -56.47
C ALA D 2305 8.26 99.41 -55.48
N THR D 2306 7.01 99.67 -55.06
CA THR D 2306 6.44 98.98 -53.92
C THR D 2306 6.07 97.53 -54.23
N GLY D 2307 5.73 97.23 -55.48
CA GLY D 2307 5.50 95.86 -55.87
C GLY D 2307 6.62 95.40 -56.76
N LEU D 2308 7.54 96.31 -57.03
CA LEU D 2308 8.68 96.00 -57.88
C LEU D 2308 9.79 95.36 -57.07
N ALA D 2309 10.67 94.65 -57.78
CA ALA D 2309 11.83 94.07 -57.13
C ALA D 2309 12.88 95.13 -56.90
N LYS D 2310 13.95 94.72 -56.23
CA LYS D 2310 15.01 95.65 -55.86
C LYS D 2310 15.81 96.06 -57.08
N GLY D 2311 15.58 97.30 -57.54
CA GLY D 2311 16.28 97.81 -58.68
C GLY D 2311 15.50 97.79 -59.98
N CYS D 2312 14.23 97.39 -59.95
CA CYS D 2312 13.40 97.47 -61.14
C CYS D 2312 12.86 98.87 -61.41
N LYS D 2313 13.17 99.83 -60.55
CA LYS D 2313 12.69 101.18 -60.76
C LYS D 2313 13.69 102.04 -61.53
N ALA D 2314 14.88 101.52 -61.82
CA ALA D 2314 15.92 102.27 -62.48
C ALA D 2314 16.21 101.69 -63.85
N LEU D 2315 16.88 102.49 -64.68
CA LEU D 2315 17.24 102.08 -66.03
C LEU D 2315 18.38 102.96 -66.52
N ALA D 2316 19.25 102.37 -67.33
CA ALA D 2316 20.44 103.04 -67.83
C ALA D 2316 20.45 103.06 -69.35
N VAL D 2317 20.94 104.16 -69.90
CA VAL D 2317 20.98 104.38 -71.35
C VAL D 2317 22.42 104.65 -71.73
N SER D 2318 22.94 103.88 -72.68
CA SER D 2318 24.33 104.03 -73.08
C SER D 2318 24.46 104.62 -74.49
N HIS D 2319 23.85 103.96 -75.47
CA HIS D 2319 23.98 104.43 -76.85
C HIS D 2319 22.71 105.08 -77.36
N GLY D 2320 21.60 104.91 -76.67
CA GLY D 2320 20.44 105.75 -76.89
C GLY D 2320 19.66 105.51 -78.16
N LEU D 2321 19.72 104.33 -78.74
CA LEU D 2321 18.91 104.00 -79.91
C LEU D 2321 18.13 102.73 -79.64
N ASN D 2322 16.95 102.88 -79.03
CA ASN D 2322 15.98 101.81 -78.79
C ASN D 2322 16.61 100.68 -77.98
N ASP D 2323 16.98 100.98 -76.74
CA ASP D 2323 17.76 100.07 -75.94
C ASP D 2323 17.10 99.76 -74.60
N ASN D 2324 17.20 98.50 -74.20
CA ASN D 2324 17.10 98.15 -72.80
C ASN D 2324 18.40 98.56 -72.10
N GLY D 2325 18.32 98.71 -70.79
CA GLY D 2325 19.53 98.80 -69.99
C GLY D 2325 20.38 97.55 -70.09
N GLN D 2326 19.74 96.39 -70.29
CA GLN D 2326 20.45 95.14 -70.54
C GLN D 2326 21.19 95.20 -71.86
N PHE D 2327 22.15 94.28 -72.01
CA PHE D 2327 22.89 94.20 -73.25
C PHE D 2327 22.05 93.59 -74.36
N GLN D 2328 21.41 92.46 -74.06
CA GLN D 2328 20.43 91.89 -74.95
C GLN D 2328 19.09 91.80 -74.24
N LEU D 2329 18.02 92.00 -75.00
CA LEU D 2329 16.66 92.00 -74.48
C LEU D 2329 16.12 90.59 -74.50
N ASP D 2330 15.81 90.07 -73.31
CA ASP D 2330 15.34 88.70 -73.16
C ASP D 2330 13.90 88.74 -72.65
N PHE D 2331 12.94 88.57 -73.56
CA PHE D 2331 11.57 88.39 -73.14
C PHE D 2331 11.38 87.07 -72.41
N ASN D 2332 12.16 86.05 -72.77
CA ASN D 2332 12.04 84.74 -72.15
C ASN D 2332 12.80 84.63 -70.84
N ASP D 2333 13.43 85.72 -70.39
CA ASP D 2333 14.06 85.72 -69.07
C ASP D 2333 12.99 85.63 -68.00
N GLY D 2334 13.25 84.80 -67.00
CA GLY D 2334 12.35 84.72 -65.87
C GLY D 2334 12.47 85.92 -64.96
N LYS D 2335 13.56 86.67 -65.08
CA LYS D 2335 13.68 87.91 -64.35
C LYS D 2335 12.69 88.93 -64.91
N PHE D 2336 12.12 89.73 -64.02
CA PHE D 2336 11.31 90.85 -64.46
C PHE D 2336 12.21 91.94 -65.02
N LEU D 2337 11.72 92.58 -66.08
CA LEU D 2337 12.39 93.74 -66.61
C LEU D 2337 12.16 94.93 -65.69
N PRO D 2338 12.99 95.97 -65.78
CA PRO D 2338 12.67 97.22 -65.08
C PRO D 2338 11.39 97.83 -65.65
N PHE D 2339 10.64 98.47 -64.76
CA PHE D 2339 9.34 99.11 -64.96
C PHE D 2339 8.23 98.14 -65.30
N GLU D 2340 8.46 96.84 -65.23
CA GLU D 2340 7.46 95.88 -65.62
C GLU D 2340 6.39 95.76 -64.53
N GLY D 2341 5.18 96.19 -64.85
CA GLY D 2341 4.07 96.09 -63.94
C GLY D 2341 3.54 97.40 -63.39
N ILE D 2342 3.93 98.52 -63.95
CA ILE D 2342 3.58 99.82 -63.42
C ILE D 2342 2.29 100.31 -64.05
N ASP D 2343 1.41 100.87 -63.22
CA ASP D 2343 0.16 101.47 -63.67
C ASP D 2343 0.41 102.62 -64.65
N ILE D 2344 -0.46 102.68 -65.66
CA ILE D 2344 -0.51 103.83 -66.55
C ILE D 2344 -0.96 105.07 -65.81
N ASN D 2345 -1.89 104.92 -64.88
CA ASN D 2345 -2.37 106.06 -64.10
C ASN D 2345 -1.29 106.48 -63.10
N ASP D 2346 -1.52 107.62 -62.44
CA ASP D 2346 -0.53 108.30 -61.60
C ASP D 2346 -0.11 107.40 -60.44
N LYS D 2347 1.14 106.98 -60.47
CA LYS D 2347 1.76 106.32 -59.33
C LYS D 2347 3.19 106.80 -59.28
N GLY D 2348 3.42 107.88 -58.55
CA GLY D 2348 4.76 108.42 -58.54
C GLY D 2348 5.06 109.27 -59.76
N THR D 2349 6.35 109.50 -59.95
CA THR D 2349 6.84 110.45 -60.92
C THR D 2349 7.95 109.79 -61.74
N PHE D 2350 7.91 110.00 -63.04
CA PHE D 2350 8.85 109.36 -63.95
C PHE D 2350 9.95 110.34 -64.34
N THR D 2351 11.20 109.92 -64.21
CA THR D 2351 12.29 110.89 -64.20
C THR D 2351 13.49 110.43 -65.01
N LEU D 2352 13.89 111.27 -65.97
CA LEU D 2352 15.11 111.08 -66.74
C LEU D 2352 16.17 112.03 -66.21
N SER D 2353 17.43 111.58 -66.19
CA SER D 2353 18.54 112.41 -65.74
C SER D 2353 19.74 112.21 -66.65
N PHE D 2354 20.52 113.28 -66.83
CA PHE D 2354 21.76 113.22 -67.61
C PHE D 2354 22.92 113.62 -66.72
N PRO D 2355 23.68 112.67 -66.17
CA PRO D 2355 24.81 113.02 -65.31
C PRO D 2355 25.91 113.69 -66.10
N ASN D 2356 26.71 114.47 -65.37
CA ASN D 2356 27.74 115.35 -65.92
C ASN D 2356 27.15 116.31 -66.96
N ALA D 2357 26.07 116.98 -66.54
CA ALA D 2357 25.53 118.07 -67.34
C ALA D 2357 26.26 119.38 -67.09
N ALA D 2358 27.45 119.32 -66.50
CA ALA D 2358 28.48 120.33 -66.70
C ALA D 2358 29.16 120.05 -68.04
N SER D 2359 30.31 120.65 -68.27
CA SER D 2359 30.94 120.59 -69.59
C SER D 2359 31.66 119.26 -69.79
N LYS D 2360 30.91 118.16 -69.68
CA LYS D 2360 31.39 116.84 -70.06
C LYS D 2360 30.45 116.23 -71.08
N GLN D 2361 29.16 116.27 -70.79
CA GLN D 2361 28.13 115.91 -71.76
C GLN D 2361 27.62 117.10 -72.52
N LYS D 2362 28.34 118.22 -72.46
CA LYS D 2362 27.87 119.50 -72.97
C LYS D 2362 27.68 119.49 -74.47
N ASN D 2363 28.60 118.89 -75.21
CA ASN D 2363 28.54 118.92 -76.67
C ASN D 2363 27.34 118.13 -77.18
N ILE D 2364 27.20 116.88 -76.72
CA ILE D 2364 26.10 116.04 -77.19
C ILE D 2364 24.76 116.55 -76.65
N LEU D 2365 24.76 117.20 -75.48
CA LEU D 2365 23.50 117.71 -74.95
C LEU D 2365 23.14 119.05 -75.56
N GLN D 2366 24.10 119.73 -76.19
CA GLN D 2366 23.73 120.84 -77.06
C GLN D 2366 23.45 120.35 -78.46
N MET D 2367 23.71 119.07 -78.72
CA MET D 2367 23.33 118.47 -79.98
C MET D 2367 22.01 117.70 -79.86
N LEU D 2368 21.48 117.54 -78.64
CA LEU D 2368 20.19 116.89 -78.44
C LEU D 2368 19.05 117.75 -78.97
N THR D 2369 18.15 117.15 -79.75
CA THR D 2369 16.99 117.89 -80.22
C THR D 2369 15.70 117.49 -79.52
N ASP D 2370 15.42 116.19 -79.38
CA ASP D 2370 14.28 115.75 -78.58
C ASP D 2370 14.52 114.33 -78.08
N ILE D 2371 13.66 113.90 -77.17
CA ILE D 2371 13.79 112.63 -76.49
C ILE D 2371 12.59 111.78 -76.84
N ILE D 2372 12.80 110.49 -77.09
CA ILE D 2372 11.76 109.57 -77.51
C ILE D 2372 11.72 108.39 -76.56
N LEU D 2373 10.52 108.06 -76.09
CA LEU D 2373 10.28 106.85 -75.34
C LEU D 2373 9.63 105.81 -76.24
N HIS D 2374 9.96 104.54 -76.01
CA HIS D 2374 9.24 103.44 -76.60
C HIS D 2374 8.57 102.69 -75.47
N ILE D 2375 7.36 103.10 -75.13
CA ILE D 2375 6.63 102.57 -74.01
C ILE D 2375 5.77 101.44 -74.51
N ARG D 2376 6.00 100.25 -73.96
CA ARG D 2376 5.25 99.06 -74.31
C ARG D 2376 4.46 98.63 -73.09
N TYR D 2377 3.15 98.45 -73.27
CA TYR D 2377 2.26 98.19 -72.15
C TYR D 2377 1.25 97.13 -72.55
N THR D 2378 0.44 96.74 -71.59
CA THR D 2378 -0.38 95.55 -71.69
C THR D 2378 -1.81 95.87 -71.25
N ILE D 2379 -2.78 95.42 -72.03
CA ILE D 2379 -4.19 95.68 -71.76
C ILE D 2379 -4.92 94.35 -71.62
N LEU D 2380 -5.47 94.10 -70.44
CA LEU D 2380 -6.48 93.07 -70.23
C LEU D 2380 -7.24 93.43 -68.95
N GLU D 2381 -8.07 92.51 -68.50
CA GLU D 2381 -8.70 92.60 -67.18
C GLU D 2381 -9.05 91.21 -66.69
N LEU E 21 56.83 -44.29 26.40
CA LEU E 21 57.67 -43.82 25.30
C LEU E 21 57.09 -44.28 23.96
N THR E 22 56.51 -43.32 23.23
CA THR E 22 56.04 -43.36 21.83
C THR E 22 55.10 -44.52 21.48
N ASP E 23 54.55 -45.20 22.48
CA ASP E 23 53.77 -46.40 22.23
C ASP E 23 52.30 -46.09 21.95
N ILE E 24 51.93 -44.82 21.86
CA ILE E 24 50.54 -44.51 21.54
C ILE E 24 50.35 -44.18 20.06
N CYS E 25 51.31 -43.48 19.43
CA CYS E 25 51.32 -43.38 17.98
C CYS E 25 51.74 -44.69 17.33
N HIS E 26 52.43 -45.52 18.08
CA HIS E 26 52.88 -46.84 17.65
C HIS E 26 51.97 -47.83 18.34
N TYR E 27 50.84 -48.15 17.72
CA TYR E 27 49.74 -48.88 18.35
C TYR E 27 50.12 -50.33 18.61
N SER E 28 49.22 -51.09 19.23
CA SER E 28 49.53 -52.47 19.62
C SER E 28 49.65 -53.40 18.42
N PHE E 29 49.18 -52.98 17.25
CA PHE E 29 49.45 -53.74 16.03
C PHE E 29 50.81 -53.37 15.45
N ASN E 30 51.13 -52.07 15.44
CA ASN E 30 52.51 -51.60 15.24
C ASN E 30 53.48 -52.29 16.19
N GLU E 31 53.16 -52.32 17.48
CA GLU E 31 54.01 -52.98 18.45
C GLU E 31 53.91 -54.49 18.34
N PHE E 32 52.83 -55.00 17.77
CA PHE E 32 52.61 -56.45 17.71
C PHE E 32 53.46 -57.05 16.61
N ARG E 33 53.62 -56.32 15.49
CA ARG E 33 54.51 -56.76 14.43
C ARG E 33 55.97 -56.77 14.89
N GLN E 34 56.37 -55.79 15.71
CA GLN E 34 57.71 -55.81 16.28
C GLN E 34 57.81 -56.84 17.40
N GLN E 35 56.68 -57.22 17.98
CA GLN E 35 56.66 -58.03 19.19
C GLN E 35 55.91 -59.33 18.99
N VAL E 36 56.21 -60.07 17.92
CA VAL E 36 55.75 -61.46 17.81
C VAL E 36 56.62 -62.34 18.69
N SER E 37 57.94 -62.15 18.60
CA SER E 37 58.88 -63.03 19.27
C SER E 37 59.42 -62.46 20.56
N ASP E 38 59.22 -61.16 20.82
CA ASP E 38 59.85 -60.53 21.98
C ASP E 38 59.21 -61.00 23.29
N HIS E 39 57.92 -60.76 23.48
CA HIS E 39 57.29 -61.05 24.75
C HIS E 39 55.85 -61.52 24.56
N LEU E 40 55.21 -61.81 25.69
CA LEU E 40 53.88 -62.39 25.72
C LEU E 40 52.83 -61.29 25.53
N SER E 41 51.67 -61.69 25.00
CA SER E 41 50.69 -60.72 24.49
C SER E 41 50.00 -59.97 25.62
N TRP E 42 49.75 -60.66 26.74
CA TRP E 42 49.11 -60.00 27.88
C TRP E 42 50.04 -58.98 28.52
N SER E 43 51.34 -59.16 28.39
CA SER E 43 52.29 -58.14 28.84
C SER E 43 52.32 -56.98 27.85
N GLU E 44 52.19 -57.28 26.55
CA GLU E 44 52.18 -56.23 25.53
C GLU E 44 50.99 -55.31 25.67
N THR E 45 49.80 -55.86 25.88
CA THR E 45 48.61 -55.02 25.97
C THR E 45 48.61 -54.24 27.29
N ASN E 46 49.30 -54.75 28.31
CA ASN E 46 49.51 -53.97 29.53
C ASN E 46 50.45 -52.80 29.27
N ARG E 47 51.52 -53.02 28.50
CA ARG E 47 52.39 -51.93 28.07
C ARG E 47 51.64 -50.89 27.25
N LEU E 48 50.74 -51.36 26.37
CA LEU E 48 49.91 -50.47 25.56
C LEU E 48 49.04 -49.58 26.42
N TYR E 49 48.30 -50.18 27.36
CA TYR E 49 47.43 -49.39 28.23
C TYR E 49 48.23 -48.47 29.14
N ARG E 50 49.40 -48.91 29.62
CA ARG E 50 50.20 -48.06 30.48
C ARG E 50 50.73 -46.84 29.75
N ASP E 51 51.22 -46.99 28.52
CA ASP E 51 51.70 -45.78 27.85
C ASP E 51 50.55 -44.96 27.27
N ALA E 52 49.40 -45.59 27.04
CA ALA E 52 48.22 -44.82 26.67
C ALA E 52 47.75 -43.94 27.82
N GLN E 53 47.84 -44.45 29.05
CA GLN E 53 47.60 -43.61 30.23
C GLN E 53 48.70 -42.56 30.39
N GLN E 54 49.94 -42.93 30.07
CA GLN E 54 51.08 -42.04 30.21
C GLN E 54 50.99 -40.85 29.27
N GLU E 55 50.37 -41.04 28.11
CA GLU E 55 50.12 -39.93 27.20
C GLU E 55 49.16 -38.91 27.79
N GLN E 56 48.09 -39.38 28.41
CA GLN E 56 47.15 -38.46 29.05
C GLN E 56 47.78 -37.80 30.26
N LYS E 57 48.68 -38.52 30.95
CA LYS E 57 49.41 -37.90 32.06
C LYS E 57 50.34 -36.80 31.56
N GLU E 58 50.94 -36.98 30.38
CA GLU E 58 51.71 -35.91 29.75
C GLU E 58 50.83 -34.70 29.48
N ASN E 59 49.66 -34.94 28.88
CA ASN E 59 48.74 -33.85 28.56
C ASN E 59 48.30 -33.11 29.82
N GLN E 60 48.01 -33.86 30.90
CA GLN E 60 47.59 -33.24 32.15
C GLN E 60 48.69 -32.39 32.76
N LEU E 61 49.91 -32.93 32.89
CA LEU E 61 50.98 -32.19 33.54
C LEU E 61 51.38 -30.97 32.72
N TYR E 62 51.57 -31.17 31.41
CA TYR E 62 51.98 -30.07 30.54
C TYR E 62 50.92 -28.99 30.45
N GLU E 63 49.64 -29.37 30.44
CA GLU E 63 48.57 -28.38 30.33
C GLU E 63 48.40 -27.62 31.64
N ALA E 64 48.38 -28.35 32.77
CA ALA E 64 48.21 -27.71 34.07
C ALA E 64 49.44 -26.90 34.45
N ARG E 65 50.56 -27.18 33.82
CA ARG E 65 51.67 -26.25 33.85
C ARG E 65 51.35 -25.00 33.04
N ILE E 66 51.07 -25.17 31.75
CA ILE E 66 51.24 -24.08 30.80
C ILE E 66 50.07 -23.08 30.88
N LEU E 67 48.89 -23.52 31.33
CA LEU E 67 47.78 -22.58 31.26
C LEU E 67 47.72 -21.70 32.50
N LYS E 68 48.65 -21.90 33.44
CA LYS E 68 48.74 -20.99 34.57
C LYS E 68 49.28 -19.64 34.14
N ARG E 69 49.99 -19.58 33.02
CA ARG E 69 50.63 -18.37 32.57
C ARG E 69 49.70 -17.41 31.83
N ALA E 70 48.60 -17.93 31.26
CA ALA E 70 47.88 -17.30 30.15
C ALA E 70 47.48 -15.87 30.44
N ASN E 71 48.10 -14.96 29.70
CA ASN E 71 48.26 -13.57 30.12
C ASN E 71 46.98 -12.76 30.38
N PRO E 72 45.79 -13.08 29.84
CA PRO E 72 44.58 -12.45 30.42
C PRO E 72 44.30 -12.79 31.88
N GLN E 73 45.06 -13.67 32.52
CA GLN E 73 44.86 -13.94 33.93
C GLN E 73 45.75 -13.08 34.81
N LEU E 74 47.06 -13.09 34.55
CA LEU E 74 48.00 -12.61 35.56
C LEU E 74 48.07 -11.09 35.66
N GLN E 75 47.28 -10.34 34.90
CA GLN E 75 47.24 -8.92 35.17
C GLN E 75 46.27 -8.63 36.32
N ASN E 76 45.26 -9.47 36.50
CA ASN E 76 44.35 -9.27 37.60
C ASN E 76 44.66 -10.26 38.71
N ALA E 77 45.22 -9.75 39.81
CA ALA E 77 45.57 -10.57 40.96
C ALA E 77 44.42 -10.75 41.94
N VAL E 78 43.27 -10.11 41.67
CA VAL E 78 42.09 -10.27 42.51
C VAL E 78 41.50 -11.68 42.34
N HIS E 79 41.79 -12.32 41.21
CA HIS E 79 41.49 -13.74 41.03
C HIS E 79 42.17 -14.62 42.06
N LEU E 80 43.44 -14.30 42.37
CA LEU E 80 44.40 -15.13 43.11
C LEU E 80 44.68 -16.46 42.40
N GLY E 81 44.37 -16.54 41.11
CA GLY E 81 44.80 -17.69 40.32
C GLY E 81 46.30 -17.60 40.13
N ILE E 82 47.02 -18.47 40.84
CA ILE E 82 48.44 -18.29 41.09
C ILE E 82 49.22 -19.35 40.35
N THR E 83 50.45 -18.99 39.95
CA THR E 83 51.38 -19.91 39.32
C THR E 83 52.36 -20.42 40.36
N LEU E 84 53.04 -21.51 40.04
CA LEU E 84 54.15 -21.95 40.87
C LEU E 84 55.43 -21.93 40.03
N PRO E 85 56.50 -21.32 40.51
CA PRO E 85 57.72 -21.24 39.70
C PRO E 85 58.53 -22.52 39.68
N HIS E 86 58.17 -23.50 40.51
CA HIS E 86 59.05 -24.63 40.79
C HIS E 86 59.18 -25.56 39.59
N ALA E 87 58.07 -26.15 39.15
CA ALA E 87 58.10 -26.96 37.93
C ALA E 87 58.14 -26.10 36.69
N GLU E 88 57.76 -24.83 36.80
CA GLU E 88 57.87 -23.88 35.70
C GLU E 88 59.33 -23.65 35.31
N LEU E 89 60.23 -23.73 36.30
CA LEU E 89 61.66 -23.49 36.11
C LEU E 89 62.29 -24.41 35.09
N ARG E 90 61.73 -25.61 34.92
CA ARG E 90 62.46 -26.67 34.28
C ARG E 90 62.23 -26.70 32.78
N GLY E 91 60.97 -26.50 32.35
CA GLY E 91 60.65 -26.65 30.95
C GLY E 91 61.22 -25.56 30.06
N TYR E 92 61.51 -24.39 30.63
CA TYR E 92 62.25 -23.38 29.87
C TYR E 92 63.67 -23.80 29.59
N ASN E 93 64.26 -24.61 30.45
CA ASN E 93 65.51 -25.25 30.07
C ASN E 93 65.23 -26.40 29.11
N SER E 94 64.07 -27.04 29.25
CA SER E 94 63.79 -28.20 28.40
C SER E 94 63.28 -27.76 27.04
N GLU E 95 62.14 -27.10 27.00
CA GLU E 95 61.50 -26.81 25.72
C GLU E 95 61.95 -25.49 25.13
N PHE E 96 62.82 -24.74 25.82
CA PHE E 96 63.46 -23.52 25.34
C PHE E 96 62.43 -22.45 24.96
N GLY E 97 61.73 -21.99 26.00
CA GLY E 97 60.81 -20.89 25.81
C GLY E 97 59.53 -21.24 25.11
N GLY E 98 59.11 -22.50 25.17
CA GLY E 98 57.85 -22.87 24.54
C GLY E 98 56.65 -22.31 25.28
N ARG E 99 56.85 -21.91 26.53
CA ARG E 99 55.80 -21.25 27.28
C ARG E 99 55.98 -19.73 27.23
N ALA E 100 57.15 -19.27 26.78
CA ALA E 100 57.53 -17.87 26.90
C ALA E 100 56.62 -16.94 26.11
N SER E 101 56.58 -17.10 24.80
CA SER E 101 55.73 -16.23 24.00
C SER E 101 54.43 -16.94 23.68
N GLN E 102 53.38 -16.63 24.42
CA GLN E 102 52.06 -16.99 23.99
C GLN E 102 51.65 -16.03 22.88
N TYR E 103 50.67 -16.45 22.10
CA TYR E 103 50.39 -15.80 20.84
C TYR E 103 48.96 -15.24 20.84
N VAL E 104 48.73 -14.28 19.96
CA VAL E 104 47.49 -13.52 19.83
C VAL E 104 46.46 -14.43 19.16
N ALA E 105 45.20 -13.96 19.06
CA ALA E 105 44.13 -14.43 18.19
C ALA E 105 44.70 -14.84 16.84
N PRO E 106 44.27 -15.98 16.29
CA PRO E 106 45.22 -16.90 15.63
C PRO E 106 45.87 -16.37 14.36
N GLY E 107 47.02 -16.96 14.06
CA GLY E 107 47.78 -16.69 12.86
C GLY E 107 48.47 -17.97 12.46
N SER E 108 49.56 -17.81 11.72
CA SER E 108 50.28 -18.98 11.23
C SER E 108 51.11 -19.67 12.30
N VAL E 109 51.13 -19.15 13.53
CA VAL E 109 52.06 -19.65 14.52
C VAL E 109 51.35 -20.54 15.53
N SER E 110 50.06 -20.28 15.75
CA SER E 110 49.34 -20.77 16.93
C SER E 110 49.18 -22.29 16.93
N SER E 111 49.01 -22.82 18.13
CA SER E 111 48.79 -24.26 18.30
C SER E 111 47.36 -24.67 18.00
N MET E 112 46.49 -23.73 17.66
CA MET E 112 45.11 -24.09 17.41
C MET E 112 44.64 -23.63 16.04
N PHE E 113 45.52 -23.04 15.24
CA PHE E 113 45.07 -22.63 13.93
C PHE E 113 45.48 -23.68 12.90
N SER E 114 44.91 -23.52 11.70
CA SER E 114 45.05 -24.37 10.50
C SER E 114 46.37 -25.09 10.26
N PRO E 115 47.57 -24.48 10.43
CA PRO E 115 48.77 -25.30 10.22
C PRO E 115 49.01 -26.34 11.29
N ALA E 116 48.45 -26.18 12.48
CA ALA E 116 48.59 -27.23 13.49
C ALA E 116 47.80 -28.47 13.09
N ALA E 117 46.53 -28.28 12.71
CA ALA E 117 45.73 -29.38 12.18
C ALA E 117 46.36 -29.96 10.94
N TYR E 118 46.94 -29.09 10.13
CA TYR E 118 47.58 -29.51 8.89
C TYR E 118 48.79 -30.39 9.15
N LEU E 119 49.61 -30.02 10.12
CA LEU E 119 50.79 -30.82 10.43
C LEU E 119 50.42 -32.14 11.07
N THR E 120 49.49 -32.09 12.03
CA THR E 120 49.11 -33.32 12.70
C THR E 120 48.24 -34.21 11.84
N GLU E 121 47.80 -33.70 10.69
CA GLU E 121 47.14 -34.54 9.72
C GLU E 121 48.12 -35.06 8.68
N LEU E 122 49.21 -34.33 8.44
CA LEU E 122 50.27 -34.87 7.59
C LEU E 122 50.93 -36.07 8.25
N TYR E 123 51.36 -35.95 9.50
CA TYR E 123 52.14 -37.07 10.02
C TYR E 123 51.24 -38.22 10.48
N ARG E 124 49.94 -38.07 10.37
CA ARG E 124 49.09 -39.26 10.35
C ARG E 124 48.85 -39.73 8.93
N GLU E 125 49.04 -38.86 7.95
CA GLU E 125 48.67 -39.20 6.58
C GLU E 125 49.76 -39.97 5.86
N ALA E 126 51.01 -39.60 6.07
CA ALA E 126 52.09 -40.00 5.16
C ALA E 126 52.49 -41.46 5.29
N ARG E 127 51.74 -42.27 6.03
CA ARG E 127 52.03 -43.69 6.17
C ARG E 127 50.81 -44.57 5.89
N ASN E 128 49.77 -44.03 5.26
CA ASN E 128 48.58 -44.82 4.99
C ASN E 128 48.84 -45.89 3.94
N LEU E 129 49.57 -45.55 2.90
CA LEU E 129 49.97 -46.55 1.92
C LEU E 129 51.48 -46.70 2.03
N HIS E 130 51.99 -47.81 1.54
CA HIS E 130 53.43 -47.98 1.55
C HIS E 130 54.06 -47.11 0.46
N ALA E 131 55.30 -46.68 0.70
CA ALA E 131 55.97 -45.72 -0.17
C ALA E 131 56.28 -46.27 -1.55
N SER E 132 56.23 -47.59 -1.73
CA SER E 132 56.41 -48.17 -3.06
C SER E 132 55.16 -48.04 -3.92
N ASP E 133 54.05 -47.57 -3.38
CA ASP E 133 52.80 -47.55 -4.13
C ASP E 133 52.81 -46.42 -5.14
N SER E 134 52.17 -46.66 -6.27
CA SER E 134 51.84 -45.58 -7.18
C SER E 134 50.79 -44.65 -6.60
N VAL E 135 49.93 -45.17 -5.73
CA VAL E 135 48.87 -44.37 -5.12
C VAL E 135 49.37 -43.74 -3.82
N TYR E 136 50.61 -43.98 -3.45
CA TYR E 136 51.20 -43.43 -2.23
C TYR E 136 51.24 -41.91 -2.27
N HIS E 137 51.05 -41.30 -1.09
CA HIS E 137 50.68 -39.89 -1.01
C HIS E 137 51.78 -38.97 -1.52
N LEU E 138 53.01 -39.14 -1.02
CA LEU E 138 54.10 -38.31 -1.52
C LEU E 138 54.46 -38.67 -2.95
N ASP E 139 54.15 -39.89 -3.38
CA ASP E 139 54.49 -40.31 -4.72
C ASP E 139 53.46 -39.85 -5.74
N GLU E 140 52.17 -39.82 -5.36
CA GLU E 140 51.12 -39.76 -6.37
C GLU E 140 51.03 -38.41 -7.06
N ARG E 141 51.18 -37.32 -6.33
CA ARG E 141 51.46 -36.04 -6.97
C ARG E 141 52.48 -35.22 -6.21
N ARG E 142 52.71 -35.55 -4.95
CA ARG E 142 53.09 -34.53 -3.97
C ARG E 142 54.50 -34.71 -3.40
N PRO E 143 55.54 -34.37 -4.16
CA PRO E 143 56.75 -33.87 -3.50
C PRO E 143 56.67 -32.41 -3.11
N ASP E 144 55.67 -31.68 -3.59
CA ASP E 144 55.61 -30.24 -3.33
C ASP E 144 55.19 -29.94 -1.90
N LEU E 145 54.44 -30.84 -1.26
CA LEU E 145 53.97 -30.58 0.08
C LEU E 145 55.12 -30.60 1.08
N GLN E 146 56.04 -31.54 0.92
CA GLN E 146 57.15 -31.60 1.85
C GLN E 146 58.16 -30.49 1.60
N SER E 147 58.03 -29.79 0.49
CA SER E 147 58.83 -28.60 0.25
C SER E 147 58.18 -27.33 0.77
N MET E 148 56.88 -27.38 1.04
CA MET E 148 56.13 -26.16 1.31
C MET E 148 56.46 -25.60 2.68
N THR E 149 56.65 -24.28 2.74
CA THR E 149 56.90 -23.62 4.01
C THR E 149 55.59 -23.15 4.63
N LEU E 150 55.67 -22.78 5.90
CA LEU E 150 54.53 -22.29 6.65
C LEU E 150 54.79 -20.86 7.07
N SER E 151 54.42 -19.91 6.22
CA SER E 151 54.56 -18.51 6.55
C SER E 151 53.18 -17.92 6.72
N GLN E 152 53.16 -16.67 7.19
CA GLN E 152 51.90 -15.97 7.35
C GLN E 152 51.26 -15.64 6.00
N GLN E 153 52.10 -15.47 4.97
CA GLN E 153 51.59 -15.15 3.64
C GLN E 153 50.86 -16.35 3.04
N ASN E 154 51.33 -17.56 3.37
CA ASN E 154 50.66 -18.75 2.86
C ASN E 154 49.30 -18.93 3.51
N MET E 155 49.15 -18.45 4.73
CA MET E 155 47.85 -18.39 5.39
C MET E 155 46.94 -17.35 4.76
N ASP E 156 47.45 -16.14 4.55
CA ASP E 156 46.57 -14.99 4.39
C ASP E 156 46.02 -14.86 2.98
N THR E 157 46.88 -14.75 1.97
CA THR E 157 46.47 -14.26 0.67
C THR E 157 45.62 -15.28 -0.08
N GLU E 158 44.78 -14.79 -0.98
CA GLU E 158 43.88 -15.62 -1.76
C GLU E 158 44.20 -15.50 -3.24
N LEU E 159 44.74 -16.57 -3.80
CA LEU E 159 44.93 -16.70 -5.23
C LEU E 159 43.84 -17.57 -5.81
N SER E 160 43.78 -17.61 -7.14
CA SER E 160 42.79 -18.45 -7.80
C SER E 160 43.20 -19.90 -7.70
N THR E 161 42.23 -20.78 -7.43
CA THR E 161 42.52 -22.20 -7.32
C THR E 161 43.01 -22.76 -8.63
N LEU E 162 42.43 -22.29 -9.73
CA LEU E 162 42.78 -22.80 -11.05
C LEU E 162 44.20 -22.39 -11.43
N SER E 163 44.67 -21.25 -10.92
CA SER E 163 46.04 -20.83 -11.16
C SER E 163 47.02 -21.79 -10.51
N LEU E 164 46.78 -22.15 -9.25
CA LEU E 164 47.61 -23.14 -8.58
C LEU E 164 47.49 -24.51 -9.22
N SER E 165 46.32 -24.84 -9.76
CA SER E 165 46.14 -26.12 -10.44
C SER E 165 46.93 -26.20 -11.73
N ASN E 166 47.01 -25.11 -12.49
CA ASN E 166 47.90 -25.09 -13.64
C ASN E 166 49.35 -25.17 -13.20
N GLU E 167 49.66 -24.49 -12.10
CA GLU E 167 51.04 -24.46 -11.61
C GLU E 167 51.53 -25.84 -11.19
N ILE E 168 50.71 -26.60 -10.47
CA ILE E 168 51.14 -27.92 -10.03
C ILE E 168 51.25 -28.88 -11.21
N LEU E 169 50.47 -28.68 -12.25
CA LEU E 169 50.60 -29.51 -13.44
C LEU E 169 51.87 -29.20 -14.21
N LEU E 170 52.21 -27.92 -14.33
CA LEU E 170 53.47 -27.54 -14.97
C LEU E 170 54.66 -28.09 -14.21
N LYS E 171 54.57 -28.12 -12.88
CA LYS E 171 55.63 -28.70 -12.06
C LYS E 171 55.83 -30.18 -12.40
N GLY E 172 54.75 -30.94 -12.45
CA GLY E 172 54.88 -32.38 -12.66
C GLY E 172 55.29 -32.74 -14.07
N ILE E 173 54.84 -31.97 -15.06
CA ILE E 173 55.25 -32.26 -16.42
C ILE E 173 56.69 -31.84 -16.66
N LYS E 174 57.07 -30.66 -16.15
CA LYS E 174 58.43 -30.16 -16.31
C LYS E 174 59.44 -31.00 -15.54
N ALA E 175 58.98 -31.71 -14.51
CA ALA E 175 59.87 -32.43 -13.61
C ALA E 175 60.65 -33.53 -14.34
N ASN E 176 59.97 -34.56 -14.81
CA ASN E 176 60.66 -35.76 -15.22
C ASN E 176 60.45 -36.08 -16.70
N GLN E 177 59.24 -35.91 -17.22
CA GLN E 177 58.81 -36.54 -18.46
C GLN E 177 59.58 -36.03 -19.68
N SER E 178 59.88 -34.74 -19.73
CA SER E 178 60.56 -34.20 -20.89
C SER E 178 61.88 -33.52 -20.58
N ASN E 179 62.13 -33.22 -19.30
CA ASN E 179 63.31 -32.49 -18.81
C ASN E 179 63.46 -31.15 -19.54
N LEU E 180 62.50 -30.27 -19.32
CA LEU E 180 62.45 -29.02 -20.05
C LEU E 180 63.10 -27.89 -19.25
N ASP E 181 63.16 -26.73 -19.88
CA ASP E 181 63.76 -25.57 -19.25
C ASP E 181 62.71 -24.78 -18.48
N SER E 182 61.70 -24.28 -19.19
CA SER E 182 60.71 -23.41 -18.58
C SER E 182 59.35 -23.67 -19.19
N ASP E 183 58.42 -22.77 -18.89
CA ASP E 183 57.03 -22.94 -19.30
C ASP E 183 56.85 -22.74 -20.79
N THR E 184 57.71 -21.92 -21.40
CA THR E 184 57.64 -21.71 -22.83
C THR E 184 58.00 -22.98 -23.60
N LYS E 185 58.88 -23.82 -23.04
CA LYS E 185 59.16 -25.13 -23.61
C LYS E 185 57.94 -26.01 -23.57
N VAL E 186 57.20 -25.94 -22.46
CA VAL E 186 55.97 -26.70 -22.30
C VAL E 186 54.94 -26.26 -23.33
N MET E 187 54.82 -24.95 -23.52
CA MET E 187 53.86 -24.44 -24.48
C MET E 187 54.25 -24.77 -25.92
N GLU E 188 55.55 -24.82 -26.21
CA GLU E 188 56.01 -25.28 -27.52
C GLU E 188 55.63 -26.73 -27.76
N MET E 189 55.91 -27.60 -26.79
CA MET E 189 55.65 -29.01 -27.07
C MET E 189 54.18 -29.35 -26.95
N LEU E 190 53.38 -28.48 -26.31
CA LEU E 190 51.94 -28.62 -26.41
C LEU E 190 51.41 -28.10 -27.74
N SER E 191 52.10 -27.13 -28.34
CA SER E 191 51.78 -26.79 -29.71
C SER E 191 52.17 -27.90 -30.67
N THR E 192 53.15 -28.72 -30.29
CA THR E 192 53.54 -29.85 -31.11
C THR E 192 52.53 -31.00 -31.04
N PHE E 193 52.00 -31.27 -29.85
CA PHE E 193 51.40 -32.56 -29.51
C PHE E 193 50.05 -32.75 -30.20
N ARG E 194 50.00 -33.65 -31.19
CA ARG E 194 48.73 -33.99 -31.82
C ARG E 194 47.81 -34.85 -30.95
N PRO E 195 48.15 -36.10 -30.59
CA PRO E 195 47.15 -37.18 -30.70
C PRO E 195 46.04 -37.18 -29.65
N SER E 196 45.87 -36.14 -28.87
CA SER E 196 44.67 -36.12 -28.06
C SER E 196 43.47 -35.81 -28.93
N GLY E 197 42.33 -36.43 -28.61
CA GLY E 197 41.15 -36.40 -29.44
C GLY E 197 40.45 -35.07 -29.65
N THR E 198 40.91 -34.00 -29.00
CA THR E 198 40.27 -32.70 -29.15
C THR E 198 41.23 -31.58 -29.51
N ILE E 199 42.52 -31.75 -29.21
CA ILE E 199 43.51 -30.69 -29.34
C ILE E 199 44.06 -30.82 -30.77
N PRO E 200 45.05 -30.02 -31.26
CA PRO E 200 46.15 -29.14 -30.86
C PRO E 200 45.77 -27.95 -30.01
N TYR E 201 46.76 -27.39 -29.32
CA TYR E 201 46.62 -26.17 -28.54
C TYR E 201 47.87 -25.33 -28.77
N HIS E 202 47.72 -24.21 -29.46
CA HIS E 202 48.81 -23.27 -29.65
C HIS E 202 48.49 -22.05 -28.78
N ASP E 203 49.27 -21.88 -27.70
CA ASP E 203 48.87 -20.98 -26.61
C ASP E 203 48.86 -19.53 -27.06
N ALA E 204 49.94 -19.11 -27.73
CA ALA E 204 50.03 -17.74 -28.23
C ALA E 204 48.95 -17.47 -29.27
N TYR E 205 48.55 -18.51 -30.00
CA TYR E 205 47.48 -18.35 -30.98
C TYR E 205 46.15 -18.11 -30.30
N GLU E 206 45.90 -18.79 -29.19
CA GLU E 206 44.65 -18.56 -28.47
C GLU E 206 44.63 -17.17 -27.85
N ASN E 207 45.81 -16.71 -27.42
CA ASN E 207 45.94 -15.33 -26.98
C ASN E 207 45.59 -14.35 -28.09
N VAL E 208 46.12 -14.61 -29.30
CA VAL E 208 45.84 -13.78 -30.47
C VAL E 208 44.36 -13.74 -30.79
N ARG E 209 43.73 -14.91 -30.89
CA ARG E 209 42.37 -14.96 -31.39
C ARG E 209 41.38 -14.42 -30.37
N LYS E 210 41.67 -14.55 -29.08
CA LYS E 210 40.72 -13.94 -28.16
C LYS E 210 40.96 -12.44 -28.07
N ALA E 211 42.20 -11.99 -28.25
CA ALA E 211 42.45 -10.55 -28.31
C ALA E 211 41.69 -9.91 -29.46
N ILE E 212 41.65 -10.61 -30.59
CA ILE E 212 40.89 -10.12 -31.74
C ILE E 212 39.39 -10.16 -31.45
N GLN E 213 38.90 -11.25 -30.85
CA GLN E 213 37.46 -11.34 -30.63
C GLN E 213 36.99 -10.36 -29.55
N LEU E 214 37.89 -9.91 -28.69
CA LEU E 214 37.50 -8.90 -27.72
C LEU E 214 37.59 -7.50 -28.30
N GLN E 215 38.52 -7.28 -29.24
CA GLN E 215 38.54 -5.98 -29.89
C GLN E 215 37.34 -5.79 -30.81
N ASP E 216 37.17 -6.67 -31.79
CA ASP E 216 36.14 -6.53 -32.82
C ASP E 216 35.29 -7.79 -32.90
N PRO E 217 34.05 -7.74 -32.46
CA PRO E 217 33.11 -8.81 -32.81
C PRO E 217 32.73 -8.68 -34.27
N LYS E 218 32.54 -9.82 -34.94
CA LYS E 218 31.87 -9.97 -36.23
C LYS E 218 32.70 -9.42 -37.40
N LEU E 219 33.92 -8.94 -37.11
CA LEU E 219 34.90 -8.47 -38.12
C LEU E 219 34.35 -7.32 -38.96
N GLU E 220 33.54 -6.47 -38.34
CA GLU E 220 32.90 -5.37 -39.03
C GLU E 220 33.92 -4.32 -39.43
N GLN E 221 34.80 -3.96 -38.50
CA GLN E 221 35.87 -2.99 -38.79
C GLN E 221 36.85 -3.56 -39.80
N PHE E 222 37.05 -4.88 -39.79
CA PHE E 222 38.00 -5.46 -40.72
C PHE E 222 37.45 -5.50 -42.13
N GLN E 223 36.37 -6.24 -42.36
CA GLN E 223 35.86 -6.37 -43.71
C GLN E 223 35.03 -5.19 -44.18
N LYS E 224 34.80 -4.19 -43.32
CA LYS E 224 34.26 -2.94 -43.79
C LYS E 224 35.28 -2.18 -44.62
N SER E 225 36.55 -2.23 -44.22
CA SER E 225 37.64 -1.64 -44.97
C SER E 225 38.30 -2.73 -45.81
N PRO E 226 37.96 -2.85 -47.09
CA PRO E 226 38.26 -4.10 -47.80
C PRO E 226 39.70 -4.24 -48.26
N ALA E 227 40.55 -3.23 -48.12
CA ALA E 227 41.91 -3.35 -48.63
C ALA E 227 42.74 -4.27 -47.74
N VAL E 228 42.67 -4.06 -46.42
CA VAL E 228 43.37 -4.93 -45.49
C VAL E 228 42.77 -6.34 -45.50
N ALA E 229 41.49 -6.45 -45.85
CA ALA E 229 40.93 -7.76 -46.15
C ALA E 229 41.51 -8.34 -47.43
N GLY E 230 41.88 -7.48 -48.38
CA GLY E 230 42.63 -7.93 -49.54
C GLY E 230 44.04 -8.35 -49.23
N LEU E 231 44.59 -7.91 -48.09
CA LEU E 231 45.88 -8.44 -47.69
C LEU E 231 45.79 -9.90 -47.26
N MET E 232 44.99 -10.19 -46.24
CA MET E 232 44.96 -11.50 -45.62
C MET E 232 44.14 -12.48 -46.44
N HIS E 233 44.60 -13.72 -46.49
CA HIS E 233 43.83 -14.78 -47.11
C HIS E 233 42.68 -15.18 -46.19
N GLN E 234 41.63 -15.75 -46.78
CA GLN E 234 40.44 -16.11 -46.01
C GLN E 234 40.69 -17.25 -45.04
N ALA E 235 41.73 -18.05 -45.29
CA ALA E 235 42.07 -19.15 -44.39
C ALA E 235 42.48 -18.64 -43.02
N SER E 236 43.21 -17.52 -43.00
CA SER E 236 43.51 -16.85 -41.74
C SER E 236 42.25 -16.31 -41.08
N LEU E 237 41.31 -15.80 -41.87
CA LEU E 237 40.09 -15.25 -41.29
C LEU E 237 39.16 -16.33 -40.77
N LEU E 238 39.28 -17.56 -41.29
CA LEU E 238 38.65 -18.70 -40.64
C LEU E 238 39.23 -18.92 -39.25
N GLY E 239 40.51 -18.62 -39.09
CA GLY E 239 41.17 -18.86 -37.83
C GLY E 239 40.80 -17.89 -36.72
N ILE E 240 39.94 -16.92 -36.99
CA ILE E 240 39.63 -15.93 -35.96
C ILE E 240 38.42 -16.38 -35.14
N ASN E 241 37.28 -16.57 -35.80
CA ASN E 241 36.08 -16.98 -35.07
C ASN E 241 36.14 -18.45 -34.67
N ASN E 242 36.70 -19.29 -35.53
CA ASN E 242 36.99 -20.67 -35.18
C ASN E 242 38.46 -20.80 -34.80
N SER E 243 38.70 -21.54 -33.73
CA SER E 243 40.06 -21.79 -33.28
C SER E 243 40.71 -22.80 -34.22
N ILE E 244 41.59 -22.33 -35.09
CA ILE E 244 42.35 -23.19 -35.99
C ILE E 244 43.82 -22.98 -35.69
N SER E 245 44.38 -23.87 -34.90
CA SER E 245 45.80 -23.85 -34.62
C SER E 245 46.58 -24.24 -35.87
N PRO E 246 47.86 -23.87 -35.96
CA PRO E 246 48.66 -24.31 -37.11
C PRO E 246 48.88 -25.81 -37.16
N GLU E 247 48.95 -26.47 -36.02
CA GLU E 247 49.13 -27.91 -36.00
C GLU E 247 47.89 -28.64 -36.53
N LEU E 248 46.71 -28.14 -36.16
CA LEU E 248 45.48 -28.66 -36.74
C LEU E 248 45.40 -28.38 -38.22
N PHE E 249 45.97 -27.26 -38.65
CA PHE E 249 46.01 -26.97 -40.07
C PHE E 249 46.94 -27.92 -40.80
N ASN E 250 48.02 -28.35 -40.14
CA ASN E 250 48.89 -29.36 -40.76
C ASN E 250 48.22 -30.73 -40.81
N ILE E 251 47.43 -31.05 -39.78
CA ILE E 251 46.69 -32.31 -39.79
C ILE E 251 45.67 -32.33 -40.91
N LEU E 252 44.93 -31.23 -41.07
CA LEU E 252 43.88 -31.23 -42.07
C LEU E 252 44.44 -31.01 -43.47
N THR E 253 45.61 -30.40 -43.58
CA THR E 253 46.17 -30.06 -44.88
C THR E 253 46.71 -31.28 -45.60
N GLU E 254 47.35 -32.18 -44.86
CA GLU E 254 48.19 -33.22 -45.44
C GLU E 254 47.36 -34.25 -46.20
N GLU E 255 48.00 -34.89 -47.18
CA GLU E 255 47.35 -35.89 -48.01
C GLU E 255 47.93 -37.27 -47.69
N ILE E 256 47.06 -38.27 -47.70
CA ILE E 256 47.38 -39.59 -47.18
C ILE E 256 47.11 -40.61 -48.28
N THR E 257 48.16 -41.29 -48.72
CA THR E 257 48.06 -42.42 -49.61
C THR E 257 48.08 -43.71 -48.79
N GLU E 258 48.23 -44.84 -49.49
CA GLU E 258 48.47 -46.09 -48.78
C GLU E 258 49.92 -46.20 -48.32
N ALA E 259 50.81 -45.41 -48.91
CA ALA E 259 52.23 -45.51 -48.59
C ALA E 259 52.52 -44.96 -47.20
N ASN E 260 52.09 -43.73 -46.94
CA ASN E 260 52.31 -43.09 -45.65
C ASN E 260 51.29 -43.49 -44.59
N ALA E 261 50.47 -44.51 -44.87
CA ALA E 261 49.25 -44.76 -44.11
C ALA E 261 49.51 -45.15 -42.68
N GLU E 262 50.29 -46.21 -42.45
CA GLU E 262 50.49 -46.68 -41.09
C GLU E 262 51.44 -45.77 -40.32
N ALA E 263 52.33 -45.08 -41.02
CA ALA E 263 53.19 -44.08 -40.39
C ALA E 263 52.36 -42.94 -39.82
N ILE E 264 51.45 -42.37 -40.61
CA ILE E 264 50.64 -41.28 -40.10
C ILE E 264 49.55 -41.81 -39.16
N TYR E 265 49.23 -43.10 -39.25
CA TYR E 265 48.34 -43.72 -38.28
C TYR E 265 48.98 -43.77 -36.90
N LYS E 266 50.23 -44.24 -36.85
CA LYS E 266 50.94 -44.28 -35.59
C LYS E 266 51.28 -42.88 -35.11
N GLN E 267 51.38 -41.92 -36.03
CA GLN E 267 51.60 -40.55 -35.63
C GLN E 267 50.33 -39.94 -35.02
N ASN E 268 49.17 -40.35 -35.51
CA ASN E 268 47.92 -39.73 -35.05
C ASN E 268 47.25 -40.55 -33.96
N PHE E 269 47.65 -41.81 -33.80
CA PHE E 269 47.02 -42.62 -32.78
C PHE E 269 48.01 -43.24 -31.80
N GLY E 270 49.29 -43.15 -32.07
CA GLY E 270 50.23 -43.83 -31.20
C GLY E 270 50.15 -45.32 -31.44
N ASP E 271 49.72 -46.04 -30.40
CA ASP E 271 49.66 -47.48 -30.45
C ASP E 271 48.24 -48.03 -30.31
N ILE E 272 47.23 -47.31 -30.80
CA ILE E 272 45.89 -47.85 -30.80
C ILE E 272 45.76 -48.87 -31.92
N ASP E 273 45.26 -50.05 -31.60
CA ASP E 273 45.05 -51.05 -32.62
C ASP E 273 43.84 -50.69 -33.48
N PRO E 274 43.86 -51.05 -34.76
CA PRO E 274 42.72 -50.71 -35.62
C PRO E 274 41.46 -51.48 -35.28
N ALA E 275 41.56 -52.61 -34.58
CA ALA E 275 40.39 -53.41 -34.28
C ALA E 275 39.49 -52.73 -33.26
N CYS E 276 40.07 -52.31 -32.13
CA CYS E 276 39.28 -51.62 -31.12
C CYS E 276 39.00 -50.18 -31.52
N LEU E 277 39.81 -49.62 -32.40
CA LEU E 277 39.45 -48.33 -32.98
C LEU E 277 38.26 -48.46 -33.91
N ALA E 278 38.11 -49.62 -34.55
CA ALA E 278 36.99 -49.84 -35.47
C ALA E 278 35.65 -49.89 -34.75
N MET E 279 35.61 -50.43 -33.55
CA MET E 279 34.33 -50.54 -32.86
C MET E 279 33.92 -49.18 -32.31
N PRO E 280 32.66 -48.80 -32.47
CA PRO E 280 32.25 -47.44 -32.11
C PRO E 280 32.15 -47.17 -30.62
N GLU E 281 32.27 -48.20 -29.77
CA GLU E 281 32.22 -47.92 -28.34
C GLU E 281 33.49 -47.25 -27.87
N TYR E 282 34.63 -47.70 -28.39
CA TYR E 282 35.87 -46.99 -28.11
C TYR E 282 35.91 -45.66 -28.84
N LEU E 283 35.14 -45.51 -29.91
CA LEU E 283 35.01 -44.20 -30.54
C LEU E 283 34.24 -43.24 -29.66
N LYS E 284 33.18 -43.73 -29.02
CA LYS E 284 32.44 -42.90 -28.08
C LYS E 284 33.29 -42.56 -26.86
N SER E 285 34.09 -43.51 -26.41
CA SER E 285 34.99 -43.26 -25.28
C SER E 285 36.11 -42.29 -25.65
N TYR E 286 36.66 -42.42 -26.85
CA TYR E 286 37.83 -41.62 -27.20
C TYR E 286 37.44 -40.28 -27.76
N TYR E 287 36.66 -40.27 -28.83
CA TYR E 287 36.30 -39.02 -29.48
C TYR E 287 35.23 -38.25 -28.73
N ASN E 288 34.64 -38.84 -27.69
CA ASN E 288 33.80 -38.14 -26.71
C ASN E 288 32.53 -37.58 -27.38
N PHE E 289 31.70 -38.47 -27.89
CA PHE E 289 30.45 -38.04 -28.51
C PHE E 289 29.24 -38.70 -27.88
N SER E 290 28.07 -38.18 -28.24
CA SER E 290 26.81 -38.86 -27.94
C SER E 290 26.60 -40.02 -28.92
N ASP E 291 25.69 -40.91 -28.57
CA ASP E 291 25.43 -42.04 -29.46
C ASP E 291 24.43 -41.64 -30.55
N GLU E 292 23.62 -40.62 -30.28
CA GLU E 292 22.88 -39.97 -31.36
C GLU E 292 23.86 -39.38 -32.37
N GLU E 293 24.92 -38.76 -31.87
CA GLU E 293 26.01 -38.33 -32.73
C GLU E 293 26.70 -39.53 -33.36
N LEU E 294 26.71 -40.68 -32.68
CA LEU E 294 27.42 -41.85 -33.20
C LEU E 294 26.57 -42.62 -34.18
N SER E 295 25.31 -42.21 -34.36
CA SER E 295 24.51 -42.70 -35.46
C SER E 295 25.02 -42.23 -36.81
N GLN E 296 25.85 -41.17 -36.81
CA GLN E 296 26.11 -40.44 -38.04
C GLN E 296 27.55 -40.62 -38.54
N PHE E 297 28.44 -41.20 -37.73
CA PHE E 297 29.87 -41.13 -38.08
C PHE E 297 30.24 -42.10 -39.20
N ILE E 298 30.15 -43.40 -38.92
CA ILE E 298 30.31 -44.37 -39.99
C ILE E 298 28.89 -44.60 -40.48
N ARG E 299 28.07 -45.11 -39.57
CA ARG E 299 26.62 -45.23 -39.57
C ARG E 299 26.21 -45.50 -38.15
N LYS E 300 24.98 -45.96 -37.94
CA LYS E 300 24.63 -46.57 -36.67
C LYS E 300 25.36 -47.91 -36.53
N TYR E 301 25.40 -48.46 -35.32
CA TYR E 301 26.09 -49.73 -35.09
C TYR E 301 25.48 -50.52 -33.94
N PRO E 302 24.75 -51.60 -34.25
CA PRO E 302 24.49 -52.65 -33.23
C PRO E 302 25.66 -53.61 -33.15
N ASP E 303 25.56 -54.69 -32.37
CA ASP E 303 26.69 -55.62 -32.24
C ASP E 303 26.92 -56.44 -33.51
N ASN E 304 25.98 -56.42 -34.46
CA ASN E 304 26.22 -56.98 -35.78
C ASN E 304 27.15 -56.05 -36.56
N GLU E 305 27.75 -56.56 -37.65
CA GLU E 305 28.61 -55.74 -38.48
C GLU E 305 27.76 -54.85 -39.37
N LEU E 306 28.05 -53.56 -39.37
CA LEU E 306 27.25 -52.60 -40.13
C LEU E 306 28.16 -51.49 -40.62
N ASN E 307 27.98 -51.14 -41.90
CA ASN E 307 28.85 -50.28 -42.70
C ASN E 307 30.28 -50.79 -42.56
N THR E 308 30.48 -52.04 -42.98
CA THR E 308 31.73 -52.75 -42.75
C THR E 308 32.87 -52.11 -43.51
N GLN E 309 33.73 -51.44 -42.77
CA GLN E 309 34.89 -50.73 -43.30
C GLN E 309 35.99 -51.75 -43.50
N LYS E 310 36.96 -51.42 -44.34
CA LYS E 310 38.21 -52.16 -44.32
C LYS E 310 39.23 -51.40 -43.46
N ILE E 311 39.61 -50.20 -43.88
CA ILE E 311 40.05 -49.09 -43.03
C ILE E 311 39.82 -47.78 -43.75
N HIS E 312 39.15 -46.84 -43.09
CA HIS E 312 39.33 -45.42 -43.33
C HIS E 312 39.27 -44.75 -41.97
N LEU E 313 40.41 -44.69 -41.31
CA LEU E 313 40.46 -44.18 -39.96
C LEU E 313 41.04 -42.79 -39.92
N LEU E 314 41.78 -42.45 -40.96
CA LEU E 314 42.38 -41.13 -41.06
C LEU E 314 41.37 -40.14 -41.62
N LYS E 315 40.60 -40.59 -42.60
CA LYS E 315 39.58 -39.77 -43.22
C LYS E 315 38.47 -39.43 -42.24
N ILE E 316 38.13 -40.36 -41.35
CA ILE E 316 37.14 -40.03 -40.34
C ILE E 316 37.76 -39.13 -39.27
N ASN E 317 39.09 -39.21 -39.07
CA ASN E 317 39.73 -38.42 -38.04
C ASN E 317 39.73 -36.94 -38.38
N LYS E 318 40.01 -36.63 -39.65
CA LYS E 318 40.02 -35.25 -40.12
C LYS E 318 38.65 -34.61 -39.95
N ILE E 319 37.61 -35.33 -40.35
CA ILE E 319 36.28 -34.74 -40.33
C ILE E 319 35.73 -34.65 -38.91
N ILE E 320 36.11 -35.57 -38.02
CA ILE E 320 35.70 -35.46 -36.62
C ILE E 320 36.35 -34.24 -35.96
N LEU E 321 37.67 -34.08 -36.16
CA LEU E 321 38.36 -32.95 -35.56
C LEU E 321 37.89 -31.62 -36.14
N LEU E 322 37.60 -31.59 -37.44
CA LEU E 322 37.07 -30.39 -38.05
C LEU E 322 35.70 -30.04 -37.49
N SER E 323 34.85 -31.05 -37.31
CA SER E 323 33.52 -30.77 -36.78
C SER E 323 33.57 -30.37 -35.32
N GLN E 324 34.57 -30.85 -34.59
CA GLN E 324 34.70 -30.41 -33.21
C GLN E 324 35.21 -28.97 -33.15
N ALA E 325 36.02 -28.57 -34.13
CA ALA E 325 36.46 -27.20 -34.20
C ALA E 325 35.32 -26.26 -34.58
N VAL E 326 34.70 -26.49 -35.73
CA VAL E 326 33.78 -25.52 -36.33
C VAL E 326 32.34 -25.72 -35.84
N ASN E 327 32.08 -26.74 -35.01
CA ASN E 327 30.84 -26.93 -34.26
C ASN E 327 29.65 -27.20 -35.18
N LEU E 328 29.81 -28.13 -36.16
CA LEU E 328 28.77 -28.31 -37.16
C LEU E 328 28.34 -29.77 -37.26
N PRO E 329 27.11 -30.04 -37.71
CA PRO E 329 26.69 -31.43 -37.90
C PRO E 329 27.35 -32.09 -39.12
N PHE E 330 26.89 -33.30 -39.40
CA PHE E 330 27.65 -34.20 -40.25
C PHE E 330 26.99 -34.51 -41.58
N LEU E 331 25.72 -34.11 -41.77
CA LEU E 331 25.22 -33.98 -43.13
C LEU E 331 26.01 -32.92 -43.89
N LYS E 332 26.41 -31.87 -43.20
CA LYS E 332 27.13 -30.78 -43.84
C LYS E 332 28.52 -31.21 -44.25
N LEU E 333 29.25 -31.87 -43.35
CA LEU E 333 30.61 -32.24 -43.67
C LEU E 333 30.67 -33.51 -44.49
N ASP E 334 29.57 -34.26 -44.57
CA ASP E 334 29.40 -35.16 -45.70
C ASP E 334 29.20 -34.38 -46.98
N GLU E 335 28.32 -33.38 -46.95
CA GLU E 335 27.92 -32.61 -48.11
C GLU E 335 29.06 -31.78 -48.65
N ILE E 336 29.81 -31.12 -47.79
CA ILE E 336 30.96 -30.36 -48.21
C ILE E 336 32.09 -31.32 -48.54
N ILE E 337 32.57 -31.25 -49.78
CA ILE E 337 33.59 -32.07 -50.44
C ILE E 337 33.39 -33.55 -50.12
N PRO E 338 32.44 -34.21 -50.77
CA PRO E 338 32.17 -35.63 -50.47
C PRO E 338 33.33 -36.55 -50.81
N GLU E 339 34.21 -36.17 -51.73
CA GLU E 339 35.53 -36.77 -51.72
C GLU E 339 36.24 -36.41 -50.43
N GLN E 340 36.49 -37.42 -49.61
CA GLN E 340 36.92 -37.21 -48.23
C GLN E 340 38.36 -36.71 -48.24
N ASN E 341 38.53 -35.44 -48.59
CA ASN E 341 39.80 -34.79 -48.84
C ASN E 341 39.64 -33.34 -48.43
N ILE E 342 40.76 -32.68 -48.14
CA ILE E 342 40.73 -31.29 -47.73
C ILE E 342 41.80 -30.51 -48.50
N THR E 343 41.35 -29.52 -49.23
CA THR E 343 42.17 -28.45 -49.79
C THR E 343 41.72 -27.16 -49.13
N PRO E 344 42.63 -26.19 -48.94
CA PRO E 344 42.25 -24.98 -48.18
C PRO E 344 41.16 -24.11 -48.80
N THR E 345 40.76 -24.35 -50.05
CA THR E 345 39.57 -23.67 -50.54
C THR E 345 38.30 -24.23 -49.90
N VAL E 346 38.33 -25.47 -49.40
CA VAL E 346 37.25 -25.94 -48.55
C VAL E 346 37.21 -25.14 -47.27
N LEU E 347 38.38 -24.75 -46.75
CA LEU E 347 38.43 -23.88 -45.60
C LEU E 347 37.97 -22.47 -45.92
N GLY E 348 38.14 -22.04 -47.17
CA GLY E 348 37.55 -20.78 -47.59
C GLY E 348 36.03 -20.85 -47.61
N LYS E 349 35.51 -21.98 -48.13
CA LYS E 349 34.08 -22.22 -48.15
C LYS E 349 33.48 -22.23 -46.75
N ILE E 350 34.17 -22.89 -45.82
CA ILE E 350 33.58 -23.01 -44.50
C ILE E 350 33.68 -21.69 -43.75
N PHE E 351 34.69 -20.87 -44.07
CA PHE E 351 34.70 -19.53 -43.52
C PHE E 351 33.58 -18.68 -44.10
N LEU E 352 33.28 -18.87 -45.38
CA LEU E 352 32.16 -18.15 -46.00
C LEU E 352 30.85 -18.48 -45.32
N VAL E 353 30.61 -19.77 -45.06
CA VAL E 353 29.32 -20.14 -44.50
C VAL E 353 29.22 -19.73 -43.03
N LYS E 354 30.34 -19.82 -42.28
CA LYS E 354 30.33 -19.35 -40.90
C LYS E 354 30.20 -17.84 -40.83
N TYR E 355 30.68 -17.13 -41.84
CA TYR E 355 30.54 -15.69 -41.79
C TYR E 355 29.14 -15.25 -42.20
N TYR E 356 28.53 -15.94 -43.16
CA TYR E 356 27.15 -15.58 -43.49
C TYR E 356 26.19 -15.90 -42.36
N MET E 357 26.47 -16.96 -41.59
CA MET E 357 25.66 -17.25 -40.41
C MET E 357 25.72 -16.12 -39.39
N GLN E 358 26.91 -15.59 -39.17
CA GLN E 358 27.03 -14.51 -38.19
C GLN E 358 26.51 -13.19 -38.75
N LYS E 359 26.62 -13.01 -40.06
CA LYS E 359 26.29 -11.73 -40.67
C LYS E 359 24.79 -11.56 -40.80
N TYR E 360 24.13 -12.52 -41.43
CA TYR E 360 22.72 -12.37 -41.77
C TYR E 360 21.81 -13.10 -40.80
N ASN E 361 22.39 -13.86 -39.86
CA ASN E 361 21.68 -14.58 -38.80
C ASN E 361 20.64 -15.53 -39.38
N ILE E 362 21.12 -16.52 -40.12
CA ILE E 362 20.27 -17.48 -40.82
C ILE E 362 20.64 -18.88 -40.40
N GLY E 363 19.92 -19.85 -40.96
CA GLY E 363 20.12 -21.24 -40.59
C GLY E 363 21.35 -21.83 -41.23
N THR E 364 21.65 -23.07 -40.83
CA THR E 364 22.86 -23.72 -41.33
C THR E 364 22.66 -24.30 -42.72
N GLU E 365 21.42 -24.62 -43.09
CA GLU E 365 21.14 -25.04 -44.45
C GLU E 365 21.17 -23.84 -45.39
N THR E 366 20.88 -22.67 -44.84
CA THR E 366 20.51 -21.54 -45.66
C THR E 366 21.74 -20.86 -46.23
N ALA E 367 22.80 -20.76 -45.43
CA ALA E 367 24.04 -20.26 -45.99
C ALA E 367 24.77 -21.33 -46.79
N LEU E 368 24.43 -22.61 -46.60
CA LEU E 368 24.89 -23.62 -47.52
C LEU E 368 24.27 -23.46 -48.89
N ILE E 369 23.05 -22.93 -48.95
CA ILE E 369 22.54 -22.48 -50.24
C ILE E 369 23.40 -21.35 -50.79
N LEU E 370 23.83 -20.43 -49.92
CA LEU E 370 24.65 -19.30 -50.36
C LEU E 370 26.06 -19.70 -50.74
N CYS E 371 26.52 -20.89 -50.40
CA CYS E 371 27.78 -21.39 -50.92
C CYS E 371 27.62 -22.07 -52.26
N ASN E 372 26.52 -21.78 -52.98
CA ASN E 372 26.16 -22.37 -54.26
C ASN E 372 26.10 -23.89 -54.17
N ASP E 373 25.41 -24.40 -53.16
CA ASP E 373 25.25 -25.83 -53.02
C ASP E 373 23.77 -26.16 -52.93
N SER E 374 23.43 -27.36 -53.38
CA SER E 374 22.03 -27.70 -53.63
C SER E 374 21.30 -27.98 -52.31
N ILE E 375 20.00 -28.22 -52.44
CA ILE E 375 19.15 -28.52 -51.31
C ILE E 375 19.32 -30.00 -50.96
N SER E 376 19.61 -30.27 -49.70
CA SER E 376 19.75 -31.64 -49.24
C SER E 376 18.38 -32.23 -48.96
N GLN E 377 18.15 -33.43 -49.47
CA GLN E 377 16.94 -34.18 -49.17
C GLN E 377 17.18 -35.25 -48.10
N TYR E 378 18.43 -35.51 -47.76
CA TYR E 378 18.76 -36.52 -46.77
C TYR E 378 18.29 -36.07 -45.39
N SER E 379 17.63 -36.97 -44.68
CA SER E 379 17.05 -36.67 -43.39
C SER E 379 17.92 -37.27 -42.29
N TYR E 380 17.92 -36.62 -41.13
CA TYR E 380 18.67 -37.08 -39.97
C TYR E 380 18.07 -36.44 -38.73
N SER E 381 18.58 -36.88 -37.58
CA SER E 381 18.22 -36.37 -36.24
C SER E 381 16.72 -36.50 -35.93
N ASN E 382 16.09 -37.53 -36.52
CA ASN E 382 14.64 -37.81 -36.41
C ASN E 382 13.79 -36.61 -36.83
N GLN E 383 14.27 -35.84 -37.79
CA GLN E 383 13.71 -34.58 -38.21
C GLN E 383 13.62 -34.52 -39.72
N PRO E 384 12.66 -33.78 -40.27
CA PRO E 384 12.59 -33.65 -41.73
C PRO E 384 13.76 -32.84 -42.27
N SER E 385 14.10 -33.12 -43.52
CA SER E 385 15.29 -32.54 -44.11
C SER E 385 15.05 -31.09 -44.50
N GLN E 386 16.07 -30.53 -45.16
CA GLN E 386 15.95 -29.20 -45.76
C GLN E 386 14.83 -29.15 -46.78
N PHE E 387 14.71 -30.21 -47.57
CA PHE E 387 13.67 -30.29 -48.59
C PHE E 387 12.28 -30.36 -47.97
N ASP E 388 12.10 -31.22 -46.98
CA ASP E 388 10.77 -31.43 -46.44
C ASP E 388 10.34 -30.28 -45.53
N ARG E 389 11.29 -29.67 -44.82
CA ARG E 389 10.96 -28.45 -44.10
C ARG E 389 10.74 -27.29 -45.06
N LEU E 390 11.31 -27.38 -46.25
CA LEU E 390 11.09 -26.34 -47.23
C LEU E 390 9.69 -26.42 -47.83
N PHE E 391 9.21 -27.63 -48.08
CA PHE E 391 7.95 -27.71 -48.82
C PHE E 391 6.81 -28.31 -48.03
N ASN E 392 6.95 -29.54 -47.56
CA ASN E 392 5.80 -30.41 -47.35
C ASN E 392 5.24 -30.38 -45.94
N THR E 393 5.54 -29.35 -45.16
CA THR E 393 4.87 -29.12 -43.89
C THR E 393 4.21 -27.75 -43.98
N SER E 394 2.88 -27.71 -44.13
CA SER E 394 1.94 -28.84 -44.08
C SER E 394 1.81 -29.55 -45.43
N PRO E 395 1.43 -30.83 -45.40
CA PRO E 395 1.11 -31.52 -46.66
C PRO E 395 -0.10 -30.90 -47.34
N LEU E 396 0.15 -30.29 -48.49
CA LEU E 396 -0.88 -29.65 -49.29
C LEU E 396 -1.77 -30.75 -49.88
N ASN E 397 -3.04 -30.76 -49.45
CA ASN E 397 -4.06 -31.72 -49.88
C ASN E 397 -3.66 -33.16 -49.56
N GLY E 398 -2.85 -33.35 -48.53
CA GLY E 398 -2.29 -34.65 -48.23
C GLY E 398 -1.29 -35.19 -49.22
N GLN E 399 -0.86 -34.37 -50.18
CA GLN E 399 0.02 -34.81 -51.24
C GLN E 399 1.44 -34.45 -50.91
N TYR E 400 2.37 -35.29 -51.33
CA TYR E 400 3.79 -35.04 -51.16
C TYR E 400 4.35 -34.48 -52.46
N PHE E 401 5.22 -33.48 -52.34
CA PHE E 401 5.87 -32.91 -53.50
C PHE E 401 7.02 -33.81 -53.94
N VAL E 402 6.82 -34.54 -55.01
CA VAL E 402 7.74 -35.59 -55.44
C VAL E 402 8.68 -35.02 -56.48
N ILE E 403 9.98 -35.18 -56.24
CA ILE E 403 10.97 -34.86 -57.26
C ILE E 403 10.81 -35.79 -58.46
N GLU E 404 10.85 -35.22 -59.66
CA GLU E 404 10.44 -35.96 -60.84
C GLU E 404 11.21 -35.38 -62.02
N ASP E 405 10.82 -35.74 -63.24
CA ASP E 405 11.35 -35.14 -64.44
C ASP E 405 10.32 -34.30 -65.19
N THR E 406 9.21 -33.97 -64.55
CA THR E 406 8.15 -33.22 -65.21
C THR E 406 8.53 -31.76 -65.36
N ASN E 407 7.82 -31.05 -66.22
CA ASN E 407 7.96 -29.62 -66.28
C ASN E 407 6.92 -28.94 -65.41
N ILE E 408 7.30 -27.81 -64.85
CA ILE E 408 6.37 -26.92 -64.15
C ILE E 408 6.44 -25.58 -64.85
N ASP E 409 5.39 -25.23 -65.58
CA ASP E 409 5.37 -24.00 -66.34
C ASP E 409 5.07 -22.84 -65.42
N LEU E 410 6.06 -21.99 -65.21
CA LEU E 410 5.93 -20.82 -64.35
C LEU E 410 5.54 -19.59 -65.14
N SER E 411 5.09 -19.75 -66.38
CA SER E 411 4.54 -18.64 -67.14
C SER E 411 3.28 -18.15 -66.46
N LEU E 412 2.97 -16.87 -66.67
CA LEU E 412 1.94 -16.22 -65.88
C LEU E 412 0.55 -16.68 -66.30
N ASN E 413 0.44 -17.17 -67.53
CA ASN E 413 -0.81 -17.72 -68.04
C ASN E 413 -0.83 -19.24 -68.00
N SER E 414 -0.27 -19.84 -66.95
CA SER E 414 -0.19 -21.31 -66.90
C SER E 414 -1.49 -21.92 -66.39
N THR E 415 -2.00 -21.40 -65.26
CA THR E 415 -3.04 -22.03 -64.45
C THR E 415 -2.67 -23.49 -64.13
N ASP E 416 -1.68 -23.65 -63.27
CA ASP E 416 -1.09 -24.96 -63.04
C ASP E 416 -1.61 -25.53 -61.71
N ASN E 417 -1.12 -26.71 -61.37
CA ASN E 417 -1.59 -27.48 -60.22
C ASN E 417 -0.96 -26.97 -58.93
N TRP E 418 -1.04 -27.83 -57.91
CA TRP E 418 -0.34 -27.68 -56.64
C TRP E 418 1.17 -27.61 -56.78
N HIS E 419 1.73 -27.99 -57.93
CA HIS E 419 3.15 -27.76 -58.20
C HIS E 419 3.48 -26.27 -58.13
N LYS E 420 2.61 -25.42 -58.66
CA LYS E 420 2.81 -24.00 -58.52
C LYS E 420 2.45 -23.52 -57.12
N ALA E 421 1.50 -24.19 -56.48
CA ALA E 421 1.03 -23.75 -55.17
C ALA E 421 2.07 -24.01 -54.08
N VAL E 422 2.82 -25.10 -54.19
CA VAL E 422 3.84 -25.37 -53.18
C VAL E 422 4.99 -24.39 -53.30
N LEU E 423 5.29 -23.94 -54.52
CA LEU E 423 6.29 -22.90 -54.69
C LEU E 423 5.80 -21.59 -54.10
N LYS E 424 4.52 -21.27 -54.34
CA LYS E 424 3.98 -20.04 -53.80
C LYS E 424 3.87 -20.09 -52.28
N ARG E 425 3.72 -21.28 -51.72
CA ARG E 425 3.68 -21.41 -50.27
C ARG E 425 5.07 -21.32 -49.66
N ALA E 426 6.05 -21.97 -50.29
CA ALA E 426 7.38 -21.99 -49.70
C ALA E 426 8.10 -20.66 -49.89
N PHE E 427 7.91 -20.01 -51.03
CA PHE E 427 8.65 -18.79 -51.31
C PHE E 427 7.88 -17.53 -50.96
N ASN E 428 6.62 -17.68 -50.51
CA ASN E 428 5.78 -16.57 -50.03
C ASN E 428 5.59 -15.50 -51.11
N VAL E 429 5.04 -15.93 -52.23
CA VAL E 429 5.08 -15.16 -53.46
C VAL E 429 3.81 -15.46 -54.26
N ASP E 430 3.36 -14.49 -55.05
CA ASP E 430 2.24 -14.69 -55.95
C ASP E 430 2.74 -15.16 -57.31
N ASP E 431 1.85 -15.15 -58.31
CA ASP E 431 2.16 -15.67 -59.63
C ASP E 431 3.16 -14.77 -60.36
N ILE E 432 2.88 -13.47 -60.38
CA ILE E 432 3.61 -12.54 -61.22
C ILE E 432 5.04 -12.34 -60.73
N SER E 433 5.23 -12.19 -59.41
CA SER E 433 6.57 -11.99 -58.90
C SER E 433 7.39 -13.25 -59.00
N LEU E 434 6.75 -14.41 -58.94
CA LEU E 434 7.42 -15.66 -59.27
C LEU E 434 7.87 -15.68 -60.72
N TYR E 435 7.02 -15.19 -61.61
CA TYR E 435 7.37 -15.13 -63.03
C TYR E 435 8.53 -14.18 -63.27
N ARG E 436 8.59 -13.10 -62.49
CA ARG E 436 9.74 -12.23 -62.56
C ARG E 436 10.98 -12.90 -61.98
N LEU E 437 10.81 -13.64 -60.89
CA LEU E 437 11.91 -14.32 -60.23
C LEU E 437 12.54 -15.37 -61.13
N LEU E 438 11.74 -15.97 -62.00
CA LEU E 438 12.26 -16.92 -62.97
C LEU E 438 13.25 -16.27 -63.93
N HIS E 439 12.87 -15.13 -64.52
CA HIS E 439 13.78 -14.46 -65.45
C HIS E 439 14.93 -13.78 -64.72
N ILE E 440 14.76 -13.49 -63.43
CA ILE E 440 15.89 -13.03 -62.65
C ILE E 440 16.90 -14.15 -62.46
N ALA E 441 16.43 -15.34 -62.12
CA ALA E 441 17.33 -16.47 -61.90
C ALA E 441 17.99 -16.92 -63.19
N ASN E 442 17.28 -16.78 -64.31
CA ASN E 442 17.82 -17.16 -65.60
C ASN E 442 17.15 -16.34 -66.68
N HIS E 443 17.91 -15.47 -67.32
CA HIS E 443 17.46 -14.75 -68.49
C HIS E 443 17.51 -15.58 -69.76
N ASN E 444 18.01 -16.81 -69.68
CA ASN E 444 18.01 -17.69 -70.83
C ASN E 444 16.84 -18.65 -70.84
N ASN E 445 15.93 -18.52 -69.89
CA ASN E 445 14.69 -19.27 -69.97
C ASN E 445 13.76 -18.62 -70.98
N THR E 446 13.36 -19.39 -71.98
CA THR E 446 12.48 -18.91 -73.03
C THR E 446 11.02 -18.94 -72.64
N ASP E 447 10.66 -19.68 -71.59
CA ASP E 447 9.28 -19.80 -71.16
C ASP E 447 9.24 -20.03 -69.66
N GLY E 448 8.08 -20.49 -69.20
CA GLY E 448 7.96 -20.85 -67.81
C GLY E 448 8.30 -22.28 -67.50
N LYS E 449 8.47 -23.13 -68.51
CA LYS E 449 8.68 -24.55 -68.27
C LYS E 449 10.11 -24.82 -67.85
N ILE E 450 10.28 -25.32 -66.63
CA ILE E 450 11.57 -25.71 -66.10
C ILE E 450 11.50 -27.17 -65.67
N ALA E 451 12.66 -27.81 -65.58
CA ALA E 451 12.72 -29.18 -65.14
C ALA E 451 12.45 -29.29 -63.65
N ASN E 452 12.15 -30.50 -63.21
CA ASN E 452 11.83 -30.73 -61.80
C ASN E 452 13.02 -31.27 -61.02
N ASN E 453 14.24 -31.06 -61.50
CA ASN E 453 15.41 -31.50 -60.75
C ASN E 453 15.65 -30.58 -59.55
N ILE E 454 16.64 -30.95 -58.75
CA ILE E 454 16.90 -30.17 -57.55
C ILE E 454 17.63 -28.87 -57.86
N LYS E 455 18.28 -28.79 -59.03
CA LYS E 455 19.21 -27.69 -59.26
C LYS E 455 18.49 -26.39 -59.62
N ASN E 456 17.43 -26.49 -60.42
CA ASN E 456 16.61 -25.31 -60.69
C ASN E 456 15.92 -24.83 -59.43
N LEU E 457 15.53 -25.76 -58.56
CA LEU E 457 14.96 -25.39 -57.28
C LEU E 457 15.97 -24.66 -56.42
N SER E 458 17.22 -25.10 -56.44
CA SER E 458 18.28 -24.43 -55.71
C SER E 458 18.54 -23.04 -56.25
N ASN E 459 18.50 -22.88 -57.58
CA ASN E 459 18.66 -21.56 -58.20
C ASN E 459 17.56 -20.62 -57.75
N LEU E 460 16.31 -21.07 -57.79
CA LEU E 460 15.19 -20.23 -57.38
C LEU E 460 15.25 -19.88 -55.91
N TYR E 461 15.61 -20.83 -55.06
CA TYR E 461 15.66 -20.55 -53.64
C TYR E 461 16.79 -19.61 -53.30
N MET E 462 17.91 -19.72 -54.00
CA MET E 462 19.04 -18.83 -53.73
C MET E 462 18.74 -17.41 -54.19
N THR E 463 18.17 -17.27 -55.38
CA THR E 463 17.87 -15.93 -55.86
C THR E 463 16.70 -15.32 -55.11
N LYS E 464 15.91 -16.12 -54.40
CA LYS E 464 15.00 -15.54 -53.43
C LYS E 464 15.71 -15.07 -52.17
N LEU E 465 16.67 -15.86 -51.68
CA LEU E 465 17.39 -15.52 -50.45
C LEU E 465 18.20 -14.26 -50.61
N LEU E 466 18.70 -14.00 -51.82
CA LEU E 466 19.50 -12.80 -52.06
C LEU E 466 18.71 -11.54 -51.82
N ALA E 467 17.42 -11.53 -52.17
CA ALA E 467 16.59 -10.40 -51.81
C ALA E 467 16.12 -10.49 -50.37
N ASP E 468 16.03 -11.71 -49.83
CA ASP E 468 15.51 -11.87 -48.48
C ASP E 468 16.46 -11.34 -47.41
N ILE E 469 17.76 -11.55 -47.58
CA ILE E 469 18.69 -11.20 -46.52
C ILE E 469 18.86 -9.70 -46.41
N HIS E 470 18.59 -8.96 -47.47
CA HIS E 470 18.53 -7.51 -47.37
C HIS E 470 17.10 -7.00 -47.27
N GLN E 471 16.13 -7.93 -47.27
CA GLN E 471 14.70 -7.63 -47.10
C GLN E 471 14.19 -6.71 -48.20
N LEU E 472 14.20 -7.21 -49.43
CA LEU E 472 13.64 -6.52 -50.58
C LEU E 472 12.59 -7.40 -51.25
N THR E 473 11.94 -6.86 -52.27
CA THR E 473 10.98 -7.64 -53.03
C THR E 473 11.67 -8.29 -54.21
N ILE E 474 10.87 -8.78 -55.15
CA ILE E 474 11.42 -9.36 -56.36
C ILE E 474 11.78 -8.28 -57.36
N ASP E 475 10.85 -7.35 -57.61
CA ASP E 475 11.13 -6.27 -58.56
C ASP E 475 12.17 -5.30 -58.01
N GLU E 476 12.23 -5.15 -56.68
CA GLU E 476 13.29 -4.36 -56.09
C GLU E 476 14.65 -5.01 -56.30
N LEU E 477 14.72 -6.33 -56.21
CA LEU E 477 15.95 -7.03 -56.54
C LEU E 477 16.28 -6.90 -58.02
N TYR E 478 15.24 -6.88 -58.86
CA TYR E 478 15.44 -6.70 -60.30
C TYR E 478 16.03 -5.33 -60.62
N LEU E 479 15.43 -4.29 -60.05
CA LEU E 479 15.96 -2.93 -60.16
C LEU E 479 17.34 -2.80 -59.54
N LEU E 480 17.60 -3.57 -58.50
CA LEU E 480 18.92 -3.55 -57.86
C LEU E 480 19.98 -4.13 -58.76
N LEU E 481 19.68 -5.24 -59.42
CA LEU E 481 20.61 -5.83 -60.38
C LEU E 481 20.77 -4.96 -61.61
N ILE E 482 19.75 -4.19 -61.97
CA ILE E 482 19.91 -3.20 -63.03
C ILE E 482 20.85 -2.09 -62.58
N THR E 483 20.59 -1.51 -61.41
CA THR E 483 21.29 -0.30 -61.00
C THR E 483 22.70 -0.59 -60.52
N ILE E 484 23.03 -1.86 -60.28
CA ILE E 484 24.43 -2.17 -60.06
C ILE E 484 25.10 -2.51 -61.39
N GLY E 485 24.31 -2.82 -62.41
CA GLY E 485 24.84 -3.19 -63.70
C GLY E 485 25.06 -4.67 -63.89
N GLU E 486 24.67 -5.49 -62.92
CA GLU E 486 24.78 -6.94 -63.03
C GLU E 486 23.52 -7.58 -63.60
N ASP E 487 22.75 -6.83 -64.40
CA ASP E 487 21.48 -7.34 -64.89
C ASP E 487 21.68 -8.44 -65.93
N LYS E 488 22.77 -8.36 -66.69
CA LYS E 488 22.96 -9.28 -67.79
C LYS E 488 23.37 -10.67 -67.35
N ILE E 489 23.99 -10.80 -66.17
CA ILE E 489 24.52 -12.09 -65.77
C ILE E 489 23.42 -12.94 -65.14
N ASN E 490 23.49 -14.25 -65.36
CA ASN E 490 22.54 -15.19 -64.81
C ASN E 490 23.14 -15.96 -63.65
N LEU E 491 22.29 -16.33 -62.70
CA LEU E 491 22.70 -17.12 -61.55
C LEU E 491 22.60 -18.61 -61.80
N TYR E 492 22.16 -19.00 -63.01
CA TYR E 492 22.05 -20.42 -63.33
C TYR E 492 23.42 -21.06 -63.40
N ASP E 493 24.40 -20.33 -63.91
CA ASP E 493 25.79 -20.76 -63.89
C ASP E 493 26.63 -19.57 -63.47
N ILE E 494 27.31 -19.72 -62.33
CA ILE E 494 28.16 -18.66 -61.77
C ILE E 494 29.22 -19.32 -60.92
N ASP E 495 30.46 -18.84 -61.05
CA ASP E 495 31.55 -19.25 -60.19
C ASP E 495 31.26 -18.83 -58.75
N ASP E 496 31.70 -19.68 -57.83
CA ASP E 496 31.44 -19.43 -56.40
C ASP E 496 32.23 -18.22 -55.91
N LYS E 497 33.42 -17.99 -56.46
CA LYS E 497 34.15 -16.77 -56.15
C LYS E 497 33.42 -15.55 -56.70
N GLU E 498 32.92 -15.65 -57.93
CA GLU E 498 32.16 -14.56 -58.51
C GLU E 498 30.86 -14.35 -57.76
N LEU E 499 30.24 -15.43 -57.29
CA LEU E 499 29.02 -15.33 -56.51
C LEU E 499 29.28 -14.65 -55.18
N GLU E 500 30.37 -15.05 -54.51
CA GLU E 500 30.84 -14.37 -53.31
C GLU E 500 31.04 -12.88 -53.52
N LYS E 501 31.74 -12.54 -54.61
CA LYS E 501 32.02 -11.15 -54.94
C LYS E 501 30.75 -10.37 -55.22
N LEU E 502 29.78 -11.01 -55.87
CA LEU E 502 28.50 -10.38 -56.15
C LEU E 502 27.72 -10.11 -54.87
N ILE E 503 27.75 -11.06 -53.94
CA ILE E 503 27.09 -10.87 -52.65
C ILE E 503 27.78 -9.75 -51.87
N ASN E 504 29.10 -9.67 -51.98
CA ASN E 504 29.81 -8.57 -51.32
C ASN E 504 29.46 -7.23 -51.93
N ARG E 505 29.27 -7.18 -53.26
CA ARG E 505 28.87 -5.94 -53.90
C ARG E 505 27.48 -5.52 -53.47
N LEU E 506 26.55 -6.48 -53.40
CA LEU E 506 25.19 -6.18 -52.95
C LEU E 506 25.19 -5.73 -51.50
N ASP E 507 26.02 -6.35 -50.66
CA ASP E 507 26.04 -5.99 -49.25
C ASP E 507 26.67 -4.61 -49.06
N THR E 508 27.70 -4.31 -49.86
CA THR E 508 28.33 -2.99 -49.80
C THR E 508 27.36 -1.90 -50.23
N LEU E 509 26.65 -2.15 -51.34
CA LEU E 509 25.67 -1.19 -51.83
C LEU E 509 24.52 -1.02 -50.85
N SER E 510 24.07 -2.12 -50.26
CA SER E 510 22.95 -2.06 -49.32
C SER E 510 23.33 -1.32 -48.05
N ASN E 511 24.50 -1.63 -47.50
CA ASN E 511 24.96 -0.96 -46.29
C ASN E 511 25.24 0.51 -46.55
N TRP E 512 25.75 0.83 -47.73
CA TRP E 512 25.94 2.24 -48.08
C TRP E 512 24.62 2.97 -48.23
N LEU E 513 23.59 2.32 -48.77
CA LEU E 513 22.28 2.95 -48.81
C LEU E 513 21.68 3.10 -47.42
N HIS E 514 21.98 2.18 -46.51
CA HIS E 514 21.51 2.35 -45.14
C HIS E 514 22.26 3.48 -44.45
N THR E 515 23.49 3.76 -44.88
CA THR E 515 24.18 4.94 -44.37
C THR E 515 23.62 6.22 -44.99
N GLN E 516 23.21 6.17 -46.25
CA GLN E 516 22.74 7.37 -46.93
C GLN E 516 21.26 7.63 -46.70
N LYS E 517 20.51 6.63 -46.25
CA LYS E 517 19.05 6.67 -46.09
C LYS E 517 18.39 7.06 -47.42
N TRP E 518 18.53 6.20 -48.40
CA TRP E 518 17.96 6.40 -49.72
C TRP E 518 17.00 5.28 -50.04
N SER E 519 15.95 5.60 -50.80
CA SER E 519 15.16 4.54 -51.41
C SER E 519 15.97 3.91 -52.54
N ILE E 520 15.55 2.70 -52.93
CA ILE E 520 16.16 2.10 -54.11
C ILE E 520 15.64 2.78 -55.37
N TYR E 521 14.46 3.40 -55.30
CA TYR E 521 13.95 4.19 -56.42
C TYR E 521 14.79 5.41 -56.67
N GLN E 522 15.29 6.03 -55.60
CA GLN E 522 16.19 7.17 -55.73
C GLN E 522 17.46 6.79 -56.48
N LEU E 523 18.05 5.65 -56.11
CA LEU E 523 19.27 5.20 -56.75
C LEU E 523 19.01 4.79 -58.19
N PHE E 524 17.87 4.17 -58.45
CA PHE E 524 17.55 3.77 -59.82
C PHE E 524 17.30 4.99 -60.70
N LEU E 525 16.64 6.01 -60.17
CA LEU E 525 16.39 7.21 -60.96
C LEU E 525 17.66 8.01 -61.15
N MET E 526 18.56 7.99 -60.17
CA MET E 526 19.82 8.68 -60.33
C MET E 526 20.84 7.85 -61.10
N THR E 527 20.50 6.62 -61.46
CA THR E 527 21.48 5.78 -62.13
C THR E 527 21.00 5.32 -63.51
N THR E 528 19.73 5.54 -63.82
CA THR E 528 19.18 5.04 -65.09
C THR E 528 19.77 5.74 -66.31
N THR E 529 19.95 4.97 -67.36
CA THR E 529 20.39 5.52 -68.64
C THR E 529 19.20 5.62 -69.59
N ASN E 530 18.16 4.82 -69.34
CA ASN E 530 16.92 4.96 -70.08
C ASN E 530 16.24 6.26 -69.68
N TYR E 531 16.04 7.13 -70.67
CA TYR E 531 15.34 8.39 -70.46
C TYR E 531 14.02 8.31 -71.21
N ASP E 532 12.97 8.87 -70.62
CA ASP E 532 11.67 8.83 -71.25
C ASP E 532 11.57 9.90 -72.32
N LYS E 533 10.80 9.60 -73.36
CA LYS E 533 10.64 10.49 -74.51
C LYS E 533 9.20 11.02 -74.54
N THR E 534 9.01 12.18 -73.92
CA THR E 534 7.69 12.78 -73.81
C THR E 534 7.84 14.29 -73.63
N LEU E 535 7.26 15.04 -74.57
CA LEU E 535 7.33 16.50 -74.50
C LEU E 535 6.36 16.99 -73.44
N THR E 536 6.87 17.33 -72.27
CA THR E 536 6.04 17.85 -71.21
C THR E 536 5.93 19.35 -71.36
N PRO E 537 4.84 19.97 -70.89
CA PRO E 537 4.75 21.44 -70.94
C PRO E 537 5.78 22.15 -70.10
N GLU E 538 6.35 21.49 -69.09
CA GLU E 538 7.37 22.13 -68.26
C GLU E 538 8.70 22.20 -68.99
N ILE E 539 9.10 21.08 -69.60
CA ILE E 539 10.30 21.09 -70.42
C ILE E 539 10.11 21.96 -71.65
N GLN E 540 8.87 22.05 -72.16
CA GLN E 540 8.58 22.99 -73.23
C GLN E 540 8.70 24.43 -72.76
N ASN E 541 8.34 24.71 -71.50
CA ASN E 541 8.56 26.04 -70.94
C ASN E 541 10.04 26.36 -70.82
N LEU E 542 10.83 25.36 -70.44
CA LEU E 542 12.30 25.51 -70.47
C LEU E 542 12.77 25.85 -71.88
N LEU E 543 12.25 25.15 -72.89
CA LEU E 543 12.64 25.40 -74.27
C LEU E 543 12.26 26.80 -74.71
N ASP E 544 11.08 27.27 -74.31
CA ASP E 544 10.63 28.59 -74.70
C ASP E 544 11.44 29.67 -74.01
N THR E 545 11.78 29.46 -72.74
CA THR E 545 12.55 30.45 -72.01
C THR E 545 13.97 30.56 -72.53
N VAL E 546 14.60 29.42 -72.85
CA VAL E 546 15.95 29.46 -73.40
C VAL E 546 15.92 29.98 -74.83
N TYR E 547 14.85 29.70 -75.56
CA TYR E 547 14.72 30.18 -76.93
C TYR E 547 14.61 31.69 -76.98
N ASN E 548 13.76 32.27 -76.15
CA ASN E 548 13.67 33.72 -76.10
C ASN E 548 14.91 34.32 -75.45
N GLY E 549 15.53 33.59 -74.54
CA GLY E 549 16.65 34.13 -73.81
C GLY E 549 17.91 34.22 -74.64
N LEU E 550 18.30 33.11 -75.25
CA LEU E 550 19.50 33.12 -76.07
C LEU E 550 19.22 33.47 -77.51
N GLN E 551 18.05 34.01 -77.82
CA GLN E 551 17.86 34.69 -79.09
C GLN E 551 18.74 35.94 -79.10
N ASN E 552 19.15 36.36 -80.31
CA ASN E 552 20.22 37.33 -80.53
C ASN E 552 21.53 36.86 -79.90
N PHE E 553 22.07 35.78 -80.46
CA PHE E 553 23.37 35.23 -80.08
C PHE E 553 24.26 35.08 -81.31
N ASP E 554 25.55 35.32 -81.12
CA ASP E 554 26.58 34.95 -82.08
C ASP E 554 27.61 34.08 -81.37
N LYS E 555 28.13 33.10 -82.09
CA LYS E 555 29.09 32.16 -81.51
C LYS E 555 30.43 32.84 -81.24
N ASN E 556 30.89 33.71 -82.13
CA ASN E 556 32.23 34.25 -81.97
C ASN E 556 32.24 35.48 -81.06
N LYS E 557 31.08 35.90 -80.58
CA LYS E 557 31.06 36.99 -79.60
C LYS E 557 31.43 36.47 -78.21
N THR E 558 30.83 35.36 -77.80
CA THR E 558 31.01 34.84 -76.46
C THR E 558 30.76 33.34 -76.44
N LYS E 559 31.05 32.75 -75.30
CA LYS E 559 30.88 31.30 -75.13
C LYS E 559 29.40 30.97 -75.04
N LEU E 560 29.02 29.89 -75.72
CA LEU E 560 27.64 29.41 -75.68
C LEU E 560 27.25 28.94 -74.29
N LEU E 561 28.18 28.26 -73.62
CA LEU E 561 27.92 27.68 -72.30
C LEU E 561 27.66 28.75 -71.25
N ALA E 562 28.47 29.80 -71.24
CA ALA E 562 28.26 30.90 -70.30
C ALA E 562 26.97 31.63 -70.61
N ALA E 563 26.56 31.64 -71.87
CA ALA E 563 25.30 32.29 -72.23
C ALA E 563 24.09 31.48 -71.76
N ILE E 564 24.14 30.16 -71.89
CA ILE E 564 23.00 29.35 -71.51
C ILE E 564 22.98 29.06 -70.01
N ALA E 565 24.12 29.24 -69.34
CA ALA E 565 24.25 28.92 -67.91
C ALA E 565 23.24 29.56 -66.95
N PRO E 566 22.76 30.81 -67.11
CA PRO E 566 21.76 31.29 -66.15
C PRO E 566 20.40 30.61 -66.25
N TYR E 567 19.93 30.35 -67.46
CA TYR E 567 18.64 29.69 -67.62
C TYR E 567 18.70 28.25 -67.16
N ILE E 568 19.84 27.60 -67.34
CA ILE E 568 20.03 26.26 -66.81
C ILE E 568 20.11 26.29 -65.30
N ALA E 569 20.75 27.34 -64.74
CA ALA E 569 20.88 27.44 -63.29
C ALA E 569 19.54 27.73 -62.64
N ALA E 570 18.64 28.39 -63.35
CA ALA E 570 17.33 28.69 -62.79
C ALA E 570 16.37 27.53 -62.98
N THR E 571 16.29 26.97 -64.19
CA THR E 571 15.36 25.88 -64.45
C THR E 571 15.74 24.60 -63.75
N LEU E 572 17.03 24.36 -63.54
CA LEU E 572 17.45 23.26 -62.70
C LEU E 572 17.70 23.70 -61.27
N GLN E 573 17.36 24.95 -60.95
CA GLN E 573 17.34 25.49 -59.58
C GLN E 573 18.70 25.40 -58.92
N LEU E 574 19.73 25.55 -59.70
CA LEU E 574 21.09 25.46 -59.21
C LEU E 574 21.49 26.77 -58.56
N PRO E 575 22.21 26.73 -57.44
CA PRO E 575 22.56 27.99 -56.76
C PRO E 575 23.60 28.81 -57.47
N SER E 576 24.67 28.20 -57.97
CA SER E 576 25.79 28.92 -58.53
C SER E 576 25.69 28.96 -60.05
N GLU E 577 26.65 29.65 -60.67
CA GLU E 577 26.75 29.61 -62.12
C GLU E 577 27.91 28.73 -62.55
N ASN E 578 28.92 28.58 -61.70
CA ASN E 578 30.00 27.65 -62.00
C ASN E 578 29.54 26.20 -61.90
N VAL E 579 28.52 25.94 -61.09
CA VAL E 579 27.90 24.61 -61.07
C VAL E 579 27.21 24.33 -62.39
N ALA E 580 26.50 25.33 -62.93
CA ALA E 580 25.86 25.16 -64.23
C ALA E 580 26.89 25.03 -65.34
N HIS E 581 28.04 25.67 -65.17
CA HIS E 581 29.17 25.43 -66.07
C HIS E 581 29.65 23.99 -65.96
N SER E 582 29.74 23.50 -64.72
CA SER E 582 30.27 22.17 -64.44
C SER E 582 29.41 21.09 -65.05
N ILE E 583 28.10 21.18 -64.84
CA ILE E 583 27.19 20.14 -65.31
C ILE E 583 27.09 20.13 -66.83
N LEU E 584 27.31 21.27 -67.48
CA LEU E 584 27.34 21.28 -68.94
C LEU E 584 28.61 20.64 -69.46
N LEU E 585 29.75 20.91 -68.81
CA LEU E 585 30.97 20.19 -69.16
C LEU E 585 30.83 18.69 -68.90
N TRP E 586 30.08 18.33 -67.87
CA TRP E 586 29.85 16.95 -67.52
C TRP E 586 29.00 16.23 -68.54
N ALA E 587 27.89 16.83 -68.95
CA ALA E 587 27.07 16.29 -70.03
C ALA E 587 27.82 16.25 -71.36
N ASP E 588 28.76 17.17 -71.58
CA ASP E 588 29.65 17.03 -72.72
C ASP E 588 30.53 15.81 -72.59
N LYS E 589 31.04 15.54 -71.38
CA LYS E 589 31.98 14.43 -71.23
C LYS E 589 31.29 13.07 -71.31
N ILE E 590 30.07 12.95 -70.81
CA ILE E 590 29.47 11.62 -70.68
C ILE E 590 28.99 11.11 -72.05
N LYS E 591 28.76 12.01 -73.01
CA LYS E 591 28.14 11.76 -74.30
C LYS E 591 26.84 10.99 -74.16
N PRO E 592 25.76 11.67 -73.74
CA PRO E 592 24.48 11.02 -73.43
C PRO E 592 23.71 10.55 -74.65
N SER E 593 22.40 10.39 -74.47
CA SER E 593 21.42 9.56 -75.17
C SER E 593 21.43 9.77 -76.69
N GLU E 594 20.67 8.93 -77.39
CA GLU E 594 21.01 8.15 -78.59
C GLU E 594 22.09 8.75 -79.48
N ASN E 595 21.93 9.99 -79.93
CA ASN E 595 22.88 10.56 -80.88
C ASN E 595 24.13 11.02 -80.14
N LYS E 596 25.28 10.90 -80.79
CA LYS E 596 26.44 11.64 -80.34
C LYS E 596 26.13 13.11 -80.51
N ILE E 597 25.81 13.77 -79.40
CA ILE E 597 25.15 15.06 -79.41
C ILE E 597 25.99 16.02 -78.58
N THR E 598 25.80 17.32 -78.79
CA THR E 598 26.64 18.33 -78.17
C THR E 598 25.74 19.49 -77.75
N ALA E 599 26.23 20.29 -76.79
CA ALA E 599 25.56 21.55 -76.47
C ALA E 599 25.65 22.54 -77.63
N GLU E 600 26.73 22.45 -78.42
CA GLU E 600 26.76 23.20 -79.67
C GLU E 600 25.79 22.60 -80.68
N LYS E 601 25.62 21.28 -80.67
CA LYS E 601 24.55 20.68 -81.46
C LYS E 601 23.18 21.04 -80.93
N PHE E 602 23.05 21.19 -79.61
CA PHE E 602 21.82 21.66 -78.97
C PHE E 602 21.42 23.05 -79.46
N TRP E 603 22.35 24.00 -79.41
CA TRP E 603 22.02 25.32 -79.92
C TRP E 603 22.02 25.35 -81.45
N ILE E 604 22.63 24.39 -82.13
CA ILE E 604 22.51 24.44 -83.59
C ILE E 604 21.17 23.83 -84.01
N TRP E 605 20.55 23.05 -83.12
CA TRP E 605 19.18 22.62 -83.35
C TRP E 605 18.19 23.75 -83.07
N LEU E 606 18.35 24.42 -81.92
CA LEU E 606 17.47 25.55 -81.61
C LEU E 606 17.76 26.76 -82.51
N GLN E 607 18.92 26.74 -83.17
CA GLN E 607 19.40 27.84 -83.98
C GLN E 607 19.01 27.65 -85.44
N ASN E 608 19.01 26.41 -85.91
CA ASN E 608 18.57 26.17 -87.27
C ASN E 608 17.09 25.82 -87.28
N ARG E 609 16.72 24.71 -86.64
CA ARG E 609 15.34 24.22 -86.68
C ARG E 609 14.65 24.51 -85.37
N ASP E 610 14.17 25.75 -85.22
CA ASP E 610 13.26 26.04 -84.13
C ASP E 610 12.39 27.22 -84.51
N THR E 611 11.11 27.10 -84.18
CA THR E 611 10.15 28.18 -84.22
C THR E 611 9.15 27.91 -83.11
N THR E 612 9.18 28.73 -82.06
CA THR E 612 8.46 28.40 -80.85
C THR E 612 6.96 28.66 -81.01
N GLU E 613 6.19 28.18 -80.03
CA GLU E 613 4.73 28.23 -79.99
C GLU E 613 4.14 27.56 -81.24
N LEU E 614 4.70 26.40 -81.59
CA LEU E 614 4.31 25.59 -82.73
C LEU E 614 4.76 24.17 -82.45
N SER E 615 3.89 23.21 -82.70
CA SER E 615 4.13 21.82 -82.32
C SER E 615 4.12 20.96 -83.59
N LYS E 616 5.29 20.82 -84.22
CA LYS E 616 5.49 19.93 -85.36
C LYS E 616 6.85 19.29 -85.13
N PRO E 617 6.97 17.97 -85.27
CA PRO E 617 8.17 17.28 -84.79
C PRO E 617 9.31 17.32 -85.79
N PRO E 618 10.49 17.77 -85.37
CA PRO E 618 11.68 17.58 -86.17
C PRO E 618 12.40 16.28 -85.82
N GLU E 619 13.56 16.11 -86.44
CA GLU E 619 14.28 14.84 -86.34
C GLU E 619 15.04 14.71 -85.03
N MET E 620 15.35 15.81 -84.37
CA MET E 620 16.34 15.80 -83.31
C MET E 620 15.73 16.01 -81.93
N GLN E 621 14.40 16.10 -81.86
CA GLN E 621 13.73 16.59 -80.66
C GLN E 621 13.84 15.63 -79.49
N GLU E 622 13.71 14.32 -79.77
CA GLU E 622 13.88 13.32 -78.71
C GLU E 622 15.29 13.29 -78.17
N GLN E 623 16.27 13.46 -79.06
CA GLN E 623 17.67 13.54 -78.68
C GLN E 623 17.95 14.76 -77.82
N ILE E 624 17.18 15.82 -78.00
CA ILE E 624 17.31 17.01 -77.17
C ILE E 624 16.64 16.81 -75.82
N ILE E 625 15.46 16.21 -75.81
CA ILE E 625 14.73 16.16 -74.55
C ILE E 625 15.29 15.06 -73.65
N GLN E 626 15.90 14.02 -74.22
CA GLN E 626 16.59 13.06 -73.36
C GLN E 626 17.91 13.61 -72.85
N TYR E 627 18.53 14.53 -73.59
CA TYR E 627 19.64 15.31 -73.06
C TYR E 627 19.19 16.16 -71.88
N CYS E 628 17.98 16.74 -71.96
CA CYS E 628 17.43 17.52 -70.86
C CYS E 628 17.14 16.64 -69.64
N HIS E 629 16.60 15.44 -69.87
CA HIS E 629 16.44 14.49 -68.78
C HIS E 629 17.77 14.06 -68.19
N CYS E 630 18.82 14.01 -69.01
CA CYS E 630 20.13 13.62 -68.51
C CYS E 630 20.69 14.72 -67.60
N LEU E 631 20.48 15.97 -67.98
CA LEU E 631 20.84 17.09 -67.11
C LEU E 631 20.06 17.07 -65.81
N ALA E 632 18.76 16.81 -65.89
CA ALA E 632 17.91 16.74 -64.71
C ALA E 632 18.29 15.55 -63.83
N GLN E 633 18.87 14.51 -64.41
CA GLN E 633 19.37 13.42 -63.60
C GLN E 633 20.67 13.80 -62.90
N LEU E 634 21.61 14.35 -63.66
CA LEU E 634 22.94 14.61 -63.13
C LEU E 634 22.97 15.74 -62.13
N THR E 635 21.97 16.63 -62.14
CA THR E 635 21.91 17.58 -61.04
C THR E 635 21.44 16.96 -59.74
N MET E 636 20.73 15.83 -59.82
CA MET E 636 20.16 15.25 -58.63
C MET E 636 21.21 14.58 -57.77
N ILE E 637 22.26 14.01 -58.39
CA ILE E 637 23.34 13.47 -57.60
C ILE E 637 24.18 14.59 -57.00
N TYR E 638 24.21 15.76 -57.63
CA TYR E 638 24.90 16.89 -57.05
C TYR E 638 24.15 17.41 -55.84
N ARG E 639 22.82 17.38 -55.91
CA ARG E 639 22.03 17.77 -54.75
C ARG E 639 22.16 16.76 -53.62
N SER E 640 22.05 15.47 -53.93
CA SER E 640 21.97 14.46 -52.89
C SER E 640 23.33 14.13 -52.31
N SER E 641 24.40 14.39 -53.07
CA SER E 641 25.73 14.05 -52.56
C SER E 641 26.19 15.04 -51.52
N GLY E 642 25.88 16.32 -51.69
CA GLY E 642 26.36 17.32 -50.76
C GLY E 642 27.82 17.65 -50.88
N ILE E 643 28.44 17.39 -52.04
CA ILE E 643 29.83 17.77 -52.24
C ILE E 643 29.90 19.27 -52.47
N ASN E 644 30.99 19.88 -51.99
CA ASN E 644 31.21 21.29 -52.26
C ASN E 644 31.62 21.50 -53.72
N GLU E 645 31.77 22.77 -54.08
CA GLU E 645 31.86 23.13 -55.49
C GLU E 645 33.27 22.97 -56.03
N ASN E 646 34.27 23.26 -55.21
CA ASN E 646 35.64 23.27 -55.69
C ASN E 646 36.14 21.85 -55.95
N ALA E 647 35.88 20.93 -55.02
CA ALA E 647 36.21 19.53 -55.24
C ALA E 647 35.40 18.93 -56.38
N PHE E 648 34.21 19.46 -56.64
CA PHE E 648 33.43 19.03 -57.79
C PHE E 648 34.10 19.41 -59.10
N ARG E 649 34.61 20.65 -59.18
CA ARG E 649 35.45 21.08 -60.30
C ARG E 649 36.67 20.20 -60.46
N LEU E 650 37.31 19.86 -59.34
CA LEU E 650 38.45 18.96 -59.37
C LEU E 650 38.09 17.57 -59.88
N PHE E 651 36.91 17.08 -59.51
CA PHE E 651 36.52 15.75 -59.94
C PHE E 651 36.25 15.70 -61.43
N ILE E 652 35.48 16.66 -61.93
CA ILE E 652 35.19 16.64 -63.36
C ILE E 652 36.44 16.92 -64.18
N GLU E 653 37.31 17.81 -63.69
CA GLU E 653 38.45 18.23 -64.49
C GLU E 653 39.52 17.16 -64.52
N LYS E 654 39.69 16.43 -63.42
CA LYS E 654 40.63 15.32 -63.34
C LYS E 654 39.94 14.10 -62.77
N PRO E 655 39.25 13.32 -63.61
CA PRO E 655 38.61 12.10 -63.09
C PRO E 655 39.60 11.01 -62.74
N THR E 656 40.78 11.00 -63.36
CA THR E 656 41.73 9.91 -63.13
C THR E 656 42.36 9.93 -61.75
N ILE E 657 42.45 11.10 -61.12
CA ILE E 657 43.11 11.18 -59.83
C ILE E 657 42.19 10.66 -58.73
N PHE E 658 40.90 10.49 -59.04
CA PHE E 658 39.95 9.82 -58.17
C PHE E 658 39.79 8.36 -58.50
N GLY E 659 40.72 7.77 -59.25
CA GLY E 659 40.78 6.33 -59.41
C GLY E 659 40.03 5.77 -60.58
N ILE E 660 39.59 6.58 -61.54
CA ILE E 660 39.04 6.02 -62.78
C ILE E 660 40.28 5.71 -63.61
N PRO E 661 40.24 4.79 -64.56
CA PRO E 661 41.36 4.66 -65.50
C PRO E 661 41.50 5.90 -66.38
N ASP E 662 42.76 6.30 -66.61
CA ASP E 662 43.04 7.60 -67.20
C ASP E 662 42.86 7.59 -68.71
N GLU E 663 42.43 8.75 -69.22
CA GLU E 663 42.35 9.12 -70.63
C GLU E 663 42.16 10.63 -70.63
N PRO E 664 42.91 11.39 -71.43
CA PRO E 664 42.91 12.86 -71.29
C PRO E 664 41.61 13.49 -71.78
N ASN E 665 40.78 13.93 -70.83
CA ASN E 665 39.49 14.58 -71.02
C ASN E 665 38.51 13.73 -71.84
N LYS E 666 38.65 12.41 -71.77
CA LYS E 666 37.72 11.49 -72.44
C LYS E 666 37.34 10.38 -71.46
N ALA E 667 38.15 10.17 -70.43
CA ALA E 667 37.82 9.23 -69.37
C ALA E 667 36.67 9.79 -68.54
N THR E 668 35.45 9.36 -68.86
CA THR E 668 34.28 9.97 -68.29
C THR E 668 33.67 9.06 -67.23
N PRO E 669 33.42 9.57 -66.04
CA PRO E 669 32.58 8.83 -65.10
C PRO E 669 31.13 8.94 -65.53
N ALA E 670 30.46 7.79 -65.52
CA ALA E 670 29.05 7.75 -65.85
C ALA E 670 28.22 8.18 -64.65
N HIS E 671 26.92 7.99 -64.77
CA HIS E 671 26.08 8.09 -63.58
C HIS E 671 25.78 6.72 -63.00
N ASN E 672 26.76 5.81 -63.03
CA ASN E 672 26.68 4.49 -62.44
C ASN E 672 26.94 4.57 -60.93
N ALA E 673 26.51 3.53 -60.21
CA ALA E 673 26.63 3.53 -58.74
C ALA E 673 28.06 3.45 -58.20
N PRO E 674 29.01 2.69 -58.77
CA PRO E 674 30.38 2.75 -58.23
C PRO E 674 31.05 4.10 -58.33
N THR E 675 30.73 4.90 -59.33
CA THR E 675 31.20 6.27 -59.36
C THR E 675 30.22 7.24 -58.72
N LEU E 676 29.22 6.73 -58.01
CA LEU E 676 28.49 7.55 -57.05
C LEU E 676 29.03 7.38 -55.64
N ILE E 677 29.30 6.14 -55.25
CA ILE E 677 29.71 5.87 -53.87
C ILE E 677 31.10 6.46 -53.58
N ILE E 678 31.96 6.58 -54.60
CA ILE E 678 33.28 7.12 -54.34
C ILE E 678 33.23 8.64 -54.19
N LEU E 679 32.36 9.32 -54.96
CA LEU E 679 32.10 10.73 -54.73
C LEU E 679 31.50 10.97 -53.36
N THR E 680 30.59 10.08 -52.95
CA THR E 680 29.96 10.20 -51.65
C THR E 680 30.97 10.04 -50.51
N ARG E 681 31.88 9.08 -50.65
CA ARG E 681 32.93 8.90 -49.65
C ARG E 681 33.88 10.07 -49.61
N PHE E 682 34.21 10.63 -50.78
CA PHE E 682 35.11 11.78 -50.81
C PHE E 682 34.44 13.00 -50.20
N ALA E 683 33.14 13.17 -50.46
CA ALA E 683 32.41 14.28 -49.87
C ALA E 683 32.28 14.13 -48.37
N ASN E 684 32.11 12.89 -47.89
CA ASN E 684 32.04 12.66 -46.46
C ASN E 684 33.38 12.88 -45.80
N TRP E 685 34.47 12.60 -46.52
CA TRP E 685 35.79 12.94 -46.00
C TRP E 685 35.99 14.45 -45.89
N VAL E 686 35.49 15.18 -46.89
CA VAL E 686 35.61 16.64 -46.85
C VAL E 686 34.76 17.22 -45.74
N ASN E 687 33.57 16.66 -45.51
CA ASN E 687 32.75 17.11 -44.40
C ASN E 687 33.33 16.69 -43.06
N SER E 688 34.07 15.58 -43.02
CA SER E 688 34.79 15.21 -41.81
C SER E 688 35.91 16.20 -41.51
N LEU E 689 36.57 16.70 -42.55
CA LEU E 689 37.56 17.76 -42.35
C LEU E 689 36.92 19.04 -41.86
N GLY E 690 35.98 19.60 -42.62
CA GLY E 690 35.22 20.73 -42.10
C GLY E 690 35.97 22.04 -42.28
N GLU E 691 36.56 22.52 -41.19
CA GLU E 691 37.01 23.92 -41.15
C GLU E 691 38.29 24.13 -41.96
N LYS E 692 39.22 23.18 -41.93
CA LYS E 692 40.47 23.36 -42.64
C LYS E 692 40.41 22.85 -44.07
N ALA E 693 39.22 22.82 -44.68
CA ALA E 693 39.04 22.07 -45.93
C ALA E 693 39.67 22.78 -47.11
N SER E 694 39.51 24.10 -47.22
CA SER E 694 40.05 24.84 -48.36
C SER E 694 41.57 24.73 -48.53
N PRO E 695 42.43 24.92 -47.51
CA PRO E 695 43.86 24.73 -47.77
C PRO E 695 44.24 23.30 -48.08
N ILE E 696 43.61 22.31 -47.44
CA ILE E 696 44.01 20.95 -47.73
C ILE E 696 43.46 20.49 -49.08
N LEU E 697 42.32 21.02 -49.52
CA LEU E 697 41.84 20.66 -50.84
C LEU E 697 42.66 21.32 -51.93
N THR E 698 43.10 22.56 -51.72
CA THR E 698 43.95 23.14 -52.76
C THR E 698 45.37 22.62 -52.67
N ALA E 699 45.78 22.03 -51.55
CA ALA E 699 47.06 21.35 -51.50
C ALA E 699 46.97 19.99 -52.16
N PHE E 700 45.80 19.35 -52.08
CA PHE E 700 45.56 18.13 -52.84
C PHE E 700 45.40 18.43 -54.32
N GLU E 701 44.93 19.63 -54.66
CA GLU E 701 44.79 20.02 -56.05
C GLU E 701 46.16 20.18 -56.70
N ASN E 702 47.10 20.77 -55.99
CA ASN E 702 48.48 20.74 -56.40
C ASN E 702 49.04 19.35 -56.07
N LYS E 703 50.22 19.04 -56.59
CA LYS E 703 50.85 17.77 -56.30
C LYS E 703 51.81 17.85 -55.12
N THR E 704 51.66 18.85 -54.26
CA THR E 704 52.58 19.06 -53.15
C THR E 704 51.98 18.70 -51.80
N LEU E 705 50.88 17.97 -51.77
CA LEU E 705 50.23 17.60 -50.51
C LEU E 705 51.11 16.64 -49.72
N THR E 706 51.31 16.96 -48.44
CA THR E 706 52.17 16.18 -47.57
C THR E 706 51.34 15.48 -46.50
N ALA E 707 52.00 14.61 -45.75
CA ALA E 707 51.35 13.94 -44.63
C ALA E 707 51.12 14.90 -43.47
N GLU E 708 52.00 15.88 -43.33
CA GLU E 708 52.05 16.67 -42.11
C GLU E 708 50.92 17.69 -42.07
N LYS E 709 50.62 18.32 -43.20
CA LYS E 709 49.45 19.18 -43.29
C LYS E 709 48.17 18.37 -43.13
N LEU E 710 48.18 17.13 -43.62
CA LEU E 710 47.00 16.29 -43.56
C LEU E 710 46.70 15.82 -42.14
N ALA E 711 47.73 15.56 -41.35
CA ALA E 711 47.54 15.11 -39.98
C ALA E 711 46.94 16.19 -39.10
N ASN E 712 47.29 17.45 -39.38
CA ASN E 712 46.87 18.55 -38.53
C ASN E 712 45.38 18.81 -38.69
N ALA E 713 44.82 18.44 -39.85
CA ALA E 713 43.38 18.61 -40.05
C ALA E 713 42.59 17.51 -39.37
N MET E 714 43.25 16.42 -38.98
CA MET E 714 42.58 15.32 -38.31
C MET E 714 42.94 15.20 -36.85
N ASN E 715 43.78 16.12 -36.35
CA ASN E 715 44.28 16.14 -34.97
C ASN E 715 45.07 14.86 -34.63
N LEU E 716 45.67 14.25 -35.64
CA LEU E 716 46.38 12.99 -35.49
C LEU E 716 47.88 13.24 -35.55
N ASP E 717 48.65 12.32 -34.96
CA ASP E 717 50.08 12.45 -35.04
C ASP E 717 50.57 12.03 -36.42
N ALA E 718 51.50 12.81 -36.95
CA ALA E 718 51.89 12.67 -38.35
C ALA E 718 52.63 11.37 -38.60
N ASN E 719 53.40 10.91 -37.60
CA ASN E 719 54.17 9.68 -37.71
C ASN E 719 53.28 8.47 -37.95
N LEU E 720 52.02 8.52 -37.51
CA LEU E 720 51.07 7.46 -37.76
C LEU E 720 50.77 7.35 -39.26
N LEU E 721 50.50 8.48 -39.90
CA LEU E 721 50.27 8.49 -41.33
C LEU E 721 51.52 8.12 -42.11
N GLU E 722 52.68 8.56 -41.60
CA GLU E 722 53.96 8.19 -42.21
C GLU E 722 54.15 6.69 -42.21
N GLN E 723 53.91 6.06 -41.06
CA GLN E 723 54.10 4.62 -40.96
C GLN E 723 53.04 3.86 -41.73
N ALA E 724 51.81 4.39 -41.79
CA ALA E 724 50.80 3.75 -42.61
C ALA E 724 51.16 3.78 -44.09
N SER E 725 51.72 4.91 -44.54
CA SER E 725 52.22 5.00 -45.90
C SER E 725 53.37 4.02 -46.15
N ILE E 726 54.27 3.89 -45.17
CA ILE E 726 55.40 2.98 -45.32
C ILE E 726 54.93 1.54 -45.36
N GLN E 727 53.92 1.20 -44.56
CA GLN E 727 53.41 -0.17 -44.57
C GLN E 727 52.67 -0.48 -45.86
N ALA E 728 51.98 0.50 -46.43
CA ALA E 728 51.37 0.28 -47.73
C ALA E 728 52.41 0.16 -48.83
N GLN E 729 53.53 0.88 -48.70
CA GLN E 729 54.62 0.76 -49.64
C GLN E 729 55.38 -0.56 -49.48
N ASN E 730 55.31 -1.16 -48.29
CA ASN E 730 55.90 -2.48 -48.12
C ASN E 730 55.11 -3.54 -48.88
N TYR E 731 53.80 -3.35 -48.95
CA TYR E 731 52.90 -4.28 -49.61
C TYR E 731 52.86 -3.91 -51.09
N LYS E 732 51.90 -4.47 -51.84
CA LYS E 732 51.53 -4.08 -53.19
C LYS E 732 51.31 -2.57 -53.27
N GLN E 733 51.54 -2.04 -54.47
CA GLN E 733 51.99 -0.67 -54.68
C GLN E 733 51.03 0.39 -54.16
N VAL E 734 51.60 1.31 -53.40
CA VAL E 734 51.14 2.69 -53.30
C VAL E 734 52.36 3.52 -53.65
N THR E 735 52.38 4.06 -54.86
CA THR E 735 53.60 4.61 -55.45
C THR E 735 53.98 5.89 -54.73
N LYS E 736 55.29 6.08 -54.55
CA LYS E 736 55.81 7.11 -53.65
C LYS E 736 55.53 8.51 -54.15
N GLU E 737 55.24 8.67 -55.44
CA GLU E 737 54.80 9.97 -55.93
C GLU E 737 53.35 10.25 -55.53
N ASN E 738 52.43 9.38 -55.93
CA ASN E 738 51.02 9.60 -55.67
C ASN E 738 50.58 9.04 -54.33
N THR E 739 51.49 8.93 -53.37
CA THR E 739 51.12 8.40 -52.05
C THR E 739 50.24 9.39 -51.29
N PHE E 740 50.22 10.64 -51.73
CA PHE E 740 49.22 11.60 -51.26
C PHE E 740 48.62 12.40 -52.41
N SER E 741 48.98 12.10 -53.65
CA SER E 741 48.34 12.77 -54.77
C SER E 741 47.11 11.99 -55.23
N ASN E 742 47.17 10.68 -55.19
CA ASN E 742 46.02 9.84 -55.47
C ASN E 742 45.06 9.86 -54.29
N TRP E 743 43.79 10.12 -54.58
CA TRP E 743 42.74 9.94 -53.57
C TRP E 743 42.62 8.48 -53.12
N GLN E 744 42.80 7.55 -54.05
CA GLN E 744 42.73 6.13 -53.72
C GLN E 744 43.81 5.73 -52.73
N SER E 745 45.02 6.23 -52.92
CA SER E 745 46.10 5.98 -51.97
C SER E 745 45.80 6.55 -50.59
N ILE E 746 45.18 7.74 -50.57
CA ILE E 746 44.80 8.35 -49.31
C ILE E 746 43.71 7.54 -48.63
N ASP E 747 42.79 6.96 -49.41
CA ASP E 747 41.75 6.12 -48.83
C ASP E 747 42.34 4.84 -48.26
N ILE E 748 43.34 4.27 -48.93
CA ILE E 748 43.99 3.06 -48.43
C ILE E 748 44.70 3.36 -47.11
N ILE E 749 45.40 4.49 -47.04
CA ILE E 749 46.11 4.85 -45.82
C ILE E 749 45.13 5.18 -44.70
N LEU E 750 43.96 5.72 -45.07
CA LEU E 750 42.90 5.89 -44.07
C LEU E 750 42.39 4.55 -43.56
N GLN E 751 42.32 3.54 -44.41
CA GLN E 751 41.89 2.23 -43.91
C GLN E 751 42.93 1.59 -43.00
N TRP E 752 44.21 1.80 -43.31
CA TRP E 752 45.26 1.41 -42.38
C TRP E 752 45.13 2.11 -41.04
N THR E 753 44.81 3.40 -41.05
CA THR E 753 44.63 4.08 -39.77
C THR E 753 43.37 3.64 -39.04
N ASN E 754 42.33 3.26 -39.77
CA ASN E 754 41.11 2.77 -39.11
C ASN E 754 41.36 1.44 -38.43
N ILE E 755 42.08 0.54 -39.10
CA ILE E 755 42.35 -0.74 -38.46
C ILE E 755 43.40 -0.58 -37.35
N ALA E 756 44.27 0.42 -37.45
CA ALA E 756 45.16 0.71 -36.33
C ALA E 756 44.41 1.31 -35.15
N SER E 757 43.38 2.10 -35.44
CA SER E 757 42.54 2.67 -34.39
C SER E 757 41.68 1.61 -33.73
N ASN E 758 41.38 0.52 -34.43
CA ASN E 758 40.61 -0.54 -33.80
C ASN E 758 41.44 -1.27 -32.76
N LEU E 759 42.61 -1.77 -33.14
CA LEU E 759 43.43 -2.56 -32.24
C LEU E 759 44.25 -1.72 -31.28
N ASN E 760 44.27 -0.40 -31.46
CA ASN E 760 45.13 0.53 -30.73
C ASN E 760 46.61 0.15 -30.83
N ILE E 761 47.03 -0.21 -32.03
CA ILE E 761 48.39 -0.68 -32.28
C ILE E 761 48.93 0.05 -33.49
N SER E 762 50.19 0.50 -33.39
CA SER E 762 50.85 1.15 -34.50
C SER E 762 51.02 0.17 -35.67
N PRO E 763 50.82 0.64 -36.90
CA PRO E 763 50.65 -0.30 -38.03
C PRO E 763 51.92 -1.01 -38.47
N GLN E 764 53.06 -0.82 -37.82
CA GLN E 764 54.14 -1.75 -38.09
C GLN E 764 53.96 -3.04 -37.32
N GLY E 765 53.09 -3.07 -36.33
CA GLY E 765 52.81 -4.29 -35.59
C GLY E 765 51.78 -5.15 -36.28
N ILE E 766 51.04 -4.55 -37.21
CA ILE E 766 50.05 -5.31 -37.96
C ILE E 766 50.69 -5.94 -39.20
N SER E 767 51.93 -5.55 -39.51
CA SER E 767 52.67 -6.21 -40.59
C SER E 767 53.05 -7.66 -40.28
N PRO E 768 53.69 -8.00 -39.14
CA PRO E 768 53.97 -9.44 -38.94
C PRO E 768 52.73 -10.21 -38.60
N LEU E 769 51.69 -9.55 -38.11
CA LEU E 769 50.39 -10.16 -37.91
C LEU E 769 49.84 -10.74 -39.20
N ILE E 770 49.86 -9.94 -40.26
CA ILE E 770 49.42 -10.43 -41.56
C ILE E 770 50.47 -11.36 -42.15
N ALA E 771 51.74 -11.19 -41.78
CA ALA E 771 52.75 -12.15 -42.21
C ALA E 771 52.69 -13.47 -41.47
N LEU E 772 51.83 -13.62 -40.47
CA LEU E 772 51.66 -14.92 -39.81
C LEU E 772 50.59 -15.78 -40.45
N ASP E 773 50.31 -15.61 -41.73
CA ASP E 773 49.27 -16.41 -42.38
C ASP E 773 49.75 -17.84 -42.55
N TYR E 774 48.79 -18.75 -42.77
CA TYR E 774 49.16 -20.15 -42.93
C TYR E 774 49.74 -20.42 -44.30
N ILE E 775 49.08 -19.93 -45.35
CA ILE E 775 49.48 -20.33 -46.69
C ILE E 775 50.19 -19.21 -47.43
N LYS E 776 50.15 -17.97 -46.92
CA LYS E 776 50.76 -16.88 -47.67
C LYS E 776 52.28 -16.84 -47.50
N PRO E 777 52.88 -17.03 -46.27
CA PRO E 777 54.28 -17.48 -46.20
C PRO E 777 54.40 -18.99 -46.07
N ALA E 778 53.88 -19.71 -47.08
CA ALA E 778 53.96 -21.16 -47.08
C ALA E 778 55.39 -21.68 -47.20
N GLN E 779 56.31 -20.85 -47.65
CA GLN E 779 57.73 -21.19 -47.62
C GLN E 779 58.27 -21.14 -46.20
N LYS E 780 58.19 -19.97 -45.56
CA LYS E 780 58.74 -19.76 -44.23
C LYS E 780 57.64 -20.00 -43.20
N THR E 781 57.63 -21.19 -42.62
CA THR E 781 56.66 -21.50 -41.57
C THR E 781 56.99 -20.71 -40.31
N PRO E 782 56.03 -20.01 -39.72
CA PRO E 782 56.31 -19.18 -38.55
C PRO E 782 56.68 -20.00 -37.33
N THR E 783 57.76 -19.59 -36.66
CA THR E 783 58.18 -20.23 -35.42
C THR E 783 57.30 -19.76 -34.27
N TYR E 784 57.49 -20.38 -33.11
CA TYR E 784 56.67 -20.08 -31.95
C TYR E 784 56.93 -18.68 -31.42
N ALA E 785 58.17 -18.21 -31.53
CA ALA E 785 58.53 -16.91 -30.99
C ALA E 785 57.87 -15.78 -31.77
N GLN E 786 57.62 -16.01 -33.07
CA GLN E 786 56.95 -15.00 -33.87
C GLN E 786 55.49 -14.86 -33.43
N TRP E 787 54.85 -16.00 -33.17
CA TRP E 787 53.52 -15.98 -32.56
C TRP E 787 53.53 -15.30 -31.21
N GLU E 788 54.59 -15.51 -30.43
CA GLU E 788 54.71 -14.87 -29.14
C GLU E 788 54.81 -13.36 -29.25
N ASN E 789 55.65 -12.88 -30.17
CA ASN E 789 55.84 -11.45 -30.35
C ASN E 789 54.60 -10.77 -30.90
N ALA E 790 53.86 -11.45 -31.77
CA ALA E 790 52.62 -10.85 -32.23
C ALA E 790 51.55 -10.87 -31.15
N ALA E 791 51.52 -11.96 -30.37
CA ALA E 791 50.51 -12.12 -29.32
C ALA E 791 50.68 -11.11 -28.22
N ILE E 792 51.92 -10.80 -27.85
CA ILE E 792 52.12 -9.84 -26.78
C ILE E 792 51.81 -8.43 -27.26
N ALA E 793 52.01 -8.17 -28.55
CA ALA E 793 51.68 -6.86 -29.11
C ALA E 793 50.18 -6.67 -29.16
N LEU E 794 49.44 -7.73 -29.50
CA LEU E 794 47.99 -7.67 -29.41
C LEU E 794 47.51 -7.59 -27.98
N THR E 795 48.26 -8.19 -27.05
CA THR E 795 47.86 -8.25 -25.65
C THR E 795 47.96 -6.89 -24.99
N ALA E 796 48.99 -6.12 -25.32
CA ALA E 796 49.24 -4.84 -24.67
C ALA E 796 48.14 -3.81 -24.92
N GLY E 797 47.41 -3.92 -26.02
CA GLY E 797 46.43 -2.91 -26.37
C GLY E 797 45.11 -2.99 -25.64
N LEU E 798 44.96 -3.93 -24.71
CA LEU E 798 43.66 -4.21 -24.14
C LEU E 798 43.47 -3.47 -22.81
N ASP E 799 42.20 -3.20 -22.47
CA ASP E 799 41.85 -2.54 -21.22
C ASP E 799 41.52 -3.57 -20.13
N THR E 800 40.90 -3.10 -19.04
CA THR E 800 40.81 -3.88 -17.81
C THR E 800 39.79 -5.02 -17.89
N GLN E 801 38.59 -4.77 -18.42
CA GLN E 801 37.59 -5.83 -18.47
C GLN E 801 37.99 -6.91 -19.46
N GLN E 802 38.55 -6.47 -20.59
CA GLN E 802 39.06 -7.40 -21.56
C GLN E 802 40.26 -8.17 -21.04
N THR E 803 41.12 -7.57 -20.20
CA THR E 803 42.25 -8.35 -19.72
C THR E 803 41.86 -9.32 -18.61
N HIS E 804 40.86 -8.98 -17.79
CA HIS E 804 40.35 -9.96 -16.84
C HIS E 804 39.69 -11.12 -17.56
N THR E 805 38.90 -10.83 -18.57
CA THR E 805 38.22 -11.88 -19.32
C THR E 805 39.22 -12.72 -20.09
N LEU E 806 40.33 -12.09 -20.51
CA LEU E 806 41.41 -12.80 -21.18
C LEU E 806 42.11 -13.75 -20.23
N HIS E 807 42.39 -13.31 -18.99
CA HIS E 807 43.01 -14.19 -18.02
C HIS E 807 42.13 -15.37 -17.68
N VAL E 808 40.81 -15.13 -17.55
CA VAL E 808 39.86 -16.19 -17.31
C VAL E 808 39.91 -17.24 -18.41
N PHE E 809 39.79 -16.81 -19.66
CA PHE E 809 39.71 -17.76 -20.76
C PHE E 809 41.03 -18.47 -21.01
N LEU E 810 42.15 -17.76 -20.87
CA LEU E 810 43.44 -18.39 -21.10
C LEU E 810 43.77 -19.42 -20.04
N ASP E 811 43.38 -19.14 -18.79
CA ASP E 811 43.61 -20.13 -17.75
C ASP E 811 42.71 -21.34 -17.93
N GLU E 812 41.46 -21.13 -18.35
CA GLU E 812 40.58 -22.26 -18.60
C GLU E 812 41.05 -23.10 -19.78
N SER E 813 41.65 -22.46 -20.78
CA SER E 813 42.18 -23.23 -21.90
C SER E 813 43.44 -24.00 -21.52
N ARG E 814 44.34 -23.38 -20.75
CA ARG E 814 45.55 -24.05 -20.33
C ARG E 814 45.27 -25.23 -19.41
N SER E 815 44.15 -25.17 -18.67
CA SER E 815 43.73 -26.28 -17.83
C SER E 815 43.54 -27.55 -18.65
N THR E 816 42.61 -27.53 -19.59
CA THR E 816 42.35 -28.73 -20.38
C THR E 816 43.44 -28.99 -21.39
N ALA E 817 44.30 -28.00 -21.66
CA ALA E 817 45.44 -28.26 -22.52
C ALA E 817 46.47 -29.11 -21.79
N LEU E 818 46.79 -28.74 -20.56
CA LEU E 818 47.80 -29.49 -19.82
C LEU E 818 47.26 -30.82 -19.35
N SER E 819 45.96 -30.88 -19.02
CA SER E 819 45.43 -32.05 -18.34
C SER E 819 45.41 -33.26 -19.25
N ASN E 820 45.02 -33.06 -20.50
CA ASN E 820 44.91 -34.20 -21.40
C ASN E 820 46.28 -34.71 -21.82
N TYR E 821 47.26 -33.82 -21.98
CA TYR E 821 48.63 -34.26 -22.23
C TYR E 821 49.20 -34.99 -21.03
N TYR E 822 48.86 -34.54 -19.83
CA TYR E 822 49.35 -35.21 -18.63
C TYR E 822 48.80 -36.62 -18.54
N ILE E 823 47.49 -36.77 -18.77
CA ILE E 823 46.84 -38.07 -18.80
C ILE E 823 47.46 -38.95 -19.87
N GLY E 824 47.75 -38.37 -21.02
CA GLY E 824 48.33 -39.12 -22.11
C GLY E 824 49.73 -39.64 -21.87
N LYS E 825 50.64 -38.78 -21.40
CA LYS E 825 52.04 -39.17 -21.45
C LYS E 825 52.67 -39.26 -20.08
N VAL E 826 52.26 -38.44 -19.13
CA VAL E 826 53.08 -38.26 -17.95
C VAL E 826 52.60 -39.14 -16.81
N ALA E 827 51.30 -39.43 -16.78
CA ALA E 827 50.73 -40.29 -15.76
C ALA E 827 51.25 -41.71 -15.91
N ASN E 828 51.23 -42.46 -14.82
CA ASN E 828 51.69 -43.83 -14.87
C ASN E 828 50.55 -44.75 -15.30
N ARG E 829 50.92 -45.79 -16.06
CA ARG E 829 49.94 -46.75 -16.55
C ARG E 829 49.35 -47.59 -15.42
N ALA E 830 50.07 -47.69 -14.29
CA ALA E 830 49.54 -48.38 -13.13
C ALA E 830 48.31 -47.68 -12.57
N ALA E 831 48.30 -46.36 -12.58
CA ALA E 831 47.15 -45.59 -12.15
C ALA E 831 46.17 -45.52 -13.31
N SER E 832 45.04 -46.19 -13.16
CA SER E 832 43.99 -46.18 -14.18
C SER E 832 43.35 -44.81 -14.24
N ILE E 833 43.64 -44.05 -15.29
CA ILE E 833 43.12 -42.70 -15.45
C ILE E 833 42.50 -42.59 -16.83
N LYS E 834 41.17 -42.51 -16.89
CA LYS E 834 40.51 -42.28 -18.16
C LYS E 834 40.24 -40.80 -18.37
N SER E 835 39.45 -40.19 -17.50
CA SER E 835 38.92 -38.86 -17.75
C SER E 835 39.58 -37.82 -16.85
N ARG E 836 39.10 -36.59 -16.92
CA ARG E 836 39.63 -35.53 -16.08
C ARG E 836 39.23 -35.68 -14.62
N ASP E 837 38.07 -36.30 -14.35
CA ASP E 837 37.67 -36.54 -12.97
C ASP E 837 38.56 -37.59 -12.33
N ASP E 838 39.01 -38.56 -13.13
CA ASP E 838 40.00 -39.52 -12.64
C ASP E 838 41.30 -38.80 -12.28
N LEU E 839 41.66 -37.79 -13.08
CA LEU E 839 42.84 -37.00 -12.78
C LEU E 839 42.67 -36.19 -11.50
N TYR E 840 41.45 -35.66 -11.29
CA TYR E 840 41.13 -34.99 -10.03
C TYR E 840 41.26 -35.93 -8.85
N GLN E 841 40.81 -37.17 -9.00
CA GLN E 841 40.92 -38.12 -7.91
C GLN E 841 42.35 -38.55 -7.69
N TYR E 842 43.18 -38.46 -8.73
CA TYR E 842 44.56 -38.90 -8.56
C TYR E 842 45.45 -37.78 -8.06
N LEU E 843 45.08 -36.52 -8.31
CA LEU E 843 45.98 -35.43 -7.93
C LEU E 843 45.48 -34.62 -6.75
N LEU E 844 44.25 -34.88 -6.29
CA LEU E 844 43.61 -34.26 -5.13
C LEU E 844 43.36 -32.78 -5.29
N ILE E 845 43.33 -32.28 -6.51
CA ILE E 845 43.13 -30.86 -6.75
C ILE E 845 42.42 -30.72 -8.09
N ASP E 846 41.55 -29.71 -8.19
CA ASP E 846 40.55 -29.67 -9.25
C ASP E 846 41.05 -28.81 -10.40
N ASN E 847 40.80 -29.29 -11.63
CA ASN E 847 41.15 -28.57 -12.83
C ASN E 847 39.96 -27.94 -13.52
N GLN E 848 38.75 -28.35 -13.16
CA GLN E 848 37.58 -27.87 -13.88
C GLN E 848 36.93 -26.68 -13.21
N VAL E 849 37.44 -26.24 -12.06
CA VAL E 849 36.92 -25.06 -11.40
C VAL E 849 37.25 -23.84 -12.24
N SER E 850 36.25 -23.00 -12.48
CA SER E 850 36.50 -21.75 -13.18
C SER E 850 37.33 -20.82 -12.30
N ALA E 851 38.12 -19.96 -12.95
CA ALA E 851 39.12 -19.17 -12.26
C ALA E 851 38.55 -18.02 -11.44
N GLU E 852 37.23 -17.90 -11.34
CA GLU E 852 36.60 -16.94 -10.48
C GLU E 852 36.81 -17.26 -9.00
N ILE E 853 37.03 -18.53 -8.68
CA ILE E 853 37.12 -18.95 -7.28
C ILE E 853 38.48 -18.60 -6.71
N LYS E 854 38.49 -17.98 -5.53
CA LYS E 854 39.72 -17.60 -4.84
C LYS E 854 39.82 -18.36 -3.52
N THR E 855 40.98 -18.96 -3.27
CA THR E 855 41.26 -19.66 -2.02
C THR E 855 42.68 -19.38 -1.58
N THR E 856 42.98 -19.72 -0.33
CA THR E 856 44.35 -19.65 0.13
C THR E 856 45.09 -20.95 -0.18
N ARG E 857 46.39 -20.94 0.03
CA ARG E 857 47.20 -22.12 -0.28
C ARG E 857 46.96 -23.24 0.73
N ILE E 858 46.97 -22.90 2.01
CA ILE E 858 46.97 -23.92 3.05
C ILE E 858 45.61 -24.60 3.12
N ALA E 859 44.54 -23.86 2.88
CA ALA E 859 43.21 -24.45 2.85
C ALA E 859 43.07 -25.41 1.67
N GLU E 860 43.71 -25.11 0.56
CA GLU E 860 43.70 -26.01 -0.57
C GLU E 860 44.47 -27.29 -0.29
N ALA E 861 45.63 -27.18 0.37
CA ALA E 861 46.35 -28.39 0.74
C ALA E 861 45.60 -29.21 1.78
N ILE E 862 44.85 -28.55 2.66
CA ILE E 862 43.98 -29.23 3.60
C ILE E 862 42.91 -30.03 2.87
N ALA E 863 42.30 -29.41 1.86
CA ALA E 863 41.27 -30.10 1.08
C ALA E 863 41.84 -31.30 0.35
N SER E 864 43.07 -31.16 -0.15
CA SER E 864 43.75 -32.28 -0.80
C SER E 864 43.98 -33.43 0.17
N ILE E 865 44.46 -33.12 1.37
CA ILE E 865 44.78 -34.17 2.34
C ILE E 865 43.52 -34.84 2.86
N GLN E 866 42.47 -34.06 3.10
CA GLN E 866 41.20 -34.62 3.55
C GLN E 866 40.57 -35.51 2.49
N LEU E 867 40.69 -35.12 1.22
CA LEU E 867 40.14 -35.95 0.17
C LEU E 867 40.92 -37.25 0.05
N TYR E 868 42.25 -37.18 0.24
CA TYR E 868 43.06 -38.39 0.26
C TYR E 868 42.67 -39.32 1.40
N VAL E 869 42.45 -38.78 2.59
CA VAL E 869 42.13 -39.63 3.74
C VAL E 869 40.75 -40.25 3.57
N ASN E 870 39.80 -39.51 2.98
CA ASN E 870 38.50 -40.10 2.68
C ASN E 870 38.62 -41.22 1.67
N ARG E 871 39.50 -41.08 0.69
CA ARG E 871 39.64 -42.17 -0.27
C ARG E 871 40.40 -43.34 0.33
N ALA E 872 41.22 -43.08 1.34
CA ALA E 872 41.94 -44.18 1.94
C ALA E 872 41.07 -44.98 2.89
N LEU E 873 40.16 -44.32 3.60
CA LEU E 873 39.35 -45.05 4.57
C LEU E 873 38.30 -45.91 3.91
N GLU E 874 37.86 -45.55 2.71
CA GLU E 874 36.80 -46.33 2.08
C GLU E 874 37.31 -47.62 1.47
N ASN E 875 38.62 -47.84 1.45
CA ASN E 875 39.30 -48.90 0.71
C ASN E 875 38.90 -48.91 -0.77
N ILE E 876 38.60 -47.74 -1.31
CA ILE E 876 38.28 -47.64 -2.72
C ILE E 876 39.56 -47.59 -3.54
N GLU E 877 40.56 -46.87 -3.10
CA GLU E 877 41.90 -46.95 -3.66
C GLU E 877 42.58 -48.12 -2.96
N ILE E 878 43.15 -49.02 -3.75
CA ILE E 878 43.37 -50.39 -3.30
C ILE E 878 44.59 -50.47 -2.39
N HIS E 879 44.63 -51.53 -1.58
CA HIS E 879 45.75 -51.90 -0.69
C HIS E 879 45.97 -50.89 0.43
N ALA E 880 44.91 -50.58 1.18
CA ALA E 880 45.07 -49.80 2.40
C ALA E 880 45.84 -50.60 3.44
N VAL E 881 46.89 -50.00 4.00
CA VAL E 881 47.66 -50.67 5.03
C VAL E 881 46.92 -50.56 6.36
N SER E 882 46.52 -51.71 6.91
CA SER E 882 45.69 -51.77 8.11
C SER E 882 46.47 -51.43 9.37
N ASP E 883 47.77 -51.24 9.27
CA ASP E 883 48.60 -50.98 10.45
C ASP E 883 48.35 -49.58 11.00
N VAL E 884 48.07 -48.62 10.13
CA VAL E 884 47.94 -47.24 10.58
C VAL E 884 46.48 -46.88 10.78
N ILE E 885 45.57 -47.64 10.15
CA ILE E 885 44.14 -47.36 10.25
C ILE E 885 43.64 -47.57 11.67
N THR E 886 44.25 -48.52 12.37
CA THR E 886 43.82 -48.84 13.72
C THR E 886 44.31 -47.84 14.76
N ARG E 887 44.98 -46.77 14.37
CA ARG E 887 45.48 -45.82 15.35
C ARG E 887 44.34 -44.99 15.94
N GLN E 888 44.66 -44.31 17.05
CA GLN E 888 43.66 -43.58 17.81
C GLN E 888 43.10 -42.40 17.04
N PHE E 889 43.93 -41.79 16.19
CA PHE E 889 43.52 -40.61 15.46
C PHE E 889 42.42 -40.92 14.45
N PHE E 890 42.50 -42.06 13.79
CA PHE E 890 41.55 -42.34 12.73
C PHE E 890 40.30 -43.03 13.25
N ILE E 891 40.33 -43.55 14.46
CA ILE E 891 39.09 -43.91 15.15
C ILE E 891 38.29 -42.66 15.42
N ASP E 892 38.97 -41.57 15.77
CA ASP E 892 38.32 -40.30 15.96
C ASP E 892 38.33 -39.44 14.70
N TRP E 893 38.48 -40.05 13.52
CA TRP E 893 38.43 -39.26 12.29
C TRP E 893 37.03 -38.72 12.04
N ASP E 894 36.07 -39.63 11.90
CA ASP E 894 34.75 -39.34 11.36
C ASP E 894 33.96 -38.34 12.19
N LYS E 895 34.29 -38.20 13.47
CA LYS E 895 33.51 -37.35 14.35
C LYS E 895 34.26 -36.07 14.67
N TYR E 896 35.58 -36.16 14.82
CA TYR E 896 36.33 -35.05 15.40
C TYR E 896 37.39 -34.52 14.46
N ASN E 897 38.00 -35.38 13.66
CA ASN E 897 39.20 -34.95 12.95
C ASN E 897 38.95 -34.65 11.50
N LYS E 898 37.72 -34.83 11.00
CA LYS E 898 37.52 -34.77 9.57
C LYS E 898 37.44 -33.34 9.08
N ARG E 899 36.80 -32.48 9.86
CA ARG E 899 36.72 -31.07 9.54
C ARG E 899 37.72 -30.29 10.38
N TYR E 900 37.91 -29.02 10.01
CA TYR E 900 38.69 -28.13 10.84
C TYR E 900 37.95 -27.74 12.11
N SER E 901 36.64 -27.53 12.01
CA SER E 901 35.89 -26.90 13.09
C SER E 901 35.77 -27.83 14.29
N THR E 902 35.53 -29.11 14.06
CA THR E 902 35.44 -30.04 15.18
C THR E 902 36.79 -30.25 15.83
N TRP E 903 37.86 -30.22 15.04
CA TRP E 903 39.19 -30.34 15.60
C TRP E 903 39.52 -29.13 16.47
N ALA E 904 39.12 -27.95 16.01
CA ALA E 904 39.31 -26.75 16.81
C ALA E 904 38.46 -26.77 18.06
N GLY E 905 37.27 -27.36 17.96
CA GLY E 905 36.41 -27.47 19.13
C GLY E 905 37.01 -28.37 20.20
N VAL E 906 37.54 -29.52 19.79
CA VAL E 906 38.18 -30.42 20.74
C VAL E 906 39.44 -29.80 21.33
N SER E 907 40.25 -29.14 20.48
CA SER E 907 41.49 -28.56 20.96
C SER E 907 41.24 -27.40 21.91
N GLN E 908 40.21 -26.60 21.65
CA GLN E 908 39.88 -25.55 22.60
C GLN E 908 39.23 -26.10 23.85
N LEU E 909 38.48 -27.19 23.72
CA LEU E 909 37.78 -27.72 24.88
C LEU E 909 38.74 -28.40 25.83
N VAL E 910 39.92 -28.77 25.34
CA VAL E 910 40.98 -29.15 26.26
C VAL E 910 41.46 -27.94 27.07
N TYR E 911 42.03 -26.94 26.39
CA TYR E 911 42.76 -25.90 27.09
C TYR E 911 41.83 -24.87 27.71
N TYR E 912 40.67 -24.62 27.10
CA TYR E 912 39.74 -23.61 27.60
C TYR E 912 38.36 -24.21 27.77
N PRO E 913 38.11 -24.94 28.86
CA PRO E 913 36.78 -25.50 29.08
C PRO E 913 35.75 -24.48 29.45
N GLU E 914 36.17 -23.34 30.00
CA GLU E 914 35.23 -22.36 30.53
C GLU E 914 34.44 -21.68 29.43
N ASN E 915 34.89 -21.81 28.19
CA ASN E 915 34.07 -21.39 27.07
C ASN E 915 32.87 -22.32 26.88
N TYR E 916 32.96 -23.53 27.41
CA TYR E 916 31.89 -24.49 27.18
C TYR E 916 31.24 -24.92 28.48
N ILE E 917 31.77 -24.46 29.62
CA ILE E 917 31.11 -24.71 30.88
C ILE E 917 29.82 -23.90 30.93
N ASP E 918 28.71 -24.60 31.09
CA ASP E 918 27.42 -23.95 31.17
C ASP E 918 26.67 -24.55 32.36
N PRO E 919 26.37 -23.75 33.38
CA PRO E 919 25.81 -24.31 34.61
C PRO E 919 24.36 -24.75 34.48
N THR E 920 23.74 -24.47 33.33
CA THR E 920 22.39 -24.95 33.10
C THR E 920 22.38 -26.45 32.87
N MET E 921 23.17 -26.94 31.92
CA MET E 921 23.18 -28.35 31.60
C MET E 921 24.54 -28.96 31.90
N ARG E 922 24.58 -29.79 32.95
CA ARG E 922 25.79 -30.46 33.38
C ARG E 922 25.62 -31.95 33.23
N ILE E 923 26.61 -32.61 32.64
CA ILE E 923 26.59 -34.05 32.49
C ILE E 923 26.92 -34.68 33.84
N GLY E 924 26.14 -35.66 34.25
CA GLY E 924 26.28 -36.24 35.57
C GLY E 924 25.42 -35.58 36.63
N GLN E 925 24.25 -35.08 36.26
CA GLN E 925 23.45 -34.26 37.15
C GLN E 925 22.48 -35.13 37.93
N THR E 926 22.34 -34.85 39.21
CA THR E 926 21.36 -35.55 40.03
C THR E 926 19.96 -35.01 39.73
N LYS E 927 18.95 -35.70 40.25
CA LYS E 927 17.60 -35.18 40.13
C LYS E 927 17.32 -34.05 41.10
N MET E 928 18.17 -33.87 42.11
CA MET E 928 18.07 -32.74 43.03
C MET E 928 18.21 -31.42 42.30
N MET E 929 19.31 -31.24 41.56
CA MET E 929 19.49 -30.06 40.73
C MET E 929 18.44 -29.95 39.65
N ASP E 930 17.92 -31.10 39.19
CA ASP E 930 16.86 -31.09 38.19
C ASP E 930 15.60 -30.45 38.73
N THR E 931 15.15 -30.89 39.90
CA THR E 931 13.94 -30.31 40.43
C THR E 931 14.17 -28.89 40.95
N LEU E 932 15.41 -28.53 41.28
CA LEU E 932 15.70 -27.13 41.55
C LEU E 932 15.55 -26.27 40.30
N LEU E 933 16.14 -26.71 39.19
CA LEU E 933 16.04 -25.97 37.93
C LEU E 933 14.60 -25.89 37.47
N GLN E 934 13.84 -26.97 37.63
CA GLN E 934 12.42 -26.92 37.31
C GLN E 934 11.67 -26.00 38.26
N SER E 935 12.12 -25.87 39.50
CA SER E 935 11.49 -24.94 40.42
C SER E 935 11.75 -23.49 40.04
N VAL E 936 12.88 -23.21 39.38
CA VAL E 936 13.16 -21.83 38.99
C VAL E 936 12.97 -21.58 37.50
N SER E 937 12.27 -22.46 36.79
CA SER E 937 12.11 -22.32 35.35
C SER E 937 10.81 -21.59 35.05
N GLN E 938 10.79 -20.28 35.27
CA GLN E 938 9.70 -19.44 34.78
C GLN E 938 10.19 -18.01 34.55
N SER E 939 9.29 -17.12 34.16
CA SER E 939 9.69 -15.77 33.81
C SER E 939 9.74 -14.84 35.01
N GLN E 940 8.61 -14.63 35.67
CA GLN E 940 8.52 -13.70 36.80
C GLN E 940 9.18 -14.34 38.01
N LEU E 941 10.40 -13.91 38.30
CA LEU E 941 11.14 -14.44 39.43
C LEU E 941 11.23 -13.37 40.51
N ASN E 942 10.77 -13.72 41.70
CA ASN E 942 10.95 -12.91 42.88
C ASN E 942 12.02 -13.59 43.73
N ALA E 943 12.61 -12.83 44.65
CA ALA E 943 13.69 -13.39 45.47
C ALA E 943 13.17 -14.45 46.43
N ASP E 944 11.95 -14.26 46.93
CA ASP E 944 11.44 -15.18 47.93
C ASP E 944 10.97 -16.49 47.31
N THR E 945 10.57 -16.45 46.04
CA THR E 945 10.33 -17.67 45.29
C THR E 945 11.60 -18.50 45.17
N VAL E 946 12.72 -17.83 44.86
CA VAL E 946 14.02 -18.46 44.82
C VAL E 946 14.39 -19.03 46.18
N GLU E 947 14.05 -18.30 47.25
CA GLU E 947 14.31 -18.77 48.60
C GLU E 947 13.55 -20.04 48.91
N ASP E 948 12.26 -20.09 48.56
CA ASP E 948 11.45 -21.28 48.83
C ASP E 948 11.91 -22.48 48.01
N ALA E 949 12.30 -22.24 46.76
CA ALA E 949 12.87 -23.31 45.96
C ALA E 949 14.18 -23.81 46.56
N PHE E 950 14.96 -22.90 47.13
CA PHE E 950 16.19 -23.30 47.78
C PHE E 950 15.93 -24.10 49.04
N LYS E 951 14.86 -23.77 49.78
CA LYS E 951 14.53 -24.55 50.98
C LYS E 951 14.08 -25.95 50.59
N SER E 952 13.33 -26.07 49.49
CA SER E 952 12.92 -27.40 49.03
C SER E 952 14.12 -28.24 48.60
N TYR E 953 15.05 -27.63 47.87
CA TYR E 953 16.29 -28.30 47.54
C TYR E 953 17.07 -28.70 48.78
N LEU E 954 17.03 -27.87 49.82
CA LEU E 954 17.76 -28.18 51.02
C LEU E 954 17.17 -29.37 51.75
N THR E 955 15.84 -29.49 51.75
CA THR E 955 15.21 -30.67 52.34
C THR E 955 15.55 -31.93 51.56
N SER E 956 15.52 -31.84 50.23
CA SER E 956 15.90 -32.99 49.41
C SER E 956 17.36 -33.37 49.58
N PHE E 957 18.22 -32.41 49.93
CA PHE E 957 19.60 -32.73 50.26
C PHE E 957 19.73 -33.38 51.62
N GLU E 958 18.93 -32.90 52.59
CA GLU E 958 18.90 -33.48 53.92
C GLU E 958 18.53 -34.95 53.88
N GLN E 959 17.61 -35.31 52.98
CA GLN E 959 17.14 -36.69 52.92
C GLN E 959 18.23 -37.67 52.55
N VAL E 960 19.09 -37.32 51.60
CA VAL E 960 20.15 -38.23 51.21
C VAL E 960 21.47 -37.96 51.91
N ALA E 961 21.55 -36.93 52.75
CA ALA E 961 22.80 -36.76 53.48
C ALA E 961 22.89 -37.66 54.70
N ASN E 962 21.76 -38.16 55.21
CA ASN E 962 21.73 -38.96 56.42
C ASN E 962 21.74 -40.45 56.16
N LEU E 963 22.30 -40.90 55.03
CA LEU E 963 22.12 -42.29 54.66
C LEU E 963 23.03 -43.20 55.45
N GLU E 964 22.50 -44.35 55.84
CA GLU E 964 23.19 -45.35 56.61
C GLU E 964 23.26 -46.63 55.78
N VAL E 965 24.39 -47.33 55.87
CA VAL E 965 24.62 -48.52 55.08
C VAL E 965 24.16 -49.72 55.89
N ILE E 966 23.23 -50.51 55.34
CA ILE E 966 22.87 -51.75 56.02
C ILE E 966 23.92 -52.80 55.75
N SER E 967 24.07 -53.18 54.49
CA SER E 967 25.00 -54.22 54.12
C SER E 967 25.46 -53.95 52.71
N ALA E 968 26.37 -54.80 52.24
CA ALA E 968 27.02 -54.58 50.97
C ALA E 968 27.44 -55.91 50.38
N TYR E 969 27.95 -55.86 49.15
CA TYR E 969 28.39 -57.05 48.44
C TYR E 969 29.51 -56.68 47.51
N HIS E 970 30.59 -57.43 47.55
CA HIS E 970 31.73 -57.20 46.68
C HIS E 970 31.58 -58.05 45.44
N ASP E 971 32.06 -57.54 44.32
CA ASP E 971 31.85 -58.23 43.06
C ASP E 971 32.90 -59.32 42.86
N ASN E 972 34.16 -58.94 42.74
CA ASN E 972 35.23 -59.85 42.37
C ASN E 972 35.57 -60.80 43.52
N VAL E 973 36.35 -61.82 43.21
CA VAL E 973 36.70 -62.83 44.19
C VAL E 973 37.64 -62.26 45.27
N ASN E 974 38.51 -61.33 44.91
CA ASN E 974 39.41 -60.73 45.87
C ASN E 974 39.25 -59.22 45.89
N ASN E 975 39.69 -58.61 46.99
CA ASN E 975 39.27 -57.28 47.36
C ASN E 975 39.89 -56.18 46.53
N ASP E 976 40.87 -56.48 45.70
CA ASP E 976 41.64 -55.41 45.08
C ASP E 976 41.00 -54.95 43.78
N GLN E 977 40.21 -55.81 43.16
CA GLN E 977 39.63 -55.51 41.86
C GLN E 977 38.12 -55.68 41.92
N GLY E 978 37.46 -55.37 40.82
CA GLY E 978 36.02 -55.47 40.76
C GLY E 978 35.32 -54.30 41.41
N LEU E 979 34.00 -54.45 41.55
CA LEU E 979 33.16 -53.39 42.06
C LEU E 979 32.62 -53.76 43.42
N THR E 980 31.81 -52.87 43.98
CA THR E 980 31.20 -53.03 45.28
C THR E 980 29.88 -52.27 45.29
N TYR E 981 28.83 -52.91 45.79
CA TYR E 981 27.51 -52.31 45.82
C TYR E 981 27.09 -52.14 47.27
N PHE E 982 26.65 -50.95 47.63
CA PHE E 982 26.14 -50.70 48.97
C PHE E 982 24.63 -50.64 48.95
N ILE E 983 24.01 -50.76 50.12
CA ILE E 983 22.58 -50.65 50.28
C ILE E 983 22.31 -49.62 51.37
N GLY E 984 21.60 -48.55 51.03
CA GLY E 984 21.41 -47.45 51.93
C GLY E 984 20.13 -47.51 52.74
N ASN E 985 20.17 -46.92 53.92
CA ASN E 985 19.03 -46.81 54.81
C ASN E 985 18.79 -45.33 55.02
N SER E 986 17.54 -44.94 55.22
CA SER E 986 17.27 -43.60 55.68
C SER E 986 16.95 -43.63 57.16
N LYS E 987 16.82 -42.46 57.77
CA LYS E 987 16.31 -42.39 59.13
C LYS E 987 14.83 -41.98 59.02
N THR E 988 14.05 -42.83 58.38
CA THR E 988 12.60 -42.65 58.29
C THR E 988 11.95 -44.00 58.50
N GLU E 989 10.63 -43.99 58.60
CA GLU E 989 9.84 -45.21 58.47
C GLU E 989 9.67 -45.46 56.97
N VAL E 990 8.74 -46.36 56.62
CA VAL E 990 8.93 -47.48 55.70
C VAL E 990 9.86 -47.11 54.56
N ASN E 991 10.95 -47.85 54.45
CA ASN E 991 12.16 -47.22 53.99
C ASN E 991 12.21 -47.13 52.48
N GLN E 992 12.93 -46.15 52.00
CA GLN E 992 13.24 -46.01 50.60
C GLN E 992 14.71 -46.34 50.43
N TYR E 993 15.00 -47.63 50.29
CA TYR E 993 16.36 -48.15 50.28
C TYR E 993 17.10 -47.64 49.06
N TYR E 994 18.34 -47.27 49.24
CA TYR E 994 19.15 -46.69 48.19
C TYR E 994 20.35 -47.58 47.94
N TRP E 995 20.91 -47.48 46.76
CA TRP E 995 22.10 -48.24 46.46
C TRP E 995 23.05 -47.40 45.62
N ARG E 996 24.34 -47.64 45.80
CA ARG E 996 25.35 -46.98 45.01
C ARG E 996 26.46 -47.98 44.74
N SER E 997 27.31 -47.63 43.80
CA SER E 997 28.38 -48.52 43.41
C SER E 997 29.70 -47.78 43.51
N VAL E 998 30.77 -48.54 43.60
CA VAL E 998 32.10 -47.98 43.68
C VAL E 998 33.07 -49.00 43.10
N ASP E 999 34.12 -48.52 42.44
CA ASP E 999 35.09 -49.38 41.81
C ASP E 999 36.32 -49.50 42.68
N HIS E 1000 37.02 -50.62 42.57
CA HIS E 1000 38.29 -50.79 43.24
C HIS E 1000 39.47 -50.62 42.30
N SER E 1001 39.22 -50.53 40.99
CA SER E 1001 40.34 -50.37 40.07
C SER E 1001 40.87 -48.95 40.07
N LYS E 1002 40.01 -47.96 40.33
CA LYS E 1002 40.47 -46.58 40.38
C LYS E 1002 41.07 -46.21 41.72
N PHE E 1003 41.35 -47.16 42.59
CA PHE E 1003 42.02 -46.87 43.85
C PHE E 1003 43.50 -46.62 43.62
N ASN E 1004 44.02 -45.58 44.26
CA ASN E 1004 45.45 -45.30 44.32
C ASN E 1004 45.71 -44.32 45.46
N ASP E 1005 46.87 -44.51 46.09
CA ASP E 1005 47.42 -43.60 47.11
C ASP E 1005 46.49 -43.44 48.31
N GLY E 1006 45.97 -44.55 48.80
CA GLY E 1006 45.23 -44.52 50.04
C GLY E 1006 43.85 -43.91 50.00
N LYS E 1007 43.31 -43.62 48.81
CA LYS E 1007 42.01 -42.99 48.72
C LYS E 1007 41.40 -43.20 47.34
N PHE E 1008 40.12 -43.58 47.32
CA PHE E 1008 39.34 -43.53 46.09
C PHE E 1008 39.28 -42.12 45.55
N ALA E 1009 39.62 -41.97 44.28
CA ALA E 1009 39.32 -40.73 43.60
C ALA E 1009 37.81 -40.60 43.43
N ALA E 1010 37.31 -39.36 43.43
CA ALA E 1010 35.88 -39.14 43.58
C ALA E 1010 35.07 -39.57 42.37
N ASN E 1011 35.71 -39.83 41.25
CA ASN E 1011 35.00 -40.41 40.11
C ASN E 1011 34.82 -41.91 40.21
N ALA E 1012 35.47 -42.55 41.19
CA ALA E 1012 35.27 -43.99 41.34
C ALA E 1012 33.94 -44.28 42.02
N TRP E 1013 33.39 -43.32 42.72
CA TRP E 1013 32.09 -43.50 43.32
C TRP E 1013 31.00 -43.35 42.29
N SER E 1014 29.77 -43.57 42.72
CA SER E 1014 28.60 -43.37 41.90
C SER E 1014 27.53 -42.67 42.72
N GLU E 1015 26.50 -42.25 42.03
CA GLU E 1015 25.37 -41.59 42.68
C GLU E 1015 24.52 -42.62 43.38
N TRP E 1016 23.77 -42.16 44.38
CA TRP E 1016 22.76 -43.03 44.97
C TRP E 1016 21.62 -43.19 43.99
N HIS E 1017 21.02 -44.36 43.97
CA HIS E 1017 19.84 -44.60 43.15
C HIS E 1017 18.74 -45.13 44.05
N LYS E 1018 17.50 -44.86 43.67
CA LYS E 1018 16.36 -45.22 44.49
C LYS E 1018 15.84 -46.59 44.09
N ILE E 1019 15.34 -47.34 45.07
CA ILE E 1019 14.74 -48.64 44.82
C ILE E 1019 13.24 -48.49 44.99
N ASP E 1020 12.48 -49.05 44.06
CA ASP E 1020 11.06 -48.76 43.98
C ASP E 1020 10.17 -49.87 44.53
N CYS E 1021 10.61 -51.12 44.49
CA CYS E 1021 9.78 -52.22 44.95
C CYS E 1021 9.63 -52.14 46.46
N ALA E 1022 8.44 -52.51 46.94
CA ALA E 1022 8.13 -52.40 48.35
C ALA E 1022 8.89 -53.48 49.12
N ILE E 1023 9.82 -53.04 49.96
CA ILE E 1023 10.68 -53.94 50.70
C ILE E 1023 10.45 -53.71 52.18
N ASN E 1024 10.24 -54.79 52.93
CA ASN E 1024 10.04 -54.73 54.37
C ASN E 1024 10.80 -55.88 55.00
N PRO E 1025 12.08 -55.69 55.30
CA PRO E 1025 12.86 -56.77 55.90
C PRO E 1025 12.53 -56.93 57.36
N TYR E 1026 13.13 -57.97 57.94
CA TYR E 1026 13.09 -58.18 59.37
C TYR E 1026 14.49 -58.05 59.94
N GLN E 1027 14.63 -57.17 60.94
CA GLN E 1027 15.91 -56.83 61.59
C GLN E 1027 16.94 -56.31 60.60
N SER E 1028 16.46 -55.70 59.51
CA SER E 1028 17.28 -55.26 58.37
C SER E 1028 18.20 -56.37 57.88
N THR E 1029 17.60 -57.45 57.43
CA THR E 1029 18.34 -58.60 56.92
C THR E 1029 18.15 -58.63 55.42
N ILE E 1030 19.09 -58.04 54.70
CA ILE E 1030 18.98 -57.87 53.26
C ILE E 1030 20.37 -57.72 52.67
N ARG E 1031 20.64 -58.44 51.60
CA ARG E 1031 21.91 -58.31 50.94
C ARG E 1031 21.70 -58.21 49.44
N PRO E 1032 22.48 -57.41 48.75
CA PRO E 1032 22.49 -57.47 47.30
C PRO E 1032 23.39 -58.60 46.86
N VAL E 1033 23.22 -58.98 45.59
CA VAL E 1033 24.03 -60.02 45.00
C VAL E 1033 24.00 -59.83 43.49
N ILE E 1034 25.09 -60.20 42.84
CA ILE E 1034 25.21 -60.05 41.40
C ILE E 1034 25.15 -61.44 40.80
N TYR E 1035 23.96 -61.84 40.38
CA TYR E 1035 23.76 -63.13 39.76
C TYR E 1035 23.53 -62.93 38.29
N LYS E 1036 24.38 -63.55 37.46
CA LYS E 1036 24.37 -63.41 36.01
C LYS E 1036 24.50 -61.95 35.58
N SER E 1037 25.39 -61.23 36.26
CA SER E 1037 25.75 -59.83 35.98
C SER E 1037 24.53 -58.90 36.04
N ARG E 1038 23.57 -59.25 36.88
CA ARG E 1038 22.40 -58.41 37.11
C ARG E 1038 22.24 -58.26 38.61
N LEU E 1039 21.95 -57.05 39.05
CA LEU E 1039 21.79 -56.77 40.47
C LEU E 1039 20.54 -57.45 41.00
N TYR E 1040 20.68 -58.29 42.02
CA TYR E 1040 19.52 -58.88 42.68
C TYR E 1040 19.53 -58.46 44.14
N LEU E 1041 18.37 -58.09 44.65
CA LEU E 1041 18.18 -57.88 46.07
C LEU E 1041 17.48 -59.09 46.64
N ILE E 1042 17.99 -59.61 47.75
CA ILE E 1042 17.39 -60.73 48.43
C ILE E 1042 17.24 -60.38 49.89
N TRP E 1043 16.07 -60.68 50.46
CA TRP E 1043 15.86 -60.34 51.86
C TRP E 1043 14.94 -61.34 52.51
N LEU E 1044 14.91 -61.30 53.83
CA LEU E 1044 14.06 -62.16 54.61
C LEU E 1044 12.87 -61.34 55.09
N GLU E 1045 11.71 -61.96 55.19
CA GLU E 1045 10.51 -61.25 55.59
C GLU E 1045 9.65 -62.14 56.47
N GLN E 1046 9.06 -61.54 57.50
CA GLN E 1046 8.43 -62.28 58.58
C GLN E 1046 6.97 -61.89 58.74
N LYS E 1047 6.10 -62.88 58.73
CA LYS E 1047 4.67 -62.67 58.95
C LYS E 1047 4.27 -63.40 60.21
N GLU E 1048 3.48 -62.73 61.05
CA GLU E 1048 2.93 -63.35 62.24
C GLU E 1048 1.65 -64.08 61.88
N THR E 1049 1.49 -65.28 62.40
CA THR E 1049 0.27 -66.05 62.28
C THR E 1049 -0.27 -66.38 63.67
N ALA E 1050 -1.28 -67.23 63.72
CA ALA E 1050 -1.84 -67.71 64.97
C ALA E 1050 -2.47 -69.07 64.75
N LYS E 1051 -1.83 -70.11 65.26
CA LYS E 1051 -2.43 -71.43 65.28
C LYS E 1051 -3.41 -71.51 66.45
N GLN E 1052 -4.31 -72.49 66.39
CA GLN E 1052 -5.17 -72.78 67.52
C GLN E 1052 -4.53 -73.89 68.36
N LYS E 1053 -4.11 -73.53 69.56
CA LYS E 1053 -3.50 -74.44 70.51
C LYS E 1053 -4.56 -75.11 71.38
N GLU E 1054 -5.83 -74.98 71.04
CA GLU E 1054 -6.88 -74.91 72.04
C GLU E 1054 -7.11 -76.24 72.73
N ASP E 1055 -6.40 -76.42 73.83
CA ASP E 1055 -7.06 -76.86 75.03
C ASP E 1055 -7.88 -75.72 75.61
N ASN E 1056 -7.27 -74.54 75.76
CA ASN E 1056 -7.98 -73.32 76.10
C ASN E 1056 -7.75 -72.23 75.06
N LYS E 1057 -6.51 -71.95 74.73
CA LYS E 1057 -6.16 -70.66 74.15
C LYS E 1057 -5.75 -70.79 72.69
N VAL E 1058 -5.38 -69.65 72.13
CA VAL E 1058 -4.95 -69.51 70.74
C VAL E 1058 -3.51 -69.05 70.74
N THR E 1059 -2.62 -69.89 70.22
CA THR E 1059 -1.20 -69.55 70.25
C THR E 1059 -0.86 -68.64 69.09
N THR E 1060 0.33 -68.06 69.16
CA THR E 1060 0.82 -67.11 68.17
C THR E 1060 2.09 -67.66 67.56
N ASP E 1061 2.14 -67.72 66.24
CA ASP E 1061 3.30 -68.25 65.54
C ASP E 1061 3.78 -67.27 64.49
N TYR E 1062 5.04 -67.39 64.15
CA TYR E 1062 5.64 -66.64 63.05
C TYR E 1062 6.05 -67.61 61.97
N HIS E 1063 5.94 -67.19 60.72
CA HIS E 1063 6.55 -67.94 59.65
C HIS E 1063 7.38 -66.98 58.80
N TYR E 1064 8.47 -67.50 58.27
CA TYR E 1064 9.46 -66.71 57.57
C TYR E 1064 9.39 -67.04 56.09
N GLU E 1065 9.49 -66.02 55.26
CA GLU E 1065 9.47 -66.22 53.83
C GLU E 1065 10.64 -65.48 53.22
N LEU E 1066 11.05 -65.94 52.05
CA LEU E 1066 12.22 -65.40 51.37
C LEU E 1066 11.76 -64.71 50.10
N LYS E 1067 12.34 -63.55 49.81
CA LYS E 1067 11.99 -62.79 48.63
C LYS E 1067 13.23 -62.57 47.79
N LEU E 1068 13.03 -62.40 46.49
CA LEU E 1068 14.13 -62.17 45.56
C LEU E 1068 13.62 -61.32 44.42
N ALA E 1069 14.25 -60.18 44.19
CA ALA E 1069 13.82 -59.24 43.18
C ALA E 1069 15.03 -58.66 42.46
N HIS E 1070 14.87 -58.41 41.17
CA HIS E 1070 15.98 -57.98 40.35
C HIS E 1070 15.62 -56.77 39.52
N ILE E 1071 16.64 -56.04 39.14
CA ILE E 1071 16.47 -54.81 38.37
C ILE E 1071 16.25 -55.20 36.92
N ARG E 1072 15.60 -54.32 36.17
CA ARG E 1072 15.49 -54.46 34.73
C ARG E 1072 16.53 -53.57 34.08
N TYR E 1073 16.46 -53.47 32.74
CA TYR E 1073 17.46 -52.70 32.03
C TYR E 1073 17.28 -51.21 32.21
N ASP E 1074 16.06 -50.72 32.07
CA ASP E 1074 15.83 -49.28 32.17
C ASP E 1074 16.00 -48.75 33.59
N GLY E 1075 15.92 -49.60 34.59
CA GLY E 1075 16.09 -49.18 35.96
C GLY E 1075 14.90 -49.45 36.84
N THR E 1076 13.92 -50.22 36.38
CA THR E 1076 12.79 -50.55 37.22
C THR E 1076 12.98 -51.93 37.84
N TRP E 1077 12.15 -52.22 38.83
CA TRP E 1077 12.32 -53.40 39.66
C TRP E 1077 11.20 -54.37 39.40
N ASN E 1078 11.54 -55.64 39.35
CA ASN E 1078 10.56 -56.67 39.06
C ASN E 1078 9.72 -56.95 40.30
N VAL E 1079 8.62 -57.67 40.09
CA VAL E 1079 7.84 -58.18 41.21
C VAL E 1079 8.63 -59.30 41.89
N PRO E 1080 8.78 -59.29 43.21
CA PRO E 1080 9.62 -60.29 43.88
C PRO E 1080 9.02 -61.68 43.85
N ILE E 1081 9.89 -62.67 44.00
CA ILE E 1081 9.53 -64.08 43.95
C ILE E 1081 9.40 -64.59 45.37
N THR E 1082 8.37 -65.39 45.62
CA THR E 1082 8.10 -65.92 46.94
C THR E 1082 8.85 -67.23 47.11
N PHE E 1083 9.39 -67.45 48.31
CA PHE E 1083 9.86 -68.76 48.73
C PHE E 1083 9.53 -68.96 50.20
N ASP E 1084 9.02 -70.15 50.51
CA ASP E 1084 8.67 -70.49 51.88
C ASP E 1084 9.88 -71.17 52.49
N VAL E 1085 10.41 -70.59 53.57
CA VAL E 1085 11.61 -71.10 54.22
C VAL E 1085 11.40 -71.31 55.71
N ASP E 1086 10.16 -71.45 56.17
CA ASP E 1086 9.90 -71.60 57.60
C ASP E 1086 10.46 -72.91 58.12
N GLU E 1087 10.51 -73.93 57.27
CA GLU E 1087 11.12 -75.20 57.64
C GLU E 1087 12.59 -75.05 58.01
N LYS E 1088 13.36 -74.34 57.18
CA LYS E 1088 14.78 -74.25 57.42
C LYS E 1088 15.12 -73.28 58.53
N ILE E 1089 14.34 -72.21 58.68
CA ILE E 1089 14.57 -71.31 59.80
C ILE E 1089 14.16 -71.96 61.10
N LEU E 1090 13.12 -72.79 61.06
CA LEU E 1090 12.76 -73.57 62.22
C LEU E 1090 13.79 -74.66 62.51
N ALA E 1091 14.52 -75.10 61.48
CA ALA E 1091 15.60 -76.06 61.69
C ALA E 1091 16.75 -75.43 62.47
N LEU E 1092 17.09 -74.19 62.16
CA LEU E 1092 18.06 -73.47 62.98
C LEU E 1092 17.45 -73.15 64.34
N GLU E 1093 18.26 -73.22 65.37
CA GLU E 1093 17.78 -73.08 66.74
C GLU E 1093 17.93 -71.62 67.14
N LEU E 1094 16.85 -70.86 67.04
CA LEU E 1094 16.88 -69.42 67.13
C LEU E 1094 15.99 -68.93 68.25
N THR E 1095 16.48 -67.98 69.03
CA THR E 1095 15.61 -67.27 69.95
C THR E 1095 14.80 -66.22 69.20
N LYS E 1096 13.82 -65.66 69.89
CA LYS E 1096 13.07 -64.56 69.31
C LYS E 1096 13.91 -63.29 69.32
N SER E 1097 13.54 -62.35 68.44
CA SER E 1097 14.15 -61.03 68.29
C SER E 1097 15.63 -61.11 67.91
N GLN E 1098 16.03 -62.19 67.24
CA GLN E 1098 17.37 -62.32 66.71
C GLN E 1098 17.29 -62.91 65.32
N ALA E 1099 17.68 -62.14 64.33
CA ALA E 1099 17.62 -62.60 62.95
C ALA E 1099 18.71 -63.61 62.70
N PRO E 1100 18.44 -64.65 61.91
CA PRO E 1100 19.51 -65.54 61.50
C PRO E 1100 20.40 -64.85 60.50
N GLY E 1101 21.66 -65.28 60.49
CA GLY E 1101 22.58 -64.77 59.50
C GLY E 1101 22.22 -65.25 58.11
N LEU E 1102 22.62 -64.47 57.12
CA LEU E 1102 22.31 -64.75 55.74
C LEU E 1102 23.58 -64.64 54.91
N TYR E 1103 23.86 -65.67 54.12
CA TYR E 1103 25.03 -65.68 53.26
C TYR E 1103 24.56 -65.96 51.85
N CYS E 1104 25.10 -65.20 50.89
CA CYS E 1104 24.57 -65.19 49.53
C CYS E 1104 25.67 -64.80 48.58
N ALA E 1105 25.99 -65.68 47.63
CA ALA E 1105 27.13 -65.40 46.75
C ALA E 1105 26.88 -65.97 45.37
N GLY E 1106 27.50 -65.35 44.38
CA GLY E 1106 27.47 -65.86 43.02
C GLY E 1106 28.55 -66.91 42.80
N TYR E 1107 28.48 -67.56 41.64
CA TYR E 1107 29.32 -68.72 41.35
C TYR E 1107 29.33 -68.94 39.85
N GLN E 1108 30.50 -68.71 39.23
CA GLN E 1108 30.60 -68.59 37.77
C GLN E 1108 30.51 -69.91 37.02
N GLY E 1109 31.47 -70.79 37.24
CA GLY E 1109 31.30 -72.16 36.79
C GLY E 1109 30.15 -72.78 37.56
N GLU E 1110 29.25 -73.44 36.83
CA GLU E 1110 27.97 -73.95 37.33
C GLU E 1110 27.14 -72.80 37.92
N ASP E 1111 26.69 -71.92 37.01
CA ASP E 1111 25.94 -70.71 37.37
C ASP E 1111 24.70 -71.03 38.18
N THR E 1112 24.75 -70.64 39.45
CA THR E 1112 23.80 -71.05 40.47
C THR E 1112 23.97 -70.12 41.65
N LEU E 1113 22.86 -69.52 42.08
CA LEU E 1113 22.88 -68.53 43.14
C LEU E 1113 22.95 -69.23 44.49
N LEU E 1114 24.08 -69.12 45.17
CA LEU E 1114 24.29 -69.76 46.47
C LEU E 1114 23.54 -68.97 47.53
N ILE E 1115 23.00 -69.69 48.51
CA ILE E 1115 22.41 -69.08 49.68
C ILE E 1115 22.55 -70.03 50.86
N MET E 1116 22.99 -69.49 52.00
CA MET E 1116 23.14 -70.28 53.21
C MET E 1116 22.60 -69.49 54.39
N PHE E 1117 21.83 -70.16 55.24
CA PHE E 1117 21.38 -69.59 56.49
C PHE E 1117 22.24 -70.13 57.62
N TYR E 1118 22.41 -69.33 58.67
CA TYR E 1118 23.26 -69.71 59.77
C TYR E 1118 22.88 -68.90 61.00
N ARG E 1119 22.95 -69.54 62.15
CA ARG E 1119 22.81 -68.85 63.41
C ARG E 1119 24.04 -67.99 63.62
N LYS E 1120 23.87 -66.82 64.22
CA LYS E 1120 25.03 -65.97 64.47
C LYS E 1120 25.76 -66.42 65.73
N LYS E 1121 27.06 -66.61 65.60
CA LYS E 1121 27.92 -66.97 66.73
C LYS E 1121 28.77 -65.76 67.07
N GLU E 1122 29.69 -65.93 68.03
CA GLU E 1122 30.58 -64.81 68.37
C GLU E 1122 31.90 -64.91 67.63
N LYS E 1123 32.31 -66.13 67.29
CA LYS E 1123 33.62 -66.35 66.71
C LYS E 1123 33.47 -66.93 65.30
N LEU E 1124 34.35 -66.48 64.41
CA LEU E 1124 34.38 -66.99 63.04
C LEU E 1124 34.66 -68.48 62.99
N ASP E 1125 35.54 -68.98 63.86
CA ASP E 1125 35.93 -70.38 63.82
C ASP E 1125 34.83 -71.30 64.35
N ASP E 1126 33.85 -70.75 65.05
CA ASP E 1126 32.68 -71.51 65.45
C ASP E 1126 31.83 -71.93 64.26
N TYR E 1127 31.89 -71.18 63.14
CA TYR E 1127 31.09 -71.49 61.98
C TYR E 1127 31.64 -72.65 61.17
N LYS E 1128 32.86 -73.12 61.47
CA LYS E 1128 33.36 -74.33 60.85
C LYS E 1128 32.60 -75.54 61.34
N THR E 1129 32.04 -75.46 62.55
CA THR E 1129 31.33 -76.56 63.17
C THR E 1129 29.81 -76.39 63.13
N ALA E 1130 29.32 -75.21 62.81
CA ALA E 1130 27.89 -74.98 62.84
C ALA E 1130 27.21 -75.66 61.66
N PRO E 1131 26.16 -76.45 61.90
CA PRO E 1131 25.41 -77.05 60.80
C PRO E 1131 24.67 -75.98 60.01
N MET E 1132 24.40 -76.28 58.76
CA MET E 1132 24.01 -75.27 57.80
C MET E 1132 22.65 -75.55 57.22
N GLN E 1133 21.91 -74.49 56.95
CA GLN E 1133 20.68 -74.55 56.20
C GLN E 1133 20.87 -73.66 54.98
N GLY E 1134 20.49 -74.15 53.82
CA GLY E 1134 20.63 -73.35 52.62
C GLY E 1134 20.26 -74.16 51.40
N PHE E 1135 20.16 -73.48 50.27
CA PHE E 1135 19.82 -74.18 49.04
C PHE E 1135 20.46 -73.48 47.86
N TYR E 1136 19.99 -73.86 46.68
CA TYR E 1136 20.55 -73.37 45.43
C TYR E 1136 19.42 -72.75 44.63
N ILE E 1137 19.76 -71.79 43.79
CA ILE E 1137 18.79 -71.19 42.89
C ILE E 1137 19.37 -71.25 41.49
N PHE E 1138 18.63 -71.88 40.59
CA PHE E 1138 19.08 -72.06 39.23
C PHE E 1138 18.58 -70.91 38.37
N SER E 1139 18.70 -71.08 37.05
CA SER E 1139 18.26 -70.02 36.14
C SER E 1139 16.75 -69.91 36.08
N ASP E 1140 16.03 -70.94 36.47
CA ASP E 1140 14.58 -70.93 36.40
C ASP E 1140 13.92 -70.47 37.70
N MET E 1141 14.70 -69.95 38.64
CA MET E 1141 14.29 -69.65 40.02
C MET E 1141 13.67 -70.87 40.71
N SER E 1142 14.16 -72.06 40.40
CA SER E 1142 13.78 -73.24 41.13
C SER E 1142 14.81 -73.56 42.19
N SER E 1143 14.36 -74.13 43.29
CA SER E 1143 15.22 -74.41 44.43
C SER E 1143 15.75 -75.83 44.33
N LYS E 1144 16.86 -76.09 45.02
CA LYS E 1144 17.31 -77.43 45.32
C LYS E 1144 18.08 -77.36 46.63
N ASP E 1145 17.66 -78.15 47.61
CA ASP E 1145 18.22 -78.03 48.95
C ASP E 1145 19.62 -78.62 49.01
N MET E 1146 20.39 -78.11 49.96
CA MET E 1146 21.77 -78.55 50.11
C MET E 1146 21.85 -79.86 50.87
N THR E 1147 22.56 -80.82 50.31
CA THR E 1147 23.01 -81.94 51.10
C THR E 1147 24.27 -81.53 51.85
N ASN E 1148 24.38 -81.98 53.09
CA ASN E 1148 25.37 -81.41 54.00
C ASN E 1148 26.77 -81.85 53.64
N GLU E 1149 26.91 -83.01 53.00
CA GLU E 1149 28.21 -83.42 52.48
C GLU E 1149 28.65 -82.53 51.31
N GLN E 1150 27.69 -81.95 50.60
CA GLN E 1150 28.01 -80.98 49.56
C GLN E 1150 28.28 -79.62 50.16
N CYS E 1151 27.53 -79.26 51.21
CA CYS E 1151 27.67 -77.97 51.88
C CYS E 1151 28.95 -77.89 52.71
N ASN E 1152 29.56 -79.02 53.04
CA ASN E 1152 30.81 -79.02 53.79
C ASN E 1152 31.93 -78.35 53.02
N SER E 1153 31.98 -78.54 51.70
CA SER E 1153 33.00 -77.90 50.88
C SER E 1153 32.83 -76.39 50.88
N TYR E 1154 31.59 -75.92 50.72
CA TYR E 1154 31.32 -74.49 50.74
C TYR E 1154 31.57 -73.87 52.10
N ARG E 1155 31.25 -74.60 53.17
CA ARG E 1155 31.51 -74.11 54.52
C ARG E 1155 33.00 -74.04 54.81
N ASP E 1156 33.76 -75.04 54.35
CA ASP E 1156 35.20 -75.03 54.57
C ASP E 1156 35.90 -74.01 53.68
N ASN E 1157 35.31 -73.65 52.54
CA ASN E 1157 35.94 -72.67 51.67
C ASN E 1157 35.60 -71.24 52.10
N GLY E 1158 34.39 -71.01 52.58
CA GLY E 1158 33.99 -69.64 52.86
C GLY E 1158 33.61 -69.36 54.29
N TYR E 1159 34.29 -69.98 55.25
CA TYR E 1159 33.94 -69.75 56.64
C TYR E 1159 34.36 -68.38 57.14
N THR E 1160 35.29 -67.71 56.47
CA THR E 1160 35.77 -66.43 56.95
C THR E 1160 34.83 -65.28 56.64
N HIS E 1161 33.89 -65.46 55.72
CA HIS E 1161 33.02 -64.37 55.33
C HIS E 1161 31.78 -64.27 56.19
N PHE E 1162 31.62 -65.16 57.16
CA PHE E 1162 30.43 -65.11 58.01
C PHE E 1162 30.54 -63.99 59.02
N ASP E 1163 29.43 -63.74 59.71
CA ASP E 1163 29.33 -62.58 60.57
C ASP E 1163 29.25 -63.01 62.02
N THR E 1164 29.78 -62.16 62.91
CA THR E 1164 29.70 -62.46 64.33
C THR E 1164 28.33 -62.09 64.87
N ASN E 1165 28.16 -62.22 66.18
CA ASN E 1165 26.97 -61.70 66.82
C ASN E 1165 27.00 -60.17 66.78
N SER E 1166 26.20 -59.63 65.87
CA SER E 1166 26.27 -58.22 65.50
C SER E 1166 25.30 -57.42 66.35
N ASP E 1167 25.81 -56.90 67.46
CA ASP E 1167 25.21 -55.81 68.19
C ASP E 1167 25.80 -54.51 67.62
N THR E 1168 25.49 -53.37 68.24
CA THR E 1168 26.22 -52.17 67.89
C THR E 1168 27.65 -52.27 68.41
N ASN E 1169 28.57 -51.70 67.63
CA ASN E 1169 30.02 -51.89 67.79
C ASN E 1169 30.39 -53.37 67.85
N SER E 1170 29.83 -54.13 66.92
CA SER E 1170 30.20 -55.52 66.67
C SER E 1170 30.49 -55.66 65.18
N VAL E 1171 30.75 -56.89 64.74
CA VAL E 1171 31.40 -57.10 63.45
C VAL E 1171 30.39 -57.61 62.43
N ILE E 1172 30.20 -56.83 61.38
CA ILE E 1172 29.46 -57.26 60.20
C ILE E 1172 30.40 -57.18 59.02
N ARG E 1173 30.31 -58.15 58.12
CA ARG E 1173 31.27 -58.28 57.04
C ARG E 1173 30.56 -58.22 55.70
N ILE E 1174 31.36 -58.34 54.65
CA ILE E 1174 30.89 -58.24 53.29
C ILE E 1174 31.09 -59.60 52.64
N ASN E 1175 30.51 -59.81 51.47
CA ASN E 1175 30.64 -61.08 50.78
C ASN E 1175 31.29 -60.88 49.42
N ASN E 1176 32.23 -61.75 49.10
CA ASN E 1176 32.79 -61.84 47.76
C ASN E 1176 31.95 -62.80 46.96
N ARG E 1177 32.25 -62.91 45.68
CA ARG E 1177 31.65 -63.99 44.91
C ARG E 1177 32.35 -65.29 45.30
N TYR E 1178 31.65 -66.40 45.16
CA TYR E 1178 32.24 -67.65 45.63
C TYR E 1178 33.15 -68.25 44.59
N ALA E 1179 34.34 -68.65 45.03
CA ALA E 1179 35.21 -69.52 44.26
C ALA E 1179 36.12 -70.23 45.24
N GLU E 1180 36.61 -71.39 44.80
CA GLU E 1180 37.66 -72.10 45.51
C GLU E 1180 38.99 -71.63 44.97
N ASP E 1181 40.03 -72.45 45.17
CA ASP E 1181 41.45 -72.08 45.05
C ASP E 1181 41.78 -71.47 43.69
N TYR E 1182 41.11 -71.83 42.61
CA TYR E 1182 41.32 -71.14 41.34
C TYR E 1182 40.00 -70.90 40.63
N GLU E 1183 39.95 -69.82 39.85
CA GLU E 1183 38.75 -69.40 39.14
C GLU E 1183 39.08 -69.31 37.67
N ILE E 1184 38.56 -70.24 36.88
CA ILE E 1184 38.90 -70.37 35.46
C ILE E 1184 37.62 -70.40 34.64
N PRO E 1185 37.53 -69.63 33.56
CA PRO E 1185 36.37 -69.74 32.66
C PRO E 1185 36.35 -71.08 31.94
N SER E 1186 35.17 -71.44 31.46
CA SER E 1186 35.00 -72.76 30.86
C SER E 1186 35.29 -72.76 29.36
N LEU E 1187 34.80 -71.76 28.64
CA LEU E 1187 34.90 -71.77 27.19
C LEU E 1187 35.24 -70.38 26.70
N ILE E 1188 36.04 -70.32 25.64
CA ILE E 1188 36.32 -69.09 24.92
C ILE E 1188 35.84 -69.29 23.48
N ASN E 1189 35.17 -68.28 22.93
CA ASN E 1189 34.83 -68.33 21.53
C ASN E 1189 35.30 -67.08 20.79
N HIS E 1190 35.23 -65.93 21.45
CA HIS E 1190 35.68 -64.69 20.86
C HIS E 1190 37.19 -64.65 20.79
N SER E 1191 37.69 -64.16 19.66
CA SER E 1191 39.12 -64.07 19.40
C SER E 1191 39.70 -62.87 20.12
N ASN E 1192 40.97 -62.97 20.52
CA ASN E 1192 41.61 -61.83 21.15
C ASN E 1192 42.40 -61.03 20.12
N SER E 1193 43.04 -61.73 19.19
CA SER E 1193 43.53 -61.14 17.96
C SER E 1193 43.66 -62.22 16.92
N HIS E 1194 43.50 -61.84 15.66
CA HIS E 1194 43.79 -62.74 14.56
C HIS E 1194 44.39 -61.92 13.44
N ASP E 1195 44.76 -62.60 12.37
CA ASP E 1195 45.51 -61.94 11.32
C ASP E 1195 45.36 -62.72 10.02
N TRP E 1196 45.44 -62.00 8.91
CA TRP E 1196 45.50 -62.61 7.60
C TRP E 1196 46.86 -63.27 7.41
N GLY E 1197 46.92 -64.22 6.49
CA GLY E 1197 48.16 -64.84 6.11
C GLY E 1197 48.91 -64.01 5.09
N GLU E 1198 49.78 -64.69 4.36
CA GLU E 1198 50.48 -64.02 3.26
C GLU E 1198 49.59 -64.05 2.02
N TYR E 1199 49.65 -62.96 1.24
CA TYR E 1199 48.91 -62.68 0.02
C TYR E 1199 47.40 -62.55 0.22
N ASN E 1200 46.91 -62.56 1.48
CA ASN E 1200 45.50 -62.42 1.83
C ASN E 1200 44.63 -63.50 1.16
N LEU E 1201 45.16 -64.72 1.09
CA LEU E 1201 44.45 -65.77 0.39
C LEU E 1201 43.58 -66.59 1.33
N SER E 1202 44.03 -66.81 2.56
CA SER E 1202 43.26 -67.57 3.53
C SER E 1202 43.69 -67.12 4.91
N GLN E 1203 43.00 -67.65 5.92
CA GLN E 1203 43.23 -67.23 7.29
C GLN E 1203 42.70 -68.32 8.21
N VAL E 1204 43.21 -68.32 9.44
CA VAL E 1204 42.80 -69.26 10.46
C VAL E 1204 41.85 -68.54 11.40
N TYR E 1205 40.61 -68.99 11.48
CA TYR E 1205 39.59 -68.22 12.15
C TYR E 1205 38.47 -69.12 12.63
N GLY E 1206 37.87 -68.76 13.75
CA GLY E 1206 36.74 -69.50 14.28
C GLY E 1206 37.08 -70.59 15.27
N GLY E 1207 38.26 -70.54 15.89
CA GLY E 1207 38.64 -71.56 16.84
C GLY E 1207 38.04 -71.31 18.21
N ASN E 1208 38.14 -72.33 19.06
CA ASN E 1208 37.54 -72.28 20.39
C ASN E 1208 38.26 -73.27 21.29
N ILE E 1209 38.25 -72.97 22.59
CA ILE E 1209 38.85 -73.83 23.61
C ILE E 1209 37.83 -74.07 24.71
N VAL E 1210 37.51 -75.33 24.96
CA VAL E 1210 36.84 -75.73 26.19
C VAL E 1210 37.91 -76.08 27.23
N ILE E 1211 37.65 -75.75 28.48
CA ILE E 1211 38.63 -75.91 29.56
C ILE E 1211 38.04 -76.79 30.64
N ASN E 1212 38.79 -77.81 31.04
CA ASN E 1212 38.46 -78.58 32.23
C ASN E 1212 39.66 -78.54 33.16
N TYR E 1213 39.44 -78.01 34.36
CA TYR E 1213 40.51 -77.86 35.32
C TYR E 1213 40.24 -78.75 36.52
N LYS E 1214 41.31 -79.28 37.09
CA LYS E 1214 41.23 -80.05 38.33
C LYS E 1214 42.11 -79.35 39.37
N VAL E 1215 41.59 -79.20 40.58
CA VAL E 1215 42.23 -78.42 41.63
C VAL E 1215 42.88 -79.38 42.60
N THR E 1216 44.19 -79.26 42.75
CA THR E 1216 44.93 -79.97 43.80
C THR E 1216 46.14 -79.13 44.18
N SER E 1217 46.77 -79.52 45.28
CA SER E 1217 47.69 -78.61 45.96
C SER E 1217 49.04 -78.53 45.26
N ASN E 1218 49.62 -77.32 45.28
CA ASN E 1218 50.94 -76.94 44.74
C ASN E 1218 51.01 -77.05 43.22
N ASP E 1219 49.88 -77.22 42.54
CA ASP E 1219 49.83 -77.21 41.09
C ASP E 1219 48.42 -76.89 40.65
N LEU E 1220 48.20 -77.02 39.34
CA LEU E 1220 46.86 -76.94 38.79
C LEU E 1220 46.88 -77.72 37.49
N LYS E 1221 45.82 -78.48 37.24
CA LYS E 1221 45.76 -79.37 36.10
C LYS E 1221 44.68 -78.89 35.17
N ILE E 1222 45.06 -78.06 34.21
CA ILE E 1222 44.15 -77.52 33.20
C ILE E 1222 44.19 -78.46 32.01
N TYR E 1223 43.02 -78.87 31.55
CA TYR E 1223 42.89 -79.73 30.38
C TYR E 1223 42.05 -79.02 29.34
N ILE E 1224 42.66 -78.71 28.21
CA ILE E 1224 41.97 -77.98 27.16
C ILE E 1224 41.90 -78.86 25.92
N SER E 1225 40.99 -78.50 25.02
CA SER E 1225 40.84 -79.17 23.73
C SER E 1225 40.60 -78.09 22.69
N PRO E 1226 41.66 -77.48 22.16
CA PRO E 1226 41.49 -76.48 21.11
C PRO E 1226 41.07 -77.11 19.80
N LYS E 1227 40.07 -76.50 19.16
CA LYS E 1227 39.55 -76.96 17.88
C LYS E 1227 39.86 -75.91 16.83
N LEU E 1228 40.92 -76.14 16.07
CA LEU E 1228 41.41 -75.20 15.07
C LEU E 1228 40.49 -75.27 13.85
N ARG E 1229 40.43 -74.18 13.10
CA ARG E 1229 39.65 -74.12 11.87
C ARG E 1229 40.38 -73.26 10.84
N ILE E 1230 40.57 -73.82 9.65
CA ILE E 1230 41.16 -73.10 8.53
C ILE E 1230 40.08 -72.89 7.48
N ILE E 1231 39.91 -71.65 7.05
CA ILE E 1231 39.02 -71.31 5.97
C ILE E 1231 39.85 -70.83 4.80
N HIS E 1232 39.21 -70.60 3.67
CA HIS E 1232 39.87 -70.05 2.49
C HIS E 1232 38.97 -68.99 1.87
N ASP E 1233 39.23 -67.73 2.22
CA ASP E 1233 38.54 -66.61 1.63
C ASP E 1233 39.54 -65.48 1.42
N GLY E 1234 39.33 -64.71 0.37
CA GLY E 1234 40.19 -63.59 0.09
C GLY E 1234 39.70 -62.33 0.76
N LYS E 1235 40.60 -61.35 0.84
CA LYS E 1235 40.19 -60.00 1.16
C LYS E 1235 39.32 -59.45 0.03
N GLU E 1236 38.45 -58.50 0.35
CA GLU E 1236 37.54 -57.92 -0.64
C GLU E 1236 38.31 -57.23 -1.76
N GLY E 1237 37.84 -57.38 -2.98
CA GLY E 1237 38.54 -56.87 -4.13
C GLY E 1237 38.85 -58.00 -5.09
N ARG E 1238 40.11 -58.06 -5.53
CA ARG E 1238 40.51 -59.12 -6.42
C ARG E 1238 40.74 -60.42 -5.67
N GLU E 1239 40.94 -60.35 -4.35
CA GLU E 1239 41.42 -61.52 -3.62
C GLU E 1239 40.27 -62.46 -3.32
N ARG E 1240 39.10 -61.93 -2.97
CA ARG E 1240 37.93 -62.76 -2.73
C ARG E 1240 37.49 -63.46 -4.00
N ILE E 1241 37.54 -62.76 -5.13
CA ILE E 1241 37.09 -63.38 -6.36
C ILE E 1241 38.12 -64.36 -6.92
N GLN E 1242 39.42 -64.10 -6.70
CA GLN E 1242 40.41 -65.10 -7.06
C GLN E 1242 40.36 -66.30 -6.12
N SER E 1243 40.00 -66.10 -4.86
CA SER E 1243 39.73 -67.21 -3.95
C SER E 1243 38.53 -68.03 -4.39
N ASN E 1244 37.49 -67.39 -4.92
CA ASN E 1244 36.36 -68.14 -5.45
C ASN E 1244 36.73 -68.93 -6.70
N LEU E 1245 37.52 -68.34 -7.60
CA LEU E 1245 37.95 -69.04 -8.81
C LEU E 1245 38.84 -70.22 -8.46
N ILE E 1246 39.72 -70.05 -7.47
CA ILE E 1246 40.61 -71.14 -7.10
C ILE E 1246 39.89 -72.12 -6.19
N LYS E 1247 38.74 -71.72 -5.68
CA LYS E 1247 37.90 -72.63 -4.91
C LYS E 1247 37.14 -73.56 -5.84
N LYS E 1248 36.67 -73.04 -6.96
CA LYS E 1248 35.75 -73.80 -7.79
C LYS E 1248 36.45 -74.92 -8.54
N TYR E 1249 37.37 -74.58 -9.44
CA TYR E 1249 37.83 -75.57 -10.40
C TYR E 1249 38.96 -76.44 -9.87
N GLY E 1250 39.85 -75.88 -9.08
CA GLY E 1250 40.96 -76.62 -8.53
C GLY E 1250 40.60 -77.31 -7.23
N LYS E 1251 41.32 -78.39 -6.94
CA LYS E 1251 41.14 -79.14 -5.71
C LYS E 1251 42.29 -78.85 -4.77
N LEU E 1252 42.12 -79.28 -3.51
CA LEU E 1252 43.11 -78.97 -2.50
C LEU E 1252 44.36 -79.82 -2.70
N GLY E 1253 45.51 -79.17 -2.76
CA GLY E 1253 46.76 -79.82 -3.02
C GLY E 1253 47.39 -79.44 -4.35
N ASP E 1254 46.63 -78.84 -5.25
CA ASP E 1254 47.18 -78.46 -6.55
C ASP E 1254 48.07 -77.22 -6.41
N LYS E 1255 48.79 -76.93 -7.48
CA LYS E 1255 49.61 -75.73 -7.58
C LYS E 1255 48.97 -74.75 -8.55
N PHE E 1256 49.11 -73.46 -8.25
CA PHE E 1256 48.46 -72.43 -9.03
C PHE E 1256 49.39 -71.26 -9.23
N ILE E 1257 49.16 -70.54 -10.32
CA ILE E 1257 49.81 -69.26 -10.59
C ILE E 1257 48.73 -68.19 -10.52
N ILE E 1258 48.88 -67.27 -9.59
CA ILE E 1258 47.97 -66.16 -9.41
C ILE E 1258 48.70 -64.89 -9.80
N TYR E 1259 47.96 -63.86 -10.18
CA TYR E 1259 48.55 -62.65 -10.74
C TYR E 1259 48.16 -61.46 -9.88
N THR E 1260 49.17 -60.75 -9.38
CA THR E 1260 48.89 -59.61 -8.52
C THR E 1260 48.62 -58.36 -9.34
N SER E 1261 49.58 -57.93 -10.14
CA SER E 1261 49.44 -56.67 -10.87
C SER E 1261 48.46 -56.84 -12.01
N LEU E 1262 47.21 -56.48 -11.75
CA LEU E 1262 46.17 -56.55 -12.77
C LEU E 1262 45.66 -55.15 -13.02
N GLY E 1263 46.04 -54.59 -14.15
CA GLY E 1263 45.63 -53.24 -14.50
C GLY E 1263 44.88 -53.27 -15.81
N ILE E 1264 44.31 -52.13 -16.14
CA ILE E 1264 43.55 -52.00 -17.37
C ILE E 1264 44.45 -51.43 -18.46
N ASN E 1265 44.26 -51.89 -19.68
CA ASN E 1265 44.96 -51.34 -20.82
C ASN E 1265 44.21 -50.11 -21.29
N PRO E 1266 44.80 -48.92 -21.25
CA PRO E 1266 44.08 -47.74 -21.75
C PRO E 1266 43.93 -47.71 -23.25
N ASN E 1267 44.63 -48.58 -23.98
CA ASN E 1267 44.60 -48.54 -25.43
C ASN E 1267 43.34 -49.22 -25.97
N ASN E 1268 43.19 -50.50 -25.71
CA ASN E 1268 42.16 -51.28 -26.38
C ASN E 1268 41.02 -51.68 -25.46
N SER E 1269 40.78 -50.94 -24.38
CA SER E 1269 39.65 -51.22 -23.50
C SER E 1269 38.84 -49.94 -23.33
N SER E 1270 37.62 -49.96 -23.82
CA SER E 1270 36.69 -48.87 -23.61
C SER E 1270 35.98 -48.96 -22.27
N ASN E 1271 35.72 -50.18 -21.80
CA ASN E 1271 35.01 -50.40 -20.55
C ASN E 1271 35.98 -50.21 -19.39
N ARG E 1272 35.44 -50.24 -18.18
CA ARG E 1272 36.30 -50.35 -17.01
C ARG E 1272 36.39 -51.76 -16.46
N PHE E 1273 36.08 -52.77 -17.27
CA PHE E 1273 36.04 -54.14 -16.75
C PHE E 1273 37.33 -54.87 -17.05
N MET E 1274 37.67 -55.83 -16.18
CA MET E 1274 38.93 -56.54 -16.24
C MET E 1274 38.70 -58.04 -16.28
N PHE E 1275 39.72 -58.76 -16.76
CA PHE E 1275 39.75 -60.22 -16.59
C PHE E 1275 40.57 -60.54 -15.36
N TYR E 1276 40.21 -61.61 -14.67
CA TYR E 1276 40.93 -62.05 -13.47
C TYR E 1276 41.49 -63.45 -13.69
N PRO E 1277 42.69 -63.59 -14.24
CA PRO E 1277 43.18 -64.92 -14.57
C PRO E 1277 43.99 -65.57 -13.46
N VAL E 1278 43.79 -66.87 -13.32
CA VAL E 1278 44.61 -67.73 -12.47
C VAL E 1278 44.92 -68.97 -13.29
N TYR E 1279 46.20 -69.25 -13.49
CA TYR E 1279 46.59 -70.42 -14.27
C TYR E 1279 46.72 -71.64 -13.37
N GLN E 1280 46.13 -72.75 -13.82
CA GLN E 1280 46.17 -74.01 -13.11
C GLN E 1280 47.23 -74.89 -13.73
N TYR E 1281 48.08 -75.48 -12.89
CA TYR E 1281 49.01 -76.50 -13.36
C TYR E 1281 48.28 -77.78 -13.69
N ASN E 1282 48.99 -78.66 -14.37
CA ASN E 1282 48.53 -80.03 -14.56
C ASN E 1282 49.04 -80.87 -13.39
N GLY E 1283 48.38 -82.01 -13.17
CA GLY E 1283 48.94 -82.96 -12.22
C GLY E 1283 48.27 -83.10 -10.87
N ASN E 1284 48.90 -82.47 -9.86
CA ASN E 1284 49.08 -82.95 -8.47
C ASN E 1284 47.84 -83.59 -7.87
N THR E 1285 46.73 -82.87 -7.69
CA THR E 1285 45.55 -83.52 -7.11
C THR E 1285 44.54 -83.87 -8.18
N SER E 1286 44.01 -82.86 -8.88
CA SER E 1286 43.16 -83.09 -10.02
C SER E 1286 44.05 -83.47 -11.19
N GLY E 1287 44.19 -84.77 -11.43
CA GLY E 1287 44.98 -85.23 -12.56
C GLY E 1287 44.31 -84.85 -13.87
N LEU E 1288 44.85 -83.83 -14.53
CA LEU E 1288 44.23 -83.27 -15.72
C LEU E 1288 44.96 -83.80 -16.95
N ALA E 1289 44.44 -83.45 -18.12
CA ALA E 1289 45.12 -83.82 -19.35
C ALA E 1289 46.15 -82.76 -19.72
N GLN E 1290 45.71 -81.51 -19.88
CA GLN E 1290 46.60 -80.41 -20.18
C GLN E 1290 46.33 -79.29 -19.20
N GLY E 1291 47.19 -78.28 -19.22
CA GLY E 1291 46.94 -77.08 -18.47
C GLY E 1291 45.75 -76.31 -18.98
N ARG E 1292 45.21 -75.47 -18.12
CA ARG E 1292 44.06 -74.66 -18.48
C ARG E 1292 44.15 -73.34 -17.75
N LEU E 1293 43.64 -72.29 -18.40
CA LEU E 1293 43.73 -70.94 -17.87
C LEU E 1293 42.33 -70.47 -17.49
N LEU E 1294 42.09 -70.34 -16.20
CA LEU E 1294 40.83 -69.83 -15.72
C LEU E 1294 40.84 -68.31 -15.75
N PHE E 1295 39.65 -67.73 -15.81
CA PHE E 1295 39.50 -66.28 -15.80
C PHE E 1295 38.06 -65.94 -15.45
N HIS E 1296 37.87 -64.74 -14.93
CA HIS E 1296 36.55 -64.21 -14.65
C HIS E 1296 36.34 -62.95 -15.47
N ARG E 1297 35.11 -62.74 -15.94
CA ARG E 1297 34.78 -61.53 -16.67
C ARG E 1297 33.39 -61.07 -16.28
N ASP E 1298 33.12 -59.78 -16.42
CA ASP E 1298 31.82 -59.25 -16.00
C ASP E 1298 30.98 -58.75 -17.16
N THR E 1299 31.56 -58.58 -18.35
CA THR E 1299 30.77 -58.36 -19.55
C THR E 1299 29.96 -59.62 -19.82
N SER E 1300 28.64 -59.50 -19.76
CA SER E 1300 27.84 -60.71 -19.67
C SER E 1300 27.62 -61.36 -21.02
N TYR E 1301 27.83 -60.63 -22.11
CA TYR E 1301 27.59 -61.19 -23.43
C TYR E 1301 28.68 -62.19 -23.79
N SER E 1302 28.27 -63.30 -24.41
CA SER E 1302 29.20 -64.35 -24.78
C SER E 1302 30.09 -63.88 -25.93
N SER E 1303 31.32 -64.36 -25.95
CA SER E 1303 32.33 -63.86 -26.87
C SER E 1303 33.43 -64.91 -26.99
N LYS E 1304 34.57 -64.47 -27.49
CA LYS E 1304 35.82 -65.21 -27.38
C LYS E 1304 36.83 -64.34 -26.63
N VAL E 1305 37.70 -64.96 -25.86
CA VAL E 1305 38.67 -64.25 -25.05
C VAL E 1305 40.05 -64.76 -25.44
N ALA E 1306 40.84 -63.89 -26.07
CA ALA E 1306 42.16 -64.24 -26.55
C ALA E 1306 43.20 -63.82 -25.52
N ALA E 1307 43.68 -64.78 -24.75
CA ALA E 1307 44.78 -64.55 -23.82
C ALA E 1307 46.07 -64.72 -24.59
N TRP E 1308 46.53 -63.64 -25.21
CA TRP E 1308 47.71 -63.67 -26.05
C TRP E 1308 48.93 -63.25 -25.24
N ILE E 1309 49.94 -64.11 -25.21
CA ILE E 1309 51.18 -63.84 -24.50
C ILE E 1309 52.14 -63.17 -25.46
N PRO E 1310 52.59 -61.95 -25.17
CA PRO E 1310 53.61 -61.32 -26.04
C PRO E 1310 54.96 -62.02 -26.00
N GLY E 1311 55.35 -62.56 -24.83
CA GLY E 1311 56.67 -63.15 -24.70
C GLY E 1311 56.81 -64.45 -25.45
N ALA E 1312 55.91 -65.40 -25.20
CA ALA E 1312 55.95 -66.68 -25.91
C ALA E 1312 55.45 -66.54 -27.35
N GLY E 1313 54.58 -65.56 -27.60
CA GLY E 1313 54.05 -65.37 -28.93
C GLY E 1313 52.84 -66.22 -29.26
N ARG E 1314 52.41 -67.08 -28.36
CA ARG E 1314 51.22 -67.88 -28.59
C ARG E 1314 50.08 -67.35 -27.74
N SER E 1315 48.86 -67.61 -28.20
CA SER E 1315 47.66 -67.13 -27.55
C SER E 1315 46.87 -68.31 -27.01
N LEU E 1316 46.06 -68.06 -26.00
CA LEU E 1316 45.12 -69.04 -25.49
C LEU E 1316 43.72 -68.45 -25.61
N ILE E 1317 42.93 -69.00 -26.52
CA ILE E 1317 41.62 -68.45 -26.81
C ILE E 1317 40.57 -69.51 -26.53
N ASN E 1318 39.40 -69.05 -26.10
CA ASN E 1318 38.28 -69.93 -25.81
C ASN E 1318 37.06 -69.38 -26.53
N GLU E 1319 36.64 -70.07 -27.58
CA GLU E 1319 35.44 -69.68 -28.30
C GLU E 1319 34.23 -69.99 -27.45
N ASN E 1320 33.18 -69.18 -27.61
CA ASN E 1320 31.98 -69.18 -26.77
C ASN E 1320 32.37 -69.01 -25.30
N ALA E 1321 32.89 -67.83 -25.00
CA ALA E 1321 33.27 -67.50 -23.63
C ALA E 1321 32.03 -67.52 -22.73
N ASN E 1322 32.13 -68.31 -21.68
CA ASN E 1322 31.04 -68.48 -20.74
C ASN E 1322 30.88 -67.21 -19.91
N ILE E 1323 29.69 -67.06 -19.30
CA ILE E 1323 29.42 -65.88 -18.52
C ILE E 1323 30.12 -65.98 -17.16
N GLY E 1324 30.87 -64.94 -16.82
CA GLY E 1324 31.54 -64.93 -15.53
C GLY E 1324 32.85 -65.68 -15.59
N ASP E 1325 32.92 -66.76 -14.83
CA ASP E 1325 34.05 -67.67 -14.91
C ASP E 1325 33.92 -68.56 -16.14
N ASP E 1326 35.04 -69.13 -16.57
CA ASP E 1326 35.07 -69.99 -17.74
C ASP E 1326 36.28 -70.90 -17.66
N CYS E 1327 36.21 -72.01 -18.37
CA CYS E 1327 37.31 -72.95 -18.52
C CYS E 1327 37.90 -72.81 -19.91
N ALA E 1328 39.16 -72.40 -19.97
CA ALA E 1328 39.89 -72.20 -21.21
C ALA E 1328 41.16 -73.03 -21.16
N GLU E 1329 41.31 -73.96 -22.10
CA GLU E 1329 42.41 -74.92 -22.02
C GLU E 1329 43.67 -74.38 -22.70
N ASP E 1330 44.79 -74.51 -22.00
CA ASP E 1330 46.11 -74.30 -22.58
C ASP E 1330 46.47 -75.53 -23.40
N SER E 1331 46.95 -75.31 -24.62
CA SER E 1331 47.38 -76.42 -25.46
C SER E 1331 48.74 -76.95 -25.03
N VAL E 1332 49.78 -76.13 -25.13
CA VAL E 1332 51.14 -76.52 -24.78
C VAL E 1332 51.29 -76.37 -23.28
N ASN E 1333 51.59 -77.46 -22.61
CA ASN E 1333 51.80 -77.46 -21.16
C ASN E 1333 53.23 -77.01 -20.89
N LYS E 1334 53.45 -75.69 -20.85
CA LYS E 1334 54.75 -75.13 -20.45
C LYS E 1334 54.49 -73.87 -19.63
N PRO E 1335 54.61 -73.97 -18.31
CA PRO E 1335 54.15 -72.85 -17.45
C PRO E 1335 55.14 -71.71 -17.32
N ASP E 1336 56.38 -71.88 -17.78
CA ASP E 1336 57.36 -70.79 -17.70
C ASP E 1336 56.97 -69.66 -18.63
N ASP E 1337 56.30 -69.99 -19.74
CA ASP E 1337 55.83 -68.98 -20.68
C ASP E 1337 54.68 -68.16 -20.13
N LEU E 1338 54.02 -68.63 -19.07
CA LEU E 1338 52.94 -67.88 -18.46
C LEU E 1338 53.42 -66.97 -17.34
N LYS E 1339 54.73 -66.86 -17.14
CA LYS E 1339 55.24 -66.04 -16.05
C LYS E 1339 55.37 -64.58 -16.45
N GLN E 1340 55.68 -64.29 -17.70
CA GLN E 1340 55.87 -62.91 -18.11
C GLN E 1340 54.51 -62.22 -18.34
N TYR E 1341 54.57 -61.04 -18.94
CA TYR E 1341 53.40 -60.21 -19.12
C TYR E 1341 52.39 -60.87 -20.07
N ILE E 1342 51.12 -60.83 -19.69
CA ILE E 1342 50.06 -61.50 -20.44
C ILE E 1342 49.06 -60.44 -20.89
N TYR E 1343 48.70 -60.49 -22.18
CA TYR E 1343 47.70 -59.59 -22.74
C TYR E 1343 46.43 -60.37 -23.02
N MET E 1344 45.44 -60.22 -22.16
CA MET E 1344 44.12 -60.78 -22.39
C MET E 1344 43.25 -59.71 -23.03
N THR E 1345 42.34 -60.13 -23.89
CA THR E 1345 41.47 -59.21 -24.58
C THR E 1345 40.13 -59.87 -24.89
N ASP E 1346 39.17 -59.02 -25.26
CA ASP E 1346 37.89 -59.47 -25.76
C ASP E 1346 37.80 -59.34 -27.27
N SER E 1347 38.53 -58.36 -27.83
CA SER E 1347 38.36 -57.73 -29.14
C SER E 1347 37.00 -57.07 -29.26
N LYS E 1348 36.37 -56.77 -28.12
CA LYS E 1348 35.07 -56.12 -28.05
C LYS E 1348 35.01 -55.07 -26.95
N GLY E 1349 36.06 -54.27 -26.79
CA GLY E 1349 36.07 -53.18 -25.84
C GLY E 1349 36.64 -53.52 -24.48
N THR E 1350 37.33 -54.64 -24.35
CA THR E 1350 37.88 -55.07 -23.07
C THR E 1350 39.26 -55.68 -23.28
N ALA E 1351 40.25 -55.15 -22.57
CA ALA E 1351 41.58 -55.74 -22.49
C ALA E 1351 42.11 -55.53 -21.08
N THR E 1352 43.00 -56.43 -20.64
CA THR E 1352 43.46 -56.39 -19.27
C THR E 1352 44.95 -56.68 -19.22
N ASP E 1353 45.69 -55.81 -18.54
CA ASP E 1353 47.11 -56.02 -18.32
C ASP E 1353 47.30 -57.05 -17.21
N VAL E 1354 48.06 -58.10 -17.48
CA VAL E 1354 48.25 -59.18 -16.52
C VAL E 1354 49.75 -59.34 -16.28
N SER E 1355 50.19 -59.10 -15.06
CA SER E 1355 51.59 -59.21 -14.72
C SER E 1355 51.70 -59.49 -13.23
N GLY E 1356 52.94 -59.72 -12.78
CA GLY E 1356 53.21 -60.04 -11.40
C GLY E 1356 52.69 -61.41 -10.99
N PRO E 1357 53.31 -62.48 -11.47
CA PRO E 1357 52.84 -63.82 -11.11
C PRO E 1357 53.29 -64.20 -9.71
N VAL E 1358 52.52 -65.08 -9.09
CA VAL E 1358 52.88 -65.72 -7.83
C VAL E 1358 52.52 -67.20 -7.93
N ASP E 1359 53.51 -68.08 -7.82
CA ASP E 1359 53.23 -69.50 -7.74
C ASP E 1359 52.91 -69.85 -6.29
N ILE E 1360 51.85 -70.64 -6.10
CA ILE E 1360 51.41 -71.05 -4.77
C ILE E 1360 51.18 -72.54 -4.74
N ASN E 1361 51.25 -73.12 -3.55
CA ASN E 1361 50.99 -74.54 -3.33
C ASN E 1361 49.88 -74.66 -2.29
N THR E 1362 48.75 -75.22 -2.69
CA THR E 1362 47.59 -75.27 -1.81
C THR E 1362 47.63 -76.43 -0.84
N ALA E 1363 48.60 -77.33 -0.97
CA ALA E 1363 48.65 -78.52 -0.11
C ALA E 1363 49.02 -78.13 1.32
N ILE E 1364 48.35 -78.75 2.28
CA ILE E 1364 48.43 -78.38 3.69
C ILE E 1364 48.81 -79.63 4.49
N SER E 1365 50.03 -79.64 5.00
CA SER E 1365 50.49 -80.76 5.80
C SER E 1365 49.96 -80.66 7.21
N SER E 1366 49.60 -81.81 7.80
CA SER E 1366 49.24 -81.84 9.21
C SER E 1366 50.44 -81.57 10.11
N GLU E 1367 51.66 -81.80 9.60
CA GLU E 1367 52.87 -81.49 10.34
C GLU E 1367 53.06 -79.99 10.54
N LYS E 1368 52.66 -79.18 9.58
CA LYS E 1368 52.89 -77.75 9.69
C LYS E 1368 51.66 -77.00 10.18
N VAL E 1369 50.74 -77.69 10.83
CA VAL E 1369 49.65 -77.07 11.58
C VAL E 1369 49.94 -77.30 13.05
N GLN E 1370 50.35 -76.26 13.77
CA GLN E 1370 50.92 -76.46 15.08
C GLN E 1370 50.42 -75.40 16.06
N ILE E 1371 50.61 -75.70 17.34
CA ILE E 1371 50.18 -74.86 18.46
C ILE E 1371 51.37 -74.65 19.38
N THR E 1372 51.56 -73.42 19.83
CA THR E 1372 52.34 -73.16 21.01
C THR E 1372 51.42 -72.51 22.04
N ILE E 1373 51.67 -72.79 23.31
CA ILE E 1373 50.93 -72.19 24.42
C ILE E 1373 51.95 -71.66 25.41
N LYS E 1374 51.69 -70.49 25.98
CA LYS E 1374 52.65 -69.79 26.81
C LYS E 1374 52.13 -69.70 28.23
N ALA E 1375 52.44 -70.70 29.04
CA ALA E 1375 52.17 -70.68 30.48
C ALA E 1375 53.50 -70.95 31.16
N GLY E 1376 54.29 -69.90 31.33
CA GLY E 1376 55.64 -70.05 31.81
C GLY E 1376 56.62 -70.39 30.70
N LYS E 1377 56.35 -71.47 29.97
CA LYS E 1377 57.17 -71.89 28.86
C LYS E 1377 56.28 -72.18 27.68
N GLU E 1378 56.90 -72.41 26.53
CA GLU E 1378 56.19 -72.88 25.35
C GLU E 1378 56.02 -74.39 25.47
N TYR E 1379 54.79 -74.86 25.26
CA TYR E 1379 54.51 -76.28 25.15
C TYR E 1379 54.06 -76.51 23.72
N SER E 1380 55.02 -76.69 22.82
CA SER E 1380 54.75 -76.75 21.39
C SER E 1380 54.05 -78.05 21.05
N LEU E 1381 52.92 -77.94 20.35
CA LEU E 1381 52.11 -79.10 19.99
C LEU E 1381 51.89 -79.11 18.49
N THR E 1382 51.78 -80.29 17.92
CA THR E 1382 51.66 -80.48 16.49
C THR E 1382 50.44 -81.37 16.21
N ALA E 1383 49.71 -81.03 15.15
CA ALA E 1383 48.45 -81.70 14.86
C ALA E 1383 48.63 -83.15 14.42
N ASN E 1384 49.82 -83.51 13.92
CA ASN E 1384 50.04 -84.83 13.31
C ASN E 1384 49.89 -85.96 14.32
N LYS E 1385 50.17 -85.67 15.59
CA LYS E 1385 50.05 -86.68 16.63
C LYS E 1385 48.85 -86.41 17.52
N ASP E 1386 48.17 -85.28 17.31
CA ASP E 1386 47.15 -84.87 18.28
C ASP E 1386 45.77 -84.80 17.65
N VAL E 1387 45.69 -84.76 16.33
CA VAL E 1387 44.41 -84.93 15.66
C VAL E 1387 44.01 -86.40 15.70
N SER E 1388 42.79 -86.68 16.16
CA SER E 1388 42.28 -88.04 16.13
C SER E 1388 42.03 -88.51 14.70
N VAL E 1389 41.25 -87.75 13.93
CA VAL E 1389 40.89 -88.12 12.58
C VAL E 1389 41.09 -86.92 11.65
N GLN E 1390 41.81 -87.13 10.56
CA GLN E 1390 42.15 -86.05 9.64
C GLN E 1390 40.89 -85.57 8.92
N PRO E 1391 40.66 -84.26 8.87
CA PRO E 1391 39.51 -83.75 8.12
C PRO E 1391 39.76 -83.85 6.62
N SER E 1392 38.67 -83.89 5.87
CA SER E 1392 38.77 -84.10 4.43
C SER E 1392 39.29 -82.84 3.75
N PRO E 1393 40.03 -82.98 2.65
CA PRO E 1393 40.52 -81.79 1.94
C PRO E 1393 39.40 -81.01 1.28
N SER E 1394 39.12 -79.83 1.82
CA SER E 1394 38.10 -78.96 1.27
C SER E 1394 38.52 -77.51 1.51
N PHE E 1395 38.25 -76.66 0.53
CA PHE E 1395 38.59 -75.25 0.67
C PHE E 1395 37.68 -74.53 1.65
N GLU E 1396 36.49 -75.09 1.92
CA GLU E 1396 35.52 -74.41 2.75
C GLU E 1396 35.92 -74.43 4.22
N GLU E 1397 36.02 -75.63 4.79
CA GLU E 1397 36.32 -75.77 6.20
C GLU E 1397 37.26 -76.94 6.38
N MET E 1398 38.29 -76.75 7.21
CA MET E 1398 39.19 -77.82 7.60
C MET E 1398 39.28 -77.78 9.12
N CYS E 1399 38.46 -78.60 9.77
CA CYS E 1399 38.29 -78.56 11.22
C CYS E 1399 39.21 -79.60 11.85
N TYR E 1400 40.14 -79.12 12.67
CA TYR E 1400 41.09 -79.99 13.36
C TYR E 1400 40.68 -80.08 14.82
N GLN E 1401 40.27 -81.27 15.25
CA GLN E 1401 39.95 -81.51 16.63
C GLN E 1401 41.16 -82.12 17.34
N PHE E 1402 41.54 -81.53 18.46
CA PHE E 1402 42.72 -81.97 19.20
C PHE E 1402 42.33 -82.80 20.41
N ASN E 1403 43.33 -83.27 21.14
CA ASN E 1403 43.08 -84.17 22.24
C ASN E 1403 43.11 -83.42 23.57
N ALA E 1404 43.07 -84.19 24.65
CA ALA E 1404 43.21 -83.63 25.99
C ALA E 1404 44.65 -83.19 26.22
N LEU E 1405 44.82 -81.90 26.48
CA LEU E 1405 46.14 -81.30 26.58
C LEU E 1405 46.33 -80.76 27.99
N GLU E 1406 47.27 -81.36 28.72
CA GLU E 1406 47.52 -81.00 30.11
C GLU E 1406 48.30 -79.69 30.15
N ILE E 1407 47.97 -78.84 31.11
CA ILE E 1407 48.76 -77.65 31.41
C ILE E 1407 49.15 -77.71 32.87
N ASP E 1408 50.45 -77.69 33.12
CA ASP E 1408 50.98 -77.65 34.47
C ASP E 1408 50.71 -76.27 35.08
N GLY E 1409 50.09 -76.25 36.26
CA GLY E 1409 49.73 -75.00 36.89
C GLY E 1409 50.85 -74.20 37.50
N SER E 1410 52.00 -74.81 37.73
CA SER E 1410 53.14 -74.06 38.23
C SER E 1410 53.74 -73.22 37.12
N ASN E 1411 54.74 -72.42 37.49
CA ASN E 1411 55.44 -71.43 36.68
C ASN E 1411 54.46 -70.35 36.19
N LEU E 1412 53.38 -70.08 36.91
CA LEU E 1412 52.50 -68.97 36.57
C LEU E 1412 52.68 -67.85 37.59
N ASN E 1413 53.25 -66.74 37.14
CA ASN E 1413 53.43 -65.58 37.99
C ASN E 1413 52.10 -64.85 38.13
N PHE E 1414 51.83 -64.35 39.33
CA PHE E 1414 50.59 -63.66 39.61
C PHE E 1414 50.87 -62.22 40.02
N THR E 1415 50.62 -61.29 39.11
CA THR E 1415 50.54 -59.88 39.43
C THR E 1415 49.07 -59.49 39.58
N ASN E 1416 48.77 -58.78 40.67
CA ASN E 1416 47.41 -58.48 41.13
C ASN E 1416 46.56 -59.76 41.26
N ASN E 1417 47.22 -60.83 41.71
CA ASN E 1417 46.64 -62.18 41.84
C ASN E 1417 46.05 -62.68 40.52
N SER E 1418 46.70 -62.36 39.41
CA SER E 1418 46.18 -62.70 38.10
C SER E 1418 47.30 -63.21 37.21
N ALA E 1419 47.00 -64.18 36.37
CA ALA E 1419 47.91 -64.70 35.37
C ALA E 1419 47.15 -64.90 34.06
N SER E 1420 47.91 -65.05 32.98
CA SER E 1420 47.29 -65.20 31.67
C SER E 1420 48.03 -66.26 30.87
N ILE E 1421 47.28 -67.02 30.08
CA ILE E 1421 47.81 -68.10 29.28
C ILE E 1421 47.40 -67.86 27.84
N ASP E 1422 48.36 -67.57 26.98
CA ASP E 1422 48.10 -67.31 25.57
C ASP E 1422 48.22 -68.62 24.79
N VAL E 1423 47.30 -68.83 23.88
CA VAL E 1423 47.36 -69.93 22.92
C VAL E 1423 47.56 -69.31 21.55
N THR E 1424 48.48 -69.86 20.77
CA THR E 1424 48.76 -69.34 19.44
C THR E 1424 48.41 -70.40 18.41
N PHE E 1425 47.26 -70.24 17.76
CA PHE E 1425 46.96 -71.03 16.59
C PHE E 1425 47.76 -70.49 15.42
N THR E 1426 48.30 -71.39 14.61
CA THR E 1426 49.00 -70.98 13.39
C THR E 1426 48.91 -72.10 12.37
N ALA E 1427 49.25 -71.75 11.13
CA ALA E 1427 49.24 -72.71 10.05
C ALA E 1427 50.28 -72.28 9.01
N LEU E 1428 50.94 -73.27 8.44
CA LEU E 1428 52.01 -73.01 7.49
C LEU E 1428 51.78 -73.85 6.25
N ALA E 1429 51.80 -73.20 5.09
CA ALA E 1429 51.70 -73.95 3.85
C ALA E 1429 53.02 -74.65 3.56
N ASP E 1430 53.00 -75.58 2.61
CA ASP E 1430 54.14 -76.47 2.44
C ASP E 1430 55.32 -75.78 1.75
N ASP E 1431 55.04 -74.70 1.01
CA ASP E 1431 56.12 -73.92 0.41
C ASP E 1431 56.92 -73.13 1.41
N GLY E 1432 56.38 -72.89 2.60
CA GLY E 1432 56.99 -72.04 3.59
C GLY E 1432 56.19 -70.79 3.92
N ARG E 1433 55.17 -70.47 3.14
CA ARG E 1433 54.34 -69.33 3.50
C ARG E 1433 53.36 -69.73 4.59
N LYS E 1434 52.85 -68.72 5.28
CA LYS E 1434 51.96 -68.96 6.39
C LYS E 1434 50.52 -68.66 6.01
N LEU E 1435 49.60 -69.44 6.58
CA LEU E 1435 48.20 -69.25 6.26
C LEU E 1435 47.57 -68.19 7.14
N GLY E 1436 48.24 -67.79 8.20
CA GLY E 1436 47.71 -66.84 9.15
C GLY E 1436 47.67 -67.44 10.53
N TYR E 1437 47.68 -66.56 11.53
CA TYR E 1437 47.65 -67.01 12.91
C TYR E 1437 46.44 -66.44 13.61
N GLU E 1438 46.15 -67.00 14.77
CA GLU E 1438 44.98 -66.66 15.54
C GLU E 1438 45.33 -66.84 17.02
N ILE E 1439 45.78 -65.78 17.65
CA ILE E 1439 46.27 -65.83 19.03
C ILE E 1439 45.10 -65.60 19.97
N PHE E 1440 44.99 -66.45 20.99
CA PHE E 1440 43.97 -66.30 22.01
C PHE E 1440 44.62 -65.97 23.34
N ASN E 1441 43.78 -65.83 24.36
CA ASN E 1441 44.22 -65.35 25.68
C ASN E 1441 43.26 -65.88 26.73
N ILE E 1442 43.81 -66.55 27.74
CA ILE E 1442 43.03 -67.15 28.81
C ILE E 1442 43.52 -66.57 30.15
N PRO E 1443 42.70 -65.80 30.84
CA PRO E 1443 43.12 -65.29 32.15
C PRO E 1443 43.01 -66.37 33.23
N VAL E 1444 43.88 -66.28 34.22
CA VAL E 1444 43.84 -67.14 35.40
C VAL E 1444 43.91 -66.25 36.62
N ILE E 1445 42.88 -66.31 37.46
CA ILE E 1445 42.79 -65.46 38.64
C ILE E 1445 42.77 -66.35 39.88
N GLN E 1446 43.51 -65.93 40.91
CA GLN E 1446 43.79 -66.74 42.09
C GLN E 1446 43.23 -66.08 43.33
N LYS E 1447 42.60 -66.87 44.20
CA LYS E 1447 42.11 -66.38 45.48
C LYS E 1447 43.14 -66.60 46.57
N VAL E 1448 43.45 -65.53 47.29
CA VAL E 1448 44.37 -65.57 48.43
C VAL E 1448 43.60 -65.97 49.66
N LYS E 1449 44.32 -66.31 50.73
CA LYS E 1449 43.66 -66.69 51.97
C LYS E 1449 43.98 -65.72 53.11
N THR E 1450 45.11 -65.03 53.02
CA THR E 1450 45.60 -64.23 54.14
C THR E 1450 44.72 -63.00 54.39
N ASP E 1451 44.08 -62.48 53.35
CA ASP E 1451 43.21 -61.33 53.53
C ASP E 1451 41.86 -61.77 54.10
N ASN E 1452 41.46 -61.15 55.19
CA ASN E 1452 40.12 -61.34 55.70
C ASN E 1452 39.12 -60.58 54.84
N ALA E 1453 37.84 -60.85 55.06
CA ALA E 1453 36.79 -60.12 54.38
C ALA E 1453 36.72 -58.69 54.90
N LEU E 1454 36.02 -57.85 54.17
CA LEU E 1454 35.96 -56.45 54.55
C LEU E 1454 34.84 -56.25 55.55
N THR E 1455 35.14 -55.55 56.62
CA THR E 1455 34.14 -55.29 57.63
C THR E 1455 33.62 -53.88 57.45
N LEU E 1456 32.39 -53.68 57.90
CA LEU E 1456 31.87 -52.35 58.07
C LEU E 1456 31.90 -52.05 59.57
N PHE E 1457 32.47 -50.92 59.92
CA PHE E 1457 32.62 -50.61 61.33
C PHE E 1457 31.76 -49.39 61.61
N HIS E 1458 30.53 -49.61 62.03
CA HIS E 1458 29.69 -48.54 62.53
C HIS E 1458 30.27 -48.10 63.86
N ASP E 1459 30.71 -46.85 63.93
CA ASP E 1459 31.40 -46.38 65.12
C ASP E 1459 30.42 -45.88 66.16
N GLU E 1460 30.91 -45.78 67.40
CA GLU E 1460 30.13 -45.26 68.51
C GLU E 1460 29.70 -43.81 68.28
N ASN E 1461 30.62 -42.95 67.88
CA ASN E 1461 30.32 -41.53 67.75
C ASN E 1461 29.46 -41.20 66.54
N GLY E 1462 29.21 -42.16 65.65
CA GLY E 1462 28.32 -41.95 64.53
C GLY E 1462 28.97 -42.13 63.18
N ALA E 1463 30.25 -42.42 63.11
CA ALA E 1463 30.90 -42.62 61.84
C ALA E 1463 30.73 -44.06 61.37
N GLN E 1464 30.91 -44.27 60.07
CA GLN E 1464 30.97 -45.61 59.49
C GLN E 1464 32.11 -45.68 58.50
N TYR E 1465 32.81 -46.79 58.50
CA TYR E 1465 33.91 -46.96 57.58
C TYR E 1465 34.14 -48.43 57.26
N MET E 1466 34.78 -48.65 56.12
CA MET E 1466 35.10 -49.97 55.63
C MET E 1466 36.59 -50.23 55.80
N GLN E 1467 36.92 -51.25 56.58
CA GLN E 1467 38.31 -51.62 56.81
C GLN E 1467 38.79 -52.44 55.63
N TRP E 1468 39.41 -51.79 54.66
CA TRP E 1468 39.84 -52.44 53.43
C TRP E 1468 41.28 -52.86 53.62
N GLY E 1469 41.49 -53.90 54.42
CA GLY E 1469 42.85 -54.23 54.80
C GLY E 1469 43.36 -53.21 55.78
N ALA E 1470 44.46 -52.55 55.43
CA ALA E 1470 44.99 -51.51 56.30
C ALA E 1470 44.32 -50.16 56.08
N TYR E 1471 43.36 -50.09 55.18
CA TYR E 1471 42.77 -48.80 54.86
C TYR E 1471 41.42 -48.64 55.55
N ARG E 1472 41.18 -47.43 56.03
CA ARG E 1472 39.87 -47.05 56.52
C ARG E 1472 39.35 -45.95 55.64
N ILE E 1473 38.16 -46.13 55.09
CA ILE E 1473 37.58 -45.14 54.19
C ILE E 1473 36.16 -44.83 54.63
N ARG E 1474 35.84 -43.55 54.71
CA ARG E 1474 34.61 -43.08 55.31
C ARG E 1474 33.47 -43.21 54.30
N LEU E 1475 32.29 -43.58 54.78
CA LEU E 1475 31.19 -43.90 53.88
C LEU E 1475 30.02 -42.94 54.05
N ASN E 1476 29.85 -42.40 55.24
CA ASN E 1476 28.77 -41.47 55.54
C ASN E 1476 29.34 -40.23 56.22
N THR E 1477 28.45 -39.29 56.56
CA THR E 1477 28.90 -38.11 57.28
C THR E 1477 27.77 -37.60 58.15
N LEU E 1478 28.15 -36.88 59.21
CA LEU E 1478 27.22 -36.23 60.11
C LEU E 1478 27.00 -34.78 59.75
N PHE E 1479 27.09 -34.45 58.46
CA PHE E 1479 26.97 -33.05 58.06
C PHE E 1479 25.54 -32.56 58.21
N ALA E 1480 24.56 -33.42 57.92
CA ALA E 1480 23.18 -32.99 58.01
C ALA E 1480 22.73 -32.85 59.46
N ARG E 1481 23.39 -33.55 60.38
CA ARG E 1481 23.09 -33.36 61.80
C ARG E 1481 23.47 -31.96 62.25
N GLN E 1482 24.71 -31.57 62.01
CA GLN E 1482 25.23 -30.30 62.48
C GLN E 1482 24.94 -29.16 61.52
N LEU E 1483 24.25 -29.42 60.42
CA LEU E 1483 23.82 -28.37 59.53
C LEU E 1483 22.61 -27.62 60.07
N VAL E 1484 21.85 -28.26 60.97
CA VAL E 1484 20.54 -27.75 61.37
C VAL E 1484 20.69 -26.44 62.13
N GLU E 1485 21.67 -26.38 63.03
CA GLU E 1485 21.96 -25.18 63.79
C GLU E 1485 22.37 -24.01 62.90
N ARG E 1486 23.22 -24.26 61.91
CA ARG E 1486 23.63 -23.21 60.98
C ARG E 1486 22.48 -22.77 60.10
N ALA E 1487 21.59 -23.70 59.73
CA ALA E 1487 20.52 -23.40 58.79
C ALA E 1487 19.34 -22.71 59.43
N ASN E 1488 19.45 -22.28 60.68
CA ASN E 1488 18.29 -21.75 61.38
C ASN E 1488 17.95 -20.35 60.92
N THR E 1489 18.96 -19.53 60.66
CA THR E 1489 18.72 -18.09 60.57
C THR E 1489 18.70 -17.56 59.15
N GLY E 1490 19.16 -18.33 58.17
CA GLY E 1490 19.01 -17.89 56.80
C GLY E 1490 20.07 -18.48 55.90
N ILE E 1491 19.86 -18.23 54.60
CA ILE E 1491 20.70 -18.77 53.53
C ILE E 1491 22.13 -18.27 53.63
N ASP E 1492 22.30 -17.04 54.11
CA ASP E 1492 23.61 -16.40 54.22
C ASP E 1492 24.53 -17.19 55.14
N THR E 1493 23.96 -17.74 56.21
CA THR E 1493 24.75 -18.55 57.14
C THR E 1493 25.06 -19.91 56.54
N ILE E 1494 24.18 -20.41 55.67
CA ILE E 1494 24.36 -21.73 55.09
C ILE E 1494 25.55 -21.74 54.15
N LEU E 1495 25.71 -20.67 53.37
CA LEU E 1495 26.74 -20.66 52.35
C LEU E 1495 28.02 -19.99 52.82
N SER E 1496 28.24 -19.90 54.13
CA SER E 1496 29.43 -19.25 54.63
C SER E 1496 30.64 -20.15 54.47
N MET E 1497 31.82 -19.56 54.69
CA MET E 1497 33.01 -20.37 54.88
C MET E 1497 32.94 -21.11 56.21
N GLU E 1498 32.23 -20.53 57.19
CA GLU E 1498 32.12 -21.16 58.50
C GLU E 1498 31.35 -22.46 58.44
N THR E 1499 30.31 -22.52 57.60
CA THR E 1499 29.59 -23.76 57.40
C THR E 1499 30.47 -24.79 56.72
N GLN E 1500 31.34 -24.35 55.83
CA GLN E 1500 32.21 -25.26 55.12
C GLN E 1500 33.29 -25.87 55.99
N ASN E 1501 33.54 -25.33 57.17
CA ASN E 1501 34.56 -25.88 58.05
C ASN E 1501 33.98 -26.68 59.21
N ILE E 1502 32.77 -27.21 59.06
CA ILE E 1502 32.23 -28.09 60.08
C ILE E 1502 32.97 -29.42 60.03
N GLN E 1503 33.44 -29.86 61.19
CA GLN E 1503 34.28 -31.06 61.25
C GLN E 1503 33.46 -32.31 61.52
N GLU E 1504 34.05 -33.44 61.15
CA GLU E 1504 33.51 -34.79 61.17
C GLU E 1504 34.40 -35.68 62.04
N PRO E 1505 33.82 -36.56 62.84
CA PRO E 1505 34.62 -37.29 63.83
C PRO E 1505 35.60 -38.30 63.25
N MET E 1506 36.38 -38.87 64.15
CA MET E 1506 37.51 -39.72 63.81
C MET E 1506 37.04 -41.10 63.40
N MET E 1507 37.68 -41.64 62.36
CA MET E 1507 37.30 -42.91 61.76
C MET E 1507 37.73 -44.04 62.68
N GLY E 1508 36.93 -44.31 63.71
CA GLY E 1508 37.31 -45.33 64.67
C GLY E 1508 38.45 -44.84 65.52
N ILE E 1509 39.25 -45.77 65.99
CA ILE E 1509 40.37 -45.46 66.87
C ILE E 1509 41.65 -45.38 66.04
N GLY E 1510 42.47 -44.39 66.33
CA GLY E 1510 43.66 -44.12 65.54
C GLY E 1510 44.17 -42.73 65.86
N ALA E 1511 45.13 -42.27 65.06
CA ALA E 1511 45.70 -40.97 65.30
C ALA E 1511 45.85 -40.19 64.01
N TYR E 1512 45.84 -38.87 64.16
CA TYR E 1512 46.26 -37.94 63.14
C TYR E 1512 47.67 -37.51 63.48
N ILE E 1513 48.62 -37.81 62.60
CA ILE E 1513 50.00 -37.40 62.83
C ILE E 1513 50.50 -36.74 61.56
N GLU E 1514 51.52 -35.90 61.71
CA GLU E 1514 52.06 -35.13 60.61
C GLU E 1514 53.58 -35.25 60.63
N LEU E 1515 54.16 -35.58 59.49
CA LEU E 1515 55.60 -35.76 59.37
C LEU E 1515 56.13 -34.76 58.36
N ILE E 1516 56.76 -33.71 58.85
CA ILE E 1516 57.42 -32.77 57.97
C ILE E 1516 58.75 -33.40 57.54
N LEU E 1517 59.06 -33.28 56.25
CA LEU E 1517 60.16 -34.03 55.69
C LEU E 1517 61.29 -33.07 55.34
N ASP E 1518 62.50 -33.60 55.23
CA ASP E 1518 63.64 -32.73 55.05
C ASP E 1518 63.73 -32.25 53.60
N LYS E 1519 64.66 -31.34 53.37
CA LYS E 1519 64.84 -30.70 52.08
C LYS E 1519 65.40 -31.69 51.07
N TYR E 1520 65.17 -31.39 49.78
CA TYR E 1520 65.69 -32.25 48.74
C TYR E 1520 67.18 -32.05 48.62
N ASN E 1521 67.93 -32.93 49.25
CA ASN E 1521 69.34 -33.11 48.94
C ASN E 1521 69.43 -34.36 48.08
N PRO E 1522 69.84 -34.25 46.81
CA PRO E 1522 70.01 -35.46 46.00
C PRO E 1522 71.20 -36.29 46.42
N ASP E 1523 72.04 -35.79 47.33
CA ASP E 1523 73.03 -36.61 48.01
C ASP E 1523 72.35 -37.74 48.78
N ILE E 1524 71.23 -37.45 49.44
CA ILE E 1524 70.53 -38.49 50.18
C ILE E 1524 69.29 -38.97 49.43
N HIS E 1525 68.53 -38.07 48.81
CA HIS E 1525 67.25 -38.44 48.23
C HIS E 1525 67.37 -39.10 46.87
N GLY E 1526 68.58 -39.32 46.38
CA GLY E 1526 68.72 -39.92 45.07
C GLY E 1526 68.42 -38.92 43.97
N THR E 1527 68.32 -39.47 42.75
CA THR E 1527 68.18 -38.64 41.56
C THR E 1527 66.80 -38.00 41.45
N ASN E 1528 65.80 -38.56 42.12
CA ASN E 1528 64.42 -38.14 41.90
C ASN E 1528 63.91 -37.39 43.12
N LYS E 1529 63.05 -36.39 42.86
CA LYS E 1529 62.29 -35.77 43.92
C LYS E 1529 61.05 -36.56 44.29
N SER E 1530 60.78 -37.65 43.58
CA SER E 1530 59.63 -38.49 43.89
C SER E 1530 59.94 -39.37 45.09
N PHE E 1531 59.00 -39.46 46.03
CA PHE E 1531 59.09 -40.38 47.15
C PHE E 1531 57.75 -41.03 47.39
N LYS E 1532 57.74 -42.01 48.29
CA LYS E 1532 56.53 -42.62 48.79
C LYS E 1532 56.68 -42.80 50.29
N ILE E 1533 55.79 -42.22 51.08
CA ILE E 1533 55.74 -42.66 52.46
C ILE E 1533 54.94 -43.95 52.39
N ILE E 1534 55.11 -44.82 53.39
CA ILE E 1534 54.59 -46.18 53.30
C ILE E 1534 53.93 -46.49 54.63
N TYR E 1535 53.14 -47.55 54.65
CA TYR E 1535 52.70 -48.14 55.90
C TYR E 1535 53.25 -49.55 55.96
N GLY E 1536 53.55 -50.03 57.18
CA GLY E 1536 54.01 -51.38 57.34
C GLY E 1536 53.54 -51.95 58.65
N ASP E 1537 53.63 -53.29 58.75
CA ASP E 1537 53.45 -54.07 59.98
C ASP E 1537 52.06 -53.92 60.59
N ILE E 1538 51.05 -54.33 59.84
CA ILE E 1538 49.73 -54.58 60.41
C ILE E 1538 49.18 -55.79 59.68
N PHE E 1539 48.31 -56.54 60.37
CA PHE E 1539 47.44 -57.58 59.83
C PHE E 1539 48.21 -58.84 59.41
N LYS E 1540 49.53 -58.76 59.38
CA LYS E 1540 50.49 -59.75 58.91
C LYS E 1540 51.87 -59.14 59.10
N ALA E 1541 52.90 -59.93 58.80
CA ALA E 1541 54.27 -59.43 58.84
C ALA E 1541 54.73 -58.86 57.51
N GLY E 1542 53.81 -58.59 56.58
CA GLY E 1542 54.20 -58.13 55.26
C GLY E 1542 54.20 -56.61 55.15
N ASP E 1543 54.16 -56.14 53.92
CA ASP E 1543 54.34 -54.73 53.59
C ASP E 1543 53.06 -54.14 52.99
N HIS E 1544 52.69 -52.95 53.45
CA HIS E 1544 51.59 -52.20 52.88
C HIS E 1544 52.11 -51.08 52.00
N PHE E 1545 51.21 -50.18 51.63
CA PHE E 1545 51.43 -49.43 50.42
C PHE E 1545 50.66 -48.12 50.59
N PRO E 1546 50.62 -47.18 49.60
CA PRO E 1546 50.95 -45.78 49.90
C PRO E 1546 49.90 -44.98 50.66
N ILE E 1547 50.04 -44.89 51.98
CA ILE E 1547 49.20 -43.97 52.74
C ILE E 1547 49.41 -42.52 52.32
N TYR E 1548 50.58 -42.18 51.77
CA TYR E 1548 50.73 -40.94 51.03
C TYR E 1548 51.86 -41.12 50.01
N GLN E 1549 51.69 -40.47 48.85
CA GLN E 1549 52.75 -40.32 47.87
C GLN E 1549 52.83 -38.85 47.47
N GLY E 1550 54.05 -38.34 47.36
CA GLY E 1550 54.22 -36.95 46.95
C GLY E 1550 55.55 -36.74 46.28
N ALA E 1551 56.04 -35.50 46.38
CA ALA E 1551 57.28 -35.09 45.74
C ALA E 1551 58.10 -34.19 46.66
N LEU E 1552 59.39 -34.09 46.38
CA LEU E 1552 60.30 -33.31 47.22
C LEU E 1552 60.51 -31.91 46.66
N SER E 1553 61.04 -31.03 47.51
CA SER E 1553 61.34 -29.67 47.13
C SER E 1553 62.61 -29.19 47.83
N ASP E 1554 63.16 -28.09 47.30
CA ASP E 1554 64.37 -27.52 47.87
C ASP E 1554 64.11 -26.91 49.24
N ILE E 1555 63.00 -26.19 49.38
CA ILE E 1555 62.46 -25.92 50.71
C ILE E 1555 61.93 -27.23 51.30
N THR E 1556 62.07 -27.37 52.62
CA THR E 1556 61.38 -28.45 53.31
C THR E 1556 59.87 -28.15 53.28
N GLN E 1557 59.22 -28.64 52.22
CA GLN E 1557 57.86 -28.26 51.88
C GLN E 1557 56.93 -29.40 52.23
N THR E 1558 57.46 -30.61 52.21
CA THR E 1558 56.67 -31.79 52.49
C THR E 1558 56.32 -31.83 53.97
N THR E 1559 55.08 -31.49 54.28
CA THR E 1559 54.51 -31.61 55.62
C THR E 1559 53.11 -32.19 55.48
N VAL E 1560 52.97 -33.47 55.83
CA VAL E 1560 51.80 -34.23 55.46
C VAL E 1560 51.07 -34.71 56.71
N LYS E 1561 49.89 -34.14 56.95
CA LYS E 1561 49.04 -34.51 58.06
C LYS E 1561 48.27 -35.77 57.68
N LEU E 1562 48.55 -36.88 58.35
CA LEU E 1562 47.98 -38.16 57.95
C LEU E 1562 47.22 -38.79 59.09
N PHE E 1563 45.99 -39.23 58.79
CA PHE E 1563 45.33 -40.15 59.70
C PHE E 1563 46.06 -41.49 59.69
N LEU E 1564 45.96 -42.23 60.79
CA LEU E 1564 46.79 -43.40 60.96
C LEU E 1564 46.03 -44.51 61.67
N PRO E 1565 45.64 -45.57 60.96
CA PRO E 1565 44.69 -46.52 61.50
C PRO E 1565 45.32 -47.49 62.47
N ARG E 1566 44.54 -47.94 63.44
CA ARG E 1566 45.04 -48.82 64.48
C ARG E 1566 44.03 -49.88 64.86
N VAL E 1567 44.41 -51.13 64.65
CA VAL E 1567 43.81 -52.22 65.39
C VAL E 1567 44.21 -52.05 66.85
N ASP E 1568 43.27 -52.33 67.77
CA ASP E 1568 43.53 -52.11 69.18
C ASP E 1568 44.57 -53.10 69.72
N ASN E 1569 44.68 -54.27 69.12
CA ASN E 1569 45.69 -55.26 69.48
C ASN E 1569 46.64 -55.43 68.31
N ALA E 1570 47.76 -54.71 68.34
CA ALA E 1570 48.77 -54.91 67.32
C ALA E 1570 49.63 -56.12 67.65
N TYR E 1571 50.28 -56.66 66.61
CA TYR E 1571 51.02 -57.91 66.77
C TYR E 1571 52.33 -57.65 67.51
N GLY E 1572 53.04 -56.61 67.09
CA GLY E 1572 54.09 -56.07 67.94
C GLY E 1572 53.44 -55.23 69.03
N ASN E 1573 53.39 -55.79 70.24
CA ASN E 1573 52.72 -55.10 71.32
C ASN E 1573 53.65 -54.10 72.00
N LYS E 1574 54.97 -54.27 71.78
CA LYS E 1574 55.98 -53.37 72.33
C LYS E 1574 55.80 -51.95 71.80
N ASN E 1575 55.44 -51.84 70.53
CA ASN E 1575 55.21 -50.57 69.86
C ASN E 1575 54.32 -50.84 68.66
N ASN E 1576 53.12 -50.24 68.68
CA ASN E 1576 52.01 -50.84 67.96
C ASN E 1576 52.05 -50.57 66.47
N LEU E 1577 52.64 -49.46 66.04
CA LEU E 1577 52.48 -49.05 64.65
C LEU E 1577 53.81 -48.59 64.08
N TYR E 1578 54.04 -48.93 62.81
CA TYR E 1578 55.28 -48.58 62.11
C TYR E 1578 55.03 -47.94 60.77
N VAL E 1579 55.78 -46.86 60.52
CA VAL E 1579 55.81 -46.14 59.26
C VAL E 1579 57.27 -45.93 58.86
N TYR E 1580 57.61 -46.20 57.61
CA TYR E 1580 58.84 -45.63 57.07
C TYR E 1580 58.53 -44.82 55.82
N ALA E 1581 59.59 -44.23 55.28
CA ALA E 1581 59.51 -43.39 54.09
C ALA E 1581 60.47 -43.94 53.05
N ALA E 1582 59.95 -44.27 51.88
CA ALA E 1582 60.74 -44.81 50.78
C ALA E 1582 60.91 -43.75 49.70
N TYR E 1583 61.98 -43.91 48.92
CA TYR E 1583 62.13 -43.15 47.68
C TYR E 1583 63.02 -43.96 46.73
N GLN E 1584 63.55 -43.29 45.71
CA GLN E 1584 64.28 -43.96 44.64
C GLN E 1584 65.56 -44.62 45.14
N LYS E 1585 66.40 -43.86 45.82
CA LYS E 1585 67.70 -44.41 46.21
C LYS E 1585 67.60 -45.33 47.41
N VAL E 1586 67.17 -44.81 48.55
CA VAL E 1586 67.14 -45.55 49.81
C VAL E 1586 65.67 -45.65 50.22
N GLU E 1587 65.27 -46.84 50.64
CA GLU E 1587 63.89 -47.15 50.99
C GLU E 1587 63.78 -48.00 52.24
N THR E 1588 64.69 -47.84 53.20
CA THR E 1588 64.96 -48.93 54.12
C THR E 1588 64.16 -48.82 55.42
N ASN E 1589 64.35 -49.82 56.27
CA ASN E 1589 63.53 -50.12 57.43
C ASN E 1589 64.00 -49.30 58.63
N PHE E 1590 63.05 -48.70 59.33
CA PHE E 1590 63.34 -47.77 60.42
C PHE E 1590 62.69 -48.34 61.67
N ILE E 1591 62.61 -47.54 62.72
CA ILE E 1591 61.79 -47.90 63.88
C ILE E 1591 60.71 -46.82 63.99
N ARG E 1592 59.84 -46.93 65.00
CA ARG E 1592 58.43 -46.67 64.82
C ARG E 1592 57.86 -45.77 65.90
N PHE E 1593 56.53 -45.74 65.94
CA PHE E 1593 55.73 -45.07 66.95
C PHE E 1593 55.12 -46.09 67.89
N VAL E 1594 54.28 -45.59 68.81
CA VAL E 1594 53.48 -46.43 69.69
C VAL E 1594 52.30 -45.60 70.20
N LYS E 1595 51.11 -46.19 70.16
CA LYS E 1595 49.96 -45.58 70.81
C LYS E 1595 49.63 -46.38 72.07
N GLU E 1596 49.19 -45.67 73.09
CA GLU E 1596 48.60 -46.29 74.26
C GLU E 1596 47.27 -46.94 73.87
N ASP E 1597 46.79 -47.86 74.71
CA ASP E 1597 45.44 -48.36 74.50
C ASP E 1597 44.41 -47.37 75.03
N ASN E 1598 44.85 -46.43 75.85
CA ASN E 1598 44.07 -45.30 76.31
C ASN E 1598 43.65 -44.42 75.13
N ASN E 1599 42.60 -43.63 75.35
CA ASN E 1599 42.20 -42.58 74.42
C ASN E 1599 43.26 -41.49 74.29
N LYS E 1600 44.14 -41.34 75.27
CA LYS E 1600 45.32 -40.50 75.19
C LYS E 1600 46.17 -40.92 73.98
N PRO E 1601 46.43 -40.01 73.04
CA PRO E 1601 47.01 -40.43 71.76
C PRO E 1601 48.50 -40.75 71.83
N ALA E 1602 49.06 -40.99 70.66
CA ALA E 1602 50.34 -41.66 70.53
C ALA E 1602 51.51 -40.72 70.74
N THR E 1603 52.60 -41.26 71.27
CA THR E 1603 53.88 -40.57 71.24
C THR E 1603 54.84 -41.26 70.27
N PHE E 1604 56.07 -40.78 70.26
CA PHE E 1604 57.18 -41.45 69.59
C PHE E 1604 57.67 -42.60 70.47
N ASP E 1605 58.10 -43.69 69.84
CA ASP E 1605 58.64 -44.83 70.58
C ASP E 1605 59.99 -44.43 71.20
N THR E 1606 59.98 -44.26 72.52
CA THR E 1606 61.02 -43.48 73.18
C THR E 1606 62.07 -44.39 73.81
N THR E 1607 63.10 -44.70 73.03
CA THR E 1607 64.46 -44.57 73.55
C THR E 1607 64.92 -43.28 72.91
N TYR E 1608 66.18 -42.88 73.06
CA TYR E 1608 66.65 -41.70 72.33
C TYR E 1608 66.73 -42.09 70.85
N LYS E 1609 65.61 -41.89 70.15
CA LYS E 1609 65.43 -42.18 68.74
C LYS E 1609 65.70 -43.63 68.36
N ASN E 1610 64.80 -44.55 68.77
CA ASN E 1610 64.62 -45.81 68.06
C ASN E 1610 64.59 -45.52 66.58
N GLY E 1611 63.56 -44.80 66.18
CA GLY E 1611 63.44 -44.38 64.81
C GLY E 1611 64.38 -43.24 64.51
N THR E 1612 65.32 -43.50 63.62
CA THR E 1612 66.15 -42.44 63.10
C THR E 1612 65.37 -41.58 62.12
N PHE E 1613 65.88 -40.38 61.88
CA PHE E 1613 65.27 -39.41 60.97
C PHE E 1613 66.27 -39.11 59.86
N PRO E 1614 66.39 -40.00 58.86
CA PRO E 1614 67.32 -39.69 57.76
C PRO E 1614 66.80 -38.61 56.84
N GLY E 1615 65.52 -38.64 56.50
CA GLY E 1615 64.90 -37.56 55.73
C GLY E 1615 63.76 -36.98 56.52
N LEU E 1616 63.55 -37.50 57.71
CA LEU E 1616 62.43 -37.12 58.56
C LEU E 1616 62.87 -35.94 59.41
N ALA E 1617 61.90 -35.16 59.89
CA ALA E 1617 62.29 -34.01 60.70
C ALA E 1617 61.68 -34.05 62.10
N SER E 1618 60.38 -34.22 62.24
CA SER E 1618 59.76 -34.13 63.56
C SER E 1618 58.45 -34.92 63.57
N ALA E 1619 57.88 -35.04 64.77
CA ALA E 1619 56.61 -35.72 65.01
C ALA E 1619 55.73 -34.79 65.84
N ARG E 1620 54.44 -34.80 65.55
CA ARG E 1620 53.52 -33.78 66.06
C ARG E 1620 52.13 -34.40 66.19
N VAL E 1621 51.10 -33.56 65.95
CA VAL E 1621 49.90 -33.33 66.76
C VAL E 1621 49.40 -34.53 67.53
N ILE E 1622 49.27 -34.34 68.84
CA ILE E 1622 48.58 -35.29 69.68
C ILE E 1622 47.08 -35.00 69.70
N GLN E 1623 46.71 -33.74 69.83
CA GLN E 1623 45.36 -33.38 70.24
C GLN E 1623 44.57 -32.85 69.07
N THR E 1624 43.97 -33.74 68.32
CA THR E 1624 42.88 -33.42 67.42
C THR E 1624 41.96 -34.63 67.37
N VAL E 1625 40.66 -34.38 67.38
CA VAL E 1625 39.73 -35.50 67.35
C VAL E 1625 39.03 -35.57 66.00
N SER E 1626 38.47 -34.46 65.57
CA SER E 1626 37.69 -34.42 64.35
C SER E 1626 38.49 -33.73 63.26
N GLU E 1627 38.15 -34.04 62.03
CA GLU E 1627 38.83 -33.49 60.89
C GLU E 1627 37.85 -32.68 60.05
N PRO E 1628 38.32 -31.67 59.31
CA PRO E 1628 37.45 -30.97 58.37
C PRO E 1628 37.01 -31.89 57.24
N MET E 1629 35.84 -31.59 56.69
CA MET E 1629 35.20 -32.50 55.76
C MET E 1629 35.95 -32.54 54.43
N ASP E 1630 35.74 -33.60 53.69
CA ASP E 1630 36.49 -33.83 52.45
C ASP E 1630 35.58 -33.57 51.26
N PHE E 1631 36.10 -32.83 50.30
CA PHE E 1631 35.50 -32.67 49.00
C PHE E 1631 36.04 -33.67 47.99
N SER E 1632 36.66 -34.75 48.44
CA SER E 1632 37.15 -35.81 47.56
C SER E 1632 36.56 -37.17 47.90
N GLY E 1633 35.76 -37.26 48.96
CA GLY E 1633 35.25 -38.53 49.44
C GLY E 1633 34.06 -39.02 48.66
N ALA E 1634 33.23 -39.79 49.33
CA ALA E 1634 32.08 -40.39 48.68
C ALA E 1634 30.99 -39.37 48.40
N ASN E 1635 30.68 -38.52 49.37
CA ASN E 1635 29.57 -37.59 49.24
C ASN E 1635 29.96 -36.29 48.56
N SER E 1636 31.10 -36.25 47.88
CA SER E 1636 31.70 -34.99 47.46
C SER E 1636 30.89 -34.31 46.37
N LEU E 1637 30.25 -35.11 45.51
CA LEU E 1637 29.43 -34.56 44.43
C LEU E 1637 28.26 -33.75 44.97
N TYR E 1638 27.68 -34.20 46.08
CA TYR E 1638 26.59 -33.45 46.68
C TYR E 1638 27.09 -32.16 47.30
N PHE E 1639 28.32 -32.15 47.82
CA PHE E 1639 28.87 -30.92 48.36
C PHE E 1639 29.15 -29.92 47.25
N TRP E 1640 29.65 -30.38 46.10
CA TRP E 1640 29.85 -29.47 44.98
C TRP E 1640 28.53 -28.92 44.47
N GLU E 1641 27.51 -29.78 44.36
CA GLU E 1641 26.22 -29.31 43.85
C GLU E 1641 25.55 -28.38 44.84
N LEU E 1642 25.87 -28.50 46.12
CA LEU E 1642 25.34 -27.54 47.08
C LEU E 1642 26.06 -26.21 46.98
N PHE E 1643 27.39 -26.23 47.06
CA PHE E 1643 28.08 -24.97 47.29
C PHE E 1643 28.37 -24.20 46.02
N TYR E 1644 28.71 -24.88 44.93
CA TYR E 1644 29.11 -24.13 43.75
C TYR E 1644 28.03 -24.10 42.68
N TYR E 1645 27.47 -25.26 42.33
CA TYR E 1645 26.59 -25.32 41.17
C TYR E 1645 25.25 -24.65 41.44
N THR E 1646 24.81 -24.66 42.69
CA THR E 1646 23.53 -24.02 43.00
C THR E 1646 23.55 -22.50 42.86
N PRO E 1647 24.50 -21.74 43.45
CA PRO E 1647 24.43 -20.29 43.24
C PRO E 1647 24.74 -19.88 41.82
N MET E 1648 25.57 -20.65 41.12
CA MET E 1648 25.82 -20.38 39.71
C MET E 1648 24.55 -20.53 38.89
N MET E 1649 23.77 -21.57 39.13
CA MET E 1649 22.61 -21.83 38.30
C MET E 1649 21.50 -20.84 38.61
N VAL E 1650 21.34 -20.51 39.90
CA VAL E 1650 20.40 -19.46 40.30
C VAL E 1650 20.80 -18.13 39.67
N ALA E 1651 22.09 -17.80 39.68
CA ALA E 1651 22.52 -16.50 39.17
C ALA E 1651 22.39 -16.42 37.67
N GLN E 1652 22.67 -17.51 36.96
CA GLN E 1652 22.49 -17.53 35.52
C GLN E 1652 21.02 -17.36 35.15
N ARG E 1653 20.15 -18.08 35.86
CA ARG E 1653 18.73 -18.01 35.56
C ARG E 1653 18.14 -16.65 35.91
N LEU E 1654 18.65 -16.00 36.96
CA LEU E 1654 18.18 -14.66 37.28
C LEU E 1654 18.74 -13.64 36.32
N LEU E 1655 19.92 -13.90 35.77
CA LEU E 1655 20.47 -12.98 34.79
C LEU E 1655 19.68 -13.01 33.50
N HIS E 1656 19.21 -14.17 33.08
CA HIS E 1656 18.45 -14.23 31.83
C HIS E 1656 17.06 -13.63 31.95
N GLU E 1657 16.58 -13.41 33.17
CA GLU E 1657 15.26 -12.80 33.36
C GLU E 1657 15.35 -11.33 33.73
N GLN E 1658 16.49 -10.68 33.47
CA GLN E 1658 16.68 -9.24 33.57
C GLN E 1658 16.45 -8.72 35.00
N ASN E 1659 16.63 -9.57 35.99
CA ASN E 1659 16.50 -9.20 37.38
C ASN E 1659 17.91 -9.15 37.95
N PHE E 1660 18.42 -7.94 38.17
CA PHE E 1660 19.86 -7.78 38.22
C PHE E 1660 20.47 -7.87 39.61
N ASP E 1661 19.95 -7.10 40.57
CA ASP E 1661 20.61 -7.03 41.88
C ASP E 1661 20.47 -8.33 42.65
N GLU E 1662 19.40 -9.08 42.38
CA GLU E 1662 19.28 -10.38 43.00
C GLU E 1662 20.28 -11.36 42.41
N ALA E 1663 20.57 -11.23 41.11
CA ALA E 1663 21.65 -12.01 40.53
C ALA E 1663 23.00 -11.60 41.09
N ASN E 1664 23.17 -10.33 41.43
CA ASN E 1664 24.44 -9.89 41.98
C ASN E 1664 24.64 -10.42 43.38
N ARG E 1665 23.60 -10.37 44.20
CA ARG E 1665 23.76 -10.89 45.55
C ARG E 1665 23.81 -12.41 45.56
N TRP E 1666 23.30 -13.07 44.54
CA TRP E 1666 23.58 -14.50 44.45
C TRP E 1666 24.98 -14.80 43.95
N LEU E 1667 25.57 -13.97 43.11
CA LEU E 1667 26.97 -14.19 42.78
C LEU E 1667 27.89 -13.87 43.94
N LYS E 1668 27.47 -13.01 44.86
CA LYS E 1668 28.36 -12.68 45.96
C LYS E 1668 28.46 -13.79 46.98
N TYR E 1669 27.62 -14.82 46.91
CA TYR E 1669 27.80 -15.96 47.80
C TYR E 1669 28.98 -16.83 47.41
N VAL E 1670 29.60 -16.56 46.26
CA VAL E 1670 30.70 -17.36 45.77
C VAL E 1670 31.98 -16.54 45.70
N TRP E 1671 31.96 -15.43 44.99
CA TRP E 1671 33.17 -14.67 44.75
C TRP E 1671 32.86 -13.19 44.97
N SER E 1672 33.14 -12.70 46.16
CA SER E 1672 32.97 -11.28 46.42
C SER E 1672 34.29 -10.58 46.15
N PRO E 1673 34.32 -9.60 45.26
CA PRO E 1673 35.57 -8.88 45.04
C PRO E 1673 35.85 -7.90 46.16
N SER E 1674 34.81 -7.52 46.88
CA SER E 1674 34.96 -6.51 47.91
C SER E 1674 35.26 -7.10 49.28
N GLY E 1675 35.41 -8.40 49.39
CA GLY E 1675 35.63 -9.03 50.67
C GLY E 1675 34.35 -9.18 51.45
N TYR E 1676 34.39 -10.11 52.40
CA TYR E 1676 33.22 -10.49 53.16
C TYR E 1676 33.30 -9.87 54.54
N ILE E 1677 32.14 -9.50 55.07
CA ILE E 1677 32.04 -8.95 56.41
C ILE E 1677 31.09 -9.84 57.18
N VAL E 1678 31.57 -10.44 58.27
CA VAL E 1678 30.77 -11.31 59.11
C VAL E 1678 30.76 -10.72 60.52
N ARG E 1679 29.59 -10.26 60.95
CA ARG E 1679 29.36 -9.65 62.27
C ARG E 1679 30.34 -8.51 62.52
N GLY E 1680 30.24 -7.48 61.69
CA GLY E 1680 31.09 -6.33 61.84
C GLY E 1680 32.51 -6.48 61.36
N GLN E 1681 33.08 -7.69 61.38
CA GLN E 1681 34.48 -7.87 61.06
C GLN E 1681 34.64 -8.28 59.60
N ILE E 1682 35.53 -7.58 58.91
CA ILE E 1682 35.95 -7.98 57.57
C ILE E 1682 36.82 -9.23 57.67
N LYS E 1683 36.47 -10.25 56.89
CA LYS E 1683 37.24 -11.48 56.91
C LYS E 1683 38.41 -11.42 55.94
N ASN E 1684 39.36 -12.33 56.14
CA ASN E 1684 40.57 -12.33 55.34
C ASN E 1684 40.29 -12.87 53.94
N TYR E 1685 39.55 -13.98 53.85
CA TYR E 1685 39.45 -14.74 52.61
C TYR E 1685 38.70 -13.98 51.54
N HIS E 1686 38.86 -14.43 50.31
CA HIS E 1686 38.37 -13.66 49.18
C HIS E 1686 37.44 -14.48 48.30
N TRP E 1687 37.57 -15.80 48.36
CA TRP E 1687 36.64 -16.72 47.73
C TRP E 1687 35.83 -17.41 48.82
N ASN E 1688 34.60 -17.78 48.51
CA ASN E 1688 33.72 -18.31 49.53
C ASN E 1688 33.66 -19.84 49.52
N VAL E 1689 34.15 -20.49 48.47
CA VAL E 1689 34.11 -21.94 48.40
C VAL E 1689 35.50 -22.43 48.76
N ARG E 1690 35.58 -23.39 49.69
CA ARG E 1690 36.87 -23.78 50.24
C ARG E 1690 37.77 -24.54 49.27
N PRO E 1691 37.32 -25.54 48.49
CA PRO E 1691 38.25 -26.14 47.51
C PRO E 1691 38.62 -25.22 46.36
N LEU E 1692 38.07 -24.02 46.27
CA LEU E 1692 38.64 -23.04 45.35
C LEU E 1692 39.89 -22.40 45.94
N LEU E 1693 39.93 -22.26 47.25
CA LEU E 1693 41.16 -21.75 47.89
C LEU E 1693 42.28 -22.76 47.76
N GLU E 1694 41.95 -24.03 47.85
CA GLU E 1694 42.93 -25.11 47.83
C GLU E 1694 42.54 -26.09 46.73
N ASN E 1695 43.28 -26.04 45.62
CA ASN E 1695 42.94 -26.81 44.43
C ASN E 1695 42.99 -28.30 44.71
N THR E 1696 41.89 -28.98 44.40
CA THR E 1696 41.69 -30.37 44.78
C THR E 1696 41.04 -31.10 43.62
N SER E 1697 41.84 -31.84 42.85
CA SER E 1697 41.35 -32.54 41.68
C SER E 1697 40.50 -33.71 42.15
N TRP E 1698 39.19 -33.59 41.99
CA TRP E 1698 38.28 -34.63 42.39
C TRP E 1698 37.75 -35.43 41.22
N ASN E 1699 38.56 -35.58 40.18
CA ASN E 1699 38.29 -36.44 39.05
C ASN E 1699 39.64 -36.72 38.42
N SER E 1700 40.10 -37.97 38.50
CA SER E 1700 41.47 -38.27 38.10
C SER E 1700 41.67 -38.24 36.59
N ASP E 1701 40.67 -38.64 35.80
CA ASP E 1701 40.86 -38.87 34.38
C ASP E 1701 39.84 -38.08 33.57
N PRO E 1702 40.10 -36.79 33.36
CA PRO E 1702 39.17 -35.99 32.57
C PRO E 1702 39.21 -36.35 31.10
N LEU E 1703 40.31 -36.90 30.61
CA LEU E 1703 40.45 -37.26 29.22
C LEU E 1703 39.94 -38.66 28.93
N ASP E 1704 39.10 -39.21 29.80
CA ASP E 1704 38.34 -40.41 29.45
C ASP E 1704 37.47 -40.15 28.24
N SER E 1705 36.78 -39.02 28.24
CA SER E 1705 35.95 -38.61 27.13
C SER E 1705 36.12 -37.13 26.92
N VAL E 1706 35.25 -36.57 26.07
CA VAL E 1706 35.24 -35.14 25.82
C VAL E 1706 34.13 -34.51 26.63
N ASP E 1707 34.52 -33.76 27.66
CA ASP E 1707 33.58 -33.16 28.61
C ASP E 1707 34.27 -31.93 29.18
N PRO E 1708 33.66 -30.76 29.03
CA PRO E 1708 34.14 -29.60 29.78
C PRO E 1708 33.99 -29.76 31.27
N ASP E 1709 32.98 -30.51 31.72
CA ASP E 1709 32.78 -30.72 33.15
C ASP E 1709 33.91 -31.55 33.74
N ALA E 1710 34.40 -32.55 33.00
CA ALA E 1710 35.47 -33.39 33.52
C ALA E 1710 36.78 -32.62 33.65
N VAL E 1711 37.10 -31.80 32.65
CA VAL E 1711 38.34 -31.04 32.70
C VAL E 1711 38.24 -29.95 33.74
N ALA E 1712 37.04 -29.42 33.94
CA ALA E 1712 36.82 -28.51 35.06
C ALA E 1712 37.02 -29.19 36.39
N GLN E 1713 36.55 -30.43 36.52
CA GLN E 1713 36.70 -31.16 37.77
C GLN E 1713 38.15 -31.51 38.05
N HIS E 1714 38.96 -31.67 37.01
CA HIS E 1714 40.35 -32.02 37.26
C HIS E 1714 41.15 -30.81 37.73
N ASP E 1715 40.65 -29.60 37.50
CA ASP E 1715 41.38 -28.42 37.92
C ASP E 1715 40.42 -27.27 38.18
N PRO E 1716 40.23 -26.85 39.43
CA PRO E 1716 39.11 -25.95 39.74
C PRO E 1716 39.35 -24.50 39.32
N MET E 1717 40.54 -24.17 38.84
CA MET E 1717 40.78 -22.81 38.38
C MET E 1717 39.94 -22.46 37.17
N HIS E 1718 39.50 -23.46 36.41
CA HIS E 1718 38.55 -23.18 35.34
C HIS E 1718 37.21 -22.79 35.91
N TYR E 1719 36.84 -23.33 37.07
CA TYR E 1719 35.63 -22.84 37.72
C TYR E 1719 35.80 -21.40 38.17
N LYS E 1720 37.00 -21.05 38.64
CA LYS E 1720 37.27 -19.64 38.99
C LYS E 1720 37.07 -18.73 37.78
N VAL E 1721 37.63 -19.12 36.64
CA VAL E 1721 37.54 -18.30 35.44
C VAL E 1721 36.10 -18.21 34.95
N ALA E 1722 35.34 -19.30 35.11
CA ALA E 1722 33.94 -19.30 34.69
C ALA E 1722 33.11 -18.35 35.54
N THR E 1723 33.34 -18.36 36.85
CA THR E 1723 32.64 -17.44 37.75
C THR E 1723 33.00 -16.00 37.43
N PHE E 1724 34.26 -15.78 37.06
CA PHE E 1724 34.71 -14.44 36.70
C PHE E 1724 34.01 -13.95 35.43
N MET E 1725 33.87 -14.82 34.43
CA MET E 1725 33.16 -14.42 33.22
C MET E 1725 31.69 -14.18 33.48
N ARG E 1726 31.10 -14.92 34.43
CA ARG E 1726 29.72 -14.62 34.81
C ARG E 1726 29.60 -13.24 35.43
N THR E 1727 30.59 -12.86 36.25
CA THR E 1727 30.56 -11.54 36.87
C THR E 1727 30.69 -10.44 35.82
N LEU E 1728 31.56 -10.65 34.83
CA LEU E 1728 31.70 -9.66 33.77
C LEU E 1728 30.45 -9.56 32.92
N ASP E 1729 29.81 -10.69 32.65
CA ASP E 1729 28.56 -10.65 31.90
C ASP E 1729 27.49 -9.89 32.65
N LEU E 1730 27.44 -10.06 33.96
CA LEU E 1730 26.50 -9.31 34.79
C LEU E 1730 26.76 -7.81 34.70
N LEU E 1731 28.03 -7.40 34.82
CA LEU E 1731 28.33 -5.98 34.80
C LEU E 1731 28.05 -5.36 33.44
N MET E 1732 28.40 -6.05 32.36
CA MET E 1732 28.14 -5.49 31.04
C MET E 1732 26.64 -5.47 30.75
N ALA E 1733 25.89 -6.44 31.27
CA ALA E 1733 24.44 -6.42 31.08
C ALA E 1733 23.80 -5.25 31.80
N ARG E 1734 24.26 -4.95 33.02
CA ARG E 1734 23.74 -3.80 33.75
C ARG E 1734 24.06 -2.50 33.02
N GLY E 1735 25.28 -2.40 32.49
CA GLY E 1735 25.64 -1.23 31.71
C GLY E 1735 24.85 -1.07 30.43
N ASP E 1736 24.58 -2.18 29.75
CA ASP E 1736 23.85 -2.12 28.49
C ASP E 1736 22.39 -1.77 28.72
N HIS E 1737 21.78 -2.34 29.76
CA HIS E 1737 20.40 -2.00 30.05
C HIS E 1737 20.27 -0.58 30.56
N ALA E 1738 21.32 -0.05 31.18
CA ALA E 1738 21.32 1.37 31.48
C ALA E 1738 21.43 2.21 30.21
N TYR E 1739 22.23 1.76 29.26
CA TYR E 1739 22.64 2.62 28.16
C TYR E 1739 21.53 2.82 27.15
N ARG E 1740 20.51 1.96 27.14
CA ARG E 1740 19.44 2.11 26.18
C ARG E 1740 18.39 3.11 26.62
N GLN E 1741 18.39 3.49 27.90
CA GLN E 1741 17.52 4.56 28.37
C GLN E 1741 18.32 5.86 28.38
N LEU E 1742 17.99 6.75 27.46
CA LEU E 1742 18.93 7.77 27.00
C LEU E 1742 18.92 9.05 27.82
N GLU E 1743 18.46 9.04 29.07
CA GLU E 1743 18.64 10.23 29.87
C GLU E 1743 20.07 10.31 30.38
N ARG E 1744 20.43 11.48 30.89
CA ARG E 1744 21.84 11.84 31.06
C ARG E 1744 22.46 11.15 32.28
N ASP E 1745 21.73 11.11 33.38
CA ASP E 1745 22.27 10.52 34.60
C ASP E 1745 22.45 9.01 34.44
N THR E 1746 21.58 8.38 33.66
CA THR E 1746 21.75 6.97 33.37
C THR E 1746 22.91 6.73 32.41
N LEU E 1747 23.26 7.72 31.59
CA LEU E 1747 24.50 7.60 30.83
C LEU E 1747 25.72 7.67 31.74
N ASN E 1748 25.67 8.53 32.76
CA ASN E 1748 26.74 8.53 33.76
C ASN E 1748 26.82 7.20 34.50
N GLU E 1749 25.66 6.61 34.78
CA GLU E 1749 25.59 5.29 35.39
C GLU E 1749 26.21 4.23 34.48
N ALA E 1750 25.94 4.32 33.18
CA ALA E 1750 26.54 3.39 32.23
C ALA E 1750 28.05 3.53 32.23
N LYS E 1751 28.54 4.76 32.30
CA LYS E 1751 29.97 5.00 32.31
C LYS E 1751 30.63 4.41 33.54
N MET E 1752 29.99 4.56 34.71
CA MET E 1752 30.61 3.98 35.90
C MET E 1752 30.50 2.46 35.93
N TRP E 1753 29.49 1.86 35.29
CA TRP E 1753 29.50 0.39 35.24
C TRP E 1753 30.58 -0.15 34.32
N TYR E 1754 30.74 0.44 33.13
CA TYR E 1754 31.78 -0.08 32.25
C TYR E 1754 33.17 0.21 32.80
N MET E 1755 33.35 1.34 33.50
CA MET E 1755 34.63 1.57 34.13
C MET E 1755 34.88 0.61 35.29
N GLN E 1756 33.81 0.22 36.00
CA GLN E 1756 33.96 -0.79 37.04
C GLN E 1756 34.39 -2.12 36.46
N ALA E 1757 33.87 -2.47 35.29
CA ALA E 1757 34.35 -3.68 34.63
C ALA E 1757 35.80 -3.57 34.17
N LEU E 1758 36.19 -2.42 33.63
CA LEU E 1758 37.53 -2.31 33.08
C LEU E 1758 38.59 -2.30 34.17
N HIS E 1759 38.30 -1.73 35.33
CA HIS E 1759 39.35 -1.82 36.33
C HIS E 1759 39.34 -3.17 37.04
N LEU E 1760 38.31 -3.99 36.83
CA LEU E 1760 38.48 -5.40 37.14
C LEU E 1760 39.41 -6.08 36.15
N LEU E 1761 39.33 -5.71 34.88
CA LEU E 1761 40.14 -6.44 33.92
C LEU E 1761 41.59 -5.97 33.91
N GLY E 1762 41.81 -4.67 34.11
CA GLY E 1762 43.12 -4.11 33.88
C GLY E 1762 43.29 -3.66 32.44
N ASN E 1763 44.50 -3.82 31.93
CA ASN E 1763 44.79 -3.43 30.56
C ASN E 1763 44.37 -4.52 29.57
N LYS E 1764 44.34 -4.14 28.32
CA LYS E 1764 44.51 -5.10 27.27
C LYS E 1764 45.92 -5.67 27.37
N PRO E 1765 46.09 -6.99 27.42
CA PRO E 1765 47.42 -7.56 27.62
C PRO E 1765 48.27 -7.43 26.37
N TYR E 1766 49.56 -7.17 26.59
CA TYR E 1766 50.52 -7.06 25.51
C TYR E 1766 51.25 -8.38 25.31
N LEU E 1767 51.45 -8.75 24.05
CA LEU E 1767 52.31 -9.85 23.68
C LEU E 1767 53.39 -9.33 22.75
N PRO E 1768 54.65 -9.68 22.95
CA PRO E 1768 55.68 -9.34 21.96
C PRO E 1768 55.46 -10.08 20.65
N LEU E 1769 55.13 -9.32 19.61
CA LEU E 1769 54.88 -9.92 18.30
C LEU E 1769 56.17 -10.42 17.67
N SER E 1770 57.30 -9.86 18.09
CA SER E 1770 58.59 -10.45 17.74
C SER E 1770 58.73 -11.78 18.44
N SER E 1771 58.81 -12.86 17.67
CA SER E 1771 58.66 -14.19 18.22
C SER E 1771 59.83 -15.07 17.80
N VAL E 1772 59.86 -16.26 18.38
CA VAL E 1772 60.91 -17.24 18.07
C VAL E 1772 60.59 -17.94 16.76
N TRP E 1773 59.36 -17.83 16.28
CA TRP E 1773 58.87 -18.63 15.17
C TRP E 1773 59.56 -18.29 13.86
N ASN E 1774 60.42 -19.19 13.42
CA ASN E 1774 60.89 -19.25 12.06
C ASN E 1774 59.80 -19.90 11.23
N ASP E 1775 59.90 -19.79 9.91
CA ASP E 1775 58.90 -20.43 9.05
C ASP E 1775 59.52 -21.68 8.44
N PRO E 1776 59.26 -22.86 8.98
CA PRO E 1776 60.02 -24.04 8.58
C PRO E 1776 59.40 -24.71 7.37
N ARG E 1777 60.14 -25.70 6.87
CA ARG E 1777 59.57 -26.65 5.93
C ARG E 1777 58.49 -27.45 6.61
N LEU E 1778 57.52 -27.89 5.81
CA LEU E 1778 56.48 -28.77 6.31
C LEU E 1778 57.05 -30.09 6.78
N ASP E 1779 57.91 -30.71 5.98
CA ASP E 1779 58.42 -32.04 6.31
C ASP E 1779 59.34 -31.99 7.51
N ASN E 1780 60.08 -30.89 7.66
CA ASN E 1780 60.93 -30.75 8.84
C ASN E 1780 60.10 -30.57 10.09
N ALA E 1781 59.06 -29.74 10.02
CA ALA E 1781 58.25 -29.46 11.20
C ALA E 1781 57.34 -30.64 11.54
N ALA E 1782 57.01 -31.46 10.55
CA ALA E 1782 56.16 -32.63 10.77
C ALA E 1782 56.94 -33.87 11.13
N ALA E 1783 58.16 -33.72 11.64
CA ALA E 1783 59.00 -34.86 11.94
C ALA E 1783 58.47 -35.60 13.16
N THR E 1784 58.47 -36.93 13.07
CA THR E 1784 58.10 -37.75 14.21
C THR E 1784 59.19 -37.76 15.28
N THR E 1785 60.43 -37.41 14.92
CA THR E 1785 61.50 -37.29 15.89
C THR E 1785 61.22 -36.17 16.87
N THR E 1786 60.66 -35.06 16.36
CA THR E 1786 60.18 -33.96 17.20
C THR E 1786 59.15 -34.46 18.21
N GLN E 1787 58.20 -35.29 17.75
CA GLN E 1787 57.16 -35.79 18.64
C GLN E 1787 57.71 -36.73 19.69
N LYS E 1788 58.64 -37.62 19.29
CA LYS E 1788 59.18 -38.59 20.24
C LYS E 1788 60.04 -37.91 21.29
N ALA E 1789 60.88 -36.94 20.87
CA ALA E 1789 61.66 -36.17 21.82
C ALA E 1789 60.76 -35.31 22.71
N HIS E 1790 59.65 -34.82 22.15
CA HIS E 1790 58.69 -34.03 22.92
C HIS E 1790 58.04 -34.85 24.03
N ALA E 1791 57.51 -36.02 23.68
CA ALA E 1791 56.88 -36.90 24.67
C ALA E 1791 57.87 -37.37 25.72
N TYR E 1792 59.08 -37.75 25.28
CA TYR E 1792 60.11 -38.19 26.21
C TYR E 1792 60.55 -37.06 27.13
N ALA E 1793 60.59 -35.82 26.62
CA ALA E 1793 60.97 -34.69 27.45
C ALA E 1793 59.91 -34.38 28.49
N ILE E 1794 58.63 -34.50 28.12
CA ILE E 1794 57.58 -34.21 29.09
C ILE E 1794 57.55 -35.27 30.19
N THR E 1795 57.73 -36.54 29.81
CA THR E 1795 57.84 -37.59 30.84
C THR E 1795 59.08 -37.41 31.70
N SER E 1796 60.16 -36.91 31.10
CA SER E 1796 61.39 -36.70 31.84
C SER E 1796 61.25 -35.57 32.85
N LEU E 1797 60.51 -34.52 32.48
CA LEU E 1797 60.24 -33.45 33.44
C LEU E 1797 59.27 -33.93 34.51
N ARG E 1798 58.36 -34.84 34.17
CA ARG E 1798 57.38 -35.29 35.14
C ARG E 1798 57.99 -36.22 36.18
N GLN E 1799 58.92 -37.09 35.75
CA GLN E 1799 59.50 -38.05 36.68
C GLN E 1799 60.49 -37.39 37.64
N GLY E 1800 61.23 -36.40 37.17
CA GLY E 1800 62.18 -35.69 38.00
C GLY E 1800 63.58 -36.26 38.01
N THR E 1801 64.17 -36.52 36.84
CA THR E 1801 65.34 -37.38 36.82
C THR E 1801 66.59 -36.73 36.22
N GLN E 1802 66.45 -35.78 35.30
CA GLN E 1802 67.62 -35.31 34.56
C GLN E 1802 68.02 -33.91 35.01
N THR E 1803 69.21 -33.49 34.56
CA THR E 1803 69.78 -32.18 34.80
C THR E 1803 69.39 -31.22 33.69
N PRO E 1804 68.87 -30.03 34.04
CA PRO E 1804 68.54 -29.04 33.00
C PRO E 1804 69.78 -28.48 32.33
N ALA E 1805 69.72 -28.38 31.00
CA ALA E 1805 70.83 -27.89 30.21
C ALA E 1805 70.30 -27.00 29.11
N LEU E 1806 71.19 -26.21 28.50
CA LEU E 1806 70.82 -25.25 27.48
C LEU E 1806 71.73 -25.46 26.28
N LEU E 1807 71.24 -26.21 25.29
CA LEU E 1807 71.97 -26.48 24.06
C LEU E 1807 70.94 -26.73 22.97
N LEU E 1808 71.18 -26.13 21.80
CA LEU E 1808 70.24 -26.20 20.67
C LEU E 1808 70.53 -27.44 19.85
N ARG E 1809 70.34 -28.61 20.46
CA ARG E 1809 70.43 -29.88 19.74
C ARG E 1809 69.06 -30.53 19.70
N SER E 1810 68.49 -30.78 20.87
CA SER E 1810 67.09 -31.18 20.95
C SER E 1810 66.18 -29.98 20.76
N ALA E 1811 66.70 -28.77 20.96
CA ALA E 1811 65.93 -27.57 20.69
C ALA E 1811 65.77 -27.33 19.18
N ASN E 1812 66.56 -28.02 18.37
CA ASN E 1812 66.27 -28.06 16.93
C ASN E 1812 64.94 -28.75 16.68
N THR E 1813 64.63 -29.78 17.47
CA THR E 1813 63.31 -30.38 17.39
C THR E 1813 62.26 -29.51 18.06
N LEU E 1814 62.56 -29.02 19.27
CA LEU E 1814 61.58 -28.31 20.07
C LEU E 1814 61.34 -26.87 19.63
N THR E 1815 62.09 -26.37 18.64
CA THR E 1815 61.81 -25.05 18.09
C THR E 1815 60.53 -25.06 17.28
N ASP E 1816 60.33 -26.11 16.47
CA ASP E 1816 59.19 -26.15 15.56
C ASP E 1816 57.90 -26.57 16.23
N LEU E 1817 57.88 -26.71 17.54
CA LEU E 1817 56.62 -26.80 18.25
C LEU E 1817 55.85 -25.51 18.09
N PHE E 1818 54.53 -25.61 18.02
CA PHE E 1818 53.71 -24.43 17.86
C PHE E 1818 53.55 -23.73 19.19
N LEU E 1819 53.23 -22.47 19.12
CA LEU E 1819 53.04 -21.71 20.33
C LEU E 1819 51.58 -21.73 20.73
N PRO E 1820 51.29 -21.68 22.03
CA PRO E 1820 49.90 -21.59 22.47
C PRO E 1820 49.35 -20.19 22.24
N GLN E 1821 48.03 -20.12 22.09
CA GLN E 1821 47.39 -18.83 21.93
C GLN E 1821 46.49 -18.55 23.13
N ILE E 1822 46.20 -17.28 23.33
CA ILE E 1822 45.37 -16.90 24.46
C ILE E 1822 43.89 -17.03 24.11
N ASN E 1823 43.05 -16.89 25.12
CA ASN E 1823 41.63 -17.15 24.99
C ASN E 1823 40.97 -16.06 24.15
N ASP E 1824 40.36 -16.47 23.04
CA ASP E 1824 39.73 -15.53 22.12
C ASP E 1824 38.44 -14.98 22.71
N VAL E 1825 37.68 -15.82 23.41
CA VAL E 1825 36.43 -15.38 24.01
C VAL E 1825 36.69 -14.34 25.08
N MET E 1826 37.76 -14.53 25.85
CA MET E 1826 38.15 -13.53 26.83
C MET E 1826 38.70 -12.29 26.16
N LEU E 1827 39.38 -12.46 25.02
CA LEU E 1827 39.87 -11.32 24.26
C LEU E 1827 38.75 -10.47 23.69
N SER E 1828 37.59 -11.08 23.44
CA SER E 1828 36.44 -10.34 22.93
C SER E 1828 35.95 -9.28 23.89
N TYR E 1829 36.14 -9.49 25.20
CA TYR E 1829 35.56 -8.57 26.18
C TYR E 1829 36.26 -7.22 26.19
N TRP E 1830 37.59 -7.19 26.00
CA TRP E 1830 38.29 -5.91 25.93
C TRP E 1830 37.82 -5.09 24.76
N ASN E 1831 37.68 -5.71 23.60
CA ASN E 1831 37.21 -4.99 22.42
C ASN E 1831 35.77 -4.55 22.60
N LYS E 1832 34.96 -5.38 23.24
CA LYS E 1832 33.54 -5.08 23.34
C LYS E 1832 33.31 -3.94 24.33
N LEU E 1833 33.93 -4.02 25.52
CA LEU E 1833 33.84 -2.93 26.49
C LEU E 1833 34.51 -1.66 26.00
N GLU E 1834 35.64 -1.78 25.31
CA GLU E 1834 36.32 -0.62 24.77
C GLU E 1834 35.47 0.08 23.72
N LEU E 1835 34.73 -0.68 22.92
CA LEU E 1835 33.89 -0.06 21.90
C LEU E 1835 32.65 0.58 22.51
N ARG E 1836 32.02 -0.10 23.48
CA ARG E 1836 30.90 0.51 24.21
C ARG E 1836 31.31 1.80 24.89
N LEU E 1837 32.49 1.80 25.49
CA LEU E 1837 32.92 2.98 26.20
C LEU E 1837 33.41 4.06 25.25
N TYR E 1838 33.87 3.66 24.07
CA TYR E 1838 34.18 4.64 23.04
C TYR E 1838 32.94 5.34 22.54
N ASN E 1839 31.83 4.60 22.38
CA ASN E 1839 30.58 5.25 22.07
C ASN E 1839 30.07 6.10 23.22
N LEU E 1840 30.42 5.76 24.46
CA LEU E 1840 30.13 6.66 25.57
C LEU E 1840 30.94 7.95 25.51
N ARG E 1841 32.21 7.88 25.09
CA ARG E 1841 33.07 9.05 25.22
C ARG E 1841 32.74 10.10 24.18
N HIS E 1842 32.29 9.70 23.02
CA HIS E 1842 31.67 10.65 22.13
C HIS E 1842 30.17 10.59 22.37
N ASN E 1843 29.40 11.24 21.53
CA ASN E 1843 27.99 11.33 21.83
C ASN E 1843 27.18 10.35 20.99
N LEU E 1844 27.71 9.17 20.71
CA LEU E 1844 27.01 8.23 19.86
C LEU E 1844 26.02 7.41 20.66
N SER E 1845 25.27 6.57 19.93
CA SER E 1845 24.36 5.61 20.52
C SER E 1845 25.08 4.28 20.72
N ILE E 1846 24.31 3.22 20.98
CA ILE E 1846 24.90 1.90 20.97
C ILE E 1846 25.11 1.43 19.54
N ASP E 1847 24.32 1.97 18.61
CA ASP E 1847 24.45 1.59 17.21
C ASP E 1847 25.25 2.60 16.41
N GLY E 1848 25.87 3.56 17.08
CA GLY E 1848 26.71 4.53 16.40
C GLY E 1848 25.97 5.62 15.68
N GLN E 1849 24.64 5.65 15.77
CA GLN E 1849 23.90 6.79 15.25
C GLN E 1849 24.16 7.99 16.15
N PRO E 1850 24.63 9.11 15.61
CA PRO E 1850 24.91 10.26 16.47
C PRO E 1850 23.62 10.88 16.98
N LEU E 1851 23.67 11.37 18.23
CA LEU E 1851 22.51 12.06 18.77
C LEU E 1851 22.33 13.43 18.14
N HIS E 1852 23.43 14.09 17.79
CA HIS E 1852 23.32 15.40 17.14
C HIS E 1852 22.95 15.23 15.67
N LEU E 1853 22.18 16.18 15.17
CA LEU E 1853 21.84 16.17 13.77
C LEU E 1853 22.84 17.02 13.00
N PRO E 1854 23.21 16.61 11.79
CA PRO E 1854 24.30 17.30 11.07
C PRO E 1854 23.87 18.67 10.59
N ILE E 1855 24.84 19.57 10.50
CA ILE E 1855 24.56 20.93 10.05
C ILE E 1855 24.37 20.91 8.54
N TYR E 1856 23.59 21.87 8.05
CA TYR E 1856 23.20 21.92 6.65
C TYR E 1856 23.94 23.07 5.96
N ALA E 1857 24.51 22.79 4.79
CA ALA E 1857 25.32 23.78 4.12
C ALA E 1857 24.46 24.83 3.43
N THR E 1858 25.02 26.04 3.33
CA THR E 1858 24.44 27.15 2.63
C THR E 1858 25.00 27.22 1.21
N PRO E 1859 24.14 27.22 0.19
CA PRO E 1859 24.63 27.20 -1.19
C PRO E 1859 25.31 28.50 -1.59
N ALA E 1860 26.21 28.37 -2.57
CA ALA E 1860 27.05 29.49 -2.98
C ALA E 1860 26.25 30.55 -3.71
N ASP E 1861 26.80 31.76 -3.77
CA ASP E 1861 26.12 32.83 -4.44
C ASP E 1861 26.49 32.86 -5.93
N PRO E 1862 25.52 32.94 -6.83
CA PRO E 1862 25.84 32.96 -8.26
C PRO E 1862 26.36 34.33 -8.68
N LYS E 1863 27.21 34.32 -9.71
CA LYS E 1863 27.76 35.57 -10.20
C LYS E 1863 26.79 36.23 -11.17
N ALA E 1864 26.78 37.57 -11.16
CA ALA E 1864 25.94 38.37 -12.04
C ALA E 1864 26.81 38.85 -13.20
N LEU E 1865 26.65 38.20 -14.35
CA LEU E 1865 27.42 38.55 -15.54
C LEU E 1865 27.03 39.93 -16.04
N LEU E 1866 28.02 40.79 -16.19
CA LEU E 1866 27.77 42.18 -16.53
C LEU E 1866 28.61 42.55 -17.74
N SER E 1867 28.01 43.26 -18.68
CA SER E 1867 28.69 43.73 -19.86
C SER E 1867 28.95 45.23 -19.75
N ALA E 1868 30.03 45.67 -20.39
CA ALA E 1868 30.37 47.07 -20.46
C ALA E 1868 30.25 47.53 -21.90
N ALA E 1869 29.52 48.63 -22.11
CA ALA E 1869 29.32 49.20 -23.43
C ALA E 1869 29.93 50.59 -23.45
N VAL E 1870 31.00 50.75 -24.22
CA VAL E 1870 31.70 52.02 -24.33
C VAL E 1870 31.66 52.48 -25.77
N ALA E 1871 31.93 53.77 -25.98
CA ALA E 1871 31.95 54.35 -27.32
C ALA E 1871 33.29 55.00 -27.57
N THR E 1872 33.63 55.15 -28.85
CA THR E 1872 34.90 55.70 -29.28
C THR E 1872 34.70 57.04 -29.97
N SER E 1873 35.77 57.82 -30.04
CA SER E 1873 35.74 59.14 -30.66
C SER E 1873 36.72 59.20 -31.82
N GLN E 1874 36.19 59.12 -33.04
CA GLN E 1874 36.98 59.32 -34.24
C GLN E 1874 36.98 60.79 -34.59
N GLY E 1875 38.12 61.28 -35.07
CA GLY E 1875 38.26 62.69 -35.38
C GLY E 1875 37.61 63.02 -36.71
N GLY E 1876 37.01 64.20 -36.80
CA GLY E 1876 36.31 64.60 -38.01
C GLY E 1876 37.29 65.04 -39.09
N GLY E 1877 36.83 64.93 -40.33
CA GLY E 1877 37.65 65.35 -41.45
C GLY E 1877 37.52 66.84 -41.74
N LYS E 1878 38.64 67.41 -42.18
CA LYS E 1878 38.71 68.81 -42.57
C LYS E 1878 38.34 68.94 -44.04
N LEU E 1879 38.47 70.15 -44.56
CA LEU E 1879 38.04 70.39 -45.92
C LEU E 1879 39.20 70.28 -46.90
N PRO E 1880 38.95 69.86 -48.14
CA PRO E 1880 39.95 69.97 -49.19
C PRO E 1880 40.11 71.41 -49.67
N GLU E 1881 40.98 71.58 -50.65
CA GLU E 1881 41.38 72.91 -51.08
C GLU E 1881 40.37 73.49 -52.05
N SER E 1882 40.13 74.79 -51.94
CA SER E 1882 39.26 75.49 -52.87
C SER E 1882 39.90 75.57 -54.25
N PHE E 1883 39.31 74.86 -55.21
CA PHE E 1883 39.72 74.93 -56.60
C PHE E 1883 38.64 75.62 -57.42
N ILE E 1884 39.03 76.70 -58.08
CA ILE E 1884 38.10 77.56 -58.79
C ILE E 1884 37.84 76.91 -60.15
N SER E 1885 36.67 77.17 -60.73
CA SER E 1885 36.32 76.61 -62.02
C SER E 1885 35.92 77.71 -63.01
N LEU E 1886 35.50 77.28 -64.20
CA LEU E 1886 35.10 78.21 -65.24
C LEU E 1886 33.65 78.61 -65.08
N TRP E 1887 32.85 77.75 -64.48
CA TRP E 1887 31.41 77.90 -64.61
C TRP E 1887 30.88 78.97 -63.68
N ARG E 1888 29.75 79.56 -64.07
CA ARG E 1888 29.02 80.45 -63.19
C ARG E 1888 28.27 79.65 -62.14
N PHE E 1889 27.46 80.38 -61.37
CA PHE E 1889 26.85 79.76 -60.20
C PHE E 1889 25.76 78.72 -60.51
N PRO E 1890 24.74 78.96 -61.36
CA PRO E 1890 23.64 77.97 -61.43
C PRO E 1890 24.02 76.63 -62.03
N HIS E 1891 24.92 76.61 -63.01
CA HIS E 1891 25.32 75.35 -63.61
C HIS E 1891 26.09 74.48 -62.63
N MET E 1892 27.02 75.10 -61.90
CA MET E 1892 27.78 74.36 -60.90
C MET E 1892 26.89 73.94 -59.75
N LEU E 1893 25.89 74.75 -59.44
CA LEU E 1893 24.93 74.41 -58.39
C LEU E 1893 24.11 73.19 -58.76
N GLU E 1894 23.56 73.17 -59.97
CA GLU E 1894 22.78 72.03 -60.43
C GLU E 1894 23.64 70.78 -60.53
N ASN E 1895 24.89 70.93 -60.98
CA ASN E 1895 25.82 69.81 -61.06
C ASN E 1895 26.07 69.20 -59.68
N ALA E 1896 26.34 70.05 -58.69
CA ALA E 1896 26.57 69.57 -57.33
C ALA E 1896 25.30 68.96 -56.75
N ARG E 1897 24.14 69.47 -57.16
CA ARG E 1897 22.88 68.91 -56.67
C ARG E 1897 22.68 67.49 -57.18
N SER E 1898 23.02 67.25 -58.45
CA SER E 1898 22.98 65.89 -58.99
C SER E 1898 23.95 64.97 -58.24
N MET E 1899 25.12 65.48 -57.89
CA MET E 1899 26.07 64.68 -57.12
C MET E 1899 25.53 64.34 -55.74
N VAL E 1900 24.86 65.30 -55.09
CA VAL E 1900 24.36 65.09 -53.74
C VAL E 1900 23.23 64.07 -53.73
N THR E 1901 22.34 64.13 -54.72
CA THR E 1901 21.26 63.14 -54.72
C THR E 1901 21.77 61.76 -55.10
N GLN E 1902 22.85 61.68 -55.88
CA GLN E 1902 23.48 60.38 -56.09
C GLN E 1902 24.04 59.83 -54.79
N LEU E 1903 24.66 60.72 -54.00
CA LEU E 1903 25.23 60.30 -52.72
C LEU E 1903 24.16 59.86 -51.74
N ILE E 1904 22.98 60.49 -51.79
CA ILE E 1904 21.95 60.10 -50.83
C ILE E 1904 21.32 58.78 -51.23
N GLN E 1905 21.36 58.45 -52.53
CA GLN E 1905 20.98 57.09 -52.95
C GLN E 1905 21.95 56.05 -52.39
N PHE E 1906 23.26 56.36 -52.41
CA PHE E 1906 24.23 55.44 -51.82
C PHE E 1906 23.99 55.26 -50.32
N GLY E 1907 23.62 56.36 -49.64
CA GLY E 1907 23.37 56.28 -48.21
C GLY E 1907 22.20 55.38 -47.85
N SER E 1908 21.12 55.46 -48.64
CA SER E 1908 19.98 54.57 -48.42
C SER E 1908 20.35 53.10 -48.62
N THR E 1909 21.14 52.83 -49.69
CA THR E 1909 21.56 51.45 -49.94
C THR E 1909 22.43 50.91 -48.81
N LEU E 1910 23.31 51.76 -48.27
CA LEU E 1910 24.20 51.32 -47.20
C LEU E 1910 23.44 51.03 -45.92
N GLN E 1911 22.41 51.85 -45.63
CA GLN E 1911 21.58 51.60 -44.45
C GLN E 1911 20.88 50.26 -44.53
N ASN E 1912 20.30 49.95 -45.71
CA ASN E 1912 19.62 48.66 -45.88
C ASN E 1912 20.58 47.49 -45.74
N ILE E 1913 21.80 47.64 -46.27
CA ILE E 1913 22.79 46.56 -46.20
C ILE E 1913 23.21 46.28 -44.76
N ILE E 1914 23.41 47.34 -43.96
CA ILE E 1914 23.84 47.16 -42.58
C ILE E 1914 22.78 46.45 -41.76
N GLU E 1915 21.51 46.88 -41.89
CA GLU E 1915 20.45 46.23 -41.13
C GLU E 1915 20.27 44.77 -41.56
N ARG E 1916 20.49 44.49 -42.84
CA ARG E 1916 20.33 43.14 -43.32
C ARG E 1916 21.42 42.21 -42.78
N GLN E 1917 22.67 42.67 -42.72
CA GLN E 1917 23.72 41.78 -42.24
C GLN E 1917 23.59 41.55 -40.74
N ASP E 1918 23.05 42.52 -40.01
CA ASP E 1918 22.85 42.30 -38.59
C ASP E 1918 21.76 41.26 -38.34
N ALA E 1919 20.70 41.30 -39.15
CA ALA E 1919 19.67 40.27 -39.05
C ALA E 1919 20.23 38.88 -39.35
N GLU E 1920 21.13 38.78 -40.33
CA GLU E 1920 21.67 37.47 -40.69
C GLU E 1920 22.58 36.91 -39.60
N SER E 1921 23.41 37.76 -39.00
CA SER E 1921 24.29 37.30 -37.93
C SER E 1921 23.49 36.84 -36.71
N LEU E 1922 22.41 37.56 -36.40
CA LEU E 1922 21.53 37.17 -35.30
C LEU E 1922 20.90 35.80 -35.55
N ASN E 1923 20.51 35.54 -36.81
CA ASN E 1923 19.93 34.25 -37.17
C ASN E 1923 20.91 33.10 -36.96
N ALA E 1924 22.17 33.28 -37.39
CA ALA E 1924 23.15 32.21 -37.23
C ALA E 1924 23.45 31.92 -35.76
N LEU E 1925 23.44 32.98 -34.93
CA LEU E 1925 23.64 32.80 -33.49
C LEU E 1925 22.52 31.97 -32.86
N LEU E 1926 21.27 32.25 -33.26
CA LEU E 1926 20.13 31.47 -32.77
C LEU E 1926 20.25 29.99 -33.14
N GLN E 1927 20.76 29.71 -34.35
CA GLN E 1927 20.88 28.32 -34.77
C GLN E 1927 21.90 27.55 -33.93
N ASN E 1928 23.06 28.17 -33.65
CA ASN E 1928 24.07 27.47 -32.86
C ASN E 1928 23.59 27.20 -31.43
N GLN E 1929 22.83 28.15 -30.86
CA GLN E 1929 22.32 27.93 -29.52
C GLN E 1929 21.27 26.81 -29.49
N ALA E 1930 20.49 26.68 -30.56
CA ALA E 1930 19.56 25.56 -30.67
C ALA E 1930 20.29 24.23 -30.71
N LYS E 1931 21.47 24.20 -31.35
CA LYS E 1931 22.25 22.96 -31.43
C LYS E 1931 22.71 22.51 -30.04
N GLU E 1932 23.22 23.44 -29.24
CA GLU E 1932 23.64 23.08 -27.87
C GLU E 1932 22.47 22.57 -27.02
N LEU E 1933 21.31 23.23 -27.16
CA LEU E 1933 20.15 22.83 -26.37
C LEU E 1933 19.65 21.43 -26.72
N ILE E 1934 19.72 21.06 -28.01
CA ILE E 1934 19.25 19.73 -28.38
C ILE E 1934 20.21 18.65 -27.89
N LEU E 1935 21.51 19.00 -27.75
CA LEU E 1935 22.44 18.04 -27.12
C LEU E 1935 22.05 17.73 -25.68
N THR E 1936 21.74 18.79 -24.91
CA THR E 1936 21.36 18.58 -23.51
C THR E 1936 20.09 17.74 -23.37
N THR E 1937 19.10 18.00 -24.22
CA THR E 1937 17.85 17.23 -24.12
C THR E 1937 18.05 15.76 -24.52
N LEU E 1938 19.01 15.48 -25.42
CA LEU E 1938 19.35 14.09 -25.71
C LEU E 1938 19.89 13.35 -24.50
N SER E 1939 20.82 13.99 -23.77
CA SER E 1939 21.36 13.36 -22.57
C SER E 1939 20.27 13.09 -21.52
N ILE E 1940 19.32 14.02 -21.40
CA ILE E 1940 18.24 13.84 -20.43
C ILE E 1940 17.34 12.66 -20.81
N GLN E 1941 17.11 12.48 -22.11
CA GLN E 1941 16.30 11.34 -22.54
C GLN E 1941 17.00 10.00 -22.26
N ASP E 1942 18.33 9.99 -22.39
CA ASP E 1942 19.09 8.78 -22.05
C ASP E 1942 18.95 8.42 -20.57
N LYS E 1943 19.01 9.42 -19.69
CA LYS E 1943 18.81 9.14 -18.27
C LYS E 1943 17.39 8.68 -17.96
N THR E 1944 16.41 9.14 -18.75
CA THR E 1944 15.04 8.65 -18.58
C THR E 1944 14.93 7.15 -18.87
N ILE E 1945 15.56 6.69 -19.96
CA ILE E 1945 15.51 5.27 -20.29
C ILE E 1945 16.24 4.43 -19.24
N GLU E 1946 17.34 4.97 -18.69
CA GLU E 1946 18.04 4.28 -17.61
C GLU E 1946 17.17 4.12 -16.36
N GLU E 1947 16.39 5.16 -16.03
CA GLU E 1947 15.41 5.08 -14.96
C GLU E 1947 14.41 3.96 -15.19
N ILE E 1948 13.93 3.82 -16.43
CA ILE E 1948 12.86 2.84 -16.68
C ILE E 1948 13.43 1.42 -16.59
N ASP E 1949 14.73 1.27 -16.84
CA ASP E 1949 15.36 -0.03 -16.61
C ASP E 1949 15.47 -0.34 -15.13
N ALA E 1950 15.77 0.68 -14.31
CA ALA E 1950 15.80 0.46 -12.86
C ALA E 1950 14.42 0.08 -12.32
N GLU E 1951 13.36 0.59 -12.94
CA GLU E 1951 12.02 0.20 -12.53
C GLU E 1951 11.73 -1.25 -12.89
N LYS E 1952 12.26 -1.71 -14.02
CA LYS E 1952 12.13 -3.13 -14.34
C LYS E 1952 12.85 -3.99 -13.32
N THR E 1953 13.96 -3.48 -12.77
CA THR E 1953 14.65 -4.22 -11.71
C THR E 1953 13.83 -4.29 -10.42
N VAL E 1954 13.14 -3.20 -10.05
CA VAL E 1954 12.39 -3.26 -8.79
C VAL E 1954 11.18 -4.19 -8.94
N LEU E 1955 10.62 -4.29 -10.15
CA LEU E 1955 9.54 -5.25 -10.31
C LEU E 1955 10.06 -6.68 -10.33
N GLU E 1956 11.30 -6.89 -10.80
CA GLU E 1956 11.92 -8.20 -10.66
C GLU E 1956 12.05 -8.61 -9.19
N LYS E 1957 12.41 -7.66 -8.33
CA LYS E 1957 12.55 -7.98 -6.90
C LYS E 1957 11.22 -8.35 -6.26
N SER E 1958 10.17 -7.56 -6.55
CA SER E 1958 8.86 -7.87 -5.97
C SER E 1958 8.30 -9.19 -6.50
N LYS E 1959 8.54 -9.46 -7.78
CA LYS E 1959 8.15 -10.73 -8.38
C LYS E 1959 8.81 -11.91 -7.71
N ALA E 1960 10.11 -11.79 -7.40
CA ALA E 1960 10.81 -12.89 -6.73
C ALA E 1960 10.29 -13.11 -5.32
N GLY E 1961 9.96 -12.04 -4.60
CA GLY E 1961 9.41 -12.19 -3.26
C GLY E 1961 8.05 -12.87 -3.25
N ALA E 1962 7.16 -12.46 -4.16
CA ALA E 1962 5.85 -13.11 -4.25
C ALA E 1962 5.97 -14.55 -4.71
N LYS E 1963 6.95 -14.85 -5.57
CA LYS E 1963 7.16 -16.23 -6.00
C LYS E 1963 7.60 -17.11 -4.85
N SER E 1964 8.45 -16.58 -3.97
CA SER E 1964 8.88 -17.35 -2.80
C SER E 1964 7.72 -17.63 -1.86
N ARG E 1965 6.88 -16.62 -1.61
CA ARG E 1965 5.68 -16.85 -0.80
C ARG E 1965 4.77 -17.90 -1.41
N PHE E 1966 4.59 -17.85 -2.73
CA PHE E 1966 3.69 -18.79 -3.38
C PHE E 1966 4.18 -20.22 -3.27
N ASP E 1967 5.46 -20.42 -3.53
CA ASP E 1967 6.01 -21.78 -3.46
C ASP E 1967 6.00 -22.29 -2.04
N ASN E 1968 6.26 -21.42 -1.07
CA ASN E 1968 6.35 -21.90 0.31
C ASN E 1968 4.98 -22.25 0.86
N TYR E 1969 3.96 -21.43 0.58
CA TYR E 1969 2.62 -21.77 1.01
C TYR E 1969 2.07 -22.97 0.27
N SER E 1970 2.44 -23.15 -1.01
CA SER E 1970 1.99 -24.33 -1.74
C SER E 1970 2.62 -25.59 -1.16
N LYS E 1971 3.87 -25.49 -0.72
CA LYS E 1971 4.51 -26.63 -0.07
C LYS E 1971 3.84 -26.97 1.25
N LEU E 1972 3.55 -25.96 2.08
CA LEU E 1972 2.94 -26.26 3.38
C LEU E 1972 1.47 -26.61 3.24
N TYR E 1973 0.88 -26.34 2.08
CA TYR E 1973 -0.49 -26.75 1.85
C TYR E 1973 -0.56 -28.19 1.39
N ASP E 1974 0.31 -28.58 0.46
CA ASP E 1974 0.18 -29.92 -0.11
C ASP E 1974 0.73 -30.98 0.84
N GLU E 1975 1.73 -30.62 1.63
CA GLU E 1975 2.14 -31.46 2.75
C GLU E 1975 1.23 -31.10 3.93
N ASP E 1976 0.06 -31.73 3.93
CA ASP E 1976 -1.07 -31.23 4.70
C ASP E 1976 -0.92 -31.49 6.19
N VAL E 1977 -0.49 -32.69 6.56
CA VAL E 1977 -0.23 -33.03 7.95
C VAL E 1977 1.12 -33.73 8.04
N ASN E 1978 1.79 -33.56 9.18
CA ASN E 1978 3.10 -34.15 9.31
C ASN E 1978 3.01 -35.62 9.66
N ALA E 1979 4.17 -36.21 9.95
CA ALA E 1979 4.18 -37.55 10.50
C ALA E 1979 3.72 -37.52 11.95
N GLY E 1980 4.26 -36.60 12.74
CA GLY E 1980 3.97 -36.58 14.17
C GLY E 1980 2.54 -36.20 14.48
N GLU E 1981 1.92 -35.41 13.61
CA GLU E 1981 0.51 -35.10 13.77
C GLU E 1981 -0.35 -36.35 13.58
N ARG E 1982 0.00 -37.15 12.58
CA ARG E 1982 -0.69 -38.42 12.41
C ARG E 1982 -0.36 -39.37 13.56
N GLN E 1983 0.83 -39.23 14.16
CA GLN E 1983 1.14 -40.01 15.35
C GLN E 1983 0.27 -39.59 16.53
N ALA E 1984 -0.04 -38.30 16.63
CA ALA E 1984 -0.94 -37.83 17.68
C ALA E 1984 -2.34 -38.41 17.51
N LEU E 1985 -2.83 -38.41 16.26
CA LEU E 1985 -4.10 -39.08 16.00
C LEU E 1985 -4.04 -40.58 16.25
N ASP E 1986 -2.85 -41.18 16.10
CA ASP E 1986 -2.72 -42.59 16.40
C ASP E 1986 -2.77 -42.84 17.90
N MET E 1987 -2.13 -41.97 18.68
CA MET E 1987 -2.11 -42.17 20.12
C MET E 1987 -3.47 -41.97 20.74
N ARG E 1988 -4.24 -41.00 20.23
CA ARG E 1988 -5.60 -40.80 20.72
C ARG E 1988 -6.48 -42.00 20.44
N ILE E 1989 -6.36 -42.58 19.25
CA ILE E 1989 -7.24 -43.69 18.90
C ILE E 1989 -6.75 -44.97 19.58
N ALA E 1990 -5.47 -45.02 19.93
CA ALA E 1990 -4.99 -46.13 20.74
C ALA E 1990 -5.56 -46.04 22.15
N SER E 1991 -5.66 -44.82 22.68
CA SER E 1991 -6.26 -44.65 24.00
C SER E 1991 -7.75 -44.99 23.98
N GLN E 1992 -8.44 -44.62 22.88
CA GLN E 1992 -9.83 -45.01 22.72
C GLN E 1992 -9.99 -46.52 22.62
N SER E 1993 -9.05 -47.19 21.96
CA SER E 1993 -9.14 -48.64 21.86
C SER E 1993 -8.79 -49.29 23.19
N ILE E 1994 -8.00 -48.61 24.02
CA ILE E 1994 -7.53 -49.26 25.23
C ILE E 1994 -8.47 -48.96 26.38
N THR E 1995 -9.39 -48.01 26.22
CA THR E 1995 -10.44 -47.90 27.23
C THR E 1995 -11.45 -49.03 27.05
N SER E 1996 -11.53 -49.58 25.83
CA SER E 1996 -11.73 -51.02 25.58
C SER E 1996 -13.06 -51.59 26.08
N GLY E 1997 -13.92 -50.72 26.61
CA GLY E 1997 -14.95 -51.22 27.49
C GLY E 1997 -14.31 -51.89 28.69
N LEU E 1998 -13.49 -51.12 29.40
CA LEU E 1998 -12.75 -51.66 30.55
C LEU E 1998 -13.66 -51.91 31.74
N LYS E 1999 -14.90 -51.41 31.67
CA LYS E 1999 -15.89 -51.68 32.70
C LYS E 1999 -16.23 -53.16 32.76
N GLY E 2000 -16.06 -53.88 31.65
CA GLY E 2000 -16.10 -55.34 31.72
C GLY E 2000 -15.01 -55.91 32.59
N LEU E 2001 -13.83 -55.29 32.56
CA LEU E 2001 -12.72 -55.80 33.36
C LEU E 2001 -12.94 -55.48 34.84
N HIS E 2002 -13.54 -54.32 35.14
CA HIS E 2002 -13.97 -54.08 36.52
C HIS E 2002 -15.07 -55.04 36.97
N MET E 2003 -16.04 -55.32 36.10
CA MET E 2003 -17.14 -56.19 36.49
C MET E 2003 -16.67 -57.63 36.68
N ALA E 2004 -15.56 -58.00 36.04
CA ALA E 2004 -14.92 -59.27 36.35
C ALA E 2004 -14.54 -59.35 37.83
N ALA E 2005 -13.89 -58.31 38.36
CA ALA E 2005 -13.52 -58.30 39.77
C ALA E 2005 -14.74 -58.23 40.67
N ALA E 2006 -15.74 -57.44 40.27
CA ALA E 2006 -16.94 -57.30 41.08
C ALA E 2006 -17.70 -58.61 41.17
N ALA E 2007 -17.81 -59.34 40.06
CA ALA E 2007 -18.42 -60.65 40.10
C ALA E 2007 -17.56 -61.65 40.85
N LEU E 2008 -16.24 -61.46 40.83
CA LEU E 2008 -15.35 -62.42 41.44
C LEU E 2008 -15.30 -62.23 42.95
N GLU E 2009 -15.78 -61.09 43.44
CA GLU E 2009 -15.73 -60.84 44.88
C GLU E 2009 -17.07 -61.01 45.58
N MET E 2010 -18.00 -61.82 45.08
CA MET E 2010 -19.29 -61.95 45.76
C MET E 2010 -19.24 -62.96 46.88
N VAL E 2011 -18.36 -63.95 46.76
CA VAL E 2011 -18.44 -65.12 47.63
C VAL E 2011 -17.93 -64.77 49.02
N PRO E 2012 -18.44 -65.39 50.08
CA PRO E 2012 -17.89 -65.15 51.41
C PRO E 2012 -16.52 -65.78 51.53
N ASN E 2013 -15.60 -65.04 52.16
CA ASN E 2013 -14.24 -65.53 52.23
C ASN E 2013 -13.85 -65.96 53.63
N ILE E 2014 -14.45 -65.38 54.66
CA ILE E 2014 -14.17 -65.84 56.01
C ILE E 2014 -14.91 -67.15 56.25
N TYR E 2015 -14.15 -68.23 56.46
CA TYR E 2015 -14.77 -69.51 56.75
C TYR E 2015 -14.51 -69.97 58.17
N GLY E 2016 -15.17 -71.04 58.57
CA GLY E 2016 -15.07 -71.52 59.93
C GLY E 2016 -16.28 -71.15 60.73
N PHE E 2017 -16.07 -70.45 61.85
CA PHE E 2017 -17.20 -70.05 62.67
C PHE E 2017 -17.86 -68.80 62.14
N ALA E 2018 -17.07 -67.74 61.98
CA ALA E 2018 -17.57 -66.54 61.33
C ALA E 2018 -17.84 -66.84 59.87
N VAL E 2019 -19.09 -66.72 59.46
CA VAL E 2019 -19.47 -67.04 58.10
C VAL E 2019 -19.99 -65.77 57.45
N GLY E 2020 -19.58 -65.52 56.22
CA GLY E 2020 -19.99 -64.31 55.55
C GLY E 2020 -18.79 -63.43 55.29
N GLY E 2021 -18.92 -62.15 55.60
CA GLY E 2021 -17.85 -61.21 55.40
C GLY E 2021 -17.71 -60.70 53.99
N THR E 2022 -18.56 -61.15 53.07
CA THR E 2022 -18.46 -60.70 51.69
C THR E 2022 -18.95 -59.26 51.55
N ARG E 2023 -18.36 -58.55 50.60
CA ARG E 2023 -18.97 -57.30 50.15
C ARG E 2023 -20.27 -57.62 49.45
N TYR E 2024 -21.21 -56.70 49.52
CA TYR E 2024 -22.40 -56.80 48.70
C TYR E 2024 -22.45 -55.75 47.62
N GLY E 2025 -21.86 -54.58 47.86
CA GLY E 2025 -21.90 -53.50 46.91
C GLY E 2025 -20.75 -53.44 45.95
N ALA E 2026 -20.16 -54.58 45.58
CA ALA E 2026 -19.11 -54.56 44.58
C ALA E 2026 -19.69 -54.28 43.21
N ILE E 2027 -20.94 -54.71 42.99
CA ILE E 2027 -21.59 -54.60 41.69
C ILE E 2027 -21.85 -53.14 41.34
N ALA E 2028 -22.55 -52.43 42.23
CA ALA E 2028 -22.92 -51.05 41.95
C ALA E 2028 -21.69 -50.15 41.95
N ASN E 2029 -20.67 -50.52 42.71
CA ASN E 2029 -19.42 -49.77 42.67
C ASN E 2029 -18.73 -49.95 41.32
N ALA E 2030 -18.82 -51.15 40.75
CA ALA E 2030 -18.23 -51.36 39.44
C ALA E 2030 -19.02 -50.65 38.35
N ILE E 2031 -20.35 -50.64 38.48
CA ILE E 2031 -21.18 -49.88 37.53
C ILE E 2031 -20.87 -48.39 37.66
N ALA E 2032 -20.55 -47.92 38.87
CA ALA E 2032 -20.20 -46.54 39.06
C ALA E 2032 -18.88 -46.19 38.39
N ILE E 2033 -17.86 -47.02 38.58
CA ILE E 2033 -16.57 -46.70 37.98
C ILE E 2033 -16.61 -46.89 36.47
N GLY E 2034 -17.52 -47.74 35.97
CA GLY E 2034 -17.73 -47.83 34.54
C GLY E 2034 -18.42 -46.59 33.98
N GLY E 2035 -19.38 -46.05 34.72
CA GLY E 2035 -20.04 -44.83 34.29
C GLY E 2035 -19.10 -43.65 34.28
N GLY E 2036 -18.12 -43.64 35.19
CA GLY E 2036 -17.08 -42.63 35.11
C GLY E 2036 -16.16 -42.82 33.93
N ILE E 2037 -15.78 -44.07 33.65
CA ILE E 2037 -14.76 -44.30 32.64
C ILE E 2037 -15.32 -44.09 31.24
N ALA E 2038 -16.64 -44.25 31.07
CA ALA E 2038 -17.26 -43.96 29.79
C ALA E 2038 -17.24 -42.47 29.48
N ALA E 2039 -17.49 -41.65 30.50
CA ALA E 2039 -17.45 -40.20 30.32
C ALA E 2039 -16.03 -39.74 30.00
N GLU E 2040 -15.03 -40.35 30.65
CA GLU E 2040 -13.66 -39.97 30.34
C GLU E 2040 -13.28 -40.37 28.91
N GLY E 2041 -13.74 -41.53 28.45
CA GLY E 2041 -13.53 -41.90 27.05
C GLY E 2041 -14.19 -40.95 26.06
N LEU E 2042 -15.40 -40.50 26.38
CA LEU E 2042 -16.06 -39.53 25.50
C LEU E 2042 -15.31 -38.20 25.47
N LEU E 2043 -14.73 -37.79 26.59
CA LEU E 2043 -13.95 -36.55 26.57
C LEU E 2043 -12.69 -36.71 25.73
N ILE E 2044 -12.06 -37.89 25.76
CA ILE E 2044 -10.91 -38.16 24.91
C ILE E 2044 -11.28 -38.05 23.44
N GLU E 2045 -12.43 -38.64 23.07
CA GLU E 2045 -12.86 -38.60 21.68
C GLU E 2045 -13.23 -37.18 21.24
N ALA E 2046 -13.78 -36.39 22.17
CA ALA E 2046 -14.07 -34.99 21.87
C ALA E 2046 -12.81 -34.20 21.60
N GLU E 2047 -11.76 -34.43 22.39
CA GLU E 2047 -10.50 -33.72 22.15
C GLU E 2047 -9.89 -34.11 20.82
N LYS E 2048 -10.00 -35.39 20.44
CA LYS E 2048 -9.46 -35.83 19.16
C LYS E 2048 -10.17 -35.16 17.99
N VAL E 2049 -11.51 -35.12 18.01
CA VAL E 2049 -12.22 -34.57 16.87
C VAL E 2049 -12.04 -33.05 16.82
N SER E 2050 -11.86 -32.40 17.97
CA SER E 2050 -11.63 -30.96 17.96
C SER E 2050 -10.26 -30.63 17.37
N GLN E 2051 -9.26 -31.46 17.68
CA GLN E 2051 -7.94 -31.22 17.10
C GLN E 2051 -7.94 -31.43 15.59
N SER E 2052 -8.70 -32.42 15.11
CA SER E 2052 -8.78 -32.59 13.66
C SER E 2052 -9.49 -31.41 12.99
N GLU E 2053 -10.48 -30.84 13.66
CA GLU E 2053 -11.19 -29.71 13.06
C GLU E 2053 -10.33 -28.46 13.01
N ILE E 2054 -9.50 -28.22 14.04
CA ILE E 2054 -8.65 -27.03 13.96
C ILE E 2054 -7.54 -27.24 12.95
N TRP E 2055 -7.16 -28.50 12.69
CA TRP E 2055 -6.25 -28.75 11.57
C TRP E 2055 -6.88 -28.40 10.23
N ARG E 2056 -8.16 -28.75 10.05
CA ARG E 2056 -8.82 -28.41 8.79
C ARG E 2056 -8.93 -26.89 8.60
N ARG E 2057 -9.27 -26.16 9.67
CA ARG E 2057 -9.37 -24.71 9.54
C ARG E 2057 -8.01 -24.07 9.25
N ARG E 2058 -6.95 -24.63 9.86
CA ARG E 2058 -5.60 -24.17 9.57
C ARG E 2058 -5.27 -24.36 8.09
N ARG E 2059 -5.62 -25.53 7.54
CA ARG E 2059 -5.33 -25.80 6.13
C ARG E 2059 -6.09 -24.86 5.21
N GLN E 2060 -7.32 -24.51 5.58
CA GLN E 2060 -8.06 -23.55 4.77
C GLN E 2060 -7.41 -22.17 4.76
N GLU E 2061 -6.87 -21.75 5.92
CA GLU E 2061 -6.15 -20.48 5.93
C GLU E 2061 -4.88 -20.53 5.09
N TRP E 2062 -4.19 -21.68 5.10
CA TRP E 2062 -3.04 -21.87 4.22
C TRP E 2062 -3.42 -21.69 2.76
N GLU E 2063 -4.58 -22.21 2.38
CA GLU E 2063 -4.99 -22.14 0.98
C GLU E 2063 -5.33 -20.72 0.57
N ILE E 2064 -5.95 -19.96 1.48
CA ILE E 2064 -6.25 -18.55 1.18
C ILE E 2064 -4.97 -17.75 0.99
N GLN E 2065 -3.96 -18.02 1.82
CA GLN E 2065 -2.67 -17.35 1.64
C GLN E 2065 -2.00 -17.71 0.32
N ARG E 2066 -2.11 -18.98 -0.10
CA ARG E 2066 -1.52 -19.39 -1.37
C ARG E 2066 -2.19 -18.67 -2.53
N ASN E 2067 -3.51 -18.53 -2.48
CA ASN E 2067 -4.21 -17.87 -3.59
C ASN E 2067 -3.90 -16.39 -3.64
N ASN E 2068 -3.69 -15.74 -2.49
CA ASN E 2068 -3.27 -14.33 -2.52
C ASN E 2068 -1.89 -14.17 -3.12
N ALA E 2069 -0.98 -15.09 -2.80
CA ALA E 2069 0.36 -15.01 -3.37
C ALA E 2069 0.35 -15.18 -4.89
N GLU E 2070 -0.43 -16.14 -5.39
CA GLU E 2070 -0.49 -16.35 -6.83
C GLU E 2070 -1.14 -15.17 -7.55
N ALA E 2071 -2.15 -14.55 -6.93
CA ALA E 2071 -2.78 -13.38 -7.53
C ALA E 2071 -1.80 -12.20 -7.63
N GLU E 2072 -1.01 -11.99 -6.57
CA GLU E 2072 -0.03 -10.91 -6.61
C GLU E 2072 1.03 -11.18 -7.68
N MET E 2073 1.37 -12.45 -7.88
CA MET E 2073 2.36 -12.80 -8.90
C MET E 2073 1.86 -12.48 -10.30
N LYS E 2074 0.60 -12.83 -10.60
CA LYS E 2074 0.05 -12.47 -11.91
C LYS E 2074 -0.07 -10.96 -12.09
N GLN E 2075 -0.39 -10.26 -10.99
CA GLN E 2075 -0.43 -8.80 -11.03
C GLN E 2075 0.92 -8.21 -11.43
N ILE E 2076 2.00 -8.71 -10.85
CA ILE E 2076 3.31 -8.13 -11.13
C ILE E 2076 3.78 -8.47 -12.54
N ASP E 2077 3.37 -9.63 -13.07
CA ASP E 2077 3.70 -9.92 -14.47
C ASP E 2077 2.99 -8.98 -15.44
N ALA E 2078 1.70 -8.70 -15.19
CA ALA E 2078 0.99 -7.76 -16.05
C ALA E 2078 1.56 -6.34 -15.92
N GLN E 2079 2.05 -5.99 -14.73
CA GLN E 2079 2.68 -4.68 -14.57
C GLN E 2079 4.02 -4.60 -15.30
N LEU E 2080 4.71 -5.74 -15.43
CA LEU E 2080 5.91 -5.79 -16.27
C LEU E 2080 5.59 -5.52 -17.73
N LYS E 2081 4.46 -6.07 -18.22
CA LYS E 2081 4.05 -5.76 -19.59
C LYS E 2081 3.78 -4.27 -19.79
N SER E 2082 3.14 -3.65 -18.81
CA SER E 2082 2.92 -2.21 -18.86
C SER E 2082 4.25 -1.44 -18.91
N LEU E 2083 5.22 -1.88 -18.13
CA LEU E 2083 6.48 -1.14 -18.06
C LEU E 2083 7.28 -1.28 -19.33
N THR E 2084 7.23 -2.44 -19.99
CA THR E 2084 7.99 -2.55 -21.24
C THR E 2084 7.30 -1.78 -22.37
N VAL E 2085 5.98 -1.58 -22.28
CA VAL E 2085 5.33 -0.67 -23.22
C VAL E 2085 5.81 0.77 -23.01
N ARG E 2086 5.94 1.19 -21.75
CA ARG E 2086 6.50 2.52 -21.47
C ARG E 2086 7.93 2.65 -21.96
N ARG E 2087 8.69 1.56 -21.90
CA ARG E 2087 10.07 1.60 -22.41
C ARG E 2087 10.09 1.81 -23.92
N GLU E 2088 9.20 1.14 -24.65
CA GLU E 2088 9.12 1.34 -26.10
C GLU E 2088 8.74 2.78 -26.44
N ALA E 2089 7.84 3.38 -25.65
CA ALA E 2089 7.48 4.77 -25.86
C ALA E 2089 8.68 5.70 -25.64
N ALA E 2090 9.50 5.41 -24.63
CA ALA E 2090 10.69 6.24 -24.40
C ALA E 2090 11.70 6.09 -25.53
N VAL E 2091 11.79 4.89 -26.12
CA VAL E 2091 12.70 4.70 -27.25
C VAL E 2091 12.26 5.51 -28.45
N LEU E 2092 10.94 5.54 -28.71
CA LEU E 2092 10.45 6.38 -29.80
C LEU E 2092 10.68 7.86 -29.53
N GLN E 2093 10.60 8.27 -28.27
CA GLN E 2093 10.95 9.64 -27.92
C GLN E 2093 12.41 9.95 -28.24
N LYS E 2094 13.31 9.00 -27.96
CA LYS E 2094 14.73 9.23 -28.22
C LYS E 2094 15.00 9.36 -29.71
N THR E 2095 14.41 8.49 -30.54
CA THR E 2095 14.67 8.60 -31.97
C THR E 2095 13.99 9.83 -32.56
N GLY E 2096 12.91 10.31 -31.94
CA GLY E 2096 12.35 11.58 -32.33
C GLY E 2096 13.28 12.74 -32.07
N LEU E 2097 13.98 12.70 -30.92
CA LEU E 2097 14.92 13.77 -30.63
C LEU E 2097 16.12 13.74 -31.56
N LYS E 2098 16.56 12.54 -31.96
CA LYS E 2098 17.67 12.48 -32.91
C LYS E 2098 17.25 12.98 -34.29
N THR E 2099 15.99 12.75 -34.65
CA THR E 2099 15.47 13.33 -35.89
C THR E 2099 15.44 14.86 -35.81
N GLN E 2100 15.07 15.40 -34.65
CA GLN E 2100 15.10 16.86 -34.46
C GLN E 2100 16.52 17.41 -34.58
N GLN E 2101 17.51 16.69 -34.05
CA GLN E 2101 18.89 17.14 -34.13
C GLN E 2101 19.39 17.16 -35.57
N GLU E 2102 19.04 16.12 -36.34
CA GLU E 2102 19.44 16.08 -37.73
C GLU E 2102 18.75 17.18 -38.54
N GLN E 2103 17.50 17.51 -38.18
CA GLN E 2103 16.81 18.62 -38.84
C GLN E 2103 17.47 19.95 -38.53
N THR E 2104 17.93 20.13 -37.29
CA THR E 2104 18.65 21.36 -36.95
C THR E 2104 19.96 21.46 -37.72
N GLN E 2105 20.64 20.34 -37.89
CA GLN E 2105 21.86 20.31 -38.70
C GLN E 2105 21.56 20.68 -40.15
N ALA E 2106 20.42 20.23 -40.67
CA ALA E 2106 20.04 20.57 -42.03
C ALA E 2106 19.74 22.06 -42.18
N GLN E 2107 19.07 22.68 -41.21
CA GLN E 2107 18.82 24.11 -41.29
C GLN E 2107 20.10 24.91 -41.23
N LEU E 2108 21.05 24.46 -40.39
CA LEU E 2108 22.30 25.18 -40.28
C LEU E 2108 23.13 25.07 -41.55
N ALA E 2109 23.14 23.89 -42.17
CA ALA E 2109 23.83 23.74 -43.44
C ALA E 2109 23.14 24.53 -44.54
N PHE E 2110 21.83 24.72 -44.44
CA PHE E 2110 21.15 25.58 -45.40
C PHE E 2110 21.52 27.03 -45.22
N LEU E 2111 21.60 27.51 -43.97
CA LEU E 2111 21.94 28.91 -43.76
C LEU E 2111 23.41 29.17 -44.03
N GLN E 2112 24.24 28.14 -44.08
CA GLN E 2112 25.60 28.37 -44.55
C GLN E 2112 25.70 28.29 -46.07
N ARG E 2113 25.03 27.31 -46.70
CA ARG E 2113 25.26 27.08 -48.11
C ARG E 2113 24.32 27.82 -49.04
N LYS E 2114 23.40 28.63 -48.52
CA LYS E 2114 22.56 29.40 -49.42
C LYS E 2114 23.35 30.55 -50.01
N PHE E 2115 22.78 31.20 -51.02
CA PHE E 2115 23.53 32.20 -51.77
C PHE E 2115 23.78 33.45 -50.94
N SER E 2116 22.72 34.14 -50.54
CA SER E 2116 22.87 35.34 -49.76
C SER E 2116 23.17 34.97 -48.32
N ASN E 2117 24.43 34.72 -48.02
CA ASN E 2117 24.83 34.41 -46.66
C ASN E 2117 25.57 35.61 -46.12
N GLN E 2118 26.17 35.45 -44.93
CA GLN E 2118 26.74 36.57 -44.21
C GLN E 2118 27.97 37.11 -44.92
N ALA E 2119 28.73 36.23 -45.57
CA ALA E 2119 29.94 36.66 -46.27
C ALA E 2119 29.62 37.57 -47.44
N LEU E 2120 28.47 37.36 -48.08
CA LEU E 2120 28.01 38.24 -49.15
C LEU E 2120 27.81 39.66 -48.63
N TYR E 2121 27.14 39.80 -47.51
CA TYR E 2121 26.91 41.12 -46.96
C TYR E 2121 28.17 41.75 -46.40
N ASN E 2122 29.11 40.96 -45.88
CA ASN E 2122 30.39 41.53 -45.50
C ASN E 2122 31.13 42.10 -46.70
N TRP E 2123 31.17 41.35 -47.80
CA TRP E 2123 31.79 41.83 -49.03
C TRP E 2123 31.12 43.08 -49.56
N LEU E 2124 29.79 43.11 -49.53
CA LEU E 2124 29.06 44.28 -50.01
C LEU E 2124 29.32 45.49 -49.14
N ARG E 2125 29.35 45.31 -47.82
CA ARG E 2125 29.53 46.46 -46.94
C ARG E 2125 30.92 47.05 -47.09
N GLY E 2126 31.92 46.19 -47.27
CA GLY E 2126 33.26 46.69 -47.50
C GLY E 2126 33.40 47.46 -48.81
N ARG E 2127 32.95 46.85 -49.91
CA ARG E 2127 33.08 47.47 -51.22
C ARG E 2127 32.27 48.77 -51.30
N LEU E 2128 31.06 48.74 -50.78
CA LEU E 2128 30.21 49.93 -50.80
C LEU E 2128 30.77 51.03 -49.92
N ALA E 2129 31.39 50.67 -48.78
CA ALA E 2129 31.96 51.69 -47.92
C ALA E 2129 33.13 52.40 -48.58
N ALA E 2130 33.99 51.65 -49.29
CA ALA E 2130 35.11 52.27 -49.97
C ALA E 2130 34.65 53.19 -51.10
N ILE E 2131 33.70 52.72 -51.92
CA ILE E 2131 33.18 53.53 -53.02
C ILE E 2131 32.47 54.77 -52.49
N TYR E 2132 31.75 54.60 -51.38
CA TYR E 2132 31.01 55.70 -50.78
C TYR E 2132 31.94 56.77 -50.24
N PHE E 2133 33.05 56.37 -49.63
CA PHE E 2133 33.97 57.37 -49.11
C PHE E 2133 34.64 58.17 -50.22
N GLN E 2134 35.07 57.48 -51.29
CA GLN E 2134 35.73 58.19 -52.38
C GLN E 2134 34.74 59.13 -53.09
N PHE E 2135 33.50 58.69 -53.23
CA PHE E 2135 32.50 59.53 -53.86
C PHE E 2135 32.16 60.73 -53.00
N TYR E 2136 32.17 60.55 -51.67
CA TYR E 2136 32.01 61.66 -50.74
C TYR E 2136 33.08 62.72 -50.95
N ASP E 2137 34.33 62.29 -51.11
CA ASP E 2137 35.41 63.25 -51.32
C ASP E 2137 35.22 64.04 -52.60
N LEU E 2138 34.78 63.37 -53.67
CA LEU E 2138 34.57 64.09 -54.93
C LEU E 2138 33.42 65.09 -54.84
N VAL E 2139 32.37 64.73 -54.12
CA VAL E 2139 31.22 65.63 -53.98
C VAL E 2139 31.61 66.86 -53.16
N VAL E 2140 32.44 66.67 -52.14
CA VAL E 2140 32.91 67.82 -51.34
C VAL E 2140 33.77 68.74 -52.19
N ALA E 2141 34.59 68.16 -53.08
CA ALA E 2141 35.40 68.98 -53.99
C ALA E 2141 34.53 69.83 -54.91
N ARG E 2142 33.47 69.24 -55.48
CA ARG E 2142 32.62 70.05 -56.35
C ARG E 2142 31.80 71.08 -55.61
N CYS E 2143 31.38 70.80 -54.38
CA CYS E 2143 30.70 71.82 -53.60
C CYS E 2143 31.63 72.97 -53.24
N LEU E 2144 32.91 72.70 -53.03
CA LEU E 2144 33.85 73.80 -52.82
C LEU E 2144 34.05 74.61 -54.10
N MET E 2145 34.00 73.94 -55.26
CA MET E 2145 34.03 74.67 -56.53
C MET E 2145 32.86 75.63 -56.64
N ALA E 2146 31.66 75.17 -56.28
CA ALA E 2146 30.49 76.03 -56.32
C ALA E 2146 30.58 77.15 -55.29
N GLU E 2147 31.20 76.89 -54.15
CA GLU E 2147 31.37 77.95 -53.16
C GLU E 2147 32.31 79.03 -53.66
N GLN E 2148 33.36 78.63 -54.39
CA GLN E 2148 34.25 79.63 -54.99
C GLN E 2148 33.53 80.43 -56.07
N ALA E 2149 32.64 79.77 -56.82
CA ALA E 2149 31.85 80.48 -57.81
C ALA E 2149 30.91 81.50 -57.17
N TYR E 2150 30.35 81.14 -56.01
CA TYR E 2150 29.52 82.11 -55.29
C TYR E 2150 30.35 83.25 -54.74
N ARG E 2151 31.55 82.94 -54.24
CA ARG E 2151 32.42 83.99 -53.71
C ARG E 2151 32.97 84.88 -54.80
N TRP E 2152 32.91 84.44 -56.05
CA TRP E 2152 33.39 85.34 -57.09
C TRP E 2152 32.26 86.10 -57.76
N GLU E 2153 31.05 85.52 -57.79
CA GLU E 2153 29.91 86.26 -58.33
C GLU E 2153 29.59 87.48 -57.50
N THR E 2154 29.14 87.27 -56.28
CA THR E 2154 29.06 88.35 -55.32
C THR E 2154 30.38 88.44 -54.59
N ASN E 2155 30.69 89.63 -54.09
CA ASN E 2155 32.02 89.92 -53.59
C ASN E 2155 32.04 89.80 -52.07
N ASP E 2156 32.41 88.62 -51.58
CA ASP E 2156 32.64 88.37 -50.16
C ASP E 2156 33.55 87.17 -50.00
N SER E 2157 34.80 87.42 -49.64
CA SER E 2157 35.71 86.29 -49.52
C SER E 2157 35.59 85.61 -48.16
N SER E 2158 35.23 86.35 -47.13
CA SER E 2158 35.16 85.80 -45.78
C SER E 2158 33.93 84.90 -45.61
N ALA E 2159 32.91 85.10 -46.43
CA ALA E 2159 31.68 84.34 -46.29
C ALA E 2159 31.89 82.90 -46.71
N ARG E 2160 31.73 81.98 -45.76
CA ARG E 2160 31.89 80.56 -46.03
C ARG E 2160 30.60 79.83 -45.64
N PHE E 2161 30.32 78.73 -46.33
CA PHE E 2161 29.11 77.97 -46.04
C PHE E 2161 29.42 76.51 -45.76
N ILE E 2162 30.34 75.93 -46.53
CA ILE E 2162 30.66 74.53 -46.34
C ILE E 2162 31.48 74.36 -45.07
N LYS E 2163 30.89 73.72 -44.08
CA LYS E 2163 31.55 73.53 -42.80
C LYS E 2163 31.95 72.08 -42.66
N PRO E 2164 33.05 71.81 -41.96
CA PRO E 2164 33.44 70.41 -41.71
C PRO E 2164 32.51 69.76 -40.71
N GLY E 2165 32.69 68.45 -40.56
CA GLY E 2165 31.86 67.67 -39.68
C GLY E 2165 30.70 66.99 -40.37
N ALA E 2166 30.58 67.14 -41.69
CA ALA E 2166 29.55 66.42 -42.42
C ALA E 2166 29.85 64.94 -42.47
N TRP E 2167 31.12 64.55 -42.46
CA TRP E 2167 31.51 63.16 -42.40
C TRP E 2167 31.72 62.76 -40.94
N GLN E 2168 31.08 61.67 -40.53
CA GLN E 2168 31.23 61.17 -39.18
C GLN E 2168 31.77 59.75 -39.25
N GLY E 2169 33.09 59.61 -39.08
CA GLY E 2169 33.72 58.32 -39.27
C GLY E 2169 33.38 57.33 -38.18
N THR E 2170 32.98 57.82 -37.01
CA THR E 2170 32.63 56.92 -35.92
C THR E 2170 31.26 56.30 -36.10
N TYR E 2171 30.49 56.76 -37.08
CA TYR E 2171 29.25 56.10 -37.46
C TYR E 2171 29.25 55.65 -38.90
N ALA E 2172 30.43 55.36 -39.45
CA ALA E 2172 30.64 54.89 -40.82
C ALA E 2172 30.12 55.87 -41.87
N GLY E 2173 30.06 57.15 -41.52
CA GLY E 2173 29.76 58.18 -42.48
C GLY E 2173 28.35 58.19 -43.02
N LEU E 2174 27.39 57.70 -42.25
CA LEU E 2174 26.00 57.83 -42.68
C LEU E 2174 25.56 59.27 -42.63
N LEU E 2175 24.59 59.61 -43.47
CA LEU E 2175 23.93 60.91 -43.51
C LEU E 2175 24.90 62.05 -43.80
N ALA E 2176 25.52 62.02 -44.97
CA ALA E 2176 26.25 63.17 -45.45
C ALA E 2176 25.41 63.96 -46.44
N GLY E 2177 24.55 63.28 -47.17
CA GLY E 2177 23.73 63.89 -48.21
C GLY E 2177 22.79 64.92 -47.66
N GLU E 2178 22.28 64.66 -46.46
CA GLU E 2178 21.41 65.60 -45.77
C GLU E 2178 22.13 66.90 -45.47
N THR E 2179 23.34 66.80 -44.91
CA THR E 2179 24.11 67.98 -44.55
C THR E 2179 24.50 68.77 -45.78
N LEU E 2180 24.92 68.08 -46.84
CA LEU E 2180 25.35 68.79 -48.03
C LEU E 2180 24.17 69.40 -48.78
N MET E 2181 23.02 68.73 -48.76
CA MET E 2181 21.84 69.29 -49.39
C MET E 2181 21.34 70.52 -48.65
N LEU E 2182 21.36 70.47 -47.32
CA LEU E 2182 21.00 71.62 -46.51
C LEU E 2182 21.97 72.78 -46.75
N ASN E 2183 23.24 72.48 -46.90
CA ASN E 2183 24.20 73.57 -47.04
C ASN E 2183 24.16 74.18 -48.43
N LEU E 2184 23.89 73.36 -49.46
CA LEU E 2184 23.62 73.91 -50.79
C LEU E 2184 22.37 74.76 -50.80
N ALA E 2185 21.35 74.35 -50.05
CA ALA E 2185 20.15 75.17 -49.92
C ALA E 2185 20.45 76.50 -49.27
N GLN E 2186 21.32 76.52 -48.26
CA GLN E 2186 21.69 77.77 -47.63
C GLN E 2186 22.44 78.69 -48.59
N MET E 2187 23.33 78.12 -49.42
CA MET E 2187 24.03 78.93 -50.41
C MET E 2187 23.08 79.51 -51.45
N GLU E 2188 22.18 78.69 -51.98
CA GLU E 2188 21.28 79.19 -53.01
C GLU E 2188 20.30 80.21 -52.45
N ASP E 2189 19.89 80.04 -51.20
CA ASP E 2189 18.97 81.01 -50.61
C ASP E 2189 19.68 82.32 -50.32
N ALA E 2190 20.95 82.24 -49.90
CA ALA E 2190 21.73 83.45 -49.71
C ALA E 2190 21.97 84.18 -51.02
N HIS E 2191 22.14 83.43 -52.11
CA HIS E 2191 22.21 84.04 -53.43
C HIS E 2191 20.92 84.73 -53.81
N LEU E 2192 19.78 84.07 -53.59
CA LEU E 2192 18.50 84.67 -53.95
C LEU E 2192 18.19 85.89 -53.11
N LYS E 2193 18.70 85.94 -51.89
CA LYS E 2193 18.59 87.17 -51.13
C LYS E 2193 19.51 88.26 -51.67
N GLN E 2194 20.74 87.90 -52.03
CA GLN E 2194 21.68 88.93 -52.49
C GLN E 2194 21.60 89.19 -53.97
N GLU E 2195 20.58 88.66 -54.65
CA GLU E 2195 20.42 88.93 -56.07
C GLU E 2195 19.79 90.30 -56.27
N GLN E 2196 20.24 91.01 -57.30
CA GLN E 2196 19.73 92.35 -57.58
C GLN E 2196 19.57 92.56 -59.08
N ARG E 2197 19.00 93.70 -59.42
CA ARG E 2197 18.96 94.17 -60.80
C ARG E 2197 20.21 94.98 -61.09
N ALA E 2198 20.94 94.59 -62.13
CA ALA E 2198 22.19 95.26 -62.44
C ALA E 2198 21.97 96.43 -63.40
N LEU E 2199 22.83 97.42 -63.30
CA LEU E 2199 22.88 98.51 -64.27
C LEU E 2199 24.06 98.25 -65.20
N GLU E 2200 23.77 98.12 -66.49
CA GLU E 2200 24.75 97.68 -67.47
C GLU E 2200 25.09 98.85 -68.39
N VAL E 2201 26.24 99.46 -68.19
CA VAL E 2201 26.64 100.62 -68.95
C VAL E 2201 27.80 100.24 -69.86
N GLU E 2202 27.68 100.56 -71.13
CA GLU E 2202 28.77 100.40 -72.08
C GLU E 2202 29.57 101.70 -72.14
N ARG E 2203 30.85 101.58 -72.48
CA ARG E 2203 31.66 102.77 -72.70
C ARG E 2203 32.76 102.46 -73.70
N THR E 2204 33.00 103.39 -74.60
CA THR E 2204 34.02 103.28 -75.62
C THR E 2204 35.27 104.03 -75.18
N VAL E 2205 36.42 103.36 -75.25
CA VAL E 2205 37.70 103.96 -74.94
C VAL E 2205 38.51 104.06 -76.22
N SER E 2206 38.81 105.28 -76.64
CA SER E 2206 39.66 105.51 -77.81
C SER E 2206 41.06 105.83 -77.30
N LEU E 2207 42.03 105.02 -77.72
CA LEU E 2207 43.37 105.08 -77.15
C LEU E 2207 44.12 106.32 -77.61
N ALA E 2208 43.73 106.89 -78.75
CA ALA E 2208 44.34 108.14 -79.20
C ALA E 2208 44.03 109.27 -78.25
N GLN E 2209 42.79 109.34 -77.78
CA GLN E 2209 42.42 110.30 -76.75
C GLN E 2209 43.12 110.01 -75.43
N VAL E 2210 43.30 108.74 -75.10
CA VAL E 2210 43.87 108.38 -73.81
C VAL E 2210 45.35 108.72 -73.75
N TYR E 2211 46.13 108.26 -74.73
CA TYR E 2211 47.53 108.65 -74.78
C TYR E 2211 47.74 110.11 -75.15
N GLN E 2212 46.74 110.76 -75.75
CA GLN E 2212 46.89 112.18 -76.03
C GLN E 2212 46.60 113.01 -74.79
N SER E 2213 45.49 112.75 -74.12
CA SER E 2213 45.16 113.46 -72.88
C SER E 2213 45.85 112.75 -71.72
N LEU E 2214 46.99 113.29 -71.30
CA LEU E 2214 47.78 112.74 -70.21
C LEU E 2214 48.41 113.91 -69.48
N GLY E 2215 49.48 113.63 -68.73
CA GLY E 2215 50.40 114.67 -68.33
C GLY E 2215 51.17 115.18 -69.53
N GLU E 2216 51.99 116.22 -69.34
CA GLU E 2216 52.59 116.92 -70.47
C GLU E 2216 53.63 116.08 -71.21
N LYS E 2217 54.06 114.95 -70.65
CA LYS E 2217 54.73 113.91 -71.42
C LYS E 2217 53.66 113.08 -72.10
N SER E 2218 53.06 113.63 -73.14
CA SER E 2218 52.04 112.93 -73.91
C SER E 2218 52.36 113.09 -75.38
N PHE E 2219 51.54 112.47 -76.22
CA PHE E 2219 51.91 112.27 -77.62
C PHE E 2219 50.67 111.88 -78.39
N ALA E 2220 50.73 112.06 -79.71
CA ALA E 2220 49.69 111.60 -80.62
C ALA E 2220 50.02 110.18 -81.04
N LEU E 2221 49.00 109.33 -81.03
CA LEU E 2221 49.20 107.89 -81.11
C LEU E 2221 49.70 107.47 -82.49
N LYS E 2222 49.13 108.04 -83.54
CA LYS E 2222 49.39 107.59 -84.91
C LYS E 2222 50.83 107.84 -85.32
N ASP E 2223 51.28 109.10 -85.19
CA ASP E 2223 52.62 109.47 -85.62
C ASP E 2223 53.69 108.81 -84.77
N LYS E 2224 53.44 108.65 -83.47
CA LYS E 2224 54.45 108.04 -82.61
C LYS E 2224 54.55 106.54 -82.85
N ILE E 2225 53.41 105.87 -83.12
CA ILE E 2225 53.51 104.46 -83.47
C ILE E 2225 54.18 104.28 -84.80
N GLU E 2226 53.90 105.18 -85.75
CA GLU E 2226 54.53 105.13 -87.07
C GLU E 2226 56.03 105.35 -86.98
N ALA E 2227 56.46 106.28 -86.14
CA ALA E 2227 57.88 106.55 -85.99
C ALA E 2227 58.59 105.45 -85.20
N LEU E 2228 57.94 104.94 -84.16
CA LEU E 2228 58.54 103.91 -83.32
C LEU E 2228 58.62 102.56 -84.03
N LEU E 2229 57.71 102.31 -84.98
CA LEU E 2229 57.82 101.10 -85.79
C LEU E 2229 58.70 101.32 -87.01
N GLN E 2230 58.74 102.55 -87.53
CA GLN E 2230 59.63 102.86 -88.64
C GLN E 2230 61.08 102.82 -88.22
N GLY E 2231 61.45 103.65 -87.25
CA GLY E 2231 62.76 103.60 -86.66
C GLY E 2231 62.94 102.33 -85.85
N ASP E 2232 64.16 101.81 -85.86
CA ASP E 2232 64.51 100.62 -85.09
C ASP E 2232 65.20 100.99 -83.79
N LYS E 2233 64.77 102.09 -83.17
CA LYS E 2233 65.46 102.69 -82.05
C LYS E 2233 64.86 102.19 -80.74
N GLU E 2234 65.53 102.50 -79.62
CA GLU E 2234 65.07 102.25 -78.27
C GLU E 2234 63.76 102.96 -77.92
N THR E 2235 63.41 104.02 -78.67
CA THR E 2235 62.44 105.03 -78.24
C THR E 2235 61.06 104.45 -77.94
N SER E 2236 60.47 104.96 -76.86
CA SER E 2236 59.14 104.57 -76.43
C SER E 2236 58.49 105.78 -75.79
N ALA E 2237 57.18 105.86 -75.94
CA ALA E 2237 56.43 107.05 -75.54
C ALA E 2237 55.46 106.66 -74.45
N GLY E 2238 55.36 107.50 -73.42
CA GLY E 2238 54.47 107.26 -72.31
C GLY E 2238 55.20 107.27 -70.98
N ASN E 2239 54.56 106.65 -70.00
CA ASN E 2239 54.91 106.86 -68.61
C ASN E 2239 54.67 105.56 -67.86
N ASP E 2240 54.47 105.66 -66.55
CA ASP E 2240 54.30 104.56 -65.59
C ASP E 2240 53.23 103.58 -66.06
N GLY E 2241 52.01 104.01 -66.32
CA GLY E 2241 50.98 103.09 -66.75
C GLY E 2241 50.76 103.07 -68.24
N ASN E 2242 51.22 104.08 -68.97
CA ASN E 2242 50.87 104.25 -70.37
C ASN E 2242 52.07 104.34 -71.28
N GLN E 2243 53.14 103.59 -71.01
CA GLN E 2243 54.24 103.56 -71.96
C GLN E 2243 53.86 102.67 -73.14
N LEU E 2244 54.38 103.01 -74.30
CA LEU E 2244 54.11 102.29 -75.54
C LEU E 2244 55.44 101.79 -76.05
N LYS E 2245 55.75 100.53 -75.77
CA LYS E 2245 57.13 100.07 -75.71
C LYS E 2245 57.36 98.96 -76.73
N LEU E 2246 58.53 99.00 -77.37
CA LEU E 2246 58.95 97.95 -78.28
C LEU E 2246 59.99 97.06 -77.61
N THR E 2247 59.58 95.84 -77.30
CA THR E 2247 60.52 94.80 -76.95
C THR E 2247 60.89 94.05 -78.22
N ASN E 2248 61.46 92.84 -78.06
CA ASN E 2248 62.19 92.09 -79.08
C ASN E 2248 61.51 92.00 -80.44
N ASN E 2249 60.33 91.40 -80.48
CA ASN E 2249 59.56 91.41 -81.72
C ASN E 2249 58.39 92.36 -81.57
N THR E 2250 57.59 92.17 -80.53
CA THR E 2250 56.25 92.74 -80.50
C THR E 2250 56.27 94.20 -80.07
N LEU E 2251 55.13 94.85 -80.30
CA LEU E 2251 54.85 96.19 -79.82
C LEU E 2251 53.71 96.10 -78.81
N SER E 2252 53.90 96.76 -77.67
CA SER E 2252 52.91 96.74 -76.61
C SER E 2252 52.49 98.16 -76.28
N ALA E 2253 51.18 98.41 -76.32
CA ALA E 2253 50.60 99.63 -75.81
C ALA E 2253 49.79 99.27 -74.58
N THR E 2254 50.29 99.63 -73.40
CA THR E 2254 49.67 99.22 -72.16
C THR E 2254 48.93 100.41 -71.56
N LEU E 2255 48.17 100.12 -70.50
CA LEU E 2255 47.25 101.10 -69.96
C LEU E 2255 46.91 100.74 -68.53
N THR E 2256 46.74 101.76 -67.69
CA THR E 2256 46.35 101.53 -66.31
C THR E 2256 44.95 102.07 -66.07
N LEU E 2257 44.24 101.42 -65.16
CA LEU E 2257 42.80 101.62 -65.00
C LEU E 2257 42.47 102.94 -64.32
N GLN E 2258 43.43 103.59 -63.67
CA GLN E 2258 43.15 104.87 -63.05
C GLN E 2258 42.91 105.95 -64.10
N ASP E 2259 43.64 105.88 -65.21
CA ASP E 2259 43.58 106.91 -66.24
C ASP E 2259 42.25 106.95 -66.97
N LEU E 2260 41.47 105.87 -66.88
CA LEU E 2260 40.14 105.90 -67.47
C LEU E 2260 39.21 106.81 -66.68
N LYS E 2261 39.42 106.87 -65.35
CA LYS E 2261 38.59 107.63 -64.40
C LYS E 2261 37.13 107.20 -64.50
N LEU E 2262 36.93 105.91 -64.76
CA LEU E 2262 35.66 105.46 -65.32
C LEU E 2262 34.59 105.34 -64.24
N LYS E 2263 35.00 105.20 -62.98
CA LYS E 2263 34.06 105.37 -61.89
C LYS E 2263 33.49 106.78 -61.85
N ASP E 2264 34.27 107.78 -62.24
CA ASP E 2264 33.88 109.17 -62.15
C ASP E 2264 33.13 109.66 -63.37
N ASP E 2265 32.67 108.77 -64.25
CA ASP E 2265 31.72 109.16 -65.28
C ASP E 2265 30.36 109.47 -64.68
N TYR E 2266 30.08 108.89 -63.52
CA TYR E 2266 28.90 109.13 -62.75
C TYR E 2266 29.28 109.69 -61.40
N PRO E 2267 28.37 110.39 -60.71
CA PRO E 2267 28.60 110.66 -59.29
C PRO E 2267 28.58 109.36 -58.51
N GLU E 2268 29.24 109.38 -57.35
CA GLU E 2268 29.50 108.16 -56.60
C GLU E 2268 28.20 107.54 -56.10
N GLU E 2269 27.41 108.31 -55.33
CA GLU E 2269 25.96 108.25 -55.21
C GLU E 2269 25.44 106.85 -54.89
N MET E 2270 25.71 106.39 -53.66
CA MET E 2270 25.66 104.97 -53.30
C MET E 2270 24.27 104.34 -53.44
N GLN E 2271 23.24 105.16 -53.59
CA GLN E 2271 21.94 104.68 -54.07
C GLN E 2271 22.03 104.02 -55.45
N LEU E 2272 23.00 104.42 -56.29
CA LEU E 2272 23.24 103.72 -57.54
C LEU E 2272 24.09 102.48 -57.30
N GLY E 2273 25.24 102.65 -56.70
CA GLY E 2273 26.08 101.50 -56.40
C GLY E 2273 27.52 101.92 -56.20
N LYS E 2274 28.23 101.09 -55.44
CA LYS E 2274 29.65 101.32 -55.26
C LYS E 2274 30.48 100.39 -56.14
N THR E 2275 30.28 99.08 -55.96
CA THR E 2275 31.11 98.09 -56.63
C THR E 2275 30.82 98.06 -58.12
N ARG E 2276 31.88 98.02 -58.91
CA ARG E 2276 31.79 98.23 -60.35
C ARG E 2276 32.72 97.26 -61.06
N ARG E 2277 32.14 96.28 -61.74
CA ARG E 2277 32.89 95.17 -62.28
C ARG E 2277 32.70 95.08 -63.78
N ILE E 2278 33.75 94.61 -64.46
CA ILE E 2278 33.71 94.47 -65.91
C ILE E 2278 32.82 93.32 -66.31
N LYS E 2279 31.87 93.57 -67.21
CA LYS E 2279 31.19 92.47 -67.87
C LYS E 2279 32.04 91.92 -69.00
N GLN E 2280 32.37 92.77 -69.98
CA GLN E 2280 33.05 92.30 -71.18
C GLN E 2280 33.83 93.45 -71.78
N ILE E 2281 35.05 93.15 -72.21
CA ILE E 2281 35.85 94.08 -72.99
C ILE E 2281 35.88 93.56 -74.42
N SER E 2282 35.51 94.42 -75.37
CA SER E 2282 35.55 94.08 -76.78
C SER E 2282 36.43 95.09 -77.49
N VAL E 2283 37.21 94.62 -78.45
CA VAL E 2283 38.20 95.47 -79.12
C VAL E 2283 37.69 95.77 -80.52
N SER E 2284 37.78 97.03 -80.91
CA SER E 2284 37.63 97.43 -82.30
C SER E 2284 38.93 98.06 -82.75
N LEU E 2285 39.44 97.62 -83.90
CA LEU E 2285 40.56 98.27 -84.55
C LEU E 2285 40.01 99.01 -85.77
N PRO E 2286 39.68 100.29 -85.66
CA PRO E 2286 39.25 101.04 -86.84
C PRO E 2286 40.44 101.27 -87.76
N ALA E 2287 40.47 100.51 -88.85
CA ALA E 2287 41.59 100.52 -89.77
C ALA E 2287 41.06 99.92 -91.06
N LEU E 2288 41.72 100.27 -92.15
CA LEU E 2288 41.42 99.66 -93.44
C LEU E 2288 42.03 98.28 -93.45
N LEU E 2289 41.25 97.30 -93.01
CA LEU E 2289 41.71 95.92 -92.88
C LEU E 2289 41.83 95.33 -94.26
N GLY E 2290 42.81 94.44 -94.43
CA GLY E 2290 43.00 93.77 -95.69
C GLY E 2290 41.85 92.83 -96.00
N PRO E 2291 41.39 92.85 -97.24
CA PRO E 2291 40.29 91.96 -97.64
C PRO E 2291 40.74 90.51 -97.57
N TYR E 2292 40.09 89.76 -96.67
CA TYR E 2292 40.52 88.42 -96.24
C TYR E 2292 41.95 88.44 -95.75
N GLN E 2293 42.32 89.48 -95.00
CA GLN E 2293 43.65 89.61 -94.44
C GLN E 2293 43.52 90.19 -93.05
N ASP E 2294 43.97 89.43 -92.06
CA ASP E 2294 43.65 89.68 -90.68
C ASP E 2294 44.84 90.22 -89.90
N VAL E 2295 44.53 90.81 -88.77
CA VAL E 2295 45.55 91.28 -87.83
C VAL E 2295 45.82 90.17 -86.84
N GLN E 2296 46.96 90.24 -86.14
CA GLN E 2296 47.30 89.32 -85.07
C GLN E 2296 47.59 90.13 -83.82
N ALA E 2297 46.82 89.89 -82.77
CA ALA E 2297 46.93 90.72 -81.57
C ALA E 2297 46.40 89.96 -80.37
N VAL E 2298 47.10 90.09 -79.25
CA VAL E 2298 46.68 89.49 -77.99
C VAL E 2298 46.42 90.62 -77.00
N LEU E 2299 45.68 90.31 -75.95
CA LEU E 2299 45.30 91.28 -74.94
C LEU E 2299 45.58 90.70 -73.56
N SER E 2300 46.43 91.37 -72.79
CA SER E 2300 46.87 90.84 -71.51
C SER E 2300 46.34 91.71 -70.38
N TYR E 2301 46.72 91.33 -69.16
CA TYR E 2301 46.24 91.99 -67.96
C TYR E 2301 47.19 91.66 -66.81
N GLY E 2302 47.37 92.62 -65.90
CA GLY E 2302 48.38 92.47 -64.87
C GLY E 2302 47.91 92.33 -63.43
N GLY E 2303 46.61 92.18 -63.20
CA GLY E 2303 46.10 92.08 -61.85
C GLY E 2303 46.00 90.67 -61.31
N ASP E 2304 46.89 89.79 -61.81
CA ASP E 2304 47.23 88.46 -61.28
C ASP E 2304 46.14 87.42 -61.51
N ALA E 2305 44.95 87.84 -61.98
CA ALA E 2305 43.77 87.00 -62.18
C ALA E 2305 43.41 86.22 -60.92
N THR E 2306 43.44 86.92 -59.78
CA THR E 2306 43.41 86.25 -58.48
C THR E 2306 42.05 85.69 -58.13
N GLY E 2307 40.97 86.29 -58.64
CA GLY E 2307 39.66 85.74 -58.45
C GLY E 2307 39.16 85.21 -59.77
N LEU E 2308 39.97 85.39 -60.80
CA LEU E 2308 39.61 84.93 -62.12
C LEU E 2308 39.97 83.46 -62.31
N ALA E 2309 39.32 82.83 -63.27
CA ALA E 2309 39.64 81.46 -63.60
C ALA E 2309 40.91 81.41 -64.44
N LYS E 2310 41.36 80.18 -64.71
CA LYS E 2310 42.61 79.99 -65.43
C LYS E 2310 42.45 80.37 -66.90
N GLY E 2311 43.01 81.52 -67.26
CA GLY E 2311 42.95 82.01 -68.61
C GLY E 2311 41.91 83.08 -68.87
N CYS E 2312 41.22 83.56 -67.83
CA CYS E 2312 40.30 84.67 -68.01
C CYS E 2312 41.00 86.02 -68.04
N LYS E 2313 42.32 86.05 -67.90
CA LYS E 2313 43.05 87.30 -67.95
C LYS E 2313 43.55 87.63 -69.34
N ALA E 2314 43.37 86.74 -70.31
CA ALA E 2314 43.89 86.93 -71.65
C ALA E 2314 42.75 87.05 -72.64
N LEU E 2315 43.06 87.58 -73.82
CA LEU E 2315 42.07 87.75 -74.87
C LEU E 2315 42.81 87.88 -76.20
N ALA E 2316 42.18 87.38 -77.26
CA ALA E 2316 42.76 87.35 -78.59
C ALA E 2316 41.88 88.10 -79.58
N VAL E 2317 42.53 88.79 -80.51
CA VAL E 2317 41.86 89.60 -81.52
C VAL E 2317 42.30 89.12 -82.89
N SER E 2318 41.33 88.77 -83.74
CA SER E 2318 41.67 88.24 -85.06
C SER E 2318 41.30 89.22 -86.16
N HIS E 2319 40.04 89.63 -86.23
CA HIS E 2319 39.63 90.53 -87.30
C HIS E 2319 39.38 91.95 -86.82
N GLY E 2320 39.31 92.15 -85.51
CA GLY E 2320 39.42 93.49 -84.96
C GLY E 2320 38.25 94.41 -85.16
N LEU E 2321 37.04 93.89 -85.35
CA LEU E 2321 35.84 94.72 -85.45
C LEU E 2321 34.81 94.24 -84.45
N ASN E 2322 34.90 94.73 -83.22
CA ASN E 2322 33.93 94.49 -82.15
C ASN E 2322 33.79 92.99 -81.87
N ASP E 2323 34.87 92.38 -81.40
CA ASP E 2323 34.91 90.93 -81.28
C ASP E 2323 35.25 90.47 -79.87
N ASN E 2324 34.60 89.41 -79.45
CA ASN E 2324 35.13 88.57 -78.41
C ASN E 2324 36.27 87.73 -78.99
N GLY E 2325 37.13 87.23 -78.12
CA GLY E 2325 38.05 86.20 -78.51
C GLY E 2325 37.35 84.94 -78.96
N GLN E 2326 36.18 84.66 -78.40
CA GLN E 2326 35.33 83.55 -78.83
C GLN E 2326 34.84 83.78 -80.26
N PHE E 2327 34.39 82.70 -80.89
CA PHE E 2327 33.84 82.82 -82.23
C PHE E 2327 32.45 83.45 -82.19
N GLN E 2328 31.59 82.95 -81.32
CA GLN E 2328 30.32 83.61 -81.06
C GLN E 2328 30.24 83.99 -79.59
N LEU E 2329 29.59 85.11 -79.34
CA LEU E 2329 29.46 85.66 -78.00
C LEU E 2329 28.22 85.07 -77.33
N ASP E 2330 28.43 84.36 -76.24
CA ASP E 2330 27.37 83.66 -75.53
C ASP E 2330 27.23 84.30 -74.15
N PHE E 2331 26.26 85.19 -74.00
CA PHE E 2331 25.92 85.69 -72.67
C PHE E 2331 25.31 84.58 -71.81
N ASN E 2332 24.61 83.65 -72.43
CA ASN E 2332 23.96 82.57 -71.68
C ASN E 2332 24.90 81.42 -71.39
N ASP E 2333 26.17 81.53 -71.76
CA ASP E 2333 27.15 80.52 -71.37
C ASP E 2333 27.38 80.58 -69.87
N GLY E 2334 27.44 79.40 -69.26
CA GLY E 2334 27.76 79.34 -67.86
C GLY E 2334 29.22 79.60 -67.59
N LYS E 2335 30.05 79.50 -68.62
CA LYS E 2335 31.44 79.88 -68.46
C LYS E 2335 31.55 81.39 -68.29
N PHE E 2336 32.47 81.81 -67.44
CA PHE E 2336 32.77 83.22 -67.35
C PHE E 2336 33.54 83.67 -68.58
N LEU E 2337 33.23 84.89 -69.02
CA LEU E 2337 34.00 85.50 -70.08
C LEU E 2337 35.34 85.96 -69.54
N PRO E 2338 36.33 86.18 -70.41
CA PRO E 2338 37.56 86.85 -69.96
C PRO E 2338 37.26 88.25 -69.51
N PHE E 2339 38.01 88.69 -68.49
CA PHE E 2339 37.95 89.97 -67.79
C PHE E 2339 36.66 90.17 -67.00
N GLU E 2340 35.83 89.15 -66.88
CA GLU E 2340 34.55 89.32 -66.20
C GLU E 2340 34.76 89.33 -64.70
N GLY E 2341 34.49 90.49 -64.09
CA GLY E 2341 34.59 90.64 -62.65
C GLY E 2341 35.72 91.53 -62.16
N ILE E 2342 36.35 92.29 -63.02
CA ILE E 2342 37.51 93.08 -62.67
C ILE E 2342 37.07 94.47 -62.23
N ASP E 2343 37.69 94.95 -61.13
CA ASP E 2343 37.47 96.29 -60.62
C ASP E 2343 37.80 97.36 -61.65
N ILE E 2344 36.98 98.40 -61.68
CA ILE E 2344 37.29 99.60 -62.44
C ILE E 2344 38.50 100.31 -61.86
N ASN E 2345 38.63 100.32 -60.54
CA ASN E 2345 39.77 100.96 -59.90
C ASN E 2345 41.03 100.11 -60.14
N ASP E 2346 42.18 100.65 -59.75
CA ASP E 2346 43.50 100.11 -60.08
C ASP E 2346 43.66 98.73 -59.46
N LYS E 2347 43.73 97.72 -60.32
CA LYS E 2347 44.12 96.38 -59.92
C LYS E 2347 44.98 95.82 -61.04
N GLY E 2348 46.28 96.02 -60.94
CA GLY E 2348 47.12 95.57 -62.02
C GLY E 2348 47.12 96.55 -63.19
N THR E 2349 47.60 96.02 -64.32
CA THR E 2349 47.88 96.83 -65.50
C THR E 2349 47.29 96.14 -66.72
N PHE E 2350 46.66 96.93 -67.57
CA PHE E 2350 45.95 96.39 -68.72
C PHE E 2350 46.80 96.57 -69.97
N THR E 2351 46.99 95.50 -70.74
CA THR E 2351 48.06 95.49 -71.72
C THR E 2351 47.63 94.87 -73.05
N LEU E 2352 47.82 95.63 -74.12
CA LEU E 2352 47.62 95.17 -75.49
C LEU E 2352 48.97 94.90 -76.11
N SER E 2353 49.07 93.86 -76.93
CA SER E 2353 50.30 93.52 -77.62
C SER E 2353 50.01 93.12 -79.06
N PHE E 2354 50.95 93.43 -79.96
CA PHE E 2354 50.85 93.05 -81.35
C PHE E 2354 52.04 92.18 -81.73
N PRO E 2355 51.91 90.87 -81.74
CA PRO E 2355 53.06 90.01 -82.08
C PRO E 2355 53.43 90.17 -83.55
N ASN E 2356 54.70 89.85 -83.82
CA ASN E 2356 55.36 90.07 -85.11
C ASN E 2356 55.27 91.55 -85.52
N ALA E 2357 55.65 92.41 -84.58
CA ALA E 2357 55.81 93.83 -84.90
C ALA E 2357 57.16 94.12 -85.53
N ALA E 2358 57.87 93.10 -86.01
CA ALA E 2358 58.82 93.24 -87.09
C ALA E 2358 58.04 93.31 -88.41
N SER E 2359 58.73 93.13 -89.53
CA SER E 2359 58.11 93.36 -90.84
C SER E 2359 57.24 92.17 -91.24
N LYS E 2360 56.25 91.85 -90.41
CA LYS E 2360 55.21 90.89 -90.76
C LYS E 2360 53.85 91.54 -90.60
N GLN E 2361 53.64 92.20 -89.46
CA GLN E 2361 52.46 93.04 -89.26
C GLN E 2361 52.72 94.49 -89.61
N LYS E 2362 53.82 94.74 -90.32
CA LYS E 2362 54.31 96.10 -90.54
C LYS E 2362 53.36 96.93 -91.36
N ASN E 2363 52.77 96.35 -92.41
CA ASN E 2363 51.91 97.12 -93.32
C ASN E 2363 50.63 97.56 -92.61
N ILE E 2364 49.94 96.62 -91.98
CA ILE E 2364 48.69 96.95 -91.30
C ILE E 2364 48.95 97.80 -90.06
N LEU E 2365 50.12 97.66 -89.43
CA LEU E 2365 50.39 98.48 -88.26
C LEU E 2365 50.92 99.86 -88.64
N GLN E 2366 51.36 100.03 -89.89
CA GLN E 2366 51.55 101.38 -90.38
C GLN E 2366 50.26 101.91 -90.98
N MET E 2367 49.25 101.05 -91.10
CA MET E 2367 47.93 101.50 -91.51
C MET E 2367 47.01 101.72 -90.32
N LEU E 2368 47.44 101.34 -89.11
CA LEU E 2368 46.65 101.59 -87.91
C LEU E 2368 46.61 103.08 -87.57
N THR E 2369 45.40 103.59 -87.29
CA THR E 2369 45.29 104.98 -86.89
C THR E 2369 45.00 105.14 -85.39
N ASP E 2370 44.04 104.40 -84.85
CA ASP E 2370 43.81 104.40 -83.40
C ASP E 2370 43.13 103.11 -83.00
N ILE E 2371 43.07 102.89 -81.69
CA ILE E 2371 42.57 101.66 -81.10
C ILE E 2371 41.35 102.00 -80.28
N ILE E 2372 40.33 101.16 -80.36
CA ILE E 2372 39.06 101.38 -79.68
C ILE E 2372 38.73 100.18 -78.81
N LEU E 2373 38.37 100.45 -77.56
CA LEU E 2373 37.84 99.44 -76.66
C LEU E 2373 36.33 99.59 -76.57
N HIS E 2374 35.64 98.46 -76.43
CA HIS E 2374 34.23 98.46 -76.06
C HIS E 2374 34.13 97.82 -74.70
N ILE E 2375 34.25 98.64 -73.66
CA ILE E 2375 34.28 98.18 -72.28
C ILE E 2375 32.87 98.21 -71.76
N ARG E 2376 32.39 97.04 -71.36
CA ARG E 2376 31.05 96.87 -70.80
C ARG E 2376 31.20 96.48 -69.34
N TYR E 2377 30.53 97.22 -68.47
CA TYR E 2377 30.72 97.03 -67.03
C TYR E 2377 29.37 97.14 -66.34
N THR E 2378 29.39 96.90 -65.04
CA THR E 2378 28.18 96.66 -64.27
C THR E 2378 28.21 97.50 -63.00
N ILE E 2379 27.09 98.16 -62.70
CA ILE E 2379 26.99 99.02 -61.53
C ILE E 2379 25.86 98.53 -60.65
N LEU E 2380 26.19 98.12 -59.42
CA LEU E 2380 25.23 97.95 -58.35
C LEU E 2380 25.99 98.01 -57.03
N GLU E 2381 25.31 97.68 -55.95
CA GLU E 2381 25.96 97.48 -54.65
C GLU E 2381 25.10 96.55 -53.80
#